data_9P7J
#
_entry.id   9P7J
#
_cell.length_a   1.00
_cell.length_b   1.00
_cell.length_c   1.00
_cell.angle_alpha   90.00
_cell.angle_beta   90.00
_cell.angle_gamma   90.00
#
_symmetry.space_group_name_H-M   'P 1'
#
loop_
_entity.id
_entity.type
_entity.pdbx_description
1 polymer 'P site tRNA [Homo sapiens]'
2 polymer '28S rRNA [Homo sapiens]'
3 polymer '5S rRNA [Homo sapiens]'
4 polymer '5.8S rRNA [Homo sapiens]'
5 polymer '60S ribosomal protein L8'
6 polymer 'Large ribosomal subunit protein uL3'
7 polymer '60S ribosomal protein L4'
8 polymer 'Large ribosomal subunit protein uL18'
9 polymer 'Large ribosomal subunit protein eL6'
10 polymer '60S ribosomal protein L7'
11 polymer '60S ribosomal protein L7a'
12 polymer '60S ribosomal protein L9'
13 polymer 'Ribosomal protein uL16-like'
14 polymer '60S ribosomal protein L11'
15 polymer 'Large ribosomal subunit protein eL13'
16 polymer '60S ribosomal protein L14'
17 polymer '60S ribosomal protein L15'
18 polymer '60S ribosomal protein L13a'
19 polymer '60S ribosomal protein L17'
20 polymer '60S ribosomal protein L18'
21 polymer '60S ribosomal protein L19'
22 polymer '60S ribosomal protein L18a'
23 polymer '60S ribosomal protein L21'
24 polymer 'Heparin-binding protein HBp15'
25 polymer '60S ribosomal protein L23'
26 polymer 'Ribosomal protein L24'
27 polymer '60S ribosomal protein L23a'
28 polymer '60S ribosomal protein L26'
29 polymer '60S ribosomal protein L27'
30 polymer '60S ribosomal protein L27a'
31 polymer 'Large ribosomal subunit protein eL29'
32 polymer '60S ribosomal protein L30'
33 polymer '60S ribosomal protein L31'
34 polymer '60S ribosomal protein L32'
35 polymer '60S ribosomal protein L35a'
36 polymer '60S ribosomal protein L34'
37 polymer '60S ribosomal protein L35'
38 polymer '60S ribosomal protein L36'
39 polymer '60S ribosomal protein L37'
40 polymer '60S ribosomal protein L38'
41 polymer '60S ribosomal protein L39'
42 polymer 'Large ribosomal subunit protein eL40'
43 polymer '60S ribosomal protein L41'
44 polymer '60S ribosomal protein L36a'
45 polymer '60S ribosomal protein L37a'
46 polymer '60S ribosomal protein L28'
47 polymer '60S acidic ribosomal protein P0'
48 polymer 'Large ribosomal subunit protein uL11'
49 polymer 'Small ribosomal subunit protein uS3'
50 polymer '40S ribosomal protein S5'
51 polymer '40S ribosomal protein S10'
52 polymer 'Small ribosomal subunit protein eS12'
53 polymer 'Small ribosomal subunit protein uS19'
54 polymer 'Small ribosomal subunit protein uS9'
55 polymer 'Small ribosomal subunit protein eS17'
56 polymer '40S ribosomal protein S18'
57 polymer '40S ribosomal protein S19'
58 polymer '40S ribosomal protein S20'
59 polymer 'Small ribosomal subunit protein eS25'
60 polymer '40S ribosomal protein S28'
61 polymer '40S ribosomal protein S29'
62 polymer 'Ubiquitin-40S ribosomal protein S27a'
63 polymer 'Receptor of activated protein C kinase 1'
64 polymer '40S ribosomal protein SA'
65 polymer '40S ribosomal protein S3a'
66 polymer '40S ribosomal protein S2'
67 polymer 'Small ribosomal subunit protein eS4, X isoform'
68 polymer '40S ribosomal protein S6'
69 polymer 'Small ribosomal subunit protein eS7'
70 polymer '40S ribosomal protein S8'
71 polymer '40S ribosomal protein S9'
72 polymer '40S ribosomal protein S11'
73 polymer '40S ribosomal protein S13'
74 polymer 'Small ribosomal subunit protein uS11'
75 polymer 'Small ribosomal subunit protein eS21'
76 polymer '40S ribosomal protein S15a'
77 polymer '40S ribosomal protein S23'
78 polymer '40S ribosomal protein S24'
79 polymer '40S ribosomal protein S26'
80 polymer 'Small ribosomal subunit protein eS27'
81 polymer 'Small ribosomal subunit protein eS30'
82 polymer '18S rRNA [Homo sapiens]'
83 polymer 'Transcription factor BTF3'
84 non-polymer 'MAGNESIUM ION'
85 non-polymer SPERMINE
86 non-polymer SPERMIDINE
87 non-polymer (3beta)-O~3~-[(2R)-2,6-dihydroxy-2-(2-methoxy-2-oxoethyl)-6-methylheptanoyl]cephalotaxine
88 non-polymer 4-{(2R)-2-[(1S,3S,5S)-3,5-dimethyl-2-oxocyclohexyl]-2-hydroxyethyl}piperidine-2,6-dione
89 non-polymer 'ZINC ION'
#
loop_
_entity_poly.entity_id
_entity_poly.type
_entity_poly.pdbx_seq_one_letter_code
_entity_poly.pdbx_strand_id
1 'polyribonucleotide' GUCUCCGUAGUGUAGGGUAUCACGUUCGCCUAACACGCGAAAGGUCCUCGGUUCGAAACCGGGCGGAAACACCA Pt
2 'polyribonucleotide'
;CGCGACCUCAGAUCAGACGUGGCGACCCGCUGAAUUUAAGCAUAUUAGUCAGCGGAGGAGAAGAAACUAACCAGGAUUCC
CUCAGUAACGGCGAGUGAACAGGGAAGAGCCCAGCGCCGAAUCCCCGCCCCGCGGCGGGGCGCGGGACAUGUGGCGUACG
GAAGACCCGCUCCCCGGCGCCGCUCGUGGGGGGCCCAAGUCCUUCUGAUCGAGGCCCAGCCCGUGGACGGUGUGAGGCCG
GUAGCGGCCCCCGGCGCGCCGGGCCCGGGUCUUCCCGGAGUCGGGUUGCUUGGGAAUGCAGCCCAAAGCGGGUGGUAAAC
UCCAUCUAAGGCUAAAUACCGGCACGAGACCGAUAGUCAACAAGUACCGUAAGGGAAAGUUGAAAAGAACUUUGAAG
(A2M)G(A2M)GAGUUCAAGAGGGCGUGAAACCGUUAAGAGGUAAACGGGUGGGGUCCGCGCAGUCCGCCCGGAGGAUUC
AACCCGGCGGCGGGUCCGGCCGUGUCGGCGGCCCGGCGGAUCUUUCCCGCGCGGGGGACCGUCCCCCGACCGGCGACCGG
CCGCCGCCGGGCGCAUUUCCACCGCGGCGGUGCGCCGCGACCGGCUCCGGGACGGCUGGGAAGGCCCGGCGGGGAAGGUG
GCUCGGGGGCCCCCGAGUGUUACAGCCCCCCCGGCAGCAGCACUCGCCGAAUCCCGGGGCCGAGGGAGCGAGACCCGUCG
CCGCGCUCUCCCCCCUCGGGGGGGCCGGGCCACCCCUCCCACGGCGCGACCGCUCGGGGCGGACUGUCCCCAGUGCGCCC
CGGGCGGGUCGCGCCGUCGGGCCCGGGGGAGGCCACGCGCGCGUCCCCCGAAGAGGGGGACGGCGGAGCGAGCGCACGGG
GUCGGCGGCGACGUCGGCUACCCACCCGACCC(OMG)UCUUG(1MA)(A2M)AC(A2M)CGGACCAAGGAGU(OMC)UAA
CACGUGCGCGAGUCGGGGGCUCGCACGAAAGCCGCCGUGGCGCAAUGAAGGUGAAGGCCGGCGCGCUCGCCGGCCGAGGU
GGGAUCCCGAGGCCUCUCCAGUCCGCCGAGGGCGCACCACCGGCCCGUCUCGCCCGCCGCGCCGGGGAGGUGGAGCACGA
GCGCACGUGUUAGGACCC(OMG)A(A2M)AGAUGGUGA(A2M)C(PSU)AUGCCUGGGCAGGGCGAAGCCAGAGGAAACU
CUGGUGGAGGUCCG(PSU)AGCGGUCCUGACGUGCAAAUCGGUCGUCCGACCUGGGUAUAG(OMG)GGCGAAAGACUAAU
CGAACCAUCUAGUAGCUGGUUCCCUCCGAAGUUUCCC(PSU)CAGGA(PSU)AGCUGGCGCUCUCGCAGACCCGAGCCAC
GCAGUUUUAUCCGGUAAAGCGAA(PSU)GAUUAGAGGUCUUGGGGCCGAAACGAUCUCAACCUA(PSU)(PSU)CUCAAA
CUU(PSU)AAAUGGGUAAGAAGCCCGGCUCGCUGGCGUGGAGCCGGGCGUGGAAUGCGAGUGCCUAGUGGGCCAC(PSU)
U(PSU)UGGUAAGC(A2M)GAACUGGCGCUGCGGGAUGAACCGAACGCCGGGUUAAGGCGCCCGAUGCCGACGCUCAUCA
GACCCCAGAAAAGGUGUUGGUUGAUAUAGACAGCAGGACGGUGGCCAUGGAAGUCGGAAUCCGCUAAGGAGUGUGUAACA
ACUCACCUGCCGAAUCAACUAGCCCUGAAAAUGGAUGGCGCUGGAGCGUCGGGCCCAUACCCGGCCGUCGCCGGCAGUCG
AGAGUGGACGGGAGCGGCGGCCGGAGCCCCGCGGACGCUACGCCGCGACGAGUAGGAGGGCCGCUGCGGUGAGCCUUGAA
GCCUAGGGCGCGGGCCCGGGUGGAGCCGCCGCAGGUGCAGAU(OMC)UUGGUGGUAGU(A2M)(OMG)(OMC)AAAUAUU
CAAACGAGAACUUUGAAGGCCGAAGUGG(A2M)GAAGGGUUCCAUGUGAACAG(OMC)A(OMG)UUGAACAUGGGUCAGU
CGGUCCUGAGAGAUGGGCGAGCGCCGUUCCGAAGGGACGGGCGAUGGCCUCCGUUGCCCUCGGCCGAUCGAAAGGGAGUC
GGGUUCAGAUCCCCGAAUCCGGAGUGGCGGAGAUGGGCGCCGCGAGGCGUCCAGUGCGGUAACGCGACCGAUCCCGGAGA
AGCCGGCGGGAGCCCCGGGGAGAGUUCUCUU(PSU)UCUUUGUGAAGGGCAGGGCGCCCUGGAAUGGGUUCGCCCCGAGA
GAGGGGCCCGUGCCUUGGAAAGCGUCGCGGUUCCGGCGGCGUCCGGUGAGCUCUCGCUGGCCCUUGAAAAUCCGGGGGAG
AGGGUGUAAAUCUCGCGCCGGGCCGUACCC(A2M)UAUCCGCAGCAGGUCU(OMC)CAAGGUGAAC(A2M)GCCUCUGG
(OMC)AUGUUGGAACAA(OMU)G(PSU)AGGUAAGGGAAGUCGGCAAGC(OMC)GGAUCCGUAACUUC(OMG)GGAUAAG
GAUUGGCUCUAAGGGCUGGGUCGGUCGCGGCCGGCGCCUAGCAGCCGACUUAGAACUGGUGCGGACCAGG(OMG)GAAUC
CGAC(PSU)G(PSU)UUAAUUAAAACAAAGCAUCGCGAAGGCCCGCGGCGGGUGUUGACGCGAUGUGAUU(PSU)CUGCC
(OMC)AGUGCUCUGAAUGUCA(A2M)AGUGAAGAAAUUCAAUGAAGCGCGG(OMG)UAAACGGCGGGAGUAACUAUGACU
CUCUUAAGGUAGC(5MC)AA(A2M)UGCCUC(OMG)UCAUCUAAUUAGUGA(OMC)GCGCAUGAA(UY1)GGA(PSU)GA
(A2M)CGAG(A2M)UUCCCACUGU(OMC)CC(PSU)ACCUAC(PSU)A(PSU)CCAGCGAAACCAC(A2M)G(OMC)CAA
GGGAACGGGCU(PSU)GG(OMC)GGAAUCAGCGG(OMG)GAAAGAAGACCCUGUUGAGC(PSU)UGAC(OMU)CUAGUCU
GGCACGGUGAAGAGACAUGAGAACUCUGAUCGUUUUUUCACUGACCCGGUGAGGCGGGGGGGCGAGCCCCGAGGGGCUCU
CGCUUCUGGCGCCAAGCGCCCGGCCGCGCGCCGGCCGGGCGCGACCCGCUCCGGGGACAGUGCCAGGUGGGGAGUUUGAC
UG(OMG)GGCGGUACACCUGUCAAACGGUA(6MZ)CGCAGG(OMU)(OMG)UCCUAAGGCGAGCUCAGGGAGGACAGAAA
CCUCCCGUGGAGCAGAAGGGCAAAAGCUCGCUUGA(PSU)CU(PSU)GA(PSU)UUUCAG(OMU)ACGAA(PSU)ACAGA
CCGUGAAAGCGGGGCCUCACGAUCCUUCUGACCUU(PSU)UGGGUUU(PSU)AAGCAGGA(OMG)GUGUCAGAAAAGUUA
CCACAG(OMG)GAUAACUGGC(PSU)UGUGGCGGCCAAGCGUUCAUAGCGACG(PSU)CGCUUUUUGA(PSU)CCUU
(5MC)GAUGUCGG(OMC)(PSU)CUUCCUAUCAUUG(PSU)GAAGCAGAAUUCACCAAGCGU(PSU)(OMG)GAU(OMU)
(OMG)(PSU)UCACCCACUAAUAGGGAACG(PSU)G(A2M)GCUGGG(UR3)U(PSU)AGA(OMC)CGUCGUGAGACAGG
U(PSU)AGUUUUACCCUACUGAUG(A2M)UGUG(PSU)UG(PSU)UGCCAUGGUA(A2M)UCCUGCUCAGUACGAGAGGA
ACCGCAG(OMG)U(OMU)CA(OMG)ACAU(PSU)UGGUGUA(PSU)(OMG)UGCUUGGCUGAGGAGCCAAUGGGGCGAAG
CUACCA(PSU)CUGUGGGAUUAUGAC(PSU)GAACGCCUCUAAGUCAGAAUCCCGCCCAGGCGGAACGAUACGGCAGCGC
CGCGGAGCCUCGGUUGGCCUCGGAUAGCCGGUCCCCCGCCGGGGUCCGGUGCGGAGUGCCCUUCGUCCUGGGAAACGGGG
CGCGGCCGGAGAGGCGGCCGCCCCCUCGCCCGUCACGCACCGCACGUUCGUGGGGAACCUGGCGCUAAACCA(PSU)
(PSU)CGUAGACGACCUGCUUCUGGGUCGGGG(PSU)UUCGUACG(PSU)AGCAGAGCAGCUCCCUCGCUGCGAUCUAUU
GAAAGUCAGCCCUCGACACAAGGGUUUGU
;
L5
3 'polyribonucleotide'
;GUCUACGGCCAUACCACCCUGAACGCGCCCGAUCUCGUCUGAUCUCGGAAGCUAAGCAGGGUCGGGCCUGGUUAGUACUU
GGAUGGGAGACCGCCUGGGAAUACCGGGUGCUGUAGGCUU
;
L7
4 'polyribonucleotide'
;CGACUCUUAGCGGUGGAUCACUCGGCUCGUGCGUCGAUGAAGAACGCAGCUAGC(PSU)GCGAGAAUUAAUG(PSU)GAA
UU(OMG)CAGGACACAUUGAUCAUCGACACUUCGAACGCACUUGCGGCCCCGGGUUCCUCCCGGGGCUACGCCUGUCUGA
GCGUCGCU
;
L8
5 'polypeptide(L)'
;GRVIRGQRKGAGSVFRAHVKHRKGAARLRAVDFAERHGYIKGIVKDIIHDPGRGAPLAKVVFRDPYRFKKRTELFIAAEG
IHTGQFVYCGKKAQLNIGNVLPVGTMPEGTIVCCLEEKPGDRGKLARASGNYATVISHNPETKKTRVKLPSGSKKVISSA
NRAVVGVVAGGGRIDKPILKAGRAYHKYKAKRNCWPRVRGVAMNPVEHPFGGGNHQHIGKPSTIRRDAPAGRKVGLIAAR
RTGRLRGT
;
LA
6 'polypeptide(L)'
;SHRKFSAPRHGSLGFLPRKRSSRHRGKVKSFPKDDPSKPVHLTAFLGYKAGMTHIVREVDRPGSKVNKKEVVEAVTIVET
PPMVVVGIVGYVETPRGLRTFKTVFAEHISDECKRRFYKNWHKSKKKAFTKYCKKWQDEDGKKQLEKDFSSMKKYCQVIR
VIAHTQMRLLPLRQKKAHLMEIQVNGGTVAEKLDWARERLEQQVPVNQVFGQDEMIDVIGVTKGKGYKGVTSRWHTKKLP
RKTHRGLRKVACIGAWHPARVAFSVARAGQKGYHHRTEINKKIYKIGQGYLIKDGKLIKNNASTDYDLSDKSINPLGGFV
HYGEVTNDFVMLKGCVVGTKKRVLTLRKSLLVQTKRRALEKIDLKFIDTTSKFGHGRFQTMEEKKAFMGPLKKDRIAKEE
GA
;
LB
7 'polypeptide(L)'
;MACARPLISVYSEKGESSGKNVTLPAVFKAPIRPDIVNFVHTNLRKNNRQPYAVSELAGHQTSAESWGTGRAVARIPRVR
GGGTHRSGQGAFGNMCRGGRMFAPTKTWRRWHRRVNTTQKRYAICSALAASALPALVMSKGHRIEEVPELPLVVEDKVEG
YKKTKEAVLLLKKLKAWNDIKKVYASQRMRAGKGKMRNRRRIQRRGPCIIYNEDNGIIKAFRNIPGITLLNVSKLNILKL
APGGHVGRFCIWTESAFRKLDELYGTWRKAASLKSNYNLPMHKMINTDLSRILKSPEIQRALRAPRKKIHRRVLKKNPLK
NLRIMLKLNPYAKTMRRNTILRQARNHKLRVDKAAAAAAALQAKSDEK
;
LC
8 'polypeptide(L)'
;GFVKVVKNKAYFKRYQVKFRRRREGKTDYYARKRLVIQDKNKYNTPKYRMIVRVTNRDIICQIAYARIEGDMIVCAAYAH
ELPKYGVKVGLTNYAAAYCTGLLLARRLLNRFGMDKIYEGQVEVTGDEYNVESIDGQPGAFTCYLDAGLARTTTGNKVFG
ALKGAVDGGLSIPHSTKRFPGYDSESKEFNAEVHRKHIMGQNVADYMRYLMEEDEDAYKKQFSQYIKNSVTPDMMEEMYK
KAHAAIRENPVYEKKPKKEVKKKRWNRPKMSLAQKKDRVAQKKASFLRAQERA
;
LD
9 'polypeptide(L)'
;KGKPHCSRNPVLVRGIGRYSRSAMYSRKAMYKRKYSAAKSKVEKKKKEKVLATVTKPVGGDKNGGTRVVKLRKMPRYYPT
EDVPRKLLSHGKKPFSQHVRKLRASITPGTILIILTGRHRGKRVVFLKQLASGLLLVTGPLVLNRVPLRRTHQKFVIATS
TKIDISNVKIPKHLTDAYFKKKKLRKPRHQEGEIFDTEKEKYEITEQRKIDQKAVDSQILPKIKAIPQLQGYLRSVFALT
NGIYPHKLVF
;
LE
10 'polypeptide(L)'
;NFAELKIKRLRKKFAQKMLRKARRKLIYEKAKHYHKEYRQMYRTEIRMARMARKAGNFYVPAEPKLAFVIRIRGINGVSP
KVRKVLQLLRLRQIFNGTFVKLNKASINMLRIVEPYIAWGYPNLKSVNELIYKRGYGKINKKRIALTDNALIARSLGKYG
IICMEDLIHEIYTVGKRFKEANNFLWPFKLSSPRGGMKKKTTHFVEGGDAGNREDQINRLIRRMN
;
LF
11 'polypeptide(L)'
;KVVNPLFEKRPKNFGIGQDIQPKRDLTRFVKWPRYIRLQRQRAILYKRLKVPPAINQFTQALDRQTATQLLKLAHKYRPE
TKQEKKQRLLARAEKKAAGKGDVPTKRPPVLRAGVNTVTTLVENKKAQLVVIAHDVDPIELVVFLPALCRKMGVPYCIIK
GKARLGRLVHRKTCTTVAFTQVNSEDKGALAKLVEAIRTNYNDRYDEIRRHWGGNVLGPKSVARIAKLEKAKAKELATKL
G
;
LG
12 'polypeptide(L)'
;MKTILSNQTVDIPENVDITLKGRTVIVKGPRGTLRRDFNHINVELSLLGKKKKRLRVDKWWGNRKELATVRTICSHVQNM
IKGVTLGFRYKMRSVYAHFPINVVIQENGSLVEIRNFLGEKYIRRVRMRPGVACSVSQAQKDELILEGNDIELVSNSAAL
IQQATTVKNKDIRKFLDGIYVSEKGTVQQA
;
LH
13 'polypeptide(L)'
;GRRPARCYRYCKNKPYPKSRFCRGVPDAKIRIFDLGRKKAKVDEFPLGGHMVSDEYEQLSSEALEAARICANKYMVKSCG
RDGFHMRVRLHPFHVIRINKMLSCAGADRLQTGMRGAFGKPQGTVARVHIGQVIMSIRTKLQNEEHVIEALRRAKFKFPG
RQKIHISKKWGFTKFNADEFEDMVAKKCLIPDGCGVKYVPSHGPLDKWRVLHS
;
LI
14 'polypeptide(L)'
;QDQGEKENPMRELRIRKLCLNICVGESGDRLTRAAKVLEQLTGQTPVFSKARYTVRSFGIRRNEKIAVHCTVRGAKAEEI
LEKGLKVREYELRKNNFSDTGNFGFGIQEHIDLGIKYDPSIGIYGLDFYVVLGRPGFSIADKKRRTGCIGAKHRISKEEA
MRWFQQKYDGIILPGK
;
LJ
15 'polypeptide(L)'
;APSRNGMVLKPHFHKDWQRRVATWFNQPARKIRRRKARQAKARRIAPRPASGPIRPIVRCPTVRYHTKVRAGRGFSLEEL
RVAGIHKKVARTIGISVDPRRRNKSTESLQANVQRLKEYRSKLILFPRKPSAPKKGDSSAEELKLATQLTGPVMPVRNVY
KKEKARVITEEEKNFKAFASLRMARANARLFGIRAKRAKEAAEQDVEKKK
;
LL
16 'polypeptide(L)'
;VFRRFVEVGRVAYVSFGPHAGKLVAIVDVIDQNRALVDGPCTQVRRQAMPFKCMQLTDFILKFPHSAHQKYVRQAWQKAD
INTKWAATRWAKKIEARERKAKMTDFDRFKVMKAKKMRNRIIKNEVKKLQKAALLKASP
;
LM
17 'polypeptide(L)'
;GAYKYIQELWRKKQSDVMRFLLRVRCWQYRQLSALHRAPRPTRPDKARRLGYKAKQGYVIYRIRVRRGGRKRPVPKGATY
GKPVHHGVNQLKFARSLQSVAEERAGRHCGALRVLNSYWVGEDSTYKFFEVILIDPFHKAIRRNPDTQWITKPVHKHREM
RGLTSAGRKSRGLGKGHKFHHTIGGSRRAAWRRRNTLQLHRYR
;
LN
18 'polypeptide(L)'
;EVQVLVLDGRGHLLGRLAAIVAKQVLLGRKVVVVRCEGINISGNFYRNKLKYLAFLRKRMNTNPSRGPYHFRAPSRIFWR
TVRGMLPHKTKRGQAALDRLKVFDGIPPPYDKKKRMVVPAALKVVRLKPTRKFAYLGRLAHEVGWKYQAVTATLEEKRKE
KAKIHYRKKKQLMRLRKQAEKNVEKKIDKYTEVLKTHGLLV
;
LO
19 'polypeptide(L)'
;VRYSLDPENPTKSCKSRGSNLRVHFKNTRETAQAIKGMHIRKATKYLKDVTLQKQCVPFRRYNGGVGRCAQAKQWGWTQG
RWPKKSAEFLLHMLKNAESNAELKGLDVDSLVIEHIQVNKAPKMRRRTYRAHGRINPYMSSPCHIEMILTEKE
;
LP
20 'polypeptide(L)'
;GVDIRHNKDRKVRRKEPKSQDIYLRLLVKLYRFLARRTNSTFNQVVLKRLFMSRTNRPPLSLSRMIRKMKLPGRENKTAV
VVGTITDDVRVQEVPKLKVCALRVTSRARSRILRAGGKILTFDQLALDSPKGCGTVLLSGPRKGREVYRHFGKAPGTPHS
HTKPYVRSKGRKFERARGRRASRGYKN
;
LQ
21 'polypeptide(L)'
;SMLRLQKRLASSVLRCGKKKVWLDPNETNEIANANSRQQIRKLIKDGLIIRKPVTVHSRARCRKNTLARRKGRHMGIGKR
KGTANARMPEKVTWMRRMRILRRLLRRYRESKKIDRHMYHSLYLKVKGNVFKNKRILMEHIHKLKADKARKKLLADQAEA
RRSKTKEARKRREERLQAKKEEIIKTL
;
LR
22 'polypeptide(L)'
;KASGTLREYKVVGRCLPTPKCHTPPLYRMRIFAPNHVVAKSRFWYFVSQLKKMKKSSGEIVYCGQVFEKSPLRVKNFGIW
LRYDSRSGTHNMYREYRDLTTAGAVTQCYRDMGARHRARAHSIQIMKVEEIAASKCRRPAVKQFHDSKIKFPLPHRVLRR
QHKPRFTTKRPNTFF
;
LS
23 'polypeptide(L)'
;TNTKGKRRGTRYMFSRPFRKHGVVPLATYMRIYKKGDIVDIKGMGTVQKGMPHKCYHGKTGRVYNVTQHAVGIVVNKQVK
GKILAKRINVRIEHIKHSKSRDSFLKRVKENDQKKKEAKEKGTWVQLKRQPAPPREAHFVRTNGKEPELLEPIPYEFMA
;
LT
24 'polypeptide(L)'
;QVLKFTLDCTHPVEDGIMDAANFEQFLQERIKVNGKAGNLGGGVVTIERSKSKITVTSEVPFSKRYLKYLTKKYLKKNNL
RDWLRVVANSKESYELRYFQI
;
LU
25 'polypeptide(L)'
;SGAKFRISLGLPVGAVINCADNTGAKNLYIISVKGIKGRLNRLPAAGVGDMVMATVKKGKPELRKKVHPAVVIRQRKSYR
RKDGVFLYFEDNAGVIVNNKGEMKGSAITGPVAKECADLWPRIASNAGSIA
;
LV
26 'polypeptide(L)'
;MKVELCSFSGYKIYPGHGRRYARTDGKVFQFLNAKCESAFLSKRNPRQINWTVLYRRKHKKGQSEEIQKKRTRRAVKFQR
AITGASLADIMAKRNQKPEVRKAQREQAIRAAKEAKKAKQASKK
;
LW
27 'polypeptide(L)'
;KKKIRTSPTFRRPKTLRLRRQPKYPRKSAPRRNKLDHYAIIKFPLTTESAMKKIEDNNTLVFIVDVKANKHQIKQAVKKL
YDIDVAKVNTLIRPDGEKKAYVRLAPDYDALDVANKIGII
;
LX
28 'polypeptide(L)'
;MKFNPFVTSDRSKNRKRHFNAPSHIRRKIMSSPLSKELRQKYNVRSMPIRKDDEVQVVRGHYKGQQIGKVVQVYRKKYVI
YIERVQREKANGTTVHVGIHPSKVVITRLKLDKDRKKILERKAKSRQVGKEKGK
;
LY
29 'polypeptide(L)'
;GKFMKPGKVVLVLAGRYSGRKAVIVKNIDDGTSDRPYSHALVAGIDRYPRKVTAAMGKKKIAKRSKIKSFVKVYNYNHLM
PTRYSVDIPLDKTVVNKDVFRDPALKRKARREAKVKFEERYKTGKNKWFFQKLRF
;
LZ
30 'polypeptide(L)'
;PSRLRKTRKLRGHVSHGHGRIGKHRKHPGGRGNAGGLHHHRINFDKYHPGYFGKVGMKHYHLKRNQSFCPTVNLDKLWTL
VSEQTRVNAAKNKTGAAPIIDVVRSGYYKVLGKGKLPKQPVIVKAKFFSRRAEEKIKSVGGACVLVA
;
La
31 'polypeptide(L)'
;AKSKNHTTHNQSRKWHRNGIKKPRSQRYESLKGVDPKFLRNMRFAKKHNKKGLKKMQANNAKAMSARAEAIKALVKPKEV
KPKIPKGVSRKLDRLAYIAHPKLGKRARARIAKGLRLCRPK
;
Lb
32 'polypeptide(L)'
;KSLESINSRLQLVMKSGKYVLGYKQTLKMIRQGKAKLVILANNCPALRKSEIEYYAMLAKTGVHHYSGNNIELGTACGKY
YRVCTLAIIDPGDSDIIR
;
Lc
33 'polypeptide(L)'
;NEVVTREYTINIHKRIHGVGFKKRAPRALKEIRKFAMKEMGTPDVRIDTRLNKAVWAKGIRNVPYRIRVRLSRKRNEDED
SPNKLYTLVTYVPVTTFKNLQTVNVDE
;
Ld
34 'polypeptide(L)'
;AALRPLVKPKIVKKRTKKFIRHQSDRYVKIKRNWRKPRGIDNRVRRRFKGQILMPNIGYGSNKKTKHMLPSGFRKFLVHN
VKELEVLLMCNKSYCAEIAHNVSSKNRKAIVERAAQLAIRVTNPNARL
;
Le
35 'polypeptide(L)'
;SGRLWSKAIFAGYKRGLRNQREHTALLKIEGVYARDETEFYLGKRCAYVYKAKNNTVTPGGKPNKTRVIWGKVTRAHGNS
GMVRAKFRSNLPAKAIGHRIRVMLYPSRI
;
Lf
36 'polypeptide(L)'
;VQRLTYRRRLSYNTASNKTRLSRTPGNRIVYLYTKKVGKAPKSACGVCPGRLRGVRAVRPKVLMRLSKTKKHVSRAYGGS
MCAKCVRDRIKRAFLIEEQKIVVKVLKAQAQSQK
;
Lg
37 'polypeptide(L)'
;AKIKARDLRGKKKEELLKQLDDLKVELSQLRVAKVTGGAASKLSKIRVVRKSIARVLTVINQTQKENLRKFYKGKKYKPL
DLRPKKTRAMRRRLNKHEENLKTKKQQRKERLYPLRKYAVKA
;
Lh
38 'polypeptide(L)'
;ALRYPMAVGLNKGHKVTKNVSKPRHSRRRGRLTKHTKFVRDMIREVCGFAPYERRAMELLKVSKDKRALKFIKKRVGTHI
RAKRKREELSNVLAAMRKAAAK
;
Li
39 'polypeptide(L)'
;TKGTSSFGKRRNKTHTLCRRCGSKAYHLQKSTCGKCGYPAKRKRKYNWSAKAKRRNTTGTGRMRHLKIVYRRFRHGFREG
TTPKPK
;
Lj
40 'polypeptide(L)' PRKIEEIKDFLLTARRKDAKSVKIKKNKDNVKFKVRCSRYLYTLVITDKEKAEKLKQSLPPGLAVKELK Lk
41 'polypeptide(L)' SSHKTFRIKRFLAKKQKQNRPIPQWIRMKTGNKIRYNSKRRHWRRTKLGL Ll
42 'polypeptide(L)' IIEPSLRQLAQKYNCDKMICRKCYARLHPRAVNCRKKKCGHTNNLRPKKKVK Lm
43 'polypeptide(L)' MRAKWRKKRMRRLKRKRRKMRQRS Ln
44 'polypeptide(L)'
;VNVPKTRRTFCKKCGKHQPHKVTQYKKGKDSLYAQGKRRYDRKQSGYGGQTKPIFRKKAKTTKKIVLRLECVEPNCRSKR
MLAIKRCKHFELGGDKKRKGQVIQF
;
Lo
45 'polypeptide(L)'
;AKRTKKVGIVGKYGTRYGASLRKMVKKIEISQHAKYTCSFCGKTKMKRRAVGIWHCGSCMKTVAGGAWTYNTTSAVTVKS
AIRRLKELKDQ
;
Lp
46 'polypeptide(L)'
;SAHLQWMVVRNCSSFLIKRNKQTYSTEPNNLKARNSFRYNGLIHRKTVGVEPAADGKGVVVVIKRRSGQRKPATSYVRTT
INKNARATLSSIRHMIRKNKYRPDLRMAAIRRASAILRSQKPVMV
;
Lr
47 'polypeptide(L)'
;DRATWKSNYFLKIIQLLDDYPKCFIVGADNVGSKQMQQIRMSLRGKAVVLMGKNTMMRKAIRGHLENNPALEKLLPHIRG
NVGFVFTKEDLTEIRDMLLANKVPAAARAGAIAPCEVTVPAQNTGLGPEKTSFFQALGITTKISRGTIEILSDVQLIKTG
DKVGASEATLLNMLNISPFSFGLVIQQVFDNGSIYN
;
Ls
48 'polypeptide(L)'
;PNEIKVVYLRCTGGEVGATSALAPKIGPLGLSPKKVGDDIAKATGDWKGLRITVKLTIQNRQAQIEVVPSASALIIKALK
EPPRDRKKQKNIKHSGNITFDEIVNIARQMRHRSLARELSGTIKEILGTAQSVGCNVDGRHPHDIIDDINSGAVECP
;
Lt
49 'polypeptide(L)'
;MAVQISKKRKFVADGIFKAELNEFLTRELAEDGYSGVEVRVTPTRTEIIILATRTQNVLGEKGRRIRELTAVVQKRFGFP
EGSVELYAEKVATRGLCAIAQAESLRYKLLGGLAVRRACYGVLRFIMESGAKGCEVVVSGKLRGQRAKSMKFVDGLMIHS
GDPVNYYVDTAVRHVLLRQGVLGIKVKIMLPWDPTGKIGPKKPLPDHVSIVEPKDEILPTTPISEQK
;
SD
50 'polypeptide(L)'
;DIKLFGKWSTDDVQINDISLQDYIAVKEKYAKYLPHSAGRYAAKRFRKAQCPIVERLTNSMMMHGRNNGKKLMTVRIVKH
AFEIIHLLTGENPLQVLVNAIINSGPREDSTRIGRAGTVRRQAVDVSPLRRVNQAIWLLCTGAREAAFRNIKTIAECLAD
ELINAAKGSSNSYAIKKKDELERVAKSNR
;
SF
51 'polypeptide(L)'
;MLMPKKNRIAIYELLFKEGVMVAKKDVHMPKHPELADKNVPNLHVMKAMQSLKSRGYVKEQFAWRHFYWYLTNEGIQYLR
DYLHLPPEIVPATLRRSR
;
SK
52 'polypeptide(L)'
;VMDVNTALQEVLKTALIHDGLARGIREAAKALDKRQAHLCVLASNCDEPMYVKLVEALCAEHQINLIKVDDNKKLGEWVG
LCKIDREGKPRKVVGCSCVVVKDYGKESQAKDVIEEYFKCKK
;
SM
53 'polypeptide(L)'
;TYRGVDLDQLLDMSYEQLMQLYSARQRRRLNRGLRRKQHSLLKRLRKAKKEAPPMEKPEVVKTHLRDMIILPEMVGSMVG
VYNGKTFNQVEIKPEMIGHYLGEFSITYKPVKHGRPGIGAT
;
SP
54 'polypeptide(L)'
;SKGPLQSVQVFGRKKTATAVAHCKRGNGLIKVNGRPLEMIEPRTLQYKLLEPVLLLGKERFAGVDIRVRVKGGGHVAQIY
AIRQSISKALVAYYQKYVDEASKKEIKDILIQYDRTLLVADPRRCESKKFGGPGARARYQKSYR
;
SQ
55 'polypeptide(L)'
;MGRVRTKTVKKAARVIIEKYYTRLGNDFHTNKRVCEEIAIIPSKKLRNKIAGYVTHLMKRIQRGPVRGISIKLQEEERER
RDNYVPEVSALDQEIIEVDPDTKEMLKLLDFGSLSNLQVTQPTVGMNFKTPRGPV
;
SR
56 'polypeptide(L)'
;MSLVIPEKFQHILRVLNTNIDGRRKIAFAITAIKGVGRRYAHVVLRKADIDLTKRAGELTEDEVERVITIMQNPRQYKIP
DWFLNRQKDVKDGKYSQVLANGLDNKLREDLERLKKIRAHRGLRHFWGLRVRGQHTKTTGRRGRT
;
SS
57 'polypeptide(L)'
;PGVTVKDVNQQEFVRALAAFLKKSGKLKVPEWVDTVKLAKHKELAPYDENWFYTRAASTARHLYLRGGAGVGSMTKIYGG
RQRNGVMPSHFSRGSKSVARRVLQALEGLKMVEKDQDGGRKLTPQGQRDLDRIAGQVAAANKK
;
ST
58 'polypeptide(L)'
;AIHRIRITLTSRNVKSLEKVCADLIRGAKEKNLKVKGPVRMPTKTLRITTRKTPCGEGSKTWDRFQMRIHKRLIDLHSPS
EIVKQITSISIEPGVEVEVTIADA
;
SU
59 'polypeptide(L)' RDKLNNLVLFDKATYDKLCKEVPNYKLITPAVVSERLKIRGSLARAALQELLSKGLIKLVSKHRAQVIYTRNTKG SZ
60 'polypeptide(L)' RVQPIKLARVTKVLGRTGSQGQCTQVRVEFMDDTSRSIIRNVKGPVREGDVLTLLESEREARRL Sc
61 'polypeptide(L)' GHQQLYWSHPRKFGQGSRSCRVCSNRHGLIRKYGLNMCRQCFRQYAKDIGFIKLD Sd
62 'polypeptide(L)' YTTPKKNKHKRKKVKLAVLKYYKVDENGKISRLRRECPSDECGAGVFMASHFDRHYCGKCCLTYCFN Sf
63 'polypeptide(L)'
;TEQMTLRGTLKGHNGWVTQIATTPQFPDMILSASRDKTIIMWKLTRDETNYGIPQRALRGHSHFVSDVVISSDGQFALSG
SWDGTLRLWDLTTGTTTRRFVGHTKDVLSVAFSSDNRQIVSGSRDKTIKLWNTLGVCKYTVQDESHSEWVSCVRFSPNSS
NPIIVSCGWDKLVKVWNLANCKLKTNHIGHTGYLNTVTVSPDGSLCASGGKDGQAMLWDLNEGKHLYTLDGGDIINALCF
SPNRYWLCAATGPSIKIWDLEGKIIVDELKQEVISTSSKAEPPQCTSLAWSADGQTLFAGYTDNLVRVWQVTI
;
Sg
64 'polypeptide(L)'
;GALDVLQMKEEDVLKFLAAGTHLGGTNLDFQMEQYIYKRKSDGIYIINLKRTWEKLLLAARAIVAIENPADVSVISSRNT
GQRAVLKFAAATGATPIAGRFTPGTFTNQIQAAFREPRLLVVTDPRADHQPLTEASYVNLPTIALCNTDSPLRYVDIAIP
CNNKGAHSVGLMWWMLAREVLRMRGTISREHPWEVMPDLYFYRDPEEIEKEEQAAAEKAVT
;
SA
65 'polypeptide(L)'
;VVDPFSKKDWYDVKAPAMFNIRNIGKTLVTRTQGTKIASDGLKGRVFEVSLADLQNDEVAFRKFKLITEDVQGKNCLTNF
HGMDLTRDKMCSMVKKWQTMIEAHVDVKTTDGYLLRLFCVGFTKKRNNQIRKTSYAQHQQVRQIRKKMMEIMTREVQTND
LKEVVNKLIPDSIGKDIEKACQSIYPLHDVFVRKVKMLKKPKFELGKLMELHGE
;
SB
66 'polypeptide(L)'
;EWMPVTKLGRLVKDMKIKSLEEIYLFSLPIKESEIIDFFLGASLKDEVLKIMPVQKQTRAGQRTRFKAFVAIGDYNGHVG
LGVKCSKEVATAIRGAIILAKLSIVPVRRGYWGNKIGKPHTVPCKVTGRCGSVLVRLIPAPRGTGIVSAPVPKKLLMMAG
IDDCYTSARGCTATLGNFAKATFDAISKTYSYLTPDLWKETVFTKSPYQEFTDHLVKTHTRV
;
SC
67 'polypeptide(L)'
;ARGPKKHLKRVAAPKHWMLDKLTGVFAPRPSTGPHKLRECLPLIIFLRNRLKYALTGDEVKKICMQRFIKIDGKVRTDIT
YPAGFMDVISIDKTGENFRLIYDTKGRFAVHRITPEEAKYKLCKVRKIFVGTKGIPHLVTHDARTIRYPDPLIKVNDTIQ
IDLETGKITDFIKFDTGNLCMVTGGANLGRIGVITNRERHPGSFDVVHVKDANGNSFATRLSNIFVIGKGNKPWISLPRG
KGIRLTIAEERDKRLAAKQSSG
;
SE
68 'polypeptide(L)'
;MKLNISFPATGCQKLIEVDDERKLRTFYEKRMATEVAADALGEEWKGYVVRISGGNDKQGFPMKQGVLTHGRVRLLLSKG
HSCYRPRRTGERKRKSVRGCIVDANLSVLNLVIVKKGEKDIPGLTDTTVPRRLGPKRASRIRKLFNLSKEDDVRQYVVRK
PLNKEGKKPRTKAPKIQRLVTPRVLQHKRRRIALKKQRTKKNKEEAAEYAKLLAKRMKEAKEKRQEQIAKRRRLSSL
;
SG
69 'polypeptide(L)'
;SAKIVKPNGEKPDEFESGISQALLELEMNSDLKAQLRELNITAAKEIEVGGGRKAIIIFVPVPQLKSFQKIQVRLVRELE
KKFSGKHVVFIAQRRILPKPTRKSRTKNKQKRPRSRTLTAVHDAILEDLVFPSEIVGKRIRVKLDGSRLIKVHLDKAQQN
NVEHKVETFSGVYKKLTGKDVNFEFPEFQ
;
SH
70 'polypeptide(L)'
;GISRDNWHKRRKTGGKRKPYHKKRKYELGRPAANTKIGPRRIHTVRVRGGNKKYRALRLDVGNFSWGSECCTRKTRIIDV
VYNASNNELVRTKTLVKNCIVLIDSTPYRQWYESHYALPLGRKKGAKLTPEEEEILNKKRSKKIQKKYDERKKNAKISSL
LEEQFQQGKLLACIASRPGQCGRADGYVLEGKELEFYLRKIKARKG
;
SI
71 'polypeptide(L)'
;PVARSWVCRKTYVTPRRPFEKSRLDQELKLIGEYGLRNKREVWRVKFTLAKIRKAARELLTLDEKDPRRLFEGNALLRRL
VRIGVLDEGKMKLDYILGLKIEDFLERRLQTQVFKLGLAKSIHHARVLIRQRHIRVRKQVVNIPSFIVRLDSQKHIDFSL
RSPYGGGRPGRVKRKNAKKGQGGAG
;
SJ
72 'polypeptide(L)'
;ADIQTERAYQKQPTIFQNKKRVLLGETGKEKLPRYYKNIGLGFKTPKEAIEGTYIDKKCPFTGNVSIRGRILSGVVTKMK
MQRTIVIRRDYLHYIRKYNRFEKRHKNMSVHLSPCFRDVQIGDIVTVGECRPLSKTVRFNVLKVTKAAGTKKQ
;
SL
73 'polypeptide(L)'
;GRMHAPGKGLSQSALPYRRSVPTWLKLTSDDVKEQIYKLAKKGLTPSQIGVILRDSHGVAQVRFVTGNKILRILKSKGLA
PDLPEDLYHLIKKAVAVRKHLERNRKDKDAKFRLILIESRIHRLARYYKTKRVLPPNWKYESSTASALVA
;
SN
74 'polypeptide(L)'
;EQVISLGPQVAEGENVFGVCHIFASFNDTFVHVTDLSGKETICRVTGGMKVKADRDESSPYAAMLAAQDVAQRCKELGIT
ALHIKLRATGGNRTKTPGPGAQSALRALARSGMKIGRIEDVTPIPSDSTRRKGGRRGRRL
;
SO
75 'polypeptide(L)'
;MQNDAGEFVDLYVPRKCSASNRIIGAKDHASIQMNVAEVDKVTGRFNGQFKTYAICGAIRRMGESDDSILRLAKADGIVS
KNF
;
SV
76 'polypeptide(L)'
;VRMNVLADALKSINNAEKRGKRQVLIRPCSKVIVRFLTVMMKHGYIGEFEIIDDHRAGKIVVNLTGRLNKCGVISPRFDV
QLKDLEKWQNNLLPSRQFGFIVLTTSAGIMDHEEARRKHTGGKILGFFF
;
SW
77 'polypeptide(L)'
;GKCRGLRTARKLRSHRRDQKWHDKQYKKAHLGTALKANPFGGASHAKGIVLEKVGVEAKQPNSAIRKCVRVQLIKNGKKI
TAFVPNDGCLNFIEENDEVLVAGFGRKGHAVGDIPGVRFKVVKVANVSLLALYKGKKERPR
;
SX
78 'polypeptide(L)'
;NDTVTIRTRKFMTNRLLQRKQMVIDVLHPGKATVPKTEIREKLAKMYKTTPDVIFVFGFRTHFGGGKTTGFGMIYDSLDY
AKKNEPKHRLARHGLYEKKKTSRKQRKERKNRMKKVRGTAKANVGAGKKPK
;
SY
79 'polypeptide(L)'
;TKKRRNNGRAKKGRGHVQPIRCTNCARCVPKDKAIKKFVIRNIVEAAAVRDISEASVFDAYVLPKLYVKLHYCVSCAIHS
KVVRNRSREARKDRTPPPRFRP
;
Sa
80 'polypeptide(L)'
;PLAKDLLHPSPEEEKRKHKKKRLVQSPNSYFMDVKCPGCYKITTVFSHAQTVVLCVGCSTVLCQPTGGKARLTEGCSFRR
KQH
;
Sb
81 'polypeptide(L)' VHGSLARAGKVRGQTPKVAKQEKKKKKTGRAKRRMQYNRRFVNVVPTFGKKKGPNANS Se
82 'polyribonucleotide'
;UACCUGGUUGAUCCUGCCAGUAGCAU(A2M)UGCUUGUCUCAAAGAUUAAGCCAUGCAUGUCUAAGUACGCACGGCCGGU
ACAGUGAAACUGCGAA(PSU)GGCUC(A2M)UUAAA(PSU)CAG(PSU)UAUGGU(OMU)CCUU(OMU)GGUCGCUCGCU
CCUCUCCCACUUGGAUAACUGUGGUA(A2M)UUCUAG(A2M)GCUAA(OMU)A(OMC)AUGCCGACGGGCGCUGACCCCC
UUCGCGGGGGGGAUGCGUGCAUUUAUCAGUGGUGACUCUAGAUAACCUCGGGCCGAUCGCACGCCCCCCGUGGCGGCGAC
GACCCAUUCGAACGUC(OMU)GCCCUAUCAACUUUCGAUGGUAGUCGCCGUGCCUACCAUGGUGACCACGGG(PSU)GAC
GGGGAAUCAGGGUUCGAU(OMU)CCGGAGA(OMG)GGAGCCUGAGAAACGGCUACCACAU(OMC)CAAGG(A2M)AGGCA
GCAGGCGCGC(A2M)AAUUACCCACUCCCGACCCGGGGA(OMG)GUAGUGA(OMC)GAAAAAUAACAAUACAGGACUCUU
UCGAGGCCCUGUAAUUGGAAUGAGUCCACUUUAA(A2M)UCCUUUAACGAGGAUCCAUUGGAG(OMG)GCAAGUCUGGUG
CCAGCAGCCGCGG(OMU)AAUUCCAGCUCCAAUA(OMG)CGUA(PSU)A(PSU)UAAAGUUGCUGCAGUU(A2M)AAAAG
CUCGUAG(PSU)U(OMG)GA(PSU)CUUGGGAGCGGGCGUCCCCGCCCUCUCGGCCGGGGCCCGAAGCG(OMU)U(PSU)
ACUUUGAAAAAA(PSU)UAGAGUGUUCAAAGCAGGCCCGAGCCGCCUGGAUACCGCAGCUAGGAA(PSU)AA(PSU)
(OMG)GAAUAGGACCGCGGUUCUAUUUUGUUGGUUUUCGGAACUGAGGCCAUGAUUAAGAGGGACGGCCGGGGGCAUUCG
UAUUGCGCCGCUAGAGGUGAAAU(PSU)CUUGGACCGGCGCAAGACGGACCAGAGCGAAAGCAUU(PSU)GCCAAGAAUG
UUUUCAUUAAUCAAGA(A2M)CGAAAGUCGGAGG(PSU)(PSU)CGAAGACGA(PSU)CAGAUACCGUCGUAGUUCCGAC
CA(PSU)AAACGAUGCCGACCGGCGAUGCGGCGGCGUUAUUCCCAUGACCCGCCGGGCAGCUUCCGGGAAACCAAAGUCU
UUGGGUUCCGGGGGGAGUA(PSU)GG(PSU)UGCAAAGCUGAAACUUAAAGGAAUUGACGGAAGGGCACCACCAGGAGUG
GAGCC(PSU)GCGGCUUAAUU(PSU)GAC(B8N)CAACACGGGAAACCUCACCCGGC(OMC)CGGACACGGACAGGA
(OMU)UGACAGAUUGAUAGCUCUUUCUCGAUUCCGUGGGUGG(OMU)G(OMG)UGCAUGGC(4AC)GUUCUUAGUUGGUG
GAGCGAUUUGUCUGG(PSU)UAAUUCCGAUAACGA(A2M)CGAGACU(OMC)UGGCAUGCUAACUAGUUACGCGACCCCC
GAGCGGUCGGCGUCCCCCAACU(OMU)CUUAGAGGGACAAGUGGCGUUCAGCCACCCGAGAUUGAGCAAUAACA(OMG)G
UCUGUGAUGCCCUUAGAUGUCCGGGGCUGCACGCGCGCUACACUGACUGGCUCAGCGUGUGCCUACCCUACGCCGGCAGG
CGCGGGUAACCCGUUGAACCCCAUUCGUGAUGGGGAUCGGGGAUUGCAAUUAUUCCCCAUGAACGAG(G7M)AAUUCCCA
GUAAGUGCGGGUCAUAAGCUUGCGUUGAUUAAGUCCCUGCCCUUUGUACACACCG(OMC)CCGUCGCUACUACCGAUUGG
AUGGUUUAGUGAGGCCCUCGGAUCGGCCCCGCCGGGGUCGGCCCACGGCCCUGGCGGAGCGCUGAGAAGACGGUCGAACU
UGACUAUCUAGAGGAAGUAAAAGUCGUA(6MZ)CAAGGUUUC(4AC)GUAGGUG(MA6)(MA6)CCUGCGGAAGGAUCAU
UA
;
S2
83 'polypeptide(L)' IMNQEKLAKLQAQVRIGGKGTARRKKKVVHR CI
#
# COMPACT_ATOMS: atom_id res chain seq x y z
N GLY E 1 -0.26 -3.98 -36.86
CA GLY E 1 -0.02 -3.23 -38.09
C GLY E 1 1.35 -3.47 -38.68
N ARG E 2 2.24 -4.06 -37.90
CA ARG E 2 3.58 -4.38 -38.34
C ARG E 2 3.84 -5.87 -38.18
N VAL E 3 4.53 -6.45 -39.18
CA VAL E 3 4.94 -7.85 -39.11
C VAL E 3 5.87 -8.03 -37.92
N ILE E 4 5.58 -9.04 -37.11
CA ILE E 4 6.28 -9.23 -35.84
C ILE E 4 7.54 -10.06 -36.06
N ARG E 5 8.38 -10.08 -35.04
CA ARG E 5 9.50 -11.00 -35.02
C ARG E 5 9.01 -12.43 -34.95
N GLY E 6 9.66 -13.31 -35.71
CA GLY E 6 9.21 -14.68 -35.85
C GLY E 6 8.44 -14.86 -37.14
N GLN E 7 7.57 -13.91 -37.44
CA GLN E 7 6.97 -13.86 -38.78
C GLN E 7 8.03 -13.53 -39.81
N ARG E 8 8.88 -12.55 -39.53
CA ARG E 8 9.92 -12.15 -40.47
C ARG E 8 10.95 -13.23 -40.69
N LYS E 9 11.04 -14.21 -39.80
CA LYS E 9 12.00 -15.29 -39.97
C LYS E 9 11.64 -16.15 -41.17
N GLY E 10 10.39 -16.13 -41.61
CA GLY E 10 9.99 -16.93 -42.75
C GLY E 10 10.67 -16.54 -44.05
N ALA E 11 10.86 -15.24 -44.28
CA ALA E 11 11.68 -14.81 -45.39
C ALA E 11 13.13 -15.20 -45.21
N GLY E 12 13.67 -15.09 -43.99
CA GLY E 12 14.98 -15.56 -43.69
C GLY E 12 16.11 -14.71 -44.22
N SER E 13 15.80 -13.52 -44.74
CA SER E 13 16.81 -12.66 -45.35
C SER E 13 17.95 -12.37 -44.38
N VAL E 14 17.63 -12.23 -43.09
CA VAL E 14 18.66 -12.18 -42.08
C VAL E 14 18.83 -13.52 -41.38
N PHE E 15 17.77 -14.33 -41.31
CA PHE E 15 17.72 -15.48 -40.42
C PHE E 15 18.11 -16.79 -41.08
N ARG E 16 18.77 -16.75 -42.25
CA ARG E 16 19.26 -18.02 -42.76
C ARG E 16 20.45 -18.48 -41.92
N ALA E 17 20.55 -19.80 -41.76
CA ALA E 17 21.57 -20.37 -40.89
C ALA E 17 22.96 -20.13 -41.44
N HIS E 18 23.91 -19.93 -40.53
CA HIS E 18 25.30 -19.65 -40.89
C HIS E 18 25.97 -20.97 -41.27
N VAL E 19 26.33 -21.11 -42.53
CA VAL E 19 26.86 -22.35 -43.07
C VAL E 19 28.17 -22.13 -43.80
N LYS E 20 28.86 -21.01 -43.55
CA LYS E 20 30.08 -20.72 -44.29
C LYS E 20 31.17 -21.74 -43.99
N HIS E 21 31.48 -21.96 -42.72
CA HIS E 21 32.58 -22.82 -42.33
C HIS E 21 32.13 -24.24 -42.02
N ARG E 22 30.88 -24.58 -42.29
CA ARG E 22 30.42 -25.93 -41.96
C ARG E 22 30.96 -26.94 -42.96
N LYS E 23 31.38 -28.09 -42.45
CA LYS E 23 32.09 -29.09 -43.22
C LYS E 23 31.17 -29.91 -44.13
N GLY E 24 29.87 -29.76 -44.01
CA GLY E 24 28.93 -30.54 -44.79
C GLY E 24 27.87 -31.19 -43.92
N ALA E 25 26.82 -31.63 -44.60
CA ALA E 25 25.72 -32.30 -43.92
C ALA E 25 26.19 -33.63 -43.35
N ALA E 26 25.80 -33.92 -42.11
CA ALA E 26 26.20 -35.16 -41.46
C ALA E 26 25.23 -36.27 -41.85
N ARG E 27 25.71 -37.21 -42.66
CA ARG E 27 24.85 -38.26 -43.17
C ARG E 27 25.60 -39.58 -43.14
N LEU E 28 24.82 -40.66 -43.12
CA LEU E 28 25.39 -41.98 -43.35
C LEU E 28 25.57 -42.20 -44.85
N ARG E 29 26.28 -43.26 -45.20
CA ARG E 29 26.44 -43.59 -46.60
C ARG E 29 25.15 -44.18 -47.15
N ALA E 30 24.96 -44.00 -48.46
CA ALA E 30 23.75 -44.49 -49.10
C ALA E 30 23.70 -46.02 -49.05
N VAL E 31 22.51 -46.55 -48.73
CA VAL E 31 22.34 -48.00 -48.65
C VAL E 31 22.50 -48.62 -50.02
N ASP E 32 23.15 -49.76 -50.09
CA ASP E 32 23.43 -50.40 -51.36
C ASP E 32 23.61 -51.90 -51.14
N PHE E 33 24.17 -52.58 -52.14
CA PHE E 33 24.27 -54.04 -52.12
C PHE E 33 25.04 -54.54 -50.91
N ALA E 34 26.21 -53.97 -50.66
CA ALA E 34 27.03 -54.45 -49.55
C ALA E 34 26.34 -54.24 -48.22
N GLU E 35 25.68 -53.09 -48.06
CA GLU E 35 24.90 -52.86 -46.85
C GLU E 35 23.76 -53.85 -46.73
N ARG E 36 23.11 -54.14 -47.86
CA ARG E 36 21.90 -54.94 -47.86
C ARG E 36 22.16 -56.43 -47.68
N HIS E 37 23.38 -56.88 -47.97
CA HIS E 37 23.66 -58.31 -47.93
C HIS E 37 24.85 -58.69 -47.07
N GLY E 38 25.81 -57.81 -46.85
CA GLY E 38 26.98 -58.18 -46.05
C GLY E 38 27.45 -57.09 -45.11
N TYR E 39 28.73 -56.73 -45.25
CA TYR E 39 29.29 -55.60 -44.52
C TYR E 39 30.44 -55.03 -45.33
N ILE E 40 30.72 -53.76 -45.09
CA ILE E 40 31.89 -53.09 -45.65
C ILE E 40 32.66 -52.44 -44.51
N LYS E 41 33.98 -52.58 -44.53
CA LYS E 41 34.84 -52.02 -43.51
C LYS E 41 35.28 -50.62 -43.93
N GLY E 42 35.30 -49.70 -42.97
CA GLY E 42 35.82 -48.38 -43.20
C GLY E 42 36.89 -48.05 -42.19
N ILE E 43 37.68 -47.02 -42.50
CA ILE E 43 38.73 -46.53 -41.63
C ILE E 43 38.47 -45.07 -41.30
N VAL E 44 38.55 -44.74 -40.01
CA VAL E 44 38.29 -43.39 -39.55
C VAL E 44 39.56 -42.57 -39.76
N LYS E 45 39.58 -41.73 -40.80
CA LYS E 45 40.73 -40.89 -41.04
C LYS E 45 40.79 -39.68 -40.11
N ASP E 46 39.65 -39.11 -39.74
CA ASP E 46 39.69 -37.87 -38.98
C ASP E 46 38.41 -37.72 -38.17
N ILE E 47 38.56 -37.07 -37.01
CA ILE E 47 37.45 -36.62 -36.19
C ILE E 47 37.55 -35.10 -36.09
N ILE E 48 36.48 -34.41 -36.46
CA ILE E 48 36.54 -32.95 -36.60
C ILE E 48 35.39 -32.31 -35.85
N HIS E 49 35.58 -31.02 -35.55
CA HIS E 49 34.56 -30.19 -34.95
C HIS E 49 33.72 -29.58 -36.06
N ASP E 50 32.41 -29.73 -35.95
CA ASP E 50 31.50 -29.09 -36.90
C ASP E 50 30.93 -27.83 -36.26
N PRO E 51 31.32 -26.64 -36.71
CA PRO E 51 30.73 -25.41 -36.16
C PRO E 51 29.23 -25.36 -36.44
N GLY E 52 28.50 -24.82 -35.48
CA GLY E 52 27.06 -24.79 -35.53
C GLY E 52 26.39 -25.95 -34.86
N ARG E 53 27.14 -26.97 -34.47
CA ARG E 53 26.60 -28.10 -33.74
C ARG E 53 27.59 -28.51 -32.65
N GLY E 54 27.07 -29.17 -31.61
CA GLY E 54 27.91 -29.62 -30.53
C GLY E 54 28.49 -30.99 -30.76
N ALA E 55 27.90 -31.72 -31.69
CA ALA E 55 28.33 -33.09 -31.96
C ALA E 55 29.55 -33.09 -32.86
N PRO E 56 30.65 -33.73 -32.45
CA PRO E 56 31.81 -33.82 -33.33
C PRO E 56 31.54 -34.74 -34.51
N LEU E 57 32.25 -34.49 -35.61
CA LEU E 57 32.11 -35.29 -36.82
C LEU E 57 33.38 -36.10 -37.06
N ALA E 58 33.18 -37.34 -37.50
CA ALA E 58 34.28 -38.27 -37.77
C ALA E 58 34.29 -38.62 -39.25
N LYS E 59 35.42 -38.41 -39.91
CA LYS E 59 35.57 -38.74 -41.33
C LYS E 59 35.97 -40.19 -41.47
N VAL E 60 35.22 -40.95 -42.28
CA VAL E 60 35.48 -42.36 -42.50
C VAL E 60 35.61 -42.58 -44.00
N VAL E 61 36.55 -43.44 -44.38
CA VAL E 61 36.87 -43.69 -45.79
C VAL E 61 36.46 -45.12 -46.13
N PHE E 62 35.79 -45.27 -47.27
CA PHE E 62 35.38 -46.57 -47.78
C PHE E 62 35.93 -46.80 -49.18
N ARG E 63 35.95 -48.05 -49.59
CA ARG E 63 36.36 -48.45 -50.93
C ARG E 63 35.14 -48.64 -51.80
N ASP E 64 35.14 -48.03 -52.97
CA ASP E 64 34.02 -48.23 -53.88
C ASP E 64 34.02 -49.66 -54.38
N PRO E 65 32.93 -50.41 -54.18
CA PRO E 65 32.92 -51.81 -54.61
C PRO E 65 32.82 -51.98 -56.12
N TYR E 66 32.54 -50.91 -56.86
CA TYR E 66 32.31 -51.04 -58.29
C TYR E 66 33.36 -50.36 -59.15
N ARG E 67 34.01 -49.32 -58.65
CA ARG E 67 35.10 -48.70 -59.40
C ARG E 67 36.27 -48.46 -58.47
N PHE E 68 37.45 -48.34 -59.07
CA PHE E 68 38.64 -48.01 -58.31
C PHE E 68 38.58 -46.57 -57.82
N LYS E 69 38.09 -46.38 -56.60
CA LYS E 69 37.99 -45.04 -56.04
C LYS E 69 37.83 -45.15 -54.53
N LYS E 70 38.10 -44.04 -53.85
CA LYS E 70 38.04 -43.98 -52.40
C LYS E 70 36.95 -43.00 -51.98
N ARG E 71 35.94 -43.51 -51.30
CA ARG E 71 34.76 -42.73 -50.93
C ARG E 71 34.93 -42.18 -49.52
N THR E 72 34.60 -40.90 -49.35
CA THR E 72 34.73 -40.21 -48.08
C THR E 72 33.35 -39.90 -47.51
N GLU E 73 33.15 -40.25 -46.25
CA GLU E 73 31.89 -39.99 -45.56
C GLU E 73 32.08 -38.98 -44.45
N LEU E 74 30.97 -38.62 -43.82
CA LEU E 74 30.94 -37.63 -42.75
C LEU E 74 30.10 -38.17 -41.59
N PHE E 75 30.42 -39.40 -41.17
CA PHE E 75 29.65 -40.06 -40.12
C PHE E 75 29.69 -39.26 -38.82
N ILE E 76 28.54 -39.24 -38.13
CA ILE E 76 28.45 -38.58 -36.83
C ILE E 76 29.20 -39.41 -35.81
N ALA E 77 30.11 -38.76 -35.08
CA ALA E 77 31.03 -39.47 -34.21
C ALA E 77 30.32 -39.96 -32.96
N ALA E 78 30.12 -41.27 -32.87
CA ALA E 78 29.71 -41.86 -31.61
C ALA E 78 30.87 -41.81 -30.62
N GLU E 79 30.55 -41.61 -29.35
CA GLU E 79 31.59 -41.43 -28.35
C GLU E 79 32.40 -42.70 -28.16
N GLY E 80 33.72 -42.55 -28.04
CA GLY E 80 34.63 -43.64 -27.81
C GLY E 80 35.43 -44.08 -29.01
N ILE E 81 35.02 -43.69 -30.20
CA ILE E 81 35.75 -44.07 -31.40
C ILE E 81 37.00 -43.21 -31.52
N HIS E 82 37.98 -43.71 -32.26
CA HIS E 82 39.25 -43.02 -32.42
C HIS E 82 39.69 -43.08 -33.87
N THR E 83 40.64 -42.23 -34.21
CA THR E 83 41.18 -42.21 -35.56
C THR E 83 41.93 -43.50 -35.85
N GLY E 84 41.84 -43.94 -37.11
CA GLY E 84 42.47 -45.17 -37.54
C GLY E 84 41.72 -46.42 -37.17
N GLN E 85 40.58 -46.30 -36.52
CA GLN E 85 39.78 -47.46 -36.13
C GLN E 85 39.06 -48.02 -37.34
N PHE E 86 39.03 -49.35 -37.44
CA PHE E 86 38.24 -49.99 -38.46
C PHE E 86 36.81 -50.13 -37.98
N VAL E 87 35.87 -49.68 -38.80
CA VAL E 87 34.45 -49.79 -38.51
C VAL E 87 33.79 -50.54 -39.65
N TYR E 88 32.68 -51.20 -39.33
CA TYR E 88 32.01 -52.09 -40.27
C TYR E 88 30.56 -51.68 -40.40
N CYS E 89 30.10 -51.53 -41.64
CA CYS E 89 28.74 -51.12 -41.94
C CYS E 89 28.12 -52.14 -42.88
N GLY E 90 26.92 -52.59 -42.55
CA GLY E 90 26.22 -53.56 -43.36
C GLY E 90 25.25 -54.35 -42.52
N LYS E 91 24.57 -55.29 -43.17
CA LYS E 91 23.65 -56.17 -42.46
C LYS E 91 24.41 -57.12 -41.55
N LYS E 92 25.57 -57.58 -41.99
CA LYS E 92 26.35 -58.56 -41.24
C LYS E 92 27.36 -57.91 -40.30
N ALA E 93 27.28 -56.59 -40.09
CA ALA E 93 28.20 -55.93 -39.20
C ALA E 93 27.94 -56.34 -37.75
N GLN E 94 29.02 -56.60 -37.02
CA GLN E 94 28.93 -57.00 -35.63
C GLN E 94 28.71 -55.77 -34.74
N LEU E 95 28.10 -56.01 -33.59
CA LEU E 95 27.72 -54.92 -32.70
C LEU E 95 28.96 -54.34 -32.04
N ASN E 96 29.48 -53.29 -32.63
CA ASN E 96 30.69 -52.65 -32.11
C ASN E 96 30.48 -51.14 -32.12
N ILE E 97 31.27 -50.45 -31.31
CA ILE E 97 31.18 -49.01 -31.22
C ILE E 97 31.49 -48.41 -32.59
N GLY E 98 30.46 -47.81 -33.21
CA GLY E 98 30.58 -47.21 -34.51
C GLY E 98 30.00 -48.00 -35.65
N ASN E 99 29.70 -49.28 -35.44
CA ASN E 99 29.16 -50.10 -36.51
C ASN E 99 27.72 -49.70 -36.82
N VAL E 100 27.38 -49.75 -38.11
CA VAL E 100 26.06 -49.37 -38.60
C VAL E 100 25.41 -50.61 -39.20
N LEU E 101 24.15 -50.84 -38.84
CA LEU E 101 23.46 -52.06 -39.22
C LEU E 101 21.96 -51.82 -39.06
N PRO E 102 21.13 -52.61 -39.74
CA PRO E 102 19.69 -52.45 -39.59
C PRO E 102 19.24 -52.80 -38.18
N VAL E 103 18.15 -52.17 -37.76
CA VAL E 103 17.71 -52.32 -36.37
C VAL E 103 17.21 -53.72 -36.10
N GLY E 104 16.61 -54.38 -37.10
CA GLY E 104 16.02 -55.70 -36.88
C GLY E 104 17.03 -56.75 -36.44
N THR E 105 18.28 -56.62 -36.87
CA THR E 105 19.33 -57.55 -36.47
C THR E 105 19.83 -57.28 -35.06
N MET E 106 19.40 -56.25 -34.46
CA MET E 106 19.89 -55.88 -33.15
C MET E 106 19.00 -56.47 -32.06
N PRO E 107 19.57 -56.72 -30.88
CA PRO E 107 18.80 -57.33 -29.79
C PRO E 107 17.73 -56.41 -29.22
N GLU E 108 17.02 -56.91 -28.21
CA GLU E 108 15.89 -56.20 -27.62
C GLU E 108 16.29 -55.03 -26.74
N GLY E 109 17.57 -54.89 -26.40
CA GLY E 109 17.94 -53.92 -25.38
C GLY E 109 19.02 -52.95 -25.78
N THR E 110 19.46 -52.99 -27.04
CA THR E 110 20.50 -52.10 -27.48
C THR E 110 19.96 -50.68 -27.66
N ILE E 111 20.90 -49.75 -27.79
CA ILE E 111 20.59 -48.36 -28.10
C ILE E 111 21.45 -47.94 -29.28
N VAL E 112 21.05 -46.86 -29.93
CA VAL E 112 21.66 -46.45 -31.18
C VAL E 112 21.98 -44.96 -31.14
N CYS E 113 22.67 -44.50 -32.20
CA CYS E 113 23.17 -43.13 -32.27
C CYS E 113 22.49 -42.31 -33.35
N CYS E 114 22.62 -42.70 -34.61
CA CYS E 114 22.10 -41.93 -35.74
C CYS E 114 21.08 -42.79 -36.44
N LEU E 115 19.82 -42.62 -36.07
CA LEU E 115 18.75 -43.48 -36.56
C LEU E 115 18.14 -42.90 -37.82
N GLU E 116 18.03 -43.73 -38.85
CA GLU E 116 17.30 -43.39 -40.07
C GLU E 116 15.82 -43.31 -39.73
N GLU E 117 15.18 -42.22 -40.15
CA GLU E 117 13.76 -42.08 -39.88
C GLU E 117 12.95 -42.98 -40.80
N LYS E 118 13.52 -43.35 -41.94
CA LYS E 118 12.88 -44.20 -42.94
C LYS E 118 13.87 -45.23 -43.45
N PRO E 119 13.38 -46.35 -43.97
CA PRO E 119 14.32 -47.35 -44.52
C PRO E 119 14.85 -46.93 -45.87
N GLY E 120 15.90 -46.12 -45.89
CA GLY E 120 16.43 -45.72 -47.17
C GLY E 120 17.00 -44.32 -47.19
N ASP E 121 16.65 -43.49 -46.22
CA ASP E 121 17.35 -42.23 -46.08
C ASP E 121 18.59 -42.43 -45.21
N ARG E 122 19.29 -41.34 -44.94
CA ARG E 122 20.41 -41.40 -44.01
C ARG E 122 19.87 -41.27 -42.59
N GLY E 123 20.76 -41.27 -41.60
CA GLY E 123 20.31 -41.18 -40.22
C GLY E 123 19.69 -39.83 -39.93
N LYS E 124 18.56 -39.86 -39.21
CA LYS E 124 17.81 -38.64 -38.93
C LYS E 124 17.47 -38.43 -37.47
N LEU E 125 17.66 -39.42 -36.60
CA LEU E 125 17.20 -39.31 -35.23
C LEU E 125 18.36 -39.47 -34.25
N ALA E 126 18.20 -38.82 -33.09
CA ALA E 126 19.16 -38.86 -32.00
C ALA E 126 20.54 -38.37 -32.44
N ARG E 127 20.54 -37.47 -33.41
CA ARG E 127 21.79 -36.95 -33.95
C ARG E 127 22.48 -35.97 -33.03
N ALA E 128 21.72 -35.21 -32.24
CA ALA E 128 22.29 -34.18 -31.39
C ALA E 128 23.12 -34.79 -30.28
N SER E 129 24.18 -34.07 -29.89
CA SER E 129 25.20 -34.60 -29.00
C SER E 129 24.60 -35.00 -27.66
N GLY E 130 25.08 -36.13 -27.13
CA GLY E 130 24.63 -36.63 -25.86
C GLY E 130 23.31 -37.36 -25.88
N ASN E 131 22.67 -37.48 -27.03
CA ASN E 131 21.38 -38.12 -27.11
C ASN E 131 21.47 -39.46 -27.81
N TYR E 132 20.48 -40.31 -27.56
CA TYR E 132 20.45 -41.65 -28.15
C TYR E 132 19.02 -42.15 -28.13
N ALA E 133 18.79 -43.18 -28.95
CA ALA E 133 17.51 -43.85 -29.01
C ALA E 133 17.69 -45.31 -28.64
N THR E 134 16.65 -45.89 -28.04
CA THR E 134 16.70 -47.25 -27.52
C THR E 134 15.85 -48.17 -28.38
N VAL E 135 16.42 -49.31 -28.75
CA VAL E 135 15.66 -50.36 -29.43
C VAL E 135 14.85 -51.11 -28.38
N ILE E 136 13.54 -51.19 -28.58
CA ILE E 136 12.69 -51.86 -27.59
C ILE E 136 12.32 -53.25 -28.05
N SER E 137 11.57 -53.35 -29.15
CA SER E 137 10.96 -54.63 -29.51
C SER E 137 11.01 -54.83 -31.02
N HIS E 138 10.88 -56.08 -31.42
CA HIS E 138 10.82 -56.47 -32.82
C HIS E 138 9.67 -57.43 -33.02
N ASN E 139 9.14 -57.44 -34.23
CA ASN E 139 8.21 -58.47 -34.66
C ASN E 139 8.59 -58.87 -36.08
N PRO E 140 8.97 -60.14 -36.29
CA PRO E 140 9.44 -60.55 -37.63
C PRO E 140 8.41 -60.31 -38.71
N GLU E 141 7.13 -60.51 -38.39
CA GLU E 141 6.05 -60.19 -39.30
C GLU E 141 5.96 -58.68 -39.49
N THR E 142 5.64 -58.27 -40.72
CA THR E 142 5.51 -56.87 -41.13
C THR E 142 6.83 -56.11 -41.04
N LYS E 143 7.89 -56.79 -40.59
CA LYS E 143 9.24 -56.25 -40.54
C LYS E 143 9.28 -54.93 -39.77
N LYS E 144 8.63 -54.91 -38.62
CA LYS E 144 8.45 -53.69 -37.84
C LYS E 144 9.29 -53.73 -36.58
N THR E 145 9.45 -52.57 -35.95
CA THR E 145 10.31 -52.40 -34.79
C THR E 145 9.81 -51.22 -33.98
N ARG E 146 9.76 -51.38 -32.66
CA ARG E 146 9.32 -50.31 -31.77
C ARG E 146 10.52 -49.78 -31.00
N VAL E 147 10.69 -48.44 -30.99
CA VAL E 147 11.85 -47.79 -30.41
C VAL E 147 11.42 -46.58 -29.59
N LYS E 148 12.34 -46.12 -28.74
CA LYS E 148 12.15 -44.94 -27.90
C LYS E 148 13.07 -43.83 -28.34
N LEU E 149 12.51 -42.67 -28.63
CA LEU E 149 13.29 -41.52 -29.02
C LEU E 149 13.84 -40.80 -27.79
N PRO E 150 14.87 -39.97 -27.98
CA PRO E 150 15.44 -39.24 -26.83
C PRO E 150 14.44 -38.39 -26.08
N SER E 151 13.42 -37.88 -26.77
CA SER E 151 12.36 -37.15 -26.08
C SER E 151 11.49 -38.06 -25.23
N GLY E 152 11.67 -39.37 -25.34
CA GLY E 152 10.84 -40.33 -24.66
C GLY E 152 9.67 -40.82 -25.46
N SER E 153 9.35 -40.17 -26.57
CA SER E 153 8.26 -40.64 -27.40
C SER E 153 8.61 -42.00 -28.01
N LYS E 154 7.59 -42.85 -28.13
CA LYS E 154 7.76 -44.21 -28.63
C LYS E 154 7.38 -44.23 -30.10
N LYS E 155 8.28 -44.74 -30.93
CA LYS E 155 8.09 -44.72 -32.36
C LYS E 155 8.24 -46.12 -32.93
N VAL E 156 7.43 -46.43 -33.95
CA VAL E 156 7.54 -47.68 -34.67
C VAL E 156 8.13 -47.38 -36.03
N ILE E 157 9.24 -48.02 -36.36
CA ILE E 157 9.93 -47.81 -37.62
C ILE E 157 10.18 -49.15 -38.28
N SER E 158 10.42 -49.11 -39.57
CA SER E 158 10.69 -50.33 -40.32
C SER E 158 12.02 -50.94 -39.86
N SER E 159 12.05 -52.27 -39.85
CA SER E 159 13.20 -52.99 -39.32
C SER E 159 14.45 -52.81 -40.17
N ALA E 160 14.32 -52.28 -41.38
CA ALA E 160 15.46 -52.10 -42.26
C ALA E 160 16.22 -50.81 -42.02
N ASN E 161 15.77 -49.96 -41.10
CA ASN E 161 16.48 -48.71 -40.84
C ASN E 161 17.83 -49.00 -40.18
N ARG E 162 18.87 -48.38 -40.70
CA ARG E 162 20.22 -48.52 -40.18
C ARG E 162 20.49 -47.45 -39.12
N ALA E 163 21.39 -47.76 -38.20
CA ALA E 163 21.73 -46.82 -37.14
C ALA E 163 23.08 -47.18 -36.58
N VAL E 164 23.67 -46.22 -35.88
CA VAL E 164 25.02 -46.35 -35.35
C VAL E 164 24.94 -46.86 -33.92
N VAL E 165 25.68 -47.92 -33.63
CA VAL E 165 25.73 -48.48 -32.29
C VAL E 165 26.41 -47.48 -31.36
N GLY E 166 25.80 -47.24 -30.21
CA GLY E 166 26.39 -46.38 -29.20
C GLY E 166 25.68 -45.04 -29.13
N VAL E 167 26.26 -44.16 -28.33
CA VAL E 167 25.75 -42.81 -28.16
C VAL E 167 26.67 -41.84 -28.90
N VAL E 168 26.08 -40.78 -29.42
CA VAL E 168 26.86 -39.71 -30.01
C VAL E 168 27.72 -39.06 -28.94
N ALA E 169 28.92 -38.63 -29.32
CA ALA E 169 29.79 -37.94 -28.40
C ALA E 169 29.24 -36.56 -28.05
N GLY E 170 30.01 -35.83 -27.26
CA GLY E 170 29.61 -34.51 -26.80
C GLY E 170 29.12 -34.46 -25.38
N GLY E 171 28.83 -35.62 -24.77
CA GLY E 171 28.47 -35.76 -23.38
C GLY E 171 27.36 -34.81 -22.95
N GLY E 172 27.55 -34.21 -21.78
CA GLY E 172 26.66 -33.21 -21.26
C GLY E 172 27.09 -31.79 -21.61
N ARG E 173 26.92 -31.43 -22.89
CA ARG E 173 27.32 -30.09 -23.33
C ARG E 173 26.54 -29.01 -22.62
N ILE E 174 25.23 -29.22 -22.40
CA ILE E 174 24.42 -28.21 -21.73
C ILE E 174 24.74 -28.07 -20.25
N ASP E 175 25.58 -28.93 -19.71
CA ASP E 175 25.82 -28.91 -18.27
C ASP E 175 26.54 -27.63 -17.85
N LYS E 176 27.52 -27.18 -18.62
CA LYS E 176 28.31 -26.02 -18.24
C LYS E 176 27.49 -24.75 -18.39
N PRO E 177 27.30 -23.97 -17.33
CA PRO E 177 26.60 -22.69 -17.46
C PRO E 177 27.39 -21.74 -18.34
N ILE E 178 26.66 -20.89 -19.07
CA ILE E 178 27.29 -20.02 -20.06
C ILE E 178 28.12 -18.94 -19.38
N LEU E 179 27.56 -18.30 -18.35
CA LEU E 179 28.25 -17.41 -17.43
C LEU E 179 28.64 -16.05 -18.03
N LYS E 180 28.49 -15.88 -19.34
CA LYS E 180 28.85 -14.62 -19.98
C LYS E 180 27.99 -14.43 -21.21
N ALA E 181 27.44 -13.22 -21.35
CA ALA E 181 26.67 -12.92 -22.56
C ALA E 181 27.54 -13.05 -23.80
N GLY E 182 28.83 -12.77 -23.68
CA GLY E 182 29.73 -12.93 -24.81
C GLY E 182 29.86 -14.38 -25.25
N ARG E 183 29.84 -15.30 -24.28
CA ARG E 183 29.89 -16.72 -24.63
C ARG E 183 28.67 -17.12 -25.44
N ALA E 184 27.49 -16.63 -25.06
CA ALA E 184 26.29 -16.89 -25.83
C ALA E 184 26.36 -16.24 -27.21
N TYR E 185 26.92 -15.03 -27.28
CA TYR E 185 27.04 -14.34 -28.56
C TYR E 185 27.92 -15.13 -29.51
N HIS E 186 29.05 -15.63 -29.01
CA HIS E 186 29.92 -16.46 -29.83
C HIS E 186 29.24 -17.78 -30.19
N LYS E 187 28.48 -18.36 -29.27
CA LYS E 187 27.80 -19.62 -29.56
C LYS E 187 26.80 -19.45 -30.69
N TYR E 188 25.92 -18.47 -30.57
CA TYR E 188 24.85 -18.28 -31.54
C TYR E 188 25.30 -17.61 -32.83
N LYS E 189 26.43 -16.90 -32.80
CA LYS E 189 26.97 -16.36 -34.05
C LYS E 189 27.34 -17.48 -35.01
N ALA E 190 27.77 -18.62 -34.48
CA ALA E 190 28.08 -19.78 -35.31
C ALA E 190 26.85 -20.44 -35.89
N LYS E 191 25.64 -20.05 -35.47
CA LYS E 191 24.43 -20.70 -35.96
C LYS E 191 23.54 -19.76 -36.77
N ARG E 192 23.08 -18.66 -36.16
CA ARG E 192 22.09 -17.80 -36.78
C ARG E 192 21.83 -16.62 -35.85
N ASN E 193 21.20 -15.59 -36.40
CA ASN E 193 20.89 -14.38 -35.64
C ASN E 193 19.57 -14.57 -34.90
N CYS E 194 19.68 -15.20 -33.74
CA CYS E 194 18.52 -15.38 -32.87
C CYS E 194 18.82 -15.10 -31.40
N TRP E 195 20.05 -14.84 -31.03
CA TRP E 195 20.40 -14.81 -29.62
C TRP E 195 19.82 -13.62 -28.86
N PRO E 196 20.05 -12.36 -29.29
CA PRO E 196 19.50 -11.26 -28.50
C PRO E 196 17.99 -11.21 -28.66
N ARG E 197 17.28 -11.64 -27.63
CA ARG E 197 15.85 -11.86 -27.70
C ARG E 197 15.16 -10.81 -26.84
N VAL E 198 14.29 -10.02 -27.47
CA VAL E 198 13.60 -8.93 -26.79
C VAL E 198 12.29 -9.46 -26.24
N ARG E 199 12.02 -9.16 -24.98
CA ARG E 199 10.73 -9.54 -24.39
C ARG E 199 9.60 -8.79 -25.10
N GLY E 200 8.50 -9.50 -25.33
CA GLY E 200 7.38 -8.90 -26.02
C GLY E 200 6.76 -7.74 -25.27
N VAL E 201 6.71 -7.82 -23.94
CA VAL E 201 6.11 -6.76 -23.15
C VAL E 201 6.91 -5.47 -23.23
N ALA E 202 8.21 -5.56 -23.54
CA ALA E 202 9.01 -4.36 -23.73
C ALA E 202 8.76 -3.70 -25.07
N MET E 203 8.02 -4.35 -25.96
CA MET E 203 7.76 -3.83 -27.29
C MET E 203 6.56 -2.90 -27.27
N ASN E 204 6.44 -2.12 -28.32
CA ASN E 204 5.24 -1.34 -28.56
C ASN E 204 4.16 -2.24 -29.14
N PRO E 205 2.88 -1.88 -29.00
CA PRO E 205 1.81 -2.78 -29.46
C PRO E 205 1.84 -3.06 -30.95
N VAL E 206 2.44 -2.20 -31.76
CA VAL E 206 2.35 -2.39 -33.20
C VAL E 206 3.20 -3.58 -33.64
N GLU E 207 4.29 -3.89 -32.95
CA GLU E 207 5.17 -4.97 -33.36
C GLU E 207 4.99 -6.23 -32.51
N HIS E 208 4.06 -6.23 -31.56
CA HIS E 208 3.81 -7.45 -30.79
C HIS E 208 2.41 -7.45 -30.24
N PRO E 209 1.73 -8.61 -30.18
CA PRO E 209 0.41 -8.67 -29.55
C PRO E 209 0.44 -8.28 -28.08
N PHE E 210 1.57 -8.44 -27.42
CA PHE E 210 1.65 -8.20 -25.98
C PHE E 210 2.13 -6.81 -25.63
N GLY E 211 2.55 -6.03 -26.64
CA GLY E 211 3.21 -4.78 -26.36
C GLY E 211 2.29 -3.70 -25.84
N GLY E 212 2.89 -2.70 -25.23
CA GLY E 212 2.16 -1.55 -24.73
C GLY E 212 1.65 -1.71 -23.32
N GLY E 213 0.98 -0.68 -22.86
CA GLY E 213 0.47 -0.61 -21.51
C GLY E 213 1.42 0.17 -20.61
N ASN E 214 0.83 0.83 -19.60
CA ASN E 214 1.63 1.61 -18.66
C ASN E 214 2.52 0.73 -17.79
N HIS E 215 2.22 -0.55 -17.69
CA HIS E 215 3.01 -1.48 -16.91
C HIS E 215 3.38 -2.67 -17.78
N GLN E 216 4.56 -3.22 -17.54
CA GLN E 216 5.04 -4.34 -18.35
C GLN E 216 4.23 -5.56 -18.02
N HIS E 217 3.00 -5.59 -18.54
CA HIS E 217 2.08 -6.70 -18.33
C HIS E 217 1.57 -7.18 -19.68
N ILE E 218 1.32 -8.48 -19.76
CA ILE E 218 0.82 -9.06 -21.01
C ILE E 218 -0.61 -8.60 -21.26
N GLY E 219 -1.46 -8.67 -20.24
CA GLY E 219 -2.82 -8.21 -20.35
C GLY E 219 -3.80 -9.18 -20.95
N LYS E 220 -3.34 -10.29 -21.51
CA LYS E 220 -4.21 -11.29 -22.09
C LYS E 220 -3.66 -12.66 -21.74
N PRO E 221 -4.51 -13.69 -21.75
CA PRO E 221 -4.01 -15.04 -21.46
C PRO E 221 -2.97 -15.48 -22.48
N SER E 222 -1.78 -15.82 -21.97
CA SER E 222 -0.67 -16.17 -22.85
C SER E 222 -0.90 -17.48 -23.59
N THR E 223 -1.72 -18.37 -23.04
CA THR E 223 -2.05 -19.60 -23.75
C THR E 223 -2.88 -19.26 -24.98
N ILE E 224 -2.47 -19.77 -26.12
CA ILE E 224 -3.10 -19.44 -27.39
C ILE E 224 -3.52 -20.72 -28.08
N ARG E 225 -4.58 -20.65 -28.87
CA ARG E 225 -5.07 -21.81 -29.60
C ARG E 225 -4.05 -22.24 -30.64
N ARG E 226 -4.10 -23.53 -31.00
CA ARG E 226 -3.22 -24.04 -32.03
C ARG E 226 -3.48 -23.37 -33.37
N ASP E 227 -4.75 -23.19 -33.72
CA ASP E 227 -5.14 -22.69 -35.03
C ASP E 227 -5.23 -21.17 -35.08
N ALA E 228 -4.52 -20.47 -34.21
CA ALA E 228 -4.47 -19.01 -34.30
C ALA E 228 -3.68 -18.61 -35.55
N PRO E 229 -4.04 -17.48 -36.16
CA PRO E 229 -3.29 -17.03 -37.35
C PRO E 229 -1.87 -16.64 -37.02
N ALA E 230 -1.05 -16.57 -38.05
CA ALA E 230 0.33 -16.15 -37.88
C ALA E 230 0.38 -14.72 -37.36
N GLY E 231 1.38 -14.43 -36.54
CA GLY E 231 1.50 -13.15 -35.91
C GLY E 231 0.65 -12.99 -34.67
N ARG E 232 -0.10 -14.01 -34.29
CA ARG E 232 -0.93 -13.99 -33.11
C ARG E 232 -0.53 -15.04 -32.08
N LYS E 233 -0.16 -16.24 -32.53
CA LYS E 233 0.21 -17.32 -31.63
C LYS E 233 1.62 -17.09 -31.10
N VAL E 234 1.71 -16.23 -30.08
CA VAL E 234 2.95 -16.01 -29.36
C VAL E 234 2.73 -16.41 -27.91
N GLY E 235 3.84 -16.62 -27.21
CA GLY E 235 3.75 -17.08 -25.84
C GLY E 235 3.58 -18.57 -25.78
N LEU E 236 2.78 -19.05 -24.84
CA LEU E 236 2.56 -20.49 -24.68
C LEU E 236 1.60 -20.95 -25.76
N ILE E 237 2.10 -21.79 -26.65
CA ILE E 237 1.41 -22.15 -27.87
C ILE E 237 0.72 -23.49 -27.69
N ALA E 238 -0.62 -23.47 -27.69
CA ALA E 238 -1.45 -24.67 -27.57
C ALA E 238 -1.05 -25.50 -26.36
N ALA E 239 -0.85 -24.81 -25.23
CA ALA E 239 -0.36 -25.47 -24.04
C ALA E 239 -1.42 -26.39 -23.45
N ARG E 240 -1.02 -27.64 -23.21
CA ARG E 240 -1.91 -28.56 -22.51
C ARG E 240 -1.96 -28.26 -21.02
N ARG E 241 -0.95 -27.58 -20.50
CA ARG E 241 -0.89 -27.24 -19.09
C ARG E 241 0.02 -26.04 -18.91
N THR E 242 -0.11 -25.41 -17.74
CA THR E 242 0.81 -24.38 -17.28
C THR E 242 1.14 -24.65 -15.81
N GLY E 243 2.25 -24.09 -15.36
CA GLY E 243 2.59 -24.22 -13.95
C GLY E 243 4.00 -24.67 -13.66
N ARG E 244 4.14 -25.71 -12.83
CA ARG E 244 5.43 -26.10 -12.30
C ARG E 244 5.88 -27.51 -12.69
N LEU E 245 4.99 -28.37 -13.18
CA LEU E 245 5.33 -29.76 -13.51
C LEU E 245 5.83 -30.50 -12.27
N ARG E 246 4.91 -30.71 -11.34
CA ARG E 246 5.18 -31.42 -10.09
C ARG E 246 4.69 -32.85 -10.25
N GLY E 247 5.61 -33.80 -10.31
CA GLY E 247 5.24 -35.20 -10.31
C GLY E 247 5.85 -36.02 -11.43
N THR E 248 6.03 -35.41 -12.59
CA THR E 248 6.59 -36.10 -13.75
C THR E 248 7.32 -35.11 -14.65
N SER F 1 3.54 42.83 -7.65
CA SER F 1 3.71 42.23 -6.34
C SER F 1 4.80 42.93 -5.55
N HIS F 2 4.69 42.95 -4.23
CA HIS F 2 5.72 43.56 -3.42
C HIS F 2 7.01 42.75 -3.50
N ARG F 3 8.13 43.42 -3.30
CA ARG F 3 9.38 42.70 -3.15
C ARG F 3 9.35 41.92 -1.84
N LYS F 4 9.95 40.72 -1.88
CA LYS F 4 9.73 39.78 -0.78
C LYS F 4 10.38 40.25 0.50
N PHE F 5 11.44 41.04 0.40
CA PHE F 5 12.03 41.69 1.56
C PHE F 5 12.36 43.14 1.24
N SER F 6 12.27 43.98 2.27
CA SER F 6 12.68 45.37 2.14
C SER F 6 14.20 45.48 2.21
N ALA F 7 14.74 46.46 1.50
CA ALA F 7 16.18 46.68 1.49
C ALA F 7 16.45 48.13 1.12
N PRO F 8 17.50 48.74 1.65
CA PRO F 8 17.82 50.13 1.29
C PRO F 8 18.19 50.24 -0.18
N ARG F 9 17.85 51.39 -0.74
CA ARG F 9 18.15 51.68 -2.14
C ARG F 9 19.66 51.86 -2.34
N HIS F 10 20.14 51.37 -3.49
CA HIS F 10 21.55 51.53 -3.84
C HIS F 10 21.77 52.91 -4.45
N GLY F 11 22.78 53.62 -3.98
CA GLY F 11 23.14 54.91 -4.52
C GLY F 11 22.25 56.02 -3.97
N SER F 12 22.66 57.25 -4.27
CA SER F 12 21.97 58.44 -3.80
C SER F 12 21.13 59.04 -4.91
N LEU F 13 19.98 59.59 -4.54
CA LEU F 13 19.20 60.40 -5.46
C LEU F 13 19.55 61.88 -5.36
N GLY F 14 20.51 62.25 -4.53
CA GLY F 14 20.98 63.61 -4.39
C GLY F 14 22.10 64.01 -5.32
N PHE F 15 22.61 63.06 -6.10
CA PHE F 15 23.69 63.32 -7.06
C PHE F 15 23.36 62.69 -8.40
N LEU F 16 22.07 62.72 -8.77
CA LEU F 16 21.60 61.93 -9.90
C LEU F 16 22.26 62.25 -11.23
N PRO F 17 22.49 63.51 -11.63
CA PRO F 17 23.17 63.71 -12.92
C PRO F 17 24.60 63.22 -12.86
N ARG F 18 24.77 61.89 -12.89
CA ARG F 18 26.08 61.27 -12.75
C ARG F 18 26.88 61.43 -14.04
N LYS F 19 27.30 62.67 -14.26
CA LYS F 19 27.93 63.10 -15.49
C LYS F 19 29.24 63.79 -15.19
N ARG F 20 30.08 63.91 -16.21
CA ARG F 20 31.32 64.65 -16.08
C ARG F 20 31.03 66.10 -15.69
N SER F 21 31.85 66.63 -14.78
CA SER F 21 31.71 68.03 -14.42
C SER F 21 31.97 68.93 -15.63
N SER F 22 31.09 69.91 -15.81
CA SER F 22 31.31 70.89 -16.87
C SER F 22 32.44 71.85 -16.55
N ARG F 23 32.95 71.84 -15.33
CA ARG F 23 34.04 72.70 -14.92
C ARG F 23 35.13 71.85 -14.27
N HIS F 24 36.37 72.31 -14.42
CA HIS F 24 37.52 71.62 -13.86
C HIS F 24 37.99 72.22 -12.55
N ARG F 25 37.66 73.49 -12.28
CA ARG F 25 38.05 74.11 -11.03
C ARG F 25 37.28 73.54 -9.84
N GLY F 26 35.96 73.67 -9.86
CA GLY F 26 35.14 73.34 -8.72
C GLY F 26 34.70 74.60 -8.01
N LYS F 27 33.49 75.07 -8.31
CA LYS F 27 33.06 76.38 -7.85
C LYS F 27 32.29 76.27 -6.54
N VAL F 28 32.18 77.41 -5.86
CA VAL F 28 31.70 77.45 -4.49
C VAL F 28 30.20 77.16 -4.41
N LYS F 29 29.42 77.88 -5.21
CA LYS F 29 27.97 77.71 -5.36
C LYS F 29 27.18 78.20 -4.14
N SER F 30 27.86 78.51 -3.04
CA SER F 30 27.19 79.14 -1.90
C SER F 30 28.26 79.74 -0.99
N PHE F 31 28.30 81.04 -0.92
CA PHE F 31 29.25 81.65 0.00
C PHE F 31 28.64 81.81 1.39
N PRO F 32 29.48 81.89 2.41
CA PRO F 32 28.96 82.09 3.77
C PRO F 32 28.22 83.42 3.89
N LYS F 33 27.26 83.44 4.82
CA LYS F 33 26.48 84.64 5.06
C LYS F 33 27.38 85.78 5.55
N ASP F 34 27.13 86.97 5.03
CA ASP F 34 27.88 88.16 5.40
C ASP F 34 27.20 88.88 6.56
N ASP F 35 27.99 89.39 7.49
CA ASP F 35 27.52 90.32 8.50
C ASP F 35 28.55 91.42 8.67
N PRO F 36 28.14 92.69 8.66
CA PRO F 36 29.12 93.78 8.80
C PRO F 36 29.82 93.80 10.14
N SER F 37 29.29 93.09 11.14
CA SER F 37 29.92 93.11 12.46
C SER F 37 31.31 92.50 12.44
N LYS F 38 31.51 91.47 11.62
CA LYS F 38 32.82 90.84 11.50
C LYS F 38 33.81 91.76 10.79
N PRO F 39 35.10 91.52 10.98
CA PRO F 39 36.10 92.28 10.22
C PRO F 39 36.13 91.84 8.76
N VAL F 40 36.78 92.68 7.94
CA VAL F 40 36.92 92.36 6.52
C VAL F 40 37.83 91.16 6.35
N HIS F 41 37.35 90.17 5.60
CA HIS F 41 38.12 88.97 5.36
C HIS F 41 37.60 88.31 4.09
N LEU F 42 38.40 87.38 3.58
CA LEU F 42 37.96 86.54 2.47
C LEU F 42 37.29 85.28 3.00
N THR F 43 36.58 84.61 2.12
CA THR F 43 35.87 83.38 2.48
C THR F 43 36.50 82.14 1.89
N ALA F 44 37.39 82.27 0.92
CA ALA F 44 37.80 81.11 0.14
C ALA F 44 39.26 81.22 -0.25
N PHE F 45 39.81 80.08 -0.68
CA PHE F 45 41.17 80.00 -1.18
C PHE F 45 41.29 78.80 -2.09
N LEU F 46 42.31 78.81 -2.93
CA LEU F 46 42.56 77.74 -3.88
C LEU F 46 43.85 77.02 -3.49
N GLY F 47 43.79 75.69 -3.45
CA GLY F 47 44.96 74.88 -3.19
C GLY F 47 45.03 73.71 -4.15
N TYR F 48 46.19 73.06 -4.14
CA TYR F 48 46.45 71.94 -5.02
C TYR F 48 46.84 70.71 -4.22
N LYS F 49 46.20 69.59 -4.52
CA LYS F 49 46.40 68.36 -3.76
C LYS F 49 47.82 67.86 -3.99
N ALA F 50 48.69 68.08 -3.00
CA ALA F 50 50.08 67.65 -3.13
C ALA F 50 50.22 66.15 -2.87
N GLY F 51 49.54 65.64 -1.86
CA GLY F 51 49.64 64.25 -1.52
C GLY F 51 49.02 63.99 -0.16
N MET F 52 49.33 62.82 0.39
CA MET F 52 48.82 62.40 1.68
C MET F 52 49.95 61.82 2.52
N THR F 53 49.78 61.88 3.83
CA THR F 53 50.67 61.18 4.75
C THR F 53 49.92 61.00 6.07
N HIS F 54 50.65 60.64 7.11
CA HIS F 54 50.04 60.39 8.41
C HIS F 54 50.92 61.00 9.50
N ILE F 55 50.26 61.40 10.59
CA ILE F 55 50.91 62.13 11.68
C ILE F 55 50.67 61.39 12.97
N VAL F 56 51.33 61.87 14.02
CA VAL F 56 51.14 61.39 15.38
C VAL F 56 50.81 62.58 16.26
N ARG F 57 49.68 62.50 16.97
CA ARG F 57 49.28 63.56 17.89
C ARG F 57 48.59 62.94 19.09
N GLU F 58 48.48 63.72 20.15
CA GLU F 58 47.74 63.32 21.33
C GLU F 58 46.36 63.95 21.31
N VAL F 59 45.36 63.16 21.68
CA VAL F 59 43.97 63.62 21.69
C VAL F 59 43.59 64.03 23.09
N ASP F 60 42.87 65.14 23.21
CA ASP F 60 42.47 65.64 24.52
C ASP F 60 40.95 65.64 24.58
N ARG F 61 40.36 64.51 24.24
CA ARG F 61 38.90 64.35 24.21
C ARG F 61 38.46 63.64 25.48
N PRO F 62 37.94 64.36 26.47
CA PRO F 62 37.63 63.73 27.76
C PRO F 62 36.53 62.69 27.65
N GLY F 63 36.60 61.70 28.53
CA GLY F 63 35.59 60.67 28.58
C GLY F 63 35.66 59.65 27.46
N SER F 64 36.70 59.68 26.64
CA SER F 64 36.84 58.75 25.53
C SER F 64 37.93 57.73 25.82
N LYS F 65 37.97 56.69 24.99
CA LYS F 65 38.98 55.66 25.17
C LYS F 65 40.37 56.18 24.83
N VAL F 66 40.46 57.22 24.01
CA VAL F 66 41.76 57.74 23.57
C VAL F 66 42.08 59.08 24.22
N ASN F 67 41.50 59.37 25.38
CA ASN F 67 41.79 60.62 26.06
C ASN F 67 43.22 60.63 26.56
N LYS F 68 43.94 61.71 26.25
CA LYS F 68 45.37 61.84 26.54
C LYS F 68 46.19 60.70 25.93
N LYS F 69 45.79 60.21 24.77
CA LYS F 69 46.44 59.07 24.14
C LYS F 69 46.98 59.43 22.77
N GLU F 70 47.81 58.54 22.24
CA GLU F 70 48.43 58.73 20.95
C GLU F 70 47.63 58.04 19.86
N VAL F 71 47.41 58.76 18.76
CA VAL F 71 46.71 58.23 17.60
C VAL F 71 47.51 58.59 16.36
N VAL F 72 47.23 57.89 15.27
CA VAL F 72 47.78 58.21 13.96
C VAL F 72 46.62 58.54 13.05
N GLU F 73 46.62 59.74 12.50
CA GLU F 73 45.53 60.21 11.66
C GLU F 73 46.07 60.61 10.30
N ALA F 74 45.47 60.05 9.26
CA ALA F 74 45.90 60.35 7.90
C ALA F 74 45.62 61.80 7.57
N VAL F 75 46.58 62.44 6.92
CA VAL F 75 46.48 63.86 6.61
C VAL F 75 46.77 64.09 5.14
N THR F 76 46.27 65.21 4.64
CA THR F 76 46.43 65.59 3.24
C THR F 76 47.16 66.92 3.16
N ILE F 77 48.10 67.03 2.23
CA ILE F 77 48.85 68.26 2.03
C ILE F 77 48.35 68.93 0.77
N VAL F 78 47.95 70.19 0.92
CA VAL F 78 47.41 70.98 -0.18
C VAL F 78 48.28 72.23 -0.30
N GLU F 79 49.11 72.27 -1.32
CA GLU F 79 49.99 73.42 -1.50
C GLU F 79 49.18 74.65 -1.87
N THR F 80 49.38 75.72 -1.11
CA THR F 80 48.58 76.93 -1.23
C THR F 80 49.49 78.15 -1.35
N PRO F 81 50.05 78.39 -2.53
CA PRO F 81 50.75 79.65 -2.75
C PRO F 81 49.77 80.81 -2.66
N PRO F 82 50.24 81.99 -2.25
CA PRO F 82 49.32 83.11 -2.04
C PRO F 82 48.63 83.53 -3.33
N MET F 83 47.36 83.88 -3.21
CA MET F 83 46.58 84.34 -4.34
C MET F 83 46.87 85.81 -4.61
N VAL F 84 46.71 86.20 -5.87
CA VAL F 84 47.01 87.55 -6.33
C VAL F 84 45.72 88.20 -6.78
N VAL F 85 45.36 89.31 -6.13
CA VAL F 85 44.11 90.02 -6.41
C VAL F 85 44.32 90.89 -7.64
N VAL F 86 43.43 90.76 -8.63
CA VAL F 86 43.54 91.51 -9.86
C VAL F 86 42.27 92.26 -10.22
N GLY F 87 41.12 91.87 -9.69
CA GLY F 87 39.89 92.47 -10.17
C GLY F 87 38.82 92.46 -9.10
N ILE F 88 37.84 93.34 -9.29
CA ILE F 88 36.76 93.53 -8.34
C ILE F 88 35.44 93.47 -9.08
N VAL F 89 34.53 92.64 -8.60
CA VAL F 89 33.15 92.60 -9.08
C VAL F 89 32.23 92.90 -7.91
N GLY F 90 31.31 93.83 -8.14
CA GLY F 90 30.24 94.10 -7.20
C GLY F 90 28.92 93.62 -7.79
N TYR F 91 28.19 92.82 -7.03
CA TYR F 91 26.90 92.30 -7.45
C TYR F 91 25.77 93.10 -6.85
N VAL F 92 24.64 93.10 -7.55
CA VAL F 92 23.42 93.76 -7.11
C VAL F 92 22.32 92.72 -7.03
N GLU F 93 21.49 92.82 -6.00
CA GLU F 93 20.40 91.88 -5.79
C GLU F 93 19.18 92.32 -6.58
N THR F 94 18.65 91.40 -7.38
CA THR F 94 17.43 91.61 -8.15
C THR F 94 16.43 90.56 -7.73
N PRO F 95 15.13 90.79 -7.96
CA PRO F 95 14.13 89.74 -7.66
C PRO F 95 14.33 88.53 -8.55
N ARG F 96 15.08 88.70 -9.63
CA ARG F 96 15.51 87.60 -10.48
C ARG F 96 16.81 86.99 -9.98
N GLY F 97 17.36 87.50 -8.88
CA GLY F 97 18.55 86.98 -8.26
C GLY F 97 19.67 88.00 -8.30
N LEU F 98 20.86 87.54 -7.90
CA LEU F 98 22.05 88.37 -8.02
C LEU F 98 22.45 88.47 -9.48
N ARG F 99 22.87 89.66 -9.89
CA ARG F 99 23.45 89.83 -11.22
C ARG F 99 24.68 90.69 -11.13
N THR F 100 25.57 90.52 -12.10
CA THR F 100 26.82 91.25 -12.13
C THR F 100 26.57 92.70 -12.54
N PHE F 101 26.80 93.63 -11.60
CA PHE F 101 26.61 95.05 -11.88
C PHE F 101 27.75 95.64 -12.69
N LYS F 102 28.94 95.71 -12.12
CA LYS F 102 30.06 96.32 -12.80
C LYS F 102 31.35 95.65 -12.34
N THR F 103 32.31 95.58 -13.26
CA THR F 103 33.59 94.93 -13.02
C THR F 103 34.70 95.95 -13.16
N VAL F 104 35.65 95.92 -12.24
CA VAL F 104 36.84 96.76 -12.31
C VAL F 104 38.06 95.87 -12.13
N PHE F 105 39.00 95.98 -13.07
CA PHE F 105 40.23 95.20 -13.02
C PHE F 105 41.42 96.13 -12.80
N ALA F 106 42.32 95.71 -11.92
CA ALA F 106 43.51 96.49 -11.64
C ALA F 106 44.51 96.39 -12.79
N GLU F 107 45.47 97.31 -12.78
CA GLU F 107 46.50 97.32 -13.79
C GLU F 107 47.55 96.25 -13.49
N HIS F 108 48.54 96.15 -14.38
CA HIS F 108 49.72 95.29 -14.21
C HIS F 108 49.31 93.84 -13.96
N ILE F 109 48.40 93.36 -14.80
CA ILE F 109 47.95 91.98 -14.72
C ILE F 109 49.13 91.06 -14.98
N SER F 110 49.31 90.07 -14.11
CA SER F 110 50.43 89.17 -14.23
C SER F 110 50.34 88.38 -15.53
N ASP F 111 51.51 87.98 -16.04
CA ASP F 111 51.58 87.26 -17.30
C ASP F 111 50.83 85.93 -17.22
N GLU F 112 51.06 85.18 -16.14
CA GLU F 112 50.42 83.87 -16.01
C GLU F 112 48.92 84.00 -15.84
N CYS F 113 48.43 85.14 -15.35
CA CYS F 113 46.99 85.36 -15.31
C CYS F 113 46.43 85.56 -16.70
N LYS F 114 47.13 86.32 -17.56
CA LYS F 114 46.64 86.58 -18.90
C LYS F 114 46.57 85.33 -19.75
N ARG F 115 47.29 84.28 -19.39
CA ARG F 115 47.25 83.04 -20.16
C ARG F 115 45.87 82.41 -20.13
N ARG F 116 45.06 82.73 -19.12
CA ARG F 116 43.74 82.12 -19.00
C ARG F 116 42.84 82.51 -20.16
N PHE F 117 42.98 83.74 -20.66
CA PHE F 117 42.09 84.27 -21.68
C PHE F 117 42.43 83.80 -23.09
N TYR F 118 43.51 83.05 -23.27
CA TYR F 118 43.91 82.60 -24.59
C TYR F 118 43.89 81.09 -24.64
N LYS F 119 43.10 80.53 -25.57
CA LYS F 119 43.12 79.08 -25.76
C LYS F 119 44.48 78.62 -26.27
N ASN F 120 45.05 79.35 -27.21
CA ASN F 120 46.38 79.06 -27.74
C ASN F 120 47.26 80.26 -27.41
N TRP F 121 47.89 80.19 -26.24
CA TRP F 121 48.78 81.26 -25.81
C TRP F 121 49.97 81.40 -26.75
N HIS F 122 50.46 80.29 -27.30
CA HIS F 122 51.64 80.32 -28.15
C HIS F 122 51.40 81.15 -29.40
N LYS F 123 50.23 81.01 -30.01
CA LYS F 123 49.92 81.78 -31.20
C LYS F 123 49.26 83.11 -30.90
N SER F 124 49.07 83.45 -29.63
CA SER F 124 48.43 84.71 -29.28
C SER F 124 49.35 85.89 -29.56
N LYS F 125 48.72 87.05 -29.72
CA LYS F 125 49.42 88.33 -29.75
C LYS F 125 49.54 88.97 -28.38
N LYS F 126 49.01 88.32 -27.34
CA LYS F 126 49.16 88.78 -25.96
C LYS F 126 48.60 90.19 -25.77
N LYS F 127 47.51 90.48 -26.46
CA LYS F 127 46.90 91.81 -26.45
C LYS F 127 45.84 91.98 -25.37
N ALA F 128 45.56 90.96 -24.58
CA ALA F 128 44.46 91.01 -23.63
C ALA F 128 44.68 92.12 -22.61
N PHE F 129 43.63 92.90 -22.38
CA PHE F 129 43.59 93.98 -21.39
C PHE F 129 44.58 95.09 -21.68
N THR F 130 45.35 94.99 -22.77
CA THR F 130 46.39 95.98 -23.03
C THR F 130 45.79 97.35 -23.28
N LYS F 131 44.69 97.41 -24.02
CA LYS F 131 43.97 98.66 -24.18
C LYS F 131 43.20 99.01 -22.92
N TYR F 132 42.72 98.01 -22.18
CA TYR F 132 42.03 98.25 -20.93
C TYR F 132 42.95 98.92 -19.91
N CYS F 133 44.15 98.38 -19.72
CA CYS F 133 45.05 98.92 -18.71
C CYS F 133 45.50 100.33 -19.04
N LYS F 134 45.41 100.74 -20.29
CA LYS F 134 45.78 102.09 -20.68
C LYS F 134 44.91 103.15 -20.01
N LYS F 135 43.70 102.79 -19.60
CA LYS F 135 42.82 103.76 -18.96
C LYS F 135 43.21 104.03 -17.52
N TRP F 136 44.23 103.36 -17.00
CA TRP F 136 44.72 103.67 -15.66
C TRP F 136 45.66 104.85 -15.62
N GLN F 137 45.98 105.46 -16.75
CA GLN F 137 46.87 106.60 -16.80
C GLN F 137 46.14 107.90 -17.10
N ASP F 138 45.31 107.92 -18.14
CA ASP F 138 44.61 109.13 -18.52
C ASP F 138 43.60 109.53 -17.45
N GLU F 139 43.36 110.84 -17.35
CA GLU F 139 42.40 111.35 -16.39
C GLU F 139 40.98 110.90 -16.71
N ASP F 140 40.67 110.70 -17.99
CA ASP F 140 39.34 110.28 -18.39
C ASP F 140 39.06 108.88 -17.87
N GLY F 141 39.97 107.95 -18.12
CA GLY F 141 39.80 106.60 -17.60
C GLY F 141 39.80 106.56 -16.08
N LYS F 142 40.64 107.39 -15.47
CA LYS F 142 40.69 107.45 -14.01
C LYS F 142 39.36 107.92 -13.43
N LYS F 143 38.79 108.97 -14.01
CA LYS F 143 37.50 109.47 -13.54
C LYS F 143 36.39 108.47 -13.80
N GLN F 144 36.45 107.79 -14.94
CA GLN F 144 35.46 106.75 -15.23
C GLN F 144 35.54 105.63 -14.20
N LEU F 145 36.75 105.25 -13.82
CA LEU F 145 36.92 104.21 -12.81
C LEU F 145 36.45 104.70 -11.44
N GLU F 146 36.68 105.98 -11.13
CA GLU F 146 36.18 106.52 -9.88
C GLU F 146 34.66 106.49 -9.85
N LYS F 147 34.03 106.84 -10.97
CA LYS F 147 32.58 106.72 -11.08
C LYS F 147 32.14 105.28 -10.90
N ASP F 148 32.93 104.34 -11.43
CA ASP F 148 32.62 102.92 -11.25
C ASP F 148 32.65 102.55 -9.77
N PHE F 149 33.68 102.99 -9.05
CA PHE F 149 33.78 102.68 -7.63
C PHE F 149 32.63 103.31 -6.85
N SER F 150 32.27 104.54 -7.19
CA SER F 150 31.16 105.20 -6.51
C SER F 150 29.84 104.47 -6.78
N SER F 151 29.64 104.02 -8.02
CA SER F 151 28.44 103.26 -8.34
C SER F 151 28.39 101.96 -7.56
N MET F 152 29.53 101.27 -7.48
CA MET F 152 29.60 100.03 -6.72
C MET F 152 29.33 100.28 -5.24
N LYS F 153 29.87 101.38 -4.71
CA LYS F 153 29.70 101.70 -3.30
C LYS F 153 28.25 102.03 -2.97
N LYS F 154 27.59 102.79 -3.83
CA LYS F 154 26.23 103.23 -3.57
C LYS F 154 25.17 102.22 -4.01
N TYR F 155 25.51 101.21 -4.80
CA TYR F 155 24.50 100.29 -5.29
C TYR F 155 24.76 98.83 -5.00
N CYS F 156 25.99 98.34 -5.16
CA CYS F 156 26.25 96.91 -5.08
C CYS F 156 26.06 96.41 -3.66
N GLN F 157 25.46 95.22 -3.55
CA GLN F 157 25.14 94.66 -2.24
C GLN F 157 26.27 93.81 -1.69
N VAL F 158 26.72 92.82 -2.45
CA VAL F 158 27.88 92.02 -2.10
C VAL F 158 28.92 92.20 -3.19
N ILE F 159 30.19 92.14 -2.81
CA ILE F 159 31.27 92.28 -3.78
C ILE F 159 32.18 91.06 -3.69
N ARG F 160 32.82 90.74 -4.81
CA ARG F 160 33.74 89.64 -4.89
C ARG F 160 35.02 90.11 -5.57
N VAL F 161 36.12 89.44 -5.26
CA VAL F 161 37.43 89.78 -5.81
C VAL F 161 37.89 88.64 -6.71
N ILE F 162 38.47 89.01 -7.85
CA ILE F 162 39.08 88.03 -8.73
C ILE F 162 40.53 87.83 -8.33
N ALA F 163 40.90 86.59 -8.04
CA ALA F 163 42.26 86.25 -7.70
C ALA F 163 42.73 85.09 -8.58
N HIS F 164 44.03 85.06 -8.85
CA HIS F 164 44.61 84.04 -9.69
C HIS F 164 45.79 83.39 -8.97
N THR F 165 46.01 82.11 -9.26
CA THR F 165 47.13 81.38 -8.71
C THR F 165 48.43 81.80 -9.38
N GLN F 166 49.55 81.34 -8.85
CA GLN F 166 50.87 81.60 -9.41
C GLN F 166 51.44 80.27 -9.89
N MET F 167 51.33 80.01 -11.18
CA MET F 167 51.84 78.77 -11.74
C MET F 167 53.35 78.71 -11.67
N ARG F 168 54.03 79.87 -11.68
CA ARG F 168 55.47 79.90 -11.74
C ARG F 168 56.13 79.36 -10.48
N LEU F 169 55.42 79.37 -9.35
CA LEU F 169 55.96 78.82 -8.11
C LEU F 169 55.64 77.36 -7.91
N LEU F 170 55.00 76.74 -8.85
CA LEU F 170 54.70 75.34 -8.76
C LEU F 170 55.52 74.54 -9.77
N PRO F 171 55.79 73.27 -9.48
CA PRO F 171 56.50 72.41 -10.44
C PRO F 171 55.61 71.71 -11.45
N LEU F 172 54.33 72.04 -11.50
CA LEU F 172 53.39 71.44 -12.42
C LEU F 172 53.60 72.01 -13.82
N ARG F 173 53.31 71.18 -14.83
CA ARG F 173 53.66 71.56 -16.19
C ARG F 173 52.77 72.70 -16.69
N GLN F 174 51.52 72.76 -16.25
CA GLN F 174 50.64 73.81 -16.72
C GLN F 174 51.13 75.17 -16.24
N LYS F 175 51.30 76.10 -17.18
CA LYS F 175 51.68 77.47 -16.86
C LYS F 175 50.49 78.39 -16.83
N LYS F 176 49.28 77.88 -17.06
CA LYS F 176 48.08 78.70 -17.09
C LYS F 176 47.51 78.83 -15.68
N ALA F 177 47.48 80.05 -15.16
CA ALA F 177 46.97 80.29 -13.83
C ALA F 177 45.45 80.10 -13.78
N HIS F 178 44.95 79.89 -12.57
CA HIS F 178 43.54 79.62 -12.36
C HIS F 178 42.87 80.81 -11.67
N LEU F 179 41.89 81.40 -12.35
CA LEU F 179 41.15 82.54 -11.82
C LEU F 179 40.03 82.05 -10.91
N MET F 180 39.57 82.93 -10.03
CA MET F 180 38.43 82.60 -9.18
C MET F 180 37.86 83.87 -8.58
N GLU F 181 36.52 83.95 -8.54
CA GLU F 181 35.83 84.97 -7.76
C GLU F 181 35.82 84.56 -6.30
N ILE F 182 36.17 85.48 -5.41
CA ILE F 182 36.17 85.24 -3.97
C ILE F 182 35.36 86.33 -3.29
N GLN F 183 34.38 85.93 -2.49
CA GLN F 183 33.52 86.86 -1.77
C GLN F 183 34.25 87.47 -0.59
N VAL F 184 33.94 88.73 -0.31
CA VAL F 184 34.50 89.45 0.83
C VAL F 184 33.36 89.72 1.82
N ASN F 185 33.55 89.27 3.05
CA ASN F 185 32.55 89.44 4.09
C ASN F 185 33.08 90.38 5.18
N GLY F 186 32.18 90.79 6.06
CA GLY F 186 32.60 91.45 7.29
C GLY F 186 32.83 92.94 7.20
N GLY F 187 31.81 93.69 6.84
CA GLY F 187 31.91 95.14 6.87
C GLY F 187 30.89 95.77 5.96
N THR F 188 30.90 97.11 5.96
CA THR F 188 30.03 97.82 5.05
C THR F 188 30.54 97.69 3.63
N VAL F 189 29.70 98.10 2.67
CA VAL F 189 30.11 98.07 1.28
C VAL F 189 31.33 98.94 1.07
N ALA F 190 31.33 100.14 1.65
CA ALA F 190 32.46 101.05 1.51
C ALA F 190 33.72 100.47 2.16
N GLU F 191 33.57 99.88 3.33
CA GLU F 191 34.74 99.37 4.05
C GLU F 191 35.44 98.27 3.27
N LYS F 192 34.69 97.26 2.84
CA LYS F 192 35.29 96.18 2.08
C LYS F 192 35.75 96.64 0.71
N LEU F 193 35.07 97.61 0.11
CA LEU F 193 35.54 98.14 -1.17
C LEU F 193 36.89 98.82 -1.04
N ASP F 194 37.05 99.67 -0.02
CA ASP F 194 38.34 100.32 0.20
C ASP F 194 39.40 99.29 0.54
N TRP F 195 39.05 98.29 1.36
CA TRP F 195 40.00 97.25 1.71
C TRP F 195 40.48 96.49 0.48
N ALA F 196 39.55 96.08 -0.38
CA ALA F 196 39.92 95.35 -1.58
C ALA F 196 40.70 96.22 -2.55
N ARG F 197 40.35 97.50 -2.62
CA ARG F 197 41.11 98.43 -3.45
C ARG F 197 42.54 98.54 -2.99
N GLU F 198 42.76 98.53 -1.67
CA GLU F 198 44.12 98.46 -1.16
C GLU F 198 44.77 97.13 -1.50
N ARG F 199 44.00 96.05 -1.49
CA ARG F 199 44.55 94.73 -1.78
C ARG F 199 44.67 94.45 -3.27
N LEU F 200 44.31 95.40 -4.12
CA LEU F 200 44.50 95.23 -5.56
C LEU F 200 45.99 95.08 -5.88
N GLU F 201 46.28 94.22 -6.85
CA GLU F 201 47.63 93.95 -7.35
C GLU F 201 48.54 93.35 -6.30
N GLN F 202 47.99 92.87 -5.18
CA GLN F 202 48.76 92.35 -4.07
C GLN F 202 48.69 90.84 -4.04
N GLN F 203 49.44 90.26 -3.11
CA GLN F 203 49.44 88.82 -2.88
C GLN F 203 48.77 88.55 -1.54
N VAL F 204 47.88 87.57 -1.52
CA VAL F 204 47.09 87.26 -0.34
C VAL F 204 47.58 85.92 0.22
N PRO F 205 48.37 85.90 1.27
CA PRO F 205 48.80 84.63 1.87
C PRO F 205 47.65 83.95 2.57
N VAL F 206 47.74 82.62 2.60
CA VAL F 206 46.64 81.81 3.12
C VAL F 206 46.42 82.02 4.61
N ASN F 207 47.43 82.49 5.33
CA ASN F 207 47.29 82.71 6.77
C ASN F 207 46.28 83.80 7.09
N GLN F 208 46.20 84.83 6.26
CA GLN F 208 45.22 85.88 6.48
C GLN F 208 43.80 85.40 6.23
N VAL F 209 43.63 84.35 5.45
CA VAL F 209 42.31 83.86 5.09
C VAL F 209 41.83 82.78 6.06
N PHE F 210 42.66 81.77 6.30
CA PHE F 210 42.31 80.70 7.23
C PHE F 210 43.29 80.70 8.39
N GLY F 211 42.78 80.29 9.56
CA GLY F 211 43.57 80.18 10.76
C GLY F 211 43.82 78.74 11.14
N GLN F 212 44.48 78.57 12.28
CA GLN F 212 44.85 77.24 12.73
C GLN F 212 43.62 76.49 13.27
N ASP F 213 43.71 75.16 13.20
CA ASP F 213 42.76 74.18 13.76
C ASP F 213 41.31 74.64 13.72
N GLU F 214 40.93 75.12 12.54
CA GLU F 214 39.54 75.45 12.23
C GLU F 214 39.09 74.55 11.08
N MET F 215 37.79 74.24 11.07
CA MET F 215 37.26 73.26 10.14
C MET F 215 36.63 73.96 8.95
N ILE F 216 37.08 73.61 7.76
CA ILE F 216 36.62 74.25 6.53
C ILE F 216 35.96 73.22 5.64
N ASP F 217 35.33 73.69 4.57
CA ASP F 217 34.68 72.82 3.58
C ASP F 217 35.53 72.76 2.34
N VAL F 218 35.49 71.61 1.65
CA VAL F 218 36.33 71.36 0.49
C VAL F 218 35.44 71.04 -0.71
N ILE F 219 35.71 71.70 -1.83
CA ILE F 219 35.00 71.48 -3.08
C ILE F 219 36.03 71.18 -4.16
N GLY F 220 35.76 70.14 -4.95
CA GLY F 220 36.65 69.81 -6.05
C GLY F 220 35.97 68.86 -7.00
N VAL F 221 36.75 68.42 -7.99
CA VAL F 221 36.29 67.45 -8.98
C VAL F 221 37.02 66.14 -8.74
N THR F 222 36.27 65.06 -8.57
CA THR F 222 36.83 63.79 -8.16
C THR F 222 37.65 63.17 -9.29
N LYS F 223 38.28 62.03 -8.98
CA LYS F 223 39.02 61.29 -9.98
C LYS F 223 38.07 60.72 -11.02
N GLY F 224 38.43 60.89 -12.30
CA GLY F 224 37.62 60.31 -13.36
C GLY F 224 37.94 58.83 -13.54
N LYS F 225 36.89 58.02 -13.56
CA LYS F 225 37.03 56.59 -13.77
C LYS F 225 36.46 56.12 -15.10
N GLY F 226 36.14 57.05 -16.00
CA GLY F 226 35.70 56.63 -17.31
C GLY F 226 34.31 56.01 -17.29
N TYR F 227 34.10 55.14 -18.27
CA TYR F 227 32.79 54.53 -18.47
C TYR F 227 32.75 53.23 -17.68
N LYS F 228 31.75 53.09 -16.83
CA LYS F 228 31.70 51.98 -15.88
C LYS F 228 30.36 51.28 -15.94
N GLY F 229 30.38 49.99 -15.59
CA GLY F 229 29.18 49.22 -15.48
C GLY F 229 28.43 49.51 -14.19
N VAL F 230 27.22 48.94 -14.12
CA VAL F 230 26.36 49.17 -12.97
C VAL F 230 26.96 48.57 -11.70
N THR F 231 27.80 47.54 -11.85
CA THR F 231 28.43 46.94 -10.68
C THR F 231 29.32 47.95 -9.96
N SER F 232 30.10 48.72 -10.70
CA SER F 232 31.00 49.68 -10.09
C SER F 232 30.37 51.06 -9.92
N ARG F 233 29.54 51.49 -10.87
CA ARG F 233 28.98 52.84 -10.83
C ARG F 233 27.97 53.01 -9.70
N TRP F 234 27.28 51.93 -9.33
CA TRP F 234 26.19 52.01 -8.38
C TRP F 234 26.34 51.05 -7.20
N HIS F 235 27.37 50.19 -7.21
CA HIS F 235 27.64 49.27 -6.11
C HIS F 235 26.46 48.33 -5.85
N THR F 236 25.83 47.88 -6.93
CA THR F 236 24.72 46.95 -6.84
C THR F 236 25.23 45.53 -6.66
N LYS F 237 24.30 44.63 -6.35
CA LYS F 237 24.67 43.25 -6.08
C LYS F 237 25.01 42.51 -7.37
N LYS F 238 26.02 41.64 -7.29
CA LYS F 238 26.42 40.84 -8.44
C LYS F 238 25.52 39.61 -8.61
N LEU F 239 25.24 39.25 -9.86
CA LEU F 239 24.45 38.08 -10.15
C LEU F 239 25.27 36.81 -10.02
N PRO F 240 24.63 35.67 -9.77
CA PRO F 240 25.38 34.42 -9.60
C PRO F 240 26.06 33.98 -10.87
N ARG F 241 26.91 32.95 -10.73
CA ARG F 241 27.76 32.53 -11.84
C ARG F 241 26.94 31.95 -12.99
N LYS F 242 25.79 31.36 -12.69
CA LYS F 242 25.00 30.68 -13.71
C LYS F 242 24.30 31.63 -14.69
N THR F 243 24.56 32.93 -14.62
CA THR F 243 23.83 33.88 -15.45
C THR F 243 24.20 33.70 -16.93
N HIS F 244 23.21 33.89 -17.80
CA HIS F 244 23.41 33.64 -19.22
C HIS F 244 24.05 34.82 -19.92
N ARG F 245 23.38 35.97 -19.94
CA ARG F 245 23.85 37.10 -20.72
C ARG F 245 24.72 38.07 -19.91
N GLY F 246 25.05 37.74 -18.67
CA GLY F 246 26.00 38.56 -17.94
C GLY F 246 25.65 38.80 -16.49
N LEU F 247 26.62 38.63 -15.59
CA LEU F 247 26.40 38.78 -14.17
C LEU F 247 26.67 40.20 -13.66
N ARG F 248 27.42 41.01 -14.40
CA ARG F 248 27.64 42.40 -14.02
C ARG F 248 26.54 43.30 -14.58
N LYS F 249 25.29 42.99 -14.23
CA LYS F 249 24.15 43.72 -14.76
C LYS F 249 23.13 43.98 -13.66
N VAL F 250 22.16 44.83 -13.99
CA VAL F 250 20.98 45.02 -13.15
C VAL F 250 19.89 44.12 -13.70
N ALA F 251 19.38 43.20 -12.87
CA ALA F 251 18.51 42.14 -13.37
C ALA F 251 17.15 42.67 -13.81
N CYS F 252 16.53 43.50 -12.98
CA CYS F 252 15.24 44.08 -13.31
C CYS F 252 15.35 45.60 -13.32
N ILE F 253 15.07 46.21 -14.47
CA ILE F 253 15.16 47.65 -14.61
C ILE F 253 13.77 48.30 -14.61
N GLY F 254 12.79 47.65 -14.02
CA GLY F 254 11.48 48.24 -13.88
C GLY F 254 10.39 47.22 -14.15
N ALA F 255 9.17 47.58 -13.77
CA ALA F 255 8.04 46.70 -14.00
C ALA F 255 7.54 46.83 -15.43
N TRP F 256 6.48 46.07 -15.75
CA TRP F 256 5.81 46.25 -17.02
C TRP F 256 5.23 47.64 -17.14
N HIS F 257 4.61 48.15 -16.08
CA HIS F 257 4.14 49.52 -16.07
C HIS F 257 5.00 50.34 -15.13
N PRO F 258 5.19 51.63 -15.41
CA PRO F 258 4.62 52.43 -16.51
C PRO F 258 5.35 52.32 -17.85
N ALA F 259 5.91 51.16 -18.20
CA ALA F 259 6.48 50.89 -19.52
C ALA F 259 7.58 51.85 -19.90
N ARG F 260 8.29 52.40 -18.91
CA ARG F 260 9.41 53.28 -19.17
C ARG F 260 10.45 53.03 -18.10
N VAL F 261 11.69 53.42 -18.39
CA VAL F 261 12.77 53.30 -17.41
C VAL F 261 12.75 54.52 -16.51
N ALA F 262 12.49 54.31 -15.23
CA ALA F 262 12.51 55.41 -14.29
C ALA F 262 13.94 55.84 -14.02
N PHE F 263 14.08 57.10 -13.61
CA PHE F 263 15.41 57.66 -13.37
C PHE F 263 16.13 56.99 -12.22
N SER F 264 15.42 56.44 -11.25
CA SER F 264 16.06 55.89 -10.06
C SER F 264 16.68 54.53 -10.32
N VAL F 265 16.61 54.03 -11.54
CA VAL F 265 17.16 52.73 -11.88
C VAL F 265 18.65 52.89 -12.20
N ALA F 266 19.47 52.07 -11.57
CA ALA F 266 20.91 52.12 -11.78
C ALA F 266 21.27 51.68 -13.20
N ARG F 267 21.98 52.54 -13.92
CA ARG F 267 22.37 52.24 -15.29
C ARG F 267 23.79 52.75 -15.54
N ALA F 268 24.43 52.14 -16.51
CA ALA F 268 25.84 52.41 -16.78
C ALA F 268 26.02 53.80 -17.39
N GLY F 269 27.22 54.34 -17.20
CA GLY F 269 27.57 55.64 -17.72
C GLY F 269 28.90 56.09 -17.15
N GLN F 270 29.12 57.40 -17.21
CA GLN F 270 30.35 57.97 -16.68
C GLN F 270 30.41 57.78 -15.17
N LYS F 271 31.60 57.47 -14.66
CA LYS F 271 31.83 57.37 -13.23
C LYS F 271 32.99 58.28 -12.84
N GLY F 272 32.82 59.00 -11.75
CA GLY F 272 33.85 59.91 -11.28
C GLY F 272 33.86 61.22 -12.04
N TYR F 273 34.88 62.03 -11.73
CA TYR F 273 35.02 63.39 -12.26
C TYR F 273 33.75 64.20 -12.01
N HIS F 274 33.21 64.04 -10.81
CA HIS F 274 32.00 64.70 -10.39
C HIS F 274 32.33 65.87 -9.50
N HIS F 275 31.60 66.97 -9.66
CA HIS F 275 31.77 68.11 -8.78
C HIS F 275 31.15 67.78 -7.43
N ARG F 276 31.97 67.78 -6.38
CA ARG F 276 31.52 67.35 -5.06
C ARG F 276 31.95 68.37 -4.02
N THR F 277 31.21 68.39 -2.91
CA THR F 277 31.44 69.33 -1.82
C THR F 277 31.52 68.54 -0.52
N GLU F 278 32.71 68.43 0.05
CA GLU F 278 32.91 67.79 1.34
C GLU F 278 33.10 68.87 2.39
N ILE F 279 32.38 68.76 3.50
CA ILE F 279 32.41 69.75 4.55
C ILE F 279 33.06 69.15 5.79
N ASN F 280 33.30 70.01 6.78
CA ASN F 280 33.82 69.63 8.09
C ASN F 280 35.20 68.96 7.98
N LYS F 281 36.14 69.72 7.43
CA LYS F 281 37.52 69.26 7.26
C LYS F 281 38.43 70.13 8.12
N LYS F 282 39.12 69.49 9.07
CA LYS F 282 39.91 70.22 10.05
C LYS F 282 41.32 70.47 9.53
N ILE F 283 41.87 71.64 9.86
CA ILE F 283 43.20 72.02 9.41
C ILE F 283 44.16 71.76 10.56
N TYR F 284 44.96 70.71 10.44
CA TYR F 284 45.91 70.40 11.50
C TYR F 284 47.11 71.31 11.48
N LYS F 285 47.58 71.72 10.30
CA LYS F 285 48.76 72.54 10.24
C LYS F 285 48.71 73.42 9.00
N ILE F 286 49.18 74.65 9.14
CA ILE F 286 49.34 75.58 8.04
C ILE F 286 50.84 75.71 7.82
N GLY F 287 51.31 75.30 6.66
CA GLY F 287 52.72 75.39 6.37
C GLY F 287 53.19 76.81 6.20
N GLN F 288 54.48 77.02 6.49
CA GLN F 288 55.06 78.34 6.39
C GLN F 288 55.77 78.58 5.07
N GLY F 289 56.12 77.52 4.34
CA GLY F 289 56.77 77.68 3.06
C GLY F 289 58.27 77.81 3.20
N TYR F 290 58.94 77.99 2.07
CA TYR F 290 60.39 78.04 2.04
C TYR F 290 60.86 79.47 2.23
N LEU F 291 61.89 79.64 3.05
CA LEU F 291 62.52 80.94 3.21
C LEU F 291 64.03 80.83 3.01
N ILE F 292 64.60 81.92 2.52
CA ILE F 292 66.04 82.06 2.37
C ILE F 292 66.39 83.41 2.97
N LYS F 293 66.81 83.41 4.24
CA LYS F 293 67.33 84.62 4.87
C LYS F 293 68.83 84.70 4.68
N ASP F 294 69.55 83.69 5.15
CA ASP F 294 70.95 83.44 4.86
C ASP F 294 71.16 82.04 4.33
N GLY F 295 70.44 81.05 4.88
CA GLY F 295 70.40 79.72 4.32
C GLY F 295 68.97 79.27 4.16
N LYS F 296 68.79 78.26 3.32
CA LYS F 296 67.45 77.76 3.00
C LYS F 296 66.80 77.14 4.23
N LEU F 297 65.57 77.52 4.51
CA LEU F 297 64.82 77.02 5.65
C LEU F 297 63.78 76.03 5.19
N ILE F 298 63.82 74.83 5.77
CA ILE F 298 62.86 73.79 5.42
C ILE F 298 62.30 73.14 6.68
N LYS F 299 62.91 73.44 7.83
CA LYS F 299 62.49 72.78 9.06
C LYS F 299 61.09 73.20 9.48
N ASN F 300 60.67 74.42 9.13
CA ASN F 300 59.35 74.90 9.52
C ASN F 300 58.24 74.08 8.89
N ASN F 301 58.56 73.29 7.88
CA ASN F 301 57.56 72.51 7.16
C ASN F 301 57.21 71.20 7.86
N ALA F 302 58.19 70.54 8.47
CA ALA F 302 57.94 69.24 9.08
C ALA F 302 58.47 69.08 10.49
N SER F 303 59.47 69.86 10.92
CA SER F 303 59.97 69.71 12.28
C SER F 303 58.89 70.16 13.24
N THR F 304 58.48 69.27 14.12
CA THR F 304 57.42 69.56 15.07
C THR F 304 58.02 70.21 16.30
N ASP F 305 57.17 70.50 17.27
CA ASP F 305 57.64 70.95 18.56
C ASP F 305 58.24 69.82 19.38
N TYR F 306 58.12 68.57 18.92
CA TYR F 306 58.71 67.42 19.57
C TYR F 306 59.65 66.64 18.66
N ASP F 307 59.70 66.96 17.37
CA ASP F 307 60.67 66.35 16.47
C ASP F 307 61.97 67.16 16.43
N LEU F 308 61.86 68.45 16.13
CA LEU F 308 63.02 69.35 15.99
C LEU F 308 64.00 68.82 14.96
N SER F 309 63.49 68.20 13.92
CA SER F 309 64.28 67.58 12.87
C SER F 309 64.20 68.42 11.62
N ASP F 310 65.35 68.92 11.16
CA ASP F 310 65.39 69.83 10.01
C ASP F 310 64.99 69.05 8.76
N LYS F 311 63.68 68.94 8.57
CA LYS F 311 63.13 68.29 7.39
C LYS F 311 61.91 69.05 6.91
N SER F 312 61.66 68.95 5.61
CA SER F 312 60.51 69.59 4.98
C SER F 312 59.37 68.60 4.86
N ILE F 313 58.22 69.12 4.40
CA ILE F 313 57.07 68.26 4.17
C ILE F 313 57.27 67.38 2.95
N ASN F 314 58.24 67.69 2.10
CA ASN F 314 58.52 66.82 0.97
C ASN F 314 59.00 65.48 1.48
N PRO F 315 58.35 64.39 1.08
CA PRO F 315 58.70 63.07 1.62
C PRO F 315 60.05 62.63 1.10
N LEU F 316 60.45 61.45 1.55
CA LEU F 316 61.69 60.86 1.06
C LEU F 316 61.54 60.58 -0.41
N GLY F 317 62.38 61.21 -1.23
CA GLY F 317 62.25 61.13 -2.66
C GLY F 317 61.19 62.04 -3.25
N GLY F 318 60.49 62.81 -2.43
CA GLY F 318 59.50 63.75 -2.92
C GLY F 318 58.12 63.11 -3.10
N PHE F 319 57.14 63.98 -3.31
CA PHE F 319 55.77 63.53 -3.51
C PHE F 319 55.63 62.83 -4.85
N VAL F 320 54.89 61.72 -4.87
CA VAL F 320 54.71 60.94 -6.09
C VAL F 320 53.73 61.65 -7.00
N HIS F 321 54.07 61.76 -8.28
CA HIS F 321 53.24 62.32 -9.34
C HIS F 321 52.92 63.79 -9.13
N TYR F 322 53.48 64.43 -8.10
CA TYR F 322 53.21 65.83 -7.85
C TYR F 322 54.45 66.69 -7.99
N GLY F 323 55.53 66.37 -7.28
CA GLY F 323 56.72 67.16 -7.32
C GLY F 323 57.12 67.56 -5.93
N GLU F 324 57.91 68.63 -5.85
CA GLU F 324 58.43 69.13 -4.59
C GLU F 324 57.57 70.29 -4.11
N VAL F 325 57.12 70.19 -2.86
CA VAL F 325 56.36 71.27 -2.24
C VAL F 325 57.35 72.32 -1.74
N THR F 326 57.16 73.56 -2.18
CA THR F 326 58.05 74.65 -1.81
C THR F 326 57.32 75.84 -1.22
N ASN F 327 56.02 75.97 -1.45
CA ASN F 327 55.25 77.12 -1.04
C ASN F 327 54.45 76.81 0.22
N ASP F 328 53.57 77.72 0.60
CA ASP F 328 52.68 77.49 1.73
C ASP F 328 51.76 76.31 1.46
N PHE F 329 51.48 75.53 2.49
CA PHE F 329 50.56 74.41 2.36
C PHE F 329 49.60 74.38 3.54
N VAL F 330 48.51 73.65 3.34
CA VAL F 330 47.52 73.40 4.38
C VAL F 330 47.46 71.90 4.62
N MET F 331 47.58 71.49 5.87
CA MET F 331 47.47 70.09 6.24
C MET F 331 46.05 69.81 6.72
N LEU F 332 45.30 69.06 5.93
CA LEU F 332 43.95 68.68 6.27
C LEU F 332 43.92 67.32 6.95
N LYS F 333 42.78 67.00 7.56
CA LYS F 333 42.57 65.70 8.19
C LYS F 333 41.74 64.82 7.26
N GLY F 334 42.21 63.60 7.03
CA GLY F 334 41.50 62.66 6.20
C GLY F 334 41.81 62.84 4.73
N CYS F 335 40.92 62.31 3.90
CA CYS F 335 41.08 62.30 2.46
C CYS F 335 40.38 63.51 1.84
N VAL F 336 40.83 63.85 0.63
CA VAL F 336 40.26 64.96 -0.14
C VAL F 336 40.10 64.49 -1.59
N VAL F 337 38.97 64.85 -2.20
CA VAL F 337 38.65 64.40 -3.54
C VAL F 337 39.69 64.88 -4.55
N GLY F 338 39.67 64.27 -5.73
CA GLY F 338 40.53 64.65 -6.82
C GLY F 338 41.84 63.88 -6.82
N THR F 339 42.51 63.95 -7.96
CA THR F 339 43.78 63.26 -8.14
C THR F 339 44.91 64.08 -7.52
N LYS F 340 46.14 63.64 -7.74
CA LYS F 340 47.28 64.48 -7.41
C LYS F 340 47.27 65.71 -8.30
N LYS F 341 48.00 66.74 -7.86
CA LYS F 341 48.11 68.05 -8.52
C LYS F 341 46.77 68.55 -9.07
N ARG F 342 45.68 68.27 -8.35
CA ARG F 342 44.37 68.69 -8.76
C ARG F 342 43.97 69.94 -8.00
N VAL F 343 43.45 70.93 -8.71
CA VAL F 343 43.04 72.19 -8.08
C VAL F 343 41.83 71.92 -7.18
N LEU F 344 41.89 72.46 -5.96
CA LEU F 344 40.81 72.30 -5.00
C LEU F 344 40.45 73.66 -4.42
N THR F 345 39.18 73.79 -4.04
CA THR F 345 38.65 75.03 -3.49
C THR F 345 38.44 74.87 -2.00
N LEU F 346 39.03 75.77 -1.23
CA LEU F 346 38.90 75.78 0.23
C LEU F 346 37.99 76.93 0.64
N ARG F 347 36.88 76.61 1.28
CA ARG F 347 35.87 77.58 1.63
C ARG F 347 35.61 77.54 3.13
N LYS F 348 35.38 78.71 3.71
CA LYS F 348 34.96 78.79 5.11
C LYS F 348 33.63 78.06 5.29
N SER F 349 33.48 77.43 6.45
CA SER F 349 32.29 76.64 6.73
C SER F 349 31.06 77.52 6.77
N LEU F 350 30.02 77.10 6.05
CA LEU F 350 28.76 77.82 6.04
C LEU F 350 28.01 77.70 7.37
N LEU F 351 28.42 76.79 8.24
CA LEU F 351 27.71 76.49 9.47
C LEU F 351 28.39 77.18 10.65
N VAL F 352 27.82 76.96 11.83
CA VAL F 352 28.41 77.46 13.07
C VAL F 352 29.08 76.28 13.77
N GLN F 353 30.36 76.43 14.09
CA GLN F 353 31.18 75.34 14.61
C GLN F 353 31.12 75.35 16.12
N THR F 354 30.32 74.46 16.69
CA THR F 354 30.09 74.42 18.13
C THR F 354 30.36 73.07 18.76
N LYS F 355 30.37 71.99 17.99
CA LYS F 355 30.61 70.68 18.57
C LYS F 355 32.04 70.58 19.08
N ARG F 356 32.24 69.68 20.05
CA ARG F 356 33.56 69.49 20.61
C ARG F 356 34.51 68.80 19.64
N ARG F 357 33.98 68.17 18.59
CA ARG F 357 34.80 67.78 17.46
C ARG F 357 35.49 69.00 16.86
N ALA F 358 34.73 70.07 16.67
CA ALA F 358 35.30 71.35 16.29
C ALA F 358 35.93 71.99 17.53
N LEU F 359 36.60 73.13 17.30
CA LEU F 359 37.25 73.93 18.34
C LEU F 359 38.11 73.09 19.30
N GLU F 360 38.57 71.93 18.86
CA GLU F 360 39.52 71.12 19.60
C GLU F 360 40.93 71.52 19.18
N LYS F 361 41.76 71.85 20.16
CA LYS F 361 43.11 72.29 19.86
C LYS F 361 43.95 71.12 19.39
N ILE F 362 44.83 71.36 18.42
CA ILE F 362 45.60 70.32 17.77
C ILE F 362 47.08 70.55 18.09
N ASP F 363 47.74 69.50 18.58
CA ASP F 363 49.16 69.55 18.92
C ASP F 363 49.85 68.40 18.21
N LEU F 364 50.54 68.72 17.13
CA LEU F 364 51.27 67.69 16.39
C LEU F 364 52.48 67.23 17.18
N LYS F 365 52.70 65.91 17.20
CA LYS F 365 53.88 65.36 17.83
C LYS F 365 54.86 64.76 16.84
N PHE F 366 54.36 64.07 15.81
CA PHE F 366 55.25 63.53 14.79
C PHE F 366 54.53 63.58 13.45
N ILE F 367 55.29 63.84 12.39
CA ILE F 367 54.78 63.87 11.03
C ILE F 367 55.66 62.96 10.20
N ASP F 368 55.07 61.93 9.61
CA ASP F 368 55.83 61.01 8.78
C ASP F 368 56.30 61.69 7.51
N THR F 369 57.53 61.39 7.10
CA THR F 369 58.09 61.92 5.86
C THR F 369 58.74 60.82 5.04
N THR F 370 58.31 59.57 5.25
CA THR F 370 58.92 58.44 4.56
C THR F 370 58.58 58.45 3.08
N SER F 371 59.34 57.65 2.32
CA SER F 371 59.12 57.56 0.89
C SER F 371 57.83 56.82 0.59
N LYS F 372 56.85 57.53 0.06
CA LYS F 372 55.62 56.89 -0.37
C LYS F 372 55.74 56.25 -1.73
N PHE F 373 56.91 56.34 -2.37
CA PHE F 373 57.18 55.65 -3.62
C PHE F 373 57.57 54.20 -3.37
N GLY F 374 56.72 53.49 -2.65
CA GLY F 374 57.03 52.17 -2.15
C GLY F 374 56.97 52.17 -0.64
N HIS F 375 57.49 51.10 -0.04
CA HIS F 375 57.45 50.94 1.40
C HIS F 375 58.63 51.68 2.01
N GLY F 376 58.46 52.99 2.16
CA GLY F 376 59.53 53.81 2.73
C GLY F 376 59.79 53.46 4.18
N ARG F 377 61.04 53.65 4.60
CA ARG F 377 61.43 53.29 5.95
C ARG F 377 62.35 54.30 6.62
N PHE F 378 62.62 55.44 6.00
CA PHE F 378 63.49 56.45 6.57
C PHE F 378 62.85 57.81 6.47
N GLN F 379 62.93 58.59 7.55
CA GLN F 379 62.36 59.94 7.53
C GLN F 379 63.20 60.89 6.69
N THR F 380 64.52 60.88 6.89
CA THR F 380 65.38 61.87 6.26
C THR F 380 66.58 61.19 5.63
N MET F 381 67.21 61.91 4.71
CA MET F 381 68.39 61.40 4.00
C MET F 381 69.52 61.13 4.98
N GLU F 382 69.72 62.03 5.94
CA GLU F 382 70.78 61.85 6.93
C GLU F 382 70.55 60.61 7.75
N GLU F 383 69.28 60.36 8.12
CA GLU F 383 68.95 59.16 8.87
C GLU F 383 69.33 57.90 8.11
N LYS F 384 68.94 57.84 6.83
CA LYS F 384 69.26 56.69 6.00
C LYS F 384 70.76 56.51 5.86
N LYS F 385 71.48 57.60 5.62
CA LYS F 385 72.93 57.52 5.44
C LYS F 385 73.62 57.04 6.71
N ALA F 386 73.23 57.60 7.86
CA ALA F 386 73.87 57.20 9.11
C ALA F 386 73.54 55.75 9.45
N PHE F 387 72.32 55.32 9.18
CA PHE F 387 71.95 53.95 9.49
C PHE F 387 72.69 52.96 8.60
N MET F 388 72.68 53.19 7.30
CA MET F 388 73.25 52.25 6.35
C MET F 388 74.77 52.29 6.29
N GLY F 389 75.39 53.42 6.62
CA GLY F 389 76.80 53.59 6.40
C GLY F 389 77.11 53.81 4.94
N PRO F 390 78.40 53.82 4.59
CA PRO F 390 78.78 54.07 3.20
C PRO F 390 78.38 52.93 2.28
N LEU F 391 78.20 53.26 1.02
CA LEU F 391 77.88 52.29 -0.02
C LEU F 391 78.99 52.25 -1.06
N LYS F 392 78.83 51.36 -2.03
CA LYS F 392 79.86 51.19 -3.06
C LYS F 392 80.03 52.45 -3.89
N LYS F 393 78.93 53.07 -4.32
CA LYS F 393 79.07 54.25 -5.16
C LYS F 393 79.57 55.44 -4.35
N ASP F 394 79.23 55.50 -3.06
CA ASP F 394 79.83 56.53 -2.21
C ASP F 394 81.33 56.36 -2.14
N ARG F 395 81.79 55.10 -2.03
CA ARG F 395 83.22 54.83 -1.99
C ARG F 395 83.89 55.25 -3.30
N ILE F 396 83.29 54.91 -4.44
CA ILE F 396 83.93 55.29 -5.70
C ILE F 396 83.83 56.79 -5.95
N ALA F 397 82.84 57.46 -5.36
CA ALA F 397 82.78 58.91 -5.47
C ALA F 397 83.85 59.57 -4.62
N LYS F 398 84.06 59.07 -3.40
CA LYS F 398 85.15 59.56 -2.56
C LYS F 398 86.50 59.26 -3.18
N GLU F 399 86.60 58.14 -3.91
CA GLU F 399 87.84 57.78 -4.58
C GLU F 399 88.21 58.80 -5.64
N GLU F 400 87.20 59.27 -6.40
CA GLU F 400 87.46 60.29 -7.41
C GLU F 400 87.65 61.68 -6.81
N GLY F 401 86.93 61.99 -5.72
CA GLY F 401 87.09 63.28 -5.08
C GLY F 401 88.32 63.43 -4.23
N ALA F 402 89.02 62.32 -3.94
CA ALA F 402 90.26 62.31 -3.16
C ALA F 402 90.10 63.00 -1.82
N MET G 1 -49.28 53.11 -101.56
CA MET G 1 -47.88 52.85 -101.90
C MET G 1 -47.63 51.36 -102.07
N ALA G 2 -48.02 50.57 -101.07
CA ALA G 2 -47.74 49.14 -101.09
C ALA G 2 -48.46 48.44 -102.24
N CYS G 3 -49.71 48.82 -102.49
CA CYS G 3 -50.49 48.19 -103.56
C CYS G 3 -50.08 48.69 -104.94
N ALA G 4 -49.35 49.80 -105.01
CA ALA G 4 -48.91 50.34 -106.30
C ALA G 4 -47.46 49.93 -106.53
N ARG G 5 -47.24 49.13 -107.56
CA ARG G 5 -45.90 48.69 -107.93
C ARG G 5 -45.54 49.31 -109.28
N PRO G 6 -44.69 50.33 -109.31
CA PRO G 6 -44.42 51.04 -110.56
C PRO G 6 -43.60 50.23 -111.56
N LEU G 7 -43.55 50.69 -112.80
CA LEU G 7 -42.74 50.05 -113.84
C LEU G 7 -41.37 50.70 -113.86
N ILE G 8 -40.33 49.88 -114.01
CA ILE G 8 -38.96 50.36 -114.04
C ILE G 8 -38.34 49.98 -115.38
N SER G 9 -37.83 50.99 -116.09
CA SER G 9 -37.16 50.74 -117.36
C SER G 9 -35.80 50.08 -117.11
N VAL G 10 -35.50 49.07 -117.91
CA VAL G 10 -34.20 48.42 -117.87
C VAL G 10 -33.22 49.30 -118.61
N TYR G 11 -32.06 49.52 -118.01
CA TYR G 11 -31.04 50.37 -118.62
C TYR G 11 -30.08 49.53 -119.43
N SER G 12 -29.73 50.02 -120.62
CA SER G 12 -28.76 49.33 -121.46
C SER G 12 -27.37 49.47 -120.88
N GLU G 13 -26.42 48.72 -121.45
CA GLU G 13 -25.04 48.78 -121.00
C GLU G 13 -24.39 50.12 -121.31
N LYS G 14 -25.02 50.95 -122.13
CA LYS G 14 -24.48 52.25 -122.51
C LYS G 14 -24.85 53.36 -121.54
N GLY G 15 -25.58 53.04 -120.47
CA GLY G 15 -25.89 53.99 -119.43
C GLY G 15 -27.30 54.56 -119.49
N GLU G 16 -28.04 54.28 -120.56
CA GLU G 16 -29.37 54.84 -120.75
C GLU G 16 -30.43 53.75 -120.73
N SER G 17 -31.69 54.18 -120.64
CA SER G 17 -32.83 53.28 -120.62
C SER G 17 -32.94 52.53 -121.94
N SER G 18 -33.25 51.24 -121.85
CA SER G 18 -33.41 50.42 -123.05
C SER G 18 -34.81 50.46 -123.62
N GLY G 19 -35.73 51.20 -122.99
CA GLY G 19 -37.10 51.21 -123.42
C GLY G 19 -37.92 50.02 -122.98
N LYS G 20 -37.33 49.09 -122.24
CA LYS G 20 -38.02 47.92 -121.74
C LYS G 20 -38.28 48.08 -120.25
N ASN G 21 -39.54 47.96 -119.85
CA ASN G 21 -39.98 48.25 -118.50
C ASN G 21 -40.40 46.98 -117.79
N VAL G 22 -40.10 46.91 -116.49
CA VAL G 22 -40.44 45.76 -115.65
C VAL G 22 -41.27 46.26 -114.48
N THR G 23 -42.35 45.54 -114.18
CA THR G 23 -43.12 45.81 -112.98
C THR G 23 -42.24 45.61 -111.74
N LEU G 24 -42.36 46.52 -110.79
CA LEU G 24 -41.60 46.41 -109.55
C LEU G 24 -41.97 45.13 -108.82
N PRO G 25 -41.01 44.28 -108.48
CA PRO G 25 -41.33 43.05 -107.74
C PRO G 25 -41.95 43.37 -106.40
N ALA G 26 -42.87 42.50 -105.97
CA ALA G 26 -43.59 42.72 -104.74
C ALA G 26 -42.70 42.66 -103.51
N VAL G 27 -41.51 42.07 -103.63
CA VAL G 27 -40.59 41.99 -102.50
C VAL G 27 -40.10 43.36 -102.08
N PHE G 28 -40.07 44.33 -103.00
CA PHE G 28 -39.57 45.65 -102.66
C PHE G 28 -40.57 46.45 -101.83
N LYS G 29 -41.80 45.97 -101.73
CA LYS G 29 -42.82 46.59 -100.89
C LYS G 29 -42.96 45.88 -99.54
N ALA G 30 -42.09 44.91 -99.26
CA ALA G 30 -42.18 44.15 -98.03
C ALA G 30 -41.82 45.04 -96.84
N PRO G 31 -42.26 44.67 -95.64
CA PRO G 31 -41.86 45.43 -94.45
C PRO G 31 -40.35 45.41 -94.27
N ILE G 32 -39.81 46.55 -93.84
CA ILE G 32 -38.39 46.68 -93.53
C ILE G 32 -38.24 46.63 -92.02
N ARG G 33 -37.50 45.65 -91.53
CA ARG G 33 -37.42 45.37 -90.10
C ARG G 33 -35.96 45.37 -89.67
N PRO G 34 -35.41 46.55 -89.37
CA PRO G 34 -34.00 46.62 -88.98
C PRO G 34 -33.65 45.79 -87.77
N ASP G 35 -34.55 45.69 -86.80
CA ASP G 35 -34.28 44.90 -85.61
C ASP G 35 -34.12 43.42 -85.95
N ILE G 36 -35.04 42.88 -86.75
CA ILE G 36 -34.94 41.49 -87.15
C ILE G 36 -33.72 41.27 -88.02
N VAL G 37 -33.41 42.24 -88.88
CA VAL G 37 -32.24 42.13 -89.72
C VAL G 37 -30.98 42.08 -88.87
N ASN G 38 -30.88 42.94 -87.86
CA ASN G 38 -29.69 42.93 -87.00
C ASN G 38 -29.62 41.65 -86.18
N PHE G 39 -30.76 41.16 -85.72
CA PHE G 39 -30.79 39.92 -84.95
C PHE G 39 -30.27 38.76 -85.79
N VAL G 40 -30.78 38.61 -87.01
CA VAL G 40 -30.37 37.51 -87.87
C VAL G 40 -28.92 37.70 -88.30
N HIS G 41 -28.50 38.94 -88.53
CA HIS G 41 -27.12 39.24 -88.85
C HIS G 41 -26.19 38.79 -87.73
N THR G 42 -26.60 39.07 -86.49
CA THR G 42 -25.79 38.68 -85.34
C THR G 42 -25.73 37.16 -85.21
N ASN G 43 -26.87 36.50 -85.32
CA ASN G 43 -26.92 35.06 -85.09
C ASN G 43 -26.31 34.28 -86.25
N LEU G 44 -26.17 34.86 -87.43
CA LEU G 44 -25.52 34.17 -88.52
C LEU G 44 -24.05 34.48 -88.64
N ARG G 45 -23.62 35.69 -88.26
CA ARG G 45 -22.19 35.98 -88.32
C ARG G 45 -21.38 35.13 -87.37
N LYS G 46 -22.00 34.59 -86.32
CA LYS G 46 -21.32 33.66 -85.45
C LYS G 46 -21.07 32.31 -86.12
N ASN G 47 -21.83 31.97 -87.16
CA ASN G 47 -21.79 30.63 -87.72
C ASN G 47 -20.50 30.33 -88.48
N ASN G 48 -19.91 31.32 -89.12
CA ASN G 48 -18.71 31.05 -89.91
C ASN G 48 -17.46 30.99 -89.05
N ARG G 49 -17.59 31.18 -87.74
CA ARG G 49 -16.44 31.26 -86.86
C ARG G 49 -15.66 29.96 -86.84
N GLN G 50 -14.36 30.09 -86.73
CA GLN G 50 -13.47 28.96 -86.58
C GLN G 50 -13.06 28.84 -85.12
N PRO G 51 -13.35 27.72 -84.46
CA PRO G 51 -13.25 27.67 -83.00
C PRO G 51 -11.81 27.83 -82.51
N TYR G 52 -11.68 28.42 -81.32
CA TYR G 52 -10.40 28.53 -80.65
C TYR G 52 -10.55 28.07 -79.21
N ALA G 53 -9.50 27.44 -78.70
CA ALA G 53 -9.46 27.04 -77.30
C ALA G 53 -8.03 26.81 -76.90
N VAL G 54 -7.77 26.92 -75.61
CA VAL G 54 -6.44 26.66 -75.09
C VAL G 54 -6.25 25.16 -74.94
N SER G 55 -5.00 24.72 -74.95
CA SER G 55 -4.71 23.34 -74.61
C SER G 55 -5.12 23.07 -73.17
N GLU G 56 -5.84 21.96 -72.98
CA GLU G 56 -6.27 21.58 -71.64
C GLU G 56 -5.10 21.26 -70.74
N LEU G 57 -3.95 20.94 -71.30
CA LEU G 57 -2.76 20.59 -70.54
C LEU G 57 -1.99 21.81 -70.08
N ALA G 58 -2.42 23.00 -70.47
CA ALA G 58 -1.69 24.22 -70.14
C ALA G 58 -1.74 24.46 -68.63
N GLY G 59 -0.59 24.75 -68.04
CA GLY G 59 -0.50 25.01 -66.63
C GLY G 59 -0.87 23.84 -65.74
N HIS G 60 -0.91 22.63 -66.28
CA HIS G 60 -1.29 21.46 -65.52
C HIS G 60 -0.36 20.29 -65.82
N GLN G 61 0.93 20.57 -65.95
CA GLN G 61 1.94 19.55 -66.21
C GLN G 61 3.18 19.83 -65.38
N THR G 62 2.95 20.17 -64.12
CA THR G 62 3.99 20.62 -63.22
C THR G 62 4.25 19.69 -62.05
N SER G 63 3.21 19.03 -61.55
CA SER G 63 3.28 18.22 -60.32
C SER G 63 3.73 19.05 -59.14
N ALA G 64 3.32 20.32 -59.11
CA ALA G 64 3.59 21.17 -57.96
C ALA G 64 2.63 20.83 -56.82
N GLU G 65 3.00 21.26 -55.62
CA GLU G 65 2.16 20.97 -54.46
C GLU G 65 2.36 22.06 -53.42
N SER G 66 1.37 22.19 -52.55
CA SER G 66 1.41 23.23 -51.53
C SER G 66 2.38 22.85 -50.41
N TRP G 67 2.98 23.86 -49.80
CA TRP G 67 4.01 23.64 -48.80
C TRP G 67 3.47 23.37 -47.40
N GLY G 68 2.16 23.45 -47.21
CA GLY G 68 1.62 23.38 -45.86
C GLY G 68 1.24 24.76 -45.40
N THR G 69 1.42 25.06 -44.11
CA THR G 69 1.02 26.35 -43.58
C THR G 69 2.03 26.98 -42.62
N GLY G 70 2.99 26.22 -42.10
CA GLY G 70 3.83 26.76 -41.05
C GLY G 70 5.15 27.27 -41.56
N ARG G 71 5.14 27.96 -42.71
CA ARG G 71 6.38 28.39 -43.32
C ARG G 71 6.33 29.84 -43.81
N ALA G 72 5.41 30.65 -43.27
CA ALA G 72 5.32 32.07 -43.55
C ALA G 72 5.16 32.38 -45.03
N VAL G 73 4.62 31.45 -45.81
CA VAL G 73 4.44 31.64 -47.23
C VAL G 73 3.01 31.24 -47.59
N ALA G 74 2.55 31.75 -48.73
CA ALA G 74 1.19 31.47 -49.17
C ALA G 74 1.00 29.98 -49.40
N ARG G 75 -0.21 29.51 -49.14
CA ARG G 75 -0.55 28.09 -49.24
C ARG G 75 -0.69 27.61 -50.66
N ILE G 76 -0.20 28.39 -51.63
CA ILE G 76 -0.28 28.06 -53.04
C ILE G 76 0.62 26.86 -53.32
N PRO G 77 0.27 26.00 -54.28
CA PRO G 77 1.21 24.95 -54.69
C PRO G 77 2.50 25.54 -55.22
N ARG G 78 3.60 24.89 -54.87
CA ARG G 78 4.94 25.31 -55.26
C ARG G 78 5.60 24.21 -56.05
N VAL G 79 6.39 24.59 -57.06
CA VAL G 79 7.11 23.60 -57.84
C VAL G 79 8.15 22.92 -56.98
N ARG G 80 8.17 21.59 -57.02
CA ARG G 80 9.07 20.81 -56.19
C ARG G 80 10.51 20.91 -56.69
N GLY G 81 11.41 20.29 -55.97
CA GLY G 81 12.81 20.27 -56.34
C GLY G 81 13.52 21.56 -55.97
N GLY G 82 14.77 21.65 -56.44
CA GLY G 82 15.59 22.81 -56.20
C GLY G 82 16.67 22.98 -57.24
N GLY G 83 17.46 24.04 -57.13
CA GLY G 83 18.55 24.26 -58.06
C GLY G 83 18.19 24.97 -59.34
N THR G 84 16.98 25.53 -59.44
CA THR G 84 16.58 26.27 -60.63
C THR G 84 15.60 27.37 -60.25
N HIS G 85 15.40 28.30 -61.18
CA HIS G 85 14.51 29.43 -60.93
C HIS G 85 13.07 28.98 -60.76
N ARG G 86 12.69 27.87 -61.38
CA ARG G 86 11.30 27.45 -61.32
C ARG G 86 10.94 26.83 -59.97
N SER G 87 11.90 26.23 -59.27
CA SER G 87 11.59 25.57 -58.00
C SER G 87 11.14 26.59 -56.97
N GLY G 88 10.15 26.22 -56.18
CA GLY G 88 9.60 27.08 -55.16
C GLY G 88 8.63 28.12 -55.67
N GLN G 89 8.35 28.13 -56.96
CA GLN G 89 7.47 29.14 -57.56
C GLN G 89 6.04 28.65 -57.53
N GLY G 90 5.11 29.60 -57.56
CA GLY G 90 3.70 29.26 -57.61
C GLY G 90 3.35 28.57 -58.92
N ALA G 91 2.35 27.70 -58.85
CA ALA G 91 1.89 26.99 -60.02
C ALA G 91 0.39 26.73 -59.88
N PHE G 92 -0.23 26.34 -60.99
CA PHE G 92 -1.63 25.94 -61.06
C PHE G 92 -2.59 27.08 -60.80
N GLY G 93 -2.07 28.25 -60.44
CA GLY G 93 -2.90 29.37 -60.05
C GLY G 93 -3.12 30.33 -61.20
N ASN G 94 -4.37 30.77 -61.35
CA ASN G 94 -4.68 31.79 -62.32
C ASN G 94 -3.98 33.10 -62.02
N MET G 95 -3.70 33.37 -60.76
CA MET G 95 -2.88 34.49 -60.34
C MET G 95 -1.40 34.20 -60.39
N CYS G 96 -1.03 32.93 -60.55
CA CYS G 96 0.37 32.54 -60.61
C CYS G 96 0.93 32.81 -61.99
N ARG G 97 2.21 33.12 -62.04
CA ARG G 97 2.85 33.33 -63.33
C ARG G 97 3.06 32.00 -64.02
N GLY G 98 2.54 31.87 -65.23
CA GLY G 98 2.65 30.62 -65.96
C GLY G 98 1.70 29.53 -65.51
N GLY G 99 0.79 29.83 -64.58
CA GLY G 99 -0.17 28.87 -64.12
C GLY G 99 -1.32 28.69 -65.08
N ARG G 100 -2.33 27.96 -64.65
CA ARG G 100 -3.47 27.68 -65.50
C ARG G 100 -4.47 28.82 -65.40
N MET G 101 -4.82 29.37 -66.56
CA MET G 101 -5.75 30.48 -66.61
C MET G 101 -7.12 30.06 -66.09
N PHE G 102 -7.80 30.98 -65.44
CA PHE G 102 -9.11 30.68 -64.88
C PHE G 102 -10.11 30.44 -66.00
N ALA G 103 -10.93 29.39 -65.84
CA ALA G 103 -11.93 28.98 -66.82
C ALA G 103 -11.29 28.82 -68.20
N PRO G 104 -10.50 27.77 -68.41
CA PRO G 104 -9.80 27.62 -69.69
C PRO G 104 -10.78 27.54 -70.84
N THR G 105 -10.41 28.18 -71.96
CA THR G 105 -11.27 28.17 -73.13
C THR G 105 -11.36 26.76 -73.70
N LYS G 106 -12.58 26.38 -74.07
CA LYS G 106 -12.84 25.03 -74.56
C LYS G 106 -13.57 25.10 -75.88
N THR G 107 -13.41 24.04 -76.68
CA THR G 107 -13.96 24.02 -78.02
C THR G 107 -15.48 24.09 -78.04
N TRP G 108 -16.14 23.40 -77.13
CA TRP G 108 -17.61 23.36 -77.13
C TRP G 108 -18.19 24.64 -76.53
N ARG G 109 -17.88 25.75 -77.19
CA ARG G 109 -18.37 27.05 -76.78
C ARG G 109 -19.77 27.33 -77.34
N ARG G 110 -20.29 26.44 -78.17
CA ARG G 110 -21.52 26.67 -78.94
C ARG G 110 -21.36 27.92 -79.81
N TRP G 111 -20.43 27.81 -80.76
CA TRP G 111 -20.13 28.92 -81.65
C TRP G 111 -21.28 29.24 -82.59
N HIS G 112 -21.98 28.22 -83.06
CA HIS G 112 -22.97 28.38 -84.12
C HIS G 112 -24.35 28.64 -83.51
N ARG G 113 -25.21 29.27 -84.30
CA ARG G 113 -26.60 29.47 -83.96
C ARG G 113 -27.48 29.08 -85.14
N ARG G 114 -28.61 28.47 -84.84
CA ARG G 114 -29.62 28.15 -85.85
C ARG G 114 -30.74 29.18 -85.77
N VAL G 115 -31.13 29.71 -86.93
CA VAL G 115 -32.13 30.77 -87.02
C VAL G 115 -33.31 30.25 -87.83
N ASN G 116 -34.51 30.67 -87.45
CA ASN G 116 -35.71 30.20 -88.13
C ASN G 116 -35.67 30.58 -89.61
N THR G 117 -35.98 29.60 -90.45
CA THR G 117 -35.95 29.81 -91.90
C THR G 117 -36.92 30.91 -92.29
N THR G 118 -38.09 30.94 -91.65
CA THR G 118 -39.04 32.00 -91.93
C THR G 118 -38.46 33.35 -91.55
N GLN G 119 -37.75 33.42 -90.42
CA GLN G 119 -37.14 34.68 -90.01
C GLN G 119 -36.03 35.09 -90.97
N LYS G 120 -35.23 34.13 -91.43
CA LYS G 120 -34.18 34.44 -92.39
C LYS G 120 -34.76 34.99 -93.68
N ARG G 121 -35.83 34.37 -94.17
CA ARG G 121 -36.49 34.85 -95.37
C ARG G 121 -37.07 36.24 -95.15
N TYR G 122 -37.64 36.47 -93.96
CA TYR G 122 -38.15 37.80 -93.63
C TYR G 122 -37.04 38.84 -93.66
N ALA G 123 -35.88 38.50 -93.10
CA ALA G 123 -34.77 39.44 -93.10
C ALA G 123 -34.31 39.75 -94.53
N ILE G 124 -34.23 38.72 -95.37
CA ILE G 124 -33.84 38.94 -96.76
C ILE G 124 -34.83 39.85 -97.44
N CYS G 125 -36.13 39.62 -97.22
CA CYS G 125 -37.15 40.46 -97.85
C CYS G 125 -37.03 41.90 -97.37
N SER G 126 -36.82 42.10 -96.07
CA SER G 126 -36.70 43.46 -95.55
C SER G 126 -35.48 44.16 -96.13
N ALA G 127 -34.36 43.45 -96.25
CA ALA G 127 -33.18 44.04 -96.87
C ALA G 127 -33.44 44.40 -98.33
N LEU G 128 -34.15 43.53 -99.05
CA LEU G 128 -34.45 43.83 -100.44
C LEU G 128 -35.33 45.07 -100.57
N ALA G 129 -36.32 45.19 -99.70
CA ALA G 129 -37.21 46.35 -99.77
C ALA G 129 -36.46 47.63 -99.44
N ALA G 130 -35.46 47.55 -98.56
CA ALA G 130 -34.75 48.76 -98.14
C ALA G 130 -33.81 49.27 -99.21
N SER G 131 -33.23 48.38 -100.02
CA SER G 131 -32.26 48.80 -101.02
C SER G 131 -32.87 49.66 -102.12
N ALA G 132 -34.20 49.71 -102.21
CA ALA G 132 -34.88 50.48 -103.25
C ALA G 132 -35.29 51.86 -102.76
N LEU G 133 -34.85 52.27 -101.58
CA LEU G 133 -35.15 53.60 -101.08
C LEU G 133 -33.89 54.43 -101.02
N PRO G 134 -33.83 55.53 -101.78
CA PRO G 134 -32.57 56.28 -101.89
C PRO G 134 -32.04 56.83 -100.59
N ALA G 135 -32.92 57.23 -99.67
CA ALA G 135 -32.45 57.78 -98.42
C ALA G 135 -31.67 56.77 -97.61
N LEU G 136 -32.15 55.52 -97.56
CA LEU G 136 -31.45 54.50 -96.79
C LEU G 136 -30.08 54.20 -97.37
N VAL G 137 -30.02 54.03 -98.69
CA VAL G 137 -28.75 53.68 -99.32
C VAL G 137 -27.77 54.86 -99.23
N MET G 138 -28.28 56.08 -99.30
CA MET G 138 -27.43 57.24 -99.05
C MET G 138 -26.91 57.23 -97.62
N SER G 139 -27.78 56.88 -96.66
CA SER G 139 -27.35 56.78 -95.28
C SER G 139 -26.31 55.69 -95.09
N LYS G 140 -26.29 54.70 -95.98
CA LYS G 140 -25.19 53.75 -96.00
C LYS G 140 -23.94 54.35 -96.62
N GLY G 141 -24.02 55.56 -97.17
CA GLY G 141 -22.86 56.23 -97.72
C GLY G 141 -22.44 55.65 -99.06
N HIS G 142 -23.40 55.16 -99.83
CA HIS G 142 -23.11 54.51 -101.09
C HIS G 142 -22.93 55.48 -102.25
N ARG G 143 -23.03 56.78 -101.98
CA ARG G 143 -22.75 57.83 -102.97
C ARG G 143 -23.59 57.63 -104.22
N ILE G 144 -24.89 57.53 -104.03
CA ILE G 144 -25.83 57.40 -105.13
C ILE G 144 -26.41 58.80 -105.36
N GLU G 145 -25.73 59.56 -106.22
CA GLU G 145 -26.21 60.87 -106.61
C GLU G 145 -26.56 60.95 -108.08
N GLU G 146 -25.86 60.22 -108.94
CA GLU G 146 -26.08 60.25 -110.37
C GLU G 146 -26.63 58.93 -110.88
N VAL G 147 -27.10 58.07 -109.99
CA VAL G 147 -27.76 56.82 -110.39
C VAL G 147 -29.07 57.17 -111.08
N PRO G 148 -29.32 56.66 -112.29
CA PRO G 148 -30.56 57.02 -112.99
C PRO G 148 -31.82 56.51 -112.31
N GLU G 149 -31.76 55.37 -111.64
CA GLU G 149 -32.93 54.78 -111.01
C GLU G 149 -32.45 53.74 -110.01
N LEU G 150 -32.86 53.88 -108.76
CA LEU G 150 -32.23 53.08 -107.70
C LEU G 150 -32.45 51.58 -107.86
N PRO G 151 -33.67 51.06 -108.13
CA PRO G 151 -33.75 49.62 -108.44
C PRO G 151 -33.08 49.36 -109.78
N LEU G 152 -31.76 49.36 -109.76
CA LEU G 152 -30.97 49.47 -110.98
C LEU G 152 -30.96 48.14 -111.73
N VAL G 153 -31.52 48.14 -112.94
CA VAL G 153 -31.68 46.94 -113.74
C VAL G 153 -30.90 47.12 -115.03
N VAL G 154 -30.12 46.10 -115.39
CA VAL G 154 -29.36 46.11 -116.63
C VAL G 154 -29.79 44.94 -117.49
N GLU G 155 -29.43 45.02 -118.77
CA GLU G 155 -29.79 44.00 -119.73
C GLU G 155 -28.97 42.74 -119.49
N ASP G 156 -29.50 41.62 -120.01
CA ASP G 156 -28.91 40.32 -119.75
C ASP G 156 -27.55 40.12 -120.41
N LYS G 157 -27.16 41.02 -121.31
CA LYS G 157 -25.82 40.95 -121.91
C LYS G 157 -24.74 41.06 -120.85
N VAL G 158 -25.04 41.74 -119.75
CA VAL G 158 -24.06 42.00 -118.70
C VAL G 158 -23.50 40.69 -118.15
N GLU G 159 -24.35 39.68 -117.99
CA GLU G 159 -23.89 38.39 -117.50
C GLU G 159 -22.84 37.77 -118.41
N GLY G 160 -22.82 38.16 -119.68
CA GLY G 160 -21.90 37.62 -120.66
C GLY G 160 -20.57 38.31 -120.77
N TYR G 161 -20.26 39.30 -119.94
CA TYR G 161 -18.92 39.87 -119.97
C TYR G 161 -17.86 38.86 -119.53
N LYS G 162 -16.65 39.11 -120.01
CA LYS G 162 -15.46 38.30 -119.75
C LYS G 162 -14.28 39.11 -119.22
N LYS G 163 -14.15 40.36 -119.65
CA LYS G 163 -12.98 41.17 -119.33
C LYS G 163 -13.29 42.12 -118.19
N THR G 164 -12.23 42.64 -117.57
CA THR G 164 -12.37 43.60 -116.50
C THR G 164 -12.68 45.00 -117.01
N LYS G 165 -12.02 45.41 -118.10
CA LYS G 165 -12.15 46.78 -118.59
C LYS G 165 -13.56 47.07 -119.08
N GLU G 166 -14.21 46.09 -119.72
CA GLU G 166 -15.60 46.28 -120.13
C GLU G 166 -16.51 46.47 -118.91
N ALA G 167 -16.26 45.74 -117.83
CA ALA G 167 -17.03 45.95 -116.60
C ALA G 167 -16.80 47.34 -116.04
N VAL G 168 -15.54 47.81 -116.05
CA VAL G 168 -15.24 49.13 -115.53
C VAL G 168 -15.93 50.20 -116.36
N LEU G 169 -15.93 50.04 -117.69
CA LEU G 169 -16.68 50.93 -118.56
C LEU G 169 -18.16 50.92 -118.21
N LEU G 170 -18.71 49.73 -117.97
CA LEU G 170 -20.12 49.64 -117.59
C LEU G 170 -20.40 50.39 -116.30
N LEU G 171 -19.51 50.27 -115.32
CA LEU G 171 -19.71 50.97 -114.06
C LEU G 171 -19.64 52.47 -114.25
N LYS G 172 -18.70 52.95 -115.06
CA LYS G 172 -18.62 54.39 -115.31
C LYS G 172 -19.86 54.90 -116.05
N LYS G 173 -20.32 54.16 -117.06
CA LYS G 173 -21.50 54.59 -117.79
C LYS G 173 -22.76 54.50 -116.93
N LEU G 174 -22.74 53.66 -115.91
CA LEU G 174 -23.83 53.62 -114.95
C LEU G 174 -23.68 54.67 -113.86
N LYS G 175 -22.61 55.47 -113.92
CA LYS G 175 -22.31 56.51 -112.94
C LYS G 175 -22.17 55.94 -111.52
N ALA G 176 -21.80 54.66 -111.42
CA ALA G 176 -21.57 54.01 -110.14
C ALA G 176 -20.10 53.90 -109.79
N TRP G 177 -19.23 54.44 -110.65
CA TRP G 177 -17.80 54.40 -110.39
C TRP G 177 -17.41 55.17 -109.13
N ASN G 178 -18.25 56.09 -108.68
CA ASN G 178 -17.92 56.85 -107.47
C ASN G 178 -17.82 55.94 -106.26
N ASP G 179 -18.65 54.91 -106.19
CA ASP G 179 -18.56 53.96 -105.09
C ASP G 179 -17.21 53.24 -105.08
N ILE G 180 -16.76 52.80 -106.26
CA ILE G 180 -15.46 52.13 -106.36
C ILE G 180 -14.34 53.08 -105.97
N LYS G 181 -14.44 54.33 -106.42
CA LYS G 181 -13.45 55.34 -106.08
C LYS G 181 -13.41 55.57 -104.57
N LYS G 182 -14.59 55.60 -103.94
CA LYS G 182 -14.66 55.75 -102.50
C LYS G 182 -13.99 54.58 -101.79
N VAL G 183 -14.19 53.37 -102.31
CA VAL G 183 -13.52 52.21 -101.71
C VAL G 183 -12.01 52.33 -101.86
N TYR G 184 -11.54 52.75 -103.03
CA TYR G 184 -10.10 52.97 -103.21
C TYR G 184 -9.55 53.97 -102.22
N ALA G 185 -10.26 55.08 -102.02
CA ALA G 185 -9.84 56.03 -101.00
C ALA G 185 -9.94 55.43 -99.61
N SER G 186 -10.80 54.43 -99.43
CA SER G 186 -11.05 53.85 -98.12
C SER G 186 -10.09 52.74 -97.75
N GLN G 187 -9.23 52.30 -98.66
CA GLN G 187 -8.37 51.16 -98.38
C GLN G 187 -7.20 51.61 -97.52
N ARG G 188 -7.40 51.60 -96.21
CA ARG G 188 -6.31 51.95 -95.30
C ARG G 188 -6.00 50.77 -94.39
N MET G 189 -5.09 50.96 -93.45
CA MET G 189 -4.55 49.87 -92.66
C MET G 189 -5.44 49.58 -91.47
N ARG G 190 -5.71 48.31 -91.22
CA ARG G 190 -6.44 47.94 -90.02
C ARG G 190 -5.57 48.20 -88.80
N ALA G 191 -6.19 48.75 -87.76
CA ALA G 191 -5.53 49.00 -86.50
C ALA G 191 -5.87 47.88 -85.53
N GLY G 192 -4.87 47.41 -84.80
CA GLY G 192 -5.09 46.41 -83.77
C GLY G 192 -4.33 45.13 -84.07
N LYS G 193 -4.80 44.04 -83.47
CA LYS G 193 -4.10 42.77 -83.58
C LYS G 193 -4.38 42.06 -84.88
N GLY G 194 -5.36 42.53 -85.66
CA GLY G 194 -5.72 41.85 -86.89
C GLY G 194 -4.60 41.85 -87.92
N LYS G 195 -3.63 42.74 -87.75
CA LYS G 195 -2.46 42.70 -88.63
C LYS G 195 -1.68 41.40 -88.44
N MET G 196 -1.54 40.94 -87.20
CA MET G 196 -0.89 39.66 -86.98
C MET G 196 -1.77 38.48 -87.36
N ARG G 197 -3.03 38.71 -87.68
CA ARG G 197 -3.96 37.63 -87.96
C ARG G 197 -4.55 37.73 -89.36
N ASN G 198 -3.73 38.09 -90.34
CA ASN G 198 -4.00 38.07 -91.77
C ASN G 198 -5.12 39.02 -92.19
N ARG G 199 -5.76 39.72 -91.26
CA ARG G 199 -6.73 40.75 -91.62
C ARG G 199 -6.02 42.10 -91.72
N ARG G 200 -5.02 42.13 -92.60
CA ARG G 200 -4.10 43.26 -92.63
C ARG G 200 -4.74 44.50 -93.24
N ARG G 201 -5.55 44.32 -94.28
CA ARG G 201 -6.16 45.44 -94.99
C ARG G 201 -7.67 45.45 -94.80
N ILE G 202 -8.23 46.66 -94.83
CA ILE G 202 -9.67 46.86 -94.74
C ILE G 202 -10.08 47.87 -95.80
N GLN G 203 -11.37 47.86 -96.15
CA GLN G 203 -11.86 48.73 -97.21
C GLN G 203 -13.37 48.87 -97.10
N ARG G 204 -13.88 49.91 -97.75
CA ARG G 204 -15.31 50.15 -97.82
C ARG G 204 -16.00 49.08 -98.67
N ARG G 205 -17.23 48.73 -98.29
CA ARG G 205 -18.02 47.81 -99.08
C ARG G 205 -18.56 48.50 -100.33
N GLY G 206 -18.56 47.78 -101.45
CA GLY G 206 -19.02 48.32 -102.71
C GLY G 206 -20.39 47.80 -103.10
N PRO G 207 -20.81 48.10 -104.32
CA PRO G 207 -22.12 47.64 -104.79
C PRO G 207 -22.17 46.13 -104.94
N CYS G 208 -23.37 45.58 -104.77
CA CYS G 208 -23.61 44.16 -104.92
C CYS G 208 -24.28 43.93 -106.28
N ILE G 209 -23.62 43.14 -107.12
CA ILE G 209 -24.16 42.80 -108.43
C ILE G 209 -24.95 41.51 -108.31
N ILE G 210 -26.16 41.50 -108.83
CA ILE G 210 -27.04 40.35 -108.73
C ILE G 210 -27.29 39.80 -110.12
N TYR G 211 -27.00 38.51 -110.30
CA TYR G 211 -27.06 37.84 -111.58
C TYR G 211 -27.96 36.62 -111.48
N ASN G 212 -28.52 36.24 -112.62
CA ASN G 212 -29.30 35.01 -112.64
C ASN G 212 -28.46 33.82 -113.09
N GLU G 213 -27.67 33.98 -114.14
CA GLU G 213 -26.83 32.92 -114.64
C GLU G 213 -25.48 33.49 -115.06
N ASP G 214 -24.42 32.98 -114.46
CA ASP G 214 -23.08 33.45 -114.77
C ASP G 214 -22.72 33.06 -116.20
N ASN G 215 -22.11 33.99 -116.92
CA ASN G 215 -21.46 33.71 -118.20
C ASN G 215 -20.09 34.38 -118.24
N GLY G 216 -19.29 34.16 -117.19
CA GLY G 216 -18.03 34.86 -117.03
C GLY G 216 -18.14 36.15 -116.25
N ILE G 217 -19.34 36.50 -115.79
CA ILE G 217 -19.54 37.80 -115.15
C ILE G 217 -18.76 37.86 -113.83
N ILE G 218 -18.72 36.76 -113.09
CA ILE G 218 -17.87 36.71 -111.90
C ILE G 218 -16.42 36.87 -112.30
N LYS G 219 -15.99 36.19 -113.37
CA LYS G 219 -14.61 36.34 -113.81
C LYS G 219 -14.39 37.71 -114.43
N ALA G 220 -15.40 38.27 -115.10
CA ALA G 220 -15.26 39.62 -115.64
C ALA G 220 -15.04 40.63 -114.51
N PHE G 221 -15.86 40.56 -113.47
CA PHE G 221 -15.65 41.28 -112.23
C PHE G 221 -14.71 40.48 -111.34
N ARG G 222 -14.75 40.75 -110.03
CA ARG G 222 -14.06 40.11 -108.92
C ARG G 222 -12.62 40.58 -108.79
N ASN G 223 -12.10 41.33 -109.75
CA ASN G 223 -10.86 42.06 -109.54
C ASN G 223 -11.10 43.48 -109.09
N ILE G 224 -12.35 43.94 -109.11
CA ILE G 224 -12.70 45.29 -108.68
C ILE G 224 -12.86 45.27 -107.17
N PRO G 225 -12.11 46.10 -106.45
CA PRO G 225 -12.31 46.20 -105.00
C PRO G 225 -13.71 46.70 -104.67
N GLY G 226 -14.30 46.14 -103.62
CA GLY G 226 -15.65 46.48 -103.22
C GLY G 226 -16.73 45.75 -103.98
N ILE G 227 -16.49 45.45 -105.26
CA ILE G 227 -17.50 44.75 -106.05
C ILE G 227 -17.63 43.32 -105.55
N THR G 228 -18.86 42.94 -105.18
CA THR G 228 -19.18 41.58 -104.78
C THR G 228 -20.43 41.14 -105.51
N LEU G 229 -20.38 39.95 -106.11
CA LEU G 229 -21.48 39.42 -106.89
C LEU G 229 -22.27 38.42 -106.05
N LEU G 230 -23.55 38.28 -106.37
CA LEU G 230 -24.42 37.42 -105.59
C LEU G 230 -25.44 36.76 -106.49
N ASN G 231 -25.52 35.43 -106.43
CA ASN G 231 -26.49 34.70 -107.22
C ASN G 231 -27.88 34.88 -106.63
N VAL G 232 -28.85 35.14 -107.50
CA VAL G 232 -30.19 35.50 -107.03
C VAL G 232 -30.85 34.32 -106.33
N SER G 233 -30.52 33.09 -106.73
CA SER G 233 -31.10 31.93 -106.08
C SER G 233 -30.43 31.59 -104.75
N LYS G 234 -29.26 32.17 -104.47
CA LYS G 234 -28.51 31.90 -103.26
C LYS G 234 -28.10 33.21 -102.60
N LEU G 235 -29.08 34.10 -102.45
CA LEU G 235 -28.85 35.39 -101.82
C LEU G 235 -28.40 35.20 -100.37
N ASN G 236 -27.45 36.02 -99.94
CA ASN G 236 -26.90 35.94 -98.60
C ASN G 236 -27.03 37.29 -97.91
N ILE G 237 -27.63 37.28 -96.72
CA ILE G 237 -27.88 38.53 -96.00
C ILE G 237 -26.58 39.18 -95.56
N LEU G 238 -25.56 38.38 -95.21
CA LEU G 238 -24.30 38.97 -94.79
C LEU G 238 -23.64 39.74 -95.91
N LYS G 239 -23.93 39.38 -97.16
CA LYS G 239 -23.62 40.25 -98.28
C LYS G 239 -24.61 41.40 -98.43
N LEU G 240 -25.88 41.17 -98.11
CA LEU G 240 -26.89 42.19 -98.32
C LEU G 240 -26.86 43.28 -97.26
N ALA G 241 -26.57 42.93 -96.01
CA ALA G 241 -26.48 43.89 -94.92
C ALA G 241 -25.08 43.77 -94.34
N PRO G 242 -24.11 44.48 -94.91
CA PRO G 242 -22.70 44.25 -94.56
C PRO G 242 -22.41 44.39 -93.09
N GLY G 243 -23.01 45.37 -92.42
CA GLY G 243 -22.81 45.53 -90.99
C GLY G 243 -24.08 45.41 -90.19
N GLY G 244 -25.04 44.66 -90.70
CA GLY G 244 -26.35 44.60 -90.09
C GLY G 244 -27.21 45.82 -90.37
N HIS G 245 -26.71 46.75 -91.18
CA HIS G 245 -27.45 47.94 -91.56
C HIS G 245 -27.95 47.79 -92.99
N VAL G 246 -29.25 47.86 -93.18
CA VAL G 246 -29.82 47.67 -94.50
C VAL G 246 -29.49 48.86 -95.37
N GLY G 247 -29.66 48.68 -96.68
CA GLY G 247 -29.52 49.79 -97.61
C GLY G 247 -28.28 49.70 -98.46
N ARG G 248 -27.84 48.49 -98.76
CA ARG G 248 -26.67 48.32 -99.60
C ARG G 248 -27.02 48.57 -101.06
N PHE G 249 -26.17 49.34 -101.74
CA PHE G 249 -26.34 49.57 -103.17
C PHE G 249 -26.27 48.25 -103.93
N CYS G 250 -27.32 47.97 -104.69
CA CYS G 250 -27.42 46.72 -105.43
C CYS G 250 -27.80 47.00 -106.88
N ILE G 251 -27.17 46.27 -107.79
CA ILE G 251 -27.44 46.37 -109.22
C ILE G 251 -28.01 45.05 -109.67
N TRP G 252 -29.09 45.10 -110.44
CA TRP G 252 -29.85 43.90 -110.77
C TRP G 252 -29.74 43.57 -112.26
N THR G 253 -29.64 42.29 -112.55
CA THR G 253 -29.77 41.79 -113.90
C THR G 253 -31.24 41.62 -114.25
N GLU G 254 -31.56 41.83 -115.53
CA GLU G 254 -32.95 41.76 -115.98
C GLU G 254 -33.57 40.41 -115.65
N SER G 255 -32.90 39.32 -116.02
CA SER G 255 -33.42 37.99 -115.74
C SER G 255 -33.54 37.74 -114.24
N ALA G 256 -32.54 38.15 -113.47
CA ALA G 256 -32.62 37.98 -112.02
C ALA G 256 -33.75 38.83 -111.44
N PHE G 257 -33.89 40.07 -111.93
CA PHE G 257 -34.96 40.93 -111.46
C PHE G 257 -36.33 40.31 -111.73
N ARG G 258 -36.47 39.64 -112.88
CA ARG G 258 -37.72 38.95 -113.15
C ARG G 258 -37.90 37.74 -112.25
N LYS G 259 -36.82 36.98 -112.02
CA LYS G 259 -36.91 35.77 -111.22
C LYS G 259 -37.18 36.07 -109.75
N LEU G 260 -37.01 37.32 -109.34
CA LEU G 260 -37.28 37.70 -107.95
C LEU G 260 -38.69 37.32 -107.52
N ASP G 261 -39.69 37.58 -108.37
CA ASP G 261 -41.07 37.27 -107.99
C ASP G 261 -41.27 35.79 -107.78
N GLU G 262 -40.74 34.96 -108.68
CA GLU G 262 -40.85 33.52 -108.49
C GLU G 262 -40.09 33.07 -107.26
N LEU G 263 -39.06 33.81 -106.87
CA LEU G 263 -38.28 33.43 -105.71
C LEU G 263 -39.01 33.75 -104.41
N TYR G 264 -39.76 34.86 -104.36
CA TYR G 264 -40.42 35.25 -103.13
C TYR G 264 -41.91 35.52 -103.24
N GLY G 265 -42.48 35.53 -104.43
CA GLY G 265 -43.92 35.60 -104.57
C GLY G 265 -44.49 36.98 -104.31
N THR G 266 -45.78 37.11 -104.58
CA THR G 266 -46.53 38.32 -104.34
C THR G 266 -47.36 38.13 -103.08
N TRP G 267 -48.00 39.20 -102.60
CA TRP G 267 -49.03 39.03 -101.59
C TRP G 267 -50.20 38.23 -102.12
N ARG G 268 -50.39 38.18 -103.44
CA ARG G 268 -51.42 37.39 -104.08
C ARG G 268 -50.94 36.02 -104.51
N LYS G 269 -49.65 35.85 -104.77
CA LYS G 269 -49.07 34.56 -105.13
C LYS G 269 -47.88 34.24 -104.26
N ALA G 270 -47.88 33.05 -103.67
CA ALA G 270 -46.72 32.60 -102.91
C ALA G 270 -45.54 32.33 -103.84
N ALA G 271 -44.36 32.23 -103.23
CA ALA G 271 -43.15 31.95 -103.99
C ALA G 271 -43.26 30.62 -104.72
N SER G 272 -43.02 30.63 -106.02
CA SER G 272 -43.09 29.41 -106.81
C SER G 272 -41.81 28.59 -106.74
N LEU G 273 -40.75 29.13 -106.14
CA LEU G 273 -39.48 28.43 -105.99
C LEU G 273 -39.17 28.10 -104.54
N LYS G 274 -40.14 28.27 -103.64
CA LYS G 274 -39.94 27.94 -102.23
C LYS G 274 -41.06 27.08 -101.67
N SER G 275 -42.21 26.99 -102.34
CA SER G 275 -43.20 25.94 -102.15
C SER G 275 -43.93 26.03 -100.81
N ASN G 276 -43.45 26.87 -99.92
CA ASN G 276 -44.15 27.07 -98.66
C ASN G 276 -44.08 28.50 -98.16
N TYR G 277 -43.42 29.41 -98.89
CA TYR G 277 -43.20 30.76 -98.42
C TYR G 277 -44.15 31.73 -99.12
N ASN G 278 -44.68 32.66 -98.34
CA ASN G 278 -45.47 33.75 -98.89
C ASN G 278 -44.98 35.05 -98.28
N LEU G 279 -45.37 36.14 -98.91
CA LEU G 279 -44.93 37.46 -98.47
C LEU G 279 -45.49 37.75 -97.08
N PRO G 280 -44.69 38.30 -96.18
CA PRO G 280 -45.22 38.73 -94.89
C PRO G 280 -46.14 39.93 -95.06
N MET G 281 -47.01 40.11 -94.08
CA MET G 281 -48.01 41.17 -94.15
C MET G 281 -47.56 42.40 -93.38
N HIS G 282 -48.10 43.54 -93.77
CA HIS G 282 -47.91 44.77 -93.02
C HIS G 282 -48.97 44.89 -91.94
N LYS G 283 -48.52 45.08 -90.71
CA LYS G 283 -49.42 45.39 -89.62
C LYS G 283 -49.83 46.86 -89.61
N MET G 284 -49.20 47.67 -90.46
CA MET G 284 -49.58 49.07 -90.67
C MET G 284 -49.49 49.32 -92.16
N ILE G 285 -50.64 49.39 -92.83
CA ILE G 285 -50.66 49.59 -94.27
C ILE G 285 -50.13 50.97 -94.63
N ASN G 286 -50.65 52.01 -93.99
CA ASN G 286 -50.27 53.39 -94.29
C ASN G 286 -49.31 53.87 -93.21
N THR G 287 -48.12 54.27 -93.63
CA THR G 287 -47.02 54.58 -92.72
C THR G 287 -46.64 56.05 -92.70
N ASP G 288 -47.36 56.92 -93.40
CA ASP G 288 -47.08 58.35 -93.36
C ASP G 288 -47.89 58.99 -92.23
N LEU G 289 -47.22 59.23 -91.11
CA LEU G 289 -47.89 59.80 -89.95
C LEU G 289 -48.43 61.19 -90.26
N SER G 290 -47.73 61.95 -91.10
CA SER G 290 -48.10 63.34 -91.35
C SER G 290 -49.49 63.44 -91.98
N ARG G 291 -49.70 62.72 -93.08
CA ARG G 291 -50.98 62.83 -93.77
C ARG G 291 -52.10 62.17 -92.97
N ILE G 292 -51.77 61.16 -92.17
CA ILE G 292 -52.76 60.57 -91.28
C ILE G 292 -53.23 61.61 -90.27
N LEU G 293 -52.28 62.32 -89.66
CA LEU G 293 -52.65 63.32 -88.68
C LEU G 293 -53.33 64.52 -89.31
N LYS G 294 -53.05 64.80 -90.58
CA LYS G 294 -53.61 65.97 -91.23
C LYS G 294 -54.94 65.71 -91.91
N SER G 295 -55.51 64.52 -91.76
CA SER G 295 -56.77 64.21 -92.41
C SER G 295 -57.92 64.97 -91.72
N PRO G 296 -58.93 65.39 -92.48
CA PRO G 296 -60.06 66.12 -91.86
C PRO G 296 -60.82 65.30 -90.82
N GLU G 297 -60.94 63.99 -91.00
CA GLU G 297 -61.70 63.21 -90.03
C GLU G 297 -60.97 63.09 -88.71
N ILE G 298 -59.64 63.05 -88.73
CA ILE G 298 -58.88 63.08 -87.50
C ILE G 298 -59.04 64.43 -86.81
N GLN G 299 -58.96 65.51 -87.58
CA GLN G 299 -58.98 66.85 -87.00
C GLN G 299 -60.29 67.16 -86.30
N ARG G 300 -61.41 66.65 -86.81
CA ARG G 300 -62.70 66.99 -86.24
C ARG G 300 -62.86 66.45 -84.83
N ALA G 301 -62.20 65.34 -84.51
CA ALA G 301 -62.35 64.71 -83.21
C ALA G 301 -61.36 65.24 -82.18
N LEU G 302 -60.41 66.08 -82.58
CA LEU G 302 -59.40 66.56 -81.66
C LEU G 302 -59.90 67.79 -80.90
N ARG G 303 -59.55 67.84 -79.62
CA ARG G 303 -59.77 69.05 -78.86
C ARG G 303 -58.78 70.12 -79.29
N ALA G 304 -59.12 71.36 -79.02
CA ALA G 304 -58.24 72.46 -79.37
C ALA G 304 -56.93 72.35 -78.57
N PRO G 305 -55.79 72.56 -79.22
CA PRO G 305 -54.51 72.41 -78.52
C PRO G 305 -54.38 73.43 -77.41
N ARG G 306 -53.78 73.00 -76.31
CA ARG G 306 -53.50 73.89 -75.19
C ARG G 306 -52.05 74.31 -75.31
N LYS G 307 -51.83 75.48 -75.90
CA LYS G 307 -50.50 75.96 -76.24
C LYS G 307 -50.02 77.11 -75.37
N LYS G 308 -50.68 77.36 -74.24
CA LYS G 308 -50.19 78.36 -73.29
C LYS G 308 -49.39 77.68 -72.19
N ILE G 309 -48.18 78.18 -71.95
CA ILE G 309 -47.32 77.70 -70.88
C ILE G 309 -47.77 78.34 -69.59
N HIS G 310 -47.95 77.53 -68.55
CA HIS G 310 -48.34 78.00 -67.22
C HIS G 310 -47.18 77.74 -66.28
N ARG G 311 -46.24 78.68 -66.25
CA ARG G 311 -45.12 78.57 -65.34
C ARG G 311 -45.58 78.83 -63.92
N ARG G 312 -44.71 78.50 -62.95
CA ARG G 312 -45.04 78.73 -61.56
C ARG G 312 -45.16 80.22 -61.28
N VAL G 313 -46.03 80.56 -60.34
CA VAL G 313 -46.27 81.95 -59.97
C VAL G 313 -45.67 82.18 -58.59
N LEU G 314 -44.80 83.17 -58.49
CA LEU G 314 -44.21 83.51 -57.20
C LEU G 314 -45.30 84.02 -56.27
N LYS G 315 -45.47 83.35 -55.13
CA LYS G 315 -46.53 83.72 -54.22
C LYS G 315 -46.17 85.00 -53.49
N LYS G 316 -46.61 86.14 -54.02
CA LYS G 316 -46.46 87.40 -53.31
C LYS G 316 -47.28 87.38 -52.04
N ASN G 317 -46.77 88.00 -50.99
CA ASN G 317 -47.43 87.96 -49.70
C ASN G 317 -48.58 88.94 -49.65
N PRO G 318 -49.81 88.50 -49.41
CA PRO G 318 -50.84 89.42 -48.94
C PRO G 318 -50.49 89.87 -47.53
N LEU G 319 -51.19 90.90 -47.08
CA LEU G 319 -50.93 91.59 -45.81
C LEU G 319 -49.64 92.40 -45.93
N LYS G 320 -48.95 92.29 -47.06
CA LYS G 320 -47.78 93.10 -47.37
C LYS G 320 -47.96 93.76 -48.73
N ASN G 321 -48.58 93.03 -49.65
CA ASN G 321 -48.87 93.52 -51.00
C ASN G 321 -50.35 93.89 -51.04
N LEU G 322 -50.63 95.18 -51.23
CA LEU G 322 -52.00 95.66 -51.16
C LEU G 322 -52.82 95.17 -52.33
N ARG G 323 -52.29 95.32 -53.55
CA ARG G 323 -53.03 94.93 -54.73
C ARG G 323 -53.28 93.44 -54.78
N ILE G 324 -52.34 92.63 -54.30
CA ILE G 324 -52.55 91.19 -54.24
C ILE G 324 -53.72 90.86 -53.32
N MET G 325 -53.73 91.49 -52.14
CA MET G 325 -54.81 91.23 -51.20
C MET G 325 -56.15 91.69 -51.76
N LEU G 326 -56.16 92.80 -52.49
CA LEU G 326 -57.38 93.24 -53.15
C LEU G 326 -57.82 92.27 -54.23
N LYS G 327 -56.84 91.67 -54.93
CA LYS G 327 -57.14 90.67 -55.94
C LYS G 327 -57.79 89.45 -55.32
N LEU G 328 -57.31 89.02 -54.15
CA LEU G 328 -58.02 87.98 -53.43
C LEU G 328 -59.26 88.48 -52.69
N ASN G 329 -59.18 89.66 -52.08
CA ASN G 329 -60.28 90.17 -51.27
C ASN G 329 -60.56 91.62 -51.63
N PRO G 330 -61.48 91.87 -52.56
CA PRO G 330 -61.82 93.26 -52.92
C PRO G 330 -62.35 94.06 -51.75
N TYR G 331 -63.09 93.43 -50.84
CA TYR G 331 -63.67 94.13 -49.70
C TYR G 331 -62.63 94.61 -48.70
N ALA G 332 -61.40 94.10 -48.78
CA ALA G 332 -60.36 94.55 -47.86
C ALA G 332 -60.05 96.02 -48.03
N LYS G 333 -60.15 96.53 -49.26
CA LYS G 333 -59.85 97.94 -49.51
C LYS G 333 -60.78 98.85 -48.72
N THR G 334 -62.08 98.55 -48.75
CA THR G 334 -63.04 99.35 -48.00
C THR G 334 -62.80 99.21 -46.50
N MET G 335 -62.51 98.00 -46.04
CA MET G 335 -62.20 97.81 -44.62
C MET G 335 -60.98 98.61 -44.20
N ARG G 336 -59.92 98.52 -44.99
CA ARG G 336 -58.70 99.26 -44.66
C ARG G 336 -58.94 100.75 -44.66
N ARG G 337 -59.67 101.25 -45.66
CA ARG G 337 -59.95 102.67 -45.74
C ARG G 337 -60.79 103.13 -44.56
N ASN G 338 -61.81 102.35 -44.21
CA ASN G 338 -62.63 102.70 -43.06
C ASN G 338 -61.82 102.69 -41.78
N THR G 339 -60.93 101.71 -41.64
CA THR G 339 -60.08 101.63 -40.46
C THR G 339 -59.18 102.86 -40.36
N ILE G 340 -58.56 103.25 -41.47
CA ILE G 340 -57.67 104.41 -41.44
C ILE G 340 -58.46 105.67 -41.11
N LEU G 341 -59.63 105.83 -41.70
CA LEU G 341 -60.45 107.01 -41.43
C LEU G 341 -60.87 107.06 -39.97
N ARG G 342 -61.26 105.90 -39.42
CA ARG G 342 -61.64 105.85 -38.01
C ARG G 342 -60.46 106.19 -37.11
N GLN G 343 -59.27 105.65 -37.43
CA GLN G 343 -58.09 105.95 -36.63
C GLN G 343 -57.76 107.43 -36.66
N ALA G 344 -57.79 108.04 -37.85
CA ALA G 344 -57.48 109.46 -37.94
C ALA G 344 -58.50 110.30 -37.21
N ARG G 345 -59.78 109.95 -37.33
CA ARG G 345 -60.82 110.68 -36.63
C ARG G 345 -60.62 110.58 -35.13
N ASN G 346 -60.34 109.38 -34.64
CA ASN G 346 -60.13 109.18 -33.22
C ASN G 346 -58.91 109.95 -32.75
N HIS G 347 -57.84 109.94 -33.53
CA HIS G 347 -56.63 110.65 -33.17
C HIS G 347 -56.89 112.15 -33.08
N LYS G 348 -57.59 112.70 -34.07
CA LYS G 348 -57.91 114.12 -34.04
C LYS G 348 -58.77 114.46 -32.83
N LEU G 349 -59.76 113.62 -32.53
CA LEU G 349 -60.66 113.91 -31.42
C LEU G 349 -59.92 113.84 -30.09
N ARG G 350 -59.07 112.83 -29.92
CA ARG G 350 -58.31 112.70 -28.68
C ARG G 350 -57.31 113.84 -28.52
N VAL G 351 -56.67 114.25 -29.62
CA VAL G 351 -55.74 115.37 -29.56
C VAL G 351 -56.48 116.65 -29.17
N ASP G 352 -57.66 116.85 -29.77
CA ASP G 352 -58.46 118.04 -29.44
C ASP G 352 -58.90 118.02 -27.99
N LYS G 353 -59.29 116.85 -27.49
CA LYS G 353 -59.72 116.74 -26.10
C LYS G 353 -58.56 117.00 -25.14
N ALA G 354 -57.37 116.50 -25.47
CA ALA G 354 -56.19 116.80 -24.65
C ALA G 354 -55.86 118.28 -24.69
N ALA G 355 -55.99 118.90 -25.86
CA ALA G 355 -55.75 120.34 -25.98
C ALA G 355 -56.76 121.12 -25.15
N ALA G 356 -58.03 120.70 -25.17
CA ALA G 356 -59.04 121.33 -24.34
C ALA G 356 -58.72 121.17 -22.87
N ALA G 357 -58.23 120.00 -22.46
CA ALA G 357 -57.83 119.79 -21.07
C ALA G 357 -56.70 120.72 -20.68
N ALA G 358 -55.68 120.84 -21.54
CA ALA G 358 -54.56 121.72 -21.24
C ALA G 358 -55.01 123.17 -21.16
N ALA G 359 -55.86 123.59 -22.09
CA ALA G 359 -56.33 124.98 -22.10
C ALA G 359 -57.20 125.28 -20.87
N ALA G 360 -58.05 124.32 -20.47
CA ALA G 360 -58.86 124.50 -19.28
C ALA G 360 -58.00 124.57 -18.03
N LEU G 361 -56.95 123.74 -17.96
CA LEU G 361 -56.02 123.82 -16.84
C LEU G 361 -55.33 125.18 -16.80
N GLN G 362 -54.91 125.68 -17.97
CA GLN G 362 -54.27 126.99 -18.01
C GLN G 362 -55.24 128.10 -17.62
N ALA G 363 -56.50 127.98 -18.03
CA ALA G 363 -57.49 128.97 -17.67
C ALA G 363 -57.77 128.96 -16.17
N LYS G 364 -57.84 127.77 -15.57
CA LYS G 364 -58.09 127.68 -14.13
C LYS G 364 -56.85 127.90 -13.28
N SER G 365 -55.67 127.96 -13.89
CA SER G 365 -54.46 128.31 -13.16
C SER G 365 -54.05 129.77 -13.31
N ASP G 366 -54.37 130.39 -14.45
CA ASP G 366 -54.04 131.79 -14.71
C ASP G 366 -55.29 132.63 -14.92
N GLU G 367 -56.33 132.38 -14.13
CA GLU G 367 -57.60 133.07 -14.32
C GLU G 367 -57.53 134.55 -13.96
N LYS G 368 -56.67 134.92 -13.02
CA LYS G 368 -56.48 136.32 -12.61
C LYS G 368 -57.78 137.02 -12.22
N GLY H 1 -73.02 22.63 21.30
CA GLY H 1 -72.42 22.72 19.97
C GLY H 1 -70.94 22.47 19.99
N PHE H 2 -70.56 21.20 19.80
CA PHE H 2 -69.17 20.80 19.82
C PHE H 2 -68.67 20.34 18.47
N VAL H 3 -69.57 20.16 17.51
CA VAL H 3 -69.22 19.88 16.13
C VAL H 3 -69.17 21.21 15.40
N LYS H 4 -68.29 21.32 14.41
CA LYS H 4 -68.32 22.47 13.54
C LYS H 4 -69.70 22.60 12.89
N VAL H 5 -70.27 23.79 12.98
CA VAL H 5 -71.58 24.02 12.39
C VAL H 5 -71.42 23.95 10.88
N VAL H 6 -71.96 22.89 10.26
CA VAL H 6 -71.83 22.72 8.82
C VAL H 6 -72.57 23.85 8.10
N LYS H 7 -73.78 24.16 8.54
CA LYS H 7 -74.60 25.17 7.87
C LYS H 7 -74.36 26.56 8.47
N ASN H 8 -73.09 26.97 8.43
CA ASN H 8 -72.72 28.27 8.98
C ASN H 8 -72.76 29.32 7.88
N LYS H 9 -72.25 30.51 8.19
CA LYS H 9 -72.35 31.64 7.27
C LYS H 9 -71.63 31.36 5.95
N ALA H 10 -70.44 30.77 6.03
CA ALA H 10 -69.69 30.46 4.81
C ALA H 10 -70.45 29.48 3.93
N TYR H 11 -71.13 28.51 4.54
CA TYR H 11 -71.88 27.54 3.76
C TYR H 11 -72.98 28.21 2.96
N PHE H 12 -73.67 29.17 3.58
CA PHE H 12 -74.70 29.90 2.85
C PHE H 12 -74.09 30.87 1.85
N LYS H 13 -72.86 31.33 2.10
CA LYS H 13 -72.23 32.20 1.12
C LYS H 13 -71.80 31.44 -0.12
N ARG H 14 -71.45 30.16 0.03
CA ARG H 14 -70.97 29.38 -1.10
C ARG H 14 -72.01 28.43 -1.65
N TYR H 15 -73.22 28.39 -1.10
CA TYR H 15 -74.24 27.49 -1.60
C TYR H 15 -74.75 27.99 -2.95
N GLN H 16 -74.82 27.08 -3.92
CA GLN H 16 -75.46 27.34 -5.19
C GLN H 16 -76.74 26.52 -5.25
N VAL H 17 -77.88 27.21 -5.27
CA VAL H 17 -79.16 26.53 -5.31
C VAL H 17 -79.38 25.90 -6.68
N LYS H 18 -80.21 24.87 -6.72
CA LYS H 18 -80.60 24.27 -7.99
C LYS H 18 -81.77 25.05 -8.58
N PHE H 19 -82.24 24.59 -9.73
CA PHE H 19 -83.37 25.24 -10.38
C PHE H 19 -84.63 25.07 -9.54
N ARG H 20 -85.54 26.03 -9.68
CA ARG H 20 -86.68 26.10 -8.78
C ARG H 20 -87.54 24.86 -8.86
N ARG H 21 -87.89 24.42 -10.07
CA ARG H 21 -88.67 23.19 -10.21
C ARG H 21 -87.85 21.97 -9.81
N ARG H 22 -86.53 22.02 -9.96
CA ARG H 22 -85.71 20.92 -9.48
C ARG H 22 -85.76 20.83 -7.95
N ARG H 23 -85.67 21.98 -7.28
CA ARG H 23 -85.85 21.97 -5.83
C ARG H 23 -87.24 21.48 -5.47
N GLU H 24 -88.24 21.89 -6.24
CA GLU H 24 -89.61 21.45 -6.07
C GLU H 24 -89.80 19.99 -6.40
N GLY H 25 -88.80 19.34 -7.00
CA GLY H 25 -88.91 17.93 -7.35
C GLY H 25 -89.98 17.67 -8.39
N LYS H 26 -90.13 18.57 -9.35
CA LYS H 26 -91.18 18.47 -10.36
C LYS H 26 -90.67 18.24 -11.77
N THR H 27 -89.47 18.70 -12.09
CA THR H 27 -88.95 18.64 -13.45
C THR H 27 -87.60 17.94 -13.45
N ASP H 28 -87.50 16.87 -14.25
CA ASP H 28 -86.23 16.19 -14.49
C ASP H 28 -85.57 16.90 -15.66
N TYR H 29 -84.60 17.76 -15.35
CA TYR H 29 -84.03 18.60 -16.39
C TYR H 29 -83.09 17.81 -17.29
N TYR H 30 -82.48 16.74 -16.77
CA TYR H 30 -81.73 15.82 -17.63
C TYR H 30 -82.61 15.26 -18.73
N ALA H 31 -83.77 14.73 -18.37
CA ALA H 31 -84.66 14.17 -19.37
C ALA H 31 -85.30 15.26 -20.21
N ARG H 32 -85.64 16.39 -19.59
CA ARG H 32 -86.26 17.48 -20.33
C ARG H 32 -85.34 17.99 -21.44
N LYS H 33 -84.04 18.03 -21.17
CA LYS H 33 -83.09 18.50 -22.18
C LYS H 33 -83.12 17.61 -23.42
N ARG H 34 -83.13 16.29 -23.22
CA ARG H 34 -83.18 15.41 -24.38
C ARG H 34 -84.59 15.30 -24.95
N LEU H 35 -85.59 15.80 -24.23
CA LEU H 35 -86.97 15.61 -24.65
C LEU H 35 -87.55 16.78 -25.42
N VAL H 36 -87.22 18.02 -25.06
CA VAL H 36 -87.89 19.18 -25.63
C VAL H 36 -87.04 19.95 -26.61
N ILE H 37 -85.75 19.68 -26.70
CA ILE H 37 -84.85 20.48 -27.53
C ILE H 37 -84.96 20.02 -28.97
N GLN H 38 -85.27 20.97 -29.86
CA GLN H 38 -85.39 20.71 -31.28
C GLN H 38 -84.03 20.85 -31.95
N ASP H 39 -83.83 20.07 -33.01
CA ASP H 39 -82.60 20.15 -33.78
C ASP H 39 -82.44 21.54 -34.38
N LYS H 40 -81.22 22.08 -34.28
CA LYS H 40 -80.95 23.43 -34.78
C LYS H 40 -81.15 23.53 -36.28
N ASN H 41 -80.76 22.51 -37.03
CA ASN H 41 -80.96 22.49 -38.46
C ASN H 41 -82.42 22.29 -38.85
N LYS H 42 -83.31 22.05 -37.88
CA LYS H 42 -84.74 22.08 -38.12
C LYS H 42 -85.36 23.44 -37.84
N TYR H 43 -84.59 24.36 -37.25
CA TYR H 43 -84.96 25.77 -37.11
C TYR H 43 -86.23 25.91 -36.28
N ASN H 44 -87.25 26.61 -36.76
CA ASN H 44 -88.44 26.94 -35.98
C ASN H 44 -89.47 25.82 -35.97
N THR H 45 -89.08 24.63 -36.39
CA THR H 45 -90.03 23.54 -36.45
C THR H 45 -90.41 23.13 -35.04
N PRO H 46 -91.69 23.20 -34.67
CA PRO H 46 -92.06 22.86 -33.29
C PRO H 46 -91.92 21.37 -33.02
N LYS H 47 -91.40 21.06 -31.84
CA LYS H 47 -91.29 19.69 -31.36
C LYS H 47 -92.29 19.51 -30.23
N TYR H 48 -93.26 18.62 -30.43
CA TYR H 48 -94.38 18.47 -29.53
C TYR H 48 -94.17 17.27 -28.62
N ARG H 49 -94.54 17.42 -27.34
CA ARG H 49 -94.51 16.32 -26.39
C ARG H 49 -95.85 16.20 -25.69
N MET H 50 -96.17 14.99 -25.25
CA MET H 50 -97.44 14.67 -24.62
C MET H 50 -97.21 14.51 -23.11
N ILE H 51 -97.47 15.57 -22.36
CA ILE H 51 -97.26 15.53 -20.92
C ILE H 51 -98.43 14.85 -20.25
N VAL H 52 -98.15 13.84 -19.44
CA VAL H 52 -99.14 13.16 -18.62
C VAL H 52 -98.70 13.23 -17.17
N ARG H 53 -99.57 13.73 -16.31
CA ARG H 53 -99.28 13.89 -14.90
C ARG H 53 -100.40 13.25 -14.09
N VAL H 54 -100.13 12.06 -13.57
CA VAL H 54 -101.11 11.33 -12.77
C VAL H 54 -101.20 11.98 -11.39
N THR H 55 -102.41 12.33 -10.99
CA THR H 55 -102.64 12.97 -9.71
C THR H 55 -103.41 12.03 -8.80
N ASN H 56 -103.28 12.26 -7.48
CA ASN H 56 -103.92 11.39 -6.49
C ASN H 56 -105.42 11.28 -6.72
N ARG H 57 -106.04 12.31 -7.29
CA ARG H 57 -107.46 12.25 -7.64
C ARG H 57 -107.73 12.77 -9.04
N ASP H 58 -106.74 12.78 -9.93
CA ASP H 58 -106.95 13.38 -11.24
C ASP H 58 -105.92 12.83 -12.22
N ILE H 59 -106.17 13.08 -13.50
CA ILE H 59 -105.22 12.84 -14.58
C ILE H 59 -105.18 14.09 -15.45
N ILE H 60 -103.98 14.54 -15.78
CA ILE H 60 -103.78 15.71 -16.62
C ILE H 60 -102.98 15.29 -17.85
N CYS H 61 -103.51 15.61 -19.03
CA CYS H 61 -102.84 15.33 -20.29
C CYS H 61 -102.76 16.62 -21.10
N GLN H 62 -101.57 16.93 -21.60
CA GLN H 62 -101.32 18.16 -22.31
C GLN H 62 -100.36 17.90 -23.47
N ILE H 63 -100.43 18.77 -24.48
CA ILE H 63 -99.51 18.75 -25.61
C ILE H 63 -98.92 20.15 -25.74
N ALA H 64 -97.59 20.23 -25.80
CA ALA H 64 -96.93 21.53 -25.83
C ALA H 64 -95.62 21.44 -26.61
N TYR H 65 -95.14 22.61 -26.99
CA TYR H 65 -93.83 22.77 -27.61
C TYR H 65 -93.09 23.88 -26.87
N ALA H 66 -91.78 23.73 -26.75
CA ALA H 66 -91.00 24.62 -25.91
C ALA H 66 -90.78 25.97 -26.57
N ARG H 67 -90.75 27.02 -25.76
CA ARG H 67 -90.33 28.34 -26.16
C ARG H 67 -89.48 28.97 -25.07
N ILE H 68 -88.76 30.03 -25.45
CA ILE H 68 -87.83 30.68 -24.53
C ILE H 68 -88.58 31.26 -23.34
N GLU H 69 -89.68 31.94 -23.59
CA GLU H 69 -90.48 32.52 -22.53
C GLU H 69 -91.27 31.48 -21.75
N GLY H 70 -91.32 30.24 -22.21
CA GLY H 70 -92.04 29.21 -21.52
C GLY H 70 -92.70 28.23 -22.47
N ASP H 71 -93.22 27.13 -21.94
CA ASP H 71 -93.88 26.13 -22.77
C ASP H 71 -95.18 26.69 -23.33
N MET H 72 -95.60 26.16 -24.48
CA MET H 72 -96.84 26.58 -25.13
C MET H 72 -97.73 25.37 -25.32
N ILE H 73 -98.75 25.25 -24.48
CA ILE H 73 -99.69 24.13 -24.53
C ILE H 73 -100.74 24.45 -25.57
N VAL H 74 -100.92 23.55 -26.53
CA VAL H 74 -101.91 23.76 -27.58
C VAL H 74 -103.20 22.99 -27.33
N CYS H 75 -103.19 22.00 -26.45
CA CYS H 75 -104.40 21.27 -26.13
C CYS H 75 -104.23 20.59 -24.78
N ALA H 76 -105.28 20.62 -23.97
CA ALA H 76 -105.23 20.06 -22.63
C ALA H 76 -106.53 19.33 -22.34
N ALA H 77 -106.41 18.18 -21.69
CA ALA H 77 -107.55 17.41 -21.23
C ALA H 77 -107.33 16.96 -19.81
N TYR H 78 -108.42 16.74 -19.09
CA TYR H 78 -108.37 16.37 -17.68
C TYR H 78 -109.28 15.19 -17.43
N ALA H 79 -109.01 14.47 -16.36
CA ALA H 79 -109.94 13.43 -15.93
C ALA H 79 -111.15 14.00 -15.21
N HIS H 80 -111.04 15.19 -14.63
CA HIS H 80 -112.16 15.74 -13.88
C HIS H 80 -113.29 16.24 -14.76
N GLU H 81 -113.05 16.47 -16.04
CA GLU H 81 -114.10 16.84 -16.96
C GLU H 81 -114.80 15.64 -17.57
N LEU H 82 -114.32 14.42 -17.29
CA LEU H 82 -114.98 13.22 -17.75
C LEU H 82 -116.44 13.11 -17.33
N PRO H 83 -116.85 13.47 -16.11
CA PRO H 83 -118.28 13.39 -15.77
C PRO H 83 -119.20 14.21 -16.65
N LYS H 84 -118.68 14.96 -17.62
CA LYS H 84 -119.54 15.60 -18.61
C LYS H 84 -120.38 14.57 -19.34
N TYR H 85 -119.82 13.40 -19.61
CA TYR H 85 -120.54 12.36 -20.34
C TYR H 85 -119.89 11.02 -20.05
N GLY H 86 -120.70 9.97 -20.01
CA GLY H 86 -120.19 8.63 -19.76
C GLY H 86 -119.70 8.46 -18.33
N VAL H 87 -118.39 8.26 -18.19
CA VAL H 87 -117.82 7.97 -16.87
C VAL H 87 -117.90 9.21 -15.99
N LYS H 88 -118.21 8.97 -14.72
CA LYS H 88 -118.28 10.03 -13.72
C LYS H 88 -117.53 9.71 -12.45
N VAL H 89 -117.28 8.44 -12.16
CA VAL H 89 -116.62 8.01 -10.93
C VAL H 89 -115.53 7.02 -11.34
N GLY H 90 -114.64 6.75 -10.40
CA GLY H 90 -113.54 5.85 -10.70
C GLY H 90 -112.55 6.39 -11.70
N LEU H 91 -112.17 7.65 -11.56
CA LEU H 91 -111.16 8.24 -12.40
C LEU H 91 -109.79 7.78 -11.93
N THR H 92 -108.74 8.46 -12.39
CA THR H 92 -107.33 8.24 -12.03
C THR H 92 -106.91 6.78 -12.10
N ASN H 93 -107.65 5.96 -12.85
CA ASN H 93 -107.32 4.57 -13.08
C ASN H 93 -106.88 4.40 -14.53
N TYR H 94 -106.58 3.16 -14.91
CA TYR H 94 -106.09 2.90 -16.26
C TYR H 94 -107.13 3.26 -17.30
N ALA H 95 -108.39 2.91 -17.06
CA ALA H 95 -109.43 3.15 -18.05
C ALA H 95 -109.69 4.64 -18.25
N ALA H 96 -109.75 5.40 -17.15
CA ALA H 96 -109.89 6.84 -17.29
C ALA H 96 -108.69 7.45 -18.00
N ALA H 97 -107.50 6.91 -17.78
CA ALA H 97 -106.32 7.41 -18.50
C ALA H 97 -106.47 7.18 -19.99
N TYR H 98 -106.92 6.00 -20.39
CA TYR H 98 -107.15 5.74 -21.81
C TYR H 98 -108.20 6.69 -22.36
N CYS H 99 -109.28 6.89 -21.60
CA CYS H 99 -110.36 7.74 -22.06
C CYS H 99 -109.89 9.17 -22.27
N THR H 100 -109.12 9.71 -21.32
CA THR H 100 -108.70 11.10 -21.45
C THR H 100 -107.60 11.25 -22.50
N GLY H 101 -106.79 10.21 -22.73
CA GLY H 101 -105.87 10.26 -23.84
C GLY H 101 -106.59 10.31 -25.18
N LEU H 102 -107.64 9.49 -25.32
CA LEU H 102 -108.46 9.53 -26.53
C LEU H 102 -109.12 10.90 -26.69
N LEU H 103 -109.65 11.44 -25.59
CA LEU H 103 -110.31 12.74 -25.66
C LEU H 103 -109.34 13.83 -26.07
N LEU H 104 -108.14 13.84 -25.49
CA LEU H 104 -107.14 14.84 -25.85
C LEU H 104 -106.75 14.71 -27.31
N ALA H 105 -106.54 13.48 -27.79
CA ALA H 105 -106.20 13.28 -29.18
C ALA H 105 -107.28 13.81 -30.10
N ARG H 106 -108.54 13.46 -29.81
CA ARG H 106 -109.63 13.90 -30.66
C ARG H 106 -109.80 15.41 -30.62
N ARG H 107 -109.64 16.02 -29.45
CA ARG H 107 -109.79 17.46 -29.34
C ARG H 107 -108.69 18.20 -30.10
N LEU H 108 -107.46 17.71 -29.99
CA LEU H 108 -106.37 18.29 -30.76
C LEU H 108 -106.63 18.16 -32.25
N LEU H 109 -107.10 16.99 -32.67
CA LEU H 109 -107.40 16.79 -34.09
C LEU H 109 -108.50 17.73 -34.55
N ASN H 110 -109.51 17.94 -33.71
CA ASN H 110 -110.62 18.81 -34.08
C ASN H 110 -110.15 20.26 -34.18
N ARG H 111 -109.29 20.69 -33.26
CA ARG H 111 -108.78 22.05 -33.35
C ARG H 111 -107.90 22.21 -34.58
N PHE H 112 -107.18 21.16 -34.98
CA PHE H 112 -106.52 21.22 -36.28
C PHE H 112 -107.48 20.92 -37.42
N GLY H 113 -108.71 20.55 -37.12
CA GLY H 113 -109.69 20.28 -38.16
C GLY H 113 -109.41 19.05 -38.98
N MET H 114 -108.71 18.07 -38.41
CA MET H 114 -108.41 16.82 -39.11
C MET H 114 -109.05 15.71 -38.30
N ASP H 115 -110.32 15.45 -38.57
CA ASP H 115 -111.06 14.39 -37.88
C ASP H 115 -111.55 13.33 -38.85
N LYS H 116 -112.07 13.74 -39.99
CA LYS H 116 -112.56 12.76 -40.98
C LYS H 116 -111.42 11.90 -41.46
N ILE H 117 -110.27 12.49 -41.71
CA ILE H 117 -109.03 11.77 -41.96
C ILE H 117 -108.34 11.55 -40.62
N TYR H 118 -107.50 10.51 -40.57
CA TYR H 118 -106.90 10.04 -39.32
C TYR H 118 -107.98 9.84 -38.24
N GLU H 119 -108.92 8.96 -38.57
CA GLU H 119 -109.93 8.55 -37.60
C GLU H 119 -109.32 7.75 -36.45
N GLY H 120 -108.23 7.04 -36.69
CA GLY H 120 -107.63 6.19 -35.68
C GLY H 120 -108.33 4.86 -35.55
N GLN H 121 -107.95 4.13 -34.51
CA GLN H 121 -108.49 2.79 -34.25
C GLN H 121 -109.88 2.93 -33.65
N VAL H 122 -110.90 2.69 -34.47
CA VAL H 122 -112.27 2.76 -33.99
C VAL H 122 -112.56 1.61 -33.03
N GLU H 123 -112.25 0.38 -33.45
CA GLU H 123 -112.54 -0.78 -32.61
C GLU H 123 -111.50 -0.85 -31.50
N VAL H 124 -111.95 -0.67 -30.27
CA VAL H 124 -111.04 -0.62 -29.13
C VAL H 124 -110.56 -2.03 -28.83
N THR H 125 -109.26 -2.27 -29.00
CA THR H 125 -108.63 -3.50 -28.58
C THR H 125 -107.22 -3.21 -28.11
N GLY H 126 -106.68 -4.14 -27.31
CA GLY H 126 -105.38 -3.93 -26.72
C GLY H 126 -104.21 -4.09 -27.66
N ASP H 127 -104.47 -4.53 -28.88
CA ASP H 127 -103.41 -4.75 -29.85
C ASP H 127 -102.69 -3.45 -30.20
N GLU H 128 -101.45 -3.59 -30.65
CA GLU H 128 -100.67 -2.44 -31.06
C GLU H 128 -101.30 -1.76 -32.27
N TYR H 129 -101.08 -0.46 -32.39
CA TYR H 129 -101.63 0.27 -33.53
C TYR H 129 -100.76 1.48 -33.80
N ASN H 130 -100.65 1.85 -35.06
CA ASN H 130 -99.90 3.04 -35.46
C ASN H 130 -100.57 3.68 -36.66
N VAL H 131 -100.97 4.94 -36.51
CA VAL H 131 -101.54 5.68 -37.61
C VAL H 131 -100.47 5.95 -38.67
N GLU H 132 -100.88 5.94 -39.93
CA GLU H 132 -99.97 6.16 -41.04
C GLU H 132 -100.35 7.45 -41.77
N SER H 133 -99.34 8.25 -42.09
CA SER H 133 -99.57 9.49 -42.82
C SER H 133 -100.12 9.18 -44.21
N ILE H 134 -101.14 9.92 -44.61
CA ILE H 134 -101.83 9.66 -45.88
C ILE H 134 -101.29 10.61 -46.93
N ASP H 135 -100.82 10.04 -48.05
CA ASP H 135 -100.39 10.83 -49.18
C ASP H 135 -101.56 11.59 -49.80
N GLY H 136 -101.27 12.77 -50.33
CA GLY H 136 -102.32 13.64 -50.79
C GLY H 136 -103.17 14.24 -49.69
N GLN H 137 -102.73 14.12 -48.44
CA GLN H 137 -103.45 14.62 -47.29
C GLN H 137 -102.43 15.25 -46.35
N PRO H 138 -102.85 16.21 -45.53
CA PRO H 138 -101.92 16.80 -44.56
C PRO H 138 -101.42 15.74 -43.59
N GLY H 139 -100.18 15.94 -43.12
CA GLY H 139 -99.55 14.95 -42.28
C GLY H 139 -100.25 14.77 -40.95
N ALA H 140 -100.17 13.53 -40.44
CA ALA H 140 -100.70 13.24 -39.13
C ALA H 140 -99.85 13.90 -38.06
N PHE H 141 -100.49 14.25 -36.94
CA PHE H 141 -99.77 14.85 -35.84
C PHE H 141 -98.85 13.84 -35.18
N THR H 142 -97.68 14.31 -34.74
CA THR H 142 -96.70 13.47 -34.06
C THR H 142 -96.30 14.15 -32.76
N CYS H 143 -96.23 13.36 -31.68
CA CYS H 143 -95.72 13.84 -30.41
C CYS H 143 -95.08 12.68 -29.65
N TYR H 144 -94.34 13.02 -28.60
CA TYR H 144 -93.66 12.05 -27.75
C TYR H 144 -94.14 12.17 -26.31
N LEU H 145 -93.92 11.12 -25.54
CA LEU H 145 -94.46 11.06 -24.19
C LEU H 145 -93.49 11.67 -23.18
N ASP H 146 -94.05 12.47 -22.27
CA ASP H 146 -93.31 13.04 -21.14
C ASP H 146 -93.91 12.50 -19.85
N ALA H 147 -93.20 11.58 -19.21
CA ALA H 147 -93.68 10.96 -17.97
C ALA H 147 -93.29 11.72 -16.72
N GLY H 148 -92.41 12.70 -16.82
CA GLY H 148 -91.90 13.35 -15.61
C GLY H 148 -91.02 12.39 -14.85
N LEU H 149 -91.25 12.29 -13.54
CA LEU H 149 -90.47 11.42 -12.67
C LEU H 149 -91.14 10.08 -12.42
N ALA H 150 -92.30 9.81 -13.03
CA ALA H 150 -92.99 8.55 -12.81
C ALA H 150 -92.17 7.39 -13.34
N ARG H 151 -92.17 6.29 -12.59
CA ARG H 151 -91.35 5.14 -12.95
C ARG H 151 -92.03 4.37 -14.07
N THR H 152 -91.29 4.09 -15.14
CA THR H 152 -91.87 3.51 -16.35
C THR H 152 -91.72 1.98 -16.33
N THR H 153 -92.46 1.37 -15.41
CA THR H 153 -92.56 -0.07 -15.40
C THR H 153 -93.62 -0.52 -16.39
N THR H 154 -93.83 -1.84 -16.45
CA THR H 154 -94.84 -2.38 -17.34
C THR H 154 -96.22 -2.14 -16.77
N GLY H 155 -97.08 -1.47 -17.53
CA GLY H 155 -98.45 -1.25 -17.12
C GLY H 155 -98.76 0.08 -16.47
N ASN H 156 -97.88 1.07 -16.56
CA ASN H 156 -98.17 2.38 -15.99
C ASN H 156 -99.32 3.05 -16.73
N LYS H 157 -100.11 3.83 -15.99
CA LYS H 157 -101.29 4.47 -16.55
C LYS H 157 -100.94 5.49 -17.63
N VAL H 158 -99.72 6.03 -17.61
CA VAL H 158 -99.30 6.93 -18.66
C VAL H 158 -99.28 6.22 -20.00
N PHE H 159 -98.90 4.94 -20.01
CA PHE H 159 -98.93 4.18 -21.24
C PHE H 159 -100.36 3.93 -21.70
N GLY H 160 -101.31 3.80 -20.76
CA GLY H 160 -102.70 3.72 -21.15
C GLY H 160 -103.21 5.00 -21.77
N ALA H 161 -102.80 6.15 -21.21
CA ALA H 161 -103.13 7.42 -21.84
C ALA H 161 -102.52 7.51 -23.23
N LEU H 162 -101.29 7.02 -23.38
CA LEU H 162 -100.65 6.97 -24.69
C LEU H 162 -101.47 6.12 -25.65
N LYS H 163 -101.96 4.97 -25.18
CA LYS H 163 -102.74 4.09 -26.04
C LYS H 163 -104.04 4.77 -26.47
N GLY H 164 -104.69 5.47 -25.55
CA GLY H 164 -105.87 6.23 -25.91
C GLY H 164 -105.58 7.28 -26.95
N ALA H 165 -104.47 8.00 -26.78
CA ALA H 165 -104.11 9.05 -27.73
C ALA H 165 -103.83 8.47 -29.11
N VAL H 166 -103.08 7.36 -29.18
CA VAL H 166 -102.74 6.82 -30.49
C VAL H 166 -103.95 6.16 -31.15
N ASP H 167 -104.88 5.62 -30.36
CA ASP H 167 -106.13 5.17 -30.95
C ASP H 167 -106.97 6.34 -31.43
N GLY H 168 -106.80 7.51 -30.82
CA GLY H 168 -107.43 8.71 -31.32
C GLY H 168 -106.96 9.12 -32.69
N GLY H 169 -105.72 8.80 -33.04
CA GLY H 169 -105.17 9.20 -34.31
C GLY H 169 -103.87 9.96 -34.21
N LEU H 170 -103.17 9.80 -33.09
CA LEU H 170 -101.88 10.45 -32.88
C LEU H 170 -100.74 9.49 -33.19
N SER H 171 -99.70 9.99 -33.85
CA SER H 171 -98.53 9.19 -34.16
C SER H 171 -97.49 9.39 -33.06
N ILE H 172 -97.39 8.43 -32.16
CA ILE H 172 -96.40 8.43 -31.09
C ILE H 172 -95.59 7.15 -31.21
N PRO H 173 -94.28 7.23 -31.48
CA PRO H 173 -93.43 6.03 -31.43
C PRO H 173 -93.42 5.44 -30.03
N HIS H 174 -93.47 4.12 -29.95
CA HIS H 174 -93.68 3.44 -28.68
C HIS H 174 -93.36 1.97 -28.86
N SER H 175 -93.68 1.18 -27.85
CA SER H 175 -93.72 -0.27 -27.95
C SER H 175 -94.74 -0.80 -26.95
N THR H 176 -95.13 -2.05 -27.16
CA THR H 176 -96.09 -2.70 -26.26
C THR H 176 -95.42 -3.29 -25.03
N LYS H 177 -94.10 -3.15 -24.90
CA LYS H 177 -93.40 -3.72 -23.76
C LYS H 177 -93.90 -3.16 -22.44
N ARG H 178 -94.43 -1.95 -22.43
CA ARG H 178 -94.91 -1.32 -21.21
C ARG H 178 -96.42 -1.44 -21.04
N PHE H 179 -97.13 -2.05 -21.98
CA PHE H 179 -98.55 -2.23 -21.80
C PHE H 179 -98.83 -3.34 -20.78
N PRO H 180 -99.96 -3.28 -20.08
CA PRO H 180 -100.29 -4.34 -19.11
C PRO H 180 -100.42 -5.71 -19.72
N GLY H 181 -100.66 -5.83 -21.02
CA GLY H 181 -100.73 -7.12 -21.65
C GLY H 181 -99.39 -7.76 -21.96
N TYR H 182 -98.29 -7.02 -21.77
CA TYR H 182 -96.98 -7.56 -22.11
C TYR H 182 -96.55 -8.59 -21.08
N ASP H 183 -96.04 -9.72 -21.55
CA ASP H 183 -95.53 -10.78 -20.69
C ASP H 183 -94.03 -10.58 -20.51
N SER H 184 -93.60 -10.43 -19.26
CA SER H 184 -92.18 -10.23 -18.99
C SER H 184 -91.36 -11.48 -19.28
N GLU H 185 -91.91 -12.67 -19.04
CA GLU H 185 -91.16 -13.91 -19.13
C GLU H 185 -91.02 -14.37 -20.57
N SER H 186 -92.12 -14.64 -21.24
CA SER H 186 -92.10 -15.09 -22.61
C SER H 186 -91.85 -13.96 -23.60
N LYS H 187 -91.71 -12.72 -23.11
CA LYS H 187 -91.46 -11.56 -23.95
C LYS H 187 -92.56 -11.38 -24.99
N GLU H 188 -93.78 -11.76 -24.62
CA GLU H 188 -94.91 -11.78 -25.52
C GLU H 188 -95.96 -10.78 -25.04
N PHE H 189 -96.82 -10.37 -25.95
CA PHE H 189 -97.87 -9.40 -25.65
C PHE H 189 -99.22 -10.09 -25.76
N ASN H 190 -100.00 -10.07 -24.68
CA ASN H 190 -101.28 -10.78 -24.69
C ASN H 190 -102.29 -10.06 -25.58
N ALA H 191 -102.28 -8.73 -25.56
CA ALA H 191 -103.17 -7.89 -26.35
C ALA H 191 -104.65 -8.11 -26.03
N GLU H 192 -104.95 -8.85 -24.97
CA GLU H 192 -106.32 -9.00 -24.50
C GLU H 192 -106.53 -8.43 -23.12
N VAL H 193 -105.71 -8.85 -22.15
CA VAL H 193 -105.82 -8.28 -20.81
C VAL H 193 -105.47 -6.80 -20.83
N HIS H 194 -104.67 -6.37 -21.81
CA HIS H 194 -104.48 -4.94 -22.01
C HIS H 194 -105.79 -4.26 -22.39
N ARG H 195 -106.55 -4.87 -23.29
CA ARG H 195 -107.87 -4.34 -23.60
C ARG H 195 -108.77 -4.35 -22.38
N LYS H 196 -108.69 -5.41 -21.58
CA LYS H 196 -109.50 -5.49 -20.37
C LYS H 196 -109.18 -4.37 -19.40
N HIS H 197 -107.90 -4.04 -19.24
CA HIS H 197 -107.54 -2.88 -18.46
C HIS H 197 -108.06 -1.60 -19.09
N ILE H 198 -108.00 -1.51 -20.42
CA ILE H 198 -108.61 -0.39 -21.11
C ILE H 198 -110.11 -0.38 -20.87
N MET H 199 -110.71 -1.57 -20.79
CA MET H 199 -112.10 -1.70 -20.38
C MET H 199 -112.26 -1.65 -18.87
N GLY H 200 -111.16 -1.53 -18.12
CA GLY H 200 -111.24 -1.50 -16.67
C GLY H 200 -111.75 -2.78 -16.07
N GLN H 201 -111.61 -3.91 -16.77
CA GLN H 201 -112.20 -5.16 -16.32
C GLN H 201 -111.60 -5.65 -15.02
N ASN H 202 -110.34 -5.30 -14.74
CA ASN H 202 -109.72 -5.65 -13.48
C ASN H 202 -110.46 -5.00 -12.31
N VAL H 203 -110.91 -3.75 -12.47
CA VAL H 203 -111.60 -3.07 -11.39
C VAL H 203 -112.94 -3.75 -11.10
N ALA H 204 -113.69 -4.08 -12.15
CA ALA H 204 -114.95 -4.79 -11.94
C ALA H 204 -114.72 -6.16 -11.33
N ASP H 205 -113.63 -6.82 -11.73
CA ASP H 205 -113.28 -8.10 -11.14
C ASP H 205 -113.02 -7.95 -9.66
N TYR H 206 -112.30 -6.90 -9.26
CA TYR H 206 -112.07 -6.65 -7.85
C TYR H 206 -113.38 -6.37 -7.12
N MET H 207 -114.27 -5.60 -7.75
CA MET H 207 -115.55 -5.29 -7.13
C MET H 207 -116.32 -6.56 -6.82
N ARG H 208 -116.49 -7.41 -7.83
CA ARG H 208 -117.25 -8.63 -7.63
C ARG H 208 -116.52 -9.64 -6.74
N TYR H 209 -115.19 -9.61 -6.72
CA TYR H 209 -114.43 -10.44 -5.79
C TYR H 209 -114.67 -10.01 -4.35
N LEU H 210 -114.65 -8.71 -4.09
CA LEU H 210 -114.94 -8.21 -2.75
C LEU H 210 -116.38 -8.46 -2.37
N MET H 211 -117.27 -8.54 -3.37
CA MET H 211 -118.67 -8.88 -3.08
C MET H 211 -118.80 -10.27 -2.47
N GLU H 212 -117.98 -11.21 -2.93
CA GLU H 212 -118.17 -12.60 -2.53
C GLU H 212 -117.60 -12.93 -1.16
N GLU H 213 -116.76 -12.06 -0.59
CA GLU H 213 -116.06 -12.41 0.65
C GLU H 213 -116.42 -11.49 1.80
N ASP H 214 -116.16 -10.18 1.69
CA ASP H 214 -116.35 -9.25 2.78
C ASP H 214 -117.10 -8.05 2.22
N GLU H 215 -118.42 -8.07 2.39
CA GLU H 215 -119.26 -7.07 1.73
C GLU H 215 -119.01 -5.68 2.28
N ASP H 216 -118.79 -5.56 3.59
CA ASP H 216 -118.47 -4.26 4.17
C ASP H 216 -117.14 -3.73 3.65
N ALA H 217 -116.17 -4.62 3.41
CA ALA H 217 -114.92 -4.17 2.79
C ALA H 217 -115.17 -3.66 1.39
N TYR H 218 -116.05 -4.34 0.64
CA TYR H 218 -116.45 -3.85 -0.68
C TYR H 218 -117.08 -2.48 -0.58
N LYS H 219 -117.92 -2.26 0.44
CA LYS H 219 -118.51 -0.96 0.67
C LYS H 219 -117.45 0.08 0.98
N LYS H 220 -116.46 -0.31 1.78
CA LYS H 220 -115.38 0.60 2.12
C LYS H 220 -114.60 1.04 0.89
N GLN H 221 -114.22 0.08 0.05
CA GLN H 221 -113.40 0.42 -1.11
C GLN H 221 -114.23 1.17 -2.15
N PHE H 222 -115.25 0.51 -2.70
CA PHE H 222 -116.02 1.08 -3.79
C PHE H 222 -117.26 1.78 -3.25
N SER H 223 -117.01 2.78 -2.40
CA SER H 223 -118.09 3.48 -1.72
C SER H 223 -118.81 4.43 -2.65
N GLN H 224 -118.08 5.34 -3.30
CA GLN H 224 -118.69 6.24 -4.27
C GLN H 224 -119.18 5.47 -5.50
N TYR H 225 -118.67 4.26 -5.70
CA TYR H 225 -119.19 3.38 -6.73
C TYR H 225 -120.63 2.98 -6.42
N ILE H 226 -120.94 2.78 -5.14
CA ILE H 226 -122.31 2.53 -4.72
C ILE H 226 -123.19 3.71 -5.10
N LYS H 227 -122.67 4.92 -4.93
CA LYS H 227 -123.39 6.10 -5.39
C LYS H 227 -123.59 6.04 -6.89
N ASN H 228 -124.82 6.32 -7.31
CA ASN H 228 -125.29 6.30 -8.70
C ASN H 228 -125.26 4.91 -9.31
N SER H 229 -125.16 3.87 -8.49
CA SER H 229 -125.35 2.48 -8.92
C SER H 229 -124.40 2.09 -10.05
N VAL H 230 -123.11 2.12 -9.73
CA VAL H 230 -122.08 1.68 -10.67
C VAL H 230 -121.76 0.23 -10.35
N THR H 231 -122.10 -0.68 -11.27
CA THR H 231 -121.98 -2.10 -11.04
C THR H 231 -120.97 -2.73 -11.99
N PRO H 232 -120.35 -3.85 -11.59
CA PRO H 232 -119.30 -4.45 -12.44
C PRO H 232 -119.78 -4.84 -13.82
N ASP H 233 -121.04 -5.22 -13.98
CA ASP H 233 -121.53 -5.66 -15.28
C ASP H 233 -121.57 -4.51 -16.28
N MET H 234 -121.87 -3.30 -15.82
CA MET H 234 -122.07 -2.17 -16.71
C MET H 234 -120.82 -1.34 -16.96
N MET H 235 -119.68 -1.71 -16.35
CA MET H 235 -118.49 -0.88 -16.48
C MET H 235 -117.98 -0.83 -17.91
N GLU H 236 -117.87 -2.00 -18.55
CA GLU H 236 -117.39 -2.04 -19.93
C GLU H 236 -118.34 -1.31 -20.87
N GLU H 237 -119.65 -1.48 -20.66
CA GLU H 237 -120.64 -0.76 -21.45
C GLU H 237 -120.50 0.75 -21.28
N MET H 238 -120.30 1.19 -20.04
CA MET H 238 -120.11 2.61 -19.76
C MET H 238 -118.87 3.13 -20.46
N TYR H 239 -117.78 2.38 -20.41
CA TYR H 239 -116.55 2.83 -21.05
C TYR H 239 -116.72 2.90 -22.56
N LYS H 240 -117.45 1.95 -23.14
CA LYS H 240 -117.70 1.98 -24.58
C LYS H 240 -118.53 3.20 -24.96
N LYS H 241 -119.59 3.49 -24.20
CA LYS H 241 -120.37 4.66 -24.57
C LYS H 241 -119.61 5.96 -24.31
N ALA H 242 -118.72 5.97 -23.32
CA ALA H 242 -117.90 7.15 -23.10
C ALA H 242 -116.95 7.38 -24.26
N HIS H 243 -116.34 6.30 -24.77
CA HIS H 243 -115.53 6.43 -25.98
C HIS H 243 -116.35 6.93 -27.16
N ALA H 244 -117.57 6.41 -27.31
CA ALA H 244 -118.43 6.84 -28.41
C ALA H 244 -118.76 8.31 -28.30
N ALA H 245 -119.04 8.78 -27.08
CA ALA H 245 -119.34 10.20 -26.90
C ALA H 245 -118.09 11.06 -27.12
N ILE H 246 -116.92 10.55 -26.74
CA ILE H 246 -115.68 11.27 -26.99
C ILE H 246 -115.47 11.46 -28.48
N ARG H 247 -115.56 10.36 -29.23
CA ARG H 247 -115.42 10.44 -30.68
C ARG H 247 -116.52 11.31 -31.30
N GLU H 248 -117.68 11.37 -30.66
CA GLU H 248 -118.74 12.23 -31.17
C GLU H 248 -118.45 13.69 -30.87
N ASN H 249 -117.91 13.99 -29.69
CA ASN H 249 -117.69 15.37 -29.26
C ASN H 249 -116.45 15.48 -28.39
N PRO H 250 -115.37 16.02 -28.91
CA PRO H 250 -114.19 16.36 -28.09
C PRO H 250 -114.09 17.82 -27.68
N VAL H 251 -114.97 18.69 -28.16
CA VAL H 251 -114.82 20.13 -27.96
C VAL H 251 -115.01 20.47 -26.49
N TYR H 252 -114.11 21.29 -25.95
CA TYR H 252 -114.27 21.84 -24.62
C TYR H 252 -114.69 23.29 -24.70
N GLU H 253 -115.64 23.68 -23.85
CA GLU H 253 -116.05 25.07 -23.70
C GLU H 253 -115.71 25.54 -22.30
N LYS H 254 -115.40 26.82 -22.17
CA LYS H 254 -115.03 27.37 -20.89
C LYS H 254 -116.26 27.74 -20.07
N LYS H 255 -116.03 27.98 -18.78
CA LYS H 255 -117.07 28.43 -17.87
C LYS H 255 -116.82 29.87 -17.47
N PRO H 256 -117.77 30.78 -17.68
CA PRO H 256 -117.55 32.18 -17.31
C PRO H 256 -117.88 32.45 -15.85
N LYS H 257 -116.93 33.06 -15.16
CA LYS H 257 -117.08 33.33 -13.73
C LYS H 257 -116.37 34.64 -13.43
N LYS H 258 -117.13 35.74 -13.43
CA LYS H 258 -116.55 37.07 -13.25
C LYS H 258 -117.24 37.88 -12.17
N GLU H 259 -118.41 37.46 -11.68
CA GLU H 259 -119.20 38.19 -10.69
C GLU H 259 -118.64 37.99 -9.29
N VAL H 260 -117.32 38.06 -9.16
CA VAL H 260 -116.67 37.75 -7.90
C VAL H 260 -116.00 39.01 -7.41
N LYS H 261 -116.29 39.39 -6.16
CA LYS H 261 -115.63 40.52 -5.54
C LYS H 261 -114.16 40.22 -5.28
N LYS H 262 -113.33 41.24 -5.39
CA LYS H 262 -111.89 41.09 -5.17
C LYS H 262 -111.65 41.00 -3.68
N LYS H 263 -111.74 39.78 -3.15
CA LYS H 263 -111.45 39.51 -1.76
C LYS H 263 -110.07 38.87 -1.64
N ARG H 264 -109.26 39.39 -0.73
CA ARG H 264 -107.89 38.93 -0.55
C ARG H 264 -107.81 38.13 0.74
N TRP H 265 -107.37 36.88 0.63
CA TRP H 265 -107.32 35.97 1.75
C TRP H 265 -105.97 35.94 2.44
N ASN H 266 -104.94 36.48 1.79
CA ASN H 266 -103.57 36.42 2.27
C ASN H 266 -103.25 37.72 2.99
N ARG H 267 -102.46 37.63 4.04
CA ARG H 267 -102.00 38.84 4.69
C ARG H 267 -101.00 39.55 3.77
N PRO H 268 -101.20 40.82 3.47
CA PRO H 268 -100.23 41.54 2.65
C PRO H 268 -98.94 41.75 3.40
N LYS H 269 -97.86 41.90 2.63
CA LYS H 269 -96.54 42.07 3.21
C LYS H 269 -96.47 43.38 3.98
N MET H 270 -95.90 43.36 5.17
CA MET H 270 -95.86 44.54 6.02
C MET H 270 -94.82 45.55 5.48
N SER H 271 -94.98 46.80 5.90
CA SER H 271 -94.10 47.86 5.43
C SER H 271 -92.91 48.03 6.36
N LEU H 272 -91.90 48.74 5.85
CA LEU H 272 -90.70 48.99 6.63
C LEU H 272 -91.00 49.83 7.85
N ALA H 273 -91.86 50.84 7.71
CA ALA H 273 -92.24 51.66 8.85
C ALA H 273 -92.93 50.81 9.91
N GLN H 274 -93.80 49.88 9.48
CA GLN H 274 -94.46 48.98 10.41
C GLN H 274 -93.45 48.14 11.17
N LYS H 275 -92.48 47.58 10.47
CA LYS H 275 -91.49 46.72 11.10
C LYS H 275 -90.63 47.51 12.08
N LYS H 276 -90.19 48.71 11.68
CA LYS H 276 -89.33 49.52 12.54
C LYS H 276 -90.09 49.98 13.78
N ASP H 277 -91.36 50.36 13.61
CA ASP H 277 -92.15 50.74 14.77
C ASP H 277 -92.42 49.54 15.66
N ARG H 278 -92.56 48.35 15.08
CA ARG H 278 -92.70 47.14 15.88
C ARG H 278 -91.46 46.91 16.73
N VAL H 279 -90.28 47.08 16.14
CA VAL H 279 -89.03 46.92 16.89
C VAL H 279 -88.94 47.96 17.99
N ALA H 280 -89.35 49.19 17.68
CA ALA H 280 -89.35 50.25 18.69
C ALA H 280 -90.29 49.91 19.84
N GLN H 281 -91.49 49.42 19.52
CA GLN H 281 -92.43 49.04 20.57
C GLN H 281 -91.89 47.90 21.41
N LYS H 282 -91.26 46.92 20.77
CA LYS H 282 -90.74 45.79 21.53
C LYS H 282 -89.59 46.22 22.44
N LYS H 283 -88.71 47.10 21.96
CA LYS H 283 -87.65 47.61 22.81
C LYS H 283 -88.21 48.40 23.99
N ALA H 284 -89.20 49.26 23.73
CA ALA H 284 -89.82 50.03 24.80
C ALA H 284 -90.50 49.12 25.80
N SER H 285 -91.16 48.08 25.30
CA SER H 285 -91.83 47.12 26.19
C SER H 285 -90.83 46.37 27.05
N PHE H 286 -89.71 45.97 26.47
CA PHE H 286 -88.69 45.25 27.23
C PHE H 286 -88.07 46.15 28.28
N LEU H 287 -87.81 47.40 27.92
CA LEU H 287 -87.27 48.34 28.90
C LEU H 287 -88.29 48.63 29.99
N ARG H 288 -89.57 48.69 29.63
CA ARG H 288 -90.63 48.82 30.64
C ARG H 288 -90.61 47.64 31.58
N ALA H 289 -90.49 46.43 31.04
CA ALA H 289 -90.48 45.23 31.86
C ALA H 289 -89.30 45.24 32.82
N GLN H 290 -88.13 45.70 32.35
CA GLN H 290 -86.99 45.80 33.24
C GLN H 290 -87.23 46.84 34.33
N GLU H 291 -87.72 48.03 33.96
CA GLU H 291 -87.86 49.08 34.97
C GLU H 291 -88.94 48.74 35.98
N ARG H 292 -89.91 47.91 35.60
CA ARG H 292 -90.87 47.43 36.60
C ARG H 292 -90.23 46.43 37.54
N ALA H 293 -89.17 45.76 37.08
CA ALA H 293 -88.38 44.83 37.89
C ALA H 293 -89.20 43.67 38.42
N LYS I 1 -62.93 118.12 -77.37
CA LYS I 1 -62.23 117.53 -76.24
C LYS I 1 -62.47 118.34 -74.98
N GLY I 2 -61.93 117.86 -73.84
CA GLY I 2 -62.11 118.53 -72.57
C GLY I 2 -60.79 118.80 -71.90
N LYS I 3 -60.79 119.81 -71.06
CA LYS I 3 -59.59 120.18 -70.30
C LYS I 3 -59.33 119.14 -69.22
N PRO I 4 -58.06 118.85 -68.90
CA PRO I 4 -57.78 117.92 -67.81
C PRO I 4 -58.27 118.46 -66.48
N HIS I 5 -58.70 117.55 -65.61
CA HIS I 5 -59.18 117.88 -64.28
C HIS I 5 -58.32 117.18 -63.23
N CYS I 6 -58.42 117.68 -62.00
CA CYS I 6 -57.69 117.08 -60.89
C CYS I 6 -58.28 115.71 -60.55
N SER I 7 -57.52 114.93 -59.77
CA SER I 7 -57.84 113.54 -59.53
C SER I 7 -59.16 113.36 -58.78
N ARG I 8 -59.59 114.36 -58.01
CA ARG I 8 -60.89 114.40 -57.35
C ARG I 8 -61.06 113.28 -56.32
N ASN I 9 -60.02 112.48 -56.11
CA ASN I 9 -59.98 111.47 -55.06
C ASN I 9 -58.59 111.55 -54.44
N PRO I 10 -58.36 112.50 -53.54
CA PRO I 10 -57.01 112.69 -53.00
C PRO I 10 -56.54 111.48 -52.21
N VAL I 11 -55.25 111.20 -52.31
CA VAL I 11 -54.66 110.03 -51.66
C VAL I 11 -54.46 110.32 -50.18
N LEU I 12 -54.81 109.35 -49.34
CA LEU I 12 -54.49 109.40 -47.92
C LEU I 12 -53.43 108.38 -47.54
N VAL I 13 -53.39 107.25 -48.23
CA VAL I 13 -52.32 106.27 -48.15
C VAL I 13 -51.97 105.92 -49.58
N ARG I 14 -50.70 105.58 -49.83
CA ARG I 14 -50.28 105.18 -51.17
C ARG I 14 -51.14 104.04 -51.69
N GLY I 15 -51.69 104.24 -52.88
CA GLY I 15 -52.53 103.24 -53.51
C GLY I 15 -53.98 103.24 -53.09
N ILE I 16 -54.38 104.13 -52.18
CA ILE I 16 -55.74 104.16 -51.66
C ILE I 16 -56.29 105.57 -51.78
N GLY I 17 -57.48 105.69 -52.36
CA GLY I 17 -58.14 106.97 -52.42
C GLY I 17 -58.93 107.28 -51.16
N ARG I 18 -59.31 108.55 -51.01
CA ARG I 18 -60.09 108.96 -49.86
C ARG I 18 -61.58 108.73 -50.05
N TYR I 19 -62.00 108.43 -51.27
CA TYR I 19 -63.42 108.25 -51.56
C TYR I 19 -63.72 106.82 -52.00
N SER I 20 -64.93 106.38 -51.70
CA SER I 20 -65.39 105.06 -52.09
C SER I 20 -65.89 105.07 -53.53
N ARG I 21 -66.21 103.90 -54.06
CA ARG I 21 -66.63 103.78 -55.45
C ARG I 21 -67.92 104.54 -55.71
N SER I 22 -68.93 104.36 -54.86
CA SER I 22 -70.16 105.11 -55.01
C SER I 22 -69.93 106.60 -54.82
N ALA I 23 -69.06 106.95 -53.88
CA ALA I 23 -68.72 108.35 -53.66
C ALA I 23 -68.07 108.96 -54.89
N MET I 24 -67.12 108.25 -55.50
CA MET I 24 -66.46 108.79 -56.68
C MET I 24 -67.39 108.83 -57.88
N TYR I 25 -68.30 107.86 -57.99
CA TYR I 25 -69.33 107.93 -59.01
C TYR I 25 -70.17 109.19 -58.83
N SER I 26 -70.54 109.47 -57.57
CA SER I 26 -71.32 110.67 -57.27
C SER I 26 -70.55 111.93 -57.62
N ARG I 27 -69.25 111.94 -57.32
CA ARG I 27 -68.43 113.12 -57.59
C ARG I 27 -68.24 113.35 -59.09
N LYS I 28 -67.94 112.30 -59.83
CA LYS I 28 -67.74 112.44 -61.27
C LYS I 28 -69.04 112.66 -62.03
N ALA I 29 -70.18 112.48 -61.36
CA ALA I 29 -71.49 112.59 -62.00
C ALA I 29 -71.59 111.66 -63.20
N MET I 30 -71.16 110.42 -63.00
CA MET I 30 -71.17 109.43 -64.07
C MET I 30 -72.58 109.00 -64.47
N TYR I 31 -73.60 109.41 -63.71
CA TYR I 31 -74.97 109.13 -64.10
C TYR I 31 -75.37 109.84 -65.39
N LYS I 32 -74.69 110.93 -65.75
CA LYS I 32 -75.01 111.68 -66.96
C LYS I 32 -73.95 111.59 -68.04
N ARG I 33 -72.72 111.25 -67.69
CA ARG I 33 -71.64 111.09 -68.67
C ARG I 33 -71.62 109.66 -69.19
N LYS I 34 -72.75 109.23 -69.74
CA LYS I 34 -72.90 107.86 -70.19
C LYS I 34 -72.80 107.81 -71.71
N TYR I 35 -71.98 106.89 -72.21
CA TYR I 35 -71.66 106.80 -73.62
C TYR I 35 -71.89 105.38 -74.09
N SER I 36 -72.56 105.24 -75.24
CA SER I 36 -72.88 103.93 -75.80
C SER I 36 -72.03 103.62 -77.04
N ALA I 37 -72.01 104.53 -78.01
CA ALA I 37 -71.21 104.35 -79.21
C ALA I 37 -70.72 105.73 -79.66
N ALA I 38 -70.20 105.79 -80.87
CA ALA I 38 -69.68 107.03 -81.43
C ALA I 38 -70.80 108.04 -81.63
N LYS I 49 -51.73 103.88 -90.94
CA LYS I 49 -51.62 105.30 -90.59
C LYS I 49 -50.43 105.94 -91.27
N VAL I 50 -49.23 105.43 -90.96
CA VAL I 50 -48.02 105.93 -91.59
C VAL I 50 -47.72 105.12 -92.85
N LEU I 51 -47.55 105.82 -93.97
CA LEU I 51 -47.33 105.16 -95.25
C LEU I 51 -45.93 104.57 -95.29
N ALA I 52 -45.84 103.23 -95.33
CA ALA I 52 -44.54 102.58 -95.32
C ALA I 52 -43.82 102.77 -96.65
N THR I 53 -44.57 102.94 -97.74
CA THR I 53 -43.99 103.15 -99.06
C THR I 53 -44.33 104.54 -99.55
N VAL I 54 -43.34 105.21 -100.11
CA VAL I 54 -43.50 106.52 -100.73
C VAL I 54 -43.14 106.41 -102.19
N THR I 55 -44.00 106.95 -103.05
CA THR I 55 -43.83 106.83 -104.49
C THR I 55 -43.07 108.04 -105.01
N LYS I 56 -41.94 107.79 -105.69
CA LYS I 56 -41.07 108.88 -106.12
C LYS I 56 -40.82 108.82 -107.61
N PRO I 57 -40.76 109.97 -108.28
CA PRO I 57 -40.34 110.01 -109.68
C PRO I 57 -38.86 109.71 -109.80
N VAL I 58 -38.53 108.63 -110.50
CA VAL I 58 -37.13 108.24 -110.65
C VAL I 58 -36.37 109.23 -111.53
N GLY I 59 -37.03 109.76 -112.57
CA GLY I 59 -36.34 110.55 -113.56
C GLY I 59 -35.79 109.69 -114.69
N GLY I 60 -35.56 110.34 -115.83
CA GLY I 60 -35.10 109.64 -117.00
C GLY I 60 -36.23 109.08 -117.85
N ASP I 61 -36.05 109.09 -119.16
CA ASP I 61 -37.08 108.60 -120.06
C ASP I 61 -37.17 107.09 -120.01
N LYS I 62 -38.38 106.59 -120.29
CA LYS I 62 -38.76 105.17 -120.29
C LYS I 62 -38.12 104.37 -119.17
N ASN I 63 -38.04 104.97 -117.99
CA ASN I 63 -37.79 104.26 -116.74
C ASN I 63 -39.08 103.93 -116.01
N GLY I 64 -40.17 103.79 -116.75
CA GLY I 64 -41.49 103.72 -116.15
C GLY I 64 -41.95 105.09 -115.73
N GLY I 65 -43.13 105.12 -115.12
CA GLY I 65 -43.65 106.38 -114.62
C GLY I 65 -42.89 106.87 -113.41
N THR I 66 -43.03 106.16 -112.30
CA THR I 66 -42.36 106.52 -111.05
C THR I 66 -41.84 105.24 -110.40
N ARG I 67 -41.33 105.38 -109.19
CA ARG I 67 -40.90 104.26 -108.37
C ARG I 67 -41.58 104.36 -107.01
N VAL I 68 -42.09 103.23 -106.52
CA VAL I 68 -42.73 103.18 -105.20
C VAL I 68 -41.67 102.72 -104.23
N VAL I 69 -41.05 103.67 -103.54
CA VAL I 69 -39.95 103.38 -102.63
C VAL I 69 -40.51 103.11 -101.24
N LYS I 70 -40.26 101.91 -100.74
CA LYS I 70 -40.59 101.59 -99.37
C LYS I 70 -39.39 101.89 -98.47
N LEU I 71 -39.67 102.19 -97.21
CA LEU I 71 -38.63 102.47 -96.24
C LEU I 71 -38.41 101.27 -95.34
N ARG I 72 -37.30 101.32 -94.60
CA ARG I 72 -36.87 100.23 -93.71
C ARG I 72 -36.77 98.93 -94.49
N LYS I 73 -35.85 98.95 -95.45
CA LYS I 73 -35.64 97.79 -96.31
C LYS I 73 -35.22 96.58 -95.47
N MET I 74 -35.57 95.40 -95.96
CA MET I 74 -35.33 94.18 -95.22
C MET I 74 -33.85 93.96 -95.00
N PRO I 75 -33.46 93.38 -93.86
CA PRO I 75 -32.03 93.25 -93.54
C PRO I 75 -31.28 92.46 -94.59
N ARG I 76 -30.06 92.94 -94.86
CA ARG I 76 -29.18 92.29 -95.83
C ARG I 76 -28.67 90.95 -95.33
N TYR I 77 -28.45 90.83 -94.02
CA TYR I 77 -27.81 89.67 -93.43
C TYR I 77 -28.55 89.24 -92.18
N TYR I 78 -28.57 87.94 -91.92
CA TYR I 78 -29.19 87.40 -90.74
C TYR I 78 -28.18 86.57 -89.98
N PRO I 79 -28.04 86.78 -88.68
CA PRO I 79 -27.12 85.96 -87.89
C PRO I 79 -27.61 84.52 -87.81
N THR I 80 -26.67 83.63 -87.46
CA THR I 80 -26.97 82.21 -87.42
C THR I 80 -28.06 81.86 -86.42
N GLU I 81 -28.12 82.58 -85.29
CA GLU I 81 -29.07 82.25 -84.25
C GLU I 81 -29.25 83.47 -83.35
N ASP I 82 -30.42 83.58 -82.73
CA ASP I 82 -30.79 84.77 -81.98
C ASP I 82 -31.26 84.40 -80.59
N VAL I 83 -31.70 85.41 -79.86
CA VAL I 83 -32.15 85.29 -78.47
C VAL I 83 -33.62 85.68 -78.43
N PRO I 84 -34.48 84.88 -77.80
CA PRO I 84 -35.88 85.29 -77.65
C PRO I 84 -36.02 86.51 -76.77
N ARG I 85 -37.11 87.24 -76.97
CA ARG I 85 -37.40 88.43 -76.20
C ARG I 85 -37.71 88.06 -74.74
N LYS I 86 -37.43 89.01 -73.84
CA LYS I 86 -37.70 88.88 -72.42
C LYS I 86 -39.20 88.89 -72.15
N LEU I 87 -39.54 88.72 -70.87
CA LEU I 87 -40.91 88.86 -70.42
C LEU I 87 -41.20 90.28 -69.96
N LEU I 88 -42.36 90.48 -69.37
CA LEU I 88 -42.82 91.80 -68.96
C LEU I 88 -42.96 91.86 -67.44
N SER I 89 -42.50 92.95 -66.83
CA SER I 89 -42.37 93.04 -65.39
C SER I 89 -43.18 94.17 -64.75
N HIS I 90 -43.99 94.90 -65.53
CA HIS I 90 -44.88 95.95 -65.04
C HIS I 90 -44.18 96.94 -64.09
N GLY I 91 -42.90 97.22 -64.34
CA GLY I 91 -42.19 98.14 -63.49
C GLY I 91 -40.77 98.39 -63.95
N LYS I 92 -39.86 98.51 -62.99
CA LYS I 92 -38.44 98.73 -63.24
C LYS I 92 -38.22 99.95 -64.13
N LYS I 93 -38.71 101.09 -63.64
CA LYS I 93 -38.57 102.33 -64.39
C LYS I 93 -37.10 102.71 -64.51
N PRO I 94 -36.73 103.42 -65.57
CA PRO I 94 -35.34 103.87 -65.71
C PRO I 94 -34.98 104.86 -64.61
N PHE I 95 -33.68 104.97 -64.37
CA PHE I 95 -33.19 105.76 -63.25
C PHE I 95 -33.62 107.22 -63.33
N SER I 96 -33.87 107.71 -64.54
CA SER I 96 -34.43 109.05 -64.69
C SER I 96 -35.81 109.17 -64.06
N GLN I 97 -36.64 108.14 -64.18
CA GLN I 97 -38.02 108.18 -63.71
C GLN I 97 -38.16 107.82 -62.24
N HIS I 98 -37.07 107.43 -61.59
CA HIS I 98 -37.15 107.03 -60.19
C HIS I 98 -37.48 108.23 -59.31
N VAL I 99 -38.24 107.98 -58.27
CA VAL I 99 -38.46 109.00 -57.25
C VAL I 99 -37.18 109.19 -56.47
N ARG I 100 -36.87 110.45 -56.16
CA ARG I 100 -35.65 110.77 -55.42
C ARG I 100 -36.03 111.04 -53.97
N LYS I 101 -35.43 110.28 -53.06
CA LYS I 101 -35.72 110.40 -51.63
C LYS I 101 -34.54 111.05 -50.93
N LEU I 102 -34.83 111.89 -49.94
CA LEU I 102 -33.82 112.58 -49.16
C LEU I 102 -34.00 112.29 -47.69
N ARG I 103 -32.88 112.08 -46.99
CA ARG I 103 -32.94 111.93 -45.55
C ARG I 103 -33.44 113.21 -44.91
N ALA I 104 -34.36 113.05 -43.95
CA ALA I 104 -35.05 114.20 -43.38
C ALA I 104 -34.12 115.14 -42.62
N SER I 105 -32.98 114.64 -42.16
CA SER I 105 -32.05 115.47 -41.40
C SER I 105 -31.34 116.50 -42.25
N ILE I 106 -31.46 116.43 -43.58
CA ILE I 106 -30.74 117.30 -44.49
C ILE I 106 -31.70 118.36 -44.98
N THR I 107 -31.41 119.62 -44.66
CA THR I 107 -32.18 120.77 -45.08
C THR I 107 -31.26 121.77 -45.76
N PRO I 108 -31.79 122.59 -46.68
CA PRO I 108 -30.95 123.61 -47.32
C PRO I 108 -30.31 124.52 -46.29
N GLY I 109 -28.99 124.51 -46.25
CA GLY I 109 -28.24 125.21 -45.23
C GLY I 109 -27.68 124.33 -44.14
N THR I 110 -28.10 123.06 -44.07
CA THR I 110 -27.50 122.13 -43.12
C THR I 110 -26.04 121.88 -43.50
N ILE I 111 -25.19 121.78 -42.49
CA ILE I 111 -23.77 121.54 -42.72
C ILE I 111 -23.56 120.04 -42.90
N LEU I 112 -22.87 119.66 -43.96
CA LEU I 112 -22.58 118.27 -44.24
C LEU I 112 -21.09 118.00 -44.09
N ILE I 113 -20.76 116.71 -43.94
CA ILE I 113 -19.39 116.25 -43.84
C ILE I 113 -19.14 115.28 -44.99
N ILE I 114 -18.06 115.48 -45.72
CA ILE I 114 -17.74 114.64 -46.86
C ILE I 114 -16.87 113.48 -46.40
N LEU I 115 -17.21 112.27 -46.88
CA LEU I 115 -16.53 111.07 -46.45
C LEU I 115 -15.66 110.43 -47.52
N THR I 116 -15.73 110.90 -48.76
CA THR I 116 -15.01 110.28 -49.87
C THR I 116 -14.36 111.36 -50.73
N GLY I 117 -13.44 110.93 -51.58
CA GLY I 117 -12.82 111.82 -52.54
C GLY I 117 -11.65 112.59 -51.99
N ARG I 118 -11.14 113.49 -52.83
CA ARG I 118 -10.01 114.33 -52.44
C ARG I 118 -10.39 115.31 -51.34
N HIS I 119 -11.66 115.67 -51.24
CA HIS I 119 -12.16 116.59 -50.23
C HIS I 119 -12.67 115.85 -49.01
N ARG I 120 -12.06 114.71 -48.72
CA ARG I 120 -12.48 113.85 -47.63
C ARG I 120 -12.36 114.57 -46.29
N GLY I 121 -13.41 114.46 -45.47
CA GLY I 121 -13.37 115.01 -44.13
C GLY I 121 -13.60 116.49 -44.02
N LYS I 122 -14.05 117.15 -45.08
CA LYS I 122 -14.34 118.57 -45.02
C LYS I 122 -15.79 118.81 -44.66
N ARG I 123 -16.07 120.00 -44.12
CA ARG I 123 -17.41 120.41 -43.76
C ARG I 123 -17.92 121.41 -44.81
N VAL I 124 -19.07 121.12 -45.40
CA VAL I 124 -19.64 121.96 -46.45
C VAL I 124 -21.09 122.27 -46.11
N VAL I 125 -21.68 123.13 -46.93
CA VAL I 125 -23.04 123.65 -46.72
C VAL I 125 -23.94 123.09 -47.80
N PHE I 126 -25.07 122.50 -47.38
CA PHE I 126 -26.01 121.91 -48.30
C PHE I 126 -26.91 122.98 -48.91
N LEU I 127 -27.19 122.86 -50.20
CA LEU I 127 -27.98 123.84 -50.92
C LEU I 127 -29.33 123.29 -51.35
N LYS I 128 -29.36 122.21 -52.13
CA LYS I 128 -30.62 121.66 -52.62
C LYS I 128 -30.36 120.29 -53.23
N GLN I 129 -31.44 119.58 -53.52
CA GLN I 129 -31.36 118.29 -54.20
C GLN I 129 -31.56 118.48 -55.69
N LEU I 130 -30.71 117.83 -56.48
CA LEU I 130 -30.73 117.95 -57.92
C LEU I 130 -31.76 116.98 -58.51
N ALA I 131 -31.78 116.88 -59.84
CA ALA I 131 -32.76 116.02 -60.50
C ALA I 131 -32.48 114.55 -60.26
N SER I 132 -31.22 114.18 -60.06
CA SER I 132 -30.85 112.79 -59.84
C SER I 132 -30.83 112.41 -58.37
N GLY I 133 -31.11 113.34 -57.47
CA GLY I 133 -30.95 113.12 -56.06
C GLY I 133 -29.58 113.44 -55.52
N LEU I 134 -28.61 113.69 -56.40
CA LEU I 134 -27.31 114.16 -55.96
C LEU I 134 -27.45 115.54 -55.32
N LEU I 135 -26.69 115.75 -54.25
CA LEU I 135 -26.77 117.00 -53.54
C LEU I 135 -25.73 117.97 -54.06
N LEU I 136 -26.18 119.17 -54.41
CA LEU I 136 -25.28 120.25 -54.80
C LEU I 136 -24.95 121.03 -53.54
N VAL I 137 -23.68 121.04 -53.18
CA VAL I 137 -23.22 121.70 -51.97
C VAL I 137 -22.02 122.55 -52.31
N THR I 138 -21.75 123.55 -51.46
CA THR I 138 -20.50 124.28 -51.58
C THR I 138 -20.13 124.86 -50.21
N GLY I 139 -19.20 124.18 -49.55
CA GLY I 139 -18.35 124.87 -48.62
C GLY I 139 -17.58 125.85 -49.47
N PRO I 140 -17.67 127.14 -49.15
CA PRO I 140 -17.12 128.16 -50.04
C PRO I 140 -15.64 127.94 -50.33
N LEU I 141 -15.27 128.13 -51.60
CA LEU I 141 -13.92 127.80 -52.05
C LEU I 141 -12.86 128.63 -51.33
N VAL I 142 -13.22 129.82 -50.86
CA VAL I 142 -12.28 130.62 -50.10
C VAL I 142 -12.11 130.08 -48.69
N LEU I 143 -13.00 129.19 -48.24
CA LEU I 143 -12.94 128.65 -46.89
C LEU I 143 -12.12 127.36 -46.82
N ASN I 144 -12.48 126.36 -47.62
CA ASN I 144 -11.77 125.08 -47.59
C ASN I 144 -11.50 124.55 -48.97
N ARG I 145 -11.34 125.43 -49.97
CA ARG I 145 -10.98 125.04 -51.33
C ARG I 145 -12.00 124.07 -51.93
N VAL I 146 -13.28 124.31 -51.67
CA VAL I 146 -14.35 123.46 -52.16
C VAL I 146 -15.19 124.26 -53.15
N PRO I 147 -15.31 123.83 -54.39
CA PRO I 147 -16.20 124.51 -55.35
C PRO I 147 -17.60 123.91 -55.27
N LEU I 148 -18.47 124.41 -56.14
CA LEU I 148 -19.78 123.79 -56.34
C LEU I 148 -19.58 122.40 -56.93
N ARG I 149 -19.90 121.36 -56.16
CA ARG I 149 -19.56 120.01 -56.56
C ARG I 149 -20.63 119.05 -56.06
N ARG I 150 -20.93 118.05 -56.86
CA ARG I 150 -22.00 117.11 -56.54
C ARG I 150 -21.55 116.11 -55.48
N THR I 151 -22.54 115.49 -54.84
CA THR I 151 -22.26 114.50 -53.81
C THR I 151 -23.50 113.65 -53.60
N HIS I 152 -23.32 112.55 -52.86
CA HIS I 152 -24.38 111.61 -52.60
C HIS I 152 -24.78 111.68 -51.13
N GLN I 153 -26.08 111.62 -50.86
CA GLN I 153 -26.56 111.65 -49.48
C GLN I 153 -26.17 110.43 -48.69
N LYS I 154 -25.79 109.35 -49.37
CA LYS I 154 -25.39 108.13 -48.69
C LYS I 154 -24.04 108.28 -48.02
N PHE I 155 -23.17 109.13 -48.58
CA PHE I 155 -21.79 109.24 -48.13
C PHE I 155 -21.51 110.54 -47.39
N VAL I 156 -22.53 111.18 -46.84
CA VAL I 156 -22.33 112.44 -46.13
C VAL I 156 -23.02 112.37 -44.77
N ILE I 157 -22.56 113.23 -43.87
CA ILE I 157 -23.08 113.31 -42.51
C ILE I 157 -23.51 114.74 -42.25
N ALA I 158 -24.76 114.92 -41.88
CA ALA I 158 -25.33 116.24 -41.60
C ALA I 158 -25.17 116.53 -40.11
N THR I 159 -24.42 117.59 -39.80
CA THR I 159 -24.33 118.02 -38.42
C THR I 159 -25.59 118.78 -38.04
N SER I 160 -25.74 119.06 -36.75
CA SER I 160 -26.93 119.74 -36.26
C SER I 160 -26.94 121.23 -36.58
N THR I 161 -25.77 121.86 -36.64
CA THR I 161 -25.72 123.28 -36.94
C THR I 161 -26.15 123.53 -38.38
N LYS I 162 -27.03 124.53 -38.55
CA LYS I 162 -27.56 124.88 -39.86
C LYS I 162 -27.56 126.40 -39.99
N ILE I 163 -27.60 126.86 -41.23
CA ILE I 163 -27.67 128.29 -41.51
C ILE I 163 -28.86 128.54 -42.43
N ASP I 164 -29.59 129.61 -42.12
CA ASP I 164 -30.75 130.01 -42.89
C ASP I 164 -30.27 130.57 -44.22
N ILE I 165 -30.26 129.72 -45.25
CA ILE I 165 -29.77 130.11 -46.57
C ILE I 165 -30.94 130.46 -47.48
N SER I 166 -32.10 130.73 -46.90
CA SER I 166 -33.28 131.02 -47.69
C SER I 166 -33.11 132.31 -48.49
N ASN I 167 -34.13 132.60 -49.31
CA ASN I 167 -34.26 133.79 -50.14
C ASN I 167 -33.00 134.16 -50.93
N VAL I 168 -32.25 133.14 -51.34
CA VAL I 168 -31.10 133.33 -52.22
C VAL I 168 -31.49 132.94 -53.64
N LYS I 169 -30.69 133.38 -54.59
CA LYS I 169 -30.92 133.11 -56.01
C LYS I 169 -29.99 131.97 -56.42
N ILE I 170 -30.57 130.82 -56.71
CA ILE I 170 -29.80 129.70 -57.24
C ILE I 170 -29.91 129.67 -58.75
N PRO I 171 -28.81 129.63 -59.49
CA PRO I 171 -28.88 129.61 -60.95
C PRO I 171 -29.63 128.40 -61.48
N LYS I 172 -30.41 128.62 -62.54
CA LYS I 172 -31.18 127.53 -63.13
C LYS I 172 -30.29 126.55 -63.88
N HIS I 173 -29.23 127.05 -64.52
CA HIS I 173 -28.38 126.17 -65.32
C HIS I 173 -27.54 125.24 -64.47
N LEU I 174 -27.48 125.45 -63.15
CA LEU I 174 -26.73 124.56 -62.28
C LEU I 174 -27.46 123.23 -62.20
N THR I 175 -27.19 122.34 -63.16
CA THR I 175 -27.91 121.09 -63.29
C THR I 175 -26.91 119.94 -63.29
N ASP I 176 -27.46 118.73 -63.36
CA ASP I 176 -26.61 117.54 -63.35
C ASP I 176 -25.75 117.48 -64.61
N ALA I 177 -26.33 117.79 -65.77
CA ALA I 177 -25.54 117.81 -66.99
C ALA I 177 -24.51 118.93 -66.98
N TYR I 178 -24.80 120.02 -66.25
CA TYR I 178 -23.81 121.07 -66.06
C TYR I 178 -22.61 120.53 -65.32
N PHE I 179 -22.83 119.73 -64.29
CA PHE I 179 -21.75 119.14 -63.51
C PHE I 179 -21.32 117.78 -64.03
N LYS I 180 -21.95 117.29 -65.09
CA LYS I 180 -21.57 116.00 -65.64
C LYS I 180 -20.16 116.04 -66.18
N LYS I 181 -19.43 114.95 -65.97
CA LYS I 181 -18.04 114.88 -66.42
C LYS I 181 -17.95 114.96 -67.93
N LYS I 182 -16.85 115.53 -68.41
CA LYS I 182 -16.60 115.67 -69.84
C LYS I 182 -15.39 114.84 -70.22
N LYS I 183 -15.49 114.17 -71.36
CA LYS I 183 -14.45 113.27 -71.85
C LYS I 183 -14.06 113.66 -73.27
N LEU I 184 -12.81 113.36 -73.61
CA LEU I 184 -12.26 113.67 -74.92
C LEU I 184 -12.12 112.44 -75.80
N ARG I 185 -11.43 111.40 -75.31
CA ARG I 185 -11.22 110.18 -76.07
C ARG I 185 -12.55 109.46 -76.33
N LYS I 186 -12.64 108.80 -77.48
CA LYS I 186 -11.60 108.69 -78.52
C LYS I 186 -12.15 108.69 -79.93
N PRO I 187 -12.28 109.86 -80.54
CA PRO I 187 -12.60 109.94 -81.96
C PRO I 187 -11.35 109.88 -82.82
N ARG I 188 -11.56 109.53 -84.10
CA ARG I 188 -10.53 109.47 -85.16
C ARG I 188 -9.25 108.78 -84.72
N HIS I 189 -9.35 107.81 -83.81
CA HIS I 189 -8.19 107.19 -83.19
C HIS I 189 -8.62 105.85 -82.62
N GLN I 190 -7.95 104.77 -83.02
CA GLN I 190 -8.28 103.43 -82.55
C GLN I 190 -7.10 102.73 -81.87
N GLU I 191 -5.95 102.66 -82.53
CA GLU I 191 -4.76 102.02 -81.97
C GLU I 191 -3.77 103.09 -81.51
N GLY I 192 -3.35 102.99 -80.25
CA GLY I 192 -2.53 104.01 -79.64
C GLY I 192 -1.04 103.74 -79.65
N GLU I 193 -0.32 104.38 -80.59
CA GLU I 193 1.13 104.44 -80.55
C GLU I 193 1.66 105.75 -79.99
N ILE I 194 0.99 106.87 -80.27
CA ILE I 194 1.33 108.18 -79.72
C ILE I 194 0.40 108.42 -78.55
N PHE I 195 0.97 108.82 -77.41
CA PHE I 195 0.18 109.01 -76.20
C PHE I 195 -0.84 110.13 -76.39
N ASP I 196 -2.09 109.83 -76.00
CA ASP I 196 -3.16 110.81 -76.02
C ASP I 196 -3.43 111.40 -74.64
N THR I 197 -2.39 111.53 -73.80
CA THR I 197 -2.54 112.09 -72.46
C THR I 197 -2.89 113.57 -72.47
N GLU I 198 -3.01 114.18 -73.65
CA GLU I 198 -3.34 115.58 -73.76
C GLU I 198 -4.80 115.83 -73.37
N LYS I 199 -5.09 117.08 -73.00
CA LYS I 199 -6.39 117.56 -72.54
C LYS I 199 -6.76 116.98 -71.17
N GLU I 200 -6.00 116.01 -70.66
CA GLU I 200 -6.29 115.43 -69.36
C GLU I 200 -6.22 116.47 -68.25
N LYS I 201 -5.47 117.55 -68.46
CA LYS I 201 -5.48 118.69 -67.55
C LYS I 201 -6.84 119.36 -67.70
N TYR I 202 -7.79 118.94 -66.86
CA TYR I 202 -9.12 119.55 -66.89
C TYR I 202 -9.01 121.02 -66.51
N GLU I 203 -9.84 121.85 -67.15
CA GLU I 203 -9.77 123.29 -67.02
C GLU I 203 -11.02 123.82 -66.33
N ILE I 204 -10.83 124.75 -65.39
CA ILE I 204 -11.95 125.34 -64.69
C ILE I 204 -12.61 126.38 -65.58
N THR I 205 -13.90 126.22 -65.84
CA THR I 205 -14.61 127.09 -66.75
C THR I 205 -14.74 128.49 -66.17
N GLU I 206 -14.66 129.50 -67.05
CA GLU I 206 -15.04 130.84 -66.66
C GLU I 206 -16.48 130.88 -66.16
N GLN I 207 -17.37 130.13 -66.81
CA GLN I 207 -18.75 130.05 -66.34
C GLN I 207 -18.81 129.50 -64.93
N ARG I 208 -17.99 128.49 -64.63
CA ARG I 208 -17.99 127.89 -63.30
C ARG I 208 -17.46 128.86 -62.25
N LYS I 209 -16.40 129.60 -62.57
CA LYS I 209 -15.89 130.59 -61.63
C LYS I 209 -16.90 131.71 -61.41
N ILE I 210 -17.58 132.13 -62.48
CA ILE I 210 -18.65 133.12 -62.34
C ILE I 210 -19.74 132.60 -61.41
N ASP I 211 -20.14 131.35 -61.60
CA ASP I 211 -21.17 130.76 -60.77
C ASP I 211 -20.73 130.68 -59.32
N GLN I 212 -19.48 130.28 -59.09
CA GLN I 212 -18.93 130.23 -57.75
C GLN I 212 -18.94 131.60 -57.10
N LYS I 213 -18.54 132.64 -57.84
CA LYS I 213 -18.53 133.98 -57.28
C LYS I 213 -19.93 134.47 -56.97
N ALA I 214 -20.87 134.21 -57.88
CA ALA I 214 -22.25 134.65 -57.66
C ALA I 214 -22.85 133.95 -56.45
N VAL I 215 -22.55 132.67 -56.26
CA VAL I 215 -23.04 131.95 -55.10
C VAL I 215 -22.37 132.47 -53.83
N ASP I 216 -21.05 132.63 -53.86
CA ASP I 216 -20.32 133.06 -52.68
C ASP I 216 -20.74 134.45 -52.22
N SER I 217 -21.07 135.33 -53.17
CA SER I 217 -21.45 136.70 -52.85
C SER I 217 -22.65 136.78 -51.93
N GLN I 218 -23.50 135.75 -51.91
CA GLN I 218 -24.62 135.70 -51.00
C GLN I 218 -24.47 134.66 -49.90
N ILE I 219 -23.63 133.64 -50.11
CA ILE I 219 -23.40 132.65 -49.06
C ILE I 219 -22.53 133.21 -47.95
N LEU I 220 -21.42 133.85 -48.32
CA LEU I 220 -20.47 134.34 -47.33
C LEU I 220 -21.06 135.33 -46.34
N PRO I 221 -21.92 136.29 -46.73
CA PRO I 221 -22.52 137.16 -45.71
C PRO I 221 -23.32 136.40 -44.66
N LYS I 222 -24.03 135.34 -45.04
CA LYS I 222 -24.77 134.58 -44.05
C LYS I 222 -23.85 133.78 -43.13
N ILE I 223 -22.68 133.38 -43.62
CA ILE I 223 -21.75 132.62 -42.80
C ILE I 223 -21.15 133.50 -41.72
N LYS I 224 -20.72 134.71 -42.07
CA LYS I 224 -20.13 135.60 -41.10
C LYS I 224 -21.12 136.10 -40.06
N ALA I 225 -22.41 135.87 -40.26
CA ALA I 225 -23.41 136.35 -39.31
C ALA I 225 -23.26 135.73 -37.93
N ILE I 226 -22.86 134.46 -37.85
CA ILE I 226 -22.76 133.80 -36.54
C ILE I 226 -21.29 133.66 -36.18
N PRO I 227 -20.94 133.69 -34.90
CA PRO I 227 -19.53 133.69 -34.51
C PRO I 227 -18.81 132.40 -34.89
N GLN I 228 -17.56 132.57 -35.33
CA GLN I 228 -16.55 131.51 -35.54
C GLN I 228 -17.10 130.27 -36.24
N LEU I 229 -18.11 130.43 -37.09
CA LEU I 229 -18.51 129.32 -37.95
C LEU I 229 -17.51 129.12 -39.08
N GLN I 230 -16.91 130.20 -39.56
CA GLN I 230 -15.98 130.11 -40.68
C GLN I 230 -14.75 129.27 -40.32
N GLY I 231 -14.23 129.42 -39.10
CA GLY I 231 -13.13 128.56 -38.69
C GLY I 231 -13.53 127.11 -38.58
N TYR I 232 -14.76 126.86 -38.12
CA TYR I 232 -15.29 125.50 -38.08
C TYR I 232 -15.34 124.89 -39.47
N LEU I 233 -15.79 125.67 -40.44
CA LEU I 233 -15.82 125.17 -41.82
C LEU I 233 -14.41 124.96 -42.34
N ARG I 234 -13.48 125.84 -41.97
CA ARG I 234 -12.07 125.61 -42.29
C ARG I 234 -11.55 124.37 -41.58
N SER I 235 -11.97 124.14 -40.35
CA SER I 235 -11.53 122.97 -39.62
C SER I 235 -12.04 121.70 -40.30
N VAL I 236 -11.16 120.70 -40.34
CA VAL I 236 -11.52 119.41 -40.91
C VAL I 236 -11.93 118.48 -39.77
N PHE I 237 -12.84 117.58 -40.09
CA PHE I 237 -13.33 116.64 -39.11
C PHE I 237 -12.38 115.46 -38.98
N ALA I 238 -12.30 114.89 -37.78
CA ALA I 238 -11.40 113.79 -37.52
C ALA I 238 -11.94 112.98 -36.36
N LEU I 239 -11.35 111.80 -36.15
CA LEU I 239 -11.75 110.89 -35.08
C LEU I 239 -10.67 110.89 -34.00
N THR I 240 -10.98 111.48 -32.86
CA THR I 240 -10.11 111.37 -31.70
C THR I 240 -10.15 109.95 -31.16
N ASN I 241 -9.04 109.54 -30.54
CA ASN I 241 -8.94 108.19 -29.99
C ASN I 241 -9.98 107.92 -28.91
N GLY I 242 -10.49 108.95 -28.26
CA GLY I 242 -11.44 108.75 -27.19
C GLY I 242 -12.89 108.77 -27.63
N ILE I 243 -13.17 109.37 -28.78
CA ILE I 243 -14.54 109.54 -29.23
C ILE I 243 -14.94 108.36 -30.09
N TYR I 244 -16.24 108.07 -30.10
CA TYR I 244 -16.80 107.04 -30.94
C TYR I 244 -18.01 107.63 -31.66
N PRO I 245 -18.16 107.36 -32.96
CA PRO I 245 -19.16 108.09 -33.75
C PRO I 245 -20.59 107.89 -33.28
N HIS I 246 -20.93 106.71 -32.76
CA HIS I 246 -22.27 106.49 -32.24
C HIS I 246 -22.53 107.26 -30.97
N LYS I 247 -21.48 107.65 -30.24
CA LYS I 247 -21.65 108.55 -29.10
C LYS I 247 -21.63 110.01 -29.51
N LEU I 248 -21.24 110.31 -30.74
CA LEU I 248 -21.11 111.70 -31.18
C LEU I 248 -22.47 112.22 -31.58
N VAL I 249 -22.83 113.38 -31.05
CA VAL I 249 -24.04 114.08 -31.45
C VAL I 249 -23.65 115.07 -32.53
N PHE I 250 -24.05 114.79 -33.77
CA PHE I 250 -23.63 115.61 -34.89
C PHE I 250 -24.64 116.69 -35.19
N ASN J 1 -67.63 87.16 -93.78
CA ASN J 1 -67.95 86.76 -92.41
C ASN J 1 -66.98 87.36 -91.41
N PHE J 2 -66.12 88.26 -91.90
CA PHE J 2 -65.12 88.89 -91.04
C PHE J 2 -65.79 89.69 -89.92
N ALA J 3 -66.71 90.60 -90.30
CA ALA J 3 -67.36 91.45 -89.32
C ALA J 3 -68.23 90.63 -88.36
N GLU J 4 -68.92 89.62 -88.89
CA GLU J 4 -69.76 88.78 -88.04
C GLU J 4 -68.95 88.08 -86.96
N LEU J 5 -67.80 87.50 -87.33
CA LEU J 5 -67.00 86.81 -86.32
C LEU J 5 -66.34 87.79 -85.36
N LYS J 6 -65.99 89.00 -85.84
CA LYS J 6 -65.50 90.01 -84.92
C LYS J 6 -66.57 90.36 -83.89
N ILE J 7 -67.81 90.51 -84.34
CA ILE J 7 -68.92 90.76 -83.43
C ILE J 7 -69.08 89.60 -82.45
N LYS J 8 -68.96 88.37 -82.95
CA LYS J 8 -69.09 87.21 -82.08
C LYS J 8 -68.06 87.22 -80.97
N ARG J 9 -66.79 87.43 -81.31
CA ARG J 9 -65.74 87.44 -80.29
C ARG J 9 -65.90 88.62 -79.35
N LEU J 10 -66.31 89.79 -79.86
CA LEU J 10 -66.52 90.93 -78.98
C LEU J 10 -67.64 90.66 -77.99
N ARG J 11 -68.74 90.06 -78.45
CA ARG J 11 -69.85 89.78 -77.54
C ARG J 11 -69.43 88.74 -76.51
N LYS J 12 -68.66 87.73 -76.92
CA LYS J 12 -68.16 86.73 -75.98
C LYS J 12 -67.27 87.37 -74.93
N LYS J 13 -66.34 88.22 -75.36
CA LYS J 13 -65.41 88.86 -74.44
C LYS J 13 -66.15 89.79 -73.49
N PHE J 14 -67.13 90.53 -74.00
CA PHE J 14 -67.92 91.42 -73.18
C PHE J 14 -68.71 90.64 -72.13
N ALA J 15 -69.32 89.53 -72.54
CA ALA J 15 -70.06 88.71 -71.59
C ALA J 15 -69.14 88.16 -70.51
N GLN J 16 -67.94 87.72 -70.91
CA GLN J 16 -66.98 87.24 -69.93
C GLN J 16 -66.60 88.34 -68.94
N LYS J 17 -66.38 89.55 -69.46
CA LYS J 17 -66.02 90.66 -68.58
C LYS J 17 -67.14 90.97 -67.60
N MET J 18 -68.39 90.96 -68.09
CA MET J 18 -69.53 91.22 -67.21
C MET J 18 -69.64 90.14 -66.14
N LEU J 19 -69.45 88.88 -66.51
CA LEU J 19 -69.54 87.80 -65.54
C LEU J 19 -68.44 87.91 -64.49
N ARG J 20 -67.22 88.23 -64.92
CA ARG J 20 -66.12 88.37 -63.97
C ARG J 20 -66.39 89.49 -62.98
N LYS J 21 -66.87 90.63 -63.49
CA LYS J 21 -67.13 91.76 -62.60
C LYS J 21 -68.27 91.43 -61.65
N ALA J 22 -69.28 90.69 -62.13
CA ALA J 22 -70.37 90.27 -61.26
C ALA J 22 -69.86 89.35 -60.15
N ARG J 23 -68.96 88.42 -60.49
CA ARG J 23 -68.41 87.54 -59.46
C ARG J 23 -67.58 88.32 -58.46
N ARG J 24 -66.81 89.31 -58.92
CA ARG J 24 -66.05 90.14 -58.00
C ARG J 24 -66.96 90.89 -57.04
N LYS J 25 -68.06 91.44 -57.57
CA LYS J 25 -69.03 92.12 -56.70
C LYS J 25 -69.63 91.14 -55.70
N LEU J 26 -69.93 89.93 -56.16
CA LEU J 26 -70.47 88.91 -55.27
C LEU J 26 -69.50 88.61 -54.13
N ILE J 27 -68.23 88.45 -54.45
CA ILE J 27 -67.23 88.14 -53.42
C ILE J 27 -67.13 89.30 -52.44
N TYR J 28 -67.14 90.53 -52.96
CA TYR J 28 -67.10 91.71 -52.11
C TYR J 28 -68.25 91.71 -51.12
N GLU J 29 -69.47 91.49 -51.61
CA GLU J 29 -70.63 91.56 -50.72
C GLU J 29 -70.66 90.39 -49.73
N LYS J 30 -70.21 89.21 -50.15
CA LYS J 30 -70.13 88.09 -49.23
C LYS J 30 -69.14 88.38 -48.11
N ALA J 31 -68.00 89.01 -48.45
CA ALA J 31 -67.03 89.38 -47.43
C ALA J 31 -67.62 90.40 -46.45
N LYS J 32 -68.40 91.34 -46.98
CA LYS J 32 -69.07 92.30 -46.09
C LYS J 32 -70.00 91.60 -45.12
N HIS J 33 -70.77 90.62 -45.63
CA HIS J 33 -71.66 89.86 -44.78
C HIS J 33 -70.88 89.08 -43.73
N TYR J 34 -69.74 88.50 -44.12
CA TYR J 34 -68.93 87.77 -43.15
C TYR J 34 -68.41 88.68 -42.05
N HIS J 35 -67.99 89.90 -42.40
CA HIS J 35 -67.58 90.84 -41.36
C HIS J 35 -68.72 91.14 -40.42
N LYS J 36 -69.92 91.34 -40.97
CA LYS J 36 -71.09 91.57 -40.13
C LYS J 36 -71.29 90.42 -39.15
N GLU J 37 -71.20 89.18 -39.64
CA GLU J 37 -71.37 88.03 -38.77
C GLU J 37 -70.29 87.97 -37.70
N TYR J 38 -69.03 88.23 -38.08
CA TYR J 38 -67.93 88.17 -37.14
C TYR J 38 -68.14 89.17 -36.00
N ARG J 39 -68.43 90.41 -36.35
CA ARG J 39 -68.61 91.42 -35.33
C ARG J 39 -69.86 91.16 -34.49
N GLN J 40 -70.91 90.60 -35.08
CA GLN J 40 -72.06 90.22 -34.27
C GLN J 40 -71.69 89.17 -33.25
N MET J 41 -70.93 88.15 -33.67
CA MET J 41 -70.55 87.10 -32.71
C MET J 41 -69.65 87.67 -31.61
N TYR J 42 -68.69 88.51 -31.98
CA TYR J 42 -67.74 89.02 -31.01
C TYR J 42 -68.42 89.91 -29.99
N ARG J 43 -69.35 90.77 -30.44
CA ARG J 43 -70.13 91.56 -29.50
C ARG J 43 -71.09 90.69 -28.71
N THR J 44 -71.58 89.60 -29.31
CA THR J 44 -72.55 88.74 -28.64
C THR J 44 -71.94 88.06 -27.43
N GLU J 45 -70.69 87.61 -27.56
CA GLU J 45 -70.01 86.99 -26.42
C GLU J 45 -69.94 87.95 -25.24
N ILE J 46 -69.45 89.16 -25.47
CA ILE J 46 -69.30 90.13 -24.40
C ILE J 46 -70.66 90.53 -23.85
N ARG J 47 -71.66 90.64 -24.71
CA ARG J 47 -72.99 91.01 -24.27
C ARG J 47 -73.59 89.95 -23.37
N MET J 48 -73.44 88.66 -23.73
CA MET J 48 -73.91 87.59 -22.86
C MET J 48 -73.17 87.58 -21.53
N ALA J 49 -71.85 87.77 -21.58
CA ALA J 49 -71.09 87.81 -20.33
C ALA J 49 -71.55 88.96 -19.45
N ARG J 50 -71.77 90.14 -20.04
CA ARG J 50 -72.20 91.29 -19.28
C ARG J 50 -73.58 91.07 -18.67
N MET J 51 -74.51 90.49 -19.44
CA MET J 51 -75.84 90.28 -18.87
C MET J 51 -75.81 89.24 -17.76
N ALA J 52 -74.97 88.21 -17.90
CA ALA J 52 -74.87 87.21 -16.83
C ALA J 52 -74.28 87.83 -15.58
N ARG J 53 -73.25 88.66 -15.73
CA ARG J 53 -72.67 89.32 -14.57
C ARG J 53 -73.65 90.29 -13.94
N LYS J 54 -74.46 90.96 -14.76
CA LYS J 54 -75.51 91.83 -14.25
C LYS J 54 -76.52 91.03 -13.43
N ALA J 55 -76.93 89.87 -13.93
CA ALA J 55 -77.77 88.97 -13.15
C ALA J 55 -76.99 88.23 -12.07
N GLY J 56 -75.66 88.31 -12.10
CA GLY J 56 -74.84 87.66 -11.11
C GLY J 56 -74.58 86.20 -11.36
N ASN J 57 -75.27 85.59 -12.31
CA ASN J 57 -75.02 84.20 -12.64
C ASN J 57 -73.81 84.13 -13.57
N PHE J 58 -73.38 82.91 -13.89
CA PHE J 58 -72.20 82.69 -14.68
C PHE J 58 -72.59 82.13 -16.04
N TYR J 59 -72.14 82.80 -17.10
CA TYR J 59 -72.41 82.38 -18.46
C TYR J 59 -71.25 81.52 -18.93
N VAL J 60 -71.53 80.24 -19.16
CA VAL J 60 -70.53 79.30 -19.65
C VAL J 60 -70.40 79.50 -21.16
N PRO J 61 -69.23 79.86 -21.67
CA PRO J 61 -69.06 79.92 -23.12
C PRO J 61 -69.15 78.54 -23.72
N ALA J 62 -69.57 78.50 -24.99
CA ALA J 62 -69.63 77.24 -25.70
C ALA J 62 -68.24 76.63 -25.80
N GLU J 63 -68.19 75.30 -25.71
CA GLU J 63 -66.93 74.61 -25.93
C GLU J 63 -66.45 74.90 -27.34
N PRO J 64 -65.16 75.21 -27.53
CA PRO J 64 -64.66 75.51 -28.86
C PRO J 64 -64.84 74.33 -29.79
N LYS J 65 -65.16 74.60 -31.05
CA LYS J 65 -65.31 73.56 -32.05
C LYS J 65 -64.13 73.49 -32.99
N LEU J 66 -63.29 74.52 -33.03
CA LEU J 66 -62.15 74.58 -33.92
C LEU J 66 -60.86 74.54 -33.12
N ALA J 67 -59.97 73.62 -33.49
CA ALA J 67 -58.67 73.52 -32.87
C ALA J 67 -57.60 73.49 -33.94
N PHE J 68 -56.51 74.20 -33.68
CA PHE J 68 -55.31 74.14 -34.50
C PHE J 68 -54.24 73.35 -33.78
N VAL J 69 -53.69 72.34 -34.46
CA VAL J 69 -52.71 71.45 -33.87
C VAL J 69 -51.39 71.64 -34.60
N ILE J 70 -50.31 71.77 -33.85
CA ILE J 70 -48.97 71.92 -34.40
C ILE J 70 -48.11 70.80 -33.86
N ARG J 71 -47.59 69.97 -34.75
CA ARG J 71 -46.64 68.95 -34.37
C ARG J 71 -45.36 69.63 -33.90
N ILE J 72 -44.86 69.22 -32.74
CA ILE J 72 -43.73 69.90 -32.14
C ILE J 72 -42.50 69.02 -31.99
N ARG J 73 -42.62 67.71 -32.15
CA ARG J 73 -41.48 66.82 -32.00
C ARG J 73 -41.06 66.25 -33.35
N GLY J 74 -39.96 65.52 -33.34
CA GLY J 74 -39.37 64.99 -34.55
C GLY J 74 -40.02 63.71 -35.02
N ILE J 75 -39.34 63.06 -35.96
CA ILE J 75 -39.82 61.81 -36.52
C ILE J 75 -38.99 60.62 -36.06
N ASN J 76 -38.15 60.80 -35.05
CA ASN J 76 -37.27 59.75 -34.55
C ASN J 76 -37.90 59.10 -33.32
N GLY J 77 -37.84 57.77 -33.26
CA GLY J 77 -38.25 57.04 -32.07
C GLY J 77 -39.71 57.20 -31.70
N VAL J 78 -40.61 57.04 -32.66
CA VAL J 78 -42.03 57.27 -32.46
C VAL J 78 -42.73 55.93 -32.41
N SER J 79 -43.63 55.76 -31.44
CA SER J 79 -44.40 54.54 -31.35
C SER J 79 -45.33 54.40 -32.56
N PRO J 80 -45.62 53.17 -32.98
CA PRO J 80 -46.49 52.98 -34.15
C PRO J 80 -47.89 53.54 -33.94
N LYS J 81 -48.40 53.50 -32.72
CA LYS J 81 -49.72 54.06 -32.45
C LYS J 81 -49.70 55.58 -32.64
N VAL J 82 -48.75 56.25 -32.01
CA VAL J 82 -48.62 57.70 -32.16
C VAL J 82 -48.34 58.06 -33.61
N ARG J 83 -47.49 57.27 -34.26
CA ARG J 83 -47.17 57.53 -35.66
C ARG J 83 -48.42 57.42 -36.53
N LYS J 84 -49.23 56.39 -36.32
CA LYS J 84 -50.45 56.22 -37.08
C LYS J 84 -51.42 57.36 -36.86
N VAL J 85 -51.58 57.78 -35.60
CA VAL J 85 -52.50 58.88 -35.32
C VAL J 85 -52.02 60.17 -35.96
N LEU J 86 -50.71 60.44 -35.89
CA LEU J 86 -50.19 61.68 -36.46
C LEU J 86 -50.30 61.66 -37.98
N GLN J 87 -50.10 60.50 -38.61
CA GLN J 87 -50.33 60.40 -40.04
C GLN J 87 -51.78 60.65 -40.38
N LEU J 88 -52.71 60.19 -39.53
CA LEU J 88 -54.11 60.54 -39.72
C LEU J 88 -54.31 62.04 -39.60
N LEU J 89 -53.49 62.72 -38.80
CA LEU J 89 -53.58 64.15 -38.61
C LEU J 89 -52.80 64.94 -39.64
N ARG J 90 -52.20 64.25 -40.62
CA ARG J 90 -51.50 64.88 -41.73
C ARG J 90 -50.32 65.73 -41.27
N LEU J 91 -49.69 65.35 -40.16
CA LEU J 91 -48.51 66.03 -39.65
C LEU J 91 -47.35 65.05 -39.75
N ARG J 92 -46.70 65.02 -40.91
CA ARG J 92 -45.58 64.13 -41.14
C ARG J 92 -44.24 64.85 -41.06
N GLN J 93 -44.25 66.15 -40.75
CA GLN J 93 -43.04 66.93 -40.55
C GLN J 93 -43.23 67.78 -39.30
N ILE J 94 -42.10 68.14 -38.67
CA ILE J 94 -42.18 69.01 -37.51
C ILE J 94 -42.52 70.42 -37.96
N PHE J 95 -43.19 71.17 -37.07
CA PHE J 95 -43.72 72.51 -37.37
C PHE J 95 -44.66 72.47 -38.56
N ASN J 96 -45.51 71.45 -38.60
CA ASN J 96 -46.61 71.35 -39.55
C ASN J 96 -47.91 71.58 -38.80
N GLY J 97 -48.78 72.41 -39.36
CA GLY J 97 -50.02 72.77 -38.72
C GLY J 97 -51.23 72.42 -39.56
N THR J 98 -52.32 72.05 -38.89
CA THR J 98 -53.58 71.77 -39.57
C THR J 98 -54.71 72.00 -38.57
N PHE J 99 -55.77 72.66 -39.04
CA PHE J 99 -56.95 72.88 -38.22
C PHE J 99 -57.69 71.56 -38.00
N VAL J 100 -58.31 71.44 -36.83
CA VAL J 100 -58.99 70.20 -36.44
C VAL J 100 -60.38 70.54 -35.93
N LYS J 101 -61.38 69.83 -36.45
CA LYS J 101 -62.75 69.90 -35.95
C LYS J 101 -62.83 69.16 -34.62
N LEU J 102 -63.40 69.81 -33.61
CA LEU J 102 -63.39 69.27 -32.26
C LEU J 102 -64.64 68.45 -31.99
N ASN J 103 -64.44 67.23 -31.49
CA ASN J 103 -65.49 66.36 -30.99
C ASN J 103 -64.82 65.27 -30.15
N LYS J 104 -65.59 64.24 -29.79
CA LYS J 104 -65.09 63.19 -28.93
C LYS J 104 -63.89 62.47 -29.56
N ALA J 105 -64.04 62.02 -30.80
CA ALA J 105 -62.99 61.24 -31.44
C ALA J 105 -61.72 62.07 -31.62
N SER J 106 -61.87 63.30 -32.09
CA SER J 106 -60.71 64.16 -32.30
C SER J 106 -60.01 64.45 -30.98
N ILE J 107 -60.77 64.69 -29.92
CA ILE J 107 -60.17 64.99 -28.63
C ILE J 107 -59.40 63.78 -28.11
N ASN J 108 -59.97 62.58 -28.25
CA ASN J 108 -59.24 61.40 -27.81
C ASN J 108 -57.98 61.19 -28.62
N MET J 109 -58.05 61.42 -29.94
CA MET J 109 -56.86 61.30 -30.77
C MET J 109 -55.79 62.30 -30.35
N LEU J 110 -56.20 63.52 -30.03
CA LEU J 110 -55.24 64.52 -29.57
C LEU J 110 -54.62 64.11 -28.24
N ARG J 111 -55.43 63.54 -27.34
CA ARG J 111 -54.88 63.01 -26.10
C ARG J 111 -53.87 61.91 -26.36
N ILE J 112 -54.09 61.13 -27.44
CA ILE J 112 -53.14 60.09 -27.79
C ILE J 112 -51.78 60.67 -28.13
N VAL J 113 -51.76 61.74 -28.93
CA VAL J 113 -50.52 62.31 -29.42
C VAL J 113 -50.13 63.56 -28.62
N GLU J 114 -50.62 63.69 -27.39
CA GLU J 114 -50.38 64.87 -26.58
C GLU J 114 -48.91 65.25 -26.42
N PRO J 115 -47.97 64.34 -26.14
CA PRO J 115 -46.57 64.77 -26.04
C PRO J 115 -45.97 65.28 -27.33
N TYR J 116 -46.47 64.84 -28.49
CA TYR J 116 -45.84 65.20 -29.76
C TYR J 116 -46.39 66.48 -30.36
N ILE J 117 -47.41 67.09 -29.77
CA ILE J 117 -48.11 68.20 -30.39
C ILE J 117 -48.27 69.35 -29.39
N ALA J 118 -48.51 70.53 -29.94
CA ALA J 118 -49.02 71.67 -29.21
C ALA J 118 -50.23 72.19 -29.96
N TRP J 119 -51.33 72.41 -29.27
CA TRP J 119 -52.58 72.74 -29.93
C TRP J 119 -53.43 73.65 -29.07
N GLY J 120 -54.30 74.39 -29.73
CA GLY J 120 -55.13 75.35 -29.05
C GLY J 120 -56.25 75.85 -29.92
N TYR J 121 -56.88 76.94 -29.48
CA TYR J 121 -58.05 77.48 -30.16
C TYR J 121 -57.68 78.78 -30.82
N PRO J 122 -57.43 78.79 -32.13
CA PRO J 122 -57.03 80.03 -32.80
C PRO J 122 -58.18 81.01 -32.88
N ASN J 123 -57.85 82.29 -32.94
CA ASN J 123 -58.86 83.31 -33.13
C ASN J 123 -59.01 83.59 -34.62
N LEU J 124 -59.87 84.56 -34.93
CA LEU J 124 -60.08 84.93 -36.33
C LEU J 124 -58.80 85.48 -36.94
N LYS J 125 -58.04 86.26 -36.17
CA LYS J 125 -56.80 86.83 -36.68
C LYS J 125 -55.79 85.74 -37.01
N SER J 126 -55.70 84.71 -36.17
CA SER J 126 -54.76 83.63 -36.44
C SER J 126 -55.12 82.92 -37.74
N VAL J 127 -56.40 82.65 -37.95
CA VAL J 127 -56.83 82.02 -39.19
C VAL J 127 -56.52 82.91 -40.37
N ASN J 128 -56.75 84.22 -40.23
CA ASN J 128 -56.45 85.15 -41.31
C ASN J 128 -54.99 85.09 -41.68
N GLU J 129 -54.10 85.23 -40.69
CA GLU J 129 -52.67 85.23 -40.98
C GLU J 129 -52.23 83.92 -41.60
N LEU J 130 -52.69 82.80 -41.04
CA LEU J 130 -52.25 81.50 -41.52
C LEU J 130 -52.70 81.26 -42.95
N ILE J 131 -53.98 81.49 -43.24
CA ILE J 131 -54.49 81.20 -44.57
C ILE J 131 -53.92 82.16 -45.59
N TYR J 132 -53.76 83.43 -45.22
CA TYR J 132 -53.29 84.40 -46.18
C TYR J 132 -51.80 84.23 -46.47
N LYS J 133 -51.01 83.85 -45.47
CA LYS J 133 -49.56 83.77 -45.73
C LYS J 133 -49.15 82.40 -46.24
N ARG J 134 -49.70 81.32 -45.69
CA ARG J 134 -49.18 79.99 -45.99
C ARG J 134 -50.24 79.09 -46.60
N GLY J 135 -51.28 79.65 -47.20
CA GLY J 135 -52.35 78.86 -47.75
C GLY J 135 -51.98 78.14 -49.04
N TYR J 136 -52.05 76.82 -49.03
CA TYR J 136 -51.76 76.01 -50.20
C TYR J 136 -52.86 74.97 -50.39
N GLY J 137 -53.27 74.76 -51.62
CA GLY J 137 -54.33 73.82 -51.94
C GLY J 137 -53.83 72.55 -52.58
N LYS J 138 -54.43 71.43 -52.20
CA LYS J 138 -54.10 70.11 -52.74
C LYS J 138 -54.90 69.88 -54.01
N ILE J 139 -54.52 70.59 -55.06
CA ILE J 139 -55.21 70.56 -56.33
C ILE J 139 -54.55 69.49 -57.19
N ASN J 140 -55.32 68.49 -57.59
CA ASN J 140 -54.83 67.38 -58.39
C ASN J 140 -53.63 66.72 -57.70
N LYS J 141 -53.69 66.65 -56.38
CA LYS J 141 -52.64 66.10 -55.52
C LYS J 141 -51.33 66.85 -55.63
N LYS J 142 -51.36 68.11 -56.06
CA LYS J 142 -50.19 68.98 -56.06
C LYS J 142 -50.39 70.10 -55.06
N ARG J 143 -49.29 70.52 -54.43
CA ARG J 143 -49.32 71.63 -53.49
C ARG J 143 -49.21 72.92 -54.29
N ILE J 144 -50.34 73.55 -54.54
CA ILE J 144 -50.40 74.77 -55.36
C ILE J 144 -50.63 75.95 -54.43
N ALA J 145 -49.80 76.97 -54.58
CA ALA J 145 -49.98 78.19 -53.81
C ALA J 145 -51.30 78.85 -54.18
N LEU J 146 -52.02 79.31 -53.17
CA LEU J 146 -53.36 79.88 -53.38
C LEU J 146 -53.21 81.35 -53.77
N THR J 147 -52.69 81.55 -54.98
CA THR J 147 -52.44 82.88 -55.49
C THR J 147 -53.62 83.46 -56.25
N ASP J 148 -54.71 82.72 -56.40
CA ASP J 148 -55.86 83.22 -57.12
C ASP J 148 -57.12 82.56 -56.59
N ASN J 149 -58.24 83.27 -56.71
CA ASN J 149 -59.52 82.78 -56.22
C ASN J 149 -60.09 81.67 -57.08
N ALA J 150 -59.74 81.65 -58.38
CA ALA J 150 -60.24 80.59 -59.25
C ALA J 150 -59.73 79.23 -58.82
N LEU J 151 -58.55 79.19 -58.18
CA LEU J 151 -58.06 77.95 -57.61
C LEU J 151 -59.05 77.39 -56.60
N ILE J 152 -59.62 78.28 -55.78
CA ILE J 152 -60.65 77.86 -54.84
C ILE J 152 -61.94 77.50 -55.57
N ALA J 153 -62.31 78.29 -56.56
CA ALA J 153 -63.61 78.12 -57.20
C ALA J 153 -63.70 76.81 -57.96
N ARG J 154 -62.62 76.41 -58.64
CA ARG J 154 -62.69 75.19 -59.43
C ARG J 154 -62.75 73.94 -58.57
N SER J 155 -62.35 74.00 -57.31
CA SER J 155 -62.33 72.81 -56.47
C SER J 155 -63.36 72.81 -55.36
N LEU J 156 -63.97 73.95 -55.05
CA LEU J 156 -64.90 74.04 -53.93
C LEU J 156 -66.19 74.78 -54.26
N GLY J 157 -66.41 75.15 -55.52
CA GLY J 157 -67.60 75.89 -55.87
C GLY J 157 -68.88 75.10 -55.69
N LYS J 158 -68.83 73.80 -55.94
CA LYS J 158 -70.01 72.97 -55.70
C LYS J 158 -70.34 72.85 -54.22
N TYR J 159 -69.39 73.23 -53.36
CA TYR J 159 -69.65 73.36 -51.93
C TYR J 159 -69.97 74.80 -51.53
N GLY J 160 -70.03 75.71 -52.49
CA GLY J 160 -70.35 77.09 -52.19
C GLY J 160 -69.17 77.94 -51.78
N ILE J 161 -68.03 77.32 -51.51
CA ILE J 161 -66.82 78.05 -51.14
C ILE J 161 -66.13 78.47 -52.42
N ILE J 162 -66.07 79.78 -52.67
CA ILE J 162 -65.56 80.30 -53.94
C ILE J 162 -64.50 81.37 -53.75
N CYS J 163 -64.07 81.65 -52.53
CA CYS J 163 -63.06 82.69 -52.33
C CYS J 163 -62.29 82.41 -51.05
N MET J 164 -61.19 83.15 -50.91
CA MET J 164 -60.44 83.14 -49.65
C MET J 164 -61.34 83.50 -48.49
N GLU J 165 -62.27 84.44 -48.70
CA GLU J 165 -63.18 84.84 -47.64
C GLU J 165 -64.10 83.69 -47.26
N ASP J 166 -64.64 82.97 -48.27
CA ASP J 166 -65.46 81.81 -47.99
C ASP J 166 -64.67 80.72 -47.27
N LEU J 167 -63.44 80.49 -47.71
CA LEU J 167 -62.61 79.48 -47.06
C LEU J 167 -62.35 79.84 -45.61
N ILE J 168 -62.05 81.11 -45.35
CA ILE J 168 -61.82 81.57 -43.98
C ILE J 168 -63.08 81.38 -43.14
N HIS J 169 -64.23 81.70 -43.71
CA HIS J 169 -65.48 81.52 -42.97
C HIS J 169 -65.73 80.06 -42.65
N GLU J 170 -65.49 79.18 -43.61
CA GLU J 170 -65.67 77.75 -43.36
C GLU J 170 -64.72 77.24 -42.30
N ILE J 171 -63.47 77.71 -42.32
CA ILE J 171 -62.52 77.27 -41.32
C ILE J 171 -62.92 77.76 -39.95
N TYR J 172 -63.27 79.04 -39.84
CA TYR J 172 -63.54 79.63 -38.53
C TYR J 172 -64.83 79.09 -37.93
N THR J 173 -65.94 79.32 -38.60
CA THR J 173 -67.21 78.72 -38.23
C THR J 173 -67.31 77.39 -38.96
N VAL J 174 -67.31 76.29 -38.20
CA VAL J 174 -67.27 74.96 -38.80
C VAL J 174 -68.57 74.70 -39.53
N GLY J 175 -68.53 74.80 -40.85
CA GLY J 175 -69.71 74.60 -41.67
C GLY J 175 -69.98 73.13 -41.92
N LYS J 176 -71.03 72.89 -42.70
CA LYS J 176 -71.36 71.51 -43.06
C LYS J 176 -70.25 70.89 -43.89
N ARG J 177 -69.66 71.65 -44.81
CA ARG J 177 -68.64 71.14 -45.72
C ARG J 177 -67.23 71.34 -45.17
N PHE J 178 -67.08 71.35 -43.84
CA PHE J 178 -65.81 71.71 -43.24
C PHE J 178 -64.72 70.68 -43.56
N LYS J 179 -65.10 69.41 -43.62
CA LYS J 179 -64.12 68.37 -43.95
C LYS J 179 -63.47 68.62 -45.30
N GLU J 180 -64.30 68.95 -46.30
CA GLU J 180 -63.79 69.15 -47.65
C GLU J 180 -62.84 70.33 -47.72
N ALA J 181 -63.20 71.43 -47.06
CA ALA J 181 -62.33 72.61 -47.04
C ALA J 181 -61.03 72.31 -46.31
N ASN J 182 -61.10 71.63 -45.16
CA ASN J 182 -59.88 71.36 -44.40
C ASN J 182 -58.95 70.43 -45.14
N ASN J 183 -59.48 69.38 -45.76
CA ASN J 183 -58.63 68.47 -46.53
C ASN J 183 -58.18 69.10 -47.82
N PHE J 184 -58.88 70.12 -48.32
CA PHE J 184 -58.40 70.86 -49.47
C PHE J 184 -57.07 71.51 -49.19
N LEU J 185 -56.91 72.10 -48.01
CA LEU J 185 -55.68 72.78 -47.67
C LEU J 185 -54.55 71.79 -47.47
N TRP J 186 -53.41 72.07 -48.08
CA TRP J 186 -52.20 71.36 -47.73
C TRP J 186 -51.85 71.64 -46.27
N PRO J 187 -51.30 70.67 -45.55
CA PRO J 187 -50.78 70.97 -44.21
C PRO J 187 -49.73 72.07 -44.28
N PHE J 188 -49.83 73.00 -43.34
CA PHE J 188 -49.02 74.21 -43.40
C PHE J 188 -47.57 73.94 -43.01
N LYS J 189 -46.65 74.64 -43.67
CA LYS J 189 -45.23 74.59 -43.37
C LYS J 189 -44.84 75.88 -42.67
N LEU J 190 -45.01 75.93 -41.37
CA LEU J 190 -44.55 77.10 -40.63
C LEU J 190 -43.06 76.97 -40.34
N SER J 191 -42.43 78.12 -40.12
CA SER J 191 -41.03 78.14 -39.75
C SER J 191 -40.89 77.73 -38.29
N SER J 192 -39.65 77.68 -37.81
CA SER J 192 -39.42 77.41 -36.41
C SER J 192 -39.91 78.58 -35.57
N PRO J 193 -40.28 78.34 -34.31
CA PRO J 193 -40.80 79.44 -33.49
C PRO J 193 -39.75 80.49 -33.19
N ARG J 194 -39.93 81.69 -33.74
CA ARG J 194 -39.07 82.80 -33.40
C ARG J 194 -39.21 83.11 -31.92
N GLY J 195 -38.08 83.25 -31.24
CA GLY J 195 -38.09 83.32 -29.80
C GLY J 195 -38.01 81.98 -29.10
N GLY J 196 -38.09 80.89 -29.84
CA GLY J 196 -37.85 79.57 -29.29
C GLY J 196 -39.02 79.05 -28.48
N MET J 197 -38.81 77.85 -27.95
CA MET J 197 -39.79 77.21 -27.07
C MET J 197 -39.29 77.22 -25.64
N LYS J 198 -40.24 77.04 -24.71
CA LYS J 198 -39.87 76.88 -23.31
C LYS J 198 -39.20 75.53 -23.10
N LYS J 199 -39.93 74.44 -23.33
CA LYS J 199 -39.37 73.10 -23.27
C LYS J 199 -40.30 72.17 -24.01
N LYS J 200 -39.82 71.59 -25.10
CA LYS J 200 -40.68 70.76 -25.95
C LYS J 200 -40.91 69.36 -25.38
N THR J 201 -40.18 68.96 -24.35
CA THR J 201 -40.28 67.60 -23.84
C THR J 201 -41.29 67.43 -22.73
N THR J 202 -41.93 68.51 -22.26
CA THR J 202 -42.86 68.45 -21.15
C THR J 202 -44.14 69.20 -21.51
N HIS J 203 -45.20 68.89 -20.77
CA HIS J 203 -46.51 69.45 -21.03
C HIS J 203 -46.51 70.96 -20.80
N PHE J 204 -47.45 71.65 -21.45
CA PHE J 204 -47.52 73.10 -21.28
C PHE J 204 -47.88 73.49 -19.86
N VAL J 205 -48.79 72.73 -19.22
CA VAL J 205 -49.23 73.08 -17.87
C VAL J 205 -48.12 72.91 -16.85
N GLU J 206 -47.09 72.12 -17.15
CA GLU J 206 -45.96 71.94 -16.27
C GLU J 206 -44.77 72.78 -16.71
N GLY J 207 -45.05 73.89 -17.37
CA GLY J 207 -44.03 74.81 -17.80
C GLY J 207 -43.38 74.50 -19.12
N GLY J 208 -43.72 73.36 -19.73
CA GLY J 208 -43.15 73.04 -21.01
C GLY J 208 -44.04 73.54 -22.12
N ASP J 209 -44.06 72.85 -23.24
CA ASP J 209 -44.86 73.27 -24.38
C ASP J 209 -45.79 72.20 -24.90
N ALA J 210 -45.61 70.94 -24.53
CA ALA J 210 -46.46 69.89 -25.06
C ALA J 210 -47.87 70.01 -24.48
N GLY J 211 -48.80 69.33 -25.13
CA GLY J 211 -50.16 69.31 -24.64
C GLY J 211 -51.02 70.41 -25.22
N ASN J 212 -52.01 70.80 -24.42
CA ASN J 212 -53.01 71.76 -24.84
C ASN J 212 -52.81 73.08 -24.11
N ARG J 213 -52.64 74.16 -24.87
CA ARG J 213 -52.79 75.50 -24.33
C ARG J 213 -54.07 76.10 -24.91
N GLU J 214 -54.87 76.71 -24.03
CA GLU J 214 -56.22 77.11 -24.40
C GLU J 214 -56.22 78.15 -25.52
N ASP J 215 -55.65 79.32 -25.25
CA ASP J 215 -55.68 80.42 -26.20
C ASP J 215 -54.29 81.01 -26.45
N GLN J 216 -53.27 80.53 -25.75
CA GLN J 216 -51.90 80.98 -25.97
C GLN J 216 -51.34 80.52 -27.30
N ILE J 217 -52.05 79.61 -27.99
CA ILE J 217 -51.61 79.12 -29.29
C ILE J 217 -51.52 80.26 -30.30
N ASN J 218 -52.25 81.35 -30.09
CA ASN J 218 -52.18 82.48 -31.01
C ASN J 218 -50.83 83.15 -30.96
N ARG J 219 -50.30 83.38 -29.75
CA ARG J 219 -48.99 83.98 -29.61
C ARG J 219 -47.92 83.10 -30.26
N LEU J 220 -48.02 81.79 -30.05
CA LEU J 220 -47.10 80.86 -30.68
C LEU J 220 -47.20 80.96 -32.20
N ILE J 221 -48.41 81.11 -32.71
CA ILE J 221 -48.58 81.27 -34.15
C ILE J 221 -47.89 82.54 -34.63
N ARG J 222 -48.05 83.63 -33.87
CA ARG J 222 -47.42 84.89 -34.26
C ARG J 222 -45.91 84.77 -34.28
N ARG J 223 -45.34 84.04 -33.32
CA ARG J 223 -43.90 83.83 -33.35
C ARG J 223 -43.49 82.72 -34.30
N MET J 224 -44.44 81.99 -34.87
CA MET J 224 -44.12 80.78 -35.62
C MET J 224 -43.97 81.05 -37.11
N ASN J 225 -45.03 81.52 -37.75
CA ASN J 225 -44.98 81.80 -39.18
C ASN J 225 -44.18 83.07 -39.48
N LYS K 1 53.46 -79.73 -72.01
CA LYS K 1 54.85 -80.18 -72.10
C LYS K 1 55.74 -79.03 -72.56
N VAL K 2 55.11 -78.00 -73.13
CA VAL K 2 55.82 -76.84 -73.65
C VAL K 2 55.34 -75.56 -72.98
N VAL K 3 54.27 -75.62 -72.20
CA VAL K 3 53.66 -74.41 -71.67
C VAL K 3 54.55 -73.82 -70.57
N ASN K 4 54.67 -72.49 -70.58
CA ASN K 4 55.53 -71.80 -69.62
C ASN K 4 55.00 -71.95 -68.21
N PRO K 5 55.81 -72.43 -67.27
CA PRO K 5 55.39 -72.43 -65.86
C PRO K 5 55.17 -71.03 -65.30
N LEU K 6 55.77 -70.00 -65.90
CA LEU K 6 55.57 -68.64 -65.43
C LEU K 6 54.14 -68.16 -65.60
N PHE K 7 53.37 -68.79 -66.48
CA PHE K 7 51.97 -68.45 -66.63
C PHE K 7 51.16 -69.08 -65.50
N GLU K 8 50.12 -68.38 -65.06
CA GLU K 8 49.22 -68.89 -64.04
C GLU K 8 47.91 -68.15 -64.11
N LYS K 9 46.86 -68.80 -63.62
CA LYS K 9 45.58 -68.15 -63.46
C LYS K 9 45.68 -67.10 -62.37
N ARG K 10 45.00 -65.98 -62.58
CA ARG K 10 44.91 -64.93 -61.57
C ARG K 10 43.45 -64.59 -61.34
N PRO K 11 42.75 -65.43 -60.58
CA PRO K 11 41.33 -65.18 -60.32
C PRO K 11 41.15 -64.09 -59.29
N LYS K 12 40.02 -63.42 -59.37
CA LYS K 12 39.61 -62.42 -58.38
C LYS K 12 38.19 -62.73 -57.95
N ASN K 13 38.03 -63.21 -56.72
CA ASN K 13 36.72 -63.52 -56.19
C ASN K 13 35.99 -62.23 -55.88
N PHE K 14 34.73 -62.15 -56.30
CA PHE K 14 33.99 -60.90 -56.25
C PHE K 14 33.05 -60.84 -55.06
N GLY K 15 33.46 -61.42 -53.95
CA GLY K 15 32.68 -61.35 -52.73
C GLY K 15 32.70 -59.95 -52.15
N ILE K 16 31.86 -59.77 -51.12
CA ILE K 16 31.69 -58.46 -50.52
C ILE K 16 32.99 -58.04 -49.85
N GLY K 17 33.40 -56.79 -50.08
CA GLY K 17 34.64 -56.27 -49.54
C GLY K 17 35.88 -56.74 -50.24
N GLN K 18 35.75 -57.63 -51.21
CA GLN K 18 36.87 -58.21 -51.92
C GLN K 18 37.15 -57.34 -53.16
N ASP K 19 37.90 -57.86 -54.13
CA ASP K 19 38.16 -57.13 -55.36
C ASP K 19 36.86 -56.65 -56.00
N ILE K 20 36.94 -55.49 -56.65
CA ILE K 20 35.74 -54.80 -57.10
C ILE K 20 35.00 -55.61 -58.15
N GLN K 21 33.71 -55.31 -58.29
CA GLN K 21 32.86 -56.06 -59.20
C GLN K 21 33.27 -55.82 -60.64
N PRO K 22 33.15 -56.84 -61.50
CA PRO K 22 33.38 -56.62 -62.93
C PRO K 22 32.24 -55.83 -63.54
N LYS K 23 32.54 -55.20 -64.67
CA LYS K 23 31.53 -54.43 -65.36
C LYS K 23 30.52 -55.36 -66.02
N ARG K 24 29.43 -55.64 -65.31
CA ARG K 24 28.37 -56.46 -65.84
C ARG K 24 27.29 -55.57 -66.45
N ASP K 25 26.25 -56.21 -67.01
CA ASP K 25 25.17 -55.47 -67.63
C ASP K 25 24.25 -54.87 -66.57
N LEU K 26 23.79 -53.64 -66.82
CA LEU K 26 22.89 -52.94 -65.93
C LEU K 26 21.66 -52.43 -66.66
N THR K 27 21.25 -53.11 -67.73
CA THR K 27 20.07 -52.69 -68.48
C THR K 27 18.83 -52.65 -67.61
N ARG K 28 18.75 -53.49 -66.59
CA ARG K 28 17.61 -53.45 -65.70
C ARG K 28 17.70 -52.28 -64.72
N PHE K 29 18.80 -51.52 -64.74
CA PHE K 29 19.08 -50.54 -63.71
C PHE K 29 19.54 -49.21 -64.26
N VAL K 30 19.26 -48.93 -65.52
CA VAL K 30 19.65 -47.67 -66.13
C VAL K 30 18.57 -46.63 -65.85
N LYS K 31 18.98 -45.44 -65.43
CA LYS K 31 18.07 -44.30 -65.40
C LYS K 31 17.70 -43.99 -66.83
N TRP K 32 16.55 -44.47 -67.26
CA TRP K 32 16.16 -44.30 -68.63
C TRP K 32 15.64 -42.89 -68.86
N PRO K 33 15.74 -42.39 -70.09
CA PRO K 33 15.20 -41.07 -70.40
C PRO K 33 13.69 -41.05 -70.22
N ARG K 34 13.16 -39.84 -70.04
CA ARG K 34 11.76 -39.69 -69.62
C ARG K 34 10.80 -40.29 -70.62
N TYR K 35 11.07 -40.17 -71.91
CA TYR K 35 10.14 -40.68 -72.91
C TYR K 35 10.17 -42.20 -72.97
N ILE K 36 11.35 -42.80 -72.81
CA ILE K 36 11.44 -44.26 -72.78
C ILE K 36 10.70 -44.81 -71.56
N ARG K 37 10.94 -44.20 -70.40
CA ARG K 37 10.20 -44.56 -69.20
C ARG K 37 8.71 -44.42 -69.44
N LEU K 38 8.31 -43.35 -70.14
CA LEU K 38 6.90 -43.11 -70.39
C LEU K 38 6.29 -44.23 -71.21
N GLN K 39 6.95 -44.61 -72.30
CA GLN K 39 6.36 -45.63 -73.16
C GLN K 39 6.33 -46.99 -72.47
N ARG K 40 7.36 -47.31 -71.70
CA ARG K 40 7.34 -48.58 -70.99
C ARG K 40 6.28 -48.60 -69.89
N GLN K 41 6.11 -47.47 -69.19
CA GLN K 41 5.07 -47.39 -68.18
C GLN K 41 3.68 -47.49 -68.80
N ARG K 42 3.48 -46.88 -69.97
CA ARG K 42 2.20 -47.02 -70.65
C ARG K 42 1.97 -48.46 -71.08
N ALA K 43 3.03 -49.13 -71.56
CA ALA K 43 2.90 -50.53 -71.96
C ALA K 43 2.51 -51.40 -70.77
N ILE K 44 3.11 -51.18 -69.62
CA ILE K 44 2.74 -51.95 -68.43
C ILE K 44 1.33 -51.58 -67.97
N LEU K 45 0.98 -50.30 -68.06
CA LEU K 45 -0.36 -49.85 -67.67
C LEU K 45 -1.42 -50.51 -68.53
N TYR K 46 -1.10 -50.80 -69.78
CA TYR K 46 -2.01 -51.55 -70.64
C TYR K 46 -2.23 -52.97 -70.13
N LYS K 47 -1.40 -53.44 -69.20
CA LYS K 47 -1.59 -54.71 -68.54
C LYS K 47 -2.24 -54.58 -67.17
N ARG K 48 -1.98 -53.48 -66.46
CA ARG K 48 -2.55 -53.29 -65.13
C ARG K 48 -4.08 -53.18 -65.17
N LEU K 49 -4.60 -52.28 -65.98
CA LEU K 49 -6.01 -51.95 -65.87
C LEU K 49 -6.87 -52.97 -66.59
N LYS K 50 -8.17 -52.79 -66.47
CA LYS K 50 -9.14 -53.70 -67.08
C LYS K 50 -9.49 -53.19 -68.47
N VAL K 51 -8.89 -53.79 -69.49
CA VAL K 51 -9.10 -53.32 -70.86
C VAL K 51 -10.52 -53.68 -71.30
N PRO K 52 -11.32 -52.71 -71.75
CA PRO K 52 -12.65 -53.03 -72.23
C PRO K 52 -12.59 -53.95 -73.42
N PRO K 53 -13.58 -54.83 -73.60
CA PRO K 53 -13.58 -55.74 -74.75
C PRO K 53 -13.54 -55.01 -76.07
N ALA K 54 -14.11 -53.81 -76.13
CA ALA K 54 -14.05 -53.01 -77.34
C ALA K 54 -12.61 -52.70 -77.72
N ILE K 55 -11.73 -52.54 -76.73
CA ILE K 55 -10.31 -52.38 -77.02
C ILE K 55 -9.60 -53.74 -77.00
N ASN K 56 -10.02 -54.63 -76.09
CA ASN K 56 -9.36 -55.92 -75.94
C ASN K 56 -9.46 -56.78 -77.20
N GLN K 57 -10.41 -56.50 -78.08
CA GLN K 57 -10.54 -57.30 -79.29
C GLN K 57 -9.33 -57.17 -80.19
N PHE K 58 -8.66 -56.02 -80.18
CA PHE K 58 -7.52 -55.81 -81.05
C PHE K 58 -6.28 -56.59 -80.64
N THR K 59 -6.23 -57.11 -79.41
CA THR K 59 -5.15 -58.02 -79.07
C THR K 59 -5.21 -59.29 -79.89
N GLN K 60 -6.42 -59.79 -80.17
CA GLN K 60 -6.62 -60.96 -81.02
C GLN K 60 -6.20 -60.60 -82.42
N ALA K 61 -4.97 -60.94 -82.77
CA ALA K 61 -4.47 -60.78 -84.12
C ALA K 61 -4.40 -62.13 -84.82
N LEU K 62 -4.27 -62.07 -86.14
CA LEU K 62 -4.12 -63.30 -86.91
C LEU K 62 -2.75 -63.92 -86.66
N ASP K 63 -2.68 -65.24 -86.79
CA ASP K 63 -1.40 -65.92 -86.60
C ASP K 63 -0.46 -65.60 -87.76
N ARG K 64 0.81 -65.96 -87.58
CA ARG K 64 1.84 -65.61 -88.56
C ARG K 64 1.56 -66.25 -89.91
N GLN K 65 1.18 -67.53 -89.92
CA GLN K 65 0.98 -68.24 -91.19
C GLN K 65 -0.18 -67.66 -91.97
N THR K 66 -1.33 -67.48 -91.30
CA THR K 66 -2.50 -66.91 -91.95
C THR K 66 -2.22 -65.50 -92.44
N ALA K 67 -1.51 -64.72 -91.63
CA ALA K 67 -1.14 -63.37 -92.05
C ALA K 67 -0.24 -63.42 -93.28
N THR K 68 0.65 -64.40 -93.35
CA THR K 68 1.54 -64.52 -94.50
C THR K 68 0.74 -64.80 -95.77
N GLN K 69 -0.18 -65.76 -95.71
CA GLN K 69 -1.01 -66.02 -96.89
C GLN K 69 -1.87 -64.81 -97.24
N LEU K 70 -2.37 -64.11 -96.23
CA LEU K 70 -3.21 -62.95 -96.49
C LEU K 70 -2.43 -61.85 -97.19
N LEU K 71 -1.22 -61.55 -96.71
CA LEU K 71 -0.40 -60.54 -97.35
C LEU K 71 0.00 -60.97 -98.76
N LYS K 72 0.32 -62.24 -98.94
CA LYS K 72 0.68 -62.72 -100.27
C LYS K 72 -0.49 -62.56 -101.24
N LEU K 73 -1.70 -62.86 -100.77
CA LEU K 73 -2.88 -62.64 -101.62
C LEU K 73 -3.09 -61.16 -101.89
N ALA K 74 -2.94 -60.33 -100.86
CA ALA K 74 -3.12 -58.89 -101.03
C ALA K 74 -2.04 -58.27 -101.90
N HIS K 75 -0.84 -58.85 -101.90
CA HIS K 75 0.27 -58.30 -102.65
C HIS K 75 0.02 -58.31 -104.15
N LYS K 76 -0.88 -59.16 -104.63
CA LYS K 76 -1.22 -59.17 -106.04
C LYS K 76 -2.03 -57.95 -106.46
N TYR K 77 -2.64 -57.26 -105.51
CA TYR K 77 -3.54 -56.14 -105.79
C TYR K 77 -3.08 -54.87 -105.11
N ARG K 78 -1.78 -54.66 -105.01
CA ARG K 78 -1.28 -53.42 -104.46
C ARG K 78 -1.62 -52.25 -105.39
N PRO K 79 -1.92 -51.08 -104.83
CA PRO K 79 -2.27 -49.94 -105.68
C PRO K 79 -1.13 -49.55 -106.60
N GLU K 80 -1.50 -49.08 -107.79
CA GLU K 80 -0.51 -48.71 -108.79
C GLU K 80 0.30 -47.50 -108.35
N THR K 81 1.60 -47.56 -108.59
CA THR K 81 2.49 -46.50 -108.14
C THR K 81 2.48 -45.34 -109.13
N LYS K 82 3.15 -44.24 -108.73
CA LYS K 82 3.10 -43.02 -109.52
C LYS K 82 3.80 -43.18 -110.87
N GLN K 83 4.93 -43.89 -110.90
CA GLN K 83 5.67 -44.04 -112.14
C GLN K 83 4.86 -44.86 -113.15
N GLU K 84 4.34 -46.00 -112.72
CA GLU K 84 3.52 -46.82 -113.58
C GLU K 84 2.17 -46.18 -113.87
N LYS K 85 1.66 -45.32 -112.99
CA LYS K 85 0.48 -44.54 -113.33
C LYS K 85 0.78 -43.55 -114.44
N LYS K 86 1.96 -42.93 -114.41
CA LYS K 86 2.40 -42.08 -115.51
C LYS K 86 2.52 -42.87 -116.79
N GLN K 87 3.08 -44.08 -116.70
CA GLN K 87 3.19 -44.94 -117.87
C GLN K 87 1.83 -45.28 -118.44
N ARG K 88 0.86 -45.58 -117.57
CA ARG K 88 -0.49 -45.92 -118.02
C ARG K 88 -1.17 -44.71 -118.66
N LEU K 89 -0.98 -43.52 -118.07
CA LEU K 89 -1.56 -42.32 -118.68
C LEU K 89 -0.96 -42.04 -120.05
N LEU K 90 0.37 -42.20 -120.18
CA LEU K 90 1.01 -41.97 -121.48
C LEU K 90 0.56 -42.98 -122.52
N ALA K 91 0.42 -44.25 -122.10
CA ALA K 91 -0.05 -45.27 -123.03
C ALA K 91 -1.49 -45.00 -123.47
N ARG K 92 -2.35 -44.57 -122.53
CA ARG K 92 -3.72 -44.18 -122.91
C ARG K 92 -3.71 -43.00 -123.87
N ALA K 93 -2.87 -42.00 -123.62
CA ALA K 93 -2.80 -40.86 -124.52
C ALA K 93 -2.36 -41.29 -125.92
N GLU K 94 -1.38 -42.18 -126.00
CA GLU K 94 -0.93 -42.67 -127.30
C GLU K 94 -2.03 -43.47 -127.99
N LYS K 95 -2.75 -44.32 -127.23
CA LYS K 95 -3.80 -45.13 -127.83
C LYS K 95 -4.95 -44.28 -128.31
N LYS K 96 -5.33 -43.25 -127.55
CA LYS K 96 -6.41 -42.37 -127.99
C LYS K 96 -5.96 -41.52 -129.17
N ALA K 97 -4.67 -41.17 -129.21
CA ALA K 97 -4.12 -40.47 -130.37
C ALA K 97 -4.22 -41.34 -131.61
N ALA K 98 -3.93 -42.64 -131.47
CA ALA K 98 -4.04 -43.58 -132.59
C ALA K 98 -4.10 -44.99 -132.01
N GLY K 99 -5.21 -45.69 -132.24
CA GLY K 99 -6.41 -45.20 -132.89
C GLY K 99 -7.69 -45.85 -132.35
N LYS K 100 -7.56 -46.56 -131.23
CA LYS K 100 -8.66 -47.35 -130.70
C LYS K 100 -9.77 -46.47 -130.15
N GLY K 101 -9.41 -45.47 -129.34
CA GLY K 101 -10.39 -44.57 -128.77
C GLY K 101 -10.36 -44.54 -127.26
N ASP K 102 -11.54 -44.55 -126.63
CA ASP K 102 -11.65 -44.48 -125.18
C ASP K 102 -10.94 -45.66 -124.52
N VAL K 103 -11.41 -46.87 -124.82
CA VAL K 103 -10.83 -48.13 -124.35
C VAL K 103 -10.66 -48.11 -122.83
N PRO K 104 -11.76 -48.18 -122.07
CA PRO K 104 -11.60 -48.29 -120.60
C PRO K 104 -10.87 -49.56 -120.18
N THR K 105 -11.00 -50.63 -120.99
CA THR K 105 -10.22 -51.86 -120.84
C THR K 105 -10.39 -52.49 -119.46
N LYS K 106 -11.61 -52.41 -118.91
CA LYS K 106 -12.02 -53.18 -117.73
C LYS K 106 -11.09 -52.94 -116.55
N ARG K 107 -11.18 -51.70 -116.05
CA ARG K 107 -10.41 -51.18 -114.91
C ARG K 107 -10.24 -52.23 -113.82
N PRO K 108 -9.02 -52.65 -113.54
CA PRO K 108 -8.80 -53.89 -112.78
C PRO K 108 -9.17 -53.71 -111.31
N PRO K 109 -9.53 -54.79 -110.63
CA PRO K 109 -9.75 -54.70 -109.19
C PRO K 109 -8.47 -54.33 -108.47
N VAL K 110 -8.61 -53.54 -107.41
CA VAL K 110 -7.47 -53.08 -106.63
C VAL K 110 -7.88 -53.10 -105.16
N LEU K 111 -6.87 -53.14 -104.29
CA LEU K 111 -7.11 -53.10 -102.86
C LEU K 111 -7.40 -51.67 -102.43
N ARG K 112 -8.54 -51.48 -101.76
CA ARG K 112 -8.95 -50.14 -101.33
C ARG K 112 -8.29 -49.78 -100.01
N ALA K 113 -7.80 -48.54 -99.93
CA ALA K 113 -7.04 -48.08 -98.79
C ALA K 113 -7.71 -46.86 -98.17
N GLY K 114 -7.53 -46.71 -96.86
CA GLY K 114 -8.12 -45.60 -96.15
C GLY K 114 -9.35 -45.99 -95.37
N VAL K 115 -9.47 -45.47 -94.16
CA VAL K 115 -10.54 -45.90 -93.27
C VAL K 115 -11.90 -45.42 -93.77
N ASN K 116 -11.96 -44.21 -94.34
CA ASN K 116 -13.24 -43.71 -94.83
C ASN K 116 -13.75 -44.54 -96.00
N THR K 117 -12.84 -44.92 -96.91
CA THR K 117 -13.24 -45.76 -98.02
C THR K 117 -13.74 -47.12 -97.54
N VAL K 118 -13.07 -47.69 -96.55
CA VAL K 118 -13.48 -48.98 -96.00
C VAL K 118 -14.86 -48.86 -95.36
N THR K 119 -15.08 -47.77 -94.63
CA THR K 119 -16.39 -47.52 -94.02
C THR K 119 -17.48 -47.43 -95.07
N THR K 120 -17.21 -46.70 -96.15
CA THR K 120 -18.18 -46.57 -97.23
C THR K 120 -18.49 -47.91 -97.85
N LEU K 121 -17.45 -48.72 -98.09
CA LEU K 121 -17.66 -50.03 -98.71
C LEU K 121 -18.48 -50.94 -97.82
N VAL K 122 -18.20 -50.92 -96.51
CA VAL K 122 -18.94 -51.79 -95.60
C VAL K 122 -20.40 -51.35 -95.50
N GLU K 123 -20.63 -50.03 -95.40
CA GLU K 123 -22.02 -49.55 -95.38
C GLU K 123 -22.74 -49.91 -96.67
N ASN K 124 -22.02 -49.92 -97.79
CA ASN K 124 -22.58 -50.35 -99.06
C ASN K 124 -22.47 -51.85 -99.24
N LYS K 125 -21.92 -52.56 -98.26
CA LYS K 125 -21.72 -54.00 -98.31
C LYS K 125 -20.89 -54.42 -99.51
N LYS K 126 -20.05 -53.52 -100.00
CA LYS K 126 -19.31 -53.76 -101.23
C LYS K 126 -17.99 -54.47 -100.99
N ALA K 127 -17.48 -54.46 -99.78
CA ALA K 127 -16.23 -55.13 -99.47
C ALA K 127 -16.44 -56.63 -99.37
N GLN K 128 -15.41 -57.40 -99.71
CA GLN K 128 -15.46 -58.85 -99.55
C GLN K 128 -14.62 -59.33 -98.38
N LEU K 129 -13.58 -58.60 -98.01
CA LEU K 129 -12.80 -58.93 -96.83
C LEU K 129 -12.21 -57.65 -96.26
N VAL K 130 -12.29 -57.52 -94.94
CA VAL K 130 -11.89 -56.31 -94.23
C VAL K 130 -10.67 -56.63 -93.39
N VAL K 131 -9.62 -55.82 -93.52
CA VAL K 131 -8.38 -55.99 -92.78
C VAL K 131 -8.18 -54.74 -91.93
N ILE K 132 -7.96 -54.92 -90.63
CA ILE K 132 -7.83 -53.83 -89.67
C ILE K 132 -6.53 -54.00 -88.90
N ALA K 133 -5.81 -52.89 -88.72
CA ALA K 133 -4.57 -52.92 -87.97
C ALA K 133 -4.85 -53.06 -86.47
N HIS K 134 -3.86 -53.59 -85.75
CA HIS K 134 -3.97 -53.76 -84.31
C HIS K 134 -3.35 -52.62 -83.51
N ASP K 135 -2.71 -51.66 -84.16
CA ASP K 135 -1.88 -50.70 -83.45
C ASP K 135 -2.21 -49.25 -83.78
N VAL K 136 -3.49 -48.93 -83.92
CA VAL K 136 -3.91 -47.56 -84.19
C VAL K 136 -3.71 -46.75 -82.92
N ASP K 137 -2.73 -45.83 -82.93
CA ASP K 137 -2.42 -45.10 -81.71
C ASP K 137 -3.57 -44.20 -81.27
N PRO K 138 -4.17 -43.37 -82.13
CA PRO K 138 -5.45 -42.78 -81.70
C PRO K 138 -6.56 -43.80 -81.94
N ILE K 139 -6.76 -44.70 -80.98
CA ILE K 139 -7.59 -45.88 -81.23
C ILE K 139 -9.03 -45.44 -81.01
N GLU K 140 -9.55 -44.75 -82.02
CA GLU K 140 -10.97 -44.48 -82.20
C GLU K 140 -11.36 -44.65 -83.64
N LEU K 141 -10.40 -44.71 -84.56
CA LEU K 141 -10.68 -44.74 -85.98
C LEU K 141 -11.22 -46.08 -86.43
N VAL K 142 -10.95 -47.15 -85.69
CA VAL K 142 -11.30 -48.49 -86.14
C VAL K 142 -12.07 -49.24 -85.07
N VAL K 143 -12.39 -48.55 -83.97
CA VAL K 143 -13.02 -49.24 -82.84
C VAL K 143 -14.42 -49.71 -83.21
N PHE K 144 -15.12 -48.97 -84.06
CA PHE K 144 -16.45 -49.38 -84.51
C PHE K 144 -16.41 -50.42 -85.60
N LEU K 145 -15.28 -50.59 -86.27
CA LEU K 145 -15.21 -51.47 -87.42
C LEU K 145 -15.56 -52.93 -87.14
N PRO K 146 -15.09 -53.56 -86.06
CA PRO K 146 -15.50 -54.96 -85.83
C PRO K 146 -17.01 -55.14 -85.71
N ALA K 147 -17.65 -54.31 -84.89
CA ALA K 147 -19.09 -54.39 -84.74
C ALA K 147 -19.80 -54.10 -86.05
N LEU K 148 -19.32 -53.10 -86.78
CA LEU K 148 -19.96 -52.74 -88.04
C LEU K 148 -19.87 -53.87 -89.05
N CYS K 149 -18.69 -54.51 -89.13
CA CYS K 149 -18.52 -55.64 -90.03
C CYS K 149 -19.40 -56.81 -89.62
N ARG K 150 -19.49 -57.07 -88.31
CA ARG K 150 -20.35 -58.15 -87.85
C ARG K 150 -21.81 -57.89 -88.19
N LYS K 151 -22.27 -56.65 -87.97
CA LYS K 151 -23.68 -56.35 -88.19
C LYS K 151 -24.02 -56.34 -89.67
N MET K 152 -23.17 -55.74 -90.50
CA MET K 152 -23.41 -55.76 -91.93
C MET K 152 -23.00 -57.08 -92.56
N GLY K 153 -22.35 -57.96 -91.82
CA GLY K 153 -22.06 -59.30 -92.27
C GLY K 153 -20.75 -59.50 -92.99
N VAL K 154 -20.02 -58.43 -93.28
CA VAL K 154 -18.75 -58.60 -94.02
C VAL K 154 -17.70 -59.13 -93.06
N PRO K 155 -16.86 -60.07 -93.50
CA PRO K 155 -15.81 -60.59 -92.62
C PRO K 155 -14.79 -59.52 -92.29
N TYR K 156 -14.13 -59.69 -91.15
CA TYR K 156 -13.11 -58.74 -90.70
C TYR K 156 -12.02 -59.46 -89.93
N CYS K 157 -10.78 -59.03 -90.12
CA CYS K 157 -9.65 -59.61 -89.44
C CYS K 157 -8.74 -58.52 -88.90
N ILE K 158 -7.93 -58.88 -87.90
CA ILE K 158 -6.98 -57.96 -87.28
C ILE K 158 -5.58 -58.54 -87.45
N ILE K 159 -4.66 -57.71 -87.93
CA ILE K 159 -3.30 -58.13 -88.24
C ILE K 159 -2.32 -57.31 -87.41
N LYS K 160 -1.11 -57.84 -87.27
CA LYS K 160 -0.03 -57.15 -86.58
C LYS K 160 0.63 -56.15 -87.50
N GLY K 161 0.73 -54.90 -87.06
CA GLY K 161 1.57 -53.93 -87.72
C GLY K 161 0.89 -53.18 -88.85
N LYS K 162 0.56 -51.91 -88.61
CA LYS K 162 -0.03 -51.11 -89.67
C LYS K 162 1.01 -50.70 -90.71
N ALA K 163 2.29 -50.69 -90.35
CA ALA K 163 3.33 -50.34 -91.31
C ALA K 163 3.40 -51.35 -92.44
N ARG K 164 3.08 -52.61 -92.14
CA ARG K 164 2.95 -53.61 -93.19
C ARG K 164 1.87 -53.21 -94.19
N LEU K 165 0.74 -52.73 -93.68
CA LEU K 165 -0.31 -52.22 -94.56
C LEU K 165 0.18 -51.03 -95.37
N GLY K 166 0.92 -50.13 -94.72
CA GLY K 166 1.45 -48.97 -95.44
C GLY K 166 2.38 -49.38 -96.56
N ARG K 167 3.25 -50.36 -96.31
CA ARG K 167 4.10 -50.89 -97.36
C ARG K 167 3.28 -51.53 -98.46
N LEU K 168 2.15 -52.15 -98.11
CA LEU K 168 1.27 -52.70 -99.14
C LEU K 168 0.72 -51.60 -100.03
N VAL K 169 0.29 -50.50 -99.45
CA VAL K 169 -0.25 -49.38 -100.22
C VAL K 169 0.84 -48.33 -100.49
N HIS K 170 2.10 -48.70 -100.33
CA HIS K 170 3.24 -47.88 -100.73
C HIS K 170 3.28 -46.55 -99.97
N ARG K 171 2.76 -46.55 -98.75
CA ARG K 171 2.80 -45.38 -97.89
C ARG K 171 3.48 -45.76 -96.58
N LYS K 172 3.53 -44.80 -95.65
CA LYS K 172 4.19 -45.08 -94.38
C LYS K 172 3.31 -45.92 -93.46
N THR K 173 2.01 -45.70 -93.47
CA THR K 173 1.13 -46.39 -92.56
C THR K 173 -0.30 -46.37 -93.10
N CYS K 174 -0.93 -47.53 -93.15
CA CYS K 174 -2.33 -47.65 -93.54
C CYS K 174 -3.08 -48.32 -92.42
N THR K 175 -4.17 -47.69 -91.96
CA THR K 175 -4.94 -48.26 -90.86
C THR K 175 -5.69 -49.51 -91.31
N THR K 176 -6.41 -49.40 -92.42
CA THR K 176 -7.25 -50.49 -92.90
C THR K 176 -7.19 -50.58 -94.41
N VAL K 177 -7.40 -51.78 -94.92
CA VAL K 177 -7.58 -52.02 -96.34
C VAL K 177 -8.74 -52.98 -96.53
N ALA K 178 -9.47 -52.78 -97.62
CA ALA K 178 -10.71 -53.50 -97.86
C ALA K 178 -10.63 -54.24 -99.18
N PHE K 179 -11.07 -55.50 -99.16
CA PHE K 179 -11.08 -56.32 -100.36
C PHE K 179 -12.42 -56.17 -101.07
N THR K 180 -12.38 -55.61 -102.27
CA THR K 180 -13.50 -55.61 -103.19
C THR K 180 -13.45 -56.89 -104.04
N GLN K 181 -14.18 -56.90 -105.15
CA GLN K 181 -14.15 -58.01 -106.09
C GLN K 181 -12.72 -58.38 -106.46
N VAL K 182 -12.55 -59.63 -106.89
CA VAL K 182 -11.24 -60.20 -107.15
C VAL K 182 -11.31 -60.92 -108.50
N ASN K 183 -10.13 -61.13 -109.08
CA ASN K 183 -10.06 -61.90 -110.32
C ASN K 183 -10.41 -63.36 -110.06
N SER K 184 -10.84 -64.04 -111.12
CA SER K 184 -11.40 -65.38 -110.99
C SER K 184 -10.36 -66.37 -110.46
N GLU K 185 -9.12 -66.26 -110.93
CA GLU K 185 -8.08 -67.21 -110.54
C GLU K 185 -7.74 -67.13 -109.06
N ASP K 186 -8.09 -66.04 -108.39
CA ASP K 186 -7.78 -65.86 -106.98
C ASP K 186 -8.95 -66.14 -106.07
N LYS K 187 -10.03 -66.75 -106.58
CA LYS K 187 -11.25 -66.86 -105.81
C LYS K 187 -11.17 -67.95 -104.76
N GLY K 188 -10.43 -69.02 -105.04
CA GLY K 188 -10.35 -70.12 -104.09
C GLY K 188 -9.59 -69.76 -102.81
N ALA K 189 -8.41 -69.15 -102.96
CA ALA K 189 -7.63 -68.74 -101.80
C ALA K 189 -8.39 -67.69 -100.99
N LEU K 190 -9.03 -66.75 -101.69
CA LEU K 190 -9.86 -65.76 -101.01
C LEU K 190 -10.99 -66.42 -100.25
N ALA K 191 -11.64 -67.41 -100.85
CA ALA K 191 -12.74 -68.08 -100.18
C ALA K 191 -12.27 -68.79 -98.92
N LYS K 192 -11.13 -69.48 -99.00
CA LYS K 192 -10.59 -70.16 -97.83
C LYS K 192 -10.25 -69.16 -96.73
N LEU K 193 -9.60 -68.06 -97.11
CA LEU K 193 -9.21 -67.06 -96.13
C LEU K 193 -10.42 -66.42 -95.48
N VAL K 194 -11.45 -66.13 -96.29
CA VAL K 194 -12.68 -65.54 -95.75
C VAL K 194 -13.34 -66.50 -94.77
N GLU K 195 -13.38 -67.78 -95.11
CA GLU K 195 -13.96 -68.76 -94.20
C GLU K 195 -13.21 -68.81 -92.88
N ALA K 196 -11.88 -68.87 -92.94
CA ALA K 196 -11.09 -68.95 -91.72
C ALA K 196 -11.27 -67.69 -90.87
N ILE K 197 -11.26 -66.52 -91.52
CA ILE K 197 -11.41 -65.27 -90.79
C ILE K 197 -12.79 -65.18 -90.15
N ARG K 198 -13.83 -65.60 -90.88
CA ARG K 198 -15.17 -65.56 -90.31
C ARG K 198 -15.27 -66.47 -89.11
N THR K 199 -14.69 -67.68 -89.21
CA THR K 199 -14.70 -68.62 -88.10
C THR K 199 -13.99 -68.03 -86.89
N ASN K 200 -12.84 -67.39 -87.10
CA ASN K 200 -12.09 -66.86 -85.97
C ASN K 200 -12.70 -65.58 -85.40
N TYR K 201 -13.40 -64.81 -86.21
CA TYR K 201 -13.81 -63.46 -85.81
C TYR K 201 -15.32 -63.30 -85.75
N ASN K 202 -16.02 -63.43 -86.88
CA ASN K 202 -17.42 -63.06 -86.92
C ASN K 202 -18.28 -64.13 -86.27
N ASP K 203 -17.91 -65.40 -86.46
CA ASP K 203 -18.72 -66.49 -85.97
C ASP K 203 -18.71 -66.62 -84.46
N ARG K 204 -17.78 -65.93 -83.78
CA ARG K 204 -17.71 -65.94 -82.33
C ARG K 204 -17.82 -64.53 -81.76
N TYR K 205 -18.66 -63.69 -82.37
CA TYR K 205 -18.71 -62.28 -82.01
C TYR K 205 -19.26 -62.05 -80.60
N ASP K 206 -20.08 -62.99 -80.10
CA ASP K 206 -20.80 -62.73 -78.86
C ASP K 206 -19.86 -62.57 -77.67
N GLU K 207 -18.91 -63.49 -77.52
CA GLU K 207 -18.02 -63.44 -76.36
C GLU K 207 -16.85 -62.48 -76.55
N ILE K 208 -16.61 -62.03 -77.78
CA ILE K 208 -15.68 -60.93 -77.99
C ILE K 208 -16.22 -59.66 -77.37
N ARG K 209 -17.55 -59.50 -77.40
CA ARG K 209 -18.21 -58.38 -76.74
C ARG K 209 -17.94 -58.35 -75.24
N ARG K 210 -17.57 -59.48 -74.65
CA ARG K 210 -17.47 -59.61 -73.21
C ARG K 210 -16.06 -59.90 -72.70
N HIS K 211 -15.11 -60.16 -73.58
CA HIS K 211 -13.77 -60.57 -73.19
C HIS K 211 -12.96 -59.35 -72.77
N TRP K 212 -12.85 -59.13 -71.46
CA TRP K 212 -12.04 -58.02 -70.97
C TRP K 212 -10.57 -58.40 -70.94
N GLY K 213 -9.72 -57.38 -71.01
CA GLY K 213 -8.29 -57.57 -71.04
C GLY K 213 -7.57 -56.90 -69.88
N GLY K 214 -6.25 -57.09 -69.87
CA GLY K 214 -5.46 -56.53 -68.79
C GLY K 214 -5.78 -57.20 -67.47
N ASN K 215 -5.82 -56.39 -66.41
CA ASN K 215 -6.11 -56.85 -65.06
C ASN K 215 -5.13 -57.93 -64.60
N VAL K 216 -3.87 -57.77 -64.99
CA VAL K 216 -2.80 -58.68 -64.62
C VAL K 216 -1.76 -57.91 -63.84
N LEU K 217 -1.38 -58.44 -62.68
CA LEU K 217 -0.43 -57.77 -61.80
C LEU K 217 0.99 -57.94 -62.31
N GLY K 218 1.93 -57.42 -61.54
CA GLY K 218 3.34 -57.60 -61.81
C GLY K 218 3.84 -58.94 -61.32
N PRO K 219 4.92 -59.42 -61.93
CA PRO K 219 5.48 -60.71 -61.51
C PRO K 219 5.90 -60.73 -60.05
N LYS K 220 6.33 -59.59 -59.49
CA LYS K 220 6.68 -59.55 -58.08
C LYS K 220 5.46 -59.74 -57.20
N SER K 221 4.39 -59.00 -57.47
CA SER K 221 3.18 -59.15 -56.66
C SER K 221 2.56 -60.53 -56.86
N VAL K 222 2.56 -61.02 -58.10
CA VAL K 222 2.06 -62.36 -58.37
C VAL K 222 2.85 -63.40 -57.59
N ALA K 223 4.18 -63.29 -57.63
CA ALA K 223 5.03 -64.23 -56.90
C ALA K 223 4.80 -64.14 -55.40
N ARG K 224 4.64 -62.93 -54.88
CA ARG K 224 4.43 -62.73 -53.46
C ARG K 224 3.13 -63.36 -53.00
N ILE K 225 2.04 -63.10 -53.73
CA ILE K 225 0.74 -63.63 -53.36
C ILE K 225 0.74 -65.15 -53.51
N ALA K 226 1.34 -65.67 -54.58
CA ALA K 226 1.42 -67.11 -54.75
C ALA K 226 2.28 -67.75 -53.66
N LYS K 227 3.32 -67.05 -53.21
CA LYS K 227 4.14 -67.55 -52.12
C LYS K 227 3.35 -67.61 -50.82
N LEU K 228 2.54 -66.60 -50.56
CA LEU K 228 1.68 -66.62 -49.38
C LEU K 228 0.66 -67.76 -49.47
N GLU K 229 0.10 -67.98 -50.65
CA GLU K 229 -0.82 -69.09 -50.85
C GLU K 229 -0.12 -70.42 -50.67
N LYS K 230 1.13 -70.52 -51.11
CA LYS K 230 1.91 -71.73 -50.86
C LYS K 230 2.11 -71.94 -49.38
N ALA K 231 2.38 -70.86 -48.64
CA ALA K 231 2.59 -70.97 -47.20
C ALA K 231 1.33 -71.46 -46.49
N LYS K 232 0.17 -70.94 -46.90
CA LYS K 232 -1.06 -71.39 -46.26
C LYS K 232 -1.50 -72.77 -46.76
N ALA K 233 -1.16 -73.12 -47.99
CA ALA K 233 -1.56 -74.42 -48.51
C ALA K 233 -0.71 -75.55 -47.96
N LYS K 234 0.57 -75.29 -47.67
CA LYS K 234 1.41 -76.35 -47.12
C LYS K 234 0.97 -76.73 -45.72
N GLU K 235 0.34 -75.81 -44.99
CA GLU K 235 -0.24 -76.13 -43.70
C GLU K 235 -1.68 -76.60 -43.79
N LEU K 236 -2.42 -76.19 -44.82
CA LEU K 236 -3.73 -76.79 -45.05
C LEU K 236 -3.62 -78.25 -45.46
N ALA K 237 -2.54 -78.61 -46.17
CA ALA K 237 -2.33 -80.00 -46.56
C ALA K 237 -2.00 -80.87 -45.36
N THR K 238 -1.26 -80.32 -44.39
CA THR K 238 -1.03 -81.04 -43.14
C THR K 238 -2.27 -81.04 -42.26
N LYS K 239 -3.13 -80.01 -42.42
CA LYS K 239 -4.43 -80.02 -41.76
C LYS K 239 -5.26 -81.22 -42.20
N LEU K 240 -5.28 -81.50 -43.50
CA LEU K 240 -6.02 -82.64 -44.01
C LEU K 240 -5.22 -83.92 -43.84
N GLY K 241 -5.90 -84.95 -43.36
CA GLY K 241 -5.27 -86.23 -43.07
C GLY K 241 -4.84 -86.36 -41.62
N MET L 1 -31.97 84.84 8.68
CA MET L 1 -32.43 86.14 9.18
C MET L 1 -31.29 87.14 9.27
N LYS L 2 -31.56 88.37 8.89
CA LYS L 2 -30.59 89.46 8.99
C LYS L 2 -31.13 90.45 10.01
N THR L 3 -30.50 90.50 11.18
CA THR L 3 -30.90 91.44 12.21
C THR L 3 -30.63 92.86 11.75
N ILE L 4 -31.65 93.72 11.85
CA ILE L 4 -31.54 95.08 11.33
C ILE L 4 -30.41 95.83 12.02
N LEU L 5 -30.36 95.74 13.34
CA LEU L 5 -29.36 96.48 14.10
C LEU L 5 -28.97 95.68 15.33
N SER L 6 -27.67 95.55 15.55
CA SER L 6 -27.14 95.01 16.80
C SER L 6 -26.15 96.01 17.35
N ASN L 7 -26.54 96.69 18.42
CA ASN L 7 -25.70 97.72 19.02
C ASN L 7 -25.51 97.41 20.50
N GLN L 8 -24.43 97.96 21.05
CA GLN L 8 -24.11 97.75 22.45
C GLN L 8 -23.17 98.86 22.89
N THR L 9 -23.39 99.38 24.09
CA THR L 9 -22.73 100.58 24.57
C THR L 9 -21.83 100.25 25.76
N VAL L 10 -20.59 100.73 25.71
CA VAL L 10 -19.63 100.56 26.79
C VAL L 10 -19.32 101.93 27.37
N ASP L 11 -19.41 102.04 28.70
CA ASP L 11 -19.17 103.32 29.35
C ASP L 11 -17.71 103.39 29.82
N ILE L 12 -17.05 104.48 29.48
CA ILE L 12 -15.64 104.69 29.79
C ILE L 12 -15.55 105.48 31.09
N PRO L 13 -14.82 105.00 32.09
CA PRO L 13 -14.61 105.80 33.31
C PRO L 13 -13.85 107.07 33.01
N GLU L 14 -13.93 108.01 33.95
CA GLU L 14 -13.49 109.38 33.71
C GLU L 14 -11.98 109.48 33.54
N ASN L 15 -11.21 108.72 34.31
CA ASN L 15 -9.76 108.87 34.34
C ASN L 15 -9.09 108.50 33.04
N VAL L 16 -9.79 107.81 32.14
CA VAL L 16 -9.21 107.25 30.94
C VAL L 16 -9.99 107.78 29.74
N ASP L 17 -9.28 108.05 28.65
CA ASP L 17 -9.88 108.50 27.40
C ASP L 17 -9.53 107.53 26.28
N ILE L 18 -10.35 107.54 25.25
CA ILE L 18 -10.20 106.60 24.14
C ILE L 18 -10.22 107.36 22.83
N THR L 19 -9.24 107.08 21.97
CA THR L 19 -9.16 107.67 20.65
C THR L 19 -9.49 106.59 19.62
N LEU L 20 -10.42 106.91 18.73
CA LEU L 20 -10.80 106.01 17.64
C LEU L 20 -10.15 106.48 16.35
N LYS L 21 -9.49 105.56 15.65
CA LYS L 21 -8.90 105.84 14.35
C LYS L 21 -9.45 104.79 13.39
N GLY L 22 -10.60 105.09 12.79
CA GLY L 22 -11.30 104.10 11.99
C GLY L 22 -11.82 102.99 12.87
N ARG L 23 -11.33 101.77 12.67
CA ARG L 23 -11.58 100.67 13.59
C ARG L 23 -10.37 100.37 14.47
N THR L 24 -9.40 101.27 14.50
CA THR L 24 -8.25 101.14 15.38
C THR L 24 -8.51 101.93 16.65
N VAL L 25 -8.53 101.23 17.78
CA VAL L 25 -8.83 101.83 19.08
C VAL L 25 -7.53 102.00 19.84
N ILE L 26 -7.27 103.22 20.28
CA ILE L 26 -6.14 103.53 21.14
C ILE L 26 -6.70 104.01 22.46
N VAL L 27 -6.34 103.31 23.54
CA VAL L 27 -6.83 103.61 24.87
C VAL L 27 -5.66 104.14 25.68
N LYS L 28 -5.78 105.35 26.21
CA LYS L 28 -4.74 105.97 27.01
C LYS L 28 -5.25 106.13 28.44
N GLY L 29 -4.71 105.35 29.36
CA GLY L 29 -5.09 105.42 30.75
C GLY L 29 -3.95 105.88 31.63
N PRO L 30 -4.20 106.00 32.93
CA PRO L 30 -3.11 106.40 33.85
C PRO L 30 -1.94 105.43 33.85
N ARG L 31 -2.21 104.13 33.70
CA ARG L 31 -1.18 103.11 33.74
C ARG L 31 -0.51 102.87 32.41
N GLY L 32 -0.90 103.57 31.36
CA GLY L 32 -0.22 103.40 30.08
C GLY L 32 -1.17 103.66 28.92
N THR L 33 -0.81 103.08 27.78
CA THR L 33 -1.60 103.22 26.56
C THR L 33 -1.58 101.90 25.82
N LEU L 34 -2.74 101.47 25.33
CA LEU L 34 -2.87 100.22 24.59
C LEU L 34 -3.53 100.52 23.25
N ARG L 35 -2.87 100.11 22.17
CA ARG L 35 -3.38 100.32 20.82
C ARG L 35 -3.70 98.97 20.19
N ARG L 36 -4.92 98.87 19.67
CA ARG L 36 -5.41 97.61 19.13
C ARG L 36 -6.42 97.92 18.04
N ASP L 37 -6.28 97.26 16.90
CA ASP L 37 -7.18 97.43 15.78
C ASP L 37 -8.21 96.32 15.75
N PHE L 38 -9.26 96.51 14.96
CA PHE L 38 -10.29 95.50 14.77
C PHE L 38 -10.73 95.44 13.31
N ASN L 39 -9.78 95.64 12.40
CA ASN L 39 -10.10 95.78 10.99
C ASN L 39 -10.57 94.49 10.35
N HIS L 40 -10.45 93.36 11.03
CA HIS L 40 -11.00 92.11 10.53
C HIS L 40 -12.49 91.96 10.81
N ILE L 41 -13.10 92.94 11.48
CA ILE L 41 -14.52 92.93 11.79
C ILE L 41 -15.14 94.18 11.18
N ASN L 42 -16.33 94.04 10.60
CA ASN L 42 -16.96 95.12 9.86
C ASN L 42 -18.08 95.72 10.69
N VAL L 43 -17.70 96.56 11.65
CA VAL L 43 -18.63 97.21 12.56
C VAL L 43 -18.28 98.70 12.61
N GLU L 44 -19.20 99.47 13.19
CA GLU L 44 -19.05 100.91 13.34
C GLU L 44 -18.89 101.25 14.81
N LEU L 45 -17.83 101.98 15.14
CA LEU L 45 -17.55 102.41 16.50
C LEU L 45 -17.79 103.90 16.60
N SER L 46 -18.30 104.35 17.74
CA SER L 46 -18.63 105.75 17.93
C SER L 46 -18.46 106.15 19.38
N LEU L 47 -17.87 107.32 19.60
CA LEU L 47 -17.84 107.97 20.90
C LEU L 47 -19.01 108.94 20.99
N LEU L 48 -19.76 108.90 22.08
CA LEU L 48 -21.09 109.49 22.10
C LEU L 48 -21.08 110.95 22.58
N GLY L 49 -20.65 111.18 23.82
CA GLY L 49 -20.75 112.50 24.43
C GLY L 49 -19.47 112.92 25.13
N LYS L 50 -19.32 114.24 25.26
CA LYS L 50 -18.19 114.86 25.95
C LYS L 50 -18.37 114.85 27.46
N LYS L 51 -19.29 114.03 27.96
CA LYS L 51 -19.73 114.05 29.34
C LYS L 51 -19.43 112.75 30.08
N LYS L 52 -19.84 111.61 29.52
CA LYS L 52 -19.66 110.31 30.15
C LYS L 52 -18.80 109.36 29.33
N LYS L 53 -18.43 109.74 28.11
CA LYS L 53 -17.55 108.95 27.25
C LYS L 53 -18.14 107.56 27.00
N ARG L 54 -19.29 107.54 26.34
CA ARG L 54 -19.89 106.29 25.90
C ARG L 54 -19.29 105.89 24.57
N LEU L 55 -19.01 104.60 24.43
CA LEU L 55 -18.53 104.04 23.17
C LEU L 55 -19.46 102.91 22.75
N ARG L 56 -20.05 103.03 21.57
CA ARG L 56 -21.05 102.09 21.09
C ARG L 56 -20.51 101.30 19.90
N VAL L 57 -20.82 100.01 19.87
CA VAL L 57 -20.46 99.12 18.78
C VAL L 57 -21.73 98.82 17.99
N ASP L 58 -21.70 99.11 16.69
CA ASP L 58 -22.87 98.99 15.84
C ASP L 58 -22.66 97.97 14.74
N LYS L 59 -23.67 97.13 14.51
CA LYS L 59 -23.68 96.13 13.46
C LYS L 59 -25.00 96.20 12.71
N TRP L 60 -24.93 96.26 11.39
CA TRP L 60 -26.13 96.36 10.56
C TRP L 60 -26.26 95.13 9.69
N TRP L 61 -27.48 94.57 9.66
CA TRP L 61 -27.82 93.45 8.76
C TRP L 61 -26.90 92.26 8.95
N GLY L 62 -26.58 91.95 10.19
CA GLY L 62 -25.63 90.88 10.50
C GLY L 62 -26.33 89.56 10.74
N ASN L 63 -25.76 88.50 10.16
CA ASN L 63 -26.22 87.16 10.47
C ASN L 63 -25.59 86.74 11.79
N ARG L 64 -25.96 85.54 12.27
CA ARG L 64 -25.64 85.14 13.63
C ARG L 64 -24.15 85.22 13.93
N LYS L 65 -23.32 84.79 12.97
CA LYS L 65 -21.88 84.71 13.21
C LYS L 65 -21.27 86.08 13.52
N GLU L 66 -21.53 87.08 12.67
CA GLU L 66 -21.02 88.41 12.93
C GLU L 66 -21.80 89.11 14.04
N LEU L 67 -23.01 88.65 14.35
CA LEU L 67 -23.70 89.15 15.53
C LEU L 67 -22.97 88.74 16.80
N ALA L 68 -22.35 87.56 16.79
CA ALA L 68 -21.62 87.11 17.97
C ALA L 68 -20.42 87.98 18.29
N THR L 69 -19.91 88.73 17.31
CA THR L 69 -18.65 89.44 17.47
C THR L 69 -18.81 90.73 18.27
N VAL L 70 -20.03 91.26 18.40
CA VAL L 70 -20.21 92.55 19.05
C VAL L 70 -19.75 92.50 20.49
N ARG L 71 -20.19 91.48 21.23
CA ARG L 71 -19.82 91.43 22.63
C ARG L 71 -18.37 91.01 22.80
N THR L 72 -17.81 90.29 21.81
CA THR L 72 -16.38 90.04 21.79
C THR L 72 -15.61 91.36 21.75
N ILE L 73 -16.02 92.27 20.86
CA ILE L 73 -15.36 93.55 20.74
C ILE L 73 -15.51 94.35 22.03
N CYS L 74 -16.73 94.36 22.58
CA CYS L 74 -16.97 95.10 23.80
C CYS L 74 -16.11 94.56 24.95
N SER L 75 -16.00 93.24 25.04
CA SER L 75 -15.16 92.63 26.07
C SER L 75 -13.71 93.00 25.89
N HIS L 76 -13.22 93.01 24.64
CA HIS L 76 -11.84 93.40 24.41
C HIS L 76 -11.59 94.84 24.82
N VAL L 77 -12.53 95.73 24.50
CA VAL L 77 -12.38 97.13 24.89
C VAL L 77 -12.37 97.26 26.40
N GLN L 78 -13.26 96.54 27.08
CA GLN L 78 -13.30 96.62 28.54
C GLN L 78 -12.02 96.05 29.15
N ASN L 79 -11.46 95.00 28.53
CA ASN L 79 -10.20 94.47 29.04
C ASN L 79 -9.07 95.47 28.88
N MET L 80 -9.03 96.18 27.74
CA MET L 80 -8.04 97.23 27.57
C MET L 80 -8.23 98.32 28.63
N ILE L 81 -9.48 98.68 28.90
CA ILE L 81 -9.77 99.67 29.92
C ILE L 81 -9.26 99.21 31.27
N LYS L 82 -9.52 97.94 31.60
CA LYS L 82 -9.09 97.38 32.87
C LYS L 82 -7.57 97.42 32.99
N GLY L 83 -6.87 97.07 31.90
CA GLY L 83 -5.42 97.11 31.92
C GLY L 83 -4.87 98.50 32.11
N VAL L 84 -5.40 99.48 31.37
CA VAL L 84 -4.86 100.83 31.48
C VAL L 84 -5.29 101.52 32.76
N THR L 85 -6.31 101.00 33.45
CA THR L 85 -6.73 101.54 34.74
C THR L 85 -6.10 100.79 35.91
N LEU L 86 -6.17 99.47 35.93
CA LEU L 86 -5.63 98.69 37.02
C LEU L 86 -4.48 97.77 36.63
N GLY L 87 -4.41 97.36 35.38
CA GLY L 87 -3.45 96.35 34.98
C GLY L 87 -3.93 94.96 35.36
N PHE L 88 -3.21 93.97 34.85
CA PHE L 88 -3.58 92.57 35.02
C PHE L 88 -2.46 91.85 35.76
N ARG L 89 -2.81 91.20 36.86
CA ARG L 89 -1.83 90.52 37.69
C ARG L 89 -2.22 89.07 37.81
N TYR L 90 -1.42 88.20 37.21
CA TYR L 90 -1.65 86.76 37.22
C TYR L 90 -0.72 86.13 38.25
N LYS L 91 -1.28 85.36 39.16
CA LYS L 91 -0.49 84.69 40.19
C LYS L 91 -0.39 83.22 39.81
N MET L 92 0.83 82.76 39.59
CA MET L 92 1.09 81.36 39.30
C MET L 92 1.76 80.71 40.50
N ARG L 93 1.48 79.44 40.71
CA ARG L 93 2.08 78.67 41.79
C ARG L 93 2.78 77.45 41.23
N SER L 94 4.01 77.25 41.64
CA SER L 94 4.80 76.09 41.24
C SER L 94 4.59 74.98 42.27
N VAL L 95 3.97 73.90 41.84
CA VAL L 95 3.71 72.75 42.71
C VAL L 95 4.68 71.64 42.33
N TYR L 96 5.15 70.91 43.34
CA TYR L 96 6.08 69.82 43.11
C TYR L 96 5.89 68.78 44.19
N ALA L 97 6.29 67.55 43.89
CA ALA L 97 6.17 66.47 44.86
C ALA L 97 7.49 66.20 45.58
N HIS L 98 8.55 65.96 44.82
CA HIS L 98 9.85 65.66 45.39
C HIS L 98 10.90 66.69 45.04
N PHE L 99 11.07 67.01 43.76
CA PHE L 99 12.11 67.95 43.33
C PHE L 99 11.57 69.37 43.41
N PRO L 100 12.13 70.23 44.25
CA PRO L 100 11.68 71.63 44.28
C PRO L 100 12.01 72.31 42.97
N ILE L 101 11.13 73.21 42.57
CA ILE L 101 11.26 73.92 41.28
C ILE L 101 11.99 75.23 41.55
N ASN L 102 13.16 75.39 40.95
CA ASN L 102 13.93 76.62 41.10
C ASN L 102 13.65 77.52 39.91
N VAL L 103 13.29 78.77 40.19
CA VAL L 103 12.98 79.75 39.16
C VAL L 103 13.98 80.90 39.27
N VAL L 104 14.65 81.20 38.17
CA VAL L 104 15.58 82.33 38.10
C VAL L 104 14.94 83.39 37.21
N ILE L 105 14.69 84.56 37.78
CA ILE L 105 14.09 85.67 37.07
C ILE L 105 15.23 86.50 36.50
N GLN L 106 15.40 86.46 35.18
CA GLN L 106 16.46 87.23 34.56
C GLN L 106 15.98 88.65 34.31
N GLU L 107 16.73 89.40 33.50
CA GLU L 107 16.68 90.86 33.49
C GLU L 107 15.28 91.39 33.23
N ASN L 108 14.86 92.34 34.08
CA ASN L 108 13.56 93.01 34.01
C ASN L 108 12.39 92.04 34.02
N GLY L 109 12.59 90.84 34.55
CA GLY L 109 11.54 89.83 34.54
C GLY L 109 11.21 89.29 33.17
N SER L 110 12.05 89.56 32.17
CA SER L 110 11.77 89.18 30.79
C SER L 110 11.99 87.71 30.52
N LEU L 111 12.96 87.09 31.18
CA LEU L 111 13.28 85.68 30.95
C LEU L 111 13.14 84.93 32.25
N VAL L 112 12.57 83.72 32.16
CA VAL L 112 12.35 82.88 33.32
C VAL L 112 13.14 81.59 33.11
N GLU L 113 13.98 81.26 34.09
CA GLU L 113 14.77 80.03 34.04
C GLU L 113 14.22 79.06 35.09
N ILE L 114 13.75 77.92 34.62
CA ILE L 114 13.32 76.84 35.48
C ILE L 114 14.48 75.87 35.59
N ARG L 115 14.86 75.52 36.82
CA ARG L 115 16.07 74.74 37.03
C ARG L 115 15.77 73.27 37.31
N ASN L 116 14.95 72.98 38.32
CA ASN L 116 14.80 71.62 38.81
C ASN L 116 13.36 71.14 38.69
N PHE L 117 12.76 71.32 37.53
CA PHE L 117 11.45 70.73 37.26
C PHE L 117 11.60 69.22 37.08
N LEU L 118 11.03 68.46 38.02
CA LEU L 118 11.14 67.00 38.06
C LEU L 118 12.59 66.53 38.14
N GLY L 119 13.48 67.40 38.63
CA GLY L 119 14.86 67.00 38.82
C GLY L 119 15.64 66.73 37.56
N GLU L 120 15.16 67.18 36.40
CA GLU L 120 15.89 66.95 35.16
C GLU L 120 16.89 68.08 34.91
N LYS L 121 17.99 67.71 34.27
CA LYS L 121 19.11 68.64 34.10
C LYS L 121 18.84 69.72 33.07
N TYR L 122 17.76 69.62 32.31
CA TYR L 122 17.45 70.66 31.35
C TYR L 122 17.04 71.95 32.05
N ILE L 123 17.40 73.07 31.43
CA ILE L 123 17.05 74.39 31.93
C ILE L 123 16.09 75.03 30.94
N ARG L 124 14.92 75.40 31.42
CA ARG L 124 13.91 76.02 30.58
C ARG L 124 14.04 77.54 30.67
N ARG L 125 14.37 78.18 29.55
CA ARG L 125 14.35 79.62 29.44
C ARG L 125 13.08 80.03 28.69
N VAL L 126 12.21 80.78 29.36
CA VAL L 126 10.95 81.23 28.78
C VAL L 126 10.99 82.75 28.72
N ARG L 127 10.86 83.30 27.53
CA ARG L 127 10.90 84.74 27.32
C ARG L 127 9.49 85.30 27.33
N MET L 128 9.28 86.35 28.11
CA MET L 128 7.97 86.95 28.22
C MET L 128 7.66 87.81 27.00
N ARG L 129 6.39 88.16 26.84
CA ARG L 129 6.00 89.11 25.82
C ARG L 129 6.53 90.49 26.17
N PRO L 130 6.80 91.33 25.18
CA PRO L 130 7.18 92.72 25.47
C PRO L 130 6.06 93.43 26.21
N GLY L 131 6.46 94.27 27.17
CA GLY L 131 5.50 94.91 28.05
C GLY L 131 5.02 94.02 29.17
N VAL L 132 5.55 92.81 29.30
CA VAL L 132 5.17 91.89 30.36
C VAL L 132 6.39 91.65 31.24
N ALA L 133 6.21 91.86 32.54
CA ALA L 133 7.29 91.69 33.52
C ALA L 133 6.91 90.56 34.46
N CYS L 134 7.88 89.73 34.80
CA CYS L 134 7.68 88.62 35.73
C CYS L 134 8.41 88.89 37.04
N SER L 135 7.74 88.64 38.14
CA SER L 135 8.31 88.88 39.45
C SER L 135 7.90 87.76 40.39
N VAL L 136 8.75 87.53 41.39
CA VAL L 136 8.53 86.49 42.39
C VAL L 136 7.79 87.12 43.54
N SER L 137 6.69 86.50 43.95
CA SER L 137 5.97 86.98 45.13
C SER L 137 6.83 86.83 46.37
N GLN L 138 6.74 87.82 47.24
CA GLN L 138 7.52 87.82 48.48
C GLN L 138 6.70 87.41 49.68
N ALA L 139 5.40 87.15 49.51
CA ALA L 139 4.55 86.69 50.60
C ALA L 139 4.30 85.19 50.56
N GLN L 140 4.43 84.58 49.39
CA GLN L 140 4.34 83.13 49.25
C GLN L 140 5.69 82.59 48.83
N LYS L 141 6.01 81.39 49.30
CA LYS L 141 7.33 80.82 49.05
C LYS L 141 7.52 80.49 47.57
N ASP L 142 6.48 80.02 46.90
CA ASP L 142 6.56 79.64 45.50
C ASP L 142 5.38 80.27 44.77
N GLU L 143 5.52 81.54 44.40
CA GLU L 143 4.51 82.24 43.61
C GLU L 143 5.22 83.20 42.68
N LEU L 144 4.81 83.19 41.42
CA LEU L 144 5.28 84.15 40.43
C LEU L 144 4.18 85.15 40.15
N ILE L 145 4.55 86.42 40.08
CA ILE L 145 3.61 87.49 39.79
C ILE L 145 3.97 88.09 38.44
N LEU L 146 3.07 87.95 37.49
CA LEU L 146 3.27 88.49 36.14
C LEU L 146 2.34 89.69 35.98
N GLU L 147 2.94 90.88 35.94
CA GLU L 147 2.19 92.12 35.90
C GLU L 147 2.46 92.83 34.59
N GLY L 148 1.40 93.35 33.99
CA GLY L 148 1.53 94.01 32.70
C GLY L 148 0.28 94.79 32.40
N ASN L 149 0.20 95.25 31.15
CA ASN L 149 -0.93 96.06 30.71
C ASN L 149 -1.89 95.30 29.81
N ASP L 150 -1.39 94.46 28.92
CA ASP L 150 -2.21 93.69 27.99
C ASP L 150 -2.61 92.39 28.65
N ILE L 151 -3.91 92.18 28.80
CA ILE L 151 -4.40 90.94 29.42
C ILE L 151 -3.97 89.73 28.60
N GLU L 152 -4.12 89.80 27.28
CA GLU L 152 -3.87 88.63 26.47
C GLU L 152 -2.37 88.30 26.41
N LEU L 153 -1.52 89.32 26.34
CA LEU L 153 -0.08 89.04 26.34
C LEU L 153 0.36 88.45 27.68
N VAL L 154 -0.16 88.98 28.78
CA VAL L 154 0.19 88.45 30.10
C VAL L 154 -0.27 87.00 30.23
N SER L 155 -1.51 86.73 29.81
CA SER L 155 -2.02 85.37 29.89
C SER L 155 -1.27 84.43 28.94
N ASN L 156 -0.84 84.95 27.79
CA ASN L 156 -0.06 84.11 26.88
C ASN L 156 1.31 83.79 27.46
N SER L 157 1.95 84.76 28.12
CA SER L 157 3.21 84.48 28.80
C SER L 157 3.00 83.46 29.91
N ALA L 158 1.92 83.60 30.67
CA ALA L 158 1.62 82.64 31.72
C ALA L 158 1.37 81.26 31.14
N ALA L 159 0.67 81.19 30.01
CA ALA L 159 0.43 79.92 29.37
C ALA L 159 1.73 79.28 28.90
N LEU L 160 2.64 80.08 28.36
CA LEU L 160 3.93 79.54 27.95
C LEU L 160 4.69 78.99 29.15
N ILE L 161 4.67 79.73 30.26
CA ILE L 161 5.33 79.26 31.47
C ILE L 161 4.72 77.95 31.94
N GLN L 162 3.39 77.89 31.97
CA GLN L 162 2.71 76.69 32.45
C GLN L 162 2.97 75.50 31.55
N GLN L 163 2.93 75.70 30.24
CA GLN L 163 3.19 74.63 29.29
C GLN L 163 4.65 74.23 29.28
N ALA L 164 5.56 75.10 29.74
CA ALA L 164 6.95 74.70 29.87
C ALA L 164 7.09 73.57 30.88
N THR L 165 6.35 73.63 31.98
CA THR L 165 6.35 72.58 32.99
C THR L 165 5.37 71.49 32.58
N THR L 166 5.84 70.64 31.67
CA THR L 166 5.03 69.59 31.09
C THR L 166 5.64 68.23 31.37
N VAL L 167 4.95 67.43 32.18
CA VAL L 167 5.36 66.05 32.41
C VAL L 167 5.00 65.24 31.16
N LYS L 168 5.95 64.43 30.70
CA LYS L 168 5.79 63.69 29.46
C LYS L 168 6.07 62.21 29.72
N ASN L 169 5.38 61.36 28.98
CA ASN L 169 5.50 59.91 29.06
C ASN L 169 5.20 59.38 30.46
N LYS L 170 4.43 60.13 31.25
CA LYS L 170 4.04 59.71 32.58
C LYS L 170 2.59 60.09 32.82
N ASP L 171 1.95 59.36 33.73
CA ASP L 171 0.57 59.63 34.09
C ASP L 171 0.52 60.95 34.86
N ILE L 172 0.02 62.01 34.20
CA ILE L 172 -0.01 63.31 34.83
C ILE L 172 -1.00 63.37 35.98
N ARG L 173 -1.95 62.43 36.04
CA ARG L 173 -2.89 62.41 37.15
C ARG L 173 -2.21 62.06 38.47
N LYS L 174 -1.01 61.47 38.42
CA LYS L 174 -0.22 61.22 39.62
C LYS L 174 0.96 62.16 39.75
N PHE L 175 1.68 62.41 38.65
CA PHE L 175 2.81 63.33 38.65
C PHE L 175 2.30 64.73 38.36
N LEU L 176 1.81 65.38 39.42
CA LEU L 176 1.18 66.69 39.29
C LEU L 176 2.16 67.84 39.40
N ASP L 177 3.46 67.60 39.23
CA ASP L 177 4.44 68.67 39.38
C ASP L 177 4.29 69.67 38.25
N GLY L 178 4.56 70.93 38.56
CA GLY L 178 4.51 71.97 37.55
C GLY L 178 4.12 73.30 38.15
N ILE L 179 3.96 74.28 37.26
CA ILE L 179 3.50 75.61 37.63
C ILE L 179 2.12 75.79 37.03
N TYR L 180 1.14 76.05 37.88
CA TYR L 180 -0.23 76.23 37.45
C TYR L 180 -0.75 77.57 37.98
N VAL L 181 -1.49 78.27 37.13
CA VAL L 181 -1.96 79.60 37.44
C VAL L 181 -2.98 79.50 38.57
N SER L 182 -2.70 80.17 39.69
CA SER L 182 -3.65 80.15 40.80
C SER L 182 -4.83 81.07 40.52
N GLU L 183 -4.58 82.36 40.33
CA GLU L 183 -5.64 83.32 40.15
C GLU L 183 -5.19 84.39 39.17
N LYS L 184 -6.16 85.11 38.64
CA LYS L 184 -5.95 86.22 37.73
C LYS L 184 -6.54 87.47 38.35
N GLY L 185 -5.69 88.45 38.61
CA GLY L 185 -6.13 89.64 39.31
C GLY L 185 -5.55 90.88 38.68
N THR L 186 -5.60 91.97 39.45
CA THR L 186 -5.19 93.28 38.97
C THR L 186 -4.03 93.81 39.81
N VAL L 187 -3.58 94.99 39.42
CA VAL L 187 -2.66 95.79 40.22
C VAL L 187 -3.45 96.97 40.74
N GLN L 188 -3.07 97.46 41.93
CA GLN L 188 -3.60 98.65 42.57
C GLN L 188 -5.00 98.38 43.13
N GLN L 189 -5.59 97.25 42.74
CA GLN L 189 -6.83 96.71 43.31
C GLN L 189 -7.92 97.77 43.42
N ALA L 190 -8.11 98.55 42.37
CA ALA L 190 -9.11 99.61 42.41
C ALA L 190 -10.20 99.38 41.37
N GLY M 1 -22.99 31.84 9.63
CA GLY M 1 -23.41 30.98 8.54
C GLY M 1 -24.50 31.60 7.69
N ARG M 2 -24.86 32.84 7.99
CA ARG M 2 -25.88 33.55 7.24
C ARG M 2 -25.24 34.64 6.40
N ARG M 3 -25.74 34.79 5.18
CA ARG M 3 -25.28 35.87 4.32
C ARG M 3 -25.69 37.21 4.91
N PRO M 4 -24.96 38.28 4.58
CA PRO M 4 -25.34 39.61 5.08
C PRO M 4 -26.73 40.00 4.62
N ALA M 5 -27.41 40.78 5.45
CA ALA M 5 -28.79 41.18 5.18
C ALA M 5 -28.92 41.99 3.90
N ARG M 6 -27.85 42.63 3.45
CA ARG M 6 -27.87 43.39 2.20
C ARG M 6 -28.18 42.51 1.00
N CYS M 7 -27.96 41.20 1.10
CA CYS M 7 -28.17 40.30 -0.02
C CYS M 7 -29.63 39.94 -0.21
N TYR M 8 -30.52 40.33 0.70
CA TYR M 8 -31.93 39.97 0.61
C TYR M 8 -32.82 41.14 0.98
N ARG M 9 -32.34 42.37 0.84
CA ARG M 9 -33.06 43.52 1.40
C ARG M 9 -34.32 43.84 0.61
N TYR M 10 -34.25 43.83 -0.71
CA TYR M 10 -35.34 44.29 -1.55
C TYR M 10 -36.28 43.14 -1.92
N CYS M 11 -37.49 43.50 -2.31
CA CYS M 11 -38.49 42.54 -2.76
C CYS M 11 -38.27 42.29 -4.25
N LYS M 12 -37.08 41.82 -4.59
CA LYS M 12 -36.73 41.64 -5.99
C LYS M 12 -37.50 40.51 -6.66
N ASN M 13 -37.99 39.55 -5.90
CA ASN M 13 -38.73 38.43 -6.48
C ASN M 13 -40.17 38.45 -6.02
N LYS M 14 -40.96 37.54 -6.59
CA LYS M 14 -42.36 37.41 -6.23
C LYS M 14 -42.47 36.76 -4.86
N PRO M 15 -43.61 36.94 -4.18
CA PRO M 15 -43.80 36.26 -2.89
C PRO M 15 -43.69 34.75 -3.04
N TYR M 16 -42.86 34.17 -2.18
CA TYR M 16 -42.50 32.76 -2.25
C TYR M 16 -42.76 32.13 -0.88
N PRO M 17 -44.03 31.87 -0.56
CA PRO M 17 -44.35 31.30 0.74
C PRO M 17 -43.93 29.85 0.84
N LYS M 18 -43.70 29.43 2.09
CA LYS M 18 -43.47 28.02 2.38
C LYS M 18 -44.78 27.26 2.22
N SER M 19 -44.87 26.42 1.20
CA SER M 19 -46.10 25.72 0.90
C SER M 19 -45.77 24.30 0.45
N ARG M 20 -46.77 23.64 -0.13
CA ARG M 20 -46.62 22.28 -0.64
C ARG M 20 -45.56 22.17 -1.73
N PHE M 21 -45.22 23.27 -2.39
CA PHE M 21 -44.10 23.26 -3.33
C PHE M 21 -42.78 23.45 -2.62
N CYS M 22 -42.65 24.55 -1.88
CA CYS M 22 -41.40 24.92 -1.22
C CYS M 22 -41.35 24.19 0.11
N ARG M 23 -40.61 23.09 0.15
CA ARG M 23 -40.58 22.20 1.29
C ARG M 23 -39.20 22.21 1.93
N GLY M 24 -39.11 21.62 3.11
CA GLY M 24 -37.85 21.56 3.82
C GLY M 24 -37.37 22.90 4.33
N VAL M 25 -38.27 23.85 4.47
CA VAL M 25 -37.88 25.20 4.91
C VAL M 25 -37.54 25.14 6.40
N PRO M 26 -36.38 25.64 6.80
CA PRO M 26 -36.10 25.78 8.23
C PRO M 26 -37.04 26.78 8.86
N ASP M 27 -37.37 26.55 10.12
CA ASP M 27 -38.29 27.41 10.84
C ASP M 27 -37.67 28.80 11.06
N ALA M 28 -38.54 29.80 11.12
CA ALA M 28 -38.10 31.18 11.26
C ALA M 28 -37.44 31.40 12.62
N LYS M 29 -36.67 32.48 12.70
CA LYS M 29 -36.03 32.82 13.96
C LYS M 29 -37.03 33.20 15.03
N ILE M 30 -38.05 33.98 14.69
CA ILE M 30 -39.04 34.45 15.64
C ILE M 30 -40.16 33.42 15.74
N ARG M 31 -40.45 33.00 16.97
CA ARG M 31 -41.53 32.06 17.22
C ARG M 31 -42.68 32.67 18.00
N ILE M 32 -42.43 33.74 18.75
CA ILE M 32 -43.43 34.36 19.60
C ILE M 32 -43.60 35.80 19.13
N PHE M 33 -44.86 36.20 18.92
CA PHE M 33 -45.16 37.52 18.38
C PHE M 33 -45.85 38.44 19.37
N ASP M 34 -46.20 37.95 20.56
CA ASP M 34 -46.86 38.76 21.57
C ASP M 34 -46.14 38.56 22.90
N LEU M 35 -45.89 39.66 23.61
CA LEU M 35 -45.23 39.61 24.90
C LEU M 35 -45.95 40.55 25.85
N GLY M 36 -45.45 40.59 27.08
CA GLY M 36 -46.08 41.40 28.11
C GLY M 36 -47.37 40.77 28.58
N ARG M 37 -48.15 41.58 29.30
CA ARG M 37 -49.43 41.13 29.83
C ARG M 37 -50.40 41.01 28.68
N LYS M 38 -50.40 39.85 28.01
CA LYS M 38 -51.32 39.64 26.91
C LYS M 38 -52.74 39.43 27.39
N LYS M 39 -52.94 39.08 28.65
CA LYS M 39 -54.28 38.93 29.20
C LYS M 39 -54.84 40.22 29.76
N ALA M 40 -54.13 41.33 29.62
CA ALA M 40 -54.64 42.60 30.13
C ALA M 40 -55.86 43.03 29.33
N LYS M 41 -56.82 43.63 30.03
CA LYS M 41 -58.04 44.10 29.38
C LYS M 41 -57.75 45.31 28.51
N VAL M 42 -58.80 45.74 27.78
CA VAL M 42 -58.65 46.82 26.82
C VAL M 42 -58.42 48.15 27.53
N ASP M 43 -59.22 48.44 28.56
CA ASP M 43 -59.09 49.69 29.28
C ASP M 43 -57.84 49.77 30.15
N GLU M 44 -57.22 48.64 30.45
CA GLU M 44 -56.01 48.66 31.27
C GLU M 44 -54.86 49.33 30.53
N PHE M 45 -54.76 49.12 29.22
CA PHE M 45 -53.70 49.68 28.38
C PHE M 45 -54.35 50.58 27.34
N PRO M 46 -54.58 51.85 27.66
CA PRO M 46 -55.24 52.73 26.69
C PRO M 46 -54.32 53.22 25.59
N LEU M 47 -53.07 53.52 25.89
CA LEU M 47 -52.15 54.09 24.92
C LEU M 47 -51.65 53.01 23.97
N GLY M 48 -51.65 53.31 22.68
CA GLY M 48 -51.11 52.40 21.69
C GLY M 48 -50.12 53.07 20.77
N GLY M 49 -48.89 52.56 20.74
CA GLY M 49 -47.87 53.12 19.88
C GLY M 49 -47.40 52.13 18.83
N HIS M 50 -47.44 52.52 17.57
CA HIS M 50 -47.03 51.65 16.48
C HIS M 50 -45.75 52.16 15.84
N MET M 51 -45.05 51.25 15.17
CA MET M 51 -43.83 51.57 14.45
C MET M 51 -44.03 51.20 12.99
N VAL M 52 -43.68 52.12 12.09
CA VAL M 52 -44.05 52.02 10.68
C VAL M 52 -42.79 52.12 9.83
N SER M 53 -42.69 51.25 8.83
CA SER M 53 -41.58 51.31 7.90
C SER M 53 -41.81 52.37 6.83
N ASP M 54 -40.74 53.05 6.45
CA ASP M 54 -40.79 54.03 5.38
C ASP M 54 -40.26 53.48 4.07
N GLU M 55 -39.98 52.18 4.00
CA GLU M 55 -39.39 51.60 2.81
C GLU M 55 -40.11 50.30 2.46
N TYR M 56 -40.32 50.09 1.16
CA TYR M 56 -40.87 48.85 0.65
C TYR M 56 -39.72 47.87 0.50
N GLU M 57 -39.61 46.93 1.44
CA GLU M 57 -38.48 46.03 1.45
C GLU M 57 -38.85 44.76 2.22
N GLN M 58 -37.81 43.98 2.54
CA GLN M 58 -37.96 42.72 3.23
C GLN M 58 -37.22 42.79 4.56
N LEU M 59 -37.85 42.28 5.61
CA LEU M 59 -37.22 42.23 6.93
C LEU M 59 -37.02 40.78 7.35
N SER M 60 -35.79 40.45 7.72
CA SER M 60 -35.43 39.10 8.09
C SER M 60 -36.05 38.74 9.45
N SER M 61 -36.25 37.45 9.65
CA SER M 61 -36.80 36.98 10.92
C SER M 61 -35.86 37.28 12.07
N GLU M 62 -34.55 37.17 11.83
CA GLU M 62 -33.58 37.42 12.89
C GLU M 62 -33.61 38.88 13.33
N ALA M 63 -33.69 39.81 12.38
CA ALA M 63 -33.76 41.22 12.75
C ALA M 63 -35.02 41.52 13.53
N LEU M 64 -36.15 40.93 13.12
CA LEU M 64 -37.39 41.10 13.86
C LEU M 64 -37.23 40.57 15.28
N GLU M 65 -36.62 39.41 15.43
CA GLU M 65 -36.44 38.83 16.76
C GLU M 65 -35.53 39.69 17.62
N ALA M 66 -34.44 40.21 17.05
CA ALA M 66 -33.53 41.04 17.82
C ALA M 66 -34.21 42.33 18.27
N ALA M 67 -34.98 42.95 17.38
CA ALA M 67 -35.72 44.15 17.76
C ALA M 67 -36.74 43.84 18.85
N ARG M 68 -37.42 42.70 18.73
CA ARG M 68 -38.41 42.33 19.73
C ARG M 68 -37.75 42.10 21.09
N ILE M 69 -36.58 41.47 21.09
CA ILE M 69 -35.84 41.25 22.33
C ILE M 69 -35.44 42.57 22.96
N CYS M 70 -34.92 43.50 22.15
CA CYS M 70 -34.47 44.78 22.68
C CYS M 70 -35.64 45.55 23.28
N ALA M 71 -36.76 45.59 22.56
CA ALA M 71 -37.95 46.27 23.07
C ALA M 71 -38.44 45.60 24.34
N ASN M 72 -38.40 44.28 24.38
CA ASN M 72 -38.81 43.55 25.58
C ASN M 72 -37.99 43.96 26.79
N LYS M 73 -36.66 43.94 26.65
CA LYS M 73 -35.80 44.27 27.77
C LYS M 73 -36.00 45.71 28.21
N TYR M 74 -36.09 46.64 27.26
CA TYR M 74 -36.24 48.04 27.64
C TYR M 74 -37.57 48.30 28.32
N MET M 75 -38.65 47.67 27.83
CA MET M 75 -39.96 47.86 28.45
C MET M 75 -39.98 47.27 29.85
N VAL M 76 -39.37 46.10 30.04
CA VAL M 76 -39.30 45.51 31.37
C VAL M 76 -38.50 46.40 32.31
N LYS M 77 -37.38 46.95 31.83
CA LYS M 77 -36.56 47.81 32.66
C LYS M 77 -37.28 49.10 33.03
N SER M 78 -38.02 49.68 32.09
CA SER M 78 -38.64 50.99 32.30
C SER M 78 -39.98 50.88 33.00
N CYS M 79 -40.96 50.26 32.37
CA CYS M 79 -42.32 50.23 32.87
C CYS M 79 -42.61 49.00 33.72
N GLY M 80 -41.61 48.18 33.97
CA GLY M 80 -41.83 46.91 34.63
C GLY M 80 -42.19 45.82 33.64
N ARG M 81 -42.24 44.60 34.14
CA ARG M 81 -42.52 43.44 33.30
C ARG M 81 -43.98 43.31 32.94
N ASP M 82 -44.88 43.93 33.70
CA ASP M 82 -46.32 43.74 33.51
C ASP M 82 -47.05 45.01 33.10
N GLY M 83 -46.33 46.11 32.88
CA GLY M 83 -46.96 47.38 32.61
C GLY M 83 -47.32 47.63 31.17
N PHE M 84 -47.19 46.63 30.29
CA PHE M 84 -47.28 46.88 28.86
C PHE M 84 -47.67 45.59 28.16
N HIS M 85 -47.94 45.72 26.87
CA HIS M 85 -48.24 44.61 25.99
C HIS M 85 -47.72 44.94 24.60
N MET M 86 -46.99 44.01 23.99
CA MET M 86 -46.39 44.22 22.68
C MET M 86 -46.96 43.23 21.67
N ARG M 87 -46.93 43.62 20.40
CA ARG M 87 -47.33 42.75 19.31
C ARG M 87 -46.49 43.03 18.08
N VAL M 88 -45.80 42.01 17.59
CA VAL M 88 -45.13 42.08 16.29
C VAL M 88 -46.20 41.95 15.21
N ARG M 89 -46.18 42.85 14.24
CA ARG M 89 -47.25 42.95 13.25
C ARG M 89 -46.88 42.36 11.91
N LEU M 90 -45.79 41.60 11.83
CA LEU M 90 -45.35 40.99 10.58
C LEU M 90 -45.14 39.51 10.81
N HIS M 91 -45.12 38.74 9.74
CA HIS M 91 -44.81 37.34 9.83
C HIS M 91 -43.94 36.94 8.64
N PRO M 92 -42.72 36.49 8.86
CA PRO M 92 -41.78 36.23 7.74
C PRO M 92 -42.19 35.01 6.92
N PHE M 93 -43.23 35.18 6.12
CA PHE M 93 -43.78 34.08 5.35
C PHE M 93 -43.09 33.88 4.02
N HIS M 94 -42.23 34.80 3.60
CA HIS M 94 -41.56 34.74 2.31
C HIS M 94 -40.24 34.01 2.46
N VAL M 95 -39.98 33.05 1.60
CA VAL M 95 -38.78 32.23 1.69
C VAL M 95 -37.76 32.75 0.69
N ILE M 96 -36.52 32.93 1.14
CA ILE M 96 -35.42 33.33 0.27
C ILE M 96 -34.56 32.11 -0.01
N ARG M 97 -34.16 31.96 -1.27
CA ARG M 97 -33.37 30.82 -1.71
C ARG M 97 -31.90 31.18 -1.81
N ILE M 98 -31.06 30.16 -1.74
CA ILE M 98 -29.62 30.33 -1.83
C ILE M 98 -29.05 29.29 -2.78
N ASN M 99 -28.25 29.73 -3.73
CA ASN M 99 -27.58 28.83 -4.68
C ASN M 99 -26.18 28.58 -4.15
N LYS M 100 -26.00 27.43 -3.50
CA LYS M 100 -24.76 27.13 -2.79
C LYS M 100 -23.59 27.02 -3.75
N MET M 101 -22.47 27.62 -3.36
CA MET M 101 -21.19 27.43 -4.02
C MET M 101 -20.20 26.85 -3.01
N LEU M 102 -19.42 25.88 -3.47
CA LEU M 102 -18.48 25.21 -2.58
C LEU M 102 -17.35 26.15 -2.19
N SER M 103 -17.02 26.17 -0.90
CA SER M 103 -15.96 27.04 -0.38
C SER M 103 -14.60 26.37 -0.46
N CYS M 104 -14.14 26.11 -1.69
CA CYS M 104 -12.81 25.56 -1.94
C CYS M 104 -12.17 26.33 -3.09
N ALA M 105 -10.84 26.25 -3.16
CA ALA M 105 -10.07 26.97 -4.19
C ALA M 105 -10.07 26.20 -5.50
N GLY M 106 -11.28 25.90 -6.00
CA GLY M 106 -11.42 25.18 -7.24
C GLY M 106 -12.85 25.09 -7.74
N ALA M 107 -13.05 25.41 -9.02
CA ALA M 107 -14.34 25.26 -9.66
C ALA M 107 -14.48 23.95 -10.42
N ASP M 108 -13.37 23.23 -10.62
CA ASP M 108 -13.41 21.90 -11.21
C ASP M 108 -14.08 20.88 -10.29
N ARG M 109 -14.26 21.23 -9.02
CA ARG M 109 -14.96 20.38 -8.06
C ARG M 109 -16.46 20.63 -8.22
N LEU M 110 -17.02 20.15 -9.33
CA LEU M 110 -18.45 20.12 -9.63
C LEU M 110 -19.19 21.40 -9.24
N GLN M 111 -18.59 22.56 -9.48
CA GLN M 111 -19.25 23.81 -9.11
C GLN M 111 -20.36 24.17 -10.08
N THR M 112 -20.19 23.79 -11.36
CA THR M 112 -21.18 23.89 -12.43
C THR M 112 -21.53 25.33 -12.79
N GLY M 113 -20.89 26.30 -12.17
CA GLY M 113 -21.12 27.70 -12.51
C GLY M 113 -22.56 28.12 -12.23
N MET M 114 -23.21 28.68 -13.23
CA MET M 114 -24.59 29.16 -13.10
C MET M 114 -25.62 28.13 -13.55
N ARG M 115 -25.19 26.90 -13.84
CA ARG M 115 -26.12 25.87 -14.27
C ARG M 115 -26.88 25.32 -13.08
N GLY M 116 -28.20 25.19 -13.23
CA GLY M 116 -29.04 24.72 -12.14
C GLY M 116 -29.00 25.70 -10.99
N ALA M 117 -29.09 26.99 -11.29
CA ALA M 117 -28.87 28.04 -10.31
C ALA M 117 -30.00 28.17 -9.30
N PHE M 118 -31.12 27.48 -9.50
CA PHE M 118 -32.25 27.61 -8.59
C PHE M 118 -31.85 27.14 -7.20
N GLY M 119 -32.11 27.98 -6.20
CA GLY M 119 -31.50 27.80 -4.91
C GLY M 119 -32.35 27.04 -3.91
N LYS M 120 -31.70 26.54 -2.88
CA LYS M 120 -32.26 25.85 -1.72
C LYS M 120 -32.77 26.88 -0.72
N PRO M 121 -33.80 26.52 0.06
CA PRO M 121 -34.39 27.50 0.99
C PRO M 121 -33.42 27.95 2.07
N GLN M 122 -33.08 29.23 2.06
CA GLN M 122 -32.14 29.77 3.04
C GLN M 122 -32.84 30.16 4.34
N GLY M 123 -33.71 31.15 4.28
CA GLY M 123 -34.34 31.66 5.48
C GLY M 123 -35.67 32.30 5.15
N THR M 124 -36.23 32.99 6.14
CA THR M 124 -37.55 33.56 6.00
C THR M 124 -37.52 35.05 6.34
N VAL M 125 -38.10 35.85 5.44
CA VAL M 125 -38.16 37.29 5.59
C VAL M 125 -39.61 37.72 5.44
N ALA M 126 -39.92 38.90 5.98
CA ALA M 126 -41.25 39.47 5.93
C ALA M 126 -41.25 40.66 4.99
N ARG M 127 -42.22 40.70 4.07
CA ARG M 127 -42.34 41.80 3.14
C ARG M 127 -43.09 42.93 3.82
N VAL M 128 -42.49 44.12 3.81
CA VAL M 128 -43.09 45.28 4.45
C VAL M 128 -43.25 46.38 3.40
N HIS M 129 -44.37 47.08 3.47
CA HIS M 129 -44.70 48.13 2.52
C HIS M 129 -44.56 49.49 3.18
N ILE M 130 -44.55 50.52 2.35
CA ILE M 130 -44.56 51.87 2.88
C ILE M 130 -45.87 52.10 3.61
N GLY M 131 -45.78 52.62 4.83
CA GLY M 131 -46.96 52.84 5.62
C GLY M 131 -47.51 51.61 6.31
N GLN M 132 -46.74 50.53 6.36
CA GLN M 132 -47.17 49.31 7.02
C GLN M 132 -46.64 49.26 8.44
N VAL M 133 -47.41 48.68 9.34
CA VAL M 133 -47.07 48.66 10.76
C VAL M 133 -46.08 47.55 11.03
N ILE M 134 -45.10 47.82 11.88
CA ILE M 134 -44.06 46.84 12.23
C ILE M 134 -44.34 46.20 13.58
N MET M 135 -44.34 46.99 14.64
CA MET M 135 -44.56 46.49 16.00
C MET M 135 -45.62 47.34 16.67
N SER M 136 -46.46 46.71 17.49
CA SER M 136 -47.52 47.38 18.18
C SER M 136 -47.36 47.18 19.68
N ILE M 137 -47.38 48.28 20.42
CA ILE M 137 -47.19 48.26 21.87
C ILE M 137 -48.34 49.03 22.50
N ARG M 138 -48.96 48.44 23.53
CA ARG M 138 -49.96 49.14 24.32
C ARG M 138 -49.55 49.10 25.79
N THR M 139 -49.82 50.19 26.50
CA THR M 139 -49.50 50.34 27.90
C THR M 139 -50.28 51.51 28.48
N LYS M 140 -49.93 51.91 29.70
CA LYS M 140 -50.51 53.09 30.33
C LYS M 140 -50.15 54.34 29.53
N LEU M 141 -51.00 55.36 29.66
CA LEU M 141 -50.77 56.59 28.93
C LEU M 141 -49.54 57.34 29.42
N GLN M 142 -49.23 57.24 30.72
CA GLN M 142 -48.12 57.97 31.30
C GLN M 142 -46.76 57.42 30.90
N ASN M 143 -46.71 56.26 30.27
CA ASN M 143 -45.46 55.63 29.85
C ASN M 143 -45.12 55.92 28.40
N GLU M 144 -45.59 57.06 27.88
CA GLU M 144 -45.46 57.34 26.45
C GLU M 144 -44.00 57.44 26.04
N GLU M 145 -43.20 58.17 26.82
CA GLU M 145 -41.79 58.34 26.47
C GLU M 145 -41.03 57.02 26.54
N HIS M 146 -41.43 56.14 27.46
CA HIS M 146 -40.80 54.82 27.52
C HIS M 146 -41.05 54.05 26.22
N VAL M 147 -42.29 54.09 25.72
CA VAL M 147 -42.62 53.40 24.48
C VAL M 147 -41.86 54.01 23.32
N ILE M 148 -41.78 55.34 23.28
CA ILE M 148 -41.07 56.02 22.20
C ILE M 148 -39.61 55.60 22.18
N GLU M 149 -38.97 55.58 23.35
CA GLU M 149 -37.56 55.20 23.40
C GLU M 149 -37.37 53.71 23.10
N ALA M 150 -38.30 52.87 23.53
CA ALA M 150 -38.19 51.45 23.21
C ALA M 150 -38.26 51.23 21.71
N LEU M 151 -39.19 51.88 21.03
CA LEU M 151 -39.29 51.74 19.59
C LEU M 151 -38.10 52.39 18.89
N ARG M 152 -37.57 53.48 19.46
CA ARG M 152 -36.37 54.10 18.90
C ARG M 152 -35.19 53.15 18.98
N ARG M 153 -35.07 52.42 20.09
CA ARG M 153 -33.96 51.47 20.24
C ARG M 153 -34.09 50.33 19.24
N ALA M 154 -35.29 49.79 19.07
CA ALA M 154 -35.47 48.68 18.14
C ALA M 154 -35.28 49.11 16.69
N LYS M 155 -35.33 50.41 16.41
CA LYS M 155 -35.12 50.88 15.04
C LYS M 155 -33.70 50.61 14.59
N PHE M 156 -32.74 50.65 15.50
CA PHE M 156 -31.36 50.33 15.15
C PHE M 156 -31.19 48.87 14.74
N LYS M 157 -32.19 48.03 15.01
CA LYS M 157 -32.13 46.63 14.63
C LYS M 157 -32.59 46.40 13.19
N PHE M 158 -32.95 47.46 12.47
CA PHE M 158 -33.48 47.33 11.14
C PHE M 158 -32.69 48.15 10.14
N PRO M 159 -32.55 47.64 8.92
CA PRO M 159 -31.72 48.33 7.91
C PRO M 159 -32.29 49.66 7.46
N GLY M 160 -33.56 49.66 7.08
CA GLY M 160 -34.18 50.81 6.44
C GLY M 160 -34.56 51.91 7.40
N ARG M 161 -35.36 52.84 6.90
CA ARG M 161 -35.77 54.02 7.64
C ARG M 161 -37.18 53.80 8.19
N GLN M 162 -37.34 54.07 9.48
CA GLN M 162 -38.59 53.80 10.17
C GLN M 162 -38.96 55.00 11.03
N LYS M 163 -40.26 55.23 11.19
CA LYS M 163 -40.75 56.32 12.02
C LYS M 163 -41.63 55.80 13.13
N ILE M 164 -41.64 56.54 14.23
CA ILE M 164 -42.42 56.22 15.42
C ILE M 164 -43.67 57.08 15.40
N HIS M 165 -44.82 56.42 15.52
CA HIS M 165 -46.11 57.09 15.40
C HIS M 165 -46.98 56.74 16.60
N ILE M 166 -47.71 57.71 17.11
CA ILE M 166 -48.66 57.49 18.19
C ILE M 166 -50.07 57.48 17.58
N SER M 167 -50.72 56.33 17.63
CA SER M 167 -52.02 56.19 17.01
C SER M 167 -53.10 56.91 17.82
N LYS M 168 -54.17 57.32 17.13
CA LYS M 168 -55.32 57.90 17.80
C LYS M 168 -56.37 56.87 18.18
N LYS M 169 -56.20 55.62 17.77
CA LYS M 169 -57.10 54.57 18.23
C LYS M 169 -56.78 54.19 19.67
N TRP M 170 -57.78 53.61 20.33
CA TRP M 170 -57.63 53.17 21.71
C TRP M 170 -56.90 51.84 21.73
N GLY M 171 -55.66 51.86 22.22
CA GLY M 171 -54.91 50.62 22.38
C GLY M 171 -54.68 49.92 21.07
N PHE M 172 -54.87 48.60 21.08
CA PHE M 172 -54.69 47.78 19.90
C PHE M 172 -55.95 47.66 19.06
N THR M 173 -57.06 48.23 19.52
CA THR M 173 -58.29 48.13 18.78
C THR M 173 -58.28 49.10 17.60
N LYS M 174 -59.32 49.02 16.78
CA LYS M 174 -59.43 49.82 15.57
C LYS M 174 -60.36 51.01 15.74
N PHE M 175 -60.70 51.37 16.98
CA PHE M 175 -61.64 52.44 17.24
C PHE M 175 -60.94 53.63 17.87
N ASN M 176 -61.37 54.83 17.49
CA ASN M 176 -60.76 56.05 17.95
C ASN M 176 -60.83 56.16 19.47
N ALA M 177 -59.74 56.66 20.06
CA ALA M 177 -59.65 56.74 21.52
C ALA M 177 -60.67 57.71 22.10
N ASP M 178 -60.93 58.83 21.42
CA ASP M 178 -61.89 59.81 21.92
C ASP M 178 -63.31 59.25 21.97
N GLU M 179 -63.70 58.51 20.94
CA GLU M 179 -65.04 57.96 20.86
C GLU M 179 -65.16 56.61 21.56
N PHE M 180 -64.05 56.04 22.02
CA PHE M 180 -64.07 54.74 22.66
C PHE M 180 -64.95 54.75 23.91
N GLU M 181 -64.80 55.78 24.74
CA GLU M 181 -65.51 55.80 26.01
C GLU M 181 -67.02 55.90 25.80
N ASP M 182 -67.47 56.84 24.99
CA ASP M 182 -68.90 56.98 24.80
C ASP M 182 -69.47 55.83 23.97
N MET M 183 -68.64 55.16 23.18
CA MET M 183 -69.09 53.95 22.51
C MET M 183 -69.33 52.82 23.51
N VAL M 184 -68.42 52.68 24.49
CA VAL M 184 -68.62 51.66 25.52
C VAL M 184 -69.83 51.99 26.39
N ALA M 185 -70.03 53.28 26.67
CA ALA M 185 -71.16 53.68 27.51
C ALA M 185 -72.48 53.29 26.88
N LYS M 186 -72.59 53.45 25.56
CA LYS M 186 -73.80 53.10 24.83
C LYS M 186 -73.81 51.66 24.37
N LYS M 187 -72.86 50.85 24.82
CA LYS M 187 -72.83 49.40 24.60
C LYS M 187 -72.74 49.02 23.12
N CYS M 188 -72.11 49.86 22.30
CA CYS M 188 -71.81 49.42 20.94
C CYS M 188 -70.53 48.59 20.89
N LEU M 189 -69.81 48.51 22.02
CA LEU M 189 -68.58 47.74 22.12
C LEU M 189 -68.60 46.92 23.39
N ILE M 190 -68.12 45.68 23.31
CA ILE M 190 -68.10 44.75 24.43
C ILE M 190 -66.68 44.24 24.62
N PRO M 191 -66.02 44.57 25.73
CA PRO M 191 -64.65 44.10 25.93
C PRO M 191 -64.59 42.60 26.09
N ASP M 192 -63.50 42.01 25.59
CA ASP M 192 -63.20 40.61 25.80
C ASP M 192 -61.72 40.34 25.56
N GLY M 193 -61.00 40.06 26.64
CA GLY M 193 -59.57 39.94 26.54
C GLY M 193 -58.96 41.27 26.18
N CYS M 194 -57.94 41.24 25.33
CA CYS M 194 -57.30 42.45 24.86
C CYS M 194 -58.04 43.08 23.70
N GLY M 195 -59.25 42.62 23.40
CA GLY M 195 -60.05 43.18 22.34
C GLY M 195 -61.47 43.47 22.80
N VAL M 196 -62.21 44.13 21.91
CA VAL M 196 -63.61 44.45 22.12
C VAL M 196 -64.39 43.89 20.95
N LYS M 197 -65.65 43.56 21.18
CA LYS M 197 -66.52 43.05 20.14
C LYS M 197 -67.50 44.13 19.74
N TYR M 198 -67.36 44.64 18.51
CA TYR M 198 -68.30 45.60 17.97
C TYR M 198 -69.68 44.98 17.88
N VAL M 199 -70.69 45.70 18.34
CA VAL M 199 -72.06 45.21 18.32
C VAL M 199 -72.87 46.08 17.38
N PRO M 200 -73.10 45.64 16.14
CA PRO M 200 -73.89 46.44 15.22
C PRO M 200 -75.35 46.48 15.60
N SER M 201 -76.03 47.52 15.12
CA SER M 201 -77.42 47.76 15.46
C SER M 201 -78.38 46.98 14.56
N HIS M 202 -78.14 45.68 14.44
CA HIS M 202 -79.02 44.81 13.68
C HIS M 202 -78.79 43.37 14.15
N GLY M 203 -79.62 42.48 13.61
CA GLY M 203 -79.58 41.08 14.00
C GLY M 203 -80.84 40.74 14.76
N PRO M 204 -80.92 39.51 15.29
CA PRO M 204 -82.06 39.16 16.14
C PRO M 204 -82.09 40.01 17.40
N LEU M 205 -83.30 40.32 17.85
CA LEU M 205 -83.47 41.15 19.03
C LEU M 205 -83.08 40.44 20.32
N ASP M 206 -82.86 39.12 20.27
CA ASP M 206 -82.43 38.39 21.46
C ASP M 206 -81.08 38.89 21.94
N LYS M 207 -80.14 39.12 21.02
CA LYS M 207 -78.84 39.64 21.45
C LYS M 207 -78.97 41.07 21.96
N TRP M 208 -79.95 41.83 21.46
CA TRP M 208 -80.13 43.17 21.99
C TRP M 208 -80.66 43.11 23.42
N ARG M 209 -81.57 42.18 23.69
CA ARG M 209 -82.22 42.14 24.99
C ARG M 209 -81.42 41.37 26.03
N VAL M 210 -80.48 40.52 25.63
CA VAL M 210 -79.57 39.96 26.62
C VAL M 210 -78.60 41.03 27.10
N LEU M 211 -78.22 41.95 26.20
CA LEU M 211 -77.61 43.19 26.64
C LEU M 211 -78.69 44.09 27.22
N HIS M 212 -78.24 45.17 27.87
CA HIS M 212 -79.12 46.08 28.60
C HIS M 212 -79.90 45.32 29.66
N SER M 213 -79.32 44.24 30.17
CA SER M 213 -80.00 43.37 31.11
C SER M 213 -79.02 42.76 32.09
N LYS N 6 -108.88 17.67 20.59
CA LYS N 6 -107.79 18.61 20.85
C LYS N 6 -106.56 18.28 20.02
N GLU N 7 -106.19 17.01 19.99
CA GLU N 7 -105.05 16.55 19.21
C GLU N 7 -105.50 16.20 17.81
N ASN N 8 -104.78 16.71 16.82
CA ASN N 8 -105.03 16.31 15.45
C ASN N 8 -104.59 14.85 15.29
N PRO N 9 -105.48 13.96 14.83
CA PRO N 9 -105.10 12.54 14.72
C PRO N 9 -103.96 12.29 13.75
N MET N 10 -103.71 13.21 12.82
CA MET N 10 -102.58 13.08 11.91
C MET N 10 -101.24 13.15 12.63
N ARG N 11 -101.21 13.63 13.87
CA ARG N 11 -100.01 13.66 14.66
C ARG N 11 -99.85 12.45 15.57
N GLU N 12 -100.78 11.50 15.54
CA GLU N 12 -100.70 10.34 16.42
C GLU N 12 -99.49 9.49 16.07
N LEU N 13 -98.73 9.13 17.08
CA LEU N 13 -97.50 8.38 16.88
C LEU N 13 -97.80 6.96 16.43
N ARG N 14 -96.86 6.38 15.70
CA ARG N 14 -97.01 5.02 15.21
C ARG N 14 -95.65 4.47 14.81
N ILE N 15 -95.59 3.15 14.67
CA ILE N 15 -94.36 2.46 14.31
C ILE N 15 -94.25 2.39 12.80
N ARG N 16 -93.05 2.69 12.29
CA ARG N 16 -92.82 2.59 10.86
C ARG N 16 -92.17 1.27 10.48
N LYS N 17 -91.02 0.98 11.06
CA LYS N 17 -90.29 -0.24 10.79
C LYS N 17 -89.60 -0.68 12.07
N LEU N 18 -89.21 -1.95 12.11
CA LEU N 18 -88.59 -2.49 13.30
C LEU N 18 -87.13 -2.80 13.13
N CYS N 19 -86.71 -3.16 11.90
CA CYS N 19 -85.31 -3.25 11.50
C CYS N 19 -84.53 -4.23 12.37
N LEU N 20 -84.93 -5.49 12.28
CA LEU N 20 -84.21 -6.56 12.94
C LEU N 20 -82.81 -6.69 12.35
N ASN N 21 -81.84 -7.04 13.19
CA ASN N 21 -80.46 -7.13 12.77
C ASN N 21 -79.71 -8.11 13.66
N ILE N 22 -79.01 -9.06 13.03
CA ILE N 22 -78.12 -9.99 13.72
C ILE N 22 -76.74 -9.85 13.11
N CYS N 23 -75.75 -9.59 13.95
CA CYS N 23 -74.39 -9.36 13.48
C CYS N 23 -73.53 -10.55 13.86
N VAL N 24 -73.56 -11.60 13.03
CA VAL N 24 -72.66 -12.73 13.19
C VAL N 24 -71.25 -12.30 12.85
N GLY N 25 -70.27 -12.85 13.58
CA GLY N 25 -68.89 -12.43 13.39
C GLY N 25 -68.37 -12.72 11.99
N GLU N 26 -68.61 -13.92 11.49
CA GLU N 26 -68.08 -14.34 10.19
C GLU N 26 -69.21 -14.90 9.33
N SER N 27 -68.82 -15.50 8.20
CA SER N 27 -69.76 -16.09 7.26
C SER N 27 -69.82 -17.60 7.47
N GLY N 28 -70.55 -18.28 6.58
CA GLY N 28 -70.64 -19.72 6.62
C GLY N 28 -71.92 -20.25 7.25
N ASP N 29 -71.81 -21.32 8.02
CA ASP N 29 -72.98 -21.92 8.65
C ASP N 29 -73.64 -20.95 9.61
N ARG N 30 -72.85 -20.21 10.39
CA ARG N 30 -73.41 -19.38 11.45
C ARG N 30 -74.30 -18.29 10.88
N LEU N 31 -73.84 -17.61 9.85
CA LEU N 31 -74.67 -16.56 9.25
C LEU N 31 -75.90 -17.14 8.58
N THR N 32 -75.76 -18.28 7.90
CA THR N 32 -76.91 -18.90 7.25
C THR N 32 -77.97 -19.33 8.26
N ARG N 33 -77.52 -19.92 9.37
CA ARG N 33 -78.45 -20.32 10.42
C ARG N 33 -79.08 -19.11 11.09
N ALA N 34 -78.32 -18.02 11.24
CA ALA N 34 -78.91 -16.79 11.75
C ALA N 34 -79.98 -16.25 10.81
N ALA N 35 -79.72 -16.35 9.51
CA ALA N 35 -80.73 -15.95 8.52
C ALA N 35 -81.97 -16.82 8.63
N LYS N 36 -81.78 -18.13 8.85
CA LYS N 36 -82.91 -19.01 9.06
C LYS N 36 -83.68 -18.63 10.31
N VAL N 37 -82.96 -18.24 11.37
CA VAL N 37 -83.61 -17.77 12.60
C VAL N 37 -84.44 -16.53 12.31
N LEU N 38 -83.89 -15.59 11.56
CA LEU N 38 -84.62 -14.37 11.23
C LEU N 38 -85.87 -14.69 10.41
N GLU N 39 -85.73 -15.61 9.46
CA GLU N 39 -86.89 -16.06 8.70
C GLU N 39 -87.94 -16.69 9.60
N GLN N 40 -87.50 -17.54 10.53
CA GLN N 40 -88.42 -18.23 11.41
C GLN N 40 -89.17 -17.24 12.31
N LEU N 41 -88.47 -16.21 12.78
CA LEU N 41 -89.11 -15.19 13.59
C LEU N 41 -90.08 -14.35 12.76
N THR N 42 -89.71 -14.00 11.54
CA THR N 42 -90.51 -13.10 10.74
C THR N 42 -91.45 -13.79 9.77
N GLY N 43 -91.18 -15.05 9.43
CA GLY N 43 -91.87 -15.65 8.29
C GLY N 43 -91.55 -14.89 7.02
N GLN N 44 -90.32 -14.41 6.90
CA GLN N 44 -89.98 -13.42 5.89
C GLN N 44 -88.48 -13.41 5.63
N THR N 45 -88.09 -13.43 4.36
CA THR N 45 -86.69 -13.62 4.01
C THR N 45 -85.87 -12.38 4.36
N PRO N 46 -84.80 -12.53 5.15
CA PRO N 46 -83.93 -11.39 5.42
C PRO N 46 -82.86 -11.24 4.36
N VAL N 47 -81.95 -10.28 4.56
CA VAL N 47 -80.84 -10.07 3.64
C VAL N 47 -79.55 -9.98 4.44
N PHE N 48 -78.44 -10.22 3.76
CA PHE N 48 -77.12 -10.19 4.37
C PHE N 48 -76.48 -8.82 4.24
N SER N 49 -75.62 -8.50 5.21
CA SER N 49 -74.80 -7.31 5.19
C SER N 49 -73.35 -7.72 5.03
N LYS N 50 -72.68 -7.19 4.02
CA LYS N 50 -71.27 -7.47 3.82
C LYS N 50 -70.42 -6.40 4.50
N ALA N 51 -69.21 -6.80 4.89
CA ALA N 51 -68.29 -5.91 5.58
C ALA N 51 -67.81 -4.82 4.63
N ARG N 52 -67.87 -3.57 5.07
CA ARG N 52 -67.49 -2.48 4.20
C ARG N 52 -65.99 -2.47 3.94
N TYR N 53 -65.20 -2.84 4.93
CA TYR N 53 -63.74 -2.87 4.82
C TYR N 53 -63.24 -4.23 5.27
N THR N 54 -61.92 -4.35 5.32
CA THR N 54 -61.26 -5.54 5.85
C THR N 54 -60.49 -5.14 7.10
N VAL N 55 -60.78 -5.80 8.22
CA VAL N 55 -60.04 -5.57 9.47
C VAL N 55 -59.52 -6.90 9.99
N ARG N 56 -58.23 -6.91 10.35
CA ARG N 56 -57.61 -8.09 10.91
C ARG N 56 -57.97 -8.30 12.37
N SER N 57 -58.32 -7.23 13.08
CA SER N 57 -58.68 -7.37 14.49
C SER N 57 -59.89 -8.25 14.67
N PHE N 58 -60.89 -8.09 13.81
CA PHE N 58 -62.07 -8.95 13.86
C PHE N 58 -61.99 -10.11 12.88
N GLY N 59 -60.89 -10.20 12.13
CA GLY N 59 -60.69 -11.32 11.23
C GLY N 59 -61.72 -11.40 10.12
N ILE N 60 -62.18 -10.26 9.62
CA ILE N 60 -63.18 -10.22 8.58
C ILE N 60 -62.61 -9.50 7.38
N ARG N 61 -63.15 -9.81 6.20
CA ARG N 61 -62.66 -9.25 4.96
C ARG N 61 -63.75 -8.41 4.30
N ARG N 62 -63.30 -7.48 3.48
CA ARG N 62 -64.21 -6.65 2.69
C ARG N 62 -65.03 -7.54 1.76
N ASN N 63 -66.27 -7.11 1.51
CA ASN N 63 -67.19 -7.77 0.58
C ASN N 63 -67.53 -9.19 1.02
N GLU N 64 -67.25 -9.54 2.28
CA GLU N 64 -67.65 -10.82 2.83
C GLU N 64 -68.94 -10.63 3.61
N LYS N 65 -69.92 -11.49 3.36
CA LYS N 65 -71.19 -11.46 4.07
C LYS N 65 -70.98 -11.67 5.56
N ILE N 66 -71.28 -10.66 6.37
CA ILE N 66 -70.96 -10.72 7.79
C ILE N 66 -72.23 -10.85 8.63
N ALA N 67 -73.18 -9.95 8.43
CA ALA N 67 -74.37 -9.87 9.26
C ALA N 67 -75.62 -10.13 8.42
N VAL N 68 -76.70 -10.44 9.12
CA VAL N 68 -78.00 -10.64 8.49
C VAL N 68 -79.02 -9.74 9.20
N HIS N 69 -79.88 -9.11 8.41
CA HIS N 69 -80.85 -8.18 8.98
C HIS N 69 -82.04 -8.09 8.05
N CYS N 70 -83.13 -7.53 8.58
CA CYS N 70 -84.35 -7.32 7.82
C CYS N 70 -85.20 -6.29 8.53
N THR N 71 -86.16 -5.73 7.80
CA THR N 71 -87.08 -4.74 8.34
C THR N 71 -88.50 -5.28 8.31
N VAL N 72 -89.21 -5.15 9.42
CA VAL N 72 -90.56 -5.67 9.56
C VAL N 72 -91.50 -4.51 9.87
N ARG N 73 -92.59 -4.41 9.12
CA ARG N 73 -93.55 -3.33 9.24
C ARG N 73 -94.95 -3.88 9.45
N GLY N 74 -95.75 -3.14 10.21
CA GLY N 74 -97.14 -3.49 10.41
C GLY N 74 -97.43 -4.21 11.71
N ALA N 75 -98.55 -4.93 11.76
CA ALA N 75 -98.96 -5.63 12.97
C ALA N 75 -97.95 -6.71 13.34
N LYS N 76 -97.28 -7.28 12.36
CA LYS N 76 -96.21 -8.23 12.63
C LYS N 76 -95.12 -7.58 13.48
N ALA N 77 -94.73 -6.36 13.12
CA ALA N 77 -93.77 -5.62 13.93
C ALA N 77 -94.33 -5.34 15.31
N GLU N 78 -95.63 -5.09 15.40
CA GLU N 78 -96.25 -4.84 16.70
C GLU N 78 -96.10 -6.06 17.61
N GLU N 79 -96.39 -7.25 17.09
CA GLU N 79 -96.23 -8.47 17.88
C GLU N 79 -94.76 -8.69 18.25
N ILE N 80 -93.85 -8.48 17.31
CA ILE N 80 -92.45 -8.77 17.57
C ILE N 80 -91.90 -7.82 18.62
N LEU N 81 -92.23 -6.53 18.52
CA LEU N 81 -91.84 -5.59 19.56
C LEU N 81 -92.46 -5.94 20.89
N GLU N 82 -93.72 -6.39 20.88
CA GLU N 82 -94.37 -6.76 22.13
C GLU N 82 -93.64 -7.92 22.80
N LYS N 83 -93.26 -8.92 22.01
CA LYS N 83 -92.50 -10.05 22.54
C LYS N 83 -91.14 -9.60 23.06
N GLY N 84 -90.47 -8.71 22.33
CA GLY N 84 -89.18 -8.22 22.77
C GLY N 84 -89.27 -7.46 24.08
N LEU N 85 -90.28 -6.61 24.22
CA LEU N 85 -90.49 -5.89 25.47
C LEU N 85 -90.88 -6.84 26.59
N LYS N 86 -91.56 -7.94 26.26
CA LYS N 86 -91.78 -8.98 27.25
C LYS N 86 -90.47 -9.56 27.75
N VAL N 87 -89.55 -9.87 26.83
CA VAL N 87 -88.24 -10.33 27.25
C VAL N 87 -87.49 -9.22 27.97
N ARG N 88 -87.58 -8.00 27.45
CA ARG N 88 -87.04 -6.83 28.14
C ARG N 88 -87.86 -6.43 29.36
N GLU N 89 -88.89 -7.21 29.70
CA GLU N 89 -89.66 -7.02 30.93
C GLU N 89 -90.30 -5.64 30.98
N TYR N 90 -90.47 -5.03 29.81
CA TYR N 90 -91.09 -3.71 29.67
C TYR N 90 -90.32 -2.66 30.47
N GLU N 91 -89.00 -2.65 30.35
CA GLU N 91 -88.17 -1.63 30.94
C GLU N 91 -87.10 -1.23 29.93
N LEU N 92 -86.73 0.05 29.95
CA LEU N 92 -85.72 0.57 29.04
C LEU N 92 -84.84 1.58 29.76
N ARG N 93 -83.63 1.73 29.26
CA ARG N 93 -82.72 2.74 29.76
C ARG N 93 -83.00 4.10 29.13
N LYS N 94 -82.59 5.15 29.84
CA LYS N 94 -82.73 6.50 29.31
C LYS N 94 -81.93 6.68 28.04
N ASN N 95 -80.69 6.18 28.02
CA ASN N 95 -79.81 6.35 26.87
C ASN N 95 -80.19 5.45 25.69
N ASN N 96 -81.13 4.52 25.89
CA ASN N 96 -81.60 3.69 24.79
C ASN N 96 -82.36 4.47 23.73
N PHE N 97 -82.79 5.69 24.04
CA PHE N 97 -83.58 6.49 23.13
C PHE N 97 -82.66 7.46 22.39
N SER N 98 -82.74 7.42 21.07
CA SER N 98 -82.00 8.39 20.27
C SER N 98 -82.67 9.75 20.33
N ASP N 99 -81.91 10.77 19.93
CA ASP N 99 -82.40 12.14 19.92
C ASP N 99 -83.44 12.41 18.84
N THR N 100 -83.46 11.61 17.78
CA THR N 100 -84.35 11.84 16.65
C THR N 100 -85.78 11.43 16.93
N GLY N 101 -86.04 10.85 18.10
CA GLY N 101 -87.38 10.43 18.44
C GLY N 101 -87.65 8.95 18.27
N ASN N 102 -86.61 8.14 18.11
CA ASN N 102 -86.78 6.69 18.06
C ASN N 102 -85.70 6.06 18.93
N PHE N 103 -85.82 4.74 19.11
CA PHE N 103 -85.01 4.06 20.12
C PHE N 103 -84.80 2.61 19.69
N GLY N 104 -84.03 1.90 20.50
CA GLY N 104 -83.78 0.49 20.27
C GLY N 104 -83.10 -0.13 21.48
N PHE N 105 -82.99 -1.45 21.44
CA PHE N 105 -82.41 -2.21 22.54
C PHE N 105 -81.73 -3.44 21.95
N GLY N 106 -81.39 -4.38 22.83
CA GLY N 106 -80.76 -5.60 22.40
C GLY N 106 -81.33 -6.81 23.13
N ILE N 107 -81.32 -7.94 22.43
CA ILE N 107 -81.82 -9.20 22.96
C ILE N 107 -80.67 -10.18 22.98
N GLN N 108 -80.42 -10.77 24.15
CA GLN N 108 -79.26 -11.62 24.32
C GLN N 108 -79.47 -13.01 23.72
N GLU N 109 -80.67 -13.56 23.84
CA GLU N 109 -80.98 -14.89 23.31
C GLU N 109 -82.25 -14.80 22.50
N HIS N 110 -82.24 -15.37 21.30
CA HIS N 110 -83.42 -15.30 20.45
C HIS N 110 -84.45 -16.38 20.75
N ILE N 111 -84.09 -17.43 21.49
CA ILE N 111 -85.02 -18.53 21.71
C ILE N 111 -85.97 -18.27 22.86
N ASP N 112 -85.70 -17.26 23.69
CA ASP N 112 -86.54 -17.00 24.84
C ASP N 112 -87.85 -16.31 24.47
N LEU N 113 -88.00 -15.88 23.22
CA LEU N 113 -89.24 -15.27 22.74
C LEU N 113 -89.67 -16.03 21.50
N GLY N 114 -90.88 -16.57 21.53
CA GLY N 114 -91.55 -17.01 20.32
C GLY N 114 -90.92 -18.22 19.63
N ILE N 115 -89.65 -18.08 19.28
CA ILE N 115 -88.97 -19.12 18.52
C ILE N 115 -88.44 -20.19 19.46
N LYS N 116 -88.80 -21.44 19.20
CA LYS N 116 -88.32 -22.55 20.00
C LYS N 116 -86.94 -22.99 19.51
N TYR N 117 -86.16 -23.54 20.42
CA TYR N 117 -84.84 -24.02 20.07
C TYR N 117 -84.93 -25.25 19.19
N ASP N 118 -83.95 -25.39 18.30
CA ASP N 118 -83.74 -26.58 17.50
C ASP N 118 -82.26 -26.91 17.57
N PRO N 119 -81.89 -28.20 17.62
CA PRO N 119 -80.47 -28.56 17.68
C PRO N 119 -79.65 -28.05 16.51
N SER N 120 -80.27 -27.86 15.34
CA SER N 120 -79.59 -27.28 14.20
C SER N 120 -79.54 -25.76 14.26
N ILE N 121 -79.83 -25.15 15.41
CA ILE N 121 -79.94 -23.71 15.56
C ILE N 121 -79.03 -23.30 16.71
N GLY N 122 -78.38 -22.14 16.58
CA GLY N 122 -77.54 -21.61 17.62
C GLY N 122 -78.32 -20.99 18.77
N ILE N 123 -77.66 -20.08 19.47
CA ILE N 123 -78.21 -19.40 20.64
C ILE N 123 -78.18 -17.91 20.34
N TYR N 124 -78.44 -17.56 19.08
CA TYR N 124 -78.17 -16.22 18.57
C TYR N 124 -78.88 -15.15 19.38
N GLY N 125 -78.22 -14.01 19.58
CA GLY N 125 -78.88 -12.80 20.02
C GLY N 125 -79.12 -11.88 18.84
N LEU N 126 -79.76 -10.75 19.13
CA LEU N 126 -80.09 -9.79 18.08
C LEU N 126 -80.39 -8.44 18.71
N ASP N 127 -80.41 -7.43 17.85
CA ASP N 127 -80.74 -6.05 18.22
C ASP N 127 -82.09 -5.67 17.64
N PHE N 128 -82.82 -4.81 18.35
CA PHE N 128 -84.03 -4.19 17.85
C PHE N 128 -83.80 -2.70 17.75
N TYR N 129 -84.37 -2.07 16.73
CA TYR N 129 -84.33 -0.61 16.64
C TYR N 129 -85.59 -0.16 15.89
N VAL N 130 -86.63 0.14 16.63
CA VAL N 130 -87.88 0.58 16.03
C VAL N 130 -87.71 2.01 15.55
N VAL N 131 -88.50 2.39 14.55
CA VAL N 131 -88.58 3.75 14.08
C VAL N 131 -90.01 4.23 14.26
N LEU N 132 -90.19 5.21 15.13
CA LEU N 132 -91.50 5.78 15.39
C LEU N 132 -91.88 6.68 14.21
N GLY N 133 -93.17 7.00 14.11
CA GLY N 133 -93.61 7.80 12.99
C GLY N 133 -94.99 8.40 13.19
N ARG N 134 -95.30 9.32 12.31
CA ARG N 134 -96.61 9.94 12.20
C ARG N 134 -97.11 9.77 10.79
N PRO N 135 -98.38 9.86 10.58
CA PRO N 135 -98.89 9.96 9.22
C PRO N 135 -98.29 11.16 8.53
N GLY N 136 -97.37 10.91 7.61
CA GLY N 136 -96.64 11.99 6.96
C GLY N 136 -95.12 11.85 6.95
N PHE N 137 -94.51 10.73 7.39
CA PHE N 137 -93.06 10.59 7.15
C PHE N 137 -92.79 10.26 5.70
N SER N 138 -93.80 9.77 4.96
CA SER N 138 -93.62 9.26 3.61
C SER N 138 -93.32 10.36 2.61
N ILE N 139 -93.52 11.62 2.96
CA ILE N 139 -93.27 12.69 2.04
C ILE N 139 -91.79 12.83 1.73
N ALA N 140 -90.91 12.54 2.70
CA ALA N 140 -89.48 12.56 2.42
C ALA N 140 -89.03 11.31 1.67
N ASP N 141 -89.91 10.32 1.52
CA ASP N 141 -89.58 9.11 0.79
C ASP N 141 -90.28 8.98 -0.54
N LYS N 142 -91.31 9.79 -0.80
CA LYS N 142 -91.95 9.75 -2.10
C LYS N 142 -91.01 10.30 -3.17
N LYS N 143 -91.29 9.92 -4.41
CA LYS N 143 -90.35 10.26 -5.47
C LYS N 143 -90.53 11.68 -5.96
N ARG N 144 -91.76 12.09 -6.23
CA ARG N 144 -92.06 13.40 -6.79
C ARG N 144 -92.42 14.38 -5.69
N ARG N 145 -91.81 15.57 -5.74
CA ARG N 145 -92.05 16.64 -4.78
C ARG N 145 -91.77 16.18 -3.35
N THR N 146 -90.67 15.47 -3.16
CA THR N 146 -90.27 15.10 -1.82
C THR N 146 -89.88 16.34 -1.02
N GLY N 147 -89.97 16.24 0.30
CA GLY N 147 -89.66 17.38 1.14
C GLY N 147 -89.58 16.99 2.59
N CYS N 148 -89.08 17.93 3.39
CA CYS N 148 -88.96 17.74 4.82
C CYS N 148 -90.33 17.79 5.50
N ILE N 149 -90.40 17.19 6.68
CA ILE N 149 -91.69 17.07 7.38
C ILE N 149 -92.08 18.32 8.14
N GLY N 150 -91.19 19.28 8.28
CA GLY N 150 -91.51 20.43 9.11
C GLY N 150 -91.00 20.28 10.53
N ALA N 151 -90.82 21.42 11.20
CA ALA N 151 -90.12 21.42 12.49
C ALA N 151 -91.03 20.97 13.63
N LYS N 152 -92.14 21.68 13.85
CA LYS N 152 -93.11 21.31 14.88
C LYS N 152 -93.55 19.85 14.77
N HIS N 153 -93.49 19.30 13.57
CA HIS N 153 -94.21 18.08 13.28
C HIS N 153 -93.28 16.86 13.38
N ARG N 154 -92.07 17.00 13.95
CA ARG N 154 -91.19 15.84 14.08
C ARG N 154 -91.61 14.98 15.26
N ILE N 155 -90.68 14.16 15.75
CA ILE N 155 -90.84 13.43 17.01
C ILE N 155 -89.55 13.63 17.82
N SER N 156 -89.70 13.80 19.13
CA SER N 156 -88.56 14.00 20.02
C SER N 156 -88.27 12.72 20.83
N LYS N 157 -87.14 12.74 21.52
CA LYS N 157 -86.85 11.70 22.50
C LYS N 157 -87.88 11.70 23.62
N GLU N 158 -88.26 12.88 24.10
CA GLU N 158 -89.27 12.97 25.15
C GLU N 158 -90.60 12.41 24.67
N GLU N 159 -90.97 12.73 23.44
CA GLU N 159 -92.20 12.18 22.87
C GLU N 159 -92.12 10.66 22.79
N ALA N 160 -90.96 10.13 22.40
CA ALA N 160 -90.80 8.69 22.30
C ALA N 160 -90.95 8.02 23.66
N MET N 161 -90.27 8.56 24.67
CA MET N 161 -90.37 7.99 26.02
C MET N 161 -91.80 8.08 26.54
N ARG N 162 -92.47 9.21 26.27
CA ARG N 162 -93.84 9.40 26.70
C ARG N 162 -94.76 8.36 26.06
N TRP N 163 -94.60 8.17 24.74
CA TRP N 163 -95.42 7.20 24.02
C TRP N 163 -95.18 5.79 24.52
N PHE N 164 -93.91 5.46 24.81
CA PHE N 164 -93.60 4.19 25.45
C PHE N 164 -94.32 4.05 26.78
N GLN N 165 -94.34 5.12 27.57
CA GLN N 165 -94.99 5.05 28.88
C GLN N 165 -96.49 4.84 28.75
N GLN N 166 -97.15 5.53 27.81
CA GLN N 166 -98.59 5.35 27.73
C GLN N 166 -98.98 4.03 27.08
N LYS N 167 -98.32 3.63 26.00
CA LYS N 167 -98.75 2.41 25.31
C LYS N 167 -98.21 1.17 25.99
N TYR N 168 -96.89 1.02 26.02
CA TYR N 168 -96.25 -0.20 26.49
C TYR N 168 -95.94 -0.14 27.98
N ASP N 169 -96.52 0.83 28.69
CA ASP N 169 -96.52 1.01 30.15
C ASP N 169 -95.23 0.53 30.81
N GLY N 170 -94.10 0.96 30.25
CA GLY N 170 -92.80 0.51 30.70
C GLY N 170 -92.14 1.48 31.66
N ILE N 171 -90.89 1.17 32.00
CA ILE N 171 -90.12 1.92 32.96
C ILE N 171 -88.89 2.50 32.28
N ILE N 172 -88.69 3.80 32.41
CA ILE N 172 -87.54 4.49 31.85
C ILE N 172 -86.47 4.50 32.92
N LEU N 173 -85.50 3.61 32.79
CA LEU N 173 -84.40 3.58 33.73
C LEU N 173 -83.40 4.69 33.40
N PRO N 174 -83.10 5.58 34.34
CA PRO N 174 -82.16 6.68 34.07
C PRO N 174 -80.71 6.21 34.13
N GLY N 175 -80.40 5.18 33.37
CA GLY N 175 -79.04 4.67 33.27
C GLY N 175 -78.45 4.92 31.90
N ALA O 1 -28.79 21.69 -53.91
CA ALA O 1 -29.48 22.68 -53.09
C ALA O 1 -30.72 23.20 -53.81
N PRO O 2 -31.85 22.52 -53.60
CA PRO O 2 -33.10 22.99 -54.19
C PRO O 2 -33.55 24.30 -53.58
N SER O 3 -34.29 25.07 -54.36
CA SER O 3 -34.76 26.39 -53.93
C SER O 3 -36.16 26.61 -54.48
N ARG O 4 -37.14 26.66 -53.57
CA ARG O 4 -38.54 26.95 -53.89
C ARG O 4 -39.03 25.90 -54.90
N ASN O 5 -39.97 26.28 -55.76
CA ASN O 5 -40.45 25.35 -56.77
C ASN O 5 -39.40 25.14 -57.86
N GLY O 6 -39.44 23.95 -58.45
CA GLY O 6 -38.54 23.63 -59.54
C GLY O 6 -38.76 22.19 -59.96
N MET O 7 -38.26 21.88 -61.14
CA MET O 7 -38.33 20.53 -61.67
C MET O 7 -37.14 19.74 -61.15
N VAL O 8 -37.41 18.56 -60.61
CA VAL O 8 -36.35 17.72 -60.08
C VAL O 8 -35.51 17.22 -61.25
N LEU O 9 -34.23 17.57 -61.25
CA LEU O 9 -33.34 17.23 -62.34
C LEU O 9 -32.33 16.19 -61.91
N LYS O 10 -32.01 15.27 -62.82
CA LYS O 10 -31.03 14.23 -62.59
C LYS O 10 -30.01 14.27 -63.73
N PRO O 11 -29.05 15.18 -63.66
CA PRO O 11 -28.03 15.27 -64.71
C PRO O 11 -27.21 14.00 -64.79
N HIS O 12 -26.87 13.61 -66.00
CA HIS O 12 -26.03 12.42 -66.20
C HIS O 12 -24.58 12.84 -66.45
N PHE O 13 -24.06 13.65 -65.52
CA PHE O 13 -22.73 14.23 -65.64
C PHE O 13 -21.91 13.96 -64.39
N HIS O 14 -21.98 12.74 -63.88
CA HIS O 14 -21.17 12.34 -62.74
C HIS O 14 -20.02 11.43 -63.13
N LYS O 15 -19.71 11.35 -64.41
CA LYS O 15 -18.90 10.24 -64.91
C LYS O 15 -17.74 10.72 -65.77
N ASP O 16 -17.15 11.87 -65.41
CA ASP O 16 -16.02 12.45 -66.13
C ASP O 16 -16.32 12.59 -67.62
N TRP O 17 -17.44 13.26 -67.90
CA TRP O 17 -17.89 13.40 -69.27
C TRP O 17 -16.95 14.23 -70.13
N GLN O 18 -16.15 15.12 -69.52
CA GLN O 18 -15.33 16.03 -70.31
C GLN O 18 -14.28 15.32 -71.17
N ARG O 19 -13.80 14.15 -70.76
CA ARG O 19 -12.82 13.44 -71.59
C ARG O 19 -13.42 12.90 -72.87
N ARG O 20 -14.71 12.61 -72.89
CA ARG O 20 -15.38 12.04 -74.06
C ARG O 20 -16.39 13.07 -74.53
N VAL O 21 -15.94 13.99 -75.37
CA VAL O 21 -16.79 15.01 -75.96
C VAL O 21 -16.63 14.91 -77.47
N ALA O 22 -17.75 14.78 -78.17
CA ALA O 22 -17.74 14.67 -79.63
C ALA O 22 -18.20 16.00 -80.21
N THR O 23 -17.26 16.78 -80.71
CA THR O 23 -17.60 17.98 -81.46
C THR O 23 -17.96 17.61 -82.89
N TRP O 24 -18.64 18.54 -83.56
CA TRP O 24 -19.08 18.31 -84.94
C TRP O 24 -18.51 19.34 -85.89
N PHE O 25 -17.32 19.87 -85.59
CA PHE O 25 -16.69 20.82 -86.48
C PHE O 25 -16.25 20.18 -87.79
N ASN O 26 -16.08 18.87 -87.81
CA ASN O 26 -15.73 18.14 -89.01
C ASN O 26 -16.94 17.75 -89.85
N GLN O 27 -18.14 18.11 -89.40
CA GLN O 27 -19.35 17.74 -90.13
C GLN O 27 -19.39 18.26 -91.56
N PRO O 28 -19.13 19.54 -91.84
CA PRO O 28 -19.12 19.96 -93.26
C PRO O 28 -18.07 19.25 -94.07
N ALA O 29 -16.90 19.00 -93.50
CA ALA O 29 -15.88 18.24 -94.21
C ALA O 29 -16.37 16.83 -94.50
N ARG O 30 -17.04 16.21 -93.53
CA ARG O 30 -17.62 14.89 -93.74
C ARG O 30 -18.62 14.90 -94.89
N LYS O 31 -19.49 15.91 -94.93
CA LYS O 31 -20.49 15.98 -95.99
C LYS O 31 -19.85 16.18 -97.35
N ILE O 32 -18.83 17.04 -97.43
CA ILE O 32 -18.15 17.25 -98.70
C ILE O 32 -17.48 15.96 -99.15
N ARG O 33 -16.84 15.25 -98.21
CA ARG O 33 -16.20 13.99 -98.52
C ARG O 33 -17.21 12.99 -99.06
N ARG O 34 -18.36 12.87 -98.41
CA ARG O 34 -19.36 11.90 -98.82
C ARG O 34 -19.94 12.25 -100.18
N ARG O 35 -20.20 13.54 -100.43
CA ARG O 35 -20.68 13.96 -101.74
C ARG O 35 -19.67 13.64 -102.83
N LYS O 36 -18.39 13.91 -102.57
CA LYS O 36 -17.37 13.62 -103.56
C LYS O 36 -17.23 12.13 -103.80
N ALA O 37 -17.32 11.33 -102.74
CA ALA O 37 -17.25 9.88 -102.90
C ALA O 37 -18.43 9.36 -103.71
N ARG O 38 -19.62 9.93 -103.48
CA ARG O 38 -20.78 9.57 -104.27
C ARG O 38 -20.57 9.89 -105.74
N GLN O 39 -20.04 11.08 -106.01
CA GLN O 39 -19.78 11.45 -107.41
C GLN O 39 -18.75 10.53 -108.04
N ALA O 40 -17.70 10.18 -107.29
CA ALA O 40 -16.69 9.28 -107.83
C ALA O 40 -17.26 7.90 -108.11
N LYS O 41 -18.12 7.40 -107.21
CA LYS O 41 -18.75 6.10 -107.45
C LYS O 41 -19.66 6.16 -108.67
N ALA O 42 -20.42 7.25 -108.81
CA ALA O 42 -21.27 7.42 -109.98
C ALA O 42 -20.44 7.46 -111.26
N ARG O 43 -19.26 8.07 -111.19
CA ARG O 43 -18.37 8.07 -112.35
C ARG O 43 -17.82 6.68 -112.61
N ARG O 44 -17.66 5.87 -111.56
CA ARG O 44 -17.16 4.51 -111.74
C ARG O 44 -18.15 3.66 -112.53
N ILE O 45 -19.41 3.67 -112.11
CA ILE O 45 -20.45 2.92 -112.80
C ILE O 45 -21.24 3.94 -113.63
N ALA O 46 -20.84 4.08 -114.90
CA ALA O 46 -21.46 5.11 -115.74
C ALA O 46 -22.92 4.80 -116.04
N PRO O 47 -23.29 3.66 -116.67
CA PRO O 47 -24.69 3.52 -117.09
C PRO O 47 -25.60 3.02 -115.99
N ARG O 48 -25.02 2.36 -114.98
CA ARG O 48 -25.80 1.81 -113.90
C ARG O 48 -26.35 2.95 -113.02
N PRO O 49 -27.46 2.71 -112.32
CA PRO O 49 -27.99 3.74 -111.43
C PRO O 49 -27.00 4.10 -110.34
N ALA O 50 -26.96 5.39 -110.01
CA ALA O 50 -26.03 5.85 -108.99
C ALA O 50 -26.42 5.35 -107.60
N SER O 51 -27.71 5.20 -107.35
CA SER O 51 -28.16 4.79 -106.02
C SER O 51 -27.81 3.34 -105.73
N GLY O 52 -28.02 2.44 -106.69
CA GLY O 52 -27.78 1.04 -106.49
C GLY O 52 -28.93 0.19 -106.99
N PRO O 53 -28.97 -1.06 -106.57
CA PRO O 53 -30.02 -1.97 -107.05
C PRO O 53 -31.37 -1.58 -106.50
N ILE O 54 -32.41 -1.94 -107.25
CA ILE O 54 -33.77 -1.68 -106.83
C ILE O 54 -34.10 -2.53 -105.61
N ARG O 55 -34.83 -1.95 -104.68
CA ARG O 55 -35.20 -2.59 -103.44
C ARG O 55 -36.65 -3.03 -103.50
N PRO O 56 -37.01 -4.09 -102.78
CA PRO O 56 -38.39 -4.58 -102.83
C PRO O 56 -39.33 -3.74 -102.01
N ILE O 57 -40.62 -3.89 -102.32
CA ILE O 57 -41.68 -3.23 -101.57
C ILE O 57 -41.91 -3.96 -100.26
N VAL O 58 -41.88 -3.23 -99.16
CA VAL O 58 -41.89 -3.81 -97.83
C VAL O 58 -42.85 -3.06 -96.91
N ARG O 59 -43.72 -3.81 -96.26
CA ARG O 59 -44.58 -3.26 -95.21
C ARG O 59 -43.81 -3.19 -93.90
N CYS O 60 -43.99 -2.09 -93.17
CA CYS O 60 -43.28 -1.88 -91.93
C CYS O 60 -43.78 -2.82 -90.84
N PRO O 61 -42.91 -3.29 -89.96
CA PRO O 61 -43.30 -4.36 -89.03
C PRO O 61 -44.38 -4.01 -88.01
N THR O 62 -44.15 -2.99 -87.19
CA THR O 62 -44.87 -2.85 -85.94
C THR O 62 -46.31 -2.44 -86.17
N VAL O 63 -47.12 -2.59 -85.12
CA VAL O 63 -48.49 -2.11 -85.16
C VAL O 63 -48.52 -0.59 -85.25
N ARG O 64 -47.45 0.07 -84.83
CA ARG O 64 -47.37 1.52 -84.99
C ARG O 64 -47.27 1.92 -86.46
N TYR O 65 -46.58 1.11 -87.27
CA TYR O 65 -46.22 1.52 -88.61
C TYR O 65 -46.77 0.58 -89.68
N HIS O 66 -47.62 -0.38 -89.34
CA HIS O 66 -47.97 -1.39 -90.32
C HIS O 66 -48.83 -0.85 -91.46
N THR O 67 -49.36 0.35 -91.33
CA THR O 67 -50.05 0.98 -92.44
C THR O 67 -49.10 1.50 -93.50
N LYS O 68 -47.86 1.80 -93.13
CA LYS O 68 -46.88 2.38 -94.02
C LYS O 68 -46.35 1.34 -94.99
N VAL O 69 -45.41 1.79 -95.83
CA VAL O 69 -44.68 0.92 -96.73
C VAL O 69 -43.34 1.58 -97.00
N ARG O 70 -42.30 0.75 -97.17
CA ARG O 70 -40.97 1.29 -97.44
C ARG O 70 -40.27 0.35 -98.41
N ALA O 71 -39.00 0.65 -98.66
CA ALA O 71 -38.13 -0.20 -99.46
C ALA O 71 -37.59 -1.32 -98.58
N GLY O 72 -37.23 -2.44 -99.22
CA GLY O 72 -36.68 -3.57 -98.51
C GLY O 72 -35.18 -3.65 -98.64
N ARG O 73 -34.65 -4.77 -98.13
CA ARG O 73 -33.24 -5.06 -98.34
C ARG O 73 -33.02 -5.69 -99.72
N GLY O 74 -33.76 -6.73 -100.03
CA GLY O 74 -33.57 -7.42 -101.29
C GLY O 74 -34.77 -8.27 -101.62
N PHE O 75 -34.90 -8.60 -102.89
CA PHE O 75 -36.04 -9.39 -103.33
C PHE O 75 -35.91 -10.84 -102.86
N SER O 76 -37.02 -11.39 -102.40
CA SER O 76 -37.02 -12.75 -101.86
C SER O 76 -36.90 -13.78 -102.98
N LEU O 77 -36.39 -14.95 -102.62
CA LEU O 77 -36.14 -15.99 -103.61
C LEU O 77 -37.42 -16.51 -104.23
N GLU O 78 -38.53 -16.50 -103.48
CA GLU O 78 -39.80 -16.92 -104.05
C GLU O 78 -40.23 -15.96 -105.16
N GLU O 79 -40.01 -14.66 -104.95
CA GLU O 79 -40.30 -13.67 -105.97
C GLU O 79 -39.49 -13.94 -107.23
N LEU O 80 -38.20 -14.23 -107.06
CA LEU O 80 -37.36 -14.53 -108.22
C LEU O 80 -37.79 -15.82 -108.90
N ARG O 81 -38.19 -16.81 -108.11
CA ARG O 81 -38.61 -18.10 -108.66
C ARG O 81 -39.86 -17.96 -109.52
N VAL O 82 -40.89 -17.32 -108.97
CA VAL O 82 -42.11 -17.12 -109.75
C VAL O 82 -41.89 -16.14 -110.89
N ALA O 83 -40.92 -15.23 -110.77
CA ALA O 83 -40.63 -14.27 -111.81
C ALA O 83 -39.82 -14.86 -112.95
N GLY O 84 -39.37 -16.10 -112.83
CA GLY O 84 -38.57 -16.71 -113.88
C GLY O 84 -37.20 -16.11 -114.09
N ILE O 85 -36.55 -15.65 -113.02
CA ILE O 85 -35.21 -15.07 -113.08
C ILE O 85 -34.36 -15.77 -112.03
N HIS O 86 -33.15 -16.19 -112.45
CA HIS O 86 -32.25 -16.85 -111.53
C HIS O 86 -31.76 -15.92 -110.44
N LYS O 87 -31.40 -16.51 -109.29
CA LYS O 87 -30.98 -15.70 -108.15
C LYS O 87 -29.54 -15.23 -108.25
N LYS O 88 -28.65 -15.98 -108.92
CA LYS O 88 -27.26 -15.57 -109.02
C LYS O 88 -27.00 -14.64 -110.19
N VAL O 89 -27.98 -14.39 -111.05
CA VAL O 89 -27.83 -13.37 -112.08
C VAL O 89 -28.43 -12.04 -111.65
N ALA O 90 -29.32 -12.05 -110.65
CA ALA O 90 -29.99 -10.82 -110.23
C ALA O 90 -28.99 -9.79 -109.72
N ARG O 91 -28.00 -10.22 -108.94
CA ARG O 91 -26.97 -9.30 -108.48
C ARG O 91 -26.12 -8.78 -109.64
N THR O 92 -25.86 -9.63 -110.63
CA THR O 92 -25.08 -9.19 -111.79
C THR O 92 -25.81 -8.10 -112.56
N ILE O 93 -27.12 -8.24 -112.72
CA ILE O 93 -27.89 -7.31 -113.52
C ILE O 93 -28.40 -6.17 -112.65
N GLY O 94 -28.22 -6.30 -111.34
CA GLY O 94 -28.53 -5.23 -110.42
C GLY O 94 -29.82 -5.34 -109.64
N ILE O 95 -30.14 -6.51 -109.10
CA ILE O 95 -31.34 -6.71 -108.30
C ILE O 95 -30.92 -7.15 -106.92
N SER O 96 -31.35 -6.41 -105.90
CA SER O 96 -31.06 -6.80 -104.53
C SER O 96 -31.83 -8.04 -104.15
N VAL O 97 -31.17 -8.96 -103.44
CA VAL O 97 -31.75 -10.22 -103.02
C VAL O 97 -31.62 -10.37 -101.52
N ASP O 98 -32.66 -10.94 -100.90
CA ASP O 98 -32.70 -11.15 -99.45
C ASP O 98 -33.08 -12.60 -99.20
N PRO O 99 -32.10 -13.51 -99.23
CA PRO O 99 -32.44 -14.95 -99.14
C PRO O 99 -33.08 -15.35 -97.83
N ARG O 100 -32.86 -14.61 -96.76
CA ARG O 100 -33.42 -14.95 -95.46
C ARG O 100 -34.80 -14.39 -95.25
N ARG O 101 -35.33 -13.64 -96.20
CA ARG O 101 -36.68 -13.12 -96.12
C ARG O 101 -37.66 -14.12 -96.69
N ARG O 102 -38.77 -14.32 -95.99
CA ARG O 102 -39.81 -15.25 -96.38
C ARG O 102 -40.97 -14.48 -97.01
N ASN O 103 -41.96 -15.23 -97.47
CA ASN O 103 -43.15 -14.66 -98.11
C ASN O 103 -44.39 -15.18 -97.38
N LYS O 104 -44.89 -14.37 -96.43
CA LYS O 104 -46.04 -14.79 -95.65
C LYS O 104 -47.33 -14.70 -96.44
N SER O 105 -47.52 -13.61 -97.19
CA SER O 105 -48.78 -13.33 -97.86
C SER O 105 -48.61 -13.36 -99.37
N THR O 106 -49.73 -13.21 -100.08
CA THR O 106 -49.74 -13.33 -101.53
C THR O 106 -49.78 -12.00 -102.24
N GLU O 107 -50.54 -11.02 -101.73
CA GLU O 107 -50.67 -9.76 -102.44
C GLU O 107 -49.35 -8.97 -102.44
N SER O 108 -48.62 -9.00 -101.34
CA SER O 108 -47.30 -8.38 -101.33
C SER O 108 -46.37 -9.08 -102.31
N LEU O 109 -46.48 -10.40 -102.40
CA LEU O 109 -45.72 -11.16 -103.39
C LEU O 109 -46.04 -10.68 -104.80
N GLN O 110 -47.33 -10.52 -105.10
CA GLN O 110 -47.74 -10.07 -106.42
C GLN O 110 -47.24 -8.67 -106.72
N ALA O 111 -47.30 -7.78 -105.73
CA ALA O 111 -46.78 -6.43 -105.93
C ALA O 111 -45.29 -6.48 -106.24
N ASN O 112 -44.54 -7.30 -105.50
CA ASN O 112 -43.12 -7.41 -105.76
C ASN O 112 -42.85 -7.97 -107.16
N VAL O 113 -43.65 -8.91 -107.63
CA VAL O 113 -43.35 -9.46 -108.94
C VAL O 113 -43.76 -8.52 -110.06
N GLN O 114 -44.81 -7.73 -109.88
CA GLN O 114 -45.04 -6.66 -110.86
C GLN O 114 -43.89 -5.66 -110.85
N ARG O 115 -43.36 -5.35 -109.66
CA ARG O 115 -42.20 -4.49 -109.56
C ARG O 115 -41.03 -5.07 -110.35
N LEU O 116 -40.79 -6.36 -110.19
CA LEU O 116 -39.66 -7.00 -110.85
C LEU O 116 -39.86 -7.03 -112.37
N LYS O 117 -41.07 -7.35 -112.82
CA LYS O 117 -41.32 -7.39 -114.26
C LYS O 117 -41.21 -6.00 -114.89
N GLU O 118 -41.72 -4.97 -114.21
CA GLU O 118 -41.59 -3.61 -114.71
C GLU O 118 -40.13 -3.20 -114.75
N TYR O 119 -39.36 -3.57 -113.73
CA TYR O 119 -37.93 -3.29 -113.71
C TYR O 119 -37.24 -3.95 -114.90
N ARG O 120 -37.57 -5.22 -115.16
CA ARG O 120 -36.97 -5.93 -116.29
C ARG O 120 -37.34 -5.28 -117.61
N SER O 121 -38.60 -4.85 -117.75
CA SER O 121 -39.03 -4.18 -118.97
C SER O 121 -38.27 -2.88 -119.17
N LYS O 122 -38.04 -2.14 -118.09
CA LYS O 122 -37.30 -0.89 -118.22
C LYS O 122 -35.81 -1.10 -118.36
N LEU O 123 -35.32 -2.32 -118.15
CA LEU O 123 -33.88 -2.54 -118.06
C LEU O 123 -33.24 -2.49 -119.44
N ILE O 124 -32.14 -1.75 -119.53
CA ILE O 124 -31.26 -1.74 -120.70
C ILE O 124 -29.99 -2.48 -120.31
N LEU O 125 -29.64 -3.50 -121.08
CA LEU O 125 -28.44 -4.29 -120.83
C LEU O 125 -27.43 -4.04 -121.95
N PHE O 126 -26.16 -3.98 -121.57
CA PHE O 126 -25.13 -3.90 -122.61
C PHE O 126 -24.56 -5.28 -122.87
N PRO O 127 -24.33 -5.64 -124.13
CA PRO O 127 -23.68 -6.92 -124.41
C PRO O 127 -22.24 -6.91 -123.95
N ARG O 128 -21.70 -8.11 -123.71
CA ARG O 128 -20.32 -8.19 -123.21
C ARG O 128 -19.32 -7.64 -124.23
N LYS O 129 -19.48 -7.99 -125.50
CA LYS O 129 -18.56 -7.46 -126.50
C LYS O 129 -19.28 -6.38 -127.28
N PRO O 130 -18.81 -5.12 -127.23
CA PRO O 130 -19.51 -4.06 -127.98
C PRO O 130 -19.54 -4.32 -129.47
N SER O 131 -18.52 -4.96 -130.02
CA SER O 131 -18.53 -5.32 -131.43
C SER O 131 -19.36 -6.57 -131.70
N ALA O 132 -19.72 -7.33 -130.67
CA ALA O 132 -20.52 -8.54 -130.82
C ALA O 132 -21.69 -8.50 -129.86
N PRO O 133 -22.77 -7.86 -130.24
CA PRO O 133 -23.99 -7.89 -129.41
C PRO O 133 -24.64 -9.26 -129.53
N LYS O 134 -24.56 -10.04 -128.45
CA LYS O 134 -25.06 -11.41 -128.53
C LYS O 134 -26.57 -11.45 -128.33
N LYS O 135 -27.05 -11.08 -127.14
CA LYS O 135 -28.48 -11.21 -126.86
C LYS O 135 -29.04 -10.08 -126.01
N GLY O 136 -28.24 -9.08 -125.64
CA GLY O 136 -28.67 -8.13 -124.62
C GLY O 136 -29.78 -7.19 -125.04
N ASP O 137 -29.48 -6.25 -125.93
CA ASP O 137 -30.42 -5.24 -126.36
C ASP O 137 -30.02 -4.75 -127.74
N SER O 138 -30.97 -4.12 -128.43
CA SER O 138 -30.64 -3.47 -129.69
C SER O 138 -29.78 -2.25 -129.42
N SER O 139 -28.87 -1.97 -130.36
CA SER O 139 -28.01 -0.80 -130.21
C SER O 139 -28.77 0.50 -130.31
N ALA O 140 -29.89 0.52 -131.03
CA ALA O 140 -30.67 1.75 -131.19
C ALA O 140 -31.22 2.23 -129.85
N GLU O 141 -31.68 1.31 -129.02
CA GLU O 141 -32.23 1.67 -127.71
C GLU O 141 -31.16 1.84 -126.65
N GLU O 142 -29.88 1.78 -127.01
CA GLU O 142 -28.82 1.98 -126.04
C GLU O 142 -27.76 2.97 -126.50
N LEU O 143 -27.76 3.38 -127.77
CA LEU O 143 -26.86 4.42 -128.23
C LEU O 143 -27.13 5.72 -127.50
N LYS O 144 -28.40 6.00 -127.23
CA LYS O 144 -28.82 7.26 -126.63
C LYS O 144 -29.66 7.10 -125.37
N LEU O 145 -30.44 6.03 -125.25
CA LEU O 145 -31.37 5.89 -124.13
C LEU O 145 -30.67 5.51 -122.83
N ALA O 146 -29.40 5.13 -122.88
CA ALA O 146 -28.66 4.77 -121.68
C ALA O 146 -28.35 6.02 -120.89
N THR O 147 -28.64 5.99 -119.59
CA THR O 147 -28.48 7.16 -118.74
C THR O 147 -28.43 6.73 -117.29
N GLN O 148 -27.44 7.22 -116.57
CA GLN O 148 -27.36 6.97 -115.13
C GLN O 148 -28.60 7.54 -114.45
N LEU O 149 -29.23 6.73 -113.60
CA LEU O 149 -30.48 7.13 -112.97
C LEU O 149 -30.19 7.71 -111.58
N THR O 150 -30.75 8.88 -111.32
CA THR O 150 -30.54 9.60 -110.07
C THR O 150 -31.71 9.32 -109.14
N GLY O 151 -31.42 8.98 -107.90
CA GLY O 151 -32.44 8.65 -106.95
C GLY O 151 -32.71 7.17 -106.94
N PRO O 152 -33.49 6.70 -105.97
CA PRO O 152 -33.78 5.27 -105.88
C PRO O 152 -34.55 4.77 -107.10
N VAL O 153 -34.25 3.54 -107.49
CA VAL O 153 -34.87 2.94 -108.66
C VAL O 153 -36.30 2.55 -108.32
N MET O 154 -37.26 3.16 -109.02
CA MET O 154 -38.69 2.94 -108.81
C MET O 154 -39.04 3.14 -107.35
N PRO O 155 -39.03 4.38 -106.87
CA PRO O 155 -39.20 4.61 -105.42
C PRO O 155 -40.54 4.10 -104.92
N VAL O 156 -40.51 3.54 -103.71
CA VAL O 156 -41.74 3.08 -103.08
C VAL O 156 -42.58 4.29 -102.71
N ARG O 157 -43.83 4.29 -103.15
CA ARG O 157 -44.73 5.39 -102.88
C ARG O 157 -45.99 4.88 -102.22
N ASN O 158 -46.37 5.51 -101.12
CA ASN O 158 -47.62 5.17 -100.44
C ASN O 158 -48.80 5.54 -101.33
N VAL O 159 -49.77 4.65 -101.39
CA VAL O 159 -50.96 4.84 -102.21
C VAL O 159 -52.20 4.73 -101.32
N TYR O 160 -53.18 5.58 -101.58
CA TYR O 160 -54.46 5.52 -100.90
C TYR O 160 -55.57 5.33 -101.93
N LYS O 161 -56.42 4.34 -101.68
CA LYS O 161 -57.54 4.06 -102.56
C LYS O 161 -58.74 4.88 -102.10
N LYS O 162 -58.89 6.07 -102.67
CA LYS O 162 -59.97 6.97 -102.31
C LYS O 162 -61.31 6.38 -102.72
N GLU O 163 -62.27 6.43 -101.81
CA GLU O 163 -63.62 5.93 -102.06
C GLU O 163 -64.57 7.10 -102.22
N LYS O 164 -65.36 7.09 -103.28
CA LYS O 164 -66.31 8.16 -103.52
C LYS O 164 -67.44 8.10 -102.49
N ALA O 165 -68.07 9.25 -102.27
CA ALA O 165 -69.19 9.33 -101.35
C ALA O 165 -70.34 8.43 -101.81
N ARG O 166 -70.90 7.67 -100.89
CA ARG O 166 -71.99 6.77 -101.22
C ARG O 166 -73.09 6.88 -100.16
N VAL O 167 -74.21 6.24 -100.47
CA VAL O 167 -75.37 6.26 -99.58
C VAL O 167 -75.17 5.24 -98.47
N ILE O 168 -75.40 5.67 -97.23
CA ILE O 168 -75.25 4.77 -96.09
C ILE O 168 -76.50 3.90 -95.97
N THR O 169 -76.29 2.58 -95.94
CA THR O 169 -77.41 1.66 -95.84
C THR O 169 -77.88 1.55 -94.39
N GLU O 170 -78.96 0.79 -94.20
CA GLU O 170 -79.55 0.68 -92.87
C GLU O 170 -78.75 -0.22 -91.95
N GLU O 171 -78.15 -1.29 -92.48
CA GLU O 171 -77.36 -2.18 -91.64
C GLU O 171 -76.19 -1.45 -91.01
N GLU O 172 -75.49 -0.62 -91.80
CA GLU O 172 -74.38 0.16 -91.29
C GLU O 172 -74.83 1.10 -90.17
N LYS O 173 -75.98 1.74 -90.35
CA LYS O 173 -76.52 2.60 -89.31
C LYS O 173 -76.89 1.79 -88.07
N ASN O 174 -77.30 0.54 -88.26
CA ASN O 174 -77.62 -0.32 -87.13
C ASN O 174 -76.40 -1.01 -86.56
N PHE O 175 -75.22 -0.82 -87.16
CA PHE O 175 -74.01 -1.40 -86.61
C PHE O 175 -73.61 -0.69 -85.33
N LYS O 176 -73.15 -1.46 -84.36
CA LYS O 176 -72.78 -0.94 -83.04
C LYS O 176 -71.28 -1.17 -82.86
N ALA O 177 -70.49 -0.17 -83.25
CA ALA O 177 -69.04 -0.34 -83.29
C ALA O 177 -68.46 -0.48 -81.89
N PHE O 178 -68.83 0.41 -80.98
CA PHE O 178 -68.26 0.36 -79.63
C PHE O 178 -68.67 -0.92 -78.93
N ALA O 179 -69.94 -1.30 -79.04
CA ALA O 179 -70.40 -2.54 -78.42
C ALA O 179 -69.72 -3.76 -79.01
N SER O 180 -69.55 -3.78 -80.33
CA SER O 180 -68.89 -4.91 -80.97
C SER O 180 -67.44 -5.00 -80.53
N LEU O 181 -66.75 -3.85 -80.42
CA LEU O 181 -65.38 -3.87 -79.93
C LEU O 181 -65.31 -4.39 -78.51
N ARG O 182 -66.21 -3.91 -77.65
CA ARG O 182 -66.19 -4.35 -76.26
C ARG O 182 -66.46 -5.84 -76.15
N MET O 183 -67.42 -6.34 -76.93
CA MET O 183 -67.75 -7.75 -76.91
C MET O 183 -66.62 -8.60 -77.47
N ALA O 184 -65.95 -8.12 -78.52
CA ALA O 184 -64.80 -8.84 -79.04
C ALA O 184 -63.68 -8.91 -78.02
N ARG O 185 -63.43 -7.80 -77.33
CA ARG O 185 -62.43 -7.81 -76.26
C ARG O 185 -62.80 -8.79 -75.17
N ALA O 186 -64.08 -8.80 -74.77
CA ALA O 186 -64.51 -9.73 -73.74
C ALA O 186 -64.36 -11.17 -74.19
N ASN O 187 -64.73 -11.47 -75.44
CA ASN O 187 -64.62 -12.83 -75.94
C ASN O 187 -63.17 -13.29 -75.98
N ALA O 188 -62.28 -12.43 -76.49
CA ALA O 188 -60.86 -12.78 -76.53
C ALA O 188 -60.30 -12.92 -75.12
N ARG O 189 -60.84 -12.18 -74.16
CA ARG O 189 -60.35 -12.26 -72.79
C ARG O 189 -60.83 -13.54 -72.11
N LEU O 190 -62.04 -13.98 -72.43
CA LEU O 190 -62.67 -15.09 -71.72
C LEU O 190 -62.68 -16.39 -72.51
N PHE O 191 -62.00 -16.45 -73.66
CA PHE O 191 -62.11 -17.63 -74.50
C PHE O 191 -61.58 -18.88 -73.80
N GLY O 192 -60.41 -18.78 -73.17
CA GLY O 192 -59.82 -19.95 -72.55
C GLY O 192 -60.62 -20.49 -71.39
N ILE O 193 -61.07 -19.58 -70.51
CA ILE O 193 -61.82 -20.02 -69.35
C ILE O 193 -63.19 -20.55 -69.74
N ARG O 194 -63.80 -20.00 -70.79
CA ARG O 194 -65.08 -20.53 -71.27
C ARG O 194 -64.90 -21.95 -71.80
N ALA O 195 -63.82 -22.18 -72.54
CA ALA O 195 -63.53 -23.53 -73.01
C ALA O 195 -63.29 -24.48 -71.85
N LYS O 196 -62.56 -24.03 -70.83
CA LYS O 196 -62.31 -24.91 -69.68
C LYS O 196 -63.60 -25.23 -68.95
N ARG O 197 -64.46 -24.23 -68.75
CA ARG O 197 -65.72 -24.46 -68.06
C ARG O 197 -66.64 -25.35 -68.87
N ALA O 198 -66.68 -25.16 -70.18
CA ALA O 198 -67.48 -26.04 -71.04
C ALA O 198 -66.92 -27.46 -71.01
N LYS O 199 -65.60 -27.60 -70.98
CA LYS O 199 -65.00 -28.92 -70.91
C LYS O 199 -65.37 -29.61 -69.62
N GLU O 200 -65.30 -28.89 -68.50
CA GLU O 200 -65.68 -29.47 -67.22
C GLU O 200 -67.16 -29.82 -67.19
N ALA O 201 -68.00 -28.96 -67.78
CA ALA O 201 -69.43 -29.24 -67.84
C ALA O 201 -69.71 -30.50 -68.66
N ALA O 202 -68.97 -30.68 -69.75
CA ALA O 202 -69.08 -31.93 -70.51
C ALA O 202 -68.63 -33.11 -69.67
N GLU O 203 -67.60 -32.91 -68.84
CA GLU O 203 -67.16 -33.98 -67.96
C GLU O 203 -68.23 -34.37 -66.95
N GLN O 204 -68.95 -33.37 -66.40
CA GLN O 204 -70.02 -33.67 -65.46
C GLN O 204 -71.21 -34.33 -66.14
N ASP O 205 -71.49 -33.96 -67.39
CA ASP O 205 -72.68 -34.46 -68.07
C ASP O 205 -72.57 -35.95 -68.37
N VAL O 206 -71.38 -36.42 -68.77
CA VAL O 206 -71.22 -37.80 -69.22
C VAL O 206 -71.31 -38.81 -68.09
N GLU O 207 -71.31 -38.37 -66.84
CA GLU O 207 -71.33 -39.30 -65.72
C GLU O 207 -72.37 -38.93 -64.66
N LYS O 208 -73.20 -37.92 -64.91
CA LYS O 208 -74.21 -37.53 -63.93
C LYS O 208 -75.25 -38.62 -63.71
N LYS O 209 -75.42 -39.53 -64.68
CA LYS O 209 -76.42 -40.58 -64.60
C LYS O 209 -75.72 -41.90 -64.34
N LYS O 210 -75.74 -42.35 -63.09
CA LYS O 210 -75.19 -43.64 -62.71
C LYS O 210 -75.70 -44.03 -61.32
N VAL P 1 -20.34 106.54 11.83
CA VAL P 1 -19.62 106.59 10.57
C VAL P 1 -20.58 106.91 9.45
N PHE P 2 -21.75 106.28 9.49
CA PHE P 2 -22.73 106.44 8.42
C PHE P 2 -23.49 107.75 8.60
N ARG P 3 -23.74 108.45 7.50
CA ARG P 3 -24.37 109.76 7.55
C ARG P 3 -25.74 109.80 6.90
N ARG P 4 -26.02 108.96 5.91
CA ARG P 4 -27.32 108.90 5.27
C ARG P 4 -27.97 107.57 5.61
N PHE P 5 -29.20 107.62 6.11
CA PHE P 5 -29.87 106.44 6.61
C PHE P 5 -31.16 106.21 5.84
N VAL P 6 -31.40 104.95 5.50
CA VAL P 6 -32.67 104.55 4.89
C VAL P 6 -33.73 104.61 5.97
N GLU P 7 -34.73 105.45 5.78
CA GLU P 7 -35.72 105.72 6.81
C GLU P 7 -36.92 106.40 6.16
N VAL P 8 -38.01 106.48 6.92
CA VAL P 8 -39.20 107.16 6.41
C VAL P 8 -38.91 108.65 6.30
N GLY P 9 -39.16 109.22 5.13
CA GLY P 9 -38.86 110.59 4.86
C GLY P 9 -37.56 110.85 4.14
N ARG P 10 -36.72 109.83 3.97
CA ARG P 10 -35.45 110.02 3.27
C ARG P 10 -35.70 110.12 1.77
N VAL P 11 -35.11 111.13 1.14
CA VAL P 11 -35.23 111.34 -0.29
C VAL P 11 -34.03 110.71 -0.99
N ALA P 12 -34.29 109.77 -1.88
CA ALA P 12 -33.24 109.01 -2.54
C ALA P 12 -33.27 109.28 -4.04
N TYR P 13 -32.13 109.08 -4.68
CA TYR P 13 -32.00 109.28 -6.12
C TYR P 13 -31.99 107.95 -6.83
N VAL P 14 -32.74 107.86 -7.92
CA VAL P 14 -32.84 106.64 -8.70
C VAL P 14 -31.62 106.57 -9.62
N SER P 15 -30.77 105.58 -9.39
CA SER P 15 -29.58 105.46 -10.23
C SER P 15 -29.93 104.90 -11.60
N PHE P 16 -30.85 103.94 -11.66
CA PHE P 16 -31.22 103.30 -12.92
C PHE P 16 -32.56 102.60 -12.74
N GLY P 17 -33.06 102.02 -13.83
CA GLY P 17 -34.37 101.43 -13.85
C GLY P 17 -35.34 102.27 -14.64
N PRO P 18 -36.62 101.92 -14.62
CA PRO P 18 -37.60 102.66 -15.43
C PRO P 18 -37.76 104.11 -15.03
N HIS P 19 -37.40 104.47 -13.80
CA HIS P 19 -37.52 105.85 -13.34
C HIS P 19 -36.15 106.46 -13.05
N ALA P 20 -35.16 106.12 -13.87
CA ALA P 20 -33.80 106.59 -13.66
C ALA P 20 -33.74 108.11 -13.73
N GLY P 21 -32.96 108.70 -12.83
CA GLY P 21 -32.71 110.12 -12.85
C GLY P 21 -33.74 110.98 -12.15
N LYS P 22 -34.66 110.40 -11.40
CA LYS P 22 -35.69 111.16 -10.71
C LYS P 22 -35.50 111.04 -9.20
N LEU P 23 -35.98 112.06 -8.48
CA LEU P 23 -35.92 112.07 -7.03
C LEU P 23 -37.23 111.56 -6.46
N VAL P 24 -37.12 110.71 -5.44
CA VAL P 24 -38.27 110.03 -4.86
C VAL P 24 -38.17 110.07 -3.35
N ALA P 25 -39.29 109.73 -2.71
CA ALA P 25 -39.39 109.69 -1.25
C ALA P 25 -39.72 108.28 -0.80
N ILE P 26 -39.24 107.92 0.40
CA ILE P 26 -39.49 106.61 0.98
C ILE P 26 -40.75 106.70 1.83
N VAL P 27 -41.77 105.92 1.47
CA VAL P 27 -42.97 105.86 2.29
C VAL P 27 -42.85 104.78 3.35
N ASP P 28 -42.51 103.57 2.95
CA ASP P 28 -42.38 102.46 3.89
C ASP P 28 -41.32 101.51 3.38
N VAL P 29 -40.83 100.66 4.27
CA VAL P 29 -39.72 99.76 4.00
C VAL P 29 -40.25 98.33 3.99
N ILE P 30 -39.81 97.55 3.01
CA ILE P 30 -40.20 96.15 2.88
C ILE P 30 -38.94 95.30 2.85
N ASP P 31 -38.95 94.21 3.63
CA ASP P 31 -38.11 93.03 3.48
C ASP P 31 -36.66 93.28 3.05
N GLN P 32 -36.05 94.35 3.56
CA GLN P 32 -34.61 94.58 3.44
C GLN P 32 -34.18 94.84 1.99
N ASN P 33 -35.09 94.71 1.04
CA ASN P 33 -34.75 94.78 -0.37
C ASN P 33 -35.59 95.76 -1.17
N ARG P 34 -36.82 96.02 -0.75
CA ARG P 34 -37.71 96.92 -1.48
C ARG P 34 -38.29 97.95 -0.52
N ALA P 35 -38.94 98.95 -1.08
CA ALA P 35 -39.53 100.00 -0.27
C ALA P 35 -40.69 100.64 -0.99
N LEU P 36 -41.63 101.17 -0.21
CA LEU P 36 -42.69 102.00 -0.79
C LEU P 36 -42.10 103.34 -1.17
N VAL P 37 -42.21 103.70 -2.43
CA VAL P 37 -41.48 104.81 -3.00
C VAL P 37 -42.43 105.71 -3.76
N ASP P 38 -42.32 107.01 -3.53
CA ASP P 38 -43.20 107.98 -4.18
C ASP P 38 -42.43 109.25 -4.53
N GLY P 39 -42.47 109.63 -5.80
CA GLY P 39 -42.18 110.99 -6.18
C GLY P 39 -43.44 111.69 -6.64
N PRO P 40 -44.01 112.52 -5.79
CA PRO P 40 -45.30 113.14 -6.13
C PRO P 40 -45.16 114.24 -7.16
N CYS P 41 -44.05 114.96 -7.12
CA CYS P 41 -43.78 116.04 -8.05
C CYS P 41 -42.83 115.63 -9.17
N THR P 42 -41.99 114.63 -8.96
CA THR P 42 -41.08 114.15 -9.98
C THR P 42 -41.73 113.11 -10.87
N GLN P 43 -43.06 113.03 -10.85
CA GLN P 43 -43.82 112.15 -11.74
C GLN P 43 -43.47 110.69 -11.52
N VAL P 44 -43.50 110.26 -10.26
CA VAL P 44 -43.23 108.87 -9.90
C VAL P 44 -44.33 108.41 -8.96
N ARG P 45 -45.22 107.57 -9.46
CA ARG P 45 -46.32 107.09 -8.63
C ARG P 45 -45.81 106.15 -7.56
N ARG P 46 -46.67 105.91 -6.57
CA ARG P 46 -46.33 105.00 -5.48
C ARG P 46 -46.20 103.59 -6.00
N GLN P 47 -45.13 102.92 -5.59
CA GLN P 47 -44.86 101.54 -6.01
C GLN P 47 -43.70 101.01 -5.19
N ALA P 48 -43.46 99.71 -5.32
CA ALA P 48 -42.28 99.10 -4.75
C ALA P 48 -41.05 99.49 -5.57
N MET P 49 -39.89 99.42 -4.93
CA MET P 49 -38.66 99.76 -5.61
C MET P 49 -37.49 99.11 -4.90
N PRO P 50 -36.63 98.40 -5.62
CA PRO P 50 -35.49 97.75 -4.98
C PRO P 50 -34.51 98.77 -4.43
N PHE P 51 -33.86 98.40 -3.34
CA PHE P 51 -32.88 99.29 -2.72
C PHE P 51 -31.60 99.41 -3.54
N LYS P 52 -31.36 98.49 -4.48
CA LYS P 52 -30.11 98.53 -5.22
C LYS P 52 -30.04 99.72 -6.15
N CYS P 53 -31.17 100.14 -6.72
CA CYS P 53 -31.22 101.30 -7.59
C CYS P 53 -31.51 102.59 -6.84
N MET P 54 -31.12 102.68 -5.58
CA MET P 54 -31.32 103.88 -4.78
C MET P 54 -29.99 104.44 -4.30
N GLN P 55 -29.85 105.76 -4.39
CA GLN P 55 -28.74 106.48 -3.78
C GLN P 55 -29.33 107.58 -2.92
N LEU P 56 -28.93 107.61 -1.65
CA LEU P 56 -29.54 108.54 -0.70
C LEU P 56 -28.93 109.93 -0.83
N THR P 57 -29.77 110.94 -0.60
CA THR P 57 -29.35 112.32 -0.51
C THR P 57 -29.35 112.76 0.95
N ASP P 58 -29.16 114.05 1.18
CA ASP P 58 -29.15 114.62 2.53
C ASP P 58 -30.45 115.32 2.90
N PHE P 59 -31.50 115.17 2.11
CA PHE P 59 -32.78 115.79 2.41
C PHE P 59 -33.72 114.74 3.00
N ILE P 60 -34.29 115.04 4.16
CA ILE P 60 -35.16 114.12 4.86
C ILE P 60 -36.47 114.84 5.17
N LEU P 61 -37.57 114.32 4.65
CA LEU P 61 -38.88 114.89 4.90
C LEU P 61 -39.48 114.33 6.18
N LYS P 62 -40.46 115.04 6.72
CA LYS P 62 -41.18 114.60 7.92
C LYS P 62 -42.63 114.31 7.56
N PHE P 63 -43.00 113.04 7.65
CA PHE P 63 -44.37 112.56 7.52
C PHE P 63 -44.45 111.17 8.14
N PRO P 64 -45.62 110.78 8.62
CA PRO P 64 -45.78 109.42 9.14
C PRO P 64 -45.61 108.39 8.03
N HIS P 65 -45.12 107.21 8.43
CA HIS P 65 -44.98 106.13 7.46
C HIS P 65 -46.36 105.65 7.02
N SER P 66 -46.43 105.17 5.78
CA SER P 66 -47.69 104.71 5.17
C SER P 66 -48.73 105.83 5.14
N ALA P 67 -48.28 107.04 4.83
CA ALA P 67 -49.19 108.16 4.63
C ALA P 67 -49.57 108.28 3.16
N HIS P 68 -50.66 108.99 2.90
CA HIS P 68 -51.19 109.08 1.55
C HIS P 68 -50.46 110.14 0.74
N GLN P 69 -50.86 110.23 -0.53
CA GLN P 69 -50.17 111.10 -1.49
C GLN P 69 -50.27 112.57 -1.08
N LYS P 70 -51.36 112.96 -0.43
CA LYS P 70 -51.56 114.36 -0.07
C LYS P 70 -50.43 114.84 0.84
N TYR P 71 -50.19 114.12 1.93
CA TYR P 71 -49.23 114.58 2.92
C TYR P 71 -47.81 114.51 2.37
N VAL P 72 -47.53 113.50 1.55
CA VAL P 72 -46.22 113.40 0.93
C VAL P 72 -45.98 114.59 0.00
N ARG P 73 -46.99 114.95 -0.79
CA ARG P 73 -46.83 116.07 -1.70
C ARG P 73 -46.67 117.38 -0.95
N GLN P 74 -47.40 117.54 0.15
CA GLN P 74 -47.19 118.75 0.97
C GLN P 74 -45.79 118.79 1.53
N ALA P 75 -45.29 117.65 2.02
CA ALA P 75 -43.93 117.61 2.55
C ALA P 75 -42.90 117.92 1.47
N TRP P 76 -43.17 117.49 0.24
CA TRP P 76 -42.26 117.82 -0.85
C TRP P 76 -42.31 119.32 -1.18
N GLN P 77 -43.52 119.87 -1.33
CA GLN P 77 -43.66 121.25 -1.78
C GLN P 77 -43.14 122.21 -0.71
N LYS P 78 -43.60 122.06 0.52
CA LYS P 78 -43.06 122.85 1.60
C LYS P 78 -41.62 122.41 1.87
N ALA P 79 -40.71 123.38 1.96
CA ALA P 79 -39.27 123.13 1.91
C ALA P 79 -38.92 122.36 0.63
N ASP P 80 -39.10 123.07 -0.49
CA ASP P 80 -39.05 122.48 -1.82
C ASP P 80 -37.78 121.68 -2.03
N ILE P 81 -37.96 120.37 -2.21
CA ILE P 81 -36.85 119.49 -2.51
C ILE P 81 -36.27 119.83 -3.87
N ASN P 82 -37.12 120.25 -4.80
CA ASN P 82 -36.71 120.38 -6.20
C ASN P 82 -35.64 121.46 -6.37
N THR P 83 -35.92 122.67 -5.87
CA THR P 83 -34.98 123.77 -6.05
C THR P 83 -33.68 123.53 -5.30
N LYS P 84 -33.78 123.05 -4.05
CA LYS P 84 -32.59 122.83 -3.26
C LYS P 84 -31.73 121.73 -3.86
N TRP P 85 -32.37 120.68 -4.38
CA TRP P 85 -31.63 119.65 -5.11
C TRP P 85 -30.95 120.24 -6.33
N ALA P 86 -31.66 121.08 -7.08
CA ALA P 86 -31.03 121.72 -8.24
C ALA P 86 -29.85 122.59 -7.82
N ALA P 87 -29.89 123.13 -6.61
CA ALA P 87 -28.77 123.92 -6.13
C ALA P 87 -27.61 123.04 -5.66
N THR P 88 -27.85 121.75 -5.45
CA THR P 88 -26.78 120.89 -5.01
C THR P 88 -25.75 120.69 -6.11
N ARG P 89 -24.54 120.34 -5.69
CA ARG P 89 -23.47 120.07 -6.64
C ARG P 89 -23.73 118.78 -7.41
N TRP P 90 -24.46 117.85 -6.79
CA TRP P 90 -24.75 116.57 -7.42
C TRP P 90 -25.61 116.74 -8.67
N ALA P 91 -26.71 117.47 -8.52
CA ALA P 91 -27.62 117.67 -9.65
C ALA P 91 -26.96 118.45 -10.77
N LYS P 92 -26.19 119.47 -10.43
CA LYS P 92 -25.53 120.23 -11.49
C LYS P 92 -24.43 119.41 -12.15
N LYS P 93 -23.77 118.51 -11.41
CA LYS P 93 -22.85 117.59 -12.06
C LYS P 93 -23.57 116.70 -13.06
N ILE P 94 -24.74 116.18 -12.67
CA ILE P 94 -25.53 115.34 -13.56
C ILE P 94 -25.93 116.13 -14.80
N GLU P 95 -26.39 117.35 -14.61
CA GLU P 95 -26.80 118.19 -15.73
C GLU P 95 -25.63 118.50 -16.63
N ALA P 96 -24.45 118.72 -16.04
CA ALA P 96 -23.25 118.97 -16.83
C ALA P 96 -22.91 117.76 -17.69
N ARG P 97 -23.00 116.56 -17.11
CA ARG P 97 -22.80 115.35 -17.92
C ARG P 97 -23.80 115.28 -19.05
N GLU P 98 -25.06 115.60 -18.78
CA GLU P 98 -26.09 115.50 -19.80
C GLU P 98 -25.83 116.49 -20.94
N ARG P 99 -25.48 117.74 -20.61
CA ARG P 99 -25.22 118.70 -21.67
C ARG P 99 -23.90 118.45 -22.37
N LYS P 100 -22.97 117.76 -21.70
CA LYS P 100 -21.73 117.33 -22.34
C LYS P 100 -22.01 116.23 -23.35
N ALA P 101 -22.90 115.30 -23.02
CA ALA P 101 -23.20 114.20 -23.92
C ALA P 101 -23.94 114.67 -25.16
N LYS P 102 -24.71 115.76 -25.04
CA LYS P 102 -25.50 116.27 -26.13
C LYS P 102 -24.86 117.48 -26.83
N MET P 103 -23.59 117.74 -26.56
CA MET P 103 -22.86 118.81 -27.23
C MET P 103 -22.62 118.43 -28.69
N THR P 104 -22.77 119.40 -29.59
CA THR P 104 -22.67 119.11 -31.02
C THR P 104 -21.24 119.28 -31.51
N ASP P 105 -21.02 118.94 -32.78
CA ASP P 105 -19.69 119.05 -33.37
C ASP P 105 -19.25 120.51 -33.46
N PHE P 106 -20.16 121.40 -33.87
CA PHE P 106 -19.84 122.82 -33.80
C PHE P 106 -19.58 123.24 -32.37
N ASP P 107 -20.38 122.74 -31.44
CA ASP P 107 -20.16 123.02 -30.02
C ASP P 107 -18.83 122.44 -29.56
N ARG P 108 -18.51 121.21 -30.01
CA ARG P 108 -17.23 120.63 -29.64
C ARG P 108 -16.07 121.45 -30.16
N PHE P 109 -16.18 121.95 -31.39
CA PHE P 109 -15.13 122.76 -31.99
C PHE P 109 -14.95 124.07 -31.22
N LYS P 110 -16.05 124.72 -30.89
CA LYS P 110 -15.97 125.96 -30.12
C LYS P 110 -15.36 125.70 -28.76
N VAL P 111 -15.74 124.60 -28.11
CA VAL P 111 -15.18 124.24 -26.82
C VAL P 111 -13.68 123.99 -26.96
N MET P 112 -13.28 123.32 -28.03
CA MET P 112 -11.87 122.99 -28.22
C MET P 112 -11.04 124.26 -28.38
N LYS P 113 -11.52 125.22 -29.18
CA LYS P 113 -10.83 126.50 -29.29
C LYS P 113 -10.74 127.22 -27.95
N ALA P 114 -11.87 127.28 -27.24
CA ALA P 114 -11.89 127.99 -25.97
C ALA P 114 -10.93 127.37 -24.97
N LYS P 115 -10.92 126.04 -24.90
CA LYS P 115 -10.04 125.36 -23.95
C LYS P 115 -8.58 125.49 -24.37
N LYS P 116 -8.32 125.49 -25.68
CA LYS P 116 -6.98 125.77 -26.17
C LYS P 116 -6.46 127.08 -25.61
N MET P 117 -7.22 128.16 -25.82
CA MET P 117 -6.75 129.46 -25.37
C MET P 117 -6.66 129.52 -23.84
N ARG P 118 -7.65 128.94 -23.17
CA ARG P 118 -7.67 128.97 -21.71
C ARG P 118 -6.47 128.24 -21.13
N ASN P 119 -6.16 127.07 -21.67
CA ASN P 119 -5.01 126.31 -21.20
C ASN P 119 -3.72 127.07 -21.44
N ARG P 120 -3.60 127.70 -22.62
CA ARG P 120 -2.36 128.42 -22.89
C ARG P 120 -2.18 129.59 -21.93
N ILE P 121 -3.25 130.33 -21.65
CA ILE P 121 -3.16 131.44 -20.71
C ILE P 121 -2.81 130.92 -19.32
N ILE P 122 -3.47 129.85 -18.89
CA ILE P 122 -3.21 129.30 -17.56
C ILE P 122 -1.78 128.82 -17.45
N LYS P 123 -1.27 128.18 -18.51
CA LYS P 123 0.08 127.64 -18.46
C LYS P 123 1.12 128.75 -18.45
N ASN P 124 0.87 129.84 -19.18
CA ASN P 124 1.76 130.99 -19.08
C ASN P 124 1.77 131.56 -17.67
N GLU P 125 0.61 131.67 -17.05
CA GLU P 125 0.56 132.15 -15.68
C GLU P 125 1.28 131.20 -14.74
N VAL P 126 1.16 129.90 -14.98
CA VAL P 126 1.84 128.91 -14.15
C VAL P 126 3.35 129.05 -14.28
N LYS P 127 3.86 129.25 -15.50
CA LYS P 127 5.29 129.46 -15.67
C LYS P 127 5.74 130.73 -14.98
N LYS P 128 4.95 131.81 -15.09
CA LYS P 128 5.33 133.04 -14.41
C LYS P 128 5.38 132.85 -12.91
N LEU P 129 4.39 132.14 -12.35
CA LEU P 129 4.38 131.90 -10.91
C LEU P 129 5.49 130.95 -10.50
N GLN P 130 5.86 130.02 -11.39
CA GLN P 130 6.98 129.13 -11.12
C GLN P 130 8.28 129.93 -11.02
N LYS P 131 8.53 130.81 -11.98
CA LYS P 131 9.74 131.61 -11.92
C LYS P 131 9.69 132.63 -10.80
N ALA P 132 8.48 133.00 -10.36
CA ALA P 132 8.36 133.89 -9.21
C ALA P 132 8.65 133.14 -7.91
N ALA P 133 8.25 131.88 -7.83
CA ALA P 133 8.53 131.07 -6.65
C ALA P 133 9.92 130.47 -6.66
N LEU P 134 10.62 130.53 -7.80
CA LEU P 134 11.96 129.99 -7.87
C LEU P 134 13.00 130.88 -7.18
N LEU P 135 12.71 132.17 -7.03
CA LEU P 135 13.67 133.14 -6.49
C LEU P 135 13.73 133.09 -4.96
N LYS P 136 13.87 131.89 -4.43
CA LYS P 136 14.05 131.67 -3.00
C LYS P 136 15.52 131.37 -2.72
N ALA P 137 16.13 132.19 -1.87
CA ALA P 137 17.54 132.08 -1.54
C ALA P 137 17.69 132.58 -0.11
N SER P 138 17.75 131.64 0.85
CA SER P 138 17.89 131.98 2.25
C SER P 138 18.70 130.91 2.99
N PRO P 139 19.94 131.21 3.40
CA PRO P 139 20.76 130.29 4.20
C PRO P 139 20.23 130.12 5.63
N GLY Q 1 -18.07 -43.17 -94.02
CA GLY Q 1 -18.30 -42.03 -93.15
C GLY Q 1 -17.80 -42.25 -91.73
N ALA Q 2 -16.53 -42.66 -91.62
CA ALA Q 2 -15.95 -42.99 -90.31
C ALA Q 2 -15.86 -41.77 -89.39
N TYR Q 3 -15.73 -40.57 -89.95
CA TYR Q 3 -15.67 -39.38 -89.13
C TYR Q 3 -16.96 -39.20 -88.35
N LYS Q 4 -18.09 -39.54 -88.97
CA LYS Q 4 -19.38 -39.49 -88.27
C LYS Q 4 -19.37 -40.43 -87.08
N TYR Q 5 -18.86 -41.64 -87.27
CA TYR Q 5 -18.80 -42.60 -86.17
C TYR Q 5 -17.92 -42.11 -85.04
N ILE Q 6 -16.75 -41.56 -85.36
CA ILE Q 6 -15.87 -41.09 -84.31
C ILE Q 6 -16.46 -39.88 -83.61
N GLN Q 7 -17.16 -39.03 -84.36
CA GLN Q 7 -17.89 -37.92 -83.75
C GLN Q 7 -18.89 -38.42 -82.72
N GLU Q 8 -19.72 -39.39 -83.10
CA GLU Q 8 -20.72 -39.90 -82.18
C GLU Q 8 -20.10 -40.64 -81.01
N LEU Q 9 -18.97 -41.30 -81.24
CA LEU Q 9 -18.23 -41.92 -80.15
C LEU Q 9 -17.77 -40.90 -79.14
N TRP Q 10 -17.20 -39.80 -79.62
CA TRP Q 10 -16.72 -38.76 -78.71
C TRP Q 10 -17.84 -38.03 -78.01
N ARG Q 11 -19.07 -38.13 -78.49
CA ARG Q 11 -20.21 -37.58 -77.76
C ARG Q 11 -20.67 -38.51 -76.65
N LYS Q 12 -19.91 -39.56 -76.36
CA LYS Q 12 -20.24 -40.56 -75.37
C LYS Q 12 -19.08 -40.77 -74.42
N LYS Q 13 -18.58 -39.66 -73.88
CA LYS Q 13 -17.35 -39.66 -73.10
C LYS Q 13 -17.44 -40.48 -71.82
N GLN Q 14 -18.63 -40.67 -71.26
CA GLN Q 14 -18.78 -41.41 -70.03
C GLN Q 14 -18.97 -42.90 -70.26
N SER Q 15 -18.82 -43.36 -71.51
CA SER Q 15 -18.79 -44.78 -71.77
C SER Q 15 -17.49 -45.37 -71.25
N ASP Q 16 -17.50 -46.70 -71.08
CA ASP Q 16 -16.38 -47.39 -70.46
C ASP Q 16 -15.11 -47.23 -71.30
N VAL Q 17 -15.22 -47.45 -72.61
CA VAL Q 17 -14.07 -47.34 -73.49
C VAL Q 17 -13.55 -45.91 -73.52
N MET Q 18 -14.46 -44.93 -73.60
CA MET Q 18 -14.01 -43.54 -73.59
C MET Q 18 -13.41 -43.16 -72.26
N ARG Q 19 -13.99 -43.61 -71.14
CA ARG Q 19 -13.40 -43.28 -69.85
C ARG Q 19 -12.01 -43.86 -69.70
N PHE Q 20 -11.83 -45.11 -70.14
CA PHE Q 20 -10.51 -45.72 -70.11
C PHE Q 20 -9.52 -44.92 -70.95
N LEU Q 21 -9.91 -44.62 -72.20
CA LEU Q 21 -9.00 -43.91 -73.08
C LEU Q 21 -8.64 -42.55 -72.51
N LEU Q 22 -9.63 -41.85 -71.97
CA LEU Q 22 -9.38 -40.54 -71.40
C LEU Q 22 -8.44 -40.62 -70.20
N ARG Q 23 -8.64 -41.59 -69.31
CA ARG Q 23 -7.76 -41.69 -68.16
C ARG Q 23 -6.34 -42.04 -68.59
N VAL Q 24 -6.21 -42.97 -69.54
CA VAL Q 24 -4.87 -43.37 -70.00
C VAL Q 24 -4.16 -42.17 -70.63
N ARG Q 25 -4.84 -41.45 -71.50
CA ARG Q 25 -4.20 -40.33 -72.17
C ARG Q 25 -3.91 -39.19 -71.19
N CYS Q 26 -4.81 -38.98 -70.22
CA CYS Q 26 -4.58 -37.94 -69.23
C CYS Q 26 -3.36 -38.26 -68.39
N TRP Q 27 -3.20 -39.52 -68.00
CA TRP Q 27 -1.98 -39.93 -67.32
C TRP Q 27 -0.76 -39.70 -68.19
N GLN Q 28 -0.86 -40.07 -69.47
CA GLN Q 28 0.30 -39.95 -70.34
C GLN Q 28 0.70 -38.49 -70.53
N TYR Q 29 -0.29 -37.61 -70.70
CA TYR Q 29 -0.01 -36.20 -70.89
C TYR Q 29 0.49 -35.56 -69.60
N ARG Q 30 0.06 -36.09 -68.45
CA ARG Q 30 0.49 -35.55 -67.17
C ARG Q 30 1.99 -35.74 -66.95
N GLN Q 31 2.63 -36.59 -67.75
CA GLN Q 31 4.05 -36.87 -67.56
C GLN Q 31 4.95 -35.98 -68.40
N LEU Q 32 4.41 -35.33 -69.42
CA LEU Q 32 5.19 -34.50 -70.32
C LEU Q 32 5.30 -33.08 -69.75
N SER Q 33 5.89 -32.17 -70.51
CA SER Q 33 5.90 -30.78 -70.12
C SER Q 33 4.54 -30.14 -70.37
N ALA Q 34 4.37 -28.94 -69.81
CA ALA Q 34 3.10 -28.23 -69.98
C ALA Q 34 2.83 -27.90 -71.44
N LEU Q 35 3.85 -27.46 -72.16
CA LEU Q 35 3.75 -27.18 -73.58
C LEU Q 35 4.57 -28.21 -74.33
N HIS Q 36 4.00 -28.76 -75.39
CA HIS Q 36 4.62 -29.87 -76.12
C HIS Q 36 3.92 -30.06 -77.45
N ARG Q 37 4.70 -30.33 -78.50
CA ARG Q 37 4.12 -30.53 -79.81
C ARG Q 37 3.58 -31.95 -79.97
N ALA Q 38 2.30 -32.06 -80.25
CA ALA Q 38 1.87 -33.40 -80.62
C ALA Q 38 2.23 -33.67 -82.07
N PRO Q 39 2.80 -34.84 -82.37
CA PRO Q 39 3.15 -35.15 -83.77
C PRO Q 39 1.93 -35.24 -84.68
N ARG Q 40 0.81 -35.74 -84.18
CA ARG Q 40 -0.42 -35.77 -84.95
C ARG Q 40 -1.57 -35.42 -84.02
N PRO Q 41 -2.66 -34.88 -84.56
CA PRO Q 41 -3.81 -34.54 -83.71
C PRO Q 41 -4.42 -35.77 -83.07
N THR Q 42 -4.88 -35.62 -81.83
CA THR Q 42 -5.51 -36.73 -81.13
C THR Q 42 -6.92 -36.99 -81.64
N ARG Q 43 -7.68 -35.93 -81.93
CA ARG Q 43 -9.04 -36.06 -82.47
C ARG Q 43 -9.02 -35.44 -83.85
N PRO Q 44 -8.59 -36.18 -84.88
CA PRO Q 44 -8.51 -35.59 -86.22
C PRO Q 44 -9.84 -35.10 -86.73
N ASP Q 45 -10.93 -35.79 -86.37
CA ASP Q 45 -12.25 -35.30 -86.72
C ASP Q 45 -12.52 -33.93 -86.12
N LYS Q 46 -12.20 -33.76 -84.84
CA LYS Q 46 -12.42 -32.49 -84.18
C LYS Q 46 -11.56 -31.41 -84.79
N ALA Q 47 -10.31 -31.74 -85.12
CA ALA Q 47 -9.40 -30.77 -85.70
C ALA Q 47 -9.88 -30.31 -87.07
N ARG Q 48 -10.24 -31.26 -87.94
CA ARG Q 48 -10.72 -30.88 -89.27
C ARG Q 48 -12.07 -30.19 -89.18
N ARG Q 49 -12.84 -30.47 -88.14
CA ARG Q 49 -14.06 -29.69 -87.90
C ARG Q 49 -13.72 -28.25 -87.56
N LEU Q 50 -12.66 -28.05 -86.77
CA LEU Q 50 -12.19 -26.71 -86.49
C LEU Q 50 -11.43 -26.10 -87.66
N GLY Q 51 -11.13 -26.87 -88.69
CA GLY Q 51 -10.55 -26.30 -89.89
C GLY Q 51 -9.18 -26.84 -90.25
N TYR Q 52 -8.69 -27.83 -89.51
CA TYR Q 52 -7.38 -28.38 -89.75
C TYR Q 52 -7.35 -29.13 -91.08
N LYS Q 53 -6.18 -29.09 -91.74
CA LYS Q 53 -5.92 -29.92 -92.89
C LYS Q 53 -4.62 -30.67 -92.69
N ALA Q 54 -4.59 -31.92 -93.13
CA ALA Q 54 -3.41 -32.76 -92.98
C ALA Q 54 -2.43 -32.42 -94.09
N LYS Q 55 -1.74 -31.30 -93.90
CA LYS Q 55 -0.75 -30.83 -94.86
C LYS Q 55 0.30 -30.04 -94.11
N GLN Q 56 1.48 -29.92 -94.71
CA GLN Q 56 2.57 -29.21 -94.06
C GLN Q 56 2.21 -27.75 -93.87
N GLY Q 57 2.55 -27.22 -92.71
CA GLY Q 57 2.12 -25.92 -92.28
C GLY Q 57 1.13 -25.95 -91.14
N TYR Q 58 0.42 -27.06 -90.96
CA TYR Q 58 -0.44 -27.27 -89.81
C TYR Q 58 0.32 -28.06 -88.76
N VAL Q 59 0.50 -27.45 -87.59
CA VAL Q 59 1.15 -28.13 -86.46
C VAL Q 59 0.26 -27.99 -85.24
N ILE Q 60 0.40 -28.95 -84.34
CA ILE Q 60 -0.44 -29.06 -83.15
C ILE Q 60 0.46 -29.14 -81.93
N TYR Q 61 0.15 -28.36 -80.92
CA TYR Q 61 0.91 -28.37 -79.67
C TYR Q 61 -0.05 -28.70 -78.54
N ARG Q 62 0.30 -29.70 -77.75
CA ARG Q 62 -0.50 -30.08 -76.59
C ARG Q 62 -0.24 -29.10 -75.46
N ILE Q 63 -1.31 -28.58 -74.87
CA ILE Q 63 -1.20 -27.59 -73.81
C ILE Q 63 -1.91 -28.10 -72.57
N ARG Q 64 -1.27 -27.93 -71.43
CA ARG Q 64 -1.82 -28.26 -70.12
C ARG Q 64 -1.96 -26.98 -69.32
N VAL Q 65 -3.12 -26.78 -68.70
CA VAL Q 65 -3.33 -25.62 -67.85
C VAL Q 65 -3.83 -26.09 -66.49
N ARG Q 66 -3.52 -25.31 -65.47
CA ARG Q 66 -3.97 -25.60 -64.11
C ARG Q 66 -5.41 -25.16 -63.93
N ARG Q 67 -6.19 -25.99 -63.25
CA ARG Q 67 -7.59 -25.69 -63.08
C ARG Q 67 -7.79 -24.83 -61.85
N GLY Q 68 -9.05 -24.48 -61.59
CA GLY Q 68 -9.40 -23.61 -60.49
C GLY Q 68 -9.62 -22.19 -60.96
N GLY Q 69 -9.93 -21.33 -59.99
CA GLY Q 69 -10.19 -19.94 -60.26
C GLY Q 69 -8.92 -19.11 -60.36
N ARG Q 70 -9.11 -17.80 -60.25
CA ARG Q 70 -8.01 -16.84 -60.31
C ARG Q 70 -7.90 -16.16 -58.95
N LYS Q 71 -6.99 -16.66 -58.12
CA LYS Q 71 -6.71 -16.01 -56.84
C LYS Q 71 -6.15 -14.61 -57.07
N ARG Q 72 -6.64 -13.66 -56.30
CA ARG Q 72 -6.13 -12.29 -56.43
C ARG Q 72 -4.69 -12.23 -55.93
N PRO Q 73 -3.76 -11.76 -56.74
CA PRO Q 73 -2.34 -11.75 -56.33
C PRO Q 73 -1.99 -10.52 -55.49
N VAL Q 74 -2.55 -10.48 -54.29
CA VAL Q 74 -2.26 -9.41 -53.34
C VAL Q 74 -1.59 -10.03 -52.12
N PRO Q 75 -0.67 -9.31 -51.47
CA PRO Q 75 0.02 -9.90 -50.31
C PRO Q 75 -0.93 -10.09 -49.14
N LYS Q 76 -0.90 -11.29 -48.57
CA LYS Q 76 -1.60 -11.64 -47.33
C LYS Q 76 -3.11 -11.43 -47.43
N GLY Q 77 -3.66 -11.36 -48.63
CA GLY Q 77 -5.07 -11.05 -48.76
C GLY Q 77 -5.43 -9.62 -48.39
N ALA Q 78 -4.46 -8.71 -48.42
CA ALA Q 78 -4.70 -7.32 -48.06
C ALA Q 78 -5.14 -6.56 -49.30
N THR Q 79 -6.44 -6.58 -49.57
CA THR Q 79 -7.02 -5.79 -50.66
C THR Q 79 -7.46 -4.47 -50.04
N TYR Q 80 -6.57 -3.50 -50.05
CA TYR Q 80 -6.85 -2.20 -49.47
C TYR Q 80 -7.97 -1.52 -50.23
N GLY Q 81 -9.13 -1.39 -49.61
CA GLY Q 81 -10.27 -0.77 -50.27
C GLY Q 81 -11.57 -1.12 -49.55
N LYS Q 82 -12.67 -0.81 -50.22
CA LYS Q 82 -13.99 -1.00 -49.65
C LYS Q 82 -14.31 -2.49 -49.53
N PRO Q 83 -15.26 -2.86 -48.66
CA PRO Q 83 -15.57 -4.28 -48.46
C PRO Q 83 -16.03 -5.00 -49.71
N VAL Q 84 -16.61 -4.30 -50.68
CA VAL Q 84 -17.04 -4.95 -51.91
C VAL Q 84 -15.86 -5.49 -52.70
N HIS Q 85 -14.65 -4.98 -52.44
CA HIS Q 85 -13.46 -5.44 -53.14
C HIS Q 85 -12.57 -6.31 -52.26
N HIS Q 86 -13.10 -6.82 -51.16
CA HIS Q 86 -12.29 -7.56 -50.21
C HIS Q 86 -12.11 -9.02 -50.58
N GLY Q 87 -12.85 -9.53 -51.56
CA GLY Q 87 -12.77 -10.92 -51.94
C GLY Q 87 -11.41 -11.31 -52.49
N VAL Q 88 -10.83 -12.39 -51.98
CA VAL Q 88 -9.56 -12.92 -52.46
C VAL Q 88 -9.73 -14.28 -53.12
N ASN Q 89 -10.43 -15.18 -52.45
CA ASN Q 89 -10.81 -16.46 -53.05
C ASN Q 89 -12.14 -16.29 -53.78
N GLN Q 90 -12.61 -17.40 -54.37
CA GLN Q 90 -13.86 -17.47 -55.10
C GLN Q 90 -13.92 -16.51 -56.27
N LEU Q 91 -12.77 -15.96 -56.68
CA LEU Q 91 -12.72 -15.09 -57.84
C LEU Q 91 -12.57 -15.93 -59.10
N LYS Q 92 -13.15 -15.43 -60.18
CA LYS Q 92 -13.19 -16.17 -61.43
C LYS Q 92 -12.62 -15.33 -62.55
N PHE Q 93 -11.70 -15.91 -63.30
CA PHE Q 93 -11.13 -15.22 -64.43
C PHE Q 93 -12.20 -15.01 -65.50
N ALA Q 94 -12.19 -13.83 -66.12
CA ALA Q 94 -13.24 -13.52 -67.08
C ALA Q 94 -13.17 -14.40 -68.32
N ARG Q 95 -11.98 -14.86 -68.68
CA ARG Q 95 -11.80 -15.69 -69.86
C ARG Q 95 -11.70 -17.15 -69.46
N SER Q 96 -12.16 -18.02 -70.35
CA SER Q 96 -12.13 -19.45 -70.10
C SER Q 96 -10.71 -19.98 -70.20
N LEU Q 97 -10.51 -21.17 -69.63
CA LEU Q 97 -9.17 -21.76 -69.59
C LEU Q 97 -8.66 -22.08 -70.98
N GLN Q 98 -9.56 -22.46 -71.91
CA GLN Q 98 -9.14 -22.79 -73.26
C GLN Q 98 -8.52 -21.57 -73.94
N SER Q 99 -9.08 -20.39 -73.69
CA SER Q 99 -8.50 -19.17 -74.23
C SER Q 99 -7.09 -18.95 -73.67
N VAL Q 100 -6.88 -19.26 -72.39
CA VAL Q 100 -5.57 -19.13 -71.80
C VAL Q 100 -4.59 -20.10 -72.45
N ALA Q 101 -5.05 -21.32 -72.70
CA ALA Q 101 -4.19 -22.30 -73.37
C ALA Q 101 -3.79 -21.82 -74.76
N GLU Q 102 -4.75 -21.27 -75.50
CA GLU Q 102 -4.43 -20.72 -76.81
C GLU Q 102 -3.45 -19.57 -76.69
N GLU Q 103 -3.62 -18.72 -75.68
CA GLU Q 103 -2.71 -17.59 -75.50
C GLU Q 103 -1.28 -18.08 -75.26
N ARG Q 104 -1.11 -19.04 -74.37
CA ARG Q 104 0.23 -19.56 -74.11
C ARG Q 104 0.82 -20.22 -75.35
N ALA Q 105 0.01 -21.00 -76.07
CA ALA Q 105 0.50 -21.68 -77.27
C ALA Q 105 0.98 -20.68 -78.30
N GLY Q 106 0.21 -19.61 -78.53
CA GLY Q 106 0.65 -18.58 -79.44
C GLY Q 106 1.87 -17.83 -78.91
N ARG Q 107 1.93 -17.62 -77.61
CA ARG Q 107 3.02 -16.83 -77.03
C ARG Q 107 4.35 -17.53 -77.18
N HIS Q 108 4.39 -18.85 -76.97
CA HIS Q 108 5.65 -19.55 -77.16
C HIS Q 108 6.09 -19.53 -78.62
N CYS Q 109 5.19 -19.91 -79.52
CA CYS Q 109 5.48 -19.88 -80.96
C CYS Q 109 4.89 -18.62 -81.59
N GLY Q 110 5.49 -17.49 -81.25
CA GLY Q 110 4.98 -16.20 -81.72
C GLY Q 110 5.02 -16.04 -83.22
N ALA Q 111 5.91 -16.76 -83.90
CA ALA Q 111 6.00 -16.65 -85.34
C ALA Q 111 4.84 -17.31 -86.07
N LEU Q 112 4.03 -18.10 -85.36
CA LEU Q 112 2.92 -18.82 -85.97
C LEU Q 112 1.60 -18.14 -85.63
N ARG Q 113 0.53 -18.67 -86.20
CA ARG Q 113 -0.82 -18.16 -85.99
C ARG Q 113 -1.68 -19.22 -85.34
N VAL Q 114 -2.40 -18.83 -84.29
CA VAL Q 114 -3.31 -19.76 -83.63
C VAL Q 114 -4.58 -19.89 -84.47
N LEU Q 115 -4.88 -21.12 -84.88
CA LEU Q 115 -6.08 -21.36 -85.67
C LEU Q 115 -7.28 -21.66 -84.78
N ASN Q 116 -7.21 -22.75 -84.02
CA ASN Q 116 -8.26 -23.12 -83.09
C ASN Q 116 -7.69 -24.09 -82.06
N SER Q 117 -8.51 -24.49 -81.11
CA SER Q 117 -8.11 -25.43 -80.08
C SER Q 117 -9.32 -26.23 -79.64
N TYR Q 118 -9.05 -27.37 -79.01
CA TYR Q 118 -10.16 -28.20 -78.56
C TYR Q 118 -9.73 -28.96 -77.31
N TRP Q 119 -10.73 -29.42 -76.56
CA TRP Q 119 -10.50 -30.13 -75.31
C TRP Q 119 -10.14 -31.58 -75.61
N VAL Q 120 -9.13 -32.08 -74.91
CA VAL Q 120 -8.65 -33.44 -75.13
C VAL Q 120 -8.67 -34.30 -73.87
N GLY Q 121 -8.79 -33.69 -72.71
CA GLY Q 121 -8.66 -34.43 -71.47
C GLY Q 121 -8.45 -33.47 -70.31
N GLU Q 122 -8.83 -33.95 -69.13
CA GLU Q 122 -8.74 -33.10 -67.95
C GLU Q 122 -8.52 -33.95 -66.72
N ASP Q 123 -8.00 -33.32 -65.69
CA ASP Q 123 -7.84 -33.91 -64.37
C ASP Q 123 -8.60 -33.05 -63.36
N SER Q 124 -8.45 -33.37 -62.08
CA SER Q 124 -8.93 -32.46 -61.05
C SER Q 124 -8.02 -31.25 -60.92
N THR Q 125 -6.77 -31.37 -61.34
CA THR Q 125 -5.82 -30.28 -61.26
C THR Q 125 -5.37 -29.75 -62.61
N TYR Q 126 -5.50 -30.52 -63.68
CA TYR Q 126 -5.08 -30.05 -64.99
C TYR Q 126 -6.19 -30.25 -66.02
N LYS Q 127 -6.28 -29.30 -66.93
CA LYS Q 127 -7.08 -29.43 -68.13
C LYS Q 127 -6.13 -29.39 -69.31
N PHE Q 128 -6.30 -30.33 -70.23
CA PHE Q 128 -5.43 -30.45 -71.40
C PHE Q 128 -6.21 -30.02 -72.64
N PHE Q 129 -5.56 -29.21 -73.47
CA PHE Q 129 -6.14 -28.78 -74.72
C PHE Q 129 -5.11 -28.90 -75.83
N GLU Q 130 -5.61 -29.16 -77.04
CA GLU Q 130 -4.79 -29.26 -78.23
C GLU Q 130 -5.14 -28.11 -79.16
N VAL Q 131 -4.13 -27.33 -79.53
CA VAL Q 131 -4.32 -26.08 -80.26
C VAL Q 131 -3.83 -26.25 -81.69
N ILE Q 132 -4.57 -25.70 -82.63
CA ILE Q 132 -4.20 -25.77 -84.04
C ILE Q 132 -3.40 -24.53 -84.40
N LEU Q 133 -2.22 -24.72 -84.97
CA LEU Q 133 -1.32 -23.65 -85.35
C LEU Q 133 -1.01 -23.75 -86.83
N ILE Q 134 -0.77 -22.59 -87.45
CA ILE Q 134 -0.51 -22.50 -88.88
C ILE Q 134 0.71 -21.63 -89.11
N ASP Q 135 1.65 -22.12 -89.92
CA ASP Q 135 2.75 -21.31 -90.41
C ASP Q 135 2.23 -20.33 -91.45
N PRO Q 136 2.39 -19.02 -91.23
CA PRO Q 136 1.93 -18.05 -92.24
C PRO Q 136 2.87 -17.91 -93.42
N PHE Q 137 4.00 -18.61 -93.43
CA PHE Q 137 4.98 -18.46 -94.50
C PHE Q 137 5.25 -19.73 -95.26
N HIS Q 138 4.65 -20.85 -94.89
CA HIS Q 138 4.78 -22.07 -95.67
C HIS Q 138 4.19 -21.85 -97.06
N LYS Q 139 4.90 -22.36 -98.08
CA LYS Q 139 4.45 -22.18 -99.45
C LYS Q 139 3.09 -22.81 -99.69
N ALA Q 140 2.84 -23.98 -99.10
CA ALA Q 140 1.54 -24.64 -99.27
C ALA Q 140 0.42 -23.79 -98.68
N ILE Q 141 0.64 -23.24 -97.48
CA ILE Q 141 -0.33 -22.32 -96.91
C ILE Q 141 -0.41 -21.04 -97.74
N ARG Q 142 0.74 -20.50 -98.13
CA ARG Q 142 0.79 -19.21 -98.78
C ARG Q 142 0.19 -19.25 -100.18
N ARG Q 143 0.31 -20.37 -100.87
CA ARG Q 143 -0.16 -20.48 -102.25
C ARG Q 143 -1.61 -20.92 -102.33
N ASN Q 144 -2.33 -20.95 -101.20
CA ASN Q 144 -3.68 -21.49 -101.18
C ASN Q 144 -4.67 -20.37 -100.91
N PRO Q 145 -5.61 -20.12 -101.81
CA PRO Q 145 -6.73 -19.24 -101.46
C PRO Q 145 -7.60 -19.91 -100.41
N ASP Q 146 -8.52 -19.14 -99.84
CA ASP Q 146 -9.31 -19.50 -98.66
C ASP Q 146 -8.43 -19.74 -97.45
N THR Q 147 -7.13 -19.49 -97.55
CA THR Q 147 -6.18 -19.67 -96.48
C THR Q 147 -5.25 -18.47 -96.34
N GLN Q 148 -5.06 -17.69 -97.41
CA GLN Q 148 -4.18 -16.52 -97.39
C GLN Q 148 -4.63 -15.48 -96.38
N TRP Q 149 -5.89 -15.54 -95.95
CA TRP Q 149 -6.39 -14.57 -94.99
C TRP Q 149 -5.62 -14.63 -93.68
N ILE Q 150 -5.18 -15.82 -93.27
CA ILE Q 150 -4.37 -15.93 -92.06
C ILE Q 150 -3.00 -15.32 -92.27
N THR Q 151 -2.53 -15.20 -93.50
CA THR Q 151 -1.23 -14.61 -93.76
C THR Q 151 -1.22 -13.10 -93.60
N LYS Q 152 -2.39 -12.48 -93.49
CA LYS Q 152 -2.46 -11.03 -93.42
C LYS Q 152 -1.90 -10.54 -92.08
N PRO Q 153 -1.28 -9.36 -92.08
CA PRO Q 153 -0.77 -8.81 -90.81
C PRO Q 153 -1.84 -8.50 -89.79
N VAL Q 154 -3.11 -8.39 -90.22
CA VAL Q 154 -4.18 -8.13 -89.27
C VAL Q 154 -4.56 -9.39 -88.50
N HIS Q 155 -4.28 -10.57 -89.02
CA HIS Q 155 -4.73 -11.81 -88.41
C HIS Q 155 -3.64 -12.50 -87.59
N LYS Q 156 -2.76 -11.73 -86.97
CA LYS Q 156 -1.72 -12.29 -86.12
C LYS Q 156 -2.12 -12.12 -84.66
N HIS Q 157 -1.73 -13.09 -83.84
CA HIS Q 157 -2.07 -13.12 -82.41
C HIS Q 157 -3.57 -12.99 -82.19
N ARG Q 158 -4.34 -13.74 -83.00
CA ARG Q 158 -5.80 -13.72 -82.83
C ARG Q 158 -6.19 -14.22 -81.45
N GLU Q 159 -5.36 -15.09 -80.87
CA GLU Q 159 -5.57 -15.51 -79.50
C GLU Q 159 -5.35 -14.37 -78.52
N MET Q 160 -4.48 -13.41 -78.84
CA MET Q 160 -4.19 -12.34 -77.92
C MET Q 160 -5.16 -11.18 -78.06
N ARG Q 161 -5.99 -11.19 -79.09
CA ARG Q 161 -7.06 -10.21 -79.23
C ARG Q 161 -8.45 -10.84 -79.10
N GLY Q 162 -8.54 -12.07 -78.62
CA GLY Q 162 -9.82 -12.71 -78.39
C GLY Q 162 -10.63 -12.94 -79.64
N LEU Q 163 -9.97 -13.22 -80.75
CA LEU Q 163 -10.65 -13.40 -82.02
C LEU Q 163 -10.95 -14.85 -82.35
N THR Q 164 -10.33 -15.80 -81.64
CA THR Q 164 -10.57 -17.21 -81.92
C THR Q 164 -11.92 -17.63 -81.35
N SER Q 165 -12.24 -18.91 -81.51
CA SER Q 165 -13.54 -19.40 -81.04
C SER Q 165 -13.63 -19.33 -79.52
N ALA Q 166 -12.57 -19.72 -78.81
CA ALA Q 166 -12.61 -19.71 -77.36
C ALA Q 166 -12.66 -18.29 -76.82
N GLY Q 167 -11.83 -17.40 -77.36
CA GLY Q 167 -11.80 -16.04 -76.87
C GLY Q 167 -13.04 -15.25 -77.22
N ARG Q 168 -13.71 -15.62 -78.31
CA ARG Q 168 -14.94 -14.95 -78.70
C ARG Q 168 -16.05 -15.15 -77.70
N LYS Q 169 -16.14 -16.36 -77.13
CA LYS Q 169 -17.21 -16.65 -76.18
C LYS Q 169 -17.09 -15.80 -74.92
N SER Q 170 -15.89 -15.35 -74.58
CA SER Q 170 -15.71 -14.50 -73.42
C SER Q 170 -16.12 -13.05 -73.67
N ARG Q 171 -16.04 -12.58 -74.91
CA ARG Q 171 -16.39 -11.20 -75.24
C ARG Q 171 -17.90 -10.97 -75.22
N GLY Q 172 -18.71 -12.02 -75.15
CA GLY Q 172 -20.14 -11.85 -75.13
C GLY Q 172 -20.73 -11.32 -76.41
N LEU Q 173 -20.16 -11.68 -77.55
CA LEU Q 173 -20.70 -11.24 -78.82
C LEU Q 173 -21.92 -12.05 -79.21
N GLY Q 174 -22.67 -11.52 -80.15
CA GLY Q 174 -23.83 -12.21 -80.67
C GLY Q 174 -24.88 -11.21 -81.08
N LYS Q 175 -25.98 -11.74 -81.61
CA LYS Q 175 -27.11 -10.94 -82.06
C LYS Q 175 -28.32 -11.18 -81.16
N GLY Q 176 -28.98 -10.10 -80.81
CA GLY Q 176 -30.22 -10.19 -80.08
C GLY Q 176 -30.18 -9.46 -78.76
N HIS Q 177 -31.27 -9.61 -78.01
CA HIS Q 177 -31.45 -8.93 -76.74
C HIS Q 177 -30.42 -9.34 -75.70
N LYS Q 178 -29.84 -10.53 -75.83
CA LYS Q 178 -28.86 -11.00 -74.86
C LYS Q 178 -27.47 -10.46 -75.12
N PHE Q 179 -27.28 -9.60 -76.11
CA PHE Q 179 -25.97 -9.07 -76.43
C PHE Q 179 -26.03 -7.56 -76.65
N HIS Q 180 -26.72 -6.88 -75.73
CA HIS Q 180 -26.78 -5.42 -75.74
C HIS Q 180 -25.51 -4.76 -75.22
N HIS Q 181 -24.69 -5.51 -74.49
CA HIS Q 181 -23.49 -4.92 -73.89
C HIS Q 181 -22.39 -4.74 -74.92
N THR Q 182 -22.49 -5.42 -76.05
CA THR Q 182 -21.42 -5.45 -77.04
C THR Q 182 -21.88 -4.89 -78.38
N ILE Q 183 -22.99 -4.19 -78.40
CA ILE Q 183 -23.53 -3.64 -79.65
C ILE Q 183 -22.59 -2.56 -80.15
N GLY Q 184 -22.04 -2.77 -81.34
CA GLY Q 184 -21.06 -1.85 -81.90
C GLY Q 184 -19.66 -2.42 -82.00
N GLY Q 185 -19.44 -3.69 -81.69
CA GLY Q 185 -18.14 -4.29 -81.88
C GLY Q 185 -17.53 -4.90 -80.64
N SER Q 186 -17.68 -4.23 -79.50
CA SER Q 186 -17.12 -4.73 -78.25
C SER Q 186 -17.80 -4.02 -77.09
N ARG Q 187 -17.46 -4.48 -75.88
CA ARG Q 187 -17.95 -3.81 -74.68
C ARG Q 187 -17.43 -2.38 -74.61
N ARG Q 188 -16.15 -2.19 -74.91
CA ARG Q 188 -15.58 -0.85 -74.85
C ARG Q 188 -16.20 0.06 -75.89
N ALA Q 189 -16.45 -0.47 -77.10
CA ALA Q 189 -17.06 0.34 -78.15
C ALA Q 189 -18.46 0.78 -77.74
N ALA Q 190 -19.25 -0.15 -77.21
CA ALA Q 190 -20.60 0.20 -76.77
C ALA Q 190 -20.55 1.19 -75.62
N TRP Q 191 -19.64 0.99 -74.67
CA TRP Q 191 -19.54 1.91 -73.55
C TRP Q 191 -19.18 3.31 -74.00
N ARG Q 192 -18.21 3.43 -74.90
CA ARG Q 192 -17.85 4.76 -75.41
C ARG Q 192 -19.00 5.38 -76.17
N ARG Q 193 -19.69 4.59 -76.99
CA ARG Q 193 -20.81 5.14 -77.76
C ARG Q 193 -21.91 5.63 -76.83
N ARG Q 194 -22.19 4.89 -75.76
CA ARG Q 194 -23.22 5.30 -74.83
C ARG Q 194 -22.73 6.28 -73.78
N ASN Q 195 -21.44 6.61 -73.78
CA ASN Q 195 -20.88 7.53 -72.81
C ASN Q 195 -20.26 8.77 -73.43
N THR Q 196 -20.00 8.78 -74.74
CA THR Q 196 -19.46 9.97 -75.38
C THR Q 196 -20.60 10.93 -75.69
N LEU Q 197 -20.41 12.19 -75.32
CA LEU Q 197 -21.44 13.21 -75.48
C LEU Q 197 -21.27 13.87 -76.85
N GLN Q 198 -22.25 13.65 -77.74
CA GLN Q 198 -22.16 14.15 -79.11
C GLN Q 198 -22.67 15.58 -79.16
N LEU Q 199 -21.76 16.53 -79.18
CA LEU Q 199 -22.10 17.96 -79.18
C LEU Q 199 -22.05 18.47 -80.62
N HIS Q 200 -23.22 18.68 -81.20
CA HIS Q 200 -23.34 19.08 -82.57
C HIS Q 200 -22.93 20.54 -82.72
N ARG Q 201 -22.89 21.03 -83.95
CA ARG Q 201 -22.57 22.43 -84.17
C ARG Q 201 -23.72 23.33 -83.75
N TYR Q 202 -24.94 22.85 -83.88
CA TYR Q 202 -26.13 23.64 -83.57
C TYR Q 202 -26.89 22.96 -82.45
N ARG Q 203 -26.94 23.63 -81.29
CA ARG Q 203 -27.79 23.16 -80.21
C ARG Q 203 -28.93 24.15 -80.02
N GLU R 1 -6.77 97.93 -28.17
CA GLU R 1 -6.03 99.19 -28.12
C GLU R 1 -4.55 98.95 -28.44
N VAL R 2 -3.96 99.87 -29.21
CA VAL R 2 -2.60 99.69 -29.69
C VAL R 2 -1.55 99.81 -28.58
N GLN R 3 -1.82 100.58 -27.53
CA GLN R 3 -0.84 100.74 -26.46
C GLN R 3 -0.88 99.52 -25.56
N VAL R 4 0.13 99.41 -24.72
CA VAL R 4 0.22 98.28 -23.82
C VAL R 4 -0.61 98.56 -22.59
N LEU R 5 -1.51 97.63 -22.25
CA LEU R 5 -2.41 97.80 -21.14
C LEU R 5 -1.73 97.26 -19.88
N VAL R 6 -1.30 98.17 -19.00
CA VAL R 6 -0.59 97.81 -17.78
C VAL R 6 -1.62 97.62 -16.68
N LEU R 7 -1.48 96.53 -15.93
CA LEU R 7 -2.42 96.22 -14.86
C LEU R 7 -1.68 95.96 -13.55
N ASP R 8 -2.15 96.59 -12.48
CA ASP R 8 -1.60 96.37 -11.15
C ASP R 8 -2.26 95.16 -10.51
N GLY R 9 -1.45 94.27 -9.94
CA GLY R 9 -1.97 93.02 -9.41
C GLY R 9 -2.51 93.08 -8.00
N ARG R 10 -2.31 94.19 -7.28
CA ARG R 10 -2.72 94.24 -5.89
C ARG R 10 -4.23 94.27 -5.77
N GLY R 11 -4.76 93.45 -4.86
CA GLY R 11 -6.18 93.41 -4.61
C GLY R 11 -7.00 92.72 -5.67
N HIS R 12 -6.35 92.12 -6.67
CA HIS R 12 -7.06 91.45 -7.75
C HIS R 12 -7.07 89.95 -7.52
N LEU R 13 -8.21 89.33 -7.76
CA LEU R 13 -8.32 87.89 -7.65
C LEU R 13 -7.62 87.24 -8.84
N LEU R 14 -7.04 86.06 -8.60
CA LEU R 14 -6.26 85.40 -9.64
C LEU R 14 -7.14 85.01 -10.82
N GLY R 15 -8.23 84.29 -10.54
CA GLY R 15 -9.01 83.70 -11.63
C GLY R 15 -9.69 84.74 -12.51
N ARG R 16 -10.36 85.72 -11.88
CA ARG R 16 -11.11 86.71 -12.65
C ARG R 16 -10.17 87.53 -13.53
N LEU R 17 -9.10 88.05 -12.92
CA LEU R 17 -8.14 88.86 -13.65
C LEU R 17 -7.46 88.06 -14.74
N ALA R 18 -7.13 86.80 -14.45
CA ALA R 18 -6.49 85.95 -15.45
C ALA R 18 -7.40 85.71 -16.63
N ALA R 19 -8.69 85.46 -16.38
CA ALA R 19 -9.63 85.26 -17.49
C ALA R 19 -9.75 86.52 -18.33
N ILE R 20 -9.85 87.68 -17.68
CA ILE R 20 -9.95 88.93 -18.43
C ILE R 20 -8.70 89.16 -19.28
N VAL R 21 -7.53 88.90 -18.69
CA VAL R 21 -6.28 89.12 -19.39
C VAL R 21 -6.16 88.18 -20.58
N ALA R 22 -6.56 86.92 -20.40
CA ALA R 22 -6.53 85.98 -21.50
C ALA R 22 -7.44 86.42 -22.63
N LYS R 23 -8.64 86.89 -22.29
CA LYS R 23 -9.55 87.36 -23.33
C LYS R 23 -8.99 88.57 -24.04
N GLN R 24 -8.30 89.44 -23.30
CA GLN R 24 -7.69 90.62 -23.91
C GLN R 24 -6.56 90.23 -24.87
N VAL R 25 -5.66 89.36 -24.42
CA VAL R 25 -4.52 89.02 -25.27
C VAL R 25 -4.96 88.21 -26.48
N LEU R 26 -6.08 87.49 -26.36
CA LEU R 26 -6.62 86.84 -27.55
C LEU R 26 -7.19 87.86 -28.53
N LEU R 27 -7.41 89.09 -28.07
CA LEU R 27 -7.87 90.16 -28.92
C LEU R 27 -6.73 91.02 -29.48
N GLY R 28 -5.51 90.49 -29.47
CA GLY R 28 -4.39 91.21 -30.06
C GLY R 28 -3.96 92.45 -29.31
N ARG R 29 -3.92 92.40 -27.99
CA ARG R 29 -3.51 93.53 -27.17
C ARG R 29 -2.34 93.12 -26.28
N LYS R 30 -1.42 94.06 -26.06
CA LYS R 30 -0.28 93.84 -25.19
C LYS R 30 -0.66 94.15 -23.76
N VAL R 31 -0.48 93.19 -22.87
CA VAL R 31 -0.86 93.34 -21.46
C VAL R 31 0.36 93.08 -20.59
N VAL R 32 0.61 93.98 -19.65
CA VAL R 32 1.71 93.87 -18.70
C VAL R 32 1.14 93.91 -17.30
N VAL R 33 1.51 92.92 -16.49
CA VAL R 33 1.03 92.82 -15.11
C VAL R 33 2.20 93.08 -14.18
N VAL R 34 2.00 93.99 -13.23
CA VAL R 34 3.00 94.31 -12.23
C VAL R 34 2.41 94.07 -10.85
N ARG R 35 3.31 93.98 -9.87
CA ARG R 35 2.94 93.67 -8.49
C ARG R 35 2.15 92.37 -8.42
N CYS R 36 2.73 91.32 -8.99
CA CYS R 36 2.08 90.01 -8.97
C CYS R 36 2.02 89.41 -7.57
N GLU R 37 2.78 89.96 -6.62
CA GLU R 37 2.75 89.49 -5.25
C GLU R 37 1.51 89.94 -4.49
N GLY R 38 0.82 90.98 -4.97
CA GLY R 38 -0.38 91.47 -4.34
C GLY R 38 -1.65 90.80 -4.78
N ILE R 39 -1.56 89.76 -5.60
CA ILE R 39 -2.74 89.05 -6.06
C ILE R 39 -3.39 88.32 -4.89
N ASN R 40 -4.70 88.48 -4.75
CA ASN R 40 -5.45 87.82 -3.71
C ASN R 40 -6.15 86.59 -4.26
N ILE R 41 -6.31 85.60 -3.40
CA ILE R 41 -6.97 84.35 -3.77
C ILE R 41 -8.08 84.07 -2.76
N SER R 42 -9.26 83.75 -3.27
CA SER R 42 -10.39 83.46 -2.39
C SER R 42 -10.13 82.20 -1.59
N GLY R 43 -10.74 82.14 -0.42
CA GLY R 43 -10.48 81.04 0.50
C GLY R 43 -9.29 81.33 1.39
N ASN R 44 -9.29 80.71 2.56
CA ASN R 44 -8.24 80.93 3.53
C ASN R 44 -6.89 80.42 3.02
N PHE R 45 -5.83 80.84 3.69
CA PHE R 45 -4.49 80.57 3.20
C PHE R 45 -4.19 79.08 3.18
N TYR R 46 -4.65 78.35 4.20
CA TYR R 46 -4.29 76.94 4.34
C TYR R 46 -4.80 76.11 3.17
N ARG R 47 -6.05 76.33 2.78
CA ARG R 47 -6.62 75.58 1.66
C ARG R 47 -5.86 75.85 0.38
N ASN R 48 -5.50 77.11 0.15
CA ASN R 48 -4.79 77.46 -1.07
C ASN R 48 -3.40 76.86 -1.10
N LYS R 49 -2.71 76.86 0.05
CA LYS R 49 -1.42 76.21 0.14
C LYS R 49 -1.55 74.71 -0.10
N LEU R 50 -2.62 74.10 0.40
CA LEU R 50 -2.87 72.70 0.13
C LEU R 50 -3.04 72.45 -1.36
N LYS R 51 -3.77 73.34 -2.04
CA LYS R 51 -3.93 73.23 -3.48
C LYS R 51 -2.56 73.25 -4.18
N TYR R 52 -1.70 74.18 -3.78
CA TYR R 52 -0.43 74.27 -4.48
C TYR R 52 0.47 73.08 -4.16
N LEU R 53 0.38 72.55 -2.94
CA LEU R 53 1.13 71.34 -2.65
C LEU R 53 0.62 70.16 -3.46
N ALA R 54 -0.69 70.11 -3.70
CA ALA R 54 -1.23 69.11 -4.60
C ALA R 54 -0.65 69.28 -6.00
N PHE R 55 -0.51 70.52 -6.45
CA PHE R 55 0.13 70.78 -7.74
C PHE R 55 1.57 70.27 -7.73
N LEU R 56 2.28 70.49 -6.63
CA LEU R 56 3.64 69.99 -6.51
C LEU R 56 3.70 68.48 -6.62
N ARG R 57 2.70 67.80 -6.04
CA ARG R 57 2.70 66.35 -6.04
C ARG R 57 2.59 65.77 -7.45
N LYS R 58 1.80 66.39 -8.31
CA LYS R 58 1.64 65.91 -9.67
C LYS R 58 2.95 66.12 -10.42
N ARG R 59 3.74 65.06 -10.55
CA ARG R 59 5.00 65.12 -11.28
C ARG R 59 5.15 63.81 -12.05
N MET R 60 5.95 63.86 -13.11
CA MET R 60 6.13 62.68 -13.96
C MET R 60 6.87 61.60 -13.20
N ASN R 61 6.20 60.46 -13.02
CA ASN R 61 6.76 59.40 -12.19
C ASN R 61 8.03 58.82 -12.83
N THR R 62 8.07 58.74 -14.15
CA THR R 62 9.26 58.23 -14.82
C THR R 62 10.40 59.24 -14.79
N ASN R 63 10.11 60.51 -15.06
CA ASN R 63 11.15 61.51 -15.26
C ASN R 63 10.66 62.89 -14.87
N PRO R 64 11.02 63.37 -13.68
CA PRO R 64 10.63 64.71 -13.27
C PRO R 64 11.20 65.81 -14.14
N SER R 65 12.36 65.58 -14.79
CA SER R 65 12.93 66.60 -15.65
C SER R 65 12.05 66.91 -16.84
N ARG R 66 11.30 65.92 -17.31
CA ARG R 66 10.31 66.16 -18.36
C ARG R 66 8.95 66.53 -17.80
N GLY R 67 8.80 66.46 -16.47
CA GLY R 67 7.50 66.56 -15.85
C GLY R 67 6.96 67.97 -15.76
N PRO R 68 5.86 68.13 -15.03
CA PRO R 68 5.23 69.44 -14.90
C PRO R 68 6.14 70.42 -14.19
N TYR R 69 6.35 71.57 -14.83
CA TYR R 69 7.34 72.54 -14.38
C TYR R 69 6.68 73.48 -13.40
N HIS R 70 6.79 73.19 -12.11
CA HIS R 70 6.09 73.95 -11.09
C HIS R 70 6.85 75.24 -10.82
N PHE R 71 6.39 76.33 -11.43
CA PHE R 71 6.98 77.64 -11.22
C PHE R 71 6.66 78.14 -9.82
N ARG R 72 7.60 78.88 -9.23
CA ARG R 72 7.40 79.40 -7.88
C ARG R 72 7.20 80.91 -7.85
N ALA R 73 7.67 81.63 -8.85
CA ALA R 73 7.53 83.07 -8.87
C ALA R 73 6.06 83.46 -9.08
N PRO R 74 5.55 84.43 -8.33
CA PRO R 74 4.13 84.80 -8.48
C PRO R 74 3.76 85.24 -9.88
N SER R 75 4.62 86.01 -10.55
CA SER R 75 4.37 86.37 -11.92
C SER R 75 4.34 85.13 -12.81
N ARG R 76 5.27 84.20 -12.57
CA ARG R 76 5.29 82.98 -13.35
C ARG R 76 4.03 82.15 -13.09
N ILE R 77 3.54 82.14 -11.85
CA ILE R 77 2.34 81.39 -11.54
C ILE R 77 1.13 81.99 -12.25
N PHE R 78 1.04 83.32 -12.23
CA PHE R 78 -0.04 83.98 -12.96
C PHE R 78 0.07 83.70 -14.46
N TRP R 79 1.30 83.70 -14.98
CA TRP R 79 1.52 83.39 -16.38
C TRP R 79 1.04 81.98 -16.71
N ARG R 80 1.33 81.02 -15.83
CA ARG R 80 0.87 79.66 -16.05
C ARG R 80 -0.64 79.56 -15.97
N THR R 81 -1.27 80.32 -15.07
CA THR R 81 -2.73 80.32 -15.00
C THR R 81 -3.32 80.85 -16.30
N VAL R 82 -2.75 81.93 -16.82
CA VAL R 82 -3.20 82.48 -18.10
C VAL R 82 -3.02 81.44 -19.20
N ARG R 83 -1.89 80.74 -19.19
CA ARG R 83 -1.67 79.66 -20.15
C ARG R 83 -2.71 78.57 -20.02
N GLY R 84 -3.10 78.26 -18.78
CA GLY R 84 -4.15 77.29 -18.57
C GLY R 84 -5.48 77.74 -19.13
N MET R 85 -5.70 79.06 -19.15
CA MET R 85 -6.87 79.57 -19.84
C MET R 85 -6.61 79.89 -21.30
N LEU R 86 -5.44 79.51 -21.84
CA LEU R 86 -5.26 79.76 -23.26
C LEU R 86 -5.05 78.46 -24.02
N PRO R 87 -5.44 78.41 -25.30
CA PRO R 87 -5.05 77.26 -26.13
C PRO R 87 -3.61 77.40 -26.59
N HIS R 88 -2.70 77.23 -25.62
CA HIS R 88 -1.28 77.52 -25.80
C HIS R 88 -0.56 76.51 -26.68
N LYS R 89 -1.19 75.40 -27.02
CA LYS R 89 -0.55 74.40 -27.87
C LYS R 89 -0.74 74.71 -29.35
N THR R 90 -1.36 75.84 -29.65
CA THR R 90 -1.58 76.30 -31.01
C THR R 90 -0.86 77.62 -31.24
N LYS R 91 -0.68 77.95 -32.53
CA LYS R 91 0.07 79.15 -32.90
C LYS R 91 -0.62 80.40 -32.38
N ARG R 92 -1.95 80.47 -32.48
CA ARG R 92 -2.67 81.63 -31.99
C ARG R 92 -2.52 81.79 -30.49
N GLY R 93 -2.64 80.70 -29.74
CA GLY R 93 -2.45 80.77 -28.30
C GLY R 93 -1.04 81.19 -27.94
N GLN R 94 -0.05 80.65 -28.65
CA GLN R 94 1.33 81.03 -28.39
C GLN R 94 1.56 82.51 -28.67
N ALA R 95 1.00 83.01 -29.78
CA ALA R 95 1.17 84.42 -30.11
C ALA R 95 0.49 85.31 -29.08
N ALA R 96 -0.70 84.93 -28.64
CA ALA R 96 -1.39 85.70 -27.61
C ALA R 96 -0.60 85.71 -26.31
N LEU R 97 -0.04 84.56 -25.93
CA LEU R 97 0.77 84.51 -24.71
C LEU R 97 2.04 85.32 -24.87
N ASP R 98 2.52 85.46 -26.10
CA ASP R 98 3.67 86.32 -26.35
C ASP R 98 3.34 87.78 -26.13
N ARG R 99 2.07 88.12 -26.12
CA ARG R 99 1.62 89.50 -25.91
C ARG R 99 1.50 89.84 -24.46
N LEU R 100 1.76 88.88 -23.59
CA LEU R 100 1.65 89.05 -22.15
C LEU R 100 3.04 89.15 -21.54
N LYS R 101 3.23 90.13 -20.66
CA LYS R 101 4.38 90.22 -19.80
C LYS R 101 3.91 90.22 -18.36
N VAL R 102 4.59 89.48 -17.50
CA VAL R 102 4.25 89.42 -16.08
C VAL R 102 5.49 89.78 -15.27
N PHE R 103 5.27 90.51 -14.18
CA PHE R 103 6.37 90.89 -13.31
C PHE R 103 5.90 90.96 -11.88
N ASP R 104 6.71 90.40 -10.97
CA ASP R 104 6.56 90.63 -9.55
C ASP R 104 7.05 92.03 -9.26
N GLY R 105 6.27 92.81 -8.53
CA GLY R 105 6.65 94.19 -8.34
C GLY R 105 6.45 94.97 -9.63
N ILE R 106 6.96 96.19 -9.62
CA ILE R 106 6.76 97.11 -10.74
C ILE R 106 8.09 97.53 -11.34
N PRO R 107 8.45 97.06 -12.52
CA PRO R 107 9.77 97.35 -13.09
C PRO R 107 9.90 98.80 -13.50
N PRO R 108 11.13 99.27 -13.67
CA PRO R 108 11.36 100.65 -14.12
C PRO R 108 10.72 100.98 -15.46
N PRO R 109 10.56 100.03 -16.39
CA PRO R 109 9.79 100.36 -17.60
C PRO R 109 8.35 100.75 -17.32
N TYR R 110 7.80 100.44 -16.14
CA TYR R 110 6.40 100.67 -15.88
C TYR R 110 6.12 101.55 -14.68
N ASP R 111 7.07 101.72 -13.76
CA ASP R 111 6.80 102.41 -12.51
C ASP R 111 6.53 103.89 -12.70
N LYS R 112 6.92 104.46 -13.83
CA LYS R 112 6.70 105.88 -14.12
C LYS R 112 5.40 106.10 -14.87
N LYS R 113 4.56 105.08 -14.97
CA LYS R 113 3.33 105.15 -15.74
C LYS R 113 2.15 104.74 -14.88
N LYS R 114 0.96 105.14 -15.32
CA LYS R 114 -0.27 104.79 -14.64
C LYS R 114 -0.51 103.29 -14.72
N ARG R 115 -1.17 102.75 -13.70
CA ARG R 115 -1.53 101.35 -13.64
C ARG R 115 -3.05 101.22 -13.65
N MET R 116 -3.59 100.48 -14.61
CA MET R 116 -5.03 100.29 -14.66
C MET R 116 -5.47 99.34 -13.56
N VAL R 117 -6.77 99.33 -13.31
CA VAL R 117 -7.38 98.42 -12.35
C VAL R 117 -8.61 97.82 -13.00
N VAL R 118 -8.79 96.51 -12.81
CA VAL R 118 -9.94 95.80 -13.34
C VAL R 118 -10.96 95.59 -12.23
N PRO R 119 -12.02 96.40 -12.17
CA PRO R 119 -13.00 96.27 -11.07
C PRO R 119 -13.67 94.92 -11.04
N ALA R 120 -13.93 94.32 -12.20
CA ALA R 120 -14.56 93.01 -12.23
C ALA R 120 -13.66 91.93 -11.64
N ALA R 121 -12.37 92.21 -11.46
CA ALA R 121 -11.45 91.29 -10.82
C ALA R 121 -11.03 91.76 -9.43
N LEU R 122 -11.75 92.70 -8.84
CA LEU R 122 -11.34 93.25 -7.57
C LEU R 122 -11.88 92.44 -6.40
N LYS R 123 -10.98 92.15 -5.45
CA LYS R 123 -11.37 91.40 -4.25
C LYS R 123 -12.37 92.17 -3.41
N VAL R 124 -12.25 93.50 -3.39
CA VAL R 124 -13.12 94.33 -2.57
C VAL R 124 -14.57 94.20 -2.99
N VAL R 125 -14.82 93.94 -4.28
CA VAL R 125 -16.18 93.86 -4.77
C VAL R 125 -16.62 92.45 -5.12
N ARG R 126 -15.70 91.58 -5.52
CA ARG R 126 -16.05 90.22 -5.92
C ARG R 126 -16.10 89.25 -4.75
N LEU R 127 -15.60 89.64 -3.58
CA LEU R 127 -15.59 88.77 -2.42
C LEU R 127 -16.38 89.41 -1.30
N LYS R 128 -17.13 88.60 -0.59
CA LYS R 128 -17.85 89.09 0.56
C LYS R 128 -16.85 89.41 1.67
N PRO R 129 -17.08 90.47 2.44
CA PRO R 129 -16.06 90.94 3.39
C PRO R 129 -15.69 89.92 4.45
N THR R 130 -16.63 89.09 4.88
CA THR R 130 -16.35 88.11 5.92
C THR R 130 -15.54 86.93 5.41
N ARG R 131 -15.41 86.76 4.11
CA ARG R 131 -14.70 85.61 3.59
C ARG R 131 -13.19 85.80 3.72
N LYS R 132 -12.51 84.69 3.93
CA LYS R 132 -11.06 84.69 4.09
C LYS R 132 -10.40 84.60 2.73
N PHE R 133 -9.23 85.20 2.62
CA PHE R 133 -8.50 85.22 1.37
C PHE R 133 -7.06 84.85 1.65
N ALA R 134 -6.28 84.69 0.58
CA ALA R 134 -4.87 84.40 0.69
C ALA R 134 -4.08 85.29 -0.26
N TYR R 135 -2.90 85.72 0.21
CA TYR R 135 -1.99 86.50 -0.60
C TYR R 135 -1.13 85.58 -1.45
N LEU R 136 -1.03 85.90 -2.75
CA LEU R 136 -0.18 85.11 -3.62
C LEU R 136 1.27 85.17 -3.18
N GLY R 137 1.73 86.35 -2.76
CA GLY R 137 3.13 86.50 -2.39
C GLY R 137 3.50 85.64 -1.20
N ARG R 138 2.65 85.61 -0.18
CA ARG R 138 2.97 84.84 1.01
C ARG R 138 3.00 83.34 0.70
N LEU R 139 2.06 82.88 -0.12
CA LEU R 139 2.07 81.49 -0.55
C LEU R 139 3.33 81.18 -1.34
N ALA R 140 3.72 82.08 -2.25
CA ALA R 140 4.92 81.87 -3.04
C ALA R 140 6.15 81.81 -2.14
N HIS R 141 6.21 82.68 -1.14
CA HIS R 141 7.31 82.66 -0.19
C HIS R 141 7.35 81.35 0.58
N GLU R 142 6.19 80.81 0.94
CA GLU R 142 6.18 79.58 1.72
C GLU R 142 6.15 78.32 0.87
N VAL R 143 6.23 78.42 -0.46
CA VAL R 143 6.34 77.24 -1.30
C VAL R 143 7.73 77.10 -1.91
N GLY R 144 8.51 78.18 -2.01
CA GLY R 144 9.83 78.04 -2.60
C GLY R 144 10.33 79.23 -3.39
N TRP R 145 9.49 80.23 -3.63
CA TRP R 145 9.97 81.46 -4.23
C TRP R 145 10.96 82.14 -3.28
N LYS R 146 12.10 82.54 -3.81
CA LYS R 146 13.23 82.93 -2.98
C LYS R 146 13.40 84.44 -2.86
N TYR R 147 12.49 85.24 -3.38
CA TYR R 147 12.73 86.67 -3.52
C TYR R 147 11.57 87.51 -3.01
N GLN R 148 11.02 87.12 -1.86
CA GLN R 148 10.02 87.97 -1.22
C GLN R 148 10.65 89.21 -0.60
N ALA R 149 11.77 89.03 0.10
CA ALA R 149 12.38 90.12 0.85
C ALA R 149 12.91 91.21 -0.08
N VAL R 150 13.64 90.81 -1.12
CA VAL R 150 14.21 91.79 -2.04
C VAL R 150 13.10 92.51 -2.80
N THR R 151 12.01 91.79 -3.11
CA THR R 151 10.88 92.42 -3.78
C THR R 151 10.23 93.45 -2.87
N ALA R 152 10.08 93.13 -1.58
CA ALA R 152 9.53 94.09 -0.64
C ALA R 152 10.41 95.32 -0.54
N THR R 153 11.72 95.12 -0.49
CA THR R 153 12.65 96.25 -0.38
C THR R 153 12.55 97.14 -1.62
N LEU R 154 12.54 96.53 -2.81
CA LEU R 154 12.47 97.32 -4.03
C LEU R 154 11.14 98.06 -4.13
N GLU R 155 10.04 97.43 -3.73
CA GLU R 155 8.76 98.13 -3.75
C GLU R 155 8.74 99.26 -2.72
N GLU R 156 9.46 99.10 -1.61
CA GLU R 156 9.57 100.19 -0.66
C GLU R 156 10.29 101.38 -1.26
N LYS R 157 11.40 101.13 -1.96
CA LYS R 157 12.11 102.22 -2.63
C LYS R 157 11.24 102.86 -3.70
N ARG R 158 10.52 102.04 -4.47
CA ARG R 158 9.63 102.57 -5.50
C ARG R 158 8.55 103.43 -4.88
N LYS R 159 7.98 103.00 -3.75
CA LYS R 159 6.93 103.77 -3.11
C LYS R 159 7.47 105.09 -2.59
N GLU R 160 8.68 105.11 -2.06
CA GLU R 160 9.27 106.38 -1.62
C GLU R 160 9.44 107.34 -2.79
N LYS R 161 9.99 106.84 -3.90
CA LYS R 161 10.22 107.72 -5.05
C LYS R 161 8.91 108.20 -5.65
N ALA R 162 7.92 107.32 -5.72
CA ALA R 162 6.60 107.72 -6.20
C ALA R 162 5.95 108.72 -5.25
N LYS R 163 6.23 108.61 -3.96
CA LYS R 163 5.72 109.59 -3.00
C LYS R 163 6.31 110.96 -3.26
N ILE R 164 7.60 111.01 -3.55
CA ILE R 164 8.24 112.28 -3.89
C ILE R 164 7.60 112.88 -5.13
N HIS R 165 7.41 112.05 -6.17
CA HIS R 165 6.80 112.55 -7.40
C HIS R 165 5.36 113.01 -7.15
N TYR R 166 4.64 112.29 -6.30
CA TYR R 166 3.28 112.69 -5.93
C TYR R 166 3.25 114.03 -5.23
N ARG R 167 4.20 114.27 -4.31
CA ARG R 167 4.23 115.55 -3.62
C ARG R 167 4.56 116.67 -4.58
N LYS R 168 5.48 116.43 -5.53
CA LYS R 168 5.74 117.43 -6.55
C LYS R 168 4.49 117.72 -7.37
N LYS R 169 3.74 116.68 -7.74
CA LYS R 169 2.55 116.89 -8.55
C LYS R 169 1.48 117.65 -7.78
N LYS R 170 1.34 117.35 -6.48
CA LYS R 170 0.40 118.10 -5.66
C LYS R 170 0.80 119.56 -5.57
N GLN R 171 2.10 119.83 -5.41
CA GLN R 171 2.55 121.21 -5.37
C GLN R 171 2.24 121.91 -6.68
N LEU R 172 2.47 121.23 -7.80
CA LEU R 172 2.16 121.82 -9.10
C LEU R 172 0.67 122.10 -9.24
N MET R 173 -0.17 121.17 -8.79
CA MET R 173 -1.61 121.38 -8.89
C MET R 173 -2.06 122.52 -7.99
N ARG R 174 -1.44 122.64 -6.81
CA ARG R 174 -1.74 123.77 -5.93
C ARG R 174 -1.39 125.08 -6.59
N LEU R 175 -0.20 125.14 -7.22
CA LEU R 175 0.20 126.34 -7.93
C LEU R 175 -0.73 126.62 -9.09
N ARG R 176 -1.19 125.58 -9.77
CA ARG R 176 -2.12 125.77 -10.87
C ARG R 176 -3.44 126.34 -10.38
N LYS R 177 -3.95 125.85 -9.25
CA LYS R 177 -5.18 126.40 -8.69
C LYS R 177 -4.99 127.86 -8.28
N GLN R 178 -3.83 128.17 -7.71
CA GLN R 178 -3.53 129.57 -7.38
C GLN R 178 -3.51 130.43 -8.63
N ALA R 179 -2.93 129.91 -9.71
CA ALA R 179 -2.92 130.65 -10.97
C ALA R 179 -4.33 130.86 -11.50
N GLU R 180 -5.18 129.82 -11.39
CA GLU R 180 -6.57 129.94 -11.83
C GLU R 180 -7.29 131.03 -11.05
N LYS R 181 -7.06 131.07 -9.74
CA LYS R 181 -7.63 132.16 -8.95
C LYS R 181 -7.03 133.50 -9.37
N ASN R 182 -5.76 133.49 -9.80
CA ASN R 182 -5.11 134.73 -10.21
C ASN R 182 -5.68 135.26 -11.51
N VAL R 183 -5.81 134.41 -12.52
CA VAL R 183 -6.27 134.85 -13.83
C VAL R 183 -7.68 134.31 -14.04
N GLU R 184 -8.66 135.21 -14.05
CA GLU R 184 -10.02 134.87 -14.40
C GLU R 184 -10.73 135.92 -15.22
N LYS R 185 -10.28 137.19 -15.19
CA LYS R 185 -10.84 138.20 -16.09
C LYS R 185 -10.57 137.81 -17.55
N LYS R 186 -9.38 137.31 -17.84
CA LYS R 186 -9.05 136.82 -19.16
C LYS R 186 -9.50 135.39 -19.40
N ILE R 187 -9.90 134.67 -18.34
CA ILE R 187 -10.25 133.27 -18.44
C ILE R 187 -11.76 133.05 -18.52
N ASP R 188 -12.55 133.87 -17.84
CA ASP R 188 -13.99 133.66 -17.75
C ASP R 188 -14.67 133.63 -19.12
N LYS R 189 -14.08 134.28 -20.12
CA LYS R 189 -14.70 134.33 -21.44
C LYS R 189 -14.85 132.94 -22.03
N TYR R 190 -13.94 132.03 -21.70
CA TYR R 190 -14.07 130.63 -22.12
C TYR R 190 -14.67 129.75 -21.03
N THR R 191 -14.49 130.12 -19.77
CA THR R 191 -15.09 129.34 -18.68
C THR R 191 -16.61 129.36 -18.79
N GLU R 192 -17.17 130.49 -19.21
CA GLU R 192 -18.61 130.56 -19.43
C GLU R 192 -19.04 129.57 -20.49
N VAL R 193 -18.28 129.47 -21.59
CA VAL R 193 -18.64 128.55 -22.65
C VAL R 193 -18.56 127.11 -22.17
N LEU R 194 -17.48 126.78 -21.46
CA LEU R 194 -17.30 125.42 -20.97
C LEU R 194 -18.41 125.04 -20.00
N LYS R 195 -18.80 125.97 -19.12
CA LYS R 195 -19.91 125.73 -18.22
C LYS R 195 -21.21 125.59 -18.99
N THR R 196 -21.34 126.32 -20.10
CA THR R 196 -22.52 126.19 -20.94
C THR R 196 -22.61 124.80 -21.55
N HIS R 197 -21.48 124.22 -21.91
CA HIS R 197 -21.47 122.91 -22.56
C HIS R 197 -21.20 121.76 -21.60
N GLY R 198 -20.93 122.05 -20.32
CA GLY R 198 -20.82 121.02 -19.32
C GLY R 198 -19.44 120.82 -18.73
N LEU R 199 -18.38 121.06 -19.51
CA LEU R 199 -17.03 120.89 -18.98
C LEU R 199 -16.75 121.92 -17.90
N LEU R 200 -15.98 121.51 -16.90
CA LEU R 200 -15.56 122.36 -15.80
C LEU R 200 -16.79 122.91 -15.05
N VAL R 201 -17.45 121.99 -14.35
CA VAL R 201 -18.55 122.31 -13.45
C VAL R 201 -18.22 123.52 -12.57
N VAL S 1 28.22 63.09 -74.36
CA VAL S 1 27.14 62.43 -73.63
C VAL S 1 26.36 63.49 -72.86
N ARG S 2 25.13 63.16 -72.48
CA ARG S 2 24.24 64.12 -71.86
C ARG S 2 24.61 64.28 -70.39
N TYR S 3 25.32 65.35 -70.07
CA TYR S 3 25.57 65.69 -68.68
C TYR S 3 24.36 66.38 -68.08
N SER S 4 24.08 66.06 -66.83
CA SER S 4 23.15 66.88 -66.06
C SER S 4 23.82 68.20 -65.71
N LEU S 5 23.01 69.25 -65.63
CA LEU S 5 23.46 70.61 -65.30
C LEU S 5 24.54 71.06 -66.28
N ASP S 6 24.11 71.22 -67.52
CA ASP S 6 25.01 71.73 -68.55
C ASP S 6 25.52 73.11 -68.18
N PRO S 7 26.78 73.42 -68.45
CA PRO S 7 27.36 74.68 -67.98
C PRO S 7 26.76 75.89 -68.68
N GLU S 8 26.80 77.02 -67.97
CA GLU S 8 26.27 78.26 -68.52
C GLU S 8 27.06 78.74 -69.73
N ASN S 9 28.34 78.39 -69.82
CA ASN S 9 29.21 78.76 -70.93
C ASN S 9 30.19 77.63 -71.29
N PRO S 10 29.99 76.98 -72.43
CA PRO S 10 30.88 75.87 -72.77
C PRO S 10 32.23 76.32 -73.32
N THR S 11 32.76 77.41 -72.80
CA THR S 11 34.06 77.90 -73.18
C THR S 11 34.95 78.16 -72.00
N LYS S 12 34.38 78.40 -70.83
CA LYS S 12 35.13 78.51 -69.59
C LYS S 12 35.05 77.23 -68.78
N SER S 13 34.47 76.17 -69.34
CA SER S 13 34.10 75.00 -68.59
C SER S 13 34.64 73.74 -69.28
N CYS S 14 35.16 72.83 -68.46
CA CYS S 14 35.57 71.51 -68.89
C CYS S 14 34.82 70.48 -68.07
N LYS S 15 34.70 69.28 -68.63
CA LYS S 15 33.87 68.24 -68.04
C LYS S 15 34.71 67.00 -67.78
N SER S 16 34.26 66.19 -66.82
CA SER S 16 34.85 64.90 -66.55
C SER S 16 33.74 63.96 -66.09
N ARG S 17 33.95 62.66 -66.30
CA ARG S 17 32.89 61.70 -66.08
C ARG S 17 33.49 60.36 -65.70
N GLY S 18 32.77 59.61 -64.88
CA GLY S 18 33.12 58.24 -64.59
C GLY S 18 31.90 57.36 -64.52
N SER S 19 32.04 56.09 -64.89
CA SER S 19 30.94 55.14 -64.88
C SER S 19 31.39 53.83 -64.24
N ASN S 20 30.52 53.28 -63.41
CA ASN S 20 30.71 51.96 -62.80
C ASN S 20 32.02 51.88 -62.03
N LEU S 21 32.25 52.85 -61.16
CA LEU S 21 33.49 52.88 -60.39
C LEU S 21 33.36 52.09 -59.10
N ARG S 22 34.39 51.31 -58.79
CA ARG S 22 34.35 50.36 -57.68
C ARG S 22 34.64 51.05 -56.35
N VAL S 23 33.76 51.99 -56.00
CA VAL S 23 33.88 52.74 -54.75
C VAL S 23 32.53 52.79 -54.06
N HIS S 24 32.56 52.89 -52.74
CA HIS S 24 31.33 52.94 -51.97
C HIS S 24 30.61 54.25 -52.22
N PHE S 25 29.32 54.15 -52.55
CA PHE S 25 28.60 55.27 -53.10
C PHE S 25 28.39 56.37 -52.06
N LYS S 26 28.05 55.99 -50.83
CA LYS S 26 27.76 56.98 -49.80
C LYS S 26 29.00 57.79 -49.45
N ASN S 27 30.15 57.11 -49.31
CA ASN S 27 31.40 57.81 -49.05
C ASN S 27 31.72 58.76 -50.19
N THR S 28 31.52 58.31 -51.42
CA THR S 28 31.76 59.18 -52.56
C THR S 28 30.86 60.40 -52.53
N ARG S 29 29.59 60.21 -52.19
CA ARG S 29 28.66 61.33 -52.18
C ARG S 29 29.03 62.34 -51.11
N GLU S 30 29.36 61.87 -49.90
CA GLU S 30 29.76 62.78 -48.84
C GLU S 30 31.03 63.53 -49.23
N THR S 31 32.01 62.83 -49.81
CA THR S 31 33.25 63.50 -50.19
C THR S 31 33.01 64.52 -51.30
N ALA S 32 32.17 64.17 -52.27
CA ALA S 32 31.87 65.10 -53.36
C ALA S 32 31.17 66.34 -52.83
N GLN S 33 30.22 66.16 -51.90
CA GLN S 33 29.58 67.31 -51.30
C GLN S 33 30.58 68.16 -50.53
N ALA S 34 31.51 67.52 -49.83
CA ALA S 34 32.52 68.25 -49.07
C ALA S 34 33.40 69.09 -49.99
N ILE S 35 33.79 68.52 -51.14
CA ILE S 35 34.71 69.21 -52.03
C ILE S 35 34.01 70.09 -53.05
N LYS S 36 32.69 70.05 -53.11
CA LYS S 36 31.96 70.81 -54.13
C LYS S 36 32.13 72.30 -53.90
N GLY S 37 32.43 73.04 -54.96
CA GLY S 37 32.63 74.47 -54.87
C GLY S 37 34.03 74.89 -54.47
N MET S 38 34.98 73.97 -54.41
CA MET S 38 36.34 74.31 -54.04
C MET S 38 37.17 74.69 -55.26
N HIS S 39 38.23 75.46 -55.02
CA HIS S 39 39.23 75.67 -56.04
C HIS S 39 40.03 74.39 -56.26
N ILE S 40 40.60 74.25 -57.47
CA ILE S 40 41.20 72.98 -57.86
C ILE S 40 42.42 72.66 -57.01
N ARG S 41 43.26 73.66 -56.71
CA ARG S 41 44.43 73.39 -55.88
C ARG S 41 44.02 73.03 -54.47
N LYS S 42 43.06 73.80 -53.93
CA LYS S 42 42.58 73.53 -52.59
C LYS S 42 41.91 72.17 -52.51
N ALA S 43 41.12 71.82 -53.52
CA ALA S 43 40.49 70.51 -53.55
C ALA S 43 41.52 69.40 -53.62
N THR S 44 42.57 69.58 -54.44
CA THR S 44 43.60 68.55 -54.56
C THR S 44 44.30 68.32 -53.24
N LYS S 45 44.78 69.39 -52.61
CA LYS S 45 45.48 69.23 -51.35
C LYS S 45 44.54 68.77 -50.24
N TYR S 46 43.26 69.12 -50.32
CA TYR S 46 42.31 68.65 -49.32
C TYR S 46 42.08 67.15 -49.46
N LEU S 47 42.00 66.66 -50.70
CA LEU S 47 41.88 65.23 -50.90
C LEU S 47 43.13 64.51 -50.43
N LYS S 48 44.30 65.11 -50.65
CA LYS S 48 45.52 64.50 -50.12
C LYS S 48 45.50 64.47 -48.60
N ASP S 49 44.98 65.52 -47.97
CA ASP S 49 44.86 65.53 -46.52
C ASP S 49 43.89 64.45 -46.03
N VAL S 50 42.81 64.24 -46.77
CA VAL S 50 41.91 63.13 -46.48
C VAL S 50 42.66 61.81 -46.59
N THR S 51 43.50 61.68 -47.61
CA THR S 51 44.33 60.49 -47.74
C THR S 51 45.25 60.31 -46.54
N LEU S 52 45.81 61.41 -46.06
CA LEU S 52 46.71 61.34 -44.92
C LEU S 52 46.02 61.60 -43.60
N GLN S 53 44.68 61.59 -43.57
CA GLN S 53 43.89 61.78 -42.36
C GLN S 53 44.19 63.11 -41.69
N LYS S 54 44.48 64.13 -42.50
CA LYS S 54 44.70 65.47 -41.97
C LYS S 54 43.43 66.32 -42.02
N GLN S 55 42.57 66.09 -43.00
CA GLN S 55 41.25 66.70 -43.04
C GLN S 55 40.24 65.60 -43.32
N CYS S 56 39.04 65.76 -42.78
CA CYS S 56 38.00 64.75 -42.89
C CYS S 56 36.79 65.34 -43.60
N VAL S 57 35.99 64.45 -44.19
CA VAL S 57 34.74 64.85 -44.82
C VAL S 57 33.61 64.67 -43.81
N PRO S 58 32.70 65.63 -43.68
CA PRO S 58 31.60 65.46 -42.72
C PRO S 58 30.51 64.59 -43.31
N PHE S 59 30.31 63.42 -42.73
CA PHE S 59 29.23 62.52 -43.13
C PHE S 59 27.93 63.08 -42.57
N ARG S 60 27.12 63.67 -43.43
CA ARG S 60 25.91 64.36 -43.01
C ARG S 60 24.66 63.54 -43.23
N ARG S 61 24.46 63.04 -44.45
CA ARG S 61 23.24 62.31 -44.77
C ARG S 61 23.35 60.84 -44.38
N TYR S 62 24.41 60.17 -44.79
CA TYR S 62 24.59 58.75 -44.50
C TYR S 62 25.49 58.61 -43.27
N ASN S 63 24.96 59.11 -42.15
CA ASN S 63 25.74 59.27 -40.92
C ASN S 63 25.48 58.16 -39.91
N GLY S 64 24.84 57.08 -40.32
CA GLY S 64 24.48 56.03 -39.39
C GLY S 64 25.66 55.26 -38.85
N GLY S 65 25.90 55.39 -37.55
CA GLY S 65 26.98 54.68 -36.90
C GLY S 65 28.34 55.30 -37.06
N VAL S 66 28.45 56.42 -37.77
CA VAL S 66 29.75 57.04 -38.01
C VAL S 66 30.26 57.65 -36.71
N GLY S 67 31.54 57.45 -36.42
CA GLY S 67 32.11 57.96 -35.20
C GLY S 67 32.33 59.45 -35.23
N ARG S 68 33.02 59.93 -34.21
CA ARG S 68 33.32 61.35 -34.06
C ARG S 68 34.83 61.57 -34.18
N CYS S 69 35.20 62.69 -34.81
CA CYS S 69 36.60 63.04 -34.99
C CYS S 69 36.77 64.54 -34.77
N ALA S 70 38.00 64.91 -34.41
CA ALA S 70 38.28 66.32 -34.13
C ALA S 70 38.22 67.18 -35.38
N GLN S 71 38.65 66.64 -36.53
CA GLN S 71 38.61 67.38 -37.78
C GLN S 71 37.19 67.71 -38.22
N ALA S 72 36.19 67.04 -37.65
CA ALA S 72 34.81 67.34 -38.00
C ALA S 72 34.37 68.72 -37.55
N LYS S 73 35.04 69.32 -36.55
CA LYS S 73 34.68 70.66 -36.13
C LYS S 73 35.08 71.71 -37.15
N GLN S 74 35.97 71.38 -38.08
CA GLN S 74 36.25 72.29 -39.19
C GLN S 74 34.97 72.65 -39.92
N TRP S 75 34.13 71.66 -40.16
CA TRP S 75 32.82 71.93 -40.71
C TRP S 75 31.81 72.00 -39.57
N GLY S 76 30.60 72.41 -39.90
CA GLY S 76 29.58 72.51 -38.87
C GLY S 76 28.97 71.17 -38.55
N TRP S 77 29.80 70.17 -38.26
CA TRP S 77 29.33 68.81 -38.13
C TRP S 77 30.13 68.10 -37.05
N THR S 78 29.77 66.84 -36.81
CA THR S 78 30.32 66.09 -35.69
C THR S 78 30.92 64.76 -36.17
N GLN S 79 30.28 64.13 -37.13
CA GLN S 79 30.72 62.84 -37.64
C GLN S 79 31.57 63.05 -38.89
N GLY S 80 32.71 62.37 -38.94
CA GLY S 80 33.57 62.43 -40.10
C GLY S 80 34.40 61.17 -40.23
N ARG S 81 34.93 60.97 -41.43
CA ARG S 81 35.78 59.82 -41.71
C ARG S 81 36.77 60.21 -42.81
N TRP S 82 37.61 59.25 -43.20
CA TRP S 82 38.63 59.47 -44.22
C TRP S 82 38.57 58.35 -45.26
N PRO S 83 37.58 58.40 -46.16
CA PRO S 83 37.50 57.36 -47.20
C PRO S 83 38.62 57.49 -48.20
N LYS S 84 39.64 56.65 -48.05
CA LYS S 84 40.82 56.79 -48.88
C LYS S 84 40.54 56.46 -50.34
N LYS S 85 39.73 55.42 -50.57
CA LYS S 85 39.38 55.05 -51.95
C LYS S 85 38.64 56.17 -52.64
N SER S 86 37.70 56.81 -51.92
CA SER S 86 36.97 57.94 -52.48
C SER S 86 37.92 59.08 -52.83
N ALA S 87 38.85 59.37 -51.94
CA ALA S 87 39.79 60.47 -52.18
C ALA S 87 40.66 60.18 -53.40
N GLU S 88 41.18 58.96 -53.51
CA GLU S 88 42.03 58.64 -54.66
C GLU S 88 41.24 58.70 -55.96
N PHE S 89 40.01 58.17 -55.97
CA PHE S 89 39.24 58.19 -57.20
C PHE S 89 38.88 59.62 -57.61
N LEU S 90 38.50 60.45 -56.64
CA LEU S 90 38.18 61.83 -56.96
C LEU S 90 39.42 62.58 -57.45
N LEU S 91 40.59 62.27 -56.88
CA LEU S 91 41.82 62.87 -57.40
C LEU S 91 42.08 62.43 -58.82
N HIS S 92 41.81 61.16 -59.13
CA HIS S 92 41.99 60.67 -60.50
C HIS S 92 41.08 61.42 -61.47
N MET S 93 39.82 61.59 -61.09
CA MET S 93 38.90 62.32 -61.94
C MET S 93 39.31 63.79 -62.07
N LEU S 94 39.83 64.37 -61.00
CA LEU S 94 40.29 65.75 -61.06
C LEU S 94 41.46 65.91 -62.00
N LYS S 95 42.40 64.96 -61.98
CA LYS S 95 43.50 65.00 -62.93
C LYS S 95 43.01 64.84 -64.36
N ASN S 96 42.01 63.97 -64.57
CA ASN S 96 41.42 63.85 -65.89
C ASN S 96 40.80 65.15 -66.37
N ALA S 97 40.03 65.81 -65.51
CA ALA S 97 39.41 67.07 -65.87
C ALA S 97 40.46 68.15 -66.10
N GLU S 98 41.54 68.12 -65.33
CA GLU S 98 42.64 69.06 -65.54
C GLU S 98 43.25 68.87 -66.91
N SER S 99 43.49 67.61 -67.31
CA SER S 99 44.03 67.35 -68.63
C SER S 99 43.07 67.82 -69.72
N ASN S 100 41.77 67.61 -69.50
CA ASN S 100 40.78 68.09 -70.47
C ASN S 100 40.79 69.61 -70.58
N ALA S 101 40.87 70.30 -69.45
CA ALA S 101 40.91 71.76 -69.47
C ALA S 101 42.17 72.26 -70.17
N GLU S 102 43.30 71.58 -69.95
CA GLU S 102 44.52 71.92 -70.68
C GLU S 102 44.32 71.72 -72.17
N LEU S 103 43.64 70.64 -72.56
CA LEU S 103 43.41 70.36 -73.97
C LEU S 103 42.52 71.42 -74.59
N LYS S 104 41.61 72.01 -73.80
CA LYS S 104 40.78 73.08 -74.33
C LYS S 104 41.49 74.42 -74.34
N GLY S 105 42.79 74.46 -74.05
CA GLY S 105 43.56 75.67 -74.17
C GLY S 105 43.22 76.77 -73.19
N LEU S 106 42.94 76.42 -71.94
CA LEU S 106 42.62 77.38 -70.90
C LEU S 106 43.40 77.03 -69.65
N ASP S 107 43.87 78.06 -68.93
CA ASP S 107 44.67 77.82 -67.73
C ASP S 107 43.81 77.19 -66.64
N VAL S 108 44.46 76.45 -65.75
CA VAL S 108 43.77 75.66 -64.74
C VAL S 108 44.00 76.20 -63.33
N ASP S 109 44.44 77.45 -63.19
CA ASP S 109 44.60 78.05 -61.89
C ASP S 109 43.33 78.73 -61.39
N SER S 110 42.27 78.71 -62.19
CA SER S 110 41.05 79.44 -61.87
C SER S 110 39.82 78.56 -61.94
N LEU S 111 39.97 77.24 -61.73
CA LEU S 111 38.86 76.34 -61.92
C LEU S 111 38.28 75.90 -60.58
N VAL S 112 36.97 75.92 -60.49
CA VAL S 112 36.24 75.55 -59.28
C VAL S 112 35.18 74.53 -59.66
N ILE S 113 34.99 73.52 -58.83
CA ILE S 113 34.02 72.46 -59.10
C ILE S 113 32.65 73.04 -58.78
N GLU S 114 32.00 73.65 -59.76
CA GLU S 114 30.68 74.19 -59.49
C GLU S 114 29.61 73.11 -59.47
N HIS S 115 29.82 72.02 -60.20
CA HIS S 115 28.88 70.91 -60.21
C HIS S 115 29.62 69.60 -60.07
N ILE S 116 29.06 68.71 -59.25
CA ILE S 116 29.55 67.35 -59.10
C ILE S 116 28.37 66.48 -58.71
N GLN S 117 28.33 65.26 -59.23
CA GLN S 117 27.20 64.38 -59.04
C GLN S 117 27.67 62.95 -58.90
N VAL S 118 27.02 62.20 -58.03
CA VAL S 118 27.27 60.77 -57.87
C VAL S 118 25.96 60.04 -58.04
N ASN S 119 25.88 59.19 -59.06
CA ASN S 119 24.70 58.39 -59.33
C ASN S 119 25.03 56.91 -59.22
N LYS S 120 24.09 56.14 -58.71
CA LYS S 120 24.33 54.72 -58.46
C LYS S 120 24.48 53.95 -59.75
N ALA S 121 25.54 53.18 -59.85
CA ALA S 121 25.77 52.23 -60.93
C ALA S 121 25.08 50.91 -60.61
N PRO S 122 24.78 50.10 -61.63
CA PRO S 122 24.15 48.81 -61.39
C PRO S 122 25.01 47.94 -60.47
N LYS S 123 24.38 47.38 -59.45
CA LYS S 123 25.10 46.64 -58.43
C LYS S 123 25.62 45.33 -58.99
N MET S 124 26.60 44.76 -58.29
CA MET S 124 27.22 43.50 -58.68
C MET S 124 27.00 42.45 -57.61
N ARG S 125 26.71 41.22 -58.06
CA ARG S 125 26.28 40.16 -57.18
C ARG S 125 27.48 39.38 -56.64
N ARG S 126 27.55 39.27 -55.32
CA ARG S 126 28.41 38.31 -54.64
C ARG S 126 27.57 37.56 -53.63
N ARG S 127 28.11 36.48 -53.09
CA ARG S 127 27.32 35.53 -52.34
C ARG S 127 28.03 35.15 -51.05
N THR S 128 27.25 34.97 -49.98
CA THR S 128 27.78 34.59 -48.68
C THR S 128 26.91 33.50 -48.07
N TYR S 129 27.41 32.91 -46.99
CA TYR S 129 26.75 31.79 -46.33
C TYR S 129 26.38 32.19 -44.91
N ARG S 130 25.26 31.68 -44.43
CA ARG S 130 24.75 32.01 -43.10
C ARG S 130 24.71 30.75 -42.24
N ALA S 131 24.14 30.88 -41.04
CA ALA S 131 24.28 29.83 -40.04
C ALA S 131 23.60 28.54 -40.45
N HIS S 132 22.38 28.62 -40.98
CA HIS S 132 21.62 27.39 -41.20
C HIS S 132 21.70 26.97 -42.65
N GLY S 133 22.87 27.13 -43.26
CA GLY S 133 23.03 26.81 -44.66
C GLY S 133 22.31 27.76 -45.59
N ARG S 134 22.04 28.97 -45.14
CA ARG S 134 21.26 29.92 -45.90
C ARG S 134 22.17 30.89 -46.63
N ILE S 135 21.61 31.52 -47.67
CA ILE S 135 22.36 32.36 -48.59
C ILE S 135 21.85 33.78 -48.46
N ASN S 136 22.79 34.74 -48.41
CA ASN S 136 22.41 36.13 -48.38
C ASN S 136 23.16 36.91 -49.45
N PRO S 137 22.58 37.99 -49.95
CA PRO S 137 23.28 38.82 -50.93
C PRO S 137 24.48 39.51 -50.30
N TYR S 138 25.48 39.76 -51.14
CA TYR S 138 26.70 40.45 -50.75
C TYR S 138 27.00 41.56 -51.74
N MET S 139 25.96 42.36 -52.04
CA MET S 139 26.00 43.26 -53.18
C MET S 139 27.02 44.37 -52.99
N SER S 140 27.71 44.70 -54.06
CA SER S 140 28.55 45.88 -54.12
C SER S 140 27.69 47.10 -54.45
N SER S 141 28.28 48.28 -54.29
CA SER S 141 27.59 49.54 -54.56
C SER S 141 28.46 50.44 -55.43
N PRO S 142 28.58 50.14 -56.72
CA PRO S 142 29.32 51.04 -57.61
C PRO S 142 28.51 52.28 -57.92
N CYS S 143 29.17 53.28 -58.48
CA CYS S 143 28.51 54.55 -58.75
C CYS S 143 29.16 55.25 -59.94
N HIS S 144 28.35 55.99 -60.68
CA HIS S 144 28.85 56.88 -61.72
C HIS S 144 29.17 58.24 -61.13
N ILE S 145 30.27 58.84 -61.57
CA ILE S 145 30.69 60.15 -61.07
C ILE S 145 30.94 61.09 -62.25
N GLU S 146 30.41 62.30 -62.15
CA GLU S 146 30.64 63.34 -63.14
C GLU S 146 30.83 64.67 -62.43
N MET S 147 31.67 65.52 -63.01
CA MET S 147 31.93 66.84 -62.44
C MET S 147 32.19 67.81 -63.57
N ILE S 148 31.90 69.08 -63.31
CA ILE S 148 32.04 70.16 -64.29
C ILE S 148 32.79 71.29 -63.63
N LEU S 149 33.88 71.73 -64.25
CA LEU S 149 34.69 72.82 -63.75
C LEU S 149 34.31 74.11 -64.47
N THR S 150 34.77 75.23 -63.93
CA THR S 150 34.45 76.54 -64.51
C THR S 150 35.58 77.52 -64.21
N GLU S 151 35.99 78.26 -65.23
CA GLU S 151 37.00 79.30 -65.05
C GLU S 151 36.40 80.51 -64.35
N LYS S 152 37.06 80.98 -63.30
CA LYS S 152 36.74 82.24 -62.66
C LYS S 152 37.94 82.68 -61.85
N GLU S 153 38.27 83.96 -61.95
CA GLU S 153 39.42 84.48 -61.22
C GLU S 153 39.23 85.96 -60.91
N GLY T 1 -36.92 66.32 -41.56
CA GLY T 1 -37.34 64.95 -41.74
C GLY T 1 -38.83 64.81 -41.97
N VAL T 2 -39.20 63.96 -42.92
CA VAL T 2 -40.58 63.72 -43.28
C VAL T 2 -40.93 62.26 -43.01
N ASP T 3 -42.12 62.04 -42.47
CA ASP T 3 -42.55 60.69 -42.09
C ASP T 3 -43.40 60.07 -43.20
N ILE T 4 -42.70 59.61 -44.24
CA ILE T 4 -43.31 58.84 -45.32
C ILE T 4 -42.45 57.62 -45.59
N ARG T 5 -42.93 56.79 -46.50
CA ARG T 5 -42.21 55.61 -46.95
C ARG T 5 -42.03 55.69 -48.46
N HIS T 6 -40.84 55.30 -48.95
CA HIS T 6 -40.49 55.51 -50.34
C HIS T 6 -40.54 54.24 -51.18
N ASN T 7 -40.89 53.09 -50.59
CA ASN T 7 -40.83 51.84 -51.34
C ASN T 7 -41.95 51.72 -52.35
N LYS T 8 -42.98 52.55 -52.26
CA LYS T 8 -44.12 52.51 -53.18
C LYS T 8 -44.24 53.78 -53.99
N ASP T 9 -43.19 54.60 -54.01
CA ASP T 9 -43.25 55.87 -54.72
C ASP T 9 -43.29 55.66 -56.23
N ARG T 10 -42.54 54.69 -56.73
CA ARG T 10 -42.38 54.46 -58.15
C ARG T 10 -43.38 53.39 -58.61
N LYS T 11 -44.34 53.79 -59.44
CA LYS T 11 -45.29 52.85 -60.01
C LYS T 11 -44.60 52.04 -61.10
N VAL T 12 -44.95 50.77 -61.20
CA VAL T 12 -44.39 49.88 -62.20
C VAL T 12 -45.42 49.70 -63.31
N ARG T 13 -45.13 50.24 -64.49
CA ARG T 13 -45.99 50.05 -65.65
C ARG T 13 -45.17 50.28 -66.90
N ARG T 14 -45.64 49.71 -68.01
CA ARG T 14 -45.00 49.94 -69.30
C ARG T 14 -45.32 51.35 -69.76
N LYS T 15 -44.28 52.14 -70.04
CA LYS T 15 -44.44 53.49 -70.55
C LYS T 15 -44.13 53.58 -72.04
N GLU T 16 -43.44 52.59 -72.60
CA GLU T 16 -43.19 52.48 -74.03
C GLU T 16 -43.05 51.01 -74.36
N PRO T 17 -43.30 50.62 -75.60
CA PRO T 17 -43.15 49.20 -75.94
C PRO T 17 -41.70 48.78 -75.86
N LYS T 18 -41.45 47.70 -75.11
CA LYS T 18 -40.08 47.20 -74.99
C LYS T 18 -39.55 46.66 -76.30
N SER T 19 -40.44 46.33 -77.24
CA SER T 19 -40.00 45.90 -78.56
C SER T 19 -39.33 47.04 -79.29
N GLN T 20 -38.75 46.71 -80.46
CA GLN T 20 -38.07 47.69 -81.28
C GLN T 20 -38.65 47.78 -82.68
N ASP T 21 -39.87 47.27 -82.89
CA ASP T 21 -40.51 47.32 -84.19
C ASP T 21 -40.80 48.76 -84.57
N ILE T 22 -40.18 49.22 -85.65
CA ILE T 22 -40.38 50.59 -86.10
C ILE T 22 -41.83 50.83 -86.48
N TYR T 23 -42.48 49.84 -87.08
CA TYR T 23 -43.90 49.97 -87.42
C TYR T 23 -44.73 50.11 -86.16
N LEU T 24 -44.44 49.26 -85.17
CA LEU T 24 -45.12 49.36 -83.90
C LEU T 24 -44.86 50.71 -83.25
N ARG T 25 -43.62 51.19 -83.30
CA ARG T 25 -43.32 52.47 -82.69
C ARG T 25 -44.09 53.60 -83.38
N LEU T 26 -44.19 53.53 -84.70
CA LEU T 26 -44.93 54.54 -85.44
C LEU T 26 -46.39 54.56 -85.05
N LEU T 27 -47.02 53.39 -85.01
CA LEU T 27 -48.42 53.36 -84.63
C LEU T 27 -48.63 53.69 -83.15
N VAL T 28 -47.64 53.41 -82.30
CA VAL T 28 -47.70 53.85 -80.92
C VAL T 28 -47.67 55.37 -80.84
N LYS T 29 -46.84 56.01 -81.67
CA LYS T 29 -46.86 57.46 -81.75
C LYS T 29 -48.23 57.96 -82.16
N LEU T 30 -48.83 57.29 -83.16
CA LEU T 30 -50.14 57.69 -83.63
C LEU T 30 -51.18 57.64 -82.51
N TYR T 31 -51.26 56.50 -81.82
CA TYR T 31 -52.27 56.39 -80.78
C TYR T 31 -51.92 57.18 -79.53
N ARG T 32 -50.63 57.45 -79.30
CA ARG T 32 -50.25 58.38 -78.24
C ARG T 32 -50.82 59.76 -78.52
N PHE T 33 -50.65 60.24 -79.76
CA PHE T 33 -51.20 61.53 -80.13
C PHE T 33 -52.72 61.52 -80.03
N LEU T 34 -53.36 60.44 -80.49
CA LEU T 34 -54.82 60.38 -80.46
C LEU T 34 -55.33 60.39 -79.02
N ALA T 35 -54.72 59.63 -78.12
CA ALA T 35 -55.13 59.65 -76.73
C ALA T 35 -54.84 61.00 -76.10
N ARG T 36 -53.74 61.66 -76.50
CA ARG T 36 -53.39 62.93 -75.89
C ARG T 36 -54.35 64.03 -76.30
N ARG T 37 -54.86 63.98 -77.52
CA ARG T 37 -55.71 65.06 -78.02
C ARG T 37 -57.19 64.69 -78.12
N THR T 38 -57.60 63.56 -77.55
CA THR T 38 -59.01 63.18 -77.55
C THR T 38 -59.44 62.75 -76.16
N ASN T 39 -60.75 62.65 -75.98
CA ASN T 39 -61.35 62.22 -74.73
C ASN T 39 -61.68 60.74 -74.71
N SER T 40 -61.45 60.02 -75.80
CA SER T 40 -61.86 58.63 -75.88
C SER T 40 -60.96 57.76 -75.02
N THR T 41 -61.51 57.22 -73.93
CA THR T 41 -60.76 56.28 -73.11
C THR T 41 -60.42 55.02 -73.89
N PHE T 42 -61.20 54.71 -74.93
CA PHE T 42 -60.87 53.60 -75.82
C PHE T 42 -59.49 53.78 -76.43
N ASN T 43 -59.16 55.00 -76.84
CA ASN T 43 -57.84 55.25 -77.38
C ASN T 43 -56.77 54.95 -76.35
N GLN T 44 -57.00 55.37 -75.10
CA GLN T 44 -56.03 55.15 -74.04
C GLN T 44 -55.85 53.67 -73.77
N VAL T 45 -56.95 52.91 -73.76
CA VAL T 45 -56.86 51.48 -73.50
C VAL T 45 -56.11 50.78 -74.64
N VAL T 46 -56.39 51.17 -75.88
CA VAL T 46 -55.66 50.59 -76.99
C VAL T 46 -54.18 50.90 -76.88
N LEU T 47 -53.84 52.15 -76.52
CA LEU T 47 -52.45 52.55 -76.40
C LEU T 47 -51.73 51.78 -75.31
N LYS T 48 -52.40 51.61 -74.16
CA LYS T 48 -51.78 50.86 -73.08
C LYS T 48 -51.65 49.38 -73.45
N ARG T 49 -52.55 48.87 -74.29
CA ARG T 49 -52.42 47.51 -74.74
C ARG T 49 -51.29 47.37 -75.76
N LEU T 50 -50.95 48.47 -76.42
CA LEU T 50 -49.81 48.46 -77.33
C LEU T 50 -48.50 48.26 -76.58
N PHE T 51 -48.38 48.86 -75.40
CA PHE T 51 -47.16 48.72 -74.62
C PHE T 51 -46.95 47.30 -74.12
N MET T 52 -48.01 46.50 -74.06
CA MET T 52 -47.98 45.25 -73.33
C MET T 52 -47.09 44.22 -74.03
N SER T 53 -46.68 43.22 -73.27
CA SER T 53 -45.83 42.16 -73.76
C SER T 53 -46.66 41.13 -74.52
N ARG T 54 -45.96 40.19 -75.16
CA ARG T 54 -46.64 39.15 -75.92
C ARG T 54 -47.51 38.28 -75.01
N THR T 55 -46.98 37.93 -73.84
CA THR T 55 -47.77 37.13 -72.92
C THR T 55 -48.95 37.92 -72.36
N ASN T 56 -48.83 39.23 -72.27
CA ASN T 56 -49.95 40.08 -71.90
C ASN T 56 -50.80 40.46 -73.09
N ARG T 57 -50.45 39.98 -74.29
CA ARG T 57 -51.25 40.17 -75.49
C ARG T 57 -51.52 38.78 -76.07
N PRO T 58 -52.43 38.03 -75.44
CA PRO T 58 -52.60 36.64 -75.84
C PRO T 58 -53.23 36.55 -77.22
N PRO T 59 -52.97 35.47 -77.95
CA PRO T 59 -53.67 35.26 -79.22
C PRO T 59 -55.15 35.06 -78.98
N LEU T 60 -55.95 35.57 -79.91
CA LEU T 60 -57.40 35.48 -79.83
C LEU T 60 -57.89 34.55 -80.93
N SER T 61 -58.62 33.51 -80.54
CA SER T 61 -59.09 32.53 -81.50
C SER T 61 -60.24 33.09 -82.32
N LEU T 62 -60.38 32.55 -83.53
CA LEU T 62 -61.47 32.97 -84.41
C LEU T 62 -62.81 32.62 -83.81
N SER T 63 -62.93 31.42 -83.23
CA SER T 63 -64.21 30.99 -82.69
C SER T 63 -64.67 31.88 -81.55
N ARG T 64 -63.76 32.25 -80.66
CA ARG T 64 -64.11 33.15 -79.58
C ARG T 64 -64.48 34.53 -80.11
N MET T 65 -63.78 34.99 -81.15
CA MET T 65 -64.10 36.29 -81.74
C MET T 65 -65.50 36.28 -82.32
N ILE T 66 -65.85 35.22 -83.04
CA ILE T 66 -67.19 35.12 -83.61
C ILE T 66 -68.22 35.05 -82.50
N ARG T 67 -67.95 34.27 -81.45
CA ARG T 67 -68.88 34.14 -80.34
C ARG T 67 -69.13 35.49 -79.68
N LYS T 68 -68.08 36.26 -79.44
CA LYS T 68 -68.26 37.57 -78.81
C LYS T 68 -68.95 38.55 -79.74
N MET T 69 -68.62 38.54 -81.04
CA MET T 69 -69.29 39.43 -81.96
C MET T 69 -70.72 39.00 -82.26
N LYS T 70 -71.08 37.78 -81.91
CA LYS T 70 -72.44 37.28 -82.09
C LYS T 70 -73.43 37.90 -81.12
N LEU T 71 -72.95 38.56 -80.07
CA LEU T 71 -73.81 39.04 -79.01
C LEU T 71 -74.80 40.09 -79.51
N PRO T 72 -76.00 40.15 -78.91
CA PRO T 72 -77.01 41.09 -79.38
C PRO T 72 -76.57 42.53 -79.20
N GLY T 73 -76.99 43.36 -80.14
CA GLY T 73 -76.63 44.76 -80.11
C GLY T 73 -75.24 45.07 -80.62
N ARG T 74 -74.49 44.07 -81.08
CA ARG T 74 -73.15 44.27 -81.58
C ARG T 74 -73.06 44.09 -83.08
N GLU T 75 -74.19 44.18 -83.76
CA GLU T 75 -74.20 44.03 -85.21
C GLU T 75 -73.49 45.21 -85.86
N ASN T 76 -72.71 44.91 -86.90
CA ASN T 76 -72.06 45.93 -87.73
C ASN T 76 -71.08 46.80 -86.94
N LYS T 77 -70.56 46.27 -85.83
CA LYS T 77 -69.51 46.92 -85.08
C LYS T 77 -68.17 46.28 -85.42
N THR T 78 -67.10 47.05 -85.22
CA THR T 78 -65.77 46.59 -85.56
C THR T 78 -65.14 45.87 -84.37
N ALA T 79 -64.84 44.58 -84.55
CA ALA T 79 -64.10 43.84 -83.55
C ALA T 79 -62.66 44.32 -83.57
N VAL T 80 -62.12 44.66 -82.42
CA VAL T 80 -60.76 45.18 -82.30
C VAL T 80 -60.02 44.36 -81.24
N VAL T 81 -58.84 43.89 -81.60
CA VAL T 81 -57.95 43.21 -80.65
C VAL T 81 -56.52 43.61 -80.98
N VAL T 82 -55.73 43.90 -79.94
CA VAL T 82 -54.29 44.17 -80.11
C VAL T 82 -53.60 42.83 -79.91
N GLY T 83 -53.47 42.09 -81.00
CA GLY T 83 -52.85 40.79 -80.95
C GLY T 83 -53.03 40.06 -82.26
N THR T 84 -52.84 38.76 -82.21
CA THR T 84 -52.92 37.92 -83.40
C THR T 84 -54.22 37.15 -83.41
N ILE T 85 -55.01 37.32 -84.46
CA ILE T 85 -56.20 36.52 -84.65
C ILE T 85 -55.76 35.10 -84.99
N THR T 86 -56.29 34.14 -84.26
CA THR T 86 -55.89 32.75 -84.42
C THR T 86 -57.00 32.00 -85.14
N ASP T 87 -56.64 31.33 -86.22
CA ASP T 87 -57.61 30.52 -86.94
C ASP T 87 -58.02 29.32 -86.09
N ASP T 88 -59.31 29.01 -86.12
CA ASP T 88 -59.86 27.88 -85.38
C ASP T 88 -60.59 26.98 -86.37
N VAL T 89 -60.10 25.76 -86.54
CA VAL T 89 -60.74 24.80 -87.43
C VAL T 89 -61.94 24.12 -86.80
N ARG T 90 -62.20 24.38 -85.52
CA ARG T 90 -63.35 23.77 -84.86
C ARG T 90 -64.67 24.39 -85.28
N VAL T 91 -64.64 25.53 -85.93
CA VAL T 91 -65.86 26.20 -86.39
C VAL T 91 -66.05 25.90 -87.87
N GLN T 92 -67.32 25.76 -88.28
CA GLN T 92 -67.68 25.50 -89.66
C GLN T 92 -68.09 26.76 -90.41
N GLU T 93 -68.83 27.65 -89.74
CA GLU T 93 -69.47 28.77 -90.40
C GLU T 93 -68.81 30.07 -89.96
N VAL T 94 -68.47 30.91 -90.92
CA VAL T 94 -67.86 32.20 -90.66
C VAL T 94 -68.86 33.29 -91.08
N PRO T 95 -69.39 34.06 -90.14
CA PRO T 95 -70.26 35.17 -90.50
C PRO T 95 -69.44 36.38 -90.97
N LYS T 96 -70.16 37.36 -91.52
CA LYS T 96 -69.52 38.59 -91.97
C LYS T 96 -68.96 39.37 -90.78
N LEU T 97 -67.68 39.76 -90.87
CA LEU T 97 -67.04 40.51 -89.81
C LEU T 97 -66.11 41.57 -90.38
N LYS T 98 -66.06 42.72 -89.72
CA LYS T 98 -65.14 43.80 -90.01
C LYS T 98 -64.21 43.94 -88.81
N VAL T 99 -62.97 43.51 -88.95
CA VAL T 99 -62.07 43.35 -87.81
C VAL T 99 -60.76 44.08 -88.06
N CYS T 100 -60.29 44.79 -87.03
CA CYS T 100 -58.96 45.39 -87.02
C CYS T 100 -58.12 44.75 -85.93
N ALA T 101 -56.92 44.31 -86.28
CA ALA T 101 -56.07 43.59 -85.35
C ALA T 101 -54.60 43.78 -85.71
N LEU T 102 -53.74 43.42 -84.76
CA LEU T 102 -52.31 43.58 -84.95
C LEU T 102 -51.76 42.60 -85.97
N ARG T 103 -52.18 41.34 -85.90
CA ARG T 103 -51.75 40.33 -86.86
C ARG T 103 -52.90 39.38 -87.15
N VAL T 104 -52.88 38.80 -88.34
CA VAL T 104 -53.87 37.81 -88.77
C VAL T 104 -53.14 36.61 -89.33
N THR T 105 -53.55 35.42 -88.91
CA THR T 105 -53.04 34.20 -89.52
C THR T 105 -53.52 34.10 -90.97
N SER T 106 -52.63 33.60 -91.83
CA SER T 106 -52.93 33.54 -93.26
C SER T 106 -54.18 32.71 -93.55
N ARG T 107 -54.29 31.54 -92.91
CA ARG T 107 -55.50 30.75 -93.07
C ARG T 107 -56.72 31.49 -92.55
N ALA T 108 -56.59 32.11 -91.37
CA ALA T 108 -57.69 32.92 -90.84
C ALA T 108 -57.99 34.09 -91.76
N ARG T 109 -56.96 34.68 -92.35
CA ARG T 109 -57.16 35.80 -93.27
C ARG T 109 -57.97 35.37 -94.48
N SER T 110 -57.63 34.22 -95.05
CA SER T 110 -58.36 33.72 -96.20
C SER T 110 -59.80 33.38 -95.83
N ARG T 111 -60.00 32.75 -94.67
CA ARG T 111 -61.35 32.39 -94.25
C ARG T 111 -62.21 33.61 -94.00
N ILE T 112 -61.62 34.68 -93.45
CA ILE T 112 -62.36 35.90 -93.22
C ILE T 112 -62.73 36.56 -94.55
N LEU T 113 -61.76 36.69 -95.45
CA LEU T 113 -62.03 37.42 -96.69
C LEU T 113 -62.96 36.64 -97.61
N ARG T 114 -62.99 35.31 -97.48
CA ARG T 114 -63.93 34.54 -98.29
C ARG T 114 -65.36 34.79 -97.86
N ALA T 115 -65.61 34.93 -96.57
CA ALA T 115 -66.95 35.15 -96.05
C ALA T 115 -67.41 36.57 -96.18
N GLY T 116 -66.80 37.37 -97.04
CA GLY T 116 -67.16 38.77 -97.15
C GLY T 116 -66.62 39.64 -96.04
N GLY T 117 -65.66 39.14 -95.27
CA GLY T 117 -65.12 39.88 -94.16
C GLY T 117 -64.16 40.98 -94.60
N LYS T 118 -63.85 41.85 -93.66
CA LYS T 118 -62.96 42.98 -93.92
C LYS T 118 -61.93 43.06 -92.80
N ILE T 119 -60.68 43.24 -93.18
CA ILE T 119 -59.56 43.34 -92.25
C ILE T 119 -58.90 44.69 -92.43
N LEU T 120 -58.66 45.39 -91.32
CA LEU T 120 -58.05 46.70 -91.35
C LEU T 120 -56.84 46.72 -90.42
N THR T 121 -55.83 47.48 -90.81
CA THR T 121 -54.74 47.78 -89.89
C THR T 121 -55.15 48.94 -89.00
N PHE T 122 -54.35 49.20 -87.97
CA PHE T 122 -54.77 50.15 -86.94
C PHE T 122 -54.72 51.59 -87.43
N ASP T 123 -53.86 51.88 -88.41
CA ASP T 123 -53.94 53.17 -89.07
C ASP T 123 -55.26 53.33 -89.80
N GLN T 124 -55.71 52.27 -90.47
CA GLN T 124 -57.04 52.30 -91.10
C GLN T 124 -58.13 52.47 -90.06
N LEU T 125 -57.98 51.82 -88.90
CA LEU T 125 -58.99 51.97 -87.85
C LEU T 125 -59.06 53.40 -87.36
N ALA T 126 -57.90 54.02 -87.11
CA ALA T 126 -57.86 55.40 -86.64
C ALA T 126 -58.44 56.34 -87.69
N LEU T 127 -58.13 56.11 -88.96
CA LEU T 127 -58.69 56.95 -90.01
C LEU T 127 -60.19 56.76 -90.14
N ASP T 128 -60.67 55.53 -89.91
CA ASP T 128 -62.10 55.28 -89.99
C ASP T 128 -62.84 55.84 -88.78
N SER T 129 -62.27 55.67 -87.58
CA SER T 129 -62.92 56.11 -86.36
C SER T 129 -61.84 56.47 -85.34
N PRO T 130 -61.40 57.73 -85.34
CA PRO T 130 -60.39 58.15 -84.35
C PRO T 130 -60.83 57.97 -82.92
N LYS T 131 -62.10 58.22 -82.60
CA LYS T 131 -62.61 57.98 -81.27
C LYS T 131 -62.95 56.51 -81.03
N GLY T 132 -62.86 55.67 -82.06
CA GLY T 132 -63.25 54.29 -81.90
C GLY T 132 -64.71 54.09 -81.59
N CYS T 133 -65.58 54.93 -82.16
CA CYS T 133 -67.00 54.83 -81.88
C CYS T 133 -67.57 53.55 -82.48
N GLY T 134 -68.48 52.91 -81.74
CA GLY T 134 -69.11 51.69 -82.19
C GLY T 134 -68.15 50.54 -82.36
N THR T 135 -67.22 50.37 -81.42
CA THR T 135 -66.17 49.38 -81.55
C THR T 135 -66.23 48.40 -80.39
N VAL T 136 -66.09 47.12 -80.71
CA VAL T 136 -66.09 46.06 -79.73
C VAL T 136 -64.64 45.67 -79.47
N LEU T 137 -64.14 46.05 -78.31
CA LEU T 137 -62.77 45.75 -77.92
C LEU T 137 -62.75 44.37 -77.29
N LEU T 138 -61.87 43.51 -77.78
CA LEU T 138 -61.73 42.15 -77.26
C LEU T 138 -60.29 41.87 -76.89
N SER T 139 -60.13 41.00 -75.90
CA SER T 139 -58.82 40.51 -75.49
C SER T 139 -58.86 39.00 -75.46
N GLY T 140 -57.78 38.38 -75.90
CA GLY T 140 -57.68 36.93 -75.91
C GLY T 140 -57.64 36.38 -74.51
N PRO T 141 -57.73 35.05 -74.37
CA PRO T 141 -57.65 34.46 -73.04
C PRO T 141 -56.28 34.70 -72.44
N ARG T 142 -56.23 35.65 -71.50
CA ARG T 142 -54.96 36.02 -70.90
C ARG T 142 -54.38 34.90 -70.07
N LYS T 143 -55.25 34.09 -69.47
CA LYS T 143 -54.82 33.02 -68.56
C LYS T 143 -54.73 31.68 -69.27
N GLY T 144 -55.00 31.64 -70.57
CA GLY T 144 -54.91 30.39 -71.30
C GLY T 144 -53.48 30.01 -71.63
N ARG T 145 -52.67 29.81 -70.59
CA ARG T 145 -51.27 29.50 -70.75
C ARG T 145 -50.87 28.40 -69.80
N GLU T 146 -49.84 27.65 -70.19
CA GLU T 146 -49.36 26.53 -69.40
C GLU T 146 -48.85 26.97 -68.03
N VAL T 147 -48.17 28.11 -67.97
CA VAL T 147 -47.50 28.53 -66.74
C VAL T 147 -48.51 28.76 -65.63
N TYR T 148 -49.74 29.14 -65.96
CA TYR T 148 -50.75 29.39 -64.95
C TYR T 148 -51.23 28.12 -64.28
N ARG T 149 -51.11 26.97 -64.92
CA ARG T 149 -51.45 25.72 -64.25
C ARG T 149 -50.43 25.37 -63.18
N HIS T 150 -49.15 25.67 -63.42
CA HIS T 150 -48.17 25.50 -62.36
C HIS T 150 -48.28 26.56 -61.29
N PHE T 151 -48.77 27.75 -61.64
CA PHE T 151 -48.92 28.80 -60.66
C PHE T 151 -50.05 28.46 -59.70
N GLY T 152 -49.99 29.06 -58.52
CA GLY T 152 -51.00 28.83 -57.50
C GLY T 152 -50.43 28.33 -56.20
N LYS T 153 -51.21 27.56 -55.46
CA LYS T 153 -50.76 27.04 -54.17
C LYS T 153 -49.66 26.01 -54.38
N ALA T 154 -48.95 25.71 -53.30
CA ALA T 154 -47.94 24.68 -53.37
C ALA T 154 -48.60 23.33 -53.64
N PRO T 155 -48.06 22.55 -54.57
CA PRO T 155 -48.67 21.25 -54.88
C PRO T 155 -48.73 20.32 -53.69
N GLY T 156 -47.76 20.40 -52.79
CA GLY T 156 -47.79 19.59 -51.60
C GLY T 156 -48.56 20.23 -50.47
N THR T 157 -49.74 20.75 -50.77
CA THR T 157 -50.64 21.32 -49.77
C THR T 157 -52.05 20.81 -50.02
N PRO T 158 -52.88 20.75 -48.99
CA PRO T 158 -54.26 20.30 -49.19
C PRO T 158 -55.04 21.26 -50.08
N HIS T 159 -56.01 20.70 -50.82
CA HIS T 159 -56.92 21.45 -51.67
C HIS T 159 -56.19 22.20 -52.78
N SER T 160 -55.02 21.69 -53.19
CA SER T 160 -54.19 22.35 -54.18
C SER T 160 -54.26 21.56 -55.48
N HIS T 161 -54.49 22.27 -56.58
CA HIS T 161 -54.52 21.68 -57.90
C HIS T 161 -53.63 22.42 -58.88
N THR T 162 -52.37 22.64 -58.48
CA THR T 162 -51.40 23.24 -59.37
C THR T 162 -50.48 22.17 -59.93
N LYS T 163 -50.26 22.24 -61.24
CA LYS T 163 -49.48 21.20 -61.90
C LYS T 163 -48.00 21.34 -61.52
N PRO T 164 -47.38 20.31 -60.99
CA PRO T 164 -45.95 20.38 -60.66
C PRO T 164 -45.09 20.28 -61.90
N TYR T 165 -43.84 20.71 -61.75
CA TYR T 165 -42.86 20.61 -62.82
C TYR T 165 -42.18 19.25 -62.75
N VAL T 166 -42.50 18.39 -63.71
CA VAL T 166 -41.87 17.08 -63.83
C VAL T 166 -41.35 16.91 -65.25
N ARG T 167 -40.19 16.27 -65.37
CA ARG T 167 -39.61 16.04 -66.68
C ARG T 167 -40.36 14.98 -67.46
N SER T 168 -41.15 14.14 -66.78
CA SER T 168 -41.98 13.18 -67.47
C SER T 168 -43.17 12.83 -66.59
N LYS T 169 -44.28 12.47 -67.23
CA LYS T 169 -45.50 12.06 -66.56
C LYS T 169 -45.64 10.55 -66.67
N GLY T 170 -45.70 9.88 -65.53
CA GLY T 170 -45.79 8.44 -65.52
C GLY T 170 -45.97 7.95 -64.10
N ARG T 171 -46.27 6.66 -63.99
CA ARG T 171 -46.59 6.08 -62.69
C ARG T 171 -45.38 6.02 -61.77
N LYS T 172 -44.17 6.20 -62.29
CA LYS T 172 -42.97 6.23 -61.47
C LYS T 172 -42.55 7.64 -61.09
N PHE T 173 -43.29 8.66 -61.51
CA PHE T 173 -42.92 10.05 -61.28
C PHE T 173 -43.90 10.68 -60.30
N GLU T 174 -43.52 10.75 -59.03
CA GLU T 174 -44.19 11.56 -58.02
C GLU T 174 -45.65 11.15 -57.85
N ARG T 175 -45.86 9.92 -57.40
CA ARG T 175 -47.21 9.42 -57.22
C ARG T 175 -47.43 8.61 -55.95
N ALA T 176 -46.40 8.35 -55.15
CA ALA T 176 -46.61 7.41 -54.06
C ALA T 176 -46.94 8.08 -52.73
N ARG T 177 -45.98 8.82 -52.17
CA ARG T 177 -46.08 9.33 -50.80
C ARG T 177 -46.32 10.83 -50.86
N GLY T 178 -47.53 11.23 -50.50
CA GLY T 178 -48.02 12.56 -50.79
C GLY T 178 -49.03 12.59 -51.91
N ARG T 179 -49.48 11.43 -52.38
CA ARG T 179 -50.51 11.37 -53.41
C ARG T 179 -51.61 10.37 -53.11
N ARG T 180 -51.36 9.39 -52.25
CA ARG T 180 -52.37 8.42 -51.88
C ARG T 180 -52.12 8.00 -50.44
N ALA T 181 -53.21 7.71 -49.73
CA ALA T 181 -53.11 7.34 -48.33
C ALA T 181 -52.41 6.00 -48.13
N SER T 182 -52.31 5.19 -49.18
CA SER T 182 -51.60 3.91 -49.06
C SER T 182 -50.12 4.12 -48.78
N ARG T 183 -49.59 5.29 -49.11
CA ARG T 183 -48.19 5.61 -48.85
C ARG T 183 -48.18 6.90 -48.04
N GLY T 184 -48.32 6.77 -46.73
CA GLY T 184 -48.24 7.91 -45.84
C GLY T 184 -49.50 8.75 -45.77
N TYR T 185 -49.75 9.54 -46.80
CA TYR T 185 -50.83 10.51 -46.77
C TYR T 185 -51.10 10.99 -48.17
N LYS T 186 -52.20 11.73 -48.32
CA LYS T 186 -52.65 12.16 -49.63
C LYS T 186 -52.67 13.66 -49.81
N ASN T 187 -53.38 14.38 -48.92
CA ASN T 187 -53.74 15.81 -49.04
C ASN T 187 -53.74 16.44 -50.45
N SER U 1 62.40 38.02 -60.02
CA SER U 1 61.07 38.54 -59.71
C SER U 1 60.30 37.54 -58.86
N MET U 2 60.09 36.35 -59.41
CA MET U 2 59.44 35.26 -58.70
C MET U 2 60.21 33.98 -58.99
N LEU U 3 60.77 33.38 -57.95
CA LEU U 3 61.73 32.28 -58.10
C LEU U 3 61.21 30.99 -57.47
N ARG U 4 59.89 30.88 -57.34
CA ARG U 4 59.29 29.73 -56.66
C ARG U 4 59.65 28.43 -57.37
N LEU U 5 59.48 28.40 -58.69
CA LEU U 5 59.87 27.24 -59.48
C LEU U 5 61.36 26.98 -59.37
N GLN U 6 62.16 28.04 -59.38
CA GLN U 6 63.60 27.89 -59.24
C GLN U 6 63.95 27.27 -57.89
N LYS U 7 63.28 27.70 -56.83
CA LYS U 7 63.54 27.12 -55.52
C LYS U 7 63.13 25.66 -55.47
N ARG U 8 61.98 25.32 -56.05
CA ARG U 8 61.56 23.92 -56.07
C ARG U 8 62.55 23.06 -56.83
N LEU U 9 63.02 23.55 -57.97
CA LEU U 9 64.00 22.81 -58.75
C LEU U 9 65.31 22.65 -57.99
N ALA U 10 65.74 23.71 -57.30
CA ALA U 10 66.96 23.63 -56.52
C ALA U 10 66.83 22.60 -55.41
N SER U 11 65.68 22.59 -54.74
CA SER U 11 65.46 21.61 -53.68
C SER U 11 65.46 20.19 -54.23
N SER U 12 64.82 19.98 -55.37
CA SER U 12 64.78 18.65 -55.95
C SER U 12 66.17 18.18 -56.37
N VAL U 13 66.94 19.06 -57.00
CA VAL U 13 68.27 18.67 -57.46
C VAL U 13 69.20 18.40 -56.28
N LEU U 14 69.18 19.28 -55.29
CA LEU U 14 70.07 19.12 -54.13
C LEU U 14 69.64 18.00 -53.20
N ARG U 15 68.49 17.37 -53.47
CA ARG U 15 67.96 16.29 -52.64
C ARG U 15 67.78 16.73 -51.20
N CYS U 16 67.45 18.00 -51.00
CA CYS U 16 67.11 18.54 -49.69
C CYS U 16 65.85 19.38 -49.82
N GLY U 17 65.26 19.70 -48.68
CA GLY U 17 64.06 20.50 -48.68
C GLY U 17 64.33 21.95 -49.03
N LYS U 18 63.26 22.68 -49.30
CA LYS U 18 63.38 24.10 -49.62
C LYS U 18 63.82 24.92 -48.42
N LYS U 19 63.85 24.34 -47.22
CA LYS U 19 64.43 25.02 -46.08
C LYS U 19 65.90 25.29 -46.30
N LYS U 20 66.64 24.31 -46.82
CA LYS U 20 68.09 24.42 -46.95
C LYS U 20 68.54 25.10 -48.22
N VAL U 21 67.62 25.49 -49.10
CA VAL U 21 67.99 26.09 -50.38
C VAL U 21 68.26 27.58 -50.15
N TRP U 22 69.48 28.01 -50.47
CA TRP U 22 69.85 29.42 -50.40
C TRP U 22 70.05 29.96 -51.79
N LEU U 23 69.30 31.00 -52.14
CA LEU U 23 69.48 31.71 -53.39
C LEU U 23 70.27 32.98 -53.12
N ASP U 24 70.96 33.46 -54.12
CA ASP U 24 71.69 34.70 -53.96
C ASP U 24 70.75 35.88 -54.11
N PRO U 25 70.56 36.70 -53.08
CA PRO U 25 69.72 37.89 -53.24
C PRO U 25 70.26 38.88 -54.23
N ASN U 26 71.56 38.85 -54.50
CA ASN U 26 72.17 39.74 -55.47
C ASN U 26 71.91 39.30 -56.89
N GLU U 27 71.88 38.00 -57.15
CA GLU U 27 71.74 37.48 -58.51
C GLU U 27 70.29 37.14 -58.84
N THR U 28 69.41 38.13 -58.66
CA THR U 28 68.00 37.91 -58.94
C THR U 28 67.76 37.59 -60.41
N ASN U 29 68.30 38.41 -61.31
CA ASN U 29 68.05 38.23 -62.73
C ASN U 29 68.66 36.93 -63.24
N GLU U 30 69.88 36.60 -62.79
CA GLU U 30 70.51 35.38 -63.26
C GLU U 30 69.73 34.14 -62.85
N ILE U 31 69.26 34.10 -61.60
CA ILE U 31 68.45 32.97 -61.17
C ILE U 31 67.12 32.96 -61.92
N ALA U 32 66.58 34.14 -62.22
CA ALA U 32 65.32 34.23 -62.94
C ALA U 32 65.40 33.59 -64.31
N ASN U 33 66.56 33.63 -64.95
CA ASN U 33 66.69 33.01 -66.27
C ASN U 33 66.76 31.49 -66.19
N ALA U 34 66.97 30.92 -65.02
CA ALA U 34 67.14 29.47 -64.88
C ALA U 34 65.78 28.79 -64.98
N ASN U 35 65.58 28.00 -66.02
CA ASN U 35 64.35 27.24 -66.18
C ASN U 35 64.58 25.76 -66.46
N SER U 36 65.82 25.27 -66.36
CA SER U 36 66.10 23.86 -66.61
C SER U 36 66.92 23.30 -65.46
N ARG U 37 66.70 22.02 -65.17
CA ARG U 37 67.51 21.32 -64.20
C ARG U 37 68.98 21.33 -64.59
N GLN U 38 69.26 21.34 -65.89
CA GLN U 38 70.63 21.57 -66.34
C GLN U 38 71.11 22.95 -65.91
N GLN U 39 70.27 23.97 -66.10
CA GLN U 39 70.66 25.31 -65.67
C GLN U 39 70.74 25.42 -64.16
N ILE U 40 69.87 24.69 -63.45
CA ILE U 40 69.98 24.63 -62.00
C ILE U 40 71.32 24.05 -61.60
N ARG U 41 71.73 22.98 -62.29
CA ARG U 41 73.02 22.36 -62.03
C ARG U 41 74.14 23.36 -62.30
N LYS U 42 74.02 24.12 -63.38
CA LYS U 42 75.01 25.12 -63.72
C LYS U 42 75.14 26.18 -62.63
N LEU U 43 74.01 26.68 -62.13
CA LEU U 43 74.06 27.70 -61.10
C LEU U 43 74.61 27.13 -59.80
N ILE U 44 74.31 25.86 -59.51
CA ILE U 44 74.87 25.23 -58.31
C ILE U 44 76.38 25.14 -58.42
N LYS U 45 76.89 24.67 -59.57
CA LYS U 45 78.32 24.54 -59.73
C LYS U 45 79.00 25.90 -59.70
N ASP U 46 78.35 26.92 -60.28
CA ASP U 46 78.89 28.27 -60.21
C ASP U 46 78.79 28.87 -58.81
N GLY U 47 78.03 28.24 -57.92
CA GLY U 47 77.99 28.66 -56.53
C GLY U 47 76.88 29.63 -56.19
N LEU U 48 76.07 30.03 -57.15
CA LEU U 48 74.95 30.92 -56.86
C LEU U 48 73.90 30.26 -55.98
N ILE U 49 73.77 28.94 -56.06
CA ILE U 49 72.80 28.19 -55.29
C ILE U 49 73.56 27.37 -54.26
N ILE U 50 73.26 27.57 -52.99
CA ILE U 50 74.03 26.97 -51.90
C ILE U 50 73.10 26.18 -51.00
N ARG U 51 73.51 24.96 -50.69
CA ARG U 51 72.77 24.09 -49.78
C ARG U 51 73.16 24.45 -48.35
N LYS U 52 72.22 25.02 -47.60
CA LYS U 52 72.51 25.52 -46.27
C LYS U 52 72.79 24.37 -45.31
N PRO U 53 73.58 24.61 -44.26
CA PRO U 53 73.89 23.54 -43.31
C PRO U 53 72.69 23.17 -42.47
N VAL U 54 72.75 21.95 -41.91
CA VAL U 54 71.70 21.46 -41.03
C VAL U 54 71.67 22.28 -39.76
N THR U 55 70.46 22.62 -39.31
CA THR U 55 70.30 23.25 -38.00
C THR U 55 70.89 22.36 -36.93
N VAL U 56 71.84 22.91 -36.16
CA VAL U 56 72.64 22.09 -35.25
C VAL U 56 71.78 21.67 -34.05
N HIS U 57 71.75 20.38 -33.78
CA HIS U 57 71.05 19.81 -32.63
C HIS U 57 72.09 19.05 -31.83
N SER U 58 72.71 19.74 -30.87
CA SER U 58 73.80 19.17 -30.10
C SER U 58 73.32 18.05 -29.20
N ARG U 59 74.16 17.03 -29.05
CA ARG U 59 73.94 15.96 -28.10
C ARG U 59 74.89 16.07 -26.90
N ALA U 60 75.64 17.16 -26.82
CA ALA U 60 76.60 17.32 -25.73
C ALA U 60 75.91 17.41 -24.38
N ARG U 61 74.81 18.14 -24.31
CA ARG U 61 74.02 18.18 -23.08
C ARG U 61 73.50 16.79 -22.71
N CYS U 62 73.05 16.05 -23.72
CA CYS U 62 72.64 14.67 -23.49
C CYS U 62 73.80 13.82 -22.97
N ARG U 63 74.98 13.98 -23.56
CA ARG U 63 76.14 13.21 -23.12
C ARG U 63 76.48 13.52 -21.68
N LYS U 64 76.47 14.81 -21.32
CA LYS U 64 76.77 15.23 -19.96
C LYS U 64 75.77 14.64 -18.97
N ASN U 65 74.48 14.75 -19.30
CA ASN U 65 73.46 14.26 -18.38
C ASN U 65 73.53 12.74 -18.24
N THR U 66 73.78 12.04 -19.34
CA THR U 66 73.91 10.59 -19.28
C THR U 66 75.12 10.18 -18.44
N LEU U 67 76.24 10.88 -18.59
CA LEU U 67 77.41 10.57 -17.77
C LEU U 67 77.13 10.82 -16.30
N ALA U 68 76.41 11.91 -15.99
CA ALA U 68 76.01 12.16 -14.61
C ALA U 68 75.13 11.04 -14.09
N ARG U 69 74.21 10.55 -14.91
CA ARG U 69 73.37 9.43 -14.52
C ARG U 69 74.19 8.17 -14.29
N ARG U 70 75.23 7.96 -15.11
CA ARG U 70 76.16 6.87 -14.86
C ARG U 70 76.83 7.02 -13.51
N LYS U 71 77.20 8.25 -13.15
CA LYS U 71 77.73 8.46 -11.80
C LYS U 71 76.67 8.23 -10.73
N GLY U 72 75.39 8.13 -11.12
CA GLY U 72 74.32 7.91 -10.17
C GLY U 72 73.51 9.15 -9.86
N ARG U 73 73.81 10.29 -10.46
CA ARG U 73 73.06 11.50 -10.16
C ARG U 73 71.72 11.49 -10.87
N HIS U 74 70.79 12.29 -10.34
CA HIS U 74 69.46 12.50 -10.92
C HIS U 74 68.66 11.22 -11.04
N MET U 75 68.97 10.21 -10.24
CA MET U 75 68.13 9.02 -10.16
C MET U 75 67.24 9.06 -8.93
N GLY U 76 67.85 9.17 -7.74
CA GLY U 76 67.19 9.47 -6.49
C GLY U 76 65.84 8.85 -6.25
N ILE U 77 64.92 9.64 -5.69
CA ILE U 77 63.54 9.24 -5.52
C ILE U 77 62.59 10.22 -6.19
N GLY U 78 62.84 11.51 -6.04
CA GLY U 78 62.05 12.50 -6.74
C GLY U 78 62.32 12.60 -8.22
N LYS U 79 63.06 11.65 -8.79
CA LYS U 79 63.38 11.64 -10.21
C LYS U 79 62.84 10.42 -10.91
N ARG U 80 61.94 9.67 -10.28
CA ARG U 80 61.37 8.46 -10.86
C ARG U 80 59.89 8.66 -11.07
N LYS U 81 59.42 8.37 -12.30
CA LYS U 81 58.00 8.48 -12.63
C LYS U 81 57.29 7.16 -12.72
N GLY U 82 57.83 6.19 -13.45
CA GLY U 82 57.17 4.92 -13.62
C GLY U 82 57.26 4.05 -12.40
N THR U 83 56.51 2.95 -12.44
CA THR U 83 56.56 1.98 -11.35
C THR U 83 57.96 1.38 -11.25
N ALA U 84 58.31 0.94 -10.04
CA ALA U 84 59.57 0.22 -9.86
C ALA U 84 59.66 -0.97 -10.80
N ASN U 85 58.56 -1.71 -10.95
CA ASN U 85 58.51 -2.74 -11.97
C ASN U 85 58.59 -2.16 -13.37
N ALA U 86 57.97 -1.00 -13.60
CA ALA U 86 58.05 -0.38 -14.92
C ALA U 86 59.46 0.05 -15.27
N ARG U 87 60.21 0.56 -14.30
CA ARG U 87 61.60 0.93 -14.55
C ARG U 87 62.46 -0.31 -14.77
N MET U 88 62.33 -1.31 -13.90
CA MET U 88 63.09 -2.56 -14.00
C MET U 88 62.12 -3.70 -13.81
N PRO U 89 61.74 -4.39 -14.89
CA PRO U 89 60.80 -5.50 -14.76
C PRO U 89 61.38 -6.62 -13.91
N GLU U 90 60.52 -7.22 -13.08
CA GLU U 90 60.94 -8.35 -12.27
C GLU U 90 61.24 -9.56 -13.14
N LYS U 91 60.46 -9.74 -14.21
CA LYS U 91 60.63 -10.93 -15.04
C LYS U 91 61.97 -10.91 -15.77
N VAL U 92 62.39 -9.73 -16.23
CA VAL U 92 63.70 -9.63 -16.88
C VAL U 92 64.82 -9.95 -15.89
N THR U 93 64.71 -9.45 -14.66
CA THR U 93 65.71 -9.75 -13.65
C THR U 93 65.74 -11.23 -13.35
N TRP U 94 64.57 -11.86 -13.26
CA TRP U 94 64.51 -13.29 -13.01
C TRP U 94 65.15 -14.07 -14.15
N MET U 95 64.90 -13.66 -15.39
CA MET U 95 65.53 -14.32 -16.54
C MET U 95 67.04 -14.19 -16.47
N ARG U 96 67.52 -13.00 -16.15
CA ARG U 96 68.97 -12.80 -16.06
C ARG U 96 69.58 -13.69 -14.99
N ARG U 97 68.94 -13.74 -13.82
CA ARG U 97 69.46 -14.55 -12.73
C ARG U 97 69.46 -16.03 -13.10
N MET U 98 68.35 -16.50 -13.68
CA MET U 98 68.26 -17.90 -14.07
C MET U 98 69.30 -18.25 -15.13
N ARG U 99 69.47 -17.39 -16.13
CA ARG U 99 70.42 -17.69 -17.19
C ARG U 99 71.84 -17.70 -16.66
N ILE U 100 72.19 -16.75 -15.81
CA ILE U 100 73.53 -16.71 -15.25
C ILE U 100 73.79 -17.96 -14.42
N LEU U 101 72.84 -18.32 -13.55
CA LEU U 101 73.05 -19.48 -12.69
C LEU U 101 73.11 -20.77 -13.50
N ARG U 102 72.26 -20.89 -14.52
CA ARG U 102 72.27 -22.08 -15.35
C ARG U 102 73.58 -22.21 -16.11
N ARG U 103 74.09 -21.09 -16.62
CA ARG U 103 75.39 -21.11 -17.29
C ARG U 103 76.49 -21.53 -16.33
N LEU U 104 76.46 -21.01 -15.10
CA LEU U 104 77.48 -21.38 -14.13
C LEU U 104 77.41 -22.87 -13.81
N LEU U 105 76.21 -23.38 -13.58
CA LEU U 105 76.06 -24.79 -13.26
C LEU U 105 76.53 -25.68 -14.41
N ARG U 106 76.19 -25.28 -15.63
CA ARG U 106 76.62 -26.06 -16.79
C ARG U 106 78.15 -26.08 -16.91
N ARG U 107 78.79 -24.91 -16.80
CA ARG U 107 80.24 -24.88 -16.92
C ARG U 107 80.90 -25.64 -15.78
N TYR U 108 80.28 -25.65 -14.60
CA TYR U 108 80.77 -26.51 -13.53
C TYR U 108 80.63 -27.98 -13.92
N ARG U 109 79.50 -28.33 -14.54
CA ARG U 109 79.23 -29.74 -14.82
C ARG U 109 80.20 -30.31 -15.84
N GLU U 110 80.38 -29.61 -16.97
CA GLU U 110 81.32 -30.14 -17.95
C GLU U 110 82.78 -29.94 -17.56
N SER U 111 83.05 -29.20 -16.49
CA SER U 111 84.40 -29.10 -15.95
C SER U 111 84.64 -30.08 -14.82
N LYS U 112 83.66 -30.94 -14.52
CA LYS U 112 83.77 -32.05 -13.58
C LYS U 112 83.92 -31.61 -12.14
N LYS U 113 83.65 -30.34 -11.84
CA LYS U 113 83.66 -29.91 -10.45
C LYS U 113 82.44 -30.45 -9.70
N ILE U 114 81.33 -30.65 -10.41
CA ILE U 114 80.12 -31.21 -9.83
C ILE U 114 79.68 -32.38 -10.68
N ASP U 115 78.88 -33.26 -10.08
CA ASP U 115 78.38 -34.44 -10.75
C ASP U 115 76.94 -34.21 -11.23
N ARG U 116 76.40 -35.21 -11.91
CA ARG U 116 75.06 -35.09 -12.47
C ARG U 116 74.02 -34.94 -11.37
N HIS U 117 74.15 -35.70 -10.29
CA HIS U 117 73.13 -35.66 -9.24
C HIS U 117 73.15 -34.34 -8.49
N MET U 118 74.34 -33.88 -8.11
CA MET U 118 74.45 -32.58 -7.46
C MET U 118 73.99 -31.47 -8.40
N TYR U 119 74.32 -31.60 -9.68
CA TYR U 119 73.85 -30.63 -10.68
C TYR U 119 72.34 -30.59 -10.72
N HIS U 120 71.70 -31.76 -10.71
CA HIS U 120 70.25 -31.82 -10.80
C HIS U 120 69.60 -31.20 -9.57
N SER U 121 70.11 -31.54 -8.38
CA SER U 121 69.56 -31.00 -7.15
C SER U 121 69.72 -29.49 -7.09
N LEU U 122 70.90 -29.00 -7.49
CA LEU U 122 71.13 -27.56 -7.44
C LEU U 122 70.33 -26.81 -8.50
N TYR U 123 70.11 -27.43 -9.67
CA TYR U 123 69.20 -26.85 -10.65
C TYR U 123 67.80 -26.72 -10.08
N LEU U 124 67.35 -27.77 -9.38
CA LEU U 124 66.04 -27.68 -8.74
C LEU U 124 66.00 -26.57 -7.70
N LYS U 125 67.05 -26.42 -6.91
CA LYS U 125 67.02 -25.41 -5.86
C LYS U 125 67.10 -24.00 -6.43
N VAL U 126 67.91 -23.78 -7.46
CA VAL U 126 67.93 -22.46 -8.08
C VAL U 126 66.59 -22.17 -8.74
N LYS U 127 65.92 -23.20 -9.26
CA LYS U 127 64.56 -22.99 -9.75
C LYS U 127 63.62 -22.64 -8.62
N GLY U 128 63.95 -23.05 -7.40
CA GLY U 128 63.18 -22.68 -6.24
C GLY U 128 63.54 -21.36 -5.61
N ASN U 129 64.47 -20.61 -6.22
CA ASN U 129 64.90 -19.30 -5.72
C ASN U 129 65.48 -19.40 -4.31
N VAL U 130 66.60 -20.10 -4.22
CA VAL U 130 67.33 -20.22 -2.95
C VAL U 130 68.69 -19.55 -2.98
N PHE U 131 69.21 -19.21 -4.16
CA PHE U 131 70.43 -18.43 -4.29
C PHE U 131 70.12 -17.13 -5.01
N LYS U 132 70.69 -16.04 -4.53
CA LYS U 132 70.36 -14.72 -5.03
C LYS U 132 71.33 -14.22 -6.09
N ASN U 133 72.53 -14.78 -6.16
CA ASN U 133 73.52 -14.33 -7.13
C ASN U 133 74.61 -15.39 -7.26
N LYS U 134 75.59 -15.12 -8.12
CA LYS U 134 76.58 -16.11 -8.52
C LYS U 134 77.46 -16.54 -7.35
N ARG U 135 77.95 -15.57 -6.59
CA ARG U 135 78.97 -15.84 -5.58
C ARG U 135 78.42 -16.70 -4.45
N ILE U 136 77.18 -16.46 -4.02
CA ILE U 136 76.59 -17.24 -2.95
C ILE U 136 76.45 -18.70 -3.37
N LEU U 137 75.97 -18.92 -4.60
CA LEU U 137 75.89 -20.28 -5.12
C LEU U 137 77.25 -20.94 -5.20
N MET U 138 78.26 -20.18 -5.64
CA MET U 138 79.60 -20.74 -5.76
C MET U 138 80.13 -21.16 -4.39
N GLU U 139 79.94 -20.32 -3.37
CA GLU U 139 80.38 -20.66 -2.03
C GLU U 139 79.62 -21.86 -1.46
N HIS U 140 78.31 -21.92 -1.71
CA HIS U 140 77.53 -23.05 -1.23
C HIS U 140 77.98 -24.33 -1.90
N ILE U 141 78.32 -24.25 -3.19
CA ILE U 141 78.86 -25.40 -3.89
C ILE U 141 80.19 -25.83 -3.29
N HIS U 142 81.02 -24.85 -2.91
CA HIS U 142 82.26 -25.18 -2.23
C HIS U 142 82.00 -25.91 -0.93
N LYS U 143 81.01 -25.45 -0.16
CA LYS U 143 80.66 -26.09 1.09
C LYS U 143 80.22 -27.53 0.86
N LEU U 144 79.33 -27.73 -0.12
CA LEU U 144 78.86 -29.08 -0.41
C LEU U 144 79.99 -29.97 -0.88
N LYS U 145 80.89 -29.44 -1.70
CA LYS U 145 82.00 -30.24 -2.21
C LYS U 145 82.94 -30.64 -1.09
N ALA U 146 83.25 -29.71 -0.17
CA ALA U 146 84.12 -30.06 0.94
C ALA U 146 83.47 -31.11 1.83
N ASP U 147 82.17 -30.96 2.11
CA ASP U 147 81.49 -31.94 2.94
C ASP U 147 81.43 -33.30 2.26
N LYS U 148 81.18 -33.32 0.95
CA LYS U 148 81.16 -34.57 0.22
C LYS U 148 82.54 -35.22 0.21
N ALA U 149 83.59 -34.42 0.08
CA ALA U 149 84.95 -34.96 0.11
C ALA U 149 85.26 -35.57 1.48
N ARG U 150 84.87 -34.88 2.55
CA ARG U 150 85.07 -35.42 3.89
C ARG U 150 84.32 -36.74 4.06
N LYS U 151 83.06 -36.77 3.63
CA LYS U 151 82.26 -37.98 3.76
C LYS U 151 82.84 -39.11 2.93
N LYS U 152 83.35 -38.79 1.74
CA LYS U 152 83.97 -39.79 0.89
C LYS U 152 85.25 -40.32 1.53
N LEU U 153 86.01 -39.44 2.19
CA LEU U 153 87.20 -39.88 2.91
C LEU U 153 86.83 -40.89 3.99
N LEU U 154 85.86 -40.55 4.82
CA LEU U 154 85.46 -41.46 5.88
C LEU U 154 84.92 -42.77 5.30
N ALA U 155 84.12 -42.67 4.24
CA ALA U 155 83.54 -43.87 3.64
C ALA U 155 84.62 -44.79 3.06
N ASP U 156 85.60 -44.20 2.37
CA ASP U 156 86.61 -45.03 1.71
C ASP U 156 87.55 -45.67 2.73
N GLN U 157 87.88 -44.94 3.81
CA GLN U 157 88.73 -45.54 4.83
C GLN U 157 88.00 -46.63 5.61
N ALA U 158 86.71 -46.43 5.89
CA ALA U 158 85.93 -47.49 6.53
C ALA U 158 85.83 -48.70 5.62
N GLU U 159 85.62 -48.48 4.32
CA GLU U 159 85.58 -49.59 3.38
C GLU U 159 86.92 -50.29 3.29
N ALA U 160 88.02 -49.54 3.37
CA ALA U 160 89.33 -50.16 3.36
C ALA U 160 89.52 -51.07 4.56
N ARG U 161 89.09 -50.61 5.74
CA ARG U 161 89.20 -51.46 6.93
C ARG U 161 88.32 -52.70 6.80
N ARG U 162 87.09 -52.53 6.31
CA ARG U 162 86.22 -53.68 6.11
C ARG U 162 86.82 -54.66 5.10
N SER U 163 87.43 -54.14 4.04
CA SER U 163 88.04 -54.99 3.04
C SER U 163 89.23 -55.74 3.61
N LYS U 164 90.03 -55.07 4.44
CA LYS U 164 91.13 -55.75 5.12
C LYS U 164 90.60 -56.92 5.94
N THR U 165 89.56 -56.67 6.75
CA THR U 165 89.02 -57.73 7.58
C THR U 165 88.47 -58.87 6.74
N LYS U 166 87.76 -58.55 5.67
CA LYS U 166 87.17 -59.59 4.83
C LYS U 166 88.25 -60.40 4.12
N GLU U 167 89.30 -59.73 3.64
CA GLU U 167 90.37 -60.42 2.94
C GLU U 167 91.15 -61.32 3.89
N ALA U 168 91.41 -60.83 5.11
CA ALA U 168 92.07 -61.66 6.10
C ALA U 168 91.21 -62.86 6.49
N ARG U 169 89.91 -62.63 6.65
CA ARG U 169 89.00 -63.71 7.00
C ARG U 169 88.95 -64.78 5.92
N LYS U 170 88.80 -64.36 4.66
CA LYS U 170 88.57 -65.29 3.56
C LYS U 170 89.76 -66.19 3.29
N ARG U 171 90.92 -65.89 3.87
CA ARG U 171 92.11 -66.70 3.66
C ARG U 171 92.65 -67.32 4.93
N ARG U 172 92.36 -66.74 6.11
CA ARG U 172 92.76 -67.41 7.34
C ARG U 172 92.04 -68.74 7.47
N GLU U 173 90.76 -68.78 7.09
CA GLU U 173 90.06 -70.06 7.06
C GLU U 173 90.56 -70.94 5.92
N GLU U 174 91.12 -70.34 4.85
CA GLU U 174 91.72 -71.14 3.79
C GLU U 174 92.86 -71.98 4.33
N ARG U 175 93.82 -71.34 5.00
CA ARG U 175 94.88 -72.20 5.54
C ARG U 175 94.46 -72.95 6.80
N LEU U 176 93.36 -72.53 7.44
CA LEU U 176 92.78 -73.37 8.49
C LEU U 176 92.32 -74.70 7.93
N GLN U 177 91.51 -74.68 6.87
CA GLN U 177 91.04 -75.94 6.29
C GLN U 177 92.17 -76.67 5.59
N ALA U 178 93.19 -75.94 5.13
CA ALA U 178 94.37 -76.59 4.59
C ALA U 178 95.06 -77.44 5.66
N LYS U 179 95.19 -76.90 6.87
CA LYS U 179 95.76 -77.68 7.96
C LYS U 179 94.82 -78.81 8.40
N LYS U 180 93.52 -78.54 8.47
CA LYS U 180 92.60 -79.53 9.01
C LYS U 180 92.46 -80.74 8.07
N GLU U 181 92.35 -80.49 6.77
CA GLU U 181 92.19 -81.56 5.79
C GLU U 181 93.44 -81.81 4.96
N GLU U 182 94.64 -81.63 5.52
CA GLU U 182 95.83 -82.20 4.89
C GLU U 182 96.13 -83.59 5.42
N ILE U 183 95.44 -84.02 6.47
CA ILE U 183 95.58 -85.39 6.99
C ILE U 183 94.63 -86.34 6.29
N ILE U 184 93.41 -85.88 6.00
CA ILE U 184 92.44 -86.70 5.28
C ILE U 184 92.96 -87.06 3.90
N LYS U 185 93.67 -86.13 3.25
CA LYS U 185 94.18 -86.40 1.91
C LYS U 185 95.31 -87.42 1.89
N THR U 186 95.93 -87.71 3.04
CA THR U 186 97.02 -88.67 3.10
C THR U 186 96.76 -89.86 4.01
N LEU U 187 95.59 -89.93 4.64
CA LEU U 187 95.21 -91.04 5.51
C LEU U 187 96.21 -91.28 6.64
N LYS V 1 -45.42 72.27 -13.09
CA LYS V 1 -45.87 73.61 -12.79
C LYS V 1 -44.70 74.58 -12.68
N ALA V 2 -44.54 75.43 -13.68
CA ALA V 2 -43.44 76.40 -13.68
C ALA V 2 -43.74 77.57 -12.76
N SER V 3 -42.97 78.64 -12.90
CA SER V 3 -43.12 79.80 -12.02
C SER V 3 -42.84 81.04 -12.84
N GLY V 4 -42.63 82.16 -12.16
CA GLY V 4 -42.49 83.45 -12.80
C GLY V 4 -43.02 84.54 -11.89
N THR V 5 -43.95 85.33 -12.38
CA THR V 5 -44.71 86.26 -11.55
C THR V 5 -46.13 85.70 -11.42
N LEU V 6 -46.41 85.07 -10.28
CA LEU V 6 -47.68 84.40 -10.11
C LEU V 6 -48.83 85.40 -10.06
N ARG V 7 -50.00 84.95 -10.52
CA ARG V 7 -51.22 85.72 -10.44
C ARG V 7 -52.32 84.87 -9.83
N GLU V 8 -53.11 85.50 -8.96
CA GLU V 8 -54.22 84.82 -8.30
C GLU V 8 -55.36 84.62 -9.30
N TYR V 9 -56.04 83.48 -9.19
CA TYR V 9 -57.21 83.21 -10.01
C TYR V 9 -58.36 82.75 -9.13
N LYS V 10 -59.52 83.38 -9.32
CA LYS V 10 -60.76 82.94 -8.72
C LYS V 10 -61.44 81.98 -9.69
N VAL V 11 -61.40 80.69 -9.38
CA VAL V 11 -61.86 79.65 -10.29
C VAL V 11 -63.09 79.00 -9.68
N VAL V 12 -64.18 78.95 -10.45
CA VAL V 12 -65.43 78.35 -10.04
C VAL V 12 -65.81 77.27 -11.03
N GLY V 13 -66.15 76.09 -10.53
CA GLY V 13 -66.54 74.99 -11.37
C GLY V 13 -67.59 74.14 -10.69
N ARG V 14 -68.09 73.16 -11.45
CA ARG V 14 -69.11 72.23 -10.98
C ARG V 14 -69.09 71.01 -11.87
N CYS V 15 -69.69 69.93 -11.38
CA CYS V 15 -69.85 68.76 -12.22
C CYS V 15 -70.82 69.06 -13.35
N LEU V 16 -70.70 68.29 -14.42
CA LEU V 16 -71.69 68.38 -15.47
C LEU V 16 -73.03 67.85 -14.95
N PRO V 17 -74.13 68.51 -15.27
CA PRO V 17 -75.43 68.08 -14.73
C PRO V 17 -75.76 66.66 -15.14
N THR V 18 -76.32 65.92 -14.20
CA THR V 18 -76.59 64.50 -14.36
C THR V 18 -78.02 64.22 -13.96
N PRO V 19 -78.61 63.14 -14.46
CA PRO V 19 -79.96 62.74 -14.03
C PRO V 19 -79.97 62.10 -12.64
N LYS V 20 -79.21 62.68 -11.74
CA LYS V 20 -79.19 62.41 -10.30
C LYS V 20 -79.29 63.70 -9.50
N CYS V 21 -78.71 64.79 -10.00
CA CYS V 21 -78.90 66.12 -9.44
C CYS V 21 -78.73 67.12 -10.56
N HIS V 22 -79.80 67.83 -10.89
CA HIS V 22 -79.75 68.77 -12.01
C HIS V 22 -78.95 70.01 -11.66
N THR V 23 -78.83 70.34 -10.39
CA THR V 23 -78.11 71.53 -9.92
C THR V 23 -77.05 71.08 -8.94
N PRO V 24 -75.93 70.55 -9.42
CA PRO V 24 -74.83 70.24 -8.53
C PRO V 24 -74.25 71.51 -7.94
N PRO V 25 -73.68 71.45 -6.75
CA PRO V 25 -73.18 72.66 -6.10
C PRO V 25 -71.99 73.26 -6.86
N LEU V 26 -71.88 74.57 -6.76
CA LEU V 26 -70.78 75.31 -7.38
C LEU V 26 -69.66 75.45 -6.38
N TYR V 27 -68.43 75.37 -6.87
CA TYR V 27 -67.26 75.29 -6.01
C TYR V 27 -66.18 76.26 -6.45
N ARG V 28 -65.66 77.02 -5.49
CA ARG V 28 -64.75 78.13 -5.74
C ARG V 28 -63.45 77.90 -4.99
N MET V 29 -62.32 78.21 -5.64
CA MET V 29 -61.02 78.16 -5.00
C MET V 29 -60.17 79.34 -5.44
N ARG V 30 -59.04 79.50 -4.79
CA ARG V 30 -58.03 80.48 -5.16
C ARG V 30 -56.79 79.74 -5.63
N ILE V 31 -56.32 80.06 -6.83
CA ILE V 31 -55.16 79.41 -7.44
C ILE V 31 -54.17 80.48 -7.87
N PHE V 32 -52.89 80.25 -7.56
CA PHE V 32 -51.81 81.15 -7.95
C PHE V 32 -50.99 80.48 -9.05
N ALA V 33 -51.12 80.96 -10.27
CA ALA V 33 -50.45 80.36 -11.42
C ALA V 33 -49.92 81.47 -12.32
N PRO V 34 -48.88 81.18 -13.11
CA PRO V 34 -48.40 82.20 -14.07
C PRO V 34 -49.42 82.54 -15.13
N ASN V 35 -50.41 81.69 -15.35
CA ASN V 35 -51.43 81.95 -16.35
C ASN V 35 -52.72 81.25 -15.93
N HIS V 36 -53.79 81.49 -16.68
CA HIS V 36 -55.08 80.92 -16.33
C HIS V 36 -55.16 79.43 -16.65
N VAL V 37 -54.36 78.96 -17.61
CA VAL V 37 -54.42 77.56 -18.01
C VAL V 37 -53.91 76.66 -16.87
N VAL V 38 -52.74 77.00 -16.32
CA VAL V 38 -52.21 76.28 -15.18
C VAL V 38 -53.15 76.41 -13.99
N ALA V 39 -53.79 77.57 -13.84
CA ALA V 39 -54.78 77.74 -12.78
C ALA V 39 -55.92 76.75 -12.95
N LYS V 40 -56.40 76.57 -14.18
CA LYS V 40 -57.46 75.61 -14.41
C LYS V 40 -56.99 74.19 -14.09
N SER V 41 -55.78 73.85 -14.51
CA SER V 41 -55.28 72.50 -14.26
C SER V 41 -55.15 72.24 -12.77
N ARG V 42 -54.60 73.19 -12.03
CA ARG V 42 -54.46 73.01 -10.59
C ARG V 42 -55.81 73.01 -9.89
N PHE V 43 -56.78 73.79 -10.38
CA PHE V 43 -58.13 73.75 -9.82
C PHE V 43 -58.73 72.36 -9.97
N TRP V 44 -58.59 71.78 -11.16
CA TRP V 44 -59.07 70.42 -11.37
C TRP V 44 -58.35 69.45 -10.45
N TYR V 45 -57.04 69.62 -10.30
CA TYR V 45 -56.27 68.75 -9.43
C TYR V 45 -56.77 68.81 -8.00
N PHE V 46 -57.02 70.02 -7.50
CA PHE V 46 -57.43 70.18 -6.11
C PHE V 46 -58.85 69.67 -5.89
N VAL V 47 -59.77 69.95 -6.81
CA VAL V 47 -61.12 69.47 -6.62
C VAL V 47 -61.17 67.95 -6.75
N SER V 48 -60.25 67.36 -7.53
CA SER V 48 -60.17 65.91 -7.57
C SER V 48 -59.60 65.36 -6.27
N GLN V 49 -58.66 66.08 -5.65
CA GLN V 49 -58.14 65.63 -4.37
C GLN V 49 -59.20 65.69 -3.28
N LEU V 50 -59.96 66.78 -3.21
CA LEU V 50 -60.92 66.95 -2.13
C LEU V 50 -62.22 66.20 -2.41
N LYS V 51 -62.95 66.63 -3.42
CA LYS V 51 -64.18 65.95 -3.81
C LYS V 51 -63.87 64.92 -4.89
N LYS V 52 -64.90 64.22 -5.35
CA LYS V 52 -64.72 63.16 -6.34
C LYS V 52 -65.13 63.67 -7.72
N MET V 53 -64.30 64.56 -8.25
CA MET V 53 -64.57 65.23 -9.52
C MET V 53 -63.42 65.04 -10.49
N LYS V 54 -63.75 65.15 -11.78
CA LYS V 54 -62.77 65.10 -12.85
C LYS V 54 -63.02 66.22 -13.84
N LYS V 55 -61.97 66.60 -14.55
CA LYS V 55 -62.11 67.53 -15.66
C LYS V 55 -63.13 67.02 -16.67
N SER V 56 -63.04 65.74 -17.01
CA SER V 56 -64.03 65.15 -17.91
C SER V 56 -65.40 65.10 -17.26
N SER V 57 -65.44 64.86 -15.96
CA SER V 57 -66.71 64.76 -15.24
C SER V 57 -67.40 66.10 -15.08
N GLY V 58 -66.67 67.21 -15.14
CA GLY V 58 -67.24 68.50 -14.84
C GLY V 58 -66.82 69.61 -15.78
N GLU V 59 -66.99 70.86 -15.34
CA GLU V 59 -66.66 72.02 -16.14
C GLU V 59 -66.28 73.16 -15.22
N ILE V 60 -65.58 74.14 -15.77
CA ILE V 60 -65.18 75.35 -15.06
C ILE V 60 -66.04 76.48 -15.56
N VAL V 61 -66.82 77.09 -14.67
CA VAL V 61 -67.75 78.13 -15.10
C VAL V 61 -67.14 79.52 -15.06
N TYR V 62 -66.02 79.70 -14.36
CA TYR V 62 -65.40 81.01 -14.30
C TYR V 62 -63.93 80.88 -13.94
N CYS V 63 -63.11 81.74 -14.54
CA CYS V 63 -61.69 81.84 -14.20
C CYS V 63 -61.22 83.24 -14.55
N GLY V 64 -61.09 84.09 -13.54
CA GLY V 64 -60.58 85.43 -13.74
C GLY V 64 -59.46 85.72 -12.77
N GLN V 65 -58.56 86.60 -13.19
CA GLN V 65 -57.47 87.02 -12.32
C GLN V 65 -58.02 87.84 -11.15
N VAL V 66 -57.41 87.67 -9.98
CA VAL V 66 -57.80 88.38 -8.77
C VAL V 66 -56.85 89.54 -8.58
N PHE V 67 -57.31 90.75 -8.86
CA PHE V 67 -56.51 91.93 -8.62
C PHE V 67 -56.44 92.24 -7.13
N GLU V 68 -55.28 92.70 -6.69
CA GLU V 68 -55.13 93.12 -5.31
C GLU V 68 -55.94 94.39 -5.05
N LYS V 69 -56.71 94.39 -3.96
CA LYS V 69 -57.53 95.55 -3.63
C LYS V 69 -56.74 96.69 -3.01
N SER V 70 -55.56 96.41 -2.45
CA SER V 70 -54.70 97.46 -1.90
C SER V 70 -53.25 97.10 -2.20
N PRO V 71 -52.84 97.22 -3.46
CA PRO V 71 -51.44 96.95 -3.80
C PRO V 71 -50.49 98.05 -3.36
N LEU V 72 -51.01 99.18 -2.90
CA LEU V 72 -50.18 100.27 -2.44
C LEU V 72 -49.87 100.18 -0.95
N ARG V 73 -50.31 99.11 -0.29
CA ARG V 73 -50.14 98.95 1.15
C ARG V 73 -49.21 97.79 1.41
N VAL V 74 -48.16 98.02 2.21
CA VAL V 74 -47.36 96.91 2.70
C VAL V 74 -48.15 96.19 3.78
N LYS V 75 -48.20 94.87 3.69
CA LYS V 75 -49.03 94.11 4.61
C LYS V 75 -48.42 92.74 4.83
N ASN V 76 -48.88 92.09 5.90
CA ASN V 76 -48.30 90.85 6.38
C ASN V 76 -49.15 89.68 5.91
N PHE V 77 -48.53 88.73 5.22
CA PHE V 77 -49.23 87.57 4.70
C PHE V 77 -48.80 86.33 5.46
N GLY V 78 -49.76 85.67 6.11
CA GLY V 78 -49.52 84.40 6.76
C GLY V 78 -49.99 83.27 5.85
N ILE V 79 -49.10 82.31 5.64
CA ILE V 79 -49.32 81.26 4.64
C ILE V 79 -49.28 79.91 5.33
N TRP V 80 -50.31 79.11 5.10
CA TRP V 80 -50.32 77.71 5.47
C TRP V 80 -50.18 76.87 4.22
N LEU V 81 -49.36 75.82 4.30
CA LEU V 81 -49.09 74.99 3.14
C LEU V 81 -48.63 73.62 3.60
N ARG V 82 -48.47 72.73 2.64
CA ARG V 82 -47.89 71.42 2.86
C ARG V 82 -47.03 71.06 1.67
N TYR V 83 -45.99 70.27 1.92
CA TYR V 83 -45.06 69.91 0.87
C TYR V 83 -44.54 68.50 1.12
N ASP V 84 -44.09 67.87 0.04
CA ASP V 84 -43.43 66.58 0.11
C ASP V 84 -41.93 66.80 0.20
N SER V 85 -41.34 66.39 1.31
CA SER V 85 -39.89 66.48 1.48
C SER V 85 -39.24 65.33 0.73
N ARG V 86 -37.93 65.15 0.94
CA ARG V 86 -37.30 63.94 0.41
C ARG V 86 -37.74 62.70 1.17
N SER V 87 -38.24 62.85 2.39
CA SER V 87 -38.60 61.69 3.20
C SER V 87 -39.92 61.89 3.93
N GLY V 88 -40.88 62.57 3.31
CA GLY V 88 -42.19 62.67 3.90
C GLY V 88 -42.89 63.96 3.53
N THR V 89 -44.05 64.15 4.15
CA THR V 89 -44.88 65.33 3.97
C THR V 89 -45.01 66.03 5.31
N HIS V 90 -44.99 67.37 5.28
CA HIS V 90 -45.08 68.16 6.50
C HIS V 90 -45.91 69.40 6.24
N ASN V 91 -46.47 69.95 7.32
CA ASN V 91 -47.26 71.17 7.28
C ASN V 91 -46.45 72.32 7.83
N MET V 92 -46.43 73.43 7.09
CA MET V 92 -45.62 74.58 7.44
C MET V 92 -46.46 75.86 7.42
N TYR V 93 -46.09 76.79 8.29
CA TYR V 93 -46.68 78.12 8.33
C TYR V 93 -45.58 79.15 8.14
N ARG V 94 -45.70 79.96 7.10
CA ARG V 94 -44.70 80.97 6.78
C ARG V 94 -45.34 82.34 6.72
N GLU V 95 -44.52 83.37 6.93
CA GLU V 95 -44.97 84.75 6.98
C GLU V 95 -44.14 85.60 6.03
N TYR V 96 -44.80 86.53 5.35
CA TYR V 96 -44.12 87.40 4.40
C TYR V 96 -44.77 88.78 4.41
N ARG V 97 -43.99 89.76 3.97
CA ARG V 97 -44.43 91.14 3.85
C ARG V 97 -44.33 91.56 2.40
N ASP V 98 -45.48 91.86 1.79
CA ASP V 98 -45.49 92.20 0.37
C ASP V 98 -46.75 92.98 0.06
N LEU V 99 -46.74 93.63 -1.11
CA LEU V 99 -47.88 94.44 -1.52
C LEU V 99 -49.04 93.58 -2.00
N THR V 100 -48.75 92.50 -2.72
CA THR V 100 -49.80 91.68 -3.31
C THR V 100 -49.79 90.29 -2.70
N THR V 101 -50.96 89.68 -2.67
CA THR V 101 -51.06 88.29 -2.24
C THR V 101 -50.28 87.38 -3.18
N ALA V 102 -50.41 87.61 -4.48
CA ALA V 102 -49.70 86.79 -5.46
C ALA V 102 -48.20 86.93 -5.33
N GLY V 103 -47.72 88.15 -5.10
CA GLY V 103 -46.29 88.34 -4.88
C GLY V 103 -45.81 87.63 -3.64
N ALA V 104 -46.64 87.63 -2.58
CA ALA V 104 -46.29 86.89 -1.38
C ALA V 104 -46.21 85.40 -1.65
N VAL V 105 -47.14 84.87 -2.44
CA VAL V 105 -47.11 83.45 -2.77
C VAL V 105 -45.86 83.12 -3.58
N THR V 106 -45.51 83.99 -4.52
CA THR V 106 -44.28 83.79 -5.30
C THR V 106 -43.06 83.80 -4.39
N GLN V 107 -43.02 84.75 -3.46
CA GLN V 107 -41.91 84.82 -2.53
C GLN V 107 -41.83 83.56 -1.68
N CYS V 108 -43.00 83.04 -1.28
CA CYS V 108 -43.03 81.79 -0.54
C CYS V 108 -42.49 80.64 -1.38
N TYR V 109 -42.85 80.60 -2.66
CA TYR V 109 -42.32 79.55 -3.53
C TYR V 109 -40.81 79.62 -3.63
N ARG V 110 -40.27 80.82 -3.85
CA ARG V 110 -38.82 80.96 -3.96
C ARG V 110 -38.15 80.58 -2.64
N ASP V 111 -38.74 80.99 -1.52
CA ASP V 111 -38.16 80.68 -0.22
C ASP V 111 -38.16 79.18 0.06
N MET V 112 -39.27 78.50 -0.24
CA MET V 112 -39.33 77.07 0.00
C MET V 112 -38.38 76.32 -0.91
N GLY V 113 -38.27 76.75 -2.17
CA GLY V 113 -37.31 76.12 -3.07
C GLY V 113 -35.88 76.32 -2.61
N ALA V 114 -35.57 77.49 -2.04
CA ALA V 114 -34.20 77.73 -1.59
C ALA V 114 -33.89 76.98 -0.31
N ARG V 115 -34.80 77.01 0.65
CA ARG V 115 -34.49 76.51 1.98
C ARG V 115 -34.80 75.03 2.15
N HIS V 116 -35.57 74.43 1.25
CA HIS V 116 -35.97 73.04 1.40
C HIS V 116 -35.91 72.27 0.10
N ARG V 117 -35.39 72.89 -0.97
CA ARG V 117 -35.30 72.26 -2.29
C ARG V 117 -36.66 71.75 -2.76
N ALA V 118 -37.71 72.45 -2.39
CA ALA V 118 -39.06 72.00 -2.64
C ALA V 118 -39.52 72.48 -4.02
N ARG V 119 -39.67 71.54 -4.94
CA ARG V 119 -40.12 71.88 -6.27
C ARG V 119 -41.59 72.26 -6.25
N ALA V 120 -42.00 73.02 -7.27
CA ALA V 120 -43.34 73.58 -7.29
C ALA V 120 -44.43 72.52 -7.38
N HIS V 121 -44.16 71.37 -8.00
CA HIS V 121 -45.19 70.36 -8.06
C HIS V 121 -45.38 69.68 -6.71
N SER V 122 -44.44 69.85 -5.79
CA SER V 122 -44.49 69.17 -4.51
C SER V 122 -45.19 70.01 -3.43
N ILE V 123 -45.56 71.24 -3.70
CA ILE V 123 -46.06 72.17 -2.69
C ILE V 123 -47.54 72.40 -2.92
N GLN V 124 -48.34 72.23 -1.86
CA GLN V 124 -49.77 72.53 -1.90
C GLN V 124 -50.04 73.68 -0.95
N ILE V 125 -50.50 74.80 -1.51
CA ILE V 125 -50.81 76.00 -0.73
C ILE V 125 -52.26 75.93 -0.29
N MET V 126 -52.49 75.87 1.01
CA MET V 126 -53.85 75.66 1.51
C MET V 126 -54.49 76.90 2.11
N LYS V 127 -53.71 77.86 2.58
CA LYS V 127 -54.30 79.05 3.18
C LYS V 127 -53.31 80.20 3.15
N VAL V 128 -53.71 81.29 2.53
CA VAL V 128 -52.97 82.55 2.57
C VAL V 128 -53.92 83.62 3.07
N GLU V 129 -53.47 84.37 4.09
CA GLU V 129 -54.33 85.37 4.69
C GLU V 129 -53.47 86.56 5.12
N GLU V 130 -53.99 87.76 4.92
CA GLU V 130 -53.37 88.93 5.51
C GLU V 130 -53.51 88.83 7.02
N ILE V 131 -52.42 89.10 7.73
CA ILE V 131 -52.42 88.91 9.18
C ILE V 131 -52.04 90.21 9.86
N ALA V 132 -52.52 90.37 11.09
CA ALA V 132 -52.15 91.51 11.88
C ALA V 132 -50.69 91.42 12.30
N ALA V 133 -50.06 92.59 12.43
CA ALA V 133 -48.65 92.65 12.85
C ALA V 133 -48.45 92.12 14.26
N SER V 134 -49.39 92.37 15.17
CA SER V 134 -49.32 91.83 16.51
C SER V 134 -49.43 90.31 16.53
N LYS V 135 -50.01 89.72 15.49
CA LYS V 135 -50.16 88.28 15.40
C LYS V 135 -48.99 87.62 14.70
N CYS V 136 -48.05 88.40 14.20
CA CYS V 136 -46.90 87.83 13.48
C CYS V 136 -45.99 87.09 14.45
N ARG V 137 -45.31 86.06 13.93
CA ARG V 137 -44.48 85.20 14.75
C ARG V 137 -43.03 85.11 14.30
N ARG V 138 -42.75 85.22 13.00
CA ARG V 138 -41.39 85.07 12.53
C ARG V 138 -40.58 86.29 12.89
N PRO V 139 -39.47 86.13 13.60
CA PRO V 139 -38.70 87.30 14.06
C PRO V 139 -38.19 88.17 12.92
N ALA V 140 -37.85 87.56 11.78
CA ALA V 140 -37.40 88.33 10.64
C ALA V 140 -38.49 89.24 10.09
N VAL V 141 -39.76 88.88 10.25
CA VAL V 141 -40.85 89.74 9.85
C VAL V 141 -41.15 90.77 10.93
N LYS V 142 -41.12 90.36 12.20
CA LYS V 142 -41.49 91.25 13.29
C LYS V 142 -40.54 92.43 13.42
N GLN V 143 -39.26 92.24 13.08
CA GLN V 143 -38.28 93.31 13.21
C GLN V 143 -38.56 94.50 12.31
N PHE V 144 -39.37 94.32 11.27
CA PHE V 144 -39.76 95.42 10.40
C PHE V 144 -41.04 96.11 10.86
N HIS V 145 -41.55 95.76 12.04
CA HIS V 145 -42.72 96.44 12.60
C HIS V 145 -42.25 97.63 13.44
N ASP V 146 -41.67 98.60 12.75
CA ASP V 146 -41.06 99.75 13.39
C ASP V 146 -41.64 101.03 12.80
N SER V 147 -42.29 101.84 13.64
CA SER V 147 -42.73 103.14 13.21
C SER V 147 -41.57 104.09 12.98
N LYS V 148 -40.41 103.83 13.58
CA LYS V 148 -39.22 104.65 13.40
C LYS V 148 -38.06 103.81 12.88
N ILE V 149 -38.32 103.00 11.86
CA ILE V 149 -37.27 102.16 11.29
C ILE V 149 -36.20 103.03 10.65
N LYS V 150 -34.94 102.59 10.77
CA LYS V 150 -33.80 103.36 10.28
C LYS V 150 -32.61 102.42 10.14
N PHE V 151 -31.90 102.51 9.03
CA PHE V 151 -30.65 101.78 8.86
C PHE V 151 -29.90 102.35 7.68
N PRO V 152 -28.58 102.25 7.69
CA PRO V 152 -27.82 102.58 6.48
C PRO V 152 -27.70 101.38 5.56
N LEU V 153 -26.99 101.55 4.44
CA LEU V 153 -26.60 100.45 3.57
C LEU V 153 -25.10 100.32 3.66
N PRO V 154 -24.58 99.41 4.48
CA PRO V 154 -23.17 99.48 4.88
C PRO V 154 -22.18 99.30 3.74
N HIS V 155 -22.29 98.19 3.01
CA HIS V 155 -21.28 97.81 2.04
C HIS V 155 -21.96 97.63 0.68
N ARG V 156 -22.01 98.71 -0.08
CA ARG V 156 -22.63 98.72 -1.40
C ARG V 156 -21.60 98.25 -2.44
N VAL V 157 -21.91 97.15 -3.12
CA VAL V 157 -20.98 96.60 -4.10
C VAL V 157 -21.31 97.18 -5.48
N LEU V 158 -20.28 97.60 -6.21
CA LEU V 158 -20.46 98.11 -7.56
C LEU V 158 -21.00 97.03 -8.49
N ARG V 159 -22.00 97.41 -9.29
CA ARG V 159 -22.57 96.52 -10.29
C ARG V 159 -22.11 96.86 -11.70
N ARG V 160 -21.47 98.00 -11.91
CA ARG V 160 -21.09 98.45 -13.24
C ARG V 160 -19.68 97.94 -13.58
N GLN V 161 -19.48 96.64 -13.33
CA GLN V 161 -18.16 96.04 -13.32
C GLN V 161 -17.53 95.92 -14.69
N HIS V 162 -18.28 96.19 -15.76
CA HIS V 162 -17.75 96.13 -17.11
C HIS V 162 -17.95 97.42 -17.87
N LYS V 163 -18.58 98.41 -17.26
CA LYS V 163 -18.78 99.73 -17.87
C LYS V 163 -18.33 100.76 -16.85
N PRO V 164 -17.03 101.04 -16.77
CA PRO V 164 -15.92 100.57 -17.61
C PRO V 164 -15.37 99.20 -17.22
N ARG V 165 -14.59 98.59 -18.11
CA ARG V 165 -13.91 97.35 -17.77
C ARG V 165 -12.52 97.59 -17.21
N PHE V 166 -11.90 98.73 -17.54
CA PHE V 166 -10.61 99.13 -16.98
C PHE V 166 -10.67 100.58 -16.54
N THR V 167 -9.89 100.94 -15.53
CA THR V 167 -9.97 102.27 -14.96
C THR V 167 -8.68 102.61 -14.22
N THR V 168 -8.57 103.89 -13.87
CA THR V 168 -7.48 104.37 -13.02
C THR V 168 -7.86 104.45 -11.56
N LYS V 169 -9.11 104.73 -11.25
CA LYS V 169 -9.57 104.89 -9.87
C LYS V 169 -10.20 103.60 -9.38
N ARG V 170 -9.83 103.19 -8.17
CA ARG V 170 -10.47 102.01 -7.60
C ARG V 170 -11.84 102.39 -7.04
N PRO V 171 -12.82 101.51 -7.13
CA PRO V 171 -14.16 101.84 -6.65
C PRO V 171 -14.20 102.01 -5.13
N ASN V 172 -15.07 102.92 -4.70
CA ASN V 172 -15.29 103.20 -3.29
C ASN V 172 -16.67 102.69 -2.90
N THR V 173 -16.73 101.92 -1.80
CA THR V 173 -17.98 101.29 -1.38
C THR V 173 -18.73 102.09 -0.33
N PHE V 174 -18.27 103.29 0.01
CA PHE V 174 -18.85 104.08 1.08
C PHE V 174 -19.74 105.17 0.49
N PHE V 175 -20.99 105.23 0.93
CA PHE V 175 -21.94 106.22 0.42
C PHE V 175 -22.96 106.61 1.47
N THR W 1 -40.98 26.17 -25.13
CA THR W 1 -40.69 25.20 -24.08
C THR W 1 -41.98 24.75 -23.40
N ASN W 2 -43.07 25.46 -23.66
CA ASN W 2 -44.38 25.13 -23.13
C ASN W 2 -44.94 23.91 -23.84
N THR W 3 -45.84 23.21 -23.17
CA THR W 3 -46.52 22.09 -23.82
C THR W 3 -47.51 22.61 -24.84
N LYS W 4 -47.73 21.80 -25.88
CA LYS W 4 -48.67 22.13 -26.95
C LYS W 4 -50.05 21.55 -26.69
N GLY W 5 -50.40 21.36 -25.42
CA GLY W 5 -51.71 20.83 -25.10
C GLY W 5 -52.83 21.74 -25.55
N LYS W 6 -53.93 21.13 -25.99
CA LYS W 6 -55.03 21.91 -26.54
C LYS W 6 -55.72 22.75 -25.48
N ARG W 7 -55.61 22.39 -24.21
CA ARG W 7 -56.31 23.10 -23.15
C ARG W 7 -55.36 23.63 -22.08
N ARG W 8 -54.09 23.84 -22.44
CA ARG W 8 -53.13 24.37 -21.50
C ARG W 8 -53.46 25.83 -21.18
N GLY W 9 -53.47 26.16 -19.89
CA GLY W 9 -53.75 27.51 -19.48
C GLY W 9 -55.20 27.90 -19.47
N THR W 10 -56.12 26.97 -19.69
CA THR W 10 -57.54 27.25 -19.66
C THR W 10 -58.13 27.00 -18.27
N ARG W 11 -57.33 27.18 -17.22
CA ARG W 11 -57.78 26.84 -15.88
C ARG W 11 -58.94 27.72 -15.43
N TYR W 12 -58.90 29.00 -15.78
CA TYR W 12 -60.02 29.88 -15.47
C TYR W 12 -60.83 30.28 -16.69
N MET W 13 -60.27 30.14 -17.89
CA MET W 13 -61.03 30.49 -19.09
C MET W 13 -62.26 29.62 -19.25
N PHE W 14 -62.11 28.31 -19.02
CA PHE W 14 -63.20 27.37 -19.17
C PHE W 14 -63.93 27.09 -17.87
N SER W 15 -63.45 27.62 -16.75
CA SER W 15 -64.08 27.33 -15.48
C SER W 15 -65.42 28.05 -15.38
N ARG W 16 -66.32 27.46 -14.62
CA ARG W 16 -67.64 28.05 -14.44
C ARG W 16 -67.56 29.32 -13.61
N PRO W 17 -68.47 30.25 -13.83
CA PRO W 17 -68.57 31.41 -12.93
C PRO W 17 -69.01 30.96 -11.55
N PHE W 18 -68.71 31.81 -10.56
CA PHE W 18 -68.98 31.46 -9.17
C PHE W 18 -70.47 31.24 -8.94
N ARG W 19 -70.78 30.17 -8.21
CA ARG W 19 -72.16 29.76 -7.92
C ARG W 19 -72.98 29.61 -9.20
N LYS W 20 -72.38 29.02 -10.22
CA LYS W 20 -73.07 28.84 -11.48
C LYS W 20 -72.76 27.48 -12.07
N HIS W 21 -72.41 26.52 -11.21
CA HIS W 21 -72.14 25.17 -11.66
C HIS W 21 -73.45 24.38 -11.74
N GLY W 22 -73.37 23.22 -12.37
CA GLY W 22 -74.54 22.37 -12.47
C GLY W 22 -75.10 22.25 -13.88
N VAL W 23 -76.39 21.97 -13.98
CA VAL W 23 -77.00 21.70 -15.27
C VAL W 23 -77.14 22.99 -16.07
N VAL W 24 -76.82 22.92 -17.35
CA VAL W 24 -76.91 24.08 -18.23
C VAL W 24 -78.37 24.49 -18.38
N PRO W 25 -78.71 25.74 -18.14
CA PRO W 25 -80.08 26.21 -18.40
C PRO W 25 -80.46 26.02 -19.85
N LEU W 26 -81.72 25.63 -20.06
CA LEU W 26 -82.16 25.18 -21.38
C LEU W 26 -82.47 26.32 -22.35
N ALA W 27 -82.55 27.56 -21.87
CA ALA W 27 -82.86 28.67 -22.77
C ALA W 27 -81.77 28.86 -23.81
N THR W 28 -80.54 28.48 -23.48
CA THR W 28 -79.45 28.55 -24.44
C THR W 28 -79.72 27.63 -25.63
N TYR W 29 -80.21 26.42 -25.36
CA TYR W 29 -80.49 25.48 -26.45
C TYR W 29 -81.63 25.99 -27.33
N MET W 30 -82.54 26.78 -26.77
CA MET W 30 -83.73 27.20 -27.49
C MET W 30 -83.44 28.27 -28.53
N ARG W 31 -82.24 28.83 -28.53
CA ARG W 31 -81.92 29.92 -29.44
C ARG W 31 -81.88 29.43 -30.88
N ILE W 32 -82.35 30.27 -31.79
CA ILE W 32 -82.36 29.97 -33.22
C ILE W 32 -81.19 30.68 -33.86
N TYR W 33 -80.36 29.91 -34.57
CA TYR W 33 -79.19 30.45 -35.27
C TYR W 33 -79.33 30.12 -36.74
N LYS W 34 -79.35 31.15 -37.58
CA LYS W 34 -79.45 30.97 -39.02
C LYS W 34 -78.08 31.11 -39.67
N LYS W 35 -78.07 30.98 -40.99
CA LYS W 35 -76.86 31.21 -41.75
C LYS W 35 -76.67 32.70 -41.97
N GLY W 36 -75.46 33.18 -41.74
CA GLY W 36 -75.13 34.57 -41.94
C GLY W 36 -75.29 35.44 -40.73
N ASP W 37 -75.97 34.96 -39.69
CA ASP W 37 -76.09 35.71 -38.46
C ASP W 37 -74.76 35.74 -37.71
N ILE W 38 -74.65 36.65 -36.76
CA ILE W 38 -73.40 36.90 -36.05
C ILE W 38 -73.53 36.37 -34.63
N VAL W 39 -72.53 35.60 -34.21
CA VAL W 39 -72.52 34.99 -32.88
C VAL W 39 -71.15 35.19 -32.25
N ASP W 40 -71.10 35.01 -30.94
CA ASP W 40 -69.87 35.14 -30.17
C ASP W 40 -69.48 33.77 -29.62
N ILE W 41 -68.19 33.60 -29.36
CA ILE W 41 -67.68 32.33 -28.86
C ILE W 41 -67.17 32.53 -27.44
N LYS W 42 -67.73 31.77 -26.50
CA LYS W 42 -67.32 31.84 -25.11
C LYS W 42 -66.69 30.54 -24.64
N GLY W 43 -67.37 29.41 -24.79
CA GLY W 43 -66.75 28.13 -24.49
C GLY W 43 -66.85 27.66 -23.05
N MET W 44 -68.07 27.50 -22.56
CA MET W 44 -68.28 26.96 -21.22
C MET W 44 -67.70 25.56 -21.12
N GLY W 45 -67.15 25.25 -19.95
CA GLY W 45 -66.47 23.99 -19.75
C GLY W 45 -67.39 22.89 -19.27
N THR W 46 -68.69 23.21 -19.14
CA THR W 46 -69.64 22.20 -18.69
C THR W 46 -69.75 21.06 -19.68
N VAL W 47 -70.00 21.39 -20.95
CA VAL W 47 -70.13 20.38 -21.99
C VAL W 47 -68.76 20.19 -22.62
N GLN W 48 -68.25 18.97 -22.56
CA GLN W 48 -66.94 18.65 -23.10
C GLN W 48 -66.97 18.35 -24.59
N LYS W 49 -68.15 18.38 -25.21
CA LYS W 49 -68.30 18.02 -26.60
C LYS W 49 -68.53 19.27 -27.45
N GLY W 50 -67.82 19.35 -28.56
CA GLY W 50 -67.94 20.51 -29.41
C GLY W 50 -67.34 21.78 -28.83
N MET W 51 -66.40 21.64 -27.91
CA MET W 51 -65.75 22.80 -27.34
C MET W 51 -64.91 23.51 -28.39
N PRO W 52 -64.94 24.83 -28.44
CA PRO W 52 -64.00 25.57 -29.28
C PRO W 52 -62.59 25.54 -28.69
N HIS W 53 -61.60 25.70 -29.57
CA HIS W 53 -60.24 25.84 -29.11
C HIS W 53 -60.09 27.16 -28.33
N LYS W 54 -59.10 27.18 -27.44
CA LYS W 54 -58.97 28.31 -26.52
C LYS W 54 -58.68 29.62 -27.23
N CYS W 55 -58.03 29.57 -28.39
CA CYS W 55 -57.73 30.79 -29.12
C CYS W 55 -58.98 31.46 -29.68
N TYR W 56 -60.09 30.74 -29.79
CA TYR W 56 -61.33 31.31 -30.32
C TYR W 56 -62.26 31.84 -29.23
N HIS W 57 -61.92 31.64 -27.97
CA HIS W 57 -62.68 32.22 -26.88
C HIS W 57 -62.69 33.73 -27.00
N GLY W 58 -63.86 34.33 -26.86
CA GLY W 58 -64.00 35.77 -26.95
C GLY W 58 -63.97 36.31 -28.35
N LYS W 59 -63.94 35.46 -29.36
CA LYS W 59 -63.95 35.93 -30.73
C LYS W 59 -65.37 35.97 -31.28
N THR W 60 -65.53 36.62 -32.42
CA THR W 60 -66.83 36.83 -33.02
C THR W 60 -66.76 36.48 -34.51
N GLY W 61 -67.74 35.71 -34.97
CA GLY W 61 -67.78 35.27 -36.35
C GLY W 61 -69.21 35.13 -36.84
N ARG W 62 -69.33 34.59 -38.06
CA ARG W 62 -70.60 34.45 -38.73
C ARG W 62 -70.86 32.98 -39.02
N VAL W 63 -72.09 32.54 -38.76
CA VAL W 63 -72.47 31.15 -38.98
C VAL W 63 -72.60 30.90 -40.48
N TYR W 64 -72.00 29.80 -40.95
CA TYR W 64 -72.13 29.40 -42.34
C TYR W 64 -72.68 28.00 -42.53
N ASN W 65 -72.87 27.22 -41.46
CA ASN W 65 -73.44 25.90 -41.57
C ASN W 65 -74.17 25.57 -40.28
N VAL W 66 -75.23 24.78 -40.38
CA VAL W 66 -76.03 24.35 -39.23
C VAL W 66 -76.18 22.84 -39.26
N THR W 67 -76.04 22.21 -38.10
CA THR W 67 -76.30 20.78 -37.93
C THR W 67 -77.42 20.61 -36.90
N GLN W 68 -77.61 19.36 -36.47
CA GLN W 68 -78.58 19.09 -35.41
C GLN W 68 -78.18 19.77 -34.10
N HIS W 69 -76.88 19.81 -33.80
CA HIS W 69 -76.42 20.27 -32.50
C HIS W 69 -75.35 21.35 -32.56
N ALA W 70 -74.65 21.51 -33.68
CA ALA W 70 -73.56 22.46 -33.78
C ALA W 70 -73.72 23.29 -35.04
N VAL W 71 -72.92 24.34 -35.15
CA VAL W 71 -72.96 25.22 -36.32
C VAL W 71 -71.54 25.45 -36.82
N GLY W 72 -71.44 25.80 -38.10
CA GLY W 72 -70.18 26.16 -38.71
C GLY W 72 -70.05 27.67 -38.74
N ILE W 73 -68.98 28.17 -38.12
CA ILE W 73 -68.75 29.60 -37.97
C ILE W 73 -67.45 29.95 -38.68
N VAL W 74 -67.49 31.03 -39.46
CA VAL W 74 -66.28 31.62 -40.02
C VAL W 74 -65.78 32.64 -39.00
N VAL W 75 -64.56 32.46 -38.51
CA VAL W 75 -63.96 33.36 -37.54
C VAL W 75 -62.57 33.76 -38.02
N ASN W 76 -62.22 35.03 -37.83
CA ASN W 76 -60.89 35.51 -38.18
C ASN W 76 -59.90 35.19 -37.08
N LYS W 77 -58.71 34.75 -37.49
CA LYS W 77 -57.64 34.42 -36.57
C LYS W 77 -56.35 35.04 -37.09
N GLN W 78 -55.68 35.81 -36.25
CA GLN W 78 -54.44 36.48 -36.64
C GLN W 78 -53.27 35.55 -36.36
N VAL W 79 -52.52 35.22 -37.41
CA VAL W 79 -51.37 34.35 -37.30
C VAL W 79 -50.18 35.09 -37.88
N LYS W 80 -49.25 35.48 -37.00
CA LYS W 80 -48.02 36.19 -37.37
C LYS W 80 -48.42 37.46 -38.11
N GLY W 81 -48.07 37.64 -39.38
CA GLY W 81 -48.40 38.87 -40.07
C GLY W 81 -49.59 38.78 -40.98
N LYS W 82 -50.45 37.79 -40.75
CA LYS W 82 -51.61 37.57 -41.61
C LYS W 82 -52.77 37.07 -40.77
N ILE W 83 -53.97 37.35 -41.27
CA ILE W 83 -55.22 36.92 -40.63
C ILE W 83 -55.97 36.05 -41.62
N LEU W 84 -56.35 34.86 -41.20
CA LEU W 84 -57.08 33.93 -42.04
C LEU W 84 -58.42 33.61 -41.40
N ALA W 85 -59.42 33.38 -42.23
CA ALA W 85 -60.78 33.14 -41.78
C ALA W 85 -60.96 31.65 -41.55
N LYS W 86 -60.91 31.25 -40.28
CA LYS W 86 -61.05 29.85 -39.92
C LYS W 86 -62.52 29.44 -39.88
N ARG W 87 -62.78 28.19 -40.24
CA ARG W 87 -64.11 27.60 -40.21
C ARG W 87 -64.15 26.59 -39.08
N ILE W 88 -65.05 26.79 -38.12
CA ILE W 88 -65.05 26.01 -36.89
C ILE W 88 -66.43 25.41 -36.64
N ASN W 89 -66.45 24.20 -36.11
CA ASN W 89 -67.66 23.55 -35.64
C ASN W 89 -67.71 23.63 -34.12
N VAL W 90 -68.76 24.24 -33.59
CA VAL W 90 -68.95 24.40 -32.16
C VAL W 90 -70.39 24.08 -31.83
N ARG W 91 -70.59 23.23 -30.82
CA ARG W 91 -71.95 22.95 -30.38
C ARG W 91 -72.53 24.18 -29.70
N ILE W 92 -73.85 24.33 -29.83
CA ILE W 92 -74.52 25.59 -29.54
C ILE W 92 -74.35 26.07 -28.11
N GLU W 93 -73.81 25.23 -27.23
CA GLU W 93 -73.64 25.63 -25.83
C GLU W 93 -72.67 26.79 -25.69
N HIS W 94 -71.61 26.81 -26.49
CA HIS W 94 -70.51 27.75 -26.31
C HIS W 94 -70.74 29.07 -27.02
N ILE W 95 -71.91 29.27 -27.63
CA ILE W 95 -72.14 30.43 -28.47
C ILE W 95 -73.44 31.12 -28.05
N LYS W 96 -73.56 32.38 -28.45
CA LYS W 96 -74.79 33.14 -28.27
C LYS W 96 -74.82 34.23 -29.34
N HIS W 97 -76.01 34.78 -29.57
CA HIS W 97 -76.18 35.78 -30.60
C HIS W 97 -75.41 37.06 -30.26
N SER W 98 -74.95 37.74 -31.30
CA SER W 98 -74.22 38.98 -31.18
C SER W 98 -75.21 40.12 -31.02
N LYS W 99 -75.22 40.74 -29.84
CA LYS W 99 -76.11 41.85 -29.57
C LYS W 99 -75.80 43.06 -30.45
N SER W 100 -74.54 43.25 -30.82
CA SER W 100 -74.17 44.42 -31.63
C SER W 100 -74.83 44.36 -33.00
N ARG W 101 -74.87 43.18 -33.62
CA ARG W 101 -75.56 43.03 -34.88
C ARG W 101 -77.04 43.38 -34.73
N ASP W 102 -77.67 42.92 -33.65
CA ASP W 102 -79.09 43.20 -33.44
C ASP W 102 -79.33 44.69 -33.27
N SER W 103 -78.45 45.37 -32.54
CA SER W 103 -78.54 46.82 -32.42
C SER W 103 -78.41 47.50 -33.76
N PHE W 104 -77.49 47.00 -34.60
CA PHE W 104 -77.33 47.58 -35.93
C PHE W 104 -78.59 47.41 -36.77
N LEU W 105 -79.18 46.21 -36.76
CA LEU W 105 -80.39 45.99 -37.55
C LEU W 105 -81.54 46.83 -37.04
N LYS W 106 -81.65 46.99 -35.71
CA LYS W 106 -82.67 47.86 -35.16
C LYS W 106 -82.47 49.29 -35.63
N ARG W 107 -81.22 49.76 -35.64
CA ARG W 107 -80.96 51.11 -36.15
C ARG W 107 -81.33 51.22 -37.63
N VAL W 108 -81.06 50.17 -38.40
CA VAL W 108 -81.40 50.20 -39.82
C VAL W 108 -82.91 50.32 -40.02
N LYS W 109 -83.67 49.52 -39.29
CA LYS W 109 -85.13 49.60 -39.41
C LYS W 109 -85.62 50.97 -38.96
N GLU W 110 -85.06 51.48 -37.86
CA GLU W 110 -85.46 52.77 -37.36
C GLU W 110 -85.15 53.87 -38.37
N ASN W 111 -84.00 53.76 -39.04
CA ASN W 111 -83.66 54.68 -40.11
C ASN W 111 -84.65 54.58 -41.26
N ASP W 112 -85.05 53.36 -41.61
CA ASP W 112 -86.00 53.19 -42.69
C ASP W 112 -87.34 53.85 -42.35
N GLN W 113 -87.79 53.65 -41.12
CA GLN W 113 -89.02 54.28 -40.66
C GLN W 113 -88.87 55.79 -40.67
N LYS W 114 -87.72 56.29 -40.24
CA LYS W 114 -87.47 57.73 -40.27
C LYS W 114 -87.55 58.28 -41.67
N LYS W 115 -86.90 57.61 -42.63
CA LYS W 115 -86.89 58.11 -44.00
C LYS W 115 -88.28 58.10 -44.61
N LYS W 116 -89.00 57.00 -44.43
CA LYS W 116 -90.35 56.92 -44.99
C LYS W 116 -91.25 57.98 -44.37
N GLU W 117 -91.19 58.13 -43.04
CA GLU W 117 -91.99 59.13 -42.35
C GLU W 117 -91.65 60.54 -42.82
N ALA W 118 -90.35 60.83 -42.95
CA ALA W 118 -89.92 62.18 -43.28
C ALA W 118 -90.25 62.54 -44.72
N LYS W 119 -90.07 61.61 -45.66
CA LYS W 119 -90.49 61.86 -47.03
C LYS W 119 -92.00 62.00 -47.12
N GLU W 120 -92.73 61.27 -46.27
CA GLU W 120 -94.18 61.47 -46.17
C GLU W 120 -94.52 62.87 -45.72
N LYS W 121 -93.82 63.39 -44.72
CA LYS W 121 -94.05 64.73 -44.21
C LYS W 121 -93.03 65.74 -44.73
N GLY W 122 -92.21 65.37 -45.71
CA GLY W 122 -91.39 66.36 -46.41
C GLY W 122 -90.16 66.87 -45.69
N THR W 123 -90.27 67.10 -44.38
CA THR W 123 -89.21 67.76 -43.64
C THR W 123 -87.98 66.86 -43.53
N TRP W 124 -86.82 67.42 -43.82
CA TRP W 124 -85.56 66.68 -43.75
C TRP W 124 -85.22 66.32 -42.31
N VAL W 125 -84.62 65.16 -42.13
CA VAL W 125 -84.15 64.72 -40.82
C VAL W 125 -82.76 64.13 -40.96
N GLN W 126 -81.93 64.33 -39.94
CA GLN W 126 -80.56 63.85 -39.93
C GLN W 126 -80.51 62.40 -39.44
N LEU W 127 -79.72 61.57 -40.10
CA LEU W 127 -79.61 60.16 -39.73
C LEU W 127 -78.19 59.73 -39.36
N LYS W 128 -77.16 60.25 -40.03
CA LYS W 128 -75.80 59.85 -39.70
C LYS W 128 -75.45 60.31 -38.30
N ARG W 129 -75.25 59.36 -37.39
CA ARG W 129 -75.08 59.69 -35.99
C ARG W 129 -73.77 60.42 -35.77
N GLN W 130 -73.75 61.28 -34.80
CA GLN W 130 -72.55 62.10 -34.78
C GLN W 130 -71.81 61.96 -33.45
N PRO W 131 -70.50 62.16 -33.45
CA PRO W 131 -69.74 62.11 -32.20
C PRO W 131 -70.17 63.23 -31.27
N ALA W 132 -69.71 63.12 -30.03
CA ALA W 132 -70.07 64.06 -28.97
C ALA W 132 -69.68 65.48 -29.36
N PRO W 133 -70.64 66.35 -29.67
CA PRO W 133 -70.29 67.69 -30.11
C PRO W 133 -69.76 68.51 -28.94
N PRO W 134 -69.08 69.62 -29.22
CA PRO W 134 -68.68 70.51 -28.13
C PRO W 134 -69.89 71.02 -27.38
N ARG W 135 -69.74 71.15 -26.06
CA ARG W 135 -70.83 71.64 -25.23
C ARG W 135 -71.10 73.10 -25.57
N GLU W 136 -72.35 73.39 -25.87
CA GLU W 136 -72.73 74.73 -26.27
C GLU W 136 -72.73 75.66 -25.06
N ALA W 137 -72.97 76.93 -25.34
CA ALA W 137 -73.02 77.92 -24.28
C ALA W 137 -74.29 77.75 -23.44
N HIS W 138 -74.18 78.07 -22.16
CA HIS W 138 -75.30 77.93 -21.24
C HIS W 138 -75.03 78.76 -19.99
N PHE W 139 -76.10 79.08 -19.29
CA PHE W 139 -76.02 79.88 -18.07
C PHE W 139 -76.12 78.97 -16.86
N VAL W 140 -75.41 79.34 -15.80
CA VAL W 140 -75.44 78.62 -14.53
C VAL W 140 -75.90 79.59 -13.46
N ARG W 141 -77.07 79.35 -12.88
CA ARG W 141 -77.61 80.20 -11.83
C ARG W 141 -76.95 79.91 -10.50
N THR W 142 -76.46 80.96 -9.85
CA THR W 142 -75.95 80.85 -8.50
C THR W 142 -77.06 80.59 -7.49
N ASN W 143 -78.28 81.00 -7.82
CA ASN W 143 -79.45 80.77 -6.97
C ASN W 143 -79.26 81.37 -5.57
N GLY W 144 -78.63 82.54 -5.52
CA GLY W 144 -78.49 83.27 -4.28
C GLY W 144 -77.59 82.61 -3.26
N LYS W 145 -76.76 81.66 -3.68
CA LYS W 145 -75.89 80.92 -2.78
C LYS W 145 -74.45 81.09 -3.25
N GLU W 146 -73.59 81.50 -2.34
CA GLU W 146 -72.18 81.59 -2.68
C GLU W 146 -71.62 80.19 -2.90
N PRO W 147 -70.80 79.98 -3.93
CA PRO W 147 -70.13 78.69 -4.08
C PRO W 147 -69.22 78.41 -2.90
N GLU W 148 -69.16 77.15 -2.49
CA GLU W 148 -68.32 76.76 -1.37
C GLU W 148 -66.86 76.98 -1.69
N LEU W 149 -66.11 77.43 -0.70
CA LEU W 149 -64.68 77.65 -0.88
C LEU W 149 -63.90 76.46 -0.34
N LEU W 150 -63.10 75.85 -1.20
CA LEU W 150 -62.38 74.62 -0.89
C LEU W 150 -60.88 74.90 -0.77
N GLU W 151 -60.25 74.26 0.21
CA GLU W 151 -58.80 74.31 0.37
C GLU W 151 -58.28 72.90 0.63
N PRO W 152 -57.03 72.64 0.24
CA PRO W 152 -56.42 71.34 0.60
C PRO W 152 -56.30 71.19 2.10
N ILE W 153 -56.59 69.98 2.58
CA ILE W 153 -56.55 69.68 4.00
C ILE W 153 -55.10 69.55 4.44
N PRO W 154 -54.77 69.90 5.69
CA PRO W 154 -53.41 69.70 6.17
C PRO W 154 -53.08 68.22 6.28
N TYR W 155 -51.83 67.91 6.02
CA TYR W 155 -51.37 66.53 6.11
C TYR W 155 -51.32 66.08 7.56
N GLU W 156 -51.70 64.83 7.79
CA GLU W 156 -51.46 64.14 9.04
C GLU W 156 -51.22 62.69 8.72
N PHE W 157 -50.50 62.00 9.60
CA PHE W 157 -50.19 60.60 9.38
C PHE W 157 -51.35 59.75 9.90
N MET W 158 -52.11 59.15 8.99
CA MET W 158 -53.32 58.41 9.36
C MET W 158 -52.98 57.05 9.98
N ALA W 159 -52.32 56.18 9.22
CA ALA W 159 -51.99 54.85 9.72
C ALA W 159 -50.63 54.42 9.19
N GLN X 1 103.56 3.87 -37.80
CA GLN X 1 103.57 4.34 -36.42
C GLN X 1 104.16 5.75 -36.33
N VAL X 2 104.38 6.36 -37.48
CA VAL X 2 104.81 7.75 -37.59
C VAL X 2 103.80 8.49 -38.44
N LEU X 3 103.31 9.62 -37.92
CA LEU X 3 102.20 10.32 -38.57
C LEU X 3 102.68 11.34 -39.60
N LYS X 4 103.43 12.35 -39.14
CA LYS X 4 104.06 13.36 -40.00
C LYS X 4 103.02 14.07 -40.89
N PHE X 5 102.16 14.83 -40.22
CA PHE X 5 101.27 15.73 -40.95
C PHE X 5 102.04 16.99 -41.33
N THR X 6 101.50 17.72 -42.31
CA THR X 6 102.16 18.91 -42.80
C THR X 6 101.14 19.99 -43.11
N LEU X 7 101.46 21.22 -42.71
CA LEU X 7 100.62 22.39 -42.92
C LEU X 7 101.27 23.27 -43.97
N ASP X 8 100.46 23.80 -44.89
CA ASP X 8 100.95 24.69 -45.95
C ASP X 8 100.42 26.09 -45.69
N CYS X 9 101.30 26.98 -45.25
CA CYS X 9 101.00 28.40 -45.09
C CYS X 9 101.91 29.15 -46.06
N THR X 10 101.43 29.32 -47.29
CA THR X 10 102.21 29.95 -48.36
C THR X 10 101.56 31.22 -48.88
N HIS X 11 100.31 31.13 -49.33
CA HIS X 11 99.62 32.32 -49.82
C HIS X 11 99.45 33.42 -48.76
N PRO X 12 99.01 33.15 -47.53
CA PRO X 12 98.93 34.24 -46.56
C PRO X 12 100.28 34.83 -46.18
N VAL X 13 101.34 34.03 -46.15
CA VAL X 13 102.62 34.60 -45.75
C VAL X 13 103.25 35.38 -46.90
N GLU X 14 102.93 35.04 -48.15
CA GLU X 14 103.40 35.86 -49.26
C GLU X 14 102.51 37.07 -49.49
N ASP X 15 101.30 37.08 -48.92
CA ASP X 15 100.48 38.28 -48.98
C ASP X 15 100.65 39.18 -47.77
N GLY X 16 101.53 38.81 -46.84
CA GLY X 16 101.88 39.70 -45.75
C GLY X 16 100.82 39.87 -44.70
N ILE X 17 99.78 39.04 -44.69
CA ILE X 17 98.74 39.15 -43.68
C ILE X 17 99.10 38.44 -42.39
N MET X 18 100.00 37.46 -42.45
CA MET X 18 100.51 36.82 -41.24
C MET X 18 101.84 36.18 -41.57
N ASP X 19 102.61 35.88 -40.52
CA ASP X 19 103.90 35.25 -40.65
C ASP X 19 103.88 33.86 -40.03
N ALA X 20 104.56 32.92 -40.68
CA ALA X 20 104.57 31.54 -40.21
C ALA X 20 105.29 31.40 -38.88
N ALA X 21 106.18 32.34 -38.57
CA ALA X 21 106.90 32.30 -37.30
C ALA X 21 105.92 32.41 -36.13
N ASN X 22 104.96 33.32 -36.23
CA ASN X 22 104.01 33.49 -35.15
C ASN X 22 103.08 32.28 -35.03
N PHE X 23 102.69 31.69 -36.16
CA PHE X 23 101.87 30.49 -36.10
C PHE X 23 102.63 29.34 -35.44
N GLU X 24 103.90 29.18 -35.81
CA GLU X 24 104.75 28.19 -35.15
C GLU X 24 104.83 28.45 -33.65
N GLN X 25 105.03 29.71 -33.27
CA GLN X 25 105.11 30.06 -31.86
C GLN X 25 103.77 29.84 -31.16
N PHE X 26 102.67 29.89 -31.90
CA PHE X 26 101.36 29.57 -31.34
C PHE X 26 101.18 28.07 -31.16
N LEU X 27 101.82 27.28 -32.02
CA LEU X 27 101.52 25.85 -32.05
C LEU X 27 101.97 25.13 -30.77
N GLN X 28 103.22 25.31 -30.37
CA GLN X 28 103.86 24.34 -29.49
C GLN X 28 103.21 24.28 -28.11
N GLU X 29 102.51 25.33 -27.71
CA GLU X 29 101.86 25.34 -26.41
C GLU X 29 100.40 24.93 -26.47
N ARG X 30 99.73 25.09 -27.61
CA ARG X 30 98.33 24.74 -27.72
C ARG X 30 98.10 23.29 -28.07
N ILE X 31 99.16 22.52 -28.27
CA ILE X 31 99.02 21.10 -28.58
C ILE X 31 98.84 20.32 -27.29
N LYS X 32 97.77 19.54 -27.21
CA LYS X 32 97.49 18.73 -26.04
C LYS X 32 97.99 17.32 -26.27
N VAL X 33 98.90 16.87 -25.40
CA VAL X 33 99.37 15.50 -25.39
C VAL X 33 98.76 14.82 -24.19
N ASN X 34 97.85 13.88 -24.44
CA ASN X 34 97.04 13.24 -23.41
C ASN X 34 96.29 14.28 -22.58
N GLY X 35 95.73 15.29 -23.26
CA GLY X 35 94.97 16.32 -22.60
C GLY X 35 95.79 17.36 -21.88
N LYS X 36 97.11 17.34 -22.03
CA LYS X 36 98.00 18.28 -21.36
C LYS X 36 98.69 19.16 -22.39
N ALA X 37 98.52 20.47 -22.24
CA ALA X 37 99.20 21.43 -23.09
C ALA X 37 100.63 21.66 -22.57
N GLY X 38 101.47 22.14 -23.47
CA GLY X 38 102.83 22.44 -23.06
C GLY X 38 103.80 21.29 -23.33
N ASN X 39 105.06 21.67 -23.53
CA ASN X 39 106.26 20.83 -23.65
C ASN X 39 106.11 19.68 -24.66
N LEU X 40 105.07 19.74 -25.49
CA LEU X 40 104.86 18.76 -26.57
C LEU X 40 104.84 17.34 -26.01
N GLY X 41 104.34 17.19 -24.79
CA GLY X 41 104.34 15.88 -24.15
C GLY X 41 105.73 15.31 -23.92
N GLY X 42 106.65 16.13 -23.42
CA GLY X 42 108.01 15.68 -23.23
C GLY X 42 108.74 15.40 -24.53
N GLY X 43 108.48 16.18 -25.56
CA GLY X 43 109.19 16.02 -26.81
C GLY X 43 108.77 14.86 -27.66
N VAL X 44 107.66 14.19 -27.32
CA VAL X 44 107.18 13.10 -28.15
C VAL X 44 106.74 13.60 -29.52
N VAL X 45 106.17 14.80 -29.56
CA VAL X 45 105.74 15.43 -30.80
C VAL X 45 106.70 16.56 -31.11
N THR X 46 107.28 16.54 -32.30
CA THR X 46 108.19 17.60 -32.71
C THR X 46 107.56 18.47 -33.78
N ILE X 47 108.06 19.70 -33.89
CA ILE X 47 107.52 20.68 -34.82
C ILE X 47 108.69 21.39 -35.49
N GLU X 48 108.58 21.61 -36.81
CA GLU X 48 109.62 22.29 -37.55
C GLU X 48 109.00 22.96 -38.77
N ARG X 49 109.75 23.89 -39.36
CA ARG X 49 109.23 24.77 -40.39
C ARG X 49 110.26 24.93 -41.50
N SER X 50 109.76 25.15 -42.72
CA SER X 50 110.59 25.50 -43.87
C SER X 50 110.31 26.93 -44.33
N LYS X 51 109.83 27.77 -43.42
CA LYS X 51 109.50 29.19 -43.61
C LYS X 51 108.25 29.36 -44.48
N SER X 52 107.78 28.29 -45.10
CA SER X 52 106.45 28.28 -45.71
C SER X 52 105.70 26.98 -45.48
N LYS X 53 106.39 25.88 -45.18
CA LYS X 53 105.77 24.58 -44.97
C LYS X 53 106.04 24.14 -43.54
N ILE X 54 104.97 23.80 -42.82
CA ILE X 54 105.05 23.50 -41.40
C ILE X 54 104.59 22.07 -41.19
N THR X 55 105.52 21.16 -40.95
CA THR X 55 105.17 19.77 -40.73
C THR X 55 105.18 19.47 -39.24
N VAL X 56 104.28 18.58 -38.83
CA VAL X 56 104.18 18.13 -37.45
C VAL X 56 104.35 16.61 -37.45
N THR X 57 105.32 16.13 -36.67
CA THR X 57 105.65 14.72 -36.62
C THR X 57 105.32 14.18 -35.24
N SER X 58 104.60 13.07 -35.20
CA SER X 58 104.24 12.40 -33.96
C SER X 58 104.46 10.91 -34.08
N GLU X 59 104.67 10.26 -32.94
CA GLU X 59 104.84 8.83 -32.86
C GLU X 59 103.78 8.16 -32.01
N VAL X 60 102.70 8.87 -31.71
CA VAL X 60 101.52 8.30 -31.06
C VAL X 60 100.33 8.57 -31.96
N PRO X 61 99.24 7.80 -31.82
CA PRO X 61 98.02 8.10 -32.57
C PRO X 61 97.56 9.54 -32.36
N PHE X 62 97.24 10.24 -33.44
CA PHE X 62 97.07 11.68 -33.37
C PHE X 62 96.25 12.15 -34.55
N SER X 63 95.50 13.24 -34.35
CA SER X 63 94.47 13.66 -35.28
C SER X 63 94.93 14.80 -36.17
N LYS X 64 94.81 14.60 -37.48
CA LYS X 64 94.95 15.70 -38.42
C LYS X 64 93.84 16.72 -38.24
N ARG X 65 92.63 16.25 -37.94
CA ARG X 65 91.52 17.17 -37.69
C ARG X 65 91.78 18.02 -36.46
N TYR X 66 92.62 17.56 -35.54
CA TYR X 66 93.03 18.41 -34.43
C TYR X 66 93.90 19.55 -34.94
N LEU X 67 94.77 19.29 -35.92
CA LEU X 67 95.51 20.37 -36.56
C LEU X 67 94.56 21.36 -37.21
N LYS X 68 93.53 20.84 -37.89
CA LYS X 68 92.55 21.72 -38.54
C LYS X 68 91.86 22.60 -37.50
N TYR X 69 91.45 22.00 -36.38
CA TYR X 69 90.81 22.74 -35.30
C TYR X 69 91.72 23.82 -34.75
N LEU X 70 92.98 23.47 -34.49
CA LEU X 70 93.92 24.43 -33.93
C LEU X 70 94.17 25.57 -34.89
N THR X 71 94.28 25.27 -36.19
CA THR X 71 94.48 26.32 -37.17
C THR X 71 93.27 27.25 -37.24
N LYS X 72 92.07 26.69 -37.19
CA LYS X 72 90.89 27.54 -37.21
C LYS X 72 90.84 28.41 -35.96
N LYS X 73 91.27 27.86 -34.81
CA LYS X 73 91.32 28.65 -33.59
C LYS X 73 92.32 29.79 -33.70
N TYR X 74 93.48 29.51 -34.31
CA TYR X 74 94.46 30.57 -34.56
C TYR X 74 93.88 31.67 -35.44
N LEU X 75 93.25 31.28 -36.55
CA LEU X 75 92.74 32.28 -37.48
C LEU X 75 91.60 33.07 -36.87
N LYS X 76 90.83 32.43 -35.98
CA LYS X 76 89.85 33.16 -35.19
C LYS X 76 90.54 34.15 -34.25
N LYS X 77 91.66 33.72 -33.66
CA LYS X 77 92.44 34.63 -32.81
C LYS X 77 92.98 35.80 -33.63
N ASN X 78 93.43 35.54 -34.84
CA ASN X 78 94.01 36.56 -35.70
C ASN X 78 92.97 37.21 -36.60
N ASN X 79 91.69 36.86 -36.43
CA ASN X 79 90.58 37.49 -37.15
C ASN X 79 90.72 37.32 -38.66
N LEU X 80 91.38 36.25 -39.09
CA LEU X 80 91.58 35.97 -40.50
C LEU X 80 90.60 34.93 -41.01
N ARG X 81 89.58 34.59 -40.22
CA ARG X 81 88.67 33.51 -40.54
C ARG X 81 87.85 33.79 -41.79
N ASP X 82 87.39 35.01 -41.98
CA ASP X 82 86.50 35.36 -43.10
C ASP X 82 87.20 35.33 -44.44
N TRP X 83 88.52 35.51 -44.47
CA TRP X 83 89.28 35.56 -45.71
C TRP X 83 89.97 34.26 -46.04
N LEU X 84 90.39 33.52 -45.03
CA LEU X 84 91.18 32.32 -45.20
C LEU X 84 90.35 31.09 -44.83
N ARG X 85 90.76 29.95 -45.37
CA ARG X 85 89.97 28.73 -45.23
C ARG X 85 90.90 27.53 -45.30
N VAL X 86 90.91 26.73 -44.24
CA VAL X 86 91.79 25.57 -44.15
C VAL X 86 91.20 24.46 -45.00
N VAL X 87 92.00 23.93 -45.93
CA VAL X 87 91.57 22.90 -46.86
C VAL X 87 92.64 21.81 -46.90
N ALA X 88 92.21 20.56 -46.87
CA ALA X 88 93.10 19.42 -47.08
C ALA X 88 93.39 19.30 -48.58
N ASN X 89 94.56 19.80 -48.99
CA ASN X 89 94.98 19.63 -50.38
C ASN X 89 95.24 18.17 -50.72
N SER X 90 95.66 17.38 -49.73
CA SER X 90 95.93 15.97 -49.93
C SER X 90 95.82 15.29 -48.58
N LYS X 91 96.08 13.99 -48.57
CA LYS X 91 96.15 13.27 -47.31
C LYS X 91 97.31 13.79 -46.49
N GLU X 92 97.18 13.71 -45.17
CA GLU X 92 98.15 14.15 -44.16
C GLU X 92 98.67 15.56 -44.42
N SER X 93 97.96 16.36 -45.22
CA SER X 93 98.42 17.68 -45.58
C SER X 93 97.25 18.64 -45.65
N TYR X 94 97.44 19.82 -45.06
CA TYR X 94 96.46 20.90 -45.14
C TYR X 94 97.05 22.08 -45.90
N GLU X 95 96.15 22.96 -46.34
CA GLU X 95 96.57 24.15 -47.09
C GLU X 95 95.46 25.18 -47.00
N LEU X 96 95.70 26.25 -46.25
CA LEU X 96 94.72 27.32 -46.11
C LEU X 96 94.84 28.24 -47.32
N ARG X 97 93.70 28.67 -47.83
CA ARG X 97 93.65 29.44 -49.05
C ARG X 97 92.52 30.46 -48.96
N TYR X 98 92.44 31.31 -49.98
CA TYR X 98 91.45 32.37 -49.97
C TYR X 98 90.12 31.87 -50.54
N PHE X 99 89.07 32.59 -50.18
CA PHE X 99 87.75 32.26 -50.68
C PHE X 99 87.61 32.73 -52.13
N GLN X 100 86.96 31.90 -52.94
CA GLN X 100 86.92 32.10 -54.39
C GLN X 100 85.72 32.96 -54.74
N ILE X 101 85.97 34.12 -55.35
CA ILE X 101 84.91 35.03 -55.77
C ILE X 101 84.65 34.91 -57.27
N SER Y 1 33.65 56.80 30.61
CA SER Y 1 33.40 55.39 30.34
C SER Y 1 34.24 54.90 29.17
N GLY Y 2 33.81 55.22 27.95
CA GLY Y 2 34.57 54.87 26.77
C GLY Y 2 34.05 53.63 26.07
N ALA Y 3 33.66 53.77 24.81
CA ALA Y 3 33.04 52.70 24.05
C ALA Y 3 34.02 52.08 23.06
N LYS Y 4 33.65 50.90 22.58
CA LYS Y 4 34.48 50.20 21.61
C LYS Y 4 34.42 50.90 20.26
N PHE Y 5 35.60 51.10 19.66
CA PHE Y 5 35.65 51.65 18.31
C PHE Y 5 35.44 50.54 17.29
N ARG Y 6 35.08 50.95 16.08
CA ARG Y 6 34.83 49.97 15.03
C ARG Y 6 36.13 49.28 14.62
N ILE Y 7 36.05 47.96 14.51
CA ILE Y 7 37.19 47.14 14.10
C ILE Y 7 36.72 46.23 12.96
N SER Y 8 37.69 45.73 12.21
CA SER Y 8 37.37 44.72 11.21
C SER Y 8 36.90 43.46 11.91
N LEU Y 9 35.76 42.93 11.48
CA LEU Y 9 35.17 41.79 12.18
C LEU Y 9 35.84 40.49 11.76
N GLY Y 10 35.69 40.12 10.49
CA GLY Y 10 36.35 38.95 9.94
C GLY Y 10 35.89 37.62 10.49
N LEU Y 11 34.81 37.58 11.27
CA LEU Y 11 34.32 36.34 11.86
C LEU Y 11 32.80 36.27 11.68
N PRO Y 12 32.33 35.84 10.51
CA PRO Y 12 30.89 35.80 10.27
C PRO Y 12 30.23 34.62 10.93
N VAL Y 13 28.92 34.48 10.69
CA VAL Y 13 28.17 33.35 11.23
C VAL Y 13 28.64 32.08 10.55
N GLY Y 14 28.84 31.02 11.33
CA GLY Y 14 29.30 29.76 10.81
C GLY Y 14 30.79 29.54 10.93
N ALA Y 15 31.54 30.58 11.30
CA ALA Y 15 32.96 30.43 11.58
C ALA Y 15 33.14 29.59 12.84
N VAL Y 16 34.11 28.68 12.79
CA VAL Y 16 34.42 27.82 13.93
C VAL Y 16 35.75 28.29 14.52
N ILE Y 17 35.72 28.68 15.78
CA ILE Y 17 36.86 29.29 16.43
C ILE Y 17 37.28 28.42 17.60
N ASN Y 18 38.52 28.60 18.04
CA ASN Y 18 39.06 27.83 19.15
C ASN Y 18 38.37 28.21 20.45
N CYS Y 19 38.18 27.22 21.31
CA CYS Y 19 37.57 27.42 22.62
C CYS Y 19 38.67 27.41 23.66
N ALA Y 20 39.07 28.60 24.11
CA ALA Y 20 40.29 28.76 24.87
C ALA Y 20 40.13 28.55 26.36
N ASP Y 21 38.92 28.28 26.85
CA ASP Y 21 38.69 28.16 28.28
C ASP Y 21 38.79 26.69 28.70
N ASN Y 22 38.77 26.48 30.02
CA ASN Y 22 38.88 25.15 30.60
C ASN Y 22 37.52 24.49 30.80
N THR Y 23 36.53 24.90 30.02
CA THR Y 23 35.19 24.32 30.11
C THR Y 23 35.12 22.93 29.53
N GLY Y 24 36.17 22.47 28.85
CA GLY Y 24 36.15 21.18 28.20
C GLY Y 24 35.68 21.20 26.77
N ALA Y 25 35.15 22.32 26.30
CA ALA Y 25 34.78 22.43 24.90
C ALA Y 25 36.02 22.78 24.07
N LYS Y 26 36.04 22.31 22.83
CA LYS Y 26 37.21 22.48 21.97
C LYS Y 26 37.06 23.62 20.98
N ASN Y 27 35.86 23.83 20.45
CA ASN Y 27 35.65 24.89 19.47
C ASN Y 27 34.23 25.42 19.59
N LEU Y 28 34.01 26.56 18.95
CA LEU Y 28 32.73 27.25 19.02
C LEU Y 28 32.24 27.49 17.59
N TYR Y 29 30.98 27.18 17.34
CA TYR Y 29 30.40 27.31 16.00
C TYR Y 29 29.42 28.47 16.03
N ILE Y 30 29.84 29.60 15.44
CA ILE Y 30 29.10 30.86 15.56
C ILE Y 30 27.80 30.76 14.77
N ILE Y 31 26.69 31.12 15.41
CA ILE Y 31 25.41 31.17 14.74
C ILE Y 31 24.85 32.58 14.63
N SER Y 32 25.31 33.51 15.47
CA SER Y 32 24.82 34.89 15.41
C SER Y 32 25.72 35.77 16.27
N VAL Y 33 25.62 37.07 16.05
CA VAL Y 33 26.38 38.08 16.79
C VAL Y 33 25.39 39.00 17.48
N LYS Y 34 25.62 39.27 18.76
CA LYS Y 34 24.73 40.14 19.50
C LYS Y 34 24.85 41.59 19.03
N GLY Y 35 23.73 42.30 19.05
CA GLY Y 35 23.70 43.68 18.65
C GLY Y 35 23.73 43.93 17.15
N ILE Y 36 23.27 42.97 16.36
CA ILE Y 36 23.29 43.10 14.90
C ILE Y 36 21.85 43.34 14.43
N LYS Y 37 21.59 44.53 13.91
CA LYS Y 37 20.25 44.82 13.38
C LYS Y 37 19.97 43.98 12.15
N GLY Y 38 20.90 43.98 11.20
CA GLY Y 38 20.80 43.11 10.04
C GLY Y 38 20.96 43.89 8.76
N ARG Y 39 21.00 43.14 7.66
CA ARG Y 39 21.21 43.69 6.33
C ARG Y 39 20.95 42.56 5.34
N LEU Y 40 20.31 42.91 4.23
CA LEU Y 40 19.90 41.89 3.28
C LEU Y 40 21.10 41.21 2.66
N ASN Y 41 21.19 39.90 2.86
CA ASN Y 41 22.27 39.03 2.39
C ASN Y 41 23.64 39.44 2.93
N ARG Y 42 23.70 40.17 4.04
CA ARG Y 42 24.97 40.37 4.74
C ARG Y 42 25.08 39.37 5.87
N LEU Y 43 26.19 38.64 5.92
CA LEU Y 43 26.38 37.72 7.03
C LEU Y 43 26.82 38.49 8.26
N PRO Y 44 26.11 38.36 9.39
CA PRO Y 44 26.53 39.04 10.62
C PRO Y 44 27.88 38.53 11.08
N ALA Y 45 28.77 39.45 11.41
CA ALA Y 45 30.15 39.10 11.75
C ALA Y 45 30.53 39.74 13.08
N ALA Y 46 31.62 39.23 13.65
CA ALA Y 46 32.07 39.66 14.95
C ALA Y 46 33.56 39.92 14.95
N GLY Y 47 34.00 40.88 15.76
CA GLY Y 47 35.39 41.08 16.07
C GLY Y 47 35.71 40.62 17.47
N VAL Y 48 36.89 41.01 17.95
CA VAL Y 48 37.28 40.67 19.31
C VAL Y 48 36.44 41.49 20.29
N GLY Y 49 36.00 40.84 21.35
CA GLY Y 49 35.15 41.48 22.33
C GLY Y 49 33.68 41.51 22.00
N ASP Y 50 33.28 41.01 20.83
CA ASP Y 50 31.89 40.98 20.44
C ASP Y 50 31.18 39.83 21.15
N MET Y 51 29.94 40.07 21.55
CA MET Y 51 29.12 39.01 22.12
C MET Y 51 28.43 38.23 21.01
N VAL Y 52 28.59 36.91 21.02
CA VAL Y 52 28.03 36.05 20.00
C VAL Y 52 27.33 34.87 20.66
N MET Y 53 26.39 34.29 19.93
CA MET Y 53 25.76 33.03 20.29
C MET Y 53 26.36 31.93 19.44
N ALA Y 54 26.80 30.85 20.09
CA ALA Y 54 27.45 29.77 19.39
C ALA Y 54 27.23 28.45 20.10
N THR Y 55 27.37 27.36 19.34
CA THR Y 55 27.32 26.01 19.88
C THR Y 55 28.69 25.37 19.68
N VAL Y 56 28.99 24.39 20.51
CA VAL Y 56 30.23 23.64 20.39
C VAL Y 56 29.96 22.39 19.56
N LYS Y 57 30.94 22.00 18.76
CA LYS Y 57 30.76 20.83 17.91
C LYS Y 57 31.51 19.62 18.43
N LYS Y 58 32.64 19.83 19.10
CA LYS Y 58 33.39 18.74 19.70
C LYS Y 58 33.85 19.15 21.08
N GLY Y 59 33.93 18.18 21.98
CA GLY Y 59 34.28 18.44 23.36
C GLY Y 59 33.45 17.58 24.29
N LYS Y 60 33.16 18.14 25.46
CA LYS Y 60 32.33 17.44 26.43
C LYS Y 60 30.91 17.29 25.89
N PRO Y 61 30.28 16.14 26.09
CA PRO Y 61 28.96 15.90 25.47
C PRO Y 61 27.85 16.81 25.99
N GLU Y 62 27.89 17.20 27.25
CA GLU Y 62 26.77 17.88 27.88
C GLU Y 62 26.58 19.29 27.37
N LEU Y 63 27.60 19.87 26.72
CA LEU Y 63 27.50 21.21 26.18
C LEU Y 63 27.24 21.23 24.69
N ARG Y 64 27.16 20.07 24.05
CA ARG Y 64 27.20 20.01 22.59
C ARG Y 64 25.92 20.56 21.98
N LYS Y 65 24.79 19.98 22.33
CA LYS Y 65 23.51 20.41 21.75
C LYS Y 65 22.87 21.52 22.59
N LYS Y 66 23.61 22.59 22.83
CA LYS Y 66 23.09 23.76 23.51
C LYS Y 66 23.62 25.02 22.84
N VAL Y 67 23.02 26.16 23.21
CA VAL Y 67 23.38 27.46 22.66
C VAL Y 67 24.02 28.28 23.77
N HIS Y 68 25.20 28.82 23.50
CA HIS Y 68 25.92 29.48 24.57
C HIS Y 68 26.33 30.89 24.18
N PRO Y 69 26.24 31.84 25.11
CA PRO Y 69 26.82 33.16 24.88
C PRO Y 69 28.34 33.09 24.90
N ALA Y 70 28.96 33.70 23.89
CA ALA Y 70 30.41 33.65 23.75
C ALA Y 70 30.92 35.02 23.37
N VAL Y 71 32.18 35.28 23.76
CA VAL Y 71 32.85 36.54 23.46
C VAL Y 71 34.19 36.21 22.80
N VAL Y 72 34.48 36.90 21.69
CA VAL Y 72 35.69 36.63 20.93
C VAL Y 72 36.87 37.35 21.59
N ILE Y 73 37.94 36.61 21.84
CA ILE Y 73 39.14 37.17 22.44
C ILE Y 73 40.30 37.26 21.46
N ARG Y 74 40.37 36.39 20.46
CA ARG Y 74 41.45 36.41 19.49
C ARG Y 74 40.87 36.18 18.11
N GLN Y 75 41.45 36.83 17.11
CA GLN Y 75 40.99 36.68 15.73
C GLN Y 75 42.19 36.66 14.79
N ARG Y 76 42.03 35.97 13.66
CA ARG Y 76 43.10 35.88 12.69
C ARG Y 76 43.10 37.05 11.72
N LYS Y 77 42.06 37.87 11.75
CA LYS Y 77 41.99 39.03 10.86
C LYS Y 77 42.62 40.23 11.53
N SER Y 78 43.45 40.96 10.77
CA SER Y 78 44.10 42.15 11.29
C SER Y 78 43.09 43.26 11.55
N TYR Y 79 43.42 44.14 12.50
CA TYR Y 79 42.62 45.33 12.74
C TYR Y 79 43.50 46.44 13.29
N ARG Y 80 43.02 47.68 13.14
CA ARG Y 80 43.73 48.86 13.60
C ARG Y 80 43.20 49.25 14.97
N ARG Y 81 44.11 49.65 15.87
CA ARG Y 81 43.75 50.00 17.24
C ARG Y 81 43.86 51.52 17.44
N LYS Y 82 43.46 52.28 16.42
CA LYS Y 82 43.32 53.72 16.50
C LYS Y 82 44.64 54.40 16.83
N ASP Y 83 45.75 53.68 16.62
CA ASP Y 83 47.08 54.19 16.88
C ASP Y 83 48.08 53.66 15.85
N GLY Y 84 47.58 53.29 14.67
CA GLY Y 84 48.43 52.86 13.58
C GLY Y 84 48.92 51.43 13.67
N VAL Y 85 48.54 50.68 14.70
CA VAL Y 85 49.00 49.32 14.86
C VAL Y 85 48.00 48.38 14.20
N PHE Y 86 48.48 47.60 13.24
CA PHE Y 86 47.67 46.59 12.57
C PHE Y 86 47.99 45.26 13.25
N LEU Y 87 47.06 44.74 14.02
CA LEU Y 87 47.31 43.59 14.87
C LEU Y 87 46.38 42.44 14.53
N TYR Y 88 46.94 41.24 14.43
CA TYR Y 88 46.17 40.03 14.26
C TYR Y 88 46.83 38.93 15.10
N PHE Y 89 46.00 37.99 15.54
CA PHE Y 89 46.43 36.90 16.39
C PHE Y 89 46.75 35.67 15.56
N GLU Y 90 47.27 34.65 16.22
CA GLU Y 90 47.60 33.42 15.52
C GLU Y 90 46.36 32.61 15.16
N ASP Y 91 45.31 32.70 15.98
CA ASP Y 91 44.11 31.92 15.72
C ASP Y 91 42.90 32.68 16.21
N ASN Y 92 41.72 32.27 15.73
CA ASN Y 92 40.46 32.79 16.22
C ASN Y 92 40.06 32.01 17.45
N ALA Y 93 39.89 32.70 18.57
CA ALA Y 93 39.61 32.04 19.83
C ALA Y 93 38.63 32.86 20.66
N GLY Y 94 37.88 32.17 21.53
CA GLY Y 94 36.93 32.83 22.39
C GLY Y 94 36.68 32.01 23.64
N VAL Y 95 35.83 32.55 24.51
CA VAL Y 95 35.46 31.91 25.76
C VAL Y 95 33.94 31.86 25.86
N ILE Y 96 33.46 31.04 26.79
CA ILE Y 96 32.04 30.82 26.99
C ILE Y 96 31.59 31.56 28.25
N VAL Y 97 30.59 32.42 28.10
CA VAL Y 97 30.06 33.21 29.20
C VAL Y 97 28.55 33.05 29.23
N ASN Y 98 27.92 33.73 30.18
CA ASN Y 98 26.46 33.81 30.25
C ASN Y 98 26.01 35.19 29.79
N ASN Y 99 24.71 35.46 29.96
CA ASN Y 99 24.16 36.75 29.57
C ASN Y 99 24.74 37.89 30.40
N LYS Y 100 25.16 37.62 31.63
CA LYS Y 100 25.71 38.67 32.48
C LYS Y 100 27.19 38.92 32.25
N GLY Y 101 27.87 38.05 31.52
CA GLY Y 101 29.23 38.29 31.10
C GLY Y 101 30.28 37.46 31.79
N GLU Y 102 30.00 36.93 32.97
CA GLU Y 102 30.99 36.10 33.63
C GLU Y 102 31.10 34.76 32.93
N MET Y 103 32.32 34.25 32.85
CA MET Y 103 32.59 33.02 32.15
C MET Y 103 32.01 31.83 32.90
N LYS Y 104 31.66 30.78 32.16
CA LYS Y 104 31.39 29.50 32.80
C LYS Y 104 32.70 28.86 33.25
N GLY Y 105 33.77 29.04 32.50
CA GLY Y 105 35.07 28.53 32.88
C GLY Y 105 35.77 29.43 33.86
N SER Y 106 37.05 29.12 34.11
CA SER Y 106 37.83 29.83 35.10
C SER Y 106 39.19 30.30 34.61
N ALA Y 107 39.80 29.61 33.66
CA ALA Y 107 41.13 29.96 33.18
C ALA Y 107 41.10 30.10 31.67
N ILE Y 108 42.01 30.92 31.16
CA ILE Y 108 42.04 31.26 29.75
C ILE Y 108 43.42 30.92 29.21
N THR Y 109 43.45 30.20 28.09
CA THR Y 109 44.70 29.82 27.44
C THR Y 109 45.04 30.83 26.36
N GLY Y 110 46.27 31.33 26.38
CA GLY Y 110 46.72 32.29 25.41
C GLY Y 110 46.33 33.70 25.76
N PRO Y 111 46.88 34.66 25.03
CA PRO Y 111 46.56 36.07 25.30
C PRO Y 111 45.15 36.42 24.86
N VAL Y 112 44.69 37.58 25.33
CA VAL Y 112 43.37 38.11 25.02
C VAL Y 112 43.55 39.52 24.51
N ALA Y 113 42.78 39.89 23.49
CA ALA Y 113 42.88 41.21 22.91
C ALA Y 113 42.59 42.29 23.94
N LYS Y 114 43.29 43.42 23.80
CA LYS Y 114 43.15 44.52 24.74
C LYS Y 114 41.71 45.04 24.79
N GLU Y 115 41.05 45.10 23.64
CA GLU Y 115 39.69 45.63 23.58
C GLU Y 115 38.73 44.75 24.36
N CYS Y 116 38.87 43.43 24.22
CA CYS Y 116 38.02 42.50 24.94
C CYS Y 116 38.23 42.62 26.44
N ALA Y 117 39.48 42.78 26.86
CA ALA Y 117 39.76 42.98 28.28
C ALA Y 117 39.17 44.29 28.79
N ASP Y 118 39.21 45.33 27.96
CA ASP Y 118 38.65 46.61 28.35
C ASP Y 118 37.14 46.54 28.52
N LEU Y 119 36.44 45.91 27.59
CA LEU Y 119 34.98 45.84 27.67
C LEU Y 119 34.47 44.89 28.72
N TRP Y 120 35.09 43.73 28.88
CA TRP Y 120 34.55 42.68 29.75
C TRP Y 120 35.47 42.49 30.94
N PRO Y 121 35.12 43.01 32.11
CA PRO Y 121 36.00 42.85 33.28
C PRO Y 121 36.19 41.41 33.72
N ARG Y 122 35.13 40.60 33.66
CA ARG Y 122 35.24 39.21 34.08
C ARG Y 122 36.21 38.43 33.20
N ILE Y 123 36.18 38.70 31.90
CA ILE Y 123 37.12 38.07 30.99
C ILE Y 123 38.55 38.51 31.30
N ALA Y 124 38.73 39.80 31.56
CA ALA Y 124 40.08 40.32 31.81
C ALA Y 124 40.65 39.78 33.11
N SER Y 125 39.79 39.42 34.06
CA SER Y 125 40.30 38.93 35.35
C SER Y 125 41.14 37.67 35.19
N ASN Y 126 40.69 36.73 34.37
CA ASN Y 126 41.39 35.46 34.22
C ASN Y 126 42.34 35.42 33.04
N ALA Y 127 42.57 36.54 32.37
CA ALA Y 127 43.46 36.55 31.22
C ALA Y 127 44.90 36.27 31.63
N GLY Y 128 45.55 35.35 30.92
CA GLY Y 128 46.95 35.09 31.17
C GLY Y 128 47.83 36.27 30.80
N SER Y 129 47.55 36.90 29.67
CA SER Y 129 48.23 38.13 29.28
C SER Y 129 47.30 38.92 28.38
N ILE Y 130 47.48 40.23 28.36
CA ILE Y 130 46.66 41.13 27.57
C ILE Y 130 47.55 41.86 26.57
N ALA Y 131 47.24 41.73 25.29
CA ALA Y 131 48.00 42.41 24.25
C ALA Y 131 47.05 43.08 23.28
N MET Z 1 56.87 59.55 17.24
CA MET Z 1 57.24 60.18 18.50
C MET Z 1 57.05 59.18 19.64
N LYS Z 2 56.35 58.09 19.34
CA LYS Z 2 56.09 57.04 20.32
C LYS Z 2 57.33 56.17 20.49
N VAL Z 3 57.17 55.04 21.17
CA VAL Z 3 58.27 54.10 21.34
C VAL Z 3 58.57 53.43 20.00
N GLU Z 4 59.84 53.45 19.61
CA GLU Z 4 60.27 52.84 18.37
C GLU Z 4 60.44 51.34 18.56
N LEU Z 5 60.01 50.56 17.57
CA LEU Z 5 60.07 49.12 17.64
C LEU Z 5 61.00 48.59 16.55
N CYS Z 6 61.50 47.39 16.78
CA CYS Z 6 62.36 46.71 15.82
C CYS Z 6 61.64 45.48 15.29
N SER Z 7 61.79 45.25 14.00
CA SER Z 7 61.08 44.22 13.28
C SER Z 7 61.83 42.90 13.35
N PHE Z 8 61.35 41.94 12.57
CA PHE Z 8 62.16 40.75 12.27
C PHE Z 8 63.46 41.15 11.60
N SER Z 9 63.45 42.20 10.81
CA SER Z 9 64.65 42.69 10.14
C SER Z 9 65.50 43.58 11.03
N GLY Z 10 64.99 43.99 12.19
CA GLY Z 10 65.74 44.84 13.07
C GLY Z 10 65.69 46.31 12.75
N TYR Z 11 64.93 46.71 11.72
CA TYR Z 11 64.82 48.12 11.38
C TYR Z 11 63.91 48.85 12.37
N LYS Z 12 64.01 50.17 12.37
CA LYS Z 12 63.10 50.98 13.17
C LYS Z 12 61.74 51.04 12.49
N ILE Z 13 60.68 50.77 13.25
CA ILE Z 13 59.32 50.84 12.73
C ILE Z 13 58.67 52.10 13.27
N TYR Z 14 58.41 53.04 12.39
CA TYR Z 14 57.75 54.28 12.75
C TYR Z 14 56.27 54.04 12.96
N PRO Z 15 55.63 54.87 13.79
CA PRO Z 15 54.20 54.70 14.03
C PRO Z 15 53.39 54.84 12.75
N GLY Z 16 52.28 54.09 12.69
CA GLY Z 16 51.47 54.07 11.50
C GLY Z 16 52.02 53.24 10.37
N HIS Z 17 52.99 52.37 10.65
CA HIS Z 17 53.64 51.58 9.64
C HIS Z 17 53.64 50.11 10.05
N GLY Z 18 53.69 49.23 9.06
CA GLY Z 18 53.89 47.82 9.31
C GLY Z 18 52.71 47.16 10.02
N ARG Z 19 52.96 45.94 10.48
CA ARG Z 19 51.95 45.16 11.15
C ARG Z 19 52.55 44.51 12.40
N ARG Z 20 51.68 44.26 13.37
CA ARG Z 20 52.06 43.64 14.63
C ARG Z 20 51.38 42.29 14.76
N TYR Z 21 52.13 41.28 15.19
CA TYR Z 21 51.66 39.91 15.24
C TYR Z 21 51.81 39.37 16.64
N ALA Z 22 50.76 38.76 17.16
CA ALA Z 22 50.79 38.10 18.46
C ALA Z 22 50.46 36.63 18.29
N ARG Z 23 51.23 35.77 18.94
CA ARG Z 23 51.07 34.33 18.85
C ARG Z 23 50.24 33.80 20.02
N THR Z 24 49.87 32.52 19.89
CA THR Z 24 49.15 31.84 20.96
C THR Z 24 49.99 31.66 22.21
N ASP Z 25 51.29 31.39 22.04
CA ASP Z 25 52.15 31.09 23.17
C ASP Z 25 52.44 32.29 24.06
N GLY Z 26 52.06 33.50 23.64
CA GLY Z 26 52.29 34.68 24.42
C GLY Z 26 53.39 35.59 23.91
N LYS Z 27 53.98 35.29 22.77
CA LYS Z 27 54.98 36.16 22.16
C LYS Z 27 54.34 37.08 21.14
N VAL Z 28 54.78 38.34 21.13
CA VAL Z 28 54.30 39.34 20.21
C VAL Z 28 55.48 39.81 19.37
N PHE Z 29 55.31 39.84 18.06
CA PHE Z 29 56.31 40.36 17.15
C PHE Z 29 55.72 41.46 16.28
N GLN Z 30 56.60 42.20 15.64
CA GLN Z 30 56.20 43.27 14.74
C GLN Z 30 57.10 43.24 13.52
N PHE Z 31 56.58 43.67 12.39
CA PHE Z 31 57.29 43.61 11.12
C PHE Z 31 57.15 44.93 10.38
N LEU Z 32 58.25 45.35 9.74
CA LEU Z 32 58.22 46.59 8.98
C LEU Z 32 57.30 46.48 7.77
N ASN Z 33 57.34 45.36 7.06
CA ASN Z 33 56.53 45.19 5.86
C ASN Z 33 56.11 43.74 5.77
N ALA Z 34 55.30 43.44 4.74
CA ALA Z 34 54.80 42.09 4.56
C ALA Z 34 55.91 41.12 4.20
N LYS Z 35 57.01 41.62 3.63
CA LYS Z 35 58.12 40.73 3.30
C LYS Z 35 58.77 40.18 4.55
N CYS Z 36 59.01 41.06 5.55
CA CYS Z 36 59.55 40.59 6.81
C CYS Z 36 58.58 39.63 7.50
N GLU Z 37 57.29 39.93 7.45
CA GLU Z 37 56.30 39.07 8.09
C GLU Z 37 56.29 37.68 7.45
N SER Z 38 56.31 37.63 6.12
CA SER Z 38 56.33 36.34 5.44
C SER Z 38 57.60 35.58 5.72
N ALA Z 39 58.75 36.28 5.73
CA ALA Z 39 60.02 35.61 6.02
C ALA Z 39 60.02 35.05 7.44
N PHE Z 40 59.47 35.80 8.38
CA PHE Z 40 59.30 35.27 9.74
C PHE Z 40 58.37 34.07 9.74
N LEU Z 41 57.29 34.14 8.95
CA LEU Z 41 56.33 33.04 8.95
C LEU Z 41 56.90 31.79 8.30
N SER Z 42 57.78 31.95 7.33
CA SER Z 42 58.43 30.81 6.68
C SER Z 42 59.55 30.22 7.53
N LYS Z 43 59.71 30.72 8.76
CA LYS Z 43 60.74 30.26 9.70
C LYS Z 43 62.15 30.43 9.13
N ARG Z 44 62.31 31.35 8.19
CA ARG Z 44 63.62 31.63 7.66
C ARG Z 44 64.45 32.37 8.70
N ASN Z 45 65.66 31.88 8.92
CA ASN Z 45 66.49 32.48 9.94
C ASN Z 45 67.03 33.82 9.46
N PRO Z 46 66.89 34.90 10.22
CA PRO Z 46 67.40 36.19 9.78
C PRO Z 46 68.90 36.23 9.58
N ARG Z 47 69.66 35.34 10.22
CA ARG Z 47 71.10 35.34 10.06
C ARG Z 47 71.56 34.81 8.71
N GLN Z 48 70.65 34.25 7.90
CA GLN Z 48 71.02 33.74 6.58
C GLN Z 48 70.52 34.63 5.46
N ILE Z 49 69.85 35.74 5.76
CA ILE Z 49 69.37 36.66 4.74
C ILE Z 49 70.25 37.89 4.78
N ASN Z 50 70.77 38.27 3.61
CA ASN Z 50 71.83 39.27 3.55
C ASN Z 50 71.41 40.62 4.12
N TRP Z 51 70.22 41.09 3.78
CA TRP Z 51 69.80 42.43 4.16
C TRP Z 51 69.16 42.48 5.54
N THR Z 52 69.35 41.45 6.37
CA THR Z 52 68.88 41.50 7.74
C THR Z 52 69.98 41.99 8.67
N VAL Z 53 69.57 42.74 9.69
CA VAL Z 53 70.51 43.38 10.61
C VAL Z 53 71.30 42.33 11.36
N LEU Z 54 70.64 41.24 11.77
CA LEU Z 54 71.34 40.18 12.50
C LEU Z 54 72.43 39.56 11.65
N TYR Z 55 72.17 39.34 10.36
CA TYR Z 55 73.21 38.88 9.46
C TYR Z 55 74.34 39.88 9.38
N ARG Z 56 74.00 41.17 9.30
CA ARG Z 56 75.02 42.21 9.19
C ARG Z 56 75.95 42.21 10.39
N ARG Z 57 75.39 42.08 11.60
CA ARG Z 57 76.25 42.07 12.76
C ARG Z 57 76.96 40.73 12.93
N LYS Z 58 76.36 39.63 12.45
CA LYS Z 58 77.05 38.35 12.55
C LYS Z 58 78.28 38.34 11.66
N HIS Z 59 78.17 38.89 10.46
CA HIS Z 59 79.29 38.94 9.54
C HIS Z 59 80.11 40.21 9.68
N LYS Z 60 79.73 41.09 10.61
CA LYS Z 60 80.51 42.28 10.98
C LYS Z 60 80.78 43.18 9.77
N LYS Z 61 79.78 43.32 8.92
CA LYS Z 61 79.94 44.12 7.71
C LYS Z 61 80.19 45.57 8.06
N GLY Z 62 81.19 46.16 7.41
CA GLY Z 62 81.57 47.54 7.68
C GLY Z 62 82.32 47.75 8.97
N GLN Z 63 81.80 47.26 10.08
CA GLN Z 63 82.36 47.54 11.38
C GLN Z 63 82.77 46.26 12.10
N THR Z 72 94.93 46.78 25.41
CA THR Z 72 96.33 46.39 25.59
C THR Z 72 96.57 45.78 26.96
N ARG Z 73 97.77 45.96 27.48
CA ARG Z 73 98.16 45.47 28.79
C ARG Z 73 98.16 46.62 29.79
N ARG Z 74 97.58 46.39 30.96
CA ARG Z 74 97.65 47.34 32.06
C ARG Z 74 97.82 46.58 33.37
N ALA Z 75 98.65 47.15 34.26
CA ALA Z 75 98.89 46.56 35.58
C ALA Z 75 99.36 47.67 36.51
N VAL Z 76 98.53 48.04 37.47
CA VAL Z 76 98.79 49.18 38.34
C VAL Z 76 98.63 48.75 39.80
N LYS Z 77 99.55 49.21 40.66
CA LYS Z 77 99.51 48.90 42.08
C LYS Z 77 99.78 50.18 42.86
N PHE Z 78 99.12 50.33 44.01
CA PHE Z 78 99.22 51.55 44.81
C PHE Z 78 99.60 51.21 46.24
N GLN Z 79 99.93 52.25 47.00
CA GLN Z 79 100.25 52.13 48.41
C GLN Z 79 99.13 52.74 49.23
N ARG Z 80 98.68 52.02 50.26
CA ARG Z 80 97.69 52.53 51.19
C ARG Z 80 98.13 52.25 52.62
N ALA Z 81 97.75 53.15 53.54
CA ALA Z 81 98.01 52.93 54.94
C ALA Z 81 97.15 51.80 55.49
N ILE Z 82 97.62 51.21 56.59
CA ILE Z 82 96.96 50.08 57.24
C ILE Z 82 96.52 50.54 58.63
N THR Z 83 95.39 50.01 59.11
CA THR Z 83 94.96 50.28 60.48
C THR Z 83 96.03 49.83 61.46
N GLY Z 84 96.65 50.78 62.14
CA GLY Z 84 97.76 50.50 63.03
C GLY Z 84 99.13 50.86 62.48
N ALA Z 85 99.22 51.22 61.19
CA ALA Z 85 100.51 51.55 60.58
C ALA Z 85 100.26 52.53 59.45
N SER Z 86 100.63 53.79 59.67
CA SER Z 86 100.41 54.83 58.68
C SER Z 86 101.39 54.69 57.52
N LEU Z 87 101.21 55.53 56.51
CA LEU Z 87 102.10 55.54 55.35
C LEU Z 87 103.52 55.93 55.77
N ALA Z 88 103.65 56.94 56.63
CA ALA Z 88 104.97 57.31 57.11
C ALA Z 88 105.61 56.17 57.87
N ASP Z 89 104.82 55.47 58.69
CA ASP Z 89 105.33 54.35 59.47
C ASP Z 89 105.86 53.25 58.56
N ILE Z 90 105.06 52.86 57.56
CA ILE Z 90 105.46 51.75 56.70
C ILE Z 90 106.64 52.13 55.83
N MET Z 91 106.68 53.39 55.36
CA MET Z 91 107.82 53.83 54.56
C MET Z 91 109.09 53.82 55.40
N ALA Z 92 109.00 54.31 56.64
CA ALA Z 92 110.17 54.29 57.53
C ALA Z 92 110.62 52.87 57.81
N LYS Z 93 109.67 51.94 57.98
CA LYS Z 93 110.05 50.54 58.14
C LYS Z 93 110.76 50.02 56.91
N ARG Z 94 110.30 50.38 55.71
CA ARG Z 94 110.93 49.84 54.52
C ARG Z 94 112.04 50.72 53.96
N ASN Z 95 112.34 51.86 54.57
CA ASN Z 95 113.46 52.70 54.15
C ASN Z 95 114.66 52.57 55.07
N GLN Z 96 114.87 51.40 55.67
CA GLN Z 96 116.07 51.11 56.44
C GLN Z 96 117.10 50.31 55.65
N LYS Z 97 117.18 50.53 54.34
CA LYS Z 97 118.20 49.86 53.54
C LYS Z 97 119.64 50.20 53.94
N PRO Z 98 120.04 51.47 54.28
CA PRO Z 98 121.48 51.72 54.45
C PRO Z 98 122.05 51.04 55.68
N GLU Z 99 122.24 49.72 55.58
CA GLU Z 99 122.87 48.86 56.57
C GLU Z 99 122.13 48.81 57.90
N VAL Z 100 120.95 49.43 58.00
CA VAL Z 100 120.18 49.35 59.23
C VAL Z 100 119.65 47.94 59.44
N ARG Z 101 119.17 47.31 58.35
CA ARG Z 101 118.75 45.91 58.43
C ARG Z 101 119.91 45.00 58.79
N LYS Z 102 121.13 45.32 58.33
CA LYS Z 102 122.28 44.52 58.75
C LYS Z 102 122.49 44.66 60.25
N ALA Z 103 122.27 45.86 60.78
CA ALA Z 103 122.39 46.06 62.22
C ALA Z 103 121.36 45.21 62.96
N GLN Z 104 120.12 45.19 62.46
CA GLN Z 104 119.09 44.37 63.13
C GLN Z 104 119.43 42.88 63.06
N ARG Z 105 119.88 42.40 61.90
CA ARG Z 105 120.16 40.97 61.81
C ARG Z 105 121.36 40.59 62.68
N GLU Z 106 122.38 41.45 62.73
CA GLU Z 106 123.55 41.10 63.53
C GLU Z 106 123.24 41.18 65.02
N GLN Z 107 122.41 42.14 65.45
CA GLN Z 107 122.03 42.17 66.86
C GLN Z 107 121.15 40.99 67.22
N ALA Z 108 120.26 40.57 66.32
CA ALA Z 108 119.46 39.38 66.58
C ALA Z 108 120.34 38.14 66.65
N ILE Z 109 121.34 38.04 65.77
CA ILE Z 109 122.23 36.89 65.76
C ILE Z 109 123.02 36.81 67.06
N ARG Z 110 123.59 37.95 67.51
CA ARG Z 110 124.37 37.91 68.75
C ARG Z 110 123.48 37.67 69.96
N ALA Z 111 122.27 38.23 69.98
CA ALA Z 111 121.33 37.94 71.06
C ALA Z 111 121.00 36.46 71.12
N ALA Z 112 120.71 35.87 69.96
CA ALA Z 112 120.53 34.43 69.87
C ALA Z 112 121.78 33.68 70.27
N LYS Z 113 122.96 34.28 70.10
CA LYS Z 113 124.18 33.57 70.48
C LYS Z 113 124.35 33.50 72.00
N GLU Z 114 124.11 34.60 72.71
CA GLU Z 114 124.20 34.47 74.17
C GLU Z 114 123.04 33.63 74.72
N ALA Z 115 121.86 33.68 74.09
CA ALA Z 115 120.80 32.77 74.47
C ALA Z 115 121.18 31.32 74.22
N LYS Z 116 121.91 31.06 73.12
CA LYS Z 116 122.34 29.71 72.79
C LYS Z 116 123.41 29.21 73.74
N LYS Z 117 124.30 30.10 74.19
CA LYS Z 117 125.27 29.70 75.20
C LYS Z 117 124.58 29.44 76.53
N ALA Z 118 123.54 30.21 76.85
CA ALA Z 118 122.71 29.89 78.00
C ALA Z 118 122.06 28.52 77.86
N LYS Z 119 121.60 28.19 76.65
CA LYS Z 119 121.01 26.88 76.39
C LYS Z 119 122.05 25.77 76.53
N GLN Z 120 123.29 26.02 76.09
CA GLN Z 120 124.36 25.05 76.26
C GLN Z 120 124.67 24.83 77.73
N ALA Z 121 124.65 25.90 78.53
CA ALA Z 121 124.90 25.77 79.96
C ALA Z 121 123.78 25.03 80.67
N SER Z 122 122.53 25.32 80.31
CA SER Z 122 121.37 24.81 81.03
C SER Z 122 120.78 23.54 80.42
N LYS Z 123 121.34 23.03 79.32
CA LYS Z 123 120.78 21.87 78.63
C LYS Z 123 121.50 20.57 79.00
N LYS Z 124 122.82 20.54 78.84
CA LYS Z 124 123.62 19.37 79.21
C LYS Z 124 123.75 19.24 80.72
N LYS AA 1 24.56 -59.73 -78.84
CA LYS AA 1 25.06 -60.37 -77.64
C LYS AA 1 26.17 -59.55 -76.98
N LYS AA 2 26.59 -58.49 -77.66
CA LYS AA 2 27.64 -57.61 -77.18
C LYS AA 2 27.17 -56.24 -76.73
N LYS AA 3 25.96 -55.84 -77.11
CA LYS AA 3 25.38 -54.59 -76.63
C LYS AA 3 25.10 -54.74 -75.14
N ILE AA 4 25.92 -54.07 -74.32
CA ILE AA 4 25.86 -54.21 -72.87
C ILE AA 4 25.77 -52.81 -72.28
N ARG AA 5 25.10 -52.71 -71.13
CA ARG AA 5 25.03 -51.45 -70.39
C ARG AA 5 25.69 -51.70 -69.03
N THR AA 6 26.96 -51.36 -68.94
CA THR AA 6 27.68 -51.39 -67.66
C THR AA 6 27.61 -50.07 -66.93
N SER AA 7 26.91 -49.08 -67.48
CA SER AA 7 26.71 -47.80 -66.85
C SER AA 7 25.22 -47.56 -66.64
N PRO AA 8 24.80 -47.29 -65.40
CA PRO AA 8 23.38 -47.05 -65.13
C PRO AA 8 22.91 -45.65 -65.50
N THR AA 9 23.77 -44.85 -66.13
CA THR AA 9 23.43 -43.50 -66.56
C THR AA 9 23.35 -43.47 -68.08
N PHE AA 10 22.28 -42.86 -68.59
CA PHE AA 10 22.09 -42.72 -70.02
C PHE AA 10 22.64 -41.37 -70.48
N ARG AA 11 23.50 -41.39 -71.49
CA ARG AA 11 24.01 -40.17 -72.08
C ARG AA 11 23.38 -39.96 -73.45
N ARG AA 12 23.29 -38.70 -73.85
CA ARG AA 12 22.81 -38.40 -75.19
C ARG AA 12 23.81 -38.93 -76.22
N PRO AA 13 23.40 -39.82 -77.11
CA PRO AA 13 24.35 -40.37 -78.09
C PRO AA 13 24.85 -39.29 -79.03
N LYS AA 14 26.13 -39.41 -79.39
CA LYS AA 14 26.80 -38.39 -80.19
C LYS AA 14 26.30 -38.48 -81.64
N THR AA 15 25.98 -37.33 -82.22
CA THR AA 15 25.47 -37.25 -83.58
C THR AA 15 26.32 -36.29 -84.40
N LEU AA 16 26.60 -36.65 -85.65
CA LEU AA 16 27.47 -35.84 -86.48
C LEU AA 16 26.83 -34.49 -86.76
N ARG AA 17 27.65 -33.45 -86.75
CA ARG AA 17 27.21 -32.07 -86.91
C ARG AA 17 27.76 -31.53 -88.22
N LEU AA 18 26.88 -31.32 -89.19
CA LEU AA 18 27.30 -30.94 -90.53
C LEU AA 18 27.88 -29.53 -90.55
N ARG AA 19 28.96 -29.37 -91.29
CA ARG AA 19 29.44 -28.03 -91.61
C ARG AA 19 28.42 -27.29 -92.45
N ARG AA 20 28.27 -26.01 -92.18
CA ARG AA 20 27.31 -25.19 -92.90
C ARG AA 20 27.70 -25.08 -94.37
N GLN AA 21 26.74 -25.34 -95.24
CA GLN AA 21 26.92 -25.21 -96.69
C GLN AA 21 25.84 -24.28 -97.20
N PRO AA 22 25.96 -22.99 -96.94
CA PRO AA 22 24.91 -22.05 -97.32
C PRO AA 22 24.75 -21.99 -98.82
N LYS AA 23 23.50 -21.85 -99.25
CA LYS AA 23 23.21 -21.72 -100.67
C LYS AA 23 23.48 -20.32 -101.19
N TYR AA 24 23.78 -19.37 -100.31
CA TYR AA 24 24.11 -18.01 -100.73
C TYR AA 24 24.85 -17.34 -99.60
N PRO AA 25 25.88 -16.54 -99.89
CA PRO AA 25 26.45 -15.70 -98.83
C PRO AA 25 25.45 -14.63 -98.44
N ARG AA 26 25.34 -14.39 -97.14
CA ARG AA 26 24.38 -13.41 -96.66
C ARG AA 26 24.83 -12.00 -97.02
N LYS AA 27 26.14 -11.81 -97.12
CA LYS AA 27 26.73 -10.56 -97.59
C LYS AA 27 27.27 -10.81 -98.99
N SER AA 28 27.02 -9.89 -99.91
CA SER AA 28 27.44 -10.09 -101.30
C SER AA 28 28.96 -10.19 -101.39
N ALA AA 29 29.67 -9.33 -100.66
CA ALA AA 29 31.12 -9.36 -100.63
C ALA AA 29 31.58 -9.01 -99.24
N PRO AA 30 32.76 -9.48 -98.84
CA PRO AA 30 33.30 -9.08 -97.54
C PRO AA 30 33.62 -7.59 -97.52
N ARG AA 31 33.37 -6.96 -96.38
CA ARG AA 31 33.66 -5.55 -96.24
C ARG AA 31 35.16 -5.30 -96.14
N ARG AA 32 35.60 -4.22 -96.76
CA ARG AA 32 37.02 -3.88 -96.77
C ARG AA 32 37.49 -3.48 -95.38
N ASN AA 33 38.79 -3.59 -95.18
CA ASN AA 33 39.41 -3.11 -93.94
C ASN AA 33 39.33 -1.59 -93.90
N LYS AA 34 38.44 -1.06 -93.06
CA LYS AA 34 38.42 0.37 -92.85
C LYS AA 34 39.68 0.85 -92.15
N LEU AA 35 40.34 -0.03 -91.41
CA LEU AA 35 41.57 0.32 -90.70
C LEU AA 35 42.79 -0.13 -91.49
N ASP AA 36 43.13 0.64 -92.52
CA ASP AA 36 44.36 0.38 -93.25
C ASP AA 36 45.51 1.06 -92.51
N HIS AA 37 46.73 0.91 -93.04
CA HIS AA 37 47.90 1.47 -92.38
C HIS AA 37 47.87 3.00 -92.37
N TYR AA 38 47.24 3.61 -93.38
CA TYR AA 38 47.04 5.04 -93.36
C TYR AA 38 46.11 5.48 -92.25
N ALA AA 39 45.01 4.75 -92.03
CA ALA AA 39 44.08 5.15 -90.99
C ALA AA 39 44.68 4.97 -89.60
N ILE AA 40 45.60 4.03 -89.45
CA ILE AA 40 46.20 3.80 -88.13
C ILE AA 40 47.06 4.98 -87.72
N ILE AA 41 47.94 5.43 -88.61
CA ILE AA 41 48.80 6.58 -88.32
C ILE AA 41 48.07 7.83 -88.79
N LYS AA 42 47.56 8.61 -87.85
CA LYS AA 42 46.87 9.84 -88.20
C LYS AA 42 47.86 10.94 -88.55
N PHE AA 43 48.75 11.28 -87.61
CA PHE AA 43 49.74 12.32 -87.84
C PHE AA 43 50.77 12.29 -86.72
N PRO AA 44 52.03 12.61 -87.00
CA PRO AA 44 53.05 12.62 -85.95
C PRO AA 44 52.89 13.81 -85.02
N LEU AA 45 53.48 13.68 -83.85
CA LEU AA 45 53.45 14.75 -82.86
C LEU AA 45 54.73 15.56 -82.94
N THR AA 46 54.61 16.88 -82.75
CA THR AA 46 55.72 17.80 -82.97
C THR AA 46 55.97 18.72 -81.77
N THR AA 47 55.73 18.23 -80.56
CA THR AA 47 56.00 19.05 -79.39
C THR AA 47 57.48 19.01 -79.05
N GLU AA 48 57.86 19.80 -78.04
CA GLU AA 48 59.24 19.77 -77.56
C GLU AA 48 59.59 18.40 -77.00
N SER AA 49 58.65 17.78 -76.29
CA SER AA 49 58.88 16.43 -75.80
C SER AA 49 59.07 15.46 -76.96
N ALA AA 50 58.26 15.61 -78.01
CA ALA AA 50 58.42 14.80 -79.20
C ALA AA 50 59.78 15.05 -79.84
N MET AA 51 60.21 16.32 -79.90
CA MET AA 51 61.52 16.61 -80.46
C MET AA 51 62.64 15.96 -79.64
N LYS AA 52 62.53 16.02 -78.32
CA LYS AA 52 63.55 15.39 -77.48
C LYS AA 52 63.57 13.89 -77.67
N LYS AA 53 62.39 13.28 -77.75
CA LYS AA 53 62.33 11.84 -77.99
C LYS AA 53 62.90 11.48 -79.34
N ILE AA 54 62.75 12.40 -80.31
CA ILE AA 54 63.32 12.18 -81.64
C ILE AA 54 64.83 12.24 -81.58
N GLU AA 55 65.37 13.27 -80.92
CA GLU AA 55 66.78 13.59 -81.01
C GLU AA 55 67.63 12.86 -79.97
N ASP AA 56 67.01 12.19 -79.01
CA ASP AA 56 67.77 11.55 -77.95
C ASP AA 56 67.59 10.04 -77.92
N ASN AA 57 66.35 9.58 -77.87
CA ASN AA 57 66.08 8.16 -77.73
C ASN AA 57 65.85 7.46 -79.06
N ASN AA 58 66.08 8.16 -80.17
CA ASN AA 58 65.80 7.64 -81.51
C ASN AA 58 64.35 7.19 -81.62
N THR AA 59 63.45 8.02 -81.10
CA THR AA 59 62.06 7.63 -80.89
C THR AA 59 61.14 8.62 -81.59
N LEU AA 60 60.28 8.10 -82.47
CA LEU AA 60 59.29 8.93 -83.14
C LEU AA 60 57.94 8.83 -82.43
N VAL AA 61 57.24 9.95 -82.39
CA VAL AA 61 55.95 10.07 -81.71
C VAL AA 61 54.88 10.26 -82.77
N PHE AA 62 53.82 9.45 -82.71
CA PHE AA 62 52.74 9.51 -83.67
C PHE AA 62 51.40 9.49 -82.95
N ILE AA 63 50.42 10.17 -83.53
CA ILE AA 63 49.04 10.11 -83.06
C ILE AA 63 48.33 9.05 -83.87
N VAL AA 64 47.78 8.05 -83.19
CA VAL AA 64 47.24 6.87 -83.85
C VAL AA 64 45.81 6.65 -83.40
N ASP AA 65 45.11 5.80 -84.15
CA ASP AA 65 43.75 5.44 -83.80
C ASP AA 65 43.73 4.62 -82.52
N VAL AA 66 42.64 4.78 -81.75
CA VAL AA 66 42.54 4.08 -80.48
C VAL AA 66 42.35 2.58 -80.64
N LYS AA 67 41.71 2.13 -81.71
CA LYS AA 67 41.44 0.70 -81.87
C LYS AA 67 42.63 -0.07 -82.44
N ALA AA 68 43.72 0.61 -82.76
CA ALA AA 68 44.91 -0.06 -83.27
C ALA AA 68 45.79 -0.52 -82.12
N ASN AA 69 46.30 -1.73 -82.21
CA ASN AA 69 47.19 -2.27 -81.21
C ASN AA 69 48.64 -1.99 -81.57
N LYS AA 70 49.55 -2.42 -80.71
CA LYS AA 70 50.96 -2.15 -80.93
C LYS AA 70 51.47 -2.83 -82.19
N HIS AA 71 51.09 -4.09 -82.41
CA HIS AA 71 51.58 -4.82 -83.57
C HIS AA 71 51.10 -4.17 -84.87
N GLN AA 72 49.84 -3.75 -84.89
CA GLN AA 72 49.30 -3.10 -86.08
C GLN AA 72 50.02 -1.80 -86.37
N ILE AA 73 50.32 -1.04 -85.33
CA ILE AA 73 51.06 0.20 -85.50
C ILE AA 73 52.44 -0.09 -86.04
N LYS AA 74 53.08 -1.13 -85.50
CA LYS AA 74 54.38 -1.56 -86.02
C LYS AA 74 54.31 -1.84 -87.51
N GLN AA 75 53.30 -2.60 -87.93
CA GLN AA 75 53.16 -2.94 -89.34
C GLN AA 75 52.89 -1.71 -90.19
N ALA AA 76 52.05 -0.80 -89.69
CA ALA AA 76 51.72 0.40 -90.45
C ALA AA 76 52.97 1.25 -90.69
N VAL AA 77 53.77 1.46 -89.64
CA VAL AA 77 54.99 2.24 -89.79
C VAL AA 77 55.97 1.52 -90.69
N LYS AA 78 56.12 0.20 -90.50
CA LYS AA 78 57.05 -0.58 -91.30
C LYS AA 78 56.67 -0.54 -92.77
N LYS AA 79 55.39 -0.39 -93.07
CA LYS AA 79 54.98 -0.31 -94.47
C LYS AA 79 55.18 1.10 -95.00
N LEU AA 80 54.47 2.08 -94.43
CA LEU AA 80 54.40 3.39 -95.06
C LEU AA 80 55.55 4.31 -94.66
N TYR AA 81 56.56 3.78 -93.98
CA TYR AA 81 57.79 4.52 -93.76
C TYR AA 81 59.03 3.75 -94.19
N ASP AA 82 58.89 2.47 -94.54
CA ASP AA 82 59.98 1.64 -95.05
C ASP AA 82 61.15 1.59 -94.08
N ILE AA 83 60.85 1.56 -92.79
CA ILE AA 83 61.85 1.51 -91.74
C ILE AA 83 61.48 0.42 -90.75
N ASP AA 84 62.50 -0.07 -90.06
CA ASP AA 84 62.34 -1.07 -89.01
C ASP AA 84 62.50 -0.41 -87.65
N VAL AA 85 61.64 -0.78 -86.71
CA VAL AA 85 61.57 -0.16 -85.40
C VAL AA 85 61.93 -1.20 -84.34
N ALA AA 86 62.30 -0.72 -83.15
CA ALA AA 86 62.68 -1.62 -82.08
C ALA AA 86 61.49 -2.03 -81.22
N LYS AA 87 60.83 -1.06 -80.58
CA LYS AA 87 59.66 -1.35 -79.76
C LYS AA 87 58.79 -0.11 -79.70
N VAL AA 88 57.55 -0.31 -79.24
CA VAL AA 88 56.54 0.73 -79.18
C VAL AA 88 55.92 0.76 -77.79
N ASN AA 89 55.83 1.95 -77.21
CA ASN AA 89 55.09 2.16 -75.98
C ASN AA 89 53.92 3.10 -76.26
N THR AA 90 52.78 2.82 -75.64
CA THR AA 90 51.53 3.44 -76.02
C THR AA 90 50.79 3.95 -74.79
N LEU AA 91 50.25 5.16 -74.90
CA LEU AA 91 49.35 5.72 -73.90
C LEU AA 91 48.19 6.40 -74.60
N ILE AA 92 47.11 6.59 -73.86
CA ILE AA 92 45.90 7.26 -74.36
C ILE AA 92 45.84 8.63 -73.73
N ARG AA 93 45.89 9.67 -74.56
CA ARG AA 93 45.88 11.02 -74.04
C ARG AA 93 44.53 11.35 -73.43
N PRO AA 94 44.50 12.23 -72.43
CA PRO AA 94 43.21 12.63 -71.85
C PRO AA 94 42.32 13.39 -72.80
N ASP AA 95 42.78 13.71 -74.01
CA ASP AA 95 41.90 14.25 -75.04
C ASP AA 95 41.20 13.16 -75.84
N GLY AA 96 41.49 11.90 -75.56
CA GLY AA 96 40.88 10.79 -76.26
C GLY AA 96 41.74 10.17 -77.34
N GLU AA 97 42.76 10.87 -77.83
CA GLU AA 97 43.62 10.27 -78.84
C GLU AA 97 44.63 9.34 -78.18
N LYS AA 98 45.17 8.44 -79.00
CA LYS AA 98 46.15 7.46 -78.58
C LYS AA 98 47.53 7.89 -79.07
N LYS AA 99 48.48 8.02 -78.15
CA LYS AA 99 49.82 8.46 -78.46
C LYS AA 99 50.76 7.27 -78.34
N ALA AA 100 51.58 7.06 -79.36
CA ALA AA 100 52.49 5.93 -79.40
C ALA AA 100 53.93 6.42 -79.54
N TYR AA 101 54.77 6.05 -78.58
CA TYR AA 101 56.20 6.31 -78.68
C TYR AA 101 56.85 5.12 -79.37
N VAL AA 102 57.43 5.37 -80.55
CA VAL AA 102 58.02 4.33 -81.37
C VAL AA 102 59.52 4.53 -81.35
N ARG AA 103 60.23 3.67 -80.63
CA ARG AA 103 61.70 3.71 -80.63
C ARG AA 103 62.20 2.86 -81.77
N LEU AA 104 63.03 3.45 -82.63
CA LEU AA 104 63.43 2.81 -83.86
C LEU AA 104 64.55 1.80 -83.62
N ALA AA 105 64.84 1.02 -84.66
CA ALA AA 105 65.93 0.07 -84.61
C ALA AA 105 67.26 0.80 -84.48
N PRO AA 106 68.28 0.15 -83.90
CA PRO AA 106 69.58 0.81 -83.74
C PRO AA 106 70.22 1.27 -85.04
N ASP AA 107 70.07 0.51 -86.12
CA ASP AA 107 70.68 0.88 -87.39
C ASP AA 107 70.03 2.10 -88.03
N TYR AA 108 68.88 2.54 -87.53
CA TYR AA 108 68.15 3.67 -88.08
C TYR AA 108 68.37 4.92 -87.24
N ASP AA 109 68.34 6.08 -87.90
CA ASP AA 109 68.34 7.38 -87.24
C ASP AA 109 66.92 7.93 -87.23
N ALA AA 110 66.49 8.44 -86.08
CA ALA AA 110 65.21 9.13 -86.04
C ALA AA 110 65.28 10.49 -86.70
N LEU AA 111 66.43 11.15 -86.62
CA LEU AA 111 66.54 12.53 -87.08
C LEU AA 111 66.23 12.65 -88.56
N ASP AA 112 67.03 12.02 -89.40
CA ASP AA 112 66.84 12.07 -90.84
C ASP AA 112 65.49 11.55 -91.29
N VAL AA 113 64.94 10.56 -90.58
CA VAL AA 113 63.60 10.07 -90.91
C VAL AA 113 62.58 11.18 -90.68
N ALA AA 114 62.68 11.86 -89.53
CA ALA AA 114 61.78 12.98 -89.27
C ALA AA 114 61.98 14.08 -90.31
N ASN AA 115 63.21 14.25 -90.79
CA ASN AA 115 63.49 15.25 -91.80
C ASN AA 115 62.77 14.93 -93.10
N LYS AA 116 62.94 13.70 -93.61
CA LYS AA 116 62.35 13.36 -94.89
C LYS AA 116 60.84 13.24 -94.80
N ILE AA 117 60.33 12.90 -93.61
CA ILE AA 117 58.89 13.05 -93.37
C ILE AA 117 58.51 14.52 -93.44
N GLY AA 118 59.34 15.38 -92.86
CA GLY AA 118 59.11 16.81 -92.94
C GLY AA 118 58.51 17.38 -91.66
N ILE AA 119 58.90 16.83 -90.52
CA ILE AA 119 58.33 17.26 -89.25
C ILE AA 119 59.41 17.89 -88.40
N ILE AA 120 60.51 18.28 -89.02
CA ILE AA 120 61.61 18.89 -88.31
C ILE AA 120 61.23 20.33 -87.97
N MET BA 1 -8.02 37.63 -106.65
CA MET BA 1 -7.07 37.25 -105.62
C MET BA 1 -6.69 35.78 -105.72
N LYS BA 2 -5.87 35.32 -104.79
CA LYS BA 2 -5.43 33.94 -104.80
C LYS BA 2 -6.58 33.02 -104.42
N PHE BA 3 -6.79 31.97 -105.21
CA PHE BA 3 -7.83 30.99 -104.96
C PHE BA 3 -7.32 29.58 -104.75
N ASN BA 4 -6.07 29.32 -105.06
CA ASN BA 4 -5.50 28.00 -104.88
C ASN BA 4 -5.51 27.63 -103.40
N PRO BA 5 -6.13 26.52 -103.02
CA PRO BA 5 -6.08 26.07 -101.63
C PRO BA 5 -4.75 25.43 -101.23
N PHE BA 6 -3.73 25.52 -102.07
CA PHE BA 6 -2.49 24.82 -101.81
C PHE BA 6 -1.28 25.75 -101.72
N VAL BA 7 -1.48 27.05 -101.84
CA VAL BA 7 -0.43 28.04 -101.57
C VAL BA 7 -0.95 28.98 -100.50
N THR BA 8 -0.12 29.25 -99.51
CA THR BA 8 -0.54 30.02 -98.35
C THR BA 8 -0.46 31.52 -98.61
N SER BA 9 -1.30 32.27 -97.91
CA SER BA 9 -1.21 33.71 -97.86
C SER BA 9 -0.83 34.21 -96.48
N ASP BA 10 -0.50 33.31 -95.55
CA ASP BA 10 -0.17 33.70 -94.19
C ASP BA 10 1.12 34.52 -94.17
N ARG BA 11 1.08 35.65 -93.46
CA ARG BA 11 2.24 36.53 -93.39
C ARG BA 11 3.39 35.84 -92.69
N SER BA 12 3.11 35.08 -91.63
CA SER BA 12 4.15 34.36 -90.93
C SER BA 12 4.80 33.32 -91.84
N LYS BA 13 3.99 32.53 -92.54
CA LYS BA 13 4.52 31.49 -93.40
C LYS BA 13 5.30 32.09 -94.57
N ASN BA 14 4.76 33.15 -95.17
CA ASN BA 14 5.44 33.80 -96.29
C ASN BA 14 6.78 34.38 -95.83
N ARG BA 15 6.80 35.05 -94.68
CA ARG BA 15 8.05 35.61 -94.17
C ARG BA 15 9.05 34.52 -93.83
N LYS BA 16 8.57 33.40 -93.27
CA LYS BA 16 9.47 32.30 -92.96
C LYS BA 16 10.10 31.73 -94.22
N ARG BA 17 9.29 31.54 -95.28
CA ARG BA 17 9.84 31.07 -96.53
C ARG BA 17 10.85 32.07 -97.10
N HIS BA 18 10.53 33.36 -97.02
CA HIS BA 18 11.39 34.38 -97.61
C HIS BA 18 12.73 34.45 -96.89
N PHE BA 19 12.71 34.52 -95.56
CA PHE BA 19 13.93 34.69 -94.80
C PHE BA 19 14.72 33.40 -94.64
N ASN BA 20 14.14 32.26 -95.00
CA ASN BA 20 14.82 30.98 -94.86
C ASN BA 20 14.89 30.22 -96.18
N ALA BA 21 14.72 30.91 -97.28
CA ALA BA 21 14.77 30.26 -98.58
C ALA BA 21 16.18 29.79 -98.87
N PRO BA 22 16.35 28.59 -99.43
CA PRO BA 22 17.68 28.15 -99.86
C PRO BA 22 18.16 28.97 -101.06
N SER BA 23 19.46 28.84 -101.32
CA SER BA 23 20.11 29.69 -102.32
C SER BA 23 19.55 29.47 -103.72
N HIS BA 24 19.24 28.23 -104.08
CA HIS BA 24 18.84 27.92 -105.44
C HIS BA 24 17.51 28.55 -105.81
N ILE BA 25 16.74 29.02 -104.83
CA ILE BA 25 15.60 29.88 -105.13
C ILE BA 25 15.82 31.32 -104.65
N ARG BA 26 16.79 31.56 -103.76
CA ARG BA 26 17.18 32.92 -103.46
C ARG BA 26 17.69 33.64 -104.70
N ARG BA 27 18.30 32.89 -105.62
CA ARG BA 27 18.70 33.46 -106.89
C ARG BA 27 17.50 34.03 -107.63
N LYS BA 28 16.42 33.27 -107.72
CA LYS BA 28 15.19 33.78 -108.34
C LYS BA 28 14.61 34.91 -107.52
N ILE BA 29 14.79 34.87 -106.21
CA ILE BA 29 14.30 35.94 -105.34
C ILE BA 29 14.99 37.24 -105.68
N MET BA 30 16.31 37.21 -105.82
CA MET BA 30 17.06 38.42 -106.13
C MET BA 30 17.00 38.70 -107.63
N SER BA 31 15.85 39.22 -108.05
CA SER BA 31 15.56 39.50 -109.45
C SER BA 31 15.31 40.99 -109.66
N SER BA 32 15.74 41.48 -110.82
CA SER BA 32 15.66 42.90 -111.14
C SER BA 32 15.05 43.11 -112.51
N PRO BA 33 14.38 44.24 -112.72
CA PRO BA 33 13.87 44.56 -114.06
C PRO BA 33 14.97 45.02 -115.00
N LEU BA 34 14.74 44.77 -116.28
CA LEU BA 34 15.68 45.15 -117.32
C LEU BA 34 15.45 46.59 -117.76
N SER BA 35 16.42 47.13 -118.48
CA SER BA 35 16.25 48.45 -119.04
C SER BA 35 15.19 48.42 -120.14
N LYS BA 36 14.63 49.60 -120.43
CA LYS BA 36 13.61 49.68 -121.47
C LYS BA 36 14.17 49.26 -122.81
N GLU BA 37 15.43 49.57 -123.08
CA GLU BA 37 16.10 49.05 -124.26
C GLU BA 37 16.22 47.55 -124.20
N LEU BA 38 16.61 47.01 -123.05
CA LEU BA 38 16.69 45.56 -122.90
C LEU BA 38 15.31 44.92 -122.94
N ARG BA 39 14.32 45.58 -122.33
CA ARG BA 39 12.96 45.04 -122.38
C ARG BA 39 12.43 45.01 -123.80
N GLN BA 40 12.79 46.00 -124.62
CA GLN BA 40 12.33 46.00 -126.00
C GLN BA 40 13.08 44.95 -126.81
N LYS BA 41 14.39 44.83 -126.61
CA LYS BA 41 15.18 43.90 -127.42
C LYS BA 41 14.83 42.45 -127.11
N TYR BA 42 14.83 42.09 -125.84
CA TYR BA 42 14.45 40.74 -125.41
C TYR BA 42 13.05 40.81 -124.82
N ASN BA 43 12.15 39.98 -125.32
CA ASN BA 43 10.74 40.09 -124.96
C ASN BA 43 10.49 39.51 -123.57
N VAL BA 44 11.17 40.12 -122.59
CA VAL BA 44 11.06 39.76 -121.18
C VAL BA 44 10.97 41.05 -120.37
N ARG BA 45 10.62 40.91 -119.09
CA ARG BA 45 10.51 42.05 -118.19
C ARG BA 45 11.58 42.06 -117.11
N SER BA 46 11.65 40.99 -116.30
CA SER BA 46 12.54 40.95 -115.15
C SER BA 46 13.60 39.86 -115.35
N MET BA 47 14.67 39.95 -114.57
CA MET BA 47 15.73 38.98 -114.68
C MET BA 47 16.37 38.76 -113.32
N PRO BA 48 16.66 37.51 -112.97
CA PRO BA 48 17.44 37.26 -111.75
C PRO BA 48 18.85 37.85 -111.87
N ILE BA 49 19.37 38.32 -110.74
CA ILE BA 49 20.65 39.01 -110.75
C ILE BA 49 21.76 38.03 -111.07
N ARG BA 50 22.87 38.56 -111.60
CA ARG BA 50 23.98 37.76 -112.08
C ARG BA 50 25.28 38.47 -111.72
N LYS BA 51 26.37 37.72 -111.71
CA LYS BA 51 27.61 38.16 -111.06
C LYS BA 51 28.18 39.42 -111.70
N ASP BA 52 28.20 39.50 -113.02
CA ASP BA 52 29.04 40.46 -113.71
C ASP BA 52 28.30 41.19 -114.83
N ASP BA 53 27.12 41.73 -114.53
CA ASP BA 53 26.39 42.55 -115.49
C ASP BA 53 26.36 44.00 -115.02
N GLU BA 54 25.97 44.90 -115.92
CA GLU BA 54 25.98 46.33 -115.63
C GLU BA 54 24.59 46.81 -115.29
N VAL BA 55 24.46 47.50 -114.15
CA VAL BA 55 23.20 48.03 -113.66
C VAL BA 55 23.39 49.47 -113.22
N GLN BA 56 22.28 50.11 -112.84
CA GLN BA 56 22.28 51.46 -112.29
C GLN BA 56 21.27 51.56 -111.16
N VAL BA 57 21.38 52.63 -110.37
CA VAL BA 57 20.58 52.81 -109.17
C VAL BA 57 19.38 53.68 -109.48
N VAL BA 58 18.20 53.26 -109.03
CA VAL BA 58 16.97 54.02 -109.21
C VAL BA 58 16.32 54.43 -107.91
N ARG BA 59 16.77 53.93 -106.77
CA ARG BA 59 16.18 54.29 -105.49
C ARG BA 59 17.30 54.49 -104.47
N GLY BA 60 17.01 55.31 -103.47
CA GLY BA 60 17.93 55.50 -102.37
C GLY BA 60 18.85 56.70 -102.54
N HIS BA 61 19.97 56.64 -101.81
CA HIS BA 61 20.91 57.75 -101.78
C HIS BA 61 21.74 57.87 -103.05
N TYR BA 62 22.10 56.76 -103.67
CA TYR BA 62 22.99 56.77 -104.82
C TYR BA 62 22.23 56.74 -106.14
N LYS BA 63 21.05 57.37 -106.18
CA LYS BA 63 20.28 57.43 -107.40
C LYS BA 63 21.04 58.18 -108.49
N GLY BA 64 21.00 57.64 -109.70
CA GLY BA 64 21.66 58.27 -110.81
C GLY BA 64 21.83 57.29 -111.96
N GLN BA 65 22.12 57.86 -113.13
CA GLN BA 65 22.21 57.08 -114.35
C GLN BA 65 23.63 56.58 -114.65
N GLN BA 66 24.57 56.83 -113.75
CA GLN BA 66 25.89 56.22 -113.88
C GLN BA 66 25.78 54.70 -113.82
N ILE BA 67 26.60 54.03 -114.61
CA ILE BA 67 26.47 52.58 -114.80
C ILE BA 67 27.60 51.89 -114.08
N GLY BA 68 27.24 51.03 -113.13
CA GLY BA 68 28.21 50.23 -112.40
C GLY BA 68 27.95 48.76 -112.61
N LYS BA 69 29.02 47.97 -112.64
CA LYS BA 69 28.88 46.53 -112.83
C LYS BA 69 28.85 45.84 -111.47
N VAL BA 70 28.02 44.80 -111.38
CA VAL BA 70 27.93 44.01 -110.16
C VAL BA 70 29.27 43.35 -109.87
N VAL BA 71 29.67 43.39 -108.61
CA VAL BA 71 30.92 42.74 -108.19
C VAL BA 71 30.69 41.65 -107.15
N GLN BA 72 29.49 41.52 -106.60
CA GLN BA 72 29.20 40.46 -105.65
C GLN BA 72 27.71 40.27 -105.44
N VAL BA 73 27.26 39.03 -105.50
CA VAL BA 73 25.88 38.66 -105.23
C VAL BA 73 25.89 37.96 -103.88
N TYR BA 74 25.55 38.68 -102.82
CA TYR BA 74 25.62 38.13 -101.47
C TYR BA 74 24.22 37.68 -101.08
N ARG BA 75 23.85 36.49 -101.54
CA ARG BA 75 22.49 35.97 -101.36
C ARG BA 75 22.15 35.74 -99.90
N LYS BA 76 23.15 35.61 -99.03
CA LYS BA 76 22.87 35.49 -97.61
C LYS BA 76 22.18 36.72 -97.05
N LYS BA 77 22.66 37.90 -97.42
CA LYS BA 77 22.09 39.16 -96.95
C LYS BA 77 21.18 39.81 -97.97
N TYR BA 78 20.88 39.11 -99.07
CA TYR BA 78 19.89 39.54 -100.05
C TYR BA 78 20.28 40.89 -100.66
N VAL BA 79 21.58 41.14 -100.78
CA VAL BA 79 22.09 42.41 -101.28
C VAL BA 79 23.18 42.13 -102.31
N ILE BA 80 23.54 43.18 -103.04
CA ILE BA 80 24.58 43.10 -104.06
C ILE BA 80 25.52 44.28 -103.93
N TYR BA 81 26.74 44.10 -104.41
CA TYR BA 81 27.78 45.11 -104.35
C TYR BA 81 28.06 45.63 -105.75
N ILE BA 82 28.31 46.94 -105.86
CA ILE BA 82 28.55 47.59 -107.14
C ILE BA 82 29.92 48.25 -107.08
N GLU BA 83 30.47 48.53 -108.27
CA GLU BA 83 31.85 48.99 -108.39
C GLU BA 83 32.10 50.27 -107.59
N ARG BA 84 31.46 51.36 -107.98
CA ARG BA 84 31.70 52.62 -107.31
C ARG BA 84 30.78 52.86 -106.12
N VAL BA 85 29.76 52.01 -105.93
CA VAL BA 85 28.81 52.19 -104.84
C VAL BA 85 29.49 51.66 -103.58
N GLN BA 86 30.14 52.56 -102.86
CA GLN BA 86 30.87 52.22 -101.66
C GLN BA 86 31.00 53.48 -100.82
N ARG BA 87 31.25 53.29 -99.54
CA ARG BA 87 31.40 54.42 -98.63
C ARG BA 87 32.70 54.25 -97.85
N GLU BA 88 33.28 55.39 -97.46
CA GLU BA 88 34.43 55.37 -96.60
C GLU BA 88 34.01 55.19 -95.15
N LYS BA 89 34.76 54.38 -94.42
CA LYS BA 89 34.55 54.27 -92.99
C LYS BA 89 35.60 55.11 -92.28
N ALA BA 90 35.66 54.96 -90.95
CA ALA BA 90 36.48 55.85 -90.13
C ALA BA 90 37.96 55.72 -90.50
N ASN BA 91 38.44 54.51 -90.74
CA ASN BA 91 39.84 54.30 -91.06
C ASN BA 91 40.19 54.64 -92.50
N GLY BA 92 39.30 55.28 -93.24
CA GLY BA 92 39.62 55.80 -94.56
C GLY BA 92 39.55 54.80 -95.69
N THR BA 93 39.03 53.61 -95.47
CA THR BA 93 38.89 52.61 -96.53
C THR BA 93 37.47 52.56 -97.06
N THR BA 94 37.34 52.13 -98.31
CA THR BA 94 36.04 52.03 -98.97
C THR BA 94 35.41 50.68 -98.68
N VAL BA 95 34.16 50.69 -98.23
CA VAL BA 95 33.39 49.47 -98.05
C VAL BA 95 32.16 49.56 -98.94
N HIS BA 96 31.92 48.49 -99.69
CA HIS BA 96 30.83 48.47 -100.65
C HIS BA 96 29.50 48.50 -99.91
N VAL BA 97 28.53 49.22 -100.48
CA VAL BA 97 27.22 49.36 -99.85
C VAL BA 97 26.25 48.42 -100.56
N GLY BA 98 25.88 47.35 -99.87
CA GLY BA 98 24.96 46.38 -100.45
C GLY BA 98 23.55 46.94 -100.51
N ILE BA 99 22.91 46.78 -101.66
CA ILE BA 99 21.55 47.26 -101.86
C ILE BA 99 20.71 46.15 -102.48
N HIS BA 100 19.40 46.29 -102.34
CA HIS BA 100 18.49 45.25 -102.80
C HIS BA 100 18.48 45.20 -104.33
N PRO BA 101 18.39 44.01 -104.92
CA PRO BA 101 18.28 43.93 -106.39
C PRO BA 101 16.99 44.50 -106.94
N SER BA 102 15.92 44.57 -106.14
CA SER BA 102 14.68 45.14 -106.66
C SER BA 102 14.79 46.63 -106.92
N LYS BA 103 15.84 47.27 -106.45
CA LYS BA 103 16.01 48.70 -106.58
C LYS BA 103 17.01 49.08 -107.67
N VAL BA 104 17.37 48.13 -108.54
CA VAL BA 104 18.26 48.41 -109.66
C VAL BA 104 17.61 47.93 -110.94
N VAL BA 105 18.11 48.48 -112.05
CA VAL BA 105 17.65 48.12 -113.39
C VAL BA 105 18.86 47.68 -114.19
N ILE BA 106 18.71 46.60 -114.95
CA ILE BA 106 19.84 46.02 -115.66
C ILE BA 106 19.94 46.66 -117.04
N THR BA 107 21.12 47.17 -117.37
CA THR BA 107 21.37 47.83 -118.63
C THR BA 107 22.04 46.95 -119.66
N ARG BA 108 22.91 46.04 -119.23
CA ARG BA 108 23.56 45.09 -120.12
C ARG BA 108 23.73 43.78 -119.38
N LEU BA 109 23.32 42.69 -120.03
CA LEU BA 109 23.28 41.38 -119.40
C LEU BA 109 24.59 40.63 -119.60
N LYS BA 110 25.10 40.07 -118.52
CA LYS BA 110 26.23 39.15 -118.62
C LYS BA 110 25.66 37.84 -119.14
N LEU BA 111 26.00 37.50 -120.38
CA LEU BA 111 25.27 36.51 -121.15
C LEU BA 111 26.13 35.29 -121.40
N ASP BA 112 25.54 34.10 -121.22
CA ASP BA 112 26.14 32.86 -121.65
C ASP BA 112 25.04 31.97 -122.22
N LYS BA 113 25.38 30.70 -122.40
CA LYS BA 113 24.39 29.75 -122.94
C LYS BA 113 23.20 29.58 -122.00
N ASP BA 114 23.45 29.56 -120.69
CA ASP BA 114 22.35 29.41 -119.73
C ASP BA 114 21.43 30.63 -119.75
N ARG BA 115 22.01 31.84 -119.66
CA ARG BA 115 21.22 33.05 -119.70
C ARG BA 115 20.44 33.17 -121.00
N LYS BA 116 21.09 32.90 -122.13
CA LYS BA 116 20.41 32.99 -123.40
C LYS BA 116 19.24 32.02 -123.44
N LYS BA 117 19.47 30.77 -122.98
CA LYS BA 117 18.40 29.78 -122.99
C LYS BA 117 17.21 30.23 -122.16
N ILE BA 118 17.47 30.74 -120.96
CA ILE BA 118 16.39 31.27 -120.12
C ILE BA 118 15.67 32.40 -120.86
N LEU BA 119 16.41 33.18 -121.64
CA LEU BA 119 15.80 34.29 -122.36
C LEU BA 119 14.81 33.79 -123.41
N GLU BA 120 15.23 32.80 -124.23
CA GLU BA 120 14.27 32.21 -125.17
C GLU BA 120 13.10 31.57 -124.44
N ARG BA 121 13.34 30.92 -123.30
CA ARG BA 121 12.23 30.28 -122.60
C ARG BA 121 11.21 31.31 -122.15
N LYS BA 122 11.67 32.40 -121.53
CA LYS BA 122 10.74 33.42 -121.05
C LYS BA 122 10.07 34.14 -122.21
N ALA BA 123 10.80 34.40 -123.30
CA ALA BA 123 10.21 35.04 -124.45
C ALA BA 123 9.10 34.19 -125.06
N LYS BA 124 9.35 32.88 -125.17
CA LYS BA 124 8.32 31.97 -125.67
C LYS BA 124 7.12 31.93 -124.74
N SER BA 125 7.36 31.92 -123.43
CA SER BA 125 6.25 31.88 -122.49
C SER BA 125 5.38 33.13 -122.60
N ARG BA 126 6.01 34.30 -122.67
CA ARG BA 126 5.24 35.54 -122.79
C ARG BA 126 4.53 35.60 -124.14
N GLN BA 127 5.18 35.11 -125.20
CA GLN BA 127 4.53 35.08 -126.50
C GLN BA 127 3.30 34.18 -126.48
N VAL BA 128 3.41 33.01 -125.84
CA VAL BA 128 2.25 32.11 -125.74
C VAL BA 128 1.14 32.78 -124.95
N GLY BA 129 1.51 33.49 -123.88
CA GLY BA 129 0.51 34.22 -123.12
C GLY BA 129 -0.18 35.29 -123.92
N LYS BA 130 0.57 36.05 -124.71
CA LYS BA 130 -0.03 37.06 -125.57
C LYS BA 130 -0.95 36.42 -126.60
N GLU BA 131 -0.51 35.31 -127.19
CA GLU BA 131 -1.32 34.63 -128.20
C GLU BA 131 -2.64 34.14 -127.62
N LYS BA 132 -2.61 33.55 -126.42
CA LYS BA 132 -3.84 33.09 -125.80
C LYS BA 132 -4.72 34.28 -125.42
N GLY BA 133 -4.13 35.35 -124.93
CA GLY BA 133 -4.85 36.53 -124.52
C GLY BA 133 -5.09 37.58 -125.59
N LYS BA 134 -4.72 37.30 -126.83
CA LYS BA 134 -4.92 38.29 -127.89
C LYS BA 134 -6.39 38.40 -128.26
N GLY CA 1 67.78 -70.12 -31.78
CA GLY CA 1 69.00 -69.96 -32.54
C GLY CA 1 68.94 -68.79 -33.50
N LYS CA 2 70.09 -68.43 -34.07
CA LYS CA 2 70.15 -67.31 -34.98
C LYS CA 2 69.58 -67.69 -36.34
N PHE CA 3 68.68 -66.85 -36.86
CA PHE CA 3 68.04 -67.11 -38.15
C PHE CA 3 68.61 -66.28 -39.28
N MET CA 4 69.34 -65.20 -38.99
CA MET CA 4 69.96 -64.40 -40.04
C MET CA 4 71.12 -65.17 -40.66
N LYS CA 5 70.83 -65.90 -41.72
CA LYS CA 5 71.77 -66.80 -42.37
C LYS CA 5 71.75 -66.57 -43.87
N PRO CA 6 72.82 -66.94 -44.58
CA PRO CA 6 72.84 -66.77 -46.04
C PRO CA 6 71.71 -67.55 -46.71
N GLY CA 7 71.19 -66.98 -47.79
CA GLY CA 7 70.11 -67.58 -48.54
C GLY CA 7 68.73 -67.26 -48.02
N LYS CA 8 68.62 -66.49 -46.94
CA LYS CA 8 67.32 -66.17 -46.36
C LYS CA 8 66.75 -64.91 -46.99
N VAL CA 9 65.48 -64.97 -47.36
CA VAL CA 9 64.80 -63.85 -47.99
C VAL CA 9 64.48 -62.79 -46.94
N VAL CA 10 64.82 -61.54 -47.23
CA VAL CA 10 64.61 -60.43 -46.32
C VAL CA 10 63.97 -59.28 -47.08
N LEU CA 11 63.51 -58.28 -46.34
CA LEU CA 11 62.90 -57.09 -46.92
C LEU CA 11 63.72 -55.86 -46.56
N VAL CA 12 64.05 -55.06 -47.57
CA VAL CA 12 64.73 -53.79 -47.35
C VAL CA 12 63.71 -52.78 -46.85
N LEU CA 13 64.07 -52.06 -45.78
CA LEU CA 13 63.14 -51.14 -45.16
C LEU CA 13 63.44 -49.68 -45.44
N ALA CA 14 64.70 -49.31 -45.63
CA ALA CA 14 65.07 -47.93 -45.85
C ALA CA 14 65.95 -47.82 -47.08
N GLY CA 15 66.20 -46.59 -47.50
CA GLY CA 15 67.09 -46.32 -48.60
C GLY CA 15 66.39 -46.33 -49.94
N ARG CA 16 67.20 -46.19 -50.99
CA ARG CA 16 66.68 -46.12 -52.35
C ARG CA 16 65.95 -47.39 -52.76
N TYR CA 17 66.34 -48.54 -52.21
CA TYR CA 17 65.72 -49.81 -52.52
C TYR CA 17 64.66 -50.21 -51.51
N SER CA 18 63.96 -49.23 -50.96
CA SER CA 18 62.94 -49.50 -49.94
C SER CA 18 61.82 -50.36 -50.52
N GLY CA 19 61.45 -51.40 -49.79
CA GLY CA 19 60.41 -52.29 -50.21
C GLY CA 19 60.82 -53.36 -51.19
N ARG CA 20 62.07 -53.37 -51.63
CA ARG CA 20 62.55 -54.40 -52.52
C ARG CA 20 62.78 -55.69 -51.76
N LYS CA 21 62.30 -56.80 -52.32
CA LYS CA 21 62.69 -58.10 -51.82
C LYS CA 21 64.15 -58.36 -52.16
N ALA CA 22 64.84 -59.09 -51.28
CA ALA CA 22 66.26 -59.31 -51.46
C ALA CA 22 66.66 -60.58 -50.74
N VAL CA 23 67.84 -61.09 -51.08
CA VAL CA 23 68.34 -62.35 -50.55
C VAL CA 23 69.63 -62.08 -49.79
N ILE CA 24 69.77 -62.70 -48.63
CA ILE CA 24 70.97 -62.53 -47.83
C ILE CA 24 72.11 -63.29 -48.50
N VAL CA 25 73.22 -62.61 -48.72
CA VAL CA 25 74.42 -63.24 -49.29
C VAL CA 25 75.36 -63.71 -48.20
N LYS CA 26 75.71 -62.82 -47.27
CA LYS CA 26 76.66 -63.16 -46.22
C LYS CA 26 76.37 -62.26 -45.03
N ASN CA 27 75.83 -62.84 -43.96
CA ASN CA 27 75.57 -62.09 -42.75
C ASN CA 27 76.85 -61.89 -41.96
N ILE CA 28 76.99 -60.73 -41.33
CA ILE CA 28 78.14 -60.40 -40.51
C ILE CA 28 77.77 -60.33 -39.04
N ASP CA 29 76.70 -59.59 -38.73
CA ASP CA 29 76.02 -59.52 -37.42
C ASP CA 29 76.96 -59.39 -36.24
N ASP CA 30 78.16 -58.84 -36.46
CA ASP CA 30 79.11 -58.76 -35.38
C ASP CA 30 79.81 -57.42 -35.25
N GLY CA 31 79.77 -56.56 -36.26
CA GLY CA 31 80.56 -55.35 -36.14
C GLY CA 31 82.02 -55.60 -36.46
N THR CA 32 82.59 -54.71 -37.25
CA THR CA 32 83.92 -54.91 -37.78
C THR CA 32 84.84 -53.73 -37.54
N SER CA 33 84.44 -52.81 -36.65
CA SER CA 33 85.12 -51.54 -36.41
C SER CA 33 85.07 -50.64 -37.64
N ASP CA 34 84.47 -51.13 -38.72
CA ASP CA 34 84.06 -50.33 -39.86
C ASP CA 34 82.56 -50.17 -39.92
N ARG CA 35 81.82 -51.24 -39.68
CA ARG CA 35 80.37 -51.20 -39.50
C ARG CA 35 80.07 -51.90 -38.18
N PRO CA 36 80.22 -51.20 -37.06
CA PRO CA 36 80.04 -51.86 -35.75
C PRO CA 36 78.65 -52.41 -35.53
N TYR CA 37 77.65 -51.95 -36.25
CA TYR CA 37 76.33 -52.51 -36.13
C TYR CA 37 76.29 -53.89 -36.78
N SER CA 38 75.21 -54.61 -36.50
CA SER CA 38 75.01 -55.91 -37.13
C SER CA 38 74.52 -55.71 -38.56
N HIS CA 39 75.34 -56.12 -39.53
CA HIS CA 39 75.10 -55.82 -40.93
C HIS CA 39 75.21 -57.10 -41.74
N ALA CA 40 74.89 -57.01 -43.03
CA ALA CA 40 74.92 -58.19 -43.88
C ALA CA 40 75.08 -57.77 -45.33
N LEU CA 41 75.88 -58.52 -46.08
CA LEU CA 41 75.95 -58.35 -47.53
C LEU CA 41 74.70 -58.96 -48.14
N VAL CA 42 73.99 -58.17 -48.94
CA VAL CA 42 72.68 -58.56 -49.46
C VAL CA 42 72.62 -58.25 -50.94
N ALA CA 43 72.13 -59.20 -51.72
CA ALA CA 43 71.83 -59.00 -53.15
C ALA CA 43 70.34 -58.82 -53.31
N GLY CA 44 69.95 -57.80 -54.07
CA GLY CA 44 68.54 -57.53 -54.27
C GLY CA 44 68.19 -57.21 -55.71
N ILE CA 45 66.91 -56.96 -55.98
CA ILE CA 45 66.44 -56.64 -57.31
C ILE CA 45 65.86 -55.23 -57.29
N ASP CA 46 66.25 -54.42 -58.27
CA ASP CA 46 65.68 -53.09 -58.38
C ASP CA 46 64.36 -53.13 -59.15
N ARG CA 47 64.37 -53.77 -60.32
CA ARG CA 47 63.22 -53.80 -61.20
C ARG CA 47 62.68 -55.22 -61.24
N TYR CA 48 61.48 -55.42 -60.69
CA TYR CA 48 60.86 -56.73 -60.73
C TYR CA 48 60.51 -57.10 -62.16
N PRO CA 49 60.49 -58.39 -62.49
CA PRO CA 49 60.05 -58.80 -63.82
C PRO CA 49 58.58 -58.47 -64.03
N ARG CA 50 58.24 -58.04 -65.23
CA ARG CA 50 56.87 -57.76 -65.56
C ARG CA 50 56.06 -59.06 -65.67
N LYS CA 51 54.75 -58.93 -65.51
CA LYS CA 51 53.87 -60.09 -65.60
C LYS CA 51 53.94 -60.70 -67.00
N VAL CA 52 53.88 -62.02 -67.08
CA VAL CA 52 53.85 -62.73 -68.35
C VAL CA 52 52.53 -63.48 -68.47
N THR CA 53 51.89 -63.37 -69.63
CA THR CA 53 50.64 -64.05 -69.93
C THR CA 53 50.79 -64.86 -71.20
N ALA CA 54 49.84 -65.76 -71.42
CA ALA CA 54 49.91 -66.67 -72.56
C ALA CA 54 49.85 -65.92 -73.89
N ALA CA 55 48.98 -64.92 -73.98
CA ALA CA 55 48.84 -64.14 -75.21
C ALA CA 55 49.85 -62.99 -75.22
N MET CA 56 51.13 -63.36 -75.29
CA MET CA 56 52.18 -62.34 -75.26
C MET CA 56 53.25 -62.52 -76.32
N GLY CA 57 53.62 -63.74 -76.64
CA GLY CA 57 54.61 -63.92 -77.69
C GLY CA 57 56.02 -64.02 -77.14
N LYS CA 58 56.86 -64.75 -77.87
CA LYS CA 58 58.20 -65.08 -77.39
C LYS CA 58 59.04 -63.82 -77.16
N LYS CA 59 59.00 -62.89 -78.12
CA LYS CA 59 59.85 -61.71 -78.05
C LYS CA 59 59.44 -60.81 -76.89
N LYS CA 60 58.14 -60.53 -76.76
CA LYS CA 60 57.68 -59.72 -75.64
C LYS CA 60 57.93 -60.39 -74.30
N ILE CA 61 57.73 -61.71 -74.24
CA ILE CA 61 57.92 -62.43 -72.99
C ILE CA 61 59.38 -62.38 -72.56
N ALA CA 62 60.29 -62.59 -73.51
CA ALA CA 62 61.71 -62.50 -73.20
C ALA CA 62 62.09 -61.08 -72.81
N LYS CA 63 61.52 -60.07 -73.48
CA LYS CA 63 61.82 -58.69 -73.12
C LYS CA 63 61.35 -58.38 -71.70
N ARG CA 64 60.17 -58.86 -71.33
CA ARG CA 64 59.63 -58.64 -69.99
C ARG CA 64 60.29 -59.56 -68.97
N SER CA 65 61.11 -60.50 -69.42
CA SER CA 65 61.80 -61.42 -68.53
C SER CA 65 63.06 -60.81 -67.92
N LYS CA 66 63.40 -59.58 -68.28
CA LYS CA 66 64.63 -58.97 -67.80
C LYS CA 66 64.44 -58.32 -66.44
N ILE CA 67 65.49 -58.34 -65.63
CA ILE CA 67 65.43 -57.89 -64.24
C ILE CA 67 66.65 -57.04 -63.94
N LYS CA 68 66.44 -55.89 -63.29
CA LYS CA 68 67.52 -55.06 -62.79
C LYS CA 68 67.74 -55.39 -61.32
N SER CA 69 68.97 -55.77 -60.98
CA SER CA 69 69.31 -56.21 -59.64
C SER CA 69 70.28 -55.24 -58.99
N PHE CA 70 70.58 -55.49 -57.71
CA PHE CA 70 71.53 -54.68 -56.98
C PHE CA 70 72.13 -55.50 -55.85
N VAL CA 71 73.26 -55.02 -55.34
CA VAL CA 71 73.87 -55.56 -54.14
C VAL CA 71 74.23 -54.40 -53.20
N LYS CA 72 73.91 -54.57 -51.92
CA LYS CA 72 74.19 -53.55 -50.93
C LYS CA 72 74.42 -54.24 -49.59
N VAL CA 73 75.07 -53.53 -48.68
CA VAL CA 73 75.26 -53.99 -47.30
C VAL CA 73 74.40 -53.12 -46.41
N TYR CA 74 73.53 -53.76 -45.64
CA TYR CA 74 72.48 -53.05 -44.91
C TYR CA 74 72.57 -53.39 -43.43
N ASN CA 75 72.34 -52.38 -42.59
CA ASN CA 75 72.21 -52.63 -41.17
C ASN CA 75 70.98 -53.50 -40.93
N TYR CA 76 71.06 -54.31 -39.87
CA TYR CA 76 69.95 -55.23 -39.58
C TYR CA 76 68.68 -54.47 -39.27
N ASN CA 77 68.80 -53.30 -38.63
CA ASN CA 77 67.65 -52.51 -38.24
C ASN CA 77 66.87 -51.98 -39.43
N HIS CA 78 67.45 -52.03 -40.63
CA HIS CA 78 66.76 -51.66 -41.85
C HIS CA 78 66.34 -52.86 -42.68
N LEU CA 79 66.22 -54.04 -42.05
CA LEU CA 79 65.85 -55.26 -42.75
C LEU CA 79 64.78 -56.02 -41.97
N MET CA 80 63.91 -56.71 -42.71
CA MET CA 80 62.86 -57.55 -42.14
C MET CA 80 63.05 -58.99 -42.61
N PRO CA 81 63.52 -59.89 -41.75
CA PRO CA 81 63.72 -61.28 -42.19
C PRO CA 81 62.39 -61.97 -42.42
N THR CA 82 62.39 -62.89 -43.39
CA THR CA 82 61.20 -63.65 -43.75
C THR CA 82 61.49 -65.13 -43.67
N ARG CA 83 60.44 -65.92 -43.50
CA ARG CA 83 60.58 -67.37 -43.37
C ARG CA 83 60.98 -68.05 -44.67
N TYR CA 84 60.81 -67.38 -45.81
CA TYR CA 84 61.18 -67.97 -47.07
C TYR CA 84 62.69 -67.94 -47.25
N SER CA 85 63.16 -68.76 -48.18
CA SER CA 85 64.58 -68.85 -48.49
C SER CA 85 64.72 -69.37 -49.92
N VAL CA 86 65.72 -68.84 -50.63
CA VAL CA 86 66.02 -69.29 -51.98
C VAL CA 86 67.48 -69.73 -52.01
N ASP CA 87 67.74 -70.86 -52.66
CA ASP CA 87 69.07 -71.46 -52.72
C ASP CA 87 69.78 -71.08 -54.02
N ILE CA 88 69.86 -69.80 -54.32
CA ILE CA 88 70.52 -69.36 -55.55
C ILE CA 88 72.03 -69.40 -55.33
N PRO CA 89 72.78 -70.13 -56.17
CA PRO CA 89 74.23 -70.28 -55.94
C PRO CA 89 75.04 -69.09 -56.47
N LEU CA 90 74.94 -67.99 -55.75
CA LEU CA 90 75.73 -66.80 -56.06
C LEU CA 90 77.20 -67.05 -55.78
N ASP CA 91 78.07 -66.42 -56.55
CA ASP CA 91 79.51 -66.57 -56.36
C ASP CA 91 79.97 -65.69 -55.21
N LYS CA 92 80.61 -66.30 -54.21
CA LYS CA 92 81.13 -65.53 -53.09
C LYS CA 92 82.34 -64.70 -53.50
N THR CA 93 83.21 -65.26 -54.35
CA THR CA 93 84.40 -64.54 -54.75
C THR CA 93 84.07 -63.32 -55.60
N VAL CA 94 82.98 -63.38 -56.36
CA VAL CA 94 82.52 -62.22 -57.12
C VAL CA 94 81.77 -61.24 -56.22
N VAL CA 95 80.86 -61.76 -55.41
CA VAL CA 95 80.04 -60.93 -54.53
C VAL CA 95 80.72 -60.96 -53.16
N ASN CA 96 81.61 -59.99 -52.93
CA ASN CA 96 82.35 -59.94 -51.68
C ASN CA 96 82.17 -58.58 -51.00
N LYS CA 97 82.68 -58.45 -49.78
CA LYS CA 97 82.39 -57.27 -48.98
C LYS CA 97 83.07 -56.03 -49.53
N ASP CA 98 84.31 -56.15 -49.99
CA ASP CA 98 85.05 -55.02 -50.51
C ASP CA 98 84.68 -54.65 -51.94
N VAL CA 99 83.54 -55.13 -52.43
CA VAL CA 99 83.13 -54.83 -53.79
C VAL CA 99 82.82 -53.34 -53.98
N PHE CA 100 82.59 -52.62 -52.90
CA PHE CA 100 82.15 -51.23 -52.95
C PHE CA 100 83.28 -50.27 -53.27
N ARG CA 101 84.52 -50.74 -53.34
CA ARG CA 101 85.66 -49.85 -53.55
C ARG CA 101 86.03 -49.67 -55.02
N ASP CA 102 85.33 -50.35 -55.93
CA ASP CA 102 85.65 -50.21 -57.35
C ASP CA 102 84.40 -50.45 -58.17
N PRO CA 103 83.94 -49.44 -58.93
CA PRO CA 103 82.67 -49.58 -59.66
C PRO CA 103 82.66 -50.72 -60.67
N ALA CA 104 83.79 -51.04 -61.29
CA ALA CA 104 83.82 -52.16 -62.21
C ALA CA 104 83.49 -53.47 -61.49
N LEU CA 105 84.06 -53.66 -60.30
CA LEU CA 105 83.76 -54.84 -59.52
C LEU CA 105 82.30 -54.91 -59.13
N LYS CA 106 81.72 -53.78 -58.71
CA LYS CA 106 80.32 -53.78 -58.33
C LYS CA 106 79.42 -54.09 -59.52
N ARG CA 107 79.74 -53.54 -60.68
CA ARG CA 107 78.95 -53.84 -61.88
C ARG CA 107 79.09 -55.29 -62.28
N LYS CA 108 80.29 -55.86 -62.14
CA LYS CA 108 80.47 -57.28 -62.41
C LYS CA 108 79.63 -58.14 -61.47
N ALA CA 109 79.67 -57.83 -60.18
CA ALA CA 109 78.88 -58.59 -59.22
C ALA CA 109 77.39 -58.39 -59.46
N ARG CA 110 76.99 -57.20 -59.88
CA ARG CA 110 75.58 -56.95 -60.14
C ARG CA 110 75.10 -57.69 -61.38
N ARG CA 111 75.95 -57.80 -62.40
CA ARG CA 111 75.62 -58.63 -63.55
C ARG CA 111 75.51 -60.09 -63.14
N GLU CA 112 76.38 -60.55 -62.25
CA GLU CA 112 76.27 -61.89 -61.68
C GLU CA 112 74.92 -62.09 -61.01
N ALA CA 113 74.53 -61.13 -60.16
CA ALA CA 113 73.25 -61.23 -59.47
C ALA CA 113 72.11 -61.25 -60.48
N LYS CA 114 72.20 -60.43 -61.53
CA LYS CA 114 71.15 -60.35 -62.51
C LYS CA 114 70.98 -61.67 -63.25
N VAL CA 115 72.09 -62.28 -63.68
CA VAL CA 115 71.97 -63.52 -64.46
C VAL CA 115 71.49 -64.66 -63.57
N LYS CA 116 71.97 -64.74 -62.33
CA LYS CA 116 71.46 -65.75 -61.41
C LYS CA 116 69.97 -65.57 -61.15
N PHE CA 117 69.55 -64.32 -60.92
CA PHE CA 117 68.14 -64.05 -60.64
C PHE CA 117 67.28 -64.40 -61.84
N GLU CA 118 67.74 -64.09 -63.05
CA GLU CA 118 66.97 -64.43 -64.23
C GLU CA 118 66.87 -65.93 -64.41
N GLU CA 119 67.98 -66.66 -64.23
CA GLU CA 119 67.93 -68.09 -64.49
C GLU CA 119 67.15 -68.84 -63.41
N ARG CA 120 67.11 -68.30 -62.19
CA ARG CA 120 66.22 -68.90 -61.20
C ARG CA 120 64.77 -68.50 -61.42
N TYR CA 121 64.52 -67.29 -61.92
CA TYR CA 121 63.14 -66.88 -62.20
C TYR CA 121 62.54 -67.74 -63.30
N LYS CA 122 63.38 -68.29 -64.17
CA LYS CA 122 62.91 -69.29 -65.12
C LYS CA 122 62.36 -70.50 -64.37
N THR CA 123 61.60 -71.32 -65.09
CA THR CA 123 60.90 -72.50 -64.60
C THR CA 123 59.84 -72.18 -63.55
N GLY CA 124 59.61 -70.91 -63.25
CA GLY CA 124 58.54 -70.54 -62.33
C GLY CA 124 58.68 -71.08 -60.93
N LYS CA 125 59.89 -71.08 -60.39
CA LYS CA 125 60.12 -71.51 -59.02
C LYS CA 125 60.43 -70.31 -58.14
N ASN CA 126 60.14 -70.46 -56.84
CA ASN CA 126 60.29 -69.38 -55.87
C ASN CA 126 59.50 -68.15 -56.32
N LYS CA 127 58.27 -68.37 -56.78
CA LYS CA 127 57.48 -67.32 -57.40
C LYS CA 127 57.20 -66.18 -56.43
N TRP CA 128 57.09 -66.48 -55.14
CA TRP CA 128 56.82 -65.45 -54.15
C TRP CA 128 57.94 -64.41 -54.13
N PHE CA 129 59.19 -64.86 -54.22
CA PHE CA 129 60.31 -63.94 -54.10
C PHE CA 129 60.34 -62.95 -55.27
N PHE CA 130 59.84 -63.37 -56.43
CA PHE CA 130 59.95 -62.55 -57.63
C PHE CA 130 58.77 -61.62 -57.84
N GLN CA 131 57.70 -61.74 -57.06
CA GLN CA 131 56.58 -60.83 -57.20
C GLN CA 131 56.83 -59.55 -56.41
N LYS CA 132 56.37 -58.43 -56.97
CA LYS CA 132 56.54 -57.15 -56.31
C LYS CA 132 55.62 -57.05 -55.10
N LEU CA 133 56.20 -56.66 -53.97
CA LEU CA 133 55.38 -56.39 -52.79
C LEU CA 133 54.57 -55.12 -53.01
N ARG CA 134 53.28 -55.19 -52.72
CA ARG CA 134 52.39 -54.05 -52.86
C ARG CA 134 52.12 -53.47 -51.47
N PHE CA 135 52.24 -52.16 -51.35
CA PHE CA 135 52.11 -51.50 -50.06
C PHE CA 135 51.90 -50.00 -50.24
N PRO DA 1 -23.72 37.37 -74.78
CA PRO DA 1 -23.00 38.63 -74.60
C PRO DA 1 -22.55 38.82 -73.16
N SER DA 2 -21.24 38.70 -72.93
CA SER DA 2 -20.71 38.87 -71.59
C SER DA 2 -20.89 40.29 -71.07
N ARG DA 3 -21.09 41.26 -71.94
CA ARG DA 3 -21.15 42.66 -71.52
C ARG DA 3 -22.48 43.02 -70.87
N LEU DA 4 -23.49 42.16 -70.92
CA LEU DA 4 -24.79 42.45 -70.35
C LEU DA 4 -25.15 41.57 -69.17
N ARG DA 5 -24.24 41.39 -68.22
CA ARG DA 5 -24.45 40.52 -67.07
C ARG DA 5 -24.07 41.21 -65.77
N LYS DA 6 -24.51 40.60 -64.67
CA LYS DA 6 -24.25 41.17 -63.35
C LYS DA 6 -22.77 41.22 -63.01
N THR DA 7 -21.97 40.30 -63.54
CA THR DA 7 -20.56 40.24 -63.13
C THR DA 7 -19.83 41.51 -63.54
N ARG DA 8 -20.09 42.02 -64.74
CA ARG DA 8 -19.58 43.32 -65.16
C ARG DA 8 -20.06 44.43 -64.25
N LYS DA 9 -21.22 44.27 -63.61
CA LYS DA 9 -21.73 45.26 -62.68
C LYS DA 9 -21.27 45.05 -61.25
N LEU DA 10 -20.94 43.83 -60.85
CA LEU DA 10 -20.61 43.55 -59.47
C LEU DA 10 -19.16 43.87 -59.13
N ARG DA 11 -18.37 44.30 -60.12
CA ARG DA 11 -16.98 44.65 -59.86
C ARG DA 11 -16.90 45.77 -58.83
N GLY DA 12 -15.95 45.65 -57.91
CA GLY DA 12 -15.81 46.57 -56.81
C GLY DA 12 -16.53 46.16 -55.55
N HIS DA 13 -17.40 45.17 -55.63
CA HIS DA 13 -18.15 44.67 -54.47
C HIS DA 13 -17.53 43.37 -54.03
N VAL DA 14 -17.07 43.32 -52.79
CA VAL DA 14 -16.19 42.24 -52.35
C VAL DA 14 -16.91 40.90 -52.35
N SER DA 15 -18.17 40.87 -51.91
CA SER DA 15 -18.90 39.62 -51.80
C SER DA 15 -19.48 39.15 -53.12
N HIS DA 16 -19.41 39.97 -54.17
CA HIS DA 16 -19.86 39.59 -55.51
C HIS DA 16 -21.33 39.19 -55.50
N GLY DA 17 -22.13 39.88 -54.69
CA GLY DA 17 -23.56 39.61 -54.65
C GLY DA 17 -23.97 38.37 -53.89
N HIS DA 18 -23.03 37.68 -53.25
CA HIS DA 18 -23.35 36.51 -52.45
C HIS DA 18 -23.33 36.79 -50.96
N GLY DA 19 -23.21 38.05 -50.57
CA GLY DA 19 -23.34 38.41 -49.17
C GLY DA 19 -22.04 38.27 -48.41
N ARG DA 20 -21.93 39.04 -47.34
CA ARG DA 20 -20.71 39.03 -46.52
C ARG DA 20 -20.69 37.89 -45.51
N ILE DA 21 -21.82 37.61 -44.86
CA ILE DA 21 -21.82 36.68 -43.74
C ILE DA 21 -21.80 35.25 -44.26
N GLY DA 22 -22.87 34.85 -44.96
CA GLY DA 22 -22.96 33.49 -45.44
C GLY DA 22 -21.99 33.14 -46.53
N LYS DA 23 -21.50 34.15 -47.27
CA LYS DA 23 -20.52 33.96 -48.33
C LYS DA 23 -21.03 33.01 -49.40
N HIS DA 24 -20.13 32.53 -50.25
CA HIS DA 24 -20.48 31.63 -51.34
C HIS DA 24 -19.54 30.44 -51.27
N ARG DA 25 -19.87 29.46 -50.42
CA ARG DA 25 -19.00 28.31 -50.22
C ARG DA 25 -19.31 27.24 -51.26
N LYS DA 26 -18.62 26.11 -51.16
CA LYS DA 26 -18.74 25.05 -52.16
C LYS DA 26 -20.13 24.47 -52.26
N HIS DA 27 -20.58 23.78 -51.22
CA HIS DA 27 -21.86 23.07 -51.24
C HIS DA 27 -22.44 23.01 -49.84
N PRO DA 28 -23.02 24.11 -49.36
CA PRO DA 28 -23.66 24.09 -48.05
C PRO DA 28 -25.01 23.37 -48.11
N GLY DA 29 -25.12 22.28 -47.38
CA GLY DA 29 -26.33 21.49 -47.35
C GLY DA 29 -26.28 20.19 -48.15
N GLY DA 30 -25.35 20.08 -49.08
CA GLY DA 30 -25.21 18.87 -49.88
C GLY DA 30 -25.23 19.17 -51.38
N ARG DA 31 -24.95 18.13 -52.14
CA ARG DA 31 -24.74 18.22 -53.58
C ARG DA 31 -25.91 17.58 -54.32
N GLY DA 32 -26.40 18.27 -55.34
CA GLY DA 32 -27.51 17.73 -56.12
C GLY DA 32 -28.75 17.57 -55.27
N ASN DA 33 -29.44 16.45 -55.47
CA ASN DA 33 -30.62 16.13 -54.67
C ASN DA 33 -30.23 15.51 -53.33
N ALA DA 34 -29.37 16.20 -52.58
CA ALA DA 34 -28.88 15.68 -51.32
C ALA DA 34 -29.90 15.91 -50.21
N GLY DA 35 -30.05 14.92 -49.35
CA GLY DA 35 -30.89 15.05 -48.17
C GLY DA 35 -32.34 15.36 -48.47
N GLY DA 36 -32.91 14.70 -49.48
CA GLY DA 36 -34.29 14.97 -49.85
C GLY DA 36 -35.30 14.56 -48.80
N LEU DA 37 -34.91 13.76 -47.82
CA LEU DA 37 -35.82 13.32 -46.78
C LEU DA 37 -35.41 13.75 -45.38
N HIS DA 38 -34.29 14.45 -45.23
CA HIS DA 38 -33.80 14.82 -43.91
C HIS DA 38 -33.85 16.31 -43.66
N HIS DA 39 -33.22 17.13 -44.50
CA HIS DA 39 -33.27 18.56 -44.33
C HIS DA 39 -33.89 19.28 -45.52
N HIS DA 40 -33.87 18.68 -46.71
CA HIS DA 40 -34.65 19.21 -47.83
C HIS DA 40 -36.04 18.60 -47.87
N ARG DA 41 -36.40 17.86 -46.82
CA ARG DA 41 -37.67 17.16 -46.78
C ARG DA 41 -38.84 18.13 -46.91
N ILE DA 42 -38.71 19.31 -46.30
CA ILE DA 42 -39.80 20.28 -46.35
C ILE DA 42 -40.04 20.75 -47.77
N ASN DA 43 -38.96 21.09 -48.48
CA ASN DA 43 -39.12 21.53 -49.86
C ASN DA 43 -39.68 20.43 -50.74
N PHE DA 44 -39.20 19.20 -50.54
CA PHE DA 44 -39.69 18.07 -51.32
C PHE DA 44 -41.17 17.82 -51.08
N ASP DA 45 -41.61 17.89 -49.82
CA ASP DA 45 -43.03 17.72 -49.53
C ASP DA 45 -43.84 18.87 -50.08
N LYS DA 46 -43.26 20.07 -50.11
CA LYS DA 46 -43.99 21.23 -50.58
C LYS DA 46 -44.20 21.20 -52.08
N TYR DA 47 -43.18 20.76 -52.83
CA TYR DA 47 -43.22 20.91 -54.28
C TYR DA 47 -43.27 19.60 -55.05
N HIS DA 48 -42.87 18.49 -54.45
CA HIS DA 48 -42.88 17.20 -55.14
C HIS DA 48 -43.48 16.12 -54.26
N PRO DA 49 -44.80 16.14 -54.08
CA PRO DA 49 -45.46 15.04 -53.36
C PRO DA 49 -45.44 13.78 -54.21
N GLY DA 50 -45.53 12.64 -53.53
CA GLY DA 50 -45.52 11.37 -54.22
C GLY DA 50 -44.15 10.93 -54.68
N TYR DA 51 -43.10 11.69 -54.38
CA TYR DA 51 -41.79 11.44 -54.95
C TYR DA 51 -41.23 10.10 -54.50
N PHE DA 52 -41.39 9.76 -53.23
CA PHE DA 52 -40.76 8.58 -52.65
C PHE DA 52 -41.76 7.43 -52.60
N GLY DA 53 -41.30 6.24 -52.97
CA GLY DA 53 -42.10 5.04 -52.91
C GLY DA 53 -42.39 4.46 -54.28
N LYS DA 54 -42.99 3.28 -54.26
CA LYS DA 54 -43.38 2.55 -55.47
C LYS DA 54 -44.88 2.47 -55.59
N VAL DA 55 -45.37 2.55 -56.82
CA VAL DA 55 -46.80 2.42 -57.12
C VAL DA 55 -46.96 1.54 -58.35
N GLY DA 56 -47.81 0.53 -58.25
CA GLY DA 56 -48.25 -0.21 -59.41
C GLY DA 56 -47.24 -1.23 -59.87
N MET DA 57 -47.66 -1.99 -60.88
CA MET DA 57 -46.86 -3.07 -61.44
C MET DA 57 -45.71 -2.51 -62.25
N LYS DA 58 -44.59 -3.22 -62.25
CA LYS DA 58 -43.50 -2.91 -63.16
C LYS DA 58 -43.48 -3.91 -64.31
N HIS DA 59 -43.26 -3.38 -65.51
CA HIS DA 59 -43.36 -4.17 -66.74
C HIS DA 59 -42.03 -4.11 -67.47
N TYR DA 60 -41.35 -5.26 -67.58
CA TYR DA 60 -40.12 -5.30 -68.35
C TYR DA 60 -40.43 -5.32 -69.84
N HIS DA 61 -39.46 -4.84 -70.62
CA HIS DA 61 -39.50 -4.91 -72.08
C HIS DA 61 -40.77 -4.24 -72.61
N LEU DA 62 -41.10 -3.10 -72.03
CA LEU DA 62 -42.19 -2.30 -72.54
C LEU DA 62 -41.84 -1.83 -73.95
N LYS DA 63 -42.79 -1.97 -74.86
CA LYS DA 63 -42.61 -1.54 -76.24
C LYS DA 63 -43.63 -0.45 -76.54
N ARG DA 64 -43.13 0.76 -76.76
CA ARG DA 64 -44.01 1.91 -76.97
C ARG DA 64 -44.86 1.72 -78.22
N ASN DA 65 -44.36 0.97 -79.18
CA ASN DA 65 -45.05 0.81 -80.45
C ASN DA 65 -46.36 0.05 -80.27
N GLN DA 66 -46.38 -0.95 -79.39
CA GLN DA 66 -47.60 -1.72 -79.18
C GLN DA 66 -48.69 -0.87 -78.56
N SER DA 67 -48.30 0.14 -77.78
CA SER DA 67 -49.26 1.05 -77.17
C SER DA 67 -49.59 2.24 -78.05
N PHE DA 68 -49.00 2.33 -79.24
CA PHE DA 68 -49.24 3.46 -80.12
C PHE DA 68 -50.69 3.46 -80.59
N CYS DA 69 -51.39 4.54 -80.30
CA CYS DA 69 -52.79 4.72 -80.68
C CYS DA 69 -53.13 6.20 -80.66
N PRO DA 70 -52.82 6.94 -81.72
CA PRO DA 70 -53.16 8.37 -81.74
C PRO DA 70 -54.66 8.58 -81.74
N THR DA 71 -55.08 9.68 -81.12
CA THR DA 71 -56.49 9.99 -80.96
C THR DA 71 -56.81 11.29 -81.69
N VAL DA 72 -58.06 11.41 -82.12
CA VAL DA 72 -58.56 12.61 -82.75
C VAL DA 72 -59.98 12.86 -82.25
N ASN DA 73 -60.29 14.14 -82.01
CA ASN DA 73 -61.61 14.52 -81.52
C ASN DA 73 -62.55 14.76 -82.69
N LEU DA 74 -63.84 14.79 -82.37
CA LEU DA 74 -64.86 14.94 -83.40
C LEU DA 74 -64.84 16.33 -84.02
N ASP DA 75 -64.47 17.35 -83.25
CA ASP DA 75 -64.48 18.71 -83.78
C ASP DA 75 -63.43 18.90 -84.87
N LYS DA 76 -62.27 18.27 -84.73
CA LYS DA 76 -61.20 18.36 -85.72
C LYS DA 76 -61.36 17.33 -86.84
N LEU DA 77 -62.44 16.55 -86.83
CA LEU DA 77 -62.59 15.46 -87.78
C LEU DA 77 -62.64 15.97 -89.22
N TRP DA 78 -63.51 16.94 -89.49
CA TRP DA 78 -63.75 17.37 -90.85
C TRP DA 78 -62.55 18.08 -91.46
N THR DA 79 -61.55 18.42 -90.66
CA THR DA 79 -60.38 19.13 -91.13
C THR DA 79 -59.39 18.23 -91.86
N LEU DA 80 -59.55 16.90 -91.76
CA LEU DA 80 -58.57 15.99 -92.32
C LEU DA 80 -58.66 15.84 -93.82
N VAL DA 81 -59.74 16.30 -94.44
CA VAL DA 81 -59.92 16.13 -95.89
C VAL DA 81 -59.91 17.50 -96.54
N SER DA 82 -59.99 17.53 -97.87
CA SER DA 82 -60.07 18.80 -98.57
C SER DA 82 -61.41 19.47 -98.27
N GLU DA 83 -61.37 20.81 -98.27
CA GLU DA 83 -62.60 21.56 -98.03
C GLU DA 83 -63.61 21.35 -99.15
N GLN DA 84 -63.11 21.03 -100.35
CA GLN DA 84 -63.99 20.69 -101.46
C GLN DA 84 -64.89 19.52 -101.09
N THR DA 85 -64.35 18.54 -100.36
CA THR DA 85 -65.15 17.40 -99.94
C THR DA 85 -66.32 17.84 -99.08
N ARG DA 86 -66.06 18.67 -98.07
CA ARG DA 86 -67.14 19.06 -97.17
C ARG DA 86 -68.15 19.95 -97.88
N VAL DA 87 -67.71 20.87 -98.72
CA VAL DA 87 -68.69 21.73 -99.38
C VAL DA 87 -69.51 20.93 -100.39
N ASN DA 88 -68.89 19.96 -101.07
CA ASN DA 88 -69.64 19.11 -101.97
C ASN DA 88 -70.67 18.28 -101.23
N ALA DA 89 -70.29 17.72 -100.07
CA ALA DA 89 -71.23 16.95 -99.28
C ALA DA 89 -72.35 17.83 -98.75
N ALA DA 90 -72.03 19.06 -98.37
CA ALA DA 90 -73.04 19.99 -97.87
C ALA DA 90 -74.05 20.34 -98.96
N LYS DA 91 -73.57 20.55 -100.18
CA LYS DA 91 -74.45 20.81 -101.30
C LYS DA 91 -74.89 19.54 -102.02
N ASN DA 92 -74.46 18.37 -101.52
CA ASN DA 92 -74.84 17.12 -102.16
C ASN DA 92 -76.34 16.90 -102.03
N LYS DA 93 -77.00 16.76 -103.18
CA LYS DA 93 -78.45 16.64 -103.18
C LYS DA 93 -78.89 15.25 -102.75
N THR DA 94 -78.17 14.22 -103.19
CA THR DA 94 -78.47 12.87 -102.77
C THR DA 94 -77.88 12.59 -101.39
N GLY DA 95 -78.17 11.41 -100.86
CA GLY DA 95 -77.68 11.03 -99.55
C GLY DA 95 -76.31 10.40 -99.58
N ALA DA 96 -75.54 10.67 -100.63
CA ALA DA 96 -74.20 10.13 -100.74
C ALA DA 96 -73.30 10.76 -99.69
N ALA DA 97 -72.65 9.93 -98.89
CA ALA DA 97 -71.89 10.43 -97.76
C ALA DA 97 -70.41 10.17 -97.94
N PRO DA 98 -69.57 11.17 -97.73
CA PRO DA 98 -68.12 10.99 -97.91
C PRO DA 98 -67.54 10.10 -96.82
N ILE DA 99 -66.37 9.54 -97.12
CA ILE DA 99 -65.72 8.59 -96.25
C ILE DA 99 -64.43 9.19 -95.73
N ILE DA 100 -64.22 9.12 -94.43
CA ILE DA 100 -63.02 9.64 -93.78
C ILE DA 100 -62.20 8.46 -93.27
N ASP DA 101 -60.94 8.39 -93.68
CA ASP DA 101 -60.00 7.37 -93.23
C ASP DA 101 -58.97 8.06 -92.35
N VAL DA 102 -59.25 8.11 -91.04
CA VAL DA 102 -58.29 8.70 -90.11
C VAL DA 102 -57.02 7.88 -90.01
N VAL DA 103 -57.08 6.58 -90.35
CA VAL DA 103 -55.88 5.77 -90.38
C VAL DA 103 -54.95 6.26 -91.47
N ARG DA 104 -55.50 6.56 -92.65
CA ARG DA 104 -54.76 7.30 -93.66
C ARG DA 104 -54.27 8.63 -93.11
N SER DA 105 -55.13 9.34 -92.38
CA SER DA 105 -54.76 10.62 -91.82
C SER DA 105 -53.87 10.49 -90.59
N GLY DA 106 -53.71 9.29 -90.06
CA GLY DA 106 -52.82 9.08 -88.94
C GLY DA 106 -53.47 9.03 -87.58
N TYR DA 107 -54.64 8.44 -87.45
CA TYR DA 107 -55.30 8.29 -86.16
C TYR DA 107 -55.88 6.90 -86.05
N TYR DA 108 -56.04 6.43 -84.81
CA TYR DA 108 -56.60 5.12 -84.55
C TYR DA 108 -57.92 5.18 -83.80
N LYS DA 109 -58.00 5.98 -82.75
CA LYS DA 109 -59.18 6.06 -81.90
C LYS DA 109 -59.85 7.41 -82.12
N VAL DA 110 -61.17 7.40 -82.17
CA VAL DA 110 -61.97 8.61 -82.35
C VAL DA 110 -62.57 8.99 -81.01
N LEU DA 111 -62.27 10.18 -80.53
CA LEU DA 111 -62.82 10.70 -79.29
C LEU DA 111 -63.94 11.69 -79.59
N GLY DA 112 -64.87 11.81 -78.65
CA GLY DA 112 -66.12 12.47 -78.95
C GLY DA 112 -66.25 13.92 -78.54
N LYS DA 113 -65.15 14.59 -78.25
CA LYS DA 113 -65.24 15.99 -77.84
C LYS DA 113 -65.60 16.87 -79.04
N GLY DA 114 -66.45 17.87 -78.78
CA GLY DA 114 -66.92 18.75 -79.83
C GLY DA 114 -68.24 18.29 -80.43
N LYS DA 115 -68.64 18.98 -81.49
CA LYS DA 115 -69.82 18.59 -82.25
C LYS DA 115 -69.54 18.76 -83.74
N LEU DA 116 -70.38 18.14 -84.55
CA LEU DA 116 -70.22 18.02 -85.99
C LEU DA 116 -71.23 18.88 -86.74
N PRO DA 117 -70.93 19.24 -87.98
CA PRO DA 117 -71.96 19.79 -88.84
C PRO DA 117 -73.03 18.74 -89.11
N LYS DA 118 -74.29 19.20 -89.16
CA LYS DA 118 -75.43 18.31 -89.17
C LYS DA 118 -75.59 17.72 -90.58
N GLN DA 119 -74.87 16.62 -90.82
CA GLN DA 119 -74.86 15.97 -92.12
C GLN DA 119 -74.27 14.58 -91.99
N PRO DA 120 -74.71 13.62 -92.79
CA PRO DA 120 -74.16 12.26 -92.67
C PRO DA 120 -72.75 12.16 -93.21
N VAL DA 121 -72.01 11.18 -92.70
CA VAL DA 121 -70.63 10.94 -93.12
C VAL DA 121 -70.24 9.53 -92.67
N ILE DA 122 -69.41 8.88 -93.47
CA ILE DA 122 -68.87 7.57 -93.12
C ILE DA 122 -67.47 7.76 -92.56
N VAL DA 123 -67.18 7.10 -91.45
CA VAL DA 123 -65.92 7.27 -90.74
C VAL DA 123 -65.24 5.91 -90.65
N LYS DA 124 -63.98 5.85 -91.06
CA LYS DA 124 -63.16 4.66 -90.93
C LYS DA 124 -62.12 4.90 -89.85
N ALA DA 125 -62.11 4.04 -88.82
CA ALA DA 125 -61.20 4.21 -87.71
C ALA DA 125 -60.93 2.87 -87.02
N LYS DA 126 -59.84 2.81 -86.26
CA LYS DA 126 -59.52 1.62 -85.49
C LYS DA 126 -60.43 1.47 -84.28
N PHE DA 127 -60.67 2.57 -83.56
CA PHE DA 127 -61.49 2.56 -82.36
C PHE DA 127 -62.37 3.78 -82.30
N PHE DA 128 -63.48 3.64 -81.58
CA PHE DA 128 -64.45 4.70 -81.38
C PHE DA 128 -64.83 4.78 -79.91
N SER DA 129 -65.03 5.99 -79.42
CA SER DA 129 -65.62 6.11 -78.10
C SER DA 129 -67.13 6.07 -78.23
N ARG DA 130 -67.79 5.66 -77.15
CA ARG DA 130 -69.23 5.44 -77.17
C ARG DA 130 -69.97 6.73 -77.50
N ARG DA 131 -69.54 7.85 -76.90
CA ARG DA 131 -70.13 9.14 -77.22
C ARG DA 131 -69.84 9.53 -78.67
N ALA DA 132 -68.66 9.21 -79.19
CA ALA DA 132 -68.36 9.54 -80.58
C ALA DA 132 -69.29 8.79 -81.52
N GLU DA 133 -69.49 7.49 -81.26
CA GLU DA 133 -70.40 6.71 -82.07
C GLU DA 133 -71.81 7.25 -81.99
N GLU DA 134 -72.26 7.60 -80.78
CA GLU DA 134 -73.61 8.13 -80.62
C GLU DA 134 -73.77 9.45 -81.37
N LYS DA 135 -72.78 10.33 -81.28
CA LYS DA 135 -72.87 11.61 -81.95
C LYS DA 135 -72.85 11.46 -83.46
N ILE DA 136 -72.05 10.53 -83.98
CA ILE DA 136 -72.04 10.30 -85.42
C ILE DA 136 -73.37 9.74 -85.88
N LYS DA 137 -73.98 8.87 -85.08
CA LYS DA 137 -75.31 8.40 -85.42
C LYS DA 137 -76.34 9.51 -85.28
N SER DA 138 -76.04 10.54 -84.50
CA SER DA 138 -76.98 11.64 -84.33
C SER DA 138 -77.01 12.55 -85.57
N VAL DA 139 -75.95 12.52 -86.38
CA VAL DA 139 -75.93 13.33 -87.59
C VAL DA 139 -76.20 12.45 -88.78
N GLY DA 140 -76.74 11.25 -88.53
CA GLY DA 140 -77.09 10.35 -89.61
C GLY DA 140 -75.91 9.63 -90.20
N GLY DA 141 -74.72 9.79 -89.64
CA GLY DA 141 -73.55 9.10 -90.10
C GLY DA 141 -73.41 7.72 -89.47
N ALA DA 142 -72.45 6.96 -89.98
CA ALA DA 142 -72.20 5.62 -89.50
C ALA DA 142 -70.71 5.39 -89.35
N CYS DA 143 -70.35 4.57 -88.37
CA CYS DA 143 -68.97 4.22 -88.09
C CYS DA 143 -68.68 2.84 -88.67
N VAL DA 144 -67.56 2.72 -89.36
CA VAL DA 144 -67.09 1.42 -89.83
C VAL DA 144 -65.67 1.22 -89.30
N LEU DA 145 -65.39 0.00 -88.87
CA LEU DA 145 -64.12 -0.33 -88.24
C LEU DA 145 -63.21 -1.06 -89.22
N VAL DA 146 -61.92 -0.74 -89.13
CA VAL DA 146 -60.90 -1.40 -89.93
C VAL DA 146 -59.80 -1.87 -89.00
N ALA DA 147 -59.08 -2.89 -89.45
CA ALA DA 147 -57.98 -3.45 -88.68
C ALA DA 147 -56.67 -2.82 -89.12
N ALA EA 1 -20.87 28.31 -27.83
CA ALA EA 1 -21.63 27.19 -27.29
C ALA EA 1 -23.11 27.52 -27.25
N LYS EA 2 -23.53 28.21 -26.19
CA LYS EA 2 -24.92 28.62 -26.08
C LYS EA 2 -25.23 29.75 -27.06
N SER EA 3 -26.51 29.89 -27.37
CA SER EA 3 -26.98 30.93 -28.29
C SER EA 3 -28.41 31.26 -27.90
N LYS EA 4 -28.94 32.32 -28.52
CA LYS EA 4 -30.30 32.73 -28.24
C LYS EA 4 -31.28 31.66 -28.70
N ASN EA 5 -32.27 31.37 -27.84
CA ASN EA 5 -33.20 30.28 -28.05
C ASN EA 5 -34.45 30.69 -28.80
N HIS EA 6 -35.11 31.74 -28.34
CA HIS EA 6 -36.36 32.15 -28.97
C HIS EA 6 -36.60 33.62 -28.67
N THR EA 7 -37.18 34.33 -29.64
CA THR EA 7 -37.65 35.68 -29.41
C THR EA 7 -38.70 36.03 -30.47
N THR EA 8 -39.65 36.84 -30.07
CA THR EA 8 -40.59 37.46 -31.00
C THR EA 8 -40.21 38.90 -31.28
N HIS EA 9 -38.96 39.25 -31.03
CA HIS EA 9 -38.48 40.61 -31.24
C HIS EA 9 -38.57 40.98 -32.72
N ASN EA 10 -38.92 42.24 -32.98
CA ASN EA 10 -38.87 42.85 -34.30
C ASN EA 10 -39.92 42.25 -35.23
N GLN EA 11 -40.74 41.33 -34.71
CA GLN EA 11 -41.68 40.63 -35.56
C GLN EA 11 -42.87 41.50 -35.93
N SER EA 12 -43.30 42.36 -35.00
CA SER EA 12 -44.43 43.24 -35.27
C SER EA 12 -44.13 44.18 -36.42
N ARG EA 13 -42.91 44.74 -36.45
CA ARG EA 13 -42.52 45.65 -37.51
C ARG EA 13 -42.50 44.95 -38.86
N LYS EA 14 -41.97 43.71 -38.88
CA LYS EA 14 -41.97 42.94 -40.11
C LYS EA 14 -43.39 42.67 -40.59
N TRP EA 15 -44.29 42.35 -39.66
CA TRP EA 15 -45.67 42.07 -40.03
C TRP EA 15 -46.34 43.31 -40.59
N HIS EA 16 -46.06 44.48 -40.01
CA HIS EA 16 -46.70 45.71 -40.46
C HIS EA 16 -46.01 46.35 -41.65
N ARG EA 17 -44.84 45.83 -42.07
CA ARG EA 17 -44.19 46.39 -43.24
C ARG EA 17 -45.06 46.21 -44.48
N ASN EA 18 -45.61 45.03 -44.68
CA ASN EA 18 -46.50 44.75 -45.80
C ASN EA 18 -47.96 44.72 -45.41
N GLY EA 19 -48.28 45.07 -44.16
CA GLY EA 19 -49.66 45.12 -43.73
C GLY EA 19 -50.23 43.76 -43.37
N ILE EA 20 -51.03 43.70 -42.32
CA ILE EA 20 -51.71 42.47 -41.90
C ILE EA 20 -53.13 42.59 -42.43
N LYS EA 21 -53.35 42.04 -43.62
CA LYS EA 21 -54.58 42.30 -44.36
C LYS EA 21 -55.67 41.30 -44.00
N LYS EA 22 -56.89 41.80 -43.89
CA LYS EA 22 -58.04 40.95 -43.65
C LYS EA 22 -58.33 40.09 -44.87
N PRO EA 23 -58.96 38.94 -44.67
CA PRO EA 23 -59.33 38.09 -45.81
C PRO EA 23 -60.29 38.82 -46.75
N ARG EA 24 -60.16 38.51 -48.04
CA ARG EA 24 -60.94 39.18 -49.08
C ARG EA 24 -62.38 38.69 -49.02
N SER EA 25 -63.22 39.41 -48.28
CA SER EA 25 -64.63 39.04 -48.17
C SER EA 25 -65.32 39.37 -49.49
N GLN EA 26 -65.72 38.32 -50.21
CA GLN EA 26 -66.32 38.47 -51.53
C GLN EA 26 -67.66 37.75 -51.53
N ARG EA 27 -68.61 38.30 -52.28
CA ARG EA 27 -69.96 37.76 -52.36
C ARG EA 27 -69.96 36.31 -52.83
N TYR EA 28 -71.07 35.61 -52.56
CA TYR EA 28 -71.34 34.27 -53.06
C TYR EA 28 -70.25 33.29 -52.62
N GLU EA 29 -70.22 33.05 -51.31
CA GLU EA 29 -69.24 32.19 -50.69
C GLU EA 29 -69.31 30.77 -51.23
N SER EA 30 -68.22 30.03 -51.09
CA SER EA 30 -68.22 28.63 -51.44
C SER EA 30 -69.08 27.83 -50.46
N LEU EA 31 -69.57 26.69 -50.93
CA LEU EA 31 -70.44 25.83 -50.14
C LEU EA 31 -69.69 24.68 -49.48
N LYS EA 32 -68.38 24.82 -49.27
CA LYS EA 32 -67.59 23.73 -48.71
C LYS EA 32 -67.83 23.61 -47.22
N GLY EA 33 -68.04 22.38 -46.76
CA GLY EA 33 -68.34 22.11 -45.37
C GLY EA 33 -69.80 22.17 -45.01
N VAL EA 34 -70.67 22.51 -45.94
CA VAL EA 34 -72.10 22.58 -45.68
C VAL EA 34 -72.66 21.16 -45.63
N ASP EA 35 -73.79 20.99 -44.94
CA ASP EA 35 -74.42 19.70 -44.74
C ASP EA 35 -74.70 19.03 -46.08
N PRO EA 36 -74.11 17.85 -46.34
CA PRO EA 36 -74.33 17.19 -47.64
C PRO EA 36 -75.77 16.87 -47.94
N LYS EA 37 -76.57 16.54 -46.93
CA LYS EA 37 -78.01 16.40 -47.14
C LYS EA 37 -78.59 17.71 -47.67
N PHE EA 38 -78.28 18.81 -46.99
CA PHE EA 38 -78.80 20.09 -47.41
C PHE EA 38 -78.22 20.48 -48.77
N LEU EA 39 -76.95 20.12 -49.01
CA LEU EA 39 -76.34 20.42 -50.31
C LEU EA 39 -77.06 19.71 -51.44
N ARG EA 40 -77.33 18.41 -51.28
CA ARG EA 40 -77.98 17.70 -52.38
C ARG EA 40 -79.43 18.13 -52.53
N ASN EA 41 -80.08 18.51 -51.43
CA ASN EA 41 -81.42 19.08 -51.58
C ASN EA 41 -81.37 20.41 -52.32
N MET EA 42 -80.36 21.22 -52.03
CA MET EA 42 -80.19 22.48 -52.73
C MET EA 42 -79.92 22.25 -54.21
N ARG EA 43 -79.13 21.21 -54.51
CA ARG EA 43 -78.89 20.84 -55.90
C ARG EA 43 -80.18 20.42 -56.59
N PHE EA 44 -81.04 19.68 -55.87
CA PHE EA 44 -82.35 19.37 -56.42
C PHE EA 44 -83.15 20.63 -56.69
N ALA EA 45 -83.13 21.57 -55.74
CA ALA EA 45 -83.93 22.78 -55.85
C ALA EA 45 -83.48 23.63 -57.02
N LYS EA 46 -82.17 23.75 -57.21
CA LYS EA 46 -81.64 24.46 -58.36
C LYS EA 46 -82.02 23.75 -59.64
N LYS EA 47 -81.90 22.42 -59.66
CA LYS EA 47 -82.17 21.65 -60.86
C LYS EA 47 -83.63 21.79 -61.29
N HIS EA 48 -84.54 21.80 -60.32
CA HIS EA 48 -85.96 21.84 -60.60
C HIS EA 48 -86.51 23.26 -60.61
N ASN EA 49 -85.64 24.26 -60.49
CA ASN EA 49 -86.06 25.64 -60.70
C ASN EA 49 -86.51 25.90 -62.14
N LYS EA 50 -86.06 25.09 -63.09
CA LYS EA 50 -86.40 25.33 -64.49
C LYS EA 50 -87.89 25.14 -64.74
N LYS EA 51 -88.46 24.07 -64.19
CA LYS EA 51 -89.87 23.78 -64.43
C LYS EA 51 -90.76 24.81 -63.73
N GLY EA 52 -91.91 25.08 -64.34
CA GLY EA 52 -92.80 26.10 -63.82
C GLY EA 52 -92.42 27.51 -64.17
N LEU EA 53 -91.49 27.70 -65.11
CA LEU EA 53 -91.05 29.05 -65.48
C LEU EA 53 -92.21 29.90 -66.00
N LYS EA 54 -93.20 29.25 -66.62
CA LYS EA 54 -94.36 29.98 -67.11
C LYS EA 54 -95.12 30.64 -65.97
N LYS EA 55 -95.24 29.96 -64.83
CA LYS EA 55 -95.86 30.57 -63.67
C LYS EA 55 -95.08 31.79 -63.21
N MET EA 56 -93.75 31.69 -63.16
CA MET EA 56 -92.93 32.81 -62.73
C MET EA 56 -93.09 34.01 -63.65
N GLN EA 57 -93.03 33.78 -64.96
CA GLN EA 57 -93.16 34.89 -65.89
C GLN EA 57 -94.56 35.46 -65.89
N ALA EA 58 -95.58 34.63 -65.68
CA ALA EA 58 -96.94 35.15 -65.56
C ALA EA 58 -97.09 36.02 -64.33
N ASN EA 59 -96.54 35.58 -63.20
CA ASN EA 59 -96.58 36.39 -61.99
C ASN EA 59 -95.85 37.71 -62.18
N ASN EA 60 -94.67 37.65 -62.82
CA ASN EA 60 -93.92 38.88 -63.07
C ASN EA 60 -94.67 39.82 -64.00
N ALA EA 61 -95.29 39.28 -65.05
CA ALA EA 61 -96.02 40.11 -65.99
C ALA EA 61 -97.24 40.76 -65.32
N LYS EA 62 -98.00 40.00 -64.54
CA LYS EA 62 -99.18 40.57 -63.90
C LYS EA 62 -98.78 41.57 -62.83
N ALA EA 63 -97.69 41.31 -62.10
CA ALA EA 63 -97.21 42.29 -61.13
C ALA EA 63 -96.74 43.56 -61.82
N MET EA 64 -96.04 43.42 -62.94
CA MET EA 64 -95.60 44.58 -63.70
C MET EA 64 -96.77 45.39 -64.20
N SER EA 65 -97.81 44.72 -64.70
CA SER EA 65 -99.01 45.41 -65.15
C SER EA 65 -99.70 46.13 -64.00
N ALA EA 66 -99.82 45.46 -62.85
CA ALA EA 66 -100.48 46.09 -61.70
C ALA EA 66 -99.72 47.32 -61.23
N ARG EA 67 -98.39 47.20 -61.14
CA ARG EA 67 -97.59 48.35 -60.73
C ARG EA 67 -97.65 49.47 -61.75
N ALA EA 68 -97.65 49.12 -63.04
CA ALA EA 68 -97.71 50.14 -64.08
C ALA EA 68 -99.03 50.89 -64.05
N GLU EA 69 -100.15 50.17 -63.87
CA GLU EA 69 -101.43 50.86 -63.82
C GLU EA 69 -101.60 51.64 -62.53
N ALA EA 70 -101.00 51.17 -61.44
CA ALA EA 70 -101.03 51.94 -60.19
C ALA EA 70 -100.23 53.22 -60.33
N ILE EA 71 -99.10 53.16 -61.01
CA ILE EA 71 -98.26 54.35 -61.18
C ILE EA 71 -98.92 55.34 -62.13
N LYS EA 72 -99.45 54.86 -63.25
CA LYS EA 72 -99.98 55.75 -64.29
C LYS EA 72 -101.38 56.26 -63.99
N ALA EA 73 -102.03 55.78 -62.94
CA ALA EA 73 -103.38 56.25 -62.63
C ALA EA 73 -103.33 57.63 -61.96
N LEU EA 74 -103.18 58.68 -62.76
CA LEU EA 74 -103.15 60.04 -62.25
C LEU EA 74 -104.50 60.69 -62.48
N VAL EA 75 -105.02 61.34 -61.43
CA VAL EA 75 -106.31 62.06 -61.40
C VAL EA 75 -107.41 61.37 -62.20
N VAL EA 88 -89.56 89.72 -50.89
CA VAL EA 88 -88.33 90.21 -50.28
C VAL EA 88 -87.32 90.56 -51.36
N SER EA 89 -86.33 91.38 -50.99
CA SER EA 89 -85.25 91.75 -51.89
C SER EA 89 -84.09 90.76 -51.81
N ARG EA 90 -83.59 90.50 -50.60
CA ARG EA 90 -82.61 89.46 -50.32
C ARG EA 90 -81.36 89.65 -51.18
N LYS EA 91 -80.66 90.75 -50.87
CA LYS EA 91 -79.63 91.27 -51.76
C LYS EA 91 -78.55 90.24 -52.05
N LEU EA 92 -78.13 89.48 -51.03
CA LEU EA 92 -77.08 88.50 -51.24
C LEU EA 92 -77.50 87.42 -52.24
N ASP EA 93 -78.70 86.88 -52.06
CA ASP EA 93 -79.17 85.86 -52.98
C ASP EA 93 -79.41 86.41 -54.37
N ARG EA 94 -79.85 87.67 -54.46
CA ARG EA 94 -79.97 88.30 -55.77
C ARG EA 94 -78.63 88.40 -56.46
N LEU EA 95 -77.60 88.79 -55.72
CA LEU EA 95 -76.27 88.89 -56.29
C LEU EA 95 -75.75 87.54 -56.75
N ALA EA 96 -76.03 86.50 -55.96
CA ALA EA 96 -75.65 85.15 -56.36
C ALA EA 96 -76.38 84.72 -57.62
N TYR EA 97 -77.67 85.04 -57.72
CA TYR EA 97 -78.45 84.73 -58.91
C TYR EA 97 -77.87 85.41 -60.14
N ILE EA 98 -77.50 86.69 -60.00
CA ILE EA 98 -76.83 87.38 -61.09
C ILE EA 98 -75.52 86.67 -61.43
N ALA EA 99 -74.78 86.24 -60.43
CA ALA EA 99 -73.50 85.59 -60.65
C ALA EA 99 -73.63 84.21 -61.28
N HIS EA 100 -74.82 83.64 -61.35
CA HIS EA 100 -74.96 82.31 -61.94
C HIS EA 100 -74.72 82.39 -63.44
N PRO EA 101 -73.92 81.47 -64.00
CA PRO EA 101 -73.57 81.57 -65.43
C PRO EA 101 -74.76 81.50 -66.37
N LYS EA 102 -75.80 80.73 -66.03
CA LYS EA 102 -76.97 80.62 -66.88
C LYS EA 102 -78.15 81.44 -66.39
N LEU EA 103 -78.45 81.36 -65.08
CA LEU EA 103 -79.63 82.03 -64.56
C LEU EA 103 -79.47 83.54 -64.55
N GLY EA 104 -78.25 84.04 -64.43
CA GLY EA 104 -78.00 85.48 -64.41
C GLY EA 104 -77.65 86.10 -65.74
N LYS EA 105 -77.84 85.38 -66.84
CA LYS EA 105 -77.47 85.88 -68.15
C LYS EA 105 -78.26 87.14 -68.50
N ARG EA 106 -79.59 87.05 -68.41
CA ARG EA 106 -80.42 88.19 -68.74
C ARG EA 106 -80.26 89.31 -67.72
N ALA EA 107 -80.00 88.96 -66.46
CA ALA EA 107 -79.79 89.99 -65.44
C ALA EA 107 -78.57 90.83 -65.76
N ARG EA 108 -77.46 90.17 -66.11
CA ARG EA 108 -76.25 90.93 -66.42
C ARG EA 108 -76.37 91.64 -67.76
N ALA EA 109 -77.15 91.08 -68.70
CA ALA EA 109 -77.44 91.82 -69.92
C ALA EA 109 -78.21 93.10 -69.62
N ARG EA 110 -79.21 93.01 -68.74
CA ARG EA 110 -79.99 94.19 -68.36
C ARG EA 110 -79.12 95.24 -67.70
N ILE EA 111 -78.26 94.83 -66.74
CA ILE EA 111 -77.45 95.84 -66.06
C ILE EA 111 -76.39 96.40 -66.99
N ALA EA 112 -75.93 95.62 -67.97
CA ALA EA 112 -75.02 96.15 -68.97
C ALA EA 112 -75.71 97.23 -69.81
N LYS EA 113 -76.94 96.96 -70.24
CA LYS EA 113 -77.68 97.96 -70.99
C LYS EA 113 -77.96 99.19 -70.13
N GLY EA 114 -78.15 98.98 -68.82
CA GLY EA 114 -78.31 100.11 -67.92
C GLY EA 114 -77.05 100.93 -67.81
N LEU EA 115 -75.91 100.27 -67.74
CA LEU EA 115 -74.63 100.97 -67.70
C LEU EA 115 -74.39 101.75 -68.99
N ARG EA 116 -74.76 101.16 -70.13
CA ARG EA 116 -74.50 101.80 -71.42
C ARG EA 116 -75.55 102.87 -71.73
N LEU EA 117 -76.82 102.47 -71.76
CA LEU EA 117 -77.87 103.33 -72.26
C LEU EA 117 -78.25 104.38 -71.23
N CYS EA 118 -78.42 105.61 -71.68
CA CYS EA 118 -78.88 106.72 -70.85
C CYS EA 118 -80.06 107.37 -71.54
N ARG EA 119 -81.12 107.62 -70.78
CA ARG EA 119 -82.37 108.12 -71.34
C ARG EA 119 -83.04 109.05 -70.34
N PRO EA 120 -83.83 109.99 -70.82
CA PRO EA 120 -84.64 110.82 -69.93
C PRO EA 120 -85.92 110.09 -69.53
N LYS EA 121 -86.79 110.82 -68.84
CA LYS EA 121 -88.11 110.34 -68.40
C LYS EA 121 -87.99 109.09 -67.54
N LYS FA 1 45.01 -65.79 -10.28
CA LYS FA 1 46.25 -66.28 -9.70
C LYS FA 1 47.36 -66.27 -10.73
N SER FA 2 46.99 -66.40 -12.00
CA SER FA 2 47.99 -66.36 -13.07
C SER FA 2 48.69 -65.01 -13.13
N LEU FA 3 47.93 -63.92 -12.97
CA LEU FA 3 48.51 -62.59 -13.04
C LEU FA 3 49.49 -62.35 -11.89
N GLU FA 4 49.09 -62.69 -10.67
CA GLU FA 4 49.98 -62.47 -9.54
C GLU FA 4 51.20 -63.38 -9.60
N SER FA 5 51.02 -64.62 -10.09
CA SER FA 5 52.16 -65.52 -10.21
C SER FA 5 53.14 -65.02 -11.27
N ILE FA 6 52.63 -64.56 -12.41
CA ILE FA 6 53.53 -64.06 -13.44
C ILE FA 6 54.21 -62.77 -12.98
N ASN FA 7 53.51 -61.94 -12.19
CA ASN FA 7 54.14 -60.76 -11.63
C ASN FA 7 55.25 -61.13 -10.66
N SER FA 8 54.99 -62.12 -9.80
CA SER FA 8 56.01 -62.56 -8.85
C SER FA 8 57.23 -63.12 -9.58
N ARG FA 9 56.99 -63.94 -10.61
CA ARG FA 9 58.09 -64.50 -11.36
C ARG FA 9 58.86 -63.42 -12.10
N LEU FA 10 58.16 -62.43 -12.63
CA LEU FA 10 58.82 -61.30 -13.28
C LEU FA 10 59.70 -60.55 -12.29
N GLN FA 11 59.18 -60.31 -11.08
CA GLN FA 11 59.97 -59.64 -10.06
C GLN FA 11 61.20 -60.44 -9.72
N LEU FA 12 61.06 -61.76 -9.64
CA LEU FA 12 62.18 -62.60 -9.28
C LEU FA 12 63.18 -62.74 -10.42
N VAL FA 13 62.74 -62.56 -11.68
CA VAL FA 13 63.69 -62.45 -12.78
C VAL FA 13 64.56 -61.23 -12.58
N MET FA 14 63.95 -60.10 -12.22
CA MET FA 14 64.72 -58.97 -11.75
C MET FA 14 65.49 -59.37 -10.50
N LYS FA 15 66.68 -58.78 -10.36
CA LYS FA 15 67.53 -58.94 -9.18
C LYS FA 15 68.14 -60.34 -9.14
N SER FA 16 67.73 -61.21 -10.06
CA SER FA 16 68.28 -62.57 -10.10
C SER FA 16 68.56 -63.09 -11.50
N GLY FA 17 68.10 -62.42 -12.57
CA GLY FA 17 68.32 -62.90 -13.92
C GLY FA 17 68.53 -61.75 -14.89
N LYS FA 18 69.26 -62.06 -15.96
CA LYS FA 18 69.55 -61.09 -17.00
C LYS FA 18 68.33 -60.90 -17.88
N TYR FA 19 68.05 -59.65 -18.23
CA TYR FA 19 66.93 -59.32 -19.10
C TYR FA 19 67.35 -58.16 -19.99
N VAL FA 20 66.38 -57.62 -20.72
CA VAL FA 20 66.58 -56.39 -21.48
C VAL FA 20 65.24 -55.71 -21.65
N LEU FA 21 65.26 -54.38 -21.67
CA LEU FA 21 64.05 -53.57 -21.66
C LEU FA 21 64.04 -52.64 -22.86
N GLY FA 22 62.91 -52.58 -23.54
CA GLY FA 22 62.74 -51.67 -24.66
C GLY FA 22 62.60 -52.37 -25.99
N TYR FA 23 61.92 -51.71 -26.93
CA TYR FA 23 61.58 -52.35 -28.20
C TYR FA 23 62.82 -52.61 -29.04
N LYS FA 24 63.67 -51.60 -29.22
CA LYS FA 24 64.86 -51.74 -30.06
C LYS FA 24 65.78 -52.82 -29.52
N GLN FA 25 66.08 -52.75 -28.22
CA GLN FA 25 66.96 -53.74 -27.62
C GLN FA 25 66.36 -55.13 -27.67
N THR FA 26 65.03 -55.23 -27.54
CA THR FA 26 64.38 -56.52 -27.65
C THR FA 26 64.56 -57.11 -29.04
N LEU FA 27 64.34 -56.31 -30.08
CA LEU FA 27 64.53 -56.82 -31.43
C LEU FA 27 65.97 -57.20 -31.68
N LYS FA 28 66.91 -56.38 -31.19
CA LYS FA 28 68.33 -56.70 -31.34
C LYS FA 28 68.67 -58.02 -30.69
N MET FA 29 68.16 -58.25 -29.48
CA MET FA 29 68.39 -59.51 -28.79
C MET FA 29 67.76 -60.67 -29.55
N ILE FA 30 66.55 -60.46 -30.09
CA ILE FA 30 65.86 -61.54 -30.78
C ILE FA 30 66.64 -61.95 -32.03
N ARG FA 31 67.06 -60.98 -32.83
CA ARG FA 31 67.84 -61.34 -34.00
C ARG FA 31 69.23 -61.84 -33.62
N GLN FA 32 69.68 -61.56 -32.41
CA GLN FA 32 70.84 -62.29 -31.90
C GLN FA 32 70.49 -63.71 -31.46
N GLY FA 33 69.21 -64.02 -31.30
CA GLY FA 33 68.81 -65.36 -30.94
C GLY FA 33 69.07 -65.76 -29.51
N LYS FA 34 69.45 -64.80 -28.66
CA LYS FA 34 69.72 -65.08 -27.25
C LYS FA 34 68.57 -64.66 -26.35
N ALA FA 35 67.43 -64.30 -26.93
CA ALA FA 35 66.25 -63.96 -26.15
C ALA FA 35 65.36 -65.19 -26.02
N LYS FA 36 65.06 -65.57 -24.78
CA LYS FA 36 64.31 -66.80 -24.53
C LYS FA 36 62.83 -66.54 -24.29
N LEU FA 37 62.44 -65.34 -23.86
CA LEU FA 37 61.04 -65.00 -23.67
C LEU FA 37 60.86 -63.52 -23.94
N VAL FA 38 59.83 -63.18 -24.70
CA VAL FA 38 59.50 -61.80 -24.99
C VAL FA 38 58.09 -61.54 -24.46
N ILE FA 39 57.93 -60.44 -23.73
CA ILE FA 39 56.68 -60.12 -23.07
C ILE FA 39 56.18 -58.78 -23.60
N LEU FA 40 54.92 -58.74 -24.01
CA LEU FA 40 54.30 -57.55 -24.57
C LEU FA 40 53.05 -57.17 -23.77
N ALA FA 41 52.86 -55.86 -23.60
CA ALA FA 41 51.60 -55.36 -23.08
C ALA FA 41 50.57 -55.28 -24.19
N ASN FA 42 49.29 -55.41 -23.82
CA ASN FA 42 48.23 -55.30 -24.80
C ASN FA 42 48.11 -53.90 -25.39
N ASN FA 43 48.71 -52.89 -24.74
CA ASN FA 43 48.75 -51.56 -25.29
C ASN FA 43 49.82 -51.40 -26.37
N CYS FA 44 50.59 -52.45 -26.64
CA CYS FA 44 51.52 -52.39 -27.75
C CYS FA 44 50.75 -52.17 -29.05
N PRO FA 45 51.23 -51.31 -29.94
CA PRO FA 45 50.60 -51.18 -31.25
C PRO FA 45 50.60 -52.51 -31.98
N ALA FA 46 49.49 -52.79 -32.65
CA ALA FA 46 49.28 -54.12 -33.21
C ALA FA 46 50.31 -54.44 -34.28
N LEU FA 47 50.77 -53.44 -35.03
CA LEU FA 47 51.81 -53.67 -36.02
C LEU FA 47 53.11 -54.11 -35.36
N ARG FA 48 53.54 -53.41 -34.31
CA ARG FA 48 54.72 -53.82 -33.57
C ARG FA 48 54.52 -55.18 -32.93
N LYS FA 49 53.34 -55.43 -32.39
CA LYS FA 49 53.06 -56.71 -31.76
C LYS FA 49 53.20 -57.86 -32.76
N SER FA 50 52.60 -57.70 -33.94
CA SER FA 50 52.66 -58.74 -34.96
C SER FA 50 54.08 -58.92 -35.48
N GLU FA 51 54.81 -57.82 -35.63
CA GLU FA 51 56.20 -57.92 -36.11
C GLU FA 51 57.06 -58.67 -35.11
N ILE FA 52 56.90 -58.39 -33.82
CA ILE FA 52 57.67 -59.10 -32.81
C ILE FA 52 57.25 -60.56 -32.76
N GLU FA 53 55.96 -60.83 -32.96
CA GLU FA 53 55.51 -62.23 -33.05
C GLU FA 53 56.18 -62.95 -34.19
N TYR FA 54 56.29 -62.30 -35.35
CA TYR FA 54 56.95 -62.91 -36.50
C TYR FA 54 58.44 -63.13 -36.22
N TYR FA 55 59.08 -62.16 -35.57
CA TYR FA 55 60.49 -62.32 -35.23
C TYR FA 55 60.70 -63.50 -34.29
N ALA FA 56 59.85 -63.64 -33.29
CA ALA FA 56 59.98 -64.75 -32.35
C ALA FA 56 59.70 -66.08 -33.02
N MET FA 57 58.69 -66.13 -33.89
CA MET FA 57 58.39 -67.37 -34.60
C MET FA 57 59.56 -67.77 -35.48
N LEU FA 58 60.19 -66.80 -36.12
CA LEU FA 58 61.43 -67.08 -36.84
C LEU FA 58 62.51 -67.57 -35.90
N ALA FA 59 62.58 -67.01 -34.70
CA ALA FA 59 63.55 -67.43 -33.70
C ALA FA 59 63.08 -68.61 -32.89
N LYS FA 60 61.82 -69.04 -33.07
CA LYS FA 60 61.24 -70.17 -32.34
C LYS FA 60 61.38 -70.00 -30.83
N THR FA 61 61.05 -68.80 -30.34
CA THR FA 61 61.14 -68.51 -28.92
C THR FA 61 59.78 -68.03 -28.41
N GLY FA 62 59.60 -68.12 -27.10
CA GLY FA 62 58.31 -67.88 -26.50
C GLY FA 62 57.93 -66.41 -26.45
N VAL FA 63 56.63 -66.16 -26.62
CA VAL FA 63 56.04 -64.84 -26.49
C VAL FA 63 54.90 -64.92 -25.51
N HIS FA 64 54.90 -64.04 -24.52
CA HIS FA 64 53.81 -63.93 -23.56
C HIS FA 64 53.07 -62.61 -23.77
N HIS FA 65 51.75 -62.70 -23.83
CA HIS FA 65 50.90 -61.51 -23.88
C HIS FA 65 50.54 -61.14 -22.45
N TYR FA 66 51.23 -60.14 -21.91
CA TYR FA 66 50.96 -59.70 -20.56
C TYR FA 66 49.58 -59.08 -20.45
N SER FA 67 48.88 -59.39 -19.37
CA SER FA 67 47.54 -58.86 -19.14
C SER FA 67 47.59 -57.56 -18.35
N GLY FA 68 48.32 -56.60 -18.90
CA GLY FA 68 48.38 -55.26 -18.35
C GLY FA 68 48.55 -54.21 -19.42
N ASN FA 69 49.35 -53.19 -19.16
CA ASN FA 69 49.69 -52.21 -20.16
C ASN FA 69 51.12 -51.76 -19.91
N ASN FA 70 51.59 -50.79 -20.69
CA ASN FA 70 52.97 -50.35 -20.56
C ASN FA 70 53.26 -49.79 -19.18
N ILE FA 71 52.33 -49.01 -18.61
CA ILE FA 71 52.51 -48.50 -17.25
C ILE FA 71 52.53 -49.66 -16.27
N GLU FA 72 51.55 -50.56 -16.37
CA GLU FA 72 51.49 -51.69 -15.45
C GLU FA 72 52.66 -52.64 -15.66
N LEU FA 73 53.10 -52.80 -16.91
CA LEU FA 73 54.27 -53.64 -17.16
C LEU FA 73 55.51 -53.04 -16.51
N GLY FA 74 55.70 -51.72 -16.63
CA GLY FA 74 56.81 -51.08 -15.96
C GLY FA 74 56.72 -51.21 -14.45
N THR FA 75 55.51 -51.08 -13.92
CA THR FA 75 55.32 -51.22 -12.48
C THR FA 75 55.67 -52.62 -12.01
N ALA FA 76 55.27 -53.63 -12.78
CA ALA FA 76 55.66 -55.00 -12.46
C ALA FA 76 57.16 -55.18 -12.53
N CYS FA 77 57.80 -54.56 -13.53
CA CYS FA 77 59.24 -54.61 -13.65
C CYS FA 77 59.95 -53.80 -12.56
N GLY FA 78 59.22 -53.03 -11.78
CA GLY FA 78 59.82 -52.19 -10.77
C GLY FA 78 60.40 -50.90 -11.28
N LYS FA 79 60.17 -50.56 -12.54
CA LYS FA 79 60.67 -49.32 -13.11
C LYS FA 79 59.60 -48.25 -13.05
N TYR FA 80 60.04 -46.99 -13.10
CA TYR FA 80 59.15 -45.85 -13.02
C TYR FA 80 58.80 -45.30 -14.41
N TYR FA 81 59.18 -46.01 -15.47
CA TYR FA 81 58.88 -45.58 -16.81
C TYR FA 81 58.09 -46.67 -17.51
N ARG FA 82 57.29 -46.26 -18.48
CA ARG FA 82 56.48 -47.21 -19.23
C ARG FA 82 57.39 -48.10 -20.07
N VAL FA 83 57.17 -49.40 -20.02
CA VAL FA 83 57.85 -50.34 -20.90
C VAL FA 83 56.81 -51.08 -21.72
N CYS FA 84 56.98 -51.08 -23.04
CA CYS FA 84 56.05 -51.71 -23.95
C CYS FA 84 56.50 -53.10 -24.39
N THR FA 85 57.80 -53.36 -24.34
CA THR FA 85 58.38 -54.59 -24.83
C THR FA 85 59.57 -54.97 -23.96
N LEU FA 86 59.69 -56.25 -23.63
CA LEU FA 86 60.83 -56.71 -22.85
C LEU FA 86 61.18 -58.12 -23.26
N ALA FA 87 62.43 -58.49 -22.99
CA ALA FA 87 62.93 -59.83 -23.26
C ALA FA 87 63.74 -60.34 -22.08
N ILE FA 88 63.78 -61.66 -21.94
CA ILE FA 88 64.46 -62.32 -20.83
C ILE FA 88 65.62 -63.12 -21.39
N ILE FA 89 66.84 -62.79 -20.95
CA ILE FA 89 68.00 -63.53 -21.39
C ILE FA 89 68.04 -64.91 -20.75
N ASP FA 90 67.89 -64.95 -19.43
CA ASP FA 90 67.84 -66.20 -18.69
C ASP FA 90 67.02 -65.91 -17.43
N PRO FA 91 66.09 -66.77 -17.08
CA PRO FA 91 65.28 -66.51 -15.90
C PRO FA 91 66.07 -66.60 -14.60
N GLY FA 92 66.75 -67.73 -14.39
CA GLY FA 92 67.38 -67.97 -13.10
C GLY FA 92 66.40 -68.31 -11.99
N ASP FA 93 65.10 -68.41 -12.31
CA ASP FA 93 64.10 -68.79 -11.33
C ASP FA 93 63.04 -69.73 -11.89
N SER FA 94 63.34 -70.47 -12.96
CA SER FA 94 62.45 -71.46 -13.57
C SER FA 94 61.19 -70.85 -14.15
N ASP FA 95 61.19 -69.54 -14.40
CA ASP FA 95 60.09 -68.96 -15.17
C ASP FA 95 60.06 -69.54 -16.57
N ILE FA 96 61.23 -69.67 -17.19
CA ILE FA 96 61.37 -70.34 -18.48
C ILE FA 96 61.82 -71.77 -18.21
N ILE FA 97 60.97 -72.72 -18.59
CA ILE FA 97 61.28 -74.13 -18.36
C ILE FA 97 62.44 -74.53 -19.27
N ARG FA 98 63.43 -75.20 -18.68
CA ARG FA 98 64.59 -75.64 -19.44
C ARG FA 98 64.22 -76.75 -20.42
N ASN GA 1 73.81 72.24 -41.69
CA ASN GA 1 74.18 71.01 -42.37
C ASN GA 1 73.02 70.04 -42.44
N GLU GA 2 73.19 69.00 -43.27
CA GLU GA 2 72.16 67.98 -43.40
C GLU GA 2 72.72 66.59 -43.63
N VAL GA 3 74.04 66.41 -43.64
CA VAL GA 3 74.64 65.10 -43.93
C VAL GA 3 75.28 64.65 -42.63
N VAL GA 4 74.73 65.09 -41.51
CA VAL GA 4 75.27 64.73 -40.21
C VAL GA 4 74.82 63.32 -39.84
N THR GA 5 75.71 62.60 -39.16
CA THR GA 5 75.37 61.32 -38.56
C THR GA 5 75.71 61.39 -37.07
N ARG GA 6 74.85 60.78 -36.25
CA ARG GA 6 74.98 60.85 -34.81
C ARG GA 6 74.65 59.50 -34.20
N GLU GA 7 75.00 59.33 -32.94
CA GLU GA 7 74.71 58.11 -32.19
C GLU GA 7 73.81 58.46 -31.01
N TYR GA 8 72.71 57.72 -30.88
CA TYR GA 8 71.76 57.91 -29.80
C TYR GA 8 71.57 56.59 -29.05
N THR GA 9 71.08 56.71 -27.83
CA THR GA 9 70.59 55.56 -27.09
C THR GA 9 69.12 55.78 -26.76
N ILE GA 10 68.34 54.71 -26.81
CA ILE GA 10 66.89 54.79 -26.67
C ILE GA 10 66.45 53.90 -25.53
N ASN GA 11 65.67 54.48 -24.61
CA ASN GA 11 65.04 53.70 -23.56
C ASN GA 11 63.86 52.95 -24.17
N ILE GA 12 64.18 51.80 -24.75
CA ILE GA 12 63.14 50.95 -25.32
C ILE GA 12 62.20 50.47 -24.23
N HIS GA 13 62.75 50.22 -23.04
CA HIS GA 13 61.92 49.85 -21.90
C HIS GA 13 60.86 50.91 -21.64
N LYS GA 14 61.25 52.18 -21.69
CA LYS GA 14 60.30 53.24 -21.41
C LYS GA 14 59.21 53.31 -22.48
N ARG GA 15 59.60 53.16 -23.74
CA ARG GA 15 58.66 53.33 -24.84
C ARG GA 15 57.78 52.11 -25.06
N ILE GA 16 58.15 50.97 -24.52
CA ILE GA 16 57.39 49.73 -24.69
C ILE GA 16 56.70 49.30 -23.41
N HIS GA 17 56.88 50.06 -22.32
CA HIS GA 17 56.31 49.71 -21.04
C HIS GA 17 54.79 49.55 -21.11
N GLY GA 18 54.32 48.32 -20.87
CA GLY GA 18 52.90 48.02 -20.90
C GLY GA 18 52.41 47.33 -22.16
N VAL GA 19 53.25 47.19 -23.16
CA VAL GA 19 52.86 46.57 -24.42
C VAL GA 19 52.69 45.07 -24.23
N GLY GA 20 51.63 44.53 -24.82
CA GLY GA 20 51.37 43.10 -24.72
C GLY GA 20 52.49 42.27 -25.32
N PHE GA 21 52.48 41.00 -24.95
CA PHE GA 21 53.61 40.11 -25.26
C PHE GA 21 53.79 39.96 -26.76
N LYS GA 22 52.69 39.73 -27.48
CA LYS GA 22 52.75 39.47 -28.91
C LYS GA 22 52.94 40.73 -29.75
N LYS GA 23 53.21 41.88 -29.14
CA LYS GA 23 53.39 43.10 -29.92
C LYS GA 23 54.65 43.86 -29.59
N ARG GA 24 55.43 43.41 -28.61
CA ARG GA 24 56.52 44.22 -28.08
C ARG GA 24 57.60 44.46 -29.12
N ALA GA 25 57.95 43.43 -29.90
CA ALA GA 25 59.02 43.62 -30.88
C ALA GA 25 58.59 44.47 -32.07
N PRO GA 26 57.47 44.19 -32.76
CA PRO GA 26 57.07 45.10 -33.84
C PRO GA 26 56.79 46.50 -33.37
N ARG GA 27 56.23 46.66 -32.16
CA ARG GA 27 56.04 48.01 -31.64
C ARG GA 27 57.37 48.66 -31.30
N ALA GA 28 58.37 47.87 -30.88
CA ALA GA 28 59.70 48.43 -30.73
C ALA GA 28 60.22 48.97 -32.05
N LEU GA 29 60.01 48.22 -33.13
CA LEU GA 29 60.41 48.70 -34.44
C LEU GA 29 59.68 49.99 -34.82
N LYS GA 30 58.37 50.03 -34.63
CA LYS GA 30 57.60 51.21 -35.01
C LYS GA 30 58.00 52.42 -34.18
N GLU GA 31 58.19 52.24 -32.88
CA GLU GA 31 58.61 53.35 -32.04
C GLU GA 31 60.02 53.82 -32.40
N ILE GA 32 60.91 52.90 -32.76
CA ILE GA 32 62.25 53.30 -33.17
C ILE GA 32 62.19 54.13 -34.44
N ARG GA 33 61.40 53.68 -35.42
CA ARG GA 33 61.26 54.46 -36.65
C ARG GA 33 60.64 55.82 -36.38
N LYS GA 34 59.64 55.88 -35.49
CA LYS GA 34 59.03 57.17 -35.16
C LYS GA 34 60.01 58.07 -34.44
N PHE GA 35 60.85 57.50 -33.57
CA PHE GA 35 61.89 58.29 -32.92
C PHE GA 35 62.86 58.87 -33.93
N ALA GA 36 63.23 58.07 -34.93
CA ALA GA 36 64.10 58.57 -35.98
C ALA GA 36 63.43 59.70 -36.75
N MET GA 37 62.14 59.53 -37.08
CA MET GA 37 61.41 60.56 -37.79
C MET GA 37 61.34 61.85 -36.97
N LYS GA 38 61.23 61.71 -35.65
CA LYS GA 38 61.25 62.89 -34.79
C LYS GA 38 62.61 63.56 -34.78
N GLU GA 39 63.68 62.78 -34.64
CA GLU GA 39 64.98 63.37 -34.41
C GLU GA 39 65.57 63.98 -35.67
N MET GA 40 65.52 63.25 -36.79
CA MET GA 40 66.18 63.71 -38.00
C MET GA 40 65.23 64.30 -39.03
N GLY GA 41 63.93 64.21 -38.80
CA GLY GA 41 62.97 64.87 -39.68
C GLY GA 41 62.93 64.31 -41.09
N THR GA 42 63.14 63.01 -41.26
CA THR GA 42 63.04 62.36 -42.56
C THR GA 42 61.92 61.35 -42.48
N PRO GA 43 60.85 61.51 -43.27
CA PRO GA 43 59.85 60.44 -43.34
C PRO GA 43 60.44 59.15 -43.87
N ASP GA 44 61.42 59.23 -44.76
CA ASP GA 44 62.15 58.07 -45.24
C ASP GA 44 63.11 57.63 -44.14
N VAL GA 45 62.77 56.52 -43.48
CA VAL GA 45 63.63 55.95 -42.45
C VAL GA 45 63.87 54.49 -42.81
N ARG GA 46 65.13 54.13 -43.03
CA ARG GA 46 65.52 52.77 -43.31
C ARG GA 46 66.12 52.16 -42.06
N ILE GA 47 65.82 50.89 -41.82
CA ILE GA 47 66.35 50.15 -40.68
C ILE GA 47 67.25 49.05 -41.18
N ASP GA 48 68.53 49.11 -40.80
CA ASP GA 48 69.46 48.08 -41.20
C ASP GA 48 69.09 46.74 -40.59
N THR GA 49 69.30 45.67 -41.35
CA THR GA 49 68.85 44.35 -40.91
C THR GA 49 69.59 43.90 -39.66
N ARG GA 50 70.83 44.34 -39.48
CA ARG GA 50 71.57 43.98 -38.28
C ARG GA 50 70.89 44.52 -37.03
N LEU GA 51 70.43 45.77 -37.10
CA LEU GA 51 69.70 46.35 -35.98
C LEU GA 51 68.39 45.61 -35.73
N ASN GA 52 67.70 45.22 -36.79
CA ASN GA 52 66.47 44.45 -36.64
C ASN GA 52 66.74 43.13 -35.94
N LYS GA 53 67.85 42.48 -36.30
CA LYS GA 53 68.27 41.26 -35.63
C LYS GA 53 68.60 41.53 -34.16
N ALA GA 54 69.24 42.66 -33.89
CA ALA GA 54 69.59 43.01 -32.51
C ALA GA 54 68.35 43.20 -31.66
N VAL GA 55 67.32 43.85 -32.21
CA VAL GA 55 66.07 44.01 -31.48
C VAL GA 55 65.42 42.65 -31.23
N TRP GA 56 65.40 41.80 -32.24
CA TRP GA 56 64.76 40.49 -32.15
C TRP GA 56 65.65 39.45 -31.50
N ALA GA 57 66.79 39.85 -30.95
CA ALA GA 57 67.75 38.89 -30.45
C ALA GA 57 67.19 38.06 -29.31
N LYS GA 58 66.44 38.70 -28.40
CA LYS GA 58 65.89 38.01 -27.24
C LYS GA 58 64.41 37.71 -27.39
N GLY GA 59 63.98 37.39 -28.60
CA GLY GA 59 62.61 36.95 -28.79
C GLY GA 59 61.64 38.09 -29.01
N ILE GA 60 60.36 37.71 -29.09
CA ILE GA 60 59.32 38.63 -29.47
C ILE GA 60 58.83 39.49 -28.32
N ARG GA 61 58.97 39.02 -27.07
CA ARG GA 61 58.44 39.75 -25.93
C ARG GA 61 59.51 40.22 -24.96
N ASN GA 62 60.70 39.63 -24.99
CA ASN GA 62 61.78 40.04 -24.10
C ASN GA 62 62.71 41.03 -24.79
N VAL GA 63 62.13 42.16 -25.20
CA VAL GA 63 62.87 43.20 -25.89
C VAL GA 63 63.89 43.81 -24.92
N PRO GA 64 65.11 44.10 -25.36
CA PRO GA 64 66.09 44.73 -24.47
C PRO GA 64 65.60 46.08 -23.96
N TYR GA 65 65.94 46.38 -22.71
CA TYR GA 65 65.50 47.64 -22.10
C TYR GA 65 66.09 48.84 -22.81
N ARG GA 66 67.38 48.78 -23.13
CA ARG GA 66 68.06 49.90 -23.77
C ARG GA 66 68.81 49.41 -25.01
N ILE GA 67 69.10 50.34 -25.92
CA ILE GA 67 69.92 50.04 -27.09
C ILE GA 67 70.56 51.33 -27.57
N ARG GA 68 71.78 51.22 -28.10
CA ARG GA 68 72.49 52.34 -28.68
C ARG GA 68 72.47 52.22 -30.20
N VAL GA 69 71.97 53.25 -30.86
CA VAL GA 69 71.79 53.24 -32.31
C VAL GA 69 72.49 54.44 -32.91
N ARG GA 70 72.78 54.32 -34.20
CA ARG GA 70 73.41 55.41 -34.96
C ARG GA 70 72.48 55.81 -36.09
N LEU GA 71 72.17 57.11 -36.14
CA LEU GA 71 71.33 57.66 -37.19
C LEU GA 71 72.20 58.42 -38.17
N SER GA 72 72.11 58.06 -39.44
CA SER GA 72 72.86 58.75 -40.50
C SER GA 72 71.88 59.29 -41.53
N ARG GA 73 71.71 60.61 -41.53
CA ARG GA 73 70.88 61.27 -42.52
C ARG GA 73 71.67 61.35 -43.82
N LYS GA 74 71.14 60.78 -44.88
CA LYS GA 74 71.88 60.70 -46.13
C LYS GA 74 71.04 61.20 -47.29
N ARG GA 75 71.73 61.62 -48.35
CA ARG GA 75 71.06 62.13 -49.53
C ARG GA 75 70.28 61.03 -50.21
N ASN GA 76 69.03 61.33 -50.57
CA ASN GA 76 68.18 60.43 -51.31
C ASN GA 76 68.17 60.74 -52.80
N GLU GA 77 69.08 61.59 -53.26
CA GLU GA 77 69.01 62.14 -54.61
C GLU GA 77 69.53 61.15 -55.65
N ASP GA 78 68.87 59.99 -55.73
CA ASP GA 78 69.19 58.99 -56.75
C ASP GA 78 68.14 58.91 -57.84
N GLU GA 79 66.93 59.40 -57.58
CA GLU GA 79 65.85 59.42 -58.56
C GLU GA 79 64.83 60.45 -58.08
N ASP GA 80 63.81 60.69 -58.89
CA ASP GA 80 62.74 61.60 -58.52
C ASP GA 80 61.97 60.99 -57.37
N SER GA 81 62.18 61.51 -56.17
CA SER GA 81 61.54 61.00 -54.98
C SER GA 81 60.89 62.15 -54.21
N PRO GA 82 59.77 61.90 -53.54
CA PRO GA 82 59.16 62.97 -52.72
C PRO GA 82 60.06 63.43 -51.58
N ASN GA 83 60.98 62.59 -51.14
CA ASN GA 83 61.95 62.95 -50.11
C ASN GA 83 63.34 62.97 -50.73
N LYS GA 84 64.05 64.07 -50.55
CA LYS GA 84 65.42 64.17 -51.02
C LYS GA 84 66.43 63.78 -49.96
N LEU GA 85 65.97 63.48 -48.74
CA LEU GA 85 66.83 63.01 -47.67
C LEU GA 85 66.20 61.81 -47.00
N TYR GA 86 67.06 60.91 -46.51
CA TYR GA 86 66.62 59.75 -45.78
C TYR GA 86 67.62 59.51 -44.65
N THR GA 87 67.14 58.89 -43.57
CA THR GA 87 67.97 58.62 -42.41
C THR GA 87 68.19 57.11 -42.29
N LEU GA 88 69.44 56.70 -42.47
CA LEU GA 88 69.84 55.33 -42.23
C LEU GA 88 70.11 55.16 -40.74
N VAL GA 89 69.54 54.10 -40.16
CA VAL GA 89 69.68 53.84 -38.74
C VAL GA 89 70.38 52.50 -38.58
N THR GA 90 71.48 52.48 -37.83
CA THR GA 90 72.30 51.29 -37.67
C THR GA 90 72.47 50.95 -36.20
N TYR GA 91 72.80 49.68 -35.95
CA TYR GA 91 73.06 49.17 -34.62
C TYR GA 91 74.49 49.48 -34.21
N VAL GA 92 74.67 49.87 -32.95
CA VAL GA 92 75.99 50.10 -32.38
C VAL GA 92 76.19 49.13 -31.22
N PRO GA 93 77.04 48.12 -31.36
CA PRO GA 93 77.25 47.19 -30.24
C PRO GA 93 78.01 47.88 -29.11
N VAL GA 94 77.43 47.83 -27.90
CA VAL GA 94 78.03 48.39 -26.72
C VAL GA 94 77.97 47.36 -25.61
N THR GA 95 78.76 47.59 -24.57
CA THR GA 95 78.77 46.70 -23.41
C THR GA 95 77.91 47.23 -22.27
N THR GA 96 77.95 48.52 -22.01
CA THR GA 96 77.18 49.12 -20.93
C THR GA 96 76.68 50.48 -21.38
N PHE GA 97 75.58 50.92 -20.78
CA PHE GA 97 74.90 52.12 -21.22
C PHE GA 97 75.11 53.31 -20.31
N LYS GA 98 76.02 53.20 -19.34
CA LYS GA 98 76.22 54.28 -18.38
C LYS GA 98 76.95 55.44 -19.02
N ASN GA 99 76.49 56.65 -18.72
CA ASN GA 99 77.19 57.89 -19.06
C ASN GA 99 77.30 58.09 -20.57
N LEU GA 100 76.35 57.56 -21.33
CA LEU GA 100 76.37 57.69 -22.78
C LEU GA 100 75.52 58.87 -23.21
N GLN GA 101 76.10 59.74 -24.04
CA GLN GA 101 75.44 60.96 -24.47
C GLN GA 101 75.17 60.91 -25.97
N THR GA 102 74.34 61.84 -26.43
CA THR GA 102 74.16 62.02 -27.86
C THR GA 102 75.44 62.63 -28.42
N VAL GA 103 76.23 61.82 -29.11
CA VAL GA 103 77.56 62.23 -29.56
C VAL GA 103 77.54 62.39 -31.06
N ASN GA 104 78.11 63.49 -31.55
CA ASN GA 104 78.29 63.66 -32.97
C ASN GA 104 79.42 62.77 -33.43
N VAL GA 105 79.18 61.99 -34.48
CA VAL GA 105 80.17 61.09 -35.04
C VAL GA 105 80.53 61.57 -36.44
N ASP GA 106 81.82 61.56 -36.74
CA ASP GA 106 82.33 62.03 -38.01
C ASP GA 106 82.16 60.95 -39.07
N GLU GA 107 82.79 61.13 -40.22
CA GLU GA 107 82.71 60.16 -41.30
C GLU GA 107 83.66 58.99 -41.06
N ALA HA 1 -11.25 91.08 -80.38
CA ALA HA 1 -10.47 90.23 -81.26
C ALA HA 1 -11.15 88.88 -81.46
N ALA HA 2 -11.21 88.10 -80.38
CA ALA HA 2 -11.77 86.76 -80.45
C ALA HA 2 -13.27 86.80 -80.69
N LEU HA 3 -13.77 85.76 -81.35
CA LEU HA 3 -15.18 85.65 -81.68
C LEU HA 3 -16.00 85.49 -80.41
N ARG HA 4 -17.23 86.00 -80.44
CA ARG HA 4 -17.98 85.98 -79.20
C ARG HA 4 -19.19 85.04 -79.29
N PRO HA 5 -19.57 84.40 -78.19
CA PRO HA 5 -20.76 83.58 -78.19
C PRO HA 5 -22.01 84.45 -78.22
N LEU HA 6 -23.15 83.79 -78.44
CA LEU HA 6 -24.41 84.51 -78.53
C LEU HA 6 -24.78 85.15 -77.20
N VAL HA 7 -24.67 84.40 -76.11
CA VAL HA 7 -24.90 84.93 -74.78
C VAL HA 7 -23.78 84.48 -73.87
N LYS HA 8 -23.54 85.25 -72.80
CA LYS HA 8 -22.50 84.93 -71.84
C LYS HA 8 -23.10 84.98 -70.44
N PRO HA 9 -23.77 83.91 -70.01
CA PRO HA 9 -24.31 83.86 -68.66
C PRO HA 9 -23.21 83.66 -67.63
N LYS HA 10 -23.54 83.99 -66.39
CA LYS HA 10 -22.59 83.90 -65.28
C LYS HA 10 -22.43 82.45 -64.85
N ILE HA 11 -21.32 81.83 -65.25
CA ILE HA 11 -21.09 80.41 -65.01
C ILE HA 11 -20.80 80.19 -63.53
N VAL HA 12 -21.51 79.24 -62.92
CA VAL HA 12 -21.38 78.93 -61.51
C VAL HA 12 -21.03 77.46 -61.36
N LYS HA 13 -19.96 77.18 -60.63
CA LYS HA 13 -19.56 75.82 -60.33
C LYS HA 13 -19.84 75.52 -58.87
N LYS HA 14 -20.62 74.47 -58.62
CA LYS HA 14 -20.93 74.09 -57.24
C LYS HA 14 -19.68 73.68 -56.48
N ARG HA 15 -18.83 72.87 -57.11
CA ARG HA 15 -17.54 72.50 -56.54
C ARG HA 15 -16.49 72.67 -57.62
N THR HA 16 -15.35 73.24 -57.24
CA THR HA 16 -14.30 73.54 -58.21
C THR HA 16 -13.15 72.56 -58.16
N LYS HA 17 -12.75 72.11 -56.97
CA LYS HA 17 -11.66 71.16 -56.85
C LYS HA 17 -12.07 69.80 -57.37
N LYS HA 18 -11.14 68.86 -57.35
CA LYS HA 18 -11.39 67.52 -57.85
C LYS HA 18 -11.61 66.55 -56.69
N PHE HA 19 -12.43 65.53 -56.94
CA PHE HA 19 -12.67 64.48 -55.97
C PHE HA 19 -11.51 63.49 -56.03
N ILE HA 20 -10.61 63.55 -55.08
CA ILE HA 20 -9.49 62.63 -55.03
C ILE HA 20 -9.89 61.37 -54.29
N ARG HA 21 -9.24 60.27 -54.61
CA ARG HA 21 -9.59 58.98 -54.01
C ARG HA 21 -9.06 58.92 -52.59
N HIS HA 22 -9.80 58.20 -51.73
CA HIS HA 22 -9.41 58.06 -50.33
C HIS HA 22 -8.07 57.33 -50.23
N GLN HA 23 -7.22 57.82 -49.32
CA GLN HA 23 -5.91 57.24 -49.02
C GLN HA 23 -4.97 57.27 -50.22
N SER HA 24 -5.38 57.91 -51.33
CA SER HA 24 -4.53 57.97 -52.51
C SER HA 24 -3.32 58.85 -52.28
N ASP HA 25 -3.38 59.77 -51.33
CA ASP HA 25 -2.22 60.55 -50.95
C ASP HA 25 -1.17 59.69 -50.25
N ARG HA 26 -1.61 58.68 -49.51
CA ARG HA 26 -0.68 57.84 -48.76
C ARG HA 26 -0.02 56.76 -49.60
N TYR HA 27 -0.51 56.48 -50.80
CA TYR HA 27 0.03 55.40 -51.59
C TYR HA 27 0.14 55.80 -53.04
N VAL HA 28 1.30 55.51 -53.64
CA VAL HA 28 1.50 55.76 -55.05
C VAL HA 28 0.66 54.80 -55.89
N LYS HA 29 0.49 53.57 -55.42
CA LYS HA 29 -0.27 52.58 -56.18
C LYS HA 29 -1.74 52.94 -56.30
N ILE HA 30 -2.23 53.91 -55.52
CA ILE HA 30 -3.63 54.30 -55.56
C ILE HA 30 -3.75 55.57 -56.35
N LYS HA 31 -4.40 55.49 -57.50
CA LYS HA 31 -4.58 56.67 -58.32
C LYS HA 31 -5.62 57.59 -57.69
N ARG HA 32 -5.52 58.88 -58.06
CA ARG HA 32 -6.46 59.87 -57.57
C ARG HA 32 -7.81 59.79 -58.28
N ASN HA 33 -7.95 58.89 -59.26
CA ASN HA 33 -9.26 58.63 -59.85
C ASN HA 33 -10.23 58.20 -58.78
N TRP HA 34 -11.46 58.71 -58.86
CA TRP HA 34 -12.44 58.41 -57.82
C TRP HA 34 -12.81 56.93 -57.82
N ARG HA 35 -12.89 56.35 -56.64
CA ARG HA 35 -13.46 55.03 -56.43
C ARG HA 35 -14.38 55.10 -55.22
N LYS HA 36 -15.55 54.49 -55.34
CA LYS HA 36 -16.49 54.49 -54.24
C LYS HA 36 -16.03 53.55 -53.15
N PRO HA 37 -15.81 54.02 -51.93
CA PRO HA 37 -15.41 53.12 -50.84
C PRO HA 37 -16.56 52.21 -50.47
N ARG HA 38 -16.23 50.95 -50.15
CA ARG HA 38 -17.24 49.95 -49.84
C ARG HA 38 -16.88 49.12 -48.61
N GLY HA 39 -16.00 49.63 -47.75
CA GLY HA 39 -15.64 48.91 -46.55
C GLY HA 39 -16.59 49.19 -45.40
N ILE HA 40 -16.68 48.23 -44.49
CA ILE HA 40 -17.54 48.40 -43.32
C ILE HA 40 -16.98 49.47 -42.38
N ASP HA 41 -15.66 49.57 -42.28
CA ASP HA 41 -15.02 50.49 -41.36
C ASP HA 41 -14.68 51.82 -42.01
N ASN HA 42 -15.13 52.04 -43.22
CA ASN HA 42 -14.71 53.22 -43.98
C ASN HA 42 -15.43 54.46 -43.48
N ARG HA 43 -14.70 55.34 -42.80
CA ARG HA 43 -15.31 56.53 -42.23
C ARG HA 43 -15.71 57.54 -43.31
N VAL HA 44 -14.97 57.60 -44.41
CA VAL HA 44 -15.32 58.50 -45.49
C VAL HA 44 -16.65 58.09 -46.11
N ARG HA 45 -16.80 56.78 -46.39
CA ARG HA 45 -18.07 56.29 -46.91
C ARG HA 45 -19.19 56.52 -45.90
N ARG HA 46 -18.89 56.39 -44.62
CA ARG HA 46 -19.91 56.67 -43.62
C ARG HA 46 -20.10 58.17 -43.40
N ARG HA 47 -19.31 59.01 -44.07
CA ARG HA 47 -19.50 60.47 -44.06
C ARG HA 47 -19.31 61.06 -42.66
N PHE HA 48 -18.19 60.71 -42.04
CA PHE HA 48 -17.80 61.38 -40.82
C PHE HA 48 -17.33 62.79 -41.14
N LYS HA 49 -17.49 63.69 -40.18
CA LYS HA 49 -17.16 65.09 -40.43
C LYS HA 49 -15.65 65.27 -40.57
N GLY HA 50 -15.26 66.14 -41.48
CA GLY HA 50 -13.86 66.38 -41.76
C GLY HA 50 -13.22 65.35 -42.67
N GLN HA 51 -14.00 64.54 -43.36
CA GLN HA 51 -13.47 63.53 -44.26
C GLN HA 51 -13.56 64.01 -45.70
N ILE HA 52 -13.11 63.16 -46.63
CA ILE HA 52 -13.20 63.49 -48.04
C ILE HA 52 -14.64 63.37 -48.49
N LEU HA 53 -15.14 64.40 -49.19
CA LEU HA 53 -16.52 64.41 -49.60
C LEU HA 53 -16.76 63.37 -50.69
N MET HA 54 -17.80 62.55 -50.47
CA MET HA 54 -18.05 61.69 -51.61
C MET HA 54 -18.88 62.44 -52.65
N PRO HA 55 -18.53 62.30 -53.93
CA PRO HA 55 -19.31 62.95 -54.97
C PRO HA 55 -20.73 62.38 -55.03
N ASN HA 56 -21.67 63.21 -55.46
CA ASN HA 56 -23.05 62.77 -55.62
C ASN HA 56 -23.73 63.65 -56.65
N ILE HA 57 -25.04 63.44 -56.81
CA ILE HA 57 -25.82 64.19 -57.79
C ILE HA 57 -26.05 65.63 -57.38
N GLY HA 58 -25.95 65.95 -56.08
CA GLY HA 58 -26.13 67.33 -55.66
C GLY HA 58 -25.05 68.25 -56.16
N TYR HA 59 -23.93 67.70 -56.63
CA TYR HA 59 -22.87 68.47 -57.23
C TYR HA 59 -23.06 68.68 -58.72
N GLY HA 60 -24.15 68.16 -59.27
CA GLY HA 60 -24.38 68.29 -60.71
C GLY HA 60 -24.54 69.74 -61.11
N SER HA 61 -23.86 70.11 -62.19
CA SER HA 61 -23.93 71.47 -62.68
C SER HA 61 -25.29 71.77 -63.29
N ASN HA 62 -25.59 73.06 -63.36
CA ASN HA 62 -26.84 73.51 -63.91
C ASN HA 62 -27.00 73.10 -65.35
N LYS HA 63 -28.26 72.90 -65.72
CA LYS HA 63 -28.55 72.37 -67.02
C LYS HA 63 -28.24 73.41 -68.09
N LYS HA 64 -28.37 74.73 -67.78
CA LYS HA 64 -28.14 75.79 -68.76
C LYS HA 64 -26.64 75.98 -68.92
N THR HA 65 -25.94 75.92 -67.79
CA THR HA 65 -24.52 76.31 -67.79
C THR HA 65 -23.55 75.12 -67.82
N LYS HA 66 -24.06 73.90 -68.01
CA LYS HA 66 -23.21 72.74 -68.20
C LYS HA 66 -22.49 72.81 -69.58
N HIS HA 67 -21.13 72.69 -69.58
CA HIS HA 67 -20.25 72.42 -70.72
C HIS HA 67 -19.86 73.62 -71.54
N MET HA 68 -20.08 74.83 -71.10
CA MET HA 68 -19.33 75.90 -71.71
C MET HA 68 -17.89 76.01 -71.26
N LEU HA 69 -17.00 76.28 -72.18
CA LEU HA 69 -15.69 76.71 -71.69
C LEU HA 69 -15.80 78.14 -71.12
N PRO HA 70 -14.79 78.64 -70.37
CA PRO HA 70 -14.82 80.06 -69.94
C PRO HA 70 -15.13 81.04 -71.04
N SER HA 71 -14.79 80.77 -72.29
CA SER HA 71 -15.08 81.68 -73.39
C SER HA 71 -16.57 81.82 -73.70
N GLY HA 72 -17.38 80.95 -73.13
CA GLY HA 72 -18.80 80.98 -73.36
C GLY HA 72 -19.29 80.10 -74.48
N PHE HA 73 -18.39 79.59 -75.32
CA PHE HA 73 -18.78 78.57 -76.28
C PHE HA 73 -18.79 77.20 -75.63
N ARG HA 74 -19.27 76.23 -76.38
CA ARG HA 74 -19.20 74.83 -76.00
C ARG HA 74 -18.25 74.11 -76.94
N LYS HA 75 -17.53 73.14 -76.39
CA LYS HA 75 -16.48 72.47 -77.14
C LYS HA 75 -17.06 71.34 -78.00
N PHE HA 76 -16.60 71.26 -79.24
CA PHE HA 76 -16.96 70.15 -80.11
C PHE HA 76 -15.72 69.73 -80.88
N LEU HA 77 -15.54 68.42 -81.05
CA LEU HA 77 -14.32 67.90 -81.66
C LEU HA 77 -14.50 67.76 -83.16
N VAL HA 78 -13.48 68.16 -83.91
CA VAL HA 78 -13.43 68.00 -85.35
C VAL HA 78 -12.09 67.39 -85.73
N HIS HA 79 -12.01 66.83 -86.92
CA HIS HA 79 -10.76 66.22 -87.37
C HIS HA 79 -10.28 66.71 -88.73
N ASN HA 80 -11.16 67.30 -89.54
CA ASN HA 80 -10.76 67.85 -90.82
C ASN HA 80 -11.81 68.86 -91.27
N VAL HA 81 -11.62 69.39 -92.49
CA VAL HA 81 -12.45 70.47 -92.97
C VAL HA 81 -13.88 70.00 -93.21
N LYS HA 82 -14.04 68.78 -93.72
CA LYS HA 82 -15.37 68.26 -94.01
C LYS HA 82 -16.22 68.18 -92.75
N GLU HA 83 -15.59 68.02 -91.59
CA GLU HA 83 -16.34 68.06 -90.35
C GLU HA 83 -16.48 69.46 -89.78
N LEU HA 84 -15.98 70.48 -90.46
CA LEU HA 84 -16.10 71.83 -89.93
C LEU HA 84 -17.38 72.53 -90.37
N GLU HA 85 -17.96 72.12 -91.49
CA GLU HA 85 -19.14 72.81 -92.00
C GLU HA 85 -20.37 72.60 -91.14
N VAL HA 86 -20.38 71.56 -90.30
CA VAL HA 86 -21.56 71.29 -89.50
C VAL HA 86 -21.80 72.39 -88.47
N LEU HA 87 -20.75 73.12 -88.09
CA LEU HA 87 -20.88 74.18 -87.12
C LEU HA 87 -21.18 75.54 -87.77
N LEU HA 88 -21.38 75.56 -89.09
CA LEU HA 88 -21.68 76.82 -89.77
C LEU HA 88 -22.95 77.46 -89.23
N MET HA 89 -23.99 76.66 -89.01
CA MET HA 89 -25.22 77.17 -88.44
C MET HA 89 -25.22 77.17 -86.92
N CYS HA 90 -24.23 76.53 -86.29
CA CYS HA 90 -24.06 76.58 -84.84
C CYS HA 90 -22.88 77.45 -84.43
N ASN HA 91 -22.66 78.54 -85.16
CA ASN HA 91 -21.45 79.34 -84.97
C ASN HA 91 -21.45 80.05 -83.62
N LYS HA 92 -22.59 80.57 -83.18
CA LYS HA 92 -22.63 81.46 -82.04
C LYS HA 92 -22.70 80.74 -80.70
N SER HA 93 -22.63 79.42 -80.67
CA SER HA 93 -22.73 78.68 -79.41
C SER HA 93 -21.71 77.57 -79.24
N TYR HA 94 -20.99 77.18 -80.28
CA TYR HA 94 -20.05 76.06 -80.20
C TYR HA 94 -18.71 76.44 -80.79
N CYS HA 95 -17.65 75.87 -80.21
CA CYS HA 95 -16.30 76.03 -80.71
C CYS HA 95 -15.73 74.66 -81.04
N ALA HA 96 -14.95 74.60 -82.11
CA ALA HA 96 -14.36 73.37 -82.58
C ALA HA 96 -12.92 73.28 -82.11
N GLU HA 97 -12.47 72.07 -81.79
CA GLU HA 97 -11.07 71.83 -81.47
C GLU HA 97 -10.46 70.86 -82.47
N ILE HA 98 -9.30 71.24 -82.99
CA ILE HA 98 -8.53 70.37 -83.84
C ILE HA 98 -7.98 69.21 -83.01
N ALA HA 99 -8.15 67.99 -83.50
CA ALA HA 99 -7.60 66.84 -82.80
C ALA HA 99 -6.08 66.92 -82.78
N HIS HA 100 -5.49 66.35 -81.72
CA HIS HA 100 -4.06 66.51 -81.51
C HIS HA 100 -3.24 65.87 -82.62
N ASN HA 101 -3.75 64.80 -83.20
CA ASN HA 101 -3.02 64.04 -84.21
C ASN HA 101 -3.22 64.59 -85.62
N VAL HA 102 -3.96 65.68 -85.78
CA VAL HA 102 -4.11 66.30 -87.08
C VAL HA 102 -2.79 66.93 -87.47
N SER HA 103 -2.41 66.78 -88.74
CA SER HA 103 -1.14 67.32 -89.19
C SER HA 103 -1.18 68.84 -89.20
N SER HA 104 0.02 69.43 -89.08
CA SER HA 104 0.14 70.89 -89.06
C SER HA 104 -0.33 71.51 -90.38
N LYS HA 105 0.03 70.89 -91.50
CA LYS HA 105 -0.38 71.44 -92.79
C LYS HA 105 -1.88 71.33 -93.00
N ASN HA 106 -2.50 70.27 -92.49
CA ASN HA 106 -3.95 70.18 -92.57
C ASN HA 106 -4.61 71.14 -91.59
N ARG HA 107 -4.06 71.24 -90.38
CA ARG HA 107 -4.68 72.11 -89.38
C ARG HA 107 -4.57 73.57 -89.75
N LYS HA 108 -3.56 73.97 -90.51
CA LYS HA 108 -3.52 75.35 -91.00
C LYS HA 108 -4.70 75.62 -91.92
N ALA HA 109 -4.99 74.68 -92.83
CA ALA HA 109 -6.14 74.84 -93.69
C ALA HA 109 -7.43 74.87 -92.90
N ILE HA 110 -7.51 74.05 -91.85
CA ILE HA 110 -8.69 74.07 -90.99
C ILE HA 110 -8.87 75.43 -90.34
N VAL HA 111 -7.77 76.00 -89.83
CA VAL HA 111 -7.82 77.30 -89.19
C VAL HA 111 -8.27 78.36 -90.19
N GLU HA 112 -7.75 78.30 -91.42
CA GLU HA 112 -8.11 79.29 -92.41
C GLU HA 112 -9.59 79.18 -92.77
N ARG HA 113 -10.09 77.96 -92.94
CA ARG HA 113 -11.49 77.76 -93.24
C ARG HA 113 -12.38 78.27 -92.11
N ALA HA 114 -11.97 78.02 -90.86
CA ALA HA 114 -12.75 78.52 -89.72
C ALA HA 114 -12.76 80.04 -89.68
N ALA HA 115 -11.62 80.66 -90.00
CA ALA HA 115 -11.59 82.12 -90.08
C ALA HA 115 -12.53 82.61 -91.19
N GLN HA 116 -12.61 81.86 -92.28
CA GLN HA 116 -13.60 82.18 -93.30
C GLN HA 116 -15.01 82.09 -92.75
N LEU HA 117 -15.29 81.05 -91.97
CA LEU HA 117 -16.62 80.84 -91.43
C LEU HA 117 -16.82 81.47 -90.06
N ALA HA 118 -15.82 82.20 -89.56
CA ALA HA 118 -15.88 82.87 -88.25
C ALA HA 118 -16.21 81.89 -87.13
N ILE HA 119 -15.66 80.68 -87.19
CA ILE HA 119 -15.84 79.70 -86.14
C ILE HA 119 -14.67 79.78 -85.18
N ARG HA 120 -14.95 79.94 -83.90
CA ARG HA 120 -13.90 80.05 -82.91
C ARG HA 120 -13.26 78.69 -82.67
N VAL HA 121 -11.93 78.69 -82.60
CA VAL HA 121 -11.14 77.51 -82.27
C VAL HA 121 -10.31 77.84 -81.04
N THR HA 122 -10.41 76.98 -80.03
CA THR HA 122 -9.69 77.22 -78.78
C THR HA 122 -8.19 77.14 -78.95
N ASN HA 123 -7.73 76.41 -79.96
CA ASN HA 123 -6.31 76.24 -80.25
C ASN HA 123 -6.07 76.60 -81.70
N PRO HA 124 -6.15 77.88 -82.04
CA PRO HA 124 -5.91 78.28 -83.43
C PRO HA 124 -4.47 78.11 -83.84
N ASN HA 125 -3.54 78.17 -82.90
CA ASN HA 125 -2.11 78.05 -83.15
C ASN HA 125 -1.55 76.91 -82.30
N ALA HA 126 -1.53 75.72 -82.91
CA ALA HA 126 -1.17 74.51 -82.18
C ALA HA 126 0.02 73.76 -82.73
N ARG HA 127 0.40 73.95 -84.00
CA ARG HA 127 1.54 73.25 -84.57
C ARG HA 127 2.20 74.20 -85.56
N LEU HA 128 3.26 74.88 -85.10
CA LEU HA 128 3.93 75.87 -85.93
C LEU HA 128 5.29 76.26 -85.34
N SER IA 1 -5.96 113.77 -42.77
CA SER IA 1 -5.71 114.57 -41.57
C SER IA 1 -6.38 113.94 -40.36
N GLY IA 2 -7.11 112.86 -40.57
CA GLY IA 2 -7.81 112.21 -39.48
C GLY IA 2 -7.96 110.74 -39.75
N ARG IA 3 -8.19 110.00 -38.66
CA ARG IA 3 -8.32 108.54 -38.74
C ARG IA 3 -9.51 108.16 -39.60
N LEU IA 4 -10.62 108.88 -39.48
CA LEU IA 4 -11.73 108.83 -40.41
C LEU IA 4 -12.47 107.50 -40.43
N TRP IA 5 -12.08 106.55 -39.59
CA TRP IA 5 -12.82 105.30 -39.47
C TRP IA 5 -12.64 104.74 -38.07
N SER IA 6 -13.55 103.86 -37.68
CA SER IA 6 -13.52 103.27 -36.35
C SER IA 6 -12.61 102.05 -36.31
N LYS IA 7 -12.00 101.82 -35.17
CA LYS IA 7 -11.13 100.68 -34.99
C LYS IA 7 -11.95 99.44 -34.63
N ALA IA 8 -11.65 98.34 -35.30
CA ALA IA 8 -12.30 97.08 -35.03
C ALA IA 8 -11.27 95.96 -35.06
N ILE IA 9 -11.56 94.90 -34.31
CA ILE IA 9 -10.67 93.76 -34.15
C ILE IA 9 -11.36 92.54 -34.74
N PHE IA 10 -10.64 91.81 -35.58
CA PHE IA 10 -11.17 90.55 -36.11
C PHE IA 10 -11.09 89.50 -35.01
N ALA IA 11 -12.21 89.32 -34.30
CA ALA IA 11 -12.25 88.32 -33.23
C ALA IA 11 -12.26 86.91 -33.78
N GLY IA 12 -13.06 86.64 -34.81
CA GLY IA 12 -13.11 85.31 -35.38
C GLY IA 12 -14.34 85.15 -36.25
N TYR IA 13 -14.51 83.93 -36.72
CA TYR IA 13 -15.64 83.55 -37.56
C TYR IA 13 -16.82 83.16 -36.69
N LYS IA 14 -18.00 83.17 -37.29
CA LYS IA 14 -19.13 82.48 -36.68
C LYS IA 14 -18.82 80.99 -36.63
N ARG IA 15 -19.02 80.40 -35.45
CA ARG IA 15 -18.59 79.02 -35.27
C ARG IA 15 -19.42 78.40 -34.16
N GLY IA 16 -19.50 77.08 -34.21
CA GLY IA 16 -19.95 76.29 -33.08
C GLY IA 16 -18.76 75.85 -32.27
N LEU IA 17 -18.99 74.85 -31.41
CA LEU IA 17 -17.88 74.30 -30.63
C LEU IA 17 -16.98 73.45 -31.51
N ARG IA 18 -17.55 72.66 -32.40
CA ARG IA 18 -16.80 71.77 -33.27
C ARG IA 18 -17.06 72.03 -34.75
N ASN IA 19 -17.54 73.22 -35.10
CA ASN IA 19 -17.81 73.59 -36.48
C ASN IA 19 -17.55 75.07 -36.67
N GLN IA 20 -17.26 75.48 -37.90
CA GLN IA 20 -16.80 76.82 -38.19
C GLN IA 20 -17.35 77.29 -39.53
N ARG IA 21 -18.04 78.43 -39.52
CA ARG IA 21 -18.53 79.09 -40.73
C ARG IA 21 -17.60 80.25 -41.06
N GLU IA 22 -16.82 80.09 -42.13
CA GLU IA 22 -15.87 81.13 -42.51
C GLU IA 22 -16.44 82.13 -43.50
N HIS IA 23 -17.68 81.94 -43.95
CA HIS IA 23 -18.27 82.91 -44.88
C HIS IA 23 -18.64 84.20 -44.18
N THR IA 24 -18.78 84.19 -42.86
CA THR IA 24 -19.09 85.38 -42.09
C THR IA 24 -18.11 85.48 -40.93
N ALA IA 25 -17.90 86.70 -40.45
CA ALA IA 25 -16.90 86.96 -39.42
C ALA IA 25 -17.48 87.84 -38.33
N LEU IA 26 -16.86 87.76 -37.16
CA LEU IA 26 -17.23 88.57 -36.00
C LEU IA 26 -16.13 89.60 -35.74
N LEU IA 27 -16.55 90.86 -35.59
CA LEU IA 27 -15.62 91.96 -35.34
C LEU IA 27 -15.92 92.57 -33.99
N LYS IA 28 -14.88 93.04 -33.33
CA LYS IA 28 -14.99 93.73 -32.04
C LYS IA 28 -14.69 95.21 -32.26
N ILE IA 29 -15.73 96.02 -32.27
CA ILE IA 29 -15.55 97.46 -32.47
C ILE IA 29 -15.19 98.09 -31.14
N GLU IA 30 -14.10 98.87 -31.15
CA GLU IA 30 -13.64 99.50 -29.92
C GLU IA 30 -14.64 100.50 -29.41
N GLY IA 31 -14.93 100.44 -28.11
CA GLY IA 31 -15.84 101.35 -27.47
C GLY IA 31 -17.31 100.97 -27.57
N VAL IA 32 -17.64 99.93 -28.31
CA VAL IA 32 -19.02 99.50 -28.49
C VAL IA 32 -19.16 98.16 -27.77
N TYR IA 33 -19.74 98.19 -26.57
CA TYR IA 33 -19.76 97.01 -25.71
C TYR IA 33 -21.17 96.65 -25.26
N ALA IA 34 -22.18 97.12 -25.98
CA ALA IA 34 -23.57 96.78 -25.69
C ALA IA 34 -24.30 96.55 -27.00
N ARG IA 35 -25.26 95.64 -26.97
CA ARG IA 35 -25.98 95.29 -28.19
C ARG IA 35 -26.79 96.46 -28.72
N ASP IA 36 -27.43 97.23 -27.85
CA ASP IA 36 -28.27 98.34 -28.29
C ASP IA 36 -27.48 99.43 -29.00
N GLU IA 37 -26.18 99.55 -28.75
CA GLU IA 37 -25.37 100.56 -29.41
C GLU IA 37 -24.86 100.12 -30.76
N THR IA 38 -25.16 98.90 -31.19
CA THR IA 38 -24.66 98.40 -32.46
C THR IA 38 -25.48 98.87 -33.65
N GLU IA 39 -26.66 99.44 -33.42
CA GLU IA 39 -27.53 99.84 -34.53
C GLU IA 39 -26.88 100.91 -35.39
N PHE IA 40 -26.09 101.79 -34.78
CA PHE IA 40 -25.39 102.82 -35.53
C PHE IA 40 -24.49 102.23 -36.60
N TYR IA 41 -23.87 101.08 -36.30
CA TYR IA 41 -22.86 100.52 -37.18
C TYR IA 41 -23.42 99.49 -38.13
N LEU IA 42 -24.73 99.28 -38.12
CA LEU IA 42 -25.34 98.28 -39.00
C LEU IA 42 -25.32 98.75 -40.44
N GLY IA 43 -24.79 97.92 -41.33
CA GLY IA 43 -24.70 98.26 -42.72
C GLY IA 43 -23.50 99.08 -43.11
N LYS IA 44 -22.66 99.48 -42.16
CA LYS IA 44 -21.48 100.28 -42.48
C LYS IA 44 -20.47 99.45 -43.25
N ARG IA 45 -19.80 100.09 -44.21
CA ARG IA 45 -18.75 99.43 -44.96
C ARG IA 45 -17.55 99.15 -44.06
N CYS IA 46 -17.00 97.95 -44.19
CA CYS IA 46 -15.79 97.56 -43.48
C CYS IA 46 -14.80 96.94 -44.44
N ALA IA 47 -13.52 97.19 -44.20
CA ALA IA 47 -12.46 96.74 -45.09
C ALA IA 47 -11.31 96.19 -44.26
N TYR IA 48 -10.59 95.23 -44.83
CA TYR IA 48 -9.40 94.67 -44.20
C TYR IA 48 -8.19 95.13 -45.01
N VAL IA 49 -7.37 95.97 -44.42
CA VAL IA 49 -6.23 96.58 -45.09
C VAL IA 49 -4.97 95.86 -44.67
N TYR IA 50 -4.22 95.33 -45.63
CA TYR IA 50 -2.97 94.67 -45.33
C TYR IA 50 -1.95 94.98 -46.42
N LYS IA 51 -0.69 94.73 -46.10
CA LYS IA 51 0.44 94.99 -46.99
C LYS IA 51 0.95 93.65 -47.51
N ALA IA 52 1.61 93.69 -48.66
CA ALA IA 52 2.06 92.47 -49.29
C ALA IA 52 3.43 92.68 -49.91
N LYS IA 53 3.86 91.71 -50.71
CA LYS IA 53 5.18 91.67 -51.32
C LYS IA 53 5.19 92.36 -52.68
N ASN IA 54 4.17 92.12 -53.49
CA ASN IA 54 4.12 92.71 -54.82
C ASN IA 54 3.14 93.88 -54.85
N ASN IA 55 3.49 94.90 -55.63
CA ASN IA 55 2.66 96.09 -55.73
C ASN IA 55 1.34 95.79 -56.44
N THR IA 56 0.28 96.37 -55.93
CA THR IA 56 -1.03 96.33 -56.56
C THR IA 56 -1.47 97.74 -56.89
N VAL IA 57 -2.15 97.89 -58.03
CA VAL IA 57 -2.59 99.21 -58.47
C VAL IA 57 -3.54 99.78 -57.43
N THR IA 58 -3.45 101.08 -57.22
CA THR IA 58 -4.27 101.73 -56.22
C THR IA 58 -5.22 102.73 -56.88
N PRO IA 59 -6.52 102.61 -56.66
CA PRO IA 59 -7.47 103.56 -57.25
C PRO IA 59 -7.19 104.97 -56.74
N GLY IA 60 -6.99 105.88 -57.68
CA GLY IA 60 -6.59 107.23 -57.32
C GLY IA 60 -5.23 107.32 -56.68
N GLY IA 61 -4.27 106.55 -57.17
CA GLY IA 61 -2.93 106.60 -56.60
C GLY IA 61 -2.00 105.67 -57.34
N LYS IA 62 -0.73 105.74 -56.97
CA LYS IA 62 0.27 104.87 -57.56
C LYS IA 62 0.19 103.48 -56.91
N PRO IA 63 0.62 102.43 -57.62
CA PRO IA 63 0.59 101.09 -57.04
C PRO IA 63 1.48 100.99 -55.82
N ASN IA 64 1.04 100.20 -54.85
CA ASN IA 64 1.73 100.07 -53.58
C ASN IA 64 1.52 98.65 -53.07
N LYS IA 65 1.98 98.40 -51.85
CA LYS IA 65 1.86 97.08 -51.24
C LYS IA 65 0.51 96.83 -50.62
N THR IA 66 -0.36 97.83 -50.61
CA THR IA 66 -1.64 97.72 -49.92
C THR IA 66 -2.61 96.86 -50.71
N ARG IA 67 -3.23 95.92 -50.01
CA ARG IA 67 -4.32 95.11 -50.55
C ARG IA 67 -5.49 95.16 -49.60
N VAL IA 68 -6.70 95.23 -50.16
CA VAL IA 68 -7.91 95.46 -49.38
C VAL IA 68 -8.93 94.38 -49.72
N ILE IA 69 -9.53 93.81 -48.69
CA ILE IA 69 -10.69 92.93 -48.82
C ILE IA 69 -11.88 93.69 -48.27
N TRP IA 70 -12.91 93.85 -49.09
CA TRP IA 70 -14.04 94.71 -48.76
C TRP IA 70 -15.19 93.91 -48.15
N GLY IA 71 -16.01 94.62 -47.38
CA GLY IA 71 -17.14 93.99 -46.74
C GLY IA 71 -18.06 95.02 -46.12
N LYS IA 72 -19.03 94.53 -45.37
CA LYS IA 72 -19.95 95.42 -44.66
C LYS IA 72 -20.47 94.71 -43.43
N VAL IA 73 -20.95 95.49 -42.47
CA VAL IA 73 -21.54 94.97 -41.25
C VAL IA 73 -22.96 94.51 -41.54
N THR IA 74 -23.27 93.28 -41.16
CA THR IA 74 -24.58 92.71 -41.43
C THR IA 74 -25.53 92.82 -40.24
N ARG IA 75 -25.16 92.27 -39.10
CA ARG IA 75 -26.03 92.32 -37.93
C ARG IA 75 -25.16 92.29 -36.69
N ALA IA 76 -25.78 92.64 -35.56
CA ALA IA 76 -25.12 92.50 -34.28
C ALA IA 76 -25.03 91.03 -33.89
N HIS IA 77 -24.10 90.74 -32.98
CA HIS IA 77 -23.87 89.38 -32.51
C HIS IA 77 -23.84 89.40 -30.99
N GLY IA 78 -24.46 88.42 -30.37
CA GLY IA 78 -24.45 88.36 -28.91
C GLY IA 78 -25.16 89.56 -28.32
N ASN IA 79 -24.72 89.93 -27.11
CA ASN IA 79 -25.22 91.12 -26.44
C ASN IA 79 -24.12 92.11 -26.10
N SER IA 80 -22.85 91.69 -26.16
CA SER IA 80 -21.75 92.54 -25.74
C SER IA 80 -21.23 93.41 -26.87
N GLY IA 81 -22.07 93.72 -27.85
CA GLY IA 81 -21.68 94.57 -28.94
C GLY IA 81 -20.97 93.89 -30.08
N MET IA 82 -20.90 92.56 -30.08
CA MET IA 82 -20.30 91.86 -31.21
C MET IA 82 -21.14 92.08 -32.46
N VAL IA 83 -20.48 92.07 -33.61
CA VAL IA 83 -21.13 92.33 -34.89
C VAL IA 83 -20.73 91.25 -35.89
N ARG IA 84 -21.56 91.10 -36.91
CA ARG IA 84 -21.33 90.13 -37.97
C ARG IA 84 -21.08 90.86 -39.28
N ALA IA 85 -20.06 90.42 -40.02
CA ALA IA 85 -19.69 91.05 -41.28
C ALA IA 85 -19.47 90.00 -42.35
N LYS IA 86 -20.01 90.26 -43.54
CA LYS IA 86 -19.84 89.41 -44.71
C LYS IA 86 -18.84 90.08 -45.65
N PHE IA 87 -17.80 89.35 -46.03
CA PHE IA 87 -16.79 89.89 -46.93
C PHE IA 87 -16.86 89.20 -48.28
N ARG IA 88 -16.33 89.90 -49.29
CA ARG IA 88 -16.40 89.41 -50.67
C ARG IA 88 -15.65 88.10 -50.80
N SER IA 89 -14.51 87.98 -50.13
CA SER IA 89 -13.81 86.72 -49.97
C SER IA 89 -13.61 86.46 -48.49
N ASN IA 90 -13.48 85.19 -48.14
CA ASN IA 90 -13.31 84.81 -46.73
C ASN IA 90 -12.00 85.38 -46.19
N LEU IA 91 -12.05 85.83 -44.95
CA LEU IA 91 -10.89 86.47 -44.34
C LEU IA 91 -9.77 85.47 -44.13
N PRO IA 92 -8.52 85.86 -44.41
CA PRO IA 92 -7.40 85.00 -44.04
C PRO IA 92 -7.29 84.89 -42.53
N ALA IA 93 -6.88 83.69 -42.09
CA ALA IA 93 -6.88 83.42 -40.66
C ALA IA 93 -5.75 84.12 -39.92
N LYS IA 94 -4.75 84.63 -40.63
CA LYS IA 94 -3.69 85.36 -39.94
C LYS IA 94 -4.17 86.70 -39.42
N ALA IA 95 -5.34 87.16 -39.83
CA ALA IA 95 -5.84 88.45 -39.40
C ALA IA 95 -6.62 88.38 -38.10
N ILE IA 96 -6.74 87.21 -37.48
CA ILE IA 96 -7.51 87.09 -36.24
C ILE IA 96 -6.84 87.90 -35.14
N GLY IA 97 -7.58 88.85 -34.58
CA GLY IA 97 -7.01 89.74 -33.60
C GLY IA 97 -6.28 90.92 -34.18
N HIS IA 98 -6.56 91.30 -35.41
CA HIS IA 98 -5.92 92.46 -36.03
C HIS IA 98 -6.96 93.53 -36.32
N ARG IA 99 -6.48 94.64 -36.85
CA ARG IA 99 -7.30 95.83 -37.02
C ARG IA 99 -8.20 95.68 -38.23
N ILE IA 100 -9.46 96.09 -38.07
CA ILE IA 100 -10.40 96.23 -39.18
C ILE IA 100 -11.00 97.62 -39.09
N ARG IA 101 -11.16 98.27 -40.23
CA ARG IA 101 -11.66 99.64 -40.28
C ARG IA 101 -13.14 99.65 -40.67
N VAL IA 102 -13.96 100.29 -39.84
CA VAL IA 102 -15.36 100.52 -40.14
C VAL IA 102 -15.46 101.88 -40.83
N MET IA 103 -15.80 101.86 -42.11
CA MET IA 103 -15.56 103.00 -42.98
C MET IA 103 -16.63 104.07 -42.93
N LEU IA 104 -17.77 103.80 -42.31
CA LEU IA 104 -18.89 104.74 -42.18
C LEU IA 104 -19.43 105.23 -43.51
N TYR IA 105 -19.10 104.59 -44.63
CA TYR IA 105 -19.53 105.11 -45.92
C TYR IA 105 -21.05 105.11 -46.07
N PRO IA 106 -21.79 104.04 -45.77
CA PRO IA 106 -23.26 104.19 -45.86
C PRO IA 106 -23.82 104.90 -44.63
N SER IA 107 -23.83 106.23 -44.70
CA SER IA 107 -24.33 107.04 -43.59
C SER IA 107 -25.84 107.16 -43.64
N ARG IA 108 -26.49 106.91 -42.52
CA ARG IA 108 -27.94 107.01 -42.41
C ARG IA 108 -28.39 108.21 -41.60
N ILE IA 109 -27.47 108.93 -40.98
CA ILE IA 109 -27.85 110.11 -40.22
C ILE IA 109 -27.33 111.34 -40.95
N VAL JA 1 65.24 10.80 -39.36
CA VAL JA 1 65.68 9.77 -40.29
C VAL JA 1 64.79 9.77 -41.51
N GLN JA 2 65.23 9.08 -42.56
CA GLN JA 2 64.42 9.00 -43.77
C GLN JA 2 63.28 8.02 -43.59
N ARG JA 3 62.07 8.45 -43.94
CA ARG JA 3 60.87 7.66 -43.79
C ARG JA 3 60.40 7.19 -45.16
N LEU JA 4 59.75 6.03 -45.19
CA LEU JA 4 59.52 5.32 -46.44
C LEU JA 4 58.06 5.38 -46.88
N THR JA 5 57.86 4.98 -48.14
CA THR JA 5 56.54 4.92 -48.75
C THR JA 5 56.43 3.64 -49.56
N TYR JA 6 55.19 3.22 -49.81
CA TYR JA 6 54.95 2.07 -50.68
C TYR JA 6 55.36 2.39 -52.11
N ARG JA 7 55.78 1.37 -52.86
CA ARG JA 7 56.09 1.53 -54.26
C ARG JA 7 54.99 1.04 -55.19
N ARG JA 8 53.89 0.53 -54.65
CA ARG JA 8 52.74 0.11 -55.45
C ARG JA 8 51.49 0.72 -54.84
N ARG JA 9 50.45 0.85 -55.67
CA ARG JA 9 49.29 1.64 -55.30
C ARG JA 9 48.44 1.01 -54.22
N LEU JA 10 48.70 -0.24 -53.86
CA LEU JA 10 48.07 -0.83 -52.69
C LEU JA 10 48.61 -0.14 -51.46
N SER JA 11 47.73 0.48 -50.68
CA SER JA 11 48.14 1.26 -49.53
C SER JA 11 47.74 0.62 -48.21
N TYR JA 12 47.42 -0.66 -48.20
CA TYR JA 12 47.01 -1.35 -46.98
C TYR JA 12 48.06 -2.40 -46.61
N ASN JA 13 48.00 -2.83 -45.35
CA ASN JA 13 48.95 -3.81 -44.80
C ASN JA 13 48.41 -5.23 -44.96
N THR JA 14 48.12 -5.60 -46.19
CA THR JA 14 47.59 -6.93 -46.46
C THR JA 14 48.72 -7.95 -46.38
N ALA JA 15 48.33 -9.23 -46.44
CA ALA JA 15 49.33 -10.30 -46.46
C ALA JA 15 50.15 -10.25 -47.73
N SER JA 16 49.57 -9.77 -48.83
CA SER JA 16 50.28 -9.66 -50.10
C SER JA 16 51.01 -8.33 -50.24
N ASN JA 17 50.98 -7.48 -49.22
CA ASN JA 17 51.64 -6.19 -49.24
C ASN JA 17 52.72 -6.09 -48.17
N LYS JA 18 53.43 -7.19 -47.96
CA LYS JA 18 54.49 -7.25 -46.98
C LYS JA 18 55.82 -6.95 -47.65
N THR JA 19 56.64 -6.12 -47.00
CA THR JA 19 57.89 -5.67 -47.58
C THR JA 19 59.02 -5.90 -46.59
N ARG JA 20 60.24 -5.75 -47.09
CA ARG JA 20 61.43 -5.75 -46.27
C ARG JA 20 62.32 -4.59 -46.70
N LEU JA 21 63.16 -4.15 -45.78
CA LEU JA 21 64.05 -3.03 -46.02
C LEU JA 21 65.28 -3.50 -46.79
N SER JA 22 65.85 -2.60 -47.58
CA SER JA 22 67.09 -2.87 -48.29
C SER JA 22 67.83 -1.58 -48.54
N ARG JA 23 69.15 -1.66 -48.58
CA ARG JA 23 69.99 -0.52 -48.90
C ARG JA 23 70.55 -0.70 -50.31
N THR JA 24 70.14 0.19 -51.21
CA THR JA 24 70.67 0.16 -52.56
C THR JA 24 72.11 0.63 -52.57
N PRO JA 25 72.86 0.31 -53.61
CA PRO JA 25 74.18 0.94 -53.78
C PRO JA 25 74.13 2.44 -53.93
N GLY JA 26 72.96 3.01 -54.24
CA GLY JA 26 72.80 4.44 -54.21
C GLY JA 26 72.67 5.03 -52.82
N ASN JA 27 72.75 4.17 -51.79
CA ASN JA 27 72.68 4.56 -50.39
C ASN JA 27 71.35 5.26 -50.07
N ARG JA 28 70.26 4.54 -50.35
CA ARG JA 28 68.93 4.97 -49.97
C ARG JA 28 68.12 3.74 -49.63
N ILE JA 29 67.27 3.87 -48.62
CA ILE JA 29 66.49 2.76 -48.09
C ILE JA 29 65.21 2.66 -48.89
N VAL JA 30 64.88 1.47 -49.38
CA VAL JA 30 63.69 1.25 -50.17
C VAL JA 30 62.99 -0.01 -49.70
N TYR JA 31 61.70 -0.10 -50.02
CA TYR JA 31 60.93 -1.30 -49.75
C TYR JA 31 61.15 -2.32 -50.85
N LEU JA 32 61.30 -3.58 -50.46
CA LEU JA 32 61.32 -4.69 -51.38
C LEU JA 32 60.13 -5.59 -51.09
N TYR JA 33 59.28 -5.79 -52.09
CA TYR JA 33 58.06 -6.55 -51.90
C TYR JA 33 58.39 -8.03 -51.85
N THR JA 34 58.27 -8.62 -50.67
CA THR JA 34 58.73 -9.98 -50.44
C THR JA 34 57.74 -11.00 -50.98
N LYS JA 35 58.24 -12.21 -51.22
CA LYS JA 35 57.42 -13.32 -51.60
C LYS JA 35 56.99 -14.11 -50.37
N LYS JA 36 55.82 -14.75 -50.46
CA LYS JA 36 55.27 -15.46 -49.32
C LYS JA 36 56.14 -16.66 -48.95
N VAL JA 37 56.10 -17.01 -47.67
CA VAL JA 37 56.87 -18.14 -47.15
C VAL JA 37 56.14 -19.43 -47.51
N GLY JA 38 56.85 -20.32 -48.20
CA GLY JA 38 56.27 -21.59 -48.56
C GLY JA 38 56.22 -22.57 -47.41
N LYS JA 39 55.62 -23.73 -47.67
CA LYS JA 39 55.58 -24.82 -46.72
C LYS JA 39 56.10 -26.09 -47.37
N ALA JA 40 56.82 -26.89 -46.59
CA ALA JA 40 57.22 -28.20 -47.05
C ALA JA 40 55.99 -29.10 -47.14
N PRO JA 41 56.02 -30.11 -48.00
CA PRO JA 41 54.87 -31.01 -48.10
C PRO JA 41 54.66 -31.82 -46.83
N LYS JA 42 53.39 -32.07 -46.52
CA LYS JA 42 53.03 -32.95 -45.42
C LYS JA 42 52.86 -34.37 -45.94
N SER JA 43 53.19 -35.34 -45.09
CA SER JA 43 53.17 -36.73 -45.52
C SER JA 43 51.75 -37.22 -45.75
N ALA JA 44 51.58 -38.06 -46.77
CA ALA JA 44 50.29 -38.62 -47.09
C ALA JA 44 49.75 -39.55 -46.01
N CYS JA 45 50.59 -39.96 -45.06
CA CYS JA 45 50.11 -40.75 -43.94
C CYS JA 45 49.11 -39.98 -43.11
N GLY JA 46 49.38 -38.70 -42.88
CA GLY JA 46 48.46 -37.87 -42.11
C GLY JA 46 48.44 -38.16 -40.62
N VAL JA 47 49.46 -38.83 -40.10
CA VAL JA 47 49.54 -39.16 -38.68
C VAL JA 47 50.61 -38.33 -37.99
N CYS JA 48 51.85 -38.51 -38.37
CA CYS JA 48 52.91 -37.72 -37.77
C CYS JA 48 52.91 -36.31 -38.37
N PRO JA 49 52.96 -35.27 -37.53
CA PRO JA 49 52.81 -33.91 -38.04
C PRO JA 49 54.04 -33.36 -38.73
N GLY JA 50 55.15 -34.07 -38.69
CA GLY JA 50 56.36 -33.56 -39.29
C GLY JA 50 56.25 -33.44 -40.81
N ARG JA 51 56.86 -32.40 -41.33
CA ARG JA 51 56.96 -32.19 -42.77
C ARG JA 51 58.22 -32.88 -43.29
N LEU JA 52 58.16 -33.27 -44.57
CA LEU JA 52 59.22 -34.11 -45.11
C LEU JA 52 60.50 -33.31 -45.32
N ARG JA 53 61.62 -34.03 -45.25
CA ARG JA 53 62.93 -33.45 -45.45
C ARG JA 53 63.43 -33.76 -46.86
N GLY JA 54 64.45 -33.03 -47.28
CA GLY JA 54 65.00 -33.21 -48.61
C GLY JA 54 64.16 -32.65 -49.73
N VAL JA 55 63.13 -31.87 -49.41
CA VAL JA 55 62.26 -31.25 -50.40
C VAL JA 55 62.28 -29.75 -50.18
N ARG JA 56 62.47 -29.00 -51.25
CA ARG JA 56 62.55 -27.55 -51.15
C ARG JA 56 61.18 -26.96 -50.85
N ALA JA 57 61.13 -26.01 -49.92
CA ALA JA 57 59.87 -25.38 -49.50
C ALA JA 57 59.78 -24.00 -50.14
N VAL JA 58 58.93 -23.87 -51.15
CA VAL JA 58 58.67 -22.60 -51.82
C VAL JA 58 57.18 -22.51 -52.10
N ARG JA 59 56.78 -21.46 -52.81
CA ARG JA 59 55.40 -21.34 -53.24
C ARG JA 59 55.08 -22.42 -54.27
N PRO JA 60 53.84 -22.90 -54.30
CA PRO JA 60 53.51 -24.03 -55.19
C PRO JA 60 53.76 -23.77 -56.66
N LYS JA 61 53.51 -22.55 -57.13
CA LYS JA 61 53.74 -22.24 -58.54
C LYS JA 61 55.21 -22.21 -58.90
N VAL JA 62 56.09 -22.00 -57.92
CA VAL JA 62 57.52 -22.04 -58.18
C VAL JA 62 57.97 -23.43 -58.56
N LEU JA 63 57.30 -24.46 -58.04
CA LEU JA 63 57.72 -25.83 -58.28
C LEU JA 63 57.68 -26.22 -59.76
N MET JA 64 56.91 -25.49 -60.56
CA MET JA 64 56.82 -25.81 -61.98
C MET JA 64 58.14 -25.60 -62.69
N ARG JA 65 58.95 -24.66 -62.23
CA ARG JA 65 60.26 -24.42 -62.82
C ARG JA 65 61.39 -25.06 -62.02
N LEU JA 66 61.07 -25.95 -61.09
CA LEU JA 66 62.09 -26.65 -60.32
C LEU JA 66 62.36 -28.02 -60.94
N SER JA 67 63.58 -28.51 -60.74
CA SER JA 67 63.96 -29.78 -61.32
C SER JA 67 63.24 -30.93 -60.60
N LYS JA 68 63.15 -32.06 -61.30
CA LYS JA 68 62.52 -33.25 -60.73
C LYS JA 68 63.23 -33.70 -59.46
N THR JA 69 64.57 -33.63 -59.46
CA THR JA 69 65.33 -34.11 -58.32
C THR JA 69 65.02 -33.30 -57.07
N LYS JA 70 64.86 -31.99 -57.22
CA LYS JA 70 64.61 -31.14 -56.07
C LYS JA 70 63.20 -31.29 -55.51
N LYS JA 71 62.31 -31.99 -56.21
CA LYS JA 71 60.92 -32.10 -55.77
C LYS JA 71 60.58 -33.46 -55.19
N HIS JA 72 61.56 -34.34 -55.00
CA HIS JA 72 61.28 -35.61 -54.35
C HIS JA 72 62.56 -36.16 -53.73
N VAL JA 73 62.44 -37.33 -53.11
CA VAL JA 73 63.53 -38.01 -52.43
C VAL JA 73 63.62 -39.41 -52.98
N SER JA 74 64.85 -39.88 -53.23
CA SER JA 74 65.08 -41.13 -53.96
C SER JA 74 64.69 -42.31 -53.07
N ARG JA 75 63.39 -42.60 -53.08
CA ARG JA 75 62.82 -43.70 -52.32
C ARG JA 75 61.37 -43.85 -52.77
N ALA JA 76 60.84 -45.06 -52.62
CA ALA JA 76 59.42 -45.27 -52.87
C ALA JA 76 58.61 -44.35 -51.97
N TYR JA 77 57.62 -43.69 -52.57
CA TYR JA 77 56.80 -42.66 -51.92
C TYR JA 77 57.63 -41.48 -51.45
N GLY JA 78 58.81 -41.27 -52.02
CA GLY JA 78 59.66 -40.15 -51.65
C GLY JA 78 59.07 -38.81 -52.01
N GLY JA 79 59.06 -37.89 -51.07
CA GLY JA 79 58.42 -36.61 -51.28
C GLY JA 79 56.92 -36.61 -51.09
N SER JA 80 56.33 -37.74 -50.77
CA SER JA 80 54.90 -37.82 -50.51
C SER JA 80 54.57 -38.46 -49.17
N MET JA 81 55.39 -39.41 -48.72
CA MET JA 81 55.28 -39.99 -47.40
C MET JA 81 56.66 -40.01 -46.73
N CYS JA 82 56.64 -39.86 -45.43
CA CYS JA 82 57.85 -39.94 -44.63
C CYS JA 82 58.37 -41.37 -44.59
N ALA JA 83 59.67 -41.49 -44.28
CA ALA JA 83 60.31 -42.80 -44.30
C ALA JA 83 59.71 -43.73 -43.25
N LYS JA 84 59.41 -43.19 -42.07
CA LYS JA 84 58.91 -44.03 -40.98
C LYS JA 84 57.60 -44.71 -41.36
N CYS JA 85 56.63 -43.93 -41.82
CA CYS JA 85 55.35 -44.52 -42.20
C CYS JA 85 55.46 -45.39 -43.44
N VAL JA 86 56.46 -45.13 -44.30
CA VAL JA 86 56.71 -46.03 -45.41
C VAL JA 86 57.15 -47.40 -44.91
N ARG JA 87 58.10 -47.43 -43.98
CA ARG JA 87 58.53 -48.70 -43.39
C ARG JA 87 57.37 -49.38 -42.68
N ASP JA 88 56.56 -48.59 -41.98
CA ASP JA 88 55.42 -49.15 -41.26
C ASP JA 88 54.44 -49.80 -42.22
N ARG JA 89 54.17 -49.16 -43.36
CA ARG JA 89 53.28 -49.78 -44.33
C ARG JA 89 53.91 -51.03 -44.93
N ILE JA 90 55.23 -51.02 -45.14
CA ILE JA 90 55.89 -52.21 -45.65
C ILE JA 90 55.67 -53.38 -44.70
N LYS JA 91 55.94 -53.16 -43.42
CA LYS JA 91 55.76 -54.19 -42.43
C LYS JA 91 54.31 -54.62 -42.32
N ARG JA 92 53.39 -53.65 -42.38
CA ARG JA 92 51.97 -53.95 -42.23
C ARG JA 92 51.48 -54.82 -43.36
N ALA JA 93 51.80 -54.44 -44.60
CA ALA JA 93 51.39 -55.25 -45.75
C ALA JA 93 51.99 -56.64 -45.68
N PHE JA 94 53.28 -56.73 -45.38
CA PHE JA 94 53.94 -58.03 -45.35
C PHE JA 94 53.31 -58.93 -44.29
N LEU JA 95 53.11 -58.40 -43.09
CA LEU JA 95 52.59 -59.23 -42.01
C LEU JA 95 51.14 -59.61 -42.26
N ILE JA 96 50.35 -58.71 -42.85
CA ILE JA 96 48.95 -59.05 -43.09
C ILE JA 96 48.84 -60.13 -44.16
N GLU JA 97 49.67 -60.05 -45.21
CA GLU JA 97 49.66 -61.12 -46.20
C GLU JA 97 50.15 -62.43 -45.59
N GLU JA 98 51.13 -62.34 -44.70
CA GLU JA 98 51.56 -63.54 -43.98
C GLU JA 98 50.42 -64.13 -43.17
N GLN JA 99 49.66 -63.28 -42.49
CA GLN JA 99 48.52 -63.72 -41.70
C GLN JA 99 47.46 -64.37 -42.58
N LYS JA 100 47.24 -63.81 -43.76
CA LYS JA 100 46.31 -64.42 -44.71
C LYS JA 100 46.78 -65.82 -45.10
N ILE JA 101 48.07 -65.97 -45.36
CA ILE JA 101 48.61 -67.29 -45.68
C ILE JA 101 48.38 -68.24 -44.51
N VAL JA 102 48.61 -67.75 -43.29
CA VAL JA 102 48.44 -68.59 -42.10
C VAL JA 102 47.00 -69.06 -41.98
N VAL JA 103 46.05 -68.15 -42.13
CA VAL JA 103 44.65 -68.53 -41.95
C VAL JA 103 44.20 -69.44 -43.10
N LYS JA 104 44.73 -69.23 -44.30
CA LYS JA 104 44.38 -70.13 -45.40
C LYS JA 104 44.88 -71.53 -45.13
N VAL JA 105 46.11 -71.66 -44.62
CA VAL JA 105 46.63 -72.98 -44.28
C VAL JA 105 45.82 -73.59 -43.14
N LEU JA 106 45.44 -72.77 -42.17
CA LEU JA 106 44.69 -73.26 -41.01
C LEU JA 106 43.33 -73.80 -41.44
N LYS JA 107 42.63 -73.09 -42.32
CA LYS JA 107 41.34 -73.58 -42.78
C LYS JA 107 41.49 -74.76 -43.72
N ALA JA 108 42.58 -74.83 -44.49
CA ALA JA 108 42.80 -75.97 -45.36
C ALA JA 108 43.02 -77.24 -44.55
N GLN JA 109 43.81 -77.15 -43.48
CA GLN JA 109 43.93 -78.29 -42.59
C GLN JA 109 42.71 -78.45 -41.70
N ALA JA 110 41.88 -77.41 -41.57
CA ALA JA 110 40.68 -77.53 -40.75
C ALA JA 110 39.63 -78.42 -41.39
N GLN JA 111 39.50 -78.38 -42.71
CA GLN JA 111 38.47 -79.18 -43.38
C GLN JA 111 38.86 -80.63 -43.53
N SER JA 112 40.01 -81.06 -43.00
CA SER JA 112 40.45 -82.44 -43.14
C SER JA 112 39.53 -83.42 -42.42
N GLN JA 113 38.67 -82.92 -41.53
CA GLN JA 113 37.68 -83.73 -40.85
C GLN JA 113 36.29 -83.33 -41.33
N LYS JA 114 35.48 -84.31 -41.71
CA LYS JA 114 34.15 -84.06 -42.28
C LYS JA 114 33.22 -83.31 -41.32
N ALA KA 1 42.18 21.53 -110.92
CA ALA KA 1 42.31 20.28 -111.66
C ALA KA 1 41.81 19.10 -110.83
N LYS KA 2 40.54 19.14 -110.45
CA LYS KA 2 39.98 18.08 -109.62
C LYS KA 2 39.75 16.83 -110.45
N ILE KA 3 39.42 15.75 -109.76
CA ILE KA 3 38.98 14.51 -110.39
C ILE KA 3 37.47 14.55 -110.45
N LYS KA 4 36.92 14.02 -111.53
CA LYS KA 4 35.47 13.94 -111.67
C LYS KA 4 35.03 12.48 -111.65
N ALA KA 5 33.75 12.29 -111.32
CA ALA KA 5 33.21 10.95 -111.22
C ALA KA 5 32.96 10.33 -112.59
N ARG KA 6 32.95 11.12 -113.66
CA ARG KA 6 32.61 10.57 -114.97
C ARG KA 6 33.72 9.70 -115.52
N ASP KA 7 34.89 10.29 -115.77
CA ASP KA 7 35.99 9.57 -116.40
C ASP KA 7 36.54 8.45 -115.53
N LEU KA 8 36.30 8.50 -114.22
CA LEU KA 8 36.83 7.50 -113.31
C LEU KA 8 36.09 6.17 -113.42
N ARG KA 9 34.88 6.16 -113.96
CA ARG KA 9 34.13 4.92 -114.10
C ARG KA 9 34.75 4.02 -115.15
N GLY KA 10 35.39 4.61 -116.15
CA GLY KA 10 36.01 3.83 -117.21
C GLY KA 10 37.30 3.12 -116.80
N LYS KA 11 38.00 3.64 -115.80
CA LYS KA 11 39.20 2.98 -115.33
C LYS KA 11 38.86 1.73 -114.55
N LYS KA 12 39.79 0.79 -114.53
CA LYS KA 12 39.61 -0.49 -113.84
C LYS KA 12 40.29 -0.43 -112.47
N LYS KA 13 40.31 -1.58 -111.80
CA LYS KA 13 40.55 -1.61 -110.35
C LYS KA 13 41.97 -1.18 -109.99
N GLU KA 14 42.96 -1.59 -110.78
CA GLU KA 14 44.35 -1.44 -110.36
C GLU KA 14 44.75 0.03 -110.29
N GLU KA 15 44.49 0.79 -111.37
CA GLU KA 15 44.82 2.20 -111.35
C GLU KA 15 43.92 2.96 -110.39
N LEU KA 16 42.71 2.49 -110.15
CA LEU KA 16 41.88 3.06 -109.10
C LEU KA 16 42.57 2.94 -107.75
N LEU KA 17 43.11 1.76 -107.47
CA LEU KA 17 43.83 1.53 -106.23
C LEU KA 17 45.08 2.38 -106.13
N LYS KA 18 45.80 2.50 -107.25
CA LYS KA 18 47.00 3.34 -107.27
C LYS KA 18 46.68 4.79 -106.98
N GLN KA 19 45.63 5.32 -107.64
CA GLN KA 19 45.20 6.68 -107.38
C GLN KA 19 44.76 6.87 -105.94
N LEU KA 20 44.02 5.89 -105.41
CA LEU KA 20 43.56 5.98 -104.03
C LEU KA 20 44.73 6.03 -103.07
N ASP KA 21 45.73 5.18 -103.28
CA ASP KA 21 46.90 5.17 -102.41
C ASP KA 21 47.67 6.48 -102.51
N ASP KA 22 47.80 7.01 -103.73
CA ASP KA 22 48.46 8.30 -103.91
C ASP KA 22 47.72 9.39 -103.16
N LEU KA 23 46.39 9.36 -103.23
CA LEU KA 23 45.59 10.36 -102.55
C LEU KA 23 45.76 10.26 -101.04
N LYS KA 24 45.80 9.03 -100.51
CA LYS KA 24 46.01 8.86 -99.08
C LYS KA 24 47.38 9.36 -98.65
N VAL KA 25 48.41 9.08 -99.44
CA VAL KA 25 49.76 9.56 -99.11
C VAL KA 25 49.78 11.09 -99.11
N GLU KA 26 49.14 11.69 -100.11
CA GLU KA 26 49.06 13.14 -100.17
C GLU KA 26 48.33 13.70 -98.96
N LEU KA 27 47.25 13.03 -98.54
CA LEU KA 27 46.55 13.46 -97.34
C LEU KA 27 47.43 13.36 -96.11
N SER KA 28 48.23 12.31 -96.02
CA SER KA 28 49.16 12.18 -94.89
C SER KA 28 50.16 13.32 -94.88
N GLN KA 29 50.69 13.69 -96.05
CA GLN KA 29 51.59 14.83 -96.10
C GLN KA 29 50.87 16.12 -95.71
N LEU KA 30 49.62 16.27 -96.12
CA LEU KA 30 48.87 17.46 -95.76
C LEU KA 30 48.65 17.53 -94.25
N ARG KA 31 48.37 16.39 -93.62
CA ARG KA 31 48.26 16.36 -92.16
C ARG KA 31 49.58 16.71 -91.50
N VAL KA 32 50.68 16.21 -92.07
CA VAL KA 32 52.01 16.55 -91.57
C VAL KA 32 52.24 18.05 -91.64
N ALA KA 33 51.83 18.67 -92.74
CA ALA KA 33 51.93 20.12 -92.84
C ALA KA 33 51.05 20.81 -91.81
N LYS KA 34 49.83 20.31 -91.62
CA LYS KA 34 48.88 20.97 -90.72
C LYS KA 34 49.37 20.95 -89.29
N VAL KA 35 49.93 19.82 -88.83
CA VAL KA 35 50.45 19.79 -87.47
C VAL KA 35 51.70 20.65 -87.36
N THR KA 36 52.42 20.85 -88.46
CA THR KA 36 53.63 21.65 -88.48
C THR KA 36 53.41 23.04 -89.07
N GLY KA 37 52.22 23.60 -88.89
CA GLY KA 37 51.94 24.91 -89.45
C GLY KA 37 51.51 24.82 -90.90
N GLY KA 38 52.42 24.42 -91.78
CA GLY KA 38 52.10 24.26 -93.18
C GLY KA 38 51.79 25.58 -93.85
N ALA KA 39 50.93 25.52 -94.86
CA ALA KA 39 50.49 26.69 -95.60
C ALA KA 39 48.98 26.64 -95.80
N ALA KA 40 48.40 27.84 -95.93
CA ALA KA 40 46.95 27.94 -96.05
C ALA KA 40 46.43 27.21 -97.29
N SER KA 41 47.21 27.26 -98.39
CA SER KA 41 46.84 26.49 -99.57
C SER KA 41 46.84 25.00 -99.26
N LYS KA 42 47.87 24.52 -98.57
CA LYS KA 42 47.92 23.11 -98.23
C LYS KA 42 46.83 22.73 -97.22
N LEU KA 43 46.52 23.63 -96.28
CA LEU KA 43 45.43 23.36 -95.36
C LEU KA 43 44.10 23.25 -96.08
N SER KA 44 43.81 24.19 -96.98
CA SER KA 44 42.57 24.12 -97.74
C SER KA 44 42.56 22.93 -98.68
N LYS KA 45 43.73 22.45 -99.07
CA LYS KA 45 43.81 21.30 -99.98
C LYS KA 45 43.40 20.00 -99.31
N ILE KA 46 43.23 19.98 -97.98
CA ILE KA 46 42.87 18.75 -97.29
C ILE KA 46 41.49 18.27 -97.74
N ARG KA 47 40.53 19.19 -97.78
CA ARG KA 47 39.16 18.82 -98.10
C ARG KA 47 39.04 18.34 -99.54
N VAL KA 48 39.82 18.93 -100.43
CA VAL KA 48 39.82 18.49 -101.83
C VAL KA 48 40.25 17.03 -101.92
N VAL KA 49 41.33 16.69 -101.23
CA VAL KA 49 41.82 15.31 -101.27
C VAL KA 49 40.83 14.37 -100.62
N ARG KA 50 40.21 14.80 -99.52
CA ARG KA 50 39.23 13.96 -98.84
C ARG KA 50 38.04 13.66 -99.74
N LYS KA 51 37.53 14.69 -100.42
CA LYS KA 51 36.43 14.48 -101.36
C LYS KA 51 36.85 13.60 -102.52
N SER KA 52 38.08 13.77 -103.01
CA SER KA 52 38.56 12.91 -104.09
C SER KA 52 38.63 11.46 -103.66
N ILE KA 53 39.10 11.22 -102.43
CA ILE KA 53 39.12 9.88 -101.87
C ILE KA 53 37.72 9.32 -101.80
N ALA KA 54 36.76 10.15 -101.36
CA ALA KA 54 35.37 9.72 -101.33
C ALA KA 54 34.88 9.34 -102.70
N ARG KA 55 35.22 10.13 -103.72
CA ARG KA 55 34.82 9.82 -105.09
C ARG KA 55 35.38 8.48 -105.54
N VAL KA 56 36.68 8.27 -105.32
CA VAL KA 56 37.31 7.02 -105.75
C VAL KA 56 36.66 5.84 -105.05
N LEU KA 57 36.47 5.94 -103.75
CA LEU KA 57 35.90 4.84 -102.99
C LEU KA 57 34.48 4.53 -103.44
N THR KA 58 33.66 5.55 -103.67
CA THR KA 58 32.29 5.29 -104.08
C THR KA 58 32.21 4.77 -105.50
N VAL KA 59 33.13 5.18 -106.38
CA VAL KA 59 33.16 4.60 -107.72
C VAL KA 59 33.52 3.13 -107.63
N ILE KA 60 34.51 2.79 -106.80
CA ILE KA 60 34.91 1.40 -106.63
C ILE KA 60 33.75 0.57 -106.12
N ASN KA 61 33.08 1.07 -105.09
CA ASN KA 61 31.99 0.30 -104.49
C ASN KA 61 30.83 0.15 -105.46
N GLN KA 62 30.49 1.21 -106.21
CA GLN KA 62 29.41 1.10 -107.18
C GLN KA 62 29.74 0.08 -108.26
N THR KA 63 30.98 0.09 -108.76
CA THR KA 63 31.35 -0.88 -109.79
C THR KA 63 31.28 -2.30 -109.26
N GLN KA 64 31.79 -2.51 -108.04
CA GLN KA 64 31.71 -3.85 -107.45
C GLN KA 64 30.26 -4.28 -107.27
N LYS KA 65 29.40 -3.37 -106.82
CA LYS KA 65 28.01 -3.71 -106.54
C LYS KA 65 27.26 -4.06 -107.81
N GLU KA 66 27.45 -3.27 -108.87
CA GLU KA 66 26.78 -3.59 -110.12
C GLU KA 66 27.34 -4.87 -110.73
N ASN KA 67 28.63 -5.15 -110.54
CA ASN KA 67 29.19 -6.41 -111.01
C ASN KA 67 28.54 -7.59 -110.29
N LEU KA 68 28.37 -7.49 -108.98
CA LEU KA 68 27.75 -8.57 -108.23
C LEU KA 68 26.28 -8.73 -108.59
N ARG KA 69 25.58 -7.61 -108.86
CA ARG KA 69 24.21 -7.70 -109.33
C ARG KA 69 24.14 -8.43 -110.67
N LYS KA 70 25.09 -8.16 -111.57
CA LYS KA 70 25.16 -8.91 -112.82
C LYS KA 70 25.42 -10.38 -112.56
N PHE KA 71 26.29 -10.68 -111.59
CA PHE KA 71 26.59 -12.07 -111.28
C PHE KA 71 25.37 -12.82 -110.78
N TYR KA 72 24.58 -12.21 -109.90
CA TYR KA 72 23.50 -12.92 -109.23
C TYR KA 72 22.15 -12.80 -109.92
N LYS KA 73 22.05 -12.09 -111.05
CA LYS KA 73 20.74 -11.91 -111.67
C LYS KA 73 20.23 -13.24 -112.22
N GLY KA 74 18.96 -13.53 -111.95
CA GLY KA 74 18.36 -14.78 -112.39
C GLY KA 74 18.61 -15.96 -111.47
N LYS KA 75 19.26 -15.75 -110.34
CA LYS KA 75 19.56 -16.82 -109.41
C LYS KA 75 18.52 -16.89 -108.32
N LYS KA 76 18.26 -18.11 -107.83
CA LYS KA 76 17.20 -18.32 -106.86
C LYS KA 76 17.45 -17.56 -105.56
N TYR KA 77 18.63 -17.72 -104.98
CA TYR KA 77 18.98 -17.08 -103.72
C TYR KA 77 19.99 -15.98 -103.99
N LYS KA 78 19.76 -14.82 -103.40
CA LYS KA 78 20.64 -13.67 -103.56
C LYS KA 78 21.03 -13.17 -102.18
N PRO KA 79 22.21 -12.57 -102.06
CA PRO KA 79 22.61 -11.99 -100.77
C PRO KA 79 21.65 -10.89 -100.36
N LEU KA 80 21.49 -10.74 -99.03
CA LEU KA 80 20.44 -9.89 -98.49
C LEU KA 80 20.61 -8.44 -98.93
N ASP KA 81 21.85 -7.95 -98.96
CA ASP KA 81 22.12 -6.61 -99.44
C ASP KA 81 21.75 -6.44 -100.90
N LEU KA 82 21.72 -7.53 -101.66
CA LEU KA 82 21.29 -7.49 -103.05
C LEU KA 82 19.80 -7.70 -103.20
N ARG KA 83 19.18 -8.38 -102.25
CA ARG KA 83 17.73 -8.44 -102.22
C ARG KA 83 17.16 -7.06 -101.93
N PRO KA 84 15.96 -6.76 -102.43
CA PRO KA 84 15.37 -5.44 -102.17
C PRO KA 84 15.09 -5.26 -100.68
N LYS KA 85 15.10 -4.00 -100.26
CA LYS KA 85 14.92 -3.65 -98.87
C LYS KA 85 13.77 -2.65 -98.75
N LYS KA 86 12.63 -3.00 -99.34
CA LYS KA 86 11.46 -2.13 -99.38
C LYS KA 86 11.03 -1.74 -97.98
N THR KA 87 10.52 -2.71 -97.21
CA THR KA 87 10.01 -2.54 -95.86
C THR KA 87 9.71 -3.91 -95.31
N ARG KA 88 10.02 -4.10 -94.01
CA ARG KA 88 9.78 -5.39 -93.38
C ARG KA 88 8.35 -5.85 -93.61
N ALA KA 89 7.37 -4.97 -93.35
CA ALA KA 89 5.99 -5.30 -93.65
C ALA KA 89 5.80 -5.51 -95.15
N MET KA 90 6.43 -4.68 -95.97
CA MET KA 90 6.32 -4.87 -97.42
C MET KA 90 6.99 -6.15 -97.86
N ARG KA 91 8.07 -6.56 -97.19
CA ARG KA 91 8.72 -7.79 -97.59
C ARG KA 91 7.92 -9.01 -97.15
N ARG KA 92 7.23 -8.93 -96.02
CA ARG KA 92 6.47 -10.10 -95.57
C ARG KA 92 5.24 -10.34 -96.43
N ARG KA 93 4.74 -9.33 -97.11
CA ARG KA 93 3.44 -9.43 -97.76
C ARG KA 93 3.49 -10.36 -98.96
N LEU KA 94 2.31 -10.67 -99.47
CA LEU KA 94 2.17 -11.60 -100.57
C LEU KA 94 2.67 -10.98 -101.87
N ASN KA 95 3.21 -11.83 -102.75
CA ASN KA 95 3.62 -11.33 -104.05
C ASN KA 95 2.41 -11.20 -104.97
N LYS KA 96 2.63 -10.61 -106.15
CA LYS KA 96 1.54 -10.41 -107.09
C LYS KA 96 0.92 -11.72 -107.55
N HIS KA 97 1.77 -12.71 -107.86
CA HIS KA 97 1.28 -13.99 -108.37
C HIS KA 97 0.37 -14.68 -107.37
N GLU KA 98 0.82 -14.81 -106.13
CA GLU KA 98 -0.02 -15.40 -105.10
C GLU KA 98 -1.15 -14.48 -104.66
N GLU KA 99 -1.05 -13.18 -104.93
CA GLU KA 99 -2.15 -12.27 -104.60
C GLU KA 99 -3.32 -12.46 -105.54
N ASN KA 100 -3.07 -12.49 -106.84
CA ASN KA 100 -4.14 -12.42 -107.82
C ASN KA 100 -4.78 -13.77 -108.16
N LEU KA 101 -4.17 -14.88 -107.75
CA LEU KA 101 -4.74 -16.19 -108.08
C LEU KA 101 -5.96 -16.47 -107.22
N LYS KA 102 -6.83 -17.35 -107.73
CA LYS KA 102 -8.11 -17.65 -107.10
C LYS KA 102 -8.35 -19.14 -107.11
N THR KA 103 -9.42 -19.54 -106.41
CA THR KA 103 -9.86 -20.93 -106.43
C THR KA 103 -10.65 -21.22 -107.70
N LYS KA 104 -10.83 -22.52 -107.96
CA LYS KA 104 -11.64 -22.95 -109.10
C LYS KA 104 -13.10 -22.57 -108.89
N LYS KA 105 -13.58 -22.65 -107.65
CA LYS KA 105 -14.92 -22.17 -107.32
C LYS KA 105 -15.08 -20.72 -107.75
N GLN KA 106 -14.10 -19.88 -107.42
CA GLN KA 106 -14.22 -18.45 -107.67
C GLN KA 106 -14.30 -18.17 -109.16
N GLN KA 107 -13.33 -18.69 -109.93
CA GLN KA 107 -13.34 -18.44 -111.36
C GLN KA 107 -14.55 -19.07 -112.03
N ARG KA 108 -15.05 -20.18 -111.49
CA ARG KA 108 -16.31 -20.73 -111.96
C ARG KA 108 -17.44 -19.73 -111.83
N LYS KA 109 -17.56 -19.10 -110.65
CA LYS KA 109 -18.60 -18.10 -110.47
C LYS KA 109 -18.39 -16.91 -111.41
N GLU KA 110 -17.15 -16.47 -111.57
CA GLU KA 110 -16.88 -15.30 -112.40
C GLU KA 110 -17.25 -15.56 -113.86
N ARG KA 111 -16.88 -16.74 -114.38
CA ARG KA 111 -17.28 -17.06 -115.75
C ARG KA 111 -18.79 -17.24 -115.85
N LEU KA 112 -19.41 -17.88 -114.86
CA LEU KA 112 -20.84 -18.15 -114.92
C LEU KA 112 -21.66 -16.88 -114.71
N TYR KA 113 -21.30 -16.06 -113.74
CA TYR KA 113 -22.06 -14.86 -113.38
C TYR KA 113 -21.12 -13.67 -113.29
N PRO KA 114 -20.66 -13.16 -114.42
CA PRO KA 114 -19.77 -12.01 -114.41
C PRO KA 114 -20.55 -10.71 -114.22
N LEU KA 115 -19.80 -9.63 -114.02
CA LEU KA 115 -20.42 -8.33 -113.90
C LEU KA 115 -20.89 -7.84 -115.27
N ARG KA 116 -22.15 -7.43 -115.34
CA ARG KA 116 -22.73 -6.92 -116.58
C ARG KA 116 -22.76 -5.41 -116.57
N LYS KA 117 -22.98 -4.85 -117.75
CA LYS KA 117 -23.14 -3.41 -117.91
C LYS KA 117 -24.58 -3.13 -118.28
N TYR KA 118 -25.25 -2.27 -117.52
CA TYR KA 118 -26.67 -2.06 -117.72
C TYR KA 118 -27.06 -0.62 -117.41
N ALA KA 119 -28.21 -0.22 -117.97
CA ALA KA 119 -28.80 1.08 -117.72
C ALA KA 119 -30.30 0.90 -117.52
N VAL KA 120 -30.93 1.87 -116.87
CA VAL KA 120 -32.36 1.82 -116.57
C VAL KA 120 -33.01 3.07 -117.11
N LYS KA 121 -34.11 2.89 -117.84
CA LYS KA 121 -34.91 4.01 -118.29
C LYS KA 121 -35.60 4.68 -117.11
N ALA KA 122 -35.75 6.00 -117.21
CA ALA KA 122 -36.46 6.76 -116.18
C ALA KA 122 -37.95 6.48 -116.25
N ALA LA 1 -71.82 -3.22 -92.00
CA ALA LA 1 -72.06 -4.63 -92.24
C ALA LA 1 -72.19 -5.39 -90.93
N LEU LA 2 -72.43 -6.70 -91.03
CA LEU LA 2 -72.55 -7.53 -89.84
C LEU LA 2 -71.24 -7.57 -89.06
N ARG LA 3 -70.13 -7.82 -89.74
CA ARG LA 3 -68.85 -7.97 -89.09
C ARG LA 3 -67.77 -7.25 -89.90
N TYR LA 4 -66.79 -6.71 -89.18
CA TYR LA 4 -65.70 -5.96 -89.78
C TYR LA 4 -64.37 -6.51 -89.31
N PRO LA 5 -63.30 -6.30 -90.08
CA PRO LA 5 -61.96 -6.56 -89.54
C PRO LA 5 -61.71 -5.65 -88.34
N MET LA 6 -61.05 -6.20 -87.33
CA MET LA 6 -60.85 -5.50 -86.07
C MET LA 6 -59.39 -5.60 -85.65
N ALA LA 7 -58.99 -4.65 -84.81
CA ALA LA 7 -57.67 -4.69 -84.20
C ALA LA 7 -57.64 -5.54 -82.94
N VAL LA 8 -58.80 -5.90 -82.39
CA VAL LA 8 -58.88 -6.71 -81.17
C VAL LA 8 -59.82 -7.87 -81.43
N GLY LA 9 -59.78 -8.84 -80.52
CA GLY LA 9 -60.64 -9.99 -80.58
C GLY LA 9 -59.94 -11.19 -81.18
N LEU LA 10 -60.62 -12.33 -81.12
CA LEU LA 10 -60.06 -13.56 -81.64
C LEU LA 10 -59.82 -13.48 -83.13
N ASN LA 11 -60.56 -12.61 -83.83
CA ASN LA 11 -60.37 -12.40 -85.26
C ASN LA 11 -59.68 -11.08 -85.55
N LYS LA 12 -58.74 -10.68 -84.70
CA LYS LA 12 -58.05 -9.41 -84.91
C LYS LA 12 -57.02 -9.54 -86.02
N GLY LA 13 -56.61 -8.38 -86.54
CA GLY LA 13 -55.56 -8.35 -87.55
C GLY LA 13 -56.06 -7.96 -88.92
N HIS LA 14 -55.15 -7.43 -89.74
CA HIS LA 14 -55.48 -7.06 -91.11
C HIS LA 14 -55.72 -8.32 -91.93
N LYS LA 15 -56.76 -8.29 -92.75
CA LYS LA 15 -57.15 -9.44 -93.55
C LYS LA 15 -56.24 -9.56 -94.77
N VAL LA 16 -55.49 -10.66 -94.85
CA VAL LA 16 -54.66 -10.98 -96.00
C VAL LA 16 -54.78 -12.47 -96.31
N THR LA 17 -54.40 -12.81 -97.53
CA THR LA 17 -54.36 -14.21 -97.96
C THR LA 17 -52.98 -14.80 -97.66
N LYS LA 18 -52.96 -15.92 -96.94
CA LYS LA 18 -51.72 -16.59 -96.62
C LYS LA 18 -51.06 -17.16 -97.87
N ASN LA 19 -49.73 -17.03 -97.94
CA ASN LA 19 -48.95 -17.64 -99.01
C ASN LA 19 -48.45 -19.00 -98.55
N VAL LA 20 -48.96 -20.06 -99.18
CA VAL LA 20 -48.53 -21.41 -98.86
C VAL LA 20 -47.27 -21.73 -99.65
N SER LA 21 -46.31 -22.37 -98.99
CA SER LA 21 -45.09 -22.81 -99.65
C SER LA 21 -44.44 -23.91 -98.82
N LYS LA 22 -43.37 -24.47 -99.36
CA LYS LA 22 -42.59 -25.43 -98.60
C LYS LA 22 -41.88 -24.72 -97.45
N PRO LA 23 -41.65 -25.39 -96.33
CA PRO LA 23 -40.80 -24.81 -95.29
C PRO LA 23 -39.37 -24.67 -95.80
N ARG LA 24 -38.65 -23.73 -95.22
CA ARG LA 24 -37.24 -23.57 -95.55
C ARG LA 24 -36.47 -24.81 -95.13
N HIS LA 25 -35.37 -25.07 -95.85
CA HIS LA 25 -34.54 -26.23 -95.55
C HIS LA 25 -33.88 -26.12 -94.19
N SER LA 26 -33.84 -24.94 -93.59
CA SER LA 26 -33.29 -24.79 -92.24
C SER LA 26 -34.22 -25.37 -91.19
N ARG LA 27 -35.54 -25.27 -91.38
CA ARG LA 27 -36.44 -25.89 -90.42
C ARG LA 27 -36.37 -27.40 -90.44
N ARG LA 28 -35.78 -27.97 -91.49
CA ARG LA 28 -35.54 -29.40 -91.54
C ARG LA 28 -34.53 -29.86 -90.50
N ARG LA 29 -33.77 -28.93 -89.91
CA ARG LA 29 -32.72 -29.26 -88.96
C ARG LA 29 -33.28 -30.05 -87.78
N GLY LA 30 -32.53 -31.05 -87.35
CA GLY LA 30 -32.94 -31.91 -86.26
C GLY LA 30 -33.70 -33.15 -86.67
N ARG LA 31 -34.10 -33.26 -87.93
CA ARG LA 31 -34.78 -34.46 -88.39
C ARG LA 31 -33.80 -35.63 -88.40
N LEU LA 32 -34.23 -36.75 -87.82
CA LEU LA 32 -33.36 -37.91 -87.69
C LEU LA 32 -33.39 -38.70 -88.98
N THR LA 33 -32.22 -39.01 -89.52
CA THR LA 33 -32.11 -39.75 -90.77
C THR LA 33 -31.88 -41.23 -90.47
N LYS LA 34 -32.13 -42.06 -91.48
CA LYS LA 34 -31.90 -43.49 -91.34
C LYS LA 34 -30.44 -43.77 -91.04
N HIS LA 35 -29.53 -43.12 -91.77
CA HIS LA 35 -28.11 -43.36 -91.58
C HIS LA 35 -27.65 -42.90 -90.19
N THR LA 36 -28.15 -41.76 -89.72
CA THR LA 36 -27.82 -41.31 -88.38
C THR LA 36 -28.34 -42.28 -87.34
N LYS LA 37 -29.55 -42.81 -87.54
CA LYS LA 37 -30.08 -43.84 -86.65
C LYS LA 37 -29.15 -45.03 -86.61
N PHE LA 38 -28.72 -45.50 -87.78
CA PHE LA 38 -27.84 -46.66 -87.85
C PHE LA 38 -26.53 -46.40 -87.11
N VAL LA 39 -25.95 -45.22 -87.32
CA VAL LA 39 -24.66 -44.90 -86.72
C VAL LA 39 -24.77 -44.81 -85.21
N ARG LA 40 -25.80 -44.11 -84.73
CA ARG LA 40 -25.96 -43.97 -83.28
C ARG LA 40 -26.28 -45.30 -82.62
N ASP LA 41 -27.06 -46.15 -83.29
CA ASP LA 41 -27.32 -47.48 -82.74
C ASP LA 41 -26.04 -48.29 -82.66
N MET LA 42 -25.19 -48.20 -83.69
CA MET LA 42 -23.90 -48.85 -83.65
C MET LA 42 -23.08 -48.38 -82.47
N ILE LA 43 -22.98 -47.06 -82.29
CA ILE LA 43 -22.20 -46.50 -81.20
C ILE LA 43 -22.76 -46.92 -79.85
N ARG LA 44 -24.10 -46.93 -79.73
CA ARG LA 44 -24.73 -47.31 -78.49
C ARG LA 44 -24.42 -48.75 -78.11
N GLU LA 45 -24.59 -49.69 -79.05
CA GLU LA 45 -24.31 -51.07 -78.71
C GLU LA 45 -22.83 -51.33 -78.52
N VAL LA 46 -21.95 -50.53 -79.12
CA VAL LA 46 -20.53 -50.68 -78.87
C VAL LA 46 -20.18 -50.19 -77.47
N CYS LA 47 -20.70 -49.02 -77.08
CA CYS LA 47 -20.28 -48.39 -75.83
C CYS LA 47 -20.94 -49.02 -74.62
N GLY LA 48 -22.27 -49.05 -74.61
CA GLY LA 48 -23.04 -49.45 -73.44
C GLY LA 48 -23.90 -48.31 -72.95
N PHE LA 49 -23.88 -48.08 -71.64
CA PHE LA 49 -24.60 -46.99 -71.04
C PHE LA 49 -23.78 -46.36 -69.93
N ALA LA 50 -24.02 -45.07 -69.70
CA ALA LA 50 -23.36 -44.37 -68.62
C ALA LA 50 -23.87 -44.88 -67.27
N PRO LA 51 -23.05 -44.76 -66.21
CA PRO LA 51 -23.49 -45.27 -64.90
C PRO LA 51 -24.79 -44.67 -64.42
N TYR LA 52 -25.04 -43.38 -64.68
CA TYR LA 52 -26.33 -42.82 -64.29
C TYR LA 52 -27.46 -43.43 -65.10
N GLU LA 53 -27.22 -43.70 -66.39
CA GLU LA 53 -28.22 -44.37 -67.19
C GLU LA 53 -28.49 -45.77 -66.66
N ARG LA 54 -27.44 -46.48 -66.26
CA ARG LA 54 -27.62 -47.83 -65.73
C ARG LA 54 -28.39 -47.80 -64.42
N ARG LA 55 -28.09 -46.83 -63.55
CA ARG LA 55 -28.83 -46.74 -62.29
C ARG LA 55 -30.28 -46.39 -62.54
N ALA LA 56 -30.55 -45.51 -63.51
CA ALA LA 56 -31.92 -45.24 -63.90
C ALA LA 56 -32.59 -46.48 -64.48
N MET LA 57 -31.82 -47.33 -65.16
CA MET LA 57 -32.34 -48.60 -65.63
C MET LA 57 -32.76 -49.47 -64.45
N GLU LA 58 -31.96 -49.47 -63.39
CA GLU LA 58 -32.36 -50.17 -62.16
C GLU LA 58 -33.63 -49.58 -61.59
N LEU LA 59 -33.73 -48.25 -61.57
CA LEU LA 59 -34.87 -47.59 -60.95
C LEU LA 59 -36.16 -47.87 -61.71
N LEU LA 60 -36.10 -47.90 -63.04
CA LEU LA 60 -37.28 -48.28 -63.81
C LEU LA 60 -37.53 -49.78 -63.76
N LYS LA 61 -36.47 -50.58 -63.56
CA LYS LA 61 -36.67 -52.01 -63.40
C LYS LA 61 -37.44 -52.31 -62.12
N VAL LA 62 -37.22 -51.52 -61.07
CA VAL LA 62 -37.97 -51.68 -59.84
C VAL LA 62 -39.21 -50.78 -59.91
N SER LA 63 -39.42 -50.16 -61.08
CA SER LA 63 -40.65 -49.44 -61.39
C SER LA 63 -40.92 -48.31 -60.41
N LYS LA 64 -39.86 -47.64 -59.94
CA LYS LA 64 -40.02 -46.41 -59.19
C LYS LA 64 -39.84 -45.25 -60.17
N ASP LA 65 -40.86 -45.08 -61.02
CA ASP LA 65 -40.75 -44.17 -62.14
C ASP LA 65 -40.64 -42.72 -61.71
N LYS LA 66 -41.38 -42.34 -60.66
CA LYS LA 66 -41.24 -41.00 -60.13
C LYS LA 66 -39.82 -40.74 -59.65
N ARG LA 67 -39.26 -41.69 -58.89
CA ARG LA 67 -37.90 -41.55 -58.39
C ARG LA 67 -36.91 -41.50 -59.55
N ALA LA 68 -37.10 -42.34 -60.56
CA ALA LA 68 -36.19 -42.35 -61.71
C ALA LA 68 -36.24 -41.03 -62.44
N LEU LA 69 -37.44 -40.48 -62.66
CA LEU LA 69 -37.55 -39.19 -63.34
C LEU LA 69 -36.92 -38.08 -62.52
N LYS LA 70 -37.11 -38.13 -61.20
CA LYS LA 70 -36.49 -37.12 -60.35
C LYS LA 70 -34.97 -37.18 -60.43
N PHE LA 71 -34.41 -38.38 -60.44
CA PHE LA 71 -32.96 -38.53 -60.53
C PHE LA 71 -32.44 -38.10 -61.91
N ILE LA 72 -33.18 -38.41 -62.97
CA ILE LA 72 -32.76 -38.00 -64.31
C ILE LA 72 -32.81 -36.48 -64.43
N LYS LA 73 -33.85 -35.87 -63.86
CA LYS LA 73 -33.93 -34.42 -63.83
C LYS LA 73 -32.80 -33.83 -62.99
N LYS LA 74 -32.43 -34.53 -61.92
CA LYS LA 74 -31.30 -34.12 -61.10
C LYS LA 74 -30.01 -34.14 -61.92
N ARG LA 75 -29.83 -35.15 -62.75
CA ARG LA 75 -28.60 -35.27 -63.53
C ARG LA 75 -28.59 -34.31 -64.72
N VAL LA 76 -29.51 -34.50 -65.67
CA VAL LA 76 -29.46 -33.76 -66.93
C VAL LA 76 -29.74 -32.28 -66.70
N GLY LA 77 -30.80 -31.97 -65.98
CA GLY LA 77 -31.07 -30.59 -65.61
C GLY LA 77 -32.46 -30.07 -65.85
N THR LA 78 -33.10 -30.43 -66.96
CA THR LA 78 -34.41 -29.92 -67.29
C THR LA 78 -35.43 -31.05 -67.37
N HIS LA 79 -36.69 -30.67 -67.27
CA HIS LA 79 -37.77 -31.65 -67.19
C HIS LA 79 -38.03 -32.31 -68.54
N ILE LA 80 -38.01 -31.53 -69.62
CA ILE LA 80 -38.28 -32.08 -70.94
C ILE LA 80 -37.21 -33.07 -71.33
N ARG LA 81 -35.94 -32.69 -71.16
CA ARG LA 81 -34.84 -33.58 -71.46
C ARG LA 81 -34.91 -34.83 -70.60
N ALA LA 82 -35.28 -34.65 -69.33
CA ALA LA 82 -35.41 -35.80 -68.44
C ALA LA 82 -36.49 -36.76 -68.91
N LYS LA 83 -37.62 -36.22 -69.35
CA LYS LA 83 -38.70 -37.10 -69.82
C LYS LA 83 -38.32 -37.82 -71.09
N ARG LA 84 -37.65 -37.12 -72.02
CA ARG LA 84 -37.18 -37.79 -73.22
C ARG LA 84 -36.19 -38.90 -72.88
N LYS LA 85 -35.26 -38.63 -71.98
CA LYS LA 85 -34.28 -39.63 -71.58
C LYS LA 85 -34.96 -40.83 -70.92
N ARG LA 86 -35.95 -40.57 -70.07
CA ARG LA 86 -36.65 -41.66 -69.40
C ARG LA 86 -37.45 -42.50 -70.39
N GLU LA 87 -38.07 -41.86 -71.37
CA GLU LA 87 -38.76 -42.62 -72.41
C GLU LA 87 -37.78 -43.49 -73.17
N GLU LA 88 -36.60 -42.96 -73.49
CA GLU LA 88 -35.58 -43.76 -74.16
C GLU LA 88 -35.16 -44.95 -73.30
N LEU LA 89 -34.97 -44.72 -72.01
CA LEU LA 89 -34.50 -45.79 -71.13
C LEU LA 89 -35.57 -46.86 -70.93
N SER LA 90 -36.84 -46.45 -70.81
CA SER LA 90 -37.91 -47.42 -70.76
C SER LA 90 -37.98 -48.21 -72.06
N ASN LA 91 -37.75 -47.55 -73.19
CA ASN LA 91 -37.76 -48.24 -74.47
C ASN LA 91 -36.67 -49.30 -74.54
N VAL LA 92 -35.45 -48.96 -74.12
CA VAL LA 92 -34.38 -49.95 -74.20
C VAL LA 92 -34.57 -51.05 -73.17
N LEU LA 93 -35.17 -50.73 -72.01
CA LEU LA 93 -35.50 -51.78 -71.06
C LEU LA 93 -36.52 -52.74 -71.64
N ALA LA 94 -37.54 -52.22 -72.31
CA ALA LA 94 -38.50 -53.08 -72.97
C ALA LA 94 -37.84 -53.89 -74.08
N ALA LA 95 -36.92 -53.26 -74.80
CA ALA LA 95 -36.24 -53.96 -75.90
C ALA LA 95 -35.43 -55.14 -75.38
N MET LA 96 -34.64 -54.92 -74.32
CA MET LA 96 -33.87 -56.02 -73.77
C MET LA 96 -34.77 -57.06 -73.12
N ARG LA 97 -35.89 -56.62 -72.53
CA ARG LA 97 -36.84 -57.56 -71.93
C ARG LA 97 -37.44 -58.49 -72.99
N LYS LA 98 -37.86 -57.93 -74.11
CA LYS LA 98 -38.45 -58.73 -75.17
C LYS LA 98 -37.39 -59.51 -75.94
N ALA LA 99 -36.15 -59.05 -75.95
CA ALA LA 99 -35.08 -59.83 -76.56
C ALA LA 99 -34.78 -61.07 -75.73
N ALA LA 100 -34.67 -60.91 -74.41
CA ALA LA 100 -34.48 -62.08 -73.55
C ALA LA 100 -35.75 -62.91 -73.42
N ALA LA 101 -36.90 -62.34 -73.80
CA ALA LA 101 -38.15 -63.10 -73.75
C ALA LA 101 -38.13 -64.26 -74.73
N LYS LA 102 -37.56 -64.04 -75.91
CA LYS LA 102 -37.49 -65.09 -76.93
C LYS LA 102 -36.10 -65.70 -76.99
N THR MA 1 25.57 12.20 -35.88
CA THR MA 1 24.83 13.26 -36.55
C THR MA 1 24.23 12.77 -37.86
N LYS MA 2 22.92 12.94 -38.00
CA LYS MA 2 22.23 12.56 -39.22
C LYS MA 2 22.42 13.58 -40.34
N GLY MA 3 23.03 14.72 -40.05
CA GLY MA 3 23.08 15.81 -41.01
C GLY MA 3 24.40 16.00 -41.71
N THR MA 4 25.11 17.08 -41.34
CA THR MA 4 26.33 17.45 -42.04
C THR MA 4 27.41 16.39 -41.89
N SER MA 5 27.56 15.83 -40.68
CA SER MA 5 28.58 14.81 -40.47
C SER MA 5 28.27 13.55 -41.25
N SER MA 6 26.98 13.28 -41.48
CA SER MA 6 26.61 12.08 -42.21
C SER MA 6 26.92 12.20 -43.70
N PHE MA 7 26.91 13.41 -44.24
CA PHE MA 7 27.23 13.60 -45.65
C PHE MA 7 28.69 13.31 -45.97
N GLY MA 8 29.53 13.13 -44.95
CA GLY MA 8 30.94 12.89 -45.15
C GLY MA 8 31.32 11.44 -45.40
N LYS MA 9 30.35 10.54 -45.51
CA LYS MA 9 30.65 9.13 -45.69
C LYS MA 9 30.30 8.61 -47.07
N ARG MA 10 29.54 9.36 -47.86
CA ARG MA 10 29.04 8.89 -49.15
C ARG MA 10 30.18 8.97 -50.18
N ARG MA 11 30.76 7.82 -50.50
CA ARG MA 11 31.93 7.77 -51.37
C ARG MA 11 31.92 6.54 -52.28
N ASN MA 12 30.80 5.84 -52.37
CA ASN MA 12 30.65 4.69 -53.27
C ASN MA 12 29.41 4.89 -54.11
N LYS MA 13 29.58 4.87 -55.42
CA LYS MA 13 28.47 5.16 -56.32
C LYS MA 13 27.52 3.97 -56.41
N THR MA 14 26.26 4.19 -56.06
CA THR MA 14 25.25 3.15 -56.25
C THR MA 14 24.89 2.99 -57.72
N HIS MA 15 24.66 4.10 -58.42
CA HIS MA 15 24.31 4.07 -59.82
C HIS MA 15 25.50 4.49 -60.68
N THR MA 16 25.49 4.00 -61.92
CA THR MA 16 26.44 4.37 -62.94
C THR MA 16 25.72 4.46 -64.27
N LEU MA 17 26.47 4.76 -65.32
CA LEU MA 17 25.88 4.87 -66.65
C LEU MA 17 25.39 3.52 -67.15
N CYS MA 18 24.21 3.53 -67.74
CA CYS MA 18 23.59 2.36 -68.36
C CYS MA 18 24.03 2.30 -69.81
N ARG MA 19 24.51 1.13 -70.25
CA ARG MA 19 25.00 1.00 -71.61
C ARG MA 19 23.87 1.14 -72.62
N ARG MA 20 22.65 0.79 -72.23
CA ARG MA 20 21.47 1.22 -72.96
C ARG MA 20 21.03 2.56 -72.39
N CYS MA 21 20.42 3.39 -73.24
CA CYS MA 21 19.80 4.67 -72.90
C CYS MA 21 20.80 5.68 -72.34
N GLY MA 22 22.05 5.28 -72.14
CA GLY MA 22 23.13 6.20 -71.81
C GLY MA 22 22.93 7.05 -70.59
N SER MA 23 22.08 6.63 -69.67
CA SER MA 23 21.79 7.43 -68.48
C SER MA 23 22.49 6.84 -67.26
N LYS MA 24 22.80 7.70 -66.30
CA LYS MA 24 23.44 7.28 -65.06
C LYS MA 24 22.38 6.83 -64.06
N ALA MA 25 21.73 5.72 -64.41
CA ALA MA 25 20.66 5.16 -63.59
C ALA MA 25 20.73 3.65 -63.50
N TYR MA 26 21.93 3.08 -63.67
CA TYR MA 26 22.11 1.64 -63.65
C TYR MA 26 22.49 1.24 -62.22
N HIS MA 27 21.58 0.58 -61.52
CA HIS MA 27 21.89 0.10 -60.17
C HIS MA 27 22.97 -0.97 -60.25
N LEU MA 28 24.16 -0.61 -59.77
CA LEU MA 28 25.28 -1.55 -59.81
C LEU MA 28 25.01 -2.78 -58.95
N GLN MA 29 24.39 -2.57 -57.79
CA GLN MA 29 24.15 -3.69 -56.89
C GLN MA 29 22.91 -4.46 -57.29
N LYS MA 30 22.18 -3.97 -58.30
CA LYS MA 30 21.05 -4.68 -58.86
C LYS MA 30 21.23 -5.05 -60.32
N SER MA 31 22.22 -4.48 -61.00
CA SER MA 31 22.52 -4.77 -62.39
C SER MA 31 21.32 -4.50 -63.29
N THR MA 32 20.61 -3.41 -63.01
CA THR MA 32 19.42 -3.05 -63.77
C THR MA 32 19.31 -1.54 -63.85
N CYS MA 33 18.88 -1.05 -65.01
CA CYS MA 33 18.63 0.37 -65.16
C CYS MA 33 17.32 0.74 -64.47
N GLY MA 34 17.34 1.81 -63.70
CA GLY MA 34 16.13 2.31 -63.10
C GLY MA 34 15.27 3.11 -64.03
N LYS MA 35 15.77 3.43 -65.23
CA LYS MA 35 15.03 4.24 -66.18
C LYS MA 35 14.61 3.46 -67.41
N CYS MA 36 15.48 2.59 -67.94
CA CYS MA 36 15.12 1.77 -69.09
C CYS MA 36 14.91 0.30 -68.73
N GLY MA 37 15.46 -0.16 -67.61
CA GLY MA 37 15.41 -1.57 -67.28
C GLY MA 37 16.16 -2.38 -68.31
N TYR MA 38 17.47 -2.19 -68.38
CA TYR MA 38 18.26 -2.77 -69.47
C TYR MA 38 18.17 -4.29 -69.56
N PRO MA 39 18.35 -5.07 -68.48
CA PRO MA 39 18.31 -6.53 -68.66
C PRO MA 39 16.99 -7.04 -69.20
N ALA MA 40 15.87 -6.41 -68.85
CA ALA MA 40 14.60 -6.75 -69.48
C ALA MA 40 14.62 -6.33 -70.94
N LYS MA 41 14.05 -7.18 -71.80
CA LYS MA 41 14.10 -6.90 -73.23
C LYS MA 41 13.32 -5.64 -73.58
N ARG MA 42 12.16 -5.44 -72.98
CA ARG MA 42 11.33 -4.30 -73.29
C ARG MA 42 11.69 -3.10 -72.42
N LYS MA 43 11.47 -1.91 -72.99
CA LYS MA 43 11.84 -0.68 -72.31
C LYS MA 43 10.89 -0.38 -71.15
N ARG MA 44 11.47 0.10 -70.05
CA ARG MA 44 10.69 0.61 -68.94
C ARG MA 44 9.95 1.85 -69.41
N LYS MA 45 8.63 1.72 -69.57
CA LYS MA 45 7.80 2.83 -69.97
C LYS MA 45 6.55 2.84 -69.10
N TYR MA 46 6.19 4.02 -68.62
CA TYR MA 46 5.00 4.18 -67.81
C TYR MA 46 4.23 5.43 -68.24
N ASN MA 47 2.91 5.32 -68.22
CA ASN MA 47 2.05 6.36 -68.75
C ASN MA 47 1.76 7.46 -67.74
N TRP MA 48 2.11 7.26 -66.48
CA TRP MA 48 1.78 8.23 -65.44
C TRP MA 48 2.80 9.35 -65.33
N SER MA 49 3.79 9.39 -66.22
CA SER MA 49 4.67 10.54 -66.37
C SER MA 49 4.82 10.81 -67.86
N ALA MA 50 3.89 11.58 -68.42
CA ALA MA 50 3.96 11.89 -69.84
C ALA MA 50 5.19 12.73 -70.17
N LYS MA 51 5.65 13.53 -69.20
CA LYS MA 51 6.91 14.24 -69.38
C LYS MA 51 8.05 13.26 -69.58
N ALA MA 52 8.04 12.17 -68.82
CA ALA MA 52 9.07 11.14 -69.00
C ALA MA 52 8.98 10.52 -70.38
N LYS MA 53 7.76 10.29 -70.88
CA LYS MA 53 7.62 9.73 -72.22
C LYS MA 53 8.19 10.69 -73.27
N ARG MA 54 7.80 11.95 -73.22
CA ARG MA 54 8.27 12.89 -74.22
C ARG MA 54 9.75 13.22 -74.06
N ARG MA 55 10.34 12.93 -72.90
CA ARG MA 55 11.78 13.07 -72.75
C ARG MA 55 12.54 12.04 -73.58
N ASN MA 56 11.93 10.89 -73.86
CA ASN MA 56 12.61 9.80 -74.53
C ASN MA 56 11.74 9.10 -75.56
N THR MA 57 10.75 9.79 -76.11
CA THR MA 57 9.93 9.19 -77.15
C THR MA 57 10.70 9.14 -78.47
N THR MA 58 10.08 8.52 -79.48
CA THR MA 58 10.64 8.55 -80.81
C THR MA 58 10.62 9.98 -81.34
N GLY MA 59 11.70 10.36 -82.02
CA GLY MA 59 11.88 11.72 -82.47
C GLY MA 59 12.72 12.57 -81.56
N THR MA 60 12.91 12.15 -80.31
CA THR MA 60 13.83 12.83 -79.41
C THR MA 60 15.28 12.65 -79.80
N GLY MA 61 15.59 11.66 -80.63
CA GLY MA 61 16.97 11.42 -81.03
C GLY MA 61 17.23 11.75 -82.47
N ARG MA 62 17.93 10.86 -83.18
CA ARG MA 62 18.38 11.18 -84.52
C ARG MA 62 17.40 10.73 -85.60
N MET MA 63 16.75 9.59 -85.39
CA MET MA 63 15.82 9.03 -86.39
C MET MA 63 16.51 8.85 -87.74
N ARG MA 64 17.67 8.19 -87.72
CA ARG MA 64 18.46 8.09 -88.94
C ARG MA 64 17.76 7.25 -90.00
N HIS MA 65 17.28 6.07 -89.63
CA HIS MA 65 16.54 5.24 -90.57
C HIS MA 65 15.13 5.76 -90.83
N LEU MA 66 14.52 6.37 -89.81
CA LEU MA 66 13.15 6.86 -89.96
C LEU MA 66 13.05 8.01 -90.95
N LYS MA 67 14.04 8.92 -90.95
CA LYS MA 67 14.02 10.02 -91.91
C LYS MA 67 14.13 9.50 -93.33
N ILE MA 68 15.00 8.52 -93.55
CA ILE MA 68 15.13 7.92 -94.86
C ILE MA 68 13.84 7.21 -95.26
N VAL MA 69 13.19 6.57 -94.29
CA VAL MA 69 11.91 5.94 -94.57
C VAL MA 69 10.88 6.97 -95.00
N TYR MA 70 10.80 8.08 -94.26
CA TYR MA 70 9.80 9.10 -94.56
C TYR MA 70 10.03 9.72 -95.93
N ARG MA 71 11.30 10.02 -96.26
CA ARG MA 71 11.55 10.62 -97.57
C ARG MA 71 11.24 9.63 -98.68
N ARG MA 72 11.65 8.38 -98.51
CA ARG MA 72 11.38 7.35 -99.51
C ARG MA 72 9.89 7.06 -99.64
N PHE MA 73 9.12 7.36 -98.60
CA PHE MA 73 7.69 7.09 -98.63
C PHE MA 73 6.98 7.94 -99.68
N ARG MA 74 7.59 9.06 -100.07
CA ARG MA 74 7.02 9.96 -101.05
C ARG MA 74 7.30 9.53 -102.48
N HIS MA 75 8.08 8.47 -102.70
CA HIS MA 75 8.28 7.93 -104.04
C HIS MA 75 8.05 6.42 -104.09
N GLY MA 76 7.07 5.92 -103.34
CA GLY MA 76 6.70 4.53 -103.42
C GLY MA 76 7.72 3.55 -102.92
N PHE MA 77 8.72 4.03 -102.17
CA PHE MA 77 9.82 3.20 -101.69
C PHE MA 77 10.53 2.51 -102.84
N ARG MA 78 10.73 3.24 -103.93
CA ARG MA 78 11.37 2.68 -105.11
C ARG MA 78 12.82 2.30 -104.81
N GLU MA 79 13.31 1.27 -105.50
CA GLU MA 79 14.69 0.83 -105.39
C GLU MA 79 15.14 0.34 -106.76
N GLY MA 80 16.43 0.02 -106.85
CA GLY MA 80 16.98 -0.57 -108.06
C GLY MA 80 16.90 0.31 -109.28
N THR MA 81 16.72 1.61 -109.11
CA THR MA 81 16.51 2.52 -110.22
C THR MA 81 17.31 3.81 -109.97
N THR MA 82 17.51 4.55 -111.05
CA THR MA 82 18.19 5.83 -111.02
C THR MA 82 17.45 6.79 -111.94
N PRO MA 83 17.57 8.09 -111.70
CA PRO MA 83 17.04 9.06 -112.67
C PRO MA 83 17.73 8.94 -114.02
N LYS MA 84 17.06 9.44 -115.05
CA LYS MA 84 17.55 9.35 -116.42
C LYS MA 84 18.86 10.12 -116.58
N PRO MA 85 19.92 9.49 -117.07
CA PRO MA 85 21.21 10.19 -117.23
C PRO MA 85 21.10 11.32 -118.24
N LYS MA 86 21.93 12.35 -118.04
CA LYS MA 86 21.89 13.53 -118.87
C LYS MA 86 22.76 13.37 -120.11
N PRO NA 1 74.89 -12.29 -63.58
CA PRO NA 1 76.33 -12.39 -63.80
C PRO NA 1 76.87 -13.71 -63.30
N ARG NA 2 77.64 -14.41 -64.13
CA ARG NA 2 78.20 -15.69 -63.74
C ARG NA 2 79.71 -15.57 -63.58
N LYS NA 3 80.20 -16.01 -62.44
CA LYS NA 3 81.61 -15.90 -62.11
C LYS NA 3 82.32 -17.06 -62.78
N ILE NA 4 83.10 -16.76 -63.82
CA ILE NA 4 83.92 -17.78 -64.46
C ILE NA 4 85.10 -18.06 -63.56
N GLU NA 5 85.31 -19.34 -63.24
CA GLU NA 5 86.35 -19.68 -62.27
C GLU NA 5 87.73 -19.72 -62.93
N GLU NA 6 87.94 -20.64 -63.87
CA GLU NA 6 89.25 -20.83 -64.43
C GLU NA 6 89.32 -20.31 -65.86
N ILE NA 7 90.52 -20.38 -66.42
CA ILE NA 7 90.81 -19.69 -67.67
C ILE NA 7 90.13 -20.37 -68.85
N LYS NA 8 90.12 -21.71 -68.86
CA LYS NA 8 89.64 -22.45 -70.03
C LYS NA 8 88.16 -22.20 -70.27
N ASP NA 9 87.37 -22.15 -69.21
CA ASP NA 9 85.95 -21.85 -69.35
C ASP NA 9 85.73 -20.49 -69.98
N PHE NA 10 86.51 -19.50 -69.54
CA PHE NA 10 86.42 -18.17 -70.14
C PHE NA 10 86.79 -18.22 -71.61
N LEU NA 11 87.80 -19.02 -71.96
CA LEU NA 11 88.20 -19.11 -73.35
C LEU NA 11 87.07 -19.65 -74.23
N LEU NA 12 86.50 -20.80 -73.87
CA LEU NA 12 85.49 -21.30 -74.81
C LEU NA 12 84.15 -20.59 -74.66
N THR NA 13 83.92 -19.87 -73.57
CA THR NA 13 82.74 -19.02 -73.49
C THR NA 13 82.91 -17.81 -74.39
N ALA NA 14 84.14 -17.26 -74.46
CA ALA NA 14 84.40 -16.12 -75.33
C ALA NA 14 84.20 -16.49 -76.79
N ARG NA 15 84.35 -17.77 -77.13
CA ARG NA 15 84.17 -18.25 -78.49
C ARG NA 15 82.75 -18.70 -78.78
N ARG NA 16 81.83 -18.52 -77.83
CA ARG NA 16 80.44 -18.81 -78.09
C ARG NA 16 79.89 -17.85 -79.13
N LYS NA 17 78.89 -18.32 -79.88
CA LYS NA 17 78.41 -17.56 -81.02
C LYS NA 17 77.62 -16.34 -80.58
N ASP NA 18 77.07 -16.36 -79.37
CA ASP NA 18 76.31 -15.24 -78.85
C ASP NA 18 77.18 -14.19 -78.16
N ALA NA 19 78.50 -14.30 -78.28
CA ALA NA 19 79.41 -13.35 -77.62
C ALA NA 19 79.30 -11.99 -78.30
N LYS NA 20 78.78 -11.01 -77.57
CA LYS NA 20 78.66 -9.66 -78.09
C LYS NA 20 79.98 -8.90 -77.97
N SER NA 21 80.48 -8.75 -76.75
CA SER NA 21 81.74 -8.05 -76.50
C SER NA 21 82.27 -8.50 -75.16
N VAL NA 22 83.56 -8.28 -74.95
CA VAL NA 22 84.20 -8.56 -73.68
C VAL NA 22 84.80 -7.27 -73.15
N LYS NA 23 84.64 -7.04 -71.85
CA LYS NA 23 85.10 -5.82 -71.20
C LYS NA 23 86.18 -6.16 -70.19
N ILE NA 24 87.17 -5.30 -70.08
CA ILE NA 24 88.32 -5.50 -69.20
C ILE NA 24 88.40 -4.33 -68.23
N LYS NA 25 88.43 -4.65 -66.94
CA LYS NA 25 88.50 -3.67 -65.87
C LYS NA 25 89.77 -3.93 -65.08
N LYS NA 26 90.71 -2.99 -65.12
CA LYS NA 26 92.01 -3.16 -64.48
C LYS NA 26 91.91 -2.56 -63.09
N ASN NA 27 91.39 -3.34 -62.15
CA ASN NA 27 91.21 -2.86 -60.79
C ASN NA 27 92.55 -2.77 -60.09
N LYS NA 28 92.53 -2.27 -58.85
CA LYS NA 28 93.76 -2.04 -58.11
C LYS NA 28 94.53 -3.33 -57.88
N ASP NA 29 93.84 -4.38 -57.47
CA ASP NA 29 94.50 -5.63 -57.13
C ASP NA 29 94.32 -6.71 -58.17
N ASN NA 30 93.33 -6.59 -59.05
CA ASN NA 30 93.01 -7.65 -59.98
C ASN NA 30 92.58 -7.05 -61.31
N VAL NA 31 92.51 -7.90 -62.32
CA VAL NA 31 91.96 -7.54 -63.63
C VAL NA 31 90.76 -8.43 -63.88
N LYS NA 32 89.64 -7.82 -64.21
CA LYS NA 32 88.41 -8.54 -64.48
C LYS NA 32 88.13 -8.52 -65.97
N PHE NA 33 87.74 -9.67 -66.51
CA PHE NA 33 87.36 -9.80 -67.91
C PHE NA 33 85.87 -10.05 -67.95
N LYS NA 34 85.14 -9.25 -68.71
CA LYS NA 34 83.69 -9.20 -68.65
C LYS NA 34 83.14 -9.42 -70.05
N VAL NA 35 82.89 -10.67 -70.40
CA VAL NA 35 82.29 -11.01 -71.69
C VAL NA 35 80.78 -11.00 -71.52
N ARG NA 36 80.10 -10.36 -72.47
CA ARG NA 36 78.67 -10.16 -72.40
C ARG NA 36 77.99 -11.13 -73.36
N CYS NA 37 77.35 -12.15 -72.81
CA CYS NA 37 76.68 -13.15 -73.60
C CYS NA 37 75.19 -12.85 -73.69
N SER NA 38 74.42 -13.80 -74.21
CA SER NA 38 72.99 -13.61 -74.36
C SER NA 38 72.29 -13.54 -73.02
N ARG NA 39 72.66 -14.41 -72.08
CA ARG NA 39 71.93 -14.52 -70.82
C ARG NA 39 72.68 -13.96 -69.62
N TYR NA 40 73.98 -14.17 -69.53
CA TYR NA 40 74.74 -13.73 -68.37
C TYR NA 40 75.99 -12.97 -68.80
N LEU NA 41 76.38 -12.02 -67.97
CA LEU NA 41 77.69 -11.37 -68.09
C LEU NA 41 78.71 -12.22 -67.36
N TYR NA 42 79.46 -13.01 -68.11
CA TYR NA 42 80.43 -13.93 -67.54
C TYR NA 42 81.69 -13.16 -67.16
N THR NA 43 82.07 -13.24 -65.89
CA THR NA 43 83.16 -12.46 -65.34
C THR NA 43 84.26 -13.38 -64.86
N LEU NA 44 85.49 -13.07 -65.25
CA LEU NA 44 86.67 -13.80 -64.80
C LEU NA 44 87.58 -12.83 -64.05
N VAL NA 45 88.09 -13.28 -62.90
CA VAL NA 45 88.95 -12.46 -62.05
C VAL NA 45 90.37 -12.99 -62.14
N ILE NA 46 91.30 -12.13 -62.50
CA ILE NA 46 92.72 -12.48 -62.57
C ILE NA 46 93.47 -11.59 -61.60
N THR NA 47 94.22 -12.20 -60.68
CA THR NA 47 94.92 -11.44 -59.66
C THR NA 47 96.17 -10.77 -60.21
N ASP NA 48 97.06 -11.53 -60.84
CA ASP NA 48 98.31 -10.98 -61.33
C ASP NA 48 98.06 -10.29 -62.67
N LYS NA 49 99.09 -9.70 -63.25
CA LYS NA 49 98.96 -8.94 -64.49
C LYS NA 49 99.47 -9.67 -65.71
N GLU NA 50 100.52 -10.49 -65.56
CA GLU NA 50 101.12 -11.15 -66.71
C GLU NA 50 100.15 -12.14 -67.36
N LYS NA 51 99.42 -12.91 -66.55
CA LYS NA 51 98.41 -13.80 -67.10
C LYS NA 51 97.30 -13.01 -67.78
N ALA NA 52 96.93 -11.87 -67.20
CA ALA NA 52 95.93 -11.03 -67.83
C ALA NA 52 96.39 -10.54 -69.19
N GLU NA 53 97.67 -10.16 -69.30
CA GLU NA 53 98.20 -9.72 -70.58
C GLU NA 53 98.22 -10.86 -71.59
N LYS NA 54 98.66 -12.05 -71.17
CA LYS NA 54 98.69 -13.20 -72.05
C LYS NA 54 97.28 -13.54 -72.53
N LEU NA 55 96.30 -13.45 -71.64
CA LEU NA 55 94.90 -13.61 -72.04
C LEU NA 55 94.50 -12.55 -73.04
N LYS NA 56 94.93 -11.31 -72.82
CA LYS NA 56 94.59 -10.21 -73.71
C LYS NA 56 95.06 -10.50 -75.13
N GLN NA 57 96.29 -11.01 -75.28
CA GLN NA 57 96.74 -11.37 -76.61
C GLN NA 57 96.25 -12.73 -77.07
N SER NA 58 95.62 -13.51 -76.21
CA SER NA 58 95.04 -14.78 -76.64
C SER NA 58 93.52 -14.72 -76.83
N LEU NA 59 92.93 -13.53 -76.82
CA LEU NA 59 91.51 -13.41 -77.05
C LEU NA 59 91.17 -13.78 -78.50
N PRO NA 60 90.02 -14.42 -78.73
CA PRO NA 60 89.66 -14.79 -80.10
C PRO NA 60 89.37 -13.57 -80.93
N PRO NA 61 89.65 -13.60 -82.22
CA PRO NA 61 89.43 -12.44 -83.08
C PRO NA 61 87.94 -12.28 -83.35
N GLY NA 62 87.59 -11.12 -83.92
CA GLY NA 62 86.20 -10.83 -84.22
C GLY NA 62 85.34 -10.53 -83.01
N LEU NA 63 85.95 -10.06 -81.92
CA LEU NA 63 85.20 -9.70 -80.73
C LEU NA 63 85.72 -8.37 -80.20
N ALA NA 64 84.81 -7.51 -79.76
CA ALA NA 64 85.21 -6.23 -79.18
C ALA NA 64 85.94 -6.45 -77.87
N VAL NA 65 87.01 -5.68 -77.67
CA VAL NA 65 87.93 -5.88 -76.54
C VAL NA 65 87.91 -4.58 -75.74
N LYS NA 66 86.71 -4.00 -75.62
CA LYS NA 66 86.53 -2.71 -74.98
C LYS NA 66 87.21 -2.64 -73.61
N GLU NA 67 88.08 -1.64 -73.46
CA GLU NA 67 88.73 -1.37 -72.19
C GLU NA 67 87.91 -0.38 -71.39
N LEU NA 68 87.82 -0.60 -70.08
CA LEU NA 68 87.08 0.26 -69.19
C LEU NA 68 87.92 1.40 -68.61
N LYS NA 69 89.18 1.51 -69.03
CA LYS NA 69 90.09 2.51 -68.48
C LYS NA 69 90.72 3.36 -69.59
N SER OA 1 40.22 9.32 -58.80
CA SER OA 1 40.78 7.98 -58.76
C SER OA 1 41.64 7.71 -59.99
N SER OA 2 42.87 7.24 -59.76
CA SER OA 2 43.74 6.94 -60.89
C SER OA 2 43.24 5.74 -61.67
N HIS OA 3 42.78 4.70 -60.98
CA HIS OA 3 42.13 3.57 -61.63
C HIS OA 3 40.84 4.05 -62.25
N LYS OA 4 40.62 3.70 -63.51
CA LYS OA 4 39.44 4.15 -64.23
C LYS OA 4 39.25 3.27 -65.46
N THR OA 5 37.99 3.12 -65.87
CA THR OA 5 37.64 2.28 -67.00
C THR OA 5 37.81 3.05 -68.30
N PHE OA 6 37.80 2.29 -69.41
CA PHE OA 6 37.98 2.91 -70.72
C PHE OA 6 36.85 3.87 -71.04
N ARG OA 7 35.61 3.45 -70.80
CA ARG OA 7 34.47 4.28 -71.18
C ARG OA 7 34.45 5.58 -70.38
N ILE OA 8 34.74 5.49 -69.08
CA ILE OA 8 34.75 6.67 -68.23
C ILE OA 8 35.85 7.63 -68.67
N LYS OA 9 37.03 7.08 -68.98
CA LYS OA 9 38.13 7.91 -69.47
C LYS OA 9 37.75 8.62 -70.76
N ARG OA 10 37.09 7.90 -71.67
CA ARG OA 10 36.66 8.52 -72.92
C ARG OA 10 35.64 9.63 -72.65
N PHE OA 11 34.72 9.39 -71.72
CA PHE OA 11 33.73 10.40 -71.39
C PHE OA 11 34.39 11.65 -70.85
N LEU OA 12 35.36 11.47 -69.94
CA LEU OA 12 36.10 12.62 -69.43
C LEU OA 12 36.87 13.30 -70.53
N ALA OA 13 37.37 12.55 -71.51
CA ALA OA 13 38.06 13.16 -72.64
C ALA OA 13 37.12 14.07 -73.42
N LYS OA 14 35.91 13.59 -73.70
CA LYS OA 14 34.96 14.41 -74.43
C LYS OA 14 34.60 15.64 -73.63
N LYS OA 15 34.42 15.47 -72.31
CA LYS OA 15 34.09 16.61 -71.47
C LYS OA 15 35.21 17.65 -71.45
N GLN OA 16 36.46 17.19 -71.43
CA GLN OA 16 37.57 18.13 -71.53
C GLN OA 16 37.56 18.85 -72.86
N LYS OA 17 37.30 18.12 -73.95
CA LYS OA 17 37.35 18.74 -75.27
C LYS OA 17 36.27 19.80 -75.42
N GLN OA 18 35.06 19.53 -74.95
CA GLN OA 18 33.96 20.45 -75.22
C GLN OA 18 33.84 21.57 -74.17
N ASN OA 19 34.85 21.74 -73.30
CA ASN OA 19 34.86 22.86 -72.37
C ASN OA 19 36.01 23.79 -72.74
N ARG OA 20 35.70 24.77 -73.57
CA ARG OA 20 36.71 25.66 -74.12
C ARG OA 20 36.01 26.93 -74.60
N PRO OA 21 36.74 28.05 -74.73
CA PRO OA 21 36.10 29.28 -75.19
C PRO OA 21 35.66 29.18 -76.64
N ILE OA 22 34.64 29.97 -76.97
CA ILE OA 22 34.10 30.01 -78.32
C ILE OA 22 35.14 30.60 -79.27
N PRO OA 23 35.16 30.19 -80.53
CA PRO OA 23 36.06 30.82 -81.48
C PRO OA 23 35.72 32.29 -81.68
N GLN OA 24 36.75 33.08 -81.92
CA GLN OA 24 36.59 34.53 -82.05
C GLN OA 24 35.78 34.88 -83.28
N TRP OA 25 36.01 34.18 -84.39
CA TRP OA 25 35.35 34.50 -85.65
C TRP OA 25 33.88 34.11 -85.67
N ILE OA 26 33.39 33.42 -84.62
CA ILE OA 26 31.98 33.10 -84.55
C ILE OA 26 31.15 34.37 -84.47
N ARG OA 27 31.59 35.35 -83.67
CA ARG OA 27 30.86 36.60 -83.53
C ARG OA 27 30.77 37.37 -84.85
N MET OA 28 31.74 37.19 -85.73
CA MET OA 28 31.75 37.91 -86.99
C MET OA 28 30.74 37.35 -87.99
N LYS OA 29 30.14 36.20 -87.69
CA LYS OA 29 29.18 35.61 -88.61
C LYS OA 29 27.88 36.41 -88.62
N THR OA 30 27.17 36.31 -89.74
CA THR OA 30 25.91 37.02 -89.90
C THR OA 30 24.85 36.38 -89.01
N GLY OA 31 24.15 37.21 -88.24
CA GLY OA 31 23.09 36.73 -87.39
C GLY OA 31 23.59 35.84 -86.27
N ASN OA 32 24.64 36.28 -85.57
CA ASN OA 32 25.23 35.48 -84.51
C ASN OA 32 24.25 35.21 -83.37
N LYS OA 33 23.89 36.25 -82.62
CA LYS OA 33 23.09 36.16 -81.41
C LYS OA 33 23.69 35.21 -80.38
N ILE OA 34 25.00 34.97 -80.44
CA ILE OA 34 25.70 34.18 -79.44
C ILE OA 34 26.81 35.06 -78.87
N ARG OA 35 26.81 35.22 -77.55
CA ARG OA 35 27.74 36.11 -76.86
C ARG OA 35 28.98 35.38 -76.35
N TYR OA 36 28.80 34.26 -75.67
CA TYR OA 36 29.92 33.43 -75.22
C TYR OA 36 29.37 32.07 -74.87
N ASN OA 37 30.26 31.15 -74.55
CA ASN OA 37 29.86 29.77 -74.25
C ASN OA 37 29.09 29.76 -72.94
N SER OA 38 27.78 29.60 -73.03
CA SER OA 38 26.93 29.46 -71.85
C SER OA 38 27.10 28.11 -71.17
N LYS OA 39 27.79 27.16 -71.81
CA LYS OA 39 27.89 25.80 -71.33
C LYS OA 39 29.22 25.52 -70.63
N ARG OA 40 29.98 26.55 -70.31
CA ARG OA 40 31.29 26.35 -69.69
C ARG OA 40 31.11 25.70 -68.33
N ARG OA 41 31.99 24.74 -68.03
CA ARG OA 41 31.91 23.96 -66.82
C ARG OA 41 33.23 24.05 -66.07
N HIS OA 42 33.15 24.30 -64.78
CA HIS OA 42 34.33 24.35 -63.92
C HIS OA 42 34.37 23.14 -63.01
N TRP OA 43 35.57 22.64 -62.77
CA TRP OA 43 35.76 21.46 -61.94
C TRP OA 43 35.34 21.67 -60.49
N ARG OA 44 35.31 22.91 -60.01
CA ARG OA 44 34.94 23.18 -58.63
C ARG OA 44 33.50 23.63 -58.46
N ARG OA 45 32.97 24.39 -59.41
CA ARG OA 45 31.63 24.95 -59.26
C ARG OA 45 30.58 23.86 -59.33
N THR OA 46 30.51 23.16 -60.46
CA THR OA 46 29.57 22.06 -60.65
C THR OA 46 30.35 20.79 -60.90
N LYS OA 47 29.74 19.65 -60.58
CA LYS OA 47 30.36 18.36 -60.76
C LYS OA 47 29.71 17.64 -61.92
N LEU OA 48 30.47 16.74 -62.55
CA LEU OA 48 29.97 16.04 -63.73
C LEU OA 48 28.84 15.10 -63.34
N GLY OA 49 28.05 14.73 -64.34
CA GLY OA 49 26.82 13.99 -64.09
C GLY OA 49 27.06 12.64 -63.45
N LEU OA 50 28.09 11.94 -63.91
CA LEU OA 50 28.44 10.66 -63.29
C LEU OA 50 29.00 10.90 -61.90
N ILE PA 1 5.74 66.35 48.96
CA ILE PA 1 4.30 66.30 49.15
C ILE PA 1 3.65 67.58 48.62
N ILE PA 2 2.36 67.49 48.29
CA ILE PA 2 1.59 68.61 47.80
C ILE PA 2 0.39 68.80 48.71
N GLU PA 3 0.21 70.02 49.21
CA GLU PA 3 -0.92 70.31 50.07
C GLU PA 3 -2.22 70.26 49.29
N PRO PA 4 -3.35 70.02 49.96
CA PRO PA 4 -4.60 69.73 49.23
C PRO PA 4 -5.07 70.83 48.29
N SER PA 5 -4.88 72.11 48.61
CA SER PA 5 -5.42 73.14 47.73
C SER PA 5 -4.58 73.27 46.46
N LEU PA 6 -3.25 73.23 46.60
CA LEU PA 6 -2.41 73.19 45.40
C LEU PA 6 -2.67 71.92 44.59
N ARG PA 7 -2.92 70.80 45.27
CA ARG PA 7 -3.24 69.57 44.56
C ARG PA 7 -4.55 69.69 43.80
N GLN PA 8 -5.53 70.37 44.38
CA GLN PA 8 -6.78 70.63 43.67
C GLN PA 8 -6.55 71.54 42.47
N LEU PA 9 -5.70 72.54 42.64
CA LEU PA 9 -5.35 73.41 41.51
C LEU PA 9 -4.72 72.61 40.38
N ALA PA 10 -3.79 71.72 40.71
CA ALA PA 10 -3.16 70.89 39.69
C ALA PA 10 -4.17 69.96 39.03
N GLN PA 11 -5.06 69.36 39.83
CA GLN PA 11 -6.08 68.48 39.28
C GLN PA 11 -7.03 69.22 38.35
N LYS PA 12 -7.26 70.50 38.57
CA LYS PA 12 -8.11 71.26 37.67
C LYS PA 12 -7.53 71.29 36.26
N TYR PA 13 -6.22 71.49 36.14
CA TYR PA 13 -5.58 71.48 34.83
C TYR PA 13 -5.19 70.08 34.37
N ASN PA 14 -5.28 69.08 35.24
CA ASN PA 14 -4.76 67.76 34.90
C ASN PA 14 -5.77 66.62 35.05
N CYS PA 15 -6.76 66.76 35.93
CA CYS PA 15 -7.70 65.67 36.12
C CYS PA 15 -9.13 66.12 35.91
N ASP PA 16 -9.44 67.37 36.25
CA ASP PA 16 -10.80 67.89 36.13
C ASP PA 16 -11.05 68.21 34.66
N LYS PA 17 -11.41 67.16 33.91
CA LYS PA 17 -11.50 67.27 32.46
C LYS PA 17 -12.47 66.21 31.93
N MET PA 18 -12.86 66.37 30.68
CA MET PA 18 -13.75 65.44 29.99
C MET PA 18 -13.03 64.84 28.79
N ILE PA 19 -13.39 63.61 28.45
CA ILE PA 19 -12.73 62.87 27.38
C ILE PA 19 -13.79 62.44 26.35
N CYS PA 20 -13.47 62.65 25.08
CA CYS PA 20 -14.34 62.22 24.00
C CYS PA 20 -14.20 60.73 23.77
N ARG PA 21 -15.33 60.02 23.74
CA ARG PA 21 -15.28 58.58 23.48
C ARG PA 21 -14.81 58.26 22.06
N LYS PA 22 -15.03 59.16 21.11
CA LYS PA 22 -14.67 58.87 19.73
C LYS PA 22 -13.25 59.25 19.40
N CYS PA 23 -12.77 60.41 19.88
CA CYS PA 23 -11.46 60.89 19.48
C CYS PA 23 -10.54 61.22 20.65
N TYR PA 24 -10.91 60.81 21.87
CA TYR PA 24 -10.08 60.96 23.06
C TYR PA 24 -9.68 62.40 23.35
N ALA PA 25 -10.49 63.36 22.91
CA ALA PA 25 -10.16 64.77 23.11
C ALA PA 25 -10.24 65.15 24.57
N ARG PA 26 -9.31 65.99 25.00
CA ARG PA 26 -9.26 66.49 26.37
C ARG PA 26 -10.04 67.81 26.44
N LEU PA 27 -11.12 67.82 27.19
CA LEU PA 27 -12.04 68.95 27.21
C LEU PA 27 -12.27 69.44 28.64
N HIS PA 28 -12.80 70.65 28.76
CA HIS PA 28 -13.09 71.22 30.06
C HIS PA 28 -14.21 70.43 30.73
N PRO PA 29 -14.30 70.46 32.06
CA PRO PA 29 -15.29 69.62 32.75
C PRO PA 29 -16.73 69.94 32.41
N ARG PA 30 -17.03 71.14 31.90
CA ARG PA 30 -18.38 71.48 31.50
C ARG PA 30 -18.63 71.27 30.02
N ALA PA 31 -17.81 70.46 29.35
CA ALA PA 31 -18.02 70.22 27.93
C ALA PA 31 -19.28 69.41 27.69
N VAL PA 32 -19.96 69.72 26.59
CA VAL PA 32 -21.17 69.00 26.19
C VAL PA 32 -20.99 68.31 24.85
N ASN PA 33 -20.40 69.01 23.88
CA ASN PA 33 -20.11 68.44 22.57
C ASN PA 33 -18.64 68.66 22.27
N CYS PA 34 -18.02 67.67 21.65
CA CYS PA 34 -16.58 67.72 21.41
C CYS PA 34 -16.25 68.84 20.42
N ARG PA 35 -15.13 69.52 20.67
CA ARG PA 35 -14.74 70.66 19.87
C ARG PA 35 -14.02 70.25 18.60
N LYS PA 36 -13.84 68.96 18.35
CA LYS PA 36 -12.99 68.49 17.28
C LYS PA 36 -13.83 67.99 16.11
N LYS PA 37 -13.41 68.37 14.91
CA LYS PA 37 -14.15 68.07 13.69
C LYS PA 37 -14.14 66.58 13.37
N LYS PA 38 -13.00 65.92 13.58
CA LYS PA 38 -12.82 64.56 13.07
C LYS PA 38 -13.74 63.56 13.72
N CYS PA 39 -14.25 63.84 14.92
CA CYS PA 39 -15.27 63.00 15.53
C CYS PA 39 -16.66 63.50 15.24
N GLY PA 40 -16.79 64.51 14.38
CA GLY PA 40 -18.11 65.06 14.07
C GLY PA 40 -18.70 65.88 15.18
N HIS PA 41 -17.86 66.40 16.09
CA HIS PA 41 -18.31 67.17 17.24
C HIS PA 41 -19.33 66.39 18.07
N THR PA 42 -19.00 65.13 18.33
CA THR PA 42 -19.92 64.23 19.02
C THR PA 42 -20.07 64.63 20.49
N ASN PA 43 -21.14 64.13 21.09
CA ASN PA 43 -21.44 64.32 22.50
C ASN PA 43 -21.29 63.05 23.33
N ASN PA 44 -20.76 61.98 22.74
CA ASN PA 44 -20.49 60.76 23.50
C ASN PA 44 -19.25 61.01 24.33
N LEU PA 45 -19.46 61.56 25.52
CA LEU PA 45 -18.36 62.02 26.36
C LEU PA 45 -18.33 61.24 27.67
N ARG PA 46 -17.13 61.03 28.18
CA ARG PA 46 -16.92 60.38 29.46
C ARG PA 46 -16.05 61.28 30.32
N PRO PA 47 -16.24 61.24 31.63
CA PRO PA 47 -15.29 61.91 32.53
C PRO PA 47 -13.95 61.19 32.49
N LYS PA 48 -12.89 61.98 32.68
CA LYS PA 48 -11.56 61.40 32.69
C LYS PA 48 -11.37 60.54 33.93
N LYS PA 49 -10.88 59.33 33.73
CA LYS PA 49 -10.75 58.38 34.83
C LYS PA 49 -9.70 58.86 35.82
N LYS PA 50 -10.01 58.73 37.10
CA LYS PA 50 -9.14 59.21 38.16
C LYS PA 50 -8.16 58.11 38.57
N VAL PA 51 -7.11 58.51 39.29
CA VAL PA 51 -6.15 57.54 39.82
C VAL PA 51 -6.76 56.64 40.88
N LYS PA 52 -7.91 57.01 41.42
CA LYS PA 52 -8.53 56.27 42.50
C LYS PA 52 -8.94 54.87 42.05
N MET QA 1 6.04 -28.14 28.07
CA MET QA 1 6.19 -28.60 26.71
C MET QA 1 7.02 -29.87 26.62
N ARG QA 2 6.89 -30.57 25.49
CA ARG QA 2 7.86 -31.60 25.13
C ARG QA 2 9.20 -30.95 24.86
N ALA QA 3 10.27 -31.65 25.23
CA ALA QA 3 11.61 -31.07 25.08
C ALA QA 3 11.93 -30.80 23.63
N LYS QA 4 11.52 -31.71 22.73
CA LYS QA 4 11.79 -31.54 21.32
C LYS QA 4 11.14 -30.27 20.79
N TRP QA 5 9.90 -30.00 21.19
CA TRP QA 5 9.24 -28.80 20.74
C TRP QA 5 9.87 -27.55 21.34
N ARG QA 6 10.37 -27.63 22.58
CA ARG QA 6 11.09 -26.49 23.13
C ARG QA 6 12.34 -26.19 22.33
N LYS QA 7 13.08 -27.23 21.94
CA LYS QA 7 14.26 -27.00 21.12
C LYS QA 7 13.88 -26.43 19.76
N LYS QA 8 12.76 -26.88 19.20
CA LYS QA 8 12.29 -26.32 17.93
C LYS QA 8 11.95 -24.84 18.06
N ARG QA 9 11.24 -24.48 19.14
CA ARG QA 9 10.95 -23.08 19.43
C ARG QA 9 12.24 -22.29 19.56
N MET QA 10 13.23 -22.86 20.22
CA MET QA 10 14.50 -22.17 20.40
C MET QA 10 15.22 -21.97 19.07
N ARG QA 11 15.17 -22.97 18.19
CA ARG QA 11 15.78 -22.79 16.87
C ARG QA 11 15.08 -21.70 16.08
N ARG QA 12 13.75 -21.66 16.15
CA ARG QA 12 13.00 -20.61 15.46
C ARG QA 12 13.41 -19.24 15.98
N LEU QA 13 13.49 -19.11 17.31
CA LEU QA 13 13.88 -17.84 17.91
C LEU QA 13 15.32 -17.49 17.54
N LYS QA 14 16.20 -18.48 17.44
CA LYS QA 14 17.58 -18.23 17.04
C LYS QA 14 17.64 -17.69 15.63
N ARG QA 15 16.88 -18.28 14.71
CA ARG QA 15 16.86 -17.78 13.34
C ARG QA 15 16.32 -16.36 13.30
N LYS QA 16 15.28 -16.08 14.07
CA LYS QA 16 14.75 -14.73 14.12
C LYS QA 16 15.78 -13.74 14.64
N ARG QA 17 16.52 -14.14 15.69
CA ARG QA 17 17.56 -13.29 16.25
C ARG QA 17 18.66 -13.03 15.23
N ARG QA 18 19.05 -14.07 14.49
CA ARG QA 18 20.08 -13.91 13.47
C ARG QA 18 19.62 -12.94 12.40
N LYS QA 19 18.36 -13.05 11.97
CA LYS QA 19 17.81 -12.12 11.00
C LYS QA 19 17.83 -10.69 11.54
N MET QA 20 17.44 -10.51 12.79
CA MET QA 20 17.39 -9.18 13.36
C MET QA 20 18.78 -8.57 13.46
N ARG QA 21 19.77 -9.35 13.88
CA ARG QA 21 21.13 -8.82 13.95
C ARG QA 21 21.70 -8.55 12.57
N GLN QA 22 21.38 -9.41 11.60
CA GLN QA 22 21.87 -9.19 10.25
C GLN QA 22 21.26 -7.95 9.63
N ARG QA 23 20.01 -7.64 9.94
CA ARG QA 23 19.38 -6.43 9.40
C ARG QA 23 20.16 -5.19 9.80
N SER QA 24 20.85 -5.22 10.94
CA SER QA 24 21.71 -4.12 11.33
C SER QA 24 22.99 -4.11 10.49
N VAL RA 1 -55.52 -6.98 -21.34
CA VAL RA 1 -56.97 -6.97 -21.26
C VAL RA 1 -57.55 -8.33 -21.65
N ASN RA 2 -58.87 -8.43 -21.56
CA ASN RA 2 -59.59 -9.61 -22.01
C ASN RA 2 -60.63 -9.19 -23.04
N VAL RA 3 -60.75 -9.97 -24.10
CA VAL RA 3 -61.79 -9.75 -25.10
C VAL RA 3 -62.51 -11.08 -25.29
N PRO RA 4 -63.79 -11.06 -25.64
CA PRO RA 4 -64.51 -12.32 -25.85
C PRO RA 4 -63.98 -13.06 -27.06
N LYS RA 5 -64.08 -14.38 -26.99
CA LYS RA 5 -63.72 -15.21 -28.13
C LYS RA 5 -64.71 -15.06 -29.28
N THR RA 6 -65.88 -14.49 -29.03
CA THR RA 6 -66.86 -14.23 -30.07
C THR RA 6 -67.48 -12.87 -29.86
N ARG RA 7 -67.91 -12.25 -30.95
CA ARG RA 7 -68.62 -10.98 -30.86
C ARG RA 7 -69.48 -10.83 -32.09
N ARG RA 8 -70.56 -10.06 -31.94
CA ARG RA 8 -71.46 -9.76 -33.03
C ARG RA 8 -71.13 -8.37 -33.56
N THR RA 9 -70.45 -8.32 -34.70
CA THR RA 9 -70.09 -7.07 -35.33
C THR RA 9 -70.54 -7.12 -36.78
N PHE RA 10 -70.42 -5.98 -37.46
CA PHE RA 10 -70.76 -5.90 -38.87
C PHE RA 10 -69.88 -6.83 -39.68
N CYS RA 11 -70.46 -7.46 -40.69
CA CYS RA 11 -69.71 -8.26 -41.66
C CYS RA 11 -69.80 -7.57 -43.01
N LYS RA 12 -68.64 -7.26 -43.59
CA LYS RA 12 -68.64 -6.54 -44.86
C LYS RA 12 -69.23 -7.39 -45.98
N LYS RA 13 -68.88 -8.68 -46.03
CA LYS RA 13 -69.41 -9.53 -47.07
C LYS RA 13 -70.89 -9.78 -46.89
N CYS RA 14 -71.31 -10.08 -45.66
CA CYS RA 14 -72.74 -10.25 -45.39
C CYS RA 14 -73.48 -8.92 -45.49
N GLY RA 15 -72.79 -7.81 -45.24
CA GLY RA 15 -73.46 -6.53 -45.23
C GLY RA 15 -74.33 -6.27 -44.02
N LYS RA 16 -74.05 -6.94 -42.90
CA LYS RA 16 -74.87 -6.81 -41.70
C LYS RA 16 -74.05 -7.22 -40.50
N HIS RA 17 -74.62 -6.98 -39.31
CA HIS RA 17 -73.99 -7.43 -38.07
C HIS RA 17 -74.14 -8.93 -37.93
N GLN RA 18 -73.03 -9.62 -37.71
CA GLN RA 18 -73.04 -11.06 -37.53
C GLN RA 18 -72.08 -11.43 -36.41
N PRO RA 19 -72.34 -12.54 -35.73
CA PRO RA 19 -71.36 -13.03 -34.74
C PRO RA 19 -70.08 -13.44 -35.44
N HIS RA 20 -68.96 -13.30 -34.73
CA HIS RA 20 -67.65 -13.56 -35.28
C HIS RA 20 -66.77 -14.24 -34.25
N LYS RA 21 -66.14 -15.35 -34.64
CA LYS RA 21 -65.12 -15.97 -33.81
C LYS RA 21 -63.86 -15.11 -33.81
N VAL RA 22 -63.23 -14.99 -32.65
CA VAL RA 22 -62.13 -14.06 -32.45
C VAL RA 22 -60.86 -14.84 -32.16
N THR RA 23 -59.81 -14.56 -32.92
CA THR RA 23 -58.47 -15.09 -32.68
C THR RA 23 -57.46 -13.95 -32.84
N GLN RA 24 -56.25 -14.18 -32.35
CA GLN RA 24 -55.18 -13.20 -32.44
C GLN RA 24 -54.35 -13.45 -33.69
N TYR RA 25 -54.14 -12.40 -34.47
CA TYR RA 25 -53.37 -12.50 -35.70
C TYR RA 25 -51.91 -12.73 -35.39
N LYS RA 26 -51.25 -13.56 -36.19
CA LYS RA 26 -49.83 -13.79 -36.07
C LYS RA 26 -49.15 -13.55 -37.41
N LYS RA 27 -47.96 -12.96 -37.36
CA LYS RA 27 -47.22 -12.65 -38.57
C LYS RA 27 -46.80 -13.94 -39.27
N GLY RA 28 -47.06 -14.03 -40.56
CA GLY RA 28 -46.84 -15.26 -41.28
C GLY RA 28 -45.37 -15.53 -41.52
N LYS RA 29 -45.09 -16.78 -41.90
CA LYS RA 29 -43.74 -17.18 -42.26
C LYS RA 29 -43.26 -16.40 -43.47
N ASP RA 30 -41.97 -16.08 -43.50
CA ASP RA 30 -41.40 -15.47 -44.68
C ASP RA 30 -41.52 -16.44 -45.86
N SER RA 31 -41.99 -15.92 -46.99
CA SER RA 31 -42.26 -16.78 -48.13
C SER RA 31 -41.00 -17.18 -48.86
N LEU RA 32 -39.92 -16.40 -48.71
CA LEU RA 32 -38.61 -16.67 -49.29
C LEU RA 32 -38.67 -16.56 -50.82
N TYR RA 33 -39.80 -16.09 -51.35
CA TYR RA 33 -39.96 -15.92 -52.79
C TYR RA 33 -40.70 -14.64 -53.15
N ALA RA 34 -40.98 -13.78 -52.19
CA ALA RA 34 -41.50 -12.45 -52.50
C ALA RA 34 -40.39 -11.62 -53.12
N GLN RA 35 -40.78 -10.51 -53.75
CA GLN RA 35 -39.81 -9.68 -54.47
C GLN RA 35 -38.72 -9.15 -53.54
N GLY RA 36 -39.10 -8.70 -52.34
CA GLY RA 36 -38.13 -8.12 -51.45
C GLY RA 36 -37.10 -9.12 -50.97
N LYS RA 37 -37.53 -10.32 -50.61
CA LYS RA 37 -36.58 -11.33 -50.15
C LYS RA 37 -35.62 -11.72 -51.26
N ARG RA 38 -36.14 -11.87 -52.48
CA ARG RA 38 -35.28 -12.18 -53.62
C ARG RA 38 -34.24 -11.09 -53.84
N ARG RA 39 -34.69 -9.83 -53.80
CA ARG RA 39 -33.75 -8.72 -53.99
C ARG RA 39 -32.70 -8.69 -52.89
N TYR RA 40 -33.13 -8.89 -51.65
CA TYR RA 40 -32.21 -8.88 -50.53
C TYR RA 40 -31.17 -9.99 -50.66
N ASP RA 41 -31.62 -11.19 -51.02
CA ASP RA 41 -30.72 -12.32 -51.14
C ASP RA 41 -29.75 -12.11 -52.29
N ARG RA 42 -30.21 -11.55 -53.41
CA ARG RA 42 -29.32 -11.25 -54.51
C ARG RA 42 -28.30 -10.19 -54.13
N LYS RA 43 -28.73 -9.17 -53.38
CA LYS RA 43 -27.83 -8.10 -52.99
C LYS RA 43 -26.75 -8.60 -52.04
N GLN RA 44 -27.12 -9.43 -51.06
CA GLN RA 44 -26.14 -9.91 -50.09
C GLN RA 44 -25.19 -10.94 -50.67
N SER RA 45 -25.57 -11.60 -51.76
CA SER RA 45 -24.71 -12.61 -52.36
C SER RA 45 -23.43 -11.98 -52.87
N GLY RA 46 -22.32 -12.69 -52.69
CA GLY RA 46 -21.03 -12.16 -53.06
C GLY RA 46 -20.30 -11.56 -51.87
N TYR RA 47 -19.38 -10.66 -52.14
CA TYR RA 47 -18.61 -10.00 -51.09
C TYR RA 47 -19.18 -8.61 -50.83
N GLY RA 48 -18.85 -8.09 -49.64
CA GLY RA 48 -19.34 -6.78 -49.25
C GLY RA 48 -20.04 -6.79 -47.90
N GLY RA 49 -20.32 -7.98 -47.39
CA GLY RA 49 -20.94 -8.09 -46.08
C GLY RA 49 -22.38 -7.61 -46.10
N GLN RA 50 -22.82 -7.11 -44.95
CA GLN RA 50 -24.20 -6.65 -44.84
C GLN RA 50 -24.44 -5.40 -45.67
N THR RA 51 -25.51 -5.42 -46.46
CA THR RA 51 -25.86 -4.30 -47.33
C THR RA 51 -27.08 -3.53 -46.85
N LYS RA 52 -27.70 -3.93 -45.75
CA LYS RA 52 -28.91 -3.26 -45.30
C LYS RA 52 -28.83 -2.91 -43.83
N PRO RA 53 -29.52 -1.86 -43.39
CA PRO RA 53 -29.50 -1.52 -41.97
C PRO RA 53 -30.10 -2.60 -41.09
N ILE RA 54 -29.48 -2.79 -39.94
CA ILE RA 54 -29.97 -3.70 -38.92
C ILE RA 54 -30.37 -2.86 -37.72
N PHE RA 55 -31.65 -2.91 -37.37
CA PHE RA 55 -32.24 -1.95 -36.44
C PHE RA 55 -31.55 -1.97 -35.08
N ARG RA 56 -31.68 -3.10 -34.37
CA ARG RA 56 -31.04 -3.34 -33.05
C ARG RA 56 -31.07 -2.12 -32.13
N LYS RA 57 -32.16 -1.37 -32.18
CA LYS RA 57 -32.35 -0.21 -31.32
C LYS RA 57 -33.78 -0.18 -30.81
N LYS RA 58 -34.28 -1.33 -30.35
CA LYS RA 58 -35.67 -1.44 -29.94
C LYS RA 58 -36.00 -0.50 -28.80
N ALA RA 59 -37.11 0.20 -28.94
CA ALA RA 59 -37.58 1.16 -27.95
C ALA RA 59 -38.91 0.77 -27.34
N LYS RA 60 -39.82 0.17 -28.11
CA LYS RA 60 -41.10 -0.27 -27.58
C LYS RA 60 -40.92 -1.50 -26.71
N THR RA 61 -41.99 -1.84 -25.98
CA THR RA 61 -42.03 -3.08 -25.22
C THR RA 61 -43.21 -3.97 -25.58
N THR RA 62 -44.30 -3.40 -26.09
CA THR RA 62 -45.51 -4.14 -26.39
C THR RA 62 -45.86 -3.95 -27.86
N LYS RA 63 -46.97 -4.55 -28.27
CA LYS RA 63 -47.45 -4.45 -29.63
C LYS RA 63 -48.95 -4.21 -29.63
N LYS RA 64 -49.43 -3.54 -30.68
CA LYS RA 64 -50.86 -3.38 -30.86
C LYS RA 64 -51.47 -4.73 -31.20
N ILE RA 65 -52.38 -5.21 -30.37
CA ILE RA 65 -52.94 -6.54 -30.54
C ILE RA 65 -53.93 -6.52 -31.70
N VAL RA 66 -53.76 -7.45 -32.64
CA VAL RA 66 -54.60 -7.56 -33.80
C VAL RA 66 -55.56 -8.72 -33.58
N LEU RA 67 -56.85 -8.47 -33.76
CA LEU RA 67 -57.87 -9.49 -33.56
C LEU RA 67 -58.37 -9.99 -34.91
N ARG RA 68 -58.24 -11.29 -35.12
CA ARG RA 68 -58.63 -11.93 -36.37
C ARG RA 68 -60.07 -12.41 -36.22
N LEU RA 69 -61.01 -11.59 -36.67
CA LEU RA 69 -62.41 -11.99 -36.69
C LEU RA 69 -62.64 -12.97 -37.83
N GLU RA 70 -63.70 -13.76 -37.71
CA GLU RA 70 -64.13 -14.63 -38.80
C GLU RA 70 -65.63 -14.81 -38.71
N CYS RA 71 -66.32 -14.55 -39.83
CA CYS RA 71 -67.76 -14.66 -39.87
C CYS RA 71 -68.19 -16.11 -39.66
N VAL RA 72 -69.18 -16.30 -38.78
CA VAL RA 72 -69.64 -17.66 -38.45
C VAL RA 72 -70.64 -18.20 -39.46
N GLU RA 73 -70.94 -17.46 -40.52
CA GLU RA 73 -71.82 -17.98 -41.56
C GLU RA 73 -71.15 -19.17 -42.25
N PRO RA 74 -71.86 -20.27 -42.46
CA PRO RA 74 -71.29 -21.36 -43.28
C PRO RA 74 -70.94 -20.94 -44.69
N ASN RA 75 -71.72 -20.05 -45.30
CA ASN RA 75 -71.46 -19.59 -46.66
C ASN RA 75 -70.62 -18.33 -46.72
N CYS RA 76 -70.27 -17.74 -45.58
CA CYS RA 76 -69.42 -16.56 -45.52
C CYS RA 76 -68.41 -16.77 -44.40
N ARG RA 77 -67.19 -17.16 -44.76
CA ARG RA 77 -66.10 -17.29 -43.81
C ARG RA 77 -65.08 -16.17 -43.94
N SER RA 78 -65.55 -14.94 -44.19
CA SER RA 78 -64.65 -13.81 -44.38
C SER RA 78 -63.89 -13.51 -43.10
N LYS RA 79 -62.71 -12.94 -43.26
CA LYS RA 79 -61.83 -12.61 -42.15
C LYS RA 79 -61.53 -11.12 -42.17
N ARG RA 80 -61.54 -10.51 -40.99
CA ARG RA 80 -61.21 -9.11 -40.85
C ARG RA 80 -60.26 -8.95 -39.68
N MET RA 81 -59.42 -7.93 -39.76
CA MET RA 81 -58.43 -7.64 -38.73
C MET RA 81 -58.83 -6.37 -37.99
N LEU RA 82 -58.90 -6.45 -36.67
CA LEU RA 82 -59.09 -5.29 -35.81
C LEU RA 82 -57.86 -5.11 -34.95
N ALA RA 83 -57.34 -3.89 -34.90
CA ALA RA 83 -56.18 -3.58 -34.08
C ALA RA 83 -56.62 -2.77 -32.87
N ILE RA 84 -56.14 -3.16 -31.70
CA ILE RA 84 -56.48 -2.43 -30.47
C ILE RA 84 -55.22 -1.76 -29.96
N LYS RA 85 -55.35 -1.05 -28.84
CA LYS RA 85 -54.24 -0.30 -28.29
C LYS RA 85 -53.14 -1.24 -27.79
N ARG RA 86 -51.95 -0.68 -27.62
CA ARG RA 86 -50.83 -1.43 -27.09
C ARG RA 86 -51.14 -1.91 -25.67
N CYS RA 87 -50.90 -3.18 -25.41
CA CYS RA 87 -51.12 -3.71 -24.07
C CYS RA 87 -49.99 -4.66 -23.71
N LYS RA 88 -49.73 -4.79 -22.42
CA LYS RA 88 -48.67 -5.66 -21.96
C LYS RA 88 -49.12 -7.11 -21.84
N HIS RA 89 -50.24 -7.34 -21.17
CA HIS RA 89 -50.73 -8.69 -20.92
C HIS RA 89 -52.11 -8.83 -21.53
N PHE RA 90 -52.26 -9.81 -22.40
CA PHE RA 90 -53.49 -10.00 -23.15
C PHE RA 90 -53.94 -11.46 -23.06
N GLU RA 91 -55.24 -11.65 -23.19
CA GLU RA 91 -55.84 -12.97 -23.12
C GLU RA 91 -57.10 -13.00 -23.97
N LEU RA 92 -57.52 -14.21 -24.35
CA LEU RA 92 -58.71 -14.43 -25.15
C LEU RA 92 -59.75 -15.17 -24.30
N GLY RA 93 -60.84 -14.49 -23.99
CA GLY RA 93 -61.95 -15.14 -23.30
C GLY RA 93 -61.63 -15.62 -21.89
N GLY RA 94 -61.00 -14.79 -21.08
CA GLY RA 94 -60.75 -15.12 -19.70
C GLY RA 94 -62.02 -15.03 -18.86
N ASP RA 95 -61.87 -15.38 -17.59
CA ASP RA 95 -63.00 -15.37 -16.66
C ASP RA 95 -63.48 -13.94 -16.43
N LYS RA 96 -64.79 -13.77 -16.41
CA LYS RA 96 -65.37 -12.44 -16.26
C LYS RA 96 -65.24 -11.95 -14.83
N LYS RA 97 -64.88 -10.68 -14.67
CA LYS RA 97 -64.76 -10.11 -13.34
C LYS RA 97 -66.13 -9.87 -12.72
N ARG RA 98 -66.21 -10.06 -11.42
CA ARG RA 98 -67.40 -9.75 -10.64
C ARG RA 98 -67.08 -8.65 -9.65
N LYS RA 99 -68.13 -7.99 -9.15
CA LYS RA 99 -67.97 -6.78 -8.35
C LYS RA 99 -67.99 -7.07 -6.87
N GLY RA 100 -69.03 -7.70 -6.35
CA GLY RA 100 -69.14 -7.94 -4.93
C GLY RA 100 -68.64 -9.29 -4.47
N GLN RA 101 -67.36 -9.57 -4.72
CA GLN RA 101 -66.77 -10.82 -4.28
C GLN RA 101 -65.56 -10.55 -3.39
N VAL RA 102 -65.11 -11.59 -2.69
CA VAL RA 102 -64.05 -11.46 -1.71
C VAL RA 102 -62.70 -11.55 -2.41
N ILE RA 103 -61.77 -10.71 -1.99
CA ILE RA 103 -60.40 -10.78 -2.49
C ILE RA 103 -59.69 -11.90 -1.75
N GLN RA 104 -58.83 -12.63 -2.47
CA GLN RA 104 -58.09 -13.72 -1.86
C GLN RA 104 -57.17 -13.18 -0.78
N PHE RA 105 -57.26 -13.74 0.42
CA PHE RA 105 -56.58 -13.20 1.58
C PHE RA 105 -55.11 -13.59 1.55
N ALA SA 1 53.53 -21.60 -2.40
CA ALA SA 1 52.52 -21.21 -1.42
C ALA SA 1 51.14 -21.14 -2.05
N LYS SA 2 50.12 -21.38 -1.24
CA LYS SA 2 48.74 -21.32 -1.72
C LYS SA 2 48.36 -19.88 -2.06
N ARG SA 3 47.71 -19.71 -3.22
CA ARG SA 3 47.28 -18.40 -3.65
C ARG SA 3 45.80 -18.15 -3.43
N THR SA 4 44.98 -19.20 -3.42
CA THR SA 4 43.54 -19.05 -3.24
C THR SA 4 43.05 -20.02 -2.17
N LYS SA 5 42.23 -19.50 -1.26
CA LYS SA 5 41.69 -20.30 -0.19
C LYS SA 5 40.71 -21.35 -0.71
N LYS SA 6 39.68 -20.92 -1.44
CA LYS SA 6 38.64 -21.84 -1.88
C LYS SA 6 38.32 -21.77 -3.36
N VAL SA 7 38.55 -20.64 -4.04
CA VAL SA 7 38.10 -20.50 -5.41
C VAL SA 7 38.94 -21.36 -6.36
N GLY SA 8 40.24 -21.43 -6.12
CA GLY SA 8 41.11 -22.19 -7.00
C GLY SA 8 41.16 -21.64 -8.41
N ILE SA 9 40.68 -22.45 -9.37
CA ILE SA 9 40.85 -22.08 -10.77
C ILE SA 9 39.86 -21.01 -11.22
N VAL SA 10 38.79 -20.77 -10.46
CA VAL SA 10 37.75 -19.89 -10.95
C VAL SA 10 38.07 -18.46 -10.59
N GLY SA 11 39.29 -18.22 -10.11
CA GLY SA 11 39.70 -16.88 -9.75
C GLY SA 11 39.76 -15.92 -10.92
N LYS SA 12 39.86 -16.43 -12.15
CA LYS SA 12 39.88 -15.56 -13.31
C LYS SA 12 38.56 -14.82 -13.49
N TYR SA 13 37.46 -15.40 -13.03
CA TYR SA 13 36.15 -14.77 -13.18
C TYR SA 13 35.87 -13.71 -12.12
N GLY SA 14 36.72 -13.62 -11.09
CA GLY SA 14 36.55 -12.56 -10.11
C GLY SA 14 35.30 -12.75 -9.29
N THR SA 15 34.73 -11.64 -8.83
CA THR SA 15 33.55 -11.62 -7.99
C THR SA 15 32.27 -11.85 -8.78
N ARG SA 16 32.35 -11.91 -10.10
CA ARG SA 16 31.17 -11.92 -10.94
C ARG SA 16 30.51 -13.28 -10.94
N TYR SA 17 29.30 -13.32 -11.51
CA TYR SA 17 28.58 -14.50 -11.99
C TYR SA 17 28.01 -15.36 -10.87
N GLY SA 18 28.12 -14.96 -9.61
CA GLY SA 18 27.48 -15.72 -8.55
C GLY SA 18 28.35 -16.81 -7.96
N ALA SA 19 28.18 -17.09 -6.67
CA ALA SA 19 29.03 -18.09 -6.02
C ALA SA 19 28.69 -19.50 -6.50
N SER SA 20 27.41 -19.85 -6.51
CA SER SA 20 27.02 -21.22 -6.83
C SER SA 20 27.36 -21.57 -8.27
N LEU SA 21 27.18 -20.62 -9.19
CA LEU SA 21 27.53 -20.88 -10.57
C LEU SA 21 29.01 -21.16 -10.73
N ARG SA 22 29.85 -20.36 -10.08
CA ARG SA 22 31.29 -20.59 -10.14
C ARG SA 22 31.66 -21.92 -9.51
N LYS SA 23 31.06 -22.23 -8.37
CA LYS SA 23 31.36 -23.49 -7.69
C LYS SA 23 30.98 -24.68 -8.55
N MET SA 24 29.85 -24.59 -9.25
CA MET SA 24 29.45 -25.67 -10.14
C MET SA 24 30.40 -25.78 -11.32
N VAL SA 25 30.76 -24.65 -11.93
CA VAL SA 25 31.57 -24.70 -13.15
C VAL SA 25 33.03 -25.00 -12.87
N LYS SA 26 33.45 -24.93 -11.61
CA LYS SA 26 34.86 -25.16 -11.28
C LYS SA 26 35.31 -26.57 -11.68
N LYS SA 27 34.52 -27.58 -11.31
CA LYS SA 27 34.90 -28.95 -11.64
C LYS SA 27 34.87 -29.18 -13.15
N ILE SA 28 33.90 -28.60 -13.85
CA ILE SA 28 33.84 -28.76 -15.29
C ILE SA 28 35.06 -28.15 -15.95
N GLU SA 29 35.46 -26.96 -15.49
CA GLU SA 29 36.66 -26.32 -16.02
C GLU SA 29 37.90 -27.14 -15.74
N ILE SA 30 37.99 -27.71 -14.54
CA ILE SA 30 39.15 -28.53 -14.18
C ILE SA 30 39.21 -29.76 -15.07
N SER SA 31 38.08 -30.42 -15.27
CA SER SA 31 38.05 -31.60 -16.14
C SER SA 31 38.37 -31.22 -17.58
N GLN SA 32 37.87 -30.08 -18.06
CA GLN SA 32 38.10 -29.67 -19.43
C GLN SA 32 39.57 -29.39 -19.69
N HIS SA 33 40.23 -28.68 -18.78
CA HIS SA 33 41.64 -28.39 -18.95
C HIS SA 33 42.56 -29.45 -18.34
N ALA SA 34 42.01 -30.53 -17.82
CA ALA SA 34 42.84 -31.62 -17.35
C ALA SA 34 43.45 -32.36 -18.55
N LYS SA 35 44.61 -32.96 -18.31
CA LYS SA 35 45.25 -33.84 -19.28
C LYS SA 35 45.11 -35.27 -18.79
N TYR SA 36 44.59 -36.14 -19.64
CA TYR SA 36 44.35 -37.53 -19.28
C TYR SA 36 45.46 -38.42 -19.83
N THR SA 37 45.61 -39.59 -19.24
CA THR SA 37 46.55 -40.57 -19.73
C THR SA 37 45.95 -41.26 -20.95
N CYS SA 38 46.65 -41.16 -22.08
CA CYS SA 38 46.15 -41.75 -23.31
C CYS SA 38 46.06 -43.26 -23.17
N SER SA 39 44.93 -43.82 -23.54
CA SER SA 39 44.74 -45.27 -23.43
C SER SA 39 45.43 -46.02 -24.55
N PHE SA 40 45.93 -45.34 -25.57
CA PHE SA 40 46.59 -45.99 -26.70
C PHE SA 40 48.11 -45.95 -26.58
N CYS SA 41 48.70 -44.78 -26.33
CA CYS SA 41 50.14 -44.70 -26.19
C CYS SA 41 50.61 -44.88 -24.76
N GLY SA 42 49.71 -44.75 -23.79
CA GLY SA 42 50.06 -44.91 -22.40
C GLY SA 42 50.59 -43.67 -21.73
N LYS SA 43 50.82 -42.60 -22.47
CA LYS SA 43 51.34 -41.38 -21.90
C LYS SA 43 50.21 -40.49 -21.41
N THR SA 44 50.54 -39.55 -20.54
CA THR SA 44 49.56 -38.58 -20.05
C THR SA 44 49.63 -37.29 -20.86
N LYS SA 45 49.28 -37.43 -22.15
CA LYS SA 45 49.31 -36.31 -23.07
C LYS SA 45 47.99 -36.18 -23.83
N MET SA 46 46.97 -36.92 -23.42
CA MET SA 46 45.65 -36.86 -24.05
C MET SA 46 44.90 -35.69 -23.45
N LYS SA 47 44.62 -34.68 -24.26
CA LYS SA 47 43.95 -33.47 -23.81
C LYS SA 47 42.90 -33.06 -24.83
N ARG SA 48 42.00 -32.21 -24.40
CA ARG SA 48 40.88 -31.82 -25.24
C ARG SA 48 41.32 -30.80 -26.28
N ARG SA 49 40.96 -31.06 -27.54
CA ARG SA 49 41.23 -30.12 -28.63
C ARG SA 49 40.03 -29.23 -28.87
N ALA SA 50 38.85 -29.81 -29.02
CA ALA SA 50 37.60 -29.08 -29.05
C ALA SA 50 36.58 -29.85 -28.23
N VAL SA 51 35.33 -29.41 -28.24
CA VAL SA 51 34.29 -30.09 -27.47
C VAL SA 51 34.13 -31.51 -28.00
N GLY SA 52 34.10 -32.48 -27.09
CA GLY SA 52 33.95 -33.87 -27.45
C GLY SA 52 35.12 -34.47 -28.21
N ILE SA 53 36.18 -33.71 -28.42
CA ILE SA 53 37.32 -34.13 -29.21
C ILE SA 53 38.54 -34.15 -28.32
N TRP SA 54 39.18 -35.31 -28.21
CA TRP SA 54 40.34 -35.49 -27.34
C TRP SA 54 41.47 -36.03 -28.18
N HIS SA 55 42.62 -35.37 -28.11
CA HIS SA 55 43.74 -35.68 -28.99
C HIS SA 55 44.99 -35.94 -28.16
N CYS SA 56 45.87 -36.78 -28.68
CA CYS SA 56 47.11 -37.13 -28.00
C CYS SA 56 48.29 -36.39 -28.64
N GLY SA 57 49.13 -35.80 -27.79
CA GLY SA 57 50.33 -35.17 -28.30
C GLY SA 57 51.32 -36.17 -28.86
N SER SA 58 51.42 -37.34 -28.24
CA SER SA 58 52.48 -38.27 -28.62
C SER SA 58 52.10 -39.08 -29.85
N CYS SA 59 51.09 -39.94 -29.74
CA CYS SA 59 50.76 -40.81 -30.86
C CYS SA 59 49.75 -40.19 -31.80
N MET SA 60 49.33 -38.95 -31.56
CA MET SA 60 48.41 -38.22 -32.42
C MET SA 60 47.09 -38.94 -32.59
N LYS SA 61 46.71 -39.71 -31.58
CA LYS SA 61 45.44 -40.42 -31.59
C LYS SA 61 44.35 -39.46 -31.11
N THR SA 62 43.27 -39.35 -31.89
CA THR SA 62 42.17 -38.46 -31.59
C THR SA 62 40.91 -39.27 -31.32
N VAL SA 63 40.27 -39.01 -30.19
CA VAL SA 63 39.15 -39.80 -29.70
C VAL SA 63 37.95 -38.89 -29.51
N ALA SA 64 36.76 -39.44 -29.74
CA ALA SA 64 35.51 -38.74 -29.49
C ALA SA 64 35.05 -39.03 -28.07
N GLY SA 65 34.93 -37.99 -27.25
CA GLY SA 65 34.57 -38.14 -25.86
C GLY SA 65 33.48 -37.16 -25.47
N GLY SA 66 33.38 -36.92 -24.15
CA GLY SA 66 32.43 -35.98 -23.62
C GLY SA 66 32.87 -34.54 -23.79
N ALA SA 67 31.95 -33.63 -23.47
CA ALA SA 67 32.23 -32.21 -23.62
C ALA SA 67 33.30 -31.75 -22.63
N TRP SA 68 33.28 -32.26 -21.41
CA TRP SA 68 34.12 -31.77 -20.35
C TRP SA 68 35.05 -32.81 -19.76
N THR SA 69 34.71 -34.09 -19.86
CA THR SA 69 35.58 -35.17 -19.45
C THR SA 69 35.95 -36.00 -20.68
N TYR SA 70 37.04 -36.76 -20.56
CA TYR SA 70 37.47 -37.61 -21.66
C TYR SA 70 36.37 -38.59 -22.04
N ASN SA 71 35.73 -39.21 -21.06
CA ASN SA 71 34.59 -40.06 -21.31
C ASN SA 71 33.50 -39.72 -20.30
N THR SA 72 32.27 -40.05 -20.65
CA THR SA 72 31.15 -39.87 -19.75
C THR SA 72 30.75 -41.20 -19.14
N THR SA 73 30.20 -41.12 -17.92
CA THR SA 73 29.72 -42.32 -17.24
C THR SA 73 28.65 -43.03 -18.07
N SER SA 74 27.75 -42.25 -18.67
CA SER SA 74 26.75 -42.82 -19.56
C SER SA 74 27.41 -43.63 -20.67
N ALA SA 75 28.47 -43.08 -21.27
CA ALA SA 75 29.13 -43.79 -22.36
C ALA SA 75 29.77 -45.09 -21.91
N VAL SA 76 30.38 -45.10 -20.72
CA VAL SA 76 31.00 -46.32 -20.22
C VAL SA 76 29.94 -47.38 -19.96
N THR SA 77 28.81 -46.97 -19.36
CA THR SA 77 27.71 -47.90 -19.18
C THR SA 77 27.21 -48.44 -20.52
N VAL SA 78 27.13 -47.56 -21.52
CA VAL SA 78 26.68 -47.98 -22.84
C VAL SA 78 27.62 -49.03 -23.42
N LYS SA 79 28.92 -48.78 -23.34
CA LYS SA 79 29.87 -49.73 -23.91
C LYS SA 79 29.82 -51.06 -23.18
N SER SA 80 29.65 -51.02 -21.86
CA SER SA 80 29.50 -52.25 -21.10
C SER SA 80 28.28 -53.03 -21.56
N ALA SA 81 27.15 -52.34 -21.71
CA ALA SA 81 25.92 -53.01 -22.12
C ALA SA 81 26.05 -53.56 -23.53
N ILE SA 82 26.69 -52.83 -24.43
CA ILE SA 82 26.82 -53.29 -25.81
C ILE SA 82 27.71 -54.53 -25.87
N ARG SA 83 28.81 -54.53 -25.10
CA ARG SA 83 29.64 -55.71 -25.03
C ARG SA 83 28.85 -56.90 -24.51
N ARG SA 84 28.04 -56.67 -23.47
CA ARG SA 84 27.23 -57.74 -22.90
C ARG SA 84 26.24 -58.29 -23.92
N LEU SA 85 25.54 -57.41 -24.62
CA LEU SA 85 24.55 -57.86 -25.59
C LEU SA 85 25.21 -58.53 -26.79
N LYS SA 86 26.42 -58.12 -27.16
CA LYS SA 86 27.09 -58.79 -28.27
C LYS SA 86 27.52 -60.19 -27.88
N GLU SA 87 28.16 -60.34 -26.72
CA GLU SA 87 28.57 -61.67 -26.29
C GLU SA 87 27.37 -62.54 -25.92
N LEU SA 88 26.21 -61.92 -25.68
CA LEU SA 88 24.99 -62.69 -25.53
C LEU SA 88 24.41 -63.10 -26.88
N LYS SA 89 24.55 -62.23 -27.89
CA LYS SA 89 23.96 -62.49 -29.19
C LYS SA 89 24.57 -63.73 -29.83
N ASP SA 90 25.88 -63.87 -29.76
CA ASP SA 90 26.53 -65.09 -30.22
C ASP SA 90 26.52 -66.14 -29.12
N GLN SA 91 26.68 -67.40 -29.52
CA GLN SA 91 26.62 -68.51 -28.60
C GLN SA 91 27.74 -69.52 -28.86
N SER TA 1 -42.42 55.60 -96.39
CA SER TA 1 -42.76 56.90 -95.82
C SER TA 1 -41.56 57.59 -95.21
N ALA TA 2 -41.61 58.92 -95.19
CA ALA TA 2 -40.53 59.69 -94.59
C ALA TA 2 -40.42 59.39 -93.10
N HIS TA 3 -41.55 59.15 -92.43
CA HIS TA 3 -41.50 58.79 -91.02
C HIS TA 3 -40.84 57.44 -90.82
N LEU TA 4 -41.17 56.46 -91.66
CA LEU TA 4 -40.53 55.15 -91.54
C LEU TA 4 -39.03 55.25 -91.79
N GLN TA 5 -38.65 55.98 -92.84
CA GLN TA 5 -37.22 56.14 -93.12
C GLN TA 5 -36.52 56.84 -91.98
N TRP TA 6 -37.17 57.83 -91.37
CA TRP TA 6 -36.61 58.46 -90.18
C TRP TA 6 -36.38 57.46 -89.08
N MET TA 7 -37.38 56.62 -88.80
CA MET TA 7 -37.22 55.60 -87.78
C MET TA 7 -36.08 54.66 -88.13
N VAL TA 8 -35.84 54.44 -89.42
CA VAL TA 8 -34.73 53.60 -89.84
C VAL TA 8 -33.40 54.25 -89.50
N VAL TA 9 -33.25 55.53 -89.83
CA VAL TA 9 -31.95 56.17 -89.76
C VAL TA 9 -31.86 57.17 -88.61
N ARG TA 10 -32.78 57.10 -87.64
CA ARG TA 10 -32.69 58.02 -86.51
C ARG TA 10 -31.47 57.73 -85.64
N ASN TA 11 -30.93 56.52 -85.72
CA ASN TA 11 -29.76 56.15 -84.94
C ASN TA 11 -28.69 55.41 -85.73
N CYS TA 12 -28.90 55.15 -87.03
CA CYS TA 12 -27.92 54.47 -87.86
C CYS TA 12 -27.82 55.19 -89.20
N SER TA 13 -26.76 55.99 -89.36
CA SER TA 13 -26.53 56.69 -90.62
C SER TA 13 -25.05 57.02 -90.73
N SER TA 14 -24.53 56.96 -91.95
CA SER TA 14 -23.17 57.44 -92.19
C SER TA 14 -23.06 58.92 -91.93
N PHE TA 15 -24.14 59.67 -92.15
CA PHE TA 15 -24.16 61.10 -91.90
C PHE TA 15 -24.27 61.43 -90.42
N LEU TA 16 -24.53 60.43 -89.59
CA LEU TA 16 -24.69 60.64 -88.16
C LEU TA 16 -23.32 60.83 -87.52
N ILE TA 17 -23.15 61.95 -86.82
CA ILE TA 17 -21.97 62.22 -86.03
C ILE TA 17 -22.42 62.42 -84.59
N LYS TA 18 -21.76 61.73 -83.67
CA LYS TA 18 -22.13 61.76 -82.25
C LYS TA 18 -20.86 62.06 -81.47
N ARG TA 19 -20.76 63.26 -80.90
CA ARG TA 19 -19.54 63.68 -80.25
C ARG TA 19 -19.83 64.80 -79.27
N ASN TA 20 -19.14 64.75 -78.12
CA ASN TA 20 -19.15 65.82 -77.13
C ASN TA 20 -20.57 66.22 -76.75
N LYS TA 21 -21.41 65.22 -76.50
CA LYS TA 21 -22.82 65.39 -76.14
C LYS TA 21 -23.61 66.11 -77.22
N GLN TA 22 -23.06 66.19 -78.43
CA GLN TA 22 -23.76 66.79 -79.56
C GLN TA 22 -23.97 65.74 -80.63
N THR TA 23 -24.87 66.06 -81.55
CA THR TA 23 -25.13 65.22 -82.70
C THR TA 23 -25.24 66.09 -83.94
N TYR TA 24 -24.84 65.55 -85.08
CA TYR TA 24 -24.89 66.29 -86.33
C TYR TA 24 -25.13 65.33 -87.47
N SER TA 25 -25.89 65.80 -88.45
CA SER TA 25 -26.19 65.05 -89.66
C SER TA 25 -25.51 65.74 -90.82
N THR TA 26 -24.90 64.97 -91.72
CA THR TA 26 -24.11 65.54 -92.80
C THR TA 26 -24.64 65.16 -94.18
N GLU TA 27 -25.94 64.90 -94.31
CA GLU TA 27 -26.49 64.73 -95.65
C GLU TA 27 -26.43 66.06 -96.39
N PRO TA 28 -26.34 66.03 -97.71
CA PRO TA 28 -26.13 67.28 -98.47
C PRO TA 28 -27.24 68.31 -98.28
N ASN TA 29 -28.45 67.88 -97.98
CA ASN TA 29 -29.60 68.79 -97.95
C ASN TA 29 -30.09 69.05 -96.53
N ASN TA 30 -29.18 69.13 -95.56
CA ASN TA 30 -29.55 69.38 -94.17
C ASN TA 30 -29.17 70.80 -93.81
N LEU TA 31 -30.16 71.68 -93.74
CA LEU TA 31 -29.95 72.98 -93.13
C LEU TA 31 -29.84 72.79 -91.62
N LYS TA 32 -28.91 73.53 -91.01
CA LYS TA 32 -28.55 73.46 -89.59
C LYS TA 32 -27.79 72.17 -89.28
N ALA TA 33 -27.67 71.28 -90.26
CA ALA TA 33 -26.78 70.12 -90.20
C ALA TA 33 -27.03 69.25 -88.98
N ARG TA 34 -28.25 69.32 -88.45
CA ARG TA 34 -28.57 68.62 -87.22
C ARG TA 34 -29.34 67.34 -87.55
N ASN TA 35 -29.32 66.41 -86.59
CA ASN TA 35 -30.12 65.20 -86.68
C ASN TA 35 -31.54 65.52 -86.23
N SER TA 36 -32.43 65.73 -87.18
CA SER TA 36 -33.83 65.90 -86.86
C SER TA 36 -34.67 65.39 -88.01
N PHE TA 37 -35.87 64.92 -87.68
CA PHE TA 37 -36.81 64.54 -88.71
C PHE TA 37 -37.19 65.74 -89.56
N ARG TA 38 -37.29 66.92 -88.94
CA ARG TA 38 -37.67 68.11 -89.67
C ARG TA 38 -36.58 68.53 -90.65
N TYR TA 39 -35.32 68.52 -90.22
CA TYR TA 39 -34.23 69.01 -91.05
C TYR TA 39 -33.54 67.92 -91.84
N ASN TA 40 -34.07 66.70 -91.84
CA ASN TA 40 -33.49 65.65 -92.67
C ASN TA 40 -33.62 66.01 -94.14
N GLY TA 41 -32.53 65.84 -94.88
CA GLY TA 41 -32.50 66.23 -96.28
C GLY TA 41 -32.62 65.08 -97.24
N LEU TA 42 -33.08 63.93 -96.77
CA LEU TA 42 -33.13 62.76 -97.64
C LEU TA 42 -34.47 62.03 -97.57
N ILE TA 43 -35.10 62.02 -96.40
CA ILE TA 43 -36.29 61.18 -96.20
C ILE TA 43 -37.56 61.80 -96.77
N HIS TA 44 -37.62 63.12 -96.86
CA HIS TA 44 -38.88 63.78 -97.16
C HIS TA 44 -39.19 63.76 -98.64
N ARG TA 45 -40.49 63.85 -98.95
CA ARG TA 45 -40.93 63.89 -100.33
C ARG TA 45 -40.38 65.11 -101.04
N LYS TA 46 -40.35 66.26 -100.35
CA LYS TA 46 -39.83 67.50 -100.91
C LYS TA 46 -38.84 68.10 -99.93
N THR TA 47 -37.64 68.43 -100.42
CA THR TA 47 -36.59 69.01 -99.59
C THR TA 47 -35.92 70.14 -100.36
N VAL TA 48 -35.21 70.98 -99.61
CA VAL TA 48 -34.48 72.12 -100.15
C VAL TA 48 -33.09 72.13 -99.55
N GLY TA 49 -32.10 72.55 -100.33
CA GLY TA 49 -30.74 72.64 -99.84
C GLY TA 49 -30.11 73.94 -100.26
N VAL TA 50 -29.24 74.46 -99.38
CA VAL TA 50 -28.50 75.69 -99.63
C VAL TA 50 -27.02 75.39 -99.57
N GLU TA 51 -26.34 75.59 -100.68
CA GLU TA 51 -24.92 75.29 -100.81
C GLU TA 51 -24.21 76.44 -101.50
N PRO TA 52 -22.96 76.71 -101.14
CA PRO TA 52 -22.21 77.77 -101.82
C PRO TA 52 -21.88 77.36 -103.25
N ALA TA 53 -21.57 78.36 -104.06
CA ALA TA 53 -21.31 78.14 -105.48
C ALA TA 53 -19.97 77.46 -105.69
N ALA TA 54 -19.74 77.01 -106.93
CA ALA TA 54 -18.47 76.40 -107.29
C ALA TA 54 -17.33 77.40 -107.14
N ASP TA 55 -17.54 78.63 -107.58
CA ASP TA 55 -16.58 79.69 -107.35
C ASP TA 55 -16.94 80.46 -106.09
N GLY TA 56 -16.00 81.29 -105.63
CA GLY TA 56 -16.17 81.98 -104.37
C GLY TA 56 -17.08 83.19 -104.40
N LYS TA 57 -18.26 83.04 -105.01
CA LYS TA 57 -19.27 84.09 -104.98
C LYS TA 57 -20.61 83.47 -105.34
N GLY TA 58 -21.67 83.95 -104.68
CA GLY TA 58 -23.00 83.44 -104.92
C GLY TA 58 -23.24 82.09 -104.26
N VAL TA 59 -24.49 81.65 -104.32
CA VAL TA 59 -24.89 80.40 -103.71
C VAL TA 59 -25.65 79.56 -104.74
N VAL TA 60 -25.70 78.27 -104.47
CA VAL TA 60 -26.43 77.31 -105.30
C VAL TA 60 -27.58 76.78 -104.46
N VAL TA 61 -28.80 76.95 -104.94
CA VAL TA 61 -29.99 76.46 -104.26
C VAL TA 61 -30.43 75.19 -104.95
N VAL TA 62 -30.62 74.13 -104.18
CA VAL TA 62 -31.02 72.83 -104.70
C VAL TA 62 -32.30 72.39 -104.02
N ILE TA 63 -33.24 71.89 -104.82
CA ILE TA 63 -34.52 71.38 -104.33
C ILE TA 63 -34.76 70.03 -104.98
N LYS TA 64 -35.72 69.30 -104.42
CA LYS TA 64 -36.09 67.97 -104.88
C LYS TA 64 -37.37 68.05 -105.70
N ARG TA 65 -37.36 67.45 -106.89
CA ARG TA 65 -38.56 67.46 -107.70
C ARG TA 65 -39.58 66.45 -107.15
N ARG TA 66 -40.83 66.62 -107.57
CA ARG TA 66 -41.91 65.78 -107.04
C ARG TA 66 -41.94 64.40 -107.67
N SER TA 67 -41.80 64.32 -109.00
CA SER TA 67 -42.08 63.07 -109.70
C SER TA 67 -40.98 62.04 -109.48
N GLY TA 68 -39.73 62.41 -109.72
CA GLY TA 68 -38.63 61.47 -109.60
C GLY TA 68 -38.11 61.30 -108.20
N GLN TA 69 -38.94 60.79 -107.30
CA GLN TA 69 -38.48 60.53 -105.94
C GLN TA 69 -37.46 59.41 -105.90
N ARG TA 70 -37.63 58.41 -106.76
CA ARG TA 70 -36.79 57.23 -106.78
C ARG TA 70 -35.66 57.29 -107.81
N LYS TA 71 -35.52 58.40 -108.53
CA LYS TA 71 -34.48 58.57 -109.55
C LYS TA 71 -33.57 59.70 -109.11
N PRO TA 72 -32.51 59.39 -108.35
CA PRO TA 72 -31.66 60.45 -107.78
C PRO TA 72 -30.93 61.30 -108.81
N ALA TA 73 -30.67 60.78 -110.01
CA ALA TA 73 -29.93 61.55 -111.00
C ALA TA 73 -30.70 62.78 -111.44
N THR TA 74 -32.02 62.66 -111.59
CA THR TA 74 -32.85 63.77 -112.03
C THR TA 74 -33.73 64.30 -110.90
N SER TA 75 -33.55 63.80 -109.69
CA SER TA 75 -34.42 64.17 -108.59
C SER TA 75 -34.23 65.61 -108.13
N TYR TA 76 -33.10 66.22 -108.47
CA TYR TA 76 -32.77 67.55 -108.00
C TYR TA 76 -32.57 68.49 -109.19
N VAL TA 77 -33.01 69.73 -109.02
CA VAL TA 77 -32.71 70.83 -109.94
C VAL TA 77 -31.96 71.88 -109.15
N ARG TA 78 -30.78 72.26 -109.61
CA ARG TA 78 -29.94 73.20 -108.88
C ARG TA 78 -29.93 74.55 -109.59
N THR TA 79 -30.28 75.59 -108.85
CA THR TA 79 -30.27 76.95 -109.34
C THR TA 79 -29.24 77.74 -108.55
N THR TA 80 -28.54 78.63 -109.25
CA THR TA 80 -27.46 79.43 -108.67
C THR TA 80 -27.87 80.89 -108.65
N ILE TA 81 -27.73 81.54 -107.51
CA ILE TA 81 -28.04 82.95 -107.37
C ILE TA 81 -26.76 83.69 -107.01
N ASN TA 82 -26.47 84.75 -107.75
CA ASN TA 82 -25.29 85.58 -107.56
C ASN TA 82 -25.67 87.04 -107.47
N LYS TA 83 -26.80 87.32 -106.81
CA LYS TA 83 -27.30 88.67 -106.65
C LYS TA 83 -26.78 89.25 -105.34
N ASN TA 84 -27.25 90.44 -104.98
CA ASN TA 84 -26.84 91.00 -103.69
C ASN TA 84 -27.52 90.23 -102.57
N ALA TA 85 -27.05 90.47 -101.35
CA ALA TA 85 -27.52 89.71 -100.20
C ALA TA 85 -29.03 89.89 -100.00
N ARG TA 86 -29.51 91.13 -100.03
CA ARG TA 86 -30.93 91.38 -99.85
C ARG TA 86 -31.74 90.74 -100.98
N ALA TA 87 -31.27 90.89 -102.22
CA ALA TA 87 -31.97 90.28 -103.35
C ALA TA 87 -31.97 88.77 -103.25
N THR TA 88 -30.84 88.19 -102.82
CA THR TA 88 -30.77 86.75 -102.66
C THR TA 88 -31.76 86.26 -101.62
N LEU TA 89 -31.83 86.96 -100.48
CA LEU TA 89 -32.75 86.56 -99.44
C LEU TA 89 -34.20 86.70 -99.90
N SER TA 90 -34.52 87.77 -100.63
CA SER TA 90 -35.87 87.94 -101.15
C SER TA 90 -36.21 86.83 -102.13
N SER TA 91 -35.25 86.45 -102.98
CA SER TA 91 -35.50 85.37 -103.93
C SER TA 91 -35.78 84.05 -103.21
N ILE TA 92 -34.98 83.74 -102.19
CA ILE TA 92 -35.19 82.50 -101.46
C ILE TA 92 -36.52 82.51 -100.74
N ARG TA 93 -36.86 83.65 -100.11
CA ARG TA 93 -38.14 83.77 -99.42
C ARG TA 93 -39.29 83.56 -100.38
N HIS TA 94 -39.21 84.16 -101.57
CA HIS TA 94 -40.29 84.00 -102.54
C HIS TA 94 -40.40 82.55 -103.00
N MET TA 95 -39.26 81.90 -103.23
CA MET TA 95 -39.29 80.51 -103.68
C MET TA 95 -39.91 79.60 -102.62
N ILE TA 96 -39.64 79.86 -101.35
CA ILE TA 96 -40.19 79.00 -100.31
C ILE TA 96 -41.65 79.32 -100.03
N ARG TA 97 -41.95 80.59 -99.74
CA ARG TA 97 -43.28 80.98 -99.30
C ARG TA 97 -44.28 80.96 -100.45
N LYS TA 98 -43.94 81.58 -101.58
CA LYS TA 98 -44.87 81.66 -102.69
C LYS TA 98 -45.19 80.27 -103.24
N ASN TA 99 -44.16 79.45 -103.44
CA ASN TA 99 -44.38 78.09 -103.93
C ASN TA 99 -44.88 77.16 -102.84
N LYS TA 100 -44.90 77.63 -101.59
CA LYS TA 100 -45.36 76.83 -100.45
C LYS TA 100 -44.55 75.54 -100.32
N TYR TA 101 -43.26 75.64 -100.63
CA TYR TA 101 -42.36 74.49 -100.58
C TYR TA 101 -41.71 74.48 -99.21
N ARG TA 102 -42.26 73.66 -98.32
CA ARG TA 102 -41.75 73.47 -96.96
C ARG TA 102 -41.60 74.81 -96.25
N PRO TA 103 -42.71 75.48 -95.93
CA PRO TA 103 -42.60 76.83 -95.34
C PRO TA 103 -41.89 76.87 -94.01
N ASP TA 104 -41.89 75.76 -93.27
CA ASP TA 104 -41.28 75.70 -91.95
C ASP TA 104 -39.76 75.78 -91.99
N LEU TA 105 -39.16 75.69 -93.16
CA LEU TA 105 -37.71 75.79 -93.31
C LEU TA 105 -37.29 77.14 -93.90
N ARG TA 106 -38.20 78.10 -93.97
CA ARG TA 106 -37.90 79.39 -94.60
C ARG TA 106 -36.79 80.11 -93.86
N MET TA 107 -36.97 80.30 -92.56
CA MET TA 107 -36.01 81.08 -91.79
C MET TA 107 -34.65 80.40 -91.71
N ALA TA 108 -34.63 79.07 -91.56
CA ALA TA 108 -33.36 78.37 -91.53
C ALA TA 108 -32.61 78.53 -92.84
N ALA TA 109 -33.32 78.41 -93.96
CA ALA TA 109 -32.69 78.57 -95.26
C ALA TA 109 -32.16 79.97 -95.45
N ILE TA 110 -32.94 80.99 -95.07
CA ILE TA 110 -32.49 82.36 -95.21
C ILE TA 110 -31.26 82.59 -94.35
N ARG TA 111 -31.27 82.06 -93.12
CA ARG TA 111 -30.15 82.23 -92.21
C ARG TA 111 -28.88 81.59 -92.78
N ARG TA 112 -29.00 80.39 -93.32
CA ARG TA 112 -27.83 79.71 -93.87
C ARG TA 112 -27.30 80.43 -95.10
N ALA TA 113 -28.20 80.93 -95.94
CA ALA TA 113 -27.78 81.69 -97.11
C ALA TA 113 -27.04 82.95 -96.70
N SER TA 114 -27.55 83.65 -95.68
CA SER TA 114 -26.88 84.84 -95.17
C SER TA 114 -25.50 84.50 -94.65
N ALA TA 115 -25.39 83.40 -93.91
CA ALA TA 115 -24.09 82.98 -93.38
C ALA TA 115 -23.11 82.68 -94.51
N ILE TA 116 -23.57 81.98 -95.55
CA ILE TA 116 -22.67 81.62 -96.65
C ILE TA 116 -22.22 82.86 -97.39
N LEU TA 117 -23.13 83.80 -97.64
CA LEU TA 117 -22.75 85.03 -98.32
C LEU TA 117 -21.79 85.85 -97.47
N ARG TA 118 -22.00 85.91 -96.16
CA ARG TA 118 -21.05 86.61 -95.30
C ARG TA 118 -19.70 85.93 -95.32
N SER TA 119 -19.69 84.61 -95.45
CA SER TA 119 -18.43 83.89 -95.62
C SER TA 119 -17.77 84.24 -96.96
N GLN TA 120 -18.57 84.53 -97.98
CA GLN TA 120 -18.00 84.77 -99.30
C GLN TA 120 -17.33 86.13 -99.41
N LYS TA 121 -17.82 87.14 -98.69
CA LYS TA 121 -17.20 88.45 -98.81
C LYS TA 121 -15.79 88.43 -98.20
N PRO TA 122 -14.89 89.26 -98.71
CA PRO TA 122 -13.50 89.22 -98.23
C PRO TA 122 -13.40 89.61 -96.77
N VAL TA 123 -12.36 89.08 -96.11
CA VAL TA 123 -12.13 89.40 -94.71
C VAL TA 123 -11.71 90.86 -94.56
N MET TA 124 -11.76 91.34 -93.32
CA MET TA 124 -11.47 92.73 -93.00
C MET TA 124 -10.05 92.87 -92.47
N VAL TA 125 -9.59 94.12 -92.37
CA VAL TA 125 -8.26 94.43 -91.87
C VAL TA 125 -8.36 95.00 -90.46
N ASP UA 1 -51.04 71.58 39.56
CA ASP UA 1 -50.28 71.47 40.81
C ASP UA 1 -49.75 72.83 41.26
N ARG UA 2 -48.83 73.38 40.46
CA ARG UA 2 -48.15 74.60 40.86
C ARG UA 2 -49.11 75.77 40.97
N ALA UA 3 -50.04 75.91 40.02
CA ALA UA 3 -51.00 77.01 40.08
C ALA UA 3 -51.92 76.87 41.29
N THR UA 4 -52.39 75.65 41.55
CA THR UA 4 -53.20 75.40 42.73
C THR UA 4 -52.40 75.68 44.00
N TRP UA 5 -51.14 75.24 44.01
CA TRP UA 5 -50.28 75.45 45.16
C TRP UA 5 -50.09 76.93 45.45
N LYS UA 6 -49.89 77.73 44.39
CA LYS UA 6 -49.69 79.17 44.56
C LYS UA 6 -50.98 79.87 44.98
N SER UA 7 -52.12 79.45 44.43
CA SER UA 7 -53.39 80.04 44.83
C SER UA 7 -53.67 79.78 46.31
N ASN UA 8 -53.47 78.54 46.74
CA ASN UA 8 -53.68 78.21 48.15
C ASN UA 8 -52.62 78.89 49.01
N TYR UA 9 -51.42 79.12 48.45
CA TYR UA 9 -50.41 79.85 49.17
C TYR UA 9 -50.85 81.30 49.41
N PHE UA 10 -51.45 81.92 48.38
CA PHE UA 10 -52.01 83.26 48.55
C PHE UA 10 -53.09 83.28 49.61
N LEU UA 11 -53.97 82.27 49.59
CA LEU UA 11 -55.02 82.18 50.59
C LEU UA 11 -54.44 82.06 51.99
N LYS UA 12 -53.40 81.22 52.14
CA LYS UA 12 -52.75 81.09 53.44
C LYS UA 12 -52.14 82.40 53.90
N ILE UA 13 -51.47 83.11 52.99
CA ILE UA 13 -50.81 84.36 53.38
C ILE UA 13 -51.83 85.41 53.80
N ILE UA 14 -52.92 85.53 53.03
CA ILE UA 14 -53.91 86.54 53.36
C ILE UA 14 -54.62 86.20 54.67
N GLN UA 15 -54.94 84.92 54.90
CA GLN UA 15 -55.63 84.59 56.14
C GLN UA 15 -54.69 84.70 57.33
N LEU UA 16 -53.40 84.47 57.13
CA LEU UA 16 -52.46 84.58 58.23
C LEU UA 16 -52.14 86.03 58.55
N LEU UA 17 -52.16 86.91 57.55
CA LEU UA 17 -52.00 88.33 57.86
C LEU UA 17 -53.26 88.90 58.48
N ASP UA 18 -54.43 88.32 58.17
CA ASP UA 18 -55.66 88.76 58.81
C ASP UA 18 -55.76 88.26 60.24
N ASP UA 19 -55.29 87.03 60.49
CA ASP UA 19 -55.39 86.44 61.83
C ASP UA 19 -54.58 87.22 62.85
N TYR UA 20 -53.31 87.46 62.55
CA TYR UA 20 -52.40 88.04 63.54
C TYR UA 20 -52.23 89.51 63.24
N PRO UA 21 -52.63 90.41 64.12
CA PRO UA 21 -52.42 91.84 63.88
C PRO UA 21 -50.99 92.29 64.10
N LYS UA 22 -50.17 91.46 64.76
CA LYS UA 22 -48.78 91.77 65.04
C LYS UA 22 -47.91 90.71 64.38
N CYS UA 23 -46.98 91.17 63.55
CA CYS UA 23 -46.09 90.27 62.82
C CYS UA 23 -44.68 90.85 62.86
N PHE UA 24 -43.70 89.98 63.03
CA PHE UA 24 -42.30 90.38 62.97
C PHE UA 24 -41.67 89.77 61.74
N ILE UA 25 -41.03 90.60 60.92
CA ILE UA 25 -40.34 90.14 59.74
C ILE UA 25 -38.95 89.66 60.14
N VAL UA 26 -38.54 88.51 59.62
CA VAL UA 26 -37.32 87.86 60.09
C VAL UA 26 -36.55 87.33 58.90
N GLY UA 27 -35.24 87.55 58.90
CA GLY UA 27 -34.40 87.08 57.80
C GLY UA 27 -33.77 85.72 58.10
N ALA UA 28 -33.53 84.96 57.03
CA ALA UA 28 -32.94 83.63 57.14
C ALA UA 28 -31.52 83.65 56.62
N ASP UA 29 -30.58 83.32 57.50
CA ASP UA 29 -29.19 83.09 57.14
C ASP UA 29 -29.05 81.64 56.69
N ASN UA 30 -27.83 81.11 56.67
CA ASN UA 30 -27.65 79.70 56.35
C ASN UA 30 -28.22 78.88 57.51
N VAL UA 31 -29.52 78.62 57.45
CA VAL UA 31 -30.23 77.88 58.49
C VAL UA 31 -30.66 76.54 57.93
N GLY UA 32 -30.45 75.50 58.71
CA GLY UA 32 -30.66 74.13 58.27
C GLY UA 32 -32.10 73.68 58.44
N SER UA 33 -32.39 72.53 57.82
CA SER UA 33 -33.72 71.94 57.95
C SER UA 33 -33.95 71.43 59.36
N LYS UA 34 -32.91 70.89 60.02
CA LYS UA 34 -33.03 70.54 61.42
C LYS UA 34 -33.32 71.76 62.27
N GLN UA 35 -32.66 72.88 61.98
CA GLN UA 35 -32.94 74.12 62.71
C GLN UA 35 -34.37 74.60 62.43
N MET UA 36 -34.86 74.44 61.21
CA MET UA 36 -36.22 74.83 60.89
C MET UA 36 -37.23 73.97 61.65
N GLN UA 37 -36.97 72.66 61.75
CA GLN UA 37 -37.82 71.81 62.57
C GLN UA 37 -37.75 72.21 64.03
N GLN UA 38 -36.56 72.60 64.50
CA GLN UA 38 -36.42 73.03 65.89
C GLN UA 38 -37.23 74.29 66.15
N ILE UA 39 -37.17 75.27 65.24
CA ILE UA 39 -37.93 76.50 65.41
C ILE UA 39 -39.42 76.21 65.35
N ARG UA 40 -39.82 75.31 64.44
CA ARG UA 40 -41.24 75.00 64.28
C ARG UA 40 -41.79 74.30 65.53
N MET UA 41 -40.98 73.41 66.12
CA MET UA 41 -41.42 72.75 67.36
C MET UA 41 -41.38 73.72 68.54
N SER UA 42 -40.36 74.56 68.62
CA SER UA 42 -40.19 75.44 69.77
C SER UA 42 -40.98 76.74 69.67
N LEU UA 43 -41.69 76.95 68.56
CA LEU UA 43 -42.47 78.17 68.38
C LEU UA 43 -43.96 77.93 68.22
N ARG UA 44 -44.36 76.74 67.74
CA ARG UA 44 -45.76 76.46 67.46
C ARG UA 44 -46.63 76.51 68.71
N GLY UA 45 -46.04 76.49 69.89
CA GLY UA 45 -46.83 76.60 71.11
C GLY UA 45 -47.57 77.92 71.21
N LYS UA 46 -46.94 79.01 70.79
CA LYS UA 46 -47.53 80.33 70.91
C LYS UA 46 -47.60 81.13 69.62
N ALA UA 47 -46.79 80.80 68.61
CA ALA UA 47 -46.77 81.56 67.37
C ALA UA 47 -46.49 80.62 66.21
N VAL UA 48 -46.45 81.17 64.99
CA VAL UA 48 -46.10 80.42 63.80
C VAL UA 48 -45.15 81.27 62.97
N VAL UA 49 -44.18 80.59 62.35
CA VAL UA 49 -43.18 81.28 61.55
C VAL UA 49 -43.38 80.90 60.08
N LEU UA 50 -43.28 81.91 59.22
CA LEU UA 50 -43.59 81.78 57.81
C LEU UA 50 -42.34 82.12 57.00
N MET UA 51 -41.94 81.21 56.11
CA MET UA 51 -40.72 81.41 55.35
C MET UA 51 -40.90 80.76 53.98
N GLY UA 52 -41.17 81.58 52.97
CA GLY UA 52 -41.36 81.11 51.62
C GLY UA 52 -40.67 82.03 50.63
N LYS UA 53 -41.31 82.20 49.47
CA LYS UA 53 -40.78 83.05 48.41
C LYS UA 53 -41.12 84.49 48.70
N ASN UA 54 -40.14 85.38 48.52
CA ASN UA 54 -40.37 86.80 48.74
C ASN UA 54 -41.36 87.36 47.75
N THR UA 55 -41.30 86.92 46.49
CA THR UA 55 -42.23 87.44 45.49
C THR UA 55 -43.66 87.05 45.82
N MET UA 56 -43.86 85.83 46.35
CA MET UA 56 -45.15 85.45 46.91
C MET UA 56 -45.60 86.42 48.00
N MET UA 57 -44.70 86.76 48.92
CA MET UA 57 -45.06 87.66 50.02
C MET UA 57 -45.48 89.02 49.50
N ARG UA 58 -44.65 89.61 48.62
CA ARG UA 58 -44.96 90.93 48.07
C ARG UA 58 -46.26 90.91 47.27
N LYS UA 59 -46.48 89.89 46.45
CA LYS UA 59 -47.71 89.84 45.66
C LYS UA 59 -48.93 89.69 46.55
N ALA UA 60 -48.85 88.82 47.56
CA ALA UA 60 -49.99 88.60 48.44
C ALA UA 60 -50.34 89.84 49.25
N ILE UA 61 -49.33 90.56 49.75
CA ILE UA 61 -49.62 91.76 50.53
C ILE UA 61 -49.90 92.98 49.66
N ARG UA 62 -49.54 92.94 48.38
CA ARG UA 62 -49.74 94.06 47.47
C ARG UA 62 -51.09 94.01 46.77
N GLY UA 63 -51.45 92.86 46.20
CA GLY UA 63 -52.70 92.76 45.47
C GLY UA 63 -53.92 92.90 46.36
N HIS UA 64 -53.85 92.34 47.57
CA HIS UA 64 -54.98 92.28 48.48
C HIS UA 64 -54.79 93.18 49.70
N LEU UA 65 -54.22 94.36 49.47
CA LEU UA 65 -54.01 95.33 50.53
C LEU UA 65 -55.29 96.02 50.97
N GLU UA 66 -56.35 95.94 50.17
CA GLU UA 66 -57.58 96.67 50.45
C GLU UA 66 -58.25 96.23 51.74
N ASN UA 67 -57.95 95.02 52.23
CA ASN UA 67 -58.59 94.54 53.47
C ASN UA 67 -58.08 95.27 54.69
N ASN UA 68 -56.85 95.81 54.65
CA ASN UA 68 -56.27 96.50 55.78
C ASN UA 68 -55.33 97.60 55.31
N PRO UA 69 -55.55 98.84 55.71
CA PRO UA 69 -54.62 99.92 55.31
C PRO UA 69 -53.34 99.88 56.11
N ALA UA 70 -52.46 100.87 55.89
CA ALA UA 70 -51.17 100.98 56.56
C ALA UA 70 -50.34 99.71 56.36
N LEU UA 71 -50.26 99.26 55.11
CA LEU UA 71 -49.62 98.00 54.77
C LEU UA 71 -48.60 98.10 53.65
N GLU UA 72 -48.69 99.12 52.78
CA GLU UA 72 -47.78 99.23 51.64
C GLU UA 72 -46.40 99.76 52.04
N LYS UA 73 -46.22 100.19 53.28
CA LYS UA 73 -44.91 100.71 53.69
C LYS UA 73 -43.89 99.61 53.95
N LEU UA 74 -44.31 98.35 54.08
CA LEU UA 74 -43.36 97.26 54.18
C LEU UA 74 -42.79 96.88 52.82
N LEU UA 75 -43.42 97.33 51.74
CA LEU UA 75 -43.00 96.97 50.38
C LEU UA 75 -41.55 97.34 50.05
N PRO UA 76 -41.01 98.52 50.42
CA PRO UA 76 -39.60 98.78 50.09
C PRO UA 76 -38.62 98.20 51.10
N HIS UA 77 -39.06 97.24 51.92
CA HIS UA 77 -38.24 96.70 52.99
C HIS UA 77 -38.12 95.19 53.01
N ILE UA 78 -39.09 94.45 52.49
CA ILE UA 78 -39.01 92.99 52.48
C ILE UA 78 -38.13 92.54 51.32
N ARG UA 79 -36.84 92.41 51.58
CA ARG UA 79 -35.88 92.01 50.56
C ARG UA 79 -34.94 90.96 51.14
N GLY UA 80 -34.43 90.10 50.27
CA GLY UA 80 -33.49 89.08 50.70
C GLY UA 80 -34.17 87.88 51.32
N ASN UA 81 -33.34 86.99 51.88
CA ASN UA 81 -33.81 85.73 52.45
C ASN UA 81 -34.54 86.02 53.76
N VAL UA 82 -35.77 86.52 53.64
CA VAL UA 82 -36.53 87.01 54.78
C VAL UA 82 -37.93 86.39 54.79
N GLY UA 83 -38.54 86.41 55.98
CA GLY UA 83 -39.90 85.93 56.17
C GLY UA 83 -40.59 86.59 57.35
N PHE UA 84 -41.86 86.25 57.58
CA PHE UA 84 -42.66 86.82 58.65
C PHE UA 84 -42.89 85.77 59.73
N VAL UA 85 -42.86 86.20 60.99
CA VAL UA 85 -43.35 85.38 62.09
C VAL UA 85 -44.54 86.10 62.72
N PHE UA 86 -45.65 85.39 62.88
CA PHE UA 86 -46.89 85.95 63.40
C PHE UA 86 -47.07 85.53 64.85
N THR UA 87 -47.19 86.51 65.73
CA THR UA 87 -47.41 86.25 67.14
C THR UA 87 -48.46 87.24 67.67
N LYS UA 88 -49.15 86.82 68.72
CA LYS UA 88 -50.04 87.72 69.45
C LYS UA 88 -49.39 88.26 70.71
N GLU UA 89 -48.12 87.93 70.96
CA GLU UA 89 -47.39 88.46 72.09
C GLU UA 89 -46.77 89.81 71.71
N ASP UA 90 -45.88 90.31 72.56
CA ASP UA 90 -45.23 91.59 72.37
C ASP UA 90 -43.85 91.41 71.76
N LEU UA 91 -43.13 92.53 71.64
CA LEU UA 91 -41.84 92.54 70.96
C LEU UA 91 -40.81 91.72 71.71
N THR UA 92 -40.67 91.98 73.01
CA THR UA 92 -39.54 91.41 73.76
C THR UA 92 -39.69 89.91 73.96
N GLU UA 93 -40.90 89.43 74.25
CA GLU UA 93 -41.07 88.01 74.56
C GLU UA 93 -40.84 87.15 73.32
N ILE UA 94 -40.91 87.74 72.13
CA ILE UA 94 -40.56 87.02 70.93
C ILE UA 94 -39.08 87.18 70.62
N ARG UA 95 -38.56 88.40 70.78
CA ARG UA 95 -37.15 88.65 70.45
C ARG UA 95 -36.23 87.82 71.31
N ASP UA 96 -36.51 87.74 72.62
CA ASP UA 96 -35.61 87.02 73.52
C ASP UA 96 -35.66 85.52 73.25
N MET UA 97 -36.85 84.97 72.96
CA MET UA 97 -36.93 83.53 72.72
C MET UA 97 -36.31 83.16 71.38
N LEU UA 98 -36.44 84.02 70.38
CA LEU UA 98 -35.82 83.72 69.10
C LEU UA 98 -34.31 83.90 69.16
N LEU UA 99 -33.82 84.84 69.97
CA LEU UA 99 -32.40 85.08 70.06
C LEU UA 99 -31.72 84.23 71.14
N ALA UA 100 -32.50 83.47 71.92
CA ALA UA 100 -31.92 82.60 72.93
C ALA UA 100 -31.73 81.18 72.43
N ASN UA 101 -32.66 80.64 71.64
CA ASN UA 101 -32.54 79.27 71.15
C ASN UA 101 -31.68 79.19 69.89
N LYS UA 102 -30.52 79.83 69.95
CA LYS UA 102 -29.59 79.85 68.83
C LYS UA 102 -28.87 78.51 68.76
N VAL UA 103 -29.08 77.79 67.67
CA VAL UA 103 -28.34 76.54 67.47
C VAL UA 103 -26.92 76.89 67.02
N PRO UA 104 -25.89 76.43 67.72
CA PRO UA 104 -24.52 76.69 67.26
C PRO UA 104 -24.16 75.83 66.07
N ALA UA 105 -24.52 76.31 64.87
CA ALA UA 105 -24.25 75.56 63.65
C ALA UA 105 -22.75 75.33 63.48
N ALA UA 106 -22.41 74.19 62.91
CA ALA UA 106 -21.01 73.78 62.81
C ALA UA 106 -20.28 74.65 61.79
N ALA UA 107 -18.96 74.47 61.70
CA ALA UA 107 -18.13 75.23 60.76
C ALA UA 107 -18.22 74.51 59.42
N ARG UA 108 -19.25 74.85 58.66
CA ARG UA 108 -19.52 74.17 57.40
C ARG UA 108 -18.61 74.72 56.30
N ALA UA 109 -18.14 73.81 55.44
CA ALA UA 109 -17.20 74.18 54.40
C ALA UA 109 -17.84 75.11 53.38
N GLY UA 110 -17.06 76.04 52.86
CA GLY UA 110 -17.57 77.00 51.90
C GLY UA 110 -18.35 78.15 52.49
N ALA UA 111 -18.13 78.46 53.77
CA ALA UA 111 -18.86 79.52 54.46
C ALA UA 111 -17.90 80.59 54.94
N ILE UA 112 -18.29 81.86 54.74
CA ILE UA 112 -17.52 82.97 55.29
C ILE UA 112 -17.75 83.06 56.79
N ALA UA 113 -16.75 83.56 57.51
CA ALA UA 113 -16.80 83.66 58.98
C ALA UA 113 -16.43 85.08 59.40
N PRO UA 114 -17.41 85.98 59.46
CA PRO UA 114 -17.14 87.32 60.01
C PRO UA 114 -16.69 87.29 61.46
N CYS UA 115 -17.24 86.39 62.27
CA CYS UA 115 -16.85 86.32 63.67
C CYS UA 115 -15.46 85.70 63.80
N GLU UA 116 -14.79 86.05 64.89
CA GLU UA 116 -13.42 85.62 65.13
C GLU UA 116 -13.34 84.78 66.39
N VAL UA 117 -12.66 83.65 66.29
CA VAL UA 117 -12.41 82.77 67.43
C VAL UA 117 -10.93 82.38 67.40
N THR UA 118 -10.42 82.02 68.58
CA THR UA 118 -9.02 81.65 68.72
C THR UA 118 -8.91 80.50 69.73
N VAL UA 119 -8.23 79.44 69.33
CA VAL UA 119 -8.12 78.26 70.20
C VAL UA 119 -7.10 78.54 71.30
N PRO UA 120 -7.36 78.12 72.54
CA PRO UA 120 -6.32 78.15 73.57
C PRO UA 120 -5.51 76.86 73.59
N ALA UA 121 -4.64 76.70 74.58
CA ALA UA 121 -3.84 75.49 74.75
C ALA UA 121 -4.54 74.59 75.77
N GLN UA 122 -5.10 73.49 75.29
CA GLN UA 122 -5.85 72.57 76.14
C GLN UA 122 -5.75 71.16 75.58
N ASN UA 123 -6.03 70.18 76.43
CA ASN UA 123 -6.06 68.79 75.99
C ASN UA 123 -7.25 68.55 75.09
N THR UA 124 -7.02 67.83 73.98
CA THR UA 124 -8.09 67.59 73.03
C THR UA 124 -9.05 66.49 73.52
N GLY UA 125 -8.52 65.49 74.21
CA GLY UA 125 -9.33 64.39 74.69
C GLY UA 125 -9.58 63.27 73.69
N LEU UA 126 -8.88 63.27 72.56
CA LEU UA 126 -9.04 62.24 71.55
C LEU UA 126 -7.71 61.51 71.32
N GLY UA 127 -7.78 60.39 70.60
CA GLY UA 127 -6.66 59.50 70.45
C GLY UA 127 -5.49 60.07 69.68
N PRO UA 128 -4.29 59.47 69.88
CA PRO UA 128 -3.06 59.96 69.24
C PRO UA 128 -2.81 59.39 67.84
N GLU UA 129 -3.86 59.39 67.01
CA GLU UA 129 -3.74 58.99 65.62
C GLU UA 129 -4.24 60.07 64.68
N LYS UA 130 -4.67 61.21 65.24
CA LYS UA 130 -5.28 62.29 64.47
C LYS UA 130 -4.29 63.42 64.23
N THR UA 131 -3.00 63.12 64.38
CA THR UA 131 -1.94 64.12 64.22
C THR UA 131 -1.72 64.53 62.77
N SER UA 132 -2.32 63.81 61.81
CA SER UA 132 -2.14 64.15 60.41
C SER UA 132 -2.71 65.54 60.10
N PHE UA 133 -3.93 65.81 60.55
CA PHE UA 133 -4.52 67.13 60.34
C PHE UA 133 -3.71 68.21 61.06
N PHE UA 134 -3.25 67.91 62.28
CA PHE UA 134 -2.50 68.88 63.06
C PHE UA 134 -1.18 69.25 62.37
N GLN UA 135 -0.49 68.25 61.83
CA GLN UA 135 0.75 68.53 61.10
C GLN UA 135 0.48 69.24 59.77
N ALA UA 136 -0.61 68.88 59.09
CA ALA UA 136 -0.93 69.49 57.81
C ALA UA 136 -1.26 70.97 57.97
N LEU UA 137 -2.02 71.33 59.02
CA LEU UA 137 -2.36 72.73 59.22
C LEU UA 137 -1.15 73.56 59.61
N GLY UA 138 -0.17 72.94 60.28
CA GLY UA 138 0.96 73.68 60.80
C GLY UA 138 0.85 73.92 62.29
N ILE UA 139 0.43 72.89 63.01
CA ILE UA 139 0.18 72.97 64.45
C ILE UA 139 1.13 71.99 65.15
N THR UA 140 1.77 72.45 66.23
CA THR UA 140 2.74 71.64 66.96
C THR UA 140 2.02 70.81 68.02
N THR UA 141 2.15 69.49 67.94
CA THR UA 141 1.46 68.55 68.82
C THR UA 141 2.45 67.52 69.35
N LYS UA 142 2.16 66.98 70.55
CA LYS UA 142 3.01 65.97 71.18
C LYS UA 142 2.15 65.00 72.00
N ILE UA 143 2.79 63.91 72.45
CA ILE UA 143 2.09 62.85 73.17
C ILE UA 143 2.08 63.14 74.66
N SER UA 144 0.93 62.89 75.31
CA SER UA 144 0.78 63.11 76.74
C SER UA 144 -0.46 62.38 77.25
N ARG UA 145 -0.27 61.42 78.17
CA ARG UA 145 -1.35 60.64 78.78
C ARG UA 145 -2.29 60.00 77.77
N GLY UA 146 -1.74 59.43 76.69
CA GLY UA 146 -2.57 58.85 75.67
C GLY UA 146 -3.42 59.85 74.94
N THR UA 147 -3.02 61.11 74.94
CA THR UA 147 -3.80 62.19 74.34
C THR UA 147 -2.85 63.16 73.65
N ILE UA 148 -3.42 63.98 72.77
CA ILE UA 148 -2.68 65.02 72.06
C ILE UA 148 -3.04 66.37 72.65
N GLU UA 149 -2.03 67.15 73.03
CA GLU UA 149 -2.22 68.43 73.70
C GLU UA 149 -1.49 69.53 72.94
N ILE UA 150 -2.10 70.71 72.90
CA ILE UA 150 -1.55 71.86 72.18
C ILE UA 150 -0.62 72.59 73.15
N LEU UA 151 0.67 72.59 72.86
CA LEU UA 151 1.66 73.19 73.75
C LEU UA 151 1.86 74.68 73.53
N SER UA 152 1.33 75.25 72.45
CA SER UA 152 1.58 76.65 72.14
C SER UA 152 0.35 77.25 71.49
N ASP UA 153 0.00 78.47 71.91
CA ASP UA 153 -1.13 79.17 71.32
C ASP UA 153 -0.83 79.57 69.88
N VAL UA 154 -1.80 79.37 69.00
CA VAL UA 154 -1.67 79.72 67.60
C VAL UA 154 -2.99 80.30 67.11
N GLN UA 155 -2.89 81.21 66.13
CA GLN UA 155 -4.06 81.81 65.52
C GLN UA 155 -4.78 80.79 64.65
N LEU UA 156 -6.10 80.72 64.76
CA LEU UA 156 -6.90 79.77 64.00
C LEU UA 156 -7.60 80.44 62.81
N ILE UA 157 -8.40 81.46 63.07
CA ILE UA 157 -9.20 82.10 62.02
C ILE UA 157 -9.30 83.59 62.37
N LYS UA 158 -9.42 84.42 61.34
CA LYS UA 158 -9.52 85.86 61.48
C LYS UA 158 -10.94 86.31 61.13
N THR UA 159 -11.12 87.62 61.05
CA THR UA 159 -12.41 88.19 60.70
C THR UA 159 -12.56 88.28 59.18
N GLY UA 160 -13.67 87.74 58.68
CA GLY UA 160 -13.98 87.83 57.27
C GLY UA 160 -13.02 87.12 56.33
N ASP UA 161 -12.65 85.88 56.67
CA ASP UA 161 -11.82 85.07 55.79
C ASP UA 161 -12.49 83.73 55.54
N LYS UA 162 -12.19 83.14 54.38
CA LYS UA 162 -12.81 81.90 53.97
C LYS UA 162 -12.28 80.73 54.79
N VAL UA 163 -13.13 79.75 55.02
CA VAL UA 163 -12.81 78.61 55.87
C VAL UA 163 -12.39 77.43 54.99
N GLY UA 164 -11.21 76.89 55.26
CA GLY UA 164 -10.70 75.77 54.50
C GLY UA 164 -11.29 74.43 54.91
N ALA UA 165 -11.05 73.42 54.07
CA ALA UA 165 -11.59 72.08 54.33
C ALA UA 165 -10.93 71.44 55.53
N SER UA 166 -9.59 71.54 55.63
CA SER UA 166 -8.90 71.01 56.79
C SER UA 166 -9.35 71.71 58.07
N GLU UA 167 -9.53 73.03 57.99
CA GLU UA 167 -10.08 73.77 59.13
C GLU UA 167 -11.48 73.28 59.48
N ALA UA 168 -12.32 73.05 58.47
CA ALA UA 168 -13.69 72.61 58.72
C ALA UA 168 -13.73 71.26 59.42
N THR UA 169 -12.98 70.27 58.91
CA THR UA 169 -13.02 68.96 59.54
C THR UA 169 -12.27 68.94 60.87
N LEU UA 170 -11.28 69.82 61.05
CA LEU UA 170 -10.58 69.91 62.32
C LEU UA 170 -11.49 70.47 63.40
N LEU UA 171 -12.23 71.54 63.07
CA LEU UA 171 -13.21 72.06 64.01
C LEU UA 171 -14.37 71.10 64.21
N ASN UA 172 -14.65 70.24 63.22
CA ASN UA 172 -15.64 69.19 63.40
C ASN UA 172 -15.21 68.17 64.45
N MET UA 173 -13.96 67.70 64.36
CA MET UA 173 -13.50 66.71 65.32
C MET UA 173 -12.98 67.31 66.62
N LEU UA 174 -12.76 68.63 66.65
CA LEU UA 174 -12.30 69.26 67.89
C LEU UA 174 -13.41 69.42 68.92
N ASN UA 175 -14.67 69.43 68.48
CA ASN UA 175 -15.82 69.58 69.36
C ASN UA 175 -15.74 70.86 70.18
N ILE UA 176 -15.52 71.99 69.51
CA ILE UA 176 -15.47 73.28 70.18
C ILE UA 176 -16.63 74.16 69.71
N SER UA 177 -16.72 75.37 70.25
CA SER UA 177 -17.77 76.31 69.86
C SER UA 177 -17.32 77.03 68.60
N PRO UA 178 -18.01 76.87 67.47
CA PRO UA 178 -17.62 77.60 66.26
C PRO UA 178 -18.37 78.91 66.10
N PHE UA 179 -18.01 79.66 65.06
CA PHE UA 179 -18.80 80.81 64.66
C PHE UA 179 -20.21 80.38 64.30
N SER UA 180 -21.20 81.14 64.75
CA SER UA 180 -22.59 80.70 64.58
C SER UA 180 -23.50 81.91 64.41
N PHE UA 181 -24.68 81.64 63.87
CA PHE UA 181 -25.73 82.62 63.69
C PHE UA 181 -27.06 81.88 63.68
N GLY UA 182 -28.13 82.64 63.82
CA GLY UA 182 -29.45 82.04 63.84
C GLY UA 182 -30.48 82.90 63.15
N LEU UA 183 -31.74 82.56 63.37
CA LEU UA 183 -32.85 83.25 62.72
C LEU UA 183 -33.05 84.60 63.40
N VAL UA 184 -32.72 85.68 62.70
CA VAL UA 184 -32.62 87.01 63.29
C VAL UA 184 -33.65 87.94 62.67
N ILE UA 185 -34.39 88.64 63.52
CA ILE UA 185 -35.44 89.55 63.07
C ILE UA 185 -34.82 90.83 62.52
N GLN UA 186 -35.31 91.26 61.35
CA GLN UA 186 -34.91 92.57 60.81
C GLN UA 186 -35.61 93.70 61.55
N GLN UA 187 -36.94 93.70 61.55
CA GLN UA 187 -37.71 94.73 62.23
C GLN UA 187 -39.07 94.15 62.59
N VAL UA 188 -39.86 94.94 63.30
CA VAL UA 188 -41.15 94.50 63.82
C VAL UA 188 -42.26 95.26 63.12
N PHE UA 189 -43.50 94.80 63.35
CA PHE UA 189 -44.66 95.44 62.73
C PHE UA 189 -45.85 95.18 63.66
N ASP UA 190 -46.24 96.20 64.43
CA ASP UA 190 -47.37 96.11 65.34
C ASP UA 190 -48.46 97.02 64.80
N ASN UA 191 -49.27 96.50 63.87
CA ASN UA 191 -50.39 97.23 63.28
C ASN UA 191 -49.96 98.56 62.67
N GLY UA 192 -48.84 98.55 61.95
CA GLY UA 192 -48.35 99.75 61.31
C GLY UA 192 -47.29 100.49 62.09
N SER UA 193 -46.24 99.79 62.50
CA SER UA 193 -45.18 100.39 63.30
C SER UA 193 -43.83 99.83 62.85
N ILE UA 194 -42.80 100.65 62.94
CA ILE UA 194 -41.44 100.26 62.58
C ILE UA 194 -40.52 100.57 63.75
N TYR UA 195 -39.94 99.53 64.33
CA TYR UA 195 -38.90 99.64 65.36
C TYR UA 195 -37.79 98.66 65.00
N ASN UA 196 -36.93 98.37 65.98
CA ASN UA 196 -35.88 97.38 65.78
C ASN UA 196 -36.46 95.97 65.75
N PRO VA 1 -17.59 61.56 81.09
CA PRO VA 1 -18.59 60.54 80.77
C PRO VA 1 -18.15 59.14 81.20
N ASN VA 2 -17.47 59.05 82.35
CA ASN VA 2 -17.05 57.79 82.94
C ASN VA 2 -16.11 57.00 82.02
N GLU VA 3 -15.23 57.72 81.32
CA GLU VA 3 -14.12 57.21 80.50
C GLU VA 3 -14.56 56.49 79.23
N ILE VA 4 -15.85 56.26 79.02
CA ILE VA 4 -16.31 55.53 77.84
C ILE VA 4 -17.81 55.81 77.69
N LYS VA 5 -18.26 55.83 76.43
CA LYS VA 5 -19.67 56.11 76.16
C LYS VA 5 -20.19 55.06 75.16
N VAL VA 6 -21.51 54.86 75.19
CA VAL VA 6 -22.14 53.73 74.54
C VAL VA 6 -23.28 54.20 73.63
N VAL VA 7 -23.14 55.41 73.09
CA VAL VA 7 -24.18 55.99 72.23
C VAL VA 7 -24.39 55.15 70.96
N TYR VA 8 -23.40 54.35 70.58
CA TYR VA 8 -23.43 53.66 69.30
C TYR VA 8 -24.63 52.72 69.18
N LEU VA 9 -25.20 52.68 67.98
CA LEU VA 9 -26.40 51.92 67.68
C LEU VA 9 -26.07 50.53 67.13
N ARG VA 10 -27.12 49.73 66.98
CA ARG VA 10 -26.99 48.35 66.52
C ARG VA 10 -28.06 48.08 65.47
N CYS VA 11 -27.78 47.09 64.63
CA CYS VA 11 -28.75 46.55 63.69
C CYS VA 11 -28.73 45.03 63.73
N THR VA 12 -28.51 44.47 64.91
CA THR VA 12 -28.49 43.03 65.11
C THR VA 12 -29.78 42.60 65.79
N GLY VA 13 -30.28 41.44 65.37
CA GLY VA 13 -31.56 40.98 65.87
C GLY VA 13 -31.89 39.63 65.29
N GLY VA 14 -33.02 39.09 65.75
CA GLY VA 14 -33.46 37.77 65.32
C GLY VA 14 -32.62 36.69 65.96
N GLU VA 15 -31.70 36.13 65.19
CA GLU VA 15 -30.74 35.18 65.71
C GLU VA 15 -29.78 35.90 66.66
N VAL VA 16 -29.27 35.17 67.65
CA VAL VA 16 -28.31 35.73 68.60
C VAL VA 16 -27.05 36.17 67.86
N GLY VA 17 -26.55 35.33 66.97
CA GLY VA 17 -25.40 35.69 66.16
C GLY VA 17 -24.08 35.58 66.89
N ALA VA 18 -23.89 36.45 67.89
CA ALA VA 18 -22.70 36.47 68.74
C ALA VA 18 -21.41 36.59 67.93
N THR VA 19 -20.74 35.47 67.70
CA THR VA 19 -19.50 35.50 66.91
C THR VA 19 -19.79 35.75 65.44
N SER VA 20 -20.91 35.25 64.94
CA SER VA 20 -21.27 35.47 63.55
C SER VA 20 -21.68 36.91 63.29
N ALA VA 21 -22.28 37.57 64.26
CA ALA VA 21 -22.77 38.93 64.07
C ALA VA 21 -21.60 39.93 64.09
N LEU VA 22 -21.94 41.19 63.90
CA LEU VA 22 -20.96 42.28 63.89
C LEU VA 22 -20.59 42.74 65.29
N ALA VA 23 -21.18 42.17 66.33
CA ALA VA 23 -20.93 42.61 67.69
C ALA VA 23 -19.44 42.59 68.09
N PRO VA 24 -18.64 41.58 67.76
CA PRO VA 24 -17.20 41.70 68.05
C PRO VA 24 -16.50 42.80 67.26
N LYS VA 25 -17.09 43.28 66.17
CA LYS VA 25 -16.46 44.36 65.42
C LYS VA 25 -16.55 45.69 66.14
N ILE VA 26 -17.70 45.98 66.77
CA ILE VA 26 -17.83 47.20 67.57
C ILE VA 26 -16.93 47.15 68.80
N GLY VA 27 -16.73 45.96 69.38
CA GLY VA 27 -16.00 45.76 70.61
C GLY VA 27 -14.72 46.57 70.80
N PRO VA 28 -13.83 46.57 69.81
CA PRO VA 28 -12.63 47.43 69.92
C PRO VA 28 -12.91 48.92 70.01
N LEU VA 29 -14.15 49.37 69.83
CA LEU VA 29 -14.44 50.78 70.05
C LEU VA 29 -14.60 51.08 71.54
N GLY VA 30 -15.03 50.09 72.32
CA GLY VA 30 -15.20 50.29 73.75
C GLY VA 30 -14.39 49.34 74.61
N LEU VA 31 -14.10 48.14 74.10
CA LEU VA 31 -13.35 47.06 74.74
C LEU VA 31 -14.01 46.49 75.99
N SER VA 32 -15.06 47.11 76.50
CA SER VA 32 -15.72 46.66 77.72
C SER VA 32 -16.66 45.48 77.52
N PRO VA 33 -17.64 45.52 76.55
CA PRO VA 33 -18.57 44.37 76.45
C PRO VA 33 -17.92 43.05 76.06
N LYS VA 34 -17.27 43.01 74.89
CA LYS VA 34 -16.66 41.80 74.33
C LYS VA 34 -17.74 40.71 74.22
N LYS VA 35 -17.33 39.44 74.30
CA LYS VA 35 -18.29 38.34 74.21
C LYS VA 35 -19.24 38.31 75.40
N VAL VA 36 -18.69 38.45 76.62
CA VAL VA 36 -19.53 38.45 77.81
C VAL VA 36 -20.45 39.65 77.89
N GLY VA 37 -20.25 40.65 77.03
CA GLY VA 37 -21.15 41.78 76.97
C GLY VA 37 -22.19 41.65 75.87
N ASP VA 38 -21.78 41.22 74.66
CA ASP VA 38 -22.76 41.13 73.60
C ASP VA 38 -23.70 39.95 73.78
N ASP VA 39 -23.22 38.87 74.42
CA ASP VA 39 -24.12 37.76 74.72
C ASP VA 39 -25.20 38.18 75.71
N ILE VA 40 -24.81 38.90 76.78
CA ILE VA 40 -25.80 39.32 77.76
C ILE VA 40 -26.65 40.47 77.24
N ALA VA 41 -26.16 41.21 76.24
CA ALA VA 41 -26.99 42.23 75.61
C ALA VA 41 -28.06 41.58 74.74
N LYS VA 42 -27.68 40.58 73.94
CA LYS VA 42 -28.62 39.97 73.01
C LYS VA 42 -29.58 39.02 73.71
N ALA VA 43 -29.17 38.43 74.85
CA ALA VA 43 -30.10 37.64 75.64
C ALA VA 43 -31.28 38.49 76.08
N THR VA 44 -31.03 39.74 76.46
CA THR VA 44 -32.08 40.71 76.71
C THR VA 44 -32.61 41.34 75.43
N GLY VA 45 -31.89 41.19 74.31
CA GLY VA 45 -32.34 41.63 73.00
C GLY VA 45 -32.95 40.55 72.14
N ASP VA 46 -33.34 39.41 72.73
CA ASP VA 46 -33.90 38.31 71.96
C ASP VA 46 -35.23 38.71 71.32
N TRP VA 47 -36.11 39.35 72.08
CA TRP VA 47 -37.42 39.79 71.60
C TRP VA 47 -37.55 41.31 71.73
N LYS VA 48 -38.71 41.78 71.28
CA LYS VA 48 -38.97 43.21 71.03
C LYS VA 48 -37.84 43.83 70.20
N GLY VA 49 -37.74 43.39 68.94
CA GLY VA 49 -38.54 42.38 68.27
C GLY VA 49 -37.72 41.17 67.84
N LEU VA 50 -38.35 40.25 67.13
CA LEU VA 50 -37.67 39.09 66.55
C LEU VA 50 -37.12 39.41 65.18
N ARG VA 51 -36.93 40.69 64.87
CA ARG VA 51 -36.50 41.22 63.59
C ARG VA 51 -35.16 41.93 63.77
N ILE VA 52 -34.79 42.72 62.75
CA ILE VA 52 -33.54 43.48 62.76
C ILE VA 52 -33.31 44.18 64.08
N THR VA 53 -34.35 44.81 64.63
CA THR VA 53 -34.35 45.38 65.98
C THR VA 53 -33.22 46.39 66.15
N VAL VA 54 -33.31 47.47 65.38
CA VAL VA 54 -32.35 48.56 65.52
C VAL VA 54 -32.59 49.24 66.86
N LYS VA 55 -31.59 49.18 67.74
CA LYS VA 55 -31.79 49.59 69.12
C LYS VA 55 -30.51 50.18 69.67
N LEU VA 56 -30.66 50.98 70.73
CA LEU VA 56 -29.57 51.62 71.44
C LEU VA 56 -29.42 50.98 72.82
N THR VA 57 -28.18 50.84 73.27
CA THR VA 57 -27.87 50.20 74.53
C THR VA 57 -27.20 51.20 75.48
N ILE VA 58 -27.32 50.92 76.78
CA ILE VA 58 -26.75 51.76 77.82
C ILE VA 58 -25.84 50.90 78.69
N GLN VA 59 -24.61 51.36 78.89
CA GLN VA 59 -23.58 50.63 79.62
C GLN VA 59 -23.46 51.17 81.04
N ASN VA 60 -23.40 50.26 82.01
CA ASN VA 60 -23.14 50.61 83.41
C ASN VA 60 -21.74 50.22 83.84
N ARG VA 61 -20.82 50.07 82.88
CA ARG VA 61 -19.40 49.73 83.09
C ARG VA 61 -19.24 48.28 83.52
N GLN VA 62 -20.36 47.60 83.76
CA GLN VA 62 -20.40 46.20 84.17
C GLN VA 62 -21.32 45.36 83.29
N ALA VA 63 -22.45 45.91 82.85
CA ALA VA 63 -23.37 45.22 81.97
C ALA VA 63 -24.13 46.23 81.13
N GLN VA 64 -24.78 45.75 80.08
CA GLN VA 64 -25.52 46.58 79.15
C GLN VA 64 -27.01 46.36 79.30
N ILE VA 65 -27.76 47.45 79.37
CA ILE VA 65 -29.21 47.41 79.27
C ILE VA 65 -29.62 47.94 77.91
N GLU VA 66 -30.72 47.41 77.38
CA GLU VA 66 -31.11 47.68 76.00
C GLU VA 66 -32.52 48.24 75.94
N VAL VA 67 -32.66 49.38 75.28
CA VAL VA 67 -33.94 50.04 75.06
C VAL VA 67 -34.25 49.97 73.58
N VAL VA 68 -35.51 49.71 73.25
CA VAL VA 68 -35.94 49.48 71.87
C VAL VA 68 -36.72 50.71 71.40
N PRO VA 69 -36.23 51.45 70.41
CA PRO VA 69 -37.07 52.47 69.76
C PRO VA 69 -38.29 51.83 69.11
N SER VA 70 -39.42 52.54 69.19
CA SER VA 70 -40.67 52.03 68.65
C SER VA 70 -40.76 52.34 67.16
N ALA VA 71 -39.84 51.72 66.41
CA ALA VA 71 -39.89 51.84 64.96
C ALA VA 71 -41.15 51.18 64.42
N SER VA 72 -41.83 51.89 63.52
CA SER VA 72 -43.14 51.44 63.04
C SER VA 72 -43.03 50.09 62.34
N ALA VA 73 -42.05 49.95 61.45
CA ALA VA 73 -41.85 48.67 60.78
C ALA VA 73 -41.43 47.58 61.75
N LEU VA 74 -40.56 47.92 62.71
CA LEU VA 74 -40.12 46.95 63.71
C LEU VA 74 -41.29 46.45 64.54
N ILE VA 75 -42.12 47.37 65.04
CA ILE VA 75 -43.22 46.96 65.90
C ILE VA 75 -44.32 46.26 65.11
N ILE VA 76 -44.53 46.63 63.84
CA ILE VA 76 -45.60 45.99 63.08
C ILE VA 76 -45.17 44.62 62.57
N LYS VA 77 -43.86 44.40 62.40
CA LYS VA 77 -43.40 43.05 62.10
C LYS VA 77 -43.31 42.19 63.35
N ALA VA 78 -43.04 42.80 64.51
CA ALA VA 78 -43.11 42.06 65.76
C ALA VA 78 -44.54 41.66 66.10
N LEU VA 79 -45.50 42.52 65.74
CA LEU VA 79 -46.91 42.20 65.97
C LEU VA 79 -47.38 41.11 65.01
N LYS VA 80 -46.83 41.05 63.81
CA LYS VA 80 -47.17 39.98 62.87
C LYS VA 80 -46.37 38.71 63.18
N GLU VA 81 -47.06 37.57 63.10
CA GLU VA 81 -46.41 36.29 63.29
C GLU VA 81 -46.37 35.50 61.98
N ILE VA 98 -57.95 42.86 56.26
CA ILE VA 98 -57.71 43.14 57.68
C ILE VA 98 -57.32 44.61 57.86
N THR VA 99 -57.80 45.21 58.95
CA THR VA 99 -57.50 46.62 59.25
C THR VA 99 -56.64 46.77 60.49
N PHE VA 100 -56.96 46.03 61.56
CA PHE VA 100 -56.23 46.07 62.85
C PHE VA 100 -55.89 47.49 63.28
N ASP VA 101 -56.93 48.31 63.39
CA ASP VA 101 -56.79 49.70 63.81
C ASP VA 101 -56.28 49.82 65.24
N GLU VA 102 -56.78 48.95 66.13
CA GLU VA 102 -56.52 49.11 67.55
C GLU VA 102 -55.03 48.95 67.89
N ILE VA 103 -54.35 47.97 67.28
CA ILE VA 103 -52.97 47.69 67.66
C ILE VA 103 -52.05 48.83 67.22
N VAL VA 104 -52.29 49.38 66.03
CA VAL VA 104 -51.46 50.51 65.60
C VAL VA 104 -51.82 51.78 66.36
N ASN VA 105 -53.10 51.95 66.74
CA ASN VA 105 -53.45 53.15 67.50
C ASN VA 105 -52.83 53.12 68.89
N ILE VA 106 -52.78 51.94 69.51
CA ILE VA 106 -52.16 51.86 70.84
C ILE VA 106 -50.64 51.68 70.77
N ALA VA 107 -50.09 51.38 69.59
CA ALA VA 107 -48.65 51.20 69.47
C ALA VA 107 -47.90 52.52 69.41
N ARG VA 108 -48.56 53.62 69.07
CA ARG VA 108 -47.90 54.91 68.96
C ARG VA 108 -47.96 55.72 70.24
N GLN VA 109 -48.62 55.21 71.29
CA GLN VA 109 -48.77 55.99 72.52
C GLN VA 109 -47.46 56.11 73.26
N MET VA 110 -46.66 55.04 73.29
CA MET VA 110 -45.45 54.96 74.10
C MET VA 110 -44.21 55.42 73.36
N ARG VA 111 -44.32 55.73 72.08
CA ARG VA 111 -43.14 56.16 71.33
C ARG VA 111 -42.82 57.63 71.63
N HIS VA 112 -41.78 58.12 70.96
CA HIS VA 112 -41.38 59.51 71.15
C HIS VA 112 -42.41 60.46 70.57
N ARG VA 113 -43.18 59.99 69.58
CA ARG VA 113 -44.40 60.66 69.10
C ARG VA 113 -44.09 61.98 68.39
N SER VA 114 -42.90 62.11 67.81
CA SER VA 114 -42.51 63.40 67.27
C SER VA 114 -42.85 63.54 65.78
N LEU VA 115 -42.21 62.75 64.92
CA LEU VA 115 -42.48 62.70 63.47
C LEU VA 115 -42.61 64.07 62.82
N ALA VA 116 -42.02 65.11 63.41
CA ALA VA 116 -42.25 66.51 63.01
C ALA VA 116 -43.73 66.83 62.92
N ARG VA 117 -44.49 66.43 63.94
CA ARG VA 117 -45.95 66.47 63.92
C ARG VA 117 -46.48 67.90 64.02
N GLU VA 118 -47.76 68.04 63.69
CA GLU VA 118 -48.58 69.16 64.13
C GLU VA 118 -49.92 68.71 64.68
N LEU VA 119 -50.27 67.43 64.53
CA LEU VA 119 -51.53 66.90 65.02
C LEU VA 119 -51.31 65.42 65.31
N SER VA 120 -52.13 64.88 66.22
CA SER VA 120 -52.01 63.47 66.56
C SER VA 120 -52.43 62.57 65.40
N GLY VA 121 -53.36 63.03 64.57
CA GLY VA 121 -53.74 62.28 63.39
C GLY VA 121 -52.64 62.14 62.37
N THR VA 122 -51.65 63.03 62.41
CA THR VA 122 -50.54 62.94 61.46
C THR VA 122 -49.72 61.68 61.69
N ILE VA 123 -49.51 61.29 62.94
CA ILE VA 123 -48.69 60.11 63.23
C ILE VA 123 -49.37 58.85 62.73
N LYS VA 124 -50.65 58.67 63.04
CA LYS VA 124 -51.34 57.46 62.59
C LYS VA 124 -51.49 57.45 61.08
N GLU VA 125 -51.60 58.61 60.43
CA GLU VA 125 -51.54 58.65 58.98
C GLU VA 125 -50.19 58.17 58.48
N ILE VA 126 -49.12 58.43 59.23
CA ILE VA 126 -47.80 57.95 58.84
C ILE VA 126 -47.73 56.44 58.97
N LEU VA 127 -48.23 55.90 60.08
CA LEU VA 127 -48.10 54.46 60.32
C LEU VA 127 -49.07 53.63 59.48
N GLY VA 128 -50.23 54.19 59.11
CA GLY VA 128 -51.22 53.41 58.40
C GLY VA 128 -50.75 52.93 57.05
N THR VA 129 -50.11 53.81 56.28
CA THR VA 129 -49.50 53.43 55.02
C THR VA 129 -48.07 52.95 55.19
N ALA VA 130 -47.51 53.05 56.40
CA ALA VA 130 -46.28 52.35 56.71
C ALA VA 130 -46.50 50.85 56.86
N GLN VA 131 -47.75 50.43 56.93
CA GLN VA 131 -48.11 49.02 56.97
C GLN VA 131 -48.37 48.43 55.59
N SER VA 132 -48.18 49.21 54.53
CA SER VA 132 -48.52 48.77 53.18
C SER VA 132 -47.54 47.74 52.62
N VAL VA 133 -46.36 47.59 53.21
CA VAL VA 133 -45.41 46.61 52.73
C VAL VA 133 -45.79 45.22 53.20
N HIS VA 141 -56.16 46.96 50.76
CA HIS VA 141 -54.85 47.58 50.94
C HIS VA 141 -54.91 48.72 51.95
N PRO VA 142 -53.83 48.92 52.73
CA PRO VA 142 -53.80 49.94 53.78
C PRO VA 142 -53.58 51.37 53.27
N HIS VA 143 -54.44 51.80 52.34
CA HIS VA 143 -54.47 53.19 51.90
C HIS VA 143 -55.87 53.79 51.89
N ASP VA 144 -56.92 52.97 52.02
CA ASP VA 144 -58.27 53.51 52.18
C ASP VA 144 -58.38 54.29 53.50
N ILE VA 145 -57.74 53.80 54.55
CA ILE VA 145 -57.72 54.53 55.82
C ILE VA 145 -56.98 55.85 55.65
N ILE VA 146 -55.89 55.84 54.87
CA ILE VA 146 -55.09 57.05 54.69
C ILE VA 146 -55.89 58.10 53.91
N ASP VA 147 -56.67 57.68 52.93
CA ASP VA 147 -57.36 58.63 52.05
C ASP VA 147 -58.44 59.40 52.80
N ASP VA 148 -59.46 58.71 53.30
CA ASP VA 148 -60.61 59.34 53.93
C ASP VA 148 -60.82 58.76 55.32
N ILE VA 149 -60.20 59.41 56.30
CA ILE VA 149 -60.26 58.98 57.70
C ILE VA 149 -61.09 59.98 58.49
N ASN VA 150 -61.97 59.47 59.35
CA ASN VA 150 -62.80 60.32 60.21
C ASN VA 150 -62.91 59.75 61.61
N SER VA 151 -62.00 58.86 62.00
CA SER VA 151 -62.10 58.14 63.27
C SER VA 151 -60.83 58.34 64.07
N GLY VA 152 -61.00 58.72 65.34
CA GLY VA 152 -59.87 58.89 66.24
C GLY VA 152 -58.92 60.00 65.84
N ALA VA 153 -59.44 61.10 65.31
CA ALA VA 153 -58.58 62.22 64.95
C ALA VA 153 -57.95 62.86 66.18
N VAL VA 154 -58.72 62.93 67.27
CA VAL VA 154 -58.22 63.50 68.53
C VAL VA 154 -58.30 62.43 69.61
N GLU VA 155 -58.09 61.17 69.22
CA GLU VA 155 -58.20 60.06 70.17
C GLU VA 155 -57.13 60.15 71.25
N CYS VA 156 -55.87 60.27 70.86
CA CYS VA 156 -54.78 60.30 71.83
C CYS VA 156 -54.88 61.46 72.81
N PRO VA 157 -55.19 62.70 72.40
CA PRO VA 157 -55.42 63.69 73.46
C PRO VA 157 -56.80 63.55 74.08
N MET WA 1 -57.72 -51.61 90.60
CA MET WA 1 -58.95 -50.85 90.53
C MET WA 1 -58.71 -49.44 90.00
N ALA WA 2 -59.66 -48.53 90.28
CA ALA WA 2 -59.57 -47.18 89.73
C ALA WA 2 -58.38 -46.41 90.30
N VAL WA 3 -58.11 -46.58 91.60
CA VAL WA 3 -57.00 -45.86 92.22
C VAL WA 3 -55.67 -46.29 91.61
N GLN WA 4 -55.47 -47.60 91.43
CA GLN WA 4 -54.24 -48.09 90.84
C GLN WA 4 -54.24 -47.91 89.34
N ILE WA 5 -53.07 -47.55 88.80
CA ILE WA 5 -52.87 -47.41 87.37
C ILE WA 5 -52.73 -48.78 86.75
N SER WA 6 -52.79 -48.86 85.42
CA SER WA 6 -52.74 -50.15 84.75
C SER WA 6 -51.38 -50.81 84.94
N LYS WA 7 -51.33 -52.11 84.68
CA LYS WA 7 -50.08 -52.84 84.77
C LYS WA 7 -49.02 -52.27 83.84
N LYS WA 8 -49.43 -51.82 82.66
CA LYS WA 8 -48.50 -51.20 81.72
C LYS WA 8 -47.88 -49.96 82.33
N ARG WA 9 -48.72 -49.05 82.83
CA ARG WA 9 -48.25 -47.84 83.47
C ARG WA 9 -47.44 -48.15 84.72
N LYS WA 10 -47.83 -49.21 85.46
CA LYS WA 10 -47.12 -49.55 86.68
C LYS WA 10 -45.70 -50.04 86.39
N PHE WA 11 -45.55 -50.90 85.38
CA PHE WA 11 -44.23 -51.37 85.00
C PHE WA 11 -43.38 -50.24 84.43
N VAL WA 12 -44.00 -49.33 83.68
CA VAL WA 12 -43.28 -48.15 83.20
C VAL WA 12 -42.77 -47.33 84.38
N ALA WA 13 -43.61 -47.14 85.39
CA ALA WA 13 -43.19 -46.39 86.57
C ALA WA 13 -42.07 -47.10 87.31
N ASP WA 14 -42.11 -48.43 87.37
CA ASP WA 14 -41.04 -49.19 88.00
C ASP WA 14 -39.71 -48.95 87.29
N GLY WA 15 -39.72 -49.03 85.96
CA GLY WA 15 -38.51 -48.77 85.21
C GLY WA 15 -38.01 -47.35 85.38
N ILE WA 16 -38.94 -46.39 85.42
CA ILE WA 16 -38.57 -44.99 85.64
C ILE WA 16 -37.90 -44.83 86.98
N PHE WA 17 -38.45 -45.45 88.03
CA PHE WA 17 -37.85 -45.35 89.35
C PHE WA 17 -36.45 -45.97 89.36
N LYS WA 18 -36.28 -47.11 88.68
CA LYS WA 18 -34.96 -47.71 88.58
C LYS WA 18 -33.97 -46.76 87.93
N ALA WA 19 -34.37 -46.15 86.81
CA ALA WA 19 -33.48 -45.23 86.11
C ALA WA 19 -33.11 -44.03 86.97
N GLU WA 20 -34.11 -43.41 87.60
CA GLU WA 20 -33.87 -42.22 88.40
C GLU WA 20 -32.97 -42.54 89.59
N LEU WA 21 -33.22 -43.66 90.26
CA LEU WA 21 -32.39 -44.03 91.39
C LEU WA 21 -30.97 -44.32 90.95
N ASN WA 22 -30.79 -44.99 89.81
CA ASN WA 22 -29.44 -45.24 89.32
C ASN WA 22 -28.70 -43.94 89.01
N GLU WA 23 -29.39 -43.00 88.35
CA GLU WA 23 -28.76 -41.72 88.05
C GLU WA 23 -28.37 -40.96 89.31
N PHE WA 24 -29.28 -40.94 90.30
CA PHE WA 24 -29.01 -40.21 91.53
C PHE WA 24 -27.84 -40.83 92.30
N LEU WA 25 -27.83 -42.16 92.40
CA LEU WA 25 -26.73 -42.82 93.10
C LEU WA 25 -25.41 -42.64 92.35
N THR WA 26 -25.45 -42.62 91.02
CA THR WA 26 -24.23 -42.38 90.27
C THR WA 26 -23.71 -40.97 90.51
N ARG WA 27 -24.59 -39.98 90.45
CA ARG WA 27 -24.18 -38.60 90.63
C ARG WA 27 -23.72 -38.30 92.05
N GLU WA 28 -24.21 -39.04 93.05
CA GLU WA 28 -23.81 -38.79 94.42
C GLU WA 28 -22.67 -39.69 94.87
N LEU WA 29 -22.76 -40.99 94.62
CA LEU WA 29 -21.78 -41.95 95.12
C LEU WA 29 -20.61 -42.13 94.16
N ALA WA 30 -20.32 -41.11 93.35
CA ALA WA 30 -19.31 -41.25 92.31
C ALA WA 30 -17.93 -41.53 92.88
N GLU WA 31 -17.56 -40.83 93.95
CA GLU WA 31 -16.23 -40.98 94.52
C GLU WA 31 -16.10 -42.19 95.44
N ASP WA 32 -17.22 -42.77 95.89
CA ASP WA 32 -17.21 -43.84 96.87
C ASP WA 32 -17.27 -45.23 96.24
N GLY WA 33 -16.81 -45.36 95.00
CA GLY WA 33 -16.79 -46.66 94.35
C GLY WA 33 -18.16 -47.24 94.07
N TYR WA 34 -19.09 -46.41 93.62
CA TYR WA 34 -20.41 -46.90 93.23
C TYR WA 34 -20.28 -47.87 92.06
N SER WA 35 -20.99 -48.98 92.14
CA SER WA 35 -21.02 -49.96 91.07
C SER WA 35 -22.40 -50.08 90.45
N GLY WA 36 -23.43 -50.29 91.26
CA GLY WA 36 -24.78 -50.43 90.72
C GLY WA 36 -25.77 -50.53 91.86
N VAL WA 37 -27.04 -50.53 91.50
CA VAL WA 37 -28.14 -50.57 92.46
C VAL WA 37 -29.09 -51.71 92.09
N GLU WA 38 -29.54 -52.44 93.11
CA GLU WA 38 -30.57 -53.46 92.95
C GLU WA 38 -31.63 -53.22 94.00
N VAL WA 39 -32.90 -53.23 93.60
CA VAL WA 39 -34.02 -52.98 94.50
C VAL WA 39 -34.90 -54.22 94.56
N ARG WA 40 -35.24 -54.63 95.78
CA ARG WA 40 -36.13 -55.76 96.01
C ARG WA 40 -37.42 -55.23 96.62
N VAL WA 41 -38.53 -55.46 95.91
CA VAL WA 41 -39.80 -54.82 96.21
C VAL WA 41 -40.82 -55.86 96.65
N THR WA 42 -41.60 -55.54 97.67
CA THR WA 42 -42.73 -56.31 98.15
C THR WA 42 -43.88 -55.36 98.44
N PRO WA 43 -45.12 -55.87 98.48
CA PRO WA 43 -46.23 -55.01 98.92
C PRO WA 43 -46.06 -54.46 100.32
N THR WA 44 -45.43 -55.21 101.22
CA THR WA 44 -45.21 -54.71 102.58
C THR WA 44 -44.19 -53.58 102.61
N ARG WA 45 -43.05 -53.77 101.96
CA ARG WA 45 -42.01 -52.77 101.92
C ARG WA 45 -41.10 -53.06 100.73
N THR WA 46 -40.09 -52.23 100.54
CA THR WA 46 -39.10 -52.47 99.50
C THR WA 46 -37.71 -52.43 100.11
N GLU WA 47 -36.79 -53.16 99.47
CA GLU WA 47 -35.39 -53.19 99.88
C GLU WA 47 -34.53 -52.69 98.75
N ILE WA 48 -33.65 -51.74 99.05
CA ILE WA 48 -32.72 -51.18 98.08
C ILE WA 48 -31.32 -51.64 98.45
N ILE WA 49 -30.64 -52.26 97.50
CA ILE WA 49 -29.28 -52.75 97.70
C ILE WA 49 -28.37 -52.00 96.73
N ILE WA 50 -27.41 -51.26 97.28
CA ILE WA 50 -26.48 -50.45 96.51
C ILE WA 50 -25.15 -51.19 96.46
N LEU WA 51 -24.80 -51.71 95.29
CA LEU WA 51 -23.55 -52.43 95.10
C LEU WA 51 -22.42 -51.40 94.99
N ALA WA 52 -21.49 -51.43 95.95
CA ALA WA 52 -20.39 -50.48 95.94
C ALA WA 52 -19.17 -51.11 96.58
N THR WA 53 -18.00 -50.73 96.08
CA THR WA 53 -16.76 -51.30 96.60
C THR WA 53 -16.45 -50.76 98.00
N ARG WA 54 -16.55 -49.44 98.18
CA ARG WA 54 -16.23 -48.78 99.44
C ARG WA 54 -17.51 -48.64 100.26
N THR WA 55 -17.95 -49.77 100.82
CA THR WA 55 -19.11 -49.72 101.71
C THR WA 55 -18.80 -48.91 102.96
N GLN WA 56 -17.59 -49.05 103.49
CA GLN WA 56 -17.16 -48.29 104.65
C GLN WA 56 -17.09 -46.80 104.39
N ASN WA 57 -16.90 -46.38 103.14
CA ASN WA 57 -16.82 -44.98 102.80
C ASN WA 57 -18.16 -44.40 102.36
N VAL WA 58 -18.98 -45.19 101.67
CA VAL WA 58 -20.31 -44.71 101.30
C VAL WA 58 -21.17 -44.55 102.53
N LEU WA 59 -20.91 -45.32 103.59
CA LEU WA 59 -21.56 -45.14 104.87
C LEU WA 59 -20.88 -43.97 105.59
N GLY WA 60 -21.68 -43.13 106.23
CA GLY WA 60 -21.13 -42.06 107.04
C GLY WA 60 -20.68 -42.57 108.39
N GLU WA 61 -20.28 -41.66 109.26
CA GLU WA 61 -19.82 -42.03 110.61
C GLU WA 61 -21.00 -42.61 111.38
N LYS WA 62 -20.88 -43.90 111.72
CA LYS WA 62 -21.93 -44.67 112.37
C LYS WA 62 -23.21 -44.69 111.52
N GLY WA 63 -23.03 -44.77 110.20
CA GLY WA 63 -24.16 -44.83 109.29
C GLY WA 63 -24.88 -43.53 109.07
N ARG WA 64 -24.21 -42.40 109.27
CA ARG WA 64 -24.88 -41.11 109.09
C ARG WA 64 -25.27 -40.88 107.64
N ARG WA 65 -24.38 -41.19 106.70
CA ARG WA 65 -24.66 -40.91 105.30
C ARG WA 65 -25.71 -41.87 104.74
N ILE WA 66 -25.66 -43.14 105.15
CA ILE WA 66 -26.69 -44.06 104.67
C ILE WA 66 -28.05 -43.65 105.22
N ARG WA 67 -28.08 -43.13 106.46
CA ARG WA 67 -29.32 -42.59 107.00
C ARG WA 67 -29.79 -41.38 106.21
N GLU WA 68 -28.84 -40.51 105.83
CA GLU WA 68 -29.16 -39.32 105.03
C GLU WA 68 -29.82 -39.72 103.71
N LEU WA 69 -29.18 -40.65 102.99
CA LEU WA 69 -29.71 -41.07 101.71
C LEU WA 69 -31.03 -41.81 101.86
N THR WA 70 -31.19 -42.57 102.95
CA THR WA 70 -32.46 -43.22 103.22
C THR WA 70 -33.57 -42.21 103.42
N ALA WA 71 -33.29 -41.14 104.17
CA ALA WA 71 -34.27 -40.08 104.34
C ALA WA 71 -34.55 -39.38 103.01
N VAL WA 72 -33.52 -39.20 102.19
CA VAL WA 72 -33.70 -38.56 100.88
C VAL WA 72 -34.66 -39.37 100.02
N VAL WA 73 -34.42 -40.68 99.91
CA VAL WA 73 -35.25 -41.52 99.08
C VAL WA 73 -36.62 -41.74 99.71
N GLN WA 74 -36.71 -41.64 101.03
CA GLN WA 74 -38.01 -41.69 101.70
C GLN WA 74 -38.86 -40.48 101.32
N LYS WA 75 -38.25 -39.30 101.31
CA LYS WA 75 -39.00 -38.08 101.03
C LYS WA 75 -39.26 -37.85 99.54
N ARG WA 76 -38.31 -38.24 98.68
CA ARG WA 76 -38.39 -37.83 97.28
C ARG WA 76 -39.54 -38.52 96.55
N PHE WA 77 -39.63 -39.85 96.68
CA PHE WA 77 -40.68 -40.59 95.99
C PHE WA 77 -41.94 -40.76 96.82
N GLY WA 78 -41.92 -40.31 98.07
CA GLY WA 78 -43.11 -40.35 98.91
C GLY WA 78 -43.61 -41.74 99.29
N PHE WA 79 -42.69 -42.63 99.68
CA PHE WA 79 -43.10 -43.86 100.33
C PHE WA 79 -43.62 -43.58 101.73
N PRO WA 80 -44.39 -44.51 102.30
CA PRO WA 80 -44.66 -44.47 103.74
C PRO WA 80 -43.36 -44.67 104.52
N GLU WA 81 -43.33 -44.09 105.71
CA GLU WA 81 -42.13 -44.18 106.54
C GLU WA 81 -41.84 -45.62 106.94
N GLY WA 82 -40.58 -46.01 106.81
CA GLY WA 82 -40.20 -47.36 107.16
C GLY WA 82 -40.56 -48.41 106.15
N SER WA 83 -40.98 -48.02 104.95
CA SER WA 83 -41.33 -48.95 103.88
C SER WA 83 -40.17 -49.17 102.92
N VAL WA 84 -39.00 -48.64 103.22
CA VAL WA 84 -37.81 -48.77 102.38
C VAL WA 84 -36.58 -48.88 103.27
N GLU WA 85 -35.69 -49.83 102.95
CA GLU WA 85 -34.41 -49.96 103.61
C GLU WA 85 -33.32 -49.98 102.56
N LEU WA 86 -32.16 -49.41 102.91
CA LEU WA 86 -31.03 -49.30 102.00
C LEU WA 86 -29.86 -50.09 102.57
N TYR WA 87 -29.41 -51.09 101.84
CA TYR WA 87 -28.25 -51.88 102.24
C TYR WA 87 -27.08 -51.60 101.33
N ALA WA 88 -25.90 -51.50 101.93
CA ALA WA 88 -24.65 -51.34 101.21
C ALA WA 88 -23.92 -52.66 101.21
N GLU WA 89 -23.60 -53.15 100.03
CA GLU WA 89 -22.95 -54.45 99.87
C GLU WA 89 -21.72 -54.29 99.00
N LYS WA 90 -20.61 -54.90 99.43
CA LYS WA 90 -19.39 -54.90 98.65
C LYS WA 90 -19.58 -55.80 97.42
N VAL WA 91 -19.12 -55.32 96.27
CA VAL WA 91 -19.14 -56.15 95.08
C VAL WA 91 -18.01 -57.16 95.15
N ALA WA 92 -18.16 -58.24 94.38
CA ALA WA 92 -17.15 -59.27 94.27
C ALA WA 92 -16.35 -59.03 93.00
N THR WA 93 -15.01 -59.00 93.14
CA THR WA 93 -14.09 -58.76 92.03
C THR WA 93 -14.41 -57.44 91.34
N ARG WA 94 -14.13 -56.35 92.07
CA ARG WA 94 -14.41 -55.02 91.55
C ARG WA 94 -13.62 -54.72 90.29
N GLY WA 95 -12.56 -55.50 90.00
CA GLY WA 95 -11.90 -55.40 88.72
C GLY WA 95 -12.78 -55.73 87.54
N LEU WA 96 -13.84 -56.52 87.75
CA LEU WA 96 -14.75 -56.91 86.68
C LEU WA 96 -15.85 -55.90 86.45
N CYS WA 97 -16.07 -54.97 87.36
CA CYS WA 97 -17.13 -53.98 87.22
C CYS WA 97 -16.61 -52.82 86.39
N ALA WA 98 -17.09 -52.72 85.15
CA ALA WA 98 -16.66 -51.64 84.27
C ALA WA 98 -17.12 -50.29 84.80
N ILE WA 99 -18.22 -50.26 85.56
CA ILE WA 99 -18.64 -49.02 86.19
C ILE WA 99 -17.60 -48.53 87.18
N ALA WA 100 -17.18 -49.41 88.09
CA ALA WA 100 -16.21 -49.03 89.11
C ALA WA 100 -14.86 -48.73 88.49
N GLN WA 101 -14.45 -49.51 87.48
CA GLN WA 101 -13.17 -49.26 86.84
C GLN WA 101 -13.18 -47.95 86.07
N ALA WA 102 -14.30 -47.62 85.43
CA ALA WA 102 -14.43 -46.33 84.76
C ALA WA 102 -14.36 -45.19 85.77
N GLU WA 103 -15.00 -45.36 86.93
CA GLU WA 103 -14.94 -44.33 87.95
C GLU WA 103 -13.51 -44.17 88.48
N SER WA 104 -12.79 -45.27 88.66
CA SER WA 104 -11.41 -45.21 89.11
C SER WA 104 -10.53 -44.51 88.08
N LEU WA 105 -10.71 -44.83 86.79
CA LEU WA 105 -9.93 -44.17 85.75
C LEU WA 105 -10.26 -42.69 85.68
N ARG WA 106 -11.54 -42.34 85.86
CA ARG WA 106 -11.92 -40.93 85.88
C ARG WA 106 -11.27 -40.20 87.04
N TYR WA 107 -11.21 -40.84 88.21
CA TYR WA 107 -10.49 -40.25 89.34
C TYR WA 107 -9.00 -40.09 89.03
N LYS WA 108 -8.39 -41.10 88.44
CA LYS WA 108 -6.95 -41.02 88.17
C LYS WA 108 -6.65 -39.94 87.14
N LEU WA 109 -7.57 -39.72 86.21
CA LEU WA 109 -7.38 -38.66 85.23
C LEU WA 109 -7.61 -37.29 85.85
N LEU WA 110 -8.63 -37.14 86.70
CA LEU WA 110 -8.88 -35.86 87.33
C LEU WA 110 -7.83 -35.52 88.37
N GLY WA 111 -7.16 -36.53 88.93
CA GLY WA 111 -6.08 -36.27 89.87
C GLY WA 111 -4.87 -35.65 89.21
N GLY WA 112 -4.64 -35.98 87.94
CA GLY WA 112 -3.57 -35.36 87.20
C GLY WA 112 -2.60 -36.35 86.60
N LEU WA 113 -2.89 -37.64 86.74
CA LEU WA 113 -2.01 -38.66 86.20
C LEU WA 113 -2.06 -38.66 84.67
N ALA WA 114 -0.96 -39.11 84.06
CA ALA WA 114 -0.91 -39.24 82.62
C ALA WA 114 -1.93 -40.29 82.16
N VAL WA 115 -2.61 -39.99 81.05
CA VAL WA 115 -3.65 -40.87 80.56
C VAL WA 115 -3.08 -42.22 80.12
N ARG WA 116 -1.88 -42.22 79.54
CA ARG WA 116 -1.32 -43.45 78.99
C ARG WA 116 -1.03 -44.46 80.08
N ARG WA 117 -0.28 -44.07 81.10
CA ARG WA 117 0.08 -45.00 82.17
C ARG WA 117 -1.13 -45.35 83.02
N ALA WA 118 -2.05 -44.39 83.22
CA ALA WA 118 -3.26 -44.70 83.95
C ALA WA 118 -4.10 -45.75 83.23
N CYS WA 119 -4.26 -45.60 81.92
CA CYS WA 119 -5.01 -46.59 81.15
C CYS WA 119 -4.31 -47.94 81.17
N TYR WA 120 -2.98 -47.94 81.05
CA TYR WA 120 -2.24 -49.20 81.12
C TYR WA 120 -2.41 -49.87 82.47
N GLY WA 121 -2.34 -49.10 83.54
CA GLY WA 121 -2.53 -49.68 84.87
C GLY WA 121 -3.93 -50.22 85.07
N VAL WA 122 -4.94 -49.51 84.58
CA VAL WA 122 -6.32 -49.98 84.71
C VAL WA 122 -6.50 -51.28 83.95
N LEU WA 123 -6.00 -51.33 82.71
CA LEU WA 123 -6.13 -52.53 81.89
C LEU WA 123 -5.36 -53.69 82.51
N ARG WA 124 -4.17 -53.41 83.04
CA ARG WA 124 -3.37 -54.44 83.68
C ARG WA 124 -4.08 -55.00 84.91
N PHE WA 125 -4.70 -54.14 85.72
CA PHE WA 125 -5.45 -54.61 86.87
C PHE WA 125 -6.66 -55.43 86.45
N ILE WA 126 -7.33 -55.01 85.37
CA ILE WA 126 -8.52 -55.72 84.91
C ILE WA 126 -8.14 -57.13 84.45
N MET WA 127 -7.05 -57.24 83.68
CA MET WA 127 -6.63 -58.56 83.23
C MET WA 127 -6.01 -59.38 84.35
N GLU WA 128 -5.45 -58.74 85.37
CA GLU WA 128 -4.97 -59.50 86.53
C GLU WA 128 -6.13 -60.00 87.38
N SER WA 129 -7.27 -59.29 87.35
CA SER WA 129 -8.46 -59.78 88.01
C SER WA 129 -8.98 -61.05 87.34
N GLY WA 130 -8.74 -61.18 86.04
CA GLY WA 130 -9.16 -62.37 85.32
C GLY WA 130 -10.38 -62.15 84.46
N ALA WA 131 -10.18 -62.00 83.15
CA ALA WA 131 -11.28 -61.82 82.22
C ALA WA 131 -10.83 -62.28 80.84
N LYS WA 132 -11.82 -62.54 79.97
CA LYS WA 132 -11.51 -62.94 78.60
C LYS WA 132 -10.89 -61.79 77.81
N GLY WA 133 -11.21 -60.55 78.15
CA GLY WA 133 -10.62 -59.42 77.47
C GLY WA 133 -11.23 -58.10 77.86
N CYS WA 134 -10.52 -57.00 77.57
CA CYS WA 134 -10.95 -55.68 78.00
C CYS WA 134 -10.66 -54.68 76.90
N GLU WA 135 -11.37 -53.55 76.96
CA GLU WA 135 -11.27 -52.50 75.96
C GLU WA 135 -11.59 -51.17 76.60
N VAL WA 136 -10.69 -50.20 76.45
CA VAL WA 136 -10.92 -48.84 76.93
C VAL WA 136 -10.67 -47.88 75.78
N VAL WA 137 -11.52 -46.87 75.66
CA VAL WA 137 -11.40 -45.83 74.64
C VAL WA 137 -11.37 -44.48 75.34
N VAL WA 138 -10.39 -43.66 74.99
CA VAL WA 138 -10.26 -42.32 75.52
C VAL WA 138 -10.39 -41.34 74.36
N SER WA 139 -11.38 -40.47 74.44
CA SER WA 139 -11.60 -39.44 73.44
C SER WA 139 -11.78 -38.09 74.14
N GLY WA 140 -11.14 -37.07 73.59
CA GLY WA 140 -11.15 -35.76 74.17
C GLY WA 140 -10.00 -34.94 73.61
N LYS WA 141 -9.71 -33.82 74.28
CA LYS WA 141 -8.74 -32.85 73.78
C LYS WA 141 -7.32 -33.22 74.21
N LEU WA 142 -6.91 -34.43 73.82
CA LEU WA 142 -5.55 -34.90 74.05
C LEU WA 142 -4.57 -34.09 73.20
N ARG WA 143 -3.35 -33.93 73.72
CA ARG WA 143 -2.34 -33.06 73.13
C ARG WA 143 -2.90 -31.64 72.97
N GLY WA 144 -3.26 -31.27 71.75
CA GLY WA 144 -3.73 -29.93 71.44
C GLY WA 144 -5.24 -29.79 71.40
N GLN WA 145 -5.68 -28.71 70.74
CA GLN WA 145 -7.11 -28.46 70.56
C GLN WA 145 -7.75 -29.53 69.70
N ARG WA 146 -7.07 -29.96 68.64
CA ARG WA 146 -7.62 -30.94 67.70
C ARG WA 146 -7.86 -32.28 68.40
N ALA WA 147 -9.03 -32.86 68.15
CA ALA WA 147 -9.43 -34.08 68.83
C ALA WA 147 -8.68 -35.29 68.30
N LYS WA 148 -8.36 -36.20 69.22
CA LYS WA 148 -7.82 -37.51 68.89
C LYS WA 148 -8.50 -38.54 69.78
N SER WA 149 -8.37 -39.81 69.39
CA SER WA 149 -8.99 -40.90 70.11
C SER WA 149 -8.01 -42.06 70.23
N MET WA 150 -7.94 -42.65 71.42
CA MET WA 150 -7.13 -43.84 71.67
C MET WA 150 -8.04 -44.99 72.04
N LYS WA 151 -7.73 -46.17 71.53
CA LYS WA 151 -8.39 -47.40 71.97
C LYS WA 151 -7.32 -48.37 72.46
N PHE WA 152 -7.42 -48.78 73.71
CA PHE WA 152 -6.49 -49.73 74.32
C PHE WA 152 -7.27 -50.99 74.66
N VAL WA 153 -7.00 -52.07 73.94
CA VAL WA 153 -7.83 -53.27 74.00
C VAL WA 153 -6.92 -54.49 74.01
N ASP WA 154 -7.29 -55.50 74.80
CA ASP WA 154 -6.57 -56.76 74.81
C ASP WA 154 -7.54 -57.88 75.17
N GLY WA 155 -7.04 -59.10 75.06
CA GLY WA 155 -7.86 -60.26 75.34
C GLY WA 155 -8.87 -60.51 74.24
N LEU WA 156 -9.97 -61.16 74.63
CA LEU WA 156 -11.05 -61.46 73.70
C LEU WA 156 -12.15 -60.41 73.85
N MET WA 157 -12.78 -60.08 72.72
CA MET WA 157 -13.87 -59.10 72.74
C MET WA 157 -14.72 -59.28 71.49
N ILE WA 158 -15.94 -59.70 71.67
CA ILE WA 158 -16.90 -59.81 70.57
C ILE WA 158 -17.55 -58.46 70.35
N HIS WA 159 -18.45 -58.41 69.37
CA HIS WA 159 -19.13 -57.15 69.07
C HIS WA 159 -20.57 -57.37 68.63
N SER WA 160 -20.89 -58.58 68.17
CA SER WA 160 -22.14 -58.82 67.47
C SER WA 160 -22.95 -59.93 68.15
N GLY WA 161 -24.27 -59.83 67.99
CA GLY WA 161 -25.16 -60.88 68.42
C GLY WA 161 -25.69 -60.71 69.83
N ASP WA 162 -26.52 -61.68 70.21
CA ASP WA 162 -27.05 -61.74 71.58
C ASP WA 162 -25.99 -61.83 72.67
N PRO WA 163 -25.01 -62.76 72.62
CA PRO WA 163 -24.21 -63.03 73.83
C PRO WA 163 -23.40 -61.85 74.34
N VAL WA 164 -23.18 -60.80 73.54
CA VAL WA 164 -22.42 -59.65 74.01
C VAL WA 164 -23.14 -58.96 75.16
N ASN WA 165 -24.45 -59.18 75.28
CA ASN WA 165 -25.25 -58.50 76.29
C ASN WA 165 -24.84 -58.92 77.70
N TYR WA 166 -24.78 -60.21 77.95
CA TYR WA 166 -24.50 -60.75 79.27
C TYR WA 166 -23.05 -61.20 79.44
N TYR WA 167 -22.18 -60.91 78.47
CA TYR WA 167 -20.78 -61.27 78.56
C TYR WA 167 -19.86 -60.08 78.71
N VAL WA 168 -20.22 -58.91 78.20
CA VAL WA 168 -19.40 -57.71 78.31
C VAL WA 168 -20.22 -56.63 78.98
N ASP WA 169 -19.68 -56.06 80.05
CA ASP WA 169 -20.26 -54.89 80.70
C ASP WA 169 -19.85 -53.67 79.88
N THR WA 170 -20.77 -52.71 79.76
CA THR WA 170 -20.53 -51.49 79.01
C THR WA 170 -20.76 -50.29 79.91
N ALA WA 171 -19.74 -49.45 80.05
CA ALA WA 171 -19.83 -48.23 80.84
C ALA WA 171 -19.21 -47.09 80.06
N VAL WA 172 -19.87 -45.94 80.06
CA VAL WA 172 -19.37 -44.74 79.41
C VAL WA 172 -19.40 -43.60 80.42
N ARG WA 173 -18.28 -42.88 80.54
CA ARG WA 173 -18.15 -41.79 81.49
C ARG WA 173 -17.53 -40.58 80.82
N HIS WA 174 -17.64 -39.44 81.50
CA HIS WA 174 -17.11 -38.17 81.02
C HIS WA 174 -16.12 -37.63 82.04
N VAL WA 175 -15.02 -37.07 81.55
CA VAL WA 175 -14.01 -36.46 82.39
C VAL WA 175 -14.01 -34.96 82.14
N LEU WA 176 -14.36 -34.18 83.15
CA LEU WA 176 -14.43 -32.73 83.04
C LEU WA 176 -13.03 -32.17 83.20
N LEU WA 177 -12.37 -31.87 82.09
CA LEU WA 177 -11.04 -31.31 82.11
C LEU WA 177 -11.10 -29.79 82.06
N ARG WA 178 -9.94 -29.16 82.26
CA ARG WA 178 -9.87 -27.71 82.10
C ARG WA 178 -10.09 -27.29 80.66
N GLN WA 179 -9.56 -28.05 79.70
CA GLN WA 179 -9.69 -27.72 78.29
C GLN WA 179 -11.03 -28.11 77.70
N GLY WA 180 -11.81 -28.92 78.41
CA GLY WA 180 -13.06 -29.41 77.90
C GLY WA 180 -13.49 -30.65 78.66
N VAL WA 181 -14.08 -31.59 77.94
CA VAL WA 181 -14.54 -32.85 78.51
C VAL WA 181 -13.94 -34.00 77.72
N LEU WA 182 -13.41 -34.99 78.42
CA LEU WA 182 -12.85 -36.19 77.82
C LEU WA 182 -13.80 -37.34 78.07
N GLY WA 183 -14.09 -38.11 77.02
CA GLY WA 183 -15.00 -39.24 77.13
C GLY WA 183 -14.23 -40.54 77.33
N ILE WA 184 -14.77 -41.42 78.15
CA ILE WA 184 -14.20 -42.73 78.41
C ILE WA 184 -15.26 -43.79 78.15
N LYS WA 185 -14.90 -44.80 77.36
CA LYS WA 185 -15.78 -45.94 77.11
C LYS WA 185 -15.05 -47.20 77.52
N VAL WA 186 -15.66 -47.97 78.43
CA VAL WA 186 -15.05 -49.18 78.98
C VAL WA 186 -15.93 -50.37 78.63
N LYS WA 187 -15.36 -51.36 77.97
CA LYS WA 187 -16.01 -52.63 77.69
C LYS WA 187 -15.10 -53.74 78.17
N ILE WA 188 -15.62 -54.62 79.03
CA ILE WA 188 -14.83 -55.67 79.63
C ILE WA 188 -15.53 -57.00 79.39
N MET WA 189 -14.86 -57.92 78.69
CA MET WA 189 -15.44 -59.22 78.41
C MET WA 189 -15.37 -60.05 79.68
N LEU WA 190 -16.51 -60.19 80.35
CA LEU WA 190 -16.55 -60.96 81.59
C LEU WA 190 -16.37 -62.44 81.28
N PRO WA 191 -15.50 -63.14 82.01
CA PRO WA 191 -15.31 -64.56 81.76
C PRO WA 191 -16.54 -65.38 82.14
N TRP WA 192 -16.78 -66.42 81.35
CA TRP WA 192 -17.86 -67.35 81.64
C TRP WA 192 -17.56 -68.12 82.92
N ASP WA 193 -18.60 -68.37 83.72
CA ASP WA 193 -18.43 -69.23 84.87
C ASP WA 193 -19.75 -69.94 85.14
N PRO WA 194 -19.72 -71.23 85.45
CA PRO WA 194 -20.97 -71.91 85.82
C PRO WA 194 -21.61 -71.33 87.07
N THR WA 195 -20.80 -70.81 87.99
CA THR WA 195 -21.33 -70.25 89.22
C THR WA 195 -22.18 -69.02 88.94
N GLY WA 196 -21.73 -68.15 88.03
CA GLY WA 196 -22.49 -67.01 87.62
C GLY WA 196 -22.26 -65.75 88.42
N LYS WA 197 -21.51 -65.80 89.51
CA LYS WA 197 -21.28 -64.62 90.34
C LYS WA 197 -20.04 -63.85 89.93
N ILE WA 198 -19.29 -64.32 88.94
CA ILE WA 198 -18.25 -63.51 88.32
C ILE WA 198 -18.49 -63.28 86.84
N GLY WA 199 -19.43 -63.99 86.22
CA GLY WA 199 -19.74 -63.81 84.83
C GLY WA 199 -21.06 -64.49 84.48
N PRO WA 200 -21.36 -64.56 83.19
CA PRO WA 200 -22.57 -65.28 82.78
C PRO WA 200 -22.44 -66.78 83.05
N LYS WA 201 -23.59 -67.42 83.27
CA LYS WA 201 -23.62 -68.87 83.45
C LYS WA 201 -23.59 -69.60 82.10
N LYS WA 202 -24.22 -69.03 81.09
CA LYS WA 202 -24.30 -69.68 79.79
C LYS WA 202 -22.96 -69.63 79.07
N PRO WA 203 -22.55 -70.71 78.44
CA PRO WA 203 -21.32 -70.70 77.64
C PRO WA 203 -21.56 -70.00 76.30
N LEU WA 204 -20.45 -69.76 75.61
CA LEU WA 204 -20.53 -69.09 74.32
C LEU WA 204 -21.23 -69.99 73.30
N PRO WA 205 -22.04 -69.42 72.40
CA PRO WA 205 -22.70 -70.26 71.39
C PRO WA 205 -21.74 -71.02 70.50
N ASP WA 206 -20.62 -70.41 70.15
CA ASP WA 206 -19.62 -71.03 69.30
C ASP WA 206 -18.63 -71.88 70.08
N HIS WA 207 -18.66 -71.80 71.40
CA HIS WA 207 -17.76 -72.60 72.23
C HIS WA 207 -18.32 -74.00 72.37
N VAL WA 208 -17.50 -74.99 72.01
CA VAL WA 208 -17.91 -76.40 72.06
C VAL WA 208 -16.98 -77.13 73.01
N SER WA 209 -17.58 -77.84 73.97
CA SER WA 209 -16.82 -78.64 74.93
C SER WA 209 -17.29 -80.09 74.88
N ILE WA 210 -16.33 -81.01 74.88
CA ILE WA 210 -16.58 -82.44 74.74
C ILE WA 210 -15.94 -83.14 75.91
N VAL WA 211 -16.72 -83.99 76.60
CA VAL WA 211 -16.15 -84.79 77.68
C VAL WA 211 -15.25 -85.87 77.09
N GLU WA 212 -14.12 -86.10 77.75
CA GLU WA 212 -13.17 -87.07 77.24
C GLU WA 212 -13.71 -88.49 77.39
N PRO WA 213 -13.47 -89.38 76.43
CA PRO WA 213 -13.89 -90.77 76.58
C PRO WA 213 -12.98 -91.53 77.54
N LYS WA 214 -13.54 -92.57 78.13
CA LYS WA 214 -12.78 -93.48 78.96
C LYS WA 214 -12.10 -94.52 78.08
N ASP WA 215 -11.51 -95.56 78.68
CA ASP WA 215 -10.88 -96.60 77.88
C ASP WA 215 -11.90 -97.57 77.31
N GLU WA 216 -12.62 -98.28 78.20
CA GLU WA 216 -13.66 -99.26 77.82
C GLU WA 216 -13.15 -100.22 76.75
N ILE WA 217 -11.96 -100.77 77.00
CA ILE WA 217 -11.28 -101.55 75.96
C ILE WA 217 -11.95 -102.91 75.79
N LEU WA 218 -12.01 -103.69 76.87
CA LEU WA 218 -12.51 -105.06 76.89
C LEU WA 218 -11.80 -105.88 75.81
N PRO WA 219 -10.53 -106.23 76.00
CA PRO WA 219 -9.84 -107.12 75.05
C PRO WA 219 -9.82 -108.59 75.44
N THR WA 220 -10.50 -108.98 76.51
CA THR WA 220 -10.36 -110.29 77.10
C THR WA 220 -11.40 -111.25 76.55
N THR WA 221 -11.31 -112.50 76.99
CA THR WA 221 -12.35 -113.47 76.71
C THR WA 221 -13.64 -113.06 77.42
N PRO WA 222 -14.79 -113.35 76.82
CA PRO WA 222 -16.06 -113.03 77.49
C PRO WA 222 -16.19 -113.77 78.82
N ILE WA 223 -16.74 -113.08 79.81
CA ILE WA 223 -16.91 -113.63 81.15
C ILE WA 223 -18.33 -113.34 81.63
N SER WA 224 -18.75 -114.07 82.65
CA SER WA 224 -20.08 -113.94 83.23
C SER WA 224 -19.89 -113.78 84.74
N GLU WA 225 -20.43 -112.70 85.29
CA GLU WA 225 -20.27 -112.39 86.70
C GLU WA 225 -21.62 -112.53 87.40
N GLN WA 226 -21.66 -113.34 88.46
CA GLN WA 226 -22.87 -113.57 89.23
C GLN WA 226 -22.95 -112.55 90.36
N LYS WA 227 -24.04 -111.77 90.39
CA LYS WA 227 -24.24 -110.79 91.44
C LYS WA 227 -25.70 -110.32 91.48
N ASP XA 1 -65.59 -83.32 32.22
CA ASP XA 1 -65.65 -83.64 33.64
C ASP XA 1 -65.36 -82.40 34.48
N ILE XA 2 -64.49 -81.53 33.97
CA ILE XA 2 -64.09 -80.36 34.74
C ILE XA 2 -65.08 -79.23 34.54
N LYS XA 3 -65.32 -78.83 33.29
CA LYS XA 3 -66.33 -77.82 32.95
C LYS XA 3 -66.06 -76.50 33.67
N LEU XA 4 -64.95 -75.88 33.30
CA LEU XA 4 -64.58 -74.57 33.84
C LEU XA 4 -65.71 -73.57 33.66
N PHE XA 5 -66.04 -72.87 34.75
CA PHE XA 5 -67.21 -71.99 34.85
C PHE XA 5 -68.52 -72.74 34.62
N GLY XA 6 -68.53 -74.05 34.86
CA GLY XA 6 -69.73 -74.84 34.74
C GLY XA 6 -69.97 -75.46 33.39
N LYS XA 7 -69.16 -75.17 32.39
CA LYS XA 7 -69.39 -75.66 31.05
C LYS XA 7 -68.07 -75.61 30.28
N TRP XA 8 -68.15 -75.76 28.96
CA TRP XA 8 -67.00 -75.63 28.06
C TRP XA 8 -65.92 -76.63 28.43
N SER XA 9 -66.25 -77.91 28.24
CA SER XA 9 -65.32 -78.99 28.54
C SER XA 9 -64.01 -78.80 27.77
N THR XA 10 -62.91 -79.06 28.47
CA THR XA 10 -61.58 -78.77 27.92
C THR XA 10 -61.09 -79.84 26.97
N ASP XA 11 -61.61 -81.07 27.06
CA ASP XA 11 -61.03 -82.21 26.36
C ASP XA 11 -61.08 -82.08 24.85
N ASP XA 12 -62.03 -81.33 24.32
CA ASP XA 12 -62.12 -81.16 22.87
C ASP XA 12 -61.20 -80.07 22.36
N VAL XA 13 -60.60 -79.29 23.24
CA VAL XA 13 -59.64 -78.26 22.83
C VAL XA 13 -58.31 -78.93 22.55
N GLN XA 14 -57.77 -78.69 21.35
CA GLN XA 14 -56.53 -79.32 20.92
C GLN XA 14 -55.56 -78.25 20.47
N ILE XA 15 -54.32 -78.34 20.96
CA ILE XA 15 -53.27 -77.39 20.60
C ILE XA 15 -52.73 -77.76 19.23
N ASN XA 16 -52.73 -76.81 18.31
CA ASN XA 16 -52.42 -77.10 16.91
C ASN XA 16 -50.94 -77.33 16.67
N ASP XA 17 -50.06 -76.66 17.40
CA ASP XA 17 -48.63 -76.76 17.16
C ASP XA 17 -47.95 -77.38 18.38
N ILE XA 18 -46.95 -78.22 18.11
CA ILE XA 18 -46.19 -78.83 19.20
C ILE XA 18 -45.23 -77.84 19.85
N SER XA 19 -45.12 -76.63 19.32
CA SER XA 19 -44.20 -75.64 19.87
C SER XA 19 -44.59 -75.20 21.28
N LEU XA 20 -45.88 -75.04 21.54
CA LEU XA 20 -46.35 -74.50 22.82
C LEU XA 20 -47.14 -75.51 23.64
N GLN XA 21 -47.26 -76.75 23.18
CA GLN XA 21 -48.05 -77.74 23.90
C GLN XA 21 -47.40 -78.16 25.22
N ASP XA 22 -46.12 -77.89 25.42
CA ASP XA 22 -45.50 -78.03 26.73
C ASP XA 22 -45.71 -76.80 27.60
N TYR XA 23 -46.33 -75.75 27.08
CA TYR XA 23 -46.57 -74.54 27.84
C TYR XA 23 -48.00 -74.04 27.81
N ILE XA 24 -48.91 -74.73 27.15
CA ILE XA 24 -50.33 -74.51 27.34
C ILE XA 24 -50.85 -75.55 28.32
N ALA XA 25 -51.59 -75.10 29.32
CA ALA XA 25 -51.98 -75.93 30.45
C ALA XA 25 -53.50 -75.95 30.60
N VAL XA 26 -54.18 -76.22 29.48
CA VAL XA 26 -55.62 -76.38 29.49
C VAL XA 26 -56.03 -77.84 29.56
N LYS XA 27 -55.07 -78.75 29.65
CA LYS XA 27 -55.35 -80.17 29.67
C LYS XA 27 -56.01 -80.53 31.00
N GLU XA 28 -56.68 -81.69 31.03
CA GLU XA 28 -57.51 -82.04 32.18
C GLU XA 28 -56.72 -82.16 33.48
N LYS XA 29 -55.41 -82.40 33.41
CA LYS XA 29 -54.60 -82.34 34.61
C LYS XA 29 -54.43 -80.92 35.11
N TYR XA 30 -54.45 -79.94 34.22
CA TYR XA 30 -54.39 -78.54 34.61
C TYR XA 30 -55.72 -77.84 34.41
N ALA XA 31 -56.77 -78.58 34.06
CA ALA XA 31 -58.11 -78.01 33.97
C ALA XA 31 -58.72 -77.88 35.35
N LYS XA 32 -59.27 -76.70 35.64
CA LYS XA 32 -59.80 -76.40 36.96
C LYS XA 32 -61.22 -75.86 36.83
N TYR XA 33 -62.01 -76.07 37.88
CA TYR XA 33 -63.40 -75.62 37.88
C TYR XA 33 -63.51 -74.11 37.81
N LEU XA 34 -62.65 -73.39 38.52
CA LEU XA 34 -62.76 -71.96 38.65
C LEU XA 34 -61.34 -71.41 38.64
N PRO XA 35 -61.05 -70.42 37.82
CA PRO XA 35 -59.67 -69.95 37.70
C PRO XA 35 -59.24 -69.09 38.89
N HIS XA 36 -59.01 -69.75 40.02
CA HIS XA 36 -58.43 -69.06 41.18
C HIS XA 36 -57.70 -70.10 42.02
N SER XA 37 -56.38 -69.99 42.10
CA SER XA 37 -55.58 -70.87 42.93
C SER XA 37 -54.28 -70.16 43.25
N ALA XA 38 -54.13 -69.72 44.50
CA ALA XA 38 -52.92 -69.02 44.94
C ALA XA 38 -51.85 -70.07 45.25
N GLY XA 39 -51.37 -70.71 44.19
CA GLY XA 39 -50.48 -71.84 44.30
C GLY XA 39 -48.99 -71.52 44.28
N ARG XA 40 -48.62 -70.25 44.43
CA ARG XA 40 -47.21 -69.83 44.48
C ARG XA 40 -46.47 -70.23 43.20
N TYR XA 41 -47.09 -69.97 42.05
CA TYR XA 41 -46.49 -70.35 40.78
C TYR XA 41 -45.28 -69.49 40.41
N ALA XA 42 -45.11 -68.34 41.07
CA ALA XA 42 -43.96 -67.49 40.84
C ALA XA 42 -42.84 -67.75 41.83
N ALA XA 43 -43.00 -68.75 42.70
CA ALA XA 43 -41.97 -69.04 43.68
C ALA XA 43 -40.71 -69.60 43.02
N LYS XA 44 -40.87 -70.39 41.97
CA LYS XA 44 -39.75 -71.04 41.31
C LYS XA 44 -39.84 -70.84 39.81
N ARG XA 45 -38.69 -70.95 39.15
CA ARG XA 45 -38.64 -70.85 37.70
C ARG XA 45 -39.44 -71.98 37.06
N PHE XA 46 -40.11 -71.66 35.95
CA PHE XA 46 -40.87 -72.61 35.14
C PHE XA 46 -42.01 -73.27 35.90
N ARG XA 47 -42.42 -72.70 37.05
CA ARG XA 47 -43.62 -73.19 37.71
C ARG XA 47 -44.88 -72.54 37.15
N LYS XA 48 -44.76 -71.37 36.53
CA LYS XA 48 -45.88 -70.80 35.81
C LYS XA 48 -46.15 -71.51 34.50
N ALA XA 49 -45.20 -72.35 34.05
CA ALA XA 49 -45.41 -73.11 32.83
C ALA XA 49 -46.54 -74.10 32.98
N GLN XA 50 -46.64 -74.73 34.15
CA GLN XA 50 -47.72 -75.67 34.42
C GLN XA 50 -49.01 -74.97 34.87
N CYS XA 51 -48.99 -73.66 34.99
CA CYS XA 51 -50.20 -72.93 35.36
C CYS XA 51 -51.16 -72.88 34.17
N PRO XA 52 -52.46 -73.13 34.39
CA PRO XA 52 -53.42 -73.00 33.29
C PRO XA 52 -53.43 -71.60 32.71
N ILE XA 53 -53.53 -71.52 31.38
CA ILE XA 53 -53.38 -70.24 30.70
C ILE XA 53 -54.54 -69.30 31.00
N VAL XA 54 -55.70 -69.84 31.38
CA VAL XA 54 -56.79 -68.97 31.82
C VAL XA 54 -56.40 -68.23 33.08
N GLU XA 55 -55.78 -68.94 34.03
CA GLU XA 55 -55.28 -68.28 35.23
C GLU XA 55 -54.17 -67.30 34.89
N ARG XA 56 -53.36 -67.62 33.89
CA ARG XA 56 -52.31 -66.70 33.46
C ARG XA 56 -52.91 -65.41 32.90
N LEU XA 57 -53.97 -65.53 32.10
CA LEU XA 57 -54.68 -64.36 31.63
C LEU XA 57 -55.26 -63.57 32.78
N THR XA 58 -55.88 -64.27 33.75
CA THR XA 58 -56.49 -63.62 34.89
C THR XA 58 -55.47 -62.84 35.69
N ASN XA 59 -54.29 -63.42 35.87
CA ASN XA 59 -53.18 -62.69 36.49
C ASN XA 59 -52.80 -61.48 35.65
N SER XA 60 -52.71 -61.66 34.34
CA SER XA 60 -52.24 -60.59 33.46
C SER XA 60 -53.32 -59.59 33.07
N MET XA 61 -54.59 -59.89 33.34
CA MET XA 61 -55.64 -58.95 32.93
C MET XA 61 -55.87 -57.85 33.96
N MET XA 62 -55.47 -58.06 35.20
CA MET XA 62 -55.68 -57.08 36.26
C MET XA 62 -54.40 -56.24 36.39
N MET XA 63 -54.48 -55.00 35.91
CA MET XA 63 -53.32 -54.13 35.83
C MET XA 63 -53.73 -52.69 36.07
N HIS XA 64 -52.74 -51.80 35.97
CA HIS XA 64 -52.95 -50.35 35.84
C HIS XA 64 -53.52 -49.73 37.12
N GLY XA 65 -52.85 -50.00 38.24
CA GLY XA 65 -53.05 -49.21 39.45
C GLY XA 65 -54.40 -49.41 40.13
N ARG XA 66 -55.48 -49.09 39.40
CA ARG XA 66 -56.82 -49.29 39.92
C ARG XA 66 -57.15 -50.76 40.07
N ASN XA 67 -56.43 -51.63 39.35
CA ASN XA 67 -56.71 -53.06 39.35
C ASN XA 67 -55.42 -53.80 39.68
N ASN XA 68 -55.11 -53.92 40.96
CA ASN XA 68 -54.02 -54.76 41.43
C ASN XA 68 -54.46 -55.80 42.44
N GLY XA 69 -55.67 -55.70 42.99
CA GLY XA 69 -56.19 -56.71 43.88
C GLY XA 69 -57.56 -57.19 43.43
N LYS XA 70 -58.11 -56.55 42.42
CA LYS XA 70 -59.47 -56.84 41.95
C LYS XA 70 -59.47 -58.07 41.05
N LYS XA 71 -59.10 -59.21 41.64
CA LYS XA 71 -59.03 -60.45 40.89
C LYS XA 71 -60.41 -61.06 40.67
N LEU XA 72 -61.33 -60.86 41.61
CA LEU XA 72 -62.69 -61.39 41.43
C LEU XA 72 -63.37 -60.75 40.23
N MET XA 73 -63.23 -59.43 40.10
CA MET XA 73 -63.74 -58.74 38.92
C MET XA 73 -63.05 -59.25 37.66
N THR XA 74 -61.76 -59.55 37.76
CA THR XA 74 -61.05 -60.10 36.60
C THR XA 74 -61.64 -61.44 36.19
N VAL XA 75 -61.92 -62.31 37.17
CA VAL XA 75 -62.50 -63.62 36.87
C VAL XA 75 -63.88 -63.46 36.26
N ARG XA 76 -64.69 -62.53 36.78
CA ARG XA 76 -66.03 -62.34 36.24
C ARG XA 76 -65.97 -61.77 34.82
N ILE XA 77 -64.97 -60.91 34.54
CA ILE XA 77 -64.76 -60.42 33.18
C ILE XA 77 -64.40 -61.57 32.26
N VAL XA 78 -63.54 -62.48 32.74
CA VAL XA 78 -63.16 -63.65 31.95
C VAL XA 78 -64.38 -64.50 31.63
N LYS XA 79 -65.25 -64.72 32.62
CA LYS XA 79 -66.43 -65.55 32.39
C LYS XA 79 -67.38 -64.90 31.38
N HIS XA 80 -67.64 -63.59 31.55
CA HIS XA 80 -68.51 -62.92 30.61
C HIS XA 80 -67.92 -62.89 29.21
N ALA XA 81 -66.60 -62.70 29.10
CA ALA XA 81 -65.95 -62.70 27.80
C ALA XA 81 -66.05 -64.06 27.14
N PHE XA 82 -65.90 -65.13 27.92
CA PHE XA 82 -66.07 -66.48 27.38
C PHE XA 82 -67.50 -66.68 26.89
N GLU XA 83 -68.48 -66.22 27.67
CA GLU XA 83 -69.87 -66.28 27.21
C GLU XA 83 -70.04 -65.55 25.88
N ILE XA 84 -69.47 -64.35 25.79
CA ILE XA 84 -69.63 -63.53 24.59
C ILE XA 84 -69.00 -64.20 23.39
N ILE XA 85 -67.79 -64.72 23.54
CA ILE XA 85 -67.10 -65.32 22.39
C ILE XA 85 -67.80 -66.60 21.97
N HIS XA 86 -68.31 -67.38 22.93
CA HIS XA 86 -69.02 -68.60 22.53
C HIS XA 86 -70.33 -68.27 21.83
N LEU XA 87 -71.00 -67.20 22.27
CA LEU XA 87 -72.22 -66.80 21.55
C LEU XA 87 -71.89 -66.30 20.16
N LEU XA 88 -70.78 -65.58 20.01
CA LEU XA 88 -70.44 -65.01 18.71
C LEU XA 88 -69.90 -66.05 17.73
N THR XA 89 -69.23 -67.08 18.23
CA THR XA 89 -68.57 -68.06 17.36
C THR XA 89 -69.17 -69.45 17.43
N GLY XA 90 -69.67 -69.87 18.59
CA GLY XA 90 -70.34 -71.15 18.71
C GLY XA 90 -69.45 -72.32 19.07
N GLU XA 91 -68.14 -72.14 19.07
CA GLU XA 91 -67.23 -73.22 19.40
C GLU XA 91 -66.81 -73.11 20.86
N ASN XA 92 -65.85 -73.94 21.24
CA ASN XA 92 -65.34 -73.90 22.61
C ASN XA 92 -64.55 -72.62 22.83
N PRO XA 93 -64.90 -71.81 23.84
CA PRO XA 93 -64.12 -70.59 24.10
C PRO XA 93 -62.66 -70.87 24.38
N LEU XA 94 -62.36 -71.99 25.02
CA LEU XA 94 -60.98 -72.32 25.34
C LEU XA 94 -60.19 -72.61 24.07
N GLN XA 95 -60.84 -73.21 23.07
CA GLN XA 95 -60.21 -73.36 21.76
C GLN XA 95 -59.86 -72.00 21.16
N VAL XA 96 -60.76 -71.03 21.30
CA VAL XA 96 -60.51 -69.69 20.80
C VAL XA 96 -59.32 -69.08 21.51
N LEU XA 97 -59.24 -69.23 22.83
CA LEU XA 97 -58.12 -68.67 23.58
C LEU XA 97 -56.80 -69.31 23.17
N VAL XA 98 -56.80 -70.64 23.01
CA VAL XA 98 -55.57 -71.34 22.63
C VAL XA 98 -55.13 -70.90 21.24
N ASN XA 99 -56.07 -70.79 20.30
CA ASN XA 99 -55.73 -70.35 18.96
C ASN XA 99 -55.22 -68.92 18.95
N ALA XA 100 -55.83 -68.06 19.76
CA ALA XA 100 -55.39 -66.68 19.87
C ALA XA 100 -53.96 -66.60 20.40
N ILE XA 101 -53.65 -67.42 21.40
CA ILE XA 101 -52.29 -67.43 21.96
C ILE XA 101 -51.30 -67.92 20.90
N ILE XA 102 -51.68 -68.96 20.15
CA ILE XA 102 -50.79 -69.50 19.13
C ILE XA 102 -50.51 -68.44 18.05
N ASN XA 103 -51.55 -67.79 17.57
CA ASN XA 103 -51.38 -66.77 16.54
C ASN XA 103 -50.78 -65.48 17.07
N SER XA 104 -50.79 -65.29 18.38
CA SER XA 104 -50.30 -64.05 18.97
C SER XA 104 -48.82 -64.10 19.33
N GLY XA 105 -48.24 -65.28 19.42
CA GLY XA 105 -46.84 -65.41 19.73
C GLY XA 105 -45.95 -64.88 18.63
N PRO XA 106 -45.08 -63.94 18.96
CA PRO XA 106 -44.10 -63.44 17.98
C PRO XA 106 -42.87 -64.35 17.96
N ARG XA 107 -42.64 -64.98 16.81
CA ARG XA 107 -41.70 -66.08 16.72
C ARG XA 107 -40.25 -65.67 16.93
N GLU XA 108 -39.92 -64.39 16.73
CA GLU XA 108 -38.57 -63.90 17.05
C GLU XA 108 -38.64 -62.41 17.35
N ASP XA 109 -37.58 -61.90 17.96
CA ASP XA 109 -37.48 -60.50 18.33
C ASP XA 109 -36.02 -60.09 18.11
N SER XA 110 -35.70 -58.85 18.46
CA SER XA 110 -34.34 -58.35 18.34
C SER XA 110 -33.97 -57.62 19.62
N THR XA 111 -32.74 -57.82 20.08
CA THR XA 111 -32.25 -57.09 21.24
C THR XA 111 -30.73 -57.07 21.20
N ARG XA 112 -30.16 -55.94 21.58
CA ARG XA 112 -28.71 -55.72 21.67
C ARG XA 112 -28.48 -54.41 22.42
N ILE XA 113 -27.22 -54.02 22.54
CA ILE XA 113 -26.83 -52.84 23.31
C ILE XA 113 -26.08 -51.83 22.45
N GLY XA 114 -25.17 -52.29 21.61
CA GLY XA 114 -24.31 -51.39 20.85
C GLY XA 114 -25.00 -50.59 19.78
N ARG XA 115 -24.22 -50.08 18.82
CA ARG XA 115 -24.74 -49.22 17.76
C ARG XA 115 -25.69 -50.00 16.86
N ALA XA 116 -27.00 -49.76 17.05
CA ALA XA 116 -28.02 -50.50 16.32
C ALA XA 116 -28.25 -49.89 14.95
N GLY XA 117 -28.71 -50.73 14.01
CA GLY XA 117 -29.06 -50.25 12.69
C GLY XA 117 -30.36 -49.48 12.66
N THR XA 118 -31.46 -50.14 13.02
CA THR XA 118 -32.77 -49.51 13.11
C THR XA 118 -33.32 -49.51 14.53
N VAL XA 119 -33.35 -50.66 15.20
CA VAL XA 119 -33.76 -50.77 16.60
C VAL XA 119 -32.72 -51.49 17.44
N ARG XA 120 -32.32 -52.69 17.02
CA ARG XA 120 -31.29 -53.47 17.71
C ARG XA 120 -30.32 -54.04 16.70
N ARG XA 121 -29.15 -54.47 17.17
CA ARG XA 121 -28.12 -54.96 16.25
C ARG XA 121 -28.43 -56.37 15.75
N GLN XA 122 -28.93 -57.25 16.60
CA GLN XA 122 -29.00 -58.67 16.30
C GLN XA 122 -30.42 -59.19 16.43
N ALA XA 123 -30.72 -60.23 15.66
CA ALA XA 123 -32.03 -60.88 15.67
C ALA XA 123 -31.96 -62.19 16.43
N VAL XA 124 -32.90 -62.39 17.36
CA VAL XA 124 -32.88 -63.52 18.28
C VAL XA 124 -34.23 -64.23 18.22
N ASP XA 125 -34.20 -65.54 18.00
CA ASP XA 125 -35.39 -66.36 18.12
C ASP XA 125 -35.75 -66.57 19.59
N VAL XA 126 -37.04 -66.79 19.84
CA VAL XA 126 -37.59 -66.68 21.18
C VAL XA 126 -38.02 -68.06 21.69
N SER XA 127 -38.23 -68.13 23.00
CA SER XA 127 -38.69 -69.35 23.66
C SER XA 127 -40.21 -69.43 23.64
N PRO XA 128 -40.76 -70.64 23.68
CA PRO XA 128 -42.23 -70.79 23.73
C PRO XA 128 -42.85 -70.11 24.93
N LEU XA 129 -42.19 -70.16 26.09
CA LEU XA 129 -42.72 -69.49 27.27
C LEU XA 129 -42.80 -67.99 27.04
N ARG XA 130 -41.77 -67.41 26.41
CA ARG XA 130 -41.83 -65.99 26.10
C ARG XA 130 -42.90 -65.71 25.05
N ARG XA 131 -43.15 -66.66 24.14
CA ARG XA 131 -44.25 -66.52 23.21
C ARG XA 131 -45.57 -66.40 23.95
N VAL XA 132 -45.80 -67.29 24.92
CA VAL XA 132 -47.06 -67.26 25.68
C VAL XA 132 -47.16 -65.98 26.51
N ASN XA 133 -46.05 -65.60 27.16
CA ASN XA 133 -46.04 -64.38 27.97
C ASN XA 133 -46.39 -63.17 27.12
N GLN XA 134 -45.72 -63.01 25.98
CA GLN XA 134 -45.96 -61.87 25.12
C GLN XA 134 -47.37 -61.90 24.55
N ALA XA 135 -47.87 -63.08 24.20
CA ALA XA 135 -49.22 -63.20 23.67
C ALA XA 135 -50.25 -62.71 24.68
N ILE XA 136 -50.17 -63.21 25.92
CA ILE XA 136 -51.13 -62.82 26.94
C ILE XA 136 -51.01 -61.34 27.24
N TRP XA 137 -49.79 -60.84 27.36
CA TRP XA 137 -49.60 -59.43 27.69
C TRP XA 137 -50.14 -58.53 26.59
N LEU XA 138 -49.87 -58.87 25.33
CA LEU XA 138 -50.37 -58.08 24.22
C LEU XA 138 -51.88 -58.10 24.18
N LEU XA 139 -52.50 -59.26 24.45
CA LEU XA 139 -53.95 -59.35 24.45
C LEU XA 139 -54.56 -58.45 25.53
N CYS XA 140 -54.03 -58.55 26.75
CA CYS XA 140 -54.55 -57.73 27.85
C CYS XA 140 -54.37 -56.25 27.54
N THR XA 141 -53.21 -55.87 27.01
CA THR XA 141 -52.97 -54.49 26.65
C THR XA 141 -53.94 -54.01 25.57
N GLY XA 142 -54.16 -54.83 24.55
CA GLY XA 142 -55.06 -54.45 23.48
C GLY XA 142 -56.48 -54.25 23.97
N ALA XA 143 -56.97 -55.17 24.80
CA ALA XA 143 -58.31 -54.99 25.36
C ALA XA 143 -58.38 -53.75 26.24
N ARG XA 144 -57.32 -53.51 27.03
CA ARG XA 144 -57.32 -52.37 27.94
C ARG XA 144 -57.45 -51.06 27.17
N GLU XA 145 -56.60 -50.84 26.16
CA GLU XA 145 -56.78 -49.61 25.37
C GLU XA 145 -57.99 -49.70 24.45
N ALA XA 146 -58.58 -50.88 24.27
CA ALA XA 146 -59.79 -50.97 23.48
C ALA XA 146 -60.99 -50.47 24.27
N ALA XA 147 -60.95 -50.56 25.60
CA ALA XA 147 -62.11 -50.22 26.39
C ALA XA 147 -62.00 -48.92 27.19
N PHE XA 148 -60.95 -48.13 27.00
CA PHE XA 148 -60.69 -47.05 27.96
C PHE XA 148 -61.70 -45.91 27.83
N ARG XA 149 -61.75 -45.26 26.68
CA ARG XA 149 -62.62 -44.09 26.55
C ARG XA 149 -63.69 -44.32 25.49
N ASN XA 150 -64.35 -45.47 25.56
CA ASN XA 150 -65.46 -45.79 24.68
C ASN XA 150 -66.55 -46.48 25.49
N ILE XA 151 -67.78 -46.47 24.94
CA ILE XA 151 -68.90 -47.04 25.67
C ILE XA 151 -68.78 -48.56 25.76
N LYS XA 152 -68.11 -49.20 24.81
CA LYS XA 152 -68.08 -50.65 24.79
C LYS XA 152 -67.24 -51.16 25.96
N THR XA 153 -67.88 -51.94 26.83
CA THR XA 153 -67.28 -52.31 28.10
C THR XA 153 -66.16 -53.32 27.89
N ILE XA 154 -65.41 -53.55 28.97
CA ILE XA 154 -64.15 -54.30 28.88
C ILE XA 154 -64.39 -55.74 28.43
N ALA XA 155 -65.54 -56.32 28.79
CA ALA XA 155 -65.82 -57.69 28.42
C ALA XA 155 -65.86 -57.87 26.90
N GLU XA 156 -66.56 -56.95 26.22
CA GLU XA 156 -66.68 -57.05 24.77
C GLU XA 156 -65.32 -56.83 24.09
N CYS XA 157 -64.53 -55.89 24.62
CA CYS XA 157 -63.23 -55.61 24.05
C CYS XA 157 -62.30 -56.81 24.18
N LEU XA 158 -62.27 -57.43 25.36
CA LEU XA 158 -61.50 -58.65 25.52
C LEU XA 158 -62.03 -59.74 24.60
N ALA XA 159 -63.35 -59.81 24.44
CA ALA XA 159 -63.96 -60.85 23.64
C ALA XA 159 -63.53 -60.75 22.19
N ASP XA 160 -63.68 -59.57 21.59
CA ASP XA 160 -63.30 -59.45 20.18
C ASP XA 160 -61.79 -59.41 20.00
N GLU XA 161 -61.04 -59.02 21.04
CA GLU XA 161 -59.59 -59.17 21.00
C GLU XA 161 -59.22 -60.64 20.80
N LEU XA 162 -59.77 -61.51 21.65
CA LEU XA 162 -59.52 -62.95 21.51
C LEU XA 162 -60.06 -63.47 20.19
N ILE XA 163 -61.22 -62.98 19.75
CA ILE XA 163 -61.82 -63.47 18.52
C ILE XA 163 -60.93 -63.17 17.33
N ASN XA 164 -60.44 -61.93 17.24
CA ASN XA 164 -59.60 -61.54 16.13
C ASN XA 164 -58.23 -62.22 16.20
N ALA XA 165 -57.71 -62.42 17.41
CA ALA XA 165 -56.40 -63.05 17.53
C ALA XA 165 -56.48 -64.54 17.20
N ALA XA 166 -57.60 -65.20 17.51
CA ALA XA 166 -57.73 -66.62 17.24
C ALA XA 166 -57.73 -66.93 15.75
N LYS XA 167 -57.93 -65.91 14.91
CA LYS XA 167 -57.92 -66.06 13.48
C LYS XA 167 -56.80 -65.26 12.83
N GLY XA 168 -56.72 -63.96 13.13
CA GLY XA 168 -55.72 -63.11 12.52
C GLY XA 168 -56.30 -62.29 11.38
N SER XA 169 -56.54 -61.01 11.62
CA SER XA 169 -57.17 -60.16 10.61
C SER XA 169 -56.57 -58.77 10.54
N SER XA 170 -55.39 -58.54 11.12
CA SER XA 170 -54.77 -57.23 11.26
C SER XA 170 -55.65 -56.24 12.00
N ASN XA 171 -56.60 -56.74 12.79
CA ASN XA 171 -57.57 -55.90 13.48
C ASN XA 171 -57.31 -55.78 14.98
N SER XA 172 -56.45 -56.62 15.54
CA SER XA 172 -56.19 -56.64 16.96
C SER XA 172 -54.80 -56.12 17.26
N TYR XA 173 -54.67 -55.41 18.38
CA TYR XA 173 -53.41 -54.84 18.81
C TYR XA 173 -52.32 -55.91 18.95
N ALA XA 174 -52.69 -57.10 19.42
CA ALA XA 174 -51.70 -58.15 19.68
C ALA XA 174 -51.01 -58.58 18.40
N ILE XA 175 -51.76 -58.95 17.37
CA ILE XA 175 -51.14 -59.43 16.14
C ILE XA 175 -50.51 -58.28 15.36
N LYS XA 176 -51.03 -57.06 15.51
CA LYS XA 176 -50.37 -55.92 14.88
C LYS XA 176 -48.99 -55.70 15.47
N LYS XA 177 -48.87 -55.74 16.79
CA LYS XA 177 -47.57 -55.63 17.44
C LYS XA 177 -46.68 -56.79 17.08
N LYS XA 178 -47.26 -57.99 16.96
CA LYS XA 178 -46.49 -59.15 16.54
C LYS XA 178 -45.89 -58.94 15.15
N ASP XA 179 -46.71 -58.44 14.21
CA ASP XA 179 -46.22 -58.22 12.85
C ASP XA 179 -45.16 -57.13 12.82
N GLU XA 180 -45.35 -56.07 13.61
CA GLU XA 180 -44.33 -55.02 13.68
C GLU XA 180 -43.00 -55.58 14.20
N LEU XA 181 -43.06 -56.37 15.26
CA LEU XA 181 -41.84 -56.95 15.82
C LEU XA 181 -41.18 -57.90 14.83
N GLU XA 182 -41.97 -58.70 14.13
CA GLU XA 182 -41.39 -59.64 13.17
C GLU XA 182 -40.76 -58.90 11.98
N ARG XA 183 -41.41 -57.84 11.50
CA ARG XA 183 -40.84 -57.05 10.42
C ARG XA 183 -39.53 -56.41 10.85
N VAL XA 184 -39.48 -55.87 12.07
CA VAL XA 184 -38.26 -55.27 12.56
C VAL XA 184 -37.15 -56.31 12.68
N ALA XA 185 -37.49 -57.50 13.21
CA ALA XA 185 -36.50 -58.57 13.34
C ALA XA 185 -36.02 -59.04 11.97
N LYS XA 186 -36.91 -59.07 10.98
CA LYS XA 186 -36.52 -59.36 9.62
C LYS XA 186 -35.55 -58.31 9.10
N SER XA 187 -35.81 -57.04 9.40
CA SER XA 187 -34.89 -55.99 9.00
C SER XA 187 -33.55 -56.08 9.72
N ASN XA 188 -33.56 -56.38 11.01
CA ASN XA 188 -32.35 -56.41 11.81
C ASN XA 188 -31.62 -57.74 11.75
N ARG XA 189 -31.84 -58.52 10.69
CA ARG XA 189 -31.19 -59.81 10.54
C ARG XA 189 -29.68 -59.66 10.35
N MET YA 1 -33.23 -12.12 99.27
CA MET YA 1 -34.50 -12.83 99.30
C MET YA 1 -35.41 -12.25 100.39
N LEU YA 2 -36.45 -11.53 99.97
CA LEU YA 2 -37.37 -10.83 100.85
C LEU YA 2 -38.24 -11.76 101.69
N MET YA 3 -38.05 -13.08 101.59
CA MET YA 3 -38.91 -14.01 102.30
C MET YA 3 -38.82 -13.79 103.81
N PRO YA 4 -39.96 -13.66 104.48
CA PRO YA 4 -39.98 -13.15 105.86
C PRO YA 4 -39.54 -14.22 106.85
N LYS YA 5 -39.74 -13.90 108.14
CA LYS YA 5 -39.37 -14.83 109.20
C LYS YA 5 -40.26 -16.07 109.17
N LYS YA 6 -41.58 -15.87 109.02
CA LYS YA 6 -42.55 -16.93 109.27
C LYS YA 6 -42.35 -18.15 108.39
N ASN YA 7 -41.71 -18.00 107.23
CA ASN YA 7 -41.32 -19.15 106.43
C ASN YA 7 -39.85 -19.51 106.61
N ARG YA 8 -39.00 -18.54 106.94
CA ARG YA 8 -37.59 -18.82 107.14
C ARG YA 8 -37.37 -19.81 108.28
N ILE YA 9 -38.00 -19.54 109.44
CA ILE YA 9 -37.84 -20.45 110.57
C ILE YA 9 -38.53 -21.78 110.31
N ALA YA 10 -39.66 -21.78 109.59
CA ALA YA 10 -40.32 -23.04 109.26
C ALA YA 10 -39.42 -23.92 108.40
N ILE YA 11 -38.84 -23.34 107.35
CA ILE YA 11 -37.90 -24.06 106.49
C ILE YA 11 -36.70 -24.55 107.29
N TYR YA 12 -36.17 -23.67 108.14
CA TYR YA 12 -34.97 -24.03 108.90
C TYR YA 12 -35.24 -25.15 109.90
N GLU YA 13 -36.42 -25.14 110.53
CA GLU YA 13 -36.72 -26.19 111.49
C GLU YA 13 -37.06 -27.50 110.79
N LEU YA 14 -37.63 -27.42 109.58
CA LEU YA 14 -37.77 -28.65 108.80
C LEU YA 14 -36.40 -29.22 108.45
N LEU YA 15 -35.46 -28.35 108.06
CA LEU YA 15 -34.12 -28.79 107.73
C LEU YA 15 -33.37 -29.28 108.96
N PHE YA 16 -33.73 -28.81 110.15
CA PHE YA 16 -33.06 -29.29 111.35
C PHE YA 16 -33.71 -30.54 111.91
N LYS YA 17 -34.99 -30.76 111.64
CA LYS YA 17 -35.67 -31.92 112.19
C LYS YA 17 -35.13 -33.21 111.57
N GLU YA 18 -34.82 -33.18 110.28
CA GLU YA 18 -34.16 -34.27 109.60
C GLU YA 18 -32.98 -33.71 108.82
N GLY YA 19 -31.91 -34.48 108.73
CA GLY YA 19 -30.65 -33.96 108.21
C GLY YA 19 -30.63 -33.62 106.73
N VAL YA 20 -31.69 -33.95 105.98
CA VAL YA 20 -31.73 -33.73 104.55
C VAL YA 20 -33.05 -33.04 104.20
N MET YA 21 -33.17 -32.67 102.92
CA MET YA 21 -34.45 -32.24 102.38
C MET YA 21 -34.41 -32.41 100.86
N VAL YA 22 -35.58 -32.66 100.29
CA VAL YA 22 -35.72 -32.91 98.86
C VAL YA 22 -36.58 -31.81 98.26
N ALA YA 23 -36.08 -31.19 97.19
CA ALA YA 23 -36.77 -30.08 96.54
C ALA YA 23 -36.74 -30.28 95.03
N LYS YA 24 -37.91 -30.34 94.41
CA LYS YA 24 -38.00 -30.34 92.96
C LYS YA 24 -37.63 -28.96 92.42
N LYS YA 25 -36.95 -28.95 91.27
CA LYS YA 25 -36.64 -27.67 90.63
C LYS YA 25 -37.89 -27.12 89.97
N ASP YA 26 -38.64 -26.29 90.69
CA ASP YA 26 -39.86 -25.68 90.15
C ASP YA 26 -40.02 -24.34 90.86
N VAL YA 27 -39.56 -23.26 90.21
CA VAL YA 27 -39.72 -21.93 90.77
C VAL YA 27 -41.17 -21.48 90.71
N HIS YA 28 -41.94 -22.02 89.77
CA HIS YA 28 -43.36 -21.68 89.64
C HIS YA 28 -44.26 -22.64 90.39
N MET YA 29 -43.70 -23.56 91.16
CA MET YA 29 -44.53 -24.40 92.03
C MET YA 29 -45.17 -23.51 93.08
N PRO YA 30 -46.49 -23.46 93.16
CA PRO YA 30 -47.13 -22.56 94.14
C PRO YA 30 -46.82 -22.93 95.57
N LYS YA 31 -46.37 -24.16 95.82
CA LYS YA 31 -46.17 -24.64 97.18
C LYS YA 31 -45.20 -25.81 97.18
N HIS YA 32 -44.19 -25.74 98.03
CA HIS YA 32 -43.36 -26.90 98.33
C HIS YA 32 -44.22 -27.98 98.97
N PRO YA 33 -44.15 -29.24 98.50
CA PRO YA 33 -45.16 -30.24 98.87
C PRO YA 33 -45.30 -30.49 100.36
N GLU YA 34 -44.26 -30.93 101.07
CA GLU YA 34 -44.46 -31.04 102.50
C GLU YA 34 -44.42 -29.65 103.14
N LEU YA 35 -44.60 -29.64 104.46
CA LEU YA 35 -44.96 -28.43 105.22
C LEU YA 35 -46.12 -27.70 104.54
N ALA YA 36 -47.15 -28.47 104.18
CA ALA YA 36 -48.25 -27.97 103.39
C ALA YA 36 -49.05 -26.86 104.08
N ASP YA 37 -48.92 -26.73 105.40
CA ASP YA 37 -49.68 -25.75 106.16
C ASP YA 37 -48.94 -24.43 106.35
N LYS YA 38 -47.76 -24.26 105.75
CA LYS YA 38 -47.00 -23.04 105.90
C LYS YA 38 -47.06 -22.13 104.69
N ASN YA 39 -47.66 -22.57 103.59
CA ASN YA 39 -47.87 -21.76 102.38
C ASN YA 39 -46.57 -21.17 101.87
N VAL YA 40 -45.52 -21.98 101.89
CA VAL YA 40 -44.18 -21.54 101.49
C VAL YA 40 -44.03 -21.79 100.00
N PRO YA 41 -43.76 -20.77 99.19
CA PRO YA 41 -43.46 -21.01 97.77
C PRO YA 41 -42.17 -21.79 97.63
N ASN YA 42 -42.12 -22.62 96.58
CA ASN YA 42 -40.94 -23.43 96.33
C ASN YA 42 -39.73 -22.56 96.03
N LEU YA 43 -39.95 -21.39 95.43
CA LEU YA 43 -38.84 -20.49 95.13
C LEU YA 43 -38.16 -20.03 96.39
N HIS YA 44 -38.94 -19.71 97.44
CA HIS YA 44 -38.36 -19.26 98.70
C HIS YA 44 -37.47 -20.33 99.30
N VAL YA 45 -37.95 -21.58 99.37
CA VAL YA 45 -37.17 -22.64 99.99
C VAL YA 45 -35.93 -22.96 99.14
N MET YA 46 -36.08 -22.92 97.81
CA MET YA 46 -34.92 -23.16 96.94
C MET YA 46 -33.84 -22.12 97.15
N LYS YA 47 -34.22 -20.84 97.21
CA LYS YA 47 -33.22 -19.80 97.40
C LYS YA 47 -32.65 -19.82 98.80
N ALA YA 48 -33.44 -20.16 99.81
CA ALA YA 48 -32.91 -20.27 101.16
C ALA YA 48 -31.86 -21.36 101.23
N MET YA 49 -32.14 -22.51 100.61
CA MET YA 49 -31.18 -23.60 100.62
C MET YA 49 -29.95 -23.26 99.78
N GLN YA 50 -30.12 -22.53 98.69
CA GLN YA 50 -28.97 -22.08 97.90
C GLN YA 50 -28.09 -21.13 98.71
N SER YA 51 -28.71 -20.21 99.45
CA SER YA 51 -27.93 -19.31 100.28
C SER YA 51 -27.18 -20.07 101.36
N LEU YA 52 -27.83 -21.07 101.96
CA LEU YA 52 -27.15 -21.89 102.97
C LEU YA 52 -25.99 -22.67 102.35
N LYS YA 53 -26.18 -23.19 101.14
CA LYS YA 53 -25.10 -23.87 100.44
C LYS YA 53 -23.94 -22.94 100.14
N SER YA 54 -24.26 -21.73 99.69
CA SER YA 54 -23.23 -20.73 99.42
C SER YA 54 -22.47 -20.38 100.68
N ARG YA 55 -23.17 -20.38 101.82
CA ARG YA 55 -22.51 -20.22 103.10
C ARG YA 55 -22.01 -21.55 103.66
N GLY YA 56 -22.16 -22.63 102.92
CA GLY YA 56 -21.50 -23.89 103.24
C GLY YA 56 -22.14 -24.73 104.32
N TYR YA 57 -23.31 -24.35 104.81
CA TYR YA 57 -23.98 -25.12 105.84
C TYR YA 57 -24.80 -26.28 105.30
N VAL YA 58 -24.86 -26.44 103.98
CA VAL YA 58 -25.59 -27.55 103.37
C VAL YA 58 -24.96 -27.87 102.03
N LYS YA 59 -24.87 -29.15 101.69
CA LYS YA 59 -24.35 -29.60 100.41
C LYS YA 59 -25.48 -30.24 99.61
N GLU YA 60 -25.42 -30.06 98.29
CA GLU YA 60 -26.57 -30.27 97.42
C GLU YA 60 -26.24 -31.31 96.36
N GLN YA 61 -27.20 -32.18 96.05
CA GLN YA 61 -27.07 -33.13 94.96
C GLN YA 61 -28.26 -32.98 94.02
N PHE YA 62 -27.98 -32.99 92.71
CA PHE YA 62 -28.99 -32.64 91.71
C PHE YA 62 -29.19 -33.80 90.74
N ALA YA 63 -30.31 -34.49 90.87
CA ALA YA 63 -30.78 -35.45 89.88
C ALA YA 63 -31.63 -34.72 88.85
N TRP YA 64 -32.42 -35.47 88.08
CA TRP YA 64 -33.15 -34.98 86.92
C TRP YA 64 -33.81 -33.61 87.12
N ARG YA 65 -34.74 -33.52 88.08
CA ARG YA 65 -35.44 -32.28 88.34
C ARG YA 65 -35.56 -32.05 89.86
N HIS YA 66 -34.53 -32.44 90.61
CA HIS YA 66 -34.63 -32.37 92.06
C HIS YA 66 -33.28 -32.02 92.68
N PHE YA 67 -33.36 -31.27 93.78
CA PHE YA 67 -32.21 -30.99 94.64
C PHE YA 67 -32.24 -31.91 95.84
N TYR YA 68 -31.06 -32.27 96.34
CA TYR YA 68 -30.92 -33.24 97.41
C TYR YA 68 -29.97 -32.72 98.48
N TRP YA 69 -30.27 -31.51 98.96
CA TRP YA 69 -29.46 -30.87 99.99
C TRP YA 69 -29.21 -31.75 101.21
N TYR YA 70 -27.94 -31.88 101.59
CA TYR YA 70 -27.49 -32.57 102.78
C TYR YA 70 -26.92 -31.56 103.75
N LEU YA 71 -27.54 -31.43 104.92
CA LEU YA 71 -27.01 -30.54 105.94
C LEU YA 71 -25.68 -31.08 106.47
N THR YA 72 -24.75 -30.16 106.70
CA THR YA 72 -23.38 -30.49 107.06
C THR YA 72 -23.11 -30.22 108.53
N ASN YA 73 -21.88 -30.53 108.94
CA ASN YA 73 -21.47 -30.25 110.31
C ASN YA 73 -21.45 -28.76 110.60
N GLU YA 74 -21.08 -27.94 109.61
CA GLU YA 74 -21.10 -26.50 109.80
C GLU YA 74 -22.50 -25.96 110.00
N GLY YA 75 -23.50 -26.64 109.47
CA GLY YA 75 -24.87 -26.17 109.61
C GLY YA 75 -25.44 -26.48 110.98
N ILE YA 76 -24.79 -27.39 111.71
CA ILE YA 76 -25.31 -27.87 112.99
C ILE YA 76 -25.47 -26.71 113.96
N GLN YA 77 -24.34 -26.10 114.34
CA GLN YA 77 -24.38 -25.05 115.35
C GLN YA 77 -25.07 -23.79 114.82
N TYR YA 78 -25.00 -23.57 113.50
CA TYR YA 78 -25.69 -22.42 112.90
C TYR YA 78 -27.19 -22.55 113.07
N LEU YA 79 -27.75 -23.72 112.74
CA LEU YA 79 -29.17 -23.95 112.94
C LEU YA 79 -29.52 -23.91 114.42
N ARG YA 80 -28.63 -24.44 115.26
CA ARG YA 80 -28.91 -24.49 116.69
C ARG YA 80 -29.04 -23.10 117.29
N ASP YA 81 -28.06 -22.22 117.04
CA ASP YA 81 -28.11 -20.90 117.63
C ASP YA 81 -28.98 -19.93 116.84
N TYR YA 82 -29.36 -20.27 115.60
CA TYR YA 82 -30.36 -19.48 114.91
C TYR YA 82 -31.75 -19.82 115.43
N LEU YA 83 -31.95 -21.06 115.84
CA LEU YA 83 -33.21 -21.51 116.41
C LEU YA 83 -33.21 -21.47 117.93
N HIS YA 84 -32.12 -21.02 118.55
CA HIS YA 84 -31.98 -20.91 120.00
C HIS YA 84 -32.26 -22.25 120.68
N LEU YA 85 -31.53 -23.27 120.22
CA LEU YA 85 -31.69 -24.62 120.74
C LEU YA 85 -30.39 -25.06 121.39
N PRO YA 86 -30.44 -25.57 122.63
CA PRO YA 86 -29.22 -26.13 123.22
C PRO YA 86 -28.77 -27.37 122.47
N PRO YA 87 -27.47 -27.66 122.47
CA PRO YA 87 -26.98 -28.81 121.71
C PRO YA 87 -27.33 -30.15 122.33
N GLU YA 88 -28.61 -30.43 122.46
CA GLU YA 88 -29.07 -31.73 122.93
C GLU YA 88 -30.01 -32.41 121.95
N ILE YA 89 -30.95 -31.67 121.38
CA ILE YA 89 -31.82 -32.23 120.34
C ILE YA 89 -31.03 -32.31 119.04
N VAL YA 90 -31.12 -33.45 118.38
CA VAL YA 90 -30.35 -33.68 117.16
C VAL YA 90 -31.34 -33.97 116.04
N PRO YA 91 -30.92 -33.76 114.79
CA PRO YA 91 -31.72 -34.24 113.66
C PRO YA 91 -31.83 -35.77 113.67
N ALA YA 92 -32.74 -36.27 112.84
CA ALA YA 92 -33.09 -37.69 112.88
C ALA YA 92 -31.91 -38.57 112.52
N THR YA 93 -31.16 -38.21 111.48
CA THR YA 93 -30.06 -39.06 111.04
C THR YA 93 -28.89 -39.07 112.00
N LEU YA 94 -28.81 -38.08 112.90
CA LEU YA 94 -27.67 -38.01 113.81
C LEU YA 94 -27.71 -39.17 114.81
N ARG YA 95 -28.73 -39.20 115.66
CA ARG YA 95 -28.82 -40.17 116.74
C ARG YA 95 -30.13 -40.94 116.62
N ARG YA 96 -30.04 -42.27 116.63
CA ARG YA 96 -31.21 -43.14 116.69
C ARG YA 96 -31.04 -44.07 117.88
N SER YA 97 -31.99 -44.01 118.81
CA SER YA 97 -32.05 -44.92 119.96
C SER YA 97 -30.83 -44.86 120.86
N ARG YA 98 -29.90 -43.95 120.57
CA ARG YA 98 -28.64 -43.89 121.30
C ARG YA 98 -28.33 -42.46 121.72
N VAL ZA 1 -30.20 -2.39 142.09
CA VAL ZA 1 -30.65 -2.14 140.72
C VAL ZA 1 -29.99 -3.17 139.78
N MET ZA 2 -28.92 -3.80 140.26
CA MET ZA 2 -28.26 -4.83 139.46
C MET ZA 2 -29.12 -6.08 139.33
N ASP ZA 3 -29.87 -6.41 140.39
CA ASP ZA 3 -30.70 -7.61 140.34
C ASP ZA 3 -31.81 -7.46 139.31
N VAL ZA 4 -32.54 -6.34 139.37
CA VAL ZA 4 -33.55 -6.08 138.36
C VAL ZA 4 -32.90 -5.86 137.00
N ASN ZA 5 -31.63 -5.42 136.98
CA ASN ZA 5 -30.90 -5.31 135.72
C ASN ZA 5 -30.77 -6.67 135.06
N THR ZA 6 -30.28 -7.67 135.81
CA THR ZA 6 -30.23 -9.03 135.29
C THR ZA 6 -31.61 -9.54 134.93
N ALA ZA 7 -32.62 -9.13 135.71
CA ALA ZA 7 -33.99 -9.57 135.42
C ALA ZA 7 -34.45 -9.11 134.05
N LEU ZA 8 -34.35 -7.82 133.75
CA LEU ZA 8 -34.83 -7.42 132.43
C LEU ZA 8 -33.86 -7.81 131.33
N GLN ZA 9 -32.59 -8.04 131.65
CA GLN ZA 9 -31.66 -8.52 130.64
C GLN ZA 9 -32.05 -9.92 130.16
N GLU ZA 10 -32.32 -10.83 131.10
CA GLU ZA 10 -32.80 -12.14 130.68
C GLU ZA 10 -34.17 -12.06 130.04
N VAL ZA 11 -35.03 -11.12 130.48
CA VAL ZA 11 -36.35 -10.98 129.87
C VAL ZA 11 -36.24 -10.58 128.40
N LEU ZA 12 -35.40 -9.58 128.11
CA LEU ZA 12 -35.20 -9.14 126.73
C LEU ZA 12 -34.44 -10.18 125.93
N LYS ZA 13 -33.60 -10.99 126.57
CA LYS ZA 13 -32.98 -12.08 125.83
C LYS ZA 13 -34.03 -13.09 125.41
N THR ZA 14 -34.88 -13.50 126.36
CA THR ZA 14 -36.02 -14.34 126.03
C THR ZA 14 -36.89 -13.70 124.95
N ALA ZA 15 -37.02 -12.36 124.95
CA ALA ZA 15 -37.85 -11.70 123.96
C ALA ZA 15 -37.27 -11.83 122.56
N LEU ZA 16 -35.95 -11.67 122.44
CA LEU ZA 16 -35.28 -11.96 121.18
C LEU ZA 16 -35.44 -13.43 120.78
N ILE ZA 17 -35.54 -14.34 121.75
CA ILE ZA 17 -35.79 -15.73 121.37
C ILE ZA 17 -37.14 -15.85 120.65
N HIS ZA 18 -38.17 -15.23 121.21
CA HIS ZA 18 -39.51 -15.30 120.66
C HIS ZA 18 -39.74 -14.13 119.70
N ASP ZA 19 -41.00 -13.89 119.35
CA ASP ZA 19 -41.38 -12.85 118.40
C ASP ZA 19 -41.85 -11.56 119.06
N GLY ZA 20 -42.36 -11.63 120.29
CA GLY ZA 20 -42.94 -10.46 120.93
C GLY ZA 20 -41.90 -9.45 121.36
N LEU ZA 21 -41.24 -8.84 120.38
CA LEU ZA 21 -40.16 -7.89 120.61
C LEU ZA 21 -40.52 -6.50 120.13
N ALA ZA 22 -40.86 -6.37 118.83
CA ALA ZA 22 -41.38 -5.14 118.24
C ALA ZA 22 -40.43 -3.95 118.45
N ARG ZA 23 -39.26 -4.05 117.83
CA ARG ZA 23 -38.29 -2.95 117.88
C ARG ZA 23 -38.76 -1.83 116.96
N GLY ZA 24 -39.21 -0.74 117.56
CA GLY ZA 24 -39.70 0.40 116.82
C GLY ZA 24 -40.95 0.96 117.49
N ILE ZA 25 -41.08 2.28 117.47
CA ILE ZA 25 -42.20 2.93 118.13
C ILE ZA 25 -43.51 2.59 117.44
N ARG ZA 26 -43.48 2.33 116.14
CA ARG ZA 26 -44.72 2.01 115.43
C ARG ZA 26 -45.29 0.67 115.92
N GLU ZA 27 -44.46 -0.38 115.93
CA GLU ZA 27 -44.92 -1.68 116.42
C GLU ZA 27 -45.17 -1.66 117.92
N ALA ZA 28 -44.36 -0.90 118.67
CA ALA ZA 28 -44.60 -0.77 120.10
C ALA ZA 28 -45.96 -0.14 120.37
N ALA ZA 29 -46.28 0.93 119.65
CA ALA ZA 29 -47.59 1.57 119.80
C ALA ZA 29 -48.72 0.67 119.32
N LYS ZA 30 -48.47 -0.10 118.27
CA LYS ZA 30 -49.47 -1.05 117.79
C LYS ZA 30 -49.78 -2.10 118.86
N ALA ZA 31 -48.75 -2.56 119.57
CA ALA ZA 31 -48.97 -3.44 120.70
C ALA ZA 31 -49.68 -2.71 121.84
N LEU ZA 32 -49.38 -1.42 122.02
CA LEU ZA 32 -49.94 -0.66 123.14
C LEU ZA 32 -51.44 -0.47 123.00
N ASP ZA 33 -51.86 0.18 121.92
CA ASP ZA 33 -53.28 0.49 121.73
C ASP ZA 33 -54.11 -0.77 121.49
N LYS ZA 34 -53.48 -1.89 121.18
CA LYS ZA 34 -54.14 -3.19 121.12
C LYS ZA 34 -54.23 -3.85 122.49
N ARG ZA 35 -53.67 -3.21 123.52
CA ARG ZA 35 -53.62 -3.72 124.89
C ARG ZA 35 -52.86 -5.03 125.01
N GLN ZA 36 -52.09 -5.38 123.98
CA GLN ZA 36 -51.26 -6.57 123.99
C GLN ZA 36 -49.81 -6.21 124.31
N ALA ZA 37 -49.60 -5.74 125.53
CA ALA ZA 37 -48.27 -5.30 125.95
C ALA ZA 37 -48.09 -5.61 127.42
N HIS ZA 38 -46.84 -5.71 127.83
CA HIS ZA 38 -46.54 -5.95 129.23
C HIS ZA 38 -45.50 -5.00 129.79
N LEU ZA 39 -44.50 -4.63 129.00
CA LEU ZA 39 -43.43 -3.74 129.44
C LEU ZA 39 -43.11 -2.74 128.34
N CYS ZA 40 -42.57 -1.59 128.74
CA CYS ZA 40 -42.12 -0.56 127.81
C CYS ZA 40 -40.89 0.11 128.40
N VAL ZA 41 -39.74 -0.07 127.74
CA VAL ZA 41 -38.48 0.46 128.21
C VAL ZA 41 -38.17 1.72 127.44
N LEU ZA 42 -37.69 2.75 128.14
CA LEU ZA 42 -37.39 4.04 127.55
C LEU ZA 42 -35.92 4.37 127.80
N ALA ZA 43 -35.27 4.89 126.75
CA ALA ZA 43 -33.92 5.41 126.92
C ALA ZA 43 -34.01 6.79 127.55
N SER ZA 44 -33.42 6.93 128.74
CA SER ZA 44 -33.46 8.21 129.44
C SER ZA 44 -32.67 9.29 128.72
N ASN ZA 45 -31.83 8.92 127.74
CA ASN ZA 45 -31.08 9.88 126.94
C ASN ZA 45 -31.64 9.83 125.51
N CYS ZA 46 -32.67 10.63 125.27
CA CYS ZA 46 -33.20 10.83 123.92
C CYS ZA 46 -33.31 12.33 123.70
N ASP ZA 47 -32.72 12.81 122.60
CA ASP ZA 47 -32.64 14.25 122.37
C ASP ZA 47 -33.92 14.83 121.79
N GLU ZA 48 -34.74 14.04 121.11
CA GLU ZA 48 -35.97 14.58 120.53
C GLU ZA 48 -36.98 14.78 121.65
N PRO ZA 49 -37.56 15.99 121.79
CA PRO ZA 49 -38.32 16.34 123.01
C PRO ZA 49 -39.51 15.45 123.34
N MET ZA 50 -40.49 15.35 122.45
CA MET ZA 50 -41.71 14.61 122.75
C MET ZA 50 -41.66 13.17 122.28
N TYR ZA 51 -40.52 12.72 121.76
CA TYR ZA 51 -40.30 11.29 121.54
C TYR ZA 51 -40.50 10.51 122.84
N VAL ZA 52 -39.89 10.98 123.93
CA VAL ZA 52 -40.03 10.30 125.21
C VAL ZA 52 -41.32 10.66 125.91
N LYS ZA 53 -42.18 11.46 125.28
CA LYS ZA 53 -43.41 11.93 125.88
C LYS ZA 53 -44.65 11.25 125.32
N LEU ZA 54 -44.72 11.06 124.00
CA LEU ZA 54 -45.84 10.32 123.43
C LEU ZA 54 -45.86 8.88 123.94
N VAL ZA 55 -44.68 8.26 124.03
CA VAL ZA 55 -44.61 6.85 124.42
C VAL ZA 55 -45.04 6.68 125.88
N GLU ZA 56 -44.55 7.56 126.77
CA GLU ZA 56 -44.96 7.45 128.17
C GLU ZA 56 -46.42 7.83 128.35
N ALA ZA 57 -46.92 8.76 127.54
CA ALA ZA 57 -48.35 9.09 127.58
C ALA ZA 57 -49.18 7.87 127.22
N LEU ZA 58 -48.82 7.19 126.13
CA LEU ZA 58 -49.58 6.02 125.68
C LEU ZA 58 -49.47 4.88 126.69
N CYS ZA 59 -48.29 4.70 127.30
CA CYS ZA 59 -48.14 3.64 128.29
C CYS ZA 59 -48.91 3.93 129.56
N ALA ZA 60 -48.98 5.20 129.97
CA ALA ZA 60 -49.73 5.56 131.17
C ALA ZA 60 -51.22 5.52 130.93
N GLU ZA 61 -51.66 5.78 129.69
CA GLU ZA 61 -53.08 5.64 129.35
C GLU ZA 61 -53.56 4.21 129.52
N HIS ZA 62 -52.64 3.25 129.48
CA HIS ZA 62 -52.94 1.87 129.81
C HIS ZA 62 -52.30 1.51 131.15
N GLN ZA 63 -52.41 0.25 131.53
CA GLN ZA 63 -51.78 -0.27 132.74
C GLN ZA 63 -50.62 -1.17 132.32
N ILE ZA 64 -49.47 -0.55 132.06
CA ILE ZA 64 -48.29 -1.24 131.57
C ILE ZA 64 -47.08 -0.67 132.29
N ASN ZA 65 -46.13 -1.54 132.62
CA ASN ZA 65 -44.94 -1.11 133.34
C ASN ZA 65 -44.13 -0.13 132.51
N LEU ZA 66 -43.65 0.92 133.16
CA LEU ZA 66 -42.79 1.93 132.55
C LEU ZA 66 -41.42 1.87 133.21
N ILE ZA 67 -40.40 1.58 132.42
CA ILE ZA 67 -39.03 1.49 132.89
C ILE ZA 67 -38.16 2.36 131.99
N LYS ZA 68 -37.21 3.06 132.59
CA LYS ZA 68 -36.27 3.89 131.85
C LYS ZA 68 -34.88 3.25 131.90
N VAL ZA 69 -34.25 3.17 130.72
CA VAL ZA 69 -32.90 2.64 130.62
C VAL ZA 69 -31.95 3.80 130.35
N ASP ZA 70 -30.70 3.62 130.78
CA ASP ZA 70 -29.75 4.73 130.80
C ASP ZA 70 -29.44 5.26 129.40
N ASP ZA 71 -29.24 4.37 128.43
CA ASP ZA 71 -28.78 4.80 127.11
C ASP ZA 71 -29.53 4.06 126.00
N ASN ZA 72 -29.71 4.76 124.87
CA ASN ZA 72 -30.37 4.14 123.73
C ASN ZA 72 -29.45 3.15 123.02
N LYS ZA 73 -28.17 3.50 122.85
CA LYS ZA 73 -27.26 2.56 122.20
C LYS ZA 73 -26.94 1.38 123.11
N LYS ZA 74 -26.88 1.61 124.42
CA LYS ZA 74 -26.74 0.50 125.36
C LYS ZA 74 -27.93 -0.44 125.28
N LEU ZA 75 -29.14 0.13 125.21
CA LEU ZA 75 -30.34 -0.69 125.04
C LEU ZA 75 -30.30 -1.43 123.71
N GLY ZA 76 -29.81 -0.79 122.65
CA GLY ZA 76 -29.71 -1.46 121.37
C GLY ZA 76 -28.74 -2.62 121.39
N GLU ZA 77 -27.59 -2.45 122.06
CA GLU ZA 77 -26.65 -3.55 122.23
C GLU ZA 77 -27.28 -4.67 123.06
N TRP ZA 78 -28.08 -4.31 124.06
CA TRP ZA 78 -28.78 -5.31 124.86
C TRP ZA 78 -29.75 -6.11 123.99
N VAL ZA 79 -30.56 -5.39 123.19
CA VAL ZA 79 -31.52 -6.02 122.29
C VAL ZA 79 -30.86 -6.50 121.00
N GLY ZA 80 -29.54 -6.31 120.88
CA GLY ZA 80 -28.76 -6.91 119.81
C GLY ZA 80 -29.06 -6.43 118.41
N LEU ZA 81 -29.27 -5.12 118.24
CA LEU ZA 81 -29.54 -4.53 116.93
C LEU ZA 81 -28.24 -4.25 116.18
N CYS ZA 82 -27.38 -5.25 116.08
CA CYS ZA 82 -26.03 -5.06 115.57
C CYS ZA 82 -25.58 -6.35 114.90
N LYS ZA 83 -24.27 -6.46 114.68
CA LYS ZA 83 -23.69 -7.65 114.07
C LYS ZA 83 -23.73 -8.87 114.98
N ILE ZA 84 -23.81 -8.66 116.30
CA ILE ZA 84 -23.71 -9.73 117.29
C ILE ZA 84 -22.43 -10.50 117.03
N ASP ZA 85 -21.30 -9.84 117.25
CA ASP ZA 85 -19.98 -10.41 116.98
C ASP ZA 85 -19.03 -10.04 118.11
N ARG ZA 86 -19.50 -10.20 119.35
CA ARG ZA 86 -18.75 -9.77 120.53
C ARG ZA 86 -17.37 -10.39 120.62
N GLU ZA 87 -17.17 -11.57 120.03
CA GLU ZA 87 -15.85 -12.18 120.05
C GLU ZA 87 -14.87 -11.50 119.09
N GLY ZA 88 -15.36 -10.91 118.01
CA GLY ZA 88 -14.48 -10.33 117.01
C GLY ZA 88 -14.74 -8.87 116.71
N LYS ZA 89 -15.96 -8.40 116.94
CA LYS ZA 89 -16.31 -7.03 116.62
C LYS ZA 89 -16.99 -6.36 117.79
N PRO ZA 90 -16.83 -5.04 117.93
CA PRO ZA 90 -17.70 -4.29 118.86
C PRO ZA 90 -19.17 -4.31 118.47
N ARG ZA 91 -19.50 -4.75 117.25
CA ARG ZA 91 -20.89 -4.91 116.80
C ARG ZA 91 -21.64 -3.58 116.85
N LYS ZA 92 -21.25 -2.69 115.93
CA LYS ZA 92 -21.88 -1.39 115.78
C LYS ZA 92 -23.39 -1.50 115.69
N VAL ZA 93 -24.08 -0.73 116.53
CA VAL ZA 93 -25.51 -0.86 116.76
C VAL ZA 93 -26.19 0.47 116.44
N VAL ZA 94 -27.46 0.40 116.07
CA VAL ZA 94 -28.29 1.59 115.91
C VAL ZA 94 -28.79 2.00 117.29
N GLY ZA 95 -29.32 3.22 117.39
CA GLY ZA 95 -29.82 3.70 118.67
C GLY ZA 95 -31.25 3.29 118.93
N CYS ZA 96 -31.44 2.21 119.70
CA CYS ZA 96 -32.75 1.63 119.96
C CYS ZA 96 -33.23 2.13 121.33
N SER ZA 97 -34.39 2.78 121.34
CA SER ZA 97 -34.90 3.41 122.55
C SER ZA 97 -36.29 2.94 122.94
N CYS ZA 98 -36.76 1.83 122.36
CA CYS ZA 98 -38.11 1.37 122.65
C CYS ZA 98 -38.21 -0.13 122.38
N VAL ZA 99 -38.50 -0.90 123.42
CA VAL ZA 99 -38.75 -2.34 123.32
C VAL ZA 99 -39.95 -2.67 124.20
N VAL ZA 100 -40.88 -3.47 123.65
CA VAL ZA 100 -42.08 -3.86 124.35
C VAL ZA 100 -42.13 -5.38 124.43
N VAL ZA 101 -42.40 -5.91 125.61
CA VAL ZA 101 -42.37 -7.34 125.88
C VAL ZA 101 -43.76 -7.93 125.69
N LYS ZA 102 -43.83 -9.01 124.90
CA LYS ZA 102 -45.10 -9.69 124.65
C LYS ZA 102 -44.97 -11.18 124.94
N ASP ZA 103 -43.76 -11.70 124.85
CA ASP ZA 103 -43.59 -13.15 124.78
C ASP ZA 103 -43.87 -13.83 126.11
N TYR ZA 104 -43.09 -13.52 127.15
CA TYR ZA 104 -43.06 -14.28 128.39
C TYR ZA 104 -42.83 -15.76 128.11
N GLY ZA 105 -41.85 -16.05 127.26
CA GLY ZA 105 -41.59 -17.43 126.87
C GLY ZA 105 -41.17 -18.29 128.04
N LYS ZA 106 -40.33 -17.76 128.91
CA LYS ZA 106 -39.94 -18.44 130.13
C LYS ZA 106 -39.62 -17.40 131.19
N GLU ZA 107 -40.12 -17.62 132.41
CA GLU ZA 107 -40.01 -16.64 133.49
C GLU ZA 107 -39.18 -17.25 134.61
N SER ZA 108 -37.86 -17.07 134.53
CA SER ZA 108 -36.96 -17.42 135.61
C SER ZA 108 -36.65 -16.24 136.52
N GLN ZA 109 -36.42 -15.06 135.94
CA GLN ZA 109 -36.26 -13.83 136.70
C GLN ZA 109 -37.23 -12.74 136.25
N ALA ZA 110 -38.20 -13.08 135.41
CA ALA ZA 110 -39.30 -12.17 135.12
C ALA ZA 110 -40.13 -11.92 136.38
N LYS ZA 111 -40.11 -12.86 137.33
CA LYS ZA 111 -40.73 -12.60 138.62
C LYS ZA 111 -40.07 -11.44 139.35
N ASP ZA 112 -38.76 -11.26 139.14
CA ASP ZA 112 -38.09 -10.09 139.72
C ASP ZA 112 -38.58 -8.81 139.08
N VAL ZA 113 -38.84 -8.82 137.78
CA VAL ZA 113 -39.43 -7.66 137.11
C VAL ZA 113 -40.82 -7.39 137.66
N ILE ZA 114 -41.60 -8.46 137.89
CA ILE ZA 114 -42.93 -8.32 138.47
C ILE ZA 114 -42.84 -7.69 139.85
N GLU ZA 115 -41.87 -8.13 140.66
CA GLU ZA 115 -41.69 -7.58 142.00
C GLU ZA 115 -41.24 -6.12 141.96
N GLU ZA 116 -40.38 -5.75 141.00
CA GLU ZA 116 -40.01 -4.36 140.86
C GLU ZA 116 -41.21 -3.50 140.49
N TYR ZA 117 -42.04 -3.99 139.57
CA TYR ZA 117 -43.23 -3.23 139.18
C TYR ZA 117 -44.20 -3.10 140.34
N PHE ZA 118 -44.37 -4.17 141.12
CA PHE ZA 118 -45.24 -4.10 142.29
C PHE ZA 118 -44.70 -3.12 143.32
N LYS ZA 119 -43.38 -3.12 143.53
CA LYS ZA 119 -42.75 -2.15 144.41
C LYS ZA 119 -42.99 -0.73 143.89
N CYS ZA 120 -42.92 -0.55 142.58
CA CYS ZA 120 -43.14 0.77 141.99
C CYS ZA 120 -44.58 1.23 142.18
N LYS ZA 121 -45.55 0.30 142.13
CA LYS ZA 121 -46.96 0.68 142.08
C LYS ZA 121 -47.62 0.81 143.46
N LYS ZA 122 -47.02 0.29 144.52
CA LYS ZA 122 -47.68 0.35 145.83
C LYS ZA 122 -47.62 1.73 146.46
N THR AB 1 -78.36 -2.11 58.34
CA THR AB 1 -79.13 -3.15 59.01
C THR AB 1 -78.34 -4.45 59.09
N TYR AB 2 -78.32 -5.06 60.28
CA TYR AB 2 -77.49 -6.25 60.48
C TYR AB 2 -78.28 -7.52 60.22
N ARG AB 3 -79.49 -7.62 60.79
CA ARG AB 3 -80.32 -8.81 60.67
C ARG AB 3 -81.76 -8.43 60.38
N GLY AB 4 -81.97 -7.27 59.76
CA GLY AB 4 -83.28 -6.71 59.60
C GLY AB 4 -83.65 -5.66 60.64
N VAL AB 5 -82.95 -5.64 61.77
CA VAL AB 5 -83.18 -4.65 62.81
C VAL AB 5 -82.26 -3.46 62.57
N ASP AB 6 -82.69 -2.29 63.04
CA ASP AB 6 -81.86 -1.10 62.95
C ASP AB 6 -80.90 -1.04 64.13
N LEU AB 7 -79.88 -0.20 63.99
CA LEU AB 7 -78.85 -0.07 65.03
C LEU AB 7 -79.43 0.55 66.29
N ASP AB 8 -80.49 1.35 66.16
CA ASP AB 8 -81.12 1.95 67.35
C ASP AB 8 -81.69 0.86 68.25
N GLN AB 9 -82.30 -0.17 67.66
CA GLN AB 9 -82.70 -1.34 68.44
C GLN AB 9 -81.49 -2.12 68.93
N LEU AB 10 -80.36 -1.99 68.24
CA LEU AB 10 -79.17 -2.74 68.64
C LEU AB 10 -78.52 -2.15 69.88
N LEU AB 11 -78.69 -0.84 70.10
CA LEU AB 11 -78.15 -0.23 71.33
C LEU AB 11 -78.81 -0.82 72.57
N ASP AB 12 -80.11 -1.04 72.54
CA ASP AB 12 -80.81 -1.71 73.63
C ASP AB 12 -81.06 -3.19 73.33
N MET AB 13 -80.21 -3.81 72.51
CA MET AB 13 -80.29 -5.23 72.23
C MET AB 13 -79.37 -5.96 73.22
N SER AB 14 -79.94 -6.57 74.24
CA SER AB 14 -79.12 -7.21 75.25
C SER AB 14 -78.47 -8.48 74.70
N TYR AB 15 -77.47 -8.97 75.44
CA TYR AB 15 -76.54 -9.97 74.92
C TYR AB 15 -77.24 -11.27 74.55
N GLU AB 16 -78.11 -11.76 75.43
CA GLU AB 16 -78.66 -13.10 75.27
C GLU AB 16 -79.61 -13.20 74.08
N GLN AB 17 -80.44 -12.19 73.86
CA GLN AB 17 -81.25 -12.19 72.65
C GLN AB 17 -80.47 -11.72 71.43
N LEU AB 18 -79.28 -11.14 71.62
CA LEU AB 18 -78.40 -10.82 70.52
C LEU AB 18 -77.67 -12.04 69.97
N MET AB 19 -77.36 -13.02 70.84
CA MET AB 19 -76.58 -14.18 70.39
C MET AB 19 -77.32 -14.97 69.32
N GLN AB 20 -78.65 -14.85 69.26
CA GLN AB 20 -79.38 -15.46 68.15
C GLN AB 20 -79.08 -14.76 66.84
N LEU AB 21 -78.77 -13.46 66.88
CA LEU AB 21 -78.50 -12.72 65.65
C LEU AB 21 -77.05 -12.89 65.19
N TYR AB 22 -76.13 -13.19 66.09
CA TYR AB 22 -74.75 -13.41 65.68
C TYR AB 22 -74.58 -14.79 65.04
N SER AB 23 -73.41 -15.02 64.47
CA SER AB 23 -73.09 -16.32 63.90
C SER AB 23 -72.71 -17.29 65.00
N ALA AB 24 -72.44 -18.54 64.60
CA ALA AB 24 -72.21 -19.60 65.58
C ALA AB 24 -70.97 -19.34 66.42
N ARG AB 25 -69.88 -18.91 65.80
CA ARG AB 25 -68.66 -18.60 66.55
C ARG AB 25 -68.90 -17.46 67.54
N GLN AB 26 -69.54 -16.40 67.07
CA GLN AB 26 -69.81 -15.26 67.95
C GLN AB 26 -70.81 -15.63 69.04
N ARG AB 27 -71.81 -16.43 68.69
CA ARG AB 27 -72.78 -16.87 69.69
C ARG AB 27 -72.10 -17.71 70.77
N ARG AB 28 -71.21 -18.61 70.37
CA ARG AB 28 -70.45 -19.39 71.34
C ARG AB 28 -69.55 -18.51 72.18
N ARG AB 29 -68.93 -17.50 71.57
CA ARG AB 29 -68.02 -16.63 72.29
C ARG AB 29 -68.75 -15.80 73.35
N LEU AB 30 -69.92 -15.26 73.01
CA LEU AB 30 -70.70 -14.53 74.01
C LEU AB 30 -71.37 -15.47 75.01
N ASN AB 31 -71.68 -16.70 74.59
CA ASN AB 31 -72.19 -17.69 75.52
C ASN AB 31 -71.14 -18.00 76.58
N ARG AB 32 -69.88 -18.10 76.18
CA ARG AB 32 -68.80 -18.10 77.14
C ARG AB 32 -68.67 -16.72 77.78
N GLY AB 33 -68.20 -16.70 79.02
CA GLY AB 33 -68.12 -15.45 79.76
C GLY AB 33 -67.04 -14.54 79.20
N LEU AB 34 -67.42 -13.28 78.97
CA LEU AB 34 -66.43 -12.27 78.62
C LEU AB 34 -65.60 -11.91 79.85
N ARG AB 35 -64.29 -11.78 79.65
CA ARG AB 35 -63.41 -11.60 80.77
C ARG AB 35 -63.29 -10.12 81.16
N ARG AB 36 -62.44 -9.86 82.15
CA ARG AB 36 -62.36 -8.54 82.76
C ARG AB 36 -61.81 -7.48 81.81
N LYS AB 37 -60.81 -7.84 80.99
CA LYS AB 37 -60.19 -6.85 80.12
C LYS AB 37 -61.15 -6.34 79.06
N GLN AB 38 -61.98 -7.24 78.53
CA GLN AB 38 -62.98 -6.84 77.55
C GLN AB 38 -63.97 -5.86 78.16
N HIS AB 39 -64.45 -6.17 79.37
CA HIS AB 39 -65.39 -5.29 80.05
C HIS AB 39 -64.77 -3.94 80.35
N SER AB 40 -63.51 -3.93 80.78
CA SER AB 40 -62.82 -2.67 81.06
C SER AB 40 -62.63 -1.86 79.80
N LEU AB 41 -62.33 -2.50 78.68
CA LEU AB 41 -62.20 -1.78 77.42
C LEU AB 41 -63.54 -1.19 76.98
N LEU AB 42 -64.62 -1.95 77.16
CA LEU AB 42 -65.95 -1.42 76.86
C LEU AB 42 -66.25 -0.21 77.73
N LYS AB 43 -65.87 -0.29 79.02
CA LYS AB 43 -66.00 0.87 79.90
C LYS AB 43 -65.18 2.05 79.37
N ARG AB 44 -63.97 1.77 78.88
CA ARG AB 44 -63.11 2.83 78.34
C ARG AB 44 -63.76 3.52 77.16
N LEU AB 45 -64.24 2.75 76.18
CA LEU AB 45 -64.86 3.35 75.01
C LEU AB 45 -66.14 4.07 75.35
N ARG AB 46 -66.92 3.52 76.29
CA ARG AB 46 -68.13 4.22 76.72
C ARG AB 46 -67.79 5.53 77.43
N LYS AB 47 -66.76 5.53 78.28
CA LYS AB 47 -66.30 6.76 78.92
C LYS AB 47 -65.88 7.80 77.90
N ALA AB 48 -65.07 7.37 76.93
CA ALA AB 48 -64.61 8.29 75.89
C ALA AB 48 -65.77 8.81 75.06
N LYS AB 49 -66.73 7.95 74.74
CA LYS AB 49 -67.87 8.35 73.93
C LYS AB 49 -68.76 9.35 74.66
N LYS AB 50 -69.03 9.10 75.95
CA LYS AB 50 -69.84 10.05 76.70
C LYS AB 50 -69.11 11.37 76.89
N GLU AB 51 -67.79 11.33 77.12
CA GLU AB 51 -67.04 12.57 77.24
C GLU AB 51 -66.54 13.09 75.89
N ALA AB 52 -66.86 12.40 74.79
CA ALA AB 52 -66.53 12.92 73.48
C ALA AB 52 -67.30 14.21 73.22
N PRO AB 53 -66.71 15.17 72.51
CA PRO AB 53 -67.44 16.39 72.16
C PRO AB 53 -68.63 16.06 71.28
N PRO AB 54 -69.72 16.80 71.41
CA PRO AB 54 -70.90 16.54 70.56
C PRO AB 54 -70.56 16.76 69.10
N MET AB 55 -71.24 15.97 68.25
CA MET AB 55 -71.05 15.91 66.79
C MET AB 55 -69.58 15.83 66.39
N GLU AB 56 -68.73 15.29 67.25
CA GLU AB 56 -67.31 15.14 66.96
C GLU AB 56 -66.87 13.71 67.25
N LYS AB 57 -66.01 13.18 66.39
CA LYS AB 57 -65.48 11.84 66.57
C LYS AB 57 -64.63 11.78 67.84
N PRO AB 58 -64.64 10.64 68.54
CA PRO AB 58 -63.96 10.56 69.84
C PRO AB 58 -62.45 10.60 69.74
N GLU AB 59 -61.79 10.61 70.89
CA GLU AB 59 -60.34 10.47 70.94
C GLU AB 59 -59.94 9.01 70.77
N VAL AB 60 -58.67 8.81 70.45
CA VAL AB 60 -58.19 7.46 70.14
C VAL AB 60 -57.93 6.70 71.43
N VAL AB 61 -58.26 5.41 71.41
CA VAL AB 61 -57.91 4.49 72.49
C VAL AB 61 -57.19 3.31 71.87
N LYS AB 62 -56.09 2.90 72.49
CA LYS AB 62 -55.27 1.81 71.99
C LYS AB 62 -55.54 0.55 72.78
N THR AB 63 -55.15 -0.59 72.19
CA THR AB 63 -55.32 -1.90 72.81
C THR AB 63 -54.55 -2.93 72.02
N HIS AB 64 -54.17 -4.02 72.71
CA HIS AB 64 -53.58 -5.16 72.01
C HIS AB 64 -54.62 -6.22 71.68
N LEU AB 65 -55.64 -6.36 72.53
CA LEU AB 65 -56.66 -7.38 72.29
C LEU AB 65 -57.41 -7.06 71.02
N ARG AB 66 -57.24 -7.91 70.02
CA ARG AB 66 -57.88 -7.74 68.71
C ARG AB 66 -58.83 -8.89 68.40
N ASP AB 67 -59.04 -9.77 69.37
CA ASP AB 67 -60.04 -10.82 69.31
C ASP AB 67 -61.41 -10.35 69.73
N MET AB 68 -61.55 -9.08 70.11
CA MET AB 68 -62.85 -8.55 70.50
C MET AB 68 -63.78 -8.49 69.31
N ILE AB 69 -64.94 -9.11 69.46
CA ILE AB 69 -66.01 -8.92 68.49
C ILE AB 69 -66.53 -7.50 68.63
N ILE AB 70 -66.93 -6.90 67.51
CA ILE AB 70 -67.31 -5.50 67.52
C ILE AB 70 -68.74 -5.38 68.04
N LEU AB 71 -68.93 -4.59 69.11
CA LEU AB 71 -70.29 -4.45 69.58
C LEU AB 71 -70.98 -3.27 68.91
N PRO AB 72 -72.29 -3.36 68.72
CA PRO AB 72 -73.03 -2.24 68.10
C PRO AB 72 -73.04 -0.97 68.93
N GLU AB 73 -72.82 -1.05 70.24
CA GLU AB 73 -72.81 0.16 71.04
C GLU AB 73 -71.49 0.91 70.98
N MET AB 74 -70.45 0.32 70.38
CA MET AB 74 -69.16 0.96 70.24
C MET AB 74 -68.93 1.52 68.84
N VAL AB 75 -69.99 1.64 68.04
CA VAL AB 75 -69.86 2.15 66.69
C VAL AB 75 -69.48 3.62 66.72
N GLY AB 76 -68.48 4.00 65.92
CA GLY AB 76 -68.02 5.36 65.84
C GLY AB 76 -66.78 5.67 66.65
N SER AB 77 -66.28 4.71 67.42
CA SER AB 77 -65.14 4.98 68.29
C SER AB 77 -63.84 5.01 67.49
N MET AB 78 -62.81 5.56 68.12
CA MET AB 78 -61.46 5.57 67.56
C MET AB 78 -60.64 4.55 68.36
N VAL AB 79 -60.50 3.36 67.79
CA VAL AB 79 -59.80 2.26 68.46
C VAL AB 79 -58.43 2.10 67.82
N GLY AB 80 -57.40 1.98 68.65
CA GLY AB 80 -56.07 1.71 68.18
C GLY AB 80 -55.75 0.24 68.35
N VAL AB 81 -55.85 -0.51 67.26
CA VAL AB 81 -55.68 -1.96 67.28
C VAL AB 81 -54.24 -2.27 66.93
N TYR AB 82 -53.57 -3.03 67.79
CA TYR AB 82 -52.16 -3.35 67.60
C TYR AB 82 -51.99 -4.28 66.40
N ASN AB 83 -50.98 -3.99 65.58
CA ASN AB 83 -50.69 -4.77 64.39
C ASN AB 83 -49.49 -5.68 64.56
N GLY AB 84 -48.87 -5.69 65.74
CA GLY AB 84 -47.59 -6.32 65.97
C GLY AB 84 -46.46 -5.33 66.13
N LYS AB 85 -46.56 -4.17 65.47
CA LYS AB 85 -45.58 -3.10 65.60
C LYS AB 85 -46.19 -1.82 66.14
N THR AB 86 -47.32 -1.39 65.56
CA THR AB 86 -47.94 -0.11 65.90
C THR AB 86 -49.40 -0.32 66.25
N PHE AB 87 -50.04 0.75 66.71
CA PHE AB 87 -51.47 0.75 66.97
C PHE AB 87 -52.15 1.46 65.81
N ASN AB 88 -53.16 0.80 65.24
CA ASN AB 88 -53.82 1.29 64.03
C ASN AB 88 -55.21 1.78 64.38
N GLN AB 89 -55.50 3.04 64.06
CA GLN AB 89 -56.84 3.57 64.23
C GLN AB 89 -57.69 3.28 63.01
N VAL AB 90 -58.95 2.91 63.25
CA VAL AB 90 -59.88 2.58 62.17
C VAL AB 90 -61.30 2.83 62.67
N GLU AB 91 -62.15 3.31 61.76
CA GLU AB 91 -63.55 3.50 62.06
C GLU AB 91 -64.25 2.17 62.33
N ILE AB 92 -65.22 2.20 63.23
CA ILE AB 92 -66.15 1.09 63.43
C ILE AB 92 -67.40 1.42 62.64
N LYS AB 93 -67.59 0.74 61.52
CA LYS AB 93 -68.73 0.98 60.67
C LYS AB 93 -69.98 0.31 61.23
N PRO AB 94 -71.16 0.74 60.81
CA PRO AB 94 -72.39 0.02 61.19
C PRO AB 94 -72.58 -1.29 60.44
N GLU AB 95 -71.54 -1.75 59.76
CA GLU AB 95 -71.54 -3.05 59.09
C GLU AB 95 -70.54 -4.02 59.71
N MET AB 96 -69.74 -3.55 60.64
CA MET AB 96 -68.57 -4.27 61.16
C MET AB 96 -68.89 -5.08 62.41
N ILE AB 97 -70.16 -5.23 62.75
CA ILE AB 97 -70.52 -5.76 64.07
C ILE AB 97 -70.07 -7.21 64.21
N GLY AB 98 -70.32 -8.04 63.21
CA GLY AB 98 -69.93 -9.42 63.27
C GLY AB 98 -68.47 -9.68 62.92
N HIS AB 99 -67.61 -8.70 63.18
CA HIS AB 99 -66.22 -8.73 62.75
C HIS AB 99 -65.29 -8.50 63.94
N TYR AB 100 -64.06 -8.97 63.80
CA TYR AB 100 -63.08 -8.91 64.86
C TYR AB 100 -62.15 -7.71 64.66
N LEU AB 101 -61.58 -7.23 65.77
CA LEU AB 101 -60.71 -6.06 65.70
C LEU AB 101 -59.44 -6.35 64.93
N GLY AB 102 -58.95 -7.59 64.96
CA GLY AB 102 -57.78 -7.94 64.18
C GLY AB 102 -58.07 -8.01 62.69
N GLU AB 103 -59.33 -8.07 62.30
CA GLU AB 103 -59.70 -8.19 60.89
C GLU AB 103 -59.54 -6.88 60.13
N PHE AB 104 -59.03 -5.82 60.76
CA PHE AB 104 -58.90 -4.53 60.11
C PHE AB 104 -57.56 -3.85 60.39
N SER AB 105 -56.77 -4.36 61.33
CA SER AB 105 -55.40 -3.90 61.54
C SER AB 105 -54.51 -5.02 61.00
N ILE AB 106 -54.23 -4.96 59.70
CA ILE AB 106 -53.46 -6.01 59.05
C ILE AB 106 -52.07 -6.06 59.66
N THR AB 107 -51.54 -7.27 59.80
CA THR AB 107 -50.27 -7.49 60.47
C THR AB 107 -49.08 -7.40 59.52
N TYR AB 108 -49.33 -7.20 58.23
CA TYR AB 108 -48.28 -7.25 57.23
C TYR AB 108 -48.60 -6.25 56.13
N LYS AB 109 -47.58 -5.74 55.53
CA LYS AB 109 -47.87 -5.02 54.30
C LYS AB 109 -47.76 -5.97 53.11
N PRO AB 110 -48.61 -5.80 52.10
CA PRO AB 110 -48.59 -6.72 50.96
C PRO AB 110 -47.24 -6.69 50.26
N VAL AB 111 -46.79 -7.86 49.80
CA VAL AB 111 -45.46 -7.96 49.22
C VAL AB 111 -45.47 -7.46 47.78
N LYS AB 112 -44.47 -6.66 47.45
CA LYS AB 112 -44.22 -6.20 46.09
C LYS AB 112 -42.97 -6.93 45.61
N HIS AB 113 -43.14 -7.83 44.64
CA HIS AB 113 -42.04 -8.69 44.27
C HIS AB 113 -41.08 -7.97 43.34
N GLY AB 114 -39.80 -8.04 43.66
CA GLY AB 114 -38.73 -7.56 42.82
C GLY AB 114 -38.10 -8.68 42.02
N ARG AB 115 -36.90 -8.40 41.52
CA ARG AB 115 -36.16 -9.41 40.77
C ARG AB 115 -35.74 -10.54 41.69
N PRO AB 116 -36.00 -11.79 41.34
CA PRO AB 116 -35.54 -12.90 42.17
C PRO AB 116 -34.02 -12.91 42.27
N GLY AB 117 -33.53 -13.36 43.43
CA GLY AB 117 -32.10 -13.34 43.67
C GLY AB 117 -31.38 -14.56 43.14
N ILE AB 118 -30.33 -14.98 43.86
CA ILE AB 118 -29.47 -16.05 43.38
C ILE AB 118 -30.23 -17.37 43.34
N GLY AB 119 -31.30 -17.50 44.11
CA GLY AB 119 -32.04 -18.75 44.15
C GLY AB 119 -32.72 -19.06 42.83
N ALA AB 120 -33.06 -20.34 42.68
CA ALA AB 120 -33.67 -20.89 41.46
C ALA AB 120 -32.82 -20.58 40.23
N THR AB 121 -31.57 -21.01 40.29
CA THR AB 121 -30.65 -20.83 39.17
C THR AB 121 -30.92 -21.86 38.08
N SER BB 1 -76.97 -97.88 63.58
CA SER BB 1 -78.34 -97.67 64.07
C SER BB 1 -78.43 -96.40 64.89
N LYS BB 2 -77.77 -96.39 66.05
CA LYS BB 2 -77.79 -95.25 66.95
C LYS BB 2 -76.41 -95.01 67.55
N GLY BB 3 -75.38 -95.10 66.71
CA GLY BB 3 -74.02 -94.95 67.17
C GLY BB 3 -73.68 -93.53 67.57
N PRO BB 4 -73.45 -93.31 68.87
CA PRO BB 4 -73.13 -91.95 69.33
C PRO BB 4 -71.64 -91.69 69.29
N LEU BB 5 -71.25 -90.46 69.69
CA LEU BB 5 -69.85 -90.10 69.88
C LEU BB 5 -69.05 -90.32 68.59
N GLN BB 6 -69.65 -89.97 67.46
CA GLN BB 6 -69.04 -90.11 66.14
C GLN BB 6 -68.87 -88.72 65.57
N SER BB 7 -67.75 -88.08 65.89
CA SER BB 7 -67.51 -86.72 65.45
C SER BB 7 -66.02 -86.43 65.44
N VAL BB 8 -65.61 -85.56 64.52
CA VAL BB 8 -64.27 -84.99 64.50
C VAL BB 8 -64.40 -83.48 64.31
N GLN BB 9 -63.39 -82.77 64.77
CA GLN BB 9 -63.30 -81.32 64.60
C GLN BB 9 -61.92 -80.99 64.08
N VAL BB 10 -61.84 -80.55 62.83
CA VAL BB 10 -60.56 -80.32 62.17
C VAL BB 10 -60.55 -78.91 61.58
N PHE BB 11 -59.42 -78.21 61.74
CA PHE BB 11 -59.28 -76.85 61.27
C PHE BB 11 -58.36 -76.75 60.06
N GLY BB 12 -58.43 -75.59 59.42
CA GLY BB 12 -57.51 -75.25 58.35
C GLY BB 12 -57.20 -73.77 58.38
N ARG BB 13 -56.05 -73.40 57.81
CA ARG BB 13 -55.56 -72.04 57.91
C ARG BB 13 -55.20 -71.48 56.54
N LYS BB 14 -55.51 -70.19 56.36
CA LYS BB 14 -55.12 -69.48 55.13
C LYS BB 14 -55.12 -67.98 55.45
N LYS BB 15 -53.93 -67.41 55.63
CA LYS BB 15 -53.74 -65.98 55.91
C LYS BB 15 -54.58 -65.56 57.13
N THR BB 16 -54.18 -66.11 58.27
CA THR BB 16 -54.80 -65.91 59.60
C THR BB 16 -56.32 -66.02 59.57
N ALA BB 17 -56.85 -66.75 58.59
CA ALA BB 17 -58.27 -67.08 58.52
C ALA BB 17 -58.40 -68.55 58.89
N THR BB 18 -58.86 -68.82 60.10
CA THR BB 18 -59.05 -70.19 60.57
C THR BB 18 -60.52 -70.58 60.46
N ALA BB 19 -60.74 -71.88 60.24
CA ALA BB 19 -62.07 -72.43 60.13
C ALA BB 19 -62.05 -73.85 60.68
N VAL BB 20 -62.93 -74.15 61.63
CA VAL BB 20 -63.02 -75.46 62.26
C VAL BB 20 -64.31 -76.12 61.79
N ALA BB 21 -64.21 -77.32 61.26
CA ALA BB 21 -65.37 -78.09 60.80
C ALA BB 21 -65.66 -79.20 61.80
N HIS BB 22 -66.87 -79.18 62.37
CA HIS BB 22 -67.31 -80.20 63.31
C HIS BB 22 -68.06 -81.25 62.52
N CYS BB 23 -67.32 -82.11 61.84
CA CYS BB 23 -67.90 -83.24 61.14
C CYS BB 23 -68.42 -84.25 62.16
N LYS BB 24 -69.62 -84.76 61.92
CA LYS BB 24 -70.27 -85.64 62.88
C LYS BB 24 -71.26 -86.53 62.14
N ARG BB 25 -71.49 -87.71 62.69
CA ARG BB 25 -72.36 -88.70 62.07
C ARG BB 25 -73.77 -88.16 61.89
N GLY BB 26 -74.38 -88.48 60.76
CA GLY BB 26 -75.73 -88.03 60.49
C GLY BB 26 -76.01 -88.13 58.99
N ASN BB 27 -77.06 -87.42 58.57
CA ASN BB 27 -77.35 -87.30 57.16
C ASN BB 27 -76.30 -86.45 56.47
N GLY BB 28 -76.24 -86.55 55.15
CA GLY BB 28 -75.33 -85.71 54.41
C GLY BB 28 -75.85 -84.31 54.24
N LEU BB 29 -75.29 -83.38 55.01
CA LEU BB 29 -75.65 -81.97 54.89
C LEU BB 29 -74.47 -81.14 55.34
N ILE BB 30 -74.27 -80.00 54.67
CA ILE BB 30 -73.14 -79.13 54.93
C ILE BB 30 -73.66 -77.75 55.24
N LYS BB 31 -73.23 -77.19 56.38
CA LYS BB 31 -73.50 -75.81 56.72
C LYS BB 31 -72.20 -75.13 57.12
N VAL BB 32 -72.13 -73.83 56.85
CA VAL BB 32 -71.04 -72.99 57.29
C VAL BB 32 -71.66 -71.80 58.00
N ASN BB 33 -71.31 -71.61 59.27
CA ASN BB 33 -71.89 -70.57 60.11
C ASN BB 33 -73.41 -70.64 60.13
N GLY BB 34 -73.96 -71.85 60.03
CA GLY BB 34 -75.39 -72.04 60.00
C GLY BB 34 -76.03 -71.79 58.65
N ARG BB 35 -75.26 -71.46 57.63
CA ARG BB 35 -75.80 -71.18 56.31
C ARG BB 35 -75.50 -72.33 55.34
N PRO BB 36 -76.33 -72.53 54.33
CA PRO BB 36 -76.08 -73.60 53.36
C PRO BB 36 -74.79 -73.38 52.59
N LEU BB 37 -74.15 -74.49 52.22
CA LEU BB 37 -72.84 -74.42 51.59
C LEU BB 37 -72.88 -73.68 50.26
N GLU BB 38 -73.87 -73.99 49.43
CA GLU BB 38 -74.01 -73.39 48.12
C GLU BB 38 -74.26 -71.89 48.18
N MET BB 39 -74.67 -71.39 49.34
CA MET BB 39 -75.07 -69.99 49.51
C MET BB 39 -73.95 -69.30 50.27
N ILE BB 40 -73.13 -68.52 49.56
CA ILE BB 40 -71.99 -67.86 50.17
C ILE BB 40 -71.92 -66.41 49.69
N GLU BB 41 -71.27 -65.58 50.51
CA GLU BB 41 -71.10 -64.17 50.16
C GLU BB 41 -70.22 -63.98 48.92
N PRO BB 42 -68.99 -64.52 48.83
CA PRO BB 42 -68.33 -64.37 47.52
C PRO BB 42 -68.77 -65.48 46.57
N ARG BB 43 -69.97 -65.29 46.03
CA ARG BB 43 -70.61 -66.29 45.19
C ARG BB 43 -69.88 -66.49 43.86
N THR BB 44 -68.97 -65.58 43.50
CA THR BB 44 -68.06 -65.85 42.40
C THR BB 44 -67.20 -67.08 42.71
N LEU BB 45 -66.83 -67.24 43.98
CA LEU BB 45 -66.03 -68.37 44.43
C LEU BB 45 -66.88 -69.56 44.84
N GLN BB 46 -68.08 -69.69 44.30
CA GLN BB 46 -68.95 -70.79 44.68
C GLN BB 46 -68.37 -72.13 44.28
N TYR BB 47 -67.56 -72.15 43.22
CA TYR BB 47 -66.92 -73.41 42.82
C TYR BB 47 -65.82 -73.81 43.79
N LYS BB 48 -65.17 -72.84 44.43
CA LYS BB 48 -64.12 -73.16 45.38
C LYS BB 48 -64.65 -74.00 46.54
N LEU BB 49 -65.78 -73.58 47.12
CA LEU BB 49 -66.30 -74.27 48.29
C LEU BB 49 -66.87 -75.64 47.92
N LEU BB 50 -67.54 -75.73 46.78
CA LEU BB 50 -68.11 -77.00 46.32
C LEU BB 50 -67.08 -77.89 45.65
N GLU BB 51 -65.84 -77.41 45.50
CA GLU BB 51 -64.81 -78.20 44.82
C GLU BB 51 -64.57 -79.55 45.48
N PRO BB 52 -64.34 -79.66 46.80
CA PRO BB 52 -64.20 -81.01 47.39
C PRO BB 52 -65.44 -81.85 47.23
N VAL BB 53 -66.62 -81.25 47.37
CA VAL BB 53 -67.86 -82.00 47.23
C VAL BB 53 -68.01 -82.52 45.80
N LEU BB 54 -67.74 -81.65 44.83
CA LEU BB 54 -67.82 -82.07 43.43
C LEU BB 54 -66.74 -83.09 43.08
N LEU BB 55 -65.54 -82.91 43.63
CA LEU BB 55 -64.44 -83.83 43.31
C LEU BB 55 -64.72 -85.22 43.86
N LEU BB 56 -65.07 -85.31 45.15
CA LEU BB 56 -65.30 -86.60 45.78
C LEU BB 56 -66.64 -87.21 45.39
N GLY BB 57 -67.67 -86.38 45.29
CA GLY BB 57 -68.99 -86.90 45.00
C GLY BB 57 -69.86 -86.89 46.25
N LYS BB 58 -71.18 -86.80 46.03
CA LYS BB 58 -72.12 -86.69 47.14
C LYS BB 58 -72.30 -88.01 47.88
N GLU BB 59 -71.84 -89.12 47.30
CA GLU BB 59 -72.02 -90.42 47.94
C GLU BB 59 -71.14 -90.55 49.18
N ARG BB 60 -69.86 -90.17 49.07
CA ARG BB 60 -68.99 -90.14 50.24
C ARG BB 60 -69.46 -89.09 51.26
N PHE BB 61 -70.16 -88.07 50.80
CA PHE BB 61 -70.66 -86.98 51.63
C PHE BB 61 -72.05 -87.26 52.17
N ALA BB 62 -72.65 -88.41 51.85
CA ALA BB 62 -74.03 -88.68 52.21
C ALA BB 62 -74.22 -89.03 53.68
N GLY BB 63 -73.14 -89.31 54.42
CA GLY BB 63 -73.26 -89.73 55.79
C GLY BB 63 -72.51 -88.88 56.80
N VAL BB 64 -72.31 -87.60 56.51
CA VAL BB 64 -71.58 -86.70 57.40
C VAL BB 64 -72.35 -85.39 57.54
N ASP BB 65 -72.36 -84.86 58.75
CA ASP BB 65 -72.92 -83.55 59.05
C ASP BB 65 -71.77 -82.64 59.46
N ILE BB 66 -71.58 -81.55 58.72
CA ILE BB 66 -70.43 -80.67 58.87
C ILE BB 66 -70.92 -79.25 59.11
N ARG BB 67 -70.35 -78.59 60.12
CA ARG BB 67 -70.64 -77.19 60.40
C ARG BB 67 -69.33 -76.45 60.61
N VAL BB 68 -69.21 -75.28 59.99
CA VAL BB 68 -67.95 -74.55 59.90
C VAL BB 68 -68.10 -73.18 60.52
N ARG BB 69 -67.11 -72.78 61.33
CA ARG BB 69 -67.08 -71.49 61.99
C ARG BB 69 -65.77 -70.78 61.66
N VAL BB 70 -65.86 -69.51 61.25
CA VAL BB 70 -64.72 -68.71 60.85
C VAL BB 70 -64.70 -67.44 61.68
N LYS BB 71 -63.54 -67.11 62.25
CA LYS BB 71 -63.38 -65.91 63.05
C LYS BB 71 -62.08 -65.20 62.68
N GLY BB 72 -61.83 -65.03 61.39
CA GLY BB 72 -60.64 -64.31 60.98
C GLY BB 72 -60.55 -64.20 59.47
N GLY BB 73 -59.54 -63.44 59.05
CA GLY BB 73 -59.23 -63.30 57.64
C GLY BB 73 -60.19 -62.38 56.89
N GLY BB 74 -60.25 -62.60 55.59
CA GLY BB 74 -61.07 -61.84 54.66
C GLY BB 74 -62.23 -62.65 54.11
N HIS BB 75 -62.38 -62.60 52.78
CA HIS BB 75 -63.44 -63.35 52.12
C HIS BB 75 -62.90 -64.57 51.39
N VAL BB 76 -61.96 -64.38 50.47
CA VAL BB 76 -61.44 -65.52 49.72
C VAL BB 76 -60.51 -66.37 50.59
N ALA BB 77 -59.75 -65.76 51.50
CA ALA BB 77 -59.00 -66.54 52.46
C ALA BB 77 -59.94 -67.34 53.34
N GLN BB 78 -61.09 -66.75 53.67
CA GLN BB 78 -62.14 -67.48 54.36
C GLN BB 78 -62.59 -68.69 53.54
N ILE BB 79 -62.77 -68.50 52.22
CA ILE BB 79 -63.20 -69.59 51.36
C ILE BB 79 -62.18 -70.72 51.38
N TYR BB 80 -60.90 -70.37 51.26
CA TYR BB 80 -59.86 -71.40 51.25
C TYR BB 80 -59.76 -72.10 52.59
N ALA BB 81 -59.95 -71.35 53.69
CA ALA BB 81 -59.96 -71.98 55.01
C ALA BB 81 -61.08 -72.99 55.13
N ILE BB 82 -62.27 -72.64 54.63
CA ILE BB 82 -63.40 -73.56 54.71
C ILE BB 82 -63.13 -74.81 53.87
N ARG BB 83 -62.62 -74.64 52.66
CA ARG BB 83 -62.41 -75.82 51.81
C ARG BB 83 -61.33 -76.73 52.38
N GLN BB 84 -60.23 -76.14 52.87
CA GLN BB 84 -59.20 -76.96 53.51
C GLN BB 84 -59.75 -77.66 54.74
N SER BB 85 -60.53 -76.95 55.55
CA SER BB 85 -61.07 -77.55 56.77
C SER BB 85 -61.99 -78.72 56.44
N ILE BB 86 -62.85 -78.56 55.44
CA ILE BB 86 -63.76 -79.65 55.08
C ILE BB 86 -62.98 -80.84 54.55
N SER BB 87 -61.99 -80.59 53.69
CA SER BB 87 -61.18 -81.68 53.14
C SER BB 87 -60.43 -82.43 54.25
N LYS BB 88 -59.80 -81.68 55.15
CA LYS BB 88 -59.06 -82.28 56.26
C LYS BB 88 -59.99 -83.03 57.20
N ALA BB 89 -61.17 -82.47 57.47
CA ALA BB 89 -62.12 -83.14 58.34
C ALA BB 89 -62.60 -84.44 57.74
N LEU BB 90 -62.87 -84.47 56.43
CA LEU BB 90 -63.32 -85.71 55.82
C LEU BB 90 -62.21 -86.75 55.80
N VAL BB 91 -60.97 -86.34 55.50
CA VAL BB 91 -59.91 -87.35 55.49
C VAL BB 91 -59.65 -87.87 56.90
N ALA BB 92 -59.76 -87.02 57.93
CA ALA BB 92 -59.61 -87.50 59.29
C ALA BB 92 -60.76 -88.43 59.69
N TYR BB 93 -61.99 -88.08 59.29
CA TYR BB 93 -63.15 -88.90 59.60
C TYR BB 93 -63.02 -90.27 58.96
N TYR BB 94 -62.55 -90.31 57.71
CA TYR BB 94 -62.36 -91.57 57.03
C TYR BB 94 -61.13 -92.31 57.52
N GLN BB 95 -60.17 -91.62 58.12
CA GLN BB 95 -59.05 -92.31 58.75
C GLN BB 95 -59.49 -92.96 60.06
N LYS BB 96 -60.37 -92.32 60.82
CA LYS BB 96 -60.71 -92.83 62.15
C LYS BB 96 -61.85 -93.84 62.12
N TYR BB 97 -63.01 -93.44 61.61
CA TYR BB 97 -64.22 -94.22 61.77
C TYR BB 97 -64.40 -95.29 60.69
N VAL BB 98 -63.50 -95.35 59.71
CA VAL BB 98 -63.52 -96.41 58.70
C VAL BB 98 -62.08 -96.66 58.28
N ASP BB 99 -61.89 -97.65 57.41
CA ASP BB 99 -60.55 -98.09 57.02
C ASP BB 99 -59.82 -97.00 56.25
N GLU BB 100 -58.49 -97.04 56.33
CA GLU BB 100 -57.66 -96.04 55.64
C GLU BB 100 -57.52 -96.32 54.15
N ALA BB 101 -58.11 -97.41 53.64
CA ALA BB 101 -58.19 -97.56 52.20
C ALA BB 101 -59.00 -96.42 51.58
N SER BB 102 -60.18 -96.17 52.13
CA SER BB 102 -60.98 -95.04 51.66
C SER BB 102 -60.26 -93.72 51.91
N LYS BB 103 -59.58 -93.61 53.05
CA LYS BB 103 -58.87 -92.38 53.37
C LYS BB 103 -57.77 -92.08 52.35
N LYS BB 104 -56.98 -93.10 51.99
CA LYS BB 104 -55.91 -92.88 51.02
C LYS BB 104 -56.46 -92.65 49.62
N GLU BB 105 -57.47 -93.41 49.22
CA GLU BB 105 -58.00 -93.22 47.87
C GLU BB 105 -59.10 -92.16 47.82
N ILE BB 106 -59.20 -91.30 48.83
CA ILE BB 106 -59.68 -89.94 48.62
C ILE BB 106 -58.54 -88.92 48.71
N LYS BB 107 -57.53 -89.17 49.56
CA LYS BB 107 -56.42 -88.24 49.69
C LYS BB 107 -55.61 -88.17 48.41
N ASP BB 108 -55.61 -89.22 47.61
CA ASP BB 108 -54.94 -89.16 46.31
C ASP BB 108 -55.60 -88.13 45.41
N ILE BB 109 -56.93 -88.17 45.27
CA ILE BB 109 -57.60 -87.16 44.44
C ILE BB 109 -57.34 -85.77 45.00
N LEU BB 110 -57.36 -85.64 46.33
CA LEU BB 110 -57.09 -84.33 46.91
C LEU BB 110 -55.68 -83.86 46.60
N ILE BB 111 -54.69 -84.74 46.67
CA ILE BB 111 -53.30 -84.34 46.47
C ILE BB 111 -53.03 -84.02 45.00
N GLN BB 112 -53.22 -85.00 44.12
CA GLN BB 112 -52.96 -84.71 42.71
C GLN BB 112 -54.11 -83.96 42.03
N TYR BB 113 -55.00 -83.35 42.81
CA TYR BB 113 -55.76 -82.21 42.29
C TYR BB 113 -55.35 -80.90 42.93
N ASP BB 114 -55.23 -80.86 44.26
CA ASP BB 114 -54.89 -79.61 44.94
C ASP BB 114 -54.19 -79.92 46.24
N ARG BB 115 -52.86 -79.79 46.25
CA ARG BB 115 -52.08 -80.01 47.46
C ARG BB 115 -52.50 -79.07 48.58
N THR BB 116 -52.92 -77.85 48.24
CA THR BB 116 -53.31 -76.87 49.26
C THR BB 116 -54.61 -77.22 49.97
N LEU BB 117 -55.42 -78.13 49.40
CA LEU BB 117 -56.63 -78.55 50.10
C LEU BB 117 -56.33 -79.29 51.40
N LEU BB 118 -55.13 -79.83 51.55
CA LEU BB 118 -54.72 -80.48 52.79
C LEU BB 118 -53.49 -79.86 53.42
N VAL BB 119 -52.83 -78.93 52.76
CA VAL BB 119 -51.65 -78.26 53.28
C VAL BB 119 -51.91 -76.76 53.26
N ALA BB 120 -51.86 -76.13 54.42
CA ALA BB 120 -52.07 -74.69 54.52
C ALA BB 120 -50.90 -73.94 53.91
N ASP BB 121 -51.20 -72.82 53.27
CA ASP BB 121 -50.15 -71.98 52.72
C ASP BB 121 -49.47 -71.24 53.87
N PRO BB 122 -48.18 -71.51 54.14
CA PRO BB 122 -47.55 -70.93 55.33
C PRO BB 122 -47.33 -69.44 55.24
N ARG BB 123 -47.41 -68.85 54.05
CA ARG BB 123 -47.18 -67.43 53.89
C ARG BB 123 -48.30 -66.64 54.55
N ARG BB 124 -47.93 -65.70 55.42
CA ARG BB 124 -48.91 -64.86 56.10
C ARG BB 124 -48.78 -63.39 55.72
N CYS BB 125 -47.64 -62.78 55.99
CA CYS BB 125 -47.40 -61.34 55.85
C CYS BB 125 -45.90 -61.13 55.79
N GLU BB 126 -45.48 -59.85 55.85
CA GLU BB 126 -44.08 -59.51 56.03
C GLU BB 126 -44.01 -58.07 56.53
N SER BB 127 -43.16 -57.83 57.51
CA SER BB 127 -43.18 -56.57 58.24
C SER BB 127 -42.70 -55.40 57.38
N LYS BB 128 -43.38 -54.27 57.54
CA LYS BB 128 -42.93 -53.03 56.92
C LYS BB 128 -41.74 -52.48 57.68
N LYS BB 129 -40.82 -51.84 56.96
CA LYS BB 129 -39.65 -51.24 57.57
C LYS BB 129 -39.80 -49.72 57.64
N PHE BB 130 -38.90 -49.09 58.38
CA PHE BB 130 -38.99 -47.66 58.64
C PHE BB 130 -38.36 -46.82 57.54
N GLY BB 131 -38.16 -47.39 56.36
CA GLY BB 131 -37.57 -46.66 55.26
C GLY BB 131 -38.37 -46.82 53.98
N GLY BB 132 -39.53 -47.45 54.07
CA GLY BB 132 -40.36 -47.67 52.92
C GLY BB 132 -41.83 -47.77 53.28
N PRO BB 133 -42.70 -47.78 52.27
CA PRO BB 133 -44.14 -47.82 52.57
C PRO BB 133 -44.63 -49.20 52.97
N GLY BB 134 -44.01 -50.26 52.45
CA GLY BB 134 -44.47 -51.60 52.76
C GLY BB 134 -43.35 -52.49 53.25
N ALA BB 135 -43.49 -53.80 53.00
CA ALA BB 135 -42.51 -54.77 53.50
C ALA BB 135 -41.19 -54.65 52.76
N ARG BB 136 -41.23 -54.36 51.46
CA ARG BB 136 -40.00 -54.29 50.67
C ARG BB 136 -39.82 -53.01 49.89
N ALA BB 137 -40.89 -52.35 49.46
CA ALA BB 137 -40.75 -51.12 48.69
C ALA BB 137 -40.07 -50.03 49.52
N ARG BB 138 -39.30 -49.19 48.84
CA ARG BB 138 -38.64 -48.05 49.46
C ARG BB 138 -39.25 -46.75 48.96
N TYR BB 139 -39.20 -45.74 49.84
CA TYR BB 139 -39.72 -44.43 49.49
C TYR BB 139 -38.89 -43.81 48.37
N GLN BB 140 -39.55 -43.00 47.55
CA GLN BB 140 -38.90 -42.38 46.41
C GLN BB 140 -37.86 -41.37 46.87
N LYS BB 141 -36.67 -41.45 46.29
CA LYS BB 141 -35.55 -40.59 46.63
C LYS BB 141 -35.23 -39.66 45.46
N SER BB 142 -34.66 -38.50 45.80
CA SER BB 142 -34.27 -37.52 44.80
C SER BB 142 -32.87 -37.03 45.13
N TYR BB 143 -32.22 -36.44 44.12
CA TYR BB 143 -30.85 -35.96 44.28
C TYR BB 143 -30.70 -34.47 44.05
N ARG BB 144 -31.63 -33.84 43.33
CA ARG BB 144 -31.52 -32.41 43.01
C ARG BB 144 -32.76 -31.64 43.46
N MET CB 1 -27.86 -72.99 47.75
CA MET CB 1 -26.49 -72.49 47.80
C MET CB 1 -26.12 -72.09 49.22
N GLY CB 2 -24.83 -71.86 49.45
CA GLY CB 2 -24.36 -71.39 50.75
C GLY CB 2 -24.50 -72.39 51.89
N ARG CB 3 -24.41 -73.68 51.59
CA ARG CB 3 -24.41 -74.71 52.61
C ARG CB 3 -23.00 -75.06 53.07
N VAL CB 4 -22.09 -74.09 53.04
CA VAL CB 4 -20.74 -74.31 53.53
C VAL CB 4 -20.74 -74.29 55.05
N ARG CB 5 -20.10 -75.27 55.65
CA ARG CB 5 -19.97 -75.33 57.10
C ARG CB 5 -18.71 -74.59 57.55
N THR CB 6 -18.74 -74.10 58.78
CA THR CB 6 -17.64 -73.33 59.36
C THR CB 6 -16.62 -74.28 59.96
N LYS CB 7 -15.44 -73.76 60.29
CA LYS CB 7 -14.48 -74.58 61.03
C LYS CB 7 -15.01 -74.89 62.42
N THR CB 8 -15.94 -74.07 62.93
CA THR CB 8 -16.51 -74.32 64.25
C THR CB 8 -17.20 -75.67 64.31
N VAL CB 9 -18.03 -75.98 63.31
CA VAL CB 9 -18.69 -77.28 63.28
C VAL CB 9 -17.73 -78.37 62.81
N LYS CB 10 -16.80 -78.02 61.91
CA LYS CB 10 -15.93 -79.03 61.33
C LYS CB 10 -14.99 -79.61 62.39
N LYS CB 11 -14.33 -78.75 63.16
CA LYS CB 11 -13.45 -79.23 64.21
C LYS CB 11 -14.21 -80.04 65.25
N ALA CB 12 -15.40 -79.59 65.62
CA ALA CB 12 -16.20 -80.32 66.61
C ALA CB 12 -16.57 -81.70 66.08
N ALA CB 13 -16.98 -81.78 64.81
CA ALA CB 13 -17.33 -83.07 64.23
C ALA CB 13 -16.13 -84.00 64.19
N ARG CB 14 -14.97 -83.47 63.79
CA ARG CB 14 -13.76 -84.29 63.71
C ARG CB 14 -13.37 -84.79 65.10
N VAL CB 15 -13.46 -83.91 66.11
CA VAL CB 15 -13.07 -84.31 67.46
C VAL CB 15 -14.01 -85.37 68.00
N ILE CB 16 -15.32 -85.20 67.81
CA ILE CB 16 -16.23 -86.19 68.37
C ILE CB 16 -16.15 -87.50 67.59
N ILE CB 17 -15.77 -87.44 66.32
CA ILE CB 17 -15.52 -88.67 65.57
C ILE CB 17 -14.29 -89.38 66.12
N GLU CB 18 -13.23 -88.62 66.35
CA GLU CB 18 -11.99 -89.21 66.82
C GLU CB 18 -12.08 -89.65 68.27
N LYS CB 19 -13.09 -89.18 69.00
CA LYS CB 19 -13.20 -89.55 70.41
C LYS CB 19 -14.22 -90.67 70.64
N TYR CB 20 -15.29 -90.69 69.85
CA TYR CB 20 -16.40 -91.61 70.07
C TYR CB 20 -16.79 -92.32 68.77
N TYR CB 21 -15.79 -92.75 68.01
CA TYR CB 21 -16.04 -93.41 66.73
C TYR CB 21 -16.87 -94.67 66.89
N THR CB 22 -16.66 -95.42 67.98
CA THR CB 22 -17.43 -96.64 68.21
C THR CB 22 -18.90 -96.32 68.45
N ARG CB 23 -19.17 -95.29 69.24
CA ARG CB 23 -20.56 -94.94 69.54
C ARG CB 23 -21.28 -94.37 68.34
N LEU CB 24 -20.59 -93.60 67.51
CA LEU CB 24 -21.23 -92.95 66.37
C LEU CB 24 -21.60 -93.96 65.29
N GLY CB 25 -22.60 -93.58 64.49
CA GLY CB 25 -23.02 -94.36 63.35
C GLY CB 25 -23.37 -93.42 62.22
N ASN CB 26 -23.75 -94.00 61.08
CA ASN CB 26 -24.12 -93.21 59.92
C ASN CB 26 -25.53 -92.67 59.99
N ASP CB 27 -26.30 -93.07 61.00
CA ASP CB 27 -27.62 -92.52 61.23
C ASP CB 27 -27.48 -91.10 61.76
N PHE CB 28 -28.25 -90.17 61.19
CA PHE CB 28 -28.15 -88.79 61.64
C PHE CB 28 -28.78 -88.60 63.01
N HIS CB 29 -29.95 -89.19 63.24
CA HIS CB 29 -30.67 -88.95 64.47
C HIS CB 29 -29.99 -89.63 65.65
N THR CB 30 -29.40 -90.81 65.43
CA THR CB 30 -28.62 -91.45 66.48
C THR CB 30 -27.45 -90.56 66.91
N ASN CB 31 -26.79 -89.95 65.93
CA ASN CB 31 -25.68 -89.07 66.24
C ASN CB 31 -26.15 -87.82 66.97
N LYS CB 32 -27.25 -87.23 66.51
CA LYS CB 32 -27.74 -86.04 67.19
C LYS CB 32 -28.32 -86.38 68.56
N ARG CB 33 -28.53 -87.65 68.86
CA ARG CB 33 -28.89 -88.05 70.22
C ARG CB 33 -27.68 -88.40 71.08
N VAL CB 34 -26.56 -88.80 70.48
CA VAL CB 34 -25.37 -89.00 71.31
C VAL CB 34 -24.64 -87.69 71.60
N CYS CB 35 -24.84 -86.65 70.76
CA CYS CB 35 -24.09 -85.41 70.91
C CYS CB 35 -24.33 -84.76 72.28
N GLU CB 36 -25.56 -84.79 72.77
CA GLU CB 36 -25.89 -84.04 73.98
C GLU CB 36 -25.18 -84.57 75.21
N GLU CB 37 -24.96 -85.88 75.29
CA GLU CB 37 -24.22 -86.38 76.44
C GLU CB 37 -22.73 -86.44 76.20
N ILE CB 38 -22.28 -86.64 74.95
CA ILE CB 38 -20.83 -86.67 74.72
C ILE CB 38 -20.26 -85.26 74.61
N ALA CB 39 -21.09 -84.25 74.41
CA ALA CB 39 -20.59 -82.89 74.22
C ALA CB 39 -21.64 -81.90 74.69
N ILE CB 40 -21.17 -80.70 75.00
CA ILE CB 40 -22.04 -79.61 75.44
C ILE CB 40 -22.23 -78.69 74.24
N ILE CB 41 -23.43 -78.71 73.68
CA ILE CB 41 -23.77 -77.91 72.50
C ILE CB 41 -24.80 -76.87 72.93
N PRO CB 42 -24.44 -75.59 72.98
CA PRO CB 42 -25.40 -74.57 73.43
C PRO CB 42 -26.58 -74.37 72.48
N SER CB 43 -26.50 -74.85 71.24
CA SER CB 43 -27.56 -74.64 70.26
C SER CB 43 -28.01 -75.97 69.66
N LYS CB 44 -29.33 -76.16 69.63
CA LYS CB 44 -29.89 -77.34 68.98
C LYS CB 44 -29.59 -77.36 67.49
N LYS CB 45 -29.66 -76.19 66.85
CA LYS CB 45 -29.26 -76.06 65.44
C LYS CB 45 -27.82 -76.47 65.24
N LEU CB 46 -26.93 -75.99 66.12
CA LEU CB 46 -25.53 -76.38 66.04
C LEU CB 46 -25.37 -77.88 66.18
N ARG CB 47 -26.10 -78.47 67.13
CA ARG CB 47 -26.00 -79.91 67.38
C ARG CB 47 -26.42 -80.71 66.16
N ASN CB 48 -27.56 -80.36 65.57
CA ASN CB 48 -28.03 -81.16 64.44
C ASN CB 48 -27.16 -80.95 63.20
N LYS CB 49 -26.67 -79.74 62.99
CA LYS CB 49 -25.76 -79.53 61.87
C LYS CB 49 -24.49 -80.35 62.04
N ILE CB 50 -23.93 -80.36 63.26
CA ILE CB 50 -22.75 -81.18 63.52
C ILE CB 50 -23.05 -82.65 63.30
N ALA CB 51 -24.24 -83.10 63.72
CA ALA CB 51 -24.59 -84.51 63.55
C ALA CB 51 -24.65 -84.88 62.07
N GLY CB 52 -25.26 -84.04 61.25
CA GLY CB 52 -25.29 -84.32 59.82
C GLY CB 52 -23.90 -84.35 59.20
N TYR CB 53 -23.04 -83.40 59.60
CA TYR CB 53 -21.67 -83.43 59.12
C TYR CB 53 -20.95 -84.69 59.57
N VAL CB 54 -21.24 -85.17 60.78
CA VAL CB 54 -20.62 -86.39 61.28
C VAL CB 54 -21.05 -87.59 60.44
N THR CB 55 -22.32 -87.63 60.07
CA THR CB 55 -22.78 -88.70 59.17
C THR CB 55 -22.01 -88.66 57.86
N HIS CB 56 -21.86 -87.47 57.30
CA HIS CB 56 -21.12 -87.33 56.05
C HIS CB 56 -19.67 -87.80 56.20
N LEU CB 57 -19.03 -87.39 57.28
CA LEU CB 57 -17.62 -87.72 57.48
C LEU CB 57 -17.44 -89.21 57.75
N MET CB 58 -18.35 -89.84 58.49
CA MET CB 58 -18.24 -91.27 58.72
C MET CB 58 -18.50 -92.07 57.45
N LYS CB 59 -19.41 -91.60 56.60
CA LYS CB 59 -19.61 -92.27 55.32
C LYS CB 59 -18.33 -92.18 54.48
N ARG CB 60 -17.69 -91.01 54.48
CA ARG CB 60 -16.40 -90.89 53.82
C ARG CB 60 -15.35 -91.79 54.47
N ILE CB 61 -15.42 -91.98 55.78
CA ILE CB 61 -14.44 -92.79 56.49
C ILE CB 61 -14.59 -94.26 56.09
N GLN CB 62 -15.82 -94.75 56.07
CA GLN CB 62 -16.06 -96.12 55.66
C GLN CB 62 -15.88 -96.32 54.17
N ARG CB 63 -15.78 -95.23 53.40
CA ARG CB 63 -15.37 -95.39 52.01
C ARG CB 63 -13.89 -95.07 51.78
N GLY CB 64 -13.20 -94.48 52.75
CA GLY CB 64 -11.80 -94.16 52.58
C GLY CB 64 -11.13 -93.54 53.81
N PRO CB 65 -9.80 -93.62 53.87
CA PRO CB 65 -9.08 -93.08 55.03
C PRO CB 65 -9.08 -91.55 55.10
N VAL CB 66 -10.17 -90.98 55.62
CA VAL CB 66 -10.24 -89.55 55.83
C VAL CB 66 -9.18 -89.12 56.85
N ARG CB 67 -8.76 -87.85 56.75
CA ARG CB 67 -7.71 -87.32 57.63
C ARG CB 67 -8.08 -87.37 59.11
N GLY CB 68 -9.37 -87.50 59.44
CA GLY CB 68 -9.76 -87.74 60.82
C GLY CB 68 -9.14 -89.01 61.34
N ILE CB 69 -8.54 -88.95 62.52
CA ILE CB 69 -7.76 -90.08 63.03
C ILE CB 69 -8.71 -91.22 63.41
N SER CB 70 -8.25 -92.45 63.24
CA SER CB 70 -9.06 -93.62 63.52
C SER CB 70 -8.17 -94.76 63.99
N ILE CB 71 -8.43 -95.28 65.19
CA ILE CB 71 -7.57 -96.29 65.77
C ILE CB 71 -7.62 -97.58 64.95
N LYS CB 72 -8.80 -97.91 64.39
CA LYS CB 72 -8.90 -99.06 63.51
C LYS CB 72 -8.07 -98.85 62.25
N LEU CB 73 -8.22 -97.69 61.61
CA LEU CB 73 -7.44 -97.38 60.43
C LEU CB 73 -5.95 -97.36 60.75
N GLN CB 74 -5.59 -96.79 61.90
CA GLN CB 74 -4.17 -96.71 62.25
C GLN CB 74 -3.58 -98.07 62.55
N GLU CB 75 -4.33 -98.96 63.22
CA GLU CB 75 -3.76 -100.27 63.48
C GLU CB 75 -3.67 -101.09 62.20
N GLU CB 76 -4.63 -100.93 61.29
CA GLU CB 76 -4.51 -101.62 60.01
C GLU CB 76 -3.33 -101.09 59.21
N GLU CB 77 -3.11 -99.78 59.21
CA GLU CB 77 -1.97 -99.21 58.50
C GLU CB 77 -0.66 -99.67 59.13
N ARG CB 78 -0.63 -99.76 60.48
CA ARG CB 78 0.50 -100.33 61.19
C ARG CB 78 0.79 -101.74 60.70
N GLU CB 79 -0.26 -102.57 60.67
CA GLU CB 79 -0.13 -103.95 60.17
C GLU CB 79 0.37 -103.97 58.72
N ARG CB 80 -0.11 -103.04 57.90
CA ARG CB 80 0.17 -103.06 56.48
C ARG CB 80 1.53 -102.47 56.13
N ARG CB 81 2.17 -101.76 57.05
CA ARG CB 81 3.47 -101.15 56.78
C ARG CB 81 4.62 -101.97 57.35
N ASP CB 82 4.65 -102.18 58.67
CA ASP CB 82 5.77 -102.87 59.28
C ASP CB 82 5.71 -104.38 59.12
N ASN CB 83 4.92 -104.85 58.17
CA ASN CB 83 4.81 -106.28 57.88
C ASN CB 83 4.74 -106.44 56.37
N TYR CB 84 4.26 -107.61 55.95
CA TYR CB 84 4.27 -108.04 54.55
C TYR CB 84 5.68 -108.02 53.98
N VAL CB 85 6.66 -108.43 54.79
CA VAL CB 85 7.97 -108.74 54.24
C VAL CB 85 7.79 -110.07 53.52
N PRO CB 86 8.14 -110.15 52.25
CA PRO CB 86 7.95 -111.40 51.53
C PRO CB 86 8.88 -112.47 52.06
N GLU CB 87 8.44 -113.73 51.92
CA GLU CB 87 9.26 -114.86 52.34
C GLU CB 87 10.57 -114.93 51.59
N VAL CB 88 10.63 -114.34 50.39
CA VAL CB 88 11.85 -114.25 49.61
C VAL CB 88 12.12 -112.77 49.35
N SER CB 89 13.39 -112.38 49.45
CA SER CB 89 13.72 -110.97 49.35
C SER CB 89 13.52 -110.47 47.93
N ALA CB 90 13.49 -109.14 47.79
CA ALA CB 90 13.41 -108.53 46.48
C ALA CB 90 14.78 -108.31 45.84
N LEU CB 91 15.85 -108.60 46.57
CA LEU CB 91 17.20 -108.35 46.08
C LEU CB 91 18.02 -109.61 45.94
N ASP CB 92 17.39 -110.78 46.03
CA ASP CB 92 18.08 -112.07 45.93
C ASP CB 92 17.84 -112.70 44.56
N GLN CB 93 17.90 -111.86 43.53
CA GLN CB 93 17.80 -112.31 42.15
C GLN CB 93 18.86 -113.35 41.86
N GLU CB 94 18.46 -114.37 41.08
CA GLU CB 94 19.41 -115.41 40.68
C GLU CB 94 20.57 -114.81 39.89
N ILE CB 95 20.26 -113.95 38.93
CA ILE CB 95 21.25 -113.30 38.09
C ILE CB 95 20.99 -111.80 38.13
N ILE CB 96 22.02 -111.02 37.84
CA ILE CB 96 21.92 -109.56 37.80
C ILE CB 96 22.41 -109.12 36.43
N GLU CB 97 21.59 -108.32 35.75
CA GLU CB 97 21.96 -107.76 34.46
C GLU CB 97 23.03 -106.70 34.68
N VAL CB 98 24.28 -107.03 34.41
CA VAL CB 98 25.40 -106.17 34.77
C VAL CB 98 25.97 -105.53 33.52
N ASP CB 99 26.16 -104.22 33.58
CA ASP CB 99 26.79 -103.49 32.50
C ASP CB 99 28.30 -103.73 32.57
N PRO CB 100 28.95 -104.02 31.43
CA PRO CB 100 30.41 -104.22 31.45
C PRO CB 100 31.18 -103.09 32.12
N ASP CB 101 30.73 -101.85 32.00
CA ASP CB 101 31.39 -100.75 32.69
C ASP CB 101 31.35 -100.95 34.20
N THR CB 102 30.17 -101.31 34.72
CA THR CB 102 30.07 -101.63 36.14
C THR CB 102 30.89 -102.85 36.50
N LYS CB 103 31.00 -103.81 35.58
CA LYS CB 103 31.80 -104.99 35.83
C LYS CB 103 33.27 -104.64 36.02
N GLU CB 104 33.79 -103.74 35.18
CA GLU CB 104 35.17 -103.30 35.36
C GLU CB 104 35.30 -102.41 36.58
N MET CB 105 34.24 -101.67 36.93
CA MET CB 105 34.27 -100.94 38.19
C MET CB 105 34.44 -101.88 39.37
N LEU CB 106 33.72 -103.00 39.36
CA LEU CB 106 33.87 -104.01 40.40
C LEU CB 106 35.25 -104.65 40.35
N LYS CB 107 35.76 -104.89 39.14
CA LYS CB 107 37.09 -105.47 38.98
C LYS CB 107 38.15 -104.58 39.58
N LEU CB 108 38.04 -103.27 39.37
CA LEU CB 108 38.94 -102.33 40.03
C LEU CB 108 38.67 -102.26 41.52
N LEU CB 109 37.41 -102.48 41.91
CA LEU CB 109 37.08 -102.63 43.32
C LEU CB 109 37.53 -103.98 43.84
N ASP CB 110 37.96 -104.88 42.96
CA ASP CB 110 38.41 -106.27 43.05
C ASP CB 110 37.24 -107.26 43.10
N PHE CB 111 36.00 -106.80 43.03
CA PHE CB 111 34.86 -107.67 43.20
C PHE CB 111 34.27 -108.14 41.87
N GLY CB 112 35.10 -108.26 40.83
CA GLY CB 112 34.65 -108.88 39.60
C GLY CB 112 34.62 -110.39 39.71
N SER CB 113 34.24 -111.02 38.59
CA SER CB 113 34.23 -112.48 38.44
C SER CB 113 33.31 -113.14 39.48
N LEU CB 114 32.03 -112.85 39.36
CA LEU CB 114 31.01 -113.42 40.24
C LEU CB 114 29.98 -114.17 39.41
N SER CB 115 29.63 -115.38 39.86
CA SER CB 115 28.71 -116.23 39.13
C SER CB 115 27.29 -115.68 39.11
N ASN CB 116 26.97 -114.72 39.97
CA ASN CB 116 25.65 -114.12 40.01
C ASN CB 116 25.47 -113.07 38.93
N LEU CB 117 26.49 -112.83 38.12
CA LEU CB 117 26.51 -111.73 37.17
C LEU CB 117 26.46 -112.26 35.75
N GLN CB 118 25.49 -111.78 34.98
CA GLN CB 118 25.44 -112.00 33.55
C GLN CB 118 25.74 -110.68 32.86
N VAL CB 119 26.78 -110.66 32.04
CA VAL CB 119 27.24 -109.43 31.41
C VAL CB 119 26.26 -109.06 30.29
N THR CB 120 25.76 -107.84 30.32
CA THR CB 120 24.84 -107.38 29.31
C THR CB 120 25.59 -106.92 28.06
N GLN CB 121 24.92 -107.05 26.93
CA GLN CB 121 25.39 -106.38 25.72
C GLN CB 121 25.19 -104.88 25.90
N PRO CB 122 26.25 -104.08 25.81
CA PRO CB 122 26.07 -102.63 25.86
C PRO CB 122 25.22 -102.16 24.69
N THR CB 123 24.33 -101.21 24.95
CA THR CB 123 23.44 -100.74 23.91
C THR CB 123 24.21 -99.94 22.86
N VAL CB 124 23.63 -99.85 21.68
CA VAL CB 124 24.29 -99.22 20.54
C VAL CB 124 23.39 -98.11 20.03
N GLY CB 125 23.97 -96.94 19.82
CA GLY CB 125 23.23 -95.81 19.29
C GLY CB 125 23.45 -94.52 20.05
N MET CB 126 23.64 -94.63 21.36
CA MET CB 126 23.85 -93.48 22.24
C MET CB 126 22.71 -92.47 22.08
N ASN CB 127 21.49 -93.00 21.95
CA ASN CB 127 20.34 -92.24 21.50
C ASN CB 127 19.47 -91.75 22.65
N PHE CB 128 20.08 -91.37 23.76
CA PHE CB 128 19.36 -90.78 24.87
C PHE CB 128 19.02 -89.33 24.54
N LYS CB 129 18.52 -88.57 25.53
CA LYS CB 129 18.13 -87.16 25.42
C LYS CB 129 16.88 -86.98 24.58
N THR CB 130 16.01 -86.08 25.02
CA THR CB 130 14.89 -85.66 24.18
C THR CB 130 15.38 -84.68 23.12
N PRO CB 131 14.69 -84.60 21.99
CA PRO CB 131 15.04 -83.57 21.00
C PRO CB 131 14.87 -82.19 21.59
N ARG CB 132 15.77 -81.27 21.23
CA ARG CB 132 15.74 -79.92 21.76
C ARG CB 132 14.60 -79.14 21.14
N GLY CB 133 13.92 -78.35 21.97
CA GLY CB 133 12.85 -77.50 21.54
C GLY CB 133 11.60 -78.27 21.21
N PRO CB 134 10.54 -77.57 20.81
CA PRO CB 134 9.32 -78.25 20.37
C PRO CB 134 9.50 -78.94 19.03
N VAL CB 135 8.42 -79.54 18.52
CA VAL CB 135 8.43 -80.30 17.27
C VAL CB 135 9.44 -81.45 17.34
N MET DB 1 -92.83 -44.98 27.89
CA MET DB 1 -91.53 -45.50 28.33
C MET DB 1 -90.85 -46.32 27.23
N SER DB 2 -89.64 -45.89 26.88
CA SER DB 2 -88.90 -46.40 25.71
C SER DB 2 -89.67 -46.18 24.40
N LEU DB 3 -90.64 -45.27 24.43
CA LEU DB 3 -91.38 -44.92 23.22
C LEU DB 3 -90.58 -43.90 22.41
N VAL DB 4 -91.24 -43.32 21.41
CA VAL DB 4 -90.60 -42.32 20.57
C VAL DB 4 -90.40 -41.05 21.38
N ILE DB 5 -89.50 -40.19 20.90
CA ILE DB 5 -89.31 -38.87 21.52
C ILE DB 5 -90.62 -38.09 21.39
N PRO DB 6 -91.09 -37.41 22.43
CA PRO DB 6 -92.36 -36.68 22.31
C PRO DB 6 -92.24 -35.51 21.36
N GLU DB 7 -93.40 -35.15 20.78
CA GLU DB 7 -93.43 -34.03 19.85
C GLU DB 7 -93.07 -32.73 20.55
N LYS DB 8 -93.56 -32.55 21.77
CA LYS DB 8 -93.16 -31.39 22.57
C LYS DB 8 -91.96 -31.70 23.45
N PHE DB 9 -90.92 -32.26 22.84
CA PHE DB 9 -89.65 -32.51 23.54
C PHE DB 9 -88.70 -31.41 23.11
N GLN DB 10 -88.78 -30.28 23.79
CA GLN DB 10 -87.81 -29.20 23.57
C GLN DB 10 -86.45 -29.65 24.06
N HIS DB 11 -85.42 -29.41 23.23
CA HIS DB 11 -84.11 -29.95 23.54
C HIS DB 11 -83.47 -29.21 24.70
N ILE DB 12 -83.55 -27.89 24.71
CA ILE DB 12 -83.13 -27.10 25.85
C ILE DB 12 -84.29 -26.20 26.26
N LEU DB 13 -84.31 -25.82 27.52
CA LEU DB 13 -85.40 -25.03 28.07
C LEU DB 13 -84.93 -23.59 28.26
N ARG DB 14 -85.80 -22.76 28.83
CA ARG DB 14 -85.45 -21.41 29.23
C ARG DB 14 -86.02 -21.19 30.63
N VAL DB 15 -85.16 -21.35 31.64
CA VAL DB 15 -85.58 -21.30 33.03
C VAL DB 15 -85.07 -20.00 33.65
N LEU DB 16 -85.99 -19.19 34.15
CA LEU DB 16 -85.69 -17.90 34.75
C LEU DB 16 -84.93 -17.03 33.76
N ASN DB 17 -83.59 -17.04 33.85
CA ASN DB 17 -82.75 -16.30 32.93
C ASN DB 17 -81.66 -17.17 32.32
N THR DB 18 -81.76 -18.49 32.43
CA THR DB 18 -80.78 -19.40 31.86
C THR DB 18 -81.46 -20.57 31.16
N ASN DB 19 -80.71 -21.22 30.28
CA ASN DB 19 -81.19 -22.40 29.56
C ASN DB 19 -80.63 -23.67 30.18
N ILE DB 20 -81.42 -24.73 30.10
CA ILE DB 20 -81.03 -26.05 30.59
C ILE DB 20 -81.36 -27.09 29.54
N ASP DB 21 -80.48 -28.09 29.39
CA ASP DB 21 -80.68 -29.14 28.41
C ASP DB 21 -81.76 -30.11 28.91
N GLY DB 22 -82.74 -30.39 28.05
CA GLY DB 22 -83.70 -31.43 28.32
C GLY DB 22 -83.26 -32.82 27.95
N ARG DB 23 -82.08 -32.96 27.34
CA ARG DB 23 -81.62 -34.27 26.89
C ARG DB 23 -81.18 -35.15 28.05
N ARG DB 24 -80.60 -34.56 29.09
CA ARG DB 24 -80.22 -35.34 30.26
C ARG DB 24 -81.42 -35.54 31.17
N LYS DB 25 -81.19 -36.17 32.31
CA LYS DB 25 -82.27 -36.42 33.25
C LYS DB 25 -82.65 -35.14 34.00
N ILE DB 26 -83.90 -35.10 34.46
CA ILE DB 26 -84.42 -33.93 35.14
C ILE DB 26 -83.68 -33.72 36.47
N ALA DB 27 -83.29 -34.81 37.13
CA ALA DB 27 -82.63 -34.72 38.42
C ALA DB 27 -81.31 -33.98 38.35
N PHE DB 28 -80.74 -33.85 37.16
CA PHE DB 28 -79.46 -33.17 36.99
C PHE DB 28 -79.51 -32.04 35.98
N ALA DB 29 -80.59 -31.93 35.19
CA ALA DB 29 -80.66 -30.88 34.18
C ALA DB 29 -80.77 -29.50 34.81
N ILE DB 30 -81.59 -29.35 35.85
CA ILE DB 30 -81.79 -28.04 36.46
C ILE DB 30 -80.61 -27.61 37.32
N THR DB 31 -79.68 -28.53 37.62
CA THR DB 31 -78.48 -28.18 38.35
C THR DB 31 -77.58 -27.23 37.57
N ALA DB 32 -77.75 -27.17 36.25
CA ALA DB 32 -76.98 -26.23 35.43
C ALA DB 32 -77.24 -24.79 35.81
N ILE DB 33 -78.39 -24.48 36.42
CA ILE DB 33 -78.64 -23.14 36.92
C ILE DB 33 -77.72 -22.87 38.09
N LYS DB 34 -77.07 -21.72 38.08
CA LYS DB 34 -76.18 -21.36 39.16
C LYS DB 34 -76.96 -21.19 40.45
N GLY DB 35 -76.44 -21.79 41.53
CA GLY DB 35 -77.15 -21.80 42.78
C GLY DB 35 -78.00 -23.04 43.03
N VAL DB 36 -77.99 -24.00 42.10
CA VAL DB 36 -78.77 -25.22 42.22
C VAL DB 36 -77.81 -26.38 42.16
N GLY DB 37 -77.96 -27.34 43.06
CA GLY DB 37 -77.10 -28.50 43.04
C GLY DB 37 -77.86 -29.81 43.00
N ARG DB 38 -77.11 -30.91 43.14
CA ARG DB 38 -77.69 -32.24 43.05
C ARG DB 38 -78.71 -32.47 44.17
N ARG DB 39 -78.34 -32.13 45.40
CA ARG DB 39 -79.24 -32.33 46.53
C ARG DB 39 -80.48 -31.47 46.42
N TYR DB 40 -80.30 -30.19 46.05
CA TYR DB 40 -81.43 -29.28 45.93
C TYR DB 40 -82.35 -29.73 44.79
N ALA DB 41 -81.78 -30.15 43.67
CA ALA DB 41 -82.59 -30.68 42.58
C ALA DB 41 -83.35 -31.92 43.02
N HIS DB 42 -82.68 -32.81 43.76
CA HIS DB 42 -83.33 -34.02 44.25
C HIS DB 42 -84.54 -33.68 45.10
N VAL DB 43 -84.37 -32.76 46.06
CA VAL DB 43 -85.45 -32.48 46.98
C VAL DB 43 -86.59 -31.75 46.29
N VAL DB 44 -86.28 -30.81 45.37
CA VAL DB 44 -87.37 -30.08 44.74
C VAL DB 44 -88.14 -30.98 43.78
N LEU DB 45 -87.47 -31.96 43.17
CA LEU DB 45 -88.21 -32.89 42.33
C LEU DB 45 -89.04 -33.86 43.16
N ARG DB 46 -88.49 -34.32 44.29
CA ARG DB 46 -89.25 -35.21 45.17
C ARG DB 46 -90.50 -34.51 45.70
N LYS DB 47 -90.35 -33.26 46.13
CA LYS DB 47 -91.49 -32.48 46.59
C LYS DB 47 -92.32 -31.93 45.43
N ALA DB 48 -91.86 -32.07 44.20
CA ALA DB 48 -92.64 -31.69 43.04
C ALA DB 48 -93.55 -32.80 42.56
N ASP DB 49 -93.40 -34.02 43.08
CA ASP DB 49 -94.14 -35.19 42.62
C ASP DB 49 -94.03 -35.31 41.10
N ILE DB 50 -92.80 -35.46 40.63
CA ILE DB 50 -92.51 -35.64 39.22
C ILE DB 50 -91.54 -36.81 39.11
N ASP DB 51 -91.79 -37.69 38.14
CA ASP DB 51 -90.96 -38.87 37.96
C ASP DB 51 -89.51 -38.47 37.73
N LEU DB 52 -88.60 -39.14 38.44
CA LEU DB 52 -87.17 -38.88 38.31
C LEU DB 52 -86.52 -39.71 37.21
N THR DB 53 -87.26 -40.63 36.58
CA THR DB 53 -86.70 -41.50 35.56
C THR DB 53 -86.95 -40.99 34.15
N LYS DB 54 -87.27 -39.72 33.98
CA LYS DB 54 -87.61 -39.18 32.68
C LYS DB 54 -86.88 -37.87 32.44
N ARG DB 55 -86.66 -37.56 31.17
CA ARG DB 55 -85.80 -36.45 30.79
C ARG DB 55 -86.52 -35.12 30.94
N ALA DB 56 -85.74 -34.04 30.90
CA ALA DB 56 -86.27 -32.70 31.15
C ALA DB 56 -86.96 -32.12 29.92
N GLY DB 57 -86.70 -32.68 28.74
CA GLY DB 57 -87.37 -32.18 27.55
C GLY DB 57 -88.79 -32.65 27.42
N GLU DB 58 -89.15 -33.77 28.04
CA GLU DB 58 -90.46 -34.38 27.89
C GLU DB 58 -91.45 -33.94 28.96
N LEU DB 59 -91.07 -33.01 29.84
CA LEU DB 59 -91.99 -32.50 30.83
C LEU DB 59 -93.03 -31.59 30.17
N THR DB 60 -94.04 -31.23 30.94
CA THR DB 60 -95.03 -30.26 30.49
C THR DB 60 -94.90 -28.97 31.27
N GLU DB 61 -95.59 -27.93 30.79
CA GLU DB 61 -95.41 -26.58 31.31
C GLU DB 61 -95.84 -26.47 32.76
N ASP DB 62 -96.92 -27.16 33.13
CA ASP DB 62 -97.39 -27.11 34.51
C ASP DB 62 -96.34 -27.68 35.47
N GLU DB 63 -95.72 -28.79 35.09
CA GLU DB 63 -94.68 -29.38 35.93
C GLU DB 63 -93.50 -28.46 36.09
N VAL DB 64 -93.02 -27.88 34.99
CA VAL DB 64 -91.83 -27.03 35.07
C VAL DB 64 -92.13 -25.76 35.85
N GLU DB 65 -93.35 -25.22 35.73
CA GLU DB 65 -93.67 -24.03 36.52
C GLU DB 65 -93.92 -24.40 37.99
N ARG DB 66 -94.33 -25.63 38.27
CA ARG DB 66 -94.32 -26.12 39.65
C ARG DB 66 -92.90 -26.11 40.20
N VAL DB 67 -91.95 -26.58 39.40
CA VAL DB 67 -90.55 -26.53 39.81
C VAL DB 67 -90.11 -25.10 40.04
N ILE DB 68 -90.54 -24.18 39.18
CA ILE DB 68 -90.20 -22.77 39.35
C ILE DB 68 -90.74 -22.24 40.66
N THR DB 69 -92.00 -22.57 40.96
CA THR DB 69 -92.62 -22.11 42.19
C THR DB 69 -91.89 -22.66 43.41
N ILE DB 70 -91.50 -23.93 43.35
CA ILE DB 70 -90.77 -24.53 44.47
C ILE DB 70 -89.41 -23.88 44.63
N MET DB 71 -88.69 -23.66 43.53
CA MET DB 71 -87.35 -23.08 43.60
C MET DB 71 -87.40 -21.66 44.14
N GLN DB 72 -88.29 -20.84 43.60
CA GLN DB 72 -88.41 -19.46 44.08
C GLN DB 72 -88.91 -19.42 45.51
N ASN DB 73 -89.86 -20.29 45.86
CA ASN DB 73 -90.50 -20.27 47.17
C ASN DB 73 -90.40 -21.66 47.80
N PRO DB 74 -89.25 -21.99 48.41
CA PRO DB 74 -89.11 -23.32 49.01
C PRO DB 74 -89.59 -23.42 50.44
N ARG DB 75 -89.64 -22.30 51.18
CA ARG DB 75 -89.98 -22.35 52.60
C ARG DB 75 -91.38 -22.90 52.82
N GLN DB 76 -92.33 -22.52 51.97
CA GLN DB 76 -93.73 -22.91 52.12
C GLN DB 76 -94.02 -24.29 51.54
N TYR DB 77 -93.04 -24.95 50.94
CA TYR DB 77 -93.18 -26.32 50.50
C TYR DB 77 -92.32 -27.28 51.31
N LYS DB 78 -92.22 -27.03 52.61
CA LYS DB 78 -91.70 -27.95 53.61
C LYS DB 78 -90.20 -28.22 53.47
N ILE DB 79 -89.47 -27.31 52.81
CA ILE DB 79 -88.00 -27.35 52.79
C ILE DB 79 -87.50 -26.94 54.18
N PRO DB 80 -86.63 -27.72 54.80
CA PRO DB 80 -86.16 -27.35 56.15
C PRO DB 80 -85.21 -26.16 56.08
N ASP DB 81 -85.03 -25.55 57.26
CA ASP DB 81 -84.31 -24.28 57.35
C ASP DB 81 -82.88 -24.40 56.86
N TRP DB 82 -82.19 -25.45 57.25
CA TRP DB 82 -80.75 -25.63 57.06
C TRP DB 82 -80.37 -25.94 55.66
N PHE DB 83 -81.30 -25.97 54.72
CA PHE DB 83 -81.01 -26.42 53.37
C PHE DB 83 -80.83 -25.25 52.40
N LEU DB 84 -80.97 -24.02 52.88
CA LEU DB 84 -80.94 -22.82 52.07
C LEU DB 84 -79.50 -22.28 51.96
N ASN DB 85 -79.23 -21.55 50.88
CA ASN DB 85 -77.91 -20.98 50.72
C ASN DB 85 -77.75 -19.67 51.47
N ARG DB 86 -78.55 -18.66 51.12
CA ARG DB 86 -78.40 -17.35 51.76
C ARG DB 86 -79.26 -17.38 53.03
N GLN DB 87 -78.71 -18.03 54.03
CA GLN DB 87 -79.32 -18.08 55.35
C GLN DB 87 -78.78 -16.92 56.17
N LYS DB 88 -79.68 -16.17 56.81
CA LYS DB 88 -79.33 -15.14 57.78
C LYS DB 88 -78.46 -14.06 57.14
N ASP DB 89 -79.06 -13.36 56.19
CA ASP DB 89 -78.36 -12.38 55.39
C ASP DB 89 -77.80 -11.26 56.26
N VAL DB 90 -76.65 -10.71 55.86
CA VAL DB 90 -76.05 -9.60 56.58
C VAL DB 90 -76.84 -8.30 56.36
N LYS DB 91 -77.58 -8.20 55.27
CA LYS DB 91 -78.41 -7.02 55.01
C LYS DB 91 -79.68 -7.03 55.85
N ASP DB 92 -80.48 -8.08 55.72
CA ASP DB 92 -81.81 -8.12 56.31
C ASP DB 92 -82.07 -9.33 57.19
N GLY DB 93 -81.16 -10.29 57.24
CA GLY DB 93 -81.32 -11.43 58.14
C GLY DB 93 -82.51 -12.30 57.86
N LYS DB 94 -82.81 -12.54 56.59
CA LYS DB 94 -83.95 -13.34 56.18
C LYS DB 94 -83.50 -14.56 55.42
N TYR DB 95 -84.11 -15.70 55.72
CA TYR DB 95 -83.69 -16.98 55.18
C TYR DB 95 -84.22 -17.15 53.77
N SER DB 96 -83.31 -17.22 52.80
CA SER DB 96 -83.71 -17.24 51.40
C SER DB 96 -82.78 -18.13 50.60
N GLN DB 97 -83.35 -18.88 49.67
CA GLN DB 97 -82.57 -19.50 48.61
C GLN DB 97 -82.52 -18.57 47.42
N VAL DB 98 -81.32 -18.37 46.87
CA VAL DB 98 -81.12 -17.52 45.71
C VAL DB 98 -80.78 -18.40 44.52
N LEU DB 99 -81.38 -18.11 43.37
CA LEU DB 99 -81.49 -19.09 42.30
C LEU DB 99 -80.78 -18.72 41.02
N ALA DB 100 -80.33 -17.49 40.86
CA ALA DB 100 -79.90 -17.00 39.55
C ALA DB 100 -78.80 -15.97 39.76
N ASN DB 101 -78.59 -15.13 38.74
CA ASN DB 101 -77.64 -14.02 38.81
C ASN DB 101 -77.85 -13.11 40.02
N GLY DB 102 -78.99 -13.21 40.69
CA GLY DB 102 -79.10 -12.62 42.02
C GLY DB 102 -78.03 -13.14 42.96
N LEU DB 103 -77.67 -14.41 42.82
CA LEU DB 103 -76.55 -14.95 43.59
C LEU DB 103 -75.24 -14.26 43.20
N ASP DB 104 -75.05 -14.02 41.90
CA ASP DB 104 -73.85 -13.35 41.44
C ASP DB 104 -73.73 -11.95 42.04
N ASN DB 105 -74.79 -11.16 41.93
CA ASN DB 105 -74.73 -9.81 42.47
C ASN DB 105 -74.76 -9.79 44.00
N LYS DB 106 -75.29 -10.85 44.63
CA LYS DB 106 -75.25 -10.94 46.08
C LYS DB 106 -73.82 -11.20 46.56
N LEU DB 107 -73.10 -12.09 45.88
CA LEU DB 107 -71.69 -12.25 46.16
C LEU DB 107 -70.92 -10.97 45.87
N ARG DB 108 -71.29 -10.28 44.79
CA ARG DB 108 -70.63 -9.02 44.45
C ARG DB 108 -70.82 -7.98 45.55
N GLU DB 109 -72.05 -7.83 46.03
CA GLU DB 109 -72.29 -6.85 47.08
C GLU DB 109 -71.64 -7.27 48.40
N ASP DB 110 -71.56 -8.57 48.67
CA ASP DB 110 -70.84 -9.02 49.86
C ASP DB 110 -69.36 -8.66 49.77
N LEU DB 111 -68.75 -8.90 48.61
CA LEU DB 111 -67.33 -8.58 48.45
C LEU DB 111 -67.07 -7.08 48.51
N GLU DB 112 -67.94 -6.29 47.88
CA GLU DB 112 -67.72 -4.84 47.92
C GLU DB 112 -68.00 -4.30 49.32
N ARG DB 113 -68.91 -4.93 50.06
CA ARG DB 113 -69.11 -4.58 51.46
C ARG DB 113 -67.86 -4.87 52.27
N LEU DB 114 -67.25 -6.03 52.04
CA LEU DB 114 -66.01 -6.38 52.73
C LEU DB 114 -64.90 -5.41 52.40
N LYS DB 115 -64.79 -5.01 51.14
CA LYS DB 115 -63.80 -4.02 50.74
C LYS DB 115 -64.09 -2.67 51.39
N LYS DB 116 -65.36 -2.28 51.42
CA LYS DB 116 -65.75 -0.98 51.96
C LYS DB 116 -65.44 -0.89 53.46
N ILE DB 117 -65.70 -1.98 54.20
CA ILE DB 117 -65.30 -2.00 55.61
C ILE DB 117 -63.82 -2.31 55.77
N ARG DB 118 -63.11 -2.57 54.67
CA ARG DB 118 -61.67 -2.83 54.68
C ARG DB 118 -61.32 -4.05 55.53
N ALA DB 119 -62.09 -5.12 55.36
CA ALA DB 119 -61.81 -6.35 56.07
C ALA DB 119 -60.59 -7.05 55.47
N HIS DB 120 -59.93 -7.86 56.31
CA HIS DB 120 -58.78 -8.61 55.84
C HIS DB 120 -59.17 -9.58 54.74
N ARG DB 121 -60.31 -10.24 54.90
CA ARG DB 121 -60.81 -11.09 53.83
C ARG DB 121 -61.14 -10.26 52.60
N GLY DB 122 -61.76 -9.09 52.78
CA GLY DB 122 -62.00 -8.20 51.66
C GLY DB 122 -60.72 -7.71 51.02
N LEU DB 123 -59.71 -7.43 51.84
CA LEU DB 123 -58.42 -7.00 51.29
C LEU DB 123 -57.79 -8.11 50.45
N ARG DB 124 -57.83 -9.35 50.93
CA ARG DB 124 -57.26 -10.44 50.16
C ARG DB 124 -58.06 -10.70 48.90
N HIS DB 125 -59.38 -10.48 48.97
CA HIS DB 125 -60.22 -10.62 47.79
C HIS DB 125 -59.87 -9.57 46.73
N PHE DB 126 -59.68 -8.32 47.17
CA PHE DB 126 -59.28 -7.26 46.24
C PHE DB 126 -57.90 -7.54 45.65
N TRP DB 127 -56.99 -8.03 46.47
CA TRP DB 127 -55.66 -8.39 45.97
C TRP DB 127 -55.65 -9.71 45.22
N GLY DB 128 -56.76 -10.44 45.21
CA GLY DB 128 -56.83 -11.68 44.48
C GLY DB 128 -56.14 -12.85 45.16
N LEU DB 129 -55.74 -12.71 46.41
CA LEU DB 129 -55.06 -13.77 47.11
C LEU DB 129 -56.06 -14.68 47.81
N ARG DB 130 -55.56 -15.79 48.36
CA ARG DB 130 -56.39 -16.72 49.10
C ARG DB 130 -56.91 -16.05 50.36
N VAL DB 131 -58.15 -16.38 50.75
CA VAL DB 131 -58.77 -15.76 51.91
C VAL DB 131 -58.95 -16.73 53.06
N ARG DB 132 -58.90 -18.04 52.82
CA ARG DB 132 -59.16 -19.03 53.85
C ARG DB 132 -57.89 -19.44 54.57
N GLY DB 133 -56.81 -18.67 54.44
CA GLY DB 133 -55.56 -18.94 55.11
C GLY DB 133 -54.68 -19.97 54.43
N GLN DB 134 -54.99 -20.38 53.20
CA GLN DB 134 -54.18 -21.36 52.51
C GLN DB 134 -52.83 -20.76 52.13
N HIS DB 135 -51.83 -21.63 52.00
CA HIS DB 135 -50.49 -21.19 51.67
C HIS DB 135 -50.42 -20.74 50.21
N THR DB 136 -49.90 -19.54 50.00
CA THR DB 136 -49.70 -19.00 48.66
C THR DB 136 -48.26 -19.12 48.18
N LYS DB 137 -47.37 -19.66 49.03
CA LYS DB 137 -45.96 -19.72 48.67
C LYS DB 137 -45.73 -20.55 47.42
N THR DB 138 -46.31 -21.74 47.38
CA THR DB 138 -46.06 -22.67 46.29
C THR DB 138 -47.21 -22.80 45.33
N THR DB 139 -48.43 -22.50 45.76
CA THR DB 139 -49.63 -22.75 45.00
C THR DB 139 -50.21 -21.44 44.46
N GLY DB 140 -51.19 -21.57 43.59
CA GLY DB 140 -51.77 -20.40 42.96
C GLY DB 140 -50.87 -19.72 41.96
N ARG DB 141 -49.85 -20.43 41.46
CA ARG DB 141 -48.95 -19.84 40.47
C ARG DB 141 -49.61 -19.75 39.11
N ARG DB 142 -50.62 -20.57 38.84
CA ARG DB 142 -51.24 -20.60 37.53
C ARG DB 142 -51.94 -19.29 37.21
N GLY DB 143 -52.64 -18.71 38.19
CA GLY DB 143 -53.43 -17.51 37.95
C GLY DB 143 -52.61 -16.26 37.76
N ARG DB 144 -51.31 -16.30 38.06
CA ARG DB 144 -50.44 -15.13 37.94
C ARG DB 144 -49.45 -15.23 36.81
N THR DB 145 -48.89 -16.43 36.57
CA THR DB 145 -47.99 -16.65 35.45
C THR DB 145 -48.39 -17.90 34.68
N PRO EB 1 -89.39 -79.53 56.56
CA PRO EB 1 -88.34 -78.70 55.95
C PRO EB 1 -88.48 -77.23 56.32
N GLY EB 2 -88.38 -76.92 57.61
CA GLY EB 2 -88.47 -75.55 58.05
C GLY EB 2 -87.33 -74.71 57.49
N VAL EB 3 -87.67 -73.46 57.16
CA VAL EB 3 -86.73 -72.56 56.49
C VAL EB 3 -86.43 -71.40 57.41
N THR EB 4 -85.16 -71.24 57.75
CA THR EB 4 -84.68 -70.10 58.50
C THR EB 4 -84.27 -69.01 57.52
N VAL EB 5 -84.07 -67.80 58.04
CA VAL EB 5 -83.65 -66.71 57.16
C VAL EB 5 -82.23 -66.94 56.65
N LYS EB 6 -81.47 -67.80 57.32
CA LYS EB 6 -80.12 -68.13 56.91
C LYS EB 6 -80.07 -69.10 55.74
N ASP EB 7 -81.15 -69.82 55.47
CA ASP EB 7 -81.21 -70.75 54.36
C ASP EB 7 -81.66 -70.08 53.06
N VAL EB 8 -81.94 -68.79 53.09
CA VAL EB 8 -82.34 -68.04 51.91
C VAL EB 8 -81.34 -66.90 51.71
N ASN EB 9 -81.13 -66.55 50.45
CA ASN EB 9 -80.20 -65.47 50.15
C ASN EB 9 -80.77 -64.16 50.68
N GLN EB 10 -79.98 -63.47 51.49
CA GLN EB 10 -80.49 -62.37 52.29
C GLN EB 10 -80.93 -61.18 51.46
N GLN EB 11 -80.47 -61.08 50.21
CA GLN EB 11 -80.73 -59.86 49.45
C GLN EB 11 -82.17 -59.83 48.93
N GLU EB 12 -82.59 -60.86 48.19
CA GLU EB 12 -84.00 -60.93 47.82
C GLU EB 12 -84.88 -61.17 49.03
N PHE EB 13 -84.33 -61.77 50.09
CA PHE EB 13 -85.05 -61.91 51.34
C PHE EB 13 -85.45 -60.57 51.90
N VAL EB 14 -84.47 -59.67 52.07
CA VAL EB 14 -84.78 -58.35 52.62
C VAL EB 14 -85.56 -57.53 51.60
N ARG EB 15 -85.42 -57.84 50.31
CA ARG EB 15 -86.25 -57.20 49.29
C ARG EB 15 -87.73 -57.51 49.49
N ALA EB 16 -88.06 -58.80 49.60
CA ALA EB 16 -89.45 -59.19 49.83
C ALA EB 16 -89.92 -58.75 51.20
N LEU EB 17 -89.02 -58.71 52.17
CA LEU EB 17 -89.36 -58.22 53.50
C LEU EB 17 -89.78 -56.75 53.43
N ALA EB 18 -89.01 -55.93 52.71
CA ALA EB 18 -89.37 -54.53 52.53
C ALA EB 18 -90.67 -54.38 51.74
N ALA EB 19 -90.90 -55.26 50.76
CA ALA EB 19 -92.15 -55.22 50.01
C ALA EB 19 -93.35 -55.51 50.91
N PHE EB 20 -93.22 -56.54 51.76
CA PHE EB 20 -94.28 -56.85 52.71
C PHE EB 20 -94.50 -55.69 53.66
N LEU EB 21 -93.41 -55.06 54.09
CA LEU EB 21 -93.50 -53.87 54.94
C LEU EB 21 -94.25 -52.74 54.24
N LYS EB 22 -94.00 -52.55 52.94
CA LYS EB 22 -94.70 -51.51 52.19
C LYS EB 22 -96.19 -51.78 52.09
N LYS EB 23 -96.55 -53.03 51.75
CA LYS EB 23 -97.98 -53.31 51.57
C LYS EB 23 -98.70 -53.31 52.91
N SER EB 24 -98.04 -53.74 53.98
CA SER EB 24 -98.59 -53.66 55.33
C SER EB 24 -98.04 -52.44 56.06
N GLY EB 25 -98.36 -51.27 55.52
CA GLY EB 25 -97.75 -50.04 56.00
C GLY EB 25 -98.33 -49.52 57.30
N LYS EB 26 -97.60 -49.72 58.39
CA LYS EB 26 -97.97 -49.21 59.71
C LYS EB 26 -96.81 -48.52 60.38
N LEU EB 27 -95.83 -48.05 59.62
CA LEU EB 27 -94.60 -47.51 60.20
C LEU EB 27 -94.78 -46.03 60.56
N LYS EB 28 -94.11 -45.64 61.65
CA LYS EB 28 -94.02 -44.24 62.04
C LYS EB 28 -92.91 -43.62 61.19
N VAL EB 29 -93.26 -43.30 59.95
CA VAL EB 29 -92.30 -42.75 59.00
C VAL EB 29 -92.14 -41.26 59.29
N PRO EB 30 -90.93 -40.79 59.56
CA PRO EB 30 -90.75 -39.35 59.77
C PRO EB 30 -90.96 -38.58 58.48
N GLU EB 31 -91.31 -37.32 58.65
CA GLU EB 31 -91.58 -36.45 57.52
C GLU EB 31 -90.33 -36.05 56.75
N TRP EB 32 -89.13 -36.29 57.30
CA TRP EB 32 -87.91 -35.87 56.64
C TRP EB 32 -87.23 -37.00 55.87
N VAL EB 33 -87.97 -38.06 55.54
CA VAL EB 33 -87.39 -39.12 54.72
C VAL EB 33 -87.10 -38.64 53.31
N ASP EB 34 -87.67 -37.50 52.93
CA ASP EB 34 -87.49 -36.92 51.60
C ASP EB 34 -86.32 -35.94 51.53
N THR EB 35 -85.68 -35.65 52.65
CA THR EB 35 -84.62 -34.64 52.67
C THR EB 35 -83.27 -35.19 53.08
N VAL EB 36 -83.22 -36.11 54.04
CA VAL EB 36 -81.96 -36.44 54.69
C VAL EB 36 -81.16 -37.42 53.85
N LYS EB 37 -79.84 -37.24 53.88
CA LYS EB 37 -78.90 -38.26 53.43
C LYS EB 37 -78.85 -39.38 54.45
N LEU EB 38 -78.62 -40.60 53.97
CA LEU EB 38 -78.59 -41.72 54.90
C LEU EB 38 -77.35 -41.73 55.78
N ALA EB 39 -76.34 -40.92 55.46
CA ALA EB 39 -75.15 -40.86 56.31
C ALA EB 39 -74.42 -39.54 56.06
N LYS EB 40 -73.51 -39.22 56.98
CA LYS EB 40 -72.71 -38.02 56.85
C LYS EB 40 -71.82 -38.06 55.62
N HIS EB 41 -71.17 -39.20 55.37
CA HIS EB 41 -70.26 -39.34 54.25
C HIS EB 41 -70.98 -39.37 52.90
N LYS EB 42 -72.27 -39.69 52.89
CA LYS EB 42 -73.02 -39.66 51.65
C LYS EB 42 -73.11 -38.24 51.11
N GLU EB 43 -73.27 -38.14 49.80
CA GLU EB 43 -73.55 -36.88 49.14
C GLU EB 43 -74.81 -36.93 48.28
N LEU EB 44 -75.41 -38.11 48.11
CA LEU EB 44 -76.74 -38.23 47.54
C LEU EB 44 -77.64 -38.97 48.52
N ALA EB 45 -78.91 -38.58 48.52
CA ALA EB 45 -79.91 -39.35 49.24
C ALA EB 45 -80.13 -40.67 48.53
N PRO EB 46 -80.69 -41.67 49.23
CA PRO EB 46 -80.97 -42.96 48.57
C PRO EB 46 -81.93 -42.80 47.40
N TYR EB 47 -81.68 -43.56 46.33
CA TYR EB 47 -82.48 -43.45 45.13
C TYR EB 47 -83.92 -43.90 45.37
N ASP EB 48 -84.11 -44.94 46.17
CA ASP EB 48 -85.42 -45.49 46.42
C ASP EB 48 -86.30 -44.47 47.16
N GLU EB 49 -87.62 -44.55 46.90
CA GLU EB 49 -88.56 -43.68 47.59
C GLU EB 49 -88.80 -44.16 49.01
N ASN EB 50 -89.39 -45.34 49.15
CA ASN EB 50 -89.63 -45.92 50.47
C ASN EB 50 -88.41 -46.70 50.95
N TRP EB 51 -87.25 -46.06 50.86
CA TRP EB 51 -86.01 -46.62 51.37
C TRP EB 51 -86.07 -46.85 52.87
N PHE EB 52 -86.95 -46.13 53.57
CA PHE EB 52 -87.08 -46.30 55.01
C PHE EB 52 -87.53 -47.71 55.35
N TYR EB 53 -88.45 -48.26 54.57
CA TYR EB 53 -88.89 -49.63 54.78
C TYR EB 53 -87.76 -50.61 54.53
N THR EB 54 -86.96 -50.37 53.49
CA THR EB 54 -85.83 -51.25 53.21
C THR EB 54 -84.82 -51.23 54.33
N ARG EB 55 -84.49 -50.05 54.84
CA ARG EB 55 -83.53 -49.93 55.93
C ARG EB 55 -84.07 -50.56 57.21
N ALA EB 56 -85.36 -50.38 57.49
CA ALA EB 56 -85.96 -51.02 58.64
C ALA EB 56 -85.90 -52.54 58.53
N ALA EB 57 -86.14 -53.06 57.33
CA ALA EB 57 -86.03 -54.49 57.09
C ALA EB 57 -84.60 -54.98 57.34
N SER EB 58 -83.63 -54.23 56.85
CA SER EB 58 -82.23 -54.60 57.05
C SER EB 58 -81.86 -54.59 58.53
N THR EB 59 -82.34 -53.59 59.27
CA THR EB 59 -82.08 -53.54 60.71
C THR EB 59 -82.74 -54.70 61.44
N ALA EB 60 -83.95 -55.08 61.02
CA ALA EB 60 -84.61 -56.23 61.63
C ALA EB 60 -83.80 -57.50 61.40
N ARG EB 61 -83.29 -57.68 60.18
CA ARG EB 61 -82.45 -58.83 59.90
C ARG EB 61 -81.17 -58.82 60.73
N HIS EB 62 -80.58 -57.63 60.91
CA HIS EB 62 -79.37 -57.53 61.73
C HIS EB 62 -79.66 -57.85 63.19
N LEU EB 63 -80.81 -57.40 63.70
CA LEU EB 63 -81.19 -57.79 65.05
C LEU EB 63 -81.39 -59.29 65.16
N TYR EB 64 -81.93 -59.93 64.11
CA TYR EB 64 -82.00 -61.38 64.12
C TYR EB 64 -80.62 -61.99 64.22
N LEU EB 65 -79.66 -61.45 63.47
CA LEU EB 65 -78.31 -62.01 63.47
C LEU EB 65 -77.66 -61.90 64.84
N ARG EB 66 -77.80 -60.74 65.49
CA ARG EB 66 -77.21 -60.53 66.81
C ARG EB 66 -77.94 -59.38 67.49
N GLY EB 67 -78.46 -59.64 68.69
CA GLY EB 67 -79.29 -58.69 69.39
C GLY EB 67 -78.46 -57.69 70.19
N GLY EB 68 -79.18 -56.83 70.90
CA GLY EB 68 -78.53 -55.82 71.72
C GLY EB 68 -77.88 -54.70 70.96
N ALA EB 69 -78.14 -54.58 69.67
CA ALA EB 69 -77.53 -53.55 68.87
C ALA EB 69 -78.23 -52.22 69.09
N GLY EB 70 -77.54 -51.30 69.74
CA GLY EB 70 -78.02 -49.95 69.92
C GLY EB 70 -77.86 -49.14 68.65
N VAL EB 71 -78.08 -47.84 68.78
CA VAL EB 71 -77.98 -46.95 67.62
C VAL EB 71 -76.57 -46.95 67.08
N GLY EB 72 -75.58 -46.81 67.98
CA GLY EB 72 -74.18 -46.74 67.54
C GLY EB 72 -73.75 -48.00 66.83
N SER EB 73 -74.19 -49.17 67.31
CA SER EB 73 -73.91 -50.41 66.61
C SER EB 73 -74.44 -50.35 65.18
N MET EB 74 -75.72 -50.01 65.02
CA MET EB 74 -76.32 -50.02 63.70
C MET EB 74 -75.64 -49.04 62.75
N THR EB 75 -75.27 -47.87 63.26
CA THR EB 75 -74.49 -46.95 62.43
C THR EB 75 -73.13 -47.53 62.08
N LYS EB 76 -72.56 -48.36 62.95
CA LYS EB 76 -71.32 -49.04 62.60
C LYS EB 76 -71.54 -50.02 61.46
N ILE EB 77 -72.67 -50.74 61.46
CA ILE EB 77 -73.01 -51.54 60.28
C ILE EB 77 -73.22 -50.65 59.07
N TYR EB 78 -74.04 -49.61 59.23
CA TYR EB 78 -74.35 -48.71 58.13
C TYR EB 78 -73.35 -47.60 57.96
N GLY EB 79 -72.18 -47.73 58.56
CA GLY EB 79 -71.10 -46.83 58.26
C GLY EB 79 -70.56 -47.10 56.87
N GLY EB 80 -69.85 -46.11 56.33
CA GLY EB 80 -69.35 -46.23 54.99
C GLY EB 80 -68.09 -45.41 54.77
N ARG EB 81 -67.65 -45.39 53.52
CA ARG EB 81 -66.37 -44.84 53.15
C ARG EB 81 -66.53 -43.37 52.79
N GLN EB 82 -65.95 -42.49 53.60
CA GLN EB 82 -65.95 -41.05 53.35
C GLN EB 82 -64.77 -40.72 52.46
N ARG EB 83 -65.04 -40.27 51.24
CA ARG EB 83 -63.96 -40.05 50.29
C ARG EB 83 -63.15 -38.80 50.63
N ASN EB 84 -63.72 -37.85 51.36
CA ASN EB 84 -63.03 -36.67 51.87
C ASN EB 84 -62.39 -35.83 50.77
N GLY EB 85 -62.79 -36.06 49.51
CA GLY EB 85 -62.25 -35.30 48.41
C GLY EB 85 -60.78 -35.51 48.14
N VAL EB 86 -60.01 -34.42 48.16
CA VAL EB 86 -58.60 -34.48 47.78
C VAL EB 86 -57.77 -35.22 48.83
N MET EB 87 -58.14 -35.10 50.10
CA MET EB 87 -57.42 -35.83 51.13
C MET EB 87 -57.78 -37.31 51.05
N PRO EB 88 -56.87 -38.17 51.49
CA PRO EB 88 -57.13 -39.61 51.42
C PRO EB 88 -58.35 -40.00 52.25
N SER EB 89 -59.02 -41.05 51.79
CA SER EB 89 -60.29 -41.45 52.35
C SER EB 89 -60.12 -42.00 53.77
N HIS EB 90 -61.25 -42.17 54.44
CA HIS EB 90 -61.34 -42.78 55.75
C HIS EB 90 -62.65 -43.54 55.82
N PHE EB 91 -63.13 -43.79 57.02
CA PHE EB 91 -64.40 -44.47 57.23
C PHE EB 91 -65.28 -43.61 58.13
N SER EB 92 -66.57 -43.53 57.79
CA SER EB 92 -67.53 -42.78 58.60
C SER EB 92 -68.67 -43.70 58.99
N ARG EB 93 -69.52 -43.19 59.89
CA ARG EB 93 -70.64 -43.95 60.43
C ARG EB 93 -71.96 -43.44 59.86
N GLY EB 94 -73.04 -44.15 60.19
CA GLY EB 94 -74.36 -43.82 59.70
C GLY EB 94 -75.02 -42.72 60.51
N SER EB 95 -76.22 -42.35 60.06
CA SER EB 95 -77.00 -41.28 60.69
C SER EB 95 -77.63 -41.80 61.97
N LYS EB 96 -77.29 -41.17 63.10
CA LYS EB 96 -77.81 -41.60 64.39
C LYS EB 96 -79.31 -41.41 64.49
N SER EB 97 -79.82 -40.29 63.99
CA SER EB 97 -81.27 -40.08 64.01
C SER EB 97 -81.98 -41.08 63.11
N VAL EB 98 -81.37 -41.42 61.97
CA VAL EB 98 -82.02 -42.35 61.04
C VAL EB 98 -82.18 -43.72 61.69
N ALA EB 99 -81.08 -44.24 62.26
CA ALA EB 99 -81.15 -45.55 62.90
C ALA EB 99 -82.04 -45.52 64.13
N ARG EB 100 -82.00 -44.41 64.88
CA ARG EB 100 -82.83 -44.29 66.08
C ARG EB 100 -84.31 -44.25 65.73
N ARG EB 101 -84.68 -43.51 64.68
CA ARG EB 101 -86.05 -43.49 64.22
C ARG EB 101 -86.47 -44.85 63.68
N VAL EB 102 -85.56 -45.52 62.98
CA VAL EB 102 -85.85 -46.87 62.50
C VAL EB 102 -86.16 -47.79 63.67
N LEU EB 103 -85.35 -47.70 64.73
CA LEU EB 103 -85.58 -48.54 65.90
C LEU EB 103 -86.90 -48.19 66.56
N GLN EB 104 -87.12 -46.90 66.86
CA GLN EB 104 -88.36 -46.49 67.51
C GLN EB 104 -89.58 -46.86 66.68
N ALA EB 105 -89.44 -46.95 65.35
CA ALA EB 105 -90.52 -47.50 64.55
C ALA EB 105 -90.60 -49.02 64.69
N LEU EB 106 -89.46 -49.69 64.86
CA LEU EB 106 -89.51 -51.14 64.90
C LEU EB 106 -90.19 -51.62 66.17
N GLU EB 107 -89.89 -51.01 67.30
CA GLU EB 107 -90.75 -51.20 68.46
C GLU EB 107 -92.01 -50.34 68.40
N GLY EB 108 -92.18 -49.54 67.34
CA GLY EB 108 -93.51 -49.06 67.00
C GLY EB 108 -94.42 -50.20 66.56
N LEU EB 109 -93.90 -51.13 65.76
CA LEU EB 109 -94.59 -52.36 65.42
C LEU EB 109 -94.28 -53.49 66.40
N LYS EB 110 -93.67 -53.17 67.54
CA LYS EB 110 -93.40 -54.07 68.67
C LYS EB 110 -92.73 -55.38 68.25
N MET EB 111 -92.12 -55.42 67.07
CA MET EB 111 -91.30 -56.55 66.68
C MET EB 111 -89.94 -56.53 67.33
N VAL EB 112 -89.62 -55.47 68.06
CA VAL EB 112 -88.34 -55.28 68.72
C VAL EB 112 -88.60 -54.84 70.15
N GLU EB 113 -87.87 -55.41 71.09
CA GLU EB 113 -87.98 -55.03 72.48
C GLU EB 113 -86.61 -54.65 73.02
N LYS EB 114 -86.59 -53.63 73.86
CA LYS EB 114 -85.34 -53.26 74.52
C LYS EB 114 -84.92 -54.35 75.51
N ASP EB 115 -83.61 -54.53 75.62
CA ASP EB 115 -83.09 -55.58 76.48
C ASP EB 115 -83.02 -55.10 77.93
N GLN EB 116 -82.72 -56.04 78.81
CA GLN EB 116 -82.51 -55.71 80.22
C GLN EB 116 -81.32 -54.77 80.39
N ASP EB 117 -80.26 -55.01 79.65
CA ASP EB 117 -79.16 -54.05 79.53
C ASP EB 117 -79.42 -53.18 78.31
N GLY EB 118 -78.39 -52.50 77.82
CA GLY EB 118 -78.54 -51.65 76.66
C GLY EB 118 -78.77 -52.43 75.38
N GLY EB 119 -79.29 -51.73 74.38
CA GLY EB 119 -79.59 -52.34 73.10
C GLY EB 119 -80.94 -53.03 73.12
N ARG EB 120 -81.36 -53.45 71.93
CA ARG EB 120 -82.66 -54.08 71.77
C ARG EB 120 -82.54 -55.29 70.86
N LYS EB 121 -83.48 -56.23 71.01
CA LYS EB 121 -83.48 -57.48 70.26
C LYS EB 121 -84.87 -57.71 69.68
N LEU EB 122 -85.03 -58.83 68.98
CA LEU EB 122 -86.30 -59.18 68.36
C LEU EB 122 -87.19 -59.98 69.30
N THR EB 123 -88.48 -59.66 69.28
CA THR EB 123 -89.46 -60.43 70.01
C THR EB 123 -89.73 -61.75 69.30
N PRO EB 124 -90.17 -62.78 70.03
CA PRO EB 124 -90.43 -64.08 69.40
C PRO EB 124 -91.42 -64.02 68.24
N GLN EB 125 -92.44 -63.18 68.31
CA GLN EB 125 -93.37 -63.09 67.19
C GLN EB 125 -92.75 -62.33 66.02
N GLY EB 126 -91.83 -61.40 66.29
CA GLY EB 126 -91.04 -60.83 65.21
C GLY EB 126 -90.16 -61.88 64.55
N GLN EB 127 -89.56 -62.74 65.38
CA GLN EB 127 -88.85 -63.91 64.86
C GLN EB 127 -89.76 -64.75 63.98
N ARG EB 128 -91.00 -64.93 64.41
CA ARG EB 128 -91.99 -65.66 63.63
C ARG EB 128 -92.22 -64.99 62.28
N ASP EB 129 -92.36 -63.67 62.28
CA ASP EB 129 -92.57 -62.92 61.04
C ASP EB 129 -91.41 -63.12 60.09
N LEU EB 130 -90.18 -62.97 60.61
CA LEU EB 130 -89.00 -63.14 59.77
C LEU EB 130 -88.93 -64.54 59.20
N ASP EB 131 -89.21 -65.56 60.01
CA ASP EB 131 -89.12 -66.94 59.54
C ASP EB 131 -90.21 -67.26 58.53
N ARG EB 132 -91.42 -66.74 58.75
CA ARG EB 132 -92.51 -66.95 57.79
C ARG EB 132 -92.18 -66.33 56.45
N ILE EB 133 -91.67 -65.10 56.46
CA ILE EB 133 -91.31 -64.45 55.20
C ILE EB 133 -90.13 -65.16 54.54
N ALA EB 134 -89.20 -65.66 55.35
CA ALA EB 134 -88.10 -66.45 54.80
C ALA EB 134 -88.62 -67.70 54.12
N GLY EB 135 -89.58 -68.38 54.74
CA GLY EB 135 -90.13 -69.57 54.12
C GLY EB 135 -90.86 -69.27 52.83
N GLN EB 136 -91.65 -68.20 52.82
CA GLN EB 136 -92.40 -67.86 51.61
C GLN EB 136 -91.47 -67.41 50.48
N VAL EB 137 -90.40 -66.67 50.81
CA VAL EB 137 -89.45 -66.28 49.76
C VAL EB 137 -88.63 -67.49 49.33
N ALA EB 138 -88.43 -68.47 50.22
CA ALA EB 138 -87.79 -69.71 49.81
C ALA EB 138 -88.66 -70.46 48.82
N ALA EB 139 -89.96 -70.51 49.09
CA ALA EB 139 -90.88 -71.16 48.16
C ALA EB 139 -90.89 -70.44 46.82
N ALA EB 140 -90.86 -69.11 46.83
CA ALA EB 140 -90.85 -68.36 45.58
C ALA EB 140 -89.53 -68.54 44.82
N ASN EB 141 -88.39 -68.49 45.53
CA ASN EB 141 -87.10 -68.64 44.88
C ASN EB 141 -86.91 -70.04 44.33
N LYS EB 142 -87.37 -71.04 45.08
CA LYS EB 142 -87.29 -72.42 44.61
C LYS EB 142 -88.20 -72.62 43.41
N LYS EB 143 -89.50 -72.37 43.58
CA LYS EB 143 -90.46 -72.42 42.50
C LYS EB 143 -91.01 -71.03 42.21
CA ALA FB 1 -63.77 -70.93 106.65
C ALA FB 1 -63.72 -71.27 105.16
N ILE FB 2 -64.75 -70.86 104.43
CA ILE FB 2 -64.80 -71.03 102.99
C ILE FB 2 -64.12 -69.81 102.38
N HIS FB 3 -63.03 -70.06 101.67
CA HIS FB 3 -62.27 -69.03 100.96
C HIS FB 3 -61.83 -69.55 99.60
N ARG FB 4 -62.02 -68.70 98.61
CA ARG FB 4 -61.70 -69.00 97.22
C ARG FB 4 -60.96 -67.79 96.70
N ILE FB 5 -59.63 -67.86 96.66
CA ILE FB 5 -58.82 -66.69 96.37
C ILE FB 5 -58.25 -66.80 94.97
N ARG FB 6 -57.82 -65.66 94.45
CA ARG FB 6 -57.12 -65.60 93.18
C ARG FB 6 -55.77 -64.91 93.37
N ILE FB 7 -54.73 -65.55 92.86
CA ILE FB 7 -53.37 -65.02 92.88
C ILE FB 7 -52.91 -64.87 91.44
N THR FB 8 -52.45 -63.69 91.08
CA THR FB 8 -51.93 -63.43 89.74
C THR FB 8 -50.46 -63.01 89.85
N LEU FB 9 -49.67 -63.46 88.89
CA LEU FB 9 -48.23 -63.23 88.87
C LEU FB 9 -47.82 -62.67 87.52
N THR FB 10 -47.07 -61.57 87.53
CA THR FB 10 -46.56 -60.98 86.30
C THR FB 10 -45.16 -60.43 86.50
N SER FB 11 -44.41 -60.35 85.41
CA SER FB 11 -43.10 -59.71 85.40
C SER FB 11 -42.78 -59.32 83.96
N ARG FB 12 -41.53 -58.98 83.69
CA ARG FB 12 -41.06 -58.67 82.36
C ARG FB 12 -40.32 -59.83 81.69
N ASN FB 13 -39.93 -60.85 82.46
CA ASN FB 13 -39.21 -62.00 81.93
C ASN FB 13 -40.07 -63.25 82.02
N VAL FB 14 -39.56 -64.36 81.49
CA VAL FB 14 -40.34 -65.59 81.49
C VAL FB 14 -39.82 -66.57 82.55
N LYS FB 15 -38.50 -66.64 82.75
CA LYS FB 15 -37.91 -67.66 83.62
C LYS FB 15 -38.39 -67.50 85.05
N SER FB 16 -38.38 -66.27 85.57
CA SER FB 16 -38.78 -66.05 86.95
C SER FB 16 -40.25 -66.41 87.16
N LEU FB 17 -41.13 -66.00 86.24
CA LEU FB 17 -42.54 -66.36 86.35
C LEU FB 17 -42.73 -67.86 86.31
N GLU FB 18 -42.03 -68.55 85.41
CA GLU FB 18 -42.20 -69.99 85.32
C GLU FB 18 -41.72 -70.68 86.58
N LYS FB 19 -40.59 -70.25 87.15
CA LYS FB 19 -40.08 -70.93 88.34
C LYS FB 19 -40.95 -70.62 89.56
N VAL FB 20 -41.50 -69.41 89.66
CA VAL FB 20 -42.44 -69.12 90.73
C VAL FB 20 -43.71 -69.94 90.56
N CYS FB 21 -44.25 -70.00 89.34
CA CYS FB 21 -45.46 -70.77 89.10
C CYS FB 21 -45.26 -72.25 89.37
N ALA FB 22 -44.05 -72.77 89.17
CA ALA FB 22 -43.80 -74.18 89.43
C ALA FB 22 -43.58 -74.46 90.90
N ASP FB 23 -42.67 -73.72 91.56
CA ASP FB 23 -42.38 -74.04 92.95
C ASP FB 23 -43.57 -73.71 93.86
N LEU FB 24 -44.33 -72.65 93.54
CA LEU FB 24 -45.50 -72.33 94.34
C LEU FB 24 -46.54 -73.44 94.29
N ILE FB 25 -46.81 -73.96 93.09
CA ILE FB 25 -47.81 -75.01 93.01
C ILE FB 25 -47.26 -76.30 93.60
N ARG FB 26 -45.95 -76.53 93.51
CA ARG FB 26 -45.41 -77.71 94.19
C ARG FB 26 -45.60 -77.62 95.70
N GLY FB 27 -45.35 -76.44 96.27
CA GLY FB 27 -45.63 -76.25 97.69
C GLY FB 27 -47.10 -76.41 98.01
N ALA FB 28 -47.98 -75.98 97.09
CA ALA FB 28 -49.41 -76.15 97.28
C ALA FB 28 -49.80 -77.63 97.31
N LYS FB 29 -49.23 -78.43 96.41
CA LYS FB 29 -49.53 -79.86 96.39
C LYS FB 29 -48.99 -80.55 97.63
N GLU FB 30 -47.80 -80.15 98.09
CA GLU FB 30 -47.30 -80.64 99.37
C GLU FB 30 -48.21 -80.24 100.52
N LYS FB 31 -48.99 -79.17 100.36
CA LYS FB 31 -49.85 -78.64 101.39
C LYS FB 31 -51.32 -78.93 101.08
N ASN FB 32 -51.58 -79.90 100.20
CA ASN FB 32 -52.89 -80.45 99.80
C ASN FB 32 -54.02 -79.43 99.80
N LEU FB 33 -53.84 -78.35 99.07
CA LEU FB 33 -54.93 -77.51 98.59
C LEU FB 33 -55.05 -77.79 97.11
N LYS FB 34 -56.27 -78.11 96.66
CA LYS FB 34 -56.48 -78.31 95.23
C LYS FB 34 -56.29 -76.99 94.50
N VAL FB 35 -55.62 -77.06 93.37
CA VAL FB 35 -55.13 -75.87 92.68
C VAL FB 35 -55.80 -75.78 91.32
N LYS FB 36 -56.36 -74.61 91.03
CA LYS FB 36 -56.84 -74.32 89.68
C LYS FB 36 -55.63 -74.00 88.81
N GLY FB 37 -55.59 -74.58 87.62
CA GLY FB 37 -54.41 -74.59 86.79
C GLY FB 37 -53.87 -73.20 86.44
N PRO FB 38 -52.58 -73.14 86.12
CA PRO FB 38 -51.94 -71.86 85.80
C PRO FB 38 -52.53 -71.28 84.52
N VAL FB 39 -53.03 -70.05 84.63
CA VAL FB 39 -53.72 -69.38 83.53
C VAL FB 39 -52.79 -68.33 82.96
N ARG FB 40 -52.19 -68.63 81.81
CA ARG FB 40 -51.21 -67.75 81.18
C ARG FB 40 -51.95 -66.79 80.24
N MET FB 41 -52.03 -65.52 80.65
CA MET FB 41 -52.70 -64.52 79.84
C MET FB 41 -51.81 -64.09 78.68
N PRO FB 42 -52.40 -63.55 77.62
CA PRO FB 42 -51.59 -63.05 76.49
C PRO FB 42 -50.63 -61.94 76.92
N THR FB 43 -49.44 -61.98 76.33
CA THR FB 43 -48.37 -61.05 76.70
C THR FB 43 -48.62 -59.66 76.12
N LYS FB 44 -48.40 -58.65 76.96
CA LYS FB 44 -48.44 -57.26 76.52
C LYS FB 44 -47.05 -56.86 76.03
N THR FB 45 -46.94 -56.57 74.75
CA THR FB 45 -45.68 -56.15 74.15
C THR FB 45 -45.72 -54.63 73.98
N LEU FB 46 -45.19 -53.91 74.95
CA LEU FB 46 -45.11 -52.46 74.86
C LEU FB 46 -44.03 -52.09 73.85
N ARG FB 47 -44.45 -51.58 72.71
CA ARG FB 47 -43.55 -51.33 71.59
C ARG FB 47 -43.36 -49.83 71.42
N ILE FB 48 -42.10 -49.40 71.38
CA ILE FB 48 -41.77 -48.01 71.17
C ILE FB 48 -40.77 -47.93 70.04
N THR FB 49 -41.12 -47.22 68.97
CA THR FB 49 -40.24 -46.98 67.84
C THR FB 49 -39.78 -45.53 67.90
N THR FB 50 -38.48 -45.32 67.75
CA THR FB 50 -37.92 -43.98 67.84
C THR FB 50 -36.76 -43.87 66.87
N ARG FB 51 -36.62 -42.69 66.26
CA ARG FB 51 -35.47 -42.40 65.41
C ARG FB 51 -34.18 -42.58 66.19
N LYS FB 52 -33.21 -43.26 65.58
CA LYS FB 52 -31.93 -43.47 66.23
C LYS FB 52 -31.20 -42.14 66.46
N THR FB 53 -31.21 -41.27 65.47
CA THR FB 53 -30.48 -40.02 65.57
C THR FB 53 -31.16 -39.05 66.53
N PRO FB 54 -30.37 -38.28 67.29
CA PRO FB 54 -30.93 -37.23 68.14
C PRO FB 54 -30.96 -35.85 67.52
N CYS FB 55 -30.64 -35.71 66.24
CA CYS FB 55 -30.64 -34.40 65.58
C CYS FB 55 -31.51 -34.44 64.33
N GLY FB 56 -31.71 -35.63 63.77
CA GLY FB 56 -32.50 -35.81 62.57
C GLY FB 56 -31.71 -35.97 61.29
N GLU FB 57 -30.42 -35.67 61.30
CA GLU FB 57 -29.56 -35.84 60.13
C GLU FB 57 -29.19 -37.31 60.00
N GLY FB 58 -29.23 -37.82 58.79
CA GLY FB 58 -28.76 -39.17 58.54
C GLY FB 58 -29.73 -39.92 57.63
N SER FB 59 -29.82 -41.23 57.88
CA SER FB 59 -30.59 -42.13 57.03
C SER FB 59 -31.98 -42.40 57.58
N LYS FB 60 -32.49 -41.53 58.45
CA LYS FB 60 -33.81 -41.67 59.05
C LYS FB 60 -33.97 -43.04 59.72
N THR FB 61 -32.96 -43.38 60.51
CA THR FB 61 -32.91 -44.69 61.15
C THR FB 61 -33.81 -44.70 62.38
N TRP FB 62 -34.78 -45.60 62.38
CA TRP FB 62 -35.70 -45.76 63.49
C TRP FB 62 -35.30 -46.99 64.30
N ASP FB 63 -35.17 -46.81 65.60
CA ASP FB 63 -34.97 -47.93 66.51
C ASP FB 63 -36.28 -48.20 67.22
N ARG FB 64 -36.73 -49.45 67.17
CA ARG FB 64 -37.94 -49.88 67.87
C ARG FB 64 -37.52 -50.63 69.13
N PHE FB 65 -38.33 -50.52 70.17
CA PHE FB 65 -38.06 -51.18 71.43
C PHE FB 65 -39.27 -51.98 71.88
N GLN FB 66 -39.04 -53.05 72.62
CA GLN FB 66 -40.09 -53.92 73.10
C GLN FB 66 -39.96 -54.13 74.60
N MET FB 67 -41.11 -54.23 75.26
CA MET FB 67 -41.18 -54.63 76.66
C MET FB 67 -42.32 -55.64 76.79
N ARG FB 68 -41.98 -56.87 77.15
CA ARG FB 68 -42.94 -57.96 77.17
C ARG FB 68 -43.41 -58.20 78.61
N ILE FB 69 -44.71 -58.04 78.85
CA ILE FB 69 -45.30 -58.25 80.16
C ILE FB 69 -46.12 -59.54 80.10
N HIS FB 70 -45.63 -60.58 80.75
CA HIS FB 70 -46.31 -61.85 80.84
C HIS FB 70 -46.98 -61.94 82.21
N LYS FB 71 -48.21 -62.44 82.24
CA LYS FB 71 -48.90 -62.63 83.51
C LYS FB 71 -49.56 -63.99 83.55
N ARG FB 72 -49.67 -64.53 84.76
CA ARG FB 72 -50.28 -65.83 85.00
C ARG FB 72 -51.30 -65.71 86.13
N LEU FB 73 -52.37 -66.49 86.02
CA LEU FB 73 -53.44 -66.51 87.01
C LEU FB 73 -53.54 -67.89 87.63
N ILE FB 74 -53.42 -67.95 88.95
CA ILE FB 74 -53.58 -69.19 89.70
C ILE FB 74 -54.61 -68.95 90.80
N ASP FB 75 -55.67 -69.76 90.81
CA ASP FB 75 -56.68 -69.69 91.85
C ASP FB 75 -56.35 -70.74 92.91
N LEU FB 76 -56.31 -70.31 94.17
CA LEU FB 76 -56.18 -71.23 95.29
C LEU FB 76 -57.55 -71.37 95.94
N HIS FB 77 -58.09 -72.58 95.92
CA HIS FB 77 -59.44 -72.85 96.41
C HIS FB 77 -59.39 -74.06 97.32
N SER FB 78 -59.78 -73.88 98.57
CA SER FB 78 -59.76 -74.98 99.52
C SER FB 78 -61.05 -74.99 100.33
N PRO FB 79 -61.52 -76.17 100.72
CA PRO FB 79 -62.62 -76.23 101.70
C PRO FB 79 -62.26 -75.62 103.04
N SER FB 80 -60.96 -75.60 103.37
CA SER FB 80 -60.52 -74.87 104.54
C SER FB 80 -60.04 -73.47 104.18
N GLU FB 81 -59.91 -72.63 105.21
CA GLU FB 81 -59.67 -71.22 105.00
C GLU FB 81 -58.16 -70.96 104.92
N ILE FB 82 -57.82 -70.07 104.01
CA ILE FB 82 -56.59 -70.18 103.26
C ILE FB 82 -55.43 -69.43 103.93
N VAL FB 83 -55.61 -68.14 104.24
CA VAL FB 83 -54.50 -67.20 104.51
C VAL FB 83 -53.73 -67.59 105.78
N LYS FB 84 -54.43 -68.18 106.74
CA LYS FB 84 -53.78 -68.63 107.96
C LYS FB 84 -52.76 -69.78 107.73
N GLN FB 85 -53.05 -70.69 106.82
CA GLN FB 85 -52.03 -71.62 106.35
C GLN FB 85 -50.90 -70.89 105.66
N ILE FB 86 -51.19 -70.28 104.53
CA ILE FB 86 -50.16 -69.79 103.62
C ILE FB 86 -50.08 -68.27 103.74
N THR FB 87 -48.95 -67.80 104.25
CA THR FB 87 -48.55 -66.41 104.37
C THR FB 87 -47.23 -66.14 103.71
N SER FB 88 -46.33 -67.13 103.67
CA SER FB 88 -44.99 -66.95 103.15
C SER FB 88 -45.06 -66.63 101.67
N ILE FB 89 -44.11 -65.82 101.20
CA ILE FB 89 -44.11 -65.30 99.85
C ILE FB 89 -42.98 -65.91 99.01
N SER FB 90 -41.76 -65.90 99.53
CA SER FB 90 -40.56 -66.39 98.82
C SER FB 90 -40.45 -65.78 97.41
N ILE FB 91 -40.60 -64.46 97.37
CA ILE FB 91 -40.70 -63.72 96.12
C ILE FB 91 -39.37 -63.05 95.84
N GLU FB 92 -38.81 -63.34 94.68
CA GLU FB 92 -37.62 -62.64 94.23
C GLU FB 92 -37.98 -61.26 93.73
N PRO FB 93 -37.03 -60.33 93.72
CA PRO FB 93 -37.29 -59.03 93.10
C PRO FB 93 -37.56 -59.19 91.61
N GLY FB 94 -38.44 -58.33 91.09
CA GLY FB 94 -38.71 -58.32 89.66
C GLY FB 94 -40.06 -58.86 89.25
N VAL FB 95 -40.69 -59.65 90.12
CA VAL FB 95 -41.98 -60.27 89.82
C VAL FB 95 -43.06 -59.65 90.72
N GLU FB 96 -44.26 -59.50 90.17
CA GLU FB 96 -45.37 -58.84 90.83
C GLU FB 96 -46.46 -59.85 91.14
N VAL FB 97 -47.06 -59.72 92.33
CA VAL FB 97 -48.09 -60.63 92.81
C VAL FB 97 -49.25 -59.80 93.35
N GLU FB 98 -50.47 -60.31 93.17
CA GLU FB 98 -51.66 -59.66 93.72
C GLU FB 98 -52.54 -60.70 94.40
N VAL FB 99 -52.94 -60.41 95.64
CA VAL FB 99 -53.72 -61.34 96.46
C VAL FB 99 -55.17 -60.89 96.43
N THR FB 100 -56.00 -61.62 95.68
CA THR FB 100 -57.41 -61.32 95.59
C THR FB 100 -58.23 -62.53 95.99
N ILE FB 101 -59.41 -62.28 96.53
CA ILE FB 101 -60.35 -63.33 96.91
C ILE FB 101 -61.49 -63.30 95.89
N ALA FB 102 -62.37 -64.31 95.98
CA ALA FB 102 -63.52 -64.37 95.08
C ALA FB 102 -64.44 -63.17 95.25
N ASP FB 103 -64.41 -62.52 96.42
CA ASP FB 103 -65.09 -61.25 96.57
C ASP FB 103 -64.43 -60.17 95.71
N ALA FB 104 -63.11 -60.18 95.61
CA ALA FB 104 -62.37 -59.18 94.85
C ALA FB 104 -62.22 -59.58 93.39
N ARG GB 1 -62.41 -38.30 15.56
CA ARG GB 1 -62.92 -38.62 16.88
C ARG GB 1 -63.08 -37.38 17.75
N ASP GB 2 -64.27 -36.81 17.73
CA ASP GB 2 -64.60 -35.62 18.52
C ASP GB 2 -65.74 -35.84 19.49
N LYS GB 3 -66.90 -36.30 19.02
CA LYS GB 3 -68.06 -36.50 19.89
C LYS GB 3 -68.96 -37.58 19.30
N LEU GB 4 -70.02 -37.92 20.05
CA LEU GB 4 -70.96 -38.96 19.65
C LEU GB 4 -72.40 -38.47 19.49
N ASN GB 5 -72.78 -37.37 20.15
CA ASN GB 5 -74.09 -36.72 20.14
C ASN GB 5 -75.24 -37.72 20.03
N ASN GB 6 -75.20 -38.76 20.85
CA ASN GB 6 -76.10 -39.89 20.71
C ASN GB 6 -77.51 -39.51 21.11
N LEU GB 7 -78.49 -40.18 20.52
CA LEU GB 7 -79.88 -39.91 20.83
C LEU GB 7 -80.24 -40.41 22.22
N VAL GB 8 -81.04 -39.63 22.94
CA VAL GB 8 -81.50 -40.02 24.27
C VAL GB 8 -82.86 -40.71 24.20
N LEU GB 9 -83.66 -40.39 23.19
CA LEU GB 9 -84.97 -40.99 23.00
C LEU GB 9 -85.06 -41.49 21.57
N PHE GB 10 -85.90 -42.50 21.38
CA PHE GB 10 -86.11 -43.02 20.05
C PHE GB 10 -86.90 -42.02 19.21
N ASP GB 11 -86.72 -42.11 17.90
CA ASP GB 11 -87.54 -41.41 16.93
C ASP GB 11 -88.23 -42.46 16.07
N LYS GB 12 -88.94 -42.00 15.03
CA LYS GB 12 -89.57 -42.95 14.11
C LYS GB 12 -88.51 -43.70 13.32
N ALA GB 13 -87.39 -43.02 13.02
CA ALA GB 13 -86.35 -43.61 12.18
C ALA GB 13 -85.67 -44.79 12.87
N THR GB 14 -85.42 -44.68 14.18
CA THR GB 14 -84.66 -45.70 14.88
C THR GB 14 -85.51 -46.71 15.63
N TYR GB 15 -86.79 -46.41 15.90
CA TYR GB 15 -87.61 -47.33 16.67
C TYR GB 15 -87.86 -48.62 15.91
N ASP GB 16 -88.32 -48.51 14.66
CA ASP GB 16 -88.46 -49.67 13.81
C ASP GB 16 -87.12 -50.31 13.48
N LYS GB 17 -86.06 -49.48 13.41
CA LYS GB 17 -84.73 -50.01 13.18
C LYS GB 17 -84.33 -50.95 14.31
N LEU GB 18 -84.65 -50.57 15.54
CA LEU GB 18 -84.47 -51.46 16.68
C LEU GB 18 -85.37 -52.68 16.57
N CYS GB 19 -86.62 -52.48 16.16
CA CYS GB 19 -87.58 -53.58 16.17
C CYS GB 19 -87.24 -54.69 15.18
N LYS GB 20 -86.78 -54.35 13.98
CA LYS GB 20 -86.88 -55.32 12.88
C LYS GB 20 -85.67 -56.20 12.66
N GLU GB 21 -84.44 -55.74 12.94
CA GLU GB 21 -83.31 -56.63 12.70
C GLU GB 21 -82.46 -56.90 13.93
N VAL GB 22 -82.66 -56.18 15.03
CA VAL GB 22 -81.85 -56.41 16.22
C VAL GB 22 -81.96 -57.84 16.75
N PRO GB 23 -83.17 -58.43 16.86
CA PRO GB 23 -83.22 -59.85 17.27
C PRO GB 23 -82.99 -60.81 16.12
N ASN GB 24 -81.94 -60.57 15.33
CA ASN GB 24 -81.60 -61.44 14.22
C ASN GB 24 -80.15 -61.92 14.22
N TYR GB 25 -79.30 -61.35 15.07
CA TYR GB 25 -77.90 -61.76 15.15
C TYR GB 25 -77.58 -62.26 16.56
N LYS GB 26 -76.30 -62.60 16.75
CA LYS GB 26 -75.91 -63.43 17.89
C LYS GB 26 -75.78 -62.61 19.17
N LEU GB 27 -74.89 -61.63 19.18
CA LEU GB 27 -74.56 -60.88 20.39
C LEU GB 27 -75.48 -59.68 20.51
N ILE GB 28 -76.09 -59.50 21.68
CA ILE GB 28 -76.88 -58.33 21.98
C ILE GB 28 -76.48 -57.83 23.36
N THR GB 29 -75.77 -56.71 23.39
CA THR GB 29 -75.39 -56.01 24.60
C THR GB 29 -75.76 -54.55 24.44
N PRO GB 30 -75.94 -53.82 25.54
CA PRO GB 30 -76.15 -52.37 25.44
C PRO GB 30 -75.01 -51.67 24.71
N ALA GB 31 -73.79 -52.17 24.85
CA ALA GB 31 -72.65 -51.57 24.17
C ALA GB 31 -72.80 -51.63 22.66
N VAL GB 32 -73.08 -52.83 22.13
CA VAL GB 32 -73.16 -52.97 20.68
C VAL GB 32 -74.40 -52.26 20.15
N VAL GB 33 -75.51 -52.32 20.88
CA VAL GB 33 -76.71 -51.62 20.45
C VAL GB 33 -76.46 -50.12 20.37
N SER GB 34 -75.82 -49.56 21.39
CA SER GB 34 -75.55 -48.13 21.39
C SER GB 34 -74.56 -47.76 20.30
N GLU GB 35 -73.54 -48.59 20.09
CA GLU GB 35 -72.50 -48.23 19.14
C GLU GB 35 -72.91 -48.41 17.69
N ARG GB 36 -73.88 -49.28 17.40
CA ARG GB 36 -74.33 -49.47 16.04
C ARG GB 36 -75.70 -48.86 15.76
N LEU GB 37 -76.36 -48.27 16.77
CA LEU GB 37 -77.62 -47.58 16.56
C LEU GB 37 -77.57 -46.11 16.91
N LYS GB 38 -76.43 -45.59 17.37
CA LYS GB 38 -76.26 -44.17 17.69
C LYS GB 38 -77.27 -43.69 18.73
N ILE GB 39 -77.42 -44.46 19.81
CA ILE GB 39 -78.28 -44.09 20.92
C ILE GB 39 -77.43 -43.95 22.16
N ARG GB 40 -78.05 -43.43 23.23
CA ARG GB 40 -77.30 -43.08 24.44
C ARG GB 40 -76.67 -44.31 25.09
N GLY GB 41 -77.49 -45.27 25.48
CA GLY GB 41 -76.99 -46.46 26.16
C GLY GB 41 -77.81 -46.80 27.38
N SER GB 42 -78.25 -45.77 28.11
CA SER GB 42 -79.36 -45.96 29.03
C SER GB 42 -80.63 -46.28 28.26
N LEU GB 43 -80.84 -45.58 27.15
CA LEU GB 43 -81.89 -45.95 26.21
C LEU GB 43 -81.69 -47.36 25.68
N ALA GB 44 -80.43 -47.77 25.49
CA ALA GB 44 -80.16 -49.14 25.04
C ALA GB 44 -80.63 -50.15 26.07
N ARG GB 45 -80.30 -49.94 27.33
CA ARG GB 45 -80.74 -50.84 28.39
C ARG GB 45 -82.26 -50.86 28.49
N ALA GB 46 -82.89 -49.70 28.40
CA ALA GB 46 -84.35 -49.64 28.46
C ALA GB 46 -84.98 -50.40 27.31
N ALA GB 47 -84.47 -50.21 26.10
CA ALA GB 47 -85.01 -50.92 24.95
C ALA GB 47 -84.79 -52.42 25.08
N LEU GB 48 -83.63 -52.82 25.59
CA LEU GB 48 -83.34 -54.25 25.74
C LEU GB 48 -84.26 -54.90 26.74
N GLN GB 49 -84.56 -54.23 27.86
CA GLN GB 49 -85.48 -54.86 28.80
C GLN GB 49 -86.92 -54.81 28.30
N GLU GB 50 -87.28 -53.79 27.50
CA GLU GB 50 -88.60 -53.82 26.86
C GLU GB 50 -88.73 -55.00 25.92
N LEU GB 51 -87.69 -55.25 25.11
CA LEU GB 51 -87.76 -56.39 24.19
C LEU GB 51 -87.64 -57.71 24.93
N LEU GB 52 -87.01 -57.71 26.11
CA LEU GB 52 -87.13 -58.87 27.00
C LEU GB 52 -88.57 -59.11 27.37
N SER GB 53 -89.28 -58.05 27.75
CA SER GB 53 -90.70 -58.18 28.10
C SER GB 53 -91.51 -58.64 26.89
N LYS GB 54 -91.13 -58.19 25.70
CA LYS GB 54 -91.84 -58.60 24.50
C LYS GB 54 -91.54 -60.04 24.09
N GLY GB 55 -90.55 -60.67 24.73
CA GLY GB 55 -90.39 -62.11 24.64
C GLY GB 55 -89.64 -62.64 23.45
N LEU GB 56 -89.00 -61.78 22.66
CA LEU GB 56 -88.18 -62.23 21.55
C LEU GB 56 -86.68 -61.98 21.78
N ILE GB 57 -86.27 -61.72 23.02
CA ILE GB 57 -84.87 -61.66 23.39
C ILE GB 57 -84.63 -62.59 24.58
N LYS GB 58 -83.61 -63.43 24.49
CA LYS GB 58 -83.23 -64.34 25.55
C LYS GB 58 -82.03 -63.78 26.31
N LEU GB 59 -82.12 -63.79 27.63
CA LEU GB 59 -81.04 -63.34 28.49
C LEU GB 59 -80.18 -64.52 28.94
N VAL GB 60 -78.88 -64.28 29.07
CA VAL GB 60 -77.93 -65.31 29.48
C VAL GB 60 -77.20 -64.95 30.77
N SER GB 61 -76.76 -63.69 30.91
CA SER GB 61 -75.86 -63.34 32.00
C SER GB 61 -76.57 -62.67 33.17
N LYS GB 62 -77.15 -61.50 32.93
CA LYS GB 62 -77.78 -60.67 33.96
C LYS GB 62 -76.81 -60.41 35.12
N HIS GB 63 -75.76 -59.67 34.80
CA HIS GB 63 -74.81 -59.19 35.80
C HIS GB 63 -74.90 -57.68 35.90
N ARG GB 64 -74.56 -57.15 37.08
CA ARG GB 64 -74.79 -55.73 37.34
C ARG GB 64 -73.94 -54.83 36.44
N ALA GB 65 -72.79 -55.30 35.99
CA ALA GB 65 -71.89 -54.49 35.20
C ALA GB 65 -71.74 -54.96 33.76
N GLN GB 66 -72.28 -56.11 33.40
CA GLN GB 66 -72.13 -56.63 32.04
C GLN GB 66 -73.30 -57.59 31.79
N VAL GB 67 -74.27 -57.14 31.00
CA VAL GB 67 -75.44 -57.93 30.66
C VAL GB 67 -75.34 -58.34 29.19
N ILE GB 68 -75.67 -59.60 28.91
CA ILE GB 68 -75.55 -60.15 27.57
C ILE GB 68 -76.88 -60.77 27.17
N TYR GB 69 -77.29 -60.55 25.92
CA TYR GB 69 -78.49 -61.11 25.35
C TYR GB 69 -78.13 -61.86 24.06
N THR GB 70 -79.08 -62.63 23.56
CA THR GB 70 -78.93 -63.30 22.28
C THR GB 70 -80.31 -63.47 21.67
N ARG GB 71 -80.32 -63.72 20.36
CA ARG GB 71 -81.60 -64.00 19.72
C ARG GB 71 -82.08 -65.39 20.13
N ASN GB 72 -83.36 -65.64 19.94
CA ASN GB 72 -83.87 -66.96 20.25
C ASN GB 72 -83.31 -67.99 19.28
N THR GB 73 -83.34 -69.25 19.71
CA THR GB 73 -82.87 -70.33 18.86
C THR GB 73 -83.80 -70.51 17.67
N LYS GB 74 -83.22 -70.63 16.48
CA LYS GB 74 -83.97 -70.81 15.25
C LYS GB 74 -83.70 -72.20 14.70
N GLY GB 75 -84.76 -72.88 14.27
CA GLY GB 75 -84.64 -74.22 13.73
C GLY GB 75 -85.10 -75.29 14.71
N ARG HB 1 -40.52 -68.56 -2.66
CA ARG HB 1 -39.07 -68.36 -2.58
C ARG HB 1 -38.56 -68.42 -1.14
N VAL HB 2 -39.42 -68.00 -0.19
CA VAL HB 2 -39.01 -67.97 1.21
C VAL HB 2 -38.94 -69.38 1.78
N GLN HB 3 -38.03 -69.58 2.71
CA GLN HB 3 -37.93 -70.87 3.38
C GLN HB 3 -39.13 -71.09 4.30
N PRO HB 4 -39.81 -72.22 4.20
CA PRO HB 4 -40.93 -72.48 5.12
C PRO HB 4 -40.43 -72.71 6.54
N ILE HB 5 -41.29 -72.37 7.49
CA ILE HB 5 -40.92 -72.44 8.90
C ILE HB 5 -40.77 -73.91 9.31
N LYS HB 6 -39.71 -74.19 10.05
CA LYS HB 6 -39.37 -75.56 10.43
C LYS HB 6 -38.99 -75.60 11.89
N LEU HB 7 -39.17 -76.77 12.50
CA LEU HB 7 -39.02 -76.91 13.95
C LEU HB 7 -37.69 -77.55 14.30
N ALA HB 8 -37.33 -77.43 15.58
CA ALA HB 8 -36.08 -77.96 16.11
C ALA HB 8 -36.16 -77.99 17.63
N ARG HB 9 -35.50 -78.97 18.23
CA ARG HB 9 -35.47 -79.12 19.69
C ARG HB 9 -34.09 -78.81 20.24
N VAL HB 10 -34.06 -78.04 21.32
CA VAL HB 10 -32.82 -77.70 21.99
C VAL HB 10 -32.21 -78.97 22.57
N THR HB 11 -30.88 -79.08 22.50
CA THR HB 11 -30.16 -80.18 23.12
C THR HB 11 -29.31 -79.75 24.31
N LYS HB 12 -28.48 -78.72 24.14
CA LYS HB 12 -27.62 -78.27 25.22
C LYS HB 12 -27.69 -76.76 25.33
N VAL HB 13 -27.78 -76.27 26.56
CA VAL HB 13 -27.77 -74.84 26.85
C VAL HB 13 -26.33 -74.43 27.12
N LEU HB 14 -25.78 -73.62 26.21
CA LEU HB 14 -24.38 -73.24 26.35
C LEU HB 14 -24.21 -72.15 27.40
N GLY HB 15 -24.97 -71.06 27.29
CA GLY HB 15 -24.92 -70.04 28.31
C GLY HB 15 -25.50 -68.73 27.83
N ARG HB 16 -25.56 -67.79 28.77
CA ARG HB 16 -26.05 -66.44 28.53
C ARG HB 16 -25.10 -65.69 27.60
N THR HB 17 -25.61 -64.61 27.01
CA THR HB 17 -24.79 -63.73 26.19
C THR HB 17 -25.43 -62.35 26.15
N GLY HB 18 -24.79 -61.43 25.42
CA GLY HB 18 -25.28 -60.08 25.28
C GLY HB 18 -24.74 -59.09 26.29
N SER HB 19 -23.82 -59.51 27.16
CA SER HB 19 -23.18 -58.73 28.22
C SER HB 19 -24.15 -58.32 29.31
N GLN HB 20 -25.45 -58.61 29.16
CA GLN HB 20 -26.43 -58.40 30.20
C GLN HB 20 -27.13 -59.69 30.59
N GLY HB 21 -26.93 -60.77 29.84
CA GLY HB 21 -27.64 -61.99 30.06
C GLY HB 21 -29.02 -62.05 29.44
N GLN HB 22 -29.42 -61.01 28.69
CA GLN HB 22 -30.74 -60.97 28.09
C GLN HB 22 -30.92 -62.04 27.02
N CYS HB 23 -29.83 -62.58 26.51
CA CYS HB 23 -29.86 -63.67 25.54
C CYS HB 23 -29.03 -64.83 26.06
N THR HB 24 -29.50 -66.05 25.83
CA THR HB 24 -28.74 -67.24 26.13
C THR HB 24 -28.54 -68.07 24.87
N GLN HB 25 -27.38 -68.69 24.76
CA GLN HB 25 -27.00 -69.47 23.59
C GLN HB 25 -27.16 -70.96 23.91
N VAL HB 26 -27.79 -71.70 23.00
CA VAL HB 26 -28.09 -73.10 23.20
C VAL HB 26 -27.73 -73.88 21.94
N ARG HB 27 -27.55 -75.19 22.11
CA ARG HB 27 -27.46 -76.11 20.98
C ARG HB 27 -28.82 -76.72 20.72
N VAL HB 28 -29.26 -76.66 19.47
CA VAL HB 28 -30.61 -77.06 19.09
C VAL HB 28 -30.50 -78.09 17.97
N GLU HB 29 -31.44 -79.02 17.94
CA GLU HB 29 -31.41 -80.14 17.01
C GLU HB 29 -32.65 -80.11 16.11
N PHE HB 30 -32.43 -80.18 14.80
CA PHE HB 30 -33.53 -80.10 13.85
C PHE HB 30 -34.47 -81.28 13.98
N MET HB 31 -35.76 -81.00 13.80
CA MET HB 31 -36.74 -82.06 13.69
C MET HB 31 -36.58 -82.83 12.38
N ASP HB 32 -36.32 -82.12 11.28
CA ASP HB 32 -36.24 -82.79 9.99
C ASP HB 32 -34.99 -83.65 9.87
N ASP HB 33 -33.86 -83.17 10.39
CA ASP HB 33 -32.63 -83.96 10.40
C ASP HB 33 -32.13 -83.97 11.84
N THR HB 34 -32.24 -85.14 12.49
CA THR HB 34 -31.68 -85.29 13.83
C THR HB 34 -30.17 -85.23 13.82
N SER HB 35 -29.52 -85.69 12.75
CA SER HB 35 -28.07 -85.61 12.66
C SER HB 35 -27.59 -84.19 12.40
N ARG HB 36 -28.49 -83.26 12.10
CA ARG HB 36 -28.13 -81.86 11.95
C ARG HB 36 -28.48 -81.12 13.24
N SER HB 37 -27.52 -80.35 13.74
CA SER HB 37 -27.75 -79.52 14.91
C SER HB 37 -26.98 -78.22 14.76
N ILE HB 38 -27.67 -77.10 14.90
CA ILE HB 38 -27.01 -75.80 14.81
C ILE HB 38 -27.07 -75.10 16.14
N ILE HB 39 -26.45 -73.94 16.23
CA ILE HB 39 -26.36 -73.16 17.46
C ILE HB 39 -27.17 -71.89 17.26
N ARG HB 40 -28.19 -71.70 18.08
CA ARG HB 40 -28.99 -70.50 18.02
C ARG HB 40 -29.13 -69.89 19.40
N ASN HB 41 -28.57 -68.70 19.56
CA ASN HB 41 -28.76 -67.93 20.78
C ASN HB 41 -30.22 -67.50 20.89
N VAL HB 42 -30.79 -67.65 22.08
CA VAL HB 42 -32.22 -67.48 22.26
C VAL HB 42 -32.49 -66.56 23.45
N LYS HB 43 -33.71 -66.04 23.50
CA LYS HB 43 -34.15 -65.14 24.54
C LYS HB 43 -35.35 -65.74 25.26
N GLY HB 44 -35.54 -65.34 26.51
CA GLY HB 44 -36.63 -65.84 27.31
C GLY HB 44 -36.22 -67.03 28.15
N PRO HB 45 -37.12 -67.47 29.04
CA PRO HB 45 -36.82 -68.62 29.90
C PRO HB 45 -36.77 -69.89 29.05
N VAL HB 46 -35.61 -70.54 29.05
CA VAL HB 46 -35.37 -71.73 28.25
C VAL HB 46 -34.80 -72.82 29.14
N ARG HB 47 -35.42 -74.00 29.09
CA ARG HB 47 -34.87 -75.20 29.70
C ARG HB 47 -34.82 -76.31 28.67
N GLU HB 48 -33.85 -77.21 28.83
CA GLU HB 48 -33.64 -78.27 27.86
C GLU HB 48 -34.86 -79.17 27.76
N GLY HB 49 -35.14 -79.64 26.54
CA GLY HB 49 -36.30 -80.45 26.26
C GLY HB 49 -37.39 -79.71 25.51
N ASP HB 50 -37.40 -78.39 25.55
CA ASP HB 50 -38.41 -77.63 24.83
C ASP HB 50 -38.09 -77.57 23.34
N VAL HB 51 -39.07 -77.13 22.56
CA VAL HB 51 -38.95 -77.04 21.11
C VAL HB 51 -39.30 -75.61 20.69
N LEU HB 52 -38.89 -75.24 19.48
CA LEU HB 52 -39.09 -73.88 19.01
C LEU HB 52 -39.12 -73.82 17.49
N THR HB 53 -39.66 -72.73 16.97
CA THR HB 53 -39.81 -72.52 15.54
C THR HB 53 -38.58 -71.83 14.95
N LEU HB 54 -38.34 -72.07 13.67
CA LEU HB 54 -37.26 -71.43 12.92
C LEU HB 54 -37.85 -70.71 11.72
N LEU HB 55 -37.94 -69.38 11.79
CA LEU HB 55 -38.32 -68.61 10.61
C LEU HB 55 -37.25 -68.70 9.53
N GLU HB 56 -35.99 -68.59 9.92
CA GLU HB 56 -34.86 -68.69 9.02
C GLU HB 56 -33.92 -69.77 9.54
N SER HB 57 -33.22 -70.45 8.62
CA SER HB 57 -32.50 -71.67 8.99
C SER HB 57 -31.29 -71.38 9.87
N GLU HB 58 -30.27 -70.69 9.33
CA GLU HB 58 -29.04 -70.45 10.09
C GLU HB 58 -28.77 -68.95 10.15
N ARG HB 59 -28.46 -68.45 11.34
CA ARG HB 59 -28.11 -67.04 11.52
C ARG HB 59 -26.67 -66.86 11.97
N GLU HB 60 -26.28 -67.45 13.09
CA GLU HB 60 -24.91 -67.33 13.57
C GLU HB 60 -24.65 -68.37 14.64
N ALA HB 61 -23.39 -68.79 14.75
CA ALA HB 61 -22.94 -69.65 15.83
C ALA HB 61 -21.64 -69.07 16.38
N ARG HB 62 -21.52 -69.02 17.70
CA ARG HB 62 -20.28 -68.55 18.31
C ARG HB 62 -20.17 -69.15 19.70
N ARG HB 63 -19.23 -70.07 19.88
CA ARG HB 63 -18.97 -70.65 21.19
C ARG HB 63 -18.48 -69.58 22.15
N LEU HB 64 -19.04 -69.60 23.36
CA LEU HB 64 -18.76 -68.59 24.39
C LEU HB 64 -17.28 -68.58 24.80
N GLY IB 1 -42.72 -8.69 88.15
CA GLY IB 1 -44.07 -8.25 88.51
C GLY IB 1 -44.66 -9.03 89.67
N HIS IB 2 -45.82 -8.58 90.14
CA HIS IB 2 -46.51 -9.25 91.24
C HIS IB 2 -47.19 -10.51 90.71
N GLN IB 3 -47.85 -11.25 91.60
CA GLN IB 3 -48.43 -12.54 91.26
C GLN IB 3 -49.54 -12.43 90.22
N GLN IB 4 -50.07 -11.24 90.00
CA GLN IB 4 -51.23 -11.07 89.13
C GLN IB 4 -50.89 -11.26 87.65
N LEU IB 5 -49.62 -11.18 87.28
CA LEU IB 5 -49.22 -11.37 85.89
C LEU IB 5 -47.99 -12.24 85.70
N TYR IB 6 -47.26 -12.60 86.75
CA TYR IB 6 -46.04 -13.39 86.59
C TYR IB 6 -46.33 -14.78 86.04
N TRP IB 7 -47.40 -15.42 86.52
CA TRP IB 7 -47.73 -16.77 86.08
C TRP IB 7 -49.21 -16.87 85.73
N SER IB 8 -49.81 -15.74 85.37
CA SER IB 8 -51.23 -15.70 85.05
C SER IB 8 -51.53 -16.35 83.70
N HIS IB 9 -50.55 -16.45 82.83
CA HIS IB 9 -50.77 -17.07 81.53
C HIS IB 9 -51.12 -18.54 81.71
N PRO IB 10 -52.24 -19.00 81.17
CA PRO IB 10 -52.63 -20.41 81.35
C PRO IB 10 -51.70 -21.35 80.62
N ARG IB 11 -51.33 -22.43 81.29
CA ARG IB 11 -50.63 -23.56 80.69
C ARG IB 11 -51.23 -24.87 81.17
N LYS IB 12 -52.57 -24.96 81.12
CA LYS IB 12 -53.26 -26.18 81.50
C LYS IB 12 -53.28 -27.22 80.39
N PHE IB 13 -52.64 -26.94 79.26
CA PHE IB 13 -52.68 -27.77 78.07
C PHE IB 13 -51.61 -27.28 77.12
N GLY IB 14 -51.43 -27.98 76.00
CA GLY IB 14 -50.47 -27.57 75.01
C GLY IB 14 -49.06 -28.07 75.30
N GLN IB 15 -48.17 -27.78 74.35
CA GLN IB 15 -46.80 -28.29 74.44
C GLN IB 15 -46.05 -27.70 75.63
N GLY IB 16 -46.23 -26.42 75.91
CA GLY IB 16 -45.59 -25.80 77.05
C GLY IB 16 -46.06 -26.31 78.38
N SER IB 17 -47.18 -27.04 78.40
CA SER IB 17 -47.67 -27.67 79.61
C SER IB 17 -46.99 -28.98 79.92
N ARG IB 18 -46.03 -29.40 79.10
CA ARG IB 18 -45.33 -30.67 79.30
C ARG IB 18 -43.83 -30.48 79.14
N SER IB 19 -43.08 -31.11 80.05
CA SER IB 19 -41.63 -31.07 80.01
C SER IB 19 -41.12 -32.48 80.23
N CYS IB 20 -39.88 -32.72 79.81
CA CYS IB 20 -39.25 -34.01 80.04
C CYS IB 20 -39.10 -34.24 81.54
N ARG IB 21 -39.33 -35.47 81.97
CA ARG IB 21 -39.14 -35.78 83.38
C ARG IB 21 -37.68 -35.88 83.77
N VAL IB 22 -36.76 -35.92 82.80
CA VAL IB 22 -35.32 -35.92 83.08
C VAL IB 22 -34.73 -34.53 82.88
N CYS IB 23 -34.82 -34.00 81.66
CA CYS IB 23 -34.14 -32.76 81.31
C CYS IB 23 -35.08 -31.59 81.09
N SER IB 24 -36.39 -31.76 81.35
CA SER IB 24 -37.37 -30.69 81.21
C SER IB 24 -37.45 -30.16 79.79
N ASN IB 25 -37.08 -30.99 78.82
CA ASN IB 25 -37.20 -30.62 77.42
C ASN IB 25 -38.66 -30.42 77.05
N ARG IB 26 -38.90 -29.51 76.11
CA ARG IB 26 -40.23 -29.27 75.57
C ARG IB 26 -40.34 -29.71 74.12
N HIS IB 27 -39.41 -30.56 73.68
CA HIS IB 27 -39.39 -31.07 72.31
C HIS IB 27 -39.12 -32.56 72.35
N GLY IB 28 -39.74 -33.28 71.41
CA GLY IB 28 -39.53 -34.72 71.33
C GLY IB 28 -40.00 -35.49 72.54
N LEU IB 29 -41.08 -35.04 73.17
CA LEU IB 29 -41.60 -35.75 74.33
C LEU IB 29 -42.37 -36.99 73.90
N ILE IB 30 -42.32 -38.01 74.75
CA ILE IB 30 -43.07 -39.24 74.55
C ILE IB 30 -44.03 -39.35 75.73
N ARG IB 31 -45.32 -39.22 75.44
CA ARG IB 31 -46.35 -39.32 76.46
C ARG IB 31 -47.00 -40.71 76.50
N LYS IB 32 -46.51 -41.64 75.70
CA LYS IB 32 -47.06 -42.99 75.69
C LYS IB 32 -46.70 -43.71 76.98
N TYR IB 33 -47.71 -44.37 77.57
CA TYR IB 33 -47.58 -45.06 78.86
C TYR IB 33 -47.12 -44.10 79.97
N GLY IB 34 -47.45 -42.81 79.82
CA GLY IB 34 -47.03 -41.82 80.79
C GLY IB 34 -45.54 -41.66 80.91
N LEU IB 35 -44.81 -41.78 79.80
CA LEU IB 35 -43.35 -41.74 79.86
C LEU IB 35 -42.85 -40.36 80.26
N ASN IB 36 -43.36 -39.32 79.59
CA ASN IB 36 -43.08 -37.92 79.95
C ASN IB 36 -41.58 -37.62 79.95
N MET IB 37 -40.85 -38.25 79.02
CA MET IB 37 -39.41 -38.16 78.98
C MET IB 37 -38.97 -37.68 77.60
N CYS IB 38 -37.83 -37.00 77.56
CA CYS IB 38 -37.27 -36.58 76.29
C CYS IB 38 -36.89 -37.80 75.45
N ARG IB 39 -37.07 -37.66 74.13
CA ARG IB 39 -36.73 -38.73 73.19
C ARG IB 39 -35.28 -39.15 73.34
N GLN IB 40 -34.37 -38.18 73.38
CA GLN IB 40 -32.96 -38.49 73.60
C GLN IB 40 -32.75 -39.12 74.98
N CYS IB 41 -33.41 -38.57 76.00
CA CYS IB 41 -33.32 -39.16 77.32
C CYS IB 41 -33.93 -40.56 77.35
N PHE IB 42 -34.98 -40.79 76.56
CA PHE IB 42 -35.50 -42.14 76.43
C PHE IB 42 -34.46 -43.09 75.84
N ARG IB 43 -33.79 -42.68 74.76
CA ARG IB 43 -32.78 -43.55 74.17
C ARG IB 43 -31.63 -43.77 75.13
N GLN IB 44 -31.37 -42.79 75.99
CA GLN IB 44 -30.31 -42.94 76.98
C GLN IB 44 -30.69 -43.93 78.08
N TYR IB 45 -31.92 -43.86 78.57
CA TYR IB 45 -32.34 -44.64 79.73
C TYR IB 45 -33.10 -45.91 79.40
N ALA IB 46 -33.31 -46.23 78.11
CA ALA IB 46 -34.18 -47.34 77.73
C ALA IB 46 -33.70 -48.67 78.31
N LYS IB 47 -32.39 -48.84 78.48
CA LYS IB 47 -31.89 -49.99 79.21
C LYS IB 47 -32.34 -49.94 80.67
N ASP IB 48 -32.29 -48.75 81.29
CA ASP IB 48 -32.58 -48.65 82.71
C ASP IB 48 -34.05 -48.93 82.99
N ILE IB 49 -34.96 -48.41 82.15
CA ILE IB 49 -36.37 -48.77 82.32
C ILE IB 49 -36.59 -50.24 81.96
N GLY IB 50 -36.06 -50.68 80.83
CA GLY IB 50 -36.18 -52.06 80.47
C GLY IB 50 -36.66 -52.31 79.06
N PHE IB 51 -36.92 -51.24 78.30
CA PHE IB 51 -37.22 -51.40 76.88
C PHE IB 51 -35.96 -51.84 76.16
N ILE IB 52 -35.94 -53.08 75.71
CA ILE IB 52 -34.77 -53.65 75.04
C ILE IB 52 -35.18 -54.10 73.65
N LYS IB 53 -34.17 -54.30 72.81
CA LYS IB 53 -34.36 -54.65 71.40
C LYS IB 53 -34.43 -56.16 71.23
N LEU IB 54 -35.45 -56.61 70.51
CA LEU IB 54 -35.56 -57.99 70.03
C LEU IB 54 -35.69 -58.06 68.52
N ASP IB 55 -35.90 -56.93 67.87
CA ASP IB 55 -36.03 -56.88 66.42
C ASP IB 55 -35.58 -55.53 65.88
N TYR JB 1 -29.67 -1.34 69.76
CA TYR JB 1 -30.38 -0.74 70.88
C TYR JB 1 -30.83 0.69 70.58
N THR JB 2 -30.29 1.64 71.34
CA THR JB 2 -30.69 3.05 71.27
C THR JB 2 -32.20 3.18 71.44
N THR JB 3 -32.63 2.88 72.67
CA THR JB 3 -34.06 2.78 72.96
C THR JB 3 -34.74 4.12 72.74
N PRO JB 4 -35.87 4.16 72.03
CA PRO JB 4 -36.61 5.42 71.88
C PRO JB 4 -37.08 6.00 73.21
N LYS JB 5 -37.44 5.16 74.17
CA LYS JB 5 -37.82 5.62 75.49
C LYS JB 5 -36.59 5.77 76.39
N LYS JB 6 -36.62 6.78 77.26
CA LYS JB 6 -35.60 6.92 78.27
C LYS JB 6 -35.74 5.82 79.32
N ASN JB 7 -34.68 5.62 80.08
CA ASN JB 7 -34.67 4.54 81.08
C ASN JB 7 -35.66 4.87 82.18
N LYS JB 8 -36.54 3.91 82.48
CA LYS JB 8 -37.70 4.17 83.33
C LYS JB 8 -37.26 4.59 84.72
N HIS JB 9 -37.69 5.78 85.13
CA HIS JB 9 -37.38 6.29 86.45
C HIS JB 9 -38.05 5.44 87.51
N LYS JB 10 -37.25 4.70 88.27
CA LYS JB 10 -37.80 3.92 89.37
C LYS JB 10 -38.23 4.86 90.50
N ARG JB 11 -39.31 4.47 91.18
CA ARG JB 11 -39.88 5.31 92.22
C ARG JB 11 -38.94 5.41 93.43
N LYS JB 12 -38.79 6.61 93.95
CA LYS JB 12 -37.96 6.87 95.11
C LYS JB 12 -38.86 7.14 96.31
N LYS JB 13 -38.65 6.40 97.38
CA LYS JB 13 -39.42 6.61 98.60
C LYS JB 13 -39.02 7.94 99.24
N VAL JB 14 -39.99 8.57 99.89
CA VAL JB 14 -39.83 9.94 100.37
C VAL JB 14 -39.05 10.03 101.68
N LYS JB 15 -38.55 8.91 102.21
CA LYS JB 15 -37.73 8.91 103.44
C LYS JB 15 -38.52 9.53 104.60
N LEU JB 16 -39.58 8.83 105.00
CA LEU JB 16 -40.46 9.36 106.03
C LEU JB 16 -39.74 9.42 107.36
N ALA JB 17 -39.92 10.53 108.07
CA ALA JB 17 -39.33 10.72 109.39
C ALA JB 17 -40.20 10.01 110.43
N VAL JB 18 -39.97 10.34 111.71
CA VAL JB 18 -40.79 9.78 112.77
C VAL JB 18 -42.25 10.15 112.55
N LEU JB 19 -43.13 9.16 112.74
CA LEU JB 19 -44.54 9.27 112.36
C LEU JB 19 -45.30 10.33 113.15
N LYS JB 20 -45.46 10.14 114.48
CA LYS JB 20 -46.04 11.16 115.38
C LYS JB 20 -47.37 11.74 114.90
N TYR JB 21 -48.19 10.96 114.21
CA TYR JB 21 -49.48 11.51 113.76
C TYR JB 21 -50.58 11.24 114.77
N TYR JB 22 -50.35 11.69 116.00
CA TYR JB 22 -51.29 11.56 117.11
C TYR JB 22 -50.77 12.40 118.26
N LYS JB 23 -51.67 13.14 118.90
CA LYS JB 23 -51.32 14.14 119.91
C LYS JB 23 -52.22 14.00 121.12
N VAL JB 24 -51.61 14.18 122.30
CA VAL JB 24 -52.34 14.20 123.56
C VAL JB 24 -52.25 15.61 124.14
N ASP JB 25 -53.28 15.99 124.88
CA ASP JB 25 -53.47 17.38 125.29
C ASP JB 25 -53.70 17.44 126.80
N GLU JB 26 -53.47 18.64 127.34
CA GLU JB 26 -53.65 18.99 128.76
C GLU JB 26 -53.18 17.87 129.69
N ASN JB 27 -51.86 17.65 129.65
CA ASN JB 27 -51.18 16.64 130.46
C ASN JB 27 -51.58 15.23 130.04
N GLY JB 28 -51.92 15.04 128.77
CA GLY JB 28 -52.09 13.72 128.22
C GLY JB 28 -53.53 13.24 128.10
N LYS JB 29 -54.10 13.36 126.91
CA LYS JB 29 -55.42 12.82 126.60
C LYS JB 29 -55.38 12.28 125.18
N ILE JB 30 -55.59 10.96 125.03
CA ILE JB 30 -55.42 10.32 123.73
C ILE JB 30 -56.42 10.89 122.72
N SER JB 31 -55.93 11.15 121.51
CA SER JB 31 -56.75 11.71 120.44
C SER JB 31 -56.31 11.08 119.13
N ARG JB 32 -57.03 10.05 118.68
CA ARG JB 32 -56.83 9.51 117.35
C ARG JB 32 -57.22 10.57 116.32
N LEU JB 33 -56.23 11.16 115.66
CA LEU JB 33 -56.49 12.03 114.52
C LEU JB 33 -56.53 11.25 113.21
N ARG JB 34 -56.47 9.93 113.29
CA ARG JB 34 -56.52 9.04 112.14
C ARG JB 34 -57.76 8.15 112.26
N ARG JB 35 -58.32 7.79 111.11
CA ARG JB 35 -59.35 6.77 111.11
C ARG JB 35 -58.74 5.42 111.47
N GLU JB 36 -59.50 4.62 112.21
CA GLU JB 36 -59.10 3.28 112.60
C GLU JB 36 -59.63 2.29 111.59
N CYS JB 37 -58.82 1.30 111.24
CA CYS JB 37 -59.28 0.21 110.42
C CYS JB 37 -60.00 -0.80 111.31
N PRO JB 38 -61.31 -1.00 111.13
CA PRO JB 38 -62.08 -1.81 112.08
C PRO JB 38 -62.04 -3.31 111.84
N SER JB 39 -61.37 -3.76 110.77
CA SER JB 39 -61.28 -5.18 110.51
C SER JB 39 -60.31 -5.84 111.49
N ASP JB 40 -60.52 -7.14 111.69
CA ASP JB 40 -59.60 -7.91 112.54
C ASP JB 40 -58.23 -8.01 111.90
N GLU JB 41 -58.18 -8.22 110.58
CA GLU JB 41 -56.89 -8.39 109.90
C GLU JB 41 -56.06 -7.11 109.96
N CYS JB 42 -56.72 -5.96 109.94
CA CYS JB 42 -56.01 -4.72 110.24
C CYS JB 42 -55.68 -4.62 111.72
N GLY JB 43 -56.65 -4.95 112.58
CA GLY JB 43 -56.45 -4.86 114.01
C GLY JB 43 -56.70 -3.46 114.55
N ALA JB 44 -56.71 -3.37 115.88
CA ALA JB 44 -56.95 -2.11 116.57
C ALA JB 44 -55.69 -1.27 116.72
N GLY JB 45 -54.56 -1.76 116.24
CA GLY JB 45 -53.30 -1.05 116.37
C GLY JB 45 -53.02 -0.09 115.23
N VAL JB 46 -53.25 -0.54 114.00
CA VAL JB 46 -52.92 0.29 112.85
C VAL JB 46 -53.92 1.43 112.71
N PHE JB 47 -53.43 2.53 112.15
CA PHE JB 47 -54.25 3.66 111.77
C PHE JB 47 -54.40 3.68 110.26
N MET JB 48 -55.58 4.06 109.78
CA MET JB 48 -55.82 4.09 108.35
C MET JB 48 -55.15 5.29 107.70
N ALA JB 49 -55.03 5.23 106.38
CA ALA JB 49 -54.55 6.39 105.63
C ALA JB 49 -55.60 7.50 105.69
N SER JB 50 -55.13 8.72 105.46
CA SER JB 50 -55.94 9.92 105.62
C SER JB 50 -55.95 10.71 104.31
N HIS JB 51 -56.24 10.01 103.22
CA HIS JB 51 -56.36 10.67 101.92
C HIS JB 51 -57.44 11.73 101.96
N PHE JB 52 -57.29 12.73 101.09
CA PHE JB 52 -58.21 13.85 101.04
C PHE JB 52 -59.63 13.46 100.65
N ASP JB 53 -59.82 12.31 99.99
CA ASP JB 53 -61.16 11.93 99.57
C ASP JB 53 -61.53 10.49 99.90
N ARG JB 54 -60.65 9.72 100.54
CA ARG JB 54 -61.00 8.38 101.01
C ARG JB 54 -60.11 8.04 102.20
N HIS JB 55 -60.36 6.89 102.80
CA HIS JB 55 -59.52 6.36 103.86
C HIS JB 55 -59.09 4.94 103.53
N TYR JB 56 -57.80 4.69 103.65
CA TYR JB 56 -57.19 3.43 103.24
C TYR JB 56 -56.55 2.75 104.45
N CYS JB 57 -56.81 1.46 104.59
CA CYS JB 57 -56.22 0.66 105.67
C CYS JB 57 -55.11 -0.20 105.06
N GLY JB 58 -53.94 -0.16 105.69
CA GLY JB 58 -52.78 -0.81 105.08
C GLY JB 58 -52.91 -2.31 104.96
N LYS JB 59 -53.42 -2.96 106.00
CA LYS JB 59 -53.63 -4.40 105.99
C LYS JB 59 -55.00 -4.78 105.43
N CYS JB 60 -56.05 -4.06 105.83
CA CYS JB 60 -57.39 -4.43 105.40
C CYS JB 60 -57.71 -3.97 103.98
N CYS JB 61 -56.90 -3.06 103.43
CA CYS JB 61 -57.06 -2.51 102.07
C CYS JB 61 -58.49 -2.02 101.80
N LEU JB 62 -59.17 -1.55 102.84
CA LEU JB 62 -60.47 -0.93 102.67
C LEU JB 62 -60.34 0.50 102.14
N THR JB 63 -61.40 0.98 101.49
CA THR JB 63 -61.47 2.35 101.01
C THR JB 63 -62.81 2.94 101.41
N TYR JB 64 -62.79 3.80 102.42
CA TYR JB 64 -63.99 4.48 102.88
C TYR JB 64 -64.08 5.83 102.16
N CYS JB 65 -64.94 5.91 101.17
CA CYS JB 65 -65.06 7.10 100.33
C CYS JB 65 -66.12 8.02 100.90
N PHE JB 66 -65.70 9.23 101.24
CA PHE JB 66 -66.61 10.27 101.70
C PHE JB 66 -66.77 11.31 100.60
N ASN JB 67 -68.01 11.62 100.28
CA ASN JB 67 -68.31 12.54 99.19
C ASN JB 67 -69.13 13.71 99.71
N THR KB 1 -34.84 -129.27 51.35
CA THR KB 1 -35.86 -128.86 50.38
C THR KB 1 -36.67 -127.69 50.92
N GLU KB 2 -36.11 -126.98 51.89
CA GLU KB 2 -36.76 -125.83 52.50
C GLU KB 2 -35.84 -124.61 52.40
N GLN KB 3 -36.45 -123.46 52.13
CA GLN KB 3 -35.72 -122.21 52.04
C GLN KB 3 -36.71 -121.05 52.19
N MET KB 4 -36.20 -119.93 52.67
CA MET KB 4 -37.02 -118.75 52.91
C MET KB 4 -37.06 -117.94 51.63
N THR KB 5 -38.25 -117.49 51.24
CA THR KB 5 -38.39 -116.78 49.98
C THR KB 5 -39.29 -115.55 50.17
N LEU KB 6 -39.30 -114.71 49.16
CA LEU KB 6 -40.15 -113.53 49.14
C LEU KB 6 -41.61 -113.93 49.07
N ARG KB 7 -42.47 -113.13 49.68
CA ARG KB 7 -43.90 -113.35 49.57
C ARG KB 7 -44.64 -112.05 49.24
N GLY KB 8 -44.04 -110.92 49.57
CA GLY KB 8 -44.66 -109.65 49.25
C GLY KB 8 -44.08 -108.52 50.07
N THR KB 9 -44.64 -107.34 49.82
CA THR KB 9 -44.20 -106.10 50.46
C THR KB 9 -45.41 -105.34 50.97
N LEU KB 10 -45.27 -104.75 52.15
CA LEU KB 10 -46.29 -103.89 52.73
C LEU KB 10 -45.84 -102.44 52.59
N LYS KB 11 -46.71 -101.61 52.03
CA LYS KB 11 -46.39 -100.22 51.74
C LYS KB 11 -47.29 -99.30 52.54
N GLY KB 12 -46.83 -98.08 52.76
CA GLY KB 12 -47.64 -97.09 53.45
C GLY KB 12 -46.85 -96.37 54.52
N HIS KB 13 -45.60 -96.76 54.69
CA HIS KB 13 -44.77 -96.23 55.76
C HIS KB 13 -44.03 -94.98 55.28
N ASN KB 14 -43.92 -94.01 56.17
CA ASN KB 14 -43.15 -92.80 55.94
C ASN KB 14 -42.03 -92.67 56.96
N GLY KB 15 -41.41 -93.79 57.29
CA GLY KB 15 -40.28 -93.82 58.20
C GLY KB 15 -39.78 -95.25 58.31
N TRP KB 16 -38.63 -95.39 58.97
CA TRP KB 16 -38.03 -96.71 59.14
C TRP KB 16 -38.89 -97.56 60.07
N VAL KB 17 -39.11 -98.81 59.67
CA VAL KB 17 -39.91 -99.74 60.46
C VAL KB 17 -39.08 -100.13 61.67
N THR KB 18 -39.40 -99.55 62.84
CA THR KB 18 -38.63 -99.85 64.04
C THR KB 18 -39.01 -101.20 64.63
N GLN KB 19 -40.29 -101.59 64.50
CA GLN KB 19 -40.78 -102.78 65.18
C GLN KB 19 -41.90 -103.42 64.37
N ILE KB 20 -41.92 -104.75 64.36
CA ILE KB 20 -43.04 -105.55 63.89
C ILE KB 20 -43.60 -106.32 65.06
N ALA KB 21 -44.91 -106.23 65.26
CA ALA KB 21 -45.57 -106.95 66.36
C ALA KB 21 -46.57 -107.93 65.78
N THR KB 22 -46.47 -109.18 66.20
CA THR KB 22 -47.34 -110.25 65.72
C THR KB 22 -47.96 -110.96 66.91
N THR KB 23 -49.20 -111.42 66.73
CA THR KB 23 -49.97 -112.04 67.79
C THR KB 23 -50.48 -113.40 67.32
N PRO KB 24 -50.62 -114.35 68.25
CA PRO KB 24 -51.14 -115.67 67.87
C PRO KB 24 -52.64 -115.67 67.65
N GLN KB 25 -53.38 -114.93 68.49
CA GLN KB 25 -54.84 -115.00 68.44
C GLN KB 25 -55.41 -114.44 67.16
N PHE KB 26 -54.67 -113.56 66.48
CA PHE KB 26 -55.08 -113.00 65.19
C PHE KB 26 -54.01 -113.34 64.17
N PRO KB 27 -54.13 -114.48 63.49
CA PRO KB 27 -53.13 -114.86 62.47
C PRO KB 27 -53.11 -113.94 61.26
N ASP KB 28 -54.21 -113.26 60.96
CA ASP KB 28 -54.33 -112.41 59.79
C ASP KB 28 -54.14 -110.93 60.09
N MET KB 29 -53.68 -110.60 61.30
CA MET KB 29 -53.50 -109.22 61.72
C MET KB 29 -52.08 -109.04 62.24
N ILE KB 30 -51.35 -108.08 61.68
CA ILE KB 30 -50.07 -107.65 62.22
C ILE KB 30 -50.08 -106.14 62.33
N LEU KB 31 -49.14 -105.61 63.11
CA LEU KB 31 -49.06 -104.18 63.36
C LEU KB 31 -47.60 -103.79 63.54
N SER KB 32 -47.27 -102.57 63.08
CA SER KB 32 -45.89 -102.15 62.92
C SER KB 32 -45.71 -100.70 63.35
N ALA KB 33 -44.60 -100.42 64.03
CA ALA KB 33 -44.21 -99.06 64.34
C ALA KB 33 -43.28 -98.53 63.25
N SER KB 34 -43.06 -97.21 63.27
CA SER KB 34 -42.20 -96.56 62.30
C SER KB 34 -41.61 -95.29 62.90
N ARG KB 35 -40.77 -94.62 62.12
CA ARG KB 35 -40.23 -93.33 62.50
C ARG KB 35 -41.00 -92.17 61.90
N ASP KB 36 -42.33 -92.32 61.75
CA ASP KB 36 -43.19 -91.23 61.35
C ASP KB 36 -44.21 -90.90 62.43
N LYS KB 37 -43.94 -91.30 63.68
CA LYS KB 37 -44.82 -91.10 64.83
C LYS KB 37 -46.18 -91.78 64.67
N THR KB 38 -46.31 -92.71 63.72
CA THR KB 38 -47.56 -93.41 63.45
C THR KB 38 -47.32 -94.91 63.45
N ILE KB 39 -48.30 -95.64 63.98
CA ILE KB 39 -48.24 -97.09 64.07
C ILE KB 39 -49.37 -97.65 63.20
N ILE KB 40 -49.01 -98.51 62.26
CA ILE KB 40 -49.94 -99.04 61.27
C ILE KB 40 -50.19 -100.50 61.58
N MET KB 41 -51.46 -100.88 61.70
CA MET KB 41 -51.84 -102.28 61.83
C MET KB 41 -52.33 -102.79 60.48
N TRP KB 42 -51.95 -104.02 60.16
CA TRP KB 42 -52.15 -104.57 58.83
C TRP KB 42 -53.08 -105.77 58.89
N LYS KB 43 -54.04 -105.83 57.98
CA LYS KB 43 -54.81 -107.05 57.73
C LYS KB 43 -54.15 -107.85 56.63
N LEU KB 44 -54.02 -109.15 56.86
CA LEU KB 44 -53.26 -110.03 55.97
C LEU KB 44 -54.21 -110.59 54.93
N THR KB 45 -54.28 -109.91 53.78
CA THR KB 45 -55.03 -110.38 52.63
C THR KB 45 -54.01 -111.03 51.69
N ARG KB 46 -53.84 -112.33 51.83
CA ARG KB 46 -52.78 -113.06 51.13
C ARG KB 46 -53.22 -113.34 49.70
N ASP KB 47 -53.16 -112.31 48.87
CA ASP KB 47 -53.51 -112.45 47.46
C ASP KB 47 -52.34 -112.02 46.59
N GLU KB 48 -52.51 -112.08 45.26
CA GLU KB 48 -51.42 -111.76 44.35
C GLU KB 48 -51.22 -110.27 44.14
N THR KB 49 -52.19 -109.44 44.54
CA THR KB 49 -52.03 -108.00 44.41
C THR KB 49 -51.09 -107.47 45.48
N ASN KB 50 -51.48 -107.60 46.74
CA ASN KB 50 -50.60 -107.32 47.87
C ASN KB 50 -50.84 -108.36 48.95
N TYR KB 51 -49.83 -108.57 49.80
CA TYR KB 51 -49.94 -109.62 50.79
C TYR KB 51 -50.67 -109.16 52.04
N GLY KB 52 -50.65 -107.85 52.31
CA GLY KB 52 -51.35 -107.30 53.45
C GLY KB 52 -51.88 -105.92 53.13
N ILE KB 53 -52.62 -105.36 54.08
CA ILE KB 53 -53.21 -104.03 53.89
C ILE KB 53 -53.45 -103.38 55.25
N PRO KB 54 -53.18 -102.08 55.38
CA PRO KB 54 -53.43 -101.40 56.66
C PRO KB 54 -54.92 -101.35 57.00
N GLN KB 55 -55.22 -101.33 58.29
CA GLN KB 55 -56.60 -101.23 58.75
C GLN KB 55 -56.84 -100.11 59.74
N ARG KB 56 -55.86 -99.76 60.56
CA ARG KB 56 -55.98 -98.63 61.47
C ARG KB 56 -54.60 -98.05 61.73
N ALA KB 57 -54.56 -96.73 61.92
CA ALA KB 57 -53.32 -96.01 62.18
C ALA KB 57 -53.39 -95.41 63.58
N LEU KB 58 -52.30 -95.54 64.33
CA LEU KB 58 -52.23 -95.11 65.72
C LEU KB 58 -51.36 -93.86 65.80
N ARG KB 59 -51.99 -92.72 66.08
CA ARG KB 59 -51.30 -91.44 66.12
C ARG KB 59 -51.43 -90.82 67.51
N GLY KB 60 -50.41 -90.08 67.90
CA GLY KB 60 -50.36 -89.50 69.23
C GLY KB 60 -48.95 -89.41 69.78
N HIS KB 61 -48.01 -90.02 69.07
CA HIS KB 61 -46.61 -89.93 69.44
C HIS KB 61 -46.01 -88.64 68.90
N SER KB 62 -45.23 -87.96 69.73
CA SER KB 62 -44.63 -86.69 69.33
C SER KB 62 -43.32 -86.87 68.56
N HIS KB 63 -42.74 -88.06 68.57
CA HIS KB 63 -41.45 -88.27 67.92
C HIS KB 63 -41.40 -89.74 67.51
N PHE KB 64 -40.20 -90.21 67.15
CA PHE KB 64 -40.05 -91.55 66.59
C PHE KB 64 -40.46 -92.62 67.59
N VAL KB 65 -41.22 -93.58 67.11
CA VAL KB 65 -41.74 -94.67 67.94
C VAL KB 65 -40.79 -95.85 67.81
N SER KB 66 -40.14 -96.20 68.91
CA SER KB 66 -39.16 -97.29 68.87
C SER KB 66 -39.84 -98.65 68.99
N ASP KB 67 -40.51 -98.89 70.11
CA ASP KB 67 -40.99 -100.21 70.46
C ASP KB 67 -42.50 -100.23 70.51
N VAL KB 68 -43.08 -101.28 69.91
CA VAL KB 68 -44.50 -101.59 70.06
C VAL KB 68 -44.62 -103.07 70.40
N VAL KB 69 -45.44 -103.36 71.40
CA VAL KB 69 -45.61 -104.73 71.89
C VAL KB 69 -47.10 -104.98 72.07
N ILE KB 70 -47.54 -106.17 71.68
CA ILE KB 70 -48.93 -106.57 71.81
C ILE KB 70 -49.24 -106.93 73.26
N SER KB 71 -50.51 -107.26 73.51
CA SER KB 71 -50.87 -107.96 74.73
C SER KB 71 -51.18 -109.41 74.39
N SER KB 72 -51.37 -110.22 75.44
CA SER KB 72 -51.70 -111.63 75.23
C SER KB 72 -53.06 -111.79 74.57
N ASP KB 73 -54.05 -111.02 75.02
CA ASP KB 73 -55.37 -111.09 74.41
C ASP KB 73 -55.41 -110.42 73.04
N GLY KB 74 -54.46 -109.54 72.77
CA GLY KB 74 -54.48 -108.76 71.55
C GLY KB 74 -55.39 -107.56 71.57
N GLN KB 75 -56.06 -107.30 72.69
CA GLN KB 75 -56.93 -106.13 72.76
C GLN KB 75 -56.15 -104.86 73.06
N PHE KB 76 -54.87 -104.98 73.40
CA PHE KB 76 -54.05 -103.82 73.66
C PHE KB 76 -52.70 -103.98 73.01
N ALA KB 77 -52.15 -102.85 72.55
CA ALA KB 77 -50.77 -102.80 72.07
C ALA KB 77 -50.09 -101.63 72.74
N LEU KB 78 -48.98 -101.89 73.41
CA LEU KB 78 -48.25 -100.88 74.16
C LEU KB 78 -47.18 -100.29 73.26
N SER KB 79 -47.03 -98.97 73.32
CA SER KB 79 -46.10 -98.25 72.45
C SER KB 79 -45.27 -97.27 73.26
N GLY KB 80 -43.97 -97.26 72.99
CA GLY KB 80 -43.04 -96.30 73.57
C GLY KB 80 -42.20 -95.63 72.52
N SER KB 81 -42.13 -94.32 72.54
CA SER KB 81 -41.52 -93.56 71.46
C SER KB 81 -40.36 -92.74 71.99
N TRP KB 82 -39.77 -91.96 71.08
CA TRP KB 82 -38.73 -91.02 71.48
C TRP KB 82 -39.30 -89.82 72.23
N ASP KB 83 -40.62 -89.69 72.27
CA ASP KB 83 -41.26 -88.57 72.94
C ASP KB 83 -41.08 -88.59 74.45
N GLY KB 84 -40.57 -89.68 75.02
CA GLY KB 84 -40.46 -89.83 76.45
C GLY KB 84 -41.72 -90.31 77.12
N THR KB 85 -42.79 -90.56 76.36
CA THR KB 85 -44.05 -91.04 76.91
C THR KB 85 -44.39 -92.39 76.29
N LEU KB 86 -44.87 -93.29 77.13
CA LEU KB 86 -45.37 -94.58 76.68
C LEU KB 86 -46.89 -94.51 76.58
N ARG KB 87 -47.42 -94.96 75.45
CA ARG KB 87 -48.86 -94.89 75.21
C ARG KB 87 -49.42 -96.30 75.09
N LEU KB 88 -50.51 -96.54 75.81
CA LEU KB 88 -51.24 -97.80 75.77
C LEU KB 88 -52.46 -97.61 74.88
N TRP KB 89 -52.63 -98.50 73.91
CA TRP KB 89 -53.63 -98.32 72.86
C TRP KB 89 -54.60 -99.49 72.91
N ASP KB 90 -55.86 -99.22 72.60
CA ASP KB 90 -56.84 -100.28 72.40
C ASP KB 90 -57.03 -100.53 70.91
N LEU KB 91 -57.04 -101.79 70.53
CA LEU KB 91 -57.10 -102.16 69.12
C LEU KB 91 -58.50 -102.04 68.55
N THR KB 92 -59.52 -101.95 69.41
CA THR KB 92 -60.88 -101.80 68.92
C THR KB 92 -61.08 -100.45 68.24
N THR KB 93 -60.61 -99.38 68.88
CA THR KB 93 -60.83 -98.03 68.38
C THR KB 93 -59.55 -97.27 68.08
N GLY KB 94 -58.37 -97.85 68.30
CA GLY KB 94 -57.13 -97.20 67.99
C GLY KB 94 -56.88 -95.92 68.77
N THR KB 95 -57.11 -95.98 70.09
CA THR KB 95 -57.05 -94.80 70.93
C THR KB 95 -56.09 -95.03 72.09
N THR KB 96 -55.37 -93.97 72.46
CA THR KB 96 -54.48 -94.02 73.62
C THR KB 96 -55.32 -93.99 74.90
N THR KB 97 -55.38 -95.13 75.60
CA THR KB 97 -56.13 -95.19 76.84
C THR KB 97 -55.29 -94.88 78.06
N ARG KB 98 -53.96 -94.91 77.93
CA ARG KB 98 -53.07 -94.68 79.05
C ARG KB 98 -51.80 -94.02 78.56
N ARG KB 99 -51.24 -93.12 79.37
CA ARG KB 99 -49.94 -92.53 79.09
C ARG KB 99 -49.02 -92.74 80.27
N PHE KB 100 -47.81 -93.22 80.00
CA PHE KB 100 -46.78 -93.44 81.00
C PHE KB 100 -45.71 -92.39 80.82
N VAL KB 101 -45.41 -91.66 81.89
CA VAL KB 101 -44.40 -90.60 81.83
C VAL KB 101 -43.42 -90.80 82.98
N GLY KB 102 -42.21 -90.29 82.77
CA GLY KB 102 -41.14 -90.48 83.74
C GLY KB 102 -39.77 -90.60 83.11
N HIS KB 103 -39.69 -91.05 81.86
CA HIS KB 103 -38.43 -91.02 81.16
C HIS KB 103 -38.22 -89.64 80.54
N THR KB 104 -37.11 -89.01 80.88
CA THR KB 104 -36.80 -87.66 80.42
C THR KB 104 -36.25 -87.64 79.00
N LYS KB 105 -35.99 -88.80 78.40
CA LYS KB 105 -35.29 -88.88 77.14
C LYS KB 105 -36.04 -89.85 76.24
N ASP KB 106 -35.43 -90.19 75.11
CA ASP KB 106 -36.07 -91.05 74.12
C ASP KB 106 -36.23 -92.45 74.70
N VAL KB 107 -37.44 -92.97 74.66
CA VAL KB 107 -37.70 -94.33 75.11
C VAL KB 107 -37.52 -95.27 73.94
N LEU KB 108 -36.61 -96.23 74.07
CA LEU KB 108 -36.27 -97.14 73.00
C LEU KB 108 -36.84 -98.53 73.15
N SER KB 109 -37.12 -98.97 74.37
CA SER KB 109 -37.59 -100.32 74.59
C SER KB 109 -38.72 -100.30 75.60
N VAL KB 110 -39.76 -101.07 75.31
CA VAL KB 110 -40.84 -101.31 76.25
C VAL KB 110 -41.07 -102.80 76.31
N ALA KB 111 -41.70 -103.27 77.38
CA ALA KB 111 -41.96 -104.69 77.51
C ALA KB 111 -43.23 -104.92 78.30
N PHE KB 112 -43.96 -105.95 77.92
CA PHE KB 112 -45.24 -106.31 78.51
C PHE KB 112 -45.13 -107.72 79.09
N SER KB 113 -45.48 -107.87 80.36
CA SER KB 113 -45.26 -109.14 81.05
C SER KB 113 -46.23 -110.20 80.55
N SER KB 114 -45.85 -111.47 80.78
CA SER KB 114 -46.66 -112.59 80.34
C SER KB 114 -47.98 -112.65 81.09
N ASP KB 115 -47.98 -112.26 82.37
CA ASP KB 115 -49.22 -112.17 83.12
C ASP KB 115 -49.99 -110.88 82.81
N ASN KB 116 -49.41 -110.01 81.97
CA ASN KB 116 -50.06 -108.81 81.48
C ASN KB 116 -50.35 -107.83 82.62
N ARG KB 117 -49.44 -107.80 83.59
CA ARG KB 117 -49.61 -106.96 84.77
C ARG KB 117 -48.41 -106.04 84.95
N GLN KB 118 -47.25 -106.48 84.49
CA GLN KB 118 -46.00 -105.74 84.70
C GLN KB 118 -45.54 -105.13 83.38
N ILE KB 119 -45.12 -103.87 83.46
CA ILE KB 119 -44.68 -103.09 82.31
C ILE KB 119 -43.34 -102.46 82.65
N VAL KB 120 -42.34 -102.68 81.80
CA VAL KB 120 -41.01 -102.13 82.01
C VAL KB 120 -40.54 -101.48 80.70
N SER KB 121 -39.81 -100.38 80.83
CA SER KB 121 -39.37 -99.60 79.68
C SER KB 121 -37.91 -99.22 79.83
N GLY KB 122 -37.25 -98.99 78.70
CA GLY KB 122 -35.87 -98.53 78.68
C GLY KB 122 -35.67 -97.34 77.78
N SER KB 123 -35.00 -96.30 78.27
CA SER KB 123 -34.85 -95.04 77.56
C SER KB 123 -33.41 -94.59 77.59
N ARG KB 124 -33.13 -93.51 76.85
CA ARG KB 124 -31.80 -92.94 76.73
C ARG KB 124 -31.30 -92.32 78.03
N ASP KB 125 -32.16 -92.10 79.01
CA ASP KB 125 -31.74 -91.61 80.31
C ASP KB 125 -31.03 -92.67 81.13
N LYS KB 126 -30.70 -93.81 80.52
CA LYS KB 126 -30.01 -94.93 81.17
C LYS KB 126 -30.86 -95.53 82.29
N THR KB 127 -32.16 -95.22 82.29
CA THR KB 127 -33.00 -95.51 83.43
C THR KB 127 -34.02 -96.56 83.04
N ILE KB 128 -34.19 -97.55 83.89
CA ILE KB 128 -35.17 -98.60 83.69
C ILE KB 128 -36.32 -98.35 84.66
N LYS KB 129 -37.54 -98.32 84.11
CA LYS KB 129 -38.72 -97.99 84.89
C LYS KB 129 -39.73 -99.11 84.78
N LEU KB 130 -40.38 -99.41 85.90
CA LEU KB 130 -41.36 -100.49 85.99
C LEU KB 130 -42.73 -99.88 86.20
N TRP KB 131 -43.74 -100.40 85.49
CA TRP KB 131 -45.05 -99.78 85.43
C TRP KB 131 -46.14 -100.80 85.69
N ASN KB 132 -47.34 -100.27 85.96
CA ASN KB 132 -48.54 -101.06 86.07
C ASN KB 132 -49.43 -100.80 84.85
N THR KB 133 -50.60 -101.45 84.85
CA THR KB 133 -51.57 -101.20 83.80
C THR KB 133 -52.16 -99.80 83.92
N LEU KB 134 -52.30 -99.30 85.15
CA LEU KB 134 -52.98 -98.03 85.39
C LEU KB 134 -52.12 -96.82 85.07
N GLY KB 135 -50.84 -97.01 84.74
CA GLY KB 135 -49.99 -95.92 84.31
C GLY KB 135 -48.99 -95.43 85.33
N VAL KB 136 -48.80 -96.14 86.44
CA VAL KB 136 -47.98 -95.67 87.54
C VAL KB 136 -46.62 -96.35 87.46
N CYS KB 137 -45.55 -95.55 87.48
CA CYS KB 137 -44.20 -96.08 87.56
C CYS KB 137 -43.97 -96.59 88.98
N LYS KB 138 -44.19 -97.88 89.19
CA LYS KB 138 -44.06 -98.44 90.52
C LYS KB 138 -42.62 -98.40 91.02
N TYR KB 139 -41.67 -98.83 90.19
CA TYR KB 139 -40.26 -98.78 90.55
C TYR KB 139 -39.43 -98.18 89.43
N THR KB 140 -38.37 -97.51 89.82
CA THR KB 140 -37.36 -96.97 88.90
C THR KB 140 -36.06 -97.70 89.21
N VAL KB 141 -35.51 -98.42 88.23
CA VAL KB 141 -34.24 -99.11 88.41
C VAL KB 141 -33.12 -98.16 88.03
N GLN KB 142 -32.48 -97.55 89.02
CA GLN KB 142 -31.36 -96.65 88.79
C GLN KB 142 -30.07 -97.11 89.42
N ASP KB 143 -30.12 -97.82 90.55
CA ASP KB 143 -28.90 -98.27 91.21
C ASP KB 143 -28.32 -99.45 90.47
N GLU KB 144 -27.00 -99.39 90.23
CA GLU KB 144 -26.27 -100.47 89.55
C GLU KB 144 -26.85 -100.76 88.17
N SER KB 145 -27.30 -99.71 87.49
CA SER KB 145 -27.90 -99.83 86.17
C SER KB 145 -26.81 -99.78 85.11
N HIS KB 146 -27.21 -99.74 83.84
CA HIS KB 146 -26.26 -99.55 82.75
C HIS KB 146 -25.59 -98.19 82.86
N SER KB 147 -24.28 -98.16 82.66
CA SER KB 147 -23.56 -96.89 82.65
C SER KB 147 -23.88 -96.07 81.40
N GLU KB 148 -24.50 -96.69 80.41
CA GLU KB 148 -24.93 -96.03 79.17
C GLU KB 148 -26.41 -96.31 78.96
N TRP KB 149 -26.89 -96.03 77.75
CA TRP KB 149 -28.30 -96.22 77.39
C TRP KB 149 -28.77 -97.66 77.64
N VAL KB 150 -30.09 -97.83 77.75
CA VAL KB 150 -30.70 -99.14 77.80
C VAL KB 150 -31.41 -99.36 76.48
N SER KB 151 -30.99 -100.41 75.76
CA SER KB 151 -31.43 -100.57 74.38
C SER KB 151 -32.65 -101.48 74.23
N CYS KB 152 -32.65 -102.64 74.87
CA CYS KB 152 -33.74 -103.58 74.71
C CYS KB 152 -34.04 -104.28 76.02
N VAL KB 153 -35.32 -104.30 76.41
CA VAL KB 153 -35.78 -104.96 77.62
C VAL KB 153 -36.80 -106.02 77.22
N ARG KB 154 -36.66 -107.23 77.79
CA ARG KB 154 -37.56 -108.33 77.46
C ARG KB 154 -37.87 -109.11 78.72
N PHE KB 155 -39.13 -109.52 78.87
CA PHE KB 155 -39.49 -110.46 79.91
C PHE KB 155 -39.13 -111.88 79.49
N SER KB 156 -38.95 -112.73 80.48
CA SER KB 156 -38.81 -114.16 80.24
C SER KB 156 -40.19 -114.75 79.98
N PRO KB 157 -40.38 -115.49 78.88
CA PRO KB 157 -41.72 -116.00 78.55
C PRO KB 157 -42.30 -116.91 79.61
N ASN KB 158 -41.46 -117.59 80.39
CA ASN KB 158 -41.92 -118.48 81.42
C ASN KB 158 -42.64 -117.71 82.53
N SER KB 159 -43.78 -118.25 82.98
CA SER KB 159 -44.49 -117.63 84.09
C SER KB 159 -43.71 -117.76 85.38
N SER KB 160 -42.94 -118.84 85.54
CA SER KB 160 -42.07 -118.98 86.69
C SER KB 160 -40.90 -118.00 86.59
N ASN KB 161 -40.02 -118.05 87.61
CA ASN KB 161 -38.78 -117.30 87.79
C ASN KB 161 -38.80 -115.92 87.14
N PRO KB 162 -39.68 -115.02 87.59
CA PRO KB 162 -39.89 -113.77 86.86
C PRO KB 162 -38.65 -112.89 86.81
N ILE KB 163 -38.04 -112.80 85.63
CA ILE KB 163 -36.83 -112.01 85.42
C ILE KB 163 -36.93 -111.29 84.08
N ILE KB 164 -36.09 -110.28 83.92
CA ILE KB 164 -36.04 -109.45 82.73
C ILE KB 164 -34.60 -109.41 82.25
N VAL KB 165 -34.42 -109.13 80.96
CA VAL KB 165 -33.09 -108.93 80.37
C VAL KB 165 -32.92 -107.46 80.04
N SER KB 166 -31.68 -107.00 80.02
CA SER KB 166 -31.40 -105.58 79.77
C SER KB 166 -30.04 -105.45 79.10
N CYS KB 167 -30.06 -105.03 77.83
CA CYS KB 167 -28.85 -104.73 77.08
C CYS KB 167 -28.81 -103.25 76.76
N GLY KB 168 -27.60 -102.72 76.55
CA GLY KB 168 -27.48 -101.31 76.27
C GLY KB 168 -26.18 -100.88 75.59
N TRP KB 169 -25.87 -99.60 75.69
CA TRP KB 169 -24.68 -99.03 75.08
C TRP KB 169 -23.44 -99.13 75.96
N ASP KB 170 -23.58 -99.73 77.15
CA ASP KB 170 -22.46 -100.00 78.03
C ASP KB 170 -21.82 -101.36 77.75
N LYS KB 171 -22.25 -102.04 76.69
CA LYS KB 171 -21.71 -103.33 76.25
C LYS KB 171 -21.92 -104.43 77.27
N LEU KB 172 -22.90 -104.30 78.16
CA LEU KB 172 -23.19 -105.32 79.16
C LEU KB 172 -24.67 -105.66 79.12
N VAL KB 173 -24.98 -106.95 79.16
CA VAL KB 173 -26.34 -107.42 79.38
C VAL KB 173 -26.50 -107.75 80.86
N LYS KB 174 -27.64 -107.35 81.43
CA LYS KB 174 -27.91 -107.56 82.84
C LYS KB 174 -29.26 -108.22 82.99
N VAL KB 175 -29.37 -109.14 83.96
CA VAL KB 175 -30.62 -109.81 84.25
C VAL KB 175 -31.05 -109.43 85.66
N TRP KB 176 -32.34 -109.11 85.81
CA TRP KB 176 -32.87 -108.57 87.05
C TRP KB 176 -34.06 -109.42 87.48
N ASN KB 177 -34.10 -109.80 88.75
CA ASN KB 177 -35.19 -110.61 89.26
C ASN KB 177 -36.36 -109.74 89.69
N LEU KB 178 -37.55 -110.04 89.15
CA LEU KB 178 -38.75 -109.31 89.50
C LEU KB 178 -39.20 -109.58 90.93
N ALA KB 179 -38.65 -110.60 91.58
CA ALA KB 179 -38.99 -110.84 92.98
C ALA KB 179 -38.51 -109.69 93.86
N ASN KB 180 -37.32 -109.16 93.57
CA ASN KB 180 -36.70 -108.14 94.41
C ASN KB 180 -36.21 -106.93 93.62
N CYS KB 181 -36.45 -106.90 92.30
CA CYS KB 181 -35.98 -105.82 91.43
C CYS KB 181 -34.47 -105.63 91.55
N LYS KB 182 -33.76 -106.74 91.64
CA LYS KB 182 -32.33 -106.71 91.90
C LYS KB 182 -31.57 -107.49 90.84
N LEU KB 183 -30.30 -107.12 90.69
CA LEU KB 183 -29.42 -107.77 89.74
C LEU KB 183 -29.20 -109.22 90.12
N LYS KB 184 -29.14 -110.07 89.09
CA LYS KB 184 -28.95 -111.51 89.29
C LYS KB 184 -27.57 -111.96 88.83
N THR KB 185 -27.20 -111.69 87.57
CA THR KB 185 -25.86 -111.95 87.10
C THR KB 185 -25.56 -111.03 85.92
N ASN KB 186 -24.27 -110.84 85.69
CA ASN KB 186 -23.77 -109.95 84.64
C ASN KB 186 -22.96 -110.77 83.66
N HIS KB 187 -23.23 -110.60 82.37
CA HIS KB 187 -22.54 -111.31 81.31
C HIS KB 187 -21.75 -110.31 80.48
N ILE KB 188 -20.45 -110.52 80.38
CA ILE KB 188 -19.53 -109.55 79.78
C ILE KB 188 -18.89 -110.18 78.56
N GLY KB 189 -18.44 -109.34 77.63
CA GLY KB 189 -17.74 -109.82 76.46
C GLY KB 189 -18.00 -109.00 75.21
N HIS KB 190 -18.95 -108.08 75.28
CA HIS KB 190 -19.30 -107.28 74.12
C HIS KB 190 -18.28 -106.17 73.91
N THR KB 191 -17.77 -106.05 72.68
CA THR KB 191 -16.80 -105.03 72.34
C THR KB 191 -17.44 -103.81 71.68
N GLY KB 192 -18.77 -103.78 71.57
CA GLY KB 192 -19.48 -102.64 71.03
C GLY KB 192 -20.84 -102.53 71.67
N TYR KB 193 -21.48 -101.39 71.44
CA TYR KB 193 -22.78 -101.15 72.04
C TYR KB 193 -23.81 -102.13 71.51
N LEU KB 194 -24.77 -102.47 72.36
CA LEU KB 194 -25.76 -103.50 72.07
C LEU KB 194 -27.05 -102.85 71.58
N ASN KB 195 -27.60 -103.41 70.51
CA ASN KB 195 -28.84 -102.90 69.94
C ASN KB 195 -30.07 -103.66 70.42
N THR KB 196 -29.94 -104.96 70.67
CA THR KB 196 -31.13 -105.75 70.99
C THR KB 196 -30.72 -107.00 71.75
N VAL KB 197 -31.69 -107.58 72.44
CA VAL KB 197 -31.52 -108.82 73.19
C VAL KB 197 -32.87 -109.54 73.20
N THR KB 198 -32.84 -110.85 72.98
CA THR KB 198 -34.06 -111.65 72.86
C THR KB 198 -33.96 -112.89 73.74
N VAL KB 199 -35.12 -113.36 74.20
CA VAL KB 199 -35.20 -114.54 75.04
C VAL KB 199 -35.88 -115.65 74.27
N SER KB 200 -35.30 -116.85 74.32
CA SER KB 200 -35.92 -118.00 73.68
C SER KB 200 -37.21 -118.36 74.39
N PRO KB 201 -38.18 -118.93 73.65
CA PRO KB 201 -39.47 -119.25 74.27
C PRO KB 201 -39.38 -120.22 75.43
N ASP KB 202 -38.35 -121.06 75.49
CA ASP KB 202 -38.17 -121.95 76.63
C ASP KB 202 -37.54 -121.25 77.82
N GLY KB 203 -37.21 -119.97 77.71
CA GLY KB 203 -36.68 -119.21 78.82
C GLY KB 203 -35.32 -119.65 79.31
N SER KB 204 -34.45 -120.08 78.39
CA SER KB 204 -33.10 -120.51 78.74
C SER KB 204 -32.01 -119.85 77.92
N LEU KB 205 -32.35 -119.08 76.90
CA LEU KB 205 -31.38 -118.42 76.03
C LEU KB 205 -31.67 -116.92 75.99
N CYS KB 206 -30.61 -116.12 76.07
CA CYS KB 206 -30.71 -114.67 76.06
C CYS KB 206 -29.72 -114.07 75.07
N ALA KB 207 -29.71 -114.59 73.84
CA ALA KB 207 -28.85 -114.08 72.80
C ALA KB 207 -29.10 -112.60 72.55
N SER KB 208 -28.01 -111.85 72.38
CA SER KB 208 -28.07 -110.41 72.15
C SER KB 208 -27.16 -110.03 70.99
N GLY KB 209 -27.47 -108.91 70.36
CA GLY KB 209 -26.65 -108.41 69.27
C GLY KB 209 -26.52 -106.90 69.33
N GLY KB 210 -25.45 -106.41 68.72
CA GLY KB 210 -25.19 -104.98 68.72
C GLY KB 210 -24.21 -104.54 67.67
N LYS KB 211 -23.36 -103.57 68.02
CA LYS KB 211 -22.40 -103.03 67.06
C LYS KB 211 -21.28 -104.03 66.75
N ASP KB 212 -21.03 -104.96 67.66
CA ASP KB 212 -19.93 -105.92 67.50
C ASP KB 212 -20.12 -106.85 66.32
N GLY KB 213 -21.31 -106.92 65.73
CA GLY KB 213 -21.52 -107.76 64.57
C GLY KB 213 -21.55 -109.23 64.86
N GLN KB 214 -21.70 -109.62 66.12
CA GLN KB 214 -21.60 -111.01 66.53
C GLN KB 214 -22.55 -111.27 67.70
N ALA KB 215 -23.11 -112.47 67.74
CA ALA KB 215 -24.11 -112.84 68.73
C ALA KB 215 -23.48 -113.64 69.86
N MET KB 216 -23.90 -113.34 71.08
CA MET KB 216 -23.39 -113.98 72.29
C MET KB 216 -24.48 -114.82 72.90
N LEU KB 217 -24.21 -116.10 73.09
CA LEU KB 217 -25.19 -117.03 73.66
C LEU KB 217 -24.84 -117.26 75.11
N TRP KB 218 -25.84 -117.20 75.97
CA TRP KB 218 -25.66 -117.34 77.41
C TRP KB 218 -26.62 -118.40 77.93
N ASP KB 219 -26.63 -118.57 79.24
CA ASP KB 219 -27.56 -119.48 79.90
C ASP KB 219 -28.42 -118.72 80.91
N LEU KB 220 -29.67 -119.13 81.03
CA LEU KB 220 -30.58 -118.60 82.03
C LEU KB 220 -30.76 -119.52 83.22
N ASN KB 221 -30.66 -120.83 83.02
CA ASN KB 221 -30.84 -121.77 84.13
C ASN KB 221 -29.76 -121.58 85.18
N GLU KB 222 -28.51 -121.41 84.76
CA GLU KB 222 -27.40 -121.28 85.70
C GLU KB 222 -26.74 -119.91 85.64
N GLY KB 223 -26.51 -119.38 84.44
CA GLY KB 223 -25.89 -118.07 84.31
C GLY KB 223 -24.41 -118.19 84.02
N LYS KB 224 -24.07 -118.12 82.73
CA LYS KB 224 -22.73 -118.40 82.23
C LYS KB 224 -22.73 -118.10 80.74
N HIS KB 225 -21.55 -118.20 80.14
CA HIS KB 225 -21.48 -118.10 78.70
C HIS KB 225 -21.80 -119.45 78.05
N LEU KB 226 -22.52 -119.41 76.93
CA LEU KB 226 -22.92 -120.61 76.22
C LEU KB 226 -22.26 -120.74 74.87
N TYR KB 227 -22.37 -119.73 74.01
CA TYR KB 227 -21.81 -119.82 72.67
C TYR KB 227 -21.54 -118.42 72.14
N THR KB 228 -20.54 -118.32 71.26
CA THR KB 228 -20.17 -117.07 70.60
C THR KB 228 -20.39 -117.24 69.10
N LEU KB 229 -21.41 -116.58 68.58
CA LEU KB 229 -21.72 -116.65 67.15
C LEU KB 229 -21.43 -115.30 66.49
N ASP KB 230 -21.02 -115.37 65.23
CA ASP KB 230 -20.58 -114.19 64.50
C ASP KB 230 -21.44 -113.95 63.28
N GLY KB 231 -21.60 -112.67 62.93
CA GLY KB 231 -22.31 -112.28 61.73
C GLY KB 231 -21.47 -111.36 60.87
N GLY KB 232 -22.00 -111.04 59.70
CA GLY KB 232 -21.24 -110.24 58.74
C GLY KB 232 -20.96 -108.83 59.23
N ASP KB 233 -21.97 -108.17 59.78
CA ASP KB 233 -21.85 -106.78 60.21
C ASP KB 233 -22.79 -106.57 61.39
N ILE KB 234 -23.08 -105.29 61.67
CA ILE KB 234 -23.86 -104.90 62.84
C ILE KB 234 -25.17 -105.69 62.91
N ILE KB 235 -25.56 -106.07 64.12
CA ILE KB 235 -26.77 -106.82 64.37
C ILE KB 235 -27.67 -105.92 65.20
N ASN KB 236 -28.61 -105.25 64.54
CA ASN KB 236 -29.53 -104.35 65.21
C ASN KB 236 -30.84 -105.00 65.59
N ALA KB 237 -31.14 -106.18 65.04
CA ALA KB 237 -32.42 -106.83 65.30
C ALA KB 237 -32.17 -108.30 65.54
N LEU KB 238 -32.89 -108.86 66.50
CA LEU KB 238 -32.77 -110.26 66.89
C LEU KB 238 -34.15 -110.81 67.19
N CYS KB 239 -34.28 -112.13 67.08
CA CYS KB 239 -35.48 -112.83 67.56
C CYS KB 239 -35.23 -114.33 67.48
N PHE KB 240 -35.99 -115.06 68.28
CA PHE KB 240 -36.05 -116.51 68.17
C PHE KB 240 -37.24 -116.94 67.32
N SER KB 241 -37.20 -118.19 66.87
CA SER KB 241 -38.34 -118.79 66.18
C SER KB 241 -39.22 -119.48 67.21
N PRO KB 242 -40.49 -119.12 67.35
CA PRO KB 242 -41.33 -119.71 68.39
C PRO KB 242 -41.55 -121.21 68.22
N ASN KB 243 -41.63 -121.69 66.99
CA ASN KB 243 -41.94 -123.10 66.73
C ASN KB 243 -40.71 -123.98 66.68
N ARG KB 244 -39.52 -123.41 66.62
CA ARG KB 244 -38.29 -124.18 66.43
C ARG KB 244 -37.22 -123.68 67.40
N TYR KB 245 -35.99 -124.16 67.20
CA TYR KB 245 -34.82 -123.59 67.84
C TYR KB 245 -34.06 -122.63 66.92
N TRP KB 246 -34.66 -122.27 65.79
CA TRP KB 246 -34.03 -121.37 64.85
C TRP KB 246 -33.90 -119.97 65.44
N LEU KB 247 -32.81 -119.30 65.09
CA LEU KB 247 -32.60 -117.89 65.44
C LEU KB 247 -32.12 -117.16 64.21
N CYS KB 248 -32.68 -115.99 63.96
CA CYS KB 248 -32.28 -115.13 62.86
C CYS KB 248 -31.94 -113.75 63.38
N ALA KB 249 -31.05 -113.06 62.68
CA ALA KB 249 -30.62 -111.72 63.02
C ALA KB 249 -30.67 -110.84 61.78
N ALA KB 250 -30.67 -109.54 61.99
CA ALA KB 250 -30.60 -108.56 60.90
C ALA KB 250 -29.13 -108.23 60.69
N THR KB 251 -28.53 -108.90 59.71
CA THR KB 251 -27.11 -108.71 59.37
C THR KB 251 -27.01 -107.53 58.40
N GLY KB 252 -27.15 -106.32 58.95
CA GLY KB 252 -27.07 -105.11 58.18
C GLY KB 252 -28.18 -105.01 57.15
N PRO KB 253 -27.82 -105.07 55.87
CA PRO KB 253 -28.81 -105.08 54.80
C PRO KB 253 -29.26 -106.47 54.38
N SER KB 254 -28.86 -107.51 55.11
CA SER KB 254 -29.17 -108.89 54.76
C SER KB 254 -29.67 -109.62 55.99
N ILE KB 255 -30.38 -110.72 55.77
CA ILE KB 255 -30.98 -111.51 56.85
C ILE KB 255 -30.35 -112.88 56.84
N LYS KB 256 -29.87 -113.31 58.01
CA LYS KB 256 -29.23 -114.60 58.18
C LYS KB 256 -29.99 -115.40 59.23
N ILE KB 257 -30.37 -116.63 58.87
CA ILE KB 257 -31.06 -117.54 59.77
C ILE KB 257 -30.10 -118.66 60.15
N TRP KB 258 -30.03 -118.96 61.45
CA TRP KB 258 -29.05 -119.89 61.99
C TRP KB 258 -29.75 -121.11 62.56
N ASP KB 259 -29.12 -122.27 62.41
CA ASP KB 259 -29.48 -123.46 63.17
C ASP KB 259 -28.59 -123.52 64.41
N LEU KB 260 -29.21 -123.41 65.59
CA LEU KB 260 -28.43 -123.43 66.83
C LEU KB 260 -27.81 -124.80 67.09
N GLU KB 261 -28.50 -125.88 66.73
CA GLU KB 261 -27.93 -127.20 66.88
C GLU KB 261 -26.78 -127.42 65.91
N GLY KB 262 -26.93 -126.94 64.67
CA GLY KB 262 -25.88 -127.10 63.68
C GLY KB 262 -24.83 -126.01 63.66
N LYS KB 263 -25.14 -124.83 64.21
CA LYS KB 263 -24.25 -123.68 64.17
C LYS KB 263 -23.81 -123.37 62.73
N ILE KB 264 -24.77 -123.39 61.82
CA ILE KB 264 -24.53 -123.12 60.41
C ILE KB 264 -25.66 -122.26 59.87
N ILE KB 265 -25.35 -121.48 58.83
CA ILE KB 265 -26.38 -120.77 58.08
C ILE KB 265 -27.19 -121.79 57.28
N VAL KB 266 -28.50 -121.74 57.41
CA VAL KB 266 -29.38 -122.52 56.55
C VAL KB 266 -29.88 -121.69 55.36
N ASP KB 267 -29.95 -120.37 55.49
CA ASP KB 267 -30.28 -119.49 54.38
C ASP KB 267 -29.83 -118.08 54.72
N GLU KB 268 -29.58 -117.30 53.68
CA GLU KB 268 -29.29 -115.88 53.80
C GLU KB 268 -30.15 -115.12 52.81
N LEU KB 269 -30.81 -114.06 53.29
CA LEU KB 269 -31.68 -113.24 52.46
C LEU KB 269 -30.99 -111.91 52.23
N LYS KB 270 -30.81 -111.55 50.95
CA LYS KB 270 -29.98 -110.43 50.56
C LYS KB 270 -30.77 -109.32 49.86
N GLN KB 271 -32.09 -109.30 50.04
CA GLN KB 271 -33.02 -108.30 49.52
C GLN KB 271 -33.15 -108.33 48.00
N GLU KB 272 -32.34 -109.14 47.30
CA GLU KB 272 -32.47 -109.35 45.86
C GLU KB 272 -32.37 -108.04 45.08
N VAL KB 273 -31.40 -107.20 45.46
CA VAL KB 273 -31.19 -105.91 44.81
C VAL KB 273 -30.13 -106.05 43.74
N ILE KB 274 -30.45 -105.62 42.53
CA ILE KB 274 -29.51 -105.66 41.42
C ILE KB 274 -29.30 -104.26 40.81
N SER KB 275 -29.63 -103.21 41.57
CA SER KB 275 -29.40 -101.85 41.07
C SER KB 275 -27.91 -101.57 40.93
N THR KB 276 -27.10 -102.12 41.84
CA THR KB 276 -25.64 -102.07 41.88
C THR KB 276 -25.06 -100.72 41.50
N SER KB 277 -25.72 -99.64 41.91
CA SER KB 277 -25.20 -98.30 41.65
C SER KB 277 -23.94 -98.00 42.44
N SER KB 278 -23.72 -98.69 43.56
CA SER KB 278 -22.51 -98.57 44.37
C SER KB 278 -22.29 -97.14 44.86
N LYS KB 279 -23.37 -96.38 45.02
CA LYS KB 279 -23.30 -95.03 45.55
C LYS KB 279 -24.19 -94.88 46.78
N ALA KB 280 -25.27 -95.63 46.85
CA ALA KB 280 -26.11 -95.73 48.04
C ALA KB 280 -25.98 -97.12 48.63
N GLU KB 281 -25.88 -97.20 49.95
CA GLU KB 281 -25.86 -98.50 50.60
C GLU KB 281 -27.26 -99.13 50.54
N PRO KB 282 -27.33 -100.46 50.44
CA PRO KB 282 -28.64 -101.12 50.35
C PRO KB 282 -29.40 -100.95 51.64
N PRO KB 283 -30.73 -101.07 51.59
CA PRO KB 283 -31.54 -100.83 52.80
C PRO KB 283 -31.19 -101.79 53.92
N GLN KB 284 -30.91 -101.22 55.09
CA GLN KB 284 -30.57 -101.99 56.26
C GLN KB 284 -31.85 -102.52 56.90
N CYS KB 285 -31.73 -103.66 57.56
CA CYS KB 285 -32.85 -104.26 58.27
C CYS KB 285 -32.83 -103.77 59.72
N THR KB 286 -33.99 -103.31 60.21
CA THR KB 286 -34.12 -102.81 61.57
C THR KB 286 -35.08 -103.59 62.42
N SER KB 287 -36.14 -104.16 61.84
CA SER KB 287 -37.13 -104.89 62.60
C SER KB 287 -37.19 -106.33 62.11
N LEU KB 288 -37.59 -107.22 63.01
CA LEU KB 288 -37.61 -108.65 62.71
C LEU KB 288 -38.55 -109.34 63.67
N ALA KB 289 -39.59 -110.00 63.14
CA ALA KB 289 -40.57 -110.67 63.99
C ALA KB 289 -41.13 -111.87 63.26
N TRP KB 290 -41.20 -113.00 63.96
CA TRP KB 290 -41.83 -114.20 63.41
C TRP KB 290 -43.33 -114.19 63.66
N SER KB 291 -44.03 -115.07 62.94
CA SER KB 291 -45.44 -115.30 63.17
C SER KB 291 -45.63 -116.27 64.33
N ALA KB 292 -46.89 -116.54 64.65
CA ALA KB 292 -47.19 -117.53 65.69
C ALA KB 292 -46.73 -118.93 65.28
N ASP KB 293 -46.96 -119.28 64.01
CA ASP KB 293 -46.61 -120.62 63.53
C ASP KB 293 -45.12 -120.76 63.25
N GLY KB 294 -44.41 -119.64 63.07
CA GLY KB 294 -43.07 -119.72 62.53
C GLY KB 294 -43.01 -120.03 61.06
N GLN KB 295 -44.14 -119.95 60.36
CA GLN KB 295 -44.16 -120.17 58.91
C GLN KB 295 -43.66 -118.95 58.15
N THR KB 296 -43.98 -117.74 58.61
CA THR KB 296 -43.59 -116.54 57.89
C THR KB 296 -42.93 -115.56 58.85
N LEU KB 297 -41.99 -114.80 58.30
CA LEU KB 297 -41.21 -113.84 59.05
C LEU KB 297 -41.31 -112.47 58.41
N PHE KB 298 -41.29 -111.44 59.24
CA PHE KB 298 -41.35 -110.06 58.78
C PHE KB 298 -40.06 -109.35 59.12
N ALA KB 299 -39.50 -108.62 58.15
CA ALA KB 299 -38.27 -107.88 58.34
C ALA KB 299 -38.51 -106.43 57.92
N GLY KB 300 -38.31 -105.51 58.86
CA GLY KB 300 -38.46 -104.09 58.58
C GLY KB 300 -37.14 -103.50 58.13
N TYR KB 301 -37.22 -102.64 57.12
CA TYR KB 301 -36.05 -102.01 56.53
C TYR KB 301 -36.15 -100.49 56.61
N THR KB 302 -35.07 -99.83 56.18
CA THR KB 302 -34.96 -98.39 56.23
C THR KB 302 -35.59 -97.71 55.03
N ASP KB 303 -36.12 -98.46 54.08
CA ASP KB 303 -36.76 -97.91 52.89
C ASP KB 303 -38.23 -97.59 53.12
N ASN KB 304 -38.64 -97.42 54.37
CA ASN KB 304 -40.04 -97.23 54.75
C ASN KB 304 -40.90 -98.36 54.21
N LEU KB 305 -40.40 -99.58 54.32
CA LEU KB 305 -41.11 -100.75 53.84
C LEU KB 305 -40.71 -101.95 54.68
N VAL KB 306 -41.66 -102.86 54.85
CA VAL KB 306 -41.42 -104.12 55.54
C VAL KB 306 -41.76 -105.26 54.58
N ARG KB 307 -40.91 -106.29 54.60
CA ARG KB 307 -41.03 -107.41 53.68
C ARG KB 307 -41.49 -108.65 54.43
N VAL KB 308 -42.51 -109.30 53.89
CA VAL KB 308 -42.99 -110.58 54.42
C VAL KB 308 -42.23 -111.69 53.72
N TRP KB 309 -41.68 -112.61 54.50
CA TRP KB 309 -40.90 -113.72 53.99
C TRP KB 309 -41.66 -115.01 54.20
N GLN KB 310 -41.57 -115.92 53.23
CA GLN KB 310 -42.26 -117.19 53.29
C GLN KB 310 -41.26 -118.32 53.15
N VAL KB 311 -41.45 -119.36 53.94
CA VAL KB 311 -40.58 -120.53 53.90
C VAL KB 311 -41.07 -121.48 52.81
N THR KB 312 -40.14 -122.11 52.11
CA THR KB 312 -40.51 -123.14 51.16
C THR KB 312 -40.82 -124.44 51.88
N ILE KB 313 -41.95 -125.05 51.52
CA ILE KB 313 -42.34 -126.32 52.11
C ILE KB 313 -41.40 -127.42 51.65
N GLY LB 1 36.09 -95.94 56.85
CA GLY LB 1 36.47 -97.20 57.46
C GLY LB 1 37.56 -97.92 56.68
N ALA LB 2 38.80 -97.68 57.06
CA ALA LB 2 39.95 -98.27 56.39
C ALA LB 2 40.27 -99.67 56.89
N LEU LB 3 39.52 -100.17 57.85
CA LEU LB 3 39.82 -101.46 58.45
C LEU LB 3 39.36 -102.59 57.55
N ASP LB 4 40.02 -103.74 57.71
CA ASP LB 4 39.67 -104.93 56.93
C ASP LB 4 38.31 -105.49 57.31
N VAL LB 5 37.94 -105.41 58.60
CA VAL LB 5 36.60 -105.80 59.00
C VAL LB 5 35.58 -104.81 58.45
N LEU LB 6 35.98 -103.55 58.27
CA LEU LB 6 35.11 -102.53 57.73
C LEU LB 6 35.20 -102.46 56.21
N GLN LB 7 34.93 -103.59 55.56
CA GLN LB 7 34.97 -103.69 54.12
C GLN LB 7 33.64 -104.23 53.61
N MET LB 8 33.29 -103.85 52.39
CA MET LB 8 32.07 -104.34 51.76
C MET LB 8 32.19 -105.84 51.51
N LYS LB 9 31.07 -106.55 51.68
CA LYS LB 9 31.02 -107.98 51.44
C LYS LB 9 30.30 -108.25 50.13
N GLU LB 10 30.51 -109.45 49.58
CA GLU LB 10 29.91 -109.80 48.30
C GLU LB 10 28.39 -109.84 48.38
N GLU LB 11 27.84 -110.21 49.53
CA GLU LB 11 26.39 -110.15 49.70
C GLU LB 11 25.89 -108.72 49.59
N ASP LB 12 26.62 -107.77 50.19
CA ASP LB 12 26.27 -106.37 50.03
C ASP LB 12 26.32 -105.96 48.57
N VAL LB 13 27.34 -106.44 47.85
CA VAL LB 13 27.43 -106.16 46.41
C VAL LB 13 26.20 -106.68 45.68
N LEU LB 14 25.76 -107.89 46.05
CA LEU LB 14 24.57 -108.46 45.43
C LEU LB 14 23.35 -107.60 45.70
N LYS LB 15 23.19 -107.16 46.94
CA LYS LB 15 22.09 -106.26 47.29
C LYS LB 15 22.14 -105.01 46.43
N PHE LB 16 23.32 -104.40 46.33
CA PHE LB 16 23.48 -103.12 45.66
C PHE LB 16 23.17 -103.26 44.17
N LEU LB 17 23.64 -104.33 43.55
CA LEU LB 17 23.39 -104.51 42.12
C LEU LB 17 21.94 -104.87 41.85
N ALA LB 18 21.32 -105.65 42.74
CA ALA LB 18 19.91 -105.96 42.55
C ALA LB 18 19.04 -104.72 42.67
N ALA LB 19 19.33 -103.86 43.66
CA ALA LB 19 18.53 -102.66 43.84
C ALA LB 19 18.94 -101.54 42.90
N GLY LB 20 20.05 -101.68 42.19
CA GLY LB 20 20.52 -100.61 41.34
C GLY LB 20 21.48 -99.69 42.08
N THR LB 21 20.95 -98.59 42.61
CA THR LB 21 21.61 -97.63 43.50
C THR LB 21 22.98 -97.20 42.99
N HIS LB 22 23.21 -97.41 41.70
CA HIS LB 22 24.38 -96.92 41.01
C HIS LB 22 24.05 -96.30 39.67
N LEU LB 23 22.82 -96.47 39.19
CA LEU LB 23 22.35 -95.82 37.96
C LEU LB 23 21.81 -94.45 38.33
N GLY LB 24 22.63 -93.42 38.13
CA GLY LB 24 22.24 -92.06 38.45
C GLY LB 24 21.44 -91.43 37.33
N GLY LB 25 21.34 -90.10 37.41
CA GLY LB 25 20.65 -89.35 36.39
C GLY LB 25 21.50 -89.16 35.15
N THR LB 26 20.93 -88.44 34.18
CA THR LB 26 21.65 -88.09 32.97
C THR LB 26 22.47 -86.82 33.11
N ASN LB 27 22.33 -86.11 34.23
CA ASN LB 27 23.08 -84.88 34.48
C ASN LB 27 23.88 -85.04 35.76
N LEU LB 28 25.02 -84.37 35.81
CA LEU LB 28 25.96 -84.52 36.92
C LEU LB 28 26.31 -83.17 37.51
N ASP LB 29 26.18 -83.06 38.83
CA ASP LB 29 26.69 -81.91 39.55
C ASP LB 29 28.20 -81.94 39.53
N PHE LB 30 28.80 -80.75 39.34
CA PHE LB 30 30.25 -80.67 39.35
C PHE LB 30 30.83 -81.05 40.70
N GLN LB 31 30.06 -80.88 41.76
CA GLN LB 31 30.49 -81.28 43.10
C GLN LB 31 30.26 -82.77 43.36
N MET LB 32 29.44 -83.43 42.55
CA MET LB 32 29.24 -84.87 42.63
C MET LB 32 30.14 -85.64 41.70
N GLU LB 33 30.98 -84.94 40.92
CA GLU LB 33 31.78 -85.61 39.89
C GLU LB 33 32.81 -86.56 40.49
N GLN LB 34 33.31 -86.25 41.68
CA GLN LB 34 34.37 -87.05 42.28
C GLN LB 34 33.90 -88.43 42.74
N TYR LB 35 32.60 -88.68 42.76
CA TYR LB 35 32.07 -89.98 43.14
C TYR LB 35 31.61 -90.81 41.95
N ILE LB 36 31.87 -90.36 40.74
CA ILE LB 36 31.34 -91.00 39.54
C ILE LB 36 32.42 -91.86 38.92
N TYR LB 37 32.08 -93.13 38.67
CA TYR LB 37 32.98 -94.01 37.93
C TYR LB 37 33.05 -93.62 36.45
N LYS LB 38 31.91 -93.65 35.77
CA LYS LB 38 31.88 -93.48 34.32
C LYS LB 38 30.47 -93.13 33.90
N ARG LB 39 30.36 -92.57 32.70
CA ARG LB 39 29.08 -92.31 32.07
C ARG LB 39 28.86 -93.36 30.98
N LYS LB 40 27.73 -94.04 31.03
CA LYS LB 40 27.47 -95.08 30.06
C LYS LB 40 27.06 -94.48 28.72
N SER LB 41 26.85 -95.35 27.73
CA SER LB 41 26.26 -94.94 26.47
C SER LB 41 24.79 -94.56 26.63
N ASP LB 42 24.17 -94.95 27.74
CA ASP LB 42 22.81 -94.51 28.05
C ASP LB 42 22.77 -93.07 28.53
N GLY LB 43 23.92 -92.46 28.80
CA GLY LB 43 23.94 -91.19 29.48
C GLY LB 43 23.78 -91.28 30.98
N ILE LB 44 23.61 -92.48 31.51
CA ILE LB 44 23.43 -92.68 32.93
C ILE LB 44 24.80 -92.73 33.59
N TYR LB 45 24.96 -91.98 34.68
CA TYR LB 45 26.25 -91.89 35.34
C TYR LB 45 26.42 -93.02 36.34
N ILE LB 46 27.51 -93.76 36.21
CA ILE LB 46 27.80 -94.90 37.07
C ILE LB 46 28.57 -94.41 38.28
N ILE LB 47 28.11 -94.79 39.46
CA ILE LB 47 28.65 -94.31 40.71
C ILE LB 47 29.58 -95.36 41.30
N ASN LB 48 30.73 -94.90 41.80
CA ASN LB 48 31.63 -95.79 42.51
C ASN LB 48 30.98 -96.29 43.79
N LEU LB 49 30.82 -97.62 43.89
CA LEU LB 49 30.19 -98.19 45.07
C LEU LB 49 31.13 -98.21 46.26
N LYS LB 50 32.44 -98.32 46.03
CA LYS LB 50 33.38 -98.28 47.14
C LYS LB 50 33.36 -96.92 47.82
N ARG LB 51 33.32 -95.86 47.03
CA ARG LB 51 33.24 -94.51 47.59
C ARG LB 51 31.94 -94.34 48.37
N THR LB 52 30.84 -94.88 47.85
CA THR LB 52 29.56 -94.82 48.55
C THR LB 52 29.64 -95.57 49.88
N TRP LB 53 30.29 -96.72 49.88
CA TRP LB 53 30.47 -97.49 51.11
C TRP LB 53 31.27 -96.70 52.12
N GLU LB 54 32.35 -96.04 51.67
CA GLU LB 54 33.14 -95.23 52.59
C GLU LB 54 32.32 -94.08 53.17
N LYS LB 55 31.50 -93.44 52.33
CA LYS LB 55 30.65 -92.37 52.83
C LYS LB 55 29.64 -92.89 53.85
N LEU LB 56 29.10 -94.08 53.60
CA LEU LB 56 28.18 -94.66 54.58
C LEU LB 56 28.89 -94.97 55.89
N LEU LB 57 30.12 -95.45 55.82
CA LEU LB 57 30.89 -95.68 57.05
C LEU LB 57 31.11 -94.37 57.80
N LEU LB 58 31.45 -93.30 57.08
CA LEU LB 58 31.63 -92.01 57.72
C LEU LB 58 30.33 -91.53 58.37
N ALA LB 59 29.21 -91.71 57.69
CA ALA LB 59 27.93 -91.32 58.25
C ALA LB 59 27.63 -92.12 59.50
N ALA LB 60 27.92 -93.42 59.50
CA ALA LB 60 27.70 -94.24 60.68
C ALA LB 60 28.58 -93.78 61.84
N ARG LB 61 29.83 -93.41 61.55
CA ARG LB 61 30.70 -92.88 62.60
C ARG LB 61 30.13 -91.59 63.16
N ALA LB 62 29.63 -90.72 62.28
CA ALA LB 62 29.03 -89.47 62.75
C ALA LB 62 27.81 -89.74 63.61
N ILE LB 63 27.00 -90.74 63.22
CA ILE LB 63 25.78 -91.04 63.97
C ILE LB 63 26.12 -91.61 65.35
N VAL LB 64 27.04 -92.58 65.40
CA VAL LB 64 27.39 -93.17 66.68
C VAL LB 64 28.19 -92.22 67.56
N ALA LB 65 28.63 -91.09 67.02
CA ALA LB 65 29.19 -90.05 67.87
C ALA LB 65 28.16 -89.40 68.76
N ILE LB 66 26.89 -89.46 68.38
CA ILE LB 66 25.82 -88.79 69.13
C ILE LB 66 25.39 -89.70 70.27
N GLU LB 67 25.36 -89.14 71.47
CA GLU LB 67 25.05 -89.93 72.66
C GLU LB 67 23.57 -90.31 72.70
N ASN LB 68 22.70 -89.35 72.44
CA ASN LB 68 21.26 -89.59 72.50
C ASN LB 68 20.77 -90.02 71.13
N PRO LB 69 20.23 -91.23 70.99
CA PRO LB 69 19.62 -91.61 69.70
C PRO LB 69 18.42 -90.76 69.34
N ALA LB 70 17.79 -90.10 70.31
CA ALA LB 70 16.66 -89.23 70.02
C ALA LB 70 17.08 -87.85 69.52
N ASP LB 71 18.35 -87.48 69.68
CA ASP LB 71 18.79 -86.16 69.24
C ASP LB 71 19.00 -86.07 67.74
N VAL LB 72 18.76 -87.14 66.99
CA VAL LB 72 18.89 -87.14 65.54
C VAL LB 72 17.51 -87.28 64.94
N SER LB 73 17.29 -86.66 63.78
CA SER LB 73 16.03 -86.72 63.08
C SER LB 73 16.23 -87.19 61.65
N VAL LB 74 15.27 -87.94 61.13
CA VAL LB 74 15.29 -88.44 59.77
C VAL LB 74 14.06 -87.90 59.05
N ILE LB 75 14.25 -87.40 57.83
CA ILE LB 75 13.19 -86.73 57.09
C ILE LB 75 13.15 -87.28 55.68
N SER LB 76 11.94 -87.58 55.19
CA SER LB 76 11.71 -87.95 53.79
C SER LB 76 10.37 -87.40 53.37
N SER LB 77 10.38 -86.27 52.65
CA SER LB 77 9.13 -85.71 52.14
C SER LB 77 8.52 -86.62 51.10
N ARG LB 78 9.35 -87.22 50.26
CA ARG LB 78 8.85 -88.12 49.23
C ARG LB 78 8.35 -89.42 49.86
N ASN LB 79 7.28 -89.96 49.29
CA ASN LB 79 6.74 -91.24 49.73
C ASN LB 79 7.79 -92.34 49.66
N THR LB 80 8.65 -92.29 48.65
CA THR LB 80 9.74 -93.24 48.49
C THR LB 80 10.82 -92.96 49.55
N GLY LB 81 10.53 -93.41 50.77
CA GLY LB 81 11.44 -93.25 51.87
C GLY LB 81 10.75 -93.03 53.20
N GLN LB 82 9.47 -92.68 53.16
CA GLN LB 82 8.73 -92.48 54.40
C GLN LB 82 8.66 -93.78 55.21
N ARG LB 83 8.37 -94.90 54.54
CA ARG LB 83 8.48 -96.19 55.21
C ARG LB 83 9.90 -96.43 55.68
N ALA LB 84 10.87 -96.11 54.83
CA ALA LB 84 12.27 -96.32 55.19
C ALA LB 84 12.66 -95.50 56.41
N VAL LB 85 12.27 -94.22 56.46
CA VAL LB 85 12.66 -93.41 57.60
C VAL LB 85 11.93 -93.84 58.86
N LEU LB 86 10.68 -94.28 58.74
CA LEU LB 86 9.99 -94.78 59.94
C LEU LB 86 10.68 -96.02 60.49
N LYS LB 87 11.05 -96.95 59.60
CA LYS LB 87 11.73 -98.15 60.08
C LYS LB 87 13.09 -97.82 60.64
N PHE LB 88 13.81 -96.88 60.02
CA PHE LB 88 15.11 -96.50 60.52
C PHE LB 88 15.01 -95.86 61.90
N ALA LB 89 14.02 -95.00 62.09
CA ALA LB 89 13.84 -94.35 63.39
C ALA LB 89 13.43 -95.36 64.44
N ALA LB 90 12.57 -96.32 64.08
CA ALA LB 90 12.20 -97.37 65.02
C ALA LB 90 13.41 -98.21 65.39
N ALA LB 91 14.27 -98.51 64.42
CA ALA LB 91 15.42 -99.37 64.68
C ALA LB 91 16.47 -98.66 65.53
N THR LB 92 16.83 -97.43 65.17
CA THR LB 92 17.93 -96.73 65.81
C THR LB 92 17.48 -95.82 66.94
N GLY LB 93 16.19 -95.80 67.26
CA GLY LB 93 15.72 -94.89 68.29
C GLY LB 93 15.72 -93.43 67.89
N ALA LB 94 15.66 -93.14 66.60
CA ALA LB 94 15.69 -91.76 66.13
C ALA LB 94 14.29 -91.16 66.18
N THR LB 95 14.23 -89.86 65.89
CA THR LB 95 12.97 -89.13 65.86
C THR LB 95 12.56 -88.91 64.41
N PRO LB 96 11.52 -89.55 63.92
CA PRO LB 96 11.20 -89.47 62.49
C PRO LB 96 10.35 -88.26 62.13
N ILE LB 97 10.48 -87.86 60.87
CA ILE LB 97 9.61 -86.85 60.27
C ILE LB 97 9.24 -87.36 58.89
N ALA LB 98 7.95 -87.59 58.67
CA ALA LB 98 7.45 -88.12 57.42
C ALA LB 98 6.42 -87.17 56.82
N GLY LB 99 6.37 -87.15 55.48
CA GLY LB 99 5.40 -86.30 54.82
C GLY LB 99 5.81 -84.84 54.86
N ARG LB 100 4.82 -83.97 55.02
CA ARG LB 100 5.06 -82.54 54.92
C ARG LB 100 5.84 -82.04 56.14
N PHE LB 101 6.91 -81.30 55.87
CA PHE LB 101 7.71 -80.67 56.92
C PHE LB 101 7.23 -79.23 57.05
N THR LB 102 6.57 -78.93 58.16
CA THR LB 102 6.13 -77.58 58.40
C THR LB 102 7.32 -76.65 58.60
N PRO LB 103 7.33 -75.47 58.01
CA PRO LB 103 8.45 -74.55 58.19
C PRO LB 103 8.52 -74.03 59.62
N GLY LB 104 9.73 -73.64 60.02
CA GLY LB 104 9.96 -73.14 61.35
C GLY LB 104 10.10 -74.19 62.42
N THR LB 105 10.15 -75.47 62.04
CA THR LB 105 10.19 -76.54 63.04
C THR LB 105 11.47 -76.48 63.86
N PHE LB 106 12.59 -76.17 63.22
CA PHE LB 106 13.86 -75.98 63.90
C PHE LB 106 14.12 -74.52 64.25
N THR LB 107 13.22 -73.63 63.88
CA THR LB 107 13.52 -72.21 64.06
C THR LB 107 12.49 -71.49 64.91
N ASN LB 108 11.21 -71.73 64.70
CA ASN LB 108 10.15 -71.12 65.50
C ASN LB 108 9.88 -71.99 66.71
N GLN LB 109 10.08 -71.43 67.90
CA GLN LB 109 10.02 -72.18 69.14
C GLN LB 109 8.66 -72.15 69.81
N ILE LB 110 7.74 -71.31 69.34
CA ILE LB 110 6.46 -71.12 70.02
C ILE LB 110 5.61 -72.38 69.96
N GLN LB 111 5.53 -72.99 68.79
CA GLN LB 111 4.70 -74.16 68.60
C GLN LB 111 5.27 -75.36 69.35
N ALA LB 112 4.38 -76.31 69.68
CA ALA LB 112 4.78 -77.52 70.39
C ALA LB 112 5.51 -78.50 69.49
N ALA LB 113 5.28 -78.46 68.19
CA ALA LB 113 6.03 -79.32 67.27
C ALA LB 113 7.48 -78.90 67.13
N PHE LB 114 7.85 -77.74 67.68
CA PHE LB 114 9.23 -77.28 67.66
C PHE LB 114 10.15 -78.30 68.31
N ARG LB 115 11.30 -78.50 67.69
CA ARG LB 115 12.31 -79.42 68.20
C ARG LB 115 13.67 -78.96 67.71
N GLU LB 116 14.71 -79.35 68.45
CA GLU LB 116 16.08 -78.97 68.14
C GLU LB 116 17.02 -80.17 68.24
N PRO LB 117 17.32 -80.81 67.13
CA PRO LB 117 18.16 -82.02 67.14
C PRO LB 117 19.63 -81.64 67.06
N ARG LB 118 20.47 -82.66 67.03
CA ARG LB 118 21.91 -82.48 66.92
C ARG LB 118 22.47 -83.04 65.61
N LEU LB 119 21.60 -83.53 64.72
CA LEU LB 119 22.01 -84.01 63.40
C LEU LB 119 20.79 -83.97 62.48
N LEU LB 120 21.05 -83.73 61.20
CA LEU LB 120 20.01 -83.74 60.17
C LEU LB 120 20.29 -84.89 59.23
N VAL LB 121 19.28 -85.72 58.97
CA VAL LB 121 19.38 -86.82 58.03
C VAL LB 121 18.26 -86.69 57.01
N VAL LB 122 18.63 -86.68 55.73
CA VAL LB 122 17.73 -86.30 54.64
C VAL LB 122 17.88 -87.30 53.50
N THR LB 123 16.75 -87.77 52.96
CA THR LB 123 16.79 -88.68 51.82
C THR LB 123 17.18 -87.95 50.54
N ASP LB 124 16.58 -86.79 50.27
CA ASP LB 124 16.83 -86.09 49.01
C ASP LB 124 17.03 -84.60 49.21
N PRO LB 125 18.05 -84.01 48.60
CA PRO LB 125 18.21 -82.55 48.73
C PRO LB 125 17.09 -81.76 48.09
N ARG LB 126 16.72 -82.09 46.85
CA ARG LB 126 15.75 -81.27 46.13
C ARG LB 126 14.38 -81.32 46.79
N ALA LB 127 13.95 -82.50 47.24
CA ALA LB 127 12.64 -82.59 47.86
C ALA LB 127 12.63 -82.02 49.27
N ASP LB 128 13.76 -82.09 49.98
CA ASP LB 128 13.84 -81.68 51.37
C ASP LB 128 14.70 -80.43 51.51
N HIS LB 129 14.50 -79.48 50.60
CA HIS LB 129 15.23 -78.23 50.67
C HIS LB 129 14.87 -77.42 51.93
N GLN LB 130 13.61 -77.51 52.38
CA GLN LB 130 13.22 -76.72 53.54
C GLN LB 130 13.93 -77.15 54.82
N PRO LB 131 13.96 -78.42 55.22
CA PRO LB 131 14.76 -78.77 56.40
C PRO LB 131 16.23 -78.49 56.20
N LEU LB 132 16.71 -78.60 54.95
CA LEU LB 132 18.09 -78.30 54.64
C LEU LB 132 18.43 -76.85 54.98
N THR LB 133 17.55 -75.93 54.59
CA THR LB 133 17.82 -74.52 54.86
C THR LB 133 17.66 -74.19 56.33
N GLU LB 134 16.69 -74.83 57.00
CA GLU LB 134 16.46 -74.56 58.42
C GLU LB 134 17.67 -74.94 59.26
N ALA LB 135 18.42 -75.97 58.84
CA ALA LB 135 19.58 -76.40 59.59
C ALA LB 135 20.65 -75.34 59.69
N SER LB 136 20.70 -74.42 58.72
CA SER LB 136 21.71 -73.36 58.73
C SER LB 136 21.44 -72.28 59.77
N TYR LB 137 20.29 -72.31 60.41
CA TYR LB 137 19.98 -71.32 61.44
C TYR LB 137 20.16 -71.87 62.85
N VAL LB 138 20.47 -73.16 62.99
CA VAL LB 138 20.50 -73.81 64.28
C VAL LB 138 21.82 -74.57 64.41
N ASN LB 139 22.74 -74.31 63.49
CA ASN LB 139 24.06 -74.93 63.48
C ASN LB 139 23.95 -76.46 63.46
N LEU LB 140 23.16 -76.96 62.52
CA LEU LB 140 22.84 -78.37 62.49
C LEU LB 140 23.66 -79.10 61.45
N PRO LB 141 24.49 -80.07 61.83
CA PRO LB 141 25.15 -80.92 60.83
C PRO LB 141 24.11 -81.77 60.10
N THR LB 142 24.42 -82.10 58.85
CA THR LB 142 23.45 -82.70 57.95
C THR LB 142 24.07 -83.82 57.14
N ILE LB 143 23.37 -84.95 57.05
CA ILE LB 143 23.75 -86.05 56.18
C ILE LB 143 22.63 -86.31 55.19
N ALA LB 144 22.97 -86.40 53.92
CA ALA LB 144 21.98 -86.56 52.87
C ALA LB 144 22.39 -87.68 51.92
N LEU LB 145 21.38 -88.29 51.29
CA LEU LB 145 21.57 -89.40 50.36
C LEU LB 145 21.51 -88.83 48.95
N CYS LB 146 22.61 -88.24 48.51
CA CYS LB 146 22.61 -87.41 47.32
C CYS LB 146 22.78 -88.25 46.06
N ASN LB 147 22.27 -87.71 44.96
CA ASN LB 147 22.41 -88.33 43.65
C ASN LB 147 23.32 -87.47 42.78
N THR LB 148 23.48 -87.88 41.51
CA THR LB 148 24.38 -87.18 40.60
C THR LB 148 23.94 -85.74 40.35
N ASP LB 149 22.63 -85.49 40.36
CA ASP LB 149 22.09 -84.16 40.12
C ASP LB 149 21.67 -83.47 41.42
N SER LB 150 22.02 -84.04 42.55
CA SER LB 150 21.58 -83.49 43.82
C SER LB 150 22.44 -82.29 44.20
N PRO LB 151 21.84 -81.12 44.44
CA PRO LB 151 22.61 -79.96 44.88
C PRO LB 151 23.17 -80.18 46.27
N LEU LB 152 24.28 -79.51 46.55
CA LEU LB 152 25.06 -79.77 47.75
C LEU LB 152 25.29 -78.50 48.56
N ARG LB 153 24.34 -77.58 48.57
CA ARG LB 153 24.56 -76.30 49.22
C ARG LB 153 24.79 -76.47 50.72
N TYR LB 154 23.91 -77.22 51.39
CA TYR LB 154 24.02 -77.43 52.82
C TYR LB 154 24.26 -78.89 53.18
N VAL LB 155 24.84 -79.66 52.26
CA VAL LB 155 25.07 -81.08 52.48
C VAL LB 155 26.49 -81.29 52.96
N ASP LB 156 26.66 -82.10 54.00
CA ASP LB 156 27.94 -82.28 54.66
C ASP LB 156 28.52 -83.67 54.48
N ILE LB 157 27.69 -84.70 54.57
CA ILE LB 157 28.16 -86.09 54.57
C ILE LB 157 27.51 -86.81 53.41
N ALA LB 158 27.38 -86.10 52.29
CA ALA LB 158 26.74 -86.60 51.07
C ALA LB 158 27.17 -88.02 50.74
N ILE LB 159 26.24 -88.95 50.81
CA ILE LB 159 26.47 -90.34 50.40
C ILE LB 159 25.91 -90.51 49.00
N PRO LB 160 26.73 -90.73 48.00
CA PRO LB 160 26.30 -90.77 46.59
C PRO LB 160 25.85 -92.16 46.16
N CYS LB 161 24.61 -92.51 46.47
CA CYS LB 161 24.06 -93.79 46.03
C CYS LB 161 22.89 -93.63 45.08
N ASN LB 162 21.80 -92.99 45.49
CA ASN LB 162 20.61 -92.84 44.66
C ASN LB 162 19.56 -92.05 45.43
N ASN LB 163 18.60 -91.53 44.68
CA ASN LB 163 17.35 -91.06 45.28
C ASN LB 163 16.14 -91.37 44.42
N LYS LB 164 16.29 -92.10 43.32
CA LYS LB 164 15.20 -92.38 42.40
C LYS LB 164 14.57 -93.75 42.61
N GLY LB 165 15.39 -94.79 42.78
CA GLY LB 165 14.86 -96.13 42.96
C GLY LB 165 14.35 -96.32 44.38
N ALA LB 166 13.07 -96.69 44.49
CA ALA LB 166 12.52 -97.01 45.80
C ALA LB 166 13.23 -98.21 46.40
N HIS LB 167 13.57 -99.18 45.57
CA HIS LB 167 14.40 -100.29 46.04
C HIS LB 167 15.74 -99.79 46.55
N SER LB 168 16.35 -98.86 45.82
CA SER LB 168 17.62 -98.29 46.26
C SER LB 168 17.44 -97.56 47.58
N VAL LB 169 16.36 -96.79 47.71
CA VAL LB 169 16.13 -96.02 48.94
C VAL LB 169 15.97 -96.95 50.14
N GLY LB 170 15.15 -97.99 49.98
CA GLY LB 170 14.99 -98.94 51.06
C GLY LB 170 16.28 -99.64 51.41
N LEU LB 171 17.06 -100.02 50.38
CA LEU LB 171 18.31 -100.72 50.64
C LEU LB 171 19.31 -99.82 51.36
N MET LB 172 19.44 -98.57 50.93
CA MET LB 172 20.41 -97.68 51.58
C MET LB 172 20.00 -97.39 53.02
N TRP LB 173 18.70 -97.20 53.27
CA TRP LB 173 18.26 -96.95 54.64
C TRP LB 173 18.48 -98.17 55.53
N TRP LB 174 18.13 -99.35 55.03
CA TRP LB 174 18.34 -100.58 55.79
C TRP LB 174 19.82 -100.83 56.05
N MET LB 175 20.66 -100.61 55.04
CA MET LB 175 22.09 -100.78 55.18
C MET LB 175 22.64 -99.82 56.23
N LEU LB 176 22.18 -98.58 56.21
CA LEU LB 176 22.61 -97.59 57.20
C LEU LB 176 22.22 -98.03 58.60
N ALA LB 177 20.98 -98.50 58.77
CA ALA LB 177 20.56 -98.95 60.09
C ALA LB 177 21.40 -100.12 60.57
N ARG LB 178 21.65 -101.07 59.68
CA ARG LB 178 22.47 -102.22 60.03
C ARG LB 178 23.87 -101.78 60.47
N GLU LB 179 24.47 -100.86 59.72
CA GLU LB 179 25.84 -100.47 60.05
C GLU LB 179 25.90 -99.70 61.35
N VAL LB 180 24.96 -98.78 61.59
CA VAL LB 180 25.00 -98.02 62.83
C VAL LB 180 24.70 -98.92 64.03
N LEU LB 181 23.91 -99.97 63.82
CA LEU LB 181 23.68 -100.90 64.93
C LEU LB 181 24.91 -101.76 65.18
N ARG LB 182 25.57 -102.23 64.11
CA ARG LB 182 26.77 -103.04 64.28
C ARG LB 182 27.91 -102.25 64.90
N MET LB 183 28.00 -100.94 64.62
CA MET LB 183 28.99 -100.12 65.29
C MET LB 183 28.74 -100.10 66.80
N ARG LB 184 27.49 -99.98 67.20
CA ARG LB 184 27.15 -100.04 68.61
C ARG LB 184 27.17 -101.49 69.08
N GLY LB 185 26.93 -101.67 70.38
CA GLY LB 185 26.84 -103.00 70.93
C GLY LB 185 25.47 -103.63 70.69
N THR LB 186 25.08 -103.69 69.42
CA THR LB 186 23.77 -104.22 69.03
C THR LB 186 23.89 -105.52 68.25
N ILE LB 187 24.75 -105.55 67.24
CA ILE LB 187 24.93 -106.72 66.39
C ILE LB 187 26.39 -107.15 66.47
N SER LB 188 26.62 -108.46 66.33
CA SER LB 188 27.92 -109.07 66.59
C SER LB 188 28.84 -109.06 65.37
N ARG LB 189 28.46 -108.35 64.29
CA ARG LB 189 29.28 -108.18 63.09
C ARG LB 189 29.52 -109.48 62.32
N GLU LB 190 29.04 -110.62 62.84
CA GLU LB 190 29.28 -111.91 62.22
C GLU LB 190 28.09 -112.39 61.41
N HIS LB 191 27.00 -112.54 62.02
CA HIS LB 191 25.76 -113.06 61.47
C HIS LB 191 25.05 -111.99 60.63
N PRO LB 192 24.28 -112.41 59.62
CA PRO LB 192 23.46 -111.45 58.88
C PRO LB 192 22.43 -110.82 59.78
N TRP LB 193 22.10 -109.57 59.49
CA TRP LB 193 21.11 -108.87 60.30
C TRP LB 193 19.76 -109.54 60.17
N GLU LB 194 18.99 -109.49 61.24
CA GLU LB 194 17.69 -110.15 61.25
C GLU LB 194 16.63 -109.37 60.49
N VAL LB 195 16.93 -108.15 60.05
CA VAL LB 195 15.94 -107.30 59.39
C VAL LB 195 16.09 -107.43 57.88
N MET LB 196 15.01 -107.83 57.22
CA MET LB 196 15.02 -107.88 55.77
C MET LB 196 15.01 -106.47 55.19
N PRO LB 197 15.86 -106.19 54.19
CA PRO LB 197 15.83 -104.86 53.57
C PRO LB 197 14.52 -104.52 52.88
N ASP LB 198 13.70 -105.52 52.57
CA ASP LB 198 12.39 -105.24 52.00
C ASP LB 198 11.51 -104.44 52.97
N LEU LB 199 11.77 -104.57 54.27
CA LEU LB 199 10.99 -103.85 55.27
C LEU LB 199 11.10 -102.34 55.11
N TYR LB 200 12.19 -101.86 54.53
CA TYR LB 200 12.35 -100.43 54.25
C TYR LB 200 11.86 -100.02 52.88
N PHE LB 201 11.46 -100.97 52.03
CA PHE LB 201 11.05 -100.63 50.68
C PHE LB 201 9.73 -99.88 50.69
N TYR LB 202 9.72 -98.70 50.08
CA TYR LB 202 8.46 -98.02 49.83
C TYR LB 202 7.62 -98.82 48.85
N ARG LB 203 6.31 -98.86 49.09
CA ARG LB 203 5.41 -99.65 48.28
C ARG LB 203 4.30 -98.76 47.72
N ASP LB 204 4.05 -98.90 46.42
CA ASP LB 204 2.98 -98.16 45.76
C ASP LB 204 1.63 -98.74 46.19
N PRO LB 205 0.63 -97.88 46.42
CA PRO LB 205 -0.65 -98.37 46.97
C PRO LB 205 -1.31 -99.45 46.14
N GLU LB 206 -1.05 -99.51 44.84
CA GLU LB 206 -1.62 -100.59 44.05
C GLU LB 206 -0.98 -101.93 44.34
N GLU LB 207 0.13 -101.97 45.10
CA GLU LB 207 0.58 -103.22 45.68
C GLU LB 207 -0.06 -103.49 47.03
N ILE LB 208 -0.21 -102.46 47.87
CA ILE LB 208 -0.82 -102.67 49.19
C ILE LB 208 -2.23 -103.20 49.05
N GLU LB 209 -2.96 -102.71 48.05
CA GLU LB 209 -4.37 -103.08 47.92
C GLU LB 209 -4.60 -104.36 47.13
N LYS LB 210 -3.56 -105.03 46.65
CA LYS LB 210 -3.76 -106.25 45.87
C LYS LB 210 -2.93 -107.42 46.37
N GLU LB 211 -1.76 -107.13 46.96
CA GLU LB 211 -0.88 -108.18 47.43
C GLU LB 211 -1.47 -108.87 48.65
N GLU LB 212 -2.20 -108.14 49.49
CA GLU LB 212 -2.79 -108.75 50.67
C GLU LB 212 -3.89 -109.74 50.28
N GLN LB 213 -4.71 -109.41 49.27
CA GLN LB 213 -5.73 -110.35 48.87
C GLN LB 213 -5.15 -111.50 48.05
N ALA LB 214 -4.09 -111.24 47.27
CA ALA LB 214 -3.39 -112.33 46.62
C ALA LB 214 -2.81 -113.30 47.64
N ALA LB 215 -2.21 -112.77 48.70
CA ALA LB 215 -1.67 -113.62 49.77
C ALA LB 215 -2.79 -114.35 50.50
N ALA LB 216 -3.95 -113.73 50.65
CA ALA LB 216 -5.09 -114.41 51.24
C ALA LB 216 -5.53 -115.60 50.39
N GLU LB 217 -5.62 -115.41 49.08
CA GLU LB 217 -5.96 -116.52 48.19
C GLU LB 217 -4.90 -117.61 48.22
N LYS LB 218 -3.63 -117.23 48.34
CA LYS LB 218 -2.58 -118.24 48.40
C LYS LB 218 -2.65 -119.04 49.70
N ALA LB 219 -2.88 -118.36 50.83
CA ALA LB 219 -2.92 -119.04 52.12
C ALA LB 219 -4.15 -119.92 52.24
N VAL LB 220 -5.31 -119.46 51.77
CA VAL LB 220 -6.51 -120.27 51.85
C VAL LB 220 -6.42 -121.49 50.94
N THR LB 221 -5.62 -121.42 49.88
CA THR LB 221 -5.49 -122.54 48.96
C THR LB 221 -4.16 -123.25 49.19
N VAL MB 1 -33.10 -56.07 -23.26
CA VAL MB 1 -34.22 -56.82 -22.70
C VAL MB 1 -33.88 -58.30 -22.64
N VAL MB 2 -33.49 -58.86 -23.79
CA VAL MB 2 -33.16 -60.28 -23.86
C VAL MB 2 -31.80 -60.53 -23.18
N ASP MB 3 -31.72 -61.60 -22.42
CA ASP MB 3 -30.48 -61.94 -21.75
C ASP MB 3 -29.44 -62.39 -22.77
N PRO MB 4 -28.17 -62.01 -22.60
CA PRO MB 4 -27.13 -62.42 -23.54
C PRO MB 4 -26.87 -63.92 -23.56
N PHE MB 5 -27.23 -64.65 -22.51
CA PHE MB 5 -27.02 -66.09 -22.51
C PHE MB 5 -27.88 -66.82 -23.52
N SER MB 6 -28.89 -66.15 -24.09
CA SER MB 6 -29.65 -66.75 -25.17
C SER MB 6 -28.83 -66.89 -26.43
N LYS MB 7 -27.78 -66.07 -26.60
CA LYS MB 7 -26.95 -66.09 -27.79
C LYS MB 7 -25.65 -66.85 -27.59
N LYS MB 8 -25.52 -67.62 -26.51
CA LYS MB 8 -24.30 -68.35 -26.23
C LYS MB 8 -24.44 -69.81 -26.61
N ASP MB 9 -23.32 -70.43 -26.94
CA ASP MB 9 -23.28 -71.86 -27.21
C ASP MB 9 -22.13 -72.49 -26.44
N TRP MB 10 -22.31 -73.75 -26.07
CA TRP MB 10 -21.35 -74.46 -25.24
C TRP MB 10 -20.35 -75.25 -26.07
N TYR MB 11 -19.16 -75.38 -25.52
CA TYR MB 11 -18.08 -76.13 -26.14
C TYR MB 11 -17.44 -77.00 -25.07
N ASP MB 12 -16.75 -78.05 -25.50
CA ASP MB 12 -16.03 -78.93 -24.58
C ASP MB 12 -14.53 -78.70 -24.74
N VAL MB 13 -13.82 -78.72 -23.62
CA VAL MB 13 -12.38 -78.46 -23.60
C VAL MB 13 -11.65 -79.80 -23.56
N LYS MB 14 -10.74 -80.01 -24.50
CA LYS MB 14 -10.00 -81.25 -24.64
C LYS MB 14 -8.54 -81.04 -24.26
N ALA MB 15 -8.06 -81.85 -23.34
CA ALA MB 15 -6.64 -81.92 -23.05
C ALA MB 15 -5.95 -82.82 -24.06
N PRO MB 16 -4.64 -82.69 -24.24
CA PRO MB 16 -3.93 -83.61 -25.12
C PRO MB 16 -3.84 -85.02 -24.58
N ALA MB 17 -3.14 -85.89 -25.29
CA ALA MB 17 -3.06 -87.31 -24.95
C ALA MB 17 -2.22 -87.58 -23.71
N MET MB 18 -1.53 -86.57 -23.17
CA MET MB 18 -0.65 -86.79 -22.02
C MET MB 18 -1.41 -87.26 -20.79
N PHE MB 19 -2.70 -86.94 -20.72
CA PHE MB 19 -3.52 -87.30 -19.57
C PHE MB 19 -4.59 -88.29 -20.01
N ASN MB 20 -4.92 -89.22 -19.12
CA ASN MB 20 -5.93 -90.23 -19.38
C ASN MB 20 -7.36 -89.74 -19.13
N ILE MB 21 -7.53 -88.52 -18.66
CA ILE MB 21 -8.82 -87.84 -18.74
C ILE MB 21 -8.67 -86.72 -19.77
N ARG MB 22 -9.39 -86.85 -20.89
CA ARG MB 22 -9.29 -85.87 -21.96
C ARG MB 22 -10.29 -84.73 -21.83
N ASN MB 23 -11.43 -84.97 -21.17
CA ASN MB 23 -12.51 -83.98 -21.10
C ASN MB 23 -12.24 -83.06 -19.92
N ILE MB 24 -11.66 -81.90 -20.20
CA ILE MB 24 -11.40 -80.92 -19.16
C ILE MB 24 -12.71 -80.39 -18.59
N GLY MB 25 -13.63 -80.04 -19.46
CA GLY MB 25 -14.88 -79.46 -19.01
C GLY MB 25 -15.59 -78.79 -20.18
N LYS MB 26 -16.51 -77.90 -19.83
CA LYS MB 26 -17.38 -77.29 -20.82
C LYS MB 26 -17.32 -75.78 -20.69
N THR MB 27 -17.04 -75.12 -21.81
CA THR MB 27 -16.96 -73.67 -21.87
C THR MB 27 -18.01 -73.14 -22.82
N LEU MB 28 -18.22 -71.83 -22.75
CA LEU MB 28 -19.22 -71.17 -23.57
C LEU MB 28 -18.62 -69.91 -24.18
N VAL MB 29 -19.27 -69.44 -25.24
CA VAL MB 29 -18.84 -68.21 -25.91
C VAL MB 29 -20.06 -67.64 -26.61
N THR MB 30 -20.05 -66.33 -26.82
CA THR MB 30 -21.07 -65.71 -27.64
C THR MB 30 -20.94 -66.20 -29.07
N ARG MB 31 -22.07 -66.53 -29.69
CA ARG MB 31 -22.07 -67.02 -31.06
C ARG MB 31 -21.48 -65.96 -31.99
N THR MB 32 -20.88 -66.44 -33.08
CA THR MB 32 -20.21 -65.57 -34.03
C THR MB 32 -21.20 -64.56 -34.61
N GLN MB 33 -20.95 -63.28 -34.34
CA GLN MB 33 -21.79 -62.21 -34.86
C GLN MB 33 -20.92 -61.21 -35.60
N GLY MB 34 -21.24 -60.98 -36.87
CA GLY MB 34 -20.49 -60.02 -37.66
C GLY MB 34 -19.05 -60.44 -37.81
N THR MB 35 -18.16 -59.45 -37.77
CA THR MB 35 -16.73 -59.73 -37.83
C THR MB 35 -16.23 -60.48 -36.60
N LYS MB 36 -16.91 -60.35 -35.47
CA LYS MB 36 -16.49 -61.03 -34.27
C LYS MB 36 -16.75 -62.53 -34.42
N ILE MB 37 -15.68 -63.32 -34.37
CA ILE MB 37 -15.76 -64.76 -34.56
C ILE MB 37 -15.64 -65.42 -33.20
N ALA MB 38 -16.56 -66.34 -32.91
CA ALA MB 38 -16.50 -67.08 -31.66
C ALA MB 38 -15.23 -67.91 -31.57
N SER MB 39 -14.67 -68.30 -32.71
CA SER MB 39 -13.45 -69.11 -32.72
C SER MB 39 -12.31 -68.36 -32.06
N ASP MB 40 -12.16 -67.06 -32.37
CA ASP MB 40 -11.11 -66.26 -31.75
C ASP MB 40 -11.32 -66.11 -30.26
N GLY MB 41 -12.56 -65.87 -29.82
CA GLY MB 41 -12.83 -65.71 -28.40
C GLY MB 41 -12.58 -66.97 -27.61
N LEU MB 42 -12.84 -68.13 -28.23
CA LEU MB 42 -12.52 -69.39 -27.57
C LEU MB 42 -11.02 -69.58 -27.41
N LYS MB 43 -10.24 -69.05 -28.35
CA LYS MB 43 -8.79 -69.24 -28.33
C LYS MB 43 -8.16 -68.46 -27.18
N GLY MB 44 -7.00 -68.93 -26.75
CA GLY MB 44 -6.23 -68.20 -25.75
C GLY MB 44 -6.82 -68.22 -24.36
N ARG MB 45 -7.57 -69.24 -24.00
CA ARG MB 45 -8.16 -69.34 -22.68
C ARG MB 45 -7.40 -70.37 -21.84
N VAL MB 46 -6.98 -69.95 -20.65
CA VAL MB 46 -6.19 -70.77 -19.75
C VAL MB 46 -7.12 -71.43 -18.75
N PHE MB 47 -6.96 -72.73 -18.55
CA PHE MB 47 -7.80 -73.51 -17.65
C PHE MB 47 -6.93 -74.06 -16.52
N GLU MB 48 -6.81 -73.30 -15.43
CA GLU MB 48 -6.10 -73.82 -14.26
C GLU MB 48 -6.96 -74.88 -13.60
N VAL MB 49 -6.61 -76.14 -13.84
CA VAL MB 49 -7.27 -77.28 -13.23
C VAL MB 49 -6.23 -78.09 -12.49
N SER MB 50 -6.68 -78.97 -11.60
CA SER MB 50 -5.79 -79.80 -10.83
C SER MB 50 -5.16 -80.88 -11.70
N LEU MB 51 -4.31 -81.69 -11.07
CA LEU MB 51 -3.79 -82.88 -11.73
C LEU MB 51 -4.56 -84.14 -11.36
N ALA MB 52 -5.17 -84.16 -10.17
CA ALA MB 52 -5.93 -85.34 -9.74
C ALA MB 52 -7.15 -85.58 -10.61
N ASP MB 53 -7.69 -84.54 -11.22
CA ASP MB 53 -8.72 -84.69 -12.24
C ASP MB 53 -8.12 -84.82 -13.63
N LEU MB 54 -6.81 -84.63 -13.76
CA LEU MB 54 -6.12 -84.83 -15.02
C LEU MB 54 -5.56 -86.24 -15.14
N GLN MB 55 -4.97 -86.76 -14.07
CA GLN MB 55 -4.49 -88.12 -14.01
C GLN MB 55 -5.41 -88.94 -13.11
N ASN MB 56 -5.48 -90.23 -13.38
CA ASN MB 56 -6.45 -91.10 -12.71
C ASN MB 56 -6.20 -91.18 -11.21
N ASP MB 57 -4.94 -91.27 -10.81
CA ASP MB 57 -4.60 -91.62 -9.43
C ASP MB 57 -3.42 -90.80 -8.92
N GLU MB 58 -3.11 -89.69 -9.56
CA GLU MB 58 -1.99 -88.87 -9.13
C GLU MB 58 -2.45 -87.83 -8.11
N VAL MB 59 -1.50 -87.07 -7.55
CA VAL MB 59 -1.74 -86.12 -6.47
C VAL MB 59 -2.50 -84.91 -6.98
N ALA MB 60 -3.02 -84.10 -6.05
CA ALA MB 60 -3.92 -83.02 -6.38
C ALA MB 60 -3.32 -81.63 -6.21
N PHE MB 61 -2.21 -81.48 -5.49
CA PHE MB 61 -1.64 -80.17 -5.21
C PHE MB 61 -0.97 -79.56 -6.42
N ARG MB 62 -0.93 -80.27 -7.54
CA ARG MB 62 -0.29 -79.82 -8.77
C ARG MB 62 -1.35 -79.38 -9.76
N LYS MB 63 -1.19 -78.18 -10.30
CA LYS MB 63 -2.15 -77.60 -11.22
C LYS MB 63 -1.45 -77.31 -12.55
N PHE MB 64 -2.25 -77.22 -13.60
CA PHE MB 64 -1.75 -77.01 -14.95
C PHE MB 64 -2.57 -75.93 -15.64
N LYS MB 65 -1.94 -75.26 -16.59
CA LYS MB 65 -2.51 -74.06 -17.19
C LYS MB 65 -3.39 -74.37 -18.39
N LEU MB 66 -2.84 -75.04 -19.40
CA LEU MB 66 -3.60 -75.58 -20.54
C LEU MB 66 -4.40 -74.48 -21.25
N ILE MB 67 -3.63 -73.54 -21.81
CA ILE MB 67 -4.23 -72.47 -22.61
C ILE MB 67 -4.81 -73.05 -23.89
N THR MB 68 -5.86 -72.41 -24.40
CA THR MB 68 -6.53 -72.85 -25.62
C THR MB 68 -5.79 -72.30 -26.83
N GLU MB 69 -5.53 -73.16 -27.82
CA GLU MB 69 -4.87 -72.74 -29.05
C GLU MB 69 -5.78 -72.79 -30.25
N ASP MB 70 -6.36 -73.95 -30.55
CA ASP MB 70 -7.23 -74.10 -31.70
C ASP MB 70 -8.49 -74.86 -31.30
N VAL MB 71 -9.61 -74.47 -31.89
CA VAL MB 71 -10.91 -75.04 -31.59
C VAL MB 71 -11.55 -75.50 -32.89
N GLN MB 72 -12.16 -76.68 -32.87
CA GLN MB 72 -12.89 -77.18 -34.04
C GLN MB 72 -14.13 -77.89 -33.57
N GLY MB 73 -15.24 -77.67 -34.27
CA GLY MB 73 -16.50 -78.25 -33.84
C GLY MB 73 -16.89 -77.72 -32.49
N LYS MB 74 -17.25 -78.64 -31.59
CA LYS MB 74 -17.59 -78.30 -30.21
C LYS MB 74 -16.41 -78.48 -29.27
N ASN MB 75 -15.25 -78.87 -29.80
CA ASN MB 75 -14.13 -79.34 -29.00
C ASN MB 75 -13.06 -78.27 -28.96
N CYS MB 76 -12.66 -77.87 -27.75
CA CYS MB 76 -11.54 -76.97 -27.57
C CYS MB 76 -10.27 -77.77 -27.28
N LEU MB 77 -9.28 -77.61 -28.14
CA LEU MB 77 -8.04 -78.37 -28.06
C LEU MB 77 -6.94 -77.47 -27.50
N THR MB 78 -6.35 -77.89 -26.38
CA THR MB 78 -5.41 -77.08 -25.64
C THR MB 78 -4.01 -77.66 -25.72
N ASN MB 79 -3.07 -76.94 -25.12
CA ASN MB 79 -1.70 -77.39 -25.00
C ASN MB 79 -1.12 -76.78 -23.73
N PHE MB 80 -0.02 -77.38 -23.26
CA PHE MB 80 0.59 -76.99 -22.00
C PHE MB 80 1.04 -75.54 -22.02
N HIS MB 81 0.91 -74.87 -20.88
CA HIS MB 81 1.30 -73.47 -20.76
C HIS MB 81 2.09 -73.24 -19.47
N GLY MB 82 1.90 -74.10 -18.49
CA GLY MB 82 2.62 -73.96 -17.23
C GLY MB 82 2.01 -74.86 -16.17
N MET MB 83 2.75 -75.00 -15.08
CA MET MB 83 2.25 -75.68 -13.89
C MET MB 83 2.64 -74.90 -12.66
N ASP MB 84 1.87 -75.07 -11.60
CA ASP MB 84 2.17 -74.44 -10.33
C ASP MB 84 1.52 -75.22 -9.21
N LEU MB 85 2.18 -75.27 -8.06
CA LEU MB 85 1.63 -75.94 -6.89
C LEU MB 85 0.53 -75.11 -6.25
N THR MB 86 -0.30 -75.77 -5.46
CA THR MB 86 -1.37 -75.10 -4.76
C THR MB 86 -0.82 -74.25 -3.63
N ARG MB 87 -1.66 -73.33 -3.16
CA ARG MB 87 -1.26 -72.41 -2.10
C ARG MB 87 -0.95 -73.17 -0.81
N ASP MB 88 -1.87 -74.05 -0.40
CA ASP MB 88 -1.76 -74.69 0.91
C ASP MB 88 -0.59 -75.66 0.97
N LYS MB 89 -0.35 -76.42 -0.11
CA LYS MB 89 0.76 -77.35 -0.10
C LYS MB 89 2.09 -76.62 -0.03
N MET MB 90 2.21 -75.53 -0.80
CA MET MB 90 3.41 -74.71 -0.74
C MET MB 90 3.61 -74.14 0.66
N CYS MB 91 2.54 -73.65 1.28
CA CYS MB 91 2.66 -73.11 2.63
C CYS MB 91 3.03 -74.19 3.64
N SER MB 92 2.50 -75.40 3.48
CA SER MB 92 2.83 -76.48 4.39
C SER MB 92 4.29 -76.91 4.23
N MET MB 93 4.82 -76.77 3.02
CA MET MB 93 6.19 -77.18 2.79
C MET MB 93 7.18 -76.24 3.47
N VAL MB 94 6.80 -74.99 3.71
CA VAL MB 94 7.67 -74.04 4.38
C VAL MB 94 7.48 -74.16 5.88
N LYS MB 95 8.58 -74.36 6.61
CA LYS MB 95 8.54 -74.44 8.07
C LYS MB 95 9.79 -73.78 8.63
N LYS MB 96 9.72 -73.42 9.91
CA LYS MB 96 10.85 -72.82 10.60
C LYS MB 96 11.91 -73.87 10.92
N TRP MB 97 13.04 -73.38 11.43
CA TRP MB 97 14.14 -74.24 11.89
C TRP MB 97 14.68 -75.12 10.76
N GLN MB 98 14.61 -74.60 9.53
CA GLN MB 98 15.16 -75.30 8.39
C GLN MB 98 15.53 -74.27 7.33
N THR MB 99 16.35 -74.72 6.38
CA THR MB 99 16.80 -73.89 5.27
C THR MB 99 16.18 -74.42 3.98
N MET MB 100 15.66 -73.51 3.16
CA MET MB 100 15.16 -73.87 1.84
C MET MB 100 16.02 -73.23 0.76
N ILE MB 101 16.16 -73.94 -0.35
CA ILE MB 101 16.97 -73.51 -1.48
C ILE MB 101 16.09 -73.46 -2.72
N GLU MB 102 16.21 -72.38 -3.49
CA GLU MB 102 15.40 -72.18 -4.67
C GLU MB 102 16.31 -71.95 -5.88
N ALA MB 103 15.92 -72.52 -7.02
CA ALA MB 103 16.67 -72.36 -8.26
C ALA MB 103 15.73 -72.04 -9.41
N HIS MB 104 16.22 -71.22 -10.32
CA HIS MB 104 15.49 -70.90 -11.55
C HIS MB 104 16.40 -71.15 -12.73
N VAL MB 105 15.83 -71.69 -13.79
CA VAL MB 105 16.59 -71.95 -15.02
C VAL MB 105 15.72 -71.64 -16.22
N ASP MB 106 16.28 -70.88 -17.15
CA ASP MB 106 15.65 -70.57 -18.43
C ASP MB 106 16.24 -71.50 -19.47
N VAL MB 107 15.43 -72.38 -20.03
CA VAL MB 107 15.95 -73.43 -20.89
C VAL MB 107 15.07 -73.56 -22.13
N LYS MB 108 15.72 -73.70 -23.28
CA LYS MB 108 15.06 -73.94 -24.55
C LYS MB 108 14.89 -75.44 -24.75
N THR MB 109 13.70 -75.84 -25.17
CA THR MB 109 13.47 -77.24 -25.48
C THR MB 109 14.03 -77.58 -26.85
N THR MB 110 13.88 -78.83 -27.26
CA THR MB 110 14.31 -79.22 -28.60
C THR MB 110 13.43 -78.59 -29.66
N ASP MB 111 12.13 -78.50 -29.41
CA ASP MB 111 11.18 -78.01 -30.40
C ASP MB 111 11.01 -76.49 -30.36
N GLY MB 112 11.75 -75.80 -29.49
CA GLY MB 112 11.72 -74.35 -29.47
C GLY MB 112 10.89 -73.74 -28.36
N TYR MB 113 10.26 -74.53 -27.51
CA TYR MB 113 9.55 -73.99 -26.37
C TYR MB 113 10.56 -73.54 -25.32
N LEU MB 114 10.32 -72.35 -24.76
CA LEU MB 114 11.20 -71.77 -23.77
C LEU MB 114 10.50 -71.75 -22.42
N LEU MB 115 11.17 -72.27 -21.40
CA LEU MB 115 10.57 -72.50 -20.10
C LEU MB 115 11.42 -71.90 -18.99
N ARG MB 116 10.76 -71.48 -17.91
CA ARG MB 116 11.45 -71.07 -16.70
C ARG MB 116 11.08 -72.03 -15.58
N LEU MB 117 11.95 -72.99 -15.30
CA LEU MB 117 11.71 -74.00 -14.28
C LEU MB 117 12.14 -73.47 -12.92
N PHE MB 118 11.26 -73.63 -11.94
CA PHE MB 118 11.57 -73.31 -10.55
C PHE MB 118 11.43 -74.57 -9.72
N CYS MB 119 12.48 -74.94 -9.01
CA CYS MB 119 12.46 -76.05 -8.08
C CYS MB 119 12.82 -75.59 -6.69
N VAL MB 120 12.19 -76.20 -5.69
CA VAL MB 120 12.38 -75.84 -4.29
C VAL MB 120 12.75 -77.08 -3.51
N GLY MB 121 13.41 -76.87 -2.37
CA GLY MB 121 13.77 -77.98 -1.50
C GLY MB 121 13.97 -77.50 -0.09
N PHE MB 122 13.72 -78.39 0.86
CA PHE MB 122 13.81 -78.07 2.29
C PHE MB 122 14.67 -79.10 2.99
N THR MB 123 15.55 -78.64 3.87
CA THR MB 123 16.41 -79.52 4.62
C THR MB 123 15.60 -80.41 5.57
N LYS MB 124 15.93 -81.70 5.58
CA LYS MB 124 15.25 -82.67 6.42
C LYS MB 124 16.13 -83.04 7.60
N LYS MB 125 15.54 -83.04 8.79
CA LYS MB 125 16.25 -83.47 9.99
C LYS MB 125 16.23 -85.00 10.08
N ARG MB 126 17.22 -85.53 10.79
CA ARG MB 126 17.34 -86.97 10.92
C ARG MB 126 16.36 -87.52 11.96
N ASN MB 127 16.24 -88.84 11.95
CA ASN MB 127 15.46 -89.52 12.98
C ASN MB 127 16.08 -89.33 14.36
N ASN MB 128 17.39 -89.48 14.46
CA ASN MB 128 18.10 -89.39 15.73
C ASN MB 128 18.49 -87.96 16.07
N GLN MB 129 18.17 -87.00 15.21
CA GLN MB 129 18.60 -85.63 15.43
C GLN MB 129 17.95 -85.05 16.67
N ILE MB 130 18.78 -84.50 17.55
CA ILE MB 130 18.31 -83.78 18.72
C ILE MB 130 18.26 -82.28 18.49
N ARG MB 131 19.14 -81.74 17.65
CA ARG MB 131 19.14 -80.32 17.33
C ARG MB 131 17.82 -79.90 16.71
N LYS MB 132 17.26 -78.82 17.24
CA LYS MB 132 15.97 -78.35 16.74
C LYS MB 132 16.07 -77.88 15.29
N THR MB 133 17.13 -77.14 14.97
CA THR MB 133 17.30 -76.56 13.65
C THR MB 133 18.19 -77.44 12.79
N SER MB 134 17.91 -77.43 11.49
CA SER MB 134 18.72 -78.14 10.49
C SER MB 134 19.04 -77.14 9.39
N TYR MB 135 20.13 -76.39 9.57
CA TYR MB 135 20.52 -75.34 8.66
C TYR MB 135 21.74 -75.78 7.86
N ALA MB 136 21.68 -75.64 6.55
CA ALA MB 136 22.80 -75.99 5.70
C ALA MB 136 23.71 -74.77 5.52
N GLN MB 137 25.02 -75.01 5.51
CA GLN MB 137 25.95 -73.91 5.32
C GLN MB 137 25.80 -73.33 3.91
N HIS MB 138 26.27 -72.09 3.76
CA HIS MB 138 25.95 -71.34 2.55
C HIS MB 138 26.60 -71.96 1.32
N GLN MB 139 27.82 -72.46 1.45
CA GLN MB 139 28.45 -73.15 0.32
C GLN MB 139 27.73 -74.46 0.02
N GLN MB 140 27.22 -75.14 1.05
CA GLN MB 140 26.39 -76.31 0.81
C GLN MB 140 25.15 -75.93 0.01
N VAL MB 141 24.55 -74.80 0.36
CA VAL MB 141 23.39 -74.31 -0.38
C VAL MB 141 23.75 -74.04 -1.83
N ARG MB 142 24.90 -73.40 -2.06
CA ARG MB 142 25.32 -73.09 -3.42
C ARG MB 142 25.58 -74.35 -4.23
N GLN MB 143 26.24 -75.34 -3.64
CA GLN MB 143 26.49 -76.60 -4.33
C GLN MB 143 25.17 -77.26 -4.69
N ILE MB 144 24.23 -77.27 -3.75
CA ILE MB 144 22.93 -77.89 -4.00
C ILE MB 144 22.20 -77.16 -5.13
N ARG MB 145 22.24 -75.82 -5.10
CA ARG MB 145 21.55 -75.05 -6.13
C ARG MB 145 22.16 -75.31 -7.50
N LYS MB 146 23.48 -75.33 -7.59
CA LYS MB 146 24.11 -75.55 -8.89
C LYS MB 146 23.81 -76.95 -9.40
N LYS MB 147 23.87 -77.95 -8.52
CA LYS MB 147 23.55 -79.31 -8.91
C LYS MB 147 22.11 -79.42 -9.39
N MET MB 148 21.19 -78.81 -8.66
CA MET MB 148 19.78 -78.95 -9.00
C MET MB 148 19.36 -78.07 -10.16
N MET MB 149 20.15 -77.06 -10.51
CA MET MB 149 19.95 -76.41 -11.80
C MET MB 149 20.42 -77.30 -12.95
N GLU MB 150 21.61 -77.89 -12.81
CA GLU MB 150 22.16 -78.64 -13.92
C GLU MB 150 21.49 -79.99 -14.13
N ILE MB 151 20.83 -80.55 -13.13
CA ILE MB 151 19.99 -81.71 -13.38
C ILE MB 151 18.51 -81.34 -13.47
N MET MB 152 18.23 -80.08 -13.81
CA MET MB 152 17.02 -79.71 -14.50
C MET MB 152 17.26 -79.37 -15.96
N THR MB 153 18.44 -78.82 -16.26
CA THR MB 153 18.74 -78.43 -17.63
C THR MB 153 18.76 -79.62 -18.56
N ARG MB 154 19.52 -80.66 -18.21
CA ARG MB 154 19.78 -81.76 -19.14
C ARG MB 154 18.55 -82.62 -19.41
N GLU MB 155 17.60 -82.67 -18.49
CA GLU MB 155 16.38 -83.42 -18.71
C GLU MB 155 15.40 -82.69 -19.60
N VAL MB 156 15.71 -81.45 -19.97
CA VAL MB 156 14.87 -80.65 -20.85
C VAL MB 156 15.55 -80.39 -22.19
N GLN MB 157 16.86 -80.17 -22.18
CA GLN MB 157 17.55 -79.87 -23.44
C GLN MB 157 17.56 -81.08 -24.37
N THR MB 158 17.48 -82.28 -23.82
CA THR MB 158 17.67 -83.50 -24.59
C THR MB 158 16.36 -84.22 -24.93
N ASN MB 159 15.25 -83.50 -24.95
CA ASN MB 159 13.96 -84.13 -25.23
C ASN MB 159 12.94 -83.07 -25.64
N ASP MB 160 11.82 -83.54 -26.15
CA ASP MB 160 10.78 -82.67 -26.67
C ASP MB 160 9.75 -82.37 -25.57
N LEU MB 161 8.79 -81.51 -25.90
CA LEU MB 161 7.86 -80.99 -24.91
C LEU MB 161 7.00 -82.08 -24.28
N LYS MB 162 6.49 -83.02 -25.08
CA LYS MB 162 5.50 -83.96 -24.56
C LYS MB 162 6.11 -84.89 -23.53
N GLU MB 163 7.29 -85.43 -23.81
CA GLU MB 163 7.91 -86.31 -22.83
C GLU MB 163 8.56 -85.54 -21.70
N VAL MB 164 8.67 -84.21 -21.80
CA VAL MB 164 8.98 -83.40 -20.64
C VAL MB 164 7.76 -83.30 -19.73
N VAL MB 165 6.61 -83.04 -20.34
CA VAL MB 165 5.38 -82.86 -19.58
C VAL MB 165 5.00 -84.14 -18.87
N ASN MB 166 5.09 -85.29 -19.55
CA ASN MB 166 4.66 -86.52 -18.90
C ASN MB 166 5.62 -86.97 -17.80
N LYS MB 167 6.86 -86.46 -17.81
CA LYS MB 167 7.82 -86.83 -16.76
C LYS MB 167 7.86 -85.82 -15.62
N LEU MB 168 7.38 -84.59 -15.84
CA LEU MB 168 7.12 -83.73 -14.69
C LEU MB 168 5.81 -84.06 -14.00
N ILE MB 169 4.95 -84.84 -14.66
CA ILE MB 169 3.71 -85.27 -14.04
C ILE MB 169 3.94 -86.07 -12.76
N PRO MB 170 4.85 -87.04 -12.71
CA PRO MB 170 5.20 -87.63 -11.41
C PRO MB 170 6.34 -86.94 -10.69
N ASP MB 171 6.80 -85.80 -11.21
CA ASP MB 171 7.93 -85.04 -10.64
C ASP MB 171 9.16 -85.93 -10.46
N SER MB 172 9.46 -86.71 -11.50
CA SER MB 172 10.64 -87.56 -11.47
C SER MB 172 11.91 -86.75 -11.37
N ILE MB 173 11.93 -85.55 -11.97
CA ILE MB 173 13.09 -84.68 -11.90
C ILE MB 173 13.39 -84.32 -10.45
N GLY MB 174 12.36 -83.92 -9.70
CA GLY MB 174 12.57 -83.59 -8.30
C GLY MB 174 12.98 -84.78 -7.47
N LYS MB 175 12.45 -85.96 -7.81
CA LYS MB 175 12.82 -87.16 -7.07
C LYS MB 175 14.29 -87.48 -7.27
N ASP MB 176 14.81 -87.35 -8.49
CA ASP MB 176 16.24 -87.61 -8.67
C ASP MB 176 17.09 -86.46 -8.13
N ILE MB 177 16.54 -85.24 -8.10
CA ILE MB 177 17.26 -84.12 -7.51
C ILE MB 177 17.49 -84.38 -6.02
N GLU MB 178 16.41 -84.75 -5.32
CA GLU MB 178 16.52 -85.09 -3.90
C GLU MB 178 17.42 -86.30 -3.70
N LYS MB 179 17.31 -87.28 -4.61
CA LYS MB 179 18.24 -88.40 -4.59
C LYS MB 179 19.68 -87.92 -4.79
N ALA MB 180 19.89 -86.94 -5.66
CA ALA MB 180 21.24 -86.49 -5.95
C ALA MB 180 21.85 -85.72 -4.78
N CYS MB 181 21.04 -84.98 -4.02
CA CYS MB 181 21.55 -84.11 -2.98
C CYS MB 181 21.80 -84.82 -1.66
N GLN MB 182 21.52 -86.13 -1.58
CA GLN MB 182 21.68 -86.85 -0.33
C GLN MB 182 23.11 -86.83 0.20
N SER MB 183 24.10 -86.71 -0.68
CA SER MB 183 25.48 -86.68 -0.24
C SER MB 183 25.89 -85.34 0.35
N ILE MB 184 25.16 -84.27 0.08
CA ILE MB 184 25.54 -82.96 0.60
C ILE MB 184 24.75 -82.68 1.87
N TYR MB 185 23.42 -82.63 1.75
CA TYR MB 185 22.57 -82.35 2.88
C TYR MB 185 21.23 -82.98 2.59
N PRO MB 186 20.60 -83.64 3.55
CA PRO MB 186 19.28 -84.24 3.31
C PRO MB 186 18.24 -83.19 2.97
N LEU MB 187 17.40 -83.51 1.99
CA LEU MB 187 16.23 -82.72 1.63
C LEU MB 187 15.02 -83.62 1.50
N HIS MB 188 13.85 -83.09 1.83
CA HIS MB 188 12.63 -83.88 1.81
C HIS MB 188 11.56 -83.32 0.90
N ASP MB 189 11.21 -82.04 1.03
CA ASP MB 189 10.15 -81.46 0.21
C ASP MB 189 10.78 -80.84 -1.03
N VAL MB 190 11.09 -81.71 -1.99
CA VAL MB 190 11.75 -81.31 -3.22
C VAL MB 190 10.77 -81.49 -4.37
N PHE MB 191 10.42 -80.37 -5.02
CA PHE MB 191 9.48 -80.40 -6.12
C PHE MB 191 9.84 -79.28 -7.09
N VAL MB 192 9.41 -79.45 -8.34
CA VAL MB 192 9.46 -78.36 -9.31
C VAL MB 192 8.27 -77.47 -9.01
N ARG MB 193 8.51 -76.40 -8.24
CA ARG MB 193 7.40 -75.58 -7.73
C ARG MB 193 6.63 -74.92 -8.87
N LYS MB 194 7.34 -74.42 -9.88
CA LYS MB 194 6.71 -73.61 -10.90
C LYS MB 194 7.51 -73.71 -12.19
N VAL MB 195 6.78 -73.77 -13.30
CA VAL MB 195 7.38 -73.52 -14.60
C VAL MB 195 6.40 -72.69 -15.41
N LYS MB 196 6.93 -71.73 -16.15
CA LYS MB 196 6.14 -70.85 -16.98
C LYS MB 196 6.69 -70.84 -18.39
N MET MB 197 5.80 -70.95 -19.37
CA MET MB 197 6.19 -70.89 -20.77
C MET MB 197 6.70 -69.51 -21.09
N LEU MB 198 7.81 -69.43 -21.83
CA LEU MB 198 8.39 -68.14 -22.18
C LEU MB 198 8.16 -67.77 -23.65
N LYS MB 199 8.54 -68.64 -24.58
CA LYS MB 199 8.28 -68.39 -25.99
C LYS MB 199 7.80 -69.68 -26.65
N LYS MB 200 6.94 -69.54 -27.65
CA LYS MB 200 6.31 -70.67 -28.27
C LYS MB 200 6.55 -70.67 -29.78
N PRO MB 201 6.90 -71.81 -30.35
CA PRO MB 201 7.25 -71.93 -31.78
C PRO MB 201 6.08 -72.06 -32.76
N LYS MB 202 5.47 -70.91 -33.05
CA LYS MB 202 4.73 -70.68 -34.29
C LYS MB 202 3.38 -71.39 -34.32
N PHE MB 203 3.11 -72.26 -33.35
CA PHE MB 203 1.84 -72.98 -33.23
C PHE MB 203 1.55 -73.78 -34.51
N GLU MB 204 2.35 -74.83 -34.68
CA GLU MB 204 2.15 -75.76 -35.80
C GLU MB 204 0.94 -76.64 -35.53
N LEU MB 205 0.03 -76.71 -36.50
CA LEU MB 205 -1.24 -77.40 -36.27
C LEU MB 205 -1.10 -78.91 -36.25
N GLY MB 206 -0.28 -79.48 -37.15
CA GLY MB 206 -0.12 -80.91 -37.16
C GLY MB 206 0.47 -81.44 -35.87
N LYS MB 207 1.38 -80.68 -35.27
CA LYS MB 207 1.94 -81.06 -33.99
C LYS MB 207 0.86 -81.08 -32.91
N LEU MB 208 -0.03 -80.09 -32.93
CA LEU MB 208 -1.12 -80.09 -31.97
C LEU MB 208 -2.05 -81.27 -32.20
N MET MB 209 -2.28 -81.60 -33.47
CA MET MB 209 -3.13 -82.74 -33.81
C MET MB 209 -2.55 -84.04 -33.29
N GLU MB 210 -1.25 -84.25 -33.48
CA GLU MB 210 -0.63 -85.46 -32.97
C GLU MB 210 -0.53 -85.46 -31.45
N LEU MB 211 -0.45 -84.29 -30.82
CA LEU MB 211 -0.45 -84.25 -29.36
C LEU MB 211 -1.80 -84.64 -28.80
N HIS MB 212 -2.89 -84.09 -29.35
CA HIS MB 212 -4.22 -84.52 -28.95
C HIS MB 212 -4.53 -85.91 -29.47
N GLY MB 213 -4.21 -86.16 -30.74
CA GLY MB 213 -4.32 -87.50 -31.28
C GLY MB 213 -3.07 -88.33 -30.97
N GLU MB 214 -2.57 -89.05 -31.95
CA GLU MB 214 -1.33 -89.79 -31.79
C GLU MB 214 -0.21 -89.16 -32.60
N GLU NB 1 10.40 -66.93 87.83
CA GLU NB 1 9.13 -67.22 87.19
C GLU NB 1 9.32 -67.52 85.71
N TRP NB 2 10.58 -67.74 85.33
CA TRP NB 2 10.94 -67.99 83.94
C TRP NB 2 11.04 -69.50 83.69
N MET NB 3 10.36 -69.96 82.66
CA MET NB 3 10.38 -71.36 82.25
C MET NB 3 10.95 -71.46 80.85
N PRO NB 4 12.22 -71.80 80.67
CA PRO NB 4 12.78 -71.87 79.33
C PRO NB 4 12.31 -73.11 78.60
N VAL NB 5 11.97 -72.94 77.34
CA VAL NB 5 11.71 -74.08 76.46
C VAL NB 5 12.77 -74.04 75.36
N THR NB 6 13.93 -74.64 75.68
CA THR NB 6 15.11 -74.72 74.82
C THR NB 6 16.11 -75.57 75.58
N LYS NB 7 16.88 -76.41 74.89
CA LYS NB 7 18.00 -77.09 75.54
C LYS NB 7 18.98 -76.06 76.10
N LEU NB 8 19.29 -75.04 75.31
CA LEU NB 8 20.24 -74.02 75.73
C LEU NB 8 19.72 -73.26 76.94
N GLY NB 9 18.46 -72.82 76.90
CA GLY NB 9 17.91 -72.11 78.04
C GLY NB 9 17.82 -72.99 79.28
N ARG NB 10 17.52 -74.27 79.07
CA ARG NB 10 17.50 -75.21 80.19
C ARG NB 10 18.88 -75.34 80.83
N LEU NB 11 19.93 -75.44 80.01
CA LEU NB 11 21.27 -75.53 80.56
C LEU NB 11 21.68 -74.23 81.22
N VAL NB 12 21.15 -73.11 80.75
CA VAL NB 12 21.44 -71.83 81.38
C VAL NB 12 20.81 -71.75 82.76
N LYS NB 13 19.54 -72.15 82.86
CA LYS NB 13 18.78 -71.94 84.10
C LYS NB 13 19.37 -72.73 85.26
N ASP NB 14 19.77 -73.97 85.02
CA ASP NB 14 20.18 -74.89 86.07
C ASP NB 14 21.68 -74.85 86.35
N MET NB 15 22.33 -73.71 86.10
CA MET NB 15 23.74 -73.51 86.42
C MET NB 15 24.64 -74.52 85.70
N LYS NB 16 24.23 -74.94 84.51
CA LYS NB 16 25.05 -75.84 83.72
C LYS NB 16 26.02 -75.10 82.80
N ILE NB 17 25.64 -73.92 82.33
CA ILE NB 17 26.48 -73.09 81.49
C ILE NB 17 27.00 -71.92 82.32
N LYS NB 18 28.31 -71.72 82.31
CA LYS NB 18 28.93 -70.80 83.25
C LYS NB 18 29.22 -69.44 82.63
N SER NB 19 29.33 -69.36 81.30
CA SER NB 19 29.70 -68.11 80.65
C SER NB 19 28.92 -67.97 79.34
N LEU NB 20 28.67 -66.71 78.97
CA LEU NB 20 28.22 -66.42 77.62
C LEU NB 20 29.28 -66.76 76.58
N GLU NB 21 30.56 -66.64 76.96
CA GLU NB 21 31.64 -66.96 76.04
C GLU NB 21 31.61 -68.43 75.68
N GLU NB 22 31.09 -69.28 76.57
CA GLU NB 22 30.90 -70.68 76.24
C GLU NB 22 29.95 -70.83 75.05
N ILE NB 23 28.86 -70.06 75.06
CA ILE NB 23 27.93 -70.07 73.94
C ILE NB 23 28.57 -69.46 72.70
N TYR NB 24 29.29 -68.35 72.89
CA TYR NB 24 29.96 -67.66 71.79
C TYR NB 24 30.97 -68.57 71.11
N LEU NB 25 31.55 -69.50 71.88
CA LEU NB 25 32.46 -70.48 71.30
C LEU NB 25 31.75 -71.35 70.28
N PHE NB 26 30.52 -71.77 70.59
CA PHE NB 26 29.77 -72.65 69.71
C PHE NB 26 28.79 -71.92 68.82
N SER NB 27 28.72 -70.59 68.94
CA SER NB 27 27.94 -69.74 68.04
C SER NB 27 26.46 -70.13 67.98
N LEU NB 28 25.95 -70.69 69.07
CA LEU NB 28 24.56 -71.10 69.11
C LEU NB 28 23.66 -69.88 69.26
N PRO NB 29 22.59 -69.77 68.50
CA PRO NB 29 21.72 -68.57 68.60
C PRO NB 29 21.00 -68.51 69.93
N ILE NB 30 20.92 -67.30 70.48
CA ILE NB 30 20.18 -67.04 71.71
C ILE NB 30 18.76 -66.66 71.32
N LYS NB 31 17.79 -67.50 71.71
CA LYS NB 31 16.41 -67.32 71.29
C LYS NB 31 15.48 -66.90 72.43
N GLU NB 32 16.01 -66.45 73.57
CA GLU NB 32 15.17 -65.91 74.63
C GLU NB 32 15.99 -64.97 75.50
N SER NB 33 15.38 -63.83 75.85
CA SER NB 33 16.09 -62.76 76.52
C SER NB 33 16.51 -63.12 77.93
N GLU NB 34 15.83 -64.08 78.55
CA GLU NB 34 16.08 -64.42 79.94
C GLU NB 34 17.36 -65.22 80.13
N ILE NB 35 18.15 -65.39 79.07
CA ILE NB 35 19.42 -66.09 79.20
C ILE NB 35 20.52 -65.13 79.64
N ILE NB 36 20.67 -64.01 78.92
CA ILE NB 36 21.81 -63.14 79.17
C ILE NB 36 21.71 -62.37 80.48
N ASP NB 37 20.50 -61.99 80.89
CA ASP NB 37 20.34 -61.31 82.17
C ASP NB 37 20.71 -62.23 83.32
N PHE NB 38 20.48 -63.54 83.15
CA PHE NB 38 21.00 -64.51 84.09
C PHE NB 38 22.51 -64.45 84.16
N PHE NB 39 23.17 -64.15 83.04
CA PHE NB 39 24.58 -63.84 83.09
C PHE NB 39 24.80 -62.37 83.44
N LEU NB 40 24.23 -61.46 82.64
CA LEU NB 40 24.42 -60.02 82.82
C LEU NB 40 23.24 -59.35 83.52
N GLY NB 41 23.05 -59.64 84.81
CA GLY NB 41 22.04 -58.96 85.59
C GLY NB 41 22.51 -57.63 86.13
N ALA NB 42 21.71 -56.58 85.91
CA ALA NB 42 21.90 -55.26 86.52
C ALA NB 42 23.21 -54.59 86.11
N SER NB 43 23.98 -55.21 85.23
CA SER NB 43 25.16 -54.58 84.64
C SER NB 43 24.89 -54.10 83.23
N LEU NB 44 23.70 -54.36 82.70
CA LEU NB 44 23.33 -53.95 81.35
C LEU NB 44 22.68 -52.58 81.36
N LYS NB 45 23.46 -51.53 81.14
CA LYS NB 45 22.89 -50.20 81.03
C LYS NB 45 22.11 -50.08 79.73
N ASP NB 46 21.06 -49.27 79.77
CA ASP NB 46 20.16 -49.14 78.64
C ASP NB 46 20.08 -47.68 78.21
N GLU NB 47 19.78 -47.49 76.93
CA GLU NB 47 19.57 -46.18 76.35
C GLU NB 47 18.68 -46.35 75.14
N VAL NB 48 17.85 -45.34 74.87
CA VAL NB 48 16.96 -45.35 73.72
C VAL NB 48 17.52 -44.37 72.70
N LEU NB 49 17.74 -44.85 71.48
CA LEU NB 49 18.35 -44.00 70.46
C LEU NB 49 17.34 -43.05 69.83
N LYS NB 50 16.34 -43.61 69.15
CA LYS NB 50 15.38 -42.80 68.43
C LYS NB 50 14.03 -43.48 68.49
N ILE NB 51 12.98 -42.67 68.45
CA ILE NB 51 11.63 -43.16 68.25
C ILE NB 51 11.10 -42.48 67.00
N MET NB 52 10.84 -43.26 65.97
CA MET NB 52 10.47 -42.70 64.69
C MET NB 52 9.04 -43.05 64.32
N PRO NB 53 8.24 -42.10 63.84
CA PRO NB 53 6.84 -42.32 63.45
C PRO NB 53 6.64 -42.76 62.00
N VAL NB 54 6.86 -44.05 61.73
CA VAL NB 54 6.61 -44.57 60.38
C VAL NB 54 5.12 -44.64 60.12
N GLN NB 55 4.74 -44.60 58.84
CA GLN NB 55 3.34 -44.62 58.44
C GLN NB 55 3.14 -45.55 57.26
N LYS NB 56 1.90 -46.06 57.15
CA LYS NB 56 1.47 -46.84 56.01
C LYS NB 56 0.12 -46.31 55.56
N GLN NB 57 0.01 -45.95 54.27
CA GLN NB 57 -1.24 -45.41 53.76
C GLN NB 57 -2.30 -46.50 53.66
N THR NB 58 -3.51 -46.15 54.07
CA THR NB 58 -4.64 -47.07 54.06
C THR NB 58 -5.84 -46.43 53.35
N ARG NB 59 -6.99 -47.09 53.43
CA ARG NB 59 -8.21 -46.49 52.89
C ARG NB 59 -8.59 -45.24 53.65
N ALA NB 60 -8.61 -45.32 54.98
CA ALA NB 60 -9.05 -44.21 55.82
C ALA NB 60 -7.83 -43.52 56.44
N GLY NB 61 -7.19 -42.69 55.63
CA GLY NB 61 -5.96 -42.07 56.08
C GLY NB 61 -4.85 -43.08 56.15
N GLN NB 62 -3.83 -42.75 56.93
CA GLN NB 62 -2.73 -43.65 57.20
C GLN NB 62 -2.70 -44.00 58.67
N ARG NB 63 -2.15 -45.17 58.99
CA ARG NB 63 -1.89 -45.55 60.36
C ARG NB 63 -0.41 -45.32 60.67
N THR NB 64 -0.13 -44.96 61.91
CA THR NB 64 1.22 -44.64 62.34
C THR NB 64 1.67 -45.64 63.40
N ARG NB 65 2.75 -46.35 63.10
CA ARG NB 65 3.45 -47.15 64.09
C ARG NB 65 4.76 -46.46 64.44
N PHE NB 66 5.35 -46.86 65.56
CA PHE NB 66 6.57 -46.23 66.06
C PHE NB 66 7.64 -47.29 66.24
N LYS NB 67 8.84 -46.98 65.73
CA LYS NB 67 9.95 -47.91 65.71
C LYS NB 67 10.98 -47.46 66.74
N ALA NB 68 11.40 -48.39 67.59
CA ALA NB 68 12.27 -48.10 68.73
C ALA NB 68 13.66 -48.65 68.47
N PHE NB 69 14.66 -47.80 68.70
CA PHE NB 69 16.07 -48.20 68.60
C PHE NB 69 16.65 -48.18 70.01
N VAL NB 70 16.98 -49.37 70.51
CA VAL NB 70 17.49 -49.51 71.87
C VAL NB 70 18.84 -50.20 71.79
N ALA NB 71 19.85 -49.57 72.40
CA ALA NB 71 21.19 -50.13 72.48
C ALA NB 71 21.53 -50.38 73.94
N ILE NB 72 21.90 -51.62 74.25
CA ILE NB 72 22.29 -52.00 75.60
C ILE NB 72 23.65 -52.68 75.53
N GLY NB 73 24.28 -52.82 76.70
CA GLY NB 73 25.57 -53.47 76.77
C GLY NB 73 26.42 -52.98 77.92
N ASP NB 74 27.02 -53.92 78.65
CA ASP NB 74 27.91 -53.57 79.74
C ASP NB 74 29.17 -52.89 79.21
N TYR NB 75 29.79 -52.08 80.05
CA TYR NB 75 30.96 -51.31 79.65
C TYR NB 75 32.22 -52.15 79.86
N ASN NB 76 32.19 -53.40 79.35
CA ASN NB 76 33.31 -54.32 79.50
C ASN NB 76 33.58 -55.17 78.25
N GLY NB 77 32.80 -55.02 77.18
CA GLY NB 77 33.07 -55.77 75.99
C GLY NB 77 31.90 -56.55 75.44
N HIS NB 78 30.69 -56.21 75.88
CA HIS NB 78 29.49 -56.78 75.32
C HIS NB 78 28.45 -55.69 75.10
N VAL NB 79 27.75 -55.78 73.97
CA VAL NB 79 26.82 -54.74 73.55
C VAL NB 79 25.79 -55.37 72.65
N GLY NB 80 24.63 -54.73 72.55
CA GLY NB 80 23.56 -55.25 71.73
C GLY NB 80 22.69 -54.14 71.16
N LEU NB 81 22.19 -54.36 69.96
CA LEU NB 81 21.36 -53.40 69.25
C LEU NB 81 20.05 -54.06 68.86
N GLY NB 82 18.95 -53.41 69.16
CA GLY NB 82 17.63 -53.95 68.84
C GLY NB 82 16.74 -52.88 68.25
N VAL NB 83 16.08 -53.24 67.15
CA VAL NB 83 15.15 -52.35 66.47
C VAL NB 83 13.82 -53.05 66.35
N LYS NB 84 12.79 -52.44 66.93
CA LYS NB 84 11.45 -53.01 66.94
C LYS NB 84 10.46 -51.92 66.57
N CYS NB 85 9.54 -52.25 65.67
CA CYS NB 85 8.49 -51.33 65.25
C CYS NB 85 7.16 -51.81 65.80
N SER NB 86 6.40 -50.90 66.39
CA SER NB 86 5.14 -51.28 67.02
C SER NB 86 4.19 -50.10 67.03
N LYS NB 87 2.93 -50.40 67.32
CA LYS NB 87 1.93 -49.36 67.51
C LYS NB 87 2.25 -48.49 68.73
N GLU NB 88 2.63 -49.11 69.84
CA GLU NB 88 2.75 -48.42 71.11
C GLU NB 88 4.21 -48.07 71.39
N VAL NB 89 4.40 -46.91 72.02
CA VAL NB 89 5.76 -46.47 72.35
C VAL NB 89 6.38 -47.39 73.39
N ALA NB 90 5.66 -47.66 74.48
CA ALA NB 90 6.20 -48.52 75.52
C ALA NB 90 6.39 -49.95 75.02
N THR NB 91 5.43 -50.45 74.24
CA THR NB 91 5.56 -51.80 73.69
C THR NB 91 6.74 -51.89 72.72
N ALA NB 92 6.92 -50.87 71.89
CA ALA NB 92 8.06 -50.86 70.98
C ALA NB 92 9.37 -50.79 71.76
N ILE NB 93 9.39 -50.03 72.84
CA ILE NB 93 10.59 -49.97 73.68
C ILE NB 93 10.90 -51.34 74.24
N ARG NB 94 9.87 -52.02 74.75
CA ARG NB 94 10.07 -53.34 75.33
C ARG NB 94 10.56 -54.34 74.28
N GLY NB 95 9.97 -54.29 73.09
CA GLY NB 95 10.40 -55.19 72.03
C GLY NB 95 11.82 -54.91 71.58
N ALA NB 96 12.19 -53.63 71.49
CA ALA NB 96 13.55 -53.28 71.12
C ALA NB 96 14.54 -53.75 72.17
N ILE NB 97 14.17 -53.64 73.45
CA ILE NB 97 15.02 -54.16 74.52
C ILE NB 97 15.20 -55.66 74.36
N ILE NB 98 14.12 -56.38 74.08
CA ILE NB 98 14.21 -57.83 73.91
C ILE NB 98 15.09 -58.17 72.72
N LEU NB 99 14.94 -57.44 71.61
CA LEU NB 99 15.70 -57.75 70.40
C LEU NB 99 17.18 -57.45 70.59
N ALA NB 100 17.50 -56.32 71.24
CA ALA NB 100 18.89 -56.03 71.56
C ALA NB 100 19.47 -57.07 72.49
N LYS NB 101 18.68 -57.52 73.47
CA LYS NB 101 19.10 -58.60 74.34
C LYS NB 101 19.35 -59.86 73.55
N LEU NB 102 18.61 -60.04 72.46
CA LEU NB 102 18.85 -61.18 71.58
C LEU NB 102 20.10 -60.97 70.74
N SER NB 103 20.34 -59.74 70.30
CA SER NB 103 21.48 -59.45 69.43
C SER NB 103 22.67 -58.92 70.23
N ILE NB 104 23.10 -59.71 71.21
CA ILE NB 104 24.23 -59.35 72.06
C ILE NB 104 25.48 -60.01 71.51
N VAL NB 105 26.51 -59.21 71.24
CA VAL NB 105 27.75 -59.74 70.67
C VAL NB 105 28.92 -59.33 71.56
N PRO NB 106 30.00 -60.10 71.58
CA PRO NB 106 31.20 -59.67 72.32
C PRO NB 106 32.04 -58.71 71.51
N VAL NB 107 32.86 -57.94 72.22
CA VAL NB 107 33.69 -56.92 71.61
C VAL NB 107 35.16 -57.28 71.85
N ARG NB 108 35.94 -57.27 70.77
CA ARG NB 108 37.37 -57.54 70.87
C ARG NB 108 38.11 -56.22 71.03
N ARG NB 109 38.88 -56.10 72.10
CA ARG NB 109 39.65 -54.90 72.37
C ARG NB 109 41.13 -55.19 72.19
N GLY NB 110 41.83 -54.27 71.55
CA GLY NB 110 43.26 -54.41 71.33
C GLY NB 110 44.04 -53.27 71.92
N TYR NB 111 45.26 -53.07 71.42
CA TYR NB 111 46.12 -51.98 71.87
C TYR NB 111 46.61 -51.19 70.67
N TRP NB 112 46.66 -49.87 70.82
CA TRP NB 112 47.16 -49.02 69.74
C TRP NB 112 48.63 -49.25 69.48
N GLY NB 113 49.40 -49.52 70.52
CA GLY NB 113 50.81 -49.79 70.40
C GLY NB 113 51.42 -49.94 71.78
N ASN NB 114 52.43 -50.80 71.91
CA ASN NB 114 53.09 -51.07 73.20
C ASN NB 114 52.05 -51.51 74.23
N LYS NB 115 51.50 -52.71 73.98
CA LYS NB 115 50.48 -53.30 74.84
C LYS NB 115 50.92 -53.33 76.30
N ILE NB 116 50.28 -52.56 77.16
CA ILE NB 116 50.72 -52.44 78.54
C ILE NB 116 49.71 -53.10 79.46
N GLY NB 117 48.51 -52.54 79.54
CA GLY NB 117 47.57 -52.97 80.54
C GLY NB 117 46.35 -53.62 79.96
N LYS NB 118 45.17 -53.14 80.33
CA LYS NB 118 43.95 -53.69 79.76
C LYS NB 118 43.78 -53.15 78.34
N PRO NB 119 43.30 -53.97 77.42
CA PRO NB 119 43.06 -53.49 76.05
C PRO NB 119 42.00 -52.41 76.03
N HIS NB 120 42.20 -51.43 75.17
CA HIS NB 120 41.39 -50.22 75.17
C HIS NB 120 40.74 -49.91 73.84
N THR NB 121 41.30 -50.36 72.73
CA THR NB 121 40.86 -49.93 71.41
C THR NB 121 40.61 -51.14 70.54
N VAL NB 122 40.13 -50.90 69.32
CA VAL NB 122 39.92 -51.95 68.35
C VAL NB 122 41.27 -52.53 67.96
N PRO NB 123 41.37 -53.84 67.75
CA PRO NB 123 42.68 -54.43 67.38
C PRO NB 123 43.21 -53.96 66.03
N CYS NB 124 42.34 -53.52 65.13
CA CYS NB 124 42.74 -53.05 63.82
C CYS NB 124 41.60 -52.23 63.25
N LYS NB 125 41.70 -51.88 61.98
CA LYS NB 125 40.62 -51.14 61.35
C LYS NB 125 39.63 -52.11 60.70
N VAL NB 126 38.39 -52.06 61.17
CA VAL NB 126 37.31 -52.87 60.61
C VAL NB 126 36.22 -51.91 60.13
N THR NB 127 35.55 -52.28 59.05
CA THR NB 127 34.55 -51.43 58.42
C THR NB 127 33.21 -52.16 58.41
N GLY NB 128 32.22 -51.58 59.09
CA GLY NB 128 30.87 -52.09 59.08
C GLY NB 128 30.05 -51.34 58.05
N ARG NB 129 29.21 -52.07 57.34
CA ARG NB 129 28.45 -51.51 56.23
C ARG NB 129 26.98 -51.82 56.41
N CYS NB 130 26.14 -50.82 56.16
CA CYS NB 130 24.69 -51.02 56.10
C CYS NB 130 24.10 -49.92 55.26
N GLY NB 131 23.49 -50.27 54.14
CA GLY NB 131 23.01 -49.25 53.22
C GLY NB 131 24.19 -48.48 52.65
N SER NB 132 23.99 -47.17 52.46
CA SER NB 132 25.04 -46.31 51.94
C SER NB 132 25.86 -45.67 53.03
N VAL NB 133 25.63 -46.04 54.30
CA VAL NB 133 26.44 -45.55 55.40
C VAL NB 133 27.62 -46.48 55.59
N LEU NB 134 28.83 -45.94 55.50
CA LEU NB 134 30.05 -46.70 55.72
C LEU NB 134 30.71 -46.18 56.99
N VAL NB 135 30.98 -47.08 57.92
CA VAL NB 135 31.61 -46.75 59.20
C VAL NB 135 32.93 -47.47 59.28
N ARG NB 136 34.01 -46.72 59.47
CA ARG NB 136 35.35 -47.28 59.61
C ARG NB 136 35.92 -46.90 60.95
N LEU NB 137 36.43 -47.90 61.66
CA LEU NB 137 36.94 -47.72 63.01
C LEU NB 137 38.46 -47.81 62.97
N ILE NB 138 39.14 -46.88 63.62
CA ILE NB 138 40.60 -46.85 63.62
C ILE NB 138 41.11 -46.91 65.04
N PRO NB 139 42.09 -47.77 65.33
CA PRO NB 139 42.66 -47.81 66.68
C PRO NB 139 43.29 -46.48 67.07
N ALA NB 140 43.17 -46.14 68.34
CA ALA NB 140 43.66 -44.87 68.87
C ALA NB 140 44.45 -45.10 70.15
N PRO NB 141 45.45 -44.26 70.41
CA PRO NB 141 46.24 -44.42 71.63
C PRO NB 141 45.43 -44.14 72.88
N ARG NB 142 45.98 -44.61 74.00
CA ARG NB 142 45.31 -44.51 75.29
C ARG NB 142 44.96 -43.07 75.61
N GLY NB 143 43.75 -42.89 76.14
CA GLY NB 143 43.33 -41.60 76.65
C GLY NB 143 42.81 -40.64 75.61
N THR NB 144 42.99 -40.93 74.32
CA THR NB 144 42.40 -40.08 73.29
C THR NB 144 40.88 -40.15 73.29
N GLY NB 145 40.31 -41.23 73.80
CA GLY NB 145 38.88 -41.35 73.84
C GLY NB 145 38.28 -41.65 72.50
N ILE NB 146 36.96 -41.56 72.45
CA ILE NB 146 36.19 -41.78 71.25
C ILE NB 146 35.96 -40.44 70.58
N VAL NB 147 36.44 -40.28 69.35
CA VAL NB 147 36.12 -39.13 68.52
C VAL NB 147 35.15 -39.60 67.44
N SER NB 148 33.91 -39.11 67.50
CA SER NB 148 32.84 -39.68 66.70
C SER NB 148 31.61 -38.80 66.80
N ALA NB 149 30.61 -39.12 65.97
CA ALA NB 149 29.28 -38.57 66.14
C ALA NB 149 28.67 -39.11 67.42
N PRO NB 150 27.74 -38.38 68.03
CA PRO NB 150 27.20 -38.81 69.34
C PRO NB 150 26.54 -40.17 69.31
N VAL NB 151 25.76 -40.46 68.27
CA VAL NB 151 25.04 -41.73 68.22
C VAL NB 151 25.99 -42.93 68.20
N PRO NB 152 27.02 -42.99 67.35
CA PRO NB 152 27.98 -44.08 67.49
C PRO NB 152 28.85 -43.94 68.72
N LYS NB 153 29.10 -42.72 69.19
CA LYS NB 153 29.99 -42.55 70.34
C LYS NB 153 29.43 -43.22 71.58
N LYS NB 154 28.13 -43.06 71.82
CA LYS NB 154 27.53 -43.70 72.98
C LYS NB 154 27.54 -45.22 72.84
N LEU NB 155 27.34 -45.73 71.62
CA LEU NB 155 27.41 -47.16 71.39
C LEU NB 155 28.82 -47.70 71.65
N LEU NB 156 29.83 -46.99 71.16
CA LEU NB 156 31.21 -47.39 71.40
C LEU NB 156 31.55 -47.32 72.87
N MET NB 157 30.98 -46.35 73.59
CA MET NB 157 31.18 -46.28 75.03
C MET NB 157 30.58 -47.50 75.72
N MET NB 158 29.31 -47.78 75.44
CA MET NB 158 28.65 -48.91 76.08
C MET NB 158 29.15 -50.25 75.55
N ALA NB 159 29.94 -50.24 74.49
CA ALA NB 159 30.62 -51.45 74.04
C ALA NB 159 31.93 -51.69 74.78
N GLY NB 160 32.33 -50.77 75.66
CA GLY NB 160 33.55 -50.92 76.42
C GLY NB 160 34.79 -50.32 75.79
N ILE NB 161 34.69 -49.78 74.58
CA ILE NB 161 35.85 -49.21 73.91
C ILE NB 161 36.27 -47.93 74.61
N ASP NB 162 37.58 -47.78 74.82
CA ASP NB 162 38.11 -46.60 75.47
C ASP NB 162 38.53 -45.53 74.47
N ASP NB 163 39.29 -45.91 73.45
CA ASP NB 163 39.78 -44.97 72.44
C ASP NB 163 39.52 -45.57 71.07
N CYS NB 164 39.07 -44.74 70.12
CA CYS NB 164 38.91 -45.15 68.74
C CYS NB 164 38.63 -43.96 67.84
N TYR NB 165 39.26 -43.92 66.66
CA TYR NB 165 38.91 -42.93 65.67
C TYR NB 165 37.70 -43.40 64.86
N THR NB 166 36.96 -42.46 64.29
CA THR NB 166 35.76 -42.80 63.54
C THR NB 166 35.73 -42.07 62.22
N SER NB 167 35.33 -42.79 61.18
CA SER NB 167 35.19 -42.25 59.82
C SER NB 167 33.84 -42.69 59.28
N ALA NB 168 33.05 -41.73 58.82
CA ALA NB 168 31.71 -42.01 58.33
C ALA NB 168 31.53 -41.47 56.91
N ARG NB 169 30.90 -42.27 56.05
CA ARG NB 169 30.57 -41.87 54.68
C ARG NB 169 29.13 -42.22 54.40
N GLY NB 170 28.49 -41.39 53.59
CA GLY NB 170 27.13 -41.61 53.16
C GLY NB 170 26.15 -40.74 53.94
N CYS NB 171 24.87 -41.00 53.71
CA CYS NB 171 23.80 -40.25 54.38
C CYS NB 171 23.70 -40.74 55.82
N THR NB 172 24.56 -40.19 56.66
CA THR NB 172 24.57 -40.53 58.07
C THR NB 172 23.37 -40.00 58.83
N ALA NB 173 22.56 -39.15 58.19
CA ALA NB 173 21.33 -38.66 58.82
C ALA NB 173 20.38 -39.81 59.15
N THR NB 174 20.40 -40.88 58.36
CA THR NB 174 19.62 -42.07 58.65
C THR NB 174 20.19 -42.74 59.90
N LEU NB 175 19.55 -42.51 61.04
CA LEU NB 175 20.11 -42.97 62.30
C LEU NB 175 20.09 -44.48 62.41
N GLY NB 176 19.06 -45.13 61.86
CA GLY NB 176 18.95 -46.57 62.00
C GLY NB 176 20.10 -47.32 61.36
N ASN NB 177 20.36 -47.03 60.07
CA ASN NB 177 21.49 -47.66 59.41
C ASN NB 177 22.80 -47.17 59.99
N PHE NB 178 22.84 -45.93 60.48
CA PHE NB 178 24.06 -45.40 61.07
C PHE NB 178 24.47 -46.17 62.31
N ALA NB 179 23.50 -46.52 63.16
CA ALA NB 179 23.81 -47.37 64.30
C ALA NB 179 24.04 -48.81 63.89
N LYS NB 180 23.32 -49.28 62.87
CA LYS NB 180 23.47 -50.67 62.44
C LYS NB 180 24.85 -50.93 61.87
N ALA NB 181 25.41 -49.98 61.12
CA ALA NB 181 26.74 -50.17 60.55
C ALA NB 181 27.80 -50.26 61.65
N THR NB 182 27.69 -49.41 62.66
CA THR NB 182 28.60 -49.51 63.80
C THR NB 182 28.43 -50.83 64.53
N PHE NB 183 27.18 -51.28 64.67
CA PHE NB 183 26.92 -52.58 65.27
C PHE NB 183 27.64 -53.68 64.49
N ASP NB 184 27.53 -53.65 63.17
CA ASP NB 184 28.18 -54.67 62.35
C ASP NB 184 29.69 -54.58 62.45
N ALA NB 185 30.24 -53.37 62.49
CA ALA NB 185 31.68 -53.20 62.63
C ALA NB 185 32.16 -53.76 63.96
N ILE NB 186 31.36 -53.60 65.01
CA ILE NB 186 31.68 -54.21 66.29
C ILE NB 186 31.63 -55.73 66.18
N SER NB 187 30.61 -56.25 65.47
CA SER NB 187 30.43 -57.69 65.38
C SER NB 187 31.57 -58.36 64.63
N LYS NB 188 32.13 -57.70 63.63
CA LYS NB 188 33.16 -58.31 62.80
C LYS NB 188 34.54 -58.25 63.42
N THR NB 189 34.66 -57.74 64.65
CA THR NB 189 35.98 -57.63 65.27
C THR NB 189 36.62 -58.99 65.45
N TYR NB 190 35.91 -59.93 66.07
CA TYR NB 190 36.44 -61.28 66.21
C TYR NB 190 36.53 -62.00 64.88
N SER NB 191 35.69 -61.61 63.92
CA SER NB 191 35.77 -62.21 62.60
C SER NB 191 37.10 -61.88 61.92
N TYR NB 192 37.72 -60.78 62.29
CA TYR NB 192 39.00 -60.42 61.71
C TYR NB 192 40.10 -61.34 62.23
N LEU NB 193 40.98 -61.75 61.33
CA LEU NB 193 42.05 -62.68 61.64
C LEU NB 193 43.36 -61.94 61.82
N THR NB 194 44.05 -62.20 62.92
CA THR NB 194 45.32 -61.58 63.26
C THR NB 194 46.32 -62.67 63.63
N PRO NB 195 47.62 -62.40 63.50
CA PRO NB 195 48.63 -63.45 63.72
C PRO NB 195 48.62 -64.04 65.12
N ASP NB 196 48.10 -63.32 66.11
CA ASP NB 196 47.92 -63.92 67.43
C ASP NB 196 46.91 -65.06 67.42
N LEU NB 197 46.03 -65.10 66.43
CA LEU NB 197 45.01 -66.13 66.31
C LEU NB 197 45.47 -67.28 65.43
N TRP NB 198 46.72 -67.25 64.97
CA TRP NB 198 47.27 -68.27 64.08
C TRP NB 198 47.40 -69.63 64.76
N LYS NB 199 47.38 -69.68 66.09
CA LYS NB 199 47.54 -70.93 66.80
C LYS NB 199 46.41 -71.89 66.47
N GLU NB 200 46.75 -73.18 66.37
CA GLU NB 200 45.76 -74.20 66.07
C GLU NB 200 44.67 -74.20 67.13
N THR NB 201 43.43 -74.30 66.69
CA THR NB 201 42.30 -74.22 67.60
C THR NB 201 41.96 -75.59 68.19
N VAL NB 202 42.15 -75.73 69.49
CA VAL NB 202 41.74 -76.91 70.23
C VAL NB 202 40.22 -76.94 70.25
N PHE NB 203 39.64 -78.14 70.26
CA PHE NB 203 38.20 -78.29 70.19
C PHE NB 203 37.70 -78.98 71.46
N THR NB 204 36.65 -78.42 72.05
CA THR NB 204 36.08 -78.94 73.28
C THR NB 204 34.75 -79.62 73.01
N LYS NB 205 34.15 -80.11 74.08
CA LYS NB 205 32.86 -80.78 74.00
C LYS NB 205 31.75 -79.75 73.92
N SER NB 206 30.77 -79.99 73.05
CA SER NB 206 29.63 -79.11 72.94
C SER NB 206 28.77 -79.22 74.21
N PRO NB 207 28.17 -78.10 74.64
CA PRO NB 207 27.31 -78.15 75.83
C PRO NB 207 26.14 -79.09 75.67
N TYR NB 208 25.63 -79.23 74.45
CA TYR NB 208 24.53 -80.15 74.22
C TYR NB 208 24.93 -81.58 74.55
N GLN NB 209 26.10 -82.02 74.11
CA GLN NB 209 26.57 -83.36 74.42
C GLN NB 209 27.25 -83.46 75.77
N GLU NB 210 27.84 -82.36 76.26
CA GLU NB 210 28.49 -82.41 77.56
C GLU NB 210 27.48 -82.66 78.67
N PHE NB 211 26.26 -82.15 78.50
CA PHE NB 211 25.17 -82.38 79.44
C PHE NB 211 24.02 -83.07 78.76
N THR NB 212 24.33 -83.93 77.78
CA THR NB 212 23.29 -84.64 77.05
C THR NB 212 22.51 -85.56 77.98
N ASP NB 213 23.20 -86.18 78.95
CA ASP NB 213 22.51 -86.94 79.96
C ASP NB 213 21.60 -86.05 80.80
N HIS NB 214 22.12 -84.92 81.26
CA HIS NB 214 21.32 -83.99 82.05
C HIS NB 214 20.21 -83.38 81.21
N LEU NB 215 20.45 -83.20 79.90
CA LEU NB 215 19.41 -82.71 79.01
C LEU NB 215 18.29 -83.73 78.86
N VAL NB 216 18.64 -85.01 78.78
CA VAL NB 216 17.63 -86.06 78.69
C VAL NB 216 16.83 -86.12 79.98
N LYS NB 217 17.52 -86.09 81.13
CA LYS NB 217 16.85 -86.21 82.42
C LYS NB 217 15.94 -85.01 82.69
N THR NB 218 16.40 -83.81 82.31
CA THR NB 218 15.65 -82.59 82.59
C THR NB 218 14.77 -82.15 81.43
N HIS NB 219 15.39 -81.80 80.30
CA HIS NB 219 14.67 -81.18 79.19
C HIS NB 219 13.98 -82.26 78.37
N THR NB 220 12.73 -82.53 78.74
CA THR NB 220 11.93 -83.56 78.07
C THR NB 220 11.51 -83.13 76.67
N ALA OB 1 68.10 0.93 47.68
CA ALA OB 1 69.28 1.45 48.35
C ALA OB 1 70.23 2.11 47.36
N ARG OB 2 70.68 3.33 47.69
CA ARG OB 2 71.53 4.11 46.82
C ARG OB 2 73.01 4.00 47.17
N GLY OB 3 73.37 3.10 48.08
CA GLY OB 3 74.75 2.93 48.46
C GLY OB 3 74.92 1.86 49.51
N PRO OB 4 76.11 1.80 50.12
CA PRO OB 4 76.36 0.79 51.15
C PRO OB 4 75.48 1.01 52.37
N LYS OB 5 75.10 -0.09 53.00
CA LYS OB 5 74.28 -0.05 54.20
C LYS OB 5 75.18 0.10 55.42
N LYS OB 6 74.88 1.09 56.24
CA LYS OB 6 75.69 1.40 57.40
C LYS OB 6 74.89 1.24 58.69
N HIS OB 7 73.73 0.59 58.60
CA HIS OB 7 72.96 0.19 59.76
C HIS OB 7 72.91 -1.32 59.81
N LEU OB 8 72.45 -1.84 60.94
CA LEU OB 8 72.21 -3.27 61.08
C LEU OB 8 71.21 -3.49 62.21
N LYS OB 9 70.14 -4.21 61.91
CA LYS OB 9 69.09 -4.42 62.89
C LYS OB 9 69.54 -5.41 63.96
N ARG OB 10 68.96 -5.27 65.15
CA ARG OB 10 69.32 -6.14 66.27
C ARG OB 10 68.98 -7.59 65.97
N VAL OB 11 67.79 -7.85 65.43
CA VAL OB 11 67.44 -9.22 65.08
C VAL OB 11 68.23 -9.69 63.86
N ALA OB 12 68.78 -8.77 63.08
CA ALA OB 12 69.62 -9.12 61.95
C ALA OB 12 71.06 -9.35 62.35
N ALA OB 13 71.39 -9.18 63.62
CA ALA OB 13 72.75 -9.39 64.07
C ALA OB 13 73.11 -10.87 63.98
N PRO OB 14 74.39 -11.18 63.82
CA PRO OB 14 74.80 -12.58 63.88
C PRO OB 14 74.42 -13.21 65.21
N LYS OB 15 73.99 -14.47 65.15
CA LYS OB 15 73.48 -15.13 66.33
C LYS OB 15 74.57 -15.34 67.38
N HIS OB 16 75.80 -15.61 66.94
CA HIS OB 16 76.89 -15.85 67.86
C HIS OB 16 77.24 -14.63 68.69
N TRP OB 17 76.77 -13.45 68.29
CA TRP OB 17 76.92 -12.28 69.14
C TRP OB 17 76.09 -12.40 70.41
N MET OB 18 75.12 -13.33 70.44
CA MET OB 18 74.32 -13.62 71.62
C MET OB 18 73.59 -12.38 72.11
N LEU OB 19 73.26 -11.48 71.19
CA LEU OB 19 72.55 -10.26 71.51
C LEU OB 19 71.09 -10.56 71.79
N ASP OB 20 70.53 -9.86 72.76
CA ASP OB 20 69.13 -10.08 73.12
C ASP OB 20 68.25 -9.12 72.32
N LYS OB 21 66.94 -9.33 72.38
CA LYS OB 21 66.02 -8.67 71.46
C LYS OB 21 65.43 -7.38 71.99
N LEU OB 22 65.14 -7.31 73.29
CA LEU OB 22 64.41 -6.16 73.83
C LEU OB 22 65.31 -4.97 74.07
N THR OB 23 66.63 -5.15 74.09
CA THR OB 23 67.52 -4.04 74.40
C THR OB 23 67.54 -3.01 73.28
N GLY OB 24 67.62 -3.45 72.04
CA GLY OB 24 67.74 -2.47 70.98
C GLY OB 24 67.12 -2.97 69.68
N VAL OB 25 67.02 -2.04 68.74
CA VAL OB 25 66.50 -2.31 67.40
C VAL OB 25 67.68 -2.54 66.49
N PHE OB 26 68.82 -1.96 66.85
CA PHE OB 26 69.96 -1.88 65.96
C PHE OB 26 71.12 -2.66 66.53
N ALA OB 27 71.83 -3.35 65.64
CA ALA OB 27 73.02 -4.09 65.99
C ALA OB 27 74.22 -3.15 65.96
N PRO OB 28 75.34 -3.55 66.58
CA PRO OB 28 76.52 -2.68 66.58
C PRO OB 28 76.95 -2.18 65.20
N ARG OB 29 76.85 -3.01 64.16
CA ARG OB 29 77.28 -2.69 62.82
C ARG OB 29 78.73 -2.20 62.85
N PRO OB 30 79.68 -3.12 63.04
CA PRO OB 30 81.08 -2.71 63.13
C PRO OB 30 81.60 -2.16 61.81
N SER OB 31 82.56 -1.25 61.92
CA SER OB 31 83.25 -0.74 60.74
C SER OB 31 84.13 -1.81 60.13
N THR OB 32 84.69 -1.49 58.96
CA THR OB 32 85.52 -2.44 58.25
C THR OB 32 86.80 -2.73 59.02
N GLY OB 33 87.33 -3.94 58.86
CA GLY OB 33 88.51 -4.37 59.58
C GLY OB 33 89.13 -5.65 59.05
N PRO OB 34 90.00 -6.25 59.85
CA PRO OB 34 90.70 -7.47 59.39
C PRO OB 34 89.79 -8.65 59.17
N HIS OB 35 88.59 -8.64 59.74
CA HIS OB 35 87.68 -9.76 59.65
C HIS OB 35 86.32 -9.28 59.15
N LYS OB 36 85.60 -10.20 58.51
CA LYS OB 36 84.25 -9.92 58.07
C LYS OB 36 83.33 -9.74 59.28
N LEU OB 37 82.34 -8.87 59.13
CA LEU OB 37 81.45 -8.58 60.25
C LEU OB 37 80.59 -9.77 60.65
N ARG OB 38 80.43 -10.74 59.76
CA ARG OB 38 79.64 -11.92 60.09
C ARG OB 38 80.26 -12.74 61.21
N GLU OB 39 81.57 -12.94 61.17
CA GLU OB 39 82.26 -13.80 62.13
C GLU OB 39 83.17 -12.98 63.04
N CYS OB 40 82.85 -11.70 63.21
CA CYS OB 40 83.61 -10.82 64.08
C CYS OB 40 82.84 -10.57 65.37
N LEU OB 41 83.57 -10.10 66.37
CA LEU OB 41 82.98 -9.75 67.67
C LEU OB 41 83.36 -8.32 68.00
N PRO OB 42 82.46 -7.35 67.83
CA PRO OB 42 82.81 -5.95 68.09
C PRO OB 42 83.14 -5.71 69.56
N LEU OB 43 83.96 -4.68 69.80
CA LEU OB 43 84.48 -4.43 71.14
C LEU OB 43 83.38 -4.05 72.13
N ILE OB 44 82.35 -3.35 71.66
CA ILE OB 44 81.29 -2.88 72.55
C ILE OB 44 80.60 -4.05 73.23
N ILE OB 45 80.18 -5.04 72.46
CA ILE OB 45 79.50 -6.18 73.05
C ILE OB 45 80.49 -7.04 73.83
N PHE OB 46 81.74 -7.11 73.36
CA PHE OB 46 82.74 -7.92 74.05
C PHE OB 46 83.00 -7.41 75.46
N LEU OB 47 83.02 -6.09 75.63
CA LEU OB 47 83.29 -5.51 76.94
C LEU OB 47 82.03 -5.18 77.71
N ARG OB 48 80.86 -5.32 77.09
CA ARG OB 48 79.59 -5.06 77.78
C ARG OB 48 78.84 -6.31 78.18
N ASN OB 49 78.98 -7.41 77.44
CA ASN OB 49 78.16 -8.60 77.64
C ASN OB 49 78.96 -9.87 77.86
N ARG OB 50 80.24 -9.90 77.50
CA ARG OB 50 81.09 -11.03 77.84
C ARG OB 50 81.78 -10.82 79.19
N LEU OB 51 82.39 -9.65 79.38
CA LEU OB 51 83.04 -9.30 80.64
C LEU OB 51 82.19 -8.36 81.49
N LYS OB 52 81.20 -7.71 80.90
CA LYS OB 52 80.32 -6.77 81.59
C LYS OB 52 81.09 -5.62 82.24
N TYR OB 53 82.29 -5.34 81.74
CA TYR OB 53 83.04 -4.19 82.25
C TYR OB 53 82.29 -2.90 81.96
N ALA OB 54 81.55 -2.86 80.86
CA ALA OB 54 80.73 -1.73 80.48
C ALA OB 54 79.26 -2.16 80.51
N LEU OB 55 78.38 -1.18 80.71
CA LEU OB 55 76.95 -1.43 80.70
C LEU OB 55 76.24 -0.76 79.54
N THR OB 56 76.74 0.37 79.08
CA THR OB 56 76.16 1.11 77.96
C THR OB 56 77.25 1.41 76.95
N GLY OB 57 76.82 1.88 75.78
CA GLY OB 57 77.77 2.29 74.76
C GLY OB 57 78.63 3.45 75.21
N ASP OB 58 78.08 4.33 76.05
CA ASP OB 58 78.86 5.46 76.55
C ASP OB 58 80.02 4.99 77.41
N GLU OB 59 79.79 3.97 78.25
CA GLU OB 59 80.85 3.47 79.11
C GLU OB 59 81.99 2.87 78.29
N VAL OB 60 81.66 2.07 77.28
CA VAL OB 60 82.71 1.48 76.45
C VAL OB 60 83.37 2.55 75.59
N LYS OB 61 82.62 3.59 75.21
CA LYS OB 61 83.23 4.71 74.49
C LYS OB 61 84.28 5.38 75.35
N LYS OB 62 83.96 5.63 76.62
CA LYS OB 62 84.95 6.18 77.53
C LYS OB 62 86.13 5.25 77.70
N ILE OB 63 85.88 3.95 77.83
CA ILE OB 63 86.96 2.99 78.01
C ILE OB 63 87.92 3.01 76.83
N CYS OB 64 87.37 2.98 75.62
CA CYS OB 64 88.22 3.03 74.42
C CYS OB 64 88.97 4.35 74.32
N MET OB 65 88.29 5.47 74.59
CA MET OB 65 88.91 6.78 74.40
C MET OB 65 89.86 7.14 75.53
N GLN OB 66 89.84 6.39 76.64
CA GLN OB 66 90.91 6.48 77.63
C GLN OB 66 92.13 5.67 77.23
N ARG OB 67 92.04 4.96 76.10
CA ARG OB 67 93.18 4.26 75.47
C ARG OB 67 93.76 3.19 76.39
N PHE OB 68 92.91 2.21 76.71
CA PHE OB 68 93.34 1.03 77.46
C PHE OB 68 93.35 -0.24 76.63
N ILE OB 69 92.44 -0.36 75.68
CA ILE OB 69 92.28 -1.61 74.94
C ILE OB 69 93.39 -1.72 73.90
N LYS OB 70 94.30 -2.66 74.12
CA LYS OB 70 95.34 -2.99 73.16
C LYS OB 70 94.93 -4.28 72.48
N ILE OB 71 94.89 -4.26 71.15
CA ILE OB 71 94.53 -5.42 70.36
C ILE OB 71 95.69 -5.74 69.46
N ASP OB 72 96.17 -6.99 69.55
CA ASP OB 72 97.29 -7.48 68.74
C ASP OB 72 98.54 -6.63 68.94
N GLY OB 73 98.70 -6.10 70.15
CA GLY OB 73 99.80 -5.19 70.42
C GLY OB 73 99.57 -3.76 69.98
N LYS OB 74 98.38 -3.41 69.53
CA LYS OB 74 98.06 -2.04 69.14
C LYS OB 74 96.77 -1.60 69.81
N VAL OB 75 96.76 -0.35 70.26
CA VAL OB 75 95.57 0.23 70.87
C VAL OB 75 94.70 0.83 69.79
N ARG OB 76 93.45 0.38 69.71
CA ARG OB 76 92.46 0.91 68.78
C ARG OB 76 91.36 1.58 69.59
N THR OB 77 90.94 2.76 69.15
CA THR OB 77 89.92 3.53 69.85
C THR OB 77 88.51 3.27 69.31
N ASP OB 78 88.34 2.33 68.39
CA ASP OB 78 87.04 2.04 67.81
C ASP OB 78 86.13 1.38 68.84
N ILE OB 79 84.93 1.92 68.99
CA ILE OB 79 83.89 1.25 69.75
C ILE OB 79 83.48 -0.03 69.06
N THR OB 80 83.46 -0.04 67.73
CA THR OB 80 82.95 -1.13 66.93
C THR OB 80 84.02 -1.73 66.02
N TYR OB 81 85.20 -1.99 66.57
CA TYR OB 81 86.24 -2.59 65.75
C TYR OB 81 85.99 -4.08 65.65
N PRO OB 82 85.93 -4.65 64.46
CA PRO OB 82 85.73 -6.09 64.35
C PRO OB 82 86.95 -6.86 64.83
N ALA OB 83 86.84 -7.46 66.02
CA ALA OB 83 87.98 -8.18 66.59
C ALA OB 83 88.37 -9.36 65.72
N GLY OB 84 87.52 -10.35 65.60
CA GLY OB 84 87.83 -11.51 64.79
C GLY OB 84 88.44 -12.64 65.59
N PHE OB 85 89.12 -13.51 64.86
CA PHE OB 85 89.55 -14.79 65.42
C PHE OB 85 90.96 -14.67 66.01
N MET OB 86 91.11 -15.18 67.23
CA MET OB 86 92.40 -15.35 67.92
C MET OB 86 93.25 -14.08 67.90
N ASP OB 87 92.60 -12.93 68.06
CA ASP OB 87 93.34 -11.70 68.27
C ASP OB 87 93.48 -11.42 69.76
N VAL OB 88 94.71 -11.13 70.17
CA VAL OB 88 95.00 -10.88 71.58
C VAL OB 88 94.33 -9.57 71.99
N ILE OB 89 93.53 -9.63 73.04
CA ILE OB 89 92.85 -8.45 73.56
C ILE OB 89 93.53 -8.09 74.88
N SER OB 90 94.57 -7.27 74.79
CA SER OB 90 95.43 -6.99 75.93
C SER OB 90 94.91 -5.76 76.67
N ILE OB 91 94.69 -5.93 77.96
CA ILE OB 91 94.30 -4.85 78.85
C ILE OB 91 95.37 -4.77 79.92
N ASP OB 92 96.10 -3.66 79.96
CA ASP OB 92 97.27 -3.56 80.84
C ASP OB 92 96.97 -2.85 82.16
N LYS OB 93 95.93 -2.02 82.23
CA LYS OB 93 95.63 -1.38 83.50
C LYS OB 93 95.11 -2.39 84.50
N THR OB 94 94.36 -3.38 84.03
CA THR OB 94 93.93 -4.47 84.89
C THR OB 94 94.74 -5.75 84.67
N GLY OB 95 95.62 -5.79 83.68
CA GLY OB 95 96.59 -6.86 83.54
C GLY OB 95 96.08 -8.25 83.18
N GLU OB 96 95.17 -8.35 82.22
CA GLU OB 96 94.74 -9.64 81.71
C GLU OB 96 94.74 -9.60 80.19
N ASN OB 97 94.79 -10.78 79.59
CA ASN OB 97 94.87 -10.92 78.15
C ASN OB 97 93.85 -11.94 77.69
N PHE OB 98 93.13 -11.61 76.61
CA PHE OB 98 92.11 -12.48 76.05
C PHE OB 98 92.45 -12.84 74.61
N ARG OB 99 92.35 -14.13 74.30
CA ARG OB 99 92.48 -14.61 72.94
C ARG OB 99 91.11 -15.09 72.48
N LEU OB 100 90.57 -14.46 71.44
CA LEU OB 100 89.17 -14.63 71.07
C LEU OB 100 89.00 -15.95 70.35
N ILE OB 101 88.41 -16.93 71.03
CA ILE OB 101 88.34 -18.30 70.56
C ILE OB 101 86.90 -18.77 70.59
N TYR OB 102 86.47 -19.45 69.52
CA TYR OB 102 85.15 -20.07 69.51
C TYR OB 102 85.09 -21.20 70.53
N ASP OB 103 83.96 -21.33 71.20
CA ASP OB 103 83.81 -22.38 72.21
C ASP OB 103 83.43 -23.69 71.53
N THR OB 104 83.10 -24.71 72.32
CA THR OB 104 82.63 -25.96 71.74
C THR OB 104 81.32 -25.79 71.01
N LYS OB 105 80.54 -24.77 71.35
CA LYS OB 105 79.27 -24.50 70.69
C LYS OB 105 79.41 -23.45 69.59
N GLY OB 106 80.62 -23.22 69.10
CA GLY OB 106 80.84 -22.29 68.02
C GLY OB 106 80.52 -20.84 68.33
N ARG OB 107 80.79 -20.40 69.56
CA ARG OB 107 80.62 -19.01 69.94
C ARG OB 107 81.87 -18.55 70.68
N PHE OB 108 82.18 -17.27 70.53
CA PHE OB 108 83.35 -16.70 71.20
C PHE OB 108 83.15 -16.72 72.71
N ALA OB 109 84.13 -17.26 73.43
CA ALA OB 109 84.08 -17.37 74.88
C ALA OB 109 85.25 -16.63 75.53
N VAL OB 110 85.10 -16.36 76.83
CA VAL OB 110 86.11 -15.63 77.61
C VAL OB 110 87.25 -16.60 77.91
N HIS OB 111 88.32 -16.49 77.14
CA HIS OB 111 89.56 -17.23 77.39
C HIS OB 111 90.65 -16.25 77.79
N ARG OB 112 91.31 -16.52 78.91
CA ARG OB 112 92.37 -15.67 79.43
C ARG OB 112 93.72 -16.30 79.13
N ILE OB 113 94.70 -15.47 78.78
CA ILE OB 113 96.04 -15.94 78.44
C ILE OB 113 97.08 -15.09 79.15
N THR OB 114 98.25 -15.68 79.33
CA THR OB 114 99.39 -15.00 79.95
C THR OB 114 100.05 -14.05 78.96
N PRO OB 115 100.71 -12.99 79.45
CA PRO OB 115 101.40 -12.07 78.54
C PRO OB 115 102.48 -12.73 77.69
N GLU OB 116 103.21 -13.69 78.25
CA GLU OB 116 104.23 -14.37 77.46
C GLU OB 116 103.65 -15.24 76.36
N GLU OB 117 102.44 -15.78 76.56
CA GLU OB 117 101.75 -16.43 75.47
C GLU OB 117 101.05 -15.41 74.58
N ALA OB 118 100.63 -14.28 75.16
CA ALA OB 118 100.01 -13.21 74.39
C ALA OB 118 101.01 -12.47 73.52
N LYS OB 119 102.31 -12.69 73.74
CA LYS OB 119 103.34 -12.03 72.94
C LYS OB 119 103.29 -12.44 71.47
N TYR OB 120 102.91 -13.68 71.19
CA TYR OB 120 102.86 -14.20 69.83
C TYR OB 120 101.42 -14.52 69.43
N LYS OB 121 101.24 -14.89 68.17
CA LYS OB 121 99.91 -15.07 67.60
C LYS OB 121 100.02 -15.91 66.34
N LEU OB 122 99.10 -16.85 66.17
CA LEU OB 122 99.05 -17.68 64.97
C LEU OB 122 98.19 -17.02 63.91
N CYS OB 123 98.61 -17.15 62.65
CA CYS OB 123 97.85 -16.68 61.50
C CYS OB 123 97.86 -17.75 60.42
N LYS OB 124 96.82 -17.74 59.59
CA LYS OB 124 96.71 -18.66 58.48
C LYS OB 124 96.79 -17.87 57.18
N VAL OB 125 97.75 -18.24 56.34
CA VAL OB 125 97.93 -17.57 55.05
C VAL OB 125 96.71 -17.86 54.17
N ARG OB 126 96.31 -16.87 53.38
CA ARG OB 126 95.21 -17.03 52.46
C ARG OB 126 95.64 -17.12 51.01
N LYS OB 127 96.72 -16.43 50.64
CA LYS OB 127 97.24 -16.46 49.29
C LYS OB 127 98.72 -16.08 49.33
N ILE OB 128 99.49 -16.64 48.41
CA ILE OB 128 100.91 -16.34 48.29
C ILE OB 128 101.19 -15.94 46.85
N PHE OB 129 101.74 -14.74 46.67
CA PHE OB 129 102.05 -14.22 45.36
C PHE OB 129 103.39 -13.52 45.39
N VAL OB 130 104.03 -13.44 44.23
CA VAL OB 130 105.24 -12.66 44.05
C VAL OB 130 104.84 -11.29 43.50
N GLY OB 131 105.38 -10.24 44.12
CA GLY OB 131 105.13 -8.88 43.70
C GLY OB 131 106.21 -8.38 42.77
N THR OB 132 106.12 -7.07 42.49
CA THR OB 132 107.08 -6.45 41.58
C THR OB 132 108.50 -6.60 42.12
N LYS OB 133 109.46 -6.55 41.21
CA LYS OB 133 110.88 -6.80 41.50
C LYS OB 133 111.12 -8.18 42.07
N GLY OB 134 110.25 -9.14 41.74
CA GLY OB 134 110.39 -10.49 42.25
C GLY OB 134 110.33 -10.56 43.77
N ILE OB 135 109.49 -9.73 44.38
CA ILE OB 135 109.39 -9.65 45.84
C ILE OB 135 108.20 -10.49 46.28
N PRO OB 136 108.41 -11.59 47.00
CA PRO OB 136 107.26 -12.38 47.49
C PRO OB 136 106.51 -11.63 48.56
N HIS OB 137 105.23 -11.97 48.69
CA HIS OB 137 104.34 -11.38 49.66
C HIS OB 137 103.58 -12.50 50.36
N LEU OB 138 102.80 -12.13 51.36
CA LEU OB 138 101.99 -13.10 52.09
C LEU OB 138 100.77 -12.41 52.65
N VAL OB 139 99.58 -12.91 52.32
CA VAL OB 139 98.32 -12.39 52.84
C VAL OB 139 97.79 -13.38 53.86
N THR OB 140 97.54 -12.91 55.07
CA THR OB 140 97.10 -13.78 56.15
C THR OB 140 95.59 -13.96 56.09
N HIS OB 141 95.05 -14.74 57.03
CA HIS OB 141 93.60 -14.78 57.23
C HIS OB 141 93.08 -13.46 57.77
N ASP OB 142 93.93 -12.68 58.42
CA ASP OB 142 93.62 -11.29 58.72
C ASP OB 142 94.13 -10.42 57.58
N ALA OB 143 93.80 -9.13 57.62
CA ALA OB 143 94.13 -8.22 56.54
C ALA OB 143 95.59 -7.80 56.54
N ARG OB 144 96.36 -8.21 57.56
CA ARG OB 144 97.79 -7.95 57.58
C ARG OB 144 98.46 -8.68 56.44
N THR OB 145 99.39 -8.01 55.78
CA THR OB 145 100.26 -8.63 54.79
C THR OB 145 101.69 -8.56 55.28
N ILE OB 146 102.52 -9.50 54.83
CA ILE OB 146 103.94 -9.49 55.11
C ILE OB 146 104.70 -9.84 53.84
N ARG OB 147 105.99 -9.55 53.85
CA ARG OB 147 106.87 -9.81 52.73
C ARG OB 147 108.01 -10.70 53.18
N TYR OB 148 108.65 -11.34 52.20
CA TYR OB 148 109.79 -12.22 52.42
C TYR OB 148 109.51 -13.34 53.42
N PRO OB 149 108.55 -14.21 53.16
CA PRO OB 149 108.28 -15.33 54.06
C PRO OB 149 109.12 -16.54 53.66
N ASP OB 150 108.90 -17.64 54.38
CA ASP OB 150 109.53 -18.89 53.99
C ASP OB 150 108.90 -19.40 52.71
N PRO OB 151 109.69 -19.70 51.68
CA PRO OB 151 109.13 -20.37 50.50
C PRO OB 151 108.57 -21.74 50.80
N LEU OB 152 108.99 -22.36 51.91
CA LEU OB 152 108.35 -23.59 52.36
C LEU OB 152 106.88 -23.38 52.71
N ILE OB 153 106.51 -22.17 53.14
CA ILE OB 153 105.12 -21.89 53.43
C ILE OB 153 104.32 -21.92 52.14
N LYS OB 154 103.29 -22.75 52.12
CA LYS OB 154 102.38 -22.85 50.99
C LYS OB 154 101.07 -22.17 51.35
N VAL OB 155 100.09 -22.28 50.45
CA VAL OB 155 98.77 -21.74 50.69
C VAL OB 155 98.15 -22.44 51.92
N ASN OB 156 97.23 -21.72 52.57
CA ASN OB 156 96.41 -22.16 53.71
C ASN OB 156 97.15 -23.04 54.72
N ASP OB 157 98.35 -22.61 55.08
CA ASP OB 157 99.08 -23.13 56.22
C ASP OB 157 98.91 -22.17 57.39
N THR OB 158 99.56 -22.49 58.50
CA THR OB 158 99.52 -21.64 59.69
C THR OB 158 100.94 -21.24 60.09
N ILE OB 159 101.13 -19.97 60.40
CA ILE OB 159 102.43 -19.42 60.74
C ILE OB 159 102.38 -18.84 62.15
N GLN OB 160 103.55 -18.72 62.77
CA GLN OB 160 103.68 -18.13 64.11
C GLN OB 160 104.14 -16.68 63.98
N ILE OB 161 103.32 -15.77 64.49
CA ILE OB 161 103.64 -14.34 64.45
C ILE OB 161 103.72 -13.79 65.87
N ASP OB 162 104.87 -13.25 66.22
CA ASP OB 162 104.99 -12.48 67.45
C ASP OB 162 104.51 -11.05 67.21
N LEU OB 163 103.97 -10.43 68.26
CA LEU OB 163 103.49 -9.07 68.14
C LEU OB 163 104.66 -8.09 68.13
N GLU OB 164 104.33 -6.83 67.81
CA GLU OB 164 105.23 -5.67 67.80
C GLU OB 164 106.28 -5.76 66.71
N THR OB 165 106.31 -6.86 65.99
CA THR OB 165 107.21 -7.06 64.86
C THR OB 165 106.47 -7.49 63.60
N GLY OB 166 105.42 -8.30 63.74
CA GLY OB 166 104.74 -8.83 62.58
C GLY OB 166 105.56 -9.82 61.77
N LYS OB 167 106.58 -10.42 62.36
CA LYS OB 167 107.47 -11.31 61.63
C LYS OB 167 107.18 -12.77 61.97
N ILE OB 168 107.61 -13.65 61.08
CA ILE OB 168 107.39 -15.09 61.19
C ILE OB 168 108.52 -15.69 62.00
N THR OB 169 108.18 -16.45 63.04
CA THR OB 169 109.17 -17.23 63.77
C THR OB 169 109.05 -18.73 63.53
N ASP OB 170 107.84 -19.22 63.24
CA ASP OB 170 107.65 -20.64 62.94
C ASP OB 170 106.35 -20.79 62.16
N PHE OB 171 106.15 -21.98 61.59
CA PHE OB 171 104.91 -22.25 60.90
C PHE OB 171 104.62 -23.74 60.90
N ILE OB 172 103.37 -24.07 60.61
CA ILE OB 172 102.90 -25.45 60.52
C ILE OB 172 102.39 -25.67 59.10
N LYS OB 173 102.93 -26.70 58.44
CA LYS OB 173 102.40 -27.13 57.16
C LYS OB 173 101.00 -27.71 57.32
N PHE OB 174 100.21 -27.62 56.27
CA PHE OB 174 98.91 -28.29 56.22
C PHE OB 174 99.13 -29.70 55.73
N ASP OB 175 99.22 -30.65 56.66
CA ASP OB 175 99.54 -32.04 56.33
C ASP OB 175 98.61 -32.98 57.06
N THR OB 176 98.47 -34.19 56.50
CA THR OB 176 97.66 -35.22 57.11
C THR OB 176 98.17 -35.55 58.51
N GLY OB 177 97.25 -35.63 59.46
CA GLY OB 177 97.61 -35.94 60.82
C GLY OB 177 97.92 -34.77 61.71
N ASN OB 178 97.52 -33.56 61.32
CA ASN OB 178 97.82 -32.37 62.09
C ASN OB 178 96.61 -31.90 62.88
N LEU OB 179 96.86 -31.41 64.09
CA LEU OB 179 95.82 -30.79 64.89
C LEU OB 179 95.32 -29.52 64.21
N CYS OB 180 94.01 -29.27 64.28
CA CYS OB 180 93.39 -28.14 63.61
C CYS OB 180 92.20 -27.65 64.41
N MET OB 181 91.44 -26.74 63.79
CA MET OB 181 90.19 -26.23 64.35
C MET OB 181 89.33 -25.72 63.21
N VAL OB 182 88.02 -25.98 63.30
CA VAL OB 182 87.09 -25.52 62.28
C VAL OB 182 86.72 -24.07 62.56
N THR OB 183 86.80 -23.24 61.52
CA THR OB 183 86.57 -21.81 61.66
C THR OB 183 85.33 -21.35 60.90
N GLY OB 184 84.31 -22.20 60.79
CA GLY OB 184 83.07 -21.77 60.19
C GLY OB 184 82.11 -22.92 60.03
N GLY OB 185 80.83 -22.58 60.04
CA GLY OB 185 79.78 -23.57 59.83
C GLY OB 185 79.27 -24.19 61.12
N ALA OB 186 78.59 -25.31 60.96
CA ALA OB 186 78.05 -26.02 62.11
C ALA OB 186 79.15 -26.59 62.98
N ASN OB 187 80.22 -27.10 62.37
CA ASN OB 187 81.34 -27.67 63.10
C ASN OB 187 82.23 -26.63 63.75
N LEU OB 188 81.79 -25.37 63.81
CA LEU OB 188 82.60 -24.31 64.39
C LEU OB 188 82.91 -24.58 65.85
N GLY OB 189 84.17 -24.37 66.21
CA GLY OB 189 84.60 -24.54 67.58
C GLY OB 189 84.97 -25.94 67.99
N ARG OB 190 85.14 -26.85 67.04
CA ARG OB 190 85.58 -28.21 67.33
C ARG OB 190 87.10 -28.29 67.19
N ILE OB 191 87.71 -29.17 67.96
CA ILE OB 191 89.14 -29.45 67.83
C ILE OB 191 89.31 -30.89 67.40
N GLY OB 192 90.12 -31.11 66.37
CA GLY OB 192 90.38 -32.44 65.88
C GLY OB 192 91.68 -32.48 65.13
N VAL OB 193 91.96 -33.63 64.53
CA VAL OB 193 93.19 -33.87 63.79
C VAL OB 193 92.82 -34.21 62.36
N ILE OB 194 93.57 -33.64 61.41
CA ILE OB 194 93.36 -33.87 59.98
C ILE OB 194 93.48 -35.36 59.67
N THR OB 195 92.38 -35.98 59.24
CA THR OB 195 92.42 -37.38 58.87
C THR OB 195 92.46 -37.59 57.37
N ASN OB 196 91.49 -37.06 56.64
CA ASN OB 196 91.48 -37.22 55.19
C ASN OB 196 91.15 -35.89 54.54
N ARG OB 197 91.77 -35.65 53.39
CA ARG OB 197 91.49 -34.49 52.57
C ARG OB 197 91.21 -34.97 51.16
N GLU OB 198 89.97 -34.78 50.71
CA GLU OB 198 89.62 -35.01 49.32
C GLU OB 198 89.41 -33.66 48.64
N ARG OB 199 90.00 -33.51 47.46
CA ARG OB 199 89.94 -32.26 46.73
C ARG OB 199 89.05 -32.41 45.51
N HIS OB 200 88.35 -31.35 45.17
CA HIS OB 200 87.53 -31.32 43.95
C HIS OB 200 88.04 -30.21 43.06
N PRO OB 201 88.61 -30.54 41.90
CA PRO OB 201 89.07 -29.49 40.98
C PRO OB 201 87.91 -28.59 40.58
N GLY OB 202 88.15 -27.29 40.65
CA GLY OB 202 87.09 -26.33 40.43
C GLY OB 202 86.01 -26.32 41.49
N SER OB 203 86.27 -26.88 42.66
CA SER OB 203 85.26 -26.90 43.71
C SER OB 203 85.97 -26.88 45.06
N PHE OB 204 85.17 -26.93 46.12
CA PHE OB 204 85.69 -26.77 47.47
C PHE OB 204 86.23 -28.10 47.97
N ASP OB 205 87.46 -28.07 48.47
CA ASP OB 205 88.06 -29.27 49.04
C ASP OB 205 87.38 -29.63 50.35
N VAL OB 206 87.08 -30.91 50.51
CA VAL OB 206 86.41 -31.42 51.69
C VAL OB 206 87.42 -32.19 52.51
N VAL OB 207 87.51 -31.87 53.79
CA VAL OB 207 88.46 -32.48 54.71
C VAL OB 207 87.70 -33.26 55.76
N HIS OB 208 88.20 -34.45 56.08
CA HIS OB 208 87.68 -35.24 57.18
C HIS OB 208 88.59 -35.07 58.38
N VAL OB 209 88.01 -34.68 59.50
CA VAL OB 209 88.74 -34.44 60.74
C VAL OB 209 88.06 -35.23 61.85
N LYS OB 210 88.85 -35.94 62.65
CA LYS OB 210 88.34 -36.68 63.80
C LYS OB 210 88.84 -36.00 65.07
N ASP OB 211 87.99 -35.91 66.07
CA ASP OB 211 88.36 -35.25 67.31
C ASP OB 211 89.19 -36.22 68.16
N ALA OB 212 89.49 -35.81 69.40
CA ALA OB 212 90.21 -36.70 70.31
C ALA OB 212 89.34 -37.88 70.73
N ASN OB 213 88.04 -37.65 70.89
CA ASN OB 213 87.13 -38.68 71.37
C ASN OB 213 86.82 -39.75 70.33
N GLY OB 214 87.25 -39.56 69.08
CA GLY OB 214 86.99 -40.52 68.03
C GLY OB 214 85.84 -40.17 67.10
N ASN OB 215 85.29 -38.97 67.22
CA ASN OB 215 84.15 -38.57 66.40
C ASN OB 215 84.65 -37.95 65.09
N SER OB 216 84.22 -38.52 63.97
CA SER OB 216 84.64 -38.06 62.66
C SER OB 216 83.57 -37.19 62.03
N PHE OB 217 83.98 -36.14 61.32
CA PHE OB 217 83.07 -35.25 60.64
C PHE OB 217 83.71 -34.81 59.33
N ALA OB 218 83.15 -33.76 58.73
CA ALA OB 218 83.73 -33.19 57.52
C ALA OB 218 83.40 -31.71 57.46
N THR OB 219 84.21 -30.99 56.68
CA THR OB 219 83.98 -29.56 56.42
C THR OB 219 84.83 -29.15 55.23
N ARG OB 220 84.60 -27.93 54.77
CA ARG OB 220 85.38 -27.41 53.65
C ARG OB 220 86.78 -27.02 54.09
N LEU OB 221 87.68 -26.98 53.10
CA LEU OB 221 89.04 -26.51 53.35
C LEU OB 221 89.04 -25.04 53.76
N SER OB 222 88.02 -24.28 53.38
CA SER OB 222 87.93 -22.87 53.68
C SER OB 222 87.65 -22.56 55.14
N ASN OB 223 87.31 -23.57 55.95
CA ASN OB 223 86.95 -23.33 57.34
C ASN OB 223 87.88 -24.04 58.32
N ILE OB 224 89.10 -24.38 57.92
CA ILE OB 224 90.02 -25.15 58.76
C ILE OB 224 91.22 -24.28 59.09
N PHE OB 225 91.56 -24.21 60.37
CA PHE OB 225 92.73 -23.48 60.86
C PHE OB 225 93.62 -24.49 61.59
N VAL OB 226 94.81 -24.74 61.04
CA VAL OB 226 95.76 -25.61 61.73
C VAL OB 226 96.26 -24.90 62.98
N ILE OB 227 96.09 -25.54 64.14
CA ILE OB 227 96.45 -24.94 65.41
C ILE OB 227 97.45 -25.77 66.20
N GLY OB 228 97.83 -26.95 65.71
CA GLY OB 228 98.75 -27.80 66.43
C GLY OB 228 99.64 -28.59 65.51
N LYS OB 229 100.84 -28.89 65.99
CA LYS OB 229 101.80 -29.71 65.25
C LYS OB 229 101.44 -31.17 65.50
N GLY OB 230 100.61 -31.72 64.63
CA GLY OB 230 100.16 -33.08 64.77
C GLY OB 230 99.02 -33.22 65.76
N ASN OB 231 99.33 -33.18 67.04
CA ASN OB 231 98.32 -33.19 68.09
C ASN OB 231 98.56 -32.20 69.23
N LYS OB 232 99.78 -31.73 69.45
CA LYS OB 232 100.01 -30.71 70.46
C LYS OB 232 99.72 -29.33 69.90
N PRO OB 233 98.76 -28.59 70.47
CA PRO OB 233 98.48 -27.25 69.95
C PRO OB 233 99.61 -26.28 70.22
N TRP OB 234 99.73 -25.29 69.33
CA TRP OB 234 100.63 -24.17 69.55
C TRP OB 234 100.01 -23.06 70.38
N ILE OB 235 98.74 -23.22 70.79
CA ILE OB 235 98.03 -22.22 71.54
C ILE OB 235 97.51 -22.84 72.83
N SER OB 236 97.03 -22.00 73.74
CA SER OB 236 96.43 -22.45 74.98
C SER OB 236 94.94 -22.70 74.74
N LEU OB 237 94.53 -23.95 74.88
CA LEU OB 237 93.16 -24.31 74.53
C LEU OB 237 92.18 -23.90 75.63
N PRO OB 238 90.97 -23.52 75.24
CA PRO OB 238 89.95 -23.18 76.25
C PRO OB 238 89.34 -24.41 76.90
N ARG OB 239 88.32 -24.17 77.73
CA ARG OB 239 87.66 -25.26 78.44
C ARG OB 239 86.88 -26.15 77.49
N GLY OB 240 86.75 -27.42 77.85
CA GLY OB 240 86.10 -28.39 76.99
C GLY OB 240 86.98 -28.92 75.89
N LYS OB 241 88.16 -28.31 75.68
CA LYS OB 241 89.16 -28.76 74.73
C LYS OB 241 88.62 -28.80 73.30
N GLY OB 242 87.57 -28.04 73.05
CA GLY OB 242 87.00 -27.95 71.71
C GLY OB 242 86.52 -29.27 71.16
N ILE OB 243 85.95 -30.12 72.00
CA ILE OB 243 85.38 -31.39 71.56
C ILE OB 243 83.87 -31.24 71.64
N ARG OB 244 83.20 -31.26 70.50
CA ARG OB 244 81.76 -31.06 70.48
C ARG OB 244 81.07 -32.26 71.12
N LEU OB 245 80.22 -31.97 72.10
CA LEU OB 245 79.46 -32.97 72.82
C LEU OB 245 77.97 -32.67 72.71
N THR OB 246 77.16 -33.71 72.53
CA THR OB 246 75.73 -33.51 72.33
C THR OB 246 75.05 -33.18 73.65
N ILE OB 247 73.78 -32.81 73.52
CA ILE OB 247 72.97 -32.44 74.69
C ILE OB 247 72.77 -33.63 75.62
N ALA OB 248 72.85 -34.85 75.09
CA ALA OB 248 72.68 -36.03 75.94
C ALA OB 248 73.74 -36.09 77.03
N GLU OB 249 75.00 -35.96 76.64
CA GLU OB 249 76.09 -35.89 77.61
C GLU OB 249 76.35 -34.48 78.12
N GLU OB 250 75.39 -33.57 77.92
CA GLU OB 250 75.46 -32.23 78.47
C GLU OB 250 74.49 -32.00 79.60
N ARG OB 251 73.24 -32.46 79.44
CA ARG OB 251 72.24 -32.31 80.49
C ARG OB 251 72.66 -33.05 81.76
N ASP OB 252 73.16 -34.27 81.60
CA ASP OB 252 73.63 -35.04 82.75
C ASP OB 252 74.82 -34.36 83.42
N LYS OB 253 75.71 -33.75 82.63
CA LYS OB 253 76.79 -32.97 83.21
C LYS OB 253 76.25 -31.80 84.02
N ARG OB 254 75.21 -31.14 83.49
CA ARG OB 254 74.56 -30.07 84.24
C ARG OB 254 74.03 -30.57 85.57
N LEU OB 255 73.34 -31.71 85.54
CA LEU OB 255 72.75 -32.24 86.77
C LEU OB 255 73.82 -32.67 87.76
N ALA OB 256 74.92 -33.25 87.27
CA ALA OB 256 76.02 -33.65 88.14
C ALA OB 256 76.67 -32.43 88.79
N ALA OB 257 76.91 -31.39 88.00
CA ALA OB 257 77.46 -30.16 88.57
C ALA OB 257 76.49 -29.52 89.55
N LYS OB 258 75.20 -29.59 89.26
CA LYS OB 258 74.18 -29.07 90.17
C LYS OB 258 74.19 -29.82 91.49
N GLN OB 259 74.31 -31.15 91.43
CA GLN OB 259 74.35 -31.94 92.66
C GLN OB 259 75.65 -31.70 93.42
N SER OB 260 76.74 -31.44 92.71
CA SER OB 260 78.00 -31.10 93.37
C SER OB 260 77.91 -29.75 94.09
N SER OB 261 77.27 -28.77 93.46
CA SER OB 261 77.15 -27.45 94.07
C SER OB 261 76.09 -27.40 95.17
N GLY OB 262 74.98 -28.12 95.01
CA GLY OB 262 73.91 -28.09 96.00
C GLY OB 262 74.03 -29.24 96.99
N MET PB 1 67.86 56.89 38.91
CA MET PB 1 68.84 55.81 38.94
C MET PB 1 70.02 56.17 39.83
N LYS PB 2 70.15 55.44 40.93
CA LYS PB 2 71.27 55.66 41.85
C LYS PB 2 72.57 55.19 41.21
N LEU PB 3 73.69 55.67 41.77
CA LEU PB 3 75.00 55.31 41.26
C LEU PB 3 75.92 55.04 42.44
N ASN PB 4 76.36 53.78 42.57
CA ASN PB 4 77.36 53.42 43.58
C ASN PB 4 78.72 53.80 43.02
N ILE PB 5 79.37 54.76 43.67
CA ILE PB 5 80.59 55.36 43.16
C ILE PB 5 81.73 55.04 44.11
N SER PB 6 82.72 54.31 43.63
CA SER PB 6 83.83 53.85 44.46
C SER PB 6 85.14 54.20 43.77
N PHE PB 7 86.05 54.82 44.51
CA PHE PB 7 87.41 55.05 44.01
C PHE PB 7 88.33 54.08 44.73
N PRO PB 8 88.92 53.12 44.01
CA PRO PB 8 89.65 52.02 44.70
C PRO PB 8 90.82 52.49 45.54
N ALA PB 9 91.55 53.53 45.11
CA ALA PB 9 92.75 53.91 45.83
C ALA PB 9 92.47 54.66 47.12
N THR PB 10 91.22 55.06 47.37
CA THR PB 10 90.87 55.72 48.62
C THR PB 10 89.74 55.05 49.39
N GLY PB 11 89.01 54.11 48.77
CA GLY PB 11 87.85 53.56 49.44
C GLY PB 11 86.71 54.57 49.48
N CYS PB 12 85.93 54.52 50.55
CA CYS PB 12 84.81 55.45 50.78
C CYS PB 12 83.86 55.50 49.59
N GLN PB 13 83.37 54.31 49.20
CA GLN PB 13 82.35 54.25 48.16
C GLN PB 13 81.10 54.98 48.61
N LYS PB 14 80.53 55.78 47.71
CA LYS PB 14 79.37 56.58 48.03
C LYS PB 14 78.35 56.44 46.92
N LEU PB 15 77.08 56.52 47.31
CA LEU PB 15 75.97 56.35 46.40
C LEU PB 15 75.49 57.74 45.96
N ILE PB 16 75.27 57.91 44.66
CA ILE PB 16 74.94 59.20 44.09
C ILE PB 16 73.59 59.09 43.38
N GLU PB 17 72.68 60.02 43.70
CA GLU PB 17 71.39 60.12 43.03
C GLU PB 17 71.43 61.21 41.98
N VAL PB 18 71.03 60.86 40.76
CA VAL PB 18 70.89 61.80 39.66
C VAL PB 18 69.56 61.54 38.98
N ASP PB 19 69.08 62.53 38.21
CA ASP PB 19 67.86 62.36 37.46
C ASP PB 19 67.93 63.03 36.09
N ASP PB 20 69.14 63.21 35.56
CA ASP PB 20 69.34 63.81 34.25
C ASP PB 20 69.69 62.74 33.24
N GLU PB 21 68.77 62.52 32.29
CA GLU PB 21 69.07 61.62 31.18
C GLU PB 21 70.22 62.16 30.34
N ARG PB 22 70.27 63.48 30.18
CA ARG PB 22 71.34 64.11 29.42
C ARG PB 22 72.69 63.87 30.08
N LYS PB 23 72.75 63.97 31.41
CA LYS PB 23 73.95 63.57 32.12
C LYS PB 23 74.16 62.06 32.07
N LEU PB 24 73.08 61.29 31.96
CA LEU PB 24 73.17 59.84 31.96
C LEU PB 24 73.24 59.25 30.56
N ARG PB 25 73.09 60.07 29.52
CA ARG PB 25 73.30 59.61 28.16
C ARG PB 25 74.72 59.11 27.93
N THR PB 26 75.68 59.63 28.68
CA THR PB 26 77.09 59.32 28.44
C THR PB 26 77.40 57.85 28.71
N PHE PB 27 76.57 57.15 29.46
CA PHE PB 27 76.85 55.76 29.78
C PHE PB 27 75.98 54.77 29.04
N TYR PB 28 74.96 55.23 28.31
CA TYR PB 28 74.01 54.31 27.71
C TYR PB 28 74.64 53.54 26.57
N GLU PB 29 74.07 52.37 26.28
CA GLU PB 29 74.52 51.47 25.21
C GLU PB 29 75.99 51.09 25.37
N LYS PB 30 76.40 50.80 26.60
CA LYS PB 30 77.77 50.45 26.89
C LYS PB 30 77.83 49.16 27.71
N ARG PB 31 78.91 48.41 27.53
CA ARG PB 31 79.06 47.13 28.20
C ARG PB 31 79.75 47.30 29.55
N MET PB 32 79.82 46.20 30.28
CA MET PB 32 80.54 46.16 31.54
C MET PB 32 82.05 46.18 31.29
N ALA PB 33 82.79 46.54 32.34
CA ALA PB 33 84.25 46.62 32.30
C ALA PB 33 84.74 47.55 31.19
N THR PB 34 83.98 48.60 30.91
CA THR PB 34 84.31 49.57 29.90
C THR PB 34 84.61 50.93 30.54
N GLU PB 35 85.69 51.56 30.10
CA GLU PB 35 86.12 52.83 30.64
C GLU PB 35 85.47 53.96 29.85
N VAL PB 36 84.78 54.84 30.56
CA VAL PB 36 84.05 55.94 29.95
C VAL PB 36 84.48 57.24 30.61
N ALA PB 37 84.76 58.24 29.79
CA ALA PB 37 85.10 59.57 30.30
C ALA PB 37 83.88 60.15 31.00
N ALA PB 38 84.00 60.33 32.32
CA ALA PB 38 82.87 60.79 33.13
C ALA PB 38 82.89 62.30 33.32
N ASP PB 39 83.10 63.04 32.24
CA ASP PB 39 83.16 64.50 32.34
C ASP PB 39 81.84 65.18 32.01
N ALA PB 40 80.81 64.42 31.66
CA ALA PB 40 79.50 64.99 31.39
C ALA PB 40 78.67 65.20 32.65
N LEU PB 41 79.20 64.81 33.81
CA LEU PB 41 78.48 64.94 35.08
C LEU PB 41 78.83 66.23 35.81
N GLY PB 42 78.67 67.35 35.13
CA GLY PB 42 79.02 68.64 35.69
C GLY PB 42 80.51 68.91 35.63
N GLU PB 43 80.88 70.09 36.12
CA GLU PB 43 82.30 70.46 36.13
C GLU PB 43 83.07 69.73 37.21
N GLU PB 44 82.40 69.32 38.29
CA GLU PB 44 83.08 68.59 39.34
C GLU PB 44 83.60 67.25 38.84
N TRP PB 45 82.92 66.65 37.87
CA TRP PB 45 83.32 65.37 37.32
C TRP PB 45 84.15 65.52 36.06
N LYS PB 46 84.55 66.75 35.74
CA LYS PB 46 85.49 66.99 34.67
C LYS PB 46 86.81 66.31 34.99
N GLY PB 47 87.48 65.82 33.94
CA GLY PB 47 88.75 65.14 34.09
C GLY PB 47 88.67 63.78 34.76
N TYR PB 48 87.49 63.19 34.85
CA TYR PB 48 87.27 61.97 35.61
C TYR PB 48 86.92 60.81 34.69
N VAL PB 49 87.63 59.70 34.86
CA VAL PB 49 87.43 58.49 34.06
C VAL PB 49 86.95 57.39 35.00
N VAL PB 50 85.83 56.78 34.65
CA VAL PB 50 85.16 55.82 35.51
C VAL PB 50 84.93 54.53 34.72
N ARG PB 51 84.82 53.41 35.43
CA ARG PB 51 84.63 52.11 34.81
C ARG PB 51 83.24 51.59 35.15
N ILE PB 52 82.57 51.01 34.16
CA ILE PB 52 81.31 50.30 34.39
C ILE PB 52 81.64 48.93 34.96
N SER PB 53 81.34 48.73 36.24
CA SER PB 53 81.72 47.51 36.94
C SER PB 53 80.53 46.71 37.46
N GLY PB 54 79.31 47.13 37.17
CA GLY PB 54 78.14 46.37 37.56
C GLY PB 54 76.97 47.26 37.85
N GLY PB 55 75.92 46.67 38.40
CA GLY PB 55 74.70 47.39 38.68
C GLY PB 55 73.59 46.42 39.03
N ASN PB 56 72.36 46.93 39.01
CA ASN PB 56 71.19 46.14 39.31
C ASN PB 56 70.09 46.45 38.31
N ASP PB 57 69.18 45.49 38.14
CA ASP PB 57 68.00 45.68 37.29
C ASP PB 57 67.01 46.60 38.00
N LYS PB 58 65.99 47.02 37.26
CA LYS PB 58 64.88 47.76 37.87
C LYS PB 58 64.24 46.96 38.99
N GLN PB 59 64.23 45.64 38.87
CA GLN PB 59 63.78 44.75 39.94
C GLN PB 59 64.94 44.19 40.74
N GLY PB 60 66.12 44.80 40.64
CA GLY PB 60 67.25 44.46 41.47
C GLY PB 60 68.09 43.31 40.97
N PHE PB 61 67.81 42.78 39.80
CA PHE PB 61 68.57 41.65 39.30
C PHE PB 61 69.95 42.10 38.83
N PRO PB 62 71.03 41.54 39.36
CA PRO PB 62 72.37 41.95 38.94
C PRO PB 62 72.66 41.53 37.51
N MET PB 63 73.51 42.31 36.87
CA MET PB 63 73.96 42.04 35.51
C MET PB 63 75.17 41.11 35.53
N LYS PB 64 75.44 40.49 34.39
CA LYS PB 64 76.56 39.57 34.23
C LYS PB 64 77.39 39.98 33.02
N GLN PB 65 78.70 39.91 33.17
CA GLN PB 65 79.60 40.19 32.06
C GLN PB 65 79.44 39.15 30.97
N GLY PB 66 79.29 39.60 29.73
CA GLY PB 66 79.24 38.70 28.60
C GLY PB 66 77.85 38.24 28.20
N VAL PB 67 76.80 38.70 28.88
CA VAL PB 67 75.44 38.40 28.43
C VAL PB 67 75.22 38.96 27.04
N LEU PB 68 75.80 40.12 26.75
CA LEU PB 68 75.83 40.71 25.42
C LEU PB 68 74.42 41.00 24.92
N THR PB 69 73.60 41.56 25.81
CA THR PB 69 72.30 42.12 25.45
C THR PB 69 71.88 43.09 26.55
N HIS PB 70 70.74 43.72 26.35
CA HIS PB 70 70.08 44.51 27.37
C HIS PB 70 68.73 43.87 27.68
N GLY PB 71 68.44 43.68 28.97
CA GLY PB 71 67.22 43.07 29.42
C GLY PB 71 67.49 41.92 30.35
N ARG PB 72 66.46 41.10 30.55
CA ARG PB 72 66.55 39.96 31.44
C ARG PB 72 66.32 38.66 30.67
N VAL PB 73 67.23 37.70 30.89
CA VAL PB 73 67.12 36.35 30.37
C VAL PB 73 67.44 35.39 31.51
N ARG PB 74 67.30 34.09 31.24
CA ARG PB 74 67.50 33.07 32.25
C ARG PB 74 68.67 32.15 31.88
N LEU PB 75 69.52 31.87 32.86
CA LEU PB 75 70.65 30.98 32.69
C LEU PB 75 70.70 29.96 33.82
N LEU PB 76 71.24 28.79 33.52
CA LEU PB 76 71.49 27.75 34.52
C LEU PB 76 72.87 28.00 35.12
N LEU PB 77 72.91 28.56 36.32
CA LEU PB 77 74.16 29.02 36.91
C LEU PB 77 74.79 27.92 37.77
N SER PB 78 76.09 27.70 37.57
CA SER PB 78 76.87 26.77 38.35
C SER PB 78 77.61 27.52 39.46
N LYS PB 79 78.56 26.83 40.09
CA LYS PB 79 79.35 27.43 41.16
C LYS PB 79 80.18 28.59 40.62
N GLY PB 80 80.09 29.74 41.28
CA GLY PB 80 81.05 30.81 41.09
C GLY PB 80 81.05 31.44 39.72
N HIS PB 81 79.97 31.35 38.96
CA HIS PB 81 79.93 32.02 37.67
C HIS PB 81 79.70 33.52 37.89
N SER PB 82 78.54 33.87 38.43
CA SER PB 82 78.17 35.20 38.89
C SER PB 82 76.76 35.10 39.45
N CYS PB 83 76.40 36.09 40.26
CA CYS PB 83 75.02 36.31 40.72
C CYS PB 83 74.46 35.13 41.51
N TYR PB 84 75.30 34.17 41.88
CA TYR PB 84 74.80 32.94 42.49
C TYR PB 84 75.85 32.23 43.34
N ARG PB 85 75.39 31.57 44.40
CA ARG PB 85 76.20 30.68 45.19
C ARG PB 85 75.46 29.36 45.39
N PRO PB 86 76.13 28.22 45.23
CA PRO PB 86 75.42 26.93 45.32
C PRO PB 86 75.03 26.61 46.76
N ARG PB 87 73.83 26.04 46.90
CA ARG PB 87 73.39 25.63 48.22
C ARG PB 87 74.10 24.36 48.67
N ARG PB 88 74.38 23.45 47.74
CA ARG PB 88 75.22 22.29 48.01
C ARG PB 88 76.13 22.04 46.83
N THR PB 89 77.15 21.22 47.06
CA THR PB 89 78.20 21.02 46.08
C THR PB 89 77.65 20.27 44.87
N GLY PB 90 77.82 20.87 43.69
CA GLY PB 90 77.31 20.30 42.46
C GLY PB 90 75.99 20.87 42.01
N GLU PB 91 75.23 21.51 42.89
CA GLU PB 91 73.91 22.01 42.52
C GLU PB 91 74.03 23.15 41.52
N ARG PB 92 73.22 23.10 40.48
CA ARG PB 92 73.12 24.17 39.49
C ARG PB 92 71.65 24.55 39.37
N LYS PB 93 71.39 25.85 39.23
CA LYS PB 93 70.04 26.40 39.33
C LYS PB 93 69.78 27.37 38.18
N ARG PB 94 68.53 27.46 37.75
CA ARG PB 94 68.15 28.44 36.74
C ARG PB 94 67.77 29.75 37.41
N LYS PB 95 68.37 30.84 36.95
CA LYS PB 95 68.16 32.17 37.52
C LYS PB 95 67.96 33.18 36.40
N SER PB 96 67.33 34.30 36.73
CA SER PB 96 67.13 35.40 35.79
C SER PB 96 68.07 36.55 36.14
N VAL PB 97 68.78 37.07 35.14
CA VAL PB 97 69.78 38.11 35.34
C VAL PB 97 69.67 39.18 34.27
N ARG PB 98 70.18 40.37 34.58
CA ARG PB 98 70.21 41.49 33.65
C ARG PB 98 71.38 41.36 32.68
N GLY PB 99 71.21 41.89 31.47
CA GLY PB 99 72.27 41.89 30.49
C GLY PB 99 73.39 42.88 30.80
N CYS PB 100 74.51 42.72 30.10
CA CYS PB 100 75.70 43.51 30.41
C CYS PB 100 75.66 44.89 29.77
N ILE PB 101 74.95 45.07 28.65
CA ILE PB 101 74.82 46.41 28.09
C ILE PB 101 73.85 47.21 28.94
N VAL PB 102 74.29 48.38 29.38
CA VAL PB 102 73.51 49.23 30.26
C VAL PB 102 72.64 50.15 29.41
N ASP PB 103 71.42 50.37 29.87
CA ASP PB 103 70.45 51.20 29.18
C ASP PB 103 69.68 51.99 30.23
N ALA PB 104 68.53 52.55 29.84
CA ALA PB 104 67.79 53.44 30.73
C ALA PB 104 67.28 52.73 31.97
N ASN PB 105 66.79 51.49 31.81
CA ASN PB 105 66.03 50.82 32.86
C ASN PB 105 66.96 50.06 33.81
N LEU PB 106 67.56 50.81 34.74
CA LEU PB 106 68.33 50.22 35.84
C LEU PB 106 68.00 50.94 37.13
N SER PB 107 68.23 50.25 38.25
CA SER PB 107 68.07 50.86 39.56
C SER PB 107 69.34 51.55 40.01
N VAL PB 108 70.41 50.79 40.16
CA VAL PB 108 71.71 51.34 40.53
C VAL PB 108 72.70 50.94 39.43
N LEU PB 109 73.86 51.58 39.46
CA LEU PB 109 74.90 51.30 38.48
C LEU PB 109 76.25 51.43 39.16
N ASN PB 110 76.91 50.30 39.38
CA ASN PB 110 78.21 50.28 40.04
C ASN PB 110 79.24 50.95 39.13
N LEU PB 111 79.87 52.00 39.63
CA LEU PB 111 80.86 52.73 38.86
C LEU PB 111 82.14 52.91 39.68
N VAL PB 112 83.27 52.56 39.06
CA VAL PB 112 84.57 52.57 39.70
C VAL PB 112 85.50 53.48 38.90
N ILE PB 113 86.10 54.45 39.56
CA ILE PB 113 86.92 55.43 38.88
C ILE PB 113 88.28 54.84 38.57
N VAL PB 114 88.71 54.99 37.32
CA VAL PB 114 89.99 54.43 36.90
C VAL PB 114 91.14 55.41 37.16
N LYS PB 115 90.99 56.67 36.80
CA LYS PB 115 92.04 57.65 37.03
C LYS PB 115 91.47 58.91 37.68
N LYS PB 116 92.31 59.59 38.44
CA LYS PB 116 91.90 60.73 39.22
C LYS PB 116 91.68 61.95 38.33
N GLY PB 117 90.78 62.83 38.77
CA GLY PB 117 90.52 64.08 38.09
C GLY PB 117 91.48 65.17 38.53
N GLU PB 118 91.09 66.41 38.26
CA GLU PB 118 91.91 67.57 38.54
C GLU PB 118 91.66 68.17 39.92
N LYS PB 119 90.50 67.93 40.52
CA LYS PB 119 90.21 68.41 41.87
C LYS PB 119 89.68 67.24 42.70
N ASP PB 120 89.36 67.51 43.95
CA ASP PB 120 88.92 66.48 44.89
C ASP PB 120 87.40 66.49 45.02
N ILE PB 121 86.78 65.35 44.74
CA ILE PB 121 85.34 65.21 44.93
C ILE PB 121 85.03 65.20 46.42
N PRO PB 122 84.09 66.01 46.89
CA PRO PB 122 83.80 66.05 48.33
C PRO PB 122 83.24 64.73 48.84
N GLY PB 123 83.81 64.24 49.93
CA GLY PB 123 83.34 63.03 50.55
C GLY PB 123 83.68 61.75 49.83
N LEU PB 124 84.39 61.82 48.70
CA LEU PB 124 84.75 60.64 47.93
C LEU PB 124 86.25 60.42 47.85
N THR PB 125 86.98 61.43 47.40
CA THR PB 125 88.41 61.33 47.15
C THR PB 125 89.25 61.63 48.39
N ASP PB 126 88.61 61.86 49.53
CA ASP PB 126 89.29 62.26 50.75
C ASP PB 126 89.09 61.21 51.83
N THR PB 127 89.97 61.29 52.84
CA THR PB 127 89.95 60.42 54.02
C THR PB 127 90.02 58.94 53.62
N THR PB 128 91.17 58.59 53.04
CA THR PB 128 91.43 57.20 52.67
C THR PB 128 91.46 56.32 53.91
N VAL PB 129 90.45 55.47 54.05
CA VAL PB 129 90.35 54.60 55.24
C VAL PB 129 91.46 53.55 55.19
N PRO PB 130 92.25 53.39 56.23
CA PRO PB 130 93.28 52.36 56.22
C PRO PB 130 92.68 50.97 56.24
N ARG PB 131 93.35 50.06 55.53
CA ARG PB 131 92.90 48.68 55.49
C ARG PB 131 93.10 48.02 56.85
N ARG PB 132 92.15 47.15 57.21
CA ARG PB 132 92.08 46.63 58.57
C ARG PB 132 93.32 45.83 58.94
N LEU PB 133 93.52 44.69 58.27
CA LEU PB 133 94.50 43.71 58.70
C LEU PB 133 95.57 43.56 57.63
N GLY PB 134 96.83 43.61 58.07
CA GLY PB 134 97.95 43.56 57.16
C GLY PB 134 98.21 42.16 56.67
N PRO PB 135 99.26 42.05 55.85
CA PRO PB 135 99.59 40.75 55.25
C PRO PB 135 99.95 39.71 56.30
N LYS PB 136 99.50 38.47 56.07
CA LYS PB 136 99.71 37.37 56.99
C LYS PB 136 100.76 36.39 56.52
N ARG PB 137 100.90 36.17 55.22
CA ARG PB 137 102.00 35.36 54.72
C ARG PB 137 103.31 36.10 54.91
N ALA PB 138 104.33 35.38 55.37
CA ALA PB 138 105.63 36.00 55.65
C ALA PB 138 106.22 36.61 54.39
N SER PB 139 106.06 35.93 53.25
CA SER PB 139 106.49 36.52 51.99
C SER PB 139 105.71 37.79 51.67
N ARG PB 140 104.43 37.84 52.06
CA ARG PB 140 103.63 39.01 51.74
C ARG PB 140 103.91 40.19 52.65
N ILE PB 141 104.63 39.99 53.77
CA ILE PB 141 105.15 41.14 54.49
C ILE PB 141 106.57 41.45 54.03
N ARG PB 142 107.31 40.43 53.57
CA ARG PB 142 108.67 40.66 53.10
C ARG PB 142 108.67 41.51 51.83
N LYS PB 143 107.71 41.26 50.93
CA LYS PB 143 107.56 42.14 49.78
C LYS PB 143 107.18 43.55 50.21
N LEU PB 144 106.33 43.66 51.23
CA LEU PB 144 105.79 44.95 51.62
C LEU PB 144 106.82 45.82 52.32
N PHE PB 145 107.78 45.21 53.03
CA PHE PB 145 108.81 45.97 53.72
C PHE PB 145 110.21 45.70 53.19
N ASN PB 146 110.33 45.10 52.00
CA ASN PB 146 111.61 44.88 51.33
C ASN PB 146 112.57 44.07 52.19
N LEU PB 147 112.08 42.95 52.72
CA LEU PB 147 112.94 42.02 53.44
C LEU PB 147 113.64 41.11 52.45
N SER PB 148 114.96 41.02 52.56
CA SER PB 148 115.72 40.13 51.67
C SER PB 148 115.70 38.70 52.20
N LYS PB 149 116.28 38.48 53.39
CA LYS PB 149 116.41 37.14 53.94
C LYS PB 149 116.49 37.26 55.46
N GLU PB 150 115.39 36.93 56.15
CA GLU PB 150 115.39 36.66 57.58
C GLU PB 150 116.00 37.83 58.39
N ASP PB 151 115.31 38.96 58.36
CA ASP PB 151 115.78 40.15 59.06
C ASP PB 151 114.68 40.65 60.00
N ASP PB 152 114.66 40.11 61.22
CA ASP PB 152 113.74 40.53 62.28
C ASP PB 152 112.28 40.53 61.79
N VAL PB 153 111.93 39.44 61.09
CA VAL PB 153 110.61 39.35 60.48
C VAL PB 153 109.52 39.26 61.55
N ARG PB 154 109.85 38.71 62.72
CA ARG PB 154 108.86 38.60 63.80
C ARG PB 154 108.32 39.97 64.21
N GLN PB 155 109.22 40.93 64.46
CA GLN PB 155 108.82 42.25 64.94
C GLN PB 155 108.50 43.23 63.84
N TYR PB 156 108.65 42.84 62.58
CA TYR PB 156 108.29 43.73 61.49
C TYR PB 156 106.85 43.53 61.04
N VAL PB 157 106.12 42.65 61.71
CA VAL PB 157 104.70 42.44 61.41
C VAL PB 157 103.89 43.63 61.94
N VAL PB 158 102.74 43.87 61.31
CA VAL PB 158 101.82 44.89 61.79
C VAL PB 158 101.08 44.36 63.01
N ARG PB 159 101.38 44.94 64.16
CA ARG PB 159 100.65 44.64 65.38
C ARG PB 159 99.40 45.50 65.41
N LYS PB 160 98.29 44.92 65.84
CA LYS PB 160 97.03 45.64 65.80
C LYS PB 160 96.72 46.18 67.18
N PRO PB 161 96.77 47.48 67.40
CA PRO PB 161 96.36 48.03 68.68
C PRO PB 161 94.86 48.23 68.74
N LEU PB 162 94.18 47.45 69.56
CA LEU PB 162 92.74 47.51 69.71
C LEU PB 162 92.42 47.90 71.16
N ASN PB 163 91.56 48.89 71.32
CA ASN PB 163 91.25 49.48 72.61
C ASN PB 163 89.76 49.74 72.72
N LYS PB 164 89.19 49.51 73.89
CA LYS PB 164 87.83 49.88 74.20
C LYS PB 164 87.77 50.48 75.60
N GLU PB 165 86.57 50.87 76.00
CA GLU PB 165 86.36 51.49 77.30
C GLU PB 165 86.67 50.50 78.43
N GLY PB 166 85.89 49.43 78.53
CA GLY PB 166 86.17 48.42 79.53
C GLY PB 166 87.40 47.60 79.25
N LYS PB 167 87.87 47.62 78.00
CA LYS PB 167 89.04 46.83 77.64
C LYS PB 167 90.31 47.43 78.24
N LYS PB 168 91.06 46.58 78.93
CA LYS PB 168 92.41 46.93 79.36
C LYS PB 168 93.32 46.89 78.13
N PRO PB 169 94.25 47.83 77.98
CA PRO PB 169 94.99 47.95 76.73
C PRO PB 169 95.73 46.66 76.35
N ARG PB 170 95.71 46.36 75.06
CA ARG PB 170 96.37 45.18 74.52
C ARG PB 170 96.46 45.34 73.01
N THR PB 171 97.59 44.89 72.47
CA THR PB 171 97.79 44.86 71.03
C THR PB 171 97.46 43.46 70.50
N LYS PB 172 97.29 43.37 69.19
CA LYS PB 172 96.93 42.10 68.57
C LYS PB 172 97.89 41.81 67.42
N ALA PB 173 98.31 40.56 67.31
CA ALA PB 173 99.22 40.14 66.26
C ALA PB 173 98.76 38.81 65.67
N PRO PB 174 99.02 38.57 64.40
CA PRO PB 174 98.60 37.30 63.78
C PRO PB 174 99.66 36.22 63.88
N LYS PB 175 99.19 34.98 63.82
CA LYS PB 175 100.08 33.83 63.66
C LYS PB 175 100.56 33.80 62.22
N ILE PB 176 101.74 34.37 61.98
CA ILE PB 176 102.26 34.51 60.62
C ILE PB 176 102.55 33.14 60.03
N GLN PB 177 102.32 32.99 58.72
CA GLN PB 177 102.39 31.71 58.05
C GLN PB 177 103.54 31.67 57.05
N ARG PB 178 103.92 30.43 56.69
CA ARG PB 178 105.03 30.15 55.76
C ARG PB 178 106.34 30.75 56.25
N LEU PB 179 106.83 30.19 57.36
CA LEU PB 179 108.04 30.63 58.01
C LEU PB 179 109.11 29.54 57.94
N VAL PB 180 110.21 29.79 58.65
CA VAL PB 180 111.18 28.78 59.02
C VAL PB 180 111.02 28.55 60.52
N THR PB 181 110.77 27.30 60.90
CA THR PB 181 110.46 26.99 62.29
C THR PB 181 111.27 25.79 62.74
N PRO PB 182 111.71 25.78 64.01
CA PRO PB 182 112.28 24.55 64.57
C PRO PB 182 111.33 23.37 64.47
N ARG PB 183 110.02 23.62 64.56
CA ARG PB 183 109.05 22.54 64.35
C ARG PB 183 109.07 22.04 62.91
N VAL PB 184 109.18 22.95 61.94
CA VAL PB 184 109.21 22.55 60.54
C VAL PB 184 110.46 21.73 60.23
N LEU PB 185 111.61 22.19 60.71
CA LEU PB 185 112.84 21.44 60.51
C LEU PB 185 112.82 20.13 61.28
N GLN PB 186 112.14 20.11 62.42
CA GLN PB 186 111.96 18.85 63.14
C GLN PB 186 111.14 17.87 62.31
N HIS PB 187 110.08 18.35 61.67
CA HIS PB 187 109.29 17.48 60.80
C HIS PB 187 110.11 16.96 59.63
N LYS PB 188 110.90 17.84 59.01
CA LYS PB 188 111.72 17.45 57.87
C LYS PB 188 112.77 16.42 58.26
N ARG PB 189 113.43 16.63 59.40
CA ARG PB 189 114.39 15.65 59.89
C ARG PB 189 113.68 14.35 60.23
N ARG PB 190 112.47 14.44 60.76
CA ARG PB 190 111.71 13.23 61.08
C ARG PB 190 111.43 12.42 59.82
N ARG PB 191 111.02 13.10 58.73
CA ARG PB 191 110.64 12.33 57.55
C ARG PB 191 111.87 11.77 56.84
N ILE PB 192 112.97 12.53 56.80
CA ILE PB 192 114.21 11.98 56.24
C ILE PB 192 114.69 10.78 57.07
N ALA PB 193 114.54 10.85 58.40
CA ALA PB 193 114.92 9.75 59.26
C ALA PB 193 114.09 8.51 58.97
N LEU PB 194 112.79 8.71 58.78
CA LEU PB 194 111.91 7.63 58.35
C LEU PB 194 112.38 7.03 57.03
N LYS PB 195 112.77 7.88 56.07
CA LYS PB 195 113.34 7.34 54.83
C LYS PB 195 114.57 6.51 55.13
N LYS PB 196 115.36 6.92 56.13
CA LYS PB 196 116.57 6.19 56.47
C LYS PB 196 116.27 4.78 56.99
N GLN PB 197 115.42 4.67 58.02
CA GLN PB 197 115.24 3.30 58.49
C GLN PB 197 114.34 2.53 57.54
N ARG PB 198 113.60 3.22 56.68
CA ARG PB 198 112.83 2.55 55.64
C ARG PB 198 113.75 1.84 54.67
N THR PB 199 114.75 2.56 54.15
CA THR PB 199 115.74 1.94 53.26
C THR PB 199 116.52 0.85 53.98
N LYS PB 200 116.93 1.12 55.22
CA LYS PB 200 117.70 0.13 55.98
C LYS PB 200 116.88 -1.14 56.21
N LYS PB 201 115.59 -0.98 56.55
CA LYS PB 201 114.72 -2.13 56.75
C LYS PB 201 114.54 -2.91 55.47
N ASN PB 202 114.35 -2.20 54.35
CA ASN PB 202 114.20 -2.89 53.07
C ASN PB 202 115.43 -3.71 52.73
N LYS PB 203 116.62 -3.12 52.91
CA LYS PB 203 117.84 -3.82 52.55
C LYS PB 203 118.11 -5.00 53.50
N GLU PB 204 117.82 -4.81 54.79
CA GLU PB 204 118.07 -5.91 55.72
C GLU PB 204 117.07 -7.04 55.52
N GLU PB 205 115.83 -6.72 55.16
CA GLU PB 205 114.87 -7.75 54.81
C GLU PB 205 115.31 -8.48 53.56
N ALA PB 206 115.87 -7.74 52.59
CA ALA PB 206 116.41 -8.36 51.40
C ALA PB 206 117.53 -9.34 51.75
N ALA PB 207 118.42 -8.93 52.66
CA ALA PB 207 119.52 -9.81 53.07
C ALA PB 207 118.99 -11.05 53.77
N GLU PB 208 118.02 -10.89 54.67
CA GLU PB 208 117.47 -12.03 55.39
C GLU PB 208 116.79 -13.00 54.44
N TYR PB 209 116.00 -12.46 53.49
CA TYR PB 209 115.35 -13.30 52.51
C TYR PB 209 116.36 -14.01 51.61
N ALA PB 210 117.41 -13.30 51.19
CA ALA PB 210 118.41 -13.93 50.35
C ALA PB 210 119.11 -15.06 51.08
N LYS PB 211 119.44 -14.85 52.36
CA LYS PB 211 120.11 -15.89 53.13
C LYS PB 211 119.21 -17.11 53.29
N LEU PB 212 117.95 -16.90 53.65
CA LEU PB 212 117.02 -18.01 53.81
C LEU PB 212 116.80 -18.76 52.50
N LEU PB 213 116.60 -18.03 51.41
CA LEU PB 213 116.34 -18.65 50.12
C LEU PB 213 117.57 -19.38 49.60
N ALA PB 214 118.77 -18.85 49.85
CA ALA PB 214 119.99 -19.55 49.48
C ALA PB 214 120.14 -20.82 50.28
N LYS PB 215 119.78 -20.78 51.57
CA LYS PB 215 119.78 -22.00 52.37
C LYS PB 215 118.84 -23.04 51.79
N ARG PB 216 117.66 -22.62 51.36
CA ARG PB 216 116.68 -23.56 50.83
C ARG PB 216 117.11 -24.10 49.47
N MET PB 217 117.75 -23.27 48.64
CA MET PB 217 118.35 -23.75 47.40
C MET PB 217 119.45 -24.76 47.67
N LYS PB 218 120.26 -24.53 48.69
CA LYS PB 218 121.29 -25.49 49.06
C LYS PB 218 120.66 -26.80 49.54
N GLU PB 219 119.54 -26.70 50.25
CA GLU PB 219 118.84 -27.91 50.69
C GLU PB 219 118.28 -28.69 49.51
N ALA PB 220 117.72 -28.00 48.53
CA ALA PB 220 117.23 -28.65 47.32
C ALA PB 220 118.38 -29.30 46.54
N LYS PB 221 119.52 -28.60 46.46
CA LYS PB 221 120.71 -29.18 45.85
C LYS PB 221 121.16 -30.43 46.60
N GLU PB 222 121.08 -30.39 47.93
CA GLU PB 222 121.45 -31.55 48.73
C GLU PB 222 120.52 -32.73 48.48
N LYS PB 223 119.22 -32.46 48.36
CA LYS PB 223 118.28 -33.55 48.09
C LYS PB 223 118.49 -34.14 46.69
N ARG PB 224 118.77 -33.30 45.70
CA ARG PB 224 119.06 -33.81 44.36
C ARG PB 224 120.34 -34.63 44.33
N GLN PB 225 121.39 -34.15 45.01
CA GLN PB 225 122.62 -34.93 45.11
C GLN PB 225 122.38 -36.20 45.92
N GLU PB 226 121.43 -36.17 46.85
CA GLU PB 226 121.11 -37.37 47.62
C GLU PB 226 120.41 -38.41 46.75
N GLN PB 227 119.51 -37.96 45.87
CA GLN PB 227 118.90 -38.86 44.90
C GLN PB 227 119.96 -39.46 43.97
N ILE PB 228 120.91 -38.63 43.54
CA ILE PB 228 122.01 -39.10 42.72
C ILE PB 228 122.82 -40.16 43.47
N ALA PB 229 123.09 -39.91 44.76
CA ALA PB 229 123.83 -40.87 45.56
C ALA PB 229 123.06 -42.16 45.74
N LYS PB 230 121.73 -42.07 45.85
CA LYS PB 230 120.90 -43.27 45.93
C LYS PB 230 120.99 -44.09 44.65
N ARG PB 231 120.92 -43.43 43.49
CA ARG PB 231 120.93 -44.18 42.24
C ARG PB 231 122.34 -44.66 41.85
N ARG PB 232 123.39 -44.05 42.39
CA ARG PB 232 124.74 -44.50 42.12
C ARG PB 232 125.26 -45.51 43.16
N ARG PB 233 124.74 -45.46 44.39
CA ARG PB 233 125.23 -46.37 45.42
C ARG PB 233 124.77 -47.81 45.20
N LEU PB 234 123.72 -48.02 44.40
CA LEU PB 234 123.14 -49.35 44.19
C LEU PB 234 122.71 -49.47 42.74
N SER PB 235 123.50 -50.18 41.93
CA SER PB 235 123.18 -50.43 40.54
C SER PB 235 123.37 -51.87 40.09
N SER PB 236 124.26 -52.62 40.71
CA SER PB 236 124.51 -54.02 40.35
C SER PB 236 124.35 -54.97 41.51
N LEU PB 237 124.53 -54.52 42.75
CA LEU PB 237 124.38 -55.34 43.93
C LEU PB 237 122.91 -55.70 44.15
N SER QB 1 106.04 -90.52 34.94
CA SER QB 1 104.72 -89.93 34.73
C SER QB 1 104.45 -89.74 33.24
N ALA QB 2 103.47 -90.48 32.72
CA ALA QB 2 103.07 -90.41 31.32
C ALA QB 2 101.78 -89.61 31.21
N LYS QB 3 101.87 -88.42 30.63
CA LYS QB 3 100.72 -87.53 30.46
C LYS QB 3 100.96 -86.72 29.18
N ILE QB 4 100.21 -87.03 28.13
CA ILE QB 4 100.41 -86.39 26.84
C ILE QB 4 99.17 -85.64 26.36
N VAL QB 5 97.99 -85.93 26.89
CA VAL QB 5 96.75 -85.27 26.47
C VAL QB 5 96.12 -84.61 27.69
N LYS QB 6 96.52 -83.36 27.93
CA LYS QB 6 95.95 -82.54 29.01
C LYS QB 6 96.26 -81.07 28.72
N PRO QB 7 95.50 -80.40 27.86
CA PRO QB 7 95.63 -78.95 27.75
C PRO QB 7 94.63 -78.19 28.61
N ASN QB 8 95.10 -77.15 29.29
CA ASN QB 8 94.27 -76.15 29.95
C ASN QB 8 95.19 -74.99 30.34
N GLY QB 9 94.65 -74.05 31.12
CA GLY QB 9 95.41 -72.85 31.44
C GLY QB 9 96.66 -73.13 32.26
N GLU QB 10 96.54 -73.98 33.28
CA GLU QB 10 97.66 -74.26 34.17
C GLU QB 10 98.47 -75.44 33.63
N LYS QB 11 99.75 -75.44 33.97
CA LYS QB 11 100.63 -76.51 33.49
C LYS QB 11 100.50 -77.79 34.33
N PRO QB 12 100.68 -77.77 35.64
CA PRO QB 12 100.80 -79.03 36.39
C PRO QB 12 99.44 -79.69 36.57
N ASP QB 13 99.46 -80.87 37.19
CA ASP QB 13 98.23 -81.60 37.50
C ASP QB 13 98.50 -82.57 38.63
N GLU QB 14 97.40 -82.97 39.28
CA GLU QB 14 97.44 -83.97 40.34
C GLU QB 14 96.32 -84.97 40.06
N PHE QB 15 96.69 -86.24 39.90
CA PHE QB 15 95.77 -87.35 39.69
C PHE QB 15 95.10 -87.29 38.32
N GLU QB 16 95.23 -86.16 37.63
CA GLU QB 16 94.81 -86.10 36.24
C GLU QB 16 95.83 -86.75 35.33
N SER QB 17 97.07 -86.86 35.80
CA SER QB 17 98.06 -87.68 35.12
C SER QB 17 97.60 -89.12 35.02
N GLY QB 18 96.99 -89.64 36.08
CA GLY QB 18 96.51 -91.01 36.05
C GLY QB 18 95.38 -91.22 35.04
N ILE QB 19 94.44 -90.28 34.99
CA ILE QB 19 93.32 -90.44 34.06
C ILE QB 19 93.79 -90.23 32.62
N SER QB 20 94.74 -89.32 32.40
CA SER QB 20 95.33 -89.19 31.08
C SER QB 20 96.08 -90.45 30.69
N GLN QB 21 96.77 -91.07 31.64
CA GLN QB 21 97.40 -92.36 31.41
C GLN QB 21 96.38 -93.40 30.95
N ALA QB 22 95.31 -93.56 31.72
CA ALA QB 22 94.26 -94.51 31.37
C ALA QB 22 93.66 -94.18 30.01
N LEU QB 23 93.71 -92.91 29.62
CA LEU QB 23 93.26 -92.53 28.29
C LEU QB 23 94.24 -92.95 27.21
N LEU QB 24 95.54 -92.92 27.50
CA LEU QB 24 96.49 -93.23 26.43
C LEU QB 24 96.58 -94.72 26.17
N GLU QB 25 96.47 -95.56 27.21
CA GLU QB 25 96.34 -97.00 26.98
C GLU QB 25 94.89 -97.43 26.77
N LEU QB 26 94.03 -96.51 26.34
CA LEU QB 26 92.74 -96.88 25.80
C LEU QB 26 92.84 -97.30 24.34
N GLU QB 27 94.09 -97.30 23.90
CA GLU QB 27 94.47 -97.60 22.52
C GLU QB 27 94.02 -99.01 22.13
N MET QB 28 94.05 -99.27 20.82
CA MET QB 28 93.67 -100.53 20.19
C MET QB 28 92.31 -101.02 20.68
N ASN QB 29 91.39 -100.08 20.89
CA ASN QB 29 90.04 -100.43 21.27
C ASN QB 29 89.20 -100.68 20.03
N SER QB 30 87.90 -100.91 20.21
CA SER QB 30 87.01 -101.29 19.11
C SER QB 30 86.69 -100.05 18.28
N ASP QB 31 87.69 -99.62 17.50
CA ASP QB 31 87.56 -98.54 16.53
C ASP QB 31 87.11 -97.24 17.20
N LEU QB 32 87.86 -96.83 18.23
CA LEU QB 32 87.48 -95.68 19.03
C LEU QB 32 88.55 -94.61 19.10
N LYS QB 33 89.84 -94.99 19.14
CA LYS QB 33 90.91 -94.02 19.23
C LYS QB 33 90.99 -93.11 18.02
N ALA QB 34 90.45 -93.55 16.87
CA ALA QB 34 90.50 -92.74 15.67
C ALA QB 34 89.74 -91.43 15.85
N GLN QB 35 88.54 -91.50 16.42
CA GLN QB 35 87.79 -90.30 16.75
C GLN QB 35 88.06 -89.81 18.16
N LEU QB 36 88.95 -90.48 18.89
CA LEU QB 36 89.32 -90.05 20.23
C LEU QB 36 90.65 -89.32 20.27
N ARG QB 37 91.59 -89.68 19.38
CA ARG QB 37 92.93 -89.10 19.45
C ARG QB 37 92.92 -87.61 19.17
N GLU QB 38 91.95 -87.13 18.40
CA GLU QB 38 91.84 -85.71 18.10
C GLU QB 38 91.39 -84.88 19.29
N LEU QB 39 90.82 -85.52 20.31
CA LEU QB 39 90.19 -84.84 21.43
C LEU QB 39 91.23 -84.49 22.50
N ASN QB 40 90.74 -83.95 23.61
CA ASN QB 40 91.60 -83.54 24.70
C ASN QB 40 90.81 -83.47 26.00
N ILE QB 41 91.54 -83.29 27.11
CA ILE QB 41 90.94 -83.21 28.43
C ILE QB 41 91.35 -81.90 29.08
N THR QB 42 90.37 -81.14 29.58
CA THR QB 42 90.67 -79.92 30.29
C THR QB 42 91.14 -80.20 31.70
N ALA QB 43 90.29 -80.82 32.52
CA ALA QB 43 90.63 -81.12 33.90
C ALA QB 43 89.78 -82.30 34.36
N ALA QB 44 90.17 -82.86 35.50
CA ALA QB 44 89.45 -83.98 36.10
C ALA QB 44 89.41 -83.78 37.60
N LYS QB 45 88.42 -84.39 38.25
CA LYS QB 45 88.25 -84.19 39.68
C LYS QB 45 87.47 -85.34 40.30
N GLU QB 46 87.95 -85.84 41.42
CA GLU QB 46 87.24 -86.82 42.24
C GLU QB 46 86.65 -86.14 43.46
N ILE QB 47 85.42 -86.51 43.79
CA ILE QB 47 84.76 -86.10 45.03
C ILE QB 47 84.10 -87.33 45.64
N GLU QB 48 83.49 -87.12 46.81
CA GLU QB 48 82.73 -88.16 47.47
C GLU QB 48 81.23 -87.85 47.38
N VAL QB 49 80.46 -88.86 46.98
CA VAL QB 49 79.01 -88.74 46.86
C VAL QB 49 78.36 -89.88 47.63
N GLY QB 50 77.23 -89.58 48.27
CA GLY QB 50 76.47 -90.59 49.00
C GLY QB 50 77.13 -91.07 50.26
N GLY QB 51 77.54 -92.33 50.28
CA GLY QB 51 78.19 -92.91 51.44
C GLY QB 51 79.69 -92.93 51.29
N GLY QB 52 80.23 -94.08 50.89
CA GLY QB 52 81.66 -94.19 50.62
C GLY QB 52 81.95 -94.46 49.15
N ARG QB 53 81.15 -93.87 48.26
CA ARG QB 53 81.23 -94.12 46.83
C ARG QB 53 81.80 -92.91 46.12
N LYS QB 54 82.79 -93.15 45.26
CA LYS QB 54 83.49 -92.09 44.56
C LYS QB 54 82.82 -91.79 43.22
N ALA QB 55 82.98 -90.55 42.79
CA ALA QB 55 82.53 -90.09 41.48
C ALA QB 55 83.63 -89.28 40.82
N ILE QB 56 83.87 -89.53 39.54
CA ILE QB 56 84.91 -88.85 38.77
C ILE QB 56 84.25 -87.85 37.82
N ILE QB 57 84.75 -86.62 37.83
CA ILE QB 57 84.25 -85.54 36.99
C ILE QB 57 85.33 -85.20 35.98
N ILE QB 58 84.92 -84.99 34.73
CA ILE QB 58 85.85 -84.73 33.63
C ILE QB 58 85.46 -83.42 32.98
N PHE QB 59 86.47 -82.56 32.75
CA PHE QB 59 86.28 -81.28 32.09
C PHE QB 59 86.81 -81.31 30.67
N VAL QB 60 86.00 -80.79 29.75
CA VAL QB 60 86.31 -80.75 28.32
C VAL QB 60 86.06 -79.33 27.80
N PRO QB 61 86.68 -78.94 26.70
CA PRO QB 61 86.37 -77.63 26.12
C PRO QB 61 84.95 -77.55 25.59
N VAL QB 62 84.39 -76.34 25.63
CA VAL QB 62 83.06 -76.12 25.07
C VAL QB 62 82.98 -76.46 23.59
N PRO QB 63 83.92 -76.05 22.72
CA PRO QB 63 83.80 -76.42 21.30
C PRO QB 63 83.75 -77.92 21.05
N GLN QB 64 84.48 -78.72 21.82
CA GLN QB 64 84.54 -80.15 21.61
C GLN QB 64 83.65 -80.92 22.57
N LEU QB 65 82.78 -80.23 23.30
CA LEU QB 65 81.83 -80.93 24.17
C LEU QB 65 80.90 -81.81 23.35
N LYS QB 66 80.39 -81.29 22.23
CA LYS QB 66 79.50 -82.08 21.39
C LYS QB 66 80.22 -83.29 20.81
N SER QB 67 81.50 -83.12 20.46
CA SER QB 67 82.28 -84.26 19.98
C SER QB 67 82.41 -85.34 21.04
N PHE QB 68 82.64 -84.94 22.29
CA PHE QB 68 82.73 -85.91 23.37
C PHE QB 68 81.40 -86.63 23.57
N GLN QB 69 80.30 -85.87 23.55
CA GLN QB 69 78.99 -86.46 23.82
C GLN QB 69 78.62 -87.50 22.78
N LYS QB 70 78.92 -87.23 21.51
CA LYS QB 70 78.47 -88.08 20.42
C LYS QB 70 79.01 -89.51 20.56
N ILE QB 71 80.13 -89.69 21.26
CA ILE QB 71 80.66 -90.99 21.58
C ILE QB 71 80.77 -91.22 23.09
N GLN QB 72 80.16 -90.36 23.90
CA GLN QB 72 80.30 -90.45 25.35
C GLN QB 72 79.82 -91.80 25.89
N VAL QB 73 78.59 -92.19 25.53
CA VAL QB 73 77.95 -93.39 26.05
C VAL QB 73 78.79 -94.63 25.77
N ARG QB 74 79.66 -94.57 24.77
CA ARG QB 74 80.57 -95.69 24.53
C ARG QB 74 81.58 -95.80 25.67
N LEU QB 75 82.41 -94.77 25.85
CA LEU QB 75 83.53 -94.88 26.77
C LEU QB 75 83.15 -94.66 28.23
N VAL QB 76 81.90 -94.31 28.53
CA VAL QB 76 81.51 -94.22 29.94
C VAL QB 76 81.72 -95.56 30.64
N ARG QB 77 81.29 -96.65 30.00
CA ARG QB 77 81.48 -97.97 30.59
C ARG QB 77 82.95 -98.34 30.68
N GLU QB 78 83.75 -97.96 29.68
CA GLU QB 78 85.18 -98.24 29.73
C GLU QB 78 85.83 -97.54 30.91
N LEU QB 79 85.46 -96.27 31.13
CA LEU QB 79 86.01 -95.52 32.25
C LEU QB 79 85.56 -96.10 33.58
N GLU QB 80 84.32 -96.59 33.65
CA GLU QB 80 83.87 -97.21 34.89
C GLU QB 80 84.59 -98.54 35.13
N LYS QB 81 84.90 -99.29 34.08
CA LYS QB 81 85.65 -100.52 34.26
C LYS QB 81 87.09 -100.24 34.68
N LYS QB 82 87.71 -99.22 34.09
CA LYS QB 82 89.07 -98.87 34.48
C LYS QB 82 89.14 -98.46 35.95
N PHE QB 83 88.19 -97.65 36.39
CA PHE QB 83 88.10 -97.23 37.79
C PHE QB 83 86.84 -97.85 38.37
N SER QB 84 86.97 -99.07 38.86
CA SER QB 84 85.82 -99.81 39.38
C SER QB 84 85.30 -99.15 40.64
N GLY QB 85 83.99 -99.30 40.88
CA GLY QB 85 83.35 -98.68 42.01
C GLY QB 85 83.17 -97.19 41.91
N LYS QB 86 83.19 -96.63 40.70
CA LYS QB 86 83.08 -95.19 40.49
C LYS QB 86 82.16 -94.91 39.32
N HIS QB 87 81.57 -93.72 39.32
CA HIS QB 87 80.69 -93.28 38.25
C HIS QB 87 81.32 -92.10 37.51
N VAL QB 88 81.18 -92.10 36.18
CA VAL QB 88 81.91 -91.18 35.31
C VAL QB 88 80.95 -90.16 34.72
N VAL QB 89 81.33 -88.90 34.75
CA VAL QB 89 80.54 -87.83 34.17
C VAL QB 89 81.45 -86.91 33.36
N PHE QB 90 80.82 -86.13 32.48
CA PHE QB 90 81.52 -85.22 31.57
C PHE QB 90 80.91 -83.83 31.70
N ILE QB 91 81.73 -82.83 32.01
CA ILE QB 91 81.29 -81.46 32.22
C ILE QB 91 82.13 -80.53 31.36
N ALA QB 92 81.51 -79.51 30.80
CA ALA QB 92 82.22 -78.50 30.02
C ALA QB 92 82.60 -77.32 30.91
N GLN QB 93 83.86 -76.92 30.83
CA GLN QB 93 84.28 -75.70 31.52
C GLN QB 93 83.70 -74.49 30.81
N ARG QB 94 82.93 -73.70 31.53
CA ARG QB 94 82.15 -72.63 30.91
C ARG QB 94 82.68 -71.23 31.17
N ARG QB 95 83.71 -71.06 32.01
CA ARG QB 95 84.38 -69.79 32.24
C ARG QB 95 83.36 -68.71 32.66
N ILE QB 96 82.80 -68.93 33.85
CA ILE QB 96 81.77 -68.05 34.38
C ILE QB 96 82.29 -66.62 34.46
N LEU QB 97 81.53 -65.70 33.88
CA LEU QB 97 82.11 -64.37 33.99
C LEU QB 97 81.28 -63.50 34.92
N PRO QB 98 81.93 -62.60 35.66
CA PRO QB 98 81.23 -61.85 36.70
C PRO QB 98 80.22 -60.87 36.15
N LYS QB 99 79.27 -60.53 37.01
CA LYS QB 99 78.28 -59.48 36.69
C LYS QB 99 78.96 -58.11 36.71
N PRO QB 100 78.74 -57.27 35.69
CA PRO QB 100 79.36 -55.95 35.68
C PRO QB 100 78.79 -55.02 36.74
N THR QB 101 79.63 -54.61 37.69
CA THR QB 101 79.23 -53.71 38.76
C THR QB 101 79.59 -52.28 38.39
N ARG QB 102 79.40 -51.35 39.33
CA ARG QB 102 79.74 -49.95 39.12
C ARG QB 102 81.22 -49.65 39.41
N LYS QB 103 82.01 -50.65 39.79
CA LYS QB 103 83.40 -50.42 40.13
C LYS QB 103 84.29 -50.58 38.91
N LYS QB 107 91.20 -50.39 30.17
CA LYS QB 107 89.98 -49.98 30.86
C LYS QB 107 88.81 -50.07 29.90
N ASN QB 108 88.73 -51.19 29.19
CA ASN QB 108 87.74 -51.38 28.13
C ASN QB 108 87.34 -52.86 28.13
N LYS QB 109 86.15 -53.16 28.62
CA LYS QB 109 85.66 -54.52 28.67
C LYS QB 109 84.43 -54.67 27.79
N GLN QB 110 84.42 -55.71 26.96
CA GLN QB 110 83.31 -55.98 26.08
C GLN QB 110 82.10 -56.43 26.91
N LYS QB 111 80.94 -56.40 26.27
CA LYS QB 111 79.73 -56.78 26.97
C LYS QB 111 79.71 -58.29 27.17
N ARG QB 112 79.43 -58.70 28.40
CA ARG QB 112 79.44 -60.12 28.74
C ARG QB 112 78.32 -60.84 28.02
N PRO QB 113 78.61 -61.90 27.26
CA PRO QB 113 77.54 -62.63 26.60
C PRO QB 113 76.63 -63.33 27.60
N ARG QB 114 75.36 -63.48 27.21
CA ARG QB 114 74.42 -64.19 28.07
C ARG QB 114 74.81 -65.65 28.23
N SER QB 115 75.45 -66.24 27.22
CA SER QB 115 75.92 -67.62 27.36
C SER QB 115 76.99 -67.73 28.43
N ARG QB 116 77.80 -66.70 28.62
CA ARG QB 116 78.77 -66.64 29.70
C ARG QB 116 78.16 -66.28 31.04
N THR QB 117 76.90 -65.86 31.07
CA THR QB 117 76.28 -65.53 32.34
C THR QB 117 76.05 -66.78 33.19
N LEU QB 118 75.91 -66.54 34.49
CA LEU QB 118 76.10 -67.60 35.47
C LEU QB 118 74.94 -68.58 35.51
N THR QB 119 73.70 -68.08 35.44
CA THR QB 119 72.56 -68.99 35.45
C THR QB 119 72.58 -69.87 34.21
N ALA QB 120 72.97 -69.30 33.06
CA ALA QB 120 73.13 -70.09 31.85
C ALA QB 120 74.18 -71.17 32.04
N VAL QB 121 75.29 -70.83 32.71
CA VAL QB 121 76.32 -71.82 32.98
C VAL QB 121 75.78 -72.94 33.85
N HIS QB 122 75.03 -72.58 34.90
CA HIS QB 122 74.55 -73.59 35.83
C HIS QB 122 73.57 -74.54 35.16
N ASP QB 123 72.56 -74.02 34.47
CA ASP QB 123 71.62 -74.96 33.89
C ASP QB 123 72.19 -75.64 32.64
N ALA QB 124 73.23 -75.08 32.01
CA ALA QB 124 73.88 -75.79 30.92
C ALA QB 124 74.67 -76.98 31.43
N ILE QB 125 75.43 -76.80 32.52
CA ILE QB 125 76.15 -77.94 33.08
C ILE QB 125 75.17 -78.91 33.72
N LEU QB 126 74.01 -78.42 34.13
CA LEU QB 126 72.93 -79.33 34.51
C LEU QB 126 72.51 -80.19 33.33
N GLU QB 127 72.37 -79.57 32.16
CA GLU QB 127 71.88 -80.29 30.98
C GLU QB 127 72.84 -81.40 30.57
N ASP QB 128 74.14 -81.10 30.53
CA ASP QB 128 75.12 -82.08 30.06
C ASP QB 128 75.49 -83.10 31.13
N LEU QB 129 75.12 -82.87 32.38
CA LEU QB 129 75.44 -83.81 33.45
C LEU QB 129 74.73 -85.14 33.23
N VAL QB 130 73.60 -85.12 32.53
CA VAL QB 130 72.72 -86.26 32.43
C VAL QB 130 72.63 -86.76 31.00
N PHE QB 131 73.75 -86.68 30.27
CA PHE QB 131 73.74 -86.80 28.81
C PHE QB 131 72.99 -88.00 28.26
N PRO QB 132 73.06 -89.22 28.82
CA PRO QB 132 72.22 -90.30 28.28
C PRO QB 132 70.73 -89.99 28.35
N SER QB 133 70.33 -89.11 29.27
CA SER QB 133 68.97 -88.62 29.37
C SER QB 133 68.90 -87.17 28.92
N GLU QB 134 67.70 -86.60 28.99
CA GLU QB 134 67.48 -85.18 28.75
C GLU QB 134 66.40 -84.69 29.69
N ILE QB 135 66.48 -83.42 30.06
CA ILE QB 135 65.48 -82.82 30.93
C ILE QB 135 64.25 -82.50 30.10
N VAL QB 136 63.09 -82.95 30.57
CA VAL QB 136 61.83 -82.60 29.93
C VAL QB 136 61.07 -81.53 30.71
N GLY QB 137 61.57 -81.15 31.88
CA GLY QB 137 60.94 -80.10 32.66
C GLY QB 137 61.68 -79.84 33.96
N LYS QB 138 61.64 -78.60 34.45
CA LYS QB 138 62.31 -78.22 35.68
C LYS QB 138 61.29 -77.69 36.67
N ARG QB 139 61.54 -77.92 37.95
CA ARG QB 139 60.70 -77.43 39.03
C ARG QB 139 61.58 -76.84 40.13
N ILE QB 140 61.11 -75.78 40.77
CA ILE QB 140 61.85 -75.10 41.82
C ILE QB 140 60.96 -75.00 43.05
N ARG QB 141 61.34 -75.65 44.13
CA ARG QB 141 60.60 -75.63 45.38
C ARG QB 141 61.32 -74.77 46.42
N VAL QB 142 60.57 -73.94 47.12
CA VAL QB 142 61.09 -73.15 48.24
C VAL QB 142 60.66 -73.84 49.52
N LYS QB 143 61.64 -74.19 50.34
CA LYS QB 143 61.43 -75.12 51.45
C LYS QB 143 61.25 -74.39 52.78
N LEU QB 144 60.23 -73.53 52.81
CA LEU QB 144 59.69 -72.87 54.00
C LEU QB 144 60.67 -71.93 54.67
N ASP QB 145 61.89 -71.79 54.16
CA ASP QB 145 62.87 -70.90 54.76
C ASP QB 145 63.77 -70.24 53.72
N GLY QB 146 63.37 -70.26 52.45
CA GLY QB 146 64.16 -69.71 51.37
C GLY QB 146 65.09 -70.71 50.72
N SER QB 147 65.36 -71.84 51.36
CA SER QB 147 66.18 -72.87 50.74
C SER QB 147 65.43 -73.46 49.56
N ARG QB 148 66.14 -73.62 48.46
CA ARG QB 148 65.55 -73.96 47.18
C ARG QB 148 65.92 -75.39 46.82
N LEU QB 149 64.91 -76.18 46.42
CA LEU QB 149 65.16 -77.53 45.94
C LEU QB 149 64.65 -77.62 44.52
N ILE QB 150 65.48 -78.17 43.63
CA ILE QB 150 65.16 -78.27 42.22
C ILE QB 150 64.85 -79.72 41.90
N LYS QB 151 63.61 -79.99 41.50
CA LYS QB 151 63.24 -81.29 40.97
C LYS QB 151 63.40 -81.28 39.46
N VAL QB 152 63.97 -82.34 38.93
CA VAL QB 152 64.35 -82.39 37.51
C VAL QB 152 63.60 -83.55 36.87
N HIS QB 153 62.88 -83.25 35.78
CA HIS QB 153 62.15 -84.26 35.03
C HIS QB 153 63.00 -84.72 33.85
N LEU QB 154 63.33 -86.00 33.82
CA LEU QB 154 64.21 -86.54 32.81
C LEU QB 154 63.40 -87.22 31.70
N ASP QB 155 64.13 -87.90 30.81
CA ASP QB 155 63.52 -88.41 29.59
C ASP QB 155 62.45 -89.46 29.86
N LYS QB 156 62.76 -90.43 30.75
CA LYS QB 156 61.96 -91.62 31.02
C LYS QB 156 62.04 -92.58 29.82
N ALA QB 157 62.64 -92.11 28.73
CA ALA QB 157 62.79 -92.94 27.54
C ALA QB 157 63.69 -94.13 27.80
N GLN QB 158 64.77 -93.90 28.54
CA GLN QB 158 65.60 -94.98 29.04
C GLN QB 158 65.49 -95.01 30.56
N GLN QB 159 65.61 -96.22 31.12
CA GLN QB 159 65.62 -96.40 32.56
C GLN QB 159 66.63 -97.43 33.02
N ASN QB 160 67.61 -97.75 32.19
CA ASN QB 160 68.52 -98.85 32.49
C ASN QB 160 69.93 -98.40 32.85
N ASN QB 161 70.31 -97.16 32.57
CA ASN QB 161 71.69 -96.76 32.74
C ASN QB 161 71.88 -95.37 33.36
N VAL QB 162 70.83 -94.78 33.94
CA VAL QB 162 70.99 -93.48 34.59
C VAL QB 162 70.41 -93.54 35.99
N GLU QB 163 69.44 -94.44 36.18
CA GLU QB 163 68.67 -94.51 37.41
C GLU QB 163 69.53 -94.77 38.65
N HIS QB 164 70.72 -95.33 38.47
CA HIS QB 164 71.61 -95.56 39.59
C HIS QB 164 72.60 -94.42 39.82
N LYS QB 165 72.51 -93.34 39.05
CA LYS QB 165 73.48 -92.26 39.10
C LYS QB 165 72.88 -90.92 39.53
N VAL QB 166 71.59 -90.89 39.85
CA VAL QB 166 70.96 -89.62 40.21
C VAL QB 166 71.48 -89.11 41.54
N GLU QB 167 71.79 -90.01 42.47
CA GLU QB 167 72.41 -89.59 43.73
C GLU QB 167 73.77 -88.97 43.47
N THR QB 168 74.57 -89.62 42.62
CA THR QB 168 75.87 -89.07 42.25
C THR QB 168 75.73 -87.74 41.55
N PHE QB 169 74.71 -87.61 40.69
CA PHE QB 169 74.45 -86.36 40.01
C PHE QB 169 74.15 -85.26 41.01
N SER QB 170 73.32 -85.56 42.00
CA SER QB 170 73.01 -84.58 43.04
C SER QB 170 74.25 -84.20 43.81
N GLY QB 171 75.08 -85.18 44.16
CA GLY QB 171 76.28 -84.90 44.92
C GLY QB 171 77.25 -84.01 44.17
N VAL QB 172 77.49 -84.33 42.89
CA VAL QB 172 78.44 -83.54 42.11
C VAL QB 172 77.88 -82.14 41.86
N TYR QB 173 76.56 -82.04 41.63
CA TYR QB 173 75.97 -80.73 41.43
C TYR QB 173 76.10 -79.88 42.69
N LYS QB 174 75.79 -80.44 43.84
CA LYS QB 174 75.96 -79.69 45.08
C LYS QB 174 77.42 -79.31 45.30
N LYS QB 175 78.34 -80.18 44.88
CA LYS QB 175 79.76 -79.88 45.07
C LYS QB 175 80.19 -78.70 44.23
N LEU QB 176 79.89 -78.72 42.93
CA LEU QB 176 80.40 -77.69 42.03
C LEU QB 176 79.37 -76.64 41.66
N THR QB 177 78.17 -76.71 42.20
CA THR QB 177 77.20 -75.66 41.97
C THR QB 177 76.65 -75.09 43.27
N GLY QB 178 76.53 -75.92 44.30
CA GLY QB 178 76.17 -75.44 45.61
C GLY QB 178 74.68 -75.43 45.90
N LYS QB 179 73.86 -76.09 45.08
CA LYS QB 179 72.44 -76.15 45.32
C LYS QB 179 71.97 -77.60 45.29
N ASP QB 180 70.91 -77.87 46.04
CA ASP QB 180 70.39 -79.23 46.21
C ASP QB 180 69.38 -79.53 45.12
N VAL QB 181 69.61 -80.63 44.39
CA VAL QB 181 68.80 -81.00 43.25
C VAL QB 181 68.40 -82.46 43.39
N ASN QB 182 67.11 -82.73 43.23
CA ASN QB 182 66.59 -84.09 43.28
C ASN QB 182 66.03 -84.48 41.92
N PHE QB 183 66.08 -85.76 41.61
CA PHE QB 183 65.87 -86.28 40.26
C PHE QB 183 64.70 -87.25 40.25
N GLU QB 184 63.98 -87.30 39.13
CA GLU QB 184 62.85 -88.21 39.01
C GLU QB 184 62.52 -88.47 37.54
N PHE QB 185 61.83 -89.58 37.31
CA PHE QB 185 61.34 -89.97 35.99
C PHE QB 185 59.84 -89.81 35.93
N PRO QB 186 59.32 -88.89 35.13
CA PRO QB 186 57.87 -88.67 35.09
C PRO QB 186 57.19 -89.73 34.23
N GLU QB 187 55.88 -89.58 34.07
CA GLU QB 187 55.10 -90.45 33.21
C GLU QB 187 55.25 -89.99 31.77
N PHE QB 188 54.49 -90.60 30.87
CA PHE QB 188 54.42 -90.13 29.50
C PHE QB 188 53.74 -88.77 29.44
N GLN QB 189 54.06 -88.00 28.40
CA GLN QB 189 53.55 -86.64 28.27
C GLN QB 189 52.88 -86.41 26.94
N GLY RB 1 70.20 8.64 29.93
CA GLY RB 1 70.51 8.90 28.54
C GLY RB 1 70.78 7.64 27.74
N ILE RB 2 71.93 7.60 27.07
CA ILE RB 2 72.35 6.39 26.37
C ILE RB 2 72.48 5.26 27.39
N SER RB 3 71.82 4.15 27.11
CA SER RB 3 71.76 3.04 28.05
C SER RB 3 72.36 1.77 27.45
N ARG RB 4 72.93 0.94 28.32
CA ARG RB 4 73.45 -0.37 27.93
C ARG RB 4 72.72 -1.50 28.63
N ASP RB 5 71.51 -1.24 29.11
CA ASP RB 5 70.77 -2.26 29.85
C ASP RB 5 70.37 -3.40 28.91
N ASN RB 6 70.00 -4.52 29.51
CA ASN RB 6 69.56 -5.67 28.73
C ASN RB 6 68.06 -5.86 28.74
N TRP RB 7 67.34 -5.23 29.68
CA TRP RB 7 65.90 -5.44 29.78
C TRP RB 7 65.12 -4.70 28.71
N HIS RB 8 65.68 -3.67 28.10
CA HIS RB 8 65.00 -2.99 27.01
C HIS RB 8 64.86 -3.87 25.77
N LYS RB 9 65.73 -4.84 25.62
CA LYS RB 9 65.63 -5.81 24.53
C LYS RB 9 64.53 -6.80 24.84
N ARG RB 10 64.08 -7.51 23.81
CA ARG RB 10 63.07 -8.54 23.98
C ARG RB 10 63.64 -9.70 24.79
N ARG RB 11 62.75 -10.57 25.25
CA ARG RB 11 63.20 -11.81 25.88
C ARG RB 11 63.69 -12.79 24.82
N LYS RB 12 64.31 -13.87 25.30
CA LYS RB 12 64.93 -14.85 24.40
C LYS RB 12 63.90 -15.49 23.49
N THR RB 13 62.73 -15.83 24.04
CA THR RB 13 61.67 -16.43 23.21
C THR RB 13 61.07 -15.45 22.24
N GLY RB 14 61.41 -14.17 22.34
CA GLY RB 14 60.81 -13.14 21.50
C GLY RB 14 59.74 -12.33 22.19
N GLY RB 15 59.47 -12.61 23.46
CA GLY RB 15 58.47 -11.85 24.18
C GLY RB 15 58.95 -10.46 24.54
N LYS RB 16 57.97 -9.58 24.75
CA LYS RB 16 58.25 -8.22 25.21
C LYS RB 16 58.52 -8.24 26.71
N ARG RB 17 59.57 -7.56 27.12
CA ARG RB 17 59.95 -7.52 28.52
C ARG RB 17 59.58 -6.18 29.13
N LYS RB 18 59.13 -6.23 30.38
CA LYS RB 18 58.67 -5.03 31.07
C LYS RB 18 59.75 -4.52 32.01
N PRO RB 19 60.11 -3.25 31.93
CA PRO RB 19 61.06 -2.70 32.90
C PRO RB 19 60.40 -2.53 34.26
N TYR RB 20 61.06 -3.02 35.30
CA TYR RB 20 60.60 -2.86 36.66
C TYR RB 20 61.20 -1.63 37.34
N HIS RB 21 61.95 -0.82 36.61
CA HIS RB 21 62.50 0.42 37.13
C HIS RB 21 62.81 1.35 35.97
N LYS RB 22 63.09 2.60 36.30
CA LYS RB 22 63.57 3.55 35.32
C LYS RB 22 65.07 3.34 35.11
N LYS RB 23 65.64 4.13 34.20
CA LYS RB 23 67.04 4.00 33.85
C LYS RB 23 67.94 4.29 35.05
N ARG RB 24 69.05 3.58 35.13
CA ARG RB 24 70.02 3.80 36.20
C ARG RB 24 71.30 4.42 35.65
N LYS RB 25 72.06 5.05 36.54
CA LYS RB 25 73.30 5.67 36.12
C LYS RB 25 74.32 4.65 35.65
N TYR RB 26 74.51 3.58 36.41
CA TYR RB 26 75.60 2.64 36.10
C TYR RB 26 75.41 1.97 34.75
N GLU RB 27 74.19 1.89 34.26
CA GLU RB 27 73.92 1.36 32.93
C GLU RB 27 73.82 2.49 31.90
N LEU RB 28 74.78 3.41 31.87
CA LEU RB 28 74.73 4.48 30.90
C LEU RB 28 75.69 4.20 29.75
N GLY RB 29 75.49 4.95 28.66
CA GLY RB 29 76.41 4.95 27.55
C GLY RB 29 76.86 6.36 27.25
N ARG RB 30 77.98 6.46 26.55
CA ARG RB 30 78.57 7.74 26.20
C ARG RB 30 78.84 7.79 24.71
N PRO RB 31 78.84 8.99 24.13
CA PRO RB 31 79.11 9.10 22.69
C PRO RB 31 80.52 8.66 22.35
N ALA RB 32 80.67 8.12 21.14
CA ALA RB 32 81.97 7.66 20.68
C ALA RB 32 82.94 8.83 20.55
N ALA RB 33 84.22 8.55 20.78
CA ALA RB 33 85.24 9.58 20.61
C ALA RB 33 85.32 10.05 19.16
N ASN RB 34 85.22 9.12 18.22
CA ASN RB 34 85.36 9.39 16.79
C ASN RB 34 86.68 10.11 16.51
N THR RB 35 87.77 9.46 16.90
CA THR RB 35 89.08 10.07 16.83
C THR RB 35 89.49 10.28 15.38
N LYS RB 36 89.60 11.54 14.98
CA LYS RB 36 90.05 11.92 13.66
C LYS RB 36 91.54 12.23 13.70
N ILE RB 37 92.07 12.70 12.57
CA ILE RB 37 93.50 12.92 12.40
C ILE RB 37 93.76 14.41 12.37
N GLY RB 38 94.71 14.86 13.19
CA GLY RB 38 95.05 16.26 13.26
C GLY RB 38 95.96 16.57 14.43
N PRO RB 39 96.03 17.84 14.80
CA PRO RB 39 96.78 18.21 16.00
C PRO RB 39 96.18 17.56 17.23
N ARG RB 40 97.06 17.28 18.20
CA ARG RB 40 96.67 16.48 19.36
C ARG RB 40 95.52 17.12 20.12
N ARG RB 41 94.51 16.31 20.41
CA ARG RB 41 93.35 16.78 21.17
C ARG RB 41 92.81 15.63 22.01
N ILE RB 42 92.92 15.78 23.32
CA ILE RB 42 92.47 14.77 24.27
C ILE RB 42 91.58 15.44 25.30
N HIS RB 43 90.39 14.88 25.50
CA HIS RB 43 89.44 15.39 26.49
C HIS RB 43 89.32 14.40 27.64
N THR RB 44 89.47 14.90 28.86
CA THR RB 44 89.43 14.07 30.06
C THR RB 44 88.01 14.01 30.59
N VAL RB 45 87.52 12.80 30.83
CA VAL RB 45 86.18 12.58 31.36
C VAL RB 45 86.27 11.74 32.63
N ARG RB 46 85.49 12.13 33.63
CA ARG RB 46 85.37 11.34 34.85
C ARG RB 46 84.49 10.12 34.61
N VAL RB 47 84.87 9.01 35.22
CA VAL RB 47 84.13 7.76 35.02
C VAL RB 47 83.66 7.23 36.35
N ARG RB 48 83.05 6.04 36.31
CA ARG RB 48 82.63 5.36 37.53
C ARG RB 48 83.81 5.18 38.47
N GLY RB 49 83.57 5.40 39.76
CA GLY RB 49 84.62 5.25 40.74
C GLY RB 49 85.63 6.37 40.78
N GLY RB 50 85.34 7.49 40.13
CA GLY RB 50 86.22 8.65 40.19
C GLY RB 50 87.47 8.55 39.36
N ASN RB 51 87.62 7.50 38.56
CA ASN RB 51 88.81 7.36 37.75
C ASN RB 51 88.74 8.26 36.53
N LYS RB 52 89.71 8.09 35.64
CA LYS RB 52 89.91 8.99 34.51
C LYS RB 52 89.86 8.20 33.21
N LYS RB 53 89.18 8.76 32.21
CA LYS RB 53 89.24 8.26 30.85
C LYS RB 53 89.68 9.36 29.91
N TYR RB 54 90.41 8.97 28.88
CA TYR RB 54 90.98 9.90 27.91
C TYR RB 54 90.18 9.78 26.60
N ARG RB 55 89.48 10.85 26.23
CA ARG RB 55 88.85 10.96 24.92
C ARG RB 55 89.81 11.68 23.99
N ALA RB 56 90.62 10.91 23.27
CA ALA RB 56 91.53 11.48 22.27
C ALA RB 56 90.72 11.76 21.02
N LEU RB 57 90.50 13.04 20.73
CA LEU RB 57 89.61 13.40 19.63
C LEU RB 57 90.37 13.58 18.32
N ARG RB 58 91.53 14.21 18.36
CA ARG RB 58 92.34 14.38 17.16
C ARG RB 58 93.78 14.04 17.49
N LEU RB 59 94.40 13.20 16.67
CA LEU RB 59 95.77 12.76 16.89
C LEU RB 59 96.51 12.66 15.57
N ASP RB 60 97.83 12.70 15.66
CA ASP RB 60 98.69 12.52 14.50
C ASP RB 60 99.87 11.60 14.73
N VAL RB 61 100.28 11.35 15.98
CA VAL RB 61 101.45 10.56 16.27
C VAL RB 61 101.07 9.42 17.20
N GLY RB 62 101.86 8.35 17.14
CA GLY RB 62 101.61 7.18 17.95
C GLY RB 62 102.83 6.28 17.98
N ASN RB 63 102.82 5.33 18.91
CA ASN RB 63 103.94 4.42 19.09
C ASN RB 63 103.61 3.07 18.45
N PHE RB 64 104.50 2.59 17.60
CA PHE RB 64 104.34 1.32 16.92
C PHE RB 64 105.65 0.53 16.98
N SER RB 65 105.55 -0.79 16.98
CA SER RB 65 106.70 -1.67 17.01
C SER RB 65 106.84 -2.42 15.70
N TRP RB 66 108.06 -2.56 15.21
CA TRP RB 66 108.32 -3.39 14.04
C TRP RB 66 108.02 -4.86 14.35
N GLY RB 67 108.45 -5.32 15.52
CA GLY RB 67 108.20 -6.69 15.91
C GLY RB 67 109.24 -7.65 15.36
N SER RB 68 109.31 -7.75 14.04
CA SER RB 68 110.34 -8.59 13.42
C SER RB 68 111.73 -8.07 13.76
N GLU RB 69 111.93 -6.76 13.68
CA GLU RB 69 113.13 -6.15 14.21
C GLU RB 69 112.95 -5.68 15.64
N CYS RB 70 111.73 -5.77 16.17
CA CYS RB 70 111.39 -5.36 17.53
C CYS RB 70 111.76 -3.90 17.77
N CYS RB 71 111.68 -3.09 16.71
CA CYS RB 71 112.02 -1.67 16.75
C CYS RB 71 110.74 -0.91 17.03
N THR RB 72 110.68 -0.23 18.17
CA THR RB 72 109.48 0.44 18.63
C THR RB 72 109.74 1.92 18.78
N ARG RB 73 109.13 2.72 17.91
CA ARG RB 73 109.33 4.17 17.92
C ARG RB 73 107.98 4.87 17.87
N LYS RB 74 107.97 6.11 18.33
CA LYS RB 74 106.77 6.95 18.26
C LYS RB 74 106.77 7.66 16.91
N THR RB 75 105.93 7.20 16.00
CA THR RB 75 105.90 7.68 14.63
C THR RB 75 104.70 8.60 14.41
N ARG RB 76 104.61 9.14 13.21
CA ARG RB 76 103.53 10.02 12.80
C ARG RB 76 102.52 9.20 12.00
N ILE RB 77 101.25 9.38 12.29
CA ILE RB 77 100.18 8.72 11.55
C ILE RB 77 99.70 9.64 10.44
N ILE RB 78 99.67 9.11 9.22
CA ILE RB 78 99.26 9.92 8.07
C ILE RB 78 97.76 9.81 7.84
N ASP RB 79 97.29 8.60 7.52
CA ASP RB 79 95.87 8.42 7.22
C ASP RB 79 95.49 6.96 7.46
N VAL RB 80 94.23 6.66 7.15
CA VAL RB 80 93.68 5.31 7.26
C VAL RB 80 93.39 4.79 5.88
N VAL RB 81 93.76 3.54 5.62
CA VAL RB 81 93.52 2.93 4.31
C VAL RB 81 92.43 1.85 4.35
N TYR RB 82 92.22 1.18 5.47
CA TYR RB 82 91.23 0.11 5.52
C TYR RB 82 90.80 -0.13 6.95
N ASN RB 83 89.57 -0.60 7.10
CA ASN RB 83 89.06 -1.14 8.35
C ASN RB 83 88.02 -2.18 8.02
N ALA RB 84 87.95 -3.23 8.86
CA ALA RB 84 87.02 -4.32 8.59
C ALA RB 84 85.58 -3.92 8.88
N SER RB 85 85.34 -3.08 9.88
CA SER RB 85 83.99 -2.89 10.37
C SER RB 85 83.13 -2.09 9.39
N ASN RB 86 83.62 -0.93 8.94
CA ASN RB 86 82.82 -0.09 8.07
C ASN RB 86 83.70 0.74 7.14
N ASN RB 87 83.21 0.92 5.91
CA ASN RB 87 83.86 1.81 4.96
C ASN RB 87 83.80 3.27 5.40
N GLU RB 88 82.69 3.66 6.02
CA GLU RB 88 82.54 5.04 6.49
C GLU RB 88 83.65 5.42 7.46
N LEU RB 89 84.13 4.46 8.23
CA LEU RB 89 85.22 4.74 9.15
C LEU RB 89 86.47 5.18 8.40
N VAL RB 90 86.78 4.50 7.30
CA VAL RB 90 87.96 4.86 6.52
C VAL RB 90 87.73 6.18 5.80
N ARG RB 91 86.54 6.38 5.23
CA ARG RB 91 86.28 7.62 4.50
C ARG RB 91 86.36 8.82 5.42
N THR RB 92 85.86 8.67 6.65
CA THR RB 92 85.92 9.73 7.64
C THR RB 92 87.30 9.86 8.27
N LYS RB 93 88.21 8.93 7.98
CA LYS RB 93 89.53 8.85 8.61
C LYS RB 93 89.40 8.87 10.12
N THR RB 94 88.48 8.06 10.62
CA THR RB 94 88.21 7.96 12.05
C THR RB 94 89.04 6.83 12.63
N LEU RB 95 89.80 7.14 13.68
CA LEU RB 95 90.77 6.21 14.24
C LEU RB 95 90.10 5.34 15.29
N VAL RB 96 90.16 4.03 15.09
CA VAL RB 96 89.58 3.07 16.03
C VAL RB 96 90.62 2.03 16.40
N LYS RB 97 90.20 1.04 17.19
CA LYS RB 97 91.14 0.02 17.66
C LYS RB 97 91.69 -0.82 16.53
N ASN RB 98 90.85 -1.19 15.57
CA ASN RB 98 91.22 -2.21 14.58
C ASN RB 98 91.51 -1.66 13.20
N CYS RB 99 91.40 -0.35 12.99
CA CYS RB 99 91.73 0.23 11.69
C CYS RB 99 93.23 0.22 11.47
N ILE RB 100 93.64 0.14 10.21
CA ILE RB 100 95.04 0.13 9.82
C ILE RB 100 95.40 1.47 9.21
N VAL RB 101 96.58 1.98 9.58
CA VAL RB 101 96.97 3.35 9.27
C VAL RB 101 98.35 3.35 8.60
N LEU RB 102 98.61 4.42 7.85
CA LEU RB 102 99.91 4.65 7.24
C LEU RB 102 100.77 5.47 8.18
N ILE RB 103 102.02 5.05 8.35
CA ILE RB 103 102.93 5.68 9.30
C ILE RB 103 104.23 6.02 8.61
N ASP RB 104 104.93 7.00 9.17
CA ASP RB 104 106.22 7.41 8.65
C ASP RB 104 107.27 6.34 8.95
N SER RB 105 108.07 5.99 7.94
CA SER RB 105 109.10 4.99 8.07
C SER RB 105 110.45 5.58 8.47
N THR RB 106 110.51 6.90 8.67
CA THR RB 106 111.78 7.57 8.91
C THR RB 106 112.48 7.11 10.19
N PRO RB 107 111.84 7.04 11.37
CA PRO RB 107 112.58 6.57 12.55
C PRO RB 107 113.04 5.14 12.39
N TYR RB 108 112.17 4.30 11.85
CA TYR RB 108 112.50 2.90 11.60
C TYR RB 108 113.65 2.78 10.61
N ARG RB 109 113.63 3.60 9.55
CA ARG RB 109 114.73 3.59 8.60
C ARG RB 109 116.04 3.95 9.28
N GLN RB 110 116.03 5.04 10.05
CA GLN RB 110 117.26 5.51 10.69
C GLN RB 110 117.80 4.50 11.68
N TRP RB 111 116.92 3.88 12.46
CA TRP RB 111 117.37 2.80 13.34
C TRP RB 111 117.94 1.65 12.53
N TYR RB 112 117.40 1.41 11.33
CA TYR RB 112 117.89 0.32 10.49
C TYR RB 112 119.33 0.55 10.04
N GLU RB 113 119.63 1.75 9.52
CA GLU RB 113 121.04 2.06 9.24
C GLU RB 113 121.89 2.07 10.51
N SER RB 114 121.34 2.52 11.64
CA SER RB 114 122.15 2.59 12.84
C SER RB 114 122.57 1.21 13.31
N HIS RB 115 121.68 0.23 13.19
CA HIS RB 115 121.97 -1.13 13.63
C HIS RB 115 122.67 -1.98 12.58
N TYR RB 116 122.08 -2.13 11.41
CA TYR RB 116 122.61 -3.04 10.39
C TYR RB 116 123.61 -2.39 9.45
N ALA RB 117 123.60 -1.05 9.34
CA ALA RB 117 124.41 -0.33 8.36
C ALA RB 117 124.13 -0.81 6.93
N LEU RB 118 122.84 -0.87 6.57
CA LEU RB 118 122.43 -1.12 5.21
C LEU RB 118 121.57 0.03 4.69
N PRO RB 119 121.76 0.43 3.43
CA PRO RB 119 120.87 1.45 2.86
C PRO RB 119 119.46 0.93 2.71
N LEU RB 120 118.50 1.78 3.06
CA LEU RB 120 117.09 1.38 3.03
C LEU RB 120 116.28 2.57 2.52
N GLY RB 121 115.43 2.32 1.53
CA GLY RB 121 114.65 3.37 0.92
C GLY RB 121 115.39 4.25 -0.06
N ARG RB 122 116.73 4.22 -0.06
CA ARG RB 122 117.48 5.02 -1.00
C ARG RB 122 117.34 4.45 -2.40
N LYS RB 123 117.22 5.35 -3.38
CA LYS RB 123 117.01 4.93 -4.76
C LYS RB 123 118.33 4.71 -5.49
N LYS RB 124 119.23 5.69 -5.41
CA LYS RB 124 120.58 5.52 -5.93
C LYS RB 124 121.67 5.88 -4.93
N GLY RB 125 121.31 6.31 -3.72
CA GLY RB 125 122.30 6.73 -2.74
C GLY RB 125 122.94 8.06 -3.10
N ALA RB 126 124.01 8.37 -2.36
CA ALA RB 126 124.80 9.59 -2.55
C ALA RB 126 123.93 10.84 -2.46
N LYS RB 127 123.00 10.85 -1.50
CA LYS RB 127 122.07 11.96 -1.34
C LYS RB 127 122.20 12.70 -0.01
N LEU RB 128 122.55 12.02 1.07
CA LEU RB 128 122.66 12.61 2.40
C LEU RB 128 124.10 12.51 2.86
N THR RB 129 125.02 12.89 1.97
CA THR RB 129 126.43 12.56 2.13
C THR RB 129 127.04 12.96 3.47
N PRO RB 130 126.79 14.14 4.06
CA PRO RB 130 127.43 14.43 5.36
C PRO RB 130 127.02 13.50 6.48
N GLU RB 131 125.93 12.74 6.31
CA GLU RB 131 125.51 11.75 7.29
C GLU RB 131 125.71 10.32 6.80
N GLU RB 132 125.22 10.02 5.59
CA GLU RB 132 125.34 8.64 5.10
C GLU RB 132 126.78 8.25 4.82
N GLU RB 133 127.63 9.20 4.40
CA GLU RB 133 129.03 8.87 4.17
C GLU RB 133 129.72 8.47 5.46
N GLU RB 134 129.40 9.15 6.56
CA GLU RB 134 129.91 8.72 7.86
C GLU RB 134 129.36 7.35 8.24
N ILE RB 135 128.03 7.19 8.17
CA ILE RB 135 127.43 5.97 8.69
C ILE RB 135 127.74 4.72 7.86
N LEU RB 136 128.10 4.86 6.58
CA LEU RB 136 128.34 3.67 5.78
C LEU RB 136 129.65 3.00 6.16
N ASN RB 137 130.69 3.79 6.45
CA ASN RB 137 131.99 3.24 6.79
C ASN RB 137 132.25 3.27 8.28
N LYS RB 138 132.15 4.46 8.89
CA LYS RB 138 132.35 4.67 10.33
C LYS RB 138 133.76 4.31 10.79
N LYS RB 139 134.65 3.98 9.83
CA LYS RB 139 136.06 3.69 10.02
C LYS RB 139 136.36 2.88 11.28
N ARG RB 140 135.57 1.85 11.54
CA ARG RB 140 135.64 1.18 12.83
C ARG RB 140 136.65 0.04 12.79
N SER RB 141 136.93 -0.52 13.97
CA SER RB 141 138.03 -1.46 14.14
C SER RB 141 137.68 -2.83 13.57
N LYS RB 142 138.62 -3.76 13.69
CA LYS RB 142 138.36 -5.14 13.29
C LYS RB 142 137.30 -5.78 14.16
N LYS RB 143 137.26 -5.42 15.45
CA LYS RB 143 136.24 -5.98 16.33
C LYS RB 143 134.86 -5.43 15.99
N ILE RB 144 134.75 -4.12 15.79
CA ILE RB 144 133.47 -3.53 15.48
C ILE RB 144 132.99 -4.00 14.11
N GLN RB 145 133.89 -4.03 13.12
CA GLN RB 145 133.53 -4.56 11.81
C GLN RB 145 133.19 -6.04 11.88
N LYS RB 146 133.84 -6.78 12.78
CA LYS RB 146 133.52 -8.19 12.98
C LYS RB 146 132.10 -8.34 13.49
N LYS RB 147 131.71 -7.49 14.45
CA LYS RB 147 130.31 -7.45 14.89
C LYS RB 147 129.39 -7.12 13.72
N TYR RB 148 129.73 -6.10 12.95
CA TYR RB 148 128.83 -5.61 11.91
C TYR RB 148 128.62 -6.64 10.81
N ASP RB 149 129.70 -7.25 10.31
CA ASP RB 149 129.53 -8.26 9.28
C ASP RB 149 129.08 -9.60 9.85
N GLU RB 150 129.15 -9.77 11.17
CA GLU RB 150 128.43 -10.86 11.81
C GLU RB 150 126.93 -10.58 11.77
N ARG RB 151 126.54 -9.31 11.79
CA ARG RB 151 125.14 -8.94 11.70
C ARG RB 151 124.64 -8.79 10.26
N LYS RB 152 125.52 -8.82 9.27
CA LYS RB 152 125.07 -8.64 7.89
C LYS RB 152 124.29 -9.85 7.40
N LYS RB 153 124.48 -11.01 8.03
CA LYS RB 153 123.88 -12.24 7.52
C LYS RB 153 122.35 -12.19 7.58
N ASN RB 154 121.79 -11.68 8.67
CA ASN RB 154 120.35 -11.66 8.86
C ASN RB 154 119.74 -10.31 8.51
N ALA RB 155 120.33 -9.60 7.55
CA ALA RB 155 119.80 -8.32 7.10
C ALA RB 155 118.86 -8.49 5.91
N LYS RB 156 117.86 -9.35 6.05
CA LYS RB 156 116.84 -9.54 5.03
C LYS RB 156 115.52 -8.94 5.49
N ILE RB 157 114.91 -8.14 4.62
CA ILE RB 157 113.65 -7.48 4.87
C ILE RB 157 112.69 -7.89 3.77
N SER RB 158 111.41 -8.06 4.12
CA SER RB 158 110.42 -8.52 3.16
C SER RB 158 110.31 -7.56 1.98
N SER RB 159 110.05 -8.15 0.79
CA SER RB 159 109.98 -7.35 -0.42
C SER RB 159 108.85 -6.34 -0.36
N LEU RB 160 107.73 -6.70 0.25
CA LEU RB 160 106.64 -5.75 0.45
C LEU RB 160 107.07 -4.62 1.38
N LEU RB 161 107.78 -4.97 2.45
CA LEU RB 161 108.35 -3.96 3.32
C LEU RB 161 109.34 -3.08 2.58
N GLU RB 162 110.15 -3.68 1.70
CA GLU RB 162 111.10 -2.92 0.91
C GLU RB 162 110.37 -1.92 0.01
N GLU RB 163 109.29 -2.36 -0.63
CA GLU RB 163 108.52 -1.47 -1.49
C GLU RB 163 107.90 -0.34 -0.69
N GLN RB 164 107.35 -0.65 0.49
CA GLN RB 164 106.78 0.41 1.31
C GLN RB 164 107.85 1.40 1.75
N PHE RB 165 109.04 0.91 2.08
CA PHE RB 165 110.13 1.81 2.45
C PHE RB 165 110.55 2.68 1.28
N GLN RB 166 110.54 2.12 0.07
CA GLN RB 166 110.79 2.94 -1.12
C GLN RB 166 109.73 4.02 -1.28
N GLN RB 167 108.46 3.68 -1.05
CA GLN RB 167 107.43 4.70 -1.04
C GLN RB 167 107.55 5.61 0.17
N GLY RB 168 108.26 5.18 1.21
CA GLY RB 168 108.54 6.01 2.36
C GLY RB 168 107.50 5.97 3.46
N LYS RB 169 106.39 5.28 3.28
CA LYS RB 169 105.37 5.16 4.31
C LYS RB 169 105.07 3.70 4.57
N LEU RB 170 105.04 3.33 5.84
CA LEU RB 170 104.66 1.99 6.25
C LEU RB 170 103.21 1.99 6.72
N LEU RB 171 102.60 0.81 6.66
CA LEU RB 171 101.23 0.63 7.12
C LEU RB 171 101.23 -0.30 8.33
N ALA RB 172 100.52 0.10 9.37
CA ALA RB 172 100.53 -0.62 10.63
C ALA RB 172 99.12 -0.69 11.19
N CYS RB 173 98.86 -1.72 11.98
CA CYS RB 173 97.57 -1.93 12.61
C CYS RB 173 97.60 -1.42 14.04
N ILE RB 174 96.58 -0.64 14.41
CA ILE RB 174 96.44 -0.18 15.78
C ILE RB 174 96.10 -1.36 16.67
N ALA RB 175 96.62 -1.34 17.89
CA ALA RB 175 96.29 -2.33 18.91
C ALA RB 175 95.60 -1.73 20.12
N SER RB 176 95.87 -0.48 20.47
CA SER RB 176 95.21 0.18 21.57
C SER RB 176 93.81 0.64 21.19
N ARG RB 177 93.06 1.11 22.18
CA ARG RB 177 91.69 1.57 21.97
C ARG RB 177 91.64 3.09 21.99
N PRO RB 178 91.45 3.75 20.85
CA PRO RB 178 91.25 5.20 20.86
C PRO RB 178 89.99 5.55 21.63
N GLY RB 179 90.04 6.71 22.30
CA GLY RB 179 88.92 7.17 23.09
C GLY RB 179 88.82 6.55 24.47
N GLN RB 180 89.64 5.55 24.77
CA GLN RB 180 89.68 4.97 26.09
C GLN RB 180 91.01 5.18 26.78
N CYS RB 181 92.11 4.73 26.17
CA CYS RB 181 93.44 4.99 26.70
C CYS RB 181 94.06 6.25 26.14
N GLY RB 182 93.38 6.93 25.22
CA GLY RB 182 93.84 8.20 24.70
C GLY RB 182 95.08 8.12 23.85
N ARG RB 183 95.42 6.94 23.36
CA ARG RB 183 96.64 6.76 22.59
C ARG RB 183 96.38 5.73 21.49
N ALA RB 184 97.28 5.68 20.53
CA ALA RB 184 97.11 4.92 19.30
C ALA RB 184 98.23 3.92 19.12
N ASP RB 185 98.51 3.15 20.16
CA ASP RB 185 99.54 2.13 20.06
C ASP RB 185 99.10 1.01 19.12
N GLY RB 186 100.09 0.38 18.50
CA GLY RB 186 99.80 -0.65 17.52
C GLY RB 186 101.07 -1.33 17.09
N TYR RB 187 100.99 -2.05 15.97
CA TYR RB 187 102.11 -2.83 15.49
C TYR RB 187 102.18 -2.79 13.97
N VAL RB 188 103.39 -2.93 13.43
CA VAL RB 188 103.57 -2.94 11.99
C VAL RB 188 103.10 -4.27 11.41
N LEU RB 189 102.25 -4.18 10.40
CA LEU RB 189 101.77 -5.39 9.72
C LEU RB 189 102.89 -6.06 8.94
N GLU RB 190 102.90 -7.39 8.98
CA GLU RB 190 103.86 -8.18 8.24
C GLU RB 190 103.37 -9.62 8.15
N GLY RB 191 104.01 -10.40 7.29
CA GLY RB 191 103.64 -11.78 7.08
C GLY RB 191 102.41 -11.93 6.22
N LYS RB 192 101.70 -13.05 6.36
CA LYS RB 192 100.51 -13.29 5.57
C LYS RB 192 99.42 -12.25 5.85
N GLU RB 193 99.43 -11.68 7.06
CA GLU RB 193 98.45 -10.64 7.38
C GLU RB 193 98.62 -9.43 6.49
N LEU RB 194 99.87 -9.01 6.26
CA LEU RB 194 100.12 -7.86 5.40
C LEU RB 194 99.66 -8.15 3.97
N GLU RB 195 99.95 -9.34 3.47
CA GLU RB 195 99.52 -9.70 2.11
C GLU RB 195 98.01 -9.75 2.02
N PHE RB 196 97.36 -10.26 3.07
CA PHE RB 196 95.90 -10.29 3.14
C PHE RB 196 95.32 -8.88 3.02
N TYR RB 197 95.84 -7.95 3.84
CA TYR RB 197 95.29 -6.61 3.84
C TYR RB 197 95.62 -5.87 2.54
N LEU RB 198 96.78 -6.13 1.96
CA LEU RB 198 97.11 -5.54 0.66
C LEU RB 198 96.18 -6.03 -0.42
N ARG RB 199 95.86 -7.33 -0.40
CA ARG RB 199 94.90 -7.85 -1.35
C ARG RB 199 93.51 -7.27 -1.12
N LYS RB 200 93.15 -7.04 0.15
CA LYS RB 200 91.87 -6.40 0.45
C LYS RB 200 91.82 -5.00 -0.14
N ILE RB 201 92.91 -4.24 0.01
CA ILE RB 201 92.96 -2.89 -0.52
C ILE RB 201 92.94 -2.90 -2.05
N LYS RB 202 93.65 -3.86 -2.65
CA LYS RB 202 93.62 -3.99 -4.11
C LYS RB 202 92.20 -4.31 -4.59
N ALA RB 203 91.49 -5.17 -3.87
CA ALA RB 203 90.09 -5.43 -4.20
C ALA RB 203 89.25 -4.18 -4.03
N ARG RB 204 89.60 -3.33 -3.07
CA ARG RB 204 88.84 -2.10 -2.86
C ARG RB 204 89.03 -1.12 -4.01
N LYS RB 205 90.27 -0.93 -4.45
CA LYS RB 205 90.54 0.06 -5.48
C LYS RB 205 91.72 -0.41 -6.34
N GLY RB 206 91.73 0.01 -7.59
CA GLY RB 206 92.81 -0.32 -8.50
C GLY RB 206 92.61 -1.65 -9.21
N PRO SB 1 61.74 -0.79 63.13
CA PRO SB 1 60.92 0.17 63.87
C PRO SB 1 60.90 -0.09 65.37
N VAL SB 2 59.72 -0.49 65.89
CA VAL SB 2 59.54 -0.63 67.32
C VAL SB 2 60.30 -1.85 67.84
N ALA SB 3 60.74 -1.75 69.09
CA ALA SB 3 61.51 -2.80 69.75
C ALA SB 3 60.62 -3.78 70.51
N ARG SB 4 59.39 -3.97 70.04
CA ARG SB 4 58.45 -4.83 70.73
C ARG SB 4 58.69 -6.28 70.30
N SER SB 5 57.87 -7.19 70.80
CA SER SB 5 57.90 -8.59 70.39
C SER SB 5 56.55 -9.09 69.91
N TRP SB 6 55.48 -8.74 70.60
CA TRP SB 6 54.11 -9.24 70.41
C TRP SB 6 54.07 -10.73 70.07
N VAL SB 7 54.90 -11.53 70.73
CA VAL SB 7 54.90 -12.97 70.57
C VAL SB 7 53.96 -13.54 71.62
N CYS SB 8 52.85 -14.11 71.18
CA CYS SB 8 51.81 -14.53 72.10
C CYS SB 8 51.04 -15.70 71.47
N ARG SB 9 50.38 -16.46 72.35
CA ARG SB 9 49.53 -17.56 71.93
C ARG SB 9 48.39 -17.70 72.93
N LYS SB 10 47.30 -18.31 72.50
CA LYS SB 10 46.22 -18.61 73.43
C LYS SB 10 46.49 -19.95 74.13
N THR SB 11 45.90 -20.08 75.32
CA THR SB 11 46.09 -21.26 76.14
C THR SB 11 44.85 -22.15 76.21
N TYR SB 12 43.78 -21.76 75.55
CA TYR SB 12 42.53 -22.50 75.63
C TYR SB 12 41.95 -22.63 74.23
N VAL SB 13 41.14 -23.67 74.04
CA VAL SB 13 40.45 -23.91 72.77
C VAL SB 13 39.00 -24.23 73.08
N THR SB 14 38.09 -23.52 72.42
CA THR SB 14 36.67 -23.76 72.63
C THR SB 14 36.29 -25.10 72.01
N PRO SB 15 35.27 -25.78 72.58
CA PRO SB 15 34.86 -27.07 72.04
C PRO SB 15 34.29 -26.95 70.64
N ARG SB 16 34.40 -28.04 69.88
CA ARG SB 16 33.95 -28.03 68.48
C ARG SB 16 32.45 -27.85 68.38
N ARG SB 17 31.67 -28.69 69.07
CA ARG SB 17 30.23 -28.62 69.00
C ARG SB 17 29.69 -28.15 70.34
N PRO SB 18 28.71 -27.26 70.36
CA PRO SB 18 28.17 -26.75 71.62
C PRO SB 18 26.89 -27.46 72.04
N PHE SB 19 26.52 -27.22 73.29
CA PHE SB 19 25.19 -27.52 73.84
C PHE SB 19 24.93 -29.01 73.86
N GLU SB 20 25.88 -29.75 74.43
CA GLU SB 20 25.82 -31.19 74.59
C GLU SB 20 25.88 -31.51 76.07
N LYS SB 21 24.98 -32.40 76.52
CA LYS SB 21 24.77 -32.58 77.95
C LYS SB 21 25.98 -33.18 78.64
N SER SB 22 26.62 -34.18 78.02
CA SER SB 22 27.71 -34.89 78.69
C SER SB 22 28.88 -33.96 78.99
N ARG SB 23 29.30 -33.19 77.99
CA ARG SB 23 30.42 -32.28 78.17
C ARG SB 23 30.09 -31.17 79.17
N LEU SB 24 28.88 -30.60 79.07
CA LEU SB 24 28.49 -29.55 80.00
C LEU SB 24 28.47 -30.07 81.43
N ASP SB 25 27.90 -31.26 81.62
CA ASP SB 25 27.82 -31.85 82.95
C ASP SB 25 29.20 -32.16 83.50
N GLN SB 26 30.08 -32.74 82.67
CA GLN SB 26 31.40 -33.09 83.15
C GLN SB 26 32.20 -31.85 83.50
N GLU SB 27 32.15 -30.82 82.64
CA GLU SB 27 32.88 -29.59 82.91
C GLU SB 27 32.34 -28.89 84.15
N LEU SB 28 31.02 -28.86 84.32
CA LEU SB 28 30.46 -28.23 85.51
C LEU SB 28 30.81 -29.01 86.76
N LYS SB 29 30.86 -30.35 86.65
CA LYS SB 29 31.33 -31.18 87.75
C LYS SB 29 32.75 -30.81 88.16
N LEU SB 30 33.64 -30.69 87.17
CA LEU SB 30 35.02 -30.33 87.46
C LEU SB 30 35.09 -28.94 88.08
N ILE SB 31 34.32 -27.99 87.55
CA ILE SB 31 34.35 -26.62 88.05
C ILE SB 31 33.89 -26.58 89.50
N GLY SB 32 32.79 -27.28 89.79
CA GLY SB 32 32.28 -27.28 91.16
C GLY SB 32 33.20 -27.98 92.13
N GLU SB 33 33.85 -29.06 91.68
CA GLU SB 33 34.74 -29.78 92.58
C GLU SB 33 36.03 -29.00 92.84
N TYR SB 34 36.54 -28.31 91.82
CA TYR SB 34 37.80 -27.60 91.95
C TYR SB 34 37.63 -26.11 92.22
N GLY SB 35 36.40 -25.61 92.26
CA GLY SB 35 36.18 -24.20 92.55
C GLY SB 35 36.74 -23.26 91.51
N LEU SB 36 36.50 -23.54 90.24
CA LEU SB 36 37.04 -22.74 89.16
C LEU SB 36 36.05 -21.67 88.72
N ARG SB 37 36.58 -20.55 88.22
CA ARG SB 37 35.75 -19.42 87.84
C ARG SB 37 34.93 -19.67 86.59
N ASN SB 38 35.56 -20.14 85.51
CA ASN SB 38 34.94 -20.09 84.21
C ASN SB 38 35.44 -21.25 83.36
N LYS SB 39 34.69 -21.57 82.30
CA LYS SB 39 35.03 -22.66 81.41
C LYS SB 39 36.32 -22.42 80.64
N ARG SB 40 36.74 -21.16 80.50
CA ARG SB 40 37.93 -20.85 79.74
C ARG SB 40 39.16 -21.53 80.34
N GLU SB 41 39.30 -21.45 81.66
CA GLU SB 41 40.50 -21.89 82.34
C GLU SB 41 40.55 -23.40 82.56
N VAL SB 42 39.42 -24.10 82.42
CA VAL SB 42 39.44 -25.55 82.50
C VAL SB 42 39.75 -26.04 81.09
N TRP SB 43 39.31 -25.27 80.10
CA TRP SB 43 39.75 -25.55 78.74
C TRP SB 43 41.23 -25.29 78.60
N ARG SB 44 41.79 -24.40 79.44
CA ARG SB 44 43.22 -24.16 79.44
C ARG SB 44 44.00 -25.40 79.85
N VAL SB 45 43.61 -26.02 80.97
CA VAL SB 45 44.32 -27.22 81.41
C VAL SB 45 44.03 -28.38 80.47
N LYS SB 46 42.84 -28.42 79.87
CA LYS SB 46 42.56 -29.43 78.85
C LYS SB 46 43.51 -29.27 77.67
N PHE SB 47 43.72 -28.02 77.22
CA PHE SB 47 44.64 -27.74 76.13
C PHE SB 47 46.06 -28.15 76.50
N THR SB 48 46.46 -27.87 77.75
CA THR SB 48 47.80 -28.24 78.19
C THR SB 48 47.99 -29.76 78.16
N LEU SB 49 47.01 -30.50 78.66
CA LEU SB 49 47.10 -31.95 78.64
C LEU SB 49 47.12 -32.47 77.22
N ALA SB 50 46.30 -31.88 76.35
CA ALA SB 50 46.28 -32.32 74.95
C ALA SB 50 47.63 -32.10 74.29
N LYS SB 51 48.25 -30.94 74.53
CA LYS SB 51 49.57 -30.67 73.97
C LYS SB 51 50.60 -31.67 74.49
N ILE SB 52 50.58 -31.93 75.80
CA ILE SB 52 51.55 -32.85 76.36
C ILE SB 52 51.35 -34.24 75.81
N ARG SB 53 50.11 -34.67 75.69
CA ARG SB 53 49.82 -35.99 75.13
C ARG SB 53 50.27 -36.07 73.69
N LYS SB 54 50.04 -35.01 72.91
CA LYS SB 54 50.45 -35.02 71.51
C LYS SB 54 51.97 -35.10 71.39
N ALA SB 55 52.69 -34.35 72.23
CA ALA SB 55 54.15 -34.42 72.20
C ALA SB 55 54.64 -35.81 72.58
N ALA SB 56 54.07 -36.40 73.64
CA ALA SB 56 54.47 -37.73 74.06
C ALA SB 56 54.16 -38.77 72.99
N ARG SB 57 53.00 -38.63 72.35
CA ARG SB 57 52.61 -39.55 71.27
C ARG SB 57 53.54 -39.41 70.08
N GLU SB 58 53.91 -38.17 69.75
CA GLU SB 58 54.89 -37.95 68.69
C GLU SB 58 56.20 -38.63 69.03
N LEU SB 59 56.64 -38.51 70.30
CA LEU SB 59 57.84 -39.21 70.75
C LEU SB 59 57.69 -40.71 70.59
N LEU SB 60 56.53 -41.25 70.94
CA LEU SB 60 56.31 -42.69 70.87
C LEU SB 60 56.33 -43.18 69.42
N THR SB 61 55.92 -42.33 68.49
CA THR SB 61 56.03 -42.69 67.07
C THR SB 61 57.49 -42.78 66.62
N LEU SB 62 58.39 -42.01 67.25
CA LEU SB 62 59.81 -42.16 66.95
C LEU SB 62 60.29 -43.54 67.35
N ASP SB 63 61.27 -44.04 66.60
CA ASP SB 63 61.84 -45.35 66.88
C ASP SB 63 62.61 -45.31 68.20
N GLU SB 64 62.72 -46.47 68.84
CA GLU SB 64 63.42 -46.59 70.10
C GLU SB 64 64.91 -46.28 69.91
N LYS SB 65 65.53 -45.76 70.97
CA LYS SB 65 66.95 -45.43 71.08
C LYS SB 65 67.30 -44.17 70.29
N ASP SB 66 66.35 -43.57 69.59
CA ASP SB 66 66.58 -42.31 68.89
C ASP SB 66 66.94 -41.25 69.92
N PRO SB 67 68.12 -40.62 69.80
CA PRO SB 67 68.55 -39.69 70.86
C PRO SB 67 67.62 -38.51 71.07
N ARG SB 68 66.98 -38.00 70.01
CA ARG SB 68 65.96 -36.98 70.21
C ARG SB 68 64.82 -37.53 71.04
N ARG SB 69 64.36 -38.75 70.72
CA ARG SB 69 63.26 -39.34 71.45
C ARG SB 69 63.61 -39.52 72.92
N LEU SB 70 64.81 -40.04 73.20
CA LEU SB 70 65.19 -40.30 74.58
C LEU SB 70 65.38 -39.01 75.36
N PHE SB 71 66.09 -38.03 74.76
CA PHE SB 71 66.30 -36.76 75.42
C PHE SB 71 64.98 -36.08 75.75
N GLU SB 72 64.09 -35.99 74.76
CA GLU SB 72 62.82 -35.32 74.98
C GLU SB 72 61.92 -36.10 75.94
N GLY SB 73 61.98 -37.43 75.89
CA GLY SB 73 61.18 -38.23 76.81
C GLY SB 73 61.61 -38.05 78.25
N ASN SB 74 62.92 -38.10 78.51
CA ASN SB 74 63.39 -37.90 79.88
C ASN SB 74 63.15 -36.47 80.33
N ALA SB 75 63.28 -35.49 79.43
CA ALA SB 75 62.99 -34.11 79.80
C ALA SB 75 61.53 -33.94 80.21
N LEU SB 76 60.62 -34.50 79.40
CA LEU SB 76 59.20 -34.37 79.71
C LEU SB 76 58.84 -35.13 80.97
N LEU SB 77 59.40 -36.32 81.16
CA LEU SB 77 59.14 -37.07 82.38
C LEU SB 77 59.68 -36.34 83.60
N ARG SB 78 60.85 -35.71 83.47
CA ARG SB 78 61.40 -34.93 84.57
C ARG SB 78 60.48 -33.77 84.92
N ARG SB 79 59.99 -33.06 83.91
CA ARG SB 79 59.05 -31.97 84.19
C ARG SB 79 57.77 -32.49 84.81
N LEU SB 80 57.28 -33.62 84.32
CA LEU SB 80 56.01 -34.16 84.83
C LEU SB 80 56.12 -34.62 86.27
N VAL SB 81 57.24 -35.25 86.63
CA VAL SB 81 57.42 -35.63 88.02
C VAL SB 81 57.78 -34.44 88.88
N ARG SB 82 58.29 -33.35 88.28
CA ARG SB 82 58.45 -32.12 89.05
C ARG SB 82 57.10 -31.52 89.39
N ILE SB 83 56.19 -31.45 88.42
CA ILE SB 83 54.89 -30.81 88.67
C ILE SB 83 53.93 -31.70 89.43
N GLY SB 84 54.35 -32.90 89.82
CA GLY SB 84 53.56 -33.73 90.71
C GLY SB 84 52.42 -34.47 90.06
N VAL SB 85 52.30 -34.42 88.73
CA VAL SB 85 51.24 -35.14 88.05
C VAL SB 85 51.57 -36.60 87.81
N LEU SB 86 52.83 -37.00 87.96
CA LEU SB 86 53.25 -38.37 87.68
C LEU SB 86 54.10 -38.90 88.83
N ASP SB 87 53.94 -40.19 89.09
CA ASP SB 87 54.76 -40.85 90.11
C ASP SB 87 56.21 -40.95 89.65
N GLU SB 88 57.12 -40.90 90.62
CA GLU SB 88 58.55 -40.98 90.33
C GLU SB 88 58.95 -42.29 89.68
N GLY SB 89 58.29 -43.39 90.02
CA GLY SB 89 58.57 -44.68 89.42
C GLY SB 89 57.90 -44.92 88.09
N LYS SB 90 57.05 -43.99 87.66
CA LYS SB 90 56.32 -44.10 86.39
C LYS SB 90 57.04 -43.36 85.27
N MET SB 91 58.30 -43.71 85.01
CA MET SB 91 59.10 -42.99 84.01
C MET SB 91 59.02 -43.67 82.64
N LYS SB 92 57.80 -43.70 82.11
CA LYS SB 92 57.57 -44.23 80.77
C LYS SB 92 56.67 -43.30 80.00
N LEU SB 93 56.90 -43.24 78.68
CA LEU SB 93 55.99 -42.50 77.80
C LEU SB 93 54.60 -43.11 77.79
N ASP SB 94 54.48 -44.39 78.10
CA ASP SB 94 53.19 -45.07 78.02
C ASP SB 94 52.25 -44.58 79.10
N TYR SB 95 52.76 -44.32 80.30
CA TYR SB 95 51.92 -43.82 81.39
C TYR SB 95 51.44 -42.40 81.13
N ILE SB 96 52.14 -41.64 80.30
CA ILE SB 96 51.77 -40.25 80.06
C ILE SB 96 50.42 -40.17 79.35
N LEU SB 97 50.19 -41.08 78.40
CA LEU SB 97 48.91 -41.09 77.70
C LEU SB 97 47.75 -41.45 78.63
N GLY SB 98 48.01 -42.16 79.71
CA GLY SB 98 46.96 -42.50 80.65
C GLY SB 98 46.61 -41.42 81.64
N LEU SB 99 47.27 -40.26 81.56
CA LEU SB 99 47.05 -39.20 82.53
C LEU SB 99 45.69 -38.54 82.32
N LYS SB 100 45.25 -37.82 83.35
CA LYS SB 100 43.94 -37.18 83.35
C LYS SB 100 44.07 -35.75 83.83
N ILE SB 101 43.15 -34.90 83.37
CA ILE SB 101 43.17 -33.50 83.72
C ILE SB 101 42.94 -33.26 85.20
N GLU SB 102 42.20 -34.15 85.86
CA GLU SB 102 41.92 -33.97 87.28
C GLU SB 102 43.20 -34.01 88.10
N ASP SB 103 44.17 -34.82 87.70
CA ASP SB 103 45.46 -34.83 88.37
C ASP SB 103 46.16 -33.48 88.24
N PHE SB 104 46.11 -32.89 87.04
CA PHE SB 104 46.67 -31.55 86.86
C PHE SB 104 45.89 -30.52 87.65
N LEU SB 105 44.56 -30.64 87.69
CA LEU SB 105 43.76 -29.74 88.51
C LEU SB 105 44.07 -29.92 89.99
N GLU SB 106 44.49 -31.11 90.38
CA GLU SB 106 44.91 -31.35 91.76
C GLU SB 106 46.19 -30.60 92.11
N ARG SB 107 47.08 -30.40 91.14
CA ARG SB 107 48.38 -29.80 91.41
C ARG SB 107 48.31 -28.29 91.55
N ARG SB 108 47.13 -27.70 91.44
CA ARG SB 108 46.96 -26.26 91.57
C ARG SB 108 47.23 -25.80 93.00
N LEU SB 109 47.69 -24.56 93.14
CA LEU SB 109 47.87 -23.97 94.47
C LEU SB 109 46.56 -23.88 95.22
N GLN SB 110 45.47 -23.51 94.52
CA GLN SB 110 44.19 -23.35 95.17
C GLN SB 110 43.71 -24.67 95.78
N THR SB 111 43.89 -25.76 95.06
CA THR SB 111 43.56 -27.07 95.61
C THR SB 111 44.58 -27.50 96.66
N GLN SB 112 45.85 -27.15 96.47
CA GLN SB 112 46.88 -27.62 97.41
C GLN SB 112 46.68 -27.00 98.79
N VAL SB 113 46.40 -25.70 98.86
CA VAL SB 113 46.20 -25.07 100.17
C VAL SB 113 44.96 -25.64 100.84
N PHE SB 114 43.94 -25.96 100.06
CA PHE SB 114 42.73 -26.55 100.62
C PHE SB 114 43.02 -27.95 101.17
N LYS SB 115 43.89 -28.70 100.48
CA LYS SB 115 44.30 -30.01 100.99
C LYS SB 115 45.13 -29.87 102.25
N LEU SB 116 45.98 -28.84 102.33
CA LEU SB 116 46.78 -28.62 103.52
C LEU SB 116 45.96 -28.21 104.72
N GLY SB 117 44.67 -27.93 104.54
CA GLY SB 117 43.81 -27.56 105.64
C GLY SB 117 43.91 -26.12 106.06
N LEU SB 118 44.74 -25.32 105.39
CA LEU SB 118 44.82 -23.90 105.69
C LEU SB 118 43.55 -23.16 105.33
N ALA SB 119 42.71 -23.72 104.46
CA ALA SB 119 41.44 -23.15 104.11
C ALA SB 119 40.34 -24.20 104.26
N LYS SB 120 39.19 -23.76 104.74
CA LYS SB 120 38.08 -24.65 105.03
C LYS SB 120 37.34 -25.11 103.79
N SER SB 121 37.30 -24.31 102.73
CA SER SB 121 36.62 -24.70 101.50
C SER SB 121 37.47 -24.20 100.34
N ILE SB 122 37.21 -24.77 99.16
CA ILE SB 122 38.01 -24.42 97.99
C ILE SB 122 37.73 -22.99 97.57
N HIS SB 123 36.49 -22.52 97.73
CA HIS SB 123 36.20 -21.12 97.44
C HIS SB 123 36.82 -20.21 98.49
N HIS SB 124 36.82 -20.65 99.75
CA HIS SB 124 37.60 -19.99 100.78
C HIS SB 124 39.08 -19.93 100.39
N ALA SB 125 39.61 -21.04 99.83
CA ALA SB 125 41.00 -21.05 99.42
C ALA SB 125 41.26 -20.04 98.31
N ARG SB 126 40.37 -19.98 97.31
CA ARG SB 126 40.57 -19.02 96.21
C ARG SB 126 40.50 -17.58 96.70
N VAL SB 127 39.46 -17.26 97.49
CA VAL SB 127 39.32 -15.86 97.92
C VAL SB 127 40.44 -15.48 98.88
N LEU SB 128 40.98 -16.44 99.63
CA LEU SB 128 42.09 -16.16 100.52
C LEU SB 128 43.37 -15.92 99.73
N ILE SB 129 43.59 -16.72 98.68
CA ILE SB 129 44.72 -16.51 97.79
C ILE SB 129 44.60 -15.14 97.11
N ARG SB 130 43.38 -14.74 96.79
CA ARG SB 130 43.19 -13.49 96.05
C ARG SB 130 43.48 -12.28 96.92
N GLN SB 131 43.62 -12.46 98.24
CA GLN SB 131 43.87 -11.35 99.15
C GLN SB 131 45.25 -11.39 99.80
N ARG SB 132 46.21 -12.09 99.20
CA ARG SB 132 47.61 -12.07 99.62
C ARG SB 132 47.79 -12.58 101.05
N HIS SB 133 47.36 -13.82 101.26
CA HIS SB 133 47.51 -14.45 102.55
C HIS SB 133 48.42 -15.66 102.56
N ILE SB 134 48.76 -16.21 101.40
CA ILE SB 134 49.53 -17.44 101.30
C ILE SB 134 50.87 -17.14 100.66
N ARG SB 135 51.94 -17.70 101.21
CA ARG SB 135 53.27 -17.54 100.67
C ARG SB 135 53.86 -18.91 100.36
N VAL SB 136 54.81 -18.92 99.43
CA VAL SB 136 55.57 -20.11 99.06
C VAL SB 136 57.04 -19.82 99.34
N ARG SB 137 57.68 -20.71 100.11
CA ARG SB 137 59.04 -20.51 100.59
C ARG SB 137 59.11 -19.18 101.33
N LYS SB 138 59.52 -18.14 100.63
CA LYS SB 138 59.45 -16.77 101.14
C LYS SB 138 58.56 -15.86 100.30
N GLN SB 139 58.24 -16.26 99.07
CA GLN SB 139 57.46 -15.42 98.17
C GLN SB 139 55.97 -15.63 98.41
N VAL SB 140 55.23 -14.53 98.52
CA VAL SB 140 53.78 -14.60 98.59
C VAL SB 140 53.23 -14.74 97.18
N VAL SB 141 52.16 -15.53 97.05
CA VAL SB 141 51.55 -15.80 95.75
C VAL SB 141 50.08 -15.42 95.83
N ASN SB 142 49.60 -14.71 94.80
CA ASN SB 142 48.20 -14.31 94.71
C ASN SB 142 47.53 -14.86 93.46
N ILE SB 143 48.10 -15.90 92.85
CA ILE SB 143 47.57 -16.52 91.64
C ILE SB 143 47.11 -17.94 91.99
N PRO SB 144 45.81 -18.23 91.91
CA PRO SB 144 45.34 -19.60 92.21
C PRO SB 144 45.89 -20.65 91.27
N SER SB 145 46.16 -20.30 90.01
CA SER SB 145 46.65 -21.26 89.03
C SER SB 145 48.15 -21.53 89.17
N PHE SB 146 48.75 -21.15 90.28
CA PHE SB 146 50.15 -21.45 90.54
C PHE SB 146 50.32 -22.95 90.74
N ILE SB 147 51.04 -23.61 89.85
CA ILE SB 147 51.22 -25.05 89.99
C ILE SB 147 52.25 -25.34 91.06
N VAL SB 148 51.91 -26.23 91.98
CA VAL SB 148 52.76 -26.61 93.09
C VAL SB 148 53.64 -27.77 92.64
N ARG SB 149 54.95 -27.53 92.57
CA ARG SB 149 55.85 -28.63 92.32
C ARG SB 149 56.09 -29.41 93.61
N LEU SB 150 56.86 -30.49 93.49
CA LEU SB 150 57.07 -31.38 94.62
C LEU SB 150 57.88 -30.72 95.72
N ASP SB 151 58.92 -29.95 95.36
CA ASP SB 151 59.79 -29.37 96.36
C ASP SB 151 59.11 -28.22 97.12
N SER SB 152 58.28 -27.45 96.44
CA SER SB 152 57.53 -26.37 97.07
C SER SB 152 56.26 -26.85 97.75
N GLN SB 153 56.00 -28.16 97.72
CA GLN SB 153 54.81 -28.71 98.36
C GLN SB 153 54.86 -28.52 99.87
N LYS SB 154 56.04 -28.67 100.45
CA LYS SB 154 56.17 -28.54 101.90
C LYS SB 154 56.12 -27.09 102.38
N HIS SB 155 56.69 -26.16 101.62
CA HIS SB 155 56.91 -24.80 102.10
C HIS SB 155 55.68 -23.92 101.94
N ILE SB 156 54.55 -24.49 101.56
CA ILE SB 156 53.32 -23.72 101.44
C ILE SB 156 52.88 -23.28 102.83
N ASP SB 157 52.60 -21.99 102.99
CA ASP SB 157 52.37 -21.39 104.29
C ASP SB 157 51.63 -20.08 104.10
N PHE SB 158 51.08 -19.58 105.21
CA PHE SB 158 50.46 -18.25 105.21
C PHE SB 158 51.50 -17.16 104.95
N SER SB 159 51.01 -16.05 104.39
CA SER SB 159 51.82 -14.84 104.30
C SER SB 159 52.07 -14.28 105.70
N LEU SB 160 53.28 -13.74 105.90
CA LEU SB 160 53.62 -13.18 107.19
C LEU SB 160 52.79 -11.94 107.51
N ARG SB 161 52.59 -11.07 106.53
CA ARG SB 161 51.82 -9.85 106.76
C ARG SB 161 50.32 -10.15 106.82
N SER SB 162 49.92 -11.34 106.39
CA SER SB 162 48.52 -11.73 106.47
C SER SB 162 48.12 -11.91 107.94
N PRO SB 163 46.88 -11.55 108.28
CA PRO SB 163 46.45 -11.66 109.68
C PRO SB 163 46.04 -13.08 110.06
N TYR SB 164 46.83 -14.06 109.63
CA TYR SB 164 46.72 -15.44 110.10
C TYR SB 164 48.05 -16.03 110.50
N GLY SB 165 49.16 -15.40 110.12
CA GLY SB 165 50.48 -15.78 110.59
C GLY SB 165 50.94 -14.82 111.68
N GLY SB 166 51.72 -13.82 111.30
CA GLY SB 166 52.10 -12.77 112.23
C GLY SB 166 50.93 -11.88 112.58
N GLY SB 167 51.27 -10.72 113.13
CA GLY SB 167 50.26 -9.79 113.62
C GLY SB 167 49.60 -8.96 112.54
N ARG SB 168 49.41 -7.67 112.83
CA ARG SB 168 48.81 -6.67 111.95
C ARG SB 168 47.42 -7.10 111.50
N PRO SB 169 46.42 -7.03 112.39
CA PRO SB 169 45.06 -7.41 112.00
C PRO SB 169 44.51 -6.49 110.92
N GLY SB 170 43.54 -7.01 110.18
CA GLY SB 170 43.00 -6.30 109.04
C GLY SB 170 42.22 -5.06 109.42
N ARG SB 171 41.81 -4.32 108.38
CA ARG SB 171 41.18 -3.03 108.58
C ARG SB 171 39.84 -3.15 109.30
N VAL SB 172 39.11 -4.24 109.08
CA VAL SB 172 37.83 -4.40 109.74
C VAL SB 172 38.02 -4.69 111.22
N LYS SB 173 39.02 -5.52 111.56
CA LYS SB 173 39.31 -5.79 112.97
C LYS SB 173 39.75 -4.51 113.68
N ARG SB 174 40.60 -3.73 113.03
CA ARG SB 174 41.04 -2.46 113.60
C ARG SB 174 39.88 -1.48 113.73
N LYS SB 175 39.00 -1.45 112.73
CA LYS SB 175 37.85 -0.55 112.80
C LYS SB 175 36.91 -0.93 113.93
N ASN SB 176 36.65 -2.23 114.10
CA ASN SB 176 35.82 -2.69 115.20
C ASN SB 176 36.47 -2.38 116.54
N ALA SB 177 37.79 -2.58 116.64
CA ALA SB 177 38.49 -2.31 117.90
C ALA SB 177 38.45 -0.83 118.25
N LYS SB 178 38.66 0.05 117.27
CA LYS SB 178 38.63 1.48 117.56
C LYS SB 178 37.21 1.93 117.89
N LYS SB 179 36.20 1.36 117.22
CA LYS SB 179 34.82 1.64 117.62
C LYS SB 179 34.55 1.18 119.05
N GLY SB 180 35.08 0.02 119.43
CA GLY SB 180 34.86 -0.48 120.77
C GLY SB 180 35.52 0.38 121.84
N GLN SB 181 36.77 0.79 121.62
CA GLN SB 181 37.46 1.62 122.60
C GLN SB 181 36.98 3.06 122.60
N GLY SB 182 36.35 3.52 121.50
CA GLY SB 182 35.72 4.82 121.53
C GLY SB 182 34.35 4.82 122.17
N GLY SB 183 33.62 3.71 122.08
CA GLY SB 183 32.33 3.60 122.72
C GLY SB 183 32.44 3.33 124.20
N ALA SB 184 33.47 2.57 124.59
CA ALA SB 184 33.77 2.29 125.99
C ALA SB 184 35.22 2.70 126.26
N GLY SB 185 35.41 3.60 127.22
CA GLY SB 185 36.73 4.06 127.58
C GLY SB 185 37.53 3.00 128.34
N ALA TB 1 87.44 -25.06 4.42
CA ALA TB 1 88.00 -24.07 3.52
C ALA TB 1 89.13 -23.29 4.18
N ASP TB 2 89.50 -22.18 3.55
CA ASP TB 2 90.54 -21.33 4.11
C ASP TB 2 90.02 -20.63 5.37
N ILE TB 3 90.97 -20.18 6.20
CA ILE TB 3 90.63 -19.58 7.48
C ILE TB 3 90.36 -18.09 7.40
N GLN TB 4 90.70 -17.43 6.30
CA GLN TB 4 90.47 -16.00 6.16
C GLN TB 4 89.21 -15.75 5.34
N THR TB 5 88.07 -15.87 6.01
CA THR TB 5 86.77 -15.53 5.43
C THR TB 5 86.11 -14.35 6.14
N GLU TB 6 86.91 -13.51 6.80
CA GLU TB 6 86.40 -12.30 7.43
C GLU TB 6 87.16 -11.08 6.90
N ARG TB 7 86.55 -9.91 7.03
CA ARG TB 7 87.19 -8.70 6.55
C ARG TB 7 88.46 -8.39 7.31
N ALA TB 8 88.48 -8.65 8.61
CA ALA TB 8 89.68 -8.54 9.40
C ALA TB 8 90.52 -9.80 9.24
N TYR TB 9 91.75 -9.73 9.74
CA TYR TB 9 92.63 -10.88 9.71
C TYR TB 9 92.29 -11.82 10.86
N GLN TB 10 92.47 -13.12 10.64
CA GLN TB 10 92.16 -14.11 11.66
C GLN TB 10 93.46 -14.76 12.13
N LYS TB 11 93.73 -14.65 13.43
CA LYS TB 11 95.00 -15.13 13.98
C LYS TB 11 94.86 -15.33 15.47
N GLN TB 12 95.71 -16.20 16.01
CA GLN TB 12 95.77 -16.38 17.46
C GLN TB 12 96.61 -15.29 18.09
N PRO TB 13 96.07 -14.56 19.08
CA PRO TB 13 96.83 -13.45 19.68
C PRO TB 13 98.13 -13.89 20.33
N THR TB 14 98.18 -15.10 20.88
CA THR TB 14 99.39 -15.54 21.56
C THR TB 14 100.54 -15.75 20.59
N ILE TB 15 100.27 -16.39 19.46
CA ILE TB 15 101.34 -16.73 18.52
C ILE TB 15 101.76 -15.50 17.76
N PHE TB 16 103.07 -15.26 17.71
CA PHE TB 16 103.66 -14.28 16.82
C PHE TB 16 103.99 -14.98 15.52
N GLN TB 17 103.27 -14.62 14.46
CA GLN TB 17 103.41 -15.32 13.19
C GLN TB 17 104.68 -14.96 12.45
N ASN TB 18 105.23 -13.78 12.70
CA ASN TB 18 106.19 -13.17 11.78
C ASN TB 18 107.61 -13.30 12.33
N LYS TB 19 108.06 -14.54 12.49
CA LYS TB 19 109.38 -14.81 13.07
C LYS TB 19 110.44 -14.82 11.96
N LYS TB 20 110.69 -13.63 11.43
CA LYS TB 20 111.98 -13.22 10.85
C LYS TB 20 112.59 -14.30 9.95
N ARG TB 21 111.93 -14.51 8.81
CA ARG TB 21 112.44 -15.45 7.82
C ARG TB 21 113.86 -15.09 7.40
N VAL TB 22 114.82 -15.92 7.79
CA VAL TB 22 116.22 -15.69 7.51
C VAL TB 22 116.81 -16.94 6.86
N LEU TB 23 118.12 -16.91 6.60
CA LEU TB 23 118.76 -18.03 5.93
C LEU TB 23 118.76 -19.29 6.79
N LEU TB 24 118.97 -19.15 8.11
CA LEU TB 24 118.95 -20.33 8.96
C LEU TB 24 117.56 -20.96 9.05
N GLY TB 25 116.51 -20.21 8.75
CA GLY TB 25 115.19 -20.79 8.64
C GLY TB 25 114.91 -21.21 7.21
N GLU TB 26 114.92 -22.52 6.96
CA GLU TB 26 114.76 -23.03 5.60
C GLU TB 26 113.31 -22.81 5.15
N THR TB 27 113.09 -21.73 4.40
CA THR TB 27 111.79 -21.41 3.84
C THR TB 27 111.81 -21.70 2.35
N GLY TB 28 110.96 -22.63 1.91
CA GLY TB 28 110.06 -23.35 2.79
C GLY TB 28 110.59 -24.69 3.25
N LYS TB 29 109.82 -25.37 4.10
CA LYS TB 29 108.56 -24.85 4.62
C LYS TB 29 108.52 -25.02 6.14
N GLU TB 30 108.10 -23.97 6.84
CA GLU TB 30 108.02 -23.99 8.29
C GLU TB 30 106.55 -23.92 8.71
N LYS TB 31 106.10 -24.96 9.40
CA LYS TB 31 104.70 -25.04 9.80
C LYS TB 31 104.38 -23.99 10.86
N LEU TB 32 103.20 -23.39 10.73
CA LEU TB 32 102.79 -22.36 11.67
C LEU TB 32 102.57 -22.97 13.06
N PRO TB 33 103.19 -22.43 14.10
CA PRO TB 33 102.94 -22.93 15.45
C PRO TB 33 101.51 -22.62 15.88
N ARG TB 34 100.95 -23.52 16.70
CA ARG TB 34 99.58 -23.42 17.16
C ARG TB 34 99.55 -23.21 18.67
N TYR TB 35 98.74 -22.26 19.10
CA TYR TB 35 98.52 -22.02 20.53
C TYR TB 35 97.38 -22.89 21.02
N TYR TB 36 97.53 -23.43 22.23
CA TYR TB 36 96.47 -24.20 22.85
C TYR TB 36 96.76 -24.31 24.35
N LYS TB 37 95.75 -24.79 25.07
CA LYS TB 37 95.87 -25.02 26.50
C LYS TB 37 94.94 -26.15 26.88
N ASN TB 38 95.17 -26.71 28.07
CA ASN TB 38 94.17 -27.58 28.68
C ASN TB 38 93.32 -26.77 29.65
N ILE TB 39 92.12 -27.28 29.95
CA ILE TB 39 91.22 -26.61 30.86
C ILE TB 39 91.07 -27.35 32.18
N GLY TB 40 91.75 -28.48 32.36
CA GLY TB 40 91.63 -29.23 33.59
C GLY TB 40 90.35 -30.06 33.65
N LEU TB 41 90.03 -30.46 34.88
CA LEU TB 41 88.86 -31.30 35.19
C LEU TB 41 88.91 -32.64 34.49
N GLY TB 42 90.10 -33.12 34.17
CA GLY TB 42 90.27 -34.37 33.46
C GLY TB 42 90.11 -34.31 31.97
N PHE TB 43 89.46 -33.26 31.45
CA PHE TB 43 89.20 -33.15 30.02
C PHE TB 43 90.51 -32.97 29.26
N LYS TB 44 90.64 -33.65 28.13
CA LYS TB 44 91.80 -33.51 27.28
C LYS TB 44 91.42 -32.78 26.01
N THR TB 45 92.32 -31.92 25.54
CA THR TB 45 92.08 -31.18 24.32
C THR TB 45 92.11 -32.14 23.13
N PRO TB 46 91.17 -32.02 22.19
CA PRO TB 46 91.14 -32.95 21.06
C PRO TB 46 92.30 -32.73 20.11
N LYS TB 47 92.63 -33.77 19.37
CA LYS TB 47 93.74 -33.70 18.43
C LYS TB 47 93.45 -32.74 17.29
N GLU TB 48 92.16 -32.62 16.91
CA GLU TB 48 91.79 -31.60 15.93
C GLU TB 48 92.04 -30.20 16.45
N ALA TB 49 91.78 -29.97 17.74
CA ALA TB 49 92.12 -28.67 18.32
C ALA TB 49 93.62 -28.44 18.29
N ILE TB 50 94.41 -29.51 18.41
CA ILE TB 50 95.86 -29.34 18.43
C ILE TB 50 96.37 -29.01 17.03
N GLU TB 51 96.13 -29.88 16.06
CA GLU TB 51 96.74 -29.72 14.74
C GLU TB 51 95.76 -29.20 13.72
N GLY TB 52 94.74 -28.48 14.18
CA GLY TB 52 93.81 -27.82 13.28
C GLY TB 52 94.31 -26.47 12.83
N THR TB 53 93.52 -25.85 11.96
CA THR TB 53 93.84 -24.52 11.46
C THR TB 53 92.76 -23.50 11.77
N TYR TB 54 91.63 -23.93 12.31
CA TYR TB 54 90.52 -23.01 12.57
C TYR TB 54 90.88 -21.97 13.62
N ILE TB 55 90.38 -20.76 13.42
CA ILE TB 55 90.56 -19.66 14.36
C ILE TB 55 89.23 -19.43 15.06
N ASP TB 56 89.21 -19.68 16.36
CA ASP TB 56 88.02 -19.42 17.18
C ASP TB 56 88.45 -18.90 18.54
N LYS TB 57 88.25 -17.61 18.75
CA LYS TB 57 88.52 -16.99 20.04
C LYS TB 57 87.58 -17.49 21.13
N LYS TB 58 86.45 -18.09 20.77
CA LYS TB 58 85.56 -18.70 21.74
C LYS TB 58 85.77 -20.20 21.85
N CYS TB 59 86.76 -20.75 21.16
CA CYS TB 59 87.06 -22.16 21.35
C CYS TB 59 87.59 -22.38 22.76
N PRO TB 60 87.06 -23.38 23.48
CA PRO TB 60 87.48 -23.57 24.88
C PRO TB 60 88.96 -23.90 25.02
N PHE TB 61 89.61 -24.33 23.95
CA PHE TB 61 91.00 -24.74 23.99
C PHE TB 61 91.94 -23.73 23.33
N THR TB 62 91.58 -23.26 22.14
CA THR TB 62 92.43 -22.34 21.39
C THR TB 62 91.92 -20.90 21.47
N GLY TB 63 91.02 -20.62 22.41
CA GLY TB 63 90.48 -19.29 22.59
C GLY TB 63 90.68 -18.80 24.01
N ASN TB 64 90.31 -17.55 24.22
CA ASN TB 64 90.56 -16.88 25.50
C ASN TB 64 89.34 -17.02 26.40
N VAL TB 65 88.92 -18.27 26.60
CA VAL TB 65 87.74 -18.56 27.41
C VAL TB 65 88.11 -19.63 28.44
N SER TB 66 87.82 -19.33 29.70
CA SER TB 66 88.16 -20.20 30.82
C SER TB 66 86.88 -20.81 31.37
N ILE TB 67 86.91 -22.11 31.62
CA ILE TB 67 85.72 -22.85 32.06
C ILE TB 67 85.66 -22.82 33.57
N ARG TB 68 84.55 -22.33 34.10
CA ARG TB 68 84.37 -22.19 35.53
C ARG TB 68 82.88 -22.13 35.85
N GLY TB 69 82.55 -22.51 37.07
CA GLY TB 69 81.16 -22.46 37.51
C GLY TB 69 80.50 -23.81 37.60
N ARG TB 70 79.63 -24.12 36.65
CA ARG TB 70 78.86 -25.35 36.66
C ARG TB 70 79.19 -26.19 35.43
N ILE TB 71 79.05 -27.50 35.55
CA ILE TB 71 79.26 -28.43 34.45
C ILE TB 71 78.01 -29.30 34.34
N LEU TB 72 77.48 -29.44 33.12
CA LEU TB 72 76.35 -30.33 32.89
C LEU TB 72 76.37 -30.79 31.43
N SER TB 73 75.32 -31.52 31.05
CA SER TB 73 75.24 -32.15 29.74
C SER TB 73 73.85 -32.00 29.16
N GLY TB 74 73.71 -32.41 27.90
CA GLY TB 74 72.44 -32.31 27.19
C GLY TB 74 72.45 -33.12 25.92
N VAL TB 75 71.46 -32.85 25.07
CA VAL TB 75 71.30 -33.53 23.79
C VAL TB 75 71.30 -32.48 22.69
N VAL TB 76 72.04 -32.76 21.61
CA VAL TB 76 72.07 -31.85 20.48
C VAL TB 76 70.69 -31.77 19.83
N THR TB 77 70.24 -30.56 19.56
CA THR TB 77 68.95 -30.34 18.89
C THR TB 77 69.09 -29.72 17.52
N LYS TB 78 69.74 -28.56 17.42
CA LYS TB 78 69.97 -27.93 16.13
C LYS TB 78 71.41 -27.44 16.05
N MET TB 79 71.92 -27.37 14.83
CA MET TB 79 73.26 -26.90 14.55
C MET TB 79 73.22 -25.83 13.46
N LYS TB 80 72.05 -25.22 13.28
CA LYS TB 80 71.83 -24.27 12.20
C LYS TB 80 72.63 -22.99 12.35
N MET TB 81 73.15 -22.69 13.53
CA MET TB 81 73.85 -21.44 13.75
C MET TB 81 75.34 -21.60 13.47
N GLN TB 82 76.01 -20.45 13.35
CA GLN TB 82 77.44 -20.43 13.09
C GLN TB 82 78.19 -20.54 14.40
N ARG TB 83 79.05 -21.56 14.51
CA ARG TB 83 79.94 -21.77 15.65
C ARG TB 83 79.19 -21.97 16.97
N THR TB 84 77.88 -22.17 16.95
CA THR TB 84 77.14 -22.42 18.18
C THR TB 84 75.94 -23.29 17.89
N ILE TB 85 75.52 -24.06 18.88
CA ILE TB 85 74.43 -25.01 18.74
C ILE TB 85 73.50 -24.90 19.95
N VAL TB 86 72.28 -25.39 19.76
CA VAL TB 86 71.25 -25.36 20.80
C VAL TB 86 70.99 -26.77 21.27
N ILE TB 87 70.84 -26.94 22.58
CA ILE TB 87 70.64 -28.25 23.18
C ILE TB 87 69.40 -28.20 24.05
N ARG TB 88 68.80 -29.37 24.25
CA ARG TB 88 67.66 -29.55 25.13
C ARG TB 88 68.10 -30.39 26.32
N ARG TB 89 67.77 -29.94 27.52
CA ARG TB 89 67.97 -30.73 28.73
C ARG TB 89 66.62 -31.22 29.24
N ASP TB 90 66.46 -32.54 29.31
CA ASP TB 90 65.27 -33.13 29.90
C ASP TB 90 65.50 -33.35 31.38
N TYR TB 91 64.46 -33.11 32.17
CA TYR TB 91 64.53 -33.30 33.61
C TYR TB 91 63.11 -33.46 34.14
N LEU TB 92 63.01 -34.00 35.34
CA LEU TB 92 61.73 -34.22 35.99
C LEU TB 92 61.56 -33.20 37.11
N HIS TB 93 60.42 -32.52 37.13
CA HIS TB 93 60.08 -31.60 38.20
C HIS TB 93 59.10 -32.26 39.13
N TYR TB 94 59.44 -32.31 40.41
CA TYR TB 94 58.61 -32.96 41.41
C TYR TB 94 57.46 -32.05 41.80
N ILE TB 95 56.30 -32.64 42.10
CA ILE TB 95 55.15 -31.93 42.65
C ILE TB 95 54.82 -32.56 44.00
N ARG TB 96 54.74 -31.72 45.03
CA ARG TB 96 54.58 -32.24 46.38
C ARG TB 96 53.17 -32.77 46.62
N LYS TB 97 52.16 -32.13 46.05
CA LYS TB 97 50.78 -32.50 46.37
C LYS TB 97 50.44 -33.90 45.86
N TYR TB 98 50.77 -34.19 44.61
CA TYR TB 98 50.43 -35.47 44.03
C TYR TB 98 51.54 -36.51 44.16
N ASN TB 99 52.65 -36.15 44.78
CA ASN TB 99 53.80 -37.05 44.98
C ASN TB 99 54.28 -37.65 43.68
N ARG TB 100 54.28 -36.87 42.61
CA ARG TB 100 54.65 -37.32 41.29
C ARG TB 100 55.58 -36.29 40.65
N PHE TB 101 56.08 -36.63 39.48
CA PHE TB 101 57.00 -35.74 38.78
C PHE TB 101 56.34 -35.17 37.54
N GLU TB 102 57.05 -34.23 36.91
CA GLU TB 102 56.56 -33.53 35.73
C GLU TB 102 57.63 -33.57 34.67
N LYS TB 103 57.28 -33.98 33.46
CA LYS TB 103 58.23 -33.95 32.36
C LYS TB 103 58.45 -32.51 31.91
N ARG TB 104 59.63 -31.98 32.20
CA ARG TB 104 59.97 -30.61 31.85
C ARG TB 104 61.29 -30.61 31.08
N HIS TB 105 61.50 -29.53 30.33
CA HIS TB 105 62.73 -29.38 29.58
C HIS TB 105 62.99 -27.90 29.36
N LYS TB 106 64.24 -27.57 29.07
CA LYS TB 106 64.62 -26.24 28.65
C LYS TB 106 65.63 -26.35 27.51
N ASN TB 107 65.72 -25.29 26.72
CA ASN TB 107 66.58 -25.28 25.55
C ASN TB 107 67.64 -24.19 25.72
N MET TB 108 68.90 -24.57 25.52
CA MET TB 108 70.03 -23.69 25.76
C MET TB 108 70.92 -23.68 24.52
N SER TB 109 71.42 -22.50 24.17
CA SER TB 109 72.36 -22.36 23.07
C SER TB 109 73.78 -22.36 23.64
N VAL TB 110 74.62 -23.26 23.11
CA VAL TB 110 76.00 -23.41 23.58
C VAL TB 110 76.92 -23.21 22.39
N HIS TB 111 78.14 -22.77 22.69
CA HIS TB 111 79.14 -22.55 21.65
C HIS TB 111 79.86 -23.85 21.34
N LEU TB 112 79.98 -24.15 20.06
CA LEU TB 112 80.66 -25.34 19.57
C LEU TB 112 81.95 -24.92 18.88
N SER TB 113 83.07 -25.46 19.36
CA SER TB 113 84.32 -25.26 18.67
C SER TB 113 84.32 -26.06 17.36
N PRO TB 114 84.99 -25.55 16.32
CA PRO TB 114 85.10 -26.32 15.08
C PRO TB 114 85.89 -27.61 15.22
N CYS TB 115 86.59 -27.81 16.33
CA CYS TB 115 87.29 -29.07 16.56
C CYS TB 115 86.35 -30.25 16.63
N PHE TB 116 85.11 -30.04 17.05
CA PHE TB 116 84.11 -31.10 17.11
C PHE TB 116 83.39 -31.12 15.77
N ARG TB 117 83.99 -31.76 14.78
CA ARG TB 117 83.41 -31.80 13.43
C ARG TB 117 82.34 -32.87 13.29
N ASP TB 118 82.58 -34.04 13.86
CA ASP TB 118 81.68 -35.18 13.73
C ASP TB 118 80.69 -35.19 14.89
N VAL TB 119 79.80 -34.20 14.86
CA VAL TB 119 78.72 -34.08 15.83
C VAL TB 119 77.41 -34.02 15.07
N GLN TB 120 76.44 -34.80 15.50
CA GLN TB 120 75.15 -34.89 14.83
C GLN TB 120 74.03 -34.56 15.81
N ILE TB 121 72.85 -34.35 15.27
CA ILE TB 121 71.68 -34.04 16.10
C ILE TB 121 71.27 -35.28 16.87
N GLY TB 122 71.10 -35.14 18.18
CA GLY TB 122 70.80 -36.24 19.06
C GLY TB 122 71.97 -36.74 19.89
N ASP TB 123 73.15 -36.19 19.68
CA ASP TB 123 74.33 -36.58 20.46
C ASP TB 123 74.26 -36.00 21.86
N ILE TB 124 74.95 -36.66 22.79
CA ILE TB 124 75.07 -36.19 24.17
C ILE TB 124 76.37 -35.39 24.28
N VAL TB 125 76.25 -34.13 24.71
CA VAL TB 125 77.40 -33.23 24.80
C VAL TB 125 77.51 -32.72 26.23
N THR TB 126 78.76 -32.63 26.71
CA THR TB 126 79.05 -32.06 28.01
C THR TB 126 79.40 -30.59 27.83
N VAL TB 127 78.81 -29.73 28.65
CA VAL TB 127 79.05 -28.30 28.53
C VAL TB 127 79.55 -27.74 29.85
N GLY TB 128 80.28 -26.64 29.75
CA GLY TB 128 80.77 -25.93 30.91
C GLY TB 128 80.49 -24.45 30.81
N GLU TB 129 80.18 -23.85 31.95
CA GLU TB 129 79.79 -22.45 31.98
C GLU TB 129 81.00 -21.56 31.75
N CYS TB 130 80.79 -20.46 31.02
CA CYS TB 130 81.84 -19.48 30.79
C CYS TB 130 81.21 -18.09 30.92
N ARG TB 131 82.01 -17.06 30.63
CA ARG TB 131 81.49 -15.72 30.57
C ARG TB 131 80.55 -15.58 29.37
N PRO TB 132 79.59 -14.67 29.46
CA PRO TB 132 78.56 -14.58 28.40
C PRO TB 132 79.17 -14.27 27.04
N LEU TB 133 79.06 -15.23 26.13
CA LEU TB 133 79.61 -15.08 24.79
C LEU TB 133 78.68 -14.29 23.88
N SER TB 134 77.38 -14.42 24.05
CA SER TB 134 76.42 -13.63 23.29
C SER TB 134 75.28 -13.26 24.23
N LYS TB 135 74.17 -12.82 23.64
CA LYS TB 135 73.01 -12.43 24.42
C LYS TB 135 72.44 -13.62 25.18
N THR TB 136 72.45 -14.80 24.57
CA THR TB 136 71.82 -15.97 25.15
C THR TB 136 72.74 -17.19 25.24
N VAL TB 137 74.03 -17.03 24.99
CA VAL TB 137 74.97 -18.16 25.01
C VAL TB 137 75.89 -18.01 26.20
N ARG TB 138 75.98 -19.07 27.01
CA ARG TB 138 76.81 -19.03 28.21
C ARG TB 138 77.57 -20.33 28.45
N PHE TB 139 77.56 -21.28 27.52
CA PHE TB 139 78.19 -22.56 27.74
C PHE TB 139 78.96 -22.99 26.50
N ASN TB 140 79.98 -23.81 26.71
CA ASN TB 140 80.84 -24.30 25.65
C ASN TB 140 80.80 -25.82 25.61
N VAL TB 141 80.79 -26.39 24.41
CA VAL TB 141 80.81 -27.84 24.26
C VAL TB 141 82.15 -28.37 24.75
N LEU TB 142 82.11 -29.37 25.63
CA LEU TB 142 83.34 -29.94 26.17
C LEU TB 142 83.59 -31.37 25.75
N LYS TB 143 82.61 -32.25 25.90
CA LYS TB 143 82.77 -33.66 25.58
C LYS TB 143 81.61 -34.13 24.72
N VAL TB 144 81.93 -34.80 23.62
CA VAL TB 144 80.93 -35.24 22.67
C VAL TB 144 80.96 -36.76 22.62
N THR TB 145 79.81 -37.38 22.87
CA THR TB 145 79.66 -38.81 22.75
C THR TB 145 78.62 -39.11 21.68
N LYS TB 146 78.95 -40.01 20.77
CA LYS TB 146 77.98 -40.43 19.77
C LYS TB 146 76.83 -41.16 20.44
N ALA TB 147 75.64 -41.02 19.86
CA ALA TB 147 74.44 -41.66 20.37
C ALA TB 147 74.20 -42.93 19.56
N ALA TB 148 74.92 -43.99 19.95
CA ALA TB 148 74.80 -45.31 19.32
C ALA TB 148 75.03 -45.25 17.82
N GLY TB 149 75.98 -44.40 17.41
CA GLY TB 149 76.29 -44.26 16.01
C GLY TB 149 77.58 -44.99 15.65
N THR TB 150 78.65 -44.22 15.43
CA THR TB 150 80.00 -44.72 15.18
C THR TB 150 80.09 -45.62 13.94
N LYS TB 151 79.03 -45.66 13.14
CA LYS TB 151 78.97 -46.51 11.95
C LYS TB 151 77.75 -46.09 11.14
N LYS TB 152 77.91 -46.09 9.81
CA LYS TB 152 76.83 -45.75 8.90
C LYS TB 152 76.63 -46.89 7.90
N GLN TB 153 75.39 -47.31 7.73
CA GLN TB 153 75.04 -48.33 6.75
C GLN TB 153 75.08 -47.77 5.33
N GLY UB 1 45.05 -59.14 22.13
CA GLY UB 1 44.13 -58.24 21.45
C GLY UB 1 44.67 -57.80 20.11
N ARG UB 2 43.83 -57.89 19.08
CA ARG UB 2 44.26 -57.53 17.74
C ARG UB 2 44.37 -56.01 17.61
N MET UB 3 45.34 -55.59 16.80
CA MET UB 3 45.69 -54.17 16.74
C MET UB 3 44.56 -53.34 16.14
N HIS UB 4 44.03 -53.76 14.99
CA HIS UB 4 43.03 -52.98 14.28
C HIS UB 4 41.73 -53.74 14.09
N ALA UB 5 41.52 -54.79 14.87
CA ALA UB 5 40.29 -55.56 14.84
C ALA UB 5 39.87 -55.87 16.27
N PRO UB 6 38.57 -55.98 16.53
CA PRO UB 6 38.13 -56.32 17.89
C PRO UB 6 38.17 -57.82 18.14
N GLY UB 7 39.29 -58.45 17.78
CA GLY UB 7 39.45 -59.88 17.92
C GLY UB 7 40.33 -60.21 19.11
N LYS UB 8 40.01 -61.33 19.76
CA LYS UB 8 40.75 -61.81 20.92
C LYS UB 8 41.05 -63.29 20.77
N GLY UB 9 41.48 -63.68 19.56
CA GLY UB 9 41.74 -65.07 19.29
C GLY UB 9 42.98 -65.57 20.00
N LEU UB 10 43.16 -66.89 19.94
CA LEU UB 10 44.24 -67.54 20.68
C LEU UB 10 45.07 -68.48 19.81
N SER UB 11 44.74 -68.64 18.53
CA SER UB 11 45.45 -69.57 17.67
C SER UB 11 46.92 -69.18 17.52
N GLN UB 12 47.80 -69.97 18.11
CA GLN UB 12 49.23 -69.68 18.14
C GLN UB 12 49.99 -70.97 17.87
N SER UB 13 51.29 -70.95 18.16
CA SER UB 13 52.13 -72.14 18.08
C SER UB 13 52.87 -72.31 19.39
N ALA UB 14 52.73 -73.49 20.01
CA ALA UB 14 53.30 -73.76 21.32
C ALA UB 14 54.59 -74.55 21.12
N LEU UB 15 55.71 -73.86 21.23
CA LEU UB 15 57.01 -74.51 21.03
C LEU UB 15 57.24 -75.52 22.15
N PRO UB 16 57.57 -76.77 21.83
CA PRO UB 16 57.81 -77.76 22.88
C PRO UB 16 59.03 -77.44 23.72
N TYR UB 17 58.97 -77.89 24.97
CA TYR UB 17 59.98 -77.53 25.96
C TYR UB 17 61.36 -78.11 25.65
N ARG UB 18 61.43 -79.25 24.97
CA ARG UB 18 62.73 -79.86 24.67
C ARG UB 18 63.43 -79.05 23.60
N ARG UB 19 64.45 -78.28 23.99
CA ARG UB 19 65.28 -77.61 23.00
C ARG UB 19 66.17 -78.56 22.24
N SER UB 20 66.32 -79.79 22.70
CA SER UB 20 67.24 -80.73 22.09
C SER UB 20 66.73 -81.19 20.72
N VAL UB 21 67.67 -81.35 19.81
CA VAL UB 21 67.35 -81.83 18.45
C VAL UB 21 66.85 -83.27 18.53
N PRO UB 22 65.76 -83.62 17.85
CA PRO UB 22 65.33 -85.02 17.84
C PRO UB 22 66.40 -85.92 17.24
N THR UB 23 66.49 -87.12 17.79
CA THR UB 23 67.56 -88.04 17.39
C THR UB 23 67.42 -88.50 15.95
N TRP UB 24 66.21 -88.78 15.49
CA TRP UB 24 66.00 -89.36 14.17
C TRP UB 24 66.29 -88.42 13.02
N LEU UB 25 66.72 -87.20 13.30
CA LEU UB 25 67.04 -86.24 12.24
C LEU UB 25 68.47 -86.46 11.77
N LYS UB 26 68.64 -86.72 10.48
CA LYS UB 26 69.94 -87.03 9.90
C LYS UB 26 70.60 -85.83 9.22
N LEU UB 27 69.97 -84.66 9.24
CA LEU UB 27 70.54 -83.51 8.54
C LEU UB 27 71.48 -82.73 9.45
N THR UB 28 72.70 -82.49 8.98
CA THR UB 28 73.62 -81.64 9.71
C THR UB 28 73.28 -80.17 9.45
N SER UB 29 73.85 -79.30 10.29
CA SER UB 29 73.50 -77.89 10.23
C SER UB 29 73.86 -77.28 8.88
N ASP UB 30 75.03 -77.60 8.35
CA ASP UB 30 75.44 -77.06 7.06
C ASP UB 30 74.55 -77.53 5.93
N ASP UB 31 74.05 -78.77 6.01
CA ASP UB 31 73.13 -79.26 4.98
C ASP UB 31 71.83 -78.45 5.01
N VAL UB 32 71.32 -78.17 6.20
CA VAL UB 32 70.15 -77.31 6.31
C VAL UB 32 70.46 -75.92 5.77
N LYS UB 33 71.67 -75.44 6.02
CA LYS UB 33 72.08 -74.15 5.48
C LYS UB 33 72.03 -74.16 3.96
N GLU UB 34 72.50 -75.24 3.35
CA GLU UB 34 72.44 -75.38 1.91
C GLU UB 34 70.99 -75.39 1.42
N GLN UB 35 70.11 -76.07 2.16
CA GLN UB 35 68.70 -76.10 1.80
C GLN UB 35 68.10 -74.69 1.85
N ILE UB 36 68.44 -73.94 2.90
CA ILE UB 36 67.97 -72.56 3.02
C ILE UB 36 68.48 -71.73 1.86
N TYR UB 37 69.75 -71.92 1.48
CA TYR UB 37 70.31 -71.17 0.37
C TYR UB 37 69.55 -71.46 -0.91
N LYS UB 38 69.27 -72.74 -1.18
CA LYS UB 38 68.54 -73.09 -2.40
C LYS UB 38 67.15 -72.48 -2.41
N LEU UB 39 66.44 -72.56 -1.28
CA LEU UB 39 65.08 -72.04 -1.26
C LEU UB 39 65.07 -70.52 -1.35
N ALA UB 40 66.07 -69.86 -0.77
CA ALA UB 40 66.14 -68.41 -0.87
C ALA UB 40 66.48 -67.98 -2.29
N LYS UB 41 67.33 -68.74 -2.98
CA LYS UB 41 67.56 -68.47 -4.39
C LYS UB 41 66.29 -68.70 -5.21
N LYS UB 42 65.47 -69.66 -4.78
CA LYS UB 42 64.19 -69.87 -5.46
C LYS UB 42 63.18 -68.80 -5.10
N GLY UB 43 63.48 -67.93 -4.15
CA GLY UB 43 62.67 -66.77 -3.86
C GLY UB 43 61.70 -66.90 -2.70
N LEU UB 44 61.82 -67.94 -1.90
CA LEU UB 44 60.91 -68.13 -0.78
C LEU UB 44 61.26 -67.18 0.37
N THR UB 45 60.23 -66.57 0.94
CA THR UB 45 60.41 -65.72 2.10
C THR UB 45 60.59 -66.58 3.35
N PRO UB 46 61.28 -66.06 4.38
CA PRO UB 46 61.69 -66.91 5.51
C PRO UB 46 60.58 -67.68 6.20
N SER UB 47 59.39 -67.10 6.31
CA SER UB 47 58.26 -67.84 6.87
C SER UB 47 57.97 -69.08 6.05
N GLN UB 48 57.89 -68.91 4.72
CA GLN UB 48 57.65 -70.06 3.85
C GLN UB 48 58.84 -71.00 3.84
N ILE UB 49 60.05 -70.47 4.08
CA ILE UB 49 61.22 -71.34 4.21
C ILE UB 49 61.05 -72.29 5.38
N GLY UB 50 60.68 -71.75 6.54
CA GLY UB 50 60.40 -72.61 7.68
C GLY UB 50 59.24 -73.56 7.42
N VAL UB 51 58.22 -73.08 6.70
CA VAL UB 51 57.06 -73.91 6.40
C VAL UB 51 57.48 -75.13 5.58
N ILE UB 52 58.20 -74.91 4.49
CA ILE UB 52 58.65 -76.00 3.64
C ILE UB 52 59.58 -76.92 4.42
N LEU UB 53 60.49 -76.33 5.19
CA LEU UB 53 61.49 -77.13 5.88
C LEU UB 53 60.85 -78.04 6.90
N ARG UB 54 59.85 -77.55 7.62
CA ARG UB 54 59.17 -78.39 8.60
C ARG UB 54 58.23 -79.39 7.93
N ASP UB 55 57.58 -78.98 6.83
CA ASP UB 55 56.60 -79.85 6.19
C ASP UB 55 57.25 -81.07 5.56
N SER UB 56 58.30 -80.84 4.76
CA SER UB 56 58.88 -81.89 3.94
C SER UB 56 60.18 -82.44 4.50
N HIS UB 57 61.10 -81.57 4.92
CA HIS UB 57 62.39 -82.00 5.41
C HIS UB 57 62.36 -82.40 6.88
N GLY UB 58 61.21 -82.24 7.53
CA GLY UB 58 61.03 -82.76 8.87
C GLY UB 58 61.86 -82.09 9.95
N VAL UB 59 62.39 -80.90 9.69
CA VAL UB 59 63.16 -80.19 10.70
C VAL UB 59 62.19 -79.44 11.61
N ALA UB 60 62.39 -79.58 12.92
CA ALA UB 60 61.47 -78.96 13.88
C ALA UB 60 61.71 -77.47 13.98
N GLN UB 61 62.89 -77.07 14.43
CA GLN UB 61 63.22 -75.65 14.57
C GLN UB 61 64.65 -75.42 14.07
N VAL UB 62 64.77 -74.50 13.12
CA VAL UB 62 66.05 -74.24 12.47
C VAL UB 62 67.07 -73.74 13.49
N ARG UB 63 66.62 -72.91 14.42
CA ARG UB 63 67.52 -72.39 15.44
C ARG UB 63 68.08 -73.51 16.29
N PHE UB 64 67.26 -74.50 16.65
CA PHE UB 64 67.73 -75.57 17.51
C PHE UB 64 68.83 -76.38 16.82
N VAL UB 65 68.67 -76.66 15.53
CA VAL UB 65 69.66 -77.49 14.85
C VAL UB 65 70.90 -76.68 14.47
N THR UB 66 70.76 -75.38 14.20
CA THR UB 66 71.91 -74.60 13.77
C THR UB 66 72.45 -73.64 14.83
N GLY UB 67 71.62 -73.18 15.76
CA GLY UB 67 72.02 -72.12 16.65
C GLY UB 67 71.79 -70.74 16.11
N ASN UB 68 71.41 -70.61 14.84
CA ASN UB 68 71.15 -69.33 14.23
C ASN UB 68 69.81 -69.38 13.51
N LYS UB 69 69.13 -68.24 13.49
CA LYS UB 69 67.81 -68.16 12.89
C LYS UB 69 67.91 -68.16 11.37
N ILE UB 70 66.76 -68.31 10.72
CA ILE UB 70 66.71 -68.24 9.27
C ILE UB 70 67.17 -66.88 8.78
N LEU UB 71 66.66 -65.82 9.43
CA LEU UB 71 67.05 -64.47 9.03
C LEU UB 71 68.52 -64.22 9.27
N ARG UB 72 69.05 -64.71 10.40
CA ARG UB 72 70.48 -64.57 10.68
C ARG UB 72 71.33 -65.24 9.61
N ILE UB 73 70.96 -66.47 9.23
CA ILE UB 73 71.74 -67.20 8.25
C ILE UB 73 71.68 -66.50 6.89
N LEU UB 74 70.48 -66.09 6.49
CA LEU UB 74 70.32 -65.43 5.19
C LEU UB 74 71.08 -64.10 5.14
N LYS UB 75 71.03 -63.33 6.22
CA LYS UB 75 71.78 -62.08 6.28
C LYS UB 75 73.28 -62.34 6.27
N SER UB 76 73.72 -63.38 6.97
CA SER UB 76 75.13 -63.69 7.04
C SER UB 76 75.69 -64.08 5.68
N LYS UB 77 74.96 -64.93 4.94
CA LYS UB 77 75.44 -65.30 3.61
C LYS UB 77 75.35 -64.13 2.64
N GLY UB 78 74.42 -63.23 2.85
CA GLY UB 78 74.28 -62.07 2.00
C GLY UB 78 73.24 -62.17 0.92
N LEU UB 79 72.07 -62.75 1.22
CA LEU UB 79 71.00 -62.82 0.25
C LEU UB 79 69.65 -62.56 0.91
N ALA UB 80 69.64 -61.99 2.11
CA ALA UB 80 68.40 -61.60 2.75
C ALA UB 80 67.74 -60.47 1.96
N PRO UB 81 66.41 -60.42 1.94
CA PRO UB 81 65.72 -59.38 1.17
C PRO UB 81 66.02 -58.00 1.73
N ASP UB 82 66.05 -57.01 0.83
CA ASP UB 82 66.29 -55.63 1.25
C ASP UB 82 65.19 -55.11 2.14
N LEU UB 83 63.98 -55.57 1.94
CA LEU UB 83 62.87 -55.09 2.72
C LEU UB 83 62.38 -56.17 3.68
N PRO UB 84 61.81 -55.80 4.82
CA PRO UB 84 61.27 -56.81 5.73
C PRO UB 84 60.12 -57.57 5.09
N GLU UB 85 60.06 -58.87 5.39
CA GLU UB 85 59.07 -59.77 4.79
C GLU UB 85 57.66 -59.30 5.07
N ASP UB 86 57.33 -59.13 6.34
CA ASP UB 86 56.00 -58.69 6.72
C ASP UB 86 55.70 -57.30 6.19
N LEU UB 87 56.70 -56.41 6.24
CA LEU UB 87 56.51 -55.08 5.69
C LEU UB 87 56.26 -55.14 4.19
N TYR UB 88 56.99 -56.01 3.49
CA TYR UB 88 56.76 -56.18 2.06
C TYR UB 88 55.34 -56.67 1.79
N HIS UB 89 54.89 -57.63 2.59
CA HIS UB 89 53.53 -58.15 2.42
C HIS UB 89 52.50 -57.07 2.67
N LEU UB 90 52.71 -56.26 3.70
CA LEU UB 90 51.76 -55.18 4.00
C LEU UB 90 51.74 -54.15 2.89
N ILE UB 91 52.91 -53.82 2.33
CA ILE UB 91 52.95 -52.89 1.22
C ILE UB 91 52.20 -53.47 0.02
N LYS UB 92 52.39 -54.76 -0.25
CA LYS UB 92 51.67 -55.41 -1.33
C LYS UB 92 50.17 -55.35 -1.11
N LYS UB 93 49.74 -55.59 0.13
CA LYS UB 93 48.31 -55.51 0.46
C LYS UB 93 47.79 -54.11 0.22
N ALA UB 94 48.54 -53.09 0.65
CA ALA UB 94 48.12 -51.71 0.46
C ALA UB 94 48.02 -51.36 -1.02
N VAL UB 95 48.98 -51.81 -1.82
CA VAL UB 95 48.95 -51.55 -3.26
C VAL UB 95 47.74 -52.21 -3.89
N ALA UB 96 47.46 -53.45 -3.48
CA ALA UB 96 46.28 -54.14 -4.02
C ALA UB 96 45.00 -53.41 -3.67
N VAL UB 97 44.89 -52.95 -2.42
CA VAL UB 97 43.69 -52.26 -1.99
C VAL UB 97 43.54 -50.94 -2.74
N ARG UB 98 44.64 -50.22 -2.96
CA ARG UB 98 44.57 -48.99 -3.73
C ARG UB 98 44.15 -49.28 -5.16
N LYS UB 99 44.71 -50.32 -5.77
CA LYS UB 99 44.35 -50.65 -7.14
C LYS UB 99 42.88 -51.02 -7.26
N HIS UB 100 42.34 -51.68 -6.24
CA HIS UB 100 40.91 -52.00 -6.27
C HIS UB 100 40.07 -50.76 -6.04
N LEU UB 101 40.49 -49.89 -5.11
CA LEU UB 101 39.70 -48.72 -4.75
C LEU UB 101 39.61 -47.73 -5.90
N GLU UB 102 40.69 -47.54 -6.66
CA GLU UB 102 40.69 -46.56 -7.73
C GLU UB 102 39.73 -46.91 -8.86
N ARG UB 103 39.22 -48.14 -8.90
CA ARG UB 103 38.16 -48.48 -9.83
C ARG UB 103 36.78 -48.49 -9.19
N ASN UB 104 36.70 -48.75 -7.90
CA ASN UB 104 35.45 -48.80 -7.15
C ASN UB 104 35.47 -47.67 -6.13
N ARG UB 105 34.90 -46.52 -6.51
CA ARG UB 105 34.98 -45.36 -5.65
C ARG UB 105 33.98 -45.40 -4.50
N LYS UB 106 33.03 -46.31 -4.53
CA LYS UB 106 32.00 -46.37 -3.50
C LYS UB 106 32.34 -47.34 -2.37
N ASP UB 107 33.50 -48.01 -2.44
CA ASP UB 107 33.88 -49.00 -1.43
C ASP UB 107 34.51 -48.30 -0.24
N LYS UB 108 33.64 -47.78 0.63
CA LYS UB 108 34.11 -47.07 1.82
C LYS UB 108 34.83 -48.01 2.78
N ASP UB 109 34.37 -49.26 2.86
CA ASP UB 109 35.03 -50.25 3.70
C ASP UB 109 36.46 -50.48 3.25
N ALA UB 110 36.68 -50.51 1.93
CA ALA UB 110 38.04 -50.67 1.42
C ALA UB 110 38.92 -49.49 1.82
N LYS UB 111 38.35 -48.28 1.79
CA LYS UB 111 39.08 -47.11 2.27
C LYS UB 111 39.46 -47.27 3.74
N PHE UB 112 38.52 -47.73 4.55
CA PHE UB 112 38.79 -47.89 5.98
C PHE UB 112 39.88 -48.92 6.22
N ARG UB 113 39.81 -50.04 5.51
CA ARG UB 113 40.84 -51.06 5.65
C ARG UB 113 42.20 -50.55 5.19
N LEU UB 114 42.21 -49.76 4.11
CA LEU UB 114 43.46 -49.19 3.64
C LEU UB 114 44.06 -48.25 4.67
N ILE UB 115 43.22 -47.48 5.35
CA ILE UB 115 43.71 -46.60 6.40
C ILE UB 115 44.32 -47.42 7.53
N LEU UB 116 43.66 -48.51 7.91
CA LEU UB 116 44.23 -49.41 8.92
C LEU UB 116 45.59 -49.93 8.48
N ILE UB 117 45.68 -50.36 7.22
CA ILE UB 117 46.92 -50.93 6.71
C ILE UB 117 48.03 -49.90 6.72
N GLU UB 118 47.72 -48.68 6.30
CA GLU UB 118 48.76 -47.64 6.29
C GLU UB 118 49.19 -47.25 7.69
N SER UB 119 48.27 -47.27 8.66
CA SER UB 119 48.67 -47.01 10.03
C SER UB 119 49.64 -48.08 10.53
N ARG UB 120 49.32 -49.35 10.25
CA ARG UB 120 50.24 -50.42 10.64
C ARG UB 120 51.58 -50.27 9.94
N ILE UB 121 51.56 -49.88 8.66
CA ILE UB 121 52.79 -49.75 7.90
C ILE UB 121 53.66 -48.64 8.48
N HIS UB 122 53.05 -47.51 8.82
CA HIS UB 122 53.81 -46.43 9.43
C HIS UB 122 54.41 -46.85 10.75
N ARG UB 123 53.64 -47.55 11.59
CA ARG UB 123 54.17 -47.97 12.87
C ARG UB 123 55.34 -48.93 12.69
N LEU UB 124 55.21 -49.87 11.76
CA LEU UB 124 56.28 -50.83 11.51
C LEU UB 124 57.52 -50.15 10.95
N ALA UB 125 57.34 -49.18 10.05
CA ALA UB 125 58.48 -48.47 9.50
C ALA UB 125 59.18 -47.65 10.59
N ARG UB 126 58.41 -47.03 11.48
CA ARG UB 126 59.01 -46.32 12.60
C ARG UB 126 59.82 -47.26 13.47
N TYR UB 127 59.26 -48.44 13.76
CA TYR UB 127 59.99 -49.41 14.57
C TYR UB 127 61.29 -49.84 13.91
N TYR UB 128 61.24 -50.13 12.60
CA TYR UB 128 62.43 -50.59 11.91
C TYR UB 128 63.48 -49.49 11.83
N LYS UB 129 63.05 -48.24 11.64
CA LYS UB 129 64.00 -47.13 11.66
C LYS UB 129 64.62 -46.98 13.04
N THR UB 130 63.85 -47.22 14.10
CA THR UB 130 64.41 -47.17 15.44
C THR UB 130 65.48 -48.24 15.61
N LYS UB 131 65.24 -49.42 15.06
CA LYS UB 131 66.25 -50.47 15.01
C LYS UB 131 67.37 -50.14 14.04
N ARG UB 132 67.24 -49.06 13.27
CA ARG UB 132 68.08 -48.72 12.13
C ARG UB 132 68.09 -49.82 11.08
N VAL UB 133 67.00 -50.57 10.96
CA VAL UB 133 66.89 -51.52 9.86
C VAL UB 133 66.74 -50.77 8.55
N LEU UB 134 65.87 -49.79 8.51
CA LEU UB 134 65.67 -48.96 7.34
C LEU UB 134 66.53 -47.71 7.41
N PRO UB 135 66.84 -47.09 6.28
CA PRO UB 135 67.52 -45.81 6.31
C PRO UB 135 66.67 -44.78 7.03
N PRO UB 136 67.29 -43.86 7.77
CA PRO UB 136 66.50 -42.88 8.53
C PRO UB 136 65.65 -41.97 7.67
N ASN UB 137 65.98 -41.81 6.39
CA ASN UB 137 65.21 -40.96 5.50
C ASN UB 137 64.07 -41.71 4.82
N TRP UB 138 63.86 -42.97 5.17
CA TRP UB 138 62.89 -43.79 4.46
C TRP UB 138 61.46 -43.31 4.74
N LYS UB 139 60.64 -43.32 3.70
CA LYS UB 139 59.23 -42.99 3.80
C LYS UB 139 58.46 -43.88 2.83
N TYR UB 140 57.26 -44.28 3.25
CA TYR UB 140 56.34 -44.99 2.38
C TYR UB 140 55.56 -43.96 1.57
N GLU UB 141 55.70 -44.02 0.26
CA GLU UB 141 54.95 -43.16 -0.64
C GLU UB 141 53.93 -44.03 -1.37
N SER UB 142 52.65 -43.71 -1.19
CA SER UB 142 51.61 -44.54 -1.80
C SER UB 142 51.67 -44.54 -3.32
N SER UB 143 52.15 -43.43 -3.89
CA SER UB 143 52.22 -43.35 -5.35
C SER UB 143 53.27 -44.30 -5.92
N THR UB 144 54.48 -44.30 -5.36
CA THR UB 144 55.59 -45.04 -5.92
C THR UB 144 55.77 -46.42 -5.30
N ALA UB 145 54.96 -46.78 -4.31
CA ALA UB 145 55.16 -48.05 -3.63
C ALA UB 145 54.75 -49.23 -4.50
N SER UB 146 53.95 -49.01 -5.55
CA SER UB 146 53.43 -50.12 -6.32
C SER UB 146 54.53 -50.87 -7.05
N ALA UB 147 55.58 -50.18 -7.47
CA ALA UB 147 56.69 -50.84 -8.13
C ALA UB 147 57.58 -51.62 -7.18
N LEU UB 148 57.52 -51.34 -5.88
CA LEU UB 148 58.38 -52.00 -4.92
C LEU UB 148 57.89 -53.39 -4.53
N VAL UB 149 56.64 -53.72 -4.86
CA VAL UB 149 56.07 -55.03 -4.58
C VAL UB 149 55.49 -55.58 -5.87
N ALA UB 150 55.61 -56.90 -6.04
CA ALA UB 150 55.10 -57.60 -7.21
C ALA UB 150 55.61 -57.00 -8.52
N ILE VB 4 -34.51 -75.81 -23.75
CA ILE VB 4 -33.19 -75.29 -24.07
C ILE VB 4 -32.38 -75.07 -22.78
N SER VB 5 -33.05 -74.55 -21.75
CA SER VB 5 -32.50 -74.32 -20.41
C SER VB 5 -31.34 -73.33 -20.39
N LEU VB 6 -30.97 -72.79 -21.56
CA LEU VB 6 -29.79 -71.95 -21.73
C LEU VB 6 -28.56 -72.58 -21.11
N GLY VB 7 -28.41 -73.88 -21.28
CA GLY VB 7 -27.32 -74.63 -20.71
C GLY VB 7 -26.76 -75.63 -21.70
N PRO VB 8 -25.73 -76.34 -21.29
CA PRO VB 8 -25.09 -77.32 -22.17
C PRO VB 8 -25.90 -78.61 -22.22
N GLN VB 9 -25.76 -79.31 -23.34
CA GLN VB 9 -26.37 -80.62 -23.51
C GLN VB 9 -25.52 -81.62 -22.74
N VAL VB 10 -26.05 -82.13 -21.63
CA VAL VB 10 -25.26 -82.84 -20.64
C VAL VB 10 -25.93 -84.16 -20.30
N ALA VB 11 -25.13 -85.06 -19.70
CA ALA VB 11 -25.64 -86.34 -19.24
C ALA VB 11 -26.11 -86.22 -17.79
N GLU VB 12 -26.55 -87.34 -17.21
CA GLU VB 12 -27.19 -87.34 -15.90
C GLU VB 12 -26.23 -87.61 -14.75
N GLY VB 13 -25.46 -88.69 -14.82
CA GLY VB 13 -24.55 -89.04 -13.73
C GLY VB 13 -23.33 -88.16 -13.63
N GLU VB 14 -23.20 -87.19 -14.52
CA GLU VB 14 -22.08 -86.28 -14.53
C GLU VB 14 -22.58 -84.86 -14.29
N ASN VB 15 -21.65 -83.99 -13.91
CA ASN VB 15 -21.98 -82.63 -13.53
C ASN VB 15 -21.05 -81.66 -14.25
N VAL VB 16 -21.54 -80.45 -14.48
CA VAL VB 16 -20.77 -79.38 -15.10
C VAL VB 16 -20.11 -78.56 -14.00
N PHE VB 17 -18.82 -78.29 -14.17
CA PHE VB 17 -18.03 -77.58 -13.19
C PHE VB 17 -17.90 -76.11 -13.56
N GLY VB 18 -18.01 -75.24 -12.56
CA GLY VB 18 -17.72 -73.83 -12.70
C GLY VB 18 -16.68 -73.39 -11.70
N VAL VB 19 -16.37 -72.09 -11.76
CA VAL VB 19 -15.39 -71.48 -10.87
C VAL VB 19 -16.06 -70.35 -10.11
N CYS VB 20 -15.91 -70.34 -8.80
CA CYS VB 20 -16.48 -69.32 -7.94
C CYS VB 20 -15.35 -68.46 -7.38
N HIS VB 21 -15.23 -67.24 -7.86
CA HIS VB 21 -14.25 -66.29 -7.34
C HIS VB 21 -14.86 -65.58 -6.14
N ILE VB 22 -14.39 -65.94 -4.95
CA ILE VB 22 -14.89 -65.36 -3.71
C ILE VB 22 -13.83 -64.38 -3.22
N PHE VB 23 -13.99 -63.11 -3.57
CA PHE VB 23 -13.19 -62.05 -2.98
C PHE VB 23 -13.98 -61.56 -1.77
N ALA VB 24 -13.78 -62.25 -0.65
CA ALA VB 24 -14.49 -61.93 0.59
C ALA VB 24 -13.59 -61.04 1.43
N SER VB 25 -13.67 -59.74 1.20
CA SER VB 25 -12.90 -58.76 1.95
C SER VB 25 -13.74 -58.17 3.07
N PHE VB 26 -13.20 -57.13 3.70
CA PHE VB 26 -13.97 -56.35 4.64
C PHE VB 26 -14.77 -55.29 3.89
N ASN VB 27 -15.88 -54.86 4.51
CA ASN VB 27 -16.77 -53.82 4.02
C ASN VB 27 -17.59 -54.23 2.81
N ASP VB 28 -17.29 -55.40 2.22
CA ASP VB 28 -18.04 -55.96 1.10
C ASP VB 28 -17.45 -57.34 0.79
N THR VB 29 -18.24 -58.17 0.11
CA THR VB 29 -17.78 -59.49 -0.32
C THR VB 29 -18.25 -59.77 -1.75
N PHE VB 30 -17.53 -60.63 -2.45
CA PHE VB 30 -17.90 -61.01 -3.81
C PHE VB 30 -18.24 -62.50 -3.87
N VAL VB 31 -19.29 -62.84 -4.63
CA VAL VB 31 -19.71 -64.21 -4.81
C VAL VB 31 -19.60 -64.44 -6.32
N HIS VB 32 -18.61 -63.79 -6.94
CA HIS VB 32 -18.41 -63.89 -8.38
C HIS VB 32 -18.22 -65.35 -8.81
N VAL VB 33 -18.98 -65.75 -9.82
CA VAL VB 33 -18.89 -67.06 -10.45
C VAL VB 33 -18.70 -66.85 -11.94
N THR VB 34 -17.68 -67.48 -12.50
CA THR VB 34 -17.44 -67.53 -13.93
C THR VB 34 -17.51 -68.98 -14.41
N ASP VB 35 -17.12 -69.17 -15.66
CA ASP VB 35 -17.00 -70.50 -16.22
C ASP VB 35 -15.73 -71.16 -15.68
N LEU VB 36 -15.36 -72.31 -16.26
CA LEU VB 36 -14.14 -72.97 -15.83
C LEU VB 36 -12.89 -72.17 -16.17
N SER VB 37 -12.91 -71.40 -17.25
CA SER VB 37 -11.72 -70.66 -17.68
C SER VB 37 -11.48 -69.41 -16.86
N GLY VB 38 -12.52 -68.75 -16.37
CA GLY VB 38 -12.39 -67.49 -15.68
C GLY VB 38 -12.53 -66.27 -16.58
N LYS VB 39 -12.39 -66.44 -17.89
CA LYS VB 39 -12.63 -65.33 -18.81
C LYS VB 39 -14.09 -64.92 -18.84
N GLU VB 40 -14.99 -65.90 -18.92
CA GLU VB 40 -16.41 -65.65 -19.13
C GLU VB 40 -17.16 -65.81 -17.81
N THR VB 41 -17.75 -64.74 -17.34
CA THR VB 41 -18.47 -64.77 -16.08
C THR VB 41 -19.90 -65.26 -16.30
N ILE VB 42 -20.49 -65.76 -15.23
CA ILE VB 42 -21.87 -66.20 -15.22
C ILE VB 42 -22.74 -65.27 -14.40
N CYS VB 43 -22.35 -65.00 -13.16
CA CYS VB 43 -23.07 -64.08 -12.31
C CYS VB 43 -22.09 -63.48 -11.32
N ARG VB 44 -22.39 -62.27 -10.85
CA ARG VB 44 -21.57 -61.59 -9.86
C ARG VB 44 -22.49 -60.79 -8.95
N VAL VB 45 -22.68 -61.28 -7.72
CA VAL VB 45 -23.53 -60.64 -6.74
C VAL VB 45 -22.70 -60.34 -5.49
N THR VB 46 -22.81 -59.12 -4.99
CA THR VB 46 -22.09 -58.73 -3.78
C THR VB 46 -23.09 -58.51 -2.65
N GLY VB 47 -22.53 -58.38 -1.43
CA GLY VB 47 -23.38 -58.11 -0.29
C GLY VB 47 -24.00 -56.72 -0.30
N GLY VB 48 -23.36 -55.77 -0.99
CA GLY VB 48 -23.89 -54.42 -1.05
C GLY VB 48 -25.12 -54.27 -1.92
N MET VB 49 -25.34 -55.20 -2.84
CA MET VB 49 -26.53 -55.15 -3.68
C MET VB 49 -27.67 -55.96 -3.10
N LYS VB 50 -27.52 -56.52 -1.91
CA LYS VB 50 -28.62 -57.13 -1.18
C LYS VB 50 -29.11 -56.28 -0.02
N VAL VB 51 -28.23 -55.52 0.62
CA VAL VB 51 -28.59 -54.67 1.73
C VAL VB 51 -28.54 -53.21 1.29
N LYS VB 52 -29.16 -52.34 2.08
CA LYS VB 52 -29.15 -50.91 1.83
C LYS VB 52 -28.83 -50.15 3.09
N ALA VB 53 -27.83 -50.62 3.84
CA ALA VB 53 -27.41 -49.96 5.07
C ALA VB 53 -25.97 -49.48 5.03
N ASP VB 54 -25.15 -49.94 4.08
CA ASP VB 54 -23.74 -49.59 3.91
C ASP VB 54 -22.91 -50.14 5.05
N ARG VB 55 -23.54 -50.83 5.99
CA ARG VB 55 -22.84 -51.52 7.06
C ARG VB 55 -22.76 -53.02 6.84
N ASP VB 56 -23.90 -53.65 6.58
CA ASP VB 56 -23.99 -55.09 6.44
C ASP VB 56 -23.56 -55.55 5.05
N GLU VB 57 -22.86 -54.69 4.31
CA GLU VB 57 -22.36 -55.06 2.99
C GLU VB 57 -21.40 -56.23 3.06
N SER VB 58 -20.62 -56.33 4.13
CA SER VB 58 -19.75 -57.48 4.35
C SER VB 58 -20.33 -58.46 5.37
N SER VB 59 -21.58 -58.29 5.75
CA SER VB 59 -22.15 -59.15 6.76
C SER VB 59 -22.34 -60.57 6.20
N PRO VB 60 -22.21 -61.58 7.06
CA PRO VB 60 -22.46 -62.96 6.61
C PRO VB 60 -23.88 -63.16 6.08
N TYR VB 61 -24.84 -62.39 6.60
CA TYR VB 61 -26.22 -62.51 6.10
C TYR VB 61 -26.31 -62.11 4.63
N ALA VB 62 -25.69 -60.97 4.27
CA ALA VB 62 -25.72 -60.53 2.88
C ALA VB 62 -24.97 -61.50 1.99
N ALA VB 63 -23.87 -62.05 2.48
CA ALA VB 63 -23.14 -63.06 1.73
C ALA VB 63 -24.00 -64.30 1.50
N MET VB 64 -24.76 -64.71 2.52
CA MET VB 64 -25.63 -65.87 2.37
C MET VB 64 -26.71 -65.61 1.33
N LEU VB 65 -27.31 -64.41 1.37
CA LEU VB 65 -28.35 -64.07 0.40
C LEU VB 65 -27.76 -64.06 -1.02
N ALA VB 66 -26.57 -63.49 -1.17
CA ALA VB 66 -25.92 -63.47 -2.47
C ALA VB 66 -25.61 -64.88 -2.93
N ALA VB 67 -25.22 -65.76 -2.00
CA ALA VB 67 -24.95 -67.15 -2.34
C ALA VB 67 -26.20 -67.83 -2.87
N GLN VB 68 -27.33 -67.60 -2.20
CA GLN VB 68 -28.58 -68.19 -2.68
C GLN VB 68 -28.94 -67.69 -4.08
N ASP VB 69 -28.80 -66.39 -4.31
CA ASP VB 69 -29.17 -65.83 -5.60
C ASP VB 69 -28.25 -66.34 -6.71
N VAL VB 70 -26.94 -66.36 -6.46
CA VAL VB 70 -25.99 -66.88 -7.43
C VAL VB 70 -26.28 -68.35 -7.70
N ALA VB 71 -26.58 -69.13 -6.67
CA ALA VB 71 -26.79 -70.56 -6.86
C ALA VB 71 -28.03 -70.81 -7.71
N GLN VB 72 -29.13 -70.11 -7.43
CA GLN VB 72 -30.32 -70.33 -8.25
C GLN VB 72 -30.11 -69.83 -9.67
N ARG VB 73 -29.32 -68.78 -9.85
CA ARG VB 73 -28.97 -68.33 -11.19
C ARG VB 73 -28.18 -69.41 -11.94
N CYS VB 74 -27.23 -70.05 -11.27
CA CYS VB 74 -26.44 -71.08 -11.92
C CYS VB 74 -27.28 -72.31 -12.24
N LYS VB 75 -28.19 -72.67 -11.33
CA LYS VB 75 -29.01 -73.85 -11.54
C LYS VB 75 -30.02 -73.63 -12.67
N GLU VB 76 -30.60 -72.44 -12.76
CA GLU VB 76 -31.56 -72.20 -13.83
C GLU VB 76 -30.89 -72.11 -15.20
N LEU VB 77 -29.61 -71.77 -15.26
CA LEU VB 77 -28.86 -71.82 -16.51
C LEU VB 77 -28.20 -73.16 -16.75
N GLY VB 78 -28.29 -74.09 -15.80
CA GLY VB 78 -27.70 -75.40 -15.99
C GLY VB 78 -26.26 -75.51 -15.54
N ILE VB 79 -25.99 -75.20 -14.28
CA ILE VB 79 -24.67 -75.34 -13.69
C ILE VB 79 -24.81 -76.11 -12.38
N THR VB 80 -23.95 -77.11 -12.18
CA THR VB 80 -24.05 -78.00 -11.04
C THR VB 80 -22.87 -77.93 -10.09
N ALA VB 81 -21.64 -78.08 -10.58
CA ALA VB 81 -20.47 -78.18 -9.73
C ALA VB 81 -19.66 -76.89 -9.81
N LEU VB 82 -18.97 -76.57 -8.71
CA LEU VB 82 -18.21 -75.34 -8.62
C LEU VB 82 -16.87 -75.58 -7.95
N HIS VB 83 -15.83 -74.96 -8.48
CA HIS VB 83 -14.59 -74.81 -7.75
C HIS VB 83 -14.65 -73.56 -6.87
N ILE VB 84 -13.82 -73.57 -5.83
CA ILE VB 84 -13.81 -72.48 -4.86
C ILE VB 84 -12.44 -71.81 -4.89
N LYS VB 85 -12.43 -70.50 -5.10
CA LYS VB 85 -11.22 -69.71 -5.09
C LYS VB 85 -11.42 -68.55 -4.12
N LEU VB 86 -11.13 -68.79 -2.85
CA LEU VB 86 -11.29 -67.76 -1.84
C LEU VB 86 -10.20 -66.70 -1.98
N ARG VB 87 -10.60 -65.45 -1.80
CA ARG VB 87 -9.69 -64.33 -1.95
C ARG VB 87 -9.93 -63.32 -0.85
N ALA VB 88 -8.84 -62.92 -0.19
CA ALA VB 88 -8.87 -61.80 0.73
C ALA VB 88 -8.34 -60.57 0.02
N THR VB 89 -8.15 -59.48 0.76
CA THR VB 89 -7.67 -58.24 0.14
C THR VB 89 -6.29 -58.43 -0.48
N GLY VB 90 -5.38 -59.07 0.24
CA GLY VB 90 -4.07 -59.34 -0.31
C GLY VB 90 -3.18 -58.11 -0.44
N GLY VB 91 -2.20 -58.23 -1.33
CA GLY VB 91 -1.26 -57.16 -1.56
C GLY VB 91 -0.44 -56.85 -0.32
N ASN VB 92 -0.15 -55.57 -0.13
CA ASN VB 92 0.45 -55.14 1.12
C ASN VB 92 -0.55 -55.14 2.27
N ARG VB 93 -1.84 -55.27 1.97
CA ARG VB 93 -2.89 -55.21 2.98
C ARG VB 93 -3.16 -56.60 3.53
N THR VB 94 -4.28 -56.74 4.25
CA THR VB 94 -4.53 -57.93 5.07
C THR VB 94 -4.72 -59.17 4.22
N LYS VB 95 -4.55 -60.33 4.86
CA LYS VB 95 -4.63 -61.61 4.19
C LYS VB 95 -5.72 -62.52 4.74
N THR VB 96 -6.30 -62.18 5.88
CA THR VB 96 -7.44 -62.95 6.38
C THR VB 96 -8.68 -62.60 5.56
N PRO VB 97 -9.38 -63.60 5.02
CA PRO VB 97 -10.61 -63.31 4.27
C PRO VB 97 -11.68 -62.70 5.16
N GLY VB 98 -12.53 -61.88 4.55
CA GLY VB 98 -13.57 -61.21 5.27
C GLY VB 98 -14.64 -62.17 5.75
N PRO VB 99 -15.58 -61.64 6.52
CA PRO VB 99 -16.58 -62.50 7.16
C PRO VB 99 -17.53 -63.19 6.19
N GLY VB 100 -17.65 -62.71 4.96
CA GLY VB 100 -18.61 -63.28 4.05
C GLY VB 100 -18.26 -64.64 3.51
N ALA VB 101 -16.99 -65.03 3.60
CA ALA VB 101 -16.53 -66.28 2.98
C ALA VB 101 -17.21 -67.49 3.59
N GLN VB 102 -17.18 -67.59 4.92
CA GLN VB 102 -17.70 -68.79 5.59
C GLN VB 102 -19.18 -68.98 5.32
N SER VB 103 -19.98 -67.94 5.55
CA SER VB 103 -21.42 -68.08 5.38
C SER VB 103 -21.80 -68.23 3.92
N ALA VB 104 -21.09 -67.54 3.01
CA ALA VB 104 -21.39 -67.69 1.59
C ALA VB 104 -21.13 -69.11 1.12
N LEU VB 105 -19.98 -69.67 1.52
CA LEU VB 105 -19.66 -71.04 1.15
C LEU VB 105 -20.64 -72.03 1.76
N ARG VB 106 -21.01 -71.81 3.02
CA ARG VB 106 -21.96 -72.70 3.68
C ARG VB 106 -23.31 -72.68 2.98
N ALA VB 107 -23.79 -71.50 2.62
CA ALA VB 107 -25.06 -71.40 1.92
C ALA VB 107 -25.00 -72.06 0.55
N LEU VB 108 -23.89 -71.86 -0.17
CA LEU VB 108 -23.74 -72.50 -1.48
C LEU VB 108 -23.75 -74.01 -1.35
N ALA VB 109 -23.09 -74.54 -0.33
CA ALA VB 109 -23.15 -75.97 -0.08
C ALA VB 109 -24.57 -76.41 0.22
N ARG VB 110 -25.29 -75.64 1.02
CA ARG VB 110 -26.66 -75.99 1.34
C ARG VB 110 -27.64 -75.55 0.26
N SER VB 111 -27.15 -74.89 -0.79
CA SER VB 111 -27.99 -74.53 -1.93
C SER VB 111 -28.11 -75.65 -2.95
N GLY VB 112 -27.44 -76.79 -2.72
CA GLY VB 112 -27.47 -77.89 -3.65
C GLY VB 112 -26.35 -77.89 -4.66
N MET VB 113 -25.65 -76.77 -4.83
CA MET VB 113 -24.55 -76.71 -5.76
C MET VB 113 -23.41 -77.61 -5.31
N LYS VB 114 -22.84 -78.34 -6.26
CA LYS VB 114 -21.76 -79.26 -5.95
C LYS VB 114 -20.43 -78.52 -5.91
N ILE VB 115 -19.51 -79.04 -5.08
CA ILE VB 115 -18.30 -78.33 -4.72
C ILE VB 115 -17.10 -79.11 -5.27
N GLY VB 116 -16.22 -78.40 -5.98
CA GLY VB 116 -15.01 -79.01 -6.46
C GLY VB 116 -13.83 -78.67 -5.58
N ARG VB 117 -12.69 -78.33 -6.18
CA ARG VB 117 -11.51 -77.99 -5.41
C ARG VB 117 -11.70 -76.64 -4.72
N ILE VB 118 -10.96 -76.46 -3.63
CA ILE VB 118 -10.96 -75.23 -2.85
C ILE VB 118 -9.52 -74.76 -2.71
N GLU VB 119 -9.29 -73.49 -2.99
CA GLU VB 119 -7.94 -72.94 -2.88
C GLU VB 119 -8.03 -71.43 -2.65
N ASP VB 120 -7.15 -70.93 -1.80
CA ASP VB 120 -7.06 -69.50 -1.53
C ASP VB 120 -6.18 -68.87 -2.60
N VAL VB 121 -6.68 -67.82 -3.22
CA VAL VB 121 -5.98 -67.14 -4.31
C VAL VB 121 -5.74 -65.70 -3.93
N THR VB 122 -5.62 -65.45 -2.63
CA THR VB 122 -5.30 -64.11 -2.16
C THR VB 122 -3.98 -63.66 -2.75
N PRO VB 123 -3.88 -62.43 -3.24
CA PRO VB 123 -2.65 -62.00 -3.87
C PRO VB 123 -1.50 -61.91 -2.88
N ILE VB 124 -0.57 -62.85 -2.98
CA ILE VB 124 0.60 -62.90 -2.09
C ILE VB 124 1.77 -62.27 -2.84
N PRO VB 125 2.18 -61.06 -2.49
CA PRO VB 125 3.38 -60.51 -3.11
C PRO VB 125 4.62 -61.23 -2.61
N SER VB 126 5.65 -61.28 -3.45
CA SER VB 126 6.96 -61.56 -2.88
C SER VB 126 7.31 -60.49 -1.87
N ASP VB 127 7.25 -59.23 -2.27
CA ASP VB 127 7.41 -58.07 -1.40
C ASP VB 127 6.94 -56.83 -2.15
N SER VB 128 6.17 -55.96 -1.52
CA SER VB 128 5.53 -54.84 -2.18
C SER VB 128 6.07 -53.52 -1.64
N THR VB 129 5.47 -52.43 -2.12
CA THR VB 129 5.88 -51.10 -1.70
C THR VB 129 5.34 -50.82 -0.30
N ARG VB 130 5.51 -49.57 0.12
CA ARG VB 130 5.16 -49.20 1.49
C ARG VB 130 3.65 -49.20 1.66
N ARG VB 131 3.19 -49.89 2.69
CA ARG VB 131 1.77 -49.94 3.01
C ARG VB 131 1.31 -48.58 3.52
N LYS VB 132 0.08 -48.22 3.19
CA LYS VB 132 -0.41 -46.91 3.57
C LYS VB 132 -0.65 -46.85 5.08
N GLY VB 133 -0.63 -45.64 5.61
CA GLY VB 133 -0.84 -45.40 7.03
C GLY VB 133 0.37 -44.88 7.77
N GLY VB 134 1.54 -44.83 7.16
CA GLY VB 134 2.71 -44.26 7.79
C GLY VB 134 3.34 -45.20 8.80
N ARG VB 135 4.50 -44.78 9.32
CA ARG VB 135 5.24 -45.62 10.23
C ARG VB 135 4.59 -45.74 11.60
N ARG VB 136 3.85 -44.72 12.04
CA ARG VB 136 3.09 -44.79 13.27
C ARG VB 136 1.77 -45.52 13.10
N GLY VB 137 1.39 -45.86 11.89
CA GLY VB 137 0.17 -46.61 11.68
C GLY VB 137 -1.07 -45.76 11.90
N ARG VB 138 -2.18 -46.48 12.11
CA ARG VB 138 -3.50 -45.86 12.22
C ARG VB 138 -3.84 -45.73 13.70
N ARG VB 139 -3.81 -44.50 14.20
CA ARG VB 139 -3.99 -44.26 15.63
C ARG VB 139 -5.48 -44.16 15.97
N LEU VB 140 -5.91 -44.98 16.93
CA LEU VB 140 -7.29 -44.96 17.41
C LEU VB 140 -7.34 -45.13 18.93
N MET WB 1 45.63 -60.55 72.28
CA MET WB 1 45.72 -60.99 73.66
C MET WB 1 47.17 -61.10 74.09
N GLN WB 2 47.39 -61.61 75.31
CA GLN WB 2 48.71 -61.88 75.85
C GLN WB 2 49.58 -60.61 75.86
N ASN WB 3 49.17 -59.68 76.73
CA ASN WB 3 49.91 -58.44 76.89
C ASN WB 3 51.32 -58.71 77.40
N ASP WB 4 52.17 -57.67 77.39
CA ASP WB 4 53.58 -57.86 77.68
C ASP WB 4 53.82 -58.41 79.07
N ALA WB 5 52.88 -58.16 79.99
CA ALA WB 5 52.96 -58.76 81.31
C ALA WB 5 52.86 -60.28 81.28
N GLY WB 6 52.18 -60.84 80.27
CA GLY WB 6 52.17 -62.27 80.02
C GLY WB 6 50.79 -62.88 79.98
N GLU WB 7 49.87 -62.39 80.82
CA GLU WB 7 48.54 -62.99 80.90
C GLU WB 7 47.76 -62.77 79.62
N PHE WB 8 46.86 -63.69 79.31
CA PHE WB 8 46.00 -63.58 78.15
C PHE WB 8 44.87 -62.60 78.45
N VAL WB 9 44.97 -61.40 77.90
CA VAL WB 9 43.90 -60.43 78.04
C VAL WB 9 42.89 -60.62 76.92
N ASP WB 10 42.06 -61.65 77.07
CA ASP WB 10 41.01 -61.94 76.10
C ASP WB 10 40.02 -62.92 76.71
N LEU WB 11 38.74 -62.57 76.66
CA LEU WB 11 37.71 -63.33 77.38
C LEU WB 11 37.39 -64.65 76.69
N TYR WB 12 37.56 -64.73 75.38
CA TYR WB 12 37.34 -66.00 74.70
C TYR WB 12 38.12 -66.01 73.40
N VAL WB 13 38.37 -67.22 72.91
CA VAL WB 13 39.10 -67.46 71.67
C VAL WB 13 38.13 -68.14 70.70
N PRO WB 14 37.70 -67.46 69.65
CA PRO WB 14 36.82 -68.11 68.66
C PRO WB 14 37.58 -69.17 67.87
N ARG WB 15 36.82 -70.14 67.39
CA ARG WB 15 37.36 -71.25 66.63
C ARG WB 15 37.72 -70.81 65.20
N LYS WB 16 38.69 -71.51 64.63
CA LYS WB 16 39.06 -71.36 63.23
C LYS WB 16 38.54 -72.58 62.48
N CYS WB 17 37.94 -72.33 61.32
CA CYS WB 17 37.34 -73.40 60.54
C CYS WB 17 38.39 -74.44 60.17
N SER WB 18 38.03 -75.72 60.33
CA SER WB 18 38.97 -76.79 60.03
C SER WB 18 39.11 -77.03 58.53
N ALA WB 19 38.37 -76.29 57.70
CA ALA WB 19 38.48 -76.41 56.26
C ALA WB 19 39.12 -75.18 55.63
N SER WB 20 38.57 -74.00 55.89
CA SER WB 20 39.05 -72.76 55.30
C SER WB 20 40.06 -72.04 56.17
N ASN WB 21 40.32 -72.53 57.38
CA ASN WB 21 41.14 -71.85 58.36
C ASN WB 21 40.60 -70.44 58.60
N ARG WB 22 39.29 -70.30 58.67
CA ARG WB 22 38.63 -69.03 58.91
C ARG WB 22 38.00 -69.02 60.29
N ILE WB 23 38.02 -67.84 60.92
CA ILE WB 23 37.36 -67.67 62.21
C ILE WB 23 35.86 -67.81 62.02
N ILE WB 24 35.25 -68.67 62.83
CA ILE WB 24 33.80 -68.83 62.83
C ILE WB 24 33.22 -67.69 63.66
N GLY WB 25 32.28 -66.96 63.07
CA GLY WB 25 31.71 -65.81 63.73
C GLY WB 25 30.88 -66.17 64.93
N ALA WB 26 30.68 -65.17 65.79
CA ALA WB 26 29.93 -65.40 67.03
C ALA WB 26 28.45 -65.62 66.75
N LYS WB 27 27.84 -64.81 65.87
CA LYS WB 27 26.44 -64.97 65.50
C LYS WB 27 26.28 -65.80 64.25
N ASP WB 28 27.36 -66.38 63.72
CA ASP WB 28 27.29 -67.18 62.51
C ASP WB 28 26.63 -68.51 62.86
N HIS WB 29 25.31 -68.57 62.68
CA HIS WB 29 24.56 -69.76 63.02
C HIS WB 29 24.65 -70.83 61.94
N ALA WB 30 25.28 -70.52 60.81
CA ALA WB 30 25.43 -71.51 59.76
C ALA WB 30 26.52 -72.53 60.06
N SER WB 31 27.54 -72.14 60.82
CA SER WB 31 28.65 -73.04 61.07
C SER WB 31 28.20 -74.25 61.89
N ILE WB 32 28.86 -75.38 61.66
CA ILE WB 32 28.52 -76.63 62.32
C ILE WB 32 29.78 -77.21 62.94
N GLN WB 33 29.59 -78.08 63.92
CA GLN WB 33 30.68 -78.73 64.62
C GLN WB 33 30.27 -80.17 64.87
N MET WB 34 30.73 -81.08 64.00
CA MET WB 34 30.41 -82.48 64.13
C MET WB 34 31.60 -83.26 64.66
N ASN WB 35 31.30 -84.43 65.21
CA ASN WB 35 32.30 -85.32 65.78
C ASN WB 35 32.32 -86.59 64.95
N VAL WB 36 33.51 -87.11 64.68
CA VAL WB 36 33.66 -88.36 63.96
C VAL WB 36 34.08 -89.41 64.98
N ALA WB 37 33.22 -90.41 65.19
CA ALA WB 37 33.43 -91.43 66.20
C ALA WB 37 34.12 -92.62 65.57
N GLU WB 38 35.42 -92.74 65.79
CA GLU WB 38 36.15 -93.89 65.28
C GLU WB 38 35.88 -95.12 66.14
N VAL WB 39 36.10 -96.28 65.54
CA VAL WB 39 35.84 -97.56 66.18
C VAL WB 39 37.17 -98.24 66.43
N ASP WB 40 37.13 -99.35 67.14
CA ASP WB 40 38.36 -100.06 67.45
C ASP WB 40 38.93 -100.76 66.20
N LYS WB 41 40.19 -101.19 66.31
CA LYS WB 41 40.86 -101.78 65.17
C LYS WB 41 40.35 -103.19 64.91
N VAL WB 42 39.85 -103.87 65.94
CA VAL WB 42 39.57 -105.29 65.81
C VAL WB 42 38.07 -105.58 65.63
N THR WB 43 37.18 -104.98 66.43
CA THR WB 43 35.77 -105.37 66.40
C THR WB 43 34.89 -104.40 65.62
N GLY WB 44 35.42 -103.27 65.16
CA GLY WB 44 34.59 -102.29 64.50
C GLY WB 44 33.55 -101.67 65.39
N ARG WB 45 33.84 -101.55 66.68
CA ARG WB 45 32.90 -101.04 67.67
C ARG WB 45 33.39 -99.70 68.22
N PHE WB 46 32.44 -98.80 68.47
CA PHE WB 46 32.77 -97.48 68.96
C PHE WB 46 33.48 -97.57 70.31
N ASN WB 47 34.67 -96.96 70.38
CA ASN WB 47 35.53 -97.06 71.56
C ASN WB 47 35.44 -95.84 72.46
N GLY WB 48 34.45 -94.99 72.27
CA GLY WB 48 34.26 -93.85 73.15
C GLY WB 48 34.95 -92.59 72.70
N GLN WB 49 36.27 -92.63 72.55
CA GLN WB 49 37.00 -91.45 72.10
C GLN WB 49 36.80 -91.25 70.60
N PHE WB 50 36.74 -89.98 70.20
CA PHE WB 50 36.38 -89.60 68.84
C PHE WB 50 37.23 -88.40 68.44
N LYS WB 51 36.92 -87.84 67.27
CA LYS WB 51 37.63 -86.68 66.75
C LYS WB 51 36.61 -85.67 66.24
N THR WB 52 37.01 -84.41 66.21
CA THR WB 52 36.09 -83.32 65.93
C THR WB 52 36.50 -82.60 64.65
N TYR WB 53 35.51 -82.27 63.83
CA TYR WB 53 35.69 -81.41 62.67
C TYR WB 53 34.73 -80.23 62.78
N ALA WB 54 35.25 -79.03 62.58
CA ALA WB 54 34.45 -77.81 62.68
C ALA WB 54 34.41 -77.14 61.32
N ILE WB 55 33.21 -76.79 60.87
CA ILE WB 55 32.98 -76.23 59.54
C ILE WB 55 32.29 -74.89 59.69
N CYS WB 56 32.87 -73.86 59.08
CA CYS WB 56 32.26 -72.55 59.07
C CYS WB 56 31.14 -72.50 58.04
N GLY WB 57 30.27 -71.50 58.18
CA GLY WB 57 29.09 -71.42 57.34
C GLY WB 57 29.41 -71.18 55.87
N ALA WB 58 30.43 -70.37 55.59
CA ALA WB 58 30.75 -70.01 54.22
C ALA WB 58 31.14 -71.24 53.41
N ILE WB 59 31.93 -72.13 53.99
CA ILE WB 59 32.26 -73.37 53.31
C ILE WB 59 31.01 -74.20 53.09
N ARG WB 60 30.23 -74.39 54.14
CA ARG WB 60 29.05 -75.23 54.02
C ARG WB 60 27.85 -74.47 53.47
N ARG WB 61 28.06 -73.29 52.92
CA ARG WB 61 27.04 -72.64 52.10
C ARG WB 61 27.39 -72.66 50.63
N MET WB 62 28.67 -72.47 50.29
CA MET WB 62 29.09 -72.52 48.90
C MET WB 62 29.03 -73.93 48.35
N GLY WB 63 28.96 -74.95 49.20
CA GLY WB 63 28.72 -76.31 48.76
C GLY WB 63 29.91 -77.24 48.85
N GLU WB 64 31.06 -76.77 49.33
CA GLU WB 64 32.26 -77.60 49.39
C GLU WB 64 32.41 -78.31 50.73
N SER WB 65 31.37 -78.32 51.56
CA SER WB 65 31.49 -78.89 52.89
C SER WB 65 31.80 -80.38 52.84
N ASP WB 66 31.15 -81.10 51.93
CA ASP WB 66 31.37 -82.54 51.83
C ASP WB 66 32.81 -82.85 51.44
N ASP WB 67 33.36 -82.06 50.52
CA ASP WB 67 34.76 -82.23 50.14
C ASP WB 67 35.67 -82.00 51.33
N SER WB 68 35.38 -80.97 52.13
CA SER WB 68 36.20 -80.69 53.30
C SER WB 68 36.16 -81.85 54.27
N ILE WB 69 34.96 -82.36 54.55
CA ILE WB 69 34.84 -83.47 55.49
C ILE WB 69 35.58 -84.69 54.98
N LEU WB 70 35.41 -84.99 53.70
CA LEU WB 70 36.10 -86.14 53.10
C LEU WB 70 37.60 -85.99 53.21
N ARG WB 71 38.13 -84.81 52.90
CA ARG WB 71 39.57 -84.61 52.95
C ARG WB 71 40.10 -84.71 54.37
N LEU WB 72 39.39 -84.13 55.33
CA LEU WB 72 39.85 -84.21 56.71
C LEU WB 72 39.81 -85.65 57.22
N ALA WB 73 38.77 -86.40 56.87
CA ALA WB 73 38.71 -87.80 57.26
C ALA WB 73 39.81 -88.62 56.59
N LYS WB 74 40.07 -88.36 55.32
CA LYS WB 74 41.14 -89.06 54.60
C LYS WB 74 42.49 -88.80 55.23
N ALA WB 75 42.81 -87.53 55.49
CA ALA WB 75 44.11 -87.19 56.08
C ALA WB 75 44.22 -87.72 57.49
N ASP WB 76 43.12 -87.72 58.23
CA ASP WB 76 43.17 -88.18 59.62
C ASP WB 76 43.06 -89.69 59.73
N GLY WB 77 42.78 -90.39 58.63
CA GLY WB 77 42.81 -91.84 58.61
C GLY WB 77 41.46 -92.52 58.74
N ILE WB 78 40.37 -91.77 58.72
CA ILE WB 78 39.05 -92.39 58.80
C ILE WB 78 38.73 -93.14 57.52
N VAL WB 79 38.96 -92.50 56.38
CA VAL WB 79 38.66 -93.07 55.08
C VAL WB 79 39.93 -93.70 54.50
N SER WB 80 39.77 -94.84 53.86
CA SER WB 80 40.91 -95.58 53.34
C SER WB 80 41.60 -94.81 52.22
N LYS WB 81 42.90 -95.06 52.07
CA LYS WB 81 43.70 -94.37 51.07
C LYS WB 81 43.23 -94.67 49.65
N ASN WB 82 42.65 -95.85 49.44
CA ASN WB 82 42.20 -96.28 48.12
C ASN WB 82 40.79 -95.81 47.80
N PHE WB 83 40.31 -94.77 48.48
CA PHE WB 83 38.99 -94.22 48.24
C PHE WB 83 38.81 -93.75 46.81
N VAL XB 1 47.19 -54.77 27.55
CA VAL XB 1 48.06 -55.87 27.90
C VAL XB 1 48.50 -55.75 29.35
N ARG XB 2 49.14 -56.79 29.86
CA ARG XB 2 49.60 -56.78 31.24
C ARG XB 2 50.86 -55.95 31.36
N MET XB 3 50.79 -54.86 32.15
CA MET XB 3 51.93 -53.98 32.35
C MET XB 3 52.56 -54.10 33.72
N ASN XB 4 51.87 -54.70 34.68
CA ASN XB 4 52.36 -54.87 36.04
C ASN XB 4 52.11 -56.33 36.44
N VAL XB 5 53.11 -57.17 36.22
CA VAL XB 5 52.98 -58.59 36.51
C VAL XB 5 52.73 -58.81 38.00
N LEU XB 6 53.47 -58.10 38.84
CA LEU XB 6 53.37 -58.26 40.29
C LEU XB 6 51.96 -57.95 40.78
N ALA XB 7 51.35 -56.89 40.26
CA ALA XB 7 49.99 -56.55 40.63
C ALA XB 7 49.03 -57.67 40.27
N ASP XB 8 49.18 -58.23 39.06
CA ASP XB 8 48.32 -59.33 38.64
C ASP XB 8 48.46 -60.53 39.55
N ALA XB 9 49.70 -60.89 39.88
CA ALA XB 9 49.92 -62.03 40.77
C ALA XB 9 49.31 -61.79 42.13
N LEU XB 10 49.52 -60.59 42.70
CA LEU XB 10 48.98 -60.30 44.02
C LEU XB 10 47.47 -60.33 44.02
N LYS XB 11 46.85 -59.76 42.98
CA LYS XB 11 45.39 -59.75 42.91
C LYS XB 11 44.85 -61.16 42.76
N SER XB 12 45.53 -61.99 41.97
CA SER XB 12 45.11 -63.39 41.84
C SER XB 12 45.19 -64.10 43.18
N ILE XB 13 46.27 -63.87 43.93
CA ILE XB 13 46.40 -64.50 45.24
C ILE XB 13 45.29 -64.04 46.17
N ASN XB 14 44.98 -62.74 46.15
CA ASN XB 14 43.93 -62.23 47.02
C ASN XB 14 42.58 -62.83 46.68
N ASN XB 15 42.27 -62.93 45.38
CA ASN XB 15 41.00 -63.51 44.96
C ASN XB 15 40.92 -64.98 45.35
N ALA XB 16 42.01 -65.73 45.17
CA ALA XB 16 42.00 -67.13 45.54
C ALA XB 16 41.83 -67.30 47.04
N GLU XB 17 42.50 -66.47 47.82
CA GLU XB 17 42.36 -66.56 49.28
C GLU XB 17 40.94 -66.24 49.71
N LYS XB 18 40.33 -65.23 49.08
CA LYS XB 18 38.95 -64.90 49.41
C LYS XB 18 38.01 -66.05 49.05
N ARG XB 19 38.27 -66.72 47.92
CA ARG XB 19 37.41 -67.82 47.52
C ARG XB 19 37.65 -69.08 48.33
N GLY XB 20 38.84 -69.24 48.90
CA GLY XB 20 39.12 -70.39 49.74
C GLY XB 20 39.75 -71.57 49.07
N LYS XB 21 40.31 -71.41 47.87
CA LYS XB 21 41.07 -72.49 47.25
C LYS XB 21 42.33 -72.77 48.07
N ARG XB 22 42.72 -74.03 48.12
CA ARG XB 22 43.93 -74.41 48.86
C ARG XB 22 45.20 -74.02 48.12
N GLN XB 23 45.13 -73.89 46.80
CA GLN XB 23 46.30 -73.51 46.00
C GLN XB 23 45.90 -72.45 44.97
N VAL XB 24 46.90 -71.74 44.49
CA VAL XB 24 46.72 -70.70 43.47
C VAL XB 24 47.83 -70.83 42.44
N LEU XB 25 47.52 -70.49 41.20
CA LEU XB 25 48.48 -70.49 40.10
C LEU XB 25 48.60 -69.08 39.57
N ILE XB 26 49.82 -68.60 39.41
CA ILE XB 26 50.10 -67.34 38.73
C ILE XB 26 50.97 -67.64 37.52
N ARG XB 27 50.59 -67.08 36.38
CA ARG XB 27 51.25 -67.45 35.14
C ARG XB 27 52.56 -66.70 34.91
N PRO XB 28 52.63 -65.37 34.95
CA PRO XB 28 53.93 -64.71 34.74
C PRO XB 28 54.69 -64.59 36.05
N CYS XB 29 55.86 -65.23 36.12
CA CYS XB 29 56.72 -65.12 37.29
C CYS XB 29 57.88 -64.16 37.04
N SER XB 30 58.47 -63.69 38.13
CA SER XB 30 59.60 -62.78 38.06
C SER XB 30 60.36 -62.84 39.38
N LYS XB 31 61.56 -62.28 39.37
CA LYS XB 31 62.37 -62.24 40.58
C LYS XB 31 61.69 -61.42 41.68
N VAL XB 32 61.00 -60.35 41.29
CA VAL XB 32 60.28 -59.54 42.26
C VAL XB 32 59.20 -60.36 42.94
N ILE XB 33 58.45 -61.13 42.16
CA ILE XB 33 57.42 -61.99 42.71
C ILE XB 33 58.04 -63.01 43.67
N VAL XB 34 59.17 -63.58 43.26
CA VAL XB 34 59.83 -64.58 44.11
C VAL XB 34 60.25 -63.97 45.44
N ARG XB 35 60.83 -62.77 45.40
CA ARG XB 35 61.29 -62.15 46.64
C ARG XB 35 60.10 -61.77 47.53
N PHE XB 36 59.03 -61.24 46.93
CA PHE XB 36 57.84 -60.89 47.69
C PHE XB 36 57.25 -62.11 48.37
N LEU XB 37 57.14 -63.21 47.62
CA LEU XB 37 56.61 -64.44 48.19
C LEU XB 37 57.55 -65.01 49.24
N THR XB 38 58.85 -64.85 49.05
CA THR XB 38 59.81 -65.29 50.05
C THR XB 38 59.59 -64.54 51.35
N VAL XB 39 59.38 -63.23 51.28
CA VAL XB 39 59.13 -62.44 52.47
C VAL XB 39 57.84 -62.90 53.15
N MET XB 40 56.79 -63.08 52.36
CA MET XB 40 55.50 -63.47 52.94
C MET XB 40 55.59 -64.84 53.60
N MET XB 41 56.33 -65.77 52.98
CA MET XB 41 56.49 -67.09 53.55
C MET XB 41 57.35 -67.04 54.82
N LYS XB 42 58.36 -66.18 54.84
CA LYS XB 42 59.15 -66.01 56.06
C LYS XB 42 58.31 -65.40 57.18
N HIS XB 43 57.30 -64.62 56.85
CA HIS XB 43 56.39 -64.17 57.88
C HIS XB 43 55.29 -65.19 58.16
N GLY XB 44 55.27 -66.31 57.44
CA GLY XB 44 54.34 -67.37 57.70
C GLY XB 44 52.94 -67.15 57.17
N TYR XB 45 52.69 -66.03 56.48
CA TYR XB 45 51.36 -65.74 55.96
C TYR XB 45 50.94 -66.70 54.86
N ILE XB 46 51.89 -67.20 54.08
CA ILE XB 46 51.59 -68.07 52.95
C ILE XB 46 52.38 -69.35 53.10
N GLY XB 47 51.87 -70.41 52.48
CA GLY XB 47 52.47 -71.72 52.57
C GLY XB 47 53.58 -71.92 51.56
N GLU XB 48 53.99 -73.17 51.42
CA GLU XB 48 55.03 -73.53 50.47
C GLU XB 48 54.57 -73.23 49.05
N PHE XB 49 55.49 -72.75 48.23
CA PHE XB 49 55.19 -72.53 46.83
C PHE XB 49 56.31 -73.12 45.98
N GLU XB 50 55.94 -73.59 44.79
CA GLU XB 50 56.88 -74.20 43.87
C GLU XB 50 56.86 -73.45 42.54
N ILE XB 51 58.03 -73.23 41.98
CA ILE XB 51 58.19 -72.49 40.73
C ILE XB 51 58.33 -73.50 39.61
N ILE XB 52 57.42 -73.43 38.64
CA ILE XB 52 57.53 -74.27 37.44
C ILE XB 52 58.41 -73.53 36.44
N ASP XB 53 59.48 -74.18 36.00
CA ASP XB 53 60.45 -73.56 35.11
C ASP XB 53 60.18 -74.04 33.69
N ASP XB 54 59.54 -73.19 32.89
CA ASP XB 54 59.55 -73.35 31.45
C ASP XB 54 60.66 -72.51 30.86
N HIS XB 55 60.94 -72.72 29.58
CA HIS XB 55 61.94 -71.88 28.94
C HIS XB 55 61.44 -70.46 28.72
N ARG XB 56 60.13 -70.24 28.78
CA ARG XB 56 59.55 -68.91 28.85
C ARG XB 56 59.59 -68.42 30.29
N ALA XB 57 58.84 -67.37 30.58
CA ALA XB 57 58.65 -66.95 31.97
C ALA XB 57 57.94 -68.05 32.74
N GLY XB 58 58.47 -68.39 33.91
CA GLY XB 58 57.96 -69.49 34.69
C GLY XB 58 56.63 -69.17 35.35
N LYS XB 59 56.05 -70.20 35.97
CA LYS XB 59 54.84 -70.06 36.76
C LYS XB 59 55.11 -70.51 38.19
N ILE XB 60 54.26 -70.06 39.10
CA ILE XB 60 54.37 -70.41 40.51
C ILE XB 60 53.03 -70.95 40.98
N VAL XB 61 53.07 -72.08 41.68
CA VAL XB 61 51.91 -72.61 42.38
C VAL XB 61 52.20 -72.50 43.88
N VAL XB 62 51.29 -71.86 44.61
CA VAL XB 62 51.47 -71.57 46.03
C VAL XB 62 50.43 -72.37 46.82
N ASN XB 63 50.88 -73.01 47.89
CA ASN XB 63 49.97 -73.60 48.86
C ASN XB 63 49.48 -72.50 49.80
N LEU XB 64 48.18 -72.47 50.04
CA LEU XB 64 47.57 -71.42 50.83
C LEU XB 64 47.20 -71.94 52.22
N THR XB 65 47.76 -71.32 53.25
CA THR XB 65 47.50 -71.72 54.63
C THR XB 65 46.16 -71.22 55.16
N GLY XB 66 45.56 -70.22 54.53
CA GLY XB 66 44.31 -69.69 55.00
C GLY XB 66 44.40 -68.64 56.08
N ARG XB 67 45.59 -68.11 56.35
CA ARG XB 67 45.75 -67.03 57.33
C ARG XB 67 46.07 -65.70 56.66
N LEU XB 68 45.57 -65.49 55.45
CA LEU XB 68 45.80 -64.26 54.70
C LEU XB 68 44.51 -63.45 54.65
N ASN XB 69 44.64 -62.13 54.69
CA ASN XB 69 43.48 -61.25 54.61
C ASN XB 69 43.49 -60.38 53.35
N LYS XB 70 44.62 -59.75 53.05
CA LYS XB 70 44.73 -58.94 51.84
C LYS XB 70 46.20 -58.79 51.50
N CYS XB 71 46.51 -58.85 50.20
CA CYS XB 71 47.87 -58.79 49.70
C CYS XB 71 47.98 -57.84 48.52
N GLY XB 72 47.44 -56.62 48.70
CA GLY XB 72 47.41 -55.65 47.63
C GLY XB 72 48.78 -55.09 47.27
N VAL XB 73 48.77 -54.24 46.24
CA VAL XB 73 49.97 -53.68 45.65
C VAL XB 73 49.79 -52.17 45.49
N ILE XB 74 50.90 -51.45 45.41
CA ILE XB 74 50.91 -50.05 45.03
C ILE XB 74 51.70 -49.96 43.73
N SER XB 75 51.00 -49.89 42.60
CA SER XB 75 51.67 -49.92 41.29
C SER XB 75 52.62 -48.74 41.08
N PRO XB 76 52.25 -47.48 41.35
CA PRO XB 76 53.26 -46.42 41.22
C PRO XB 76 54.31 -46.56 42.32
N ARG XB 77 55.49 -47.03 41.93
CA ARG XB 77 56.53 -47.39 42.88
C ARG XB 77 57.12 -46.11 43.45
N PHE XB 78 56.39 -45.52 44.39
CA PHE XB 78 56.78 -44.23 44.96
C PHE XB 78 58.04 -44.39 45.79
N ASP XB 79 58.89 -43.36 45.74
CA ASP XB 79 60.02 -43.28 46.65
C ASP XB 79 59.50 -43.09 48.07
N VAL XB 80 59.90 -43.99 48.97
CA VAL XB 80 59.50 -43.92 50.38
C VAL XB 80 60.76 -43.68 51.20
N GLN XB 81 60.85 -42.51 51.80
CA GLN XB 81 62.00 -42.19 52.63
C GLN XB 81 61.72 -42.56 54.08
N LEU XB 82 62.79 -42.60 54.88
CA LEU XB 82 62.64 -43.06 56.24
C LEU XB 82 61.83 -42.11 57.09
N LYS XB 83 61.78 -40.82 56.75
CA LYS XB 83 61.00 -39.89 57.56
C LYS XB 83 59.51 -40.02 57.30
N ASP XB 84 59.10 -40.36 56.07
CA ASP XB 84 57.70 -40.51 55.73
C ASP XB 84 57.22 -41.95 55.81
N LEU XB 85 58.07 -42.87 56.30
CA LEU XB 85 57.71 -44.27 56.36
C LEU XB 85 56.52 -44.50 57.30
N GLU XB 86 56.47 -43.77 58.41
CA GLU XB 86 55.39 -43.95 59.37
C GLU XB 86 54.05 -43.59 58.76
N LYS XB 87 54.00 -42.52 57.97
CA LYS XB 87 52.73 -42.11 57.37
C LYS XB 87 52.20 -43.18 56.43
N TRP XB 88 53.08 -43.76 55.62
CA TRP XB 88 52.65 -44.86 54.75
C TRP XB 88 52.25 -46.07 55.57
N GLN XB 89 53.00 -46.37 56.63
CA GLN XB 89 52.74 -47.56 57.43
C GLN XB 89 51.38 -47.49 58.09
N ASN XB 90 51.04 -46.35 58.67
CA ASN XB 90 49.74 -46.22 59.31
C ASN XB 90 48.65 -45.72 58.36
N ASN XB 91 48.99 -45.48 57.09
CA ASN XB 91 47.95 -45.31 56.09
C ASN XB 91 47.54 -46.64 55.45
N LEU XB 92 48.43 -47.62 55.46
CA LEU XB 92 48.11 -48.87 54.79
C LEU XB 92 47.96 -50.06 55.73
N LEU XB 93 48.70 -50.10 56.83
CA LEU XB 93 48.52 -51.31 57.63
C LEU XB 93 47.24 -51.23 58.44
N PRO XB 94 46.60 -52.37 58.70
CA PRO XB 94 45.41 -52.37 59.56
C PRO XB 94 45.69 -51.87 60.96
N SER XB 95 46.87 -52.13 61.50
CA SER XB 95 47.21 -51.69 62.85
C SER XB 95 48.73 -51.65 62.96
N ARG XB 96 49.20 -51.11 64.07
CA ARG XB 96 50.62 -51.13 64.39
C ARG XB 96 51.05 -52.46 64.98
N GLN XB 97 50.13 -53.40 65.16
CA GLN XB 97 50.43 -54.67 65.80
C GLN XB 97 50.73 -55.78 64.81
N PHE XB 98 50.29 -55.66 63.57
CA PHE XB 98 50.61 -56.65 62.55
C PHE XB 98 50.53 -55.99 61.19
N GLY XB 99 50.64 -56.80 60.14
CA GLY XB 99 50.66 -56.28 58.80
C GLY XB 99 52.06 -55.96 58.36
N PHE XB 100 52.34 -56.08 57.06
CA PHE XB 100 53.67 -55.81 56.55
C PHE XB 100 53.59 -55.04 55.25
N ILE XB 101 54.59 -54.22 55.01
CA ILE XB 101 54.72 -53.46 53.78
C ILE XB 101 56.08 -53.76 53.19
N VAL XB 102 56.09 -54.41 52.04
CA VAL XB 102 57.32 -54.84 51.38
C VAL XB 102 57.70 -53.78 50.36
N LEU XB 103 58.96 -53.36 50.38
CA LEU XB 103 59.47 -52.40 49.41
C LEU XB 103 60.86 -52.82 48.97
N THR XB 104 61.15 -52.55 47.70
CA THR XB 104 62.51 -52.73 47.20
C THR XB 104 63.40 -51.66 47.83
N THR XB 105 64.60 -52.05 48.22
CA THR XB 105 65.56 -51.13 48.80
C THR XB 105 66.92 -51.34 48.16
N SER XB 106 67.87 -50.50 48.58
CA SER XB 106 69.23 -50.62 48.10
C SER XB 106 69.85 -51.94 48.49
N ALA XB 107 69.61 -52.40 49.72
CA ALA XB 107 70.14 -53.67 50.17
C ALA XB 107 69.35 -54.87 49.67
N GLY XB 108 68.23 -54.65 49.00
CA GLY XB 108 67.42 -55.74 48.51
C GLY XB 108 65.94 -55.53 48.71
N ILE XB 109 65.16 -56.60 48.61
CA ILE XB 109 63.72 -56.54 48.81
C ILE XB 109 63.40 -57.14 50.18
N MET XB 110 62.66 -56.38 50.99
CA MET XB 110 62.37 -56.74 52.37
C MET XB 110 61.28 -55.80 52.87
N ASP XB 111 60.71 -56.14 54.02
CA ASP XB 111 59.60 -55.36 54.53
C ASP XB 111 60.09 -54.05 55.14
N HIS XB 112 59.14 -53.29 55.66
CA HIS XB 112 59.48 -52.03 56.30
C HIS XB 112 60.26 -52.24 57.59
N GLU XB 113 59.99 -53.33 58.30
CA GLU XB 113 60.60 -53.54 59.62
C GLU XB 113 62.11 -53.68 59.52
N GLU XB 114 62.58 -54.53 58.60
CA GLU XB 114 64.01 -54.73 58.46
C GLU XB 114 64.69 -53.47 57.94
N ALA XB 115 64.03 -52.75 57.03
CA ALA XB 115 64.61 -51.52 56.50
C ALA XB 115 64.79 -50.49 57.59
N ARG XB 116 63.78 -50.31 58.45
CA ARG XB 116 63.95 -49.42 59.58
C ARG XB 116 65.00 -49.95 60.56
N ARG XB 117 65.13 -51.27 60.65
CA ARG XB 117 66.18 -51.84 61.50
C ARG XB 117 67.55 -51.42 61.01
N LYS XB 118 67.75 -51.42 59.70
CA LYS XB 118 69.04 -51.09 59.12
C LYS XB 118 69.06 -49.73 58.44
N HIS XB 119 68.05 -48.89 58.70
CA HIS XB 119 68.05 -47.48 58.33
C HIS XB 119 68.26 -47.28 56.83
N THR XB 120 67.29 -47.77 56.05
CA THR XB 120 67.34 -47.57 54.62
C THR XB 120 65.94 -47.37 54.08
N GLY XB 121 65.84 -46.54 53.04
CA GLY XB 121 64.59 -46.34 52.33
C GLY XB 121 64.61 -47.04 50.98
N GLY XB 122 63.61 -46.70 50.17
CA GLY XB 122 63.52 -47.24 48.83
C GLY XB 122 62.18 -47.02 48.17
N LYS XB 123 61.95 -47.70 47.06
CA LYS XB 123 60.72 -47.56 46.29
C LYS XB 123 59.68 -48.53 46.82
N ILE XB 124 58.44 -48.06 46.91
CA ILE XB 124 57.38 -48.89 47.47
C ILE XB 124 57.03 -50.01 46.49
N LEU XB 125 56.70 -51.19 47.02
CA LEU XB 125 56.28 -52.31 46.20
C LEU XB 125 54.84 -52.72 46.48
N GLY XB 126 54.54 -53.13 47.70
CA GLY XB 126 53.22 -53.61 48.02
C GLY XB 126 53.09 -53.91 49.49
N PHE XB 127 51.95 -54.48 49.86
CA PHE XB 127 51.66 -54.70 51.26
C PHE XB 127 50.84 -55.98 51.40
N PHE XB 128 50.86 -56.53 52.61
CA PHE XB 128 49.99 -57.66 52.93
C PHE XB 128 49.75 -57.68 54.43
N PHE XB 129 48.61 -58.23 54.82
CA PHE XB 129 48.29 -58.38 56.23
C PHE XB 129 47.27 -59.49 56.44
N GLY YB 1 39.17 -45.32 34.89
CA GLY YB 1 39.83 -44.84 36.09
C GLY YB 1 40.69 -43.63 35.81
N LYS YB 2 41.47 -43.21 36.80
CA LYS YB 2 42.35 -42.06 36.66
C LYS YB 2 43.79 -42.54 36.45
N CYS YB 3 44.60 -41.65 35.88
CA CYS YB 3 45.99 -41.98 35.60
C CYS YB 3 46.79 -42.09 36.90
N ARG YB 4 47.83 -42.91 36.87
CA ARG YB 4 48.65 -43.15 38.07
C ARG YB 4 50.14 -43.20 37.75
N GLY YB 5 50.56 -42.64 36.61
CA GLY YB 5 51.96 -42.66 36.27
C GLY YB 5 52.79 -41.75 37.15
N LEU YB 6 54.10 -41.99 37.14
CA LEU YB 6 55.01 -41.18 37.97
C LEU YB 6 55.16 -39.77 37.45
N ARG YB 7 55.09 -39.60 36.13
CA ARG YB 7 55.31 -38.30 35.50
C ARG YB 7 54.02 -37.79 34.87
N THR YB 8 52.92 -37.96 35.59
CA THR YB 8 51.61 -37.47 35.16
C THR YB 8 51.13 -36.30 36.00
N ALA YB 9 52.01 -35.71 36.80
CA ALA YB 9 51.58 -34.63 37.70
C ALA YB 9 51.09 -33.41 36.94
N ARG YB 10 51.69 -33.13 35.77
CA ARG YB 10 51.25 -32.01 34.97
C ARG YB 10 49.79 -32.17 34.56
N LYS YB 11 49.44 -33.33 34.01
CA LYS YB 11 48.06 -33.58 33.66
C LYS YB 11 47.16 -33.57 34.89
N LEU YB 12 47.66 -34.08 36.02
CA LEU YB 12 46.85 -34.12 37.22
C LEU YB 12 46.45 -32.73 37.68
N ARG YB 13 47.44 -31.84 37.83
CA ARG YB 13 47.13 -30.48 38.21
C ARG YB 13 46.33 -29.76 37.14
N SER YB 14 46.55 -30.10 35.86
CA SER YB 14 45.78 -29.48 34.79
C SER YB 14 44.31 -29.81 34.90
N HIS YB 15 43.99 -31.09 35.01
CA HIS YB 15 42.60 -31.52 35.09
C HIS YB 15 41.99 -31.08 36.41
N ARG YB 16 42.80 -30.94 37.45
CA ARG YB 16 42.31 -30.42 38.72
C ARG YB 16 41.90 -28.96 38.59
N ARG YB 17 42.78 -28.12 38.05
CA ARG YB 17 42.43 -26.71 37.90
C ARG YB 17 41.37 -26.49 36.84
N ASP YB 18 41.17 -27.46 35.94
CA ASP YB 18 40.10 -27.35 34.97
C ASP YB 18 38.74 -27.66 35.61
N GLN YB 19 38.67 -28.73 36.40
CA GLN YB 19 37.41 -29.15 36.99
C GLN YB 19 36.98 -28.27 38.15
N LYS YB 20 37.86 -27.41 38.65
CA LYS YB 20 37.46 -26.49 39.70
C LYS YB 20 36.55 -25.38 39.18
N TRP YB 21 36.38 -25.26 37.87
CA TRP YB 21 35.61 -24.18 37.30
C TRP YB 21 34.13 -24.47 37.18
N HIS YB 22 33.66 -25.62 37.66
CA HIS YB 22 32.26 -25.98 37.49
C HIS YB 22 31.42 -25.78 38.75
N ASP YB 23 32.03 -25.83 39.93
CA ASP YB 23 31.28 -25.63 41.16
C ASP YB 23 31.08 -24.13 41.38
N LYS YB 24 29.93 -23.80 41.95
CA LYS YB 24 29.52 -22.39 41.99
C LYS YB 24 30.43 -21.56 42.88
N GLN YB 25 30.93 -22.16 43.96
CA GLN YB 25 31.72 -21.41 44.93
C GLN YB 25 33.00 -20.89 44.30
N TYR YB 26 33.78 -21.77 43.67
CA TYR YB 26 35.01 -21.36 43.01
C TYR YB 26 34.74 -20.40 41.86
N LYS YB 27 33.66 -20.66 41.11
CA LYS YB 27 33.31 -19.80 39.99
C LYS YB 27 33.07 -18.37 40.46
N LYS YB 28 32.24 -18.20 41.49
CA LYS YB 28 32.02 -16.88 42.06
C LYS YB 28 33.30 -16.30 42.65
N ALA YB 29 34.09 -17.13 43.33
CA ALA YB 29 35.24 -16.63 44.07
C ALA YB 29 36.36 -16.15 43.16
N HIS YB 30 36.49 -16.71 41.97
CA HIS YB 30 37.65 -16.40 41.14
C HIS YB 30 37.29 -15.85 39.77
N LEU YB 31 36.00 -15.75 39.43
CA LEU YB 31 35.66 -15.18 38.13
C LEU YB 31 35.62 -13.66 38.16
N GLY YB 32 35.30 -13.08 39.31
CA GLY YB 32 35.28 -11.64 39.46
C GLY YB 32 34.02 -10.98 38.94
N THR YB 33 33.27 -11.65 38.06
CA THR YB 33 32.05 -11.06 37.54
C THR YB 33 30.99 -10.88 38.61
N ALA YB 34 30.93 -11.79 39.59
CA ALA YB 34 30.03 -11.60 40.71
C ALA YB 34 30.54 -10.49 41.63
N LEU YB 35 31.86 -10.36 41.72
CA LEU YB 35 32.44 -9.26 42.49
C LEU YB 35 32.03 -7.92 41.90
N LYS YB 36 32.02 -7.81 40.58
CA LYS YB 36 31.49 -6.61 39.95
C LYS YB 36 29.99 -6.50 40.13
N ALA YB 37 29.28 -7.63 40.05
CA ALA YB 37 27.85 -7.65 40.30
C ALA YB 37 27.52 -7.47 41.77
N ASN YB 38 28.50 -7.59 42.65
CA ASN YB 38 28.28 -7.31 44.06
C ASN YB 38 27.99 -5.83 44.26
N PRO YB 39 26.83 -5.46 44.80
CA PRO YB 39 26.61 -4.04 45.13
C PRO YB 39 27.61 -3.50 46.13
N PHE YB 40 28.07 -4.31 47.07
CA PHE YB 40 29.08 -3.86 48.02
C PHE YB 40 30.49 -3.94 47.44
N GLY YB 41 30.67 -4.62 46.31
CA GLY YB 41 31.99 -4.80 45.75
C GLY YB 41 32.92 -5.56 46.68
N GLY YB 42 32.40 -6.58 47.35
CA GLY YB 42 33.18 -7.33 48.31
C GLY YB 42 33.24 -6.71 49.68
N ALA YB 43 32.27 -5.88 50.04
CA ALA YB 43 32.26 -5.22 51.34
C ALA YB 43 31.29 -5.90 52.29
N SER YB 44 31.58 -5.79 53.58
CA SER YB 44 30.64 -6.27 54.59
C SER YB 44 29.55 -5.23 54.86
N HIS YB 45 29.92 -3.96 54.91
CA HIS YB 45 29.02 -2.88 55.25
C HIS YB 45 29.21 -1.75 54.25
N ALA YB 46 28.18 -0.92 54.10
CA ALA YB 46 28.30 0.27 53.27
C ALA YB 46 27.37 1.36 53.80
N LYS YB 47 27.71 2.60 53.48
CA LYS YB 47 26.90 3.75 53.83
C LYS YB 47 26.01 4.12 52.66
N GLY YB 48 24.78 4.51 52.97
CA GLY YB 48 23.84 4.85 51.91
C GLY YB 48 22.82 5.86 52.40
N ILE YB 49 22.14 6.47 51.43
CA ILE YB 49 21.18 7.53 51.68
C ILE YB 49 19.79 7.00 51.37
N VAL YB 50 18.85 7.19 52.29
CA VAL YB 50 17.51 6.65 52.13
C VAL YB 50 16.84 7.38 50.99
N LEU YB 51 16.69 6.71 49.84
CA LEU YB 51 15.97 7.32 48.73
C LEU YB 51 14.48 7.31 48.96
N GLU YB 52 13.93 6.21 49.48
CA GLU YB 52 12.50 6.07 49.67
C GLU YB 52 12.25 5.00 50.71
N LYS YB 53 11.00 4.93 51.18
CA LYS YB 53 10.54 3.90 52.11
C LYS YB 53 9.49 3.06 51.41
N VAL YB 54 9.68 1.74 51.40
CA VAL YB 54 8.84 0.84 50.61
C VAL YB 54 8.36 -0.33 51.46
N GLY YB 55 7.31 -0.98 50.98
CA GLY YB 55 6.74 -2.15 51.64
C GLY YB 55 6.84 -3.36 50.73
N VAL YB 56 7.24 -4.49 51.31
CA VAL YB 56 7.59 -5.68 50.55
C VAL YB 56 6.68 -6.83 50.95
N GLU YB 57 6.08 -7.49 49.96
CA GLU YB 57 5.20 -8.61 50.20
C GLU YB 57 5.97 -9.87 50.57
N ALA YB 58 5.37 -10.69 51.43
CA ALA YB 58 5.94 -11.97 51.79
C ALA YB 58 5.67 -13.00 50.71
N LYS YB 59 6.22 -14.20 50.89
CA LYS YB 59 6.06 -15.28 49.93
C LYS YB 59 4.67 -15.89 50.07
N GLN YB 60 4.45 -17.00 49.37
CA GLN YB 60 3.09 -17.52 49.22
C GLN YB 60 2.48 -18.07 50.51
N PRO YB 61 3.08 -19.02 51.23
CA PRO YB 61 2.38 -19.56 52.40
C PRO YB 61 2.24 -18.54 53.53
N ASN YB 62 3.05 -17.49 53.52
CA ASN YB 62 2.93 -16.43 54.51
C ASN YB 62 2.22 -15.22 53.92
N SER YB 63 2.01 -14.20 54.76
CA SER YB 63 1.38 -12.96 54.32
C SER YB 63 1.82 -11.84 55.26
N ALA YB 64 2.74 -11.00 54.80
CA ALA YB 64 3.19 -9.87 55.59
C ALA YB 64 3.73 -8.80 54.66
N ILE YB 65 3.75 -7.57 55.16
CA ILE YB 65 4.25 -6.41 54.42
C ILE YB 65 5.60 -6.06 55.02
N ARG YB 66 6.66 -6.62 54.47
CA ARG YB 66 8.00 -6.35 54.98
C ARG YB 66 8.40 -4.92 54.66
N LYS YB 67 8.86 -4.21 55.69
CA LYS YB 67 9.21 -2.80 55.56
C LYS YB 67 10.66 -2.67 55.12
N CYS YB 68 10.86 -2.28 53.86
CA CYS YB 68 12.20 -2.05 53.34
C CYS YB 68 12.32 -0.60 52.89
N VAL YB 69 13.52 -0.24 52.43
CA VAL YB 69 13.80 1.09 51.93
C VAL YB 69 14.61 0.98 50.65
N ARG YB 70 14.38 1.90 49.73
CA ARG YB 70 15.26 2.05 48.58
C ARG YB 70 16.35 3.04 48.94
N VAL YB 71 17.60 2.65 48.74
CA VAL YB 71 18.75 3.43 49.21
C VAL YB 71 19.79 3.50 48.11
N GLN YB 72 20.31 4.69 47.86
CA GLN YB 72 21.44 4.88 46.96
C GLN YB 72 22.72 4.86 47.77
N LEU YB 73 23.67 4.03 47.34
CA LEU YB 73 24.97 3.99 48.00
C LEU YB 73 25.76 5.24 47.66
N ILE YB 74 26.51 5.75 48.65
CA ILE YB 74 27.41 6.87 48.40
C ILE YB 74 28.49 6.47 47.41
N LYS YB 75 29.13 5.33 47.64
CA LYS YB 75 30.06 4.78 46.67
C LYS YB 75 29.28 4.18 45.50
N ASN YB 76 29.84 4.34 44.29
CA ASN YB 76 29.44 3.65 43.06
C ASN YB 76 28.00 3.85 42.63
N GLY YB 77 27.24 4.69 43.35
CA GLY YB 77 25.93 5.15 42.91
C GLY YB 77 24.92 4.08 42.59
N LYS YB 78 24.97 2.94 43.27
CA LYS YB 78 24.02 1.87 43.01
C LYS YB 78 22.80 2.00 43.91
N LYS YB 79 21.71 1.35 43.50
CA LYS YB 79 20.46 1.36 44.23
C LYS YB 79 20.07 -0.07 44.60
N ILE YB 80 19.81 -0.30 45.89
CA ILE YB 80 19.56 -1.62 46.44
C ILE YB 80 18.31 -1.58 47.31
N THR YB 81 18.02 -2.71 47.94
CA THR YB 81 16.92 -2.81 48.90
C THR YB 81 17.38 -3.57 50.13
N ALA YB 82 17.22 -2.93 51.29
CA ALA YB 82 17.59 -3.51 52.58
C ALA YB 82 16.37 -3.52 53.49
N PHE YB 83 16.27 -4.55 54.33
CA PHE YB 83 15.11 -4.68 55.19
C PHE YB 83 15.32 -3.96 56.51
N VAL YB 84 14.21 -3.59 57.14
CA VAL YB 84 14.21 -3.02 58.48
C VAL YB 84 13.86 -4.14 59.46
N PRO YB 85 14.85 -4.74 60.10
CA PRO YB 85 14.60 -5.96 60.89
C PRO YB 85 14.26 -5.68 62.36
N ASN YB 86 13.06 -5.15 62.59
CA ASN YB 86 12.49 -5.04 63.92
C ASN YB 86 10.99 -4.84 63.78
N ASP YB 87 10.32 -4.67 64.92
CA ASP YB 87 8.89 -4.39 64.92
C ASP YB 87 8.61 -2.94 64.53
N GLY YB 88 9.42 -2.01 65.01
CA GLY YB 88 9.10 -0.61 64.81
C GLY YB 88 10.26 0.31 64.50
N CYS YB 89 11.32 -0.17 63.86
CA CYS YB 89 12.41 0.73 63.50
C CYS YB 89 12.09 1.58 62.28
N LEU YB 90 10.95 1.36 61.62
CA LEU YB 90 10.56 2.24 60.52
C LEU YB 90 10.28 3.66 61.01
N ASN YB 91 9.78 3.80 62.24
CA ASN YB 91 9.48 5.12 62.77
C ASN YB 91 10.73 5.93 63.01
N PHE YB 92 11.83 5.27 63.37
CA PHE YB 92 13.12 5.96 63.42
C PHE YB 92 13.59 6.41 62.05
N ILE YB 93 13.04 5.85 60.98
CA ILE YB 93 13.49 6.10 59.62
C ILE YB 93 12.63 7.21 59.02
N GLU YB 94 13.28 8.20 58.42
CA GLU YB 94 12.63 9.21 57.61
C GLU YB 94 13.44 9.38 56.32
N GLU YB 95 12.98 10.28 55.46
CA GLU YB 95 13.63 10.45 54.17
C GLU YB 95 15.05 11.00 54.31
N ASN YB 96 15.90 10.56 53.39
CA ASN YB 96 17.26 11.09 53.23
C ASN YB 96 18.13 10.87 54.45
N ASP YB 97 18.22 9.65 54.95
CA ASP YB 97 19.06 9.37 56.10
C ASP YB 97 20.28 8.56 55.69
N GLU YB 98 21.42 8.91 56.28
CA GLU YB 98 22.69 8.24 56.02
C GLU YB 98 22.71 6.94 56.83
N VAL YB 99 22.22 5.87 56.22
CA VAL YB 99 22.09 4.58 56.88
C VAL YB 99 23.32 3.74 56.59
N LEU YB 100 23.58 2.78 57.46
CA LEU YB 100 24.60 1.77 57.22
C LEU YB 100 23.91 0.44 57.03
N VAL YB 101 24.23 -0.22 55.90
CA VAL YB 101 23.62 -1.50 55.55
C VAL YB 101 24.73 -2.53 55.43
N ALA YB 102 24.40 -3.76 55.80
CA ALA YB 102 25.33 -4.88 55.71
C ALA YB 102 24.67 -6.04 54.98
N GLY YB 103 25.37 -7.18 54.98
CA GLY YB 103 24.82 -8.38 54.42
C GLY YB 103 23.60 -8.85 55.18
N PHE YB 104 22.76 -9.62 54.50
CA PHE YB 104 21.47 -10.00 55.03
C PHE YB 104 21.42 -11.43 55.53
N GLY YB 105 22.53 -12.16 55.45
CA GLY YB 105 22.61 -13.43 56.13
C GLY YB 105 23.24 -14.59 55.39
N ARG YB 106 23.07 -14.69 54.07
CA ARG YB 106 23.59 -15.84 53.35
C ARG YB 106 24.25 -15.42 52.04
N LYS YB 107 25.15 -14.43 52.14
CA LYS YB 107 26.12 -14.13 51.08
C LYS YB 107 25.43 -13.73 49.78
N GLY YB 108 24.66 -12.65 49.86
CA GLY YB 108 24.01 -12.13 48.67
C GLY YB 108 22.89 -13.00 48.13
N HIS YB 109 22.23 -13.76 48.98
CA HIS YB 109 21.14 -14.63 48.57
C HIS YB 109 19.87 -14.25 49.34
N ALA YB 110 18.72 -14.48 48.69
CA ALA YB 110 17.45 -14.19 49.33
C ALA YB 110 17.24 -15.04 50.57
N VAL YB 111 16.64 -14.44 51.59
CA VAL YB 111 16.42 -15.08 52.89
C VAL YB 111 14.94 -15.07 53.19
N GLY YB 112 14.40 -16.23 53.57
CA GLY YB 112 13.06 -16.31 54.09
C GLY YB 112 12.00 -15.98 53.06
N ASP YB 113 10.87 -15.47 53.54
CA ASP YB 113 9.72 -15.18 52.70
C ASP YB 113 9.81 -13.80 52.04
N ILE YB 114 10.94 -13.12 52.15
CA ILE YB 114 11.14 -11.82 51.53
C ILE YB 114 11.84 -12.06 50.20
N PRO YB 115 11.22 -11.75 49.06
CA PRO YB 115 11.89 -11.97 47.77
C PRO YB 115 12.82 -10.82 47.43
N GLY YB 116 14.02 -11.16 46.98
CA GLY YB 116 14.94 -10.19 46.40
C GLY YB 116 15.44 -9.11 47.34
N VAL YB 117 15.73 -9.48 48.59
CA VAL YB 117 16.31 -8.54 49.55
C VAL YB 117 17.56 -9.17 50.14
N ARG YB 118 18.71 -8.55 49.89
CA ARG YB 118 19.99 -9.10 50.33
C ARG YB 118 20.79 -8.14 51.18
N PHE YB 119 20.16 -7.17 51.81
CA PHE YB 119 20.80 -6.31 52.80
C PHE YB 119 19.81 -5.97 53.90
N LYS YB 120 20.35 -5.40 54.99
CA LYS YB 120 19.54 -4.94 56.10
C LYS YB 120 20.24 -3.75 56.75
N VAL YB 121 19.46 -2.94 57.45
CA VAL YB 121 19.97 -1.69 58.03
C VAL YB 121 20.43 -1.95 59.46
N VAL YB 122 21.65 -1.53 59.78
CA VAL YB 122 22.18 -1.62 61.13
C VAL YB 122 22.12 -0.28 61.85
N LYS YB 123 22.67 0.76 61.24
CA LYS YB 123 22.67 2.09 61.82
C LYS YB 123 22.02 3.06 60.84
N VAL YB 124 21.32 4.04 61.41
CA VAL YB 124 20.72 5.12 60.65
C VAL YB 124 21.26 6.44 61.22
N ALA YB 125 21.68 7.34 60.34
CA ALA YB 125 22.14 8.67 60.72
C ALA YB 125 23.21 8.60 61.81
N ASN YB 126 24.10 7.61 61.68
CA ASN YB 126 25.20 7.39 62.62
C ASN YB 126 24.68 7.16 64.05
N VAL YB 127 23.55 6.49 64.17
CA VAL YB 127 23.10 5.98 65.47
C VAL YB 127 22.55 4.58 65.26
N SER YB 128 22.90 3.68 66.16
CA SER YB 128 22.55 2.28 66.04
C SER YB 128 21.05 2.06 66.18
N LEU YB 129 20.49 1.23 65.29
CA LEU YB 129 19.09 0.87 65.44
C LEU YB 129 18.85 0.02 66.68
N LEU YB 130 19.90 -0.67 67.15
CA LEU YB 130 19.78 -1.40 68.42
C LEU YB 130 19.47 -0.46 69.56
N ALA YB 131 20.27 0.60 69.72
CA ALA YB 131 20.06 1.53 70.82
C ALA YB 131 18.74 2.28 70.67
N LEU YB 132 18.36 2.59 69.43
CA LEU YB 132 17.09 3.29 69.22
C LEU YB 132 15.91 2.41 69.58
N TYR YB 133 15.89 1.17 69.10
CA TYR YB 133 14.78 0.28 69.42
C TYR YB 133 14.71 -0.04 70.90
N LYS YB 134 15.86 -0.30 71.53
CA LYS YB 134 15.89 -0.43 72.98
C LYS YB 134 15.70 0.90 73.69
N GLY YB 135 15.79 2.02 72.97
CA GLY YB 135 15.69 3.31 73.60
C GLY YB 135 16.90 3.71 74.40
N LYS YB 136 18.06 3.10 74.15
CA LYS YB 136 19.27 3.47 74.87
C LYS YB 136 19.72 4.88 74.56
N LYS YB 137 19.44 5.39 73.37
CA LYS YB 137 19.74 6.77 73.03
C LYS YB 137 18.74 7.22 71.98
N GLU YB 138 18.57 8.54 71.89
CA GLU YB 138 17.46 9.15 71.18
C GLU YB 138 17.91 9.64 69.81
N ARG YB 139 16.93 9.87 68.95
CA ARG YB 139 17.19 10.34 67.60
C ARG YB 139 17.94 11.68 67.64
N PRO YB 140 18.89 11.91 66.72
CA PRO YB 140 19.62 13.19 66.72
C PRO YB 140 18.75 14.35 66.23
N ARG YB 141 17.93 14.83 67.15
CA ARG YB 141 17.02 15.95 66.90
C ARG YB 141 17.73 17.30 66.86
N ASN ZB 1 64.61 1.03 109.10
CA ASN ZB 1 66.00 1.17 109.51
C ASN ZB 1 66.37 0.13 110.56
N ASP ZB 2 65.37 -0.26 111.36
CA ASP ZB 2 65.60 -1.28 112.39
C ASP ZB 2 65.87 -2.64 111.76
N THR ZB 3 65.16 -2.97 110.66
CA THR ZB 3 65.39 -4.21 109.92
C THR ZB 3 65.68 -3.82 108.48
N VAL ZB 4 66.94 -3.49 108.21
CA VAL ZB 4 67.42 -3.08 106.90
C VAL ZB 4 68.86 -3.56 106.78
N THR ZB 5 69.15 -4.36 105.76
CA THR ZB 5 70.50 -4.88 105.58
C THR ZB 5 70.92 -4.72 104.12
N ILE ZB 6 72.22 -4.68 103.91
CA ILE ZB 6 72.80 -4.64 102.56
C ILE ZB 6 73.59 -5.91 102.34
N ARG ZB 7 73.21 -6.67 101.31
CA ARG ZB 7 73.94 -7.86 100.92
C ARG ZB 7 74.38 -7.68 99.49
N THR ZB 8 75.69 -7.66 99.26
CA THR ZB 8 76.21 -7.49 97.92
C THR ZB 8 76.43 -8.86 97.29
N ARG ZB 9 76.29 -8.89 95.97
CA ARG ZB 9 76.58 -10.10 95.21
C ARG ZB 9 76.99 -9.66 93.82
N LYS ZB 10 77.65 -10.57 93.10
CA LYS ZB 10 78.19 -10.29 91.78
C LYS ZB 10 79.16 -9.11 91.83
N PHE ZB 11 79.78 -8.92 93.00
CA PHE ZB 11 80.71 -7.83 93.21
C PHE ZB 11 81.96 -8.01 92.36
N MET ZB 12 82.48 -6.91 91.84
CA MET ZB 12 83.71 -6.95 91.06
C MET ZB 12 84.32 -5.57 91.02
N THR ZB 13 85.57 -5.52 90.61
CA THR ZB 13 86.30 -4.28 90.47
C THR ZB 13 86.92 -4.20 89.08
N ASN ZB 14 87.08 -2.98 88.58
CA ASN ZB 14 87.84 -2.75 87.37
C ASN ZB 14 88.55 -1.41 87.45
N ARG ZB 15 89.78 -1.38 86.96
CA ARG ZB 15 90.56 -0.17 86.90
C ARG ZB 15 90.32 0.60 85.60
N LEU ZB 16 89.60 0.01 84.66
CA LEU ZB 16 89.31 0.68 83.40
C LEU ZB 16 88.46 1.92 83.62
N LEU ZB 17 87.46 1.83 84.51
CA LEU ZB 17 86.65 2.97 84.88
C LEU ZB 17 86.90 3.41 86.32
N GLN ZB 18 87.91 2.82 86.97
CA GLN ZB 18 88.30 3.18 88.33
C GLN ZB 18 87.11 3.17 89.27
N ARG ZB 19 86.38 2.06 89.25
CA ARG ZB 19 85.21 1.91 90.10
C ARG ZB 19 85.07 0.44 90.44
N LYS ZB 20 84.27 0.17 91.47
CA LYS ZB 20 83.82 -1.17 91.78
C LYS ZB 20 82.30 -1.19 91.66
N GLN ZB 21 81.79 -2.07 90.82
CA GLN ZB 21 80.37 -2.16 90.57
C GLN ZB 21 79.85 -3.50 91.05
N MET ZB 22 78.63 -3.49 91.55
CA MET ZB 22 78.04 -4.65 92.18
C MET ZB 22 76.53 -4.49 92.17
N VAL ZB 23 75.83 -5.60 92.29
CA VAL ZB 23 74.37 -5.59 92.44
C VAL ZB 23 74.07 -5.92 93.89
N ILE ZB 24 73.18 -5.15 94.49
CA ILE ZB 24 72.88 -5.28 95.90
C ILE ZB 24 71.37 -5.32 96.08
N ASP ZB 25 70.96 -5.94 97.18
CA ASP ZB 25 69.56 -5.98 97.58
C ASP ZB 25 69.45 -5.48 99.01
N VAL ZB 26 68.38 -4.77 99.31
CA VAL ZB 26 68.13 -4.25 100.65
C VAL ZB 26 66.75 -4.74 101.10
N LEU ZB 27 66.67 -5.14 102.36
CA LEU ZB 27 65.47 -5.79 102.90
C LEU ZB 27 64.72 -4.83 103.81
N HIS ZB 28 63.49 -4.50 103.42
CA HIS ZB 28 62.56 -3.78 104.27
C HIS ZB 28 61.31 -4.64 104.42
N PRO ZB 29 61.27 -5.56 105.39
CA PRO ZB 29 60.24 -6.60 105.38
C PRO ZB 29 58.81 -6.10 105.52
N GLY ZB 30 58.58 -4.98 106.19
CA GLY ZB 30 57.22 -4.50 106.36
C GLY ZB 30 57.09 -3.04 106.00
N LYS ZB 31 58.13 -2.49 105.40
CA LYS ZB 31 58.25 -1.07 105.12
C LYS ZB 31 58.12 -0.82 103.63
N ALA ZB 32 58.12 0.46 103.27
CA ALA ZB 32 58.18 0.85 101.88
C ALA ZB 32 59.59 0.61 101.34
N THR ZB 33 59.76 0.85 100.04
CA THR ZB 33 61.09 0.76 99.44
C THR ZB 33 62.01 1.78 100.09
N VAL ZB 34 63.21 1.35 100.47
CA VAL ZB 34 64.10 2.22 101.24
C VAL ZB 34 64.64 3.32 100.32
N PRO ZB 35 64.63 4.59 100.76
CA PRO ZB 35 65.15 5.66 99.90
C PRO ZB 35 66.62 5.48 99.57
N LYS ZB 36 66.98 5.83 98.33
CA LYS ZB 36 68.33 5.60 97.84
C LYS ZB 36 69.37 6.30 98.71
N THR ZB 37 68.97 7.38 99.38
CA THR ZB 37 69.84 8.03 100.34
C THR ZB 37 70.35 7.05 101.39
N GLU ZB 38 69.44 6.31 102.03
CA GLU ZB 38 69.82 5.43 103.12
C GLU ZB 38 70.77 4.33 102.66
N ILE ZB 39 70.49 3.73 101.49
CA ILE ZB 39 71.42 2.76 100.93
C ILE ZB 39 72.76 3.42 100.68
N ARG ZB 40 72.75 4.69 100.26
CA ARG ZB 40 74.01 5.36 99.96
C ARG ZB 40 74.90 5.44 101.18
N GLU ZB 41 74.37 5.93 102.31
CA GLU ZB 41 75.28 6.00 103.46
C GLU ZB 41 75.50 4.62 104.07
N LYS ZB 42 74.55 3.69 103.94
CA LYS ZB 42 74.76 2.38 104.52
C LYS ZB 42 75.84 1.60 103.77
N LEU ZB 43 75.91 1.79 102.45
CA LEU ZB 43 77.01 1.25 101.66
C LEU ZB 43 78.30 2.02 101.89
N ALA ZB 44 78.17 3.32 102.20
CA ALA ZB 44 79.35 4.09 102.59
C ALA ZB 44 79.98 3.50 103.85
N LYS ZB 45 79.15 3.15 104.82
CA LYS ZB 45 79.65 2.57 106.05
C LYS ZB 45 80.06 1.12 105.87
N MET ZB 46 79.35 0.38 105.01
CA MET ZB 46 79.68 -1.02 104.77
C MET ZB 46 81.06 -1.16 104.16
N TYR ZB 47 81.41 -0.29 103.21
CA TYR ZB 47 82.73 -0.31 102.58
C TYR ZB 47 83.60 0.84 103.05
N LYS ZB 48 83.28 1.42 104.21
CA LYS ZB 48 84.14 2.38 104.90
C LYS ZB 48 84.40 3.62 104.05
N THR ZB 49 83.39 4.06 103.33
CA THR ZB 49 83.49 5.24 102.47
C THR ZB 49 82.49 6.30 102.93
N THR ZB 50 82.32 7.32 102.10
CA THR ZB 50 81.47 8.45 102.40
C THR ZB 50 80.23 8.44 101.51
N PRO ZB 51 79.08 8.92 102.01
CA PRO ZB 51 77.86 8.94 101.20
C PRO ZB 51 77.80 10.11 100.23
N ASP ZB 52 78.84 10.30 99.43
CA ASP ZB 52 78.86 11.32 98.39
C ASP ZB 52 79.33 10.81 97.04
N VAL ZB 53 80.16 9.78 97.01
CA VAL ZB 53 80.62 9.17 95.76
C VAL ZB 53 79.80 7.93 95.40
N ILE ZB 54 78.99 7.43 96.33
CA ILE ZB 54 78.16 6.26 96.08
C ILE ZB 54 77.13 6.60 95.01
N PHE ZB 55 77.00 5.74 94.01
CA PHE ZB 55 76.05 5.93 92.93
C PHE ZB 55 75.13 4.72 92.85
N VAL ZB 56 73.84 4.94 93.02
CA VAL ZB 56 72.86 3.87 92.95
C VAL ZB 56 71.71 4.32 92.06
N PHE ZB 57 70.99 3.34 91.51
CA PHE ZB 57 69.88 3.58 90.59
C PHE ZB 57 69.17 2.26 90.37
N GLY ZB 58 68.01 2.33 89.72
CA GLY ZB 58 67.33 1.12 89.26
C GLY ZB 58 66.90 0.19 90.37
N PHE ZB 59 66.29 0.73 91.42
CA PHE ZB 59 65.82 -0.09 92.55
C PHE ZB 59 64.38 -0.52 92.28
N ARG ZB 60 64.19 -1.80 91.99
CA ARG ZB 60 62.88 -2.38 91.71
C ARG ZB 60 62.51 -3.34 92.83
N THR ZB 61 61.31 -3.19 93.36
CA THR ZB 61 60.83 -4.02 94.45
C THR ZB 61 60.05 -5.20 93.90
N HIS ZB 62 60.44 -6.40 94.31
CA HIS ZB 62 59.72 -7.60 93.88
C HIS ZB 62 58.31 -7.61 94.47
N PHE ZB 63 57.48 -8.51 93.92
CA PHE ZB 63 56.10 -8.63 94.35
C PHE ZB 63 56.02 -9.04 95.82
N GLY ZB 64 55.11 -8.40 96.55
CA GLY ZB 64 54.99 -8.62 97.98
C GLY ZB 64 55.86 -7.71 98.82
N GLY ZB 65 56.67 -6.86 98.21
CA GLY ZB 65 57.54 -5.99 98.96
C GLY ZB 65 58.70 -6.76 99.60
N GLY ZB 66 59.37 -6.07 100.53
CA GLY ZB 66 60.48 -6.67 101.21
C GLY ZB 66 61.77 -6.48 100.45
N LYS ZB 67 62.14 -7.49 99.66
CA LYS ZB 67 63.38 -7.43 98.90
C LYS ZB 67 63.21 -6.55 97.66
N THR ZB 68 64.07 -5.54 97.56
CA THR ZB 68 64.20 -4.71 96.37
C THR ZB 68 65.66 -4.70 95.98
N THR ZB 69 65.92 -4.61 94.68
CA THR ZB 69 67.26 -4.80 94.14
C THR ZB 69 67.63 -3.68 93.19
N GLY ZB 70 68.86 -3.18 93.30
CA GLY ZB 70 69.37 -2.17 92.40
C GLY ZB 70 70.85 -2.39 92.14
N PHE ZB 71 71.39 -1.55 91.26
CA PHE ZB 71 72.78 -1.66 90.83
C PHE ZB 71 73.62 -0.68 91.65
N GLY ZB 72 74.70 -1.18 92.23
CA GLY ZB 72 75.58 -0.36 93.04
C GLY ZB 72 76.80 0.08 92.27
N MET ZB 73 77.17 1.35 92.45
CA MET ZB 73 78.33 1.94 91.78
C MET ZB 73 79.11 2.72 92.81
N ILE ZB 74 80.34 2.30 93.08
CA ILE ZB 74 81.24 3.03 93.97
C ILE ZB 74 82.51 3.34 93.20
N TYR ZB 75 83.00 4.56 93.34
CA TYR ZB 75 84.19 5.01 92.66
C TYR ZB 75 85.32 5.23 93.67
N ASP ZB 76 86.54 5.11 93.18
CA ASP ZB 76 87.70 5.30 94.06
C ASP ZB 76 87.80 6.74 94.54
N SER ZB 77 87.37 7.69 93.72
CA SER ZB 77 87.43 9.09 94.10
C SER ZB 77 86.25 9.83 93.48
N LEU ZB 78 85.89 10.97 94.09
CA LEU ZB 78 84.77 11.75 93.61
C LEU ZB 78 85.06 12.40 92.26
N ASP ZB 79 86.31 12.81 92.02
CA ASP ZB 79 86.65 13.40 90.72
C ASP ZB 79 86.48 12.40 89.59
N TYR ZB 80 86.94 11.16 89.80
CA TYR ZB 80 86.70 10.12 88.80
C TYR ZB 80 85.22 9.85 88.64
N ALA ZB 81 84.46 9.93 89.75
CA ALA ZB 81 83.02 9.74 89.68
C ALA ZB 81 82.37 10.80 88.80
N LYS ZB 82 82.82 12.04 88.92
CA LYS ZB 82 82.37 13.08 88.00
C LYS ZB 82 82.81 12.76 86.57
N LYS ZB 83 84.00 12.17 86.43
CA LYS ZB 83 84.60 11.97 85.12
C LYS ZB 83 83.77 11.03 84.25
N ASN ZB 84 83.44 9.84 84.76
CA ASN ZB 84 82.76 8.81 83.98
C ASN ZB 84 81.51 8.34 84.73
N GLU ZB 85 80.42 9.09 84.56
CA GLU ZB 85 79.13 8.77 85.13
C GLU ZB 85 78.05 9.54 84.36
N PRO ZB 86 76.91 8.91 84.06
CA PRO ZB 86 75.89 9.57 83.25
C PRO ZB 86 75.38 10.86 83.89
N LYS ZB 87 75.11 11.85 83.04
CA LYS ZB 87 74.88 13.21 83.50
C LYS ZB 87 73.60 13.33 84.30
N HIS ZB 88 72.60 12.49 84.01
CA HIS ZB 88 71.35 12.56 84.77
C HIS ZB 88 71.56 12.14 86.21
N ARG ZB 89 72.44 11.15 86.44
CA ARG ZB 89 72.75 10.76 87.81
C ARG ZB 89 73.59 11.83 88.51
N LEU ZB 90 74.41 12.56 87.75
CA LEU ZB 90 75.08 13.72 88.31
C LEU ZB 90 74.07 14.77 88.77
N ALA ZB 91 73.05 15.03 87.95
CA ALA ZB 91 72.04 16.00 88.33
C ALA ZB 91 71.16 15.51 89.47
N ARG ZB 92 71.02 14.19 89.60
CA ARG ZB 92 70.23 13.63 90.70
C ARG ZB 92 70.85 13.97 92.04
N HIS ZB 93 72.18 13.92 92.12
CA HIS ZB 93 72.90 14.27 93.34
C HIS ZB 93 73.13 15.77 93.49
N GLY ZB 94 72.81 16.57 92.47
CA GLY ZB 94 72.99 17.99 92.53
C GLY ZB 94 74.34 18.51 92.08
N LEU ZB 95 75.25 17.63 91.64
CA LEU ZB 95 76.54 18.05 91.12
C LEU ZB 95 76.44 18.68 89.74
N TYR ZB 96 75.31 18.53 89.07
CA TYR ZB 96 75.15 18.95 87.69
C TYR ZB 96 73.78 19.59 87.54
N GLU ZB 97 73.73 20.66 86.76
CA GLU ZB 97 72.50 21.40 86.53
C GLU ZB 97 72.08 21.26 85.07
N LYS ZB 98 70.78 21.12 84.85
CA LYS ZB 98 70.22 20.91 83.53
C LYS ZB 98 69.32 22.07 83.13
N LYS ZB 99 69.69 23.29 83.53
CA LYS ZB 99 68.90 24.49 83.27
C LYS ZB 99 69.09 24.89 81.82
N LYS ZB 100 68.30 24.29 80.94
CA LYS ZB 100 68.45 24.51 79.51
C LYS ZB 100 67.07 24.50 78.85
N THR ZB 101 67.03 24.97 77.60
CA THR ZB 101 65.80 25.21 76.89
C THR ZB 101 65.17 23.90 76.39
N SER ZB 102 63.97 24.02 75.84
CA SER ZB 102 63.31 22.86 75.27
C SER ZB 102 64.00 22.46 73.96
N ARG ZB 103 63.87 21.18 73.61
CA ARG ZB 103 64.43 20.69 72.37
C ARG ZB 103 63.76 21.35 71.17
N LYS ZB 104 62.46 21.57 71.26
CA LYS ZB 104 61.74 22.26 70.18
C LYS ZB 104 62.25 23.70 70.02
N GLN ZB 105 62.46 24.39 71.14
CA GLN ZB 105 62.98 25.74 71.07
C GLN ZB 105 64.37 25.75 70.44
N ARG ZB 106 65.19 24.76 70.79
CA ARG ZB 106 66.51 24.61 70.18
C ARG ZB 106 66.40 24.41 68.68
N LYS ZB 107 65.46 23.56 68.23
CA LYS ZB 107 65.33 23.30 66.80
C LYS ZB 107 64.81 24.54 66.06
N GLU ZB 108 63.90 25.29 66.69
CA GLU ZB 108 63.43 26.52 66.07
C GLU ZB 108 64.57 27.51 65.89
N ARG ZB 109 65.40 27.66 66.93
CA ARG ZB 109 66.57 28.53 66.81
C ARG ZB 109 67.52 28.04 65.72
N LYS ZB 110 67.72 26.71 65.63
CA LYS ZB 110 68.65 26.16 64.67
C LYS ZB 110 68.19 26.38 63.24
N ASN ZB 111 66.89 26.17 62.98
CA ASN ZB 111 66.40 26.32 61.61
C ASN ZB 111 66.22 27.78 61.23
N ARG ZB 112 65.88 28.64 62.20
CA ARG ZB 112 65.78 30.07 61.90
C ARG ZB 112 67.12 30.66 61.51
N MET ZB 113 68.20 30.24 62.18
CA MET ZB 113 69.54 30.73 61.87
C MET ZB 113 69.99 30.31 60.47
N LYS ZB 114 69.40 29.27 59.91
CA LYS ZB 114 69.74 28.84 58.55
C LYS ZB 114 69.37 29.88 57.51
N LYS ZB 115 68.43 30.78 57.81
CA LYS ZB 115 68.10 31.85 56.90
C LYS ZB 115 69.20 32.90 56.83
N VAL ZB 116 70.01 33.02 57.87
CA VAL ZB 116 71.09 34.00 57.94
C VAL ZB 116 72.39 33.31 57.59
N ARG ZB 117 73.09 33.84 56.59
CA ARG ZB 117 74.35 33.27 56.14
C ARG ZB 117 75.50 34.16 56.56
N GLY ZB 118 76.55 33.54 57.10
CA GLY ZB 118 77.80 34.23 57.30
C GLY ZB 118 77.80 35.26 58.41
N THR ZB 119 76.90 36.23 58.33
CA THR ZB 119 76.93 37.35 59.26
C THR ZB 119 76.70 36.88 60.69
N ALA ZB 120 77.78 36.86 61.47
CA ALA ZB 120 77.68 36.47 62.87
C ALA ZB 120 76.73 37.38 63.61
N LYS ZB 121 76.71 38.67 63.27
CA LYS ZB 121 75.87 39.61 63.98
C LYS ZB 121 74.39 39.31 63.79
N ALA ZB 122 73.99 38.95 62.57
CA ALA ZB 122 72.63 38.48 62.36
C ALA ZB 122 72.47 37.00 62.67
N ASN ZB 123 73.56 36.24 62.76
CA ASN ZB 123 73.45 34.82 63.07
C ASN ZB 123 73.15 34.60 64.54
N VAL ZB 124 73.79 35.35 65.43
CA VAL ZB 124 73.46 35.27 66.85
C VAL ZB 124 72.31 36.20 67.22
N GLY ZB 125 72.06 37.24 66.43
CA GLY ZB 125 70.93 38.10 66.63
C GLY ZB 125 69.65 37.63 65.97
N ALA ZB 126 69.70 36.50 65.27
CA ALA ZB 126 68.50 35.93 64.69
C ALA ZB 126 67.51 35.50 65.76
N GLY ZB 127 68.01 34.89 66.84
CA GLY ZB 127 67.17 34.43 67.93
C GLY ZB 127 66.85 35.46 68.97
N LYS ZB 128 67.33 36.70 68.80
CA LYS ZB 128 66.97 37.77 69.73
C LYS ZB 128 65.48 38.09 69.65
N LYS ZB 129 64.93 38.18 68.45
CA LYS ZB 129 63.59 38.69 68.22
C LYS ZB 129 62.49 37.66 68.48
N PRO ZB 130 62.50 36.47 67.83
CA PRO ZB 130 61.34 35.56 68.04
C PRO ZB 130 61.50 34.66 69.26
N LYS ZB 131 61.27 35.23 70.43
CA LYS ZB 131 61.39 34.49 71.68
C LYS ZB 131 60.15 33.63 71.90
N THR AC 1 13.24 -47.08 35.00
CA THR AC 1 13.63 -48.43 35.39
C THR AC 1 13.56 -49.38 34.21
N LYS AC 2 14.64 -50.14 34.00
CA LYS AC 2 14.68 -51.12 32.94
C LYS AC 2 13.71 -52.25 33.28
N LYS AC 3 12.58 -52.29 32.57
CA LYS AC 3 11.57 -53.29 32.87
C LYS AC 3 12.02 -54.68 32.46
N ARG AC 4 12.56 -54.82 31.26
CA ARG AC 4 12.94 -56.11 30.71
C ARG AC 4 14.42 -56.12 30.39
N ARG AC 5 15.07 -57.25 30.65
CA ARG AC 5 16.49 -57.37 30.33
C ARG AC 5 16.71 -57.35 28.83
N ASN AC 6 15.80 -57.95 28.07
CA ASN AC 6 15.90 -57.96 26.62
C ASN AC 6 15.45 -56.66 25.99
N ASN AC 7 14.96 -55.72 26.81
CA ASN AC 7 14.36 -54.47 26.33
C ASN AC 7 13.15 -54.74 25.44
N GLY AC 8 12.48 -55.87 25.66
CA GLY AC 8 11.28 -56.18 24.92
C GLY AC 8 11.51 -56.58 23.47
N ARG AC 9 12.70 -57.06 23.13
CA ARG AC 9 12.98 -57.44 21.76
C ARG AC 9 14.05 -58.52 21.77
N ALA AC 10 14.26 -59.13 20.61
CA ALA AC 10 15.22 -60.21 20.45
C ALA AC 10 16.54 -59.75 19.85
N LYS AC 11 16.76 -58.45 19.74
CA LYS AC 11 18.03 -57.94 19.22
C LYS AC 11 19.13 -58.19 20.24
N LYS AC 12 20.07 -59.07 19.91
CA LYS AC 12 21.20 -59.35 20.79
C LYS AC 12 22.53 -58.98 20.15
N GLY AC 13 22.83 -59.51 18.97
CA GLY AC 13 24.06 -59.18 18.30
C GLY AC 13 23.82 -58.47 16.99
N ARG AC 14 22.85 -57.58 16.97
CA ARG AC 14 22.48 -56.86 15.76
C ARG AC 14 22.43 -55.38 16.06
N GLY AC 15 22.71 -54.58 15.03
CA GLY AC 15 22.67 -53.14 15.18
C GLY AC 15 21.36 -52.54 14.71
N HIS AC 16 20.89 -52.97 13.54
CA HIS AC 16 19.61 -52.54 13.03
C HIS AC 16 18.87 -53.72 12.43
N VAL AC 17 17.55 -53.69 12.52
CA VAL AC 17 16.68 -54.71 11.94
C VAL AC 17 15.72 -54.01 11.00
N GLN AC 18 15.52 -54.60 9.82
CA GLN AC 18 14.53 -54.05 8.91
C GLN AC 18 13.14 -54.19 9.52
N PRO AC 19 12.27 -53.20 9.32
CA PRO AC 19 10.99 -53.18 10.00
C PRO AC 19 9.91 -53.96 9.25
N ILE AC 20 8.85 -54.29 9.99
CA ILE AC 20 7.67 -54.89 9.41
C ILE AC 20 6.47 -54.09 9.86
N ARG AC 21 5.41 -54.16 9.06
CA ARG AC 21 4.18 -53.42 9.30
C ARG AC 21 3.25 -54.27 10.16
N CYS AC 22 2.56 -53.62 11.10
CA CYS AC 22 1.59 -54.33 11.91
C CYS AC 22 0.44 -54.83 11.04
N THR AC 23 0.08 -56.09 11.20
CA THR AC 23 -1.02 -56.63 10.41
C THR AC 23 -2.35 -56.04 10.83
N ASN AC 24 -2.40 -55.30 11.93
CA ASN AC 24 -3.62 -54.65 12.38
C ASN AC 24 -3.64 -53.15 12.10
N CYS AC 25 -2.55 -52.43 12.36
CA CYS AC 25 -2.54 -50.99 12.14
C CYS AC 25 -1.42 -50.51 11.22
N ALA AC 26 -0.61 -51.42 10.68
CA ALA AC 26 0.45 -51.07 9.72
C ALA AC 26 1.50 -50.15 10.32
N ARG AC 27 1.75 -50.28 11.61
CA ARG AC 27 2.83 -49.56 12.26
C ARG AC 27 4.16 -50.21 11.95
N CYS AC 28 5.18 -49.38 11.71
CA CYS AC 28 6.53 -49.88 11.50
C CYS AC 28 7.03 -50.47 12.81
N VAL AC 29 7.27 -51.78 12.82
CA VAL AC 29 7.75 -52.46 14.01
C VAL AC 29 9.03 -53.22 13.65
N PRO AC 30 10.05 -53.20 14.49
CA PRO AC 30 11.19 -54.09 14.28
C PRO AC 30 10.75 -55.54 14.30
N LYS AC 31 11.37 -56.34 13.43
CA LYS AC 31 10.93 -57.72 13.25
C LYS AC 31 11.10 -58.54 14.53
N ASP AC 32 12.22 -58.37 15.21
CA ASP AC 32 12.47 -59.13 16.42
C ASP AC 32 11.66 -58.62 17.61
N LYS AC 33 11.29 -57.34 17.63
CA LYS AC 33 10.44 -56.82 18.67
C LYS AC 33 8.99 -57.25 18.51
N ALA AC 34 8.56 -57.48 17.27
CA ALA AC 34 7.15 -57.72 17.00
C ALA AC 34 6.68 -59.05 17.57
N ILE AC 35 5.36 -59.17 17.69
CA ILE AC 35 4.74 -60.39 18.18
C ILE AC 35 4.22 -61.18 17.00
N LYS AC 36 4.65 -62.44 16.89
CA LYS AC 36 4.31 -63.29 15.75
C LYS AC 36 3.36 -64.39 16.19
N LYS AC 37 2.26 -64.52 15.47
CA LYS AC 37 1.38 -65.68 15.58
C LYS AC 37 1.23 -66.30 14.21
N PHE AC 38 1.50 -67.60 14.13
CA PHE AC 38 1.41 -68.33 12.86
C PHE AC 38 0.09 -69.09 12.86
N VAL AC 39 -0.98 -68.40 12.49
CA VAL AC 39 -2.31 -69.00 12.53
C VAL AC 39 -2.44 -70.00 11.40
N ILE AC 40 -2.80 -71.23 11.75
CA ILE AC 40 -3.02 -72.30 10.79
C ILE AC 40 -4.43 -72.80 11.04
N ARG AC 41 -5.40 -72.23 10.33
CA ARG AC 41 -6.80 -72.54 10.54
C ARG AC 41 -7.35 -73.32 9.36
N ASN AC 42 -8.29 -74.21 9.65
CA ASN AC 42 -9.06 -74.84 8.60
C ASN AC 42 -9.76 -73.77 7.77
N ILE AC 43 -9.78 -73.97 6.46
CA ILE AC 43 -10.31 -72.95 5.56
C ILE AC 43 -11.81 -72.76 5.71
N VAL AC 44 -12.49 -73.67 6.41
CA VAL AC 44 -13.92 -73.55 6.66
C VAL AC 44 -14.18 -73.61 8.15
N GLU AC 45 -15.38 -73.19 8.53
CA GLU AC 45 -15.81 -73.27 9.92
C GLU AC 45 -16.05 -74.72 10.31
N ALA AC 46 -15.80 -75.03 11.59
CA ALA AC 46 -15.99 -76.38 12.10
C ALA AC 46 -17.46 -76.80 12.12
N ALA AC 47 -18.38 -75.83 12.11
CA ALA AC 47 -19.79 -76.18 12.03
C ALA AC 47 -20.20 -76.59 10.63
N ALA AC 48 -19.54 -76.02 9.60
CA ALA AC 48 -19.95 -76.23 8.23
C ALA AC 48 -19.15 -77.31 7.51
N VAL AC 49 -18.28 -78.02 8.22
CA VAL AC 49 -17.44 -79.03 7.57
C VAL AC 49 -18.29 -80.14 6.98
N ARG AC 50 -19.32 -80.57 7.71
CA ARG AC 50 -20.11 -81.72 7.28
C ARG AC 50 -20.96 -81.38 6.06
N ASP AC 51 -21.50 -80.16 6.01
CA ASP AC 51 -22.26 -79.74 4.83
C ASP AC 51 -21.37 -79.69 3.60
N ILE AC 52 -20.15 -79.17 3.75
CA ILE AC 52 -19.21 -79.15 2.64
C ILE AC 52 -18.88 -80.56 2.19
N SER AC 53 -18.63 -81.46 3.13
CA SER AC 53 -18.29 -82.83 2.76
C SER AC 53 -19.44 -83.52 2.04
N GLU AC 54 -20.67 -83.28 2.48
CA GLU AC 54 -21.82 -83.87 1.79
C GLU AC 54 -22.00 -83.27 0.40
N ALA AC 55 -21.86 -81.95 0.27
CA ALA AC 55 -22.09 -81.31 -1.02
C ALA AC 55 -20.93 -81.45 -1.98
N SER AC 56 -19.76 -81.91 -1.52
CA SER AC 56 -18.60 -82.00 -2.38
C SER AC 56 -18.75 -83.14 -3.38
N VAL AC 57 -18.23 -82.92 -4.59
CA VAL AC 57 -18.29 -83.95 -5.64
C VAL AC 57 -17.44 -85.15 -5.32
N PHE AC 58 -16.46 -85.01 -4.44
CA PHE AC 58 -15.63 -86.12 -4.00
C PHE AC 58 -16.15 -86.64 -2.66
N ASP AC 59 -15.68 -87.83 -2.29
CA ASP AC 59 -16.06 -88.40 -1.00
C ASP AC 59 -15.01 -88.07 0.07
N ALA AC 60 -13.79 -88.54 -0.12
CA ALA AC 60 -12.73 -88.35 0.86
C ALA AC 60 -11.87 -87.15 0.49
N TYR AC 61 -12.47 -85.96 0.62
CA TYR AC 61 -11.78 -84.72 0.31
C TYR AC 61 -11.17 -84.15 1.57
N VAL AC 62 -9.86 -83.93 1.53
CA VAL AC 62 -9.17 -83.25 2.62
C VAL AC 62 -9.39 -81.76 2.44
N LEU AC 63 -10.04 -81.14 3.41
CA LEU AC 63 -10.23 -79.70 3.36
C LEU AC 63 -8.88 -78.99 3.44
N PRO AC 64 -8.63 -78.03 2.58
CA PRO AC 64 -7.37 -77.28 2.65
C PRO AC 64 -7.30 -76.45 3.91
N LYS AC 65 -6.07 -76.21 4.35
CA LYS AC 65 -5.81 -75.37 5.51
C LYS AC 65 -5.60 -73.94 5.05
N LEU AC 66 -5.48 -73.04 6.02
CA LEU AC 66 -5.23 -71.63 5.76
C LEU AC 66 -4.00 -71.21 6.56
N TYR AC 67 -2.97 -70.74 5.86
CA TYR AC 67 -1.67 -70.44 6.46
C TYR AC 67 -1.40 -68.95 6.36
N VAL AC 68 -1.34 -68.27 7.51
CA VAL AC 68 -1.02 -66.85 7.56
C VAL AC 68 -0.04 -66.61 8.70
N LYS AC 69 1.02 -65.87 8.43
CA LYS AC 69 1.91 -65.35 9.47
C LYS AC 69 1.51 -63.93 9.79
N LEU AC 70 1.14 -63.68 11.04
CA LEU AC 70 0.68 -62.36 11.48
C LEU AC 70 1.71 -61.73 12.41
N HIS AC 71 1.78 -60.41 12.36
CA HIS AC 71 2.56 -59.62 13.31
C HIS AC 71 1.67 -58.52 13.88
N TYR AC 72 2.00 -58.07 15.08
CA TYR AC 72 1.24 -57.02 15.74
C TYR AC 72 2.17 -56.15 16.56
N CYS AC 73 1.94 -54.84 16.51
CA CYS AC 73 2.57 -53.98 17.51
C CYS AC 73 1.95 -54.27 18.87
N VAL AC 74 2.67 -53.90 19.92
CA VAL AC 74 2.23 -54.27 21.26
C VAL AC 74 0.89 -53.63 21.58
N SER AC 75 0.60 -52.46 21.01
CA SER AC 75 -0.68 -51.81 21.26
C SER AC 75 -1.84 -52.65 20.72
N CYS AC 76 -1.76 -53.01 19.44
CA CYS AC 76 -2.82 -53.84 18.86
C CYS AC 76 -2.84 -55.21 19.49
N ALA AC 77 -1.68 -55.78 19.81
CA ALA AC 77 -1.63 -57.11 20.40
C ALA AC 77 -2.34 -57.11 21.75
N ILE AC 78 -2.07 -56.13 22.60
CA ILE AC 78 -2.69 -56.08 23.91
C ILE AC 78 -4.18 -55.77 23.77
N HIS AC 79 -4.54 -54.86 22.86
CA HIS AC 79 -5.95 -54.52 22.69
C HIS AC 79 -6.74 -55.69 22.14
N SER AC 80 -6.09 -56.62 21.44
CA SER AC 80 -6.76 -57.80 20.92
C SER AC 80 -6.64 -58.99 21.85
N LYS AC 81 -5.98 -58.83 22.99
CA LYS AC 81 -5.85 -59.87 24.01
C LYS AC 81 -5.20 -61.15 23.50
N VAL AC 82 -4.39 -61.07 22.44
CA VAL AC 82 -3.54 -62.20 22.12
C VAL AC 82 -2.48 -62.37 23.20
N VAL AC 83 -2.00 -61.26 23.76
CA VAL AC 83 -1.08 -61.27 24.87
C VAL AC 83 -1.72 -60.52 26.02
N ARG AC 84 -1.26 -60.82 27.23
CA ARG AC 84 -1.78 -60.18 28.42
C ARG AC 84 -0.62 -59.86 29.36
N ASN AC 85 -0.76 -58.75 30.08
CA ASN AC 85 0.29 -58.35 31.01
C ASN AC 85 0.40 -59.34 32.16
N ARG AC 86 1.59 -59.42 32.74
CA ARG AC 86 1.91 -60.44 33.71
C ARG AC 86 2.59 -59.80 34.91
N SER AC 87 2.66 -60.56 36.00
CA SER AC 87 3.39 -60.10 37.17
C SER AC 87 4.88 -60.02 36.86
N ARG AC 88 5.61 -59.28 37.70
CA ARG AC 88 7.03 -59.07 37.47
C ARG AC 88 7.78 -60.41 37.42
N GLU AC 89 7.36 -61.37 38.25
CA GLU AC 89 8.00 -62.67 38.24
C GLU AC 89 7.56 -63.50 37.03
N ALA AC 90 6.31 -63.34 36.61
CA ALA AC 90 5.79 -64.10 35.49
C ALA AC 90 6.23 -63.56 34.14
N ARG AC 91 6.79 -62.35 34.12
CA ARG AC 91 7.26 -61.77 32.87
C ARG AC 91 8.47 -62.49 32.32
N LYS AC 92 9.18 -63.25 33.15
CA LYS AC 92 10.49 -63.77 32.77
C LYS AC 92 10.43 -65.06 31.97
N ASP AC 93 9.38 -65.85 32.09
CA ASP AC 93 9.32 -67.12 31.40
C ASP AC 93 9.07 -66.92 29.91
N ARG AC 94 9.45 -67.91 29.11
CA ARG AC 94 9.30 -67.83 27.67
C ARG AC 94 8.48 -68.98 27.11
N THR AC 95 8.01 -69.88 27.96
CA THR AC 95 7.26 -71.04 27.49
C THR AC 95 5.89 -70.60 26.96
N PRO AC 96 5.53 -70.96 25.74
CA PRO AC 96 4.25 -70.52 25.19
C PRO AC 96 3.10 -71.16 25.94
N PRO AC 97 1.92 -70.52 25.94
CA PRO AC 97 0.78 -71.11 26.62
C PRO AC 97 0.40 -72.43 26.00
N PRO AC 98 -0.13 -73.36 26.80
CA PRO AC 98 -0.36 -74.73 26.31
C PRO AC 98 -1.35 -74.77 25.16
N ARG AC 99 -1.19 -75.79 24.30
CA ARG AC 99 -2.08 -75.93 23.16
C ARG AC 99 -3.49 -76.30 23.57
N PHE AC 100 -3.69 -76.82 24.78
CA PHE AC 100 -4.98 -77.29 25.25
C PHE AC 100 -5.57 -78.32 24.28
N ARG AC 101 -4.78 -79.36 24.02
CA ARG AC 101 -5.24 -80.43 23.14
C ARG AC 101 -6.52 -81.12 23.61
N PRO AC 102 -6.76 -81.37 24.91
CA PRO AC 102 -8.02 -82.07 25.12
C PRO AC 102 -9.24 -81.15 25.06
N PRO BC 1 35.56 -77.31 44.12
CA PRO BC 1 36.74 -77.98 44.66
C PRO BC 1 37.78 -76.98 45.12
N LEU BC 2 38.06 -76.97 46.42
CA LEU BC 2 39.01 -76.01 46.95
C LEU BC 2 40.43 -76.56 47.03
N ALA BC 3 40.63 -77.85 46.77
CA ALA BC 3 41.92 -78.49 46.94
C ALA BC 3 42.35 -79.22 45.67
N LYS BC 4 42.32 -78.53 44.54
CA LYS BC 4 42.82 -79.10 43.30
C LYS BC 4 44.35 -79.14 43.31
N ASP BC 5 44.91 -80.28 42.90
CA ASP BC 5 46.35 -80.45 42.85
C ASP BC 5 46.85 -79.73 41.61
N LEU BC 6 47.20 -78.45 41.76
CA LEU BC 6 47.74 -77.70 40.63
C LEU BC 6 49.12 -78.21 40.24
N LEU BC 7 49.86 -78.78 41.19
CA LEU BC 7 51.23 -79.19 40.92
C LEU BC 7 51.28 -80.48 40.12
N HIS BC 8 50.35 -81.39 40.38
CA HIS BC 8 50.40 -82.74 39.81
C HIS BC 8 49.03 -83.14 39.27
N PRO BC 9 48.67 -82.66 38.08
CA PRO BC 9 47.42 -83.11 37.46
C PRO BC 9 47.65 -84.40 36.69
N SER BC 10 46.57 -85.16 36.52
CA SER BC 10 46.65 -86.39 35.75
C SER BC 10 46.68 -86.07 34.26
N PRO BC 11 47.24 -86.97 33.44
CA PRO BC 11 47.37 -86.67 32.01
C PRO BC 11 46.06 -86.50 31.27
N GLU BC 12 44.94 -86.95 31.82
CA GLU BC 12 43.67 -86.83 31.11
C GLU BC 12 43.27 -85.37 30.93
N GLU BC 13 43.10 -84.65 32.03
CA GLU BC 13 42.76 -83.23 31.93
C GLU BC 13 43.91 -82.44 31.31
N GLU BC 14 45.13 -82.95 31.45
CA GLU BC 14 46.27 -82.34 30.76
C GLU BC 14 46.08 -82.39 29.25
N LYS BC 15 45.62 -83.53 28.74
CA LYS BC 15 45.43 -83.68 27.30
C LYS BC 15 44.17 -82.95 26.84
N ARG BC 16 43.16 -82.84 27.70
CA ARG BC 16 41.98 -82.11 27.26
C ARG BC 16 42.19 -80.60 27.28
N LYS BC 17 43.07 -80.09 28.13
CA LYS BC 17 43.24 -78.65 28.23
C LYS BC 17 43.94 -78.08 27.01
N HIS BC 18 43.77 -76.77 26.82
CA HIS BC 18 44.40 -76.07 25.72
C HIS BC 18 45.91 -76.06 25.88
N LYS BC 19 46.60 -76.04 24.73
CA LYS BC 19 48.05 -76.23 24.71
C LYS BC 19 48.78 -75.17 25.50
N LYS BC 20 48.37 -73.91 25.39
CA LYS BC 20 49.00 -72.87 26.18
C LYS BC 20 48.61 -72.98 27.65
N LYS BC 21 47.35 -73.28 27.93
CA LYS BC 21 46.87 -73.32 29.29
C LYS BC 21 47.36 -74.54 30.06
N ARG BC 22 48.04 -75.47 29.39
CA ARG BC 22 48.67 -76.57 30.10
C ARG BC 22 49.71 -76.03 31.08
N LEU BC 23 50.08 -76.86 32.05
CA LEU BC 23 51.12 -76.48 32.99
C LEU BC 23 52.44 -76.24 32.26
N VAL BC 24 52.77 -77.11 31.33
CA VAL BC 24 53.89 -76.92 30.41
C VAL BC 24 53.32 -76.97 29.01
N GLN BC 25 53.70 -75.99 28.18
CA GLN BC 25 53.22 -75.96 26.81
C GLN BC 25 53.69 -77.20 26.07
N SER BC 26 52.74 -77.88 25.45
CA SER BC 26 53.05 -79.08 24.68
C SER BC 26 52.26 -79.04 23.39
N PRO BC 27 52.92 -78.95 22.25
CA PRO BC 27 52.20 -78.84 20.99
C PRO BC 27 51.42 -80.11 20.69
N ASN BC 28 50.25 -79.93 20.09
CA ASN BC 28 49.40 -81.06 19.74
C ASN BC 28 49.83 -81.73 18.44
N SER BC 29 50.80 -81.16 17.74
CA SER BC 29 51.27 -81.73 16.48
C SER BC 29 52.41 -82.71 16.74
N TYR BC 30 52.91 -83.32 15.67
CA TYR BC 30 54.05 -84.22 15.73
C TYR BC 30 54.56 -84.44 14.32
N PHE BC 31 55.44 -85.41 14.18
CA PHE BC 31 56.02 -85.78 12.90
C PHE BC 31 55.82 -87.26 12.66
N MET BC 32 55.63 -87.63 11.39
CA MET BC 32 55.34 -89.00 11.05
C MET BC 32 56.15 -89.43 9.84
N ASP BC 33 56.66 -90.66 9.88
CA ASP BC 33 57.16 -91.33 8.70
C ASP BC 33 55.97 -91.78 7.86
N VAL BC 34 56.10 -91.67 6.55
CA VAL BC 34 55.01 -92.02 5.63
C VAL BC 34 55.55 -93.01 4.61
N LYS BC 35 54.78 -94.07 4.36
CA LYS BC 35 55.14 -95.09 3.38
C LYS BC 35 54.25 -94.96 2.16
N CYS BC 36 54.78 -94.38 1.10
CA CYS BC 36 54.08 -94.33 -0.17
C CYS BC 36 54.06 -95.72 -0.80
N PRO BC 37 52.90 -96.23 -1.19
CA PRO BC 37 52.86 -97.57 -1.81
C PRO BC 37 53.68 -97.60 -3.08
N GLY BC 38 54.36 -98.73 -3.29
CA GLY BC 38 55.26 -98.85 -4.42
C GLY BC 38 56.53 -98.05 -4.28
N CYS BC 39 56.82 -97.50 -3.09
CA CYS BC 39 58.02 -96.73 -2.86
C CYS BC 39 58.74 -97.28 -1.64
N TYR BC 40 60.06 -97.22 -1.69
CA TYR BC 40 60.90 -97.76 -0.62
C TYR BC 40 61.53 -96.68 0.24
N LYS BC 41 61.55 -95.43 -0.20
CA LYS BC 41 62.05 -94.36 0.63
C LYS BC 41 61.02 -93.99 1.71
N ILE BC 42 61.51 -93.41 2.79
CA ILE BC 42 60.70 -93.01 3.93
C ILE BC 42 60.84 -91.51 4.13
N THR BC 43 59.71 -90.82 4.30
CA THR BC 43 59.66 -89.37 4.34
C THR BC 43 59.19 -88.90 5.72
N THR BC 44 59.82 -87.85 6.23
CA THR BC 44 59.44 -87.25 7.51
C THR BC 44 58.48 -86.08 7.25
N VAL BC 45 57.29 -86.15 7.83
CA VAL BC 45 56.21 -85.23 7.49
C VAL BC 45 55.62 -84.63 8.76
N PHE BC 46 55.41 -83.32 8.75
CA PHE BC 46 54.67 -82.64 9.79
C PHE BC 46 53.22 -83.12 9.80
N SER BC 47 52.68 -83.34 11.01
CA SER BC 47 51.30 -83.80 11.11
C SER BC 47 50.30 -82.74 10.67
N HIS BC 48 50.60 -81.47 10.92
CA HIS BC 48 49.73 -80.36 10.56
C HIS BC 48 50.32 -79.56 9.40
N ALA BC 49 50.84 -80.25 8.40
CA ALA BC 49 51.54 -79.59 7.31
C ALA BC 49 50.61 -78.68 6.53
N GLN BC 50 51.13 -77.51 6.16
CA GLN BC 50 50.39 -76.51 5.41
C GLN BC 50 50.58 -76.67 3.91
N THR BC 51 51.39 -77.63 3.46
CA THR BC 51 51.68 -77.83 2.05
C THR BC 51 51.57 -79.29 1.68
N VAL BC 52 51.38 -79.54 0.39
CA VAL BC 52 51.28 -80.90 -0.13
C VAL BC 52 52.69 -81.51 -0.10
N VAL BC 53 52.81 -82.69 0.48
CA VAL BC 53 54.07 -83.41 0.49
C VAL BC 53 54.16 -84.30 -0.74
N LEU BC 54 55.30 -84.24 -1.42
CA LEU BC 54 55.51 -84.94 -2.68
C LEU BC 54 56.71 -85.86 -2.58
N CYS BC 55 56.60 -87.02 -3.23
CA CYS BC 55 57.74 -87.90 -3.36
C CYS BC 55 58.73 -87.35 -4.37
N VAL BC 56 60.00 -87.29 -3.99
CA VAL BC 56 61.02 -86.88 -4.96
C VAL BC 56 61.29 -87.99 -5.96
N GLY BC 57 60.94 -89.23 -5.62
CA GLY BC 57 61.09 -90.35 -6.52
C GLY BC 57 59.84 -90.75 -7.26
N CYS BC 58 58.73 -90.06 -7.07
CA CYS BC 58 57.49 -90.40 -7.76
C CYS BC 58 56.61 -89.17 -7.83
N SER BC 59 55.97 -88.97 -8.99
CA SER BC 59 55.08 -87.83 -9.19
C SER BC 59 53.71 -88.12 -8.55
N THR BC 60 53.75 -88.31 -7.23
CA THR BC 60 52.57 -88.60 -6.45
C THR BC 60 52.53 -87.69 -5.23
N VAL BC 61 51.32 -87.40 -4.78
CA VAL BC 61 51.11 -86.58 -3.60
C VAL BC 61 50.98 -87.51 -2.40
N LEU BC 62 51.35 -86.99 -1.23
CA LEU BC 62 51.34 -87.78 0.00
C LEU BC 62 50.27 -87.33 0.98
N CYS BC 63 50.07 -86.03 1.13
CA CYS BC 63 49.04 -85.49 2.01
C CYS BC 63 48.44 -84.26 1.36
N GLN BC 64 47.26 -83.89 1.83
CA GLN BC 64 46.60 -82.70 1.34
C GLN BC 64 46.27 -81.77 2.50
N PRO BC 65 46.52 -80.48 2.37
CA PRO BC 65 46.32 -79.57 3.50
C PRO BC 65 44.85 -79.40 3.84
N THR BC 66 44.54 -79.51 5.13
CA THR BC 66 43.21 -79.25 5.62
C THR BC 66 43.27 -78.17 6.70
N GLY BC 67 42.16 -77.95 7.40
CA GLY BC 67 42.14 -76.92 8.43
C GLY BC 67 43.07 -77.23 9.58
N GLY BC 68 43.01 -78.47 10.09
CA GLY BC 68 43.79 -78.81 11.26
C GLY BC 68 45.00 -79.70 11.03
N LYS BC 69 44.84 -80.75 10.22
CA LYS BC 69 45.89 -81.73 10.01
C LYS BC 69 46.01 -82.05 8.54
N ALA BC 70 47.19 -82.48 8.12
CA ALA BC 70 47.38 -82.91 6.76
C ALA BC 70 46.63 -84.21 6.52
N ARG BC 71 45.75 -84.22 5.51
CA ARG BC 71 45.03 -85.43 5.15
C ARG BC 71 45.91 -86.29 4.26
N LEU BC 72 46.39 -87.41 4.79
CA LEU BC 72 47.29 -88.28 4.06
C LEU BC 72 46.57 -88.91 2.88
N THR BC 73 47.32 -89.14 1.79
CA THR BC 73 46.75 -89.85 0.65
C THR BC 73 46.52 -91.31 0.99
N GLU BC 74 45.45 -91.86 0.44
CA GLU BC 74 45.07 -93.24 0.73
C GLU BC 74 46.10 -94.21 0.14
N GLY BC 75 46.20 -95.37 0.76
CA GLY BC 75 47.21 -96.35 0.40
C GLY BC 75 48.55 -96.14 1.06
N CYS BC 76 48.69 -95.08 1.86
CA CYS BC 76 49.95 -94.77 2.50
C CYS BC 76 49.89 -95.12 3.98
N SER BC 77 50.85 -95.91 4.43
CA SER BC 77 51.00 -96.27 5.83
C SER BC 77 51.95 -95.31 6.52
N PHE BC 78 51.87 -95.27 7.85
CA PHE BC 78 52.66 -94.30 8.59
C PHE BC 78 52.85 -94.77 10.02
N ARG BC 79 53.79 -94.13 10.72
CA ARG BC 79 53.96 -94.31 12.14
C ARG BC 79 54.44 -93.00 12.76
N ARG BC 80 54.70 -93.05 14.07
CA ARG BC 80 55.02 -91.84 14.80
C ARG BC 80 56.53 -91.59 14.86
N LYS BC 81 56.89 -90.49 15.53
CA LYS BC 81 58.27 -90.18 15.87
C LYS BC 81 58.36 -90.01 17.38
N GLN BC 82 59.09 -90.94 18.03
CA GLN BC 82 59.34 -90.99 19.47
C GLN BC 82 58.13 -90.58 20.30
N HIS BC 83 56.94 -91.04 19.87
CA HIS BC 83 55.66 -90.58 20.40
C HIS BC 83 55.53 -89.06 20.24
N VAL CC 1 4.85 3.23 46.60
CA VAL CC 1 4.56 2.11 47.48
C VAL CC 1 3.05 1.84 47.47
N HIS CC 2 2.68 0.58 47.70
CA HIS CC 2 1.29 0.16 47.79
C HIS CC 2 0.56 0.76 49.00
N GLY CC 3 1.28 1.32 49.97
CA GLY CC 3 0.66 2.06 51.05
C GLY CC 3 0.14 1.21 52.19
N SER CC 4 1.04 0.43 52.81
CA SER CC 4 0.68 -0.35 53.99
C SER CC 4 1.67 -0.14 55.12
N LEU CC 5 2.45 0.93 55.05
CA LEU CC 5 3.44 1.25 56.07
C LEU CC 5 2.82 1.80 57.35
N ALA CC 6 1.52 2.06 57.35
CA ALA CC 6 0.86 2.73 58.47
C ALA CC 6 0.78 1.86 59.72
N ARG CC 7 1.10 0.58 59.63
CA ARG CC 7 0.99 -0.32 60.76
C ARG CC 7 2.34 -0.62 61.41
N ALA CC 8 3.38 0.15 61.08
CA ALA CC 8 4.71 -0.12 61.61
C ALA CC 8 4.73 0.06 63.12
N GLY CC 9 5.31 -0.91 63.82
CA GLY CC 9 5.33 -0.88 65.27
C GLY CC 9 3.97 -0.93 65.92
N LYS CC 10 3.04 -1.71 65.36
CA LYS CC 10 1.67 -1.69 65.87
C LYS CC 10 1.55 -2.42 67.20
N VAL CC 11 1.98 -3.69 67.22
CA VAL CC 11 1.82 -4.51 68.41
C VAL CC 11 2.63 -3.95 69.56
N ARG CC 12 3.87 -3.53 69.28
CA ARG CC 12 4.69 -2.90 70.31
C ARG CC 12 4.05 -1.61 70.81
N GLY CC 13 3.32 -0.90 69.94
CA GLY CC 13 2.59 0.27 70.37
C GLY CC 13 1.44 -0.07 71.30
N GLN CC 14 0.72 -1.14 70.99
CA GLN CC 14 -0.41 -1.53 71.84
C GLN CC 14 -0.01 -2.39 73.03
N THR CC 15 1.28 -2.67 73.20
CA THR CC 15 1.73 -3.50 74.30
C THR CC 15 1.58 -2.76 75.63
N PRO CC 16 0.85 -3.30 76.61
CA PRO CC 16 0.83 -2.69 77.94
C PRO CC 16 2.21 -2.72 78.56
N LYS CC 17 2.58 -1.60 79.19
CA LYS CC 17 3.91 -1.44 79.76
C LYS CC 17 3.86 -1.80 81.24
N VAL CC 18 4.45 -2.95 81.59
CA VAL CC 18 4.55 -3.39 82.97
C VAL CC 18 6.03 -3.40 83.37
N ALA CC 19 6.32 -2.80 84.50
CA ALA CC 19 7.71 -2.60 84.92
C ALA CC 19 8.33 -3.88 85.43
N LYS CC 20 9.64 -3.94 85.35
CA LYS CC 20 10.37 -5.11 85.84
C LYS CC 20 10.39 -5.10 87.36
N GLN CC 21 10.22 -6.28 87.96
CA GLN CC 21 10.28 -6.40 89.41
C GLN CC 21 11.72 -6.36 89.88
N GLU CC 22 11.98 -5.53 90.88
CA GLU CC 22 13.31 -5.45 91.49
C GLU CC 22 13.62 -6.74 92.23
N LYS CC 23 14.84 -7.23 92.09
CA LYS CC 23 15.30 -8.39 92.82
C LYS CC 23 16.75 -8.21 93.25
N LYS CC 24 17.16 -9.03 94.21
CA LYS CC 24 18.55 -9.05 94.63
C LYS CC 24 19.44 -9.53 93.48
N LYS CC 25 20.65 -8.98 93.42
CA LYS CC 25 21.54 -9.30 92.32
C LYS CC 25 21.97 -10.76 92.37
N LYS CC 26 22.19 -11.34 91.19
CA LYS CC 26 22.69 -12.70 91.07
C LYS CC 26 24.21 -12.67 91.16
N LYS CC 27 24.76 -13.57 91.96
CA LYS CC 27 26.21 -13.70 91.99
C LYS CC 27 26.70 -14.18 90.63
N THR CC 28 27.93 -13.79 90.29
CA THR CC 28 28.48 -14.00 88.97
C THR CC 28 29.89 -14.56 89.08
N GLY CC 29 30.32 -15.25 88.03
CA GLY CC 29 31.69 -15.72 87.97
C GLY CC 29 31.85 -17.05 88.66
N ARG CC 30 32.81 -17.13 89.58
CA ARG CC 30 33.03 -18.37 90.32
C ARG CC 30 31.83 -18.72 91.18
N ALA CC 31 31.25 -17.72 91.85
CA ALA CC 31 30.14 -17.98 92.76
C ALA CC 31 28.89 -18.44 92.03
N LYS CC 32 28.62 -17.85 90.86
CA LYS CC 32 27.49 -18.30 90.06
C LYS CC 32 27.64 -19.75 89.63
N ARG CC 33 28.85 -20.10 89.17
CA ARG CC 33 29.13 -21.48 88.79
C ARG CC 33 28.99 -22.40 89.99
N ARG CC 34 29.43 -21.94 91.16
CA ARG CC 34 29.28 -22.69 92.39
C ARG CC 34 27.81 -22.98 92.69
N MET CC 35 26.98 -21.94 92.63
CA MET CC 35 25.56 -22.09 92.93
C MET CC 35 24.89 -23.03 91.94
N GLN CC 36 25.12 -22.83 90.64
CA GLN CC 36 24.41 -23.61 89.64
C GLN CC 36 25.01 -25.00 89.46
N TYR CC 37 26.22 -25.24 89.98
CA TYR CC 37 26.70 -26.61 90.15
C TYR CC 37 26.03 -27.26 91.34
N ASN CC 38 25.87 -26.52 92.43
CA ASN CC 38 25.29 -27.08 93.64
C ASN CC 38 23.84 -27.48 93.42
N ARG CC 39 23.10 -26.67 92.66
CA ARG CC 39 21.67 -26.92 92.49
C ARG CC 39 21.44 -28.19 91.69
N ARG CC 40 22.26 -28.46 90.67
CA ARG CC 40 21.99 -29.56 89.76
C ARG CC 40 22.95 -30.73 89.93
N PHE CC 41 23.84 -30.68 90.90
CA PHE CC 41 24.72 -31.83 91.14
C PHE CC 41 24.58 -32.37 92.55
N VAL CC 42 24.60 -31.51 93.55
CA VAL CC 42 24.52 -31.94 94.93
C VAL CC 42 23.11 -31.60 95.43
N ASN CC 43 22.23 -32.56 95.27
CA ASN CC 43 20.83 -32.51 95.65
C ASN CC 43 20.28 -33.92 95.46
N VAL CC 44 19.42 -34.34 96.38
CA VAL CC 44 18.80 -35.64 96.31
C VAL CC 44 17.29 -35.42 96.44
N VAL CC 45 16.56 -35.76 95.39
CA VAL CC 45 15.12 -35.54 95.34
C VAL CC 45 14.43 -36.89 95.46
N PRO CC 46 13.51 -37.06 96.43
CA PRO CC 46 12.71 -38.30 96.50
C PRO CC 46 11.51 -38.30 95.56
N THR CC 47 11.45 -37.38 94.61
CA THR CC 47 10.28 -37.17 93.78
C THR CC 47 10.46 -37.79 92.40
N PHE CC 48 9.46 -38.52 91.96
CA PHE CC 48 9.42 -39.03 90.60
C PHE CC 48 9.13 -37.89 89.64
N GLY CC 49 9.21 -38.17 88.34
CA GLY CC 49 9.07 -37.11 87.37
C GLY CC 49 9.99 -37.27 86.17
N LYS CC 50 10.80 -38.34 86.20
CA LYS CC 50 11.62 -38.76 85.06
C LYS CC 50 12.67 -37.70 84.71
N LYS CC 51 13.29 -37.12 85.74
CA LYS CC 51 14.33 -36.10 85.60
C LYS CC 51 13.85 -34.92 84.74
N LYS CC 52 12.86 -34.22 85.28
CA LYS CC 52 12.19 -33.18 84.54
C LYS CC 52 13.12 -31.96 84.37
N GLY CC 53 12.86 -31.18 83.32
CA GLY CC 53 13.74 -30.10 82.92
C GLY CC 53 13.87 -28.99 83.96
N PRO CC 54 14.86 -28.11 83.75
CA PRO CC 54 15.18 -27.12 84.78
C PRO CC 54 14.11 -26.05 84.95
N ASN CC 55 13.28 -25.81 83.94
CA ASN CC 55 12.25 -24.79 84.08
C ASN CC 55 10.86 -25.38 83.84
N ALA CC 56 10.59 -26.53 84.45
CA ALA CC 56 9.28 -27.14 84.34
C ALA CC 56 8.20 -26.20 84.85
N ASN CC 57 7.15 -26.02 84.07
CA ASN CC 57 6.08 -25.10 84.43
C ASN CC 57 4.92 -25.88 85.06
N SER CC 58 5.23 -26.45 86.22
CA SER CC 58 4.26 -27.21 86.99
C SER CC 58 3.48 -26.29 87.92
N ILE EC 1 95.43 38.39 -57.06
CA ILE EC 1 96.07 38.57 -55.77
C ILE EC 1 95.20 39.47 -54.89
N MET EC 2 95.50 39.50 -53.59
CA MET EC 2 94.70 40.24 -52.63
C MET EC 2 95.45 41.48 -52.18
N ASN EC 3 94.77 42.62 -52.21
CA ASN EC 3 95.26 43.83 -51.58
C ASN EC 3 94.20 44.31 -50.58
N GLN EC 4 94.50 45.44 -49.92
CA GLN EC 4 93.66 45.91 -48.82
C GLN EC 4 92.25 46.26 -49.31
N GLU EC 5 92.15 46.87 -50.49
CA GLU EC 5 90.84 47.21 -51.03
C GLU EC 5 90.03 45.96 -51.34
N LYS EC 6 90.67 44.94 -51.91
CA LYS EC 6 89.99 43.71 -52.26
C LYS EC 6 89.56 42.93 -51.02
N LEU EC 7 90.41 42.92 -49.99
CA LEU EC 7 90.09 42.18 -48.77
C LEU EC 7 88.90 42.78 -48.03
N ALA EC 8 88.87 44.12 -47.90
CA ALA EC 8 87.83 44.76 -47.10
C ALA EC 8 86.44 44.56 -47.70
N LYS EC 9 86.35 44.43 -49.01
CA LYS EC 9 85.06 44.15 -49.65
C LYS EC 9 84.79 42.67 -49.74
N LEU EC 10 85.83 41.83 -49.76
CA LEU EC 10 85.64 40.39 -49.77
C LEU EC 10 84.93 39.91 -48.52
N GLN EC 11 85.23 40.52 -47.37
CA GLN EC 11 84.57 40.17 -46.13
C GLN EC 11 83.05 40.27 -46.25
N ALA EC 12 82.57 41.20 -47.06
CA ALA EC 12 81.13 41.37 -47.20
C ALA EC 12 80.51 40.19 -47.96
N GLN EC 13 81.07 39.84 -49.12
CA GLN EC 13 80.39 38.87 -49.97
C GLN EC 13 80.41 37.46 -49.38
N VAL EC 14 81.45 37.12 -48.62
CA VAL EC 14 81.51 35.78 -48.05
C VAL EC 14 80.52 35.61 -46.90
N ARG EC 15 80.09 36.69 -46.28
CA ARG EC 15 79.11 36.65 -45.21
C ARG EC 15 77.72 36.76 -45.82
N ILE EC 16 76.96 35.66 -45.77
CA ILE EC 16 75.58 35.64 -46.27
C ILE EC 16 74.59 35.44 -45.13
N GLY EC 17 75.02 35.71 -43.89
CA GLY EC 17 74.14 35.55 -42.76
C GLY EC 17 74.84 35.98 -41.49
N GLY EC 18 74.10 35.91 -40.39
CA GLY EC 18 74.61 36.26 -39.10
C GLY EC 18 75.52 35.18 -38.52
N LYS EC 19 75.86 35.36 -37.25
CA LYS EC 19 76.74 34.41 -36.57
C LYS EC 19 76.10 33.04 -36.52
N GLY EC 20 76.88 32.02 -36.87
CA GLY EC 20 76.40 30.66 -36.86
C GLY EC 20 75.90 30.13 -38.18
N THR EC 21 76.14 30.84 -39.28
CA THR EC 21 75.76 30.38 -40.60
C THR EC 21 77.00 30.14 -41.45
N ALA EC 22 76.89 29.20 -42.38
CA ALA EC 22 78.02 28.84 -43.22
C ALA EC 22 78.41 30.00 -44.13
N ARG EC 23 79.71 30.10 -44.39
CA ARG EC 23 80.22 31.15 -45.26
C ARG EC 23 80.04 30.78 -46.72
N ARG EC 24 79.92 31.80 -47.56
CA ARG EC 24 79.87 31.60 -49.00
C ARG EC 24 81.21 31.10 -49.51
N LYS EC 25 81.16 30.10 -50.38
CA LYS EC 25 82.40 29.52 -50.88
C LYS EC 25 82.90 30.22 -52.14
N LYS EC 26 82.01 30.48 -53.10
CA LYS EC 26 82.43 31.06 -54.36
C LYS EC 26 81.25 31.76 -55.03
N LYS EC 27 81.58 32.67 -55.95
CA LYS EC 27 80.59 33.25 -56.86
C LYS EC 27 81.30 33.43 -58.19
N VAL EC 28 81.16 32.44 -59.07
CA VAL EC 28 81.90 32.39 -60.32
C VAL EC 28 80.93 32.59 -61.48
N VAL EC 29 81.28 33.49 -62.38
CA VAL EC 29 80.53 33.69 -63.61
C VAL EC 29 81.28 33.03 -64.75
N HIS EC 30 80.56 32.31 -65.60
CA HIS EC 30 81.13 31.66 -66.77
C HIS EC 30 80.07 31.62 -67.86
N ARG EC 31 80.44 32.06 -69.05
CA ARG EC 31 79.51 32.04 -70.17
C ARG EC 31 79.94 30.99 -71.19
#